data_4R67
#
_entry.id   4R67
#
_cell.length_a   171.989
_cell.length_b   201.027
_cell.length_c   225.585
_cell.angle_alpha   90.00
_cell.angle_beta   107.93
_cell.angle_gamma   90.00
#
_symmetry.space_group_name_H-M   'P 1 21 1'
#
loop_
_entity.id
_entity.type
_entity.pdbx_description
1 polymer 'Proteasome subunit alpha type-6'
2 polymer 'Proteasome subunit alpha type-2'
3 polymer 'Proteasome subunit alpha type-4'
4 polymer 'Proteasome subunit alpha type-7'
5 polymer 'Proteasome subunit alpha type-5'
6 polymer 'Proteasome subunit alpha type-1'
7 polymer 'Proteasome subunit alpha type-3'
8 polymer 'Proteasome subunit beta type-6'
9 polymer 'Proteasome subunit beta type-7'
10 polymer 'Proteasome subunit beta type-3'
11 polymer 'Proteasome subunit beta type-2'
12 polymer 'Proteasome subunit beta type-5'
13 polymer 'Proteasome subunit beta type-1'
14 polymer 'Proteasome subunit beta type-4'
15 non-polymer N-{(2S)-2-[(morpholin-4-ylacetyl)amino]-4-phenylbutanoyl}-L-leucyl-N-[(2R,3S,4S)-1,3-dihydroxy-2,6-dimethylheptan-4-yl]-L-phenylalaninamide
16 water water
#
loop_
_entity_poly.entity_id
_entity_poly.type
_entity_poly.pdbx_seq_one_letter_code
_entity_poly.pdbx_strand_id
1 'polypeptide(L)'
;SRGSSAGFDRHITIFSPEGRLYQVEYAFKAINQGGLTSVAVRGKDCAVIVTQKKVPDKLLDSSTVTHLFKITENIGCVMT
GMTADSRSQVQRARYEAANWKYKYGYEIPVDMLCKRIADISQVYTQNAEMRPLGCCMILIGIDEEQGPQVYKCDPAGYYC
GFKATAAGVKQTESTSFLEKKVKKKFDWTFEQTVETAITCLSTVLSIDFKPSEIEVGVVTVENPKFRILTEAEIDAHLVA
LAER
;
A,O,c,q
2 'polypeptide(L)'
;AERGYSFSLTTFSPSGKLVQIEYALAAVAGGAPSVGIKAANGVVLATEKKQKSILYDERSVHKVEPITKHIGLVYSGMGP
DYRVLVHRARKLAQQYYLVYQEPIPTAQLVQRVASVMQEYTQSGGVRPFGVSLLICGWNEGRPYLFQSDPSGAYFAWKAT
AMGKNYVNGKTFLEKRYNEDLELEDAIHTAILTLKESFEGQMTEDNIEVGICNEAGFRRLTPTEVKDYLAAIA
;
B,P,d,r
3 'polypeptide(L)'
;SRRYDSRTTIFSPEGRLYQVEYAMEAIGHAGTCLGILANDGVLLAAERRNIHKLLDEVFFSEKIYKLNEDMACSVAGITS
DANVLTNELRLIAQRYLLQYQEPIPCEQLVTALCDIKQAYTQFGGKRPFGVSLLYIGWDKHYGFQLYQSDPSGNYGGWKA
TCIGNNSAAAVSMLKQDYKEGEMTLKSALALAIKVLNKTMDVSKLSAEKVEIATLTRENGKTVIRVLKQKEVEQLIKKHE
EEEAKAEREK
;
C,Q,e,s
4 'polypeptide(L)'
;SYDRAITVFSPDGHLFQVEYAQEAVKKGSTAVGVRGRDIVVLGVEKKSVAKLQDERTVRKICALDDNVCMAFAGLTADAR
IVINRARVECQSHRLTVEDPVTVEYITRYIASLKQRYTQSNGRRPFGISALIVGFDFDGTPRLYQTDPSGTYHAWKANAI
GRGAKSVREFLEKNYTDEAIETDDLTIKLVIKALLEVVQSGGKNIELAVMRRDQSLKILNPEEIEKYVAEIEKEKEENEK
KKQ
;
D,R,f,t
5 'polypeptide(L)'
;YDRGVNTFSPEGRLFQVEYAIEAIKLGSTAIGIQTSEGVCLAVEKRITSPLMEPSSIEKIVEIDAHIGCAMSGLIADAKT
LIDKARVETQNHWFTYNETMTVESVTQAVSNLALQFGEEDADPGAMSRPFGVALLFGGVDEKGPQLFHMDPSGTFVQCDA
RAIGSASEGAQSSLQEVYHKSMTLKEAIKSSLIILKQVMEEKLNATNIELATVQPGQNFHMFTKEELEEVIKDI
;
E,S,g,u
6 'polypeptide(L)'
;NQYDNDVTVWSPQGRIHQIEYAMEAVKQGSATVGLKSKTHAVLVALKRAQSELAAHQKKILHVDNHIGISIAGLTADARL
LCNFMRQECLDSRFVFDRPLPVSRLVSLIGSKTQIPTQRYGRRPYGVGLLIAGYDDMGPHIFQTCPSANYFDCRAMSIGA
RSQSARTYLERHMSEFMECNLNELVKHGLRALRETLPAEQDLTTKNVSIGIVGKDLEFTIYDDDDVSPFLEGLEERPQ
;
F,T,h,v
7 'polypeptide(L)'
;SSIGTGYDLSASTFSPDGRVFQVEYAMKAVENSSTAIGIRCKDGVVFGVEKLVLSKLYEEGSNKRLFNVDRHVGMAVAGL
LADARSLADIAREEASNFRSNFGYNIPLKHLADRVAMYVHAYTLYSAVRPFGCSFMLGSYSVNDGAQLYMIDPSGVSYGY
WGCAIGKARQAAKTEIEKLQMKEMTCRDIVKEVAKIIYIVHDEVKDKAFELELSWVGELTNGRHEIVPKDIREEAEKYAK
ESLKE
;
G,U,i,w
8 'polypeptide(L)'
;TTIMAVQFDGGVVLGADSRTTTGSYIANRVTDKLTPIHDRIFCCRSGSAADTQAVADAVTYQLGFHSIELNEPPLVHTAA
SLFKEMCYRYREDLMAGIIIAGWDPQEGGQVYSVPMGGMMVRQSFAIGGSGSSYIYGYVDATYREGMTKEECLQFTANAL
ALAMERDGSSGGVIRLAAIAESGVERQVLLGDQIPKFAVATL
;
H,V,j,x
9 'polypeptide(L)'
;TTIAGVVYKDGIVLGADTRATEGMVVADKNCSKIHFISPNIYCCGAGTAADTDMTTQLISSNLELHSLSTGRLPRVVTAN
RMLKQMLFRYQGYIGAALVLGGVDVTGPHLYSIYPHGSTDKLPYVTMGSGSLAAMAVFEDKFRPDMEEEEAKNLVSEAIA
AGIFNDLGSGSNIDLCVISKNKLDFLRPYTVPNKKGTRLGRYRCEKGTTAVLTEKITPLE
;
I,W,k,y
10 'polypeptide(L)'
;SIMSYNGGAVMAMKGKNCVAIAADRRFGIQAQMVTTDFQKIFPMGDRLYIGLAGLATDVQTVAQRLKFRLNLYELKEGRQ
IKPYTLMSMVANLLYEKRFGPYYTEPVIAGLDPKTFKPFICSLDLIGCPMVTDDFVVSGTCAEQMYGMCESLWEPNMDPD
HLFETISQAMLNAVDRDAVSGMGVIVHIIEKDKITTRTLKARMD
;
J,X,l,z
11 'polypeptide(L)'
;MEYLIGIQGPDYVLVASDRVAASNIVQMKDDHDKMFKMSEKILLLCVGEAGDTVQFAEYIQKNVQLYKMRNGYELSPTAA
ANFTRRNLADCLRSRTPYHVNLLLAGYDEHEGPALYYMDYLAALAKAPFAAHGYGAFLTLSILDRYYTPTISRERAVELL
RKCLEELQKRFILNLPTFSVRIIDKNGIHDLDNISFPKQ
;
K,Y,m,0
12 'polypeptide(L)'
;TTTLAFKFRHGVIVAADSRATAGAYIASQTVKKVIEINPYLLGTMAGGAADCSFWERLLARQCRIYELRNKERISVAAAS
KLLANMVYQYKGMGLSMGTMICGWDKRGPGLYYVDSEGNRISGATFSVGSGSVYAYGVMDRGYSYDLEVEQAYDLARRAI
YQATYRDAYSGGAVNLYHVREDGWIRVSSDNVADLHEKYSG
;
L,Z,n,3
13 'polypeptide(L)'
;RFSPYVFNGGTILAIAGEDFAIVASDTRLSEGFSIHTRDSPKCYKLTDKTVIGCSGFHGDCLTLTKIIEARLKMYKHSNN
KAMTTGAIAAMLSTILYSRRFFPYYVYNIIGGLDEEGKGAVYSFDPVGSYQRDSFKAGGSASAMLQPLLDNQVGFKNMQN
VEHVPLSLDRAMRLVKDVFISAAERDVYTGDALRICIVTKEGIREETVSLRKD
;
M,1,o,a
14 'polypeptide(L)'
;TQNPMVTGTSVLGVKFEGGVVIAADMLGSYGSLARFRNISRIMRVNNSTMLGASGDYADFQYLKQVLGQMVIDEELLGDG
HSYSPRAIHSWLTRAMYSRRSKMNPLWNTMVIGGYADGESFLGYVDMLGVAYEAPSLATGYGAYLAQPLLREVLEKQPVL
SQTEARDLVERCMRVLYYRDARSYNRFQIATVTEKGVEIEGPLSTETNWDIAHMISG
;
N,2,p,b
#
loop_
_chem_comp.id
_chem_comp.type
_chem_comp.name
_chem_comp.formula
3BV peptide-like N-{(2S)-2-[(morpholin-4-ylacetyl)amino]-4-phenylbutanoyl}-L-leucyl-N-[(2R,3S,4S)-1,3-dihydroxy-2,6-dimethylheptan-4-yl]-L-phenylalaninamide 'C40 H61 N5 O7'
#
# COMPACT_ATOMS: atom_id res chain seq x y z
N SER A 1 0.73 -26.68 90.70
CA SER A 1 1.43 -26.38 89.46
C SER A 1 1.93 -27.67 88.79
N ARG A 2 3.00 -27.54 88.02
CA ARG A 2 3.62 -28.67 87.32
C ARG A 2 2.65 -29.41 86.40
N GLY A 3 1.95 -28.65 85.56
CA GLY A 3 1.00 -29.22 84.62
C GLY A 3 -0.43 -28.79 84.89
N SER A 4 -0.60 -27.89 85.84
CA SER A 4 -1.93 -27.44 86.25
C SER A 4 -2.62 -26.58 85.19
N SER A 5 -3.94 -26.49 85.30
CA SER A 5 -4.74 -25.71 84.37
C SER A 5 -5.96 -25.12 85.07
N ALA A 6 -6.49 -24.04 84.51
CA ALA A 6 -7.66 -23.36 85.07
C ALA A 6 -8.32 -22.46 84.03
N GLY A 7 -9.62 -22.63 83.84
CA GLY A 7 -10.35 -21.83 82.88
C GLY A 7 -10.09 -22.27 81.46
N PHE A 8 -9.92 -21.30 80.56
CA PHE A 8 -9.74 -21.59 79.15
C PHE A 8 -8.28 -21.48 78.72
N ASP A 9 -7.36 -21.68 79.67
CA ASP A 9 -5.93 -21.51 79.39
C ASP A 9 -5.35 -22.54 78.42
N ARG A 10 -6.15 -23.55 78.07
CA ARG A 10 -5.73 -24.55 77.10
C ARG A 10 -6.43 -24.35 75.76
N HIS A 11 -7.34 -23.38 75.72
CA HIS A 11 -8.10 -23.11 74.50
C HIS A 11 -7.68 -21.81 73.83
N ILE A 12 -7.38 -20.79 74.63
CA ILE A 12 -6.93 -19.51 74.09
C ILE A 12 -5.57 -19.12 74.65
N THR A 13 -5.08 -17.96 74.24
CA THR A 13 -3.75 -17.52 74.67
C THR A 13 -3.79 -16.70 75.95
N ILE A 14 -4.17 -17.36 77.04
CA ILE A 14 -4.07 -16.75 78.37
C ILE A 14 -3.18 -17.60 79.26
N PHE A 15 -2.77 -17.02 80.38
CA PHE A 15 -1.80 -17.66 81.27
C PHE A 15 -2.36 -18.86 82.04
N SER A 16 -1.56 -19.91 82.15
CA SER A 16 -1.86 -21.04 83.02
C SER A 16 -1.41 -20.66 84.44
N PRO A 17 -1.87 -21.41 85.45
CA PRO A 17 -1.46 -21.12 86.83
C PRO A 17 0.06 -21.05 87.05
N GLU A 18 0.81 -21.77 86.24
CA GLU A 18 2.26 -21.73 86.35
C GLU A 18 2.90 -20.74 85.37
N GLY A 19 2.05 -19.96 84.71
CA GLY A 19 2.52 -18.88 83.85
C GLY A 19 2.91 -19.32 82.45
N ARG A 20 2.26 -20.36 81.95
CA ARG A 20 2.54 -20.85 80.61
C ARG A 20 1.45 -20.45 79.62
N LEU A 21 1.77 -20.56 78.34
CA LEU A 21 0.79 -20.32 77.28
C LEU A 21 0.64 -21.60 76.46
N TYR A 22 -0.36 -22.40 76.83
CA TYR A 22 -0.52 -23.72 76.23
C TYR A 22 -0.73 -23.69 74.72
N GLN A 23 -1.48 -22.71 74.23
CA GLN A 23 -1.75 -22.59 72.80
C GLN A 23 -0.47 -22.40 71.97
N VAL A 24 0.49 -21.69 72.54
CA VAL A 24 1.78 -21.47 71.89
C VAL A 24 2.54 -22.79 71.74
N GLU A 25 2.63 -23.53 72.84
CA GLU A 25 3.31 -24.82 72.84
C GLU A 25 2.63 -25.76 71.85
N TYR A 26 1.30 -25.72 71.84
CA TYR A 26 0.51 -26.51 70.90
C TYR A 26 0.87 -26.13 69.47
N ALA A 27 1.11 -24.85 69.24
CA ALA A 27 1.54 -24.38 67.92
C ALA A 27 2.91 -24.95 67.53
N PHE A 28 3.80 -25.01 68.52
CA PHE A 28 5.10 -25.64 68.31
C PHE A 28 4.94 -27.11 67.93
N LYS A 29 3.97 -27.77 68.55
CA LYS A 29 3.67 -29.16 68.18
C LYS A 29 3.02 -29.23 66.80
N ALA A 30 2.37 -28.14 66.40
CA ALA A 30 1.72 -28.06 65.11
C ALA A 30 2.75 -27.91 64.00
N ILE A 31 3.91 -27.36 64.36
CA ILE A 31 5.03 -27.28 63.42
C ILE A 31 5.46 -28.67 62.94
N ASN A 32 5.48 -29.63 63.87
CA ASN A 32 5.94 -30.98 63.56
C ASN A 32 4.97 -31.81 62.71
N GLN A 33 3.74 -31.34 62.61
CA GLN A 33 2.69 -32.07 61.90
C GLN A 33 3.01 -32.33 60.43
N GLY A 34 3.83 -31.46 59.85
CA GLY A 34 4.25 -31.61 58.47
C GLY A 34 5.08 -32.86 58.25
N GLY A 35 5.76 -33.31 59.31
CA GLY A 35 6.58 -34.49 59.25
C GLY A 35 7.89 -34.26 58.53
N LEU A 36 8.33 -33.01 58.49
CA LEU A 36 9.56 -32.66 57.80
C LEU A 36 10.58 -31.98 58.74
N THR A 37 11.80 -31.86 58.25
CA THR A 37 12.88 -31.24 59.03
C THR A 37 13.74 -30.38 58.11
N SER A 38 14.10 -29.19 58.58
CA SER A 38 14.92 -28.27 57.82
C SER A 38 16.19 -27.94 58.61
N VAL A 39 17.30 -27.78 57.90
CA VAL A 39 18.58 -27.45 58.53
C VAL A 39 19.19 -26.21 57.90
N ALA A 40 19.66 -25.30 58.75
CA ALA A 40 20.32 -24.08 58.30
C ALA A 40 21.73 -24.01 58.88
N VAL A 41 22.71 -23.74 58.02
CA VAL A 41 24.10 -23.64 58.48
C VAL A 41 24.78 -22.39 57.91
N ARG A 42 25.43 -21.63 58.79
CA ARG A 42 26.14 -20.43 58.38
C ARG A 42 27.63 -20.71 58.19
N GLY A 43 28.17 -20.28 57.05
CA GLY A 43 29.57 -20.48 56.75
C GLY A 43 30.41 -19.24 57.02
N LYS A 44 31.60 -19.21 56.45
CA LYS A 44 32.49 -18.06 56.60
C LYS A 44 32.28 -17.06 55.46
N ASP A 45 31.84 -17.58 54.31
CA ASP A 45 31.61 -16.74 53.14
C ASP A 45 30.28 -17.07 52.48
N CYS A 46 29.40 -17.74 53.22
CA CYS A 46 28.10 -18.12 52.68
C CYS A 46 27.09 -18.50 53.76
N ALA A 47 25.92 -18.92 53.32
CA ALA A 47 24.86 -19.42 54.20
C ALA A 47 24.00 -20.43 53.43
N VAL A 48 23.69 -21.55 54.07
CA VAL A 48 23.05 -22.67 53.37
C VAL A 48 21.80 -23.18 54.08
N ILE A 49 20.77 -23.45 53.28
CA ILE A 49 19.52 -24.05 53.74
C ILE A 49 19.31 -25.39 53.05
N VAL A 50 18.86 -26.39 53.81
CA VAL A 50 18.51 -27.68 53.20
C VAL A 50 17.24 -28.24 53.83
N THR A 51 16.36 -28.81 52.99
CA THR A 51 15.07 -29.30 53.48
C THR A 51 14.57 -30.51 52.70
N GLN A 52 13.89 -31.43 53.39
CA GLN A 52 13.27 -32.58 52.76
C GLN A 52 12.29 -32.16 51.66
N LYS A 53 12.22 -32.97 50.61
CA LYS A 53 11.26 -32.73 49.54
C LYS A 53 10.41 -33.99 49.35
N LYS A 54 9.56 -34.27 50.32
CA LYS A 54 8.71 -35.46 50.28
C LYS A 54 7.61 -35.33 49.23
N VAL A 55 7.87 -35.88 48.04
CA VAL A 55 6.89 -35.91 46.96
C VAL A 55 6.47 -37.35 46.71
N PRO A 56 5.43 -37.81 47.42
CA PRO A 56 5.00 -39.22 47.38
C PRO A 56 4.07 -39.51 46.21
N ASP A 57 3.95 -38.58 45.28
CA ASP A 57 3.03 -38.74 44.16
C ASP A 57 3.66 -38.30 42.84
N LYS A 58 3.48 -39.11 41.81
CA LYS A 58 3.93 -38.76 40.47
C LYS A 58 2.88 -37.88 39.78
N LEU A 59 1.77 -37.67 40.47
CA LEU A 59 0.68 -36.83 39.97
C LEU A 59 0.93 -35.36 40.30
N LEU A 60 1.98 -35.09 41.07
CA LEU A 60 2.34 -33.73 41.43
C LEU A 60 3.41 -33.16 40.54
N ASP A 61 3.18 -31.96 40.02
CA ASP A 61 4.23 -31.21 39.35
C ASP A 61 5.26 -30.84 40.41
N SER A 62 6.28 -31.69 40.55
CA SER A 62 7.25 -31.57 41.63
C SER A 62 7.97 -30.22 41.72
N SER A 63 7.75 -29.38 40.71
CA SER A 63 8.32 -28.03 40.71
C SER A 63 7.51 -27.09 41.59
N THR A 64 6.27 -27.48 41.89
CA THR A 64 5.38 -26.64 42.69
C THR A 64 5.51 -26.95 44.19
N VAL A 65 6.20 -28.04 44.50
CA VAL A 65 6.39 -28.44 45.90
C VAL A 65 7.71 -27.89 46.43
N THR A 66 7.62 -26.81 47.20
CA THR A 66 8.81 -26.15 47.70
C THR A 66 8.56 -25.59 49.10
N HIS A 67 9.60 -25.60 49.93
CA HIS A 67 9.54 -24.95 51.24
C HIS A 67 10.55 -23.82 51.26
N LEU A 68 11.24 -23.63 50.15
CA LEU A 68 12.17 -22.52 49.99
C LEU A 68 11.47 -21.36 49.31
N PHE A 69 11.60 -20.18 49.88
CA PHE A 69 10.93 -19.00 49.33
C PHE A 69 11.86 -17.80 49.22
N LYS A 70 11.81 -17.14 48.08
CA LYS A 70 12.55 -15.90 47.88
C LYS A 70 11.75 -14.74 48.44
N ILE A 71 12.25 -14.15 49.53
CA ILE A 71 11.63 -12.96 50.10
C ILE A 71 12.12 -11.74 49.34
N THR A 72 13.43 -11.65 49.18
CA THR A 72 14.04 -10.60 48.38
C THR A 72 15.16 -11.23 47.57
N GLU A 73 15.62 -10.54 46.54
CA GLU A 73 16.71 -11.03 45.71
C GLU A 73 17.92 -11.46 46.54
N ASN A 74 18.13 -10.79 47.67
CA ASN A 74 19.25 -11.08 48.54
C ASN A 74 18.85 -11.74 49.86
N ILE A 75 17.55 -11.97 50.04
CA ILE A 75 17.06 -12.62 51.26
C ILE A 75 16.21 -13.84 50.95
N GLY A 76 16.68 -15.00 51.41
CA GLY A 76 15.95 -16.24 51.19
C GLY A 76 15.41 -16.79 52.50
N CYS A 77 14.51 -17.77 52.40
CA CYS A 77 13.94 -18.34 53.61
C CYS A 77 13.46 -19.78 53.42
N VAL A 78 13.35 -20.49 54.53
CA VAL A 78 12.72 -21.81 54.54
C VAL A 78 11.67 -21.87 55.65
N MET A 79 10.53 -22.44 55.31
CA MET A 79 9.41 -22.54 56.23
C MET A 79 9.22 -23.97 56.69
N THR A 80 8.99 -24.16 57.98
CA THR A 80 8.74 -25.50 58.49
C THR A 80 7.45 -25.55 59.29
N GLY A 81 6.52 -26.39 58.85
CA GLY A 81 5.27 -26.56 59.56
C GLY A 81 4.07 -26.53 58.64
N MET A 82 2.96 -26.00 59.16
CA MET A 82 1.72 -25.90 58.40
C MET A 82 1.91 -25.06 57.14
N THR A 83 1.65 -25.67 55.99
CA THR A 83 1.94 -25.08 54.68
C THR A 83 1.28 -23.72 54.45
N ALA A 84 -0.04 -23.67 54.63
CA ALA A 84 -0.80 -22.44 54.37
C ALA A 84 -0.33 -21.28 55.25
N ASP A 85 -0.17 -21.55 56.54
CA ASP A 85 0.35 -20.56 57.48
C ASP A 85 1.73 -20.09 57.04
N SER A 86 2.55 -21.02 56.57
CA SER A 86 3.89 -20.72 56.10
C SER A 86 3.85 -19.75 54.92
N ARG A 87 3.01 -20.04 53.94
CA ARG A 87 2.88 -19.19 52.76
C ARG A 87 2.37 -17.80 53.17
N SER A 88 1.45 -17.77 54.12
CA SER A 88 0.97 -16.51 54.69
C SER A 88 2.12 -15.68 55.25
N GLN A 89 2.91 -16.30 56.10
CA GLN A 89 4.03 -15.62 56.75
C GLN A 89 5.07 -15.16 55.72
N VAL A 90 5.21 -15.93 54.64
CA VAL A 90 6.11 -15.55 53.56
C VAL A 90 5.60 -14.29 52.85
N GLN A 91 4.30 -14.26 52.56
CA GLN A 91 3.69 -13.07 51.97
C GLN A 91 3.93 -11.85 52.86
N ARG A 92 3.66 -12.00 54.14
CA ARG A 92 3.86 -10.90 55.09
C ARG A 92 5.32 -10.44 55.13
N ALA A 93 6.24 -11.40 55.04
CA ALA A 93 7.67 -11.08 55.04
C ALA A 93 8.03 -10.26 53.81
N ARG A 94 7.56 -10.72 52.64
CA ARG A 94 7.79 -10.00 51.39
C ARG A 94 7.26 -8.58 51.46
N TYR A 95 6.06 -8.43 52.03
CA TYR A 95 5.46 -7.12 52.19
C TYR A 95 6.32 -6.22 53.07
N GLU A 96 6.70 -6.72 54.24
CA GLU A 96 7.48 -5.94 55.18
C GLU A 96 8.83 -5.54 54.60
N ALA A 97 9.40 -6.41 53.78
CA ALA A 97 10.69 -6.12 53.13
C ALA A 97 10.55 -5.02 52.08
N ALA A 98 9.62 -5.22 51.16
CA ALA A 98 9.37 -4.25 50.10
C ALA A 98 9.04 -2.88 50.66
N ASN A 99 8.15 -2.87 51.67
CA ASN A 99 7.76 -1.65 52.36
C ASN A 99 8.95 -1.00 53.05
N TRP A 100 9.80 -1.83 53.66
CA TRP A 100 11.01 -1.33 54.30
C TRP A 100 11.86 -0.57 53.29
N LYS A 101 12.15 -1.20 52.15
CA LYS A 101 12.97 -0.56 51.14
C LYS A 101 12.31 0.71 50.59
N TYR A 102 10.98 0.68 50.50
CA TYR A 102 10.26 1.86 50.02
C TYR A 102 10.38 3.04 50.98
N LYS A 103 10.33 2.76 52.27
CA LYS A 103 10.33 3.82 53.28
C LYS A 103 11.71 4.33 53.65
N TYR A 104 12.71 3.44 53.66
CA TYR A 104 14.02 3.79 54.19
C TYR A 104 15.13 3.83 53.14
N GLY A 105 14.85 3.35 51.95
CA GLY A 105 15.77 3.49 50.83
C GLY A 105 16.94 2.52 50.81
N TYR A 106 16.89 1.50 51.65
CA TYR A 106 17.90 0.44 51.63
C TYR A 106 17.30 -0.91 51.98
N GLU A 107 17.93 -1.98 51.50
CA GLU A 107 17.45 -3.34 51.72
C GLU A 107 17.36 -3.66 53.21
N ILE A 108 16.29 -4.33 53.60
CA ILE A 108 16.08 -4.69 54.99
C ILE A 108 17.09 -5.75 55.45
N PRO A 109 17.68 -5.55 56.63
CA PRO A 109 18.57 -6.57 57.21
C PRO A 109 17.78 -7.81 57.64
N VAL A 110 18.35 -8.99 57.42
CA VAL A 110 17.74 -10.25 57.84
C VAL A 110 17.34 -10.18 59.31
N ASP A 111 18.24 -9.62 60.11
CA ASP A 111 17.99 -9.31 61.51
C ASP A 111 16.65 -8.61 61.72
N MET A 112 16.48 -7.48 61.03
CA MET A 112 15.29 -6.65 61.18
C MET A 112 14.01 -7.31 60.64
N LEU A 113 14.14 -8.04 59.53
CA LEU A 113 13.01 -8.75 58.95
C LEU A 113 12.50 -9.78 59.95
N CYS A 114 13.40 -10.63 60.43
CA CYS A 114 13.05 -11.67 61.38
C CYS A 114 12.45 -11.06 62.64
N LYS A 115 13.06 -9.99 63.13
CA LYS A 115 12.55 -9.27 64.29
C LYS A 115 11.11 -8.82 64.06
N ARG A 116 10.85 -8.28 62.86
CA ARG A 116 9.52 -7.77 62.51
C ARG A 116 8.48 -8.90 62.50
N ILE A 117 8.79 -9.97 61.78
CA ILE A 117 7.91 -11.14 61.72
C ILE A 117 7.59 -11.67 63.11
N ALA A 118 8.62 -11.79 63.94
CA ALA A 118 8.44 -12.25 65.32
C ALA A 118 7.54 -11.31 66.11
N ASP A 119 7.73 -10.01 65.91
CA ASP A 119 6.91 -9.00 66.57
C ASP A 119 5.45 -9.15 66.17
N ILE A 120 5.21 -9.52 64.91
CA ILE A 120 3.85 -9.77 64.44
C ILE A 120 3.28 -11.02 65.10
N SER A 121 4.11 -12.05 65.26
CA SER A 121 3.68 -13.29 65.91
C SER A 121 3.30 -13.06 67.37
N GLN A 122 4.02 -12.18 68.05
CA GLN A 122 3.77 -11.86 69.45
C GLN A 122 2.31 -11.45 69.67
N VAL A 123 1.75 -10.73 68.71
CA VAL A 123 0.38 -10.26 68.82
C VAL A 123 -0.57 -11.45 68.85
N TYR A 124 -0.30 -12.45 68.02
CA TYR A 124 -1.11 -13.67 68.01
C TYR A 124 -0.95 -14.37 69.35
N THR A 125 0.25 -14.25 69.92
CA THR A 125 0.54 -14.80 71.24
C THR A 125 -0.25 -14.10 72.36
N GLN A 126 -0.56 -12.83 72.17
CA GLN A 126 -1.19 -12.04 73.22
C GLN A 126 -2.68 -11.80 73.04
N ASN A 127 -3.16 -11.91 71.80
CA ASN A 127 -4.58 -11.77 71.52
C ASN A 127 -5.28 -13.11 71.41
N ALA A 128 -6.51 -13.18 71.93
CA ALA A 128 -7.23 -14.45 72.03
C ALA A 128 -8.10 -14.74 70.82
N GLU A 129 -8.36 -13.73 70.00
CA GLU A 129 -9.26 -13.87 68.86
C GLU A 129 -8.68 -14.76 67.77
N MET A 130 -7.35 -14.73 67.63
CA MET A 130 -6.67 -15.52 66.63
C MET A 130 -5.75 -16.55 67.27
N ARG A 131 -5.19 -17.48 66.49
CA ARG A 131 -4.28 -18.47 67.07
C ARG A 131 -2.92 -18.40 66.39
N PRO A 132 -1.83 -18.58 67.14
CA PRO A 132 -0.52 -18.45 66.46
C PRO A 132 -0.43 -19.36 65.24
N LEU A 133 0.54 -19.10 64.37
CA LEU A 133 0.74 -19.90 63.17
C LEU A 133 1.58 -21.15 63.47
N GLY A 134 1.18 -22.27 62.91
CA GLY A 134 1.88 -23.52 63.11
C GLY A 134 3.07 -23.66 62.19
N CYS A 135 3.96 -22.68 62.23
CA CYS A 135 5.13 -22.67 61.37
C CYS A 135 6.32 -21.94 61.99
N CYS A 136 7.50 -22.22 61.45
CA CYS A 136 8.74 -21.65 61.93
C CYS A 136 9.50 -21.12 60.71
N MET A 137 10.05 -19.92 60.82
CA MET A 137 10.71 -19.31 59.67
C MET A 137 12.22 -19.17 59.84
N ILE A 138 12.98 -19.63 58.84
CA ILE A 138 14.42 -19.43 58.87
C ILE A 138 14.90 -18.58 57.69
N LEU A 139 15.43 -17.40 58.00
CA LEU A 139 15.88 -16.48 56.96
C LEU A 139 17.40 -16.54 56.78
N ILE A 140 17.87 -16.41 55.55
CA ILE A 140 19.30 -16.32 55.28
C ILE A 140 19.62 -15.19 54.31
N GLY A 141 20.78 -14.57 54.49
CA GLY A 141 21.22 -13.53 53.58
C GLY A 141 22.49 -12.83 54.02
N ILE A 142 23.18 -12.19 53.07
CA ILE A 142 24.43 -11.50 53.38
C ILE A 142 24.20 -10.07 53.86
N ASP A 143 24.82 -9.72 54.97
CA ASP A 143 24.74 -8.37 55.52
C ASP A 143 25.99 -7.57 55.19
N GLU A 144 25.79 -6.29 54.88
CA GLU A 144 26.85 -5.40 54.37
C GLU A 144 28.18 -5.44 55.12
N GLU A 145 28.12 -5.61 56.44
CA GLU A 145 29.33 -5.60 57.26
C GLU A 145 29.43 -6.82 58.16
N GLN A 146 28.28 -7.29 58.65
CA GLN A 146 28.25 -8.45 59.53
C GLN A 146 28.32 -9.76 58.74
N GLY A 147 28.32 -9.65 57.41
CA GLY A 147 28.46 -10.82 56.56
C GLY A 147 27.26 -11.74 56.63
N PRO A 148 27.45 -13.02 56.29
CA PRO A 148 26.37 -14.02 56.23
C PRO A 148 25.55 -14.07 57.52
N GLN A 149 24.23 -14.13 57.35
CA GLN A 149 23.29 -14.10 58.47
C GLN A 149 22.24 -15.20 58.31
N VAL A 150 22.06 -15.97 59.39
CA VAL A 150 21.04 -17.00 59.46
C VAL A 150 20.18 -16.77 60.69
N TYR A 151 18.94 -16.32 60.49
CA TYR A 151 18.04 -16.05 61.60
C TYR A 151 16.86 -17.01 61.63
N LYS A 152 16.20 -17.09 62.77
CA LYS A 152 15.04 -17.97 62.91
C LYS A 152 13.99 -17.37 63.85
N CYS A 153 12.72 -17.54 63.50
CA CYS A 153 11.62 -17.06 64.34
C CYS A 153 10.53 -18.12 64.58
N ASP A 154 10.00 -18.08 65.80
CA ASP A 154 9.07 -19.06 66.35
C ASP A 154 7.64 -18.54 66.34
N PRO A 155 6.68 -19.43 66.59
CA PRO A 155 5.30 -19.01 66.85
C PRO A 155 5.16 -18.31 68.20
N ALA A 156 6.17 -18.45 69.06
CA ALA A 156 6.13 -17.85 70.38
C ALA A 156 6.44 -16.37 70.33
N GLY A 157 7.11 -15.96 69.26
CA GLY A 157 7.54 -14.59 69.12
C GLY A 157 9.04 -14.47 69.30
N TYR A 158 9.68 -15.59 69.59
CA TYR A 158 11.13 -15.60 69.76
C TYR A 158 11.83 -15.57 68.41
N TYR A 159 12.86 -14.75 68.31
CA TYR A 159 13.69 -14.73 67.11
C TYR A 159 15.15 -14.66 67.53
N CYS A 160 16.04 -15.25 66.74
CA CYS A 160 17.46 -15.20 67.06
C CYS A 160 18.36 -15.46 65.86
N GLY A 161 19.58 -14.93 65.93
CA GLY A 161 20.61 -15.23 64.97
C GLY A 161 21.32 -16.51 65.38
N PHE A 162 21.84 -17.24 64.40
CA PHE A 162 22.43 -18.54 64.66
C PHE A 162 23.67 -18.80 63.81
N LYS A 163 24.55 -19.64 64.32
CA LYS A 163 25.66 -20.16 63.53
C LYS A 163 25.11 -21.34 62.75
N ALA A 164 24.11 -21.99 63.35
CA ALA A 164 23.38 -23.08 62.71
C ALA A 164 22.12 -23.40 63.51
N THR A 165 21.08 -23.86 62.83
CA THR A 165 19.86 -24.30 63.50
C THR A 165 19.13 -25.34 62.68
N ALA A 166 17.99 -25.76 63.21
CA ALA A 166 17.12 -26.70 62.52
C ALA A 166 15.69 -26.46 62.97
N ALA A 167 14.75 -27.05 62.26
CA ALA A 167 13.34 -26.92 62.62
C ALA A 167 12.55 -28.14 62.17
N GLY A 168 11.48 -28.45 62.89
CA GLY A 168 10.62 -29.55 62.52
C GLY A 168 10.74 -30.75 63.45
N VAL A 169 10.55 -31.94 62.88
CA VAL A 169 10.52 -33.18 63.64
C VAL A 169 11.84 -33.46 64.37
N LYS A 170 12.89 -33.72 63.60
CA LYS A 170 14.18 -34.05 64.18
C LYS A 170 15.03 -32.81 64.43
N GLN A 171 14.46 -31.84 65.12
CA GLN A 171 15.16 -30.59 65.41
C GLN A 171 16.26 -30.78 66.45
N THR A 172 15.90 -31.36 67.59
CA THR A 172 16.82 -31.55 68.70
C THR A 172 18.02 -32.41 68.32
N GLU A 173 17.76 -33.49 67.60
CA GLU A 173 18.83 -34.37 67.13
C GLU A 173 19.78 -33.61 66.20
N SER A 174 19.20 -32.82 65.30
CA SER A 174 19.97 -32.04 64.35
C SER A 174 20.83 -30.97 65.03
N THR A 175 20.30 -30.35 66.07
CA THR A 175 21.06 -29.36 66.83
C THR A 175 22.20 -30.02 67.59
N SER A 176 21.90 -31.15 68.22
CA SER A 176 22.92 -31.91 68.94
C SER A 176 24.03 -32.37 68.00
N PHE A 177 23.67 -32.64 66.75
CA PHE A 177 24.64 -32.95 65.71
C PHE A 177 25.49 -31.72 65.40
N LEU A 178 24.81 -30.61 65.11
CA LEU A 178 25.45 -29.40 64.64
C LEU A 178 26.42 -28.77 65.64
N GLU A 179 26.06 -28.78 66.92
CA GLU A 179 26.96 -28.22 67.92
C GLU A 179 28.21 -29.10 68.10
N LYS A 180 28.01 -30.41 67.96
CA LYS A 180 29.13 -31.35 68.01
C LYS A 180 30.07 -31.10 66.84
N LYS A 181 29.49 -30.82 65.68
CA LYS A 181 30.28 -30.58 64.47
C LYS A 181 30.96 -29.20 64.49
N VAL A 182 30.36 -28.27 65.21
CA VAL A 182 30.89 -26.90 65.30
C VAL A 182 32.10 -26.80 66.22
N LYS A 183 32.05 -27.52 67.34
CA LYS A 183 33.13 -27.51 68.32
C LYS A 183 34.48 -27.94 67.75
N LYS A 184 34.44 -28.72 66.67
CA LYS A 184 35.65 -29.25 66.05
C LYS A 184 36.43 -28.17 65.29
N LYS A 185 35.76 -27.08 64.95
CA LYS A 185 36.37 -25.93 64.28
C LYS A 185 37.06 -26.30 62.97
N PHE A 186 36.28 -26.35 61.90
CA PHE A 186 36.83 -26.63 60.57
C PHE A 186 36.88 -25.33 59.74
N ASP A 187 37.51 -25.41 58.58
CA ASP A 187 37.56 -24.26 57.67
C ASP A 187 36.25 -24.15 56.91
N TRP A 188 35.31 -23.39 57.46
CA TRP A 188 33.96 -23.30 56.93
C TRP A 188 33.88 -22.71 55.53
N THR A 189 34.26 -23.51 54.53
CA THR A 189 34.13 -23.10 53.14
C THR A 189 32.71 -23.36 52.67
N PHE A 190 32.47 -23.14 51.38
CA PHE A 190 31.17 -23.36 50.78
C PHE A 190 30.77 -24.83 50.86
N GLU A 191 31.63 -25.68 50.30
CA GLU A 191 31.38 -27.11 50.25
C GLU A 191 31.31 -27.71 51.64
N GLN A 192 32.09 -27.16 52.56
CA GLN A 192 32.07 -27.61 53.94
C GLN A 192 30.70 -27.34 54.57
N THR A 193 30.16 -26.17 54.28
CA THR A 193 28.86 -25.77 54.81
C THR A 193 27.73 -26.63 54.23
N VAL A 194 27.70 -26.72 52.90
CA VAL A 194 26.67 -27.51 52.23
C VAL A 194 26.71 -28.97 52.67
N GLU A 195 27.91 -29.54 52.68
CA GLU A 195 28.10 -30.92 53.11
C GLU A 195 27.69 -31.12 54.56
N THR A 196 28.04 -30.17 55.43
CA THR A 196 27.66 -30.26 56.84
C THR A 196 26.15 -30.27 57.01
N ALA A 197 25.47 -29.43 56.24
CA ALA A 197 24.02 -29.37 56.29
C ALA A 197 23.36 -30.66 55.80
N ILE A 198 23.70 -31.05 54.57
CA ILE A 198 23.16 -32.26 53.95
C ILE A 198 23.43 -33.51 54.80
N THR A 199 24.64 -33.62 55.33
CA THR A 199 25.00 -34.75 56.17
C THR A 199 24.31 -34.69 57.53
N CYS A 200 24.02 -33.48 58.01
CA CYS A 200 23.25 -33.36 59.23
C CYS A 200 21.88 -33.96 59.03
N LEU A 201 21.18 -33.49 57.98
CA LEU A 201 19.85 -34.00 57.67
C LEU A 201 19.87 -35.50 57.43
N SER A 202 20.88 -35.96 56.68
CA SER A 202 20.99 -37.37 56.30
C SER A 202 21.23 -38.28 57.50
N THR A 203 22.23 -37.96 58.32
CA THR A 203 22.54 -38.77 59.49
C THR A 203 21.52 -38.59 60.60
N VAL A 204 20.64 -37.60 60.44
CA VAL A 204 19.54 -37.41 61.39
C VAL A 204 18.31 -38.22 60.97
N LEU A 205 18.18 -38.46 59.67
CA LEU A 205 17.04 -39.22 59.15
C LEU A 205 17.41 -40.62 58.71
N SER A 206 18.71 -40.87 58.54
CA SER A 206 19.23 -42.14 58.04
C SER A 206 18.56 -42.54 56.72
N ILE A 207 18.78 -41.72 55.69
CA ILE A 207 18.13 -41.92 54.40
C ILE A 207 19.12 -42.00 53.25
N ASP A 208 20.14 -41.14 53.27
CA ASP A 208 21.06 -40.97 52.15
C ASP A 208 20.27 -40.60 50.89
N PHE A 209 20.05 -39.30 50.73
CA PHE A 209 19.09 -38.79 49.75
C PHE A 209 19.45 -39.05 48.30
N LYS A 210 18.42 -39.08 47.46
CA LYS A 210 18.57 -38.92 46.02
C LYS A 210 18.54 -37.41 45.79
N PRO A 211 19.03 -36.95 44.63
CA PRO A 211 19.04 -35.49 44.41
C PRO A 211 17.64 -34.88 44.27
N SER A 212 16.61 -35.72 44.23
CA SER A 212 15.24 -35.24 44.11
C SER A 212 14.48 -35.39 45.43
N GLU A 213 15.20 -35.71 46.50
CA GLU A 213 14.58 -35.91 47.80
C GLU A 213 14.75 -34.70 48.71
N ILE A 214 15.70 -33.83 48.36
CA ILE A 214 15.92 -32.61 49.13
C ILE A 214 15.99 -31.38 48.24
N GLU A 215 15.89 -30.21 48.85
CA GLU A 215 16.08 -28.95 48.17
C GLU A 215 17.04 -28.07 48.98
N VAL A 216 17.91 -27.36 48.28
CA VAL A 216 18.96 -26.58 48.93
C VAL A 216 18.98 -25.13 48.47
N GLY A 217 18.73 -24.23 49.41
CA GLY A 217 18.88 -22.80 49.15
C GLY A 217 20.26 -22.37 49.59
N VAL A 218 20.76 -21.28 49.02
CA VAL A 218 22.13 -20.85 49.31
C VAL A 218 22.34 -19.36 49.02
N VAL A 219 23.28 -18.75 49.73
CA VAL A 219 23.64 -17.37 49.46
C VAL A 219 25.12 -17.11 49.79
N THR A 220 25.87 -16.65 48.79
CA THR A 220 27.31 -16.46 48.95
C THR A 220 27.66 -14.98 49.09
N VAL A 221 28.84 -14.69 49.61
CA VAL A 221 29.34 -13.32 49.66
C VAL A 221 29.68 -12.84 48.25
N GLU A 222 30.29 -13.72 47.46
CA GLU A 222 30.63 -13.41 46.08
C GLU A 222 29.38 -13.31 45.21
N ASN A 223 28.29 -13.95 45.67
CA ASN A 223 27.03 -13.92 44.94
C ASN A 223 25.85 -13.88 45.90
N PRO A 224 25.52 -12.66 46.38
CA PRO A 224 24.51 -12.43 47.44
C PRO A 224 23.08 -12.77 47.04
N LYS A 225 22.84 -13.05 45.76
CA LYS A 225 21.48 -13.37 45.32
C LYS A 225 21.06 -14.76 45.77
N PHE A 226 19.89 -14.85 46.38
CA PHE A 226 19.36 -16.13 46.86
C PHE A 226 19.21 -17.12 45.72
N ARG A 227 19.97 -18.20 45.80
CA ARG A 227 20.05 -19.16 44.72
C ARG A 227 19.53 -20.54 45.14
N ILE A 228 18.69 -21.12 44.30
CA ILE A 228 18.16 -22.46 44.54
C ILE A 228 18.87 -23.48 43.67
N LEU A 229 19.41 -24.52 44.30
CA LEU A 229 20.22 -25.51 43.59
C LEU A 229 19.39 -26.45 42.72
N THR A 230 19.89 -26.72 41.52
CA THR A 230 19.27 -27.67 40.61
C THR A 230 19.53 -29.09 41.12
N GLU A 231 18.77 -30.04 40.59
CA GLU A 231 18.94 -31.44 40.94
C GLU A 231 20.37 -31.90 40.64
N ALA A 232 20.91 -31.41 39.54
CA ALA A 232 22.26 -31.77 39.11
C ALA A 232 23.34 -31.30 40.10
N GLU A 233 23.31 -30.01 40.42
CA GLU A 233 24.32 -29.44 41.31
C GLU A 233 24.12 -29.84 42.78
N ILE A 234 23.01 -30.53 43.06
CA ILE A 234 22.82 -31.16 44.35
C ILE A 234 23.44 -32.55 44.30
N ASP A 235 23.21 -33.26 43.19
CA ASP A 235 23.79 -34.58 42.98
C ASP A 235 25.32 -34.50 42.96
N ALA A 236 25.84 -33.34 42.58
CA ALA A 236 27.28 -33.10 42.61
C ALA A 236 27.82 -33.21 44.03
N HIS A 237 27.16 -32.54 44.97
CA HIS A 237 27.53 -32.61 46.38
C HIS A 237 27.30 -34.03 46.91
N LEU A 238 26.20 -34.63 46.48
CA LEU A 238 25.85 -35.99 46.91
C LEU A 238 26.95 -37.00 46.56
N VAL A 239 27.44 -36.93 45.33
CA VAL A 239 28.51 -37.83 44.91
C VAL A 239 29.86 -37.38 45.47
N ALA A 240 29.96 -36.10 45.82
CA ALA A 240 31.17 -35.58 46.44
C ALA A 240 31.31 -36.09 47.86
N LEU A 241 30.18 -36.44 48.48
CA LEU A 241 30.19 -36.93 49.86
C LEU A 241 30.61 -38.40 49.97
N ALA A 242 30.23 -39.21 48.98
CA ALA A 242 30.54 -40.63 49.01
C ALA A 242 31.93 -40.93 48.44
N GLU A 243 32.94 -40.29 49.01
CA GLU A 243 34.32 -40.48 48.55
C GLU A 243 35.32 -40.56 49.71
N ARG A 244 35.02 -39.84 50.79
CA ARG A 244 35.92 -39.80 51.95
C ARG A 244 35.34 -40.52 53.16
N ALA B 1 -11.62 -12.16 57.51
CA ALA B 1 -12.21 -11.10 58.33
C ALA B 1 -11.92 -11.30 59.82
N GLU B 2 -11.74 -10.19 60.54
CA GLU B 2 -11.51 -10.25 61.98
C GLU B 2 -11.89 -8.95 62.67
N ARG B 3 -12.19 -9.03 63.95
CA ARG B 3 -12.52 -7.85 64.76
C ARG B 3 -11.77 -7.88 66.08
N GLY B 4 -12.37 -8.52 67.08
CA GLY B 4 -11.74 -8.65 68.38
C GLY B 4 -12.71 -8.92 69.50
N TYR B 5 -12.22 -9.55 70.56
CA TYR B 5 -13.02 -9.80 71.77
C TYR B 5 -13.05 -8.53 72.60
N SER B 6 -14.25 -8.01 72.88
CA SER B 6 -14.40 -6.73 73.55
C SER B 6 -14.47 -6.85 75.07
N PHE B 7 -14.44 -8.09 75.57
CA PHE B 7 -14.57 -8.33 77.01
C PHE B 7 -13.22 -8.61 77.68
N SER B 8 -13.13 -8.24 78.95
CA SER B 8 -11.89 -8.45 79.70
C SER B 8 -11.58 -9.94 79.85
N LEU B 9 -10.31 -10.29 79.67
CA LEU B 9 -9.84 -11.64 79.93
C LEU B 9 -9.25 -11.73 81.32
N THR B 10 -9.25 -10.61 82.02
CA THR B 10 -8.73 -10.51 83.37
C THR B 10 -9.82 -9.99 84.29
N THR B 11 -10.32 -10.84 85.18
CA THR B 11 -11.41 -10.47 86.07
C THR B 11 -11.11 -10.81 87.52
N PHE B 12 -11.95 -10.31 88.42
CA PHE B 12 -11.79 -10.55 89.85
C PHE B 12 -12.35 -11.91 90.26
N SER B 13 -11.56 -12.66 91.00
CA SER B 13 -12.02 -13.90 91.62
C SER B 13 -12.80 -13.53 92.88
N PRO B 14 -13.64 -14.44 93.38
CA PRO B 14 -14.43 -14.17 94.59
C PRO B 14 -13.59 -13.72 95.78
N SER B 15 -12.36 -14.22 95.86
CA SER B 15 -11.44 -13.82 96.92
C SER B 15 -10.96 -12.38 96.71
N GLY B 16 -11.00 -11.92 95.46
CA GLY B 16 -10.61 -10.55 95.14
C GLY B 16 -9.29 -10.47 94.40
N LYS B 17 -8.87 -11.58 93.80
CA LYS B 17 -7.58 -11.62 93.13
C LYS B 17 -7.72 -11.56 91.61
N LEU B 18 -6.96 -10.68 90.98
CA LEU B 18 -6.87 -10.64 89.53
C LEU B 18 -5.93 -11.76 89.07
N VAL B 19 -6.52 -12.95 88.93
CA VAL B 19 -5.77 -14.19 88.75
C VAL B 19 -4.76 -14.18 87.60
N GLN B 20 -5.16 -13.61 86.46
CA GLN B 20 -4.30 -13.59 85.28
C GLN B 20 -3.02 -12.79 85.49
N ILE B 21 -3.11 -11.74 86.31
CA ILE B 21 -1.94 -10.94 86.65
C ILE B 21 -0.99 -11.76 87.51
N GLU B 22 -1.56 -12.51 88.45
CA GLU B 22 -0.76 -13.34 89.34
C GLU B 22 -0.07 -14.46 88.56
N TYR B 23 -0.77 -15.00 87.57
CA TYR B 23 -0.20 -16.02 86.71
C TYR B 23 0.89 -15.41 85.83
N ALA B 24 0.69 -14.15 85.46
CA ALA B 24 1.69 -13.41 84.70
C ALA B 24 2.96 -13.26 85.53
N LEU B 25 2.77 -12.97 86.81
CA LEU B 25 3.89 -12.85 87.74
C LEU B 25 4.56 -14.20 87.92
N ALA B 26 3.77 -15.27 87.86
CA ALA B 26 4.31 -16.62 87.90
C ALA B 26 5.20 -16.86 86.70
N ALA B 27 4.81 -16.30 85.55
CA ALA B 27 5.65 -16.37 84.35
C ALA B 27 6.92 -15.55 84.54
N VAL B 28 6.79 -14.41 85.20
CA VAL B 28 7.94 -13.55 85.49
C VAL B 28 8.94 -14.25 86.40
N ALA B 29 8.46 -14.74 87.54
CA ALA B 29 9.28 -15.50 88.46
C ALA B 29 9.51 -16.91 87.91
N GLY B 30 10.22 -16.99 86.79
CA GLY B 30 10.48 -18.25 86.12
C GLY B 30 11.51 -18.04 85.02
N GLY B 31 11.70 -16.78 84.64
CA GLY B 31 12.69 -16.44 83.63
C GLY B 31 14.05 -16.18 84.26
N ALA B 32 15.04 -15.91 83.40
CA ALA B 32 16.40 -15.66 83.86
C ALA B 32 16.44 -14.49 84.85
N PRO B 33 17.24 -14.63 85.91
CA PRO B 33 17.33 -13.60 86.96
C PRO B 33 17.97 -12.31 86.46
N SER B 34 17.53 -11.18 87.03
CA SER B 34 18.07 -9.88 86.68
C SER B 34 18.20 -9.03 87.94
N VAL B 35 19.36 -8.40 88.10
CA VAL B 35 19.61 -7.53 89.24
C VAL B 35 19.79 -6.09 88.78
N GLY B 36 19.44 -5.16 89.66
CA GLY B 36 19.62 -3.74 89.40
C GLY B 36 20.10 -3.03 90.66
N ILE B 37 21.13 -2.21 90.53
CA ILE B 37 21.70 -1.53 91.69
C ILE B 37 21.95 -0.04 91.43
N LYS B 38 21.32 0.81 92.23
CA LYS B 38 21.58 2.25 92.17
C LYS B 38 22.79 2.58 93.04
N ALA B 39 23.71 3.36 92.51
CA ALA B 39 25.00 3.56 93.19
C ALA B 39 25.50 5.00 93.19
N ALA B 40 24.71 5.93 93.72
CA ALA B 40 25.13 7.31 93.95
C ALA B 40 25.65 8.05 92.71
N ASN B 41 26.62 7.45 92.01
CA ASN B 41 27.18 8.05 90.80
C ASN B 41 26.78 7.31 89.53
N GLY B 42 25.83 6.38 89.65
CA GLY B 42 25.39 5.62 88.50
C GLY B 42 24.43 4.48 88.85
N VAL B 43 23.97 3.78 87.81
CA VAL B 43 23.08 2.64 88.00
C VAL B 43 23.61 1.45 87.19
N VAL B 44 23.37 0.24 87.69
CA VAL B 44 23.80 -0.96 87.00
C VAL B 44 22.64 -1.93 86.80
N LEU B 45 22.52 -2.44 85.58
CA LEU B 45 21.56 -3.49 85.28
C LEU B 45 22.32 -4.72 84.79
N ALA B 46 21.96 -5.89 85.30
CA ALA B 46 22.65 -7.11 84.93
C ALA B 46 21.68 -8.26 84.80
N THR B 47 21.93 -9.16 83.86
CA THR B 47 21.03 -10.28 83.65
C THR B 47 21.74 -11.53 83.16
N GLU B 48 21.13 -12.69 83.43
CA GLU B 48 21.63 -13.96 82.93
C GLU B 48 21.26 -14.14 81.47
N LYS B 49 22.24 -13.99 80.59
CA LYS B 49 22.04 -14.15 79.17
C LYS B 49 22.52 -15.53 78.73
N LYS B 50 22.07 -16.55 79.44
CA LYS B 50 22.49 -17.91 79.16
C LYS B 50 21.62 -18.52 78.06
N GLN B 51 22.22 -18.70 76.88
CA GLN B 51 21.52 -19.31 75.76
C GLN B 51 21.22 -20.79 76.05
N LYS B 52 21.27 -21.63 75.02
CA LYS B 52 21.00 -23.05 75.18
C LYS B 52 21.71 -23.89 74.13
N SER B 53 22.89 -23.43 73.71
CA SER B 53 23.67 -24.15 72.71
C SER B 53 24.82 -23.30 72.19
N ILE B 54 25.78 -23.93 71.52
CA ILE B 54 26.91 -23.21 70.97
C ILE B 54 26.53 -22.62 69.62
N LEU B 55 25.38 -23.06 69.10
CA LEU B 55 24.88 -22.63 67.81
C LEU B 55 24.27 -21.23 67.85
N TYR B 56 23.83 -20.82 69.04
CA TYR B 56 23.22 -19.51 69.23
C TYR B 56 24.24 -18.39 69.02
N ASP B 57 23.81 -17.30 68.41
CA ASP B 57 24.64 -16.12 68.22
C ASP B 57 24.23 -15.06 69.22
N GLU B 58 24.94 -14.99 70.34
CA GLU B 58 24.57 -14.11 71.44
C GLU B 58 24.76 -12.64 71.11
N ARG B 59 25.45 -12.35 70.02
CA ARG B 59 25.72 -10.97 69.62
C ARG B 59 24.69 -10.47 68.61
N SER B 60 23.48 -11.01 68.67
CA SER B 60 22.42 -10.61 67.75
C SER B 60 21.20 -10.06 68.50
N VAL B 61 20.80 -10.76 69.55
CA VAL B 61 19.68 -10.32 70.38
C VAL B 61 20.19 -9.98 71.78
N HIS B 62 19.69 -8.89 72.34
CA HIS B 62 20.16 -8.42 73.63
C HIS B 62 19.03 -8.31 74.66
N LYS B 63 19.35 -8.54 75.92
CA LYS B 63 18.36 -8.42 76.99
C LYS B 63 18.46 -7.05 77.64
N VAL B 64 19.63 -6.44 77.56
CA VAL B 64 19.83 -5.10 78.10
C VAL B 64 19.66 -4.09 76.97
N GLU B 65 18.51 -3.41 76.94
CA GLU B 65 18.19 -2.51 75.85
C GLU B 65 18.15 -1.06 76.29
N PRO B 66 18.62 -0.16 75.41
CA PRO B 66 18.50 1.29 75.63
C PRO B 66 17.16 1.82 75.15
N ILE B 67 16.56 2.71 75.93
CA ILE B 67 15.33 3.37 75.53
C ILE B 67 15.68 4.67 74.84
N THR B 68 16.54 5.45 75.48
CA THR B 68 17.10 6.67 74.89
C THR B 68 18.59 6.72 75.17
N LYS B 69 19.13 7.94 75.18
CA LYS B 69 20.55 8.13 75.42
C LYS B 69 20.86 8.10 76.91
N HIS B 70 19.82 8.10 77.74
CA HIS B 70 20.02 8.18 79.19
C HIS B 70 19.18 7.17 79.98
N ILE B 71 18.43 6.30 79.29
CA ILE B 71 17.58 5.33 79.96
C ILE B 71 17.76 3.91 79.43
N GLY B 72 17.86 2.94 80.33
CA GLY B 72 18.07 1.56 79.94
C GLY B 72 17.08 0.56 80.53
N LEU B 73 17.04 -0.62 79.94
CA LEU B 73 16.06 -1.65 80.29
C LEU B 73 16.63 -3.05 80.41
N VAL B 74 16.22 -3.76 81.46
CA VAL B 74 16.35 -5.23 81.49
C VAL B 74 15.04 -5.80 82.00
N TYR B 75 14.89 -7.12 81.95
CA TYR B 75 13.61 -7.72 82.29
C TYR B 75 13.70 -9.11 82.88
N SER B 76 12.57 -9.59 83.38
CA SER B 76 12.42 -10.98 83.79
C SER B 76 11.05 -11.47 83.35
N GLY B 77 11.05 -12.53 82.55
CA GLY B 77 9.81 -13.11 82.04
C GLY B 77 9.91 -13.55 80.59
N MET B 78 8.97 -13.09 79.77
CA MET B 78 8.89 -13.52 78.38
C MET B 78 9.56 -12.54 77.42
N GLY B 79 10.45 -13.04 76.58
CA GLY B 79 11.18 -12.24 75.61
C GLY B 79 10.34 -11.33 74.72
N PRO B 80 9.42 -11.91 73.94
CA PRO B 80 8.59 -11.15 73.00
C PRO B 80 7.84 -9.98 73.64
N ASP B 81 7.17 -10.25 74.77
CA ASP B 81 6.45 -9.22 75.51
C ASP B 81 7.39 -8.06 75.85
N TYR B 82 8.58 -8.42 76.31
CA TYR B 82 9.61 -7.44 76.62
C TYR B 82 9.93 -6.59 75.40
N ARG B 83 10.14 -7.25 74.26
CA ARG B 83 10.46 -6.58 73.02
C ARG B 83 9.41 -5.53 72.66
N VAL B 84 8.16 -5.94 72.71
CA VAL B 84 7.02 -5.06 72.52
C VAL B 84 7.09 -3.85 73.44
N LEU B 85 7.27 -4.11 74.73
CA LEU B 85 7.36 -3.05 75.72
C LEU B 85 8.53 -2.09 75.48
N VAL B 86 9.61 -2.62 74.91
CA VAL B 86 10.79 -1.82 74.60
C VAL B 86 10.46 -0.84 73.48
N HIS B 87 9.88 -1.37 72.40
CA HIS B 87 9.47 -0.53 71.29
C HIS B 87 8.53 0.59 71.76
N ARG B 88 7.50 0.18 72.50
CA ARG B 88 6.53 1.14 73.04
C ARG B 88 7.20 2.21 73.92
N ALA B 89 8.13 1.78 74.77
CA ALA B 89 8.82 2.70 75.68
C ALA B 89 9.64 3.73 74.89
N ARG B 90 10.41 3.24 73.93
CA ARG B 90 11.17 4.12 73.04
C ARG B 90 10.25 5.16 72.38
N LYS B 91 9.14 4.70 71.83
CA LYS B 91 8.16 5.60 71.22
C LYS B 91 7.66 6.68 72.19
N LEU B 92 7.27 6.27 73.39
CA LEU B 92 6.83 7.20 74.42
C LEU B 92 7.88 8.26 74.72
N ALA B 93 9.12 7.81 74.85
CA ALA B 93 10.24 8.71 75.11
C ALA B 93 10.38 9.74 73.98
N GLN B 94 10.30 9.27 72.75
CA GLN B 94 10.40 10.17 71.61
C GLN B 94 9.25 11.17 71.55
N GLN B 95 8.06 10.74 71.95
CA GLN B 95 6.92 11.66 72.02
C GLN B 95 7.21 12.77 73.04
N TYR B 96 7.63 12.36 74.23
CA TYR B 96 7.97 13.33 75.27
C TYR B 96 9.01 14.32 74.77
N TYR B 97 10.04 13.81 74.08
CA TYR B 97 11.09 14.68 73.59
C TYR B 97 10.59 15.65 72.52
N LEU B 98 9.77 15.15 71.61
CA LEU B 98 9.20 15.99 70.55
C LEU B 98 8.37 17.12 71.15
N VAL B 99 7.65 16.83 72.22
CA VAL B 99 6.83 17.86 72.86
C VAL B 99 7.65 18.87 73.66
N TYR B 100 8.57 18.37 74.47
CA TYR B 100 9.25 19.24 75.44
C TYR B 100 10.69 19.62 75.08
N GLN B 101 11.25 18.96 74.06
CA GLN B 101 12.63 19.19 73.66
C GLN B 101 13.62 18.97 74.81
N GLU B 102 13.25 18.08 75.71
CA GLU B 102 14.04 17.76 76.88
C GLU B 102 13.93 16.25 77.11
N PRO B 103 15.06 15.59 77.39
CA PRO B 103 15.06 14.14 77.63
C PRO B 103 14.10 13.76 78.75
N ILE B 104 13.30 12.72 78.52
CA ILE B 104 12.25 12.33 79.45
C ILE B 104 12.78 11.86 80.80
N PRO B 105 12.27 12.44 81.90
CA PRO B 105 12.58 11.98 83.25
C PRO B 105 12.27 10.50 83.39
N THR B 106 13.16 9.76 84.05
CA THR B 106 13.03 8.31 84.16
C THR B 106 11.70 7.91 84.79
N ALA B 107 11.31 8.62 85.85
CA ALA B 107 10.06 8.37 86.54
C ALA B 107 8.87 8.49 85.61
N GLN B 108 8.91 9.47 84.71
CA GLN B 108 7.83 9.69 83.76
C GLN B 108 7.68 8.54 82.77
N LEU B 109 8.80 8.14 82.17
CA LEU B 109 8.82 7.00 81.26
C LEU B 109 8.28 5.76 81.96
N VAL B 110 8.71 5.57 83.21
CA VAL B 110 8.23 4.45 84.01
C VAL B 110 6.72 4.49 84.19
N GLN B 111 6.20 5.66 84.55
CA GLN B 111 4.76 5.82 84.74
C GLN B 111 3.96 5.52 83.47
N ARG B 112 4.42 6.06 82.35
CA ARG B 112 3.75 5.87 81.05
C ARG B 112 3.75 4.40 80.63
N VAL B 113 4.92 3.78 80.66
CA VAL B 113 5.03 2.36 80.34
C VAL B 113 4.16 1.53 81.28
N ALA B 114 4.09 1.96 82.54
CA ALA B 114 3.25 1.30 83.53
C ALA B 114 1.77 1.39 83.14
N SER B 115 1.38 2.54 82.59
CA SER B 115 0.00 2.70 82.12
C SER B 115 -0.28 1.76 80.96
N VAL B 116 0.68 1.67 80.05
CA VAL B 116 0.58 0.74 78.92
C VAL B 116 0.39 -0.70 79.41
N MET B 117 1.18 -1.10 80.40
CA MET B 117 1.06 -2.44 80.97
C MET B 117 -0.26 -2.63 81.70
N GLN B 118 -0.76 -1.54 82.28
CA GLN B 118 -2.02 -1.58 83.01
C GLN B 118 -3.18 -1.83 82.06
N GLU B 119 -3.10 -1.25 80.87
CA GLU B 119 -4.14 -1.44 79.87
C GLU B 119 -4.45 -2.91 79.62
N TYR B 120 -3.41 -3.73 79.53
CA TYR B 120 -3.55 -5.14 79.18
C TYR B 120 -4.07 -6.00 80.32
N THR B 121 -4.50 -5.37 81.41
CA THR B 121 -5.10 -6.09 82.52
C THR B 121 -6.59 -5.76 82.60
N GLN B 122 -7.06 -4.95 81.66
CA GLN B 122 -8.44 -4.50 81.67
C GLN B 122 -9.04 -4.45 80.27
N SER B 123 -8.24 -4.10 79.27
CA SER B 123 -8.71 -4.02 77.89
C SER B 123 -9.18 -5.38 77.37
N GLY B 124 -10.01 -5.36 76.34
CA GLY B 124 -10.66 -6.56 75.86
C GLY B 124 -9.79 -7.51 75.05
N GLY B 125 -10.02 -8.80 75.22
CA GLY B 125 -9.43 -9.83 74.39
C GLY B 125 -7.92 -9.97 74.49
N VAL B 126 -7.34 -9.49 75.58
CA VAL B 126 -5.89 -9.59 75.76
C VAL B 126 -5.51 -10.06 77.16
N ARG B 127 -4.35 -10.73 77.24
CA ARG B 127 -3.77 -11.13 78.51
C ARG B 127 -2.76 -10.07 78.94
N PRO B 128 -2.45 -10.01 80.24
CA PRO B 128 -1.39 -9.11 80.69
C PRO B 128 -0.03 -9.55 80.17
N PHE B 129 0.98 -8.69 80.33
CA PHE B 129 2.34 -9.04 79.93
C PHE B 129 2.97 -9.98 80.95
N GLY B 130 3.67 -11.01 80.46
CA GLY B 130 4.40 -11.89 81.33
C GLY B 130 5.82 -11.39 81.54
N VAL B 131 5.92 -10.14 82.00
CA VAL B 131 7.20 -9.46 82.07
C VAL B 131 7.27 -8.46 83.22
N SER B 132 8.36 -8.51 83.99
CA SER B 132 8.70 -7.43 84.91
C SER B 132 9.90 -6.67 84.35
N LEU B 133 9.85 -5.35 84.46
CA LEU B 133 10.87 -4.49 83.87
C LEU B 133 11.71 -3.79 84.94
N LEU B 134 13.02 -3.81 84.75
CA LEU B 134 13.92 -2.95 85.50
C LEU B 134 14.41 -1.84 84.58
N ILE B 135 14.14 -0.60 85.01
CA ILE B 135 14.41 0.58 84.21
C ILE B 135 15.40 1.48 84.93
N CYS B 136 16.55 1.73 84.31
CA CYS B 136 17.54 2.60 84.92
C CYS B 136 17.60 3.93 84.17
N GLY B 137 17.98 5.00 84.86
CA GLY B 137 18.06 6.29 84.23
C GLY B 137 18.90 7.32 84.97
N TRP B 138 19.30 8.37 84.25
CA TRP B 138 20.03 9.48 84.84
C TRP B 138 19.38 10.81 84.48
N ASN B 139 18.60 11.35 85.41
CA ASN B 139 17.88 12.60 85.18
C ASN B 139 18.07 13.59 86.33
N GLU B 140 18.33 14.85 85.98
CA GLU B 140 18.51 15.92 86.97
C GLU B 140 19.60 15.64 88.00
N GLY B 141 20.70 15.06 87.54
CA GLY B 141 21.84 14.79 88.40
C GLY B 141 21.77 13.46 89.14
N ARG B 142 20.62 13.17 89.73
CA ARG B 142 20.43 11.95 90.49
C ARG B 142 20.22 10.73 89.58
N PRO B 143 20.65 9.54 90.06
CA PRO B 143 20.40 8.27 89.35
C PRO B 143 19.08 7.65 89.80
N TYR B 144 18.49 6.83 88.92
CA TYR B 144 17.17 6.24 89.19
C TYR B 144 17.07 4.79 88.78
N LEU B 145 16.45 3.99 89.65
CA LEU B 145 16.17 2.58 89.36
C LEU B 145 14.71 2.29 89.68
N PHE B 146 13.99 1.76 88.69
CA PHE B 146 12.57 1.47 88.83
C PHE B 146 12.24 0.04 88.41
N GLN B 147 11.16 -0.48 88.97
CA GLN B 147 10.64 -1.77 88.56
C GLN B 147 9.16 -1.65 88.24
N SER B 148 8.73 -2.31 87.17
CA SER B 148 7.32 -2.34 86.84
C SER B 148 6.85 -3.77 86.59
N ASP B 149 5.81 -4.20 87.31
CA ASP B 149 5.30 -5.57 87.19
C ASP B 149 4.01 -5.57 86.36
N PRO B 150 3.65 -6.74 85.79
CA PRO B 150 2.48 -6.95 84.92
C PRO B 150 1.19 -6.22 85.31
N SER B 151 0.97 -5.95 86.59
CA SER B 151 -0.24 -5.26 87.03
C SER B 151 -0.23 -3.81 86.60
N GLY B 152 0.94 -3.30 86.23
CA GLY B 152 1.09 -1.91 85.85
C GLY B 152 1.57 -1.07 87.02
N ALA B 153 1.85 -1.74 88.14
CA ALA B 153 2.38 -1.05 89.31
C ALA B 153 3.88 -0.86 89.17
N TYR B 154 4.40 0.19 89.80
CA TYR B 154 5.82 0.48 89.71
C TYR B 154 6.41 0.92 91.05
N PHE B 155 7.66 0.55 91.29
CA PHE B 155 8.33 0.90 92.54
C PHE B 155 9.73 1.42 92.28
N ALA B 156 10.20 2.31 93.15
CA ALA B 156 11.56 2.81 93.07
C ALA B 156 12.48 1.96 93.96
N TRP B 157 13.59 1.51 93.40
CA TRP B 157 14.52 0.64 94.10
C TRP B 157 15.90 1.24 94.28
N LYS B 158 16.49 1.02 95.45
CA LYS B 158 17.91 1.31 95.66
C LYS B 158 18.70 0.17 95.03
N ALA B 159 18.21 -1.05 95.26
CA ALA B 159 18.74 -2.24 94.61
C ALA B 159 17.70 -3.34 94.71
N THR B 160 17.67 -4.23 93.72
CA THR B 160 16.73 -5.34 93.74
C THR B 160 17.05 -6.42 92.72
N ALA B 161 16.26 -7.49 92.74
CA ALA B 161 16.41 -8.58 91.78
C ALA B 161 15.05 -9.15 91.37
N MET B 162 15.00 -9.77 90.20
CA MET B 162 13.78 -10.37 89.69
C MET B 162 14.12 -11.69 89.00
N GLY B 163 13.11 -12.50 88.72
CA GLY B 163 13.31 -13.78 88.08
C GLY B 163 13.52 -14.91 89.07
N LYS B 164 14.23 -15.95 88.63
CA LYS B 164 14.53 -17.09 89.50
C LYS B 164 15.37 -16.67 90.70
N ASN B 165 15.03 -17.21 91.87
CA ASN B 165 15.74 -16.93 93.11
C ASN B 165 15.82 -15.44 93.43
N TYR B 166 14.75 -14.72 93.15
CA TYR B 166 14.74 -13.27 93.39
C TYR B 166 14.70 -12.96 94.88
N VAL B 167 14.23 -13.91 95.68
CA VAL B 167 14.18 -13.76 97.13
C VAL B 167 15.58 -13.85 97.74
N ASN B 168 16.30 -14.91 97.37
CA ASN B 168 17.68 -15.09 97.81
C ASN B 168 18.57 -13.94 97.35
N GLY B 169 18.34 -13.48 96.13
CA GLY B 169 19.07 -12.35 95.58
C GLY B 169 18.73 -11.06 96.30
N LYS B 170 17.46 -10.93 96.71
CA LYS B 170 17.01 -9.75 97.42
C LYS B 170 17.63 -9.67 98.81
N THR B 171 17.68 -10.81 99.51
CA THR B 171 18.33 -10.86 100.80
C THR B 171 19.85 -10.65 100.68
N PHE B 172 20.42 -11.21 99.62
CA PHE B 172 21.84 -11.06 99.33
C PHE B 172 22.19 -9.58 99.16
N LEU B 173 21.45 -8.89 98.30
CA LEU B 173 21.66 -7.47 98.09
C LEU B 173 21.39 -6.67 99.36
N GLU B 174 20.39 -7.11 100.12
CA GLU B 174 20.03 -6.46 101.38
C GLU B 174 21.17 -6.52 102.38
N LYS B 175 21.95 -7.60 102.32
CA LYS B 175 23.09 -7.78 103.22
C LYS B 175 24.39 -7.26 102.60
N ARG B 176 24.85 -7.94 101.56
CA ARG B 176 26.18 -7.68 101.00
C ARG B 176 26.26 -6.49 100.05
N TYR B 177 25.49 -5.44 100.35
CA TYR B 177 25.50 -4.23 99.53
C TYR B 177 24.80 -3.06 100.23
N ASN B 178 25.27 -1.84 99.95
CA ASN B 178 24.67 -0.64 100.51
C ASN B 178 25.03 0.62 99.72
N GLU B 179 24.61 1.77 100.23
CA GLU B 179 24.79 3.04 99.53
C GLU B 179 26.24 3.49 99.49
N ASP B 180 26.46 4.70 98.95
CA ASP B 180 27.79 5.30 98.83
C ASP B 180 28.77 4.51 97.95
N LEU B 181 28.27 3.45 97.32
CA LEU B 181 29.09 2.65 96.42
C LEU B 181 29.35 3.41 95.12
N GLU B 182 30.48 3.11 94.47
CA GLU B 182 30.78 3.65 93.17
C GLU B 182 30.21 2.72 92.10
N LEU B 183 30.21 3.17 90.85
CA LEU B 183 29.68 2.38 89.74
C LEU B 183 30.41 1.04 89.63
N GLU B 184 31.73 1.07 89.75
CA GLU B 184 32.55 -0.14 89.69
C GLU B 184 32.14 -1.15 90.75
N ASP B 185 32.03 -0.67 91.98
CA ASP B 185 31.65 -1.51 93.11
C ASP B 185 30.28 -2.13 92.87
N ALA B 186 29.35 -1.30 92.39
CA ALA B 186 27.98 -1.74 92.11
C ALA B 186 27.96 -2.84 91.05
N ILE B 187 28.72 -2.64 89.98
CA ILE B 187 28.84 -3.66 88.93
C ILE B 187 29.36 -4.94 89.54
N HIS B 188 30.36 -4.82 90.41
CA HIS B 188 30.97 -5.96 91.06
C HIS B 188 29.93 -6.75 91.87
N THR B 189 29.22 -6.09 92.77
CA THR B 189 28.20 -6.76 93.57
C THR B 189 26.99 -7.22 92.75
N ALA B 190 26.84 -6.67 91.55
CA ALA B 190 25.76 -7.06 90.65
C ALA B 190 26.09 -8.39 89.99
N ILE B 191 27.31 -8.50 89.46
CA ILE B 191 27.76 -9.75 88.89
C ILE B 191 27.86 -10.80 89.99
N LEU B 192 28.17 -10.34 91.20
CA LEU B 192 28.26 -11.23 92.37
C LEU B 192 26.89 -11.78 92.75
N THR B 193 25.89 -10.92 92.81
CA THR B 193 24.54 -11.36 93.15
C THR B 193 23.93 -12.18 92.00
N LEU B 194 24.45 -11.97 90.79
CA LEU B 194 24.04 -12.80 89.66
C LEU B 194 24.70 -14.17 89.74
N LYS B 195 25.88 -14.22 90.36
CA LYS B 195 26.62 -15.46 90.51
C LYS B 195 25.99 -16.38 91.56
N GLU B 196 25.10 -15.81 92.36
CA GLU B 196 24.44 -16.57 93.43
C GLU B 196 23.35 -17.49 92.87
N SER B 197 23.22 -17.52 91.56
CA SER B 197 22.22 -18.36 90.90
C SER B 197 22.71 -18.86 89.55
N PHE B 198 24.00 -18.62 89.27
CA PHE B 198 24.59 -19.06 88.01
C PHE B 198 25.10 -20.49 88.09
N GLU B 199 24.25 -21.44 87.73
CA GLU B 199 24.60 -22.85 87.77
C GLU B 199 25.47 -23.23 86.57
N GLY B 200 26.68 -22.67 86.52
CA GLY B 200 27.60 -22.95 85.45
C GLY B 200 28.78 -21.98 85.44
N GLN B 201 29.74 -22.23 84.55
CA GLN B 201 30.89 -21.35 84.41
C GLN B 201 30.46 -20.01 83.80
N MET B 202 30.24 -19.03 84.66
CA MET B 202 29.75 -17.72 84.24
C MET B 202 30.78 -16.96 83.40
N THR B 203 30.63 -17.01 82.09
CA THR B 203 31.56 -16.33 81.18
C THR B 203 31.15 -14.89 80.93
N GLU B 204 31.75 -14.28 79.92
CA GLU B 204 31.42 -12.91 79.55
C GLU B 204 30.27 -12.92 78.56
N ASP B 205 29.90 -14.11 78.09
CA ASP B 205 28.81 -14.27 77.14
C ASP B 205 27.60 -14.91 77.80
N ASN B 206 27.74 -15.27 79.07
CA ASN B 206 26.66 -15.88 79.83
C ASN B 206 25.79 -14.84 80.55
N ILE B 207 26.34 -13.64 80.69
CA ILE B 207 25.63 -12.55 81.36
C ILE B 207 25.78 -11.25 80.56
N GLU B 208 24.83 -10.34 80.76
CA GLU B 208 24.84 -9.06 80.07
C GLU B 208 24.67 -7.94 81.08
N VAL B 209 25.52 -6.92 80.97
CA VAL B 209 25.48 -5.81 81.91
C VAL B 209 25.39 -4.49 81.15
N GLY B 210 24.55 -3.59 81.65
CA GLY B 210 24.47 -2.25 81.12
C GLY B 210 24.61 -1.27 82.27
N ILE B 211 25.27 -0.15 82.00
CA ILE B 211 25.47 0.88 83.02
C ILE B 211 24.81 2.19 82.60
N CYS B 212 24.48 3.00 83.60
CA CYS B 212 23.86 4.29 83.36
C CYS B 212 24.35 5.33 84.36
N ASN B 213 25.39 6.06 84.00
CA ASN B 213 25.87 7.16 84.81
C ASN B 213 25.32 8.48 84.30
N GLU B 214 25.89 9.59 84.75
CA GLU B 214 25.43 10.90 84.32
C GLU B 214 26.08 11.29 82.99
N ALA B 215 26.63 10.29 82.31
CA ALA B 215 27.22 10.48 80.98
C ALA B 215 26.43 9.70 79.95
N GLY B 216 25.31 9.14 80.38
CA GLY B 216 24.44 8.39 79.48
C GLY B 216 24.36 6.91 79.83
N PHE B 217 23.49 6.20 79.13
CA PHE B 217 23.34 4.75 79.32
C PHE B 217 24.02 4.01 78.18
N ARG B 218 24.65 2.88 78.51
CA ARG B 218 25.24 2.02 77.48
C ARG B 218 25.39 0.59 77.96
N ARG B 219 25.57 -0.32 77.00
CA ARG B 219 25.77 -1.73 77.31
C ARG B 219 27.26 -2.00 77.40
N LEU B 220 27.68 -2.69 78.45
CA LEU B 220 29.10 -3.02 78.63
C LEU B 220 29.56 -4.02 77.59
N THR B 221 30.74 -3.77 77.02
CA THR B 221 31.33 -4.65 76.02
C THR B 221 31.68 -5.98 76.68
N PRO B 222 31.70 -7.07 75.89
CA PRO B 222 32.10 -8.39 76.42
C PRO B 222 33.49 -8.35 77.04
N THR B 223 34.34 -7.45 76.55
CA THR B 223 35.69 -7.29 77.08
C THR B 223 35.69 -6.74 78.50
N GLU B 224 34.90 -5.69 78.71
CA GLU B 224 34.77 -5.08 80.04
C GLU B 224 34.16 -6.08 81.02
N VAL B 225 33.22 -6.88 80.52
CA VAL B 225 32.61 -7.93 81.32
C VAL B 225 33.64 -8.99 81.68
N LYS B 226 34.56 -9.26 80.75
CA LYS B 226 35.64 -10.21 81.00
C LYS B 226 36.58 -9.69 82.08
N ASP B 227 36.88 -8.39 82.02
CA ASP B 227 37.72 -7.75 83.03
C ASP B 227 37.05 -7.81 84.41
N TYR B 228 35.75 -7.57 84.44
CA TYR B 228 35.01 -7.65 85.70
C TYR B 228 34.84 -9.09 86.19
N LEU B 229 34.61 -10.02 85.27
CA LEU B 229 34.37 -11.42 85.63
C LEU B 229 35.66 -12.17 85.97
N ALA B 230 36.76 -11.43 86.09
CA ALA B 230 38.02 -11.99 86.59
C ALA B 230 38.06 -11.91 88.10
N ALA B 231 36.87 -11.81 88.71
CA ALA B 231 36.71 -11.67 90.16
C ALA B 231 37.47 -10.47 90.71
N ILE B 232 37.74 -9.50 89.85
CA ILE B 232 38.46 -8.29 90.22
C ILE B 232 38.31 -7.20 89.16
N ALA B 233 39.26 -6.27 89.13
CA ALA B 233 39.29 -5.17 88.15
C ALA B 233 38.02 -4.31 88.15
N SER C 1 -16.20 -17.37 71.25
CA SER C 1 -16.32 -15.93 71.51
C SER C 1 -17.32 -15.65 72.62
N ARG C 2 -18.50 -16.25 72.52
CA ARG C 2 -19.53 -16.08 73.53
C ARG C 2 -19.18 -16.95 74.73
N ARG C 3 -18.32 -17.94 74.49
CA ARG C 3 -17.93 -18.91 75.51
C ARG C 3 -16.91 -18.33 76.46
N TYR C 4 -16.00 -17.52 75.92
CA TYR C 4 -14.89 -16.96 76.71
C TYR C 4 -15.32 -15.73 77.49
N ASP C 5 -16.46 -15.14 77.14
CA ASP C 5 -16.94 -13.95 77.82
C ASP C 5 -17.32 -14.27 79.26
N SER C 6 -16.78 -13.50 80.19
CA SER C 6 -17.03 -13.74 81.62
C SER C 6 -18.23 -12.96 82.12
N ARG C 7 -18.85 -12.19 81.23
CA ARG C 7 -20.06 -11.42 81.54
C ARG C 7 -19.87 -10.52 82.76
N THR C 8 -19.01 -9.52 82.64
CA THR C 8 -18.63 -8.69 83.79
C THR C 8 -19.68 -7.67 84.21
N THR C 9 -20.56 -7.29 83.28
CA THR C 9 -21.59 -6.29 83.57
C THR C 9 -22.99 -6.91 83.57
N ILE C 10 -23.18 -7.93 84.38
CA ILE C 10 -24.43 -8.67 84.40
C ILE C 10 -24.96 -8.86 85.83
N PHE C 11 -26.27 -8.70 86.00
CA PHE C 11 -26.91 -8.91 87.30
C PHE C 11 -26.85 -10.38 87.74
N SER C 12 -26.56 -10.58 89.02
CA SER C 12 -26.68 -11.91 89.62
C SER C 12 -28.14 -12.12 90.01
N PRO C 13 -28.58 -13.39 90.07
CA PRO C 13 -29.98 -13.71 90.40
C PRO C 13 -30.53 -13.00 91.64
N GLU C 14 -29.66 -12.67 92.59
CA GLU C 14 -30.10 -11.97 93.79
C GLU C 14 -30.29 -10.48 93.52
N GLY C 15 -29.84 -10.03 92.36
CA GLY C 15 -29.94 -8.63 91.99
C GLY C 15 -28.72 -7.85 92.40
N ARG C 16 -27.54 -8.38 92.09
CA ARG C 16 -26.30 -7.74 92.47
C ARG C 16 -25.20 -8.00 91.44
N LEU C 17 -24.18 -7.14 91.45
CA LEU C 17 -23.09 -7.24 90.49
C LEU C 17 -21.88 -7.89 91.13
N TYR C 18 -21.57 -9.10 90.71
CA TYR C 18 -20.54 -9.91 91.36
C TYR C 18 -19.12 -9.34 91.26
N GLN C 19 -18.77 -8.82 90.09
CA GLN C 19 -17.43 -8.27 89.90
C GLN C 19 -17.16 -7.08 90.82
N VAL C 20 -18.19 -6.30 91.09
CA VAL C 20 -18.08 -5.17 92.01
C VAL C 20 -17.77 -5.66 93.42
N GLU C 21 -18.52 -6.65 93.89
CA GLU C 21 -18.34 -7.20 95.23
C GLU C 21 -16.96 -7.84 95.37
N TYR C 22 -16.53 -8.55 94.31
CA TYR C 22 -15.22 -9.17 94.32
C TYR C 22 -14.13 -8.10 94.37
N ALA C 23 -14.38 -6.99 93.69
CA ALA C 23 -13.47 -5.85 93.72
C ALA C 23 -13.40 -5.28 95.14
N MET C 24 -14.54 -5.27 95.82
CA MET C 24 -14.59 -4.84 97.21
C MET C 24 -13.72 -5.77 98.05
N GLU C 25 -13.80 -7.06 97.76
CA GLU C 25 -12.96 -8.05 98.45
C GLU C 25 -11.48 -7.80 98.18
N ALA C 26 -11.18 -7.31 96.98
CA ALA C 26 -9.80 -6.94 96.65
C ALA C 26 -9.36 -5.76 97.50
N ILE C 27 -10.25 -4.78 97.65
CA ILE C 27 -9.96 -3.59 98.43
C ILE C 27 -9.75 -3.92 99.90
N GLY C 28 -10.49 -4.90 100.40
CA GLY C 28 -10.38 -5.32 101.78
C GLY C 28 -9.01 -5.84 102.18
N HIS C 29 -8.21 -6.20 101.17
CA HIS C 29 -6.87 -6.74 101.42
C HIS C 29 -5.80 -5.66 101.27
N ALA C 30 -6.21 -4.48 100.82
CA ALA C 30 -5.28 -3.40 100.58
C ALA C 30 -4.99 -2.63 101.87
N GLY C 31 -3.93 -1.82 101.85
CA GLY C 31 -3.52 -1.06 103.02
C GLY C 31 -4.61 -0.19 103.60
N THR C 32 -4.68 -0.16 104.93
CA THR C 32 -5.67 0.63 105.63
C THR C 32 -5.49 2.11 105.31
N CYS C 33 -6.60 2.79 105.06
CA CYS C 33 -6.56 4.20 104.70
C CYS C 33 -7.81 4.91 105.22
N LEU C 34 -7.61 5.90 106.08
CA LEU C 34 -8.72 6.64 106.65
C LEU C 34 -8.56 8.14 106.47
N GLY C 35 -9.63 8.87 106.75
CA GLY C 35 -9.64 10.31 106.65
C GLY C 35 -10.60 10.91 107.66
N ILE C 36 -10.21 12.04 108.24
CA ILE C 36 -11.04 12.71 109.23
C ILE C 36 -11.19 14.20 108.93
N LEU C 37 -12.40 14.70 109.15
CA LEU C 37 -12.73 16.10 108.88
C LEU C 37 -12.76 16.91 110.17
N ALA C 38 -12.10 18.07 110.16
CA ALA C 38 -12.06 18.94 111.31
C ALA C 38 -12.62 20.32 111.01
N ASN C 39 -12.48 21.24 111.95
CA ASN C 39 -12.99 22.60 111.80
C ASN C 39 -11.98 23.51 111.11
N ASP C 40 -10.70 23.21 111.29
CA ASP C 40 -9.63 24.05 110.75
C ASP C 40 -8.85 23.34 109.65
N GLY C 41 -9.36 22.19 109.22
CA GLY C 41 -8.71 21.43 108.17
C GLY C 41 -9.29 20.04 108.00
N VAL C 42 -8.60 19.21 107.23
CA VAL C 42 -9.04 17.84 107.00
C VAL C 42 -7.81 16.98 106.70
N LEU C 43 -7.79 15.73 107.14
CA LEU C 43 -6.58 14.92 106.98
C LEU C 43 -6.81 13.50 106.47
N LEU C 44 -5.78 12.99 105.79
CA LEU C 44 -5.72 11.60 105.34
C LEU C 44 -4.58 10.88 106.05
N ALA C 45 -4.80 9.62 106.37
CA ALA C 45 -3.76 8.80 107.00
C ALA C 45 -3.88 7.37 106.50
N ALA C 46 -2.82 6.87 105.87
CA ALA C 46 -2.85 5.54 105.26
C ALA C 46 -1.66 4.66 105.63
N GLU C 47 -1.93 3.36 105.77
CA GLU C 47 -0.89 2.36 105.97
C GLU C 47 -0.08 2.22 104.69
N ARG C 48 1.21 2.01 104.83
CA ARG C 48 2.09 1.84 103.66
C ARG C 48 2.45 0.38 103.47
N ARG C 49 2.11 -0.16 102.29
CA ARG C 49 2.45 -1.54 101.97
C ARG C 49 3.80 -1.62 101.26
N ASN C 50 4.20 -0.52 100.63
CA ASN C 50 5.53 -0.43 100.06
C ASN C 50 6.54 -0.08 101.14
N ILE C 51 6.72 -1.02 102.08
CA ILE C 51 7.64 -0.83 103.19
C ILE C 51 8.69 -1.93 103.20
N HIS C 52 9.77 -1.70 102.47
CA HIS C 52 10.89 -2.63 102.43
C HIS C 52 12.19 -1.84 102.55
N LYS C 53 13.23 -2.49 103.06
CA LYS C 53 14.50 -1.81 103.35
C LYS C 53 15.19 -1.26 102.10
N LEU C 54 14.94 -1.90 100.96
CA LEU C 54 15.66 -1.56 99.73
C LEU C 54 14.93 -0.56 98.83
N LEU C 55 13.77 -0.07 99.26
CA LEU C 55 13.01 0.88 98.46
C LEU C 55 13.70 2.25 98.43
N ASP C 56 13.53 2.97 97.34
CA ASP C 56 14.33 4.16 97.07
C ASP C 56 13.72 5.47 97.55
N GLU C 57 12.39 5.52 97.66
CA GLU C 57 11.69 6.71 98.11
C GLU C 57 12.04 7.95 97.29
N VAL C 58 11.47 8.06 96.09
CA VAL C 58 11.76 9.18 95.21
C VAL C 58 10.55 10.09 94.99
N PHE C 59 9.43 9.74 95.62
CA PHE C 59 8.21 10.53 95.48
C PHE C 59 7.82 11.18 96.81
N PHE C 60 7.00 12.22 96.73
CA PHE C 60 6.50 12.92 97.91
C PHE C 60 5.66 11.98 98.76
N SER C 61 5.09 10.96 98.13
CA SER C 61 4.15 10.08 98.81
C SER C 61 4.08 8.71 98.15
N GLU C 62 3.10 7.91 98.57
CA GLU C 62 2.92 6.58 98.03
C GLU C 62 1.46 6.31 97.71
N LYS C 63 0.58 6.72 98.63
CA LYS C 63 -0.85 6.50 98.46
C LYS C 63 -1.63 7.82 98.54
N ILE C 64 -0.90 8.93 98.58
CA ILE C 64 -1.54 10.25 98.57
C ILE C 64 -1.24 10.98 97.27
N TYR C 65 -2.30 11.31 96.55
CA TYR C 65 -2.17 12.01 95.27
C TYR C 65 -2.74 13.44 95.37
N LYS C 66 -2.03 14.39 94.78
CA LYS C 66 -2.57 15.73 94.64
C LYS C 66 -3.38 15.81 93.35
N LEU C 67 -4.62 16.26 93.46
CA LEU C 67 -5.51 16.31 92.30
C LEU C 67 -5.67 17.73 91.79
N ASN C 68 -5.74 18.66 92.73
CA ASN C 68 -6.08 20.04 92.45
C ASN C 68 -5.45 20.91 93.52
N GLU C 69 -5.25 22.19 93.23
CA GLU C 69 -4.66 23.08 94.22
C GLU C 69 -5.49 23.20 95.50
N ASP C 70 -6.74 22.78 95.42
CA ASP C 70 -7.62 22.79 96.59
C ASP C 70 -8.06 21.39 96.98
N MET C 71 -7.43 20.38 96.39
CA MET C 71 -7.91 19.01 96.58
C MET C 71 -6.85 17.92 96.43
N ALA C 72 -6.94 16.92 97.30
CA ALA C 72 -6.05 15.77 97.23
C ALA C 72 -6.83 14.50 97.56
N CYS C 73 -6.29 13.35 97.18
CA CYS C 73 -6.99 12.10 97.44
C CYS C 73 -6.05 10.97 97.86
N SER C 74 -6.62 9.97 98.49
CA SER C 74 -5.88 8.76 98.86
C SER C 74 -6.60 7.55 98.27
N VAL C 75 -5.88 6.44 98.16
CA VAL C 75 -6.35 5.32 97.37
C VAL C 75 -6.20 3.97 98.09
N ALA C 76 -7.05 3.01 97.75
CA ALA C 76 -6.96 1.66 98.32
C ALA C 76 -7.42 0.57 97.35
N GLY C 77 -6.52 -0.33 97.01
CA GLY C 77 -6.82 -1.41 96.09
C GLY C 77 -5.70 -1.62 95.10
N ILE C 78 -6.07 -1.94 93.86
CA ILE C 78 -5.08 -2.09 92.79
C ILE C 78 -4.47 -0.73 92.46
N THR C 79 -3.15 -0.61 92.63
CA THR C 79 -2.48 0.67 92.51
C THR C 79 -2.44 1.24 91.08
N SER C 80 -2.44 0.36 90.08
CA SER C 80 -2.38 0.82 88.70
C SER C 80 -3.72 1.42 88.24
N ASP C 81 -4.81 0.74 88.60
CA ASP C 81 -6.15 1.26 88.35
C ASP C 81 -6.26 2.62 89.06
N ALA C 82 -5.66 2.70 90.23
CA ALA C 82 -5.61 3.93 91.01
C ALA C 82 -4.89 5.03 90.24
N ASN C 83 -3.78 4.68 89.59
CA ASN C 83 -3.05 5.62 88.75
C ASN C 83 -3.94 6.16 87.62
N VAL C 84 -4.62 5.25 86.93
CA VAL C 84 -5.56 5.62 85.88
C VAL C 84 -6.60 6.62 86.38
N LEU C 85 -7.29 6.25 87.45
CA LEU C 85 -8.36 7.07 88.00
C LEU C 85 -7.87 8.44 88.50
N THR C 86 -6.70 8.47 89.11
CA THR C 86 -6.15 9.73 89.59
C THR C 86 -5.79 10.66 88.44
N ASN C 87 -5.13 10.11 87.43
CA ASN C 87 -4.79 10.87 86.24
C ASN C 87 -6.05 11.47 85.61
N GLU C 88 -7.07 10.63 85.46
CA GLU C 88 -8.35 11.07 84.93
C GLU C 88 -8.98 12.17 85.80
N LEU C 89 -8.85 12.04 87.12
CA LEU C 89 -9.34 13.05 88.04
C LEU C 89 -8.68 14.41 87.78
N ARG C 90 -7.36 14.39 87.64
CA ARG C 90 -6.62 15.61 87.33
C ARG C 90 -7.12 16.21 86.01
N LEU C 91 -7.31 15.35 85.01
CA LEU C 91 -7.87 15.79 83.74
C LEU C 91 -9.20 16.53 83.92
N ILE C 92 -10.15 15.89 84.59
CA ILE C 92 -11.46 16.49 84.86
C ILE C 92 -11.34 17.85 85.54
N ALA C 93 -10.53 17.90 86.59
CA ALA C 93 -10.31 19.14 87.34
C ALA C 93 -9.82 20.26 86.41
N GLN C 94 -8.84 19.94 85.57
CA GLN C 94 -8.29 20.93 84.66
C GLN C 94 -9.30 21.35 83.58
N ARG C 95 -10.18 20.44 83.19
CA ARG C 95 -11.23 20.77 82.22
C ARG C 95 -12.21 21.78 82.82
N TYR C 96 -12.68 21.48 84.03
CA TYR C 96 -13.59 22.39 84.72
C TYR C 96 -12.93 23.75 84.87
N LEU C 97 -11.65 23.75 85.24
CA LEU C 97 -10.92 25.00 85.41
C LEU C 97 -10.85 25.77 84.11
N LEU C 98 -10.52 25.08 83.02
CA LEU C 98 -10.43 25.69 81.71
C LEU C 98 -11.75 26.31 81.29
N GLN C 99 -12.85 25.68 81.70
CA GLN C 99 -14.17 26.12 81.27
C GLN C 99 -14.73 27.27 82.09
N TYR C 100 -14.76 27.12 83.41
CA TYR C 100 -15.41 28.12 84.26
C TYR C 100 -14.44 29.11 84.90
N GLN C 101 -13.14 28.86 84.73
CA GLN C 101 -12.10 29.70 85.32
C GLN C 101 -12.23 29.83 86.83
N GLU C 102 -12.49 28.71 87.49
CA GLU C 102 -12.51 28.61 88.94
C GLU C 102 -12.41 27.13 89.30
N PRO C 103 -11.84 26.82 90.49
CA PRO C 103 -11.59 25.42 90.86
C PRO C 103 -12.87 24.59 90.90
N ILE C 104 -12.78 23.34 90.48
CA ILE C 104 -13.94 22.44 90.50
C ILE C 104 -14.33 22.10 91.93
N PRO C 105 -15.61 22.31 92.28
CA PRO C 105 -16.15 21.88 93.56
C PRO C 105 -15.90 20.38 93.77
N CYS C 106 -15.52 20.01 94.98
CA CYS C 106 -15.06 18.65 95.28
C CYS C 106 -16.06 17.57 94.88
N GLU C 107 -17.30 17.76 95.30
CA GLU C 107 -18.36 16.80 95.02
C GLU C 107 -18.55 16.59 93.52
N GLN C 108 -18.39 17.66 92.75
CA GLN C 108 -18.51 17.57 91.30
C GLN C 108 -17.43 16.68 90.68
N LEU C 109 -16.20 16.82 91.19
CA LEU C 109 -15.10 15.98 90.74
C LEU C 109 -15.37 14.52 91.07
N VAL C 110 -15.79 14.29 92.32
CA VAL C 110 -16.08 12.94 92.77
C VAL C 110 -17.16 12.29 91.90
N THR C 111 -18.28 12.97 91.73
CA THR C 111 -19.37 12.49 90.88
C THR C 111 -18.88 12.23 89.46
N ALA C 112 -17.99 13.11 88.98
CA ALA C 112 -17.45 12.98 87.63
C ALA C 112 -16.69 11.67 87.46
N LEU C 113 -15.87 11.30 88.45
CA LEU C 113 -15.16 10.02 88.37
C LEU C 113 -16.12 8.84 88.53
N CYS C 114 -17.05 8.98 89.48
CA CYS C 114 -17.99 7.94 89.80
C CYS C 114 -18.90 7.58 88.62
N ASP C 115 -19.20 8.55 87.77
CA ASP C 115 -19.99 8.29 86.57
C ASP C 115 -19.23 7.37 85.62
N ILE C 116 -17.92 7.56 85.55
CA ILE C 116 -17.05 6.69 84.76
C ILE C 116 -17.02 5.28 85.32
N LYS C 117 -16.82 5.17 86.64
CA LYS C 117 -16.82 3.84 87.26
C LYS C 117 -18.15 3.10 87.07
N GLN C 118 -19.25 3.80 87.29
CA GLN C 118 -20.58 3.24 87.09
C GLN C 118 -20.73 2.78 85.65
N ALA C 119 -20.27 3.62 84.73
CA ALA C 119 -20.28 3.27 83.32
C ALA C 119 -19.55 1.96 83.08
N TYR C 120 -18.46 1.75 83.83
CA TYR C 120 -17.73 0.48 83.74
C TYR C 120 -18.50 -0.67 84.37
N THR C 121 -19.44 -0.37 85.27
CA THR C 121 -20.26 -1.43 85.86
C THR C 121 -21.48 -1.78 85.02
N GLN C 122 -21.95 -0.86 84.17
CA GLN C 122 -23.20 -1.07 83.43
C GLN C 122 -23.03 -1.62 82.00
N PHE C 123 -22.00 -1.18 81.30
CA PHE C 123 -21.75 -1.68 79.95
C PHE C 123 -20.27 -1.77 79.61
N GLY C 124 -19.98 -2.37 78.45
CA GLY C 124 -18.61 -2.48 77.98
C GLY C 124 -18.02 -3.86 78.10
N GLY C 125 -18.50 -4.63 79.07
CA GLY C 125 -18.00 -5.97 79.30
C GLY C 125 -16.59 -6.00 79.83
N LYS C 126 -16.18 -4.91 80.48
CA LYS C 126 -14.85 -4.82 81.07
C LYS C 126 -14.93 -5.05 82.57
N ARG C 127 -13.80 -5.43 83.18
CA ARG C 127 -13.75 -5.53 84.63
C ARG C 127 -13.75 -4.12 85.21
N PRO C 128 -14.35 -3.96 86.39
CA PRO C 128 -14.38 -2.65 87.02
C PRO C 128 -13.02 -2.33 87.65
N PHE C 129 -12.86 -1.10 88.13
CA PHE C 129 -11.60 -0.70 88.76
C PHE C 129 -11.60 -1.11 90.22
N GLY C 130 -10.65 -1.96 90.60
CA GLY C 130 -10.55 -2.41 91.97
C GLY C 130 -9.94 -1.35 92.88
N VAL C 131 -10.62 -0.22 92.99
CA VAL C 131 -10.10 0.92 93.74
C VAL C 131 -11.19 1.65 94.53
N SER C 132 -10.92 1.89 95.81
CA SER C 132 -11.72 2.81 96.61
C SER C 132 -10.92 4.08 96.85
N LEU C 133 -11.58 5.22 96.87
CA LEU C 133 -10.86 6.49 97.04
C LEU C 133 -11.42 7.35 98.17
N LEU C 134 -10.53 8.07 98.84
CA LEU C 134 -10.93 9.07 99.82
C LEU C 134 -10.51 10.44 99.32
N TYR C 135 -11.45 11.39 99.30
CA TYR C 135 -11.16 12.71 98.78
C TYR C 135 -11.19 13.75 99.88
N ILE C 136 -10.14 14.56 99.98
CA ILE C 136 -10.16 15.69 100.89
C ILE C 136 -9.97 16.97 100.11
N GLY C 137 -10.70 18.02 100.48
CA GLY C 137 -10.54 19.28 99.77
C GLY C 137 -11.26 20.47 100.37
N TRP C 138 -11.03 21.64 99.78
CA TRP C 138 -11.75 22.84 100.18
C TRP C 138 -12.37 23.52 98.97
N ASP C 139 -13.60 24.00 99.13
CA ASP C 139 -14.20 24.86 98.10
C ASP C 139 -15.06 25.97 98.71
N LYS C 140 -15.44 26.94 97.89
CA LYS C 140 -16.16 28.11 98.39
C LYS C 140 -17.63 27.83 98.65
N HIS C 141 -18.06 26.59 98.40
CA HIS C 141 -19.46 26.24 98.57
C HIS C 141 -19.71 25.49 99.87
N TYR C 142 -18.83 24.55 100.19
CA TYR C 142 -19.02 23.69 101.36
C TYR C 142 -17.77 23.60 102.23
N GLY C 143 -16.80 24.47 101.97
CA GLY C 143 -15.59 24.53 102.76
C GLY C 143 -14.77 23.25 102.71
N PHE C 144 -14.38 22.77 103.89
CA PHE C 144 -13.62 21.53 104.02
C PHE C 144 -14.52 20.32 103.83
N GLN C 145 -14.04 19.34 103.09
CA GLN C 145 -14.86 18.20 102.69
C GLN C 145 -14.07 16.90 102.59
N LEU C 146 -14.73 15.83 103.02
CA LEU C 146 -14.21 14.47 102.90
C LEU C 146 -15.23 13.58 102.17
N TYR C 147 -14.75 12.79 101.22
CA TYR C 147 -15.61 11.93 100.42
C TYR C 147 -15.02 10.54 100.31
N GLN C 148 -15.86 9.58 99.96
CA GLN C 148 -15.43 8.20 99.74
C GLN C 148 -16.14 7.67 98.51
N SER C 149 -15.41 6.95 97.66
CA SER C 149 -16.00 6.34 96.48
C SER C 149 -15.57 4.89 96.31
N ASP C 150 -16.54 4.04 96.00
CA ASP C 150 -16.33 2.60 95.84
C ASP C 150 -16.38 2.24 94.34
N PRO C 151 -15.83 1.08 93.96
CA PRO C 151 -15.81 0.66 92.55
C PRO C 151 -17.20 0.53 91.92
N SER C 152 -18.25 0.52 92.74
CA SER C 152 -19.62 0.45 92.24
C SER C 152 -20.03 1.74 91.54
N GLY C 153 -19.19 2.77 91.68
CA GLY C 153 -19.51 4.08 91.16
C GLY C 153 -20.33 4.86 92.18
N ASN C 154 -20.47 4.28 93.37
CA ASN C 154 -21.21 4.93 94.44
C ASN C 154 -20.28 5.76 95.32
N TYR C 155 -20.76 6.88 95.82
CA TYR C 155 -19.95 7.75 96.66
C TYR C 155 -20.75 8.37 97.79
N GLY C 156 -20.04 8.95 98.75
CA GLY C 156 -20.69 9.63 99.86
C GLY C 156 -19.78 10.61 100.57
N GLY C 157 -20.37 11.61 101.22
CA GLY C 157 -19.61 12.58 101.99
C GLY C 157 -19.58 12.21 103.47
N TRP C 158 -18.38 12.16 104.03
CA TRP C 158 -18.21 11.73 105.42
C TRP C 158 -17.55 12.81 106.28
N LYS C 159 -17.78 12.72 107.59
CA LYS C 159 -17.10 13.58 108.55
C LYS C 159 -15.85 12.87 109.05
N ALA C 160 -15.86 11.55 108.91
CA ALA C 160 -14.70 10.71 109.23
C ALA C 160 -15.03 9.30 108.75
N THR C 161 -14.09 8.67 108.04
CA THR C 161 -14.31 7.31 107.58
C THR C 161 -13.00 6.60 107.26
N CYS C 162 -13.09 5.30 107.01
CA CYS C 162 -11.91 4.49 106.74
C CYS C 162 -12.17 3.53 105.59
N ILE C 163 -11.10 3.13 104.92
CA ILE C 163 -11.19 2.22 103.79
C ILE C 163 -9.90 1.39 103.68
N GLY C 164 -10.06 0.09 103.44
CA GLY C 164 -8.92 -0.80 103.34
C GLY C 164 -9.03 -1.96 104.31
N ASN C 165 -7.89 -2.51 104.70
CA ASN C 165 -7.86 -3.63 105.63
C ASN C 165 -8.32 -3.22 107.02
N ASN C 166 -9.08 -4.09 107.67
CA ASN C 166 -9.64 -3.82 109.00
C ASN C 166 -10.44 -2.53 109.05
N SER C 167 -11.18 -2.26 107.98
CA SER C 167 -11.91 -1.00 107.85
C SER C 167 -13.10 -0.91 108.81
N ALA C 168 -13.75 -2.04 109.06
CA ALA C 168 -14.94 -2.08 109.93
C ALA C 168 -14.64 -1.60 111.34
N ALA C 169 -13.69 -2.29 112.00
CA ALA C 169 -13.27 -1.97 113.34
C ALA C 169 -12.82 -0.52 113.42
N ALA C 170 -12.14 -0.06 112.39
CA ALA C 170 -11.69 1.33 112.31
C ALA C 170 -12.88 2.29 112.28
N VAL C 171 -13.93 1.90 111.56
CA VAL C 171 -15.14 2.72 111.47
C VAL C 171 -15.84 2.84 112.81
N SER C 172 -16.02 1.70 113.49
CA SER C 172 -16.65 1.73 114.81
C SER C 172 -15.81 2.51 115.82
N MET C 173 -14.49 2.35 115.72
CA MET C 173 -13.55 3.06 116.58
C MET C 173 -13.63 4.57 116.35
N LEU C 174 -13.86 4.95 115.09
CA LEU C 174 -14.05 6.36 114.75
C LEU C 174 -15.39 6.86 115.31
N LYS C 175 -16.41 6.01 115.25
CA LYS C 175 -17.71 6.32 115.82
C LYS C 175 -17.58 6.64 117.30
N GLN C 176 -16.76 5.84 118.00
CA GLN C 176 -16.55 6.04 119.42
C GLN C 176 -15.94 7.42 119.73
N ASP C 177 -14.83 7.74 119.06
CA ASP C 177 -14.08 8.96 119.36
C ASP C 177 -14.39 10.13 118.41
N TYR C 178 -15.57 10.10 117.82
CA TYR C 178 -16.01 11.18 116.93
C TYR C 178 -16.36 12.42 117.75
N LYS C 179 -16.52 13.55 117.06
CA LYS C 179 -16.81 14.81 117.72
C LYS C 179 -17.40 15.85 116.77
N GLU C 180 -18.68 15.67 116.44
CA GLU C 180 -19.35 16.56 115.49
C GLU C 180 -19.32 18.02 115.90
N GLY C 181 -18.49 18.81 115.22
CA GLY C 181 -18.44 20.25 115.44
C GLY C 181 -17.35 20.68 116.40
N GLU C 182 -16.76 19.74 117.11
CA GLU C 182 -15.76 20.04 118.11
C GLU C 182 -14.39 19.47 117.73
N MET C 183 -14.25 19.10 116.47
CA MET C 183 -13.02 18.50 115.97
C MET C 183 -12.01 19.55 115.53
N THR C 184 -10.78 19.41 116.01
CA THR C 184 -9.66 20.24 115.53
C THR C 184 -8.71 19.33 114.79
N LEU C 185 -7.78 19.93 114.04
CA LEU C 185 -6.84 19.15 113.26
C LEU C 185 -5.93 18.31 114.16
N LYS C 186 -5.59 18.85 115.32
CA LYS C 186 -4.70 18.17 116.26
C LYS C 186 -5.35 16.93 116.85
N SER C 187 -6.57 17.09 117.36
CA SER C 187 -7.32 15.97 117.93
C SER C 187 -7.63 14.93 116.86
N ALA C 188 -7.85 15.38 115.64
CA ALA C 188 -8.09 14.49 114.51
C ALA C 188 -6.83 13.67 114.21
N LEU C 189 -5.67 14.31 114.30
CA LEU C 189 -4.40 13.62 114.12
C LEU C 189 -4.18 12.59 115.21
N ALA C 190 -4.55 12.95 116.44
CA ALA C 190 -4.47 12.01 117.56
C ALA C 190 -5.35 10.79 117.31
N LEU C 191 -6.58 11.05 116.85
CA LEU C 191 -7.53 9.99 116.54
C LEU C 191 -6.99 9.09 115.45
N ALA C 192 -6.40 9.70 114.43
CA ALA C 192 -5.81 8.97 113.32
C ALA C 192 -4.71 8.04 113.81
N ILE C 193 -3.82 8.60 114.63
CA ILE C 193 -2.73 7.81 115.21
C ILE C 193 -3.27 6.63 116.02
N LYS C 194 -4.31 6.88 116.81
CA LYS C 194 -4.92 5.84 117.63
C LYS C 194 -5.50 4.70 116.80
N VAL C 195 -6.42 5.04 115.89
CA VAL C 195 -7.09 4.06 115.05
C VAL C 195 -6.10 3.28 114.20
N LEU C 196 -5.19 4.00 113.55
CA LEU C 196 -4.16 3.35 112.74
C LEU C 196 -3.26 2.46 113.60
N ASN C 197 -3.13 2.81 114.87
CA ASN C 197 -2.35 2.00 115.81
C ASN C 197 -3.02 0.68 116.15
N LYS C 198 -4.32 0.72 116.46
CA LYS C 198 -5.01 -0.51 116.82
C LYS C 198 -5.35 -1.38 115.60
N THR C 199 -5.53 -0.76 114.45
CA THR C 199 -5.96 -1.49 113.25
C THR C 199 -4.82 -2.13 112.46
N MET C 200 -3.67 -1.46 112.41
CA MET C 200 -2.51 -1.99 111.69
C MET C 200 -2.04 -3.29 112.34
N ASP C 201 -1.93 -4.35 111.55
CA ASP C 201 -1.59 -5.68 112.06
C ASP C 201 -0.24 -5.72 112.76
N VAL C 202 0.76 -5.08 112.16
CA VAL C 202 2.07 -4.96 112.78
C VAL C 202 2.05 -3.80 113.77
N SER C 203 2.04 -4.12 115.06
CA SER C 203 1.87 -3.11 116.11
C SER C 203 3.07 -2.18 116.26
N LYS C 204 3.12 -1.49 117.40
CA LYS C 204 4.15 -0.49 117.71
C LYS C 204 4.09 0.76 116.81
N LEU C 205 3.94 0.53 115.50
CA LEU C 205 3.79 1.61 114.52
C LEU C 205 4.96 2.57 114.44
N SER C 206 5.87 2.33 113.51
CA SER C 206 6.93 3.28 113.20
C SER C 206 6.40 4.25 112.16
N ALA C 207 7.05 5.41 112.04
CA ALA C 207 6.67 6.40 111.02
C ALA C 207 7.00 5.86 109.63
N GLU C 208 7.81 4.82 109.59
CA GLU C 208 8.16 4.13 108.35
C GLU C 208 6.93 3.46 107.72
N LYS C 209 6.01 3.03 108.57
CA LYS C 209 4.89 2.20 108.13
C LYS C 209 3.62 2.97 107.76
N VAL C 210 3.52 4.23 108.17
CA VAL C 210 2.33 5.02 107.88
C VAL C 210 2.64 6.28 107.06
N GLU C 211 1.58 6.96 106.63
CA GLU C 211 1.72 8.12 105.77
C GLU C 211 0.55 9.08 105.99
N ILE C 212 0.85 10.31 106.40
CA ILE C 212 -0.19 11.26 106.78
C ILE C 212 -0.08 12.57 106.01
N ALA C 213 -1.20 13.07 105.52
CA ALA C 213 -1.24 14.35 104.83
C ALA C 213 -2.40 15.21 105.34
N THR C 214 -2.19 16.53 105.37
CA THR C 214 -3.20 17.45 105.85
C THR C 214 -3.50 18.57 104.85
N LEU C 215 -4.76 18.96 104.79
CA LEU C 215 -5.22 20.05 103.95
C LEU C 215 -5.84 21.13 104.83
N THR C 216 -5.32 22.34 104.73
CA THR C 216 -5.74 23.44 105.60
C THR C 216 -5.90 24.75 104.85
N ARG C 217 -6.56 25.71 105.49
CA ARG C 217 -6.80 27.02 104.90
C ARG C 217 -5.94 28.07 105.60
N GLU C 218 -4.98 28.63 104.86
CA GLU C 218 -4.05 29.60 105.45
C GLU C 218 -3.87 30.84 104.58
N ASN C 219 -4.42 31.96 105.06
CA ASN C 219 -4.28 33.26 104.40
C ASN C 219 -4.77 33.31 102.96
N GLY C 220 -5.99 32.84 102.73
CA GLY C 220 -6.61 32.92 101.43
C GLY C 220 -6.30 31.75 100.51
N LYS C 221 -5.16 31.10 100.71
CA LYS C 221 -4.75 29.99 99.86
C LYS C 221 -4.94 28.65 100.58
N THR C 222 -4.99 27.58 99.79
CA THR C 222 -5.17 26.24 100.33
C THR C 222 -3.83 25.52 100.39
N VAL C 223 -3.51 24.96 101.56
CA VAL C 223 -2.23 24.30 101.75
C VAL C 223 -2.38 22.79 101.95
N ILE C 224 -1.68 22.03 101.12
CA ILE C 224 -1.65 20.58 101.25
C ILE C 224 -0.23 20.13 101.60
N ARG C 225 -0.08 19.45 102.72
CA ARG C 225 1.25 19.06 103.19
C ARG C 225 1.32 17.63 103.70
N VAL C 226 2.34 16.91 103.28
CA VAL C 226 2.60 15.57 103.80
C VAL C 226 3.59 15.64 104.95
N LEU C 227 3.20 15.10 106.10
CA LEU C 227 4.03 15.18 107.30
C LEU C 227 5.32 14.38 107.15
N LYS C 228 6.42 14.95 107.66
CA LYS C 228 7.70 14.26 107.65
C LYS C 228 7.73 13.21 108.75
N GLN C 229 8.69 12.29 108.67
CA GLN C 229 8.78 11.17 109.61
C GLN C 229 8.83 11.63 111.07
N LYS C 230 9.53 12.74 111.31
CA LYS C 230 9.68 13.28 112.66
C LYS C 230 8.34 13.66 113.29
N GLU C 231 7.52 14.39 112.54
CA GLU C 231 6.21 14.82 113.02
C GLU C 231 5.33 13.63 113.40
N VAL C 232 5.31 12.63 112.52
CA VAL C 232 4.57 11.41 112.76
C VAL C 232 5.07 10.73 114.03
N GLU C 233 6.38 10.69 114.19
CA GLU C 233 6.99 10.14 115.41
C GLU C 233 6.52 10.88 116.66
N GLN C 234 6.40 12.21 116.54
CA GLN C 234 5.88 13.03 117.64
C GLN C 234 4.46 12.60 118.00
N LEU C 235 3.61 12.45 116.98
CA LEU C 235 2.23 12.03 117.20
C LEU C 235 2.14 10.63 117.86
N ILE C 236 2.97 9.71 117.39
CA ILE C 236 3.01 8.35 117.92
C ILE C 236 3.45 8.34 119.39
N LYS C 237 4.59 8.99 119.65
CA LYS C 237 5.12 9.10 121.00
C LYS C 237 4.10 9.72 121.95
N LYS C 238 3.41 10.77 121.48
CA LYS C 238 2.38 11.41 122.27
C LYS C 238 1.24 10.43 122.56
N HIS C 239 0.89 9.62 121.56
CA HIS C 239 -0.16 8.62 121.75
C HIS C 239 0.22 7.60 122.80
N GLU C 240 1.50 7.21 122.83
CA GLU C 240 1.98 6.27 123.84
C GLU C 240 2.03 6.92 125.22
N GLU C 241 2.34 8.22 125.25
CA GLU C 241 2.38 8.97 126.49
C GLU C 241 0.98 9.27 127.01
N GLU C 242 -0.02 9.06 126.17
CA GLU C 242 -1.41 9.21 126.58
C GLU C 242 -2.03 7.84 126.87
N GLU C 243 -1.38 6.78 126.37
CA GLU C 243 -1.87 5.42 126.59
C GLU C 243 -1.30 4.83 127.88
N ALA C 244 -0.04 5.14 128.18
CA ALA C 244 0.59 4.68 129.41
C ALA C 244 0.16 5.54 130.59
N LYS C 245 -0.51 6.65 130.30
CA LYS C 245 -1.00 7.56 131.32
C LYS C 245 -2.35 7.12 131.86
N ALA C 246 -3.26 6.76 130.95
CA ALA C 246 -4.61 6.35 131.33
C ALA C 246 -4.60 4.98 132.00
N GLU C 247 -3.54 4.21 131.79
CA GLU C 247 -3.43 2.87 132.35
C GLU C 247 -2.87 2.90 133.77
N ARG C 248 -2.47 4.09 134.21
CA ARG C 248 -2.03 4.26 135.60
C ARG C 248 -3.22 4.08 136.53
N GLU C 249 -4.34 4.71 136.18
CA GLU C 249 -5.57 4.60 136.95
C GLU C 249 -6.12 3.18 136.85
N LYS C 250 -5.70 2.32 137.78
CA LYS C 250 -6.12 0.93 137.78
C LYS C 250 -6.41 0.44 139.20
N SER D 1 -17.20 -2.33 69.43
CA SER D 1 -17.73 -2.20 70.78
C SER D 1 -18.25 -3.54 71.29
N TYR D 2 -18.92 -3.50 72.44
CA TYR D 2 -19.43 -4.71 73.08
C TYR D 2 -20.80 -5.08 72.52
N ASP D 3 -20.80 -5.85 71.44
CA ASP D 3 -22.04 -6.27 70.81
C ASP D 3 -22.49 -7.63 71.34
N ARG D 4 -23.01 -7.64 72.55
CA ARG D 4 -23.46 -8.88 73.18
C ARG D 4 -24.85 -8.72 73.80
N ALA D 5 -25.74 -9.64 73.45
CA ALA D 5 -27.09 -9.64 74.01
C ALA D 5 -27.04 -10.02 75.48
N ILE D 6 -27.43 -9.08 76.34
CA ILE D 6 -27.40 -9.32 77.78
C ILE D 6 -28.78 -9.73 78.30
N THR D 7 -29.79 -8.91 78.00
CA THR D 7 -31.16 -9.21 78.38
C THR D 7 -31.85 -10.00 77.29
N VAL D 8 -32.10 -11.28 77.55
CA VAL D 8 -32.78 -12.14 76.58
C VAL D 8 -33.95 -12.88 77.22
N PHE D 9 -34.76 -13.53 76.39
CA PHE D 9 -35.91 -14.27 76.88
C PHE D 9 -35.50 -15.66 77.39
N SER D 10 -36.19 -16.10 78.44
CA SER D 10 -36.02 -17.44 78.97
C SER D 10 -37.09 -18.34 78.37
N PRO D 11 -36.88 -19.67 78.39
CA PRO D 11 -37.85 -20.62 77.81
C PRO D 11 -39.27 -20.47 78.35
N ASP D 12 -39.42 -19.93 79.56
CA ASP D 12 -40.74 -19.69 80.13
C ASP D 12 -41.26 -18.30 79.78
N GLY D 13 -40.47 -17.55 79.02
CA GLY D 13 -40.88 -16.23 78.56
C GLY D 13 -40.57 -15.10 79.51
N HIS D 14 -39.50 -15.25 80.29
CA HIS D 14 -39.10 -14.21 81.24
C HIS D 14 -37.85 -13.48 80.78
N LEU D 15 -37.70 -12.23 81.23
CA LEU D 15 -36.47 -11.48 81.03
C LEU D 15 -35.71 -11.43 82.34
N PHE D 16 -34.87 -12.44 82.57
CA PHE D 16 -34.21 -12.62 83.86
C PHE D 16 -33.44 -11.41 84.36
N GLN D 17 -32.69 -10.75 83.48
CA GLN D 17 -31.90 -9.59 83.88
C GLN D 17 -32.77 -8.47 84.47
N VAL D 18 -33.93 -8.27 83.86
CA VAL D 18 -34.86 -7.25 84.32
C VAL D 18 -35.43 -7.61 85.69
N GLU D 19 -35.79 -8.87 85.86
CA GLU D 19 -36.30 -9.35 87.14
C GLU D 19 -35.25 -9.20 88.24
N TYR D 20 -34.00 -9.50 87.89
CA TYR D 20 -32.89 -9.36 88.82
C TYR D 20 -32.74 -7.89 89.21
N ALA D 21 -32.86 -7.01 88.23
CA ALA D 21 -32.80 -5.57 88.49
C ALA D 21 -33.91 -5.15 89.45
N GLN D 22 -35.10 -5.74 89.28
CA GLN D 22 -36.22 -5.48 90.16
C GLN D 22 -35.92 -5.96 91.59
N GLU D 23 -35.22 -7.09 91.69
CA GLU D 23 -34.80 -7.60 92.99
C GLU D 23 -33.76 -6.67 93.63
N ALA D 24 -32.95 -6.02 92.79
CA ALA D 24 -32.00 -5.02 93.26
C ALA D 24 -32.74 -3.80 93.77
N VAL D 25 -33.87 -3.49 93.15
CA VAL D 25 -34.74 -2.41 93.60
C VAL D 25 -35.35 -2.79 94.96
N LYS D 26 -35.70 -4.06 95.11
CA LYS D 26 -36.30 -4.55 96.35
C LYS D 26 -35.37 -4.37 97.56
N LYS D 27 -34.07 -4.38 97.32
CA LYS D 27 -33.08 -4.23 98.38
C LYS D 27 -32.85 -2.76 98.75
N GLY D 28 -33.40 -1.85 97.95
CA GLY D 28 -33.20 -0.44 98.17
C GLY D 28 -33.98 0.09 99.35
N SER D 29 -33.58 1.25 99.85
CA SER D 29 -34.30 1.92 100.94
C SER D 29 -35.70 2.28 100.49
N THR D 30 -36.67 2.08 101.38
CA THR D 30 -38.07 2.30 101.06
C THR D 30 -38.35 3.75 100.68
N ALA D 31 -39.03 3.95 99.56
CA ALA D 31 -39.38 5.27 99.09
C ALA D 31 -40.87 5.34 98.80
N VAL D 32 -41.55 6.26 99.48
CA VAL D 32 -42.99 6.44 99.30
C VAL D 32 -43.30 7.86 98.82
N GLY D 33 -44.48 8.03 98.25
CA GLY D 33 -44.92 9.33 97.78
C GLY D 33 -46.43 9.41 97.67
N VAL D 34 -46.98 10.54 98.09
CA VAL D 34 -48.43 10.77 97.99
C VAL D 34 -48.76 12.09 97.30
N ARG D 35 -49.94 12.09 96.67
CA ARG D 35 -50.46 13.23 95.92
C ARG D 35 -51.64 13.85 96.64
N GLY D 36 -51.60 15.16 96.85
CA GLY D 36 -52.66 15.86 97.54
C GLY D 36 -53.38 16.89 96.68
N ARG D 37 -54.05 17.83 97.32
CA ARG D 37 -54.80 18.86 96.62
C ARG D 37 -53.88 19.98 96.13
N ASP D 38 -53.09 20.53 97.04
CA ASP D 38 -52.21 21.65 96.70
C ASP D 38 -50.76 21.33 97.08
N ILE D 39 -50.52 20.09 97.49
CA ILE D 39 -49.18 19.66 97.85
C ILE D 39 -48.92 18.23 97.39
N VAL D 40 -47.65 17.87 97.29
CA VAL D 40 -47.25 16.50 96.97
C VAL D 40 -46.01 16.16 97.76
N VAL D 41 -46.01 14.99 98.40
CA VAL D 41 -44.94 14.68 99.35
C VAL D 41 -44.20 13.38 99.03
N LEU D 42 -42.88 13.43 99.09
CA LEU D 42 -42.06 12.24 98.88
C LEU D 42 -41.15 12.01 100.09
N GLY D 43 -41.12 10.78 100.58
CA GLY D 43 -40.31 10.46 101.73
C GLY D 43 -39.55 9.15 101.54
N VAL D 44 -38.28 9.14 101.96
CA VAL D 44 -37.46 7.94 101.83
C VAL D 44 -36.99 7.42 103.19
N GLU D 45 -37.06 6.10 103.37
CA GLU D 45 -36.79 5.48 104.67
C GLU D 45 -35.32 5.29 104.98
N LYS D 46 -34.96 4.06 105.32
CA LYS D 46 -33.62 3.70 105.82
C LYS D 46 -32.47 4.37 105.07
N LYS D 47 -32.11 5.56 105.53
CA LYS D 47 -31.05 6.34 104.88
C LYS D 47 -29.66 5.89 105.32
N SER D 48 -29.59 4.73 105.96
CA SER D 48 -28.33 4.16 106.45
C SER D 48 -27.58 5.15 107.34
N VAL D 49 -28.24 5.57 108.42
CA VAL D 49 -27.67 6.56 109.33
C VAL D 49 -26.40 6.06 110.01
N ALA D 50 -25.27 6.63 109.61
CA ALA D 50 -23.98 6.29 110.20
C ALA D 50 -23.51 7.39 111.14
N LYS D 51 -24.16 8.54 111.06
CA LYS D 51 -23.86 9.70 111.90
C LYS D 51 -22.46 10.29 111.69
N LEU D 52 -21.65 9.61 110.89
CA LEU D 52 -20.35 10.13 110.50
C LEU D 52 -20.42 10.53 109.02
N GLN D 53 -21.58 10.31 108.42
CA GLN D 53 -21.81 10.62 107.01
C GLN D 53 -22.64 11.89 106.84
N ASP D 54 -22.24 12.74 105.90
CA ASP D 54 -22.97 13.95 105.58
C ASP D 54 -24.31 13.58 104.93
N GLU D 55 -25.40 14.02 105.54
CA GLU D 55 -26.75 13.68 105.08
C GLU D 55 -27.05 14.25 103.69
N ARG D 56 -26.56 15.47 103.44
CA ARG D 56 -26.80 16.16 102.18
C ARG D 56 -26.31 15.38 100.96
N THR D 57 -25.13 14.77 101.09
CA THR D 57 -24.48 14.14 99.96
C THR D 57 -25.04 12.75 99.61
N VAL D 58 -26.12 12.37 100.27
CA VAL D 58 -26.64 11.02 100.10
C VAL D 58 -28.18 11.02 99.98
N ARG D 59 -28.75 12.20 99.79
CA ARG D 59 -30.20 12.36 99.66
C ARG D 59 -30.75 11.55 98.49
N LYS D 60 -31.88 10.88 98.72
CA LYS D 60 -32.50 10.05 97.69
C LYS D 60 -33.59 10.82 96.95
N ILE D 61 -33.72 12.11 97.26
CA ILE D 61 -34.69 12.97 96.59
C ILE D 61 -33.97 14.06 95.80
N CYS D 62 -34.26 14.13 94.51
CA CYS D 62 -33.58 15.06 93.62
C CYS D 62 -34.58 15.82 92.75
N ALA D 63 -34.31 17.09 92.52
CA ALA D 63 -35.14 17.90 91.63
C ALA D 63 -34.63 17.78 90.19
N LEU D 64 -35.54 17.59 89.25
CA LEU D 64 -35.18 17.48 87.85
C LEU D 64 -35.31 18.83 87.15
N ASP D 65 -36.33 19.58 87.54
CA ASP D 65 -36.54 20.94 87.05
C ASP D 65 -37.29 21.69 88.15
N ASP D 66 -37.62 22.96 87.89
CA ASP D 66 -38.39 23.74 88.84
C ASP D 66 -39.81 23.18 88.98
N ASN D 67 -40.21 22.40 87.98
CA ASN D 67 -41.55 21.84 87.92
C ASN D 67 -41.63 20.44 88.53
N VAL D 68 -40.59 19.64 88.32
CA VAL D 68 -40.64 18.22 88.68
C VAL D 68 -39.53 17.78 89.65
N CYS D 69 -39.92 17.02 90.66
CA CYS D 69 -38.98 16.37 91.57
C CYS D 69 -39.12 14.86 91.45
N MET D 70 -38.21 14.13 92.09
CA MET D 70 -38.15 12.68 91.93
C MET D 70 -37.39 11.98 93.06
N ALA D 71 -37.95 10.88 93.56
CA ALA D 71 -37.25 10.01 94.49
C ALA D 71 -36.97 8.68 93.80
N PHE D 72 -36.10 7.86 94.37
CA PHE D 72 -35.75 6.58 93.75
C PHE D 72 -35.53 5.46 94.76
N ALA D 73 -35.36 4.25 94.25
CA ALA D 73 -35.06 3.09 95.08
C ALA D 73 -34.24 2.08 94.28
N GLY D 74 -33.06 1.73 94.79
CA GLY D 74 -32.20 0.77 94.14
C GLY D 74 -30.74 1.22 94.10
N LEU D 75 -30.04 0.86 93.03
CA LEU D 75 -28.65 1.22 92.86
C LEU D 75 -28.47 2.73 92.71
N THR D 76 -27.81 3.35 93.68
CA THR D 76 -27.70 4.81 93.73
C THR D 76 -26.94 5.42 92.55
N ALA D 77 -25.92 4.73 92.06
CA ALA D 77 -25.12 5.21 90.94
C ALA D 77 -25.96 5.28 89.65
N ASP D 78 -26.65 4.18 89.36
CA ASP D 78 -27.57 4.12 88.24
C ASP D 78 -28.58 5.25 88.33
N ALA D 79 -29.06 5.47 89.55
CA ALA D 79 -30.02 6.54 89.81
C ALA D 79 -29.42 7.90 89.50
N ARG D 80 -28.13 8.07 89.78
CA ARG D 80 -27.46 9.32 89.47
C ARG D 80 -27.47 9.53 87.96
N ILE D 81 -27.09 8.48 87.24
CA ILE D 81 -27.10 8.51 85.77
C ILE D 81 -28.48 8.93 85.22
N VAL D 82 -29.50 8.17 85.60
CA VAL D 82 -30.87 8.42 85.16
C VAL D 82 -31.33 9.84 85.50
N ILE D 83 -31.04 10.28 86.73
CA ILE D 83 -31.43 11.61 87.17
C ILE D 83 -30.79 12.71 86.32
N ASN D 84 -29.48 12.60 86.10
CA ASN D 84 -28.79 13.60 85.28
C ASN D 84 -29.29 13.63 83.84
N ARG D 85 -29.47 12.46 83.24
CA ARG D 85 -30.01 12.40 81.88
C ARG D 85 -31.41 13.00 81.82
N ALA D 86 -32.18 12.79 82.88
CA ALA D 86 -33.52 13.37 82.99
C ALA D 86 -33.49 14.89 83.05
N ARG D 87 -32.53 15.43 83.81
CA ARG D 87 -32.37 16.88 83.93
C ARG D 87 -31.99 17.49 82.59
N VAL D 88 -31.02 16.86 81.93
CA VAL D 88 -30.58 17.27 80.61
C VAL D 88 -31.76 17.29 79.65
N GLU D 89 -32.57 16.24 79.69
CA GLU D 89 -33.76 16.16 78.84
C GLU D 89 -34.75 17.29 79.16
N CYS D 90 -34.91 17.58 80.45
CA CYS D 90 -35.80 18.65 80.88
C CYS D 90 -35.37 19.98 80.29
N GLN D 91 -34.07 20.21 80.20
CA GLN D 91 -33.57 21.44 79.57
C GLN D 91 -33.73 21.43 78.05
N SER D 92 -33.40 20.30 77.43
CA SER D 92 -33.52 20.15 75.97
C SER D 92 -34.95 20.40 75.51
N HIS D 93 -35.91 19.97 76.32
CA HIS D 93 -37.32 20.18 76.00
C HIS D 93 -37.63 21.67 75.93
N ARG D 94 -37.08 22.42 76.88
CA ARG D 94 -37.23 23.88 76.88
C ARG D 94 -36.55 24.49 75.66
N LEU D 95 -35.44 23.89 75.24
CA LEU D 95 -34.71 24.38 74.07
C LEU D 95 -35.48 24.20 72.77
N THR D 96 -36.05 23.02 72.57
CA THR D 96 -36.75 22.71 71.32
C THR D 96 -38.21 23.18 71.35
N VAL D 97 -38.76 23.32 72.55
CA VAL D 97 -40.13 23.77 72.74
C VAL D 97 -40.17 24.83 73.84
N GLU D 98 -40.76 25.99 73.54
CA GLU D 98 -40.76 27.11 74.46
C GLU D 98 -41.35 26.74 75.83
N ASP D 99 -42.35 25.89 75.83
CA ASP D 99 -43.00 25.44 77.06
C ASP D 99 -42.04 24.61 77.90
N PRO D 100 -42.28 24.54 79.22
CA PRO D 100 -41.43 23.73 80.11
C PRO D 100 -41.60 22.23 79.90
N VAL D 101 -41.94 21.51 80.97
CA VAL D 101 -42.08 20.06 80.89
C VAL D 101 -43.23 19.55 81.75
N THR D 102 -43.93 18.54 81.24
CA THR D 102 -44.98 17.87 82.00
C THR D 102 -44.38 16.69 82.73
N VAL D 103 -44.97 16.33 83.87
CA VAL D 103 -44.49 15.20 84.66
C VAL D 103 -44.57 13.91 83.85
N GLU D 104 -45.71 13.73 83.17
CA GLU D 104 -45.93 12.59 82.30
C GLU D 104 -44.85 12.45 81.25
N TYR D 105 -44.43 13.58 80.68
CA TYR D 105 -43.42 13.56 79.62
C TYR D 105 -42.07 13.05 80.10
N ILE D 106 -41.55 13.66 81.16
CA ILE D 106 -40.24 13.27 81.69
C ILE D 106 -40.29 11.85 82.24
N THR D 107 -41.44 11.46 82.78
CA THR D 107 -41.64 10.08 83.24
C THR D 107 -41.52 9.13 82.07
N ARG D 108 -42.18 9.48 80.96
CA ARG D 108 -42.14 8.70 79.74
C ARG D 108 -40.72 8.58 79.20
N TYR D 109 -39.96 9.67 79.33
CA TYR D 109 -38.57 9.69 78.89
C TYR D 109 -37.72 8.73 79.70
N ILE D 110 -37.84 8.80 81.02
CA ILE D 110 -37.11 7.92 81.91
C ILE D 110 -37.44 6.47 81.64
N ALA D 111 -38.74 6.18 81.54
CA ALA D 111 -39.22 4.84 81.25
C ALA D 111 -38.67 4.31 79.94
N SER D 112 -38.71 5.15 78.91
CA SER D 112 -38.22 4.77 77.60
C SER D 112 -36.73 4.47 77.65
N LEU D 113 -36.00 5.27 78.44
CA LEU D 113 -34.57 5.05 78.64
C LEU D 113 -34.30 3.68 79.24
N LYS D 114 -35.00 3.39 80.33
CA LYS D 114 -34.87 2.10 81.01
C LYS D 114 -35.17 0.92 80.08
N GLN D 115 -36.27 1.02 79.34
CA GLN D 115 -36.64 -0.02 78.39
C GLN D 115 -35.56 -0.21 77.33
N ARG D 116 -35.09 0.91 76.80
CA ARG D 116 -34.04 0.90 75.81
C ARG D 116 -32.84 0.14 76.34
N TYR D 117 -32.58 0.30 77.64
CA TYR D 117 -31.51 -0.46 78.28
C TYR D 117 -31.92 -1.92 78.57
N THR D 118 -33.20 -2.22 78.45
CA THR D 118 -33.63 -3.62 78.57
C THR D 118 -33.56 -4.34 77.22
N GLN D 119 -33.43 -3.58 76.14
CA GLN D 119 -33.42 -4.21 74.82
C GLN D 119 -32.16 -3.95 73.98
N SER D 120 -31.17 -3.28 74.55
CA SER D 120 -29.96 -2.93 73.80
C SER D 120 -28.81 -3.91 74.01
N ASN D 121 -27.94 -4.02 73.01
CA ASN D 121 -26.77 -4.87 73.09
C ASN D 121 -25.69 -4.30 74.00
N GLY D 122 -25.04 -5.18 74.76
CA GLY D 122 -23.90 -4.80 75.57
C GLY D 122 -24.20 -4.03 76.84
N ARG D 123 -25.47 -3.63 77.00
CA ARG D 123 -25.86 -2.85 78.17
C ARG D 123 -26.50 -3.73 79.24
N ARG D 124 -27.06 -3.09 80.25
CA ARG D 124 -27.61 -3.80 81.41
C ARG D 124 -28.62 -2.88 82.09
N PRO D 125 -29.83 -3.42 82.36
CA PRO D 125 -30.94 -2.64 82.92
C PRO D 125 -30.56 -1.84 84.16
N PHE D 126 -31.11 -0.64 84.29
CA PHE D 126 -30.91 0.17 85.49
C PHE D 126 -31.59 -0.51 86.67
N GLY D 127 -30.87 -0.65 87.77
CA GLY D 127 -31.40 -1.30 88.95
C GLY D 127 -32.12 -0.34 89.87
N ILE D 128 -32.98 0.51 89.30
CA ILE D 128 -33.74 1.47 90.09
C ILE D 128 -35.21 1.53 89.71
N SER D 129 -36.02 1.97 90.66
CA SER D 129 -37.40 2.37 90.38
C SER D 129 -37.51 3.82 90.83
N ALA D 130 -38.44 4.57 90.24
CA ALA D 130 -38.52 5.99 90.55
C ALA D 130 -39.94 6.46 90.83
N LEU D 131 -40.07 7.32 91.84
CA LEU D 131 -41.32 8.00 92.12
C LEU D 131 -41.18 9.45 91.68
N ILE D 132 -41.84 9.79 90.57
CA ILE D 132 -41.74 11.12 90.00
C ILE D 132 -42.94 11.96 90.41
N VAL D 133 -42.70 13.21 90.79
CA VAL D 133 -43.74 14.04 91.37
C VAL D 133 -43.70 15.44 90.81
N GLY D 134 -44.86 16.01 90.49
CA GLY D 134 -44.88 17.37 89.98
C GLY D 134 -46.22 18.07 89.93
N PHE D 135 -46.19 19.36 89.61
CA PHE D 135 -47.37 20.17 89.46
C PHE D 135 -47.31 20.90 88.12
N ASP D 136 -47.68 20.20 87.05
CA ASP D 136 -47.64 20.79 85.72
C ASP D 136 -48.70 21.88 85.55
N PHE D 137 -48.48 22.77 84.60
CA PHE D 137 -49.39 23.87 84.33
C PHE D 137 -50.80 23.35 84.08
N ASP D 138 -51.78 24.08 84.62
CA ASP D 138 -53.21 23.71 84.78
C ASP D 138 -53.48 23.35 86.24
N GLY D 139 -52.41 23.28 87.03
CA GLY D 139 -52.54 23.10 88.46
C GLY D 139 -52.62 21.67 88.94
N THR D 140 -53.00 20.76 88.04
CA THR D 140 -53.22 19.36 88.40
C THR D 140 -51.96 18.69 88.95
N PRO D 141 -51.98 18.29 90.23
CA PRO D 141 -50.85 17.61 90.86
C PRO D 141 -50.76 16.17 90.40
N ARG D 142 -49.57 15.71 90.02
CA ARG D 142 -49.42 14.36 89.50
C ARG D 142 -48.22 13.60 90.06
N LEU D 143 -48.44 12.30 90.27
CA LEU D 143 -47.42 11.38 90.74
C LEU D 143 -47.37 10.14 89.85
N TYR D 144 -46.17 9.78 89.43
CA TYR D 144 -45.95 8.61 88.59
C TYR D 144 -44.90 7.68 89.20
N GLN D 145 -44.88 6.44 88.72
CA GLN D 145 -43.94 5.44 89.18
C GLN D 145 -43.37 4.70 87.96
N THR D 146 -42.06 4.47 88.00
CA THR D 146 -41.38 3.77 86.92
C THR D 146 -40.82 2.44 87.38
N ASP D 147 -40.34 1.65 86.44
CA ASP D 147 -39.87 0.30 86.72
C ASP D 147 -38.72 0.00 85.78
N PRO D 148 -37.75 -0.81 86.24
CA PRO D 148 -36.62 -1.23 85.41
C PRO D 148 -37.04 -1.78 84.05
N SER D 149 -38.21 -2.41 83.98
CA SER D 149 -38.71 -2.99 82.73
C SER D 149 -38.95 -1.91 81.68
N GLY D 150 -39.33 -0.73 82.14
CA GLY D 150 -39.66 0.36 81.25
C GLY D 150 -41.12 0.75 81.39
N THR D 151 -41.86 -0.05 82.16
CA THR D 151 -43.27 0.23 82.41
C THR D 151 -43.40 1.38 83.40
N TYR D 152 -44.45 2.18 83.22
CA TYR D 152 -44.69 3.33 84.10
C TYR D 152 -46.18 3.58 84.28
N HIS D 153 -46.58 4.02 85.46
CA HIS D 153 -48.00 4.27 85.74
C HIS D 153 -48.19 5.52 86.59
N ALA D 154 -49.45 5.94 86.74
CA ALA D 154 -49.76 7.05 87.63
C ALA D 154 -50.42 6.52 88.90
N TRP D 155 -50.16 7.19 90.02
CA TRP D 155 -50.66 6.74 91.30
C TRP D 155 -51.21 7.90 92.12
N LYS D 156 -52.10 7.59 93.05
CA LYS D 156 -52.55 8.57 94.03
C LYS D 156 -51.53 8.59 95.16
N ALA D 157 -50.97 7.42 95.44
CA ALA D 157 -49.91 7.24 96.42
C ALA D 157 -49.26 5.89 96.20
N ASN D 158 -47.95 5.80 96.42
CA ASN D 158 -47.25 4.54 96.19
C ASN D 158 -45.95 4.43 96.99
N ALA D 159 -45.35 3.24 96.95
CA ALA D 159 -44.11 2.97 97.67
C ALA D 159 -43.25 1.96 96.91
N ILE D 160 -41.94 2.12 97.01
CA ILE D 160 -41.00 1.20 96.38
C ILE D 160 -39.82 0.92 97.30
N GLY D 161 -39.17 -0.23 97.11
CA GLY D 161 -38.00 -0.58 97.89
C GLY D 161 -38.25 -1.69 98.89
N ARG D 162 -37.45 -1.72 99.95
CA ARG D 162 -37.57 -2.74 100.99
C ARG D 162 -38.94 -2.65 101.67
N GLY D 163 -39.67 -3.76 101.67
CA GLY D 163 -40.98 -3.81 102.29
C GLY D 163 -41.95 -2.83 101.66
N ALA D 164 -41.93 -2.74 100.34
CA ALA D 164 -42.82 -1.84 99.61
C ALA D 164 -44.25 -2.33 99.65
N LYS D 165 -44.43 -3.65 99.73
CA LYS D 165 -45.76 -4.24 99.78
C LYS D 165 -46.50 -3.86 101.05
N SER D 166 -45.76 -3.80 102.16
CA SER D 166 -46.32 -3.45 103.45
C SER D 166 -46.85 -2.01 103.45
N VAL D 167 -46.02 -1.10 102.97
CA VAL D 167 -46.39 0.32 102.91
C VAL D 167 -47.47 0.54 101.87
N ARG D 168 -47.46 -0.29 100.82
CA ARG D 168 -48.50 -0.22 99.79
C ARG D 168 -49.85 -0.61 100.40
N GLU D 169 -49.85 -1.67 101.20
CA GLU D 169 -51.07 -2.12 101.87
C GLU D 169 -51.55 -1.09 102.88
N PHE D 170 -50.62 -0.55 103.66
CA PHE D 170 -50.94 0.49 104.62
C PHE D 170 -51.59 1.70 103.94
N LEU D 171 -50.94 2.18 102.89
CA LEU D 171 -51.46 3.31 102.12
C LEU D 171 -52.81 3.00 101.51
N GLU D 172 -52.99 1.77 101.05
CA GLU D 172 -54.28 1.33 100.51
C GLU D 172 -55.36 1.45 101.57
N LYS D 173 -55.05 1.03 102.80
CA LYS D 173 -56.02 1.06 103.88
C LYS D 173 -56.16 2.42 104.55
N ASN D 174 -55.29 3.37 104.19
CA ASN D 174 -55.27 4.66 104.86
C ASN D 174 -55.49 5.88 103.96
N TYR D 175 -55.45 5.67 102.64
CA TYR D 175 -55.63 6.78 101.70
C TYR D 175 -57.11 7.13 101.54
N THR D 176 -57.53 8.20 102.21
CA THR D 176 -58.91 8.64 102.14
C THR D 176 -58.98 10.07 101.62
N ASP D 177 -60.19 10.62 101.53
CA ASP D 177 -60.37 12.02 101.18
C ASP D 177 -60.23 12.87 102.44
N GLU D 178 -60.51 12.27 103.58
CA GLU D 178 -60.30 12.92 104.87
C GLU D 178 -58.82 13.10 105.12
N ALA D 179 -58.06 12.02 104.98
CA ALA D 179 -56.60 12.11 104.99
C ALA D 179 -56.18 12.88 103.76
N ILE D 180 -55.08 13.63 103.87
CA ILE D 180 -54.62 14.50 102.79
C ILE D 180 -55.71 15.48 102.36
N GLU D 181 -56.38 16.08 103.33
CA GLU D 181 -57.33 17.16 103.06
C GLU D 181 -56.64 18.49 103.31
N THR D 182 -55.61 18.44 104.14
CA THR D 182 -54.75 19.60 104.40
C THR D 182 -53.31 19.20 104.14
N ASP D 183 -52.45 20.18 103.90
CA ASP D 183 -51.04 19.93 103.60
C ASP D 183 -50.35 19.18 104.73
N ASP D 184 -50.48 19.71 105.94
CA ASP D 184 -49.88 19.09 107.12
C ASP D 184 -50.41 17.68 107.35
N LEU D 185 -51.66 17.47 106.95
CA LEU D 185 -52.29 16.15 107.12
C LEU D 185 -51.76 15.14 106.11
N THR D 186 -51.48 15.62 104.90
CA THR D 186 -50.89 14.77 103.87
C THR D 186 -49.47 14.40 104.27
N ILE D 187 -48.70 15.39 104.70
CA ILE D 187 -47.34 15.16 105.19
C ILE D 187 -47.35 14.18 106.37
N LYS D 188 -48.32 14.34 107.25
CA LYS D 188 -48.48 13.45 108.40
C LYS D 188 -48.81 12.03 107.94
N LEU D 189 -49.58 11.92 106.85
CA LEU D 189 -49.90 10.61 106.27
C LEU D 189 -48.64 9.93 105.76
N VAL D 190 -47.80 10.70 105.07
CA VAL D 190 -46.53 10.18 104.58
C VAL D 190 -45.64 9.72 105.73
N ILE D 191 -45.53 10.55 106.76
CA ILE D 191 -44.71 10.23 107.92
C ILE D 191 -45.20 8.97 108.62
N LYS D 192 -46.52 8.84 108.75
CA LYS D 192 -47.12 7.66 109.38
C LYS D 192 -46.84 6.40 108.58
N ALA D 193 -47.09 6.49 107.27
CA ALA D 193 -46.83 5.38 106.35
C ALA D 193 -45.38 4.93 106.42
N LEU D 194 -44.46 5.90 106.52
CA LEU D 194 -43.04 5.61 106.61
C LEU D 194 -42.71 4.95 107.95
N LEU D 195 -43.35 5.44 109.02
CA LEU D 195 -43.12 4.91 110.36
C LEU D 195 -43.63 3.48 110.48
N GLU D 196 -44.58 3.11 109.61
CA GLU D 196 -45.15 1.77 109.62
C GLU D 196 -44.20 0.70 109.08
N VAL D 197 -42.99 1.10 108.70
CA VAL D 197 -42.02 0.15 108.17
C VAL D 197 -40.59 0.47 108.61
N VAL D 198 -40.30 1.76 108.81
CA VAL D 198 -38.98 2.19 109.25
C VAL D 198 -38.68 1.65 110.64
N GLN D 199 -37.39 1.61 110.99
CA GLN D 199 -36.98 1.04 112.28
C GLN D 199 -37.26 1.98 113.44
N SER D 200 -38.47 2.53 113.49
CA SER D 200 -38.95 3.37 114.58
C SER D 200 -37.97 4.48 115.00
N GLY D 201 -38.08 5.64 114.35
CA GLY D 201 -37.21 6.75 114.69
C GLY D 201 -37.73 8.11 114.26
N GLY D 202 -37.21 8.60 113.14
CA GLY D 202 -37.51 9.94 112.67
C GLY D 202 -36.24 10.58 112.14
N LYS D 203 -35.12 10.15 112.71
CA LYS D 203 -33.80 10.56 112.23
C LYS D 203 -33.38 9.65 111.09
N ASN D 204 -34.25 8.72 110.73
CA ASN D 204 -34.02 7.80 109.62
C ASN D 204 -34.85 8.21 108.41
N ILE D 205 -35.72 9.20 108.60
CA ILE D 205 -36.67 9.59 107.58
C ILE D 205 -36.33 10.92 106.92
N GLU D 206 -36.26 10.92 105.59
CA GLU D 206 -36.08 12.14 104.83
C GLU D 206 -37.35 12.45 104.05
N LEU D 207 -37.95 13.59 104.33
CA LEU D 207 -39.20 13.97 103.67
C LEU D 207 -39.10 15.33 102.98
N ALA D 208 -39.67 15.42 101.78
CA ALA D 208 -39.67 16.67 101.04
C ALA D 208 -41.03 16.89 100.38
N VAL D 209 -41.37 18.16 100.15
CA VAL D 209 -42.67 18.51 99.62
C VAL D 209 -42.62 19.55 98.50
N MET D 210 -43.50 19.40 97.52
CA MET D 210 -43.67 20.41 96.48
C MET D 210 -45.08 20.97 96.58
N ARG D 211 -45.21 22.29 96.47
CA ARG D 211 -46.51 22.93 96.66
C ARG D 211 -46.76 24.07 95.67
N ARG D 212 -47.86 23.95 94.93
CA ARG D 212 -48.32 24.99 94.02
C ARG D 212 -47.25 25.49 93.06
N ASP D 213 -47.11 26.80 92.95
CA ASP D 213 -46.11 27.42 92.08
C ASP D 213 -44.83 27.75 92.84
N GLN D 214 -44.61 27.06 93.96
CA GLN D 214 -43.40 27.28 94.74
C GLN D 214 -42.29 26.30 94.35
N SER D 215 -41.11 26.50 94.93
CA SER D 215 -39.97 25.62 94.70
C SER D 215 -40.04 24.41 95.62
N LEU D 216 -39.18 23.43 95.36
CA LEU D 216 -39.12 22.23 96.19
C LEU D 216 -38.58 22.58 97.58
N LYS D 217 -39.24 22.07 98.61
CA LYS D 217 -38.83 22.34 99.99
C LYS D 217 -38.54 21.06 100.76
N ILE D 218 -37.31 20.92 101.22
CA ILE D 218 -36.93 19.78 102.05
C ILE D 218 -37.18 20.09 103.52
N LEU D 219 -37.69 19.12 104.26
CA LEU D 219 -38.02 19.31 105.66
C LEU D 219 -36.84 19.02 106.58
N ASN D 220 -36.51 20.00 107.43
CA ASN D 220 -35.47 19.82 108.43
C ASN D 220 -35.90 18.80 109.49
N PRO D 221 -34.92 18.13 110.13
CA PRO D 221 -35.23 17.12 111.14
C PRO D 221 -36.04 17.67 112.32
N GLU D 222 -35.98 18.99 112.52
CA GLU D 222 -36.76 19.64 113.57
C GLU D 222 -38.26 19.59 113.22
N GLU D 223 -38.59 20.02 112.00
CA GLU D 223 -39.97 20.02 111.54
C GLU D 223 -40.52 18.60 111.44
N ILE D 224 -39.66 17.68 111.01
CA ILE D 224 -40.02 16.27 110.93
C ILE D 224 -40.30 15.72 112.32
N GLU D 225 -39.50 16.14 113.30
CA GLU D 225 -39.70 15.73 114.69
C GLU D 225 -40.99 16.32 115.25
N LYS D 226 -41.36 17.51 114.77
CA LYS D 226 -42.60 18.16 115.18
C LYS D 226 -43.81 17.41 114.65
N TYR D 227 -43.80 17.13 113.35
CA TYR D 227 -44.88 16.38 112.73
C TYR D 227 -44.98 14.96 113.31
N VAL D 228 -43.84 14.38 113.65
CA VAL D 228 -43.81 13.05 114.25
C VAL D 228 -44.30 13.11 115.70
N ALA D 229 -44.13 14.26 116.34
CA ALA D 229 -44.64 14.47 117.69
C ALA D 229 -46.15 14.58 117.65
N GLU D 230 -46.67 15.29 116.64
CA GLU D 230 -48.11 15.43 116.46
C GLU D 230 -48.73 14.09 116.08
N ILE D 231 -47.98 13.28 115.35
CA ILE D 231 -48.44 11.94 114.94
C ILE D 231 -48.44 10.99 116.13
N GLU D 232 -47.44 11.12 116.99
CA GLU D 232 -47.35 10.29 118.19
C GLU D 232 -48.34 10.77 119.25
N LYS D 233 -48.83 11.99 119.08
CA LYS D 233 -49.82 12.55 119.98
C LYS D 233 -51.23 12.16 119.53
N GLU D 234 -51.43 12.08 118.23
CA GLU D 234 -52.71 11.66 117.67
C GLU D 234 -52.89 10.15 117.80
N LYS D 235 -51.79 9.46 118.08
CA LYS D 235 -51.82 8.01 118.29
C LYS D 235 -52.02 7.68 119.76
N GLU D 236 -52.17 8.72 120.58
CA GLU D 236 -52.39 8.55 122.00
C GLU D 236 -53.59 9.38 122.47
N GLU D 237 -54.23 10.06 121.53
CA GLU D 237 -55.42 10.86 121.81
C GLU D 237 -56.62 10.35 121.02
N ASN D 238 -56.38 9.34 120.19
CA ASN D 238 -57.43 8.73 119.39
C ASN D 238 -57.23 7.23 119.25
N GLU D 239 -56.17 6.72 119.88
CA GLU D 239 -55.86 5.30 119.85
C GLU D 239 -55.54 4.77 121.25
N LYS D 240 -55.47 5.68 122.21
CA LYS D 240 -55.22 5.31 123.60
C LYS D 240 -56.48 5.46 124.44
N LYS D 241 -57.35 6.39 124.03
CA LYS D 241 -58.62 6.60 124.71
C LYS D 241 -59.74 5.84 124.01
N LYS D 242 -59.42 4.64 123.54
CA LYS D 242 -60.39 3.80 122.86
C LYS D 242 -59.94 2.33 122.84
N GLN D 243 -58.71 2.11 123.29
CA GLN D 243 -58.14 0.77 123.31
C GLN D 243 -57.68 0.38 124.72
N TYR E 1 -26.59 -23.79 79.87
CA TYR E 1 -26.08 -23.76 78.50
C TYR E 1 -26.61 -22.57 77.73
N ASP E 2 -25.74 -21.63 77.40
CA ASP E 2 -26.14 -20.41 76.70
C ASP E 2 -25.78 -20.45 75.22
N ARG E 3 -26.62 -19.84 74.40
CA ARG E 3 -26.45 -19.85 72.95
C ARG E 3 -26.77 -18.48 72.37
N GLY E 4 -26.55 -18.32 71.07
CA GLY E 4 -26.81 -17.05 70.40
C GLY E 4 -28.29 -16.75 70.28
N VAL E 5 -28.63 -15.47 70.16
CA VAL E 5 -30.03 -15.06 70.06
C VAL E 5 -30.65 -15.37 68.70
N ASN E 6 -29.80 -15.74 67.73
CA ASN E 6 -30.27 -16.17 66.43
C ASN E 6 -29.96 -17.64 66.18
N THR E 7 -30.23 -18.47 67.19
CA THR E 7 -29.98 -19.90 67.09
C THR E 7 -31.26 -20.63 66.70
N PHE E 8 -31.13 -21.65 65.86
CA PHE E 8 -32.27 -22.45 65.43
C PHE E 8 -32.45 -23.70 66.29
N SER E 9 -33.70 -24.03 66.59
CA SER E 9 -34.01 -25.30 67.24
C SER E 9 -33.97 -26.38 66.18
N PRO E 10 -33.79 -27.65 66.60
CA PRO E 10 -33.81 -28.76 65.65
C PRO E 10 -35.13 -28.85 64.90
N GLU E 11 -36.18 -28.26 65.47
CA GLU E 11 -37.50 -28.25 64.87
C GLU E 11 -37.58 -27.23 63.74
N GLY E 12 -36.67 -26.26 63.74
CA GLY E 12 -36.60 -25.27 62.68
C GLY E 12 -37.20 -23.93 63.06
N ARG E 13 -37.07 -23.55 64.32
CA ARG E 13 -37.57 -22.27 64.79
C ARG E 13 -36.56 -21.52 65.65
N LEU E 14 -36.74 -20.21 65.76
CA LEU E 14 -35.84 -19.38 66.56
C LEU E 14 -36.27 -19.41 68.02
N PHE E 15 -35.35 -19.82 68.90
CA PHE E 15 -35.65 -19.94 70.32
C PHE E 15 -36.22 -18.66 70.93
N GLN E 16 -35.53 -17.54 70.73
CA GLN E 16 -35.94 -16.26 71.30
C GLN E 16 -37.35 -15.85 70.90
N VAL E 17 -37.68 -16.08 69.63
CA VAL E 17 -39.00 -15.75 69.12
C VAL E 17 -40.08 -16.59 69.80
N GLU E 18 -39.85 -17.90 69.86
CA GLU E 18 -40.77 -18.80 70.52
C GLU E 18 -40.98 -18.40 71.98
N TYR E 19 -39.88 -18.03 72.64
CA TYR E 19 -39.93 -17.61 74.04
C TYR E 19 -40.72 -16.32 74.18
N ALA E 20 -40.66 -15.46 73.15
CA ALA E 20 -41.45 -14.24 73.14
C ALA E 20 -42.94 -14.57 73.02
N ILE E 21 -43.24 -15.54 72.16
CA ILE E 21 -44.61 -16.02 72.02
C ILE E 21 -45.10 -16.52 73.37
N GLU E 22 -44.23 -17.22 74.08
CA GLU E 22 -44.53 -17.67 75.44
C GLU E 22 -44.75 -16.49 76.38
N ALA E 23 -44.04 -15.40 76.12
CA ALA E 23 -44.13 -14.20 76.95
C ALA E 23 -45.47 -13.50 76.78
N ILE E 24 -46.04 -13.58 75.57
CA ILE E 24 -47.34 -12.96 75.31
C ILE E 24 -48.44 -13.51 76.22
N LYS E 25 -48.35 -14.81 76.53
CA LYS E 25 -49.40 -15.50 77.27
C LYS E 25 -49.62 -14.97 78.68
N LEU E 26 -48.76 -14.07 79.13
CA LEU E 26 -48.86 -13.51 80.48
C LEU E 26 -49.47 -12.11 80.46
N GLY E 27 -49.87 -11.66 79.28
CA GLY E 27 -50.38 -10.31 79.12
C GLY E 27 -51.89 -10.19 79.18
N SER E 28 -52.37 -8.97 79.31
CA SER E 28 -53.81 -8.69 79.35
C SER E 28 -54.47 -9.11 78.05
N THR E 29 -55.58 -9.84 78.16
CA THR E 29 -56.28 -10.32 76.97
C THR E 29 -57.08 -9.21 76.27
N ALA E 30 -56.96 -9.18 74.95
CA ALA E 30 -57.64 -8.17 74.14
C ALA E 30 -58.36 -8.82 72.97
N ILE E 31 -59.48 -8.23 72.57
CA ILE E 31 -60.29 -8.76 71.48
C ILE E 31 -60.59 -7.69 70.44
N GLY E 32 -60.41 -8.04 69.18
CA GLY E 32 -60.74 -7.17 68.07
C GLY E 32 -61.75 -7.83 67.14
N ILE E 33 -62.78 -7.09 66.76
CA ILE E 33 -63.79 -7.61 65.85
C ILE E 33 -63.99 -6.70 64.64
N GLN E 34 -63.94 -7.30 63.46
CA GLN E 34 -64.16 -6.60 62.20
C GLN E 34 -65.62 -6.67 61.78
N THR E 35 -66.16 -5.54 61.34
CA THR E 35 -67.56 -5.44 60.99
C THR E 35 -67.71 -4.37 59.91
N SER E 36 -68.57 -4.62 58.93
CA SER E 36 -68.78 -3.70 57.82
C SER E 36 -69.20 -2.29 58.28
N GLU E 37 -69.62 -2.17 59.52
CA GLU E 37 -69.95 -0.87 60.11
C GLU E 37 -68.78 -0.27 60.86
N GLY E 38 -67.71 -1.05 61.03
CA GLY E 38 -66.51 -0.57 61.71
C GLY E 38 -65.80 -1.65 62.51
N VAL E 39 -64.60 -1.33 62.98
CA VAL E 39 -63.81 -2.28 63.76
C VAL E 39 -63.82 -1.89 65.23
N CYS E 40 -63.87 -2.87 66.13
CA CYS E 40 -63.85 -2.58 67.56
C CYS E 40 -62.72 -3.32 68.28
N LEU E 41 -62.11 -2.65 69.25
CA LEU E 41 -61.03 -3.23 70.04
C LEU E 41 -61.30 -3.02 71.52
N ALA E 42 -61.32 -4.12 72.27
CA ALA E 42 -61.55 -4.05 73.71
C ALA E 42 -60.43 -4.76 74.45
N VAL E 43 -60.07 -4.24 75.63
CA VAL E 43 -59.01 -4.87 76.42
C VAL E 43 -59.17 -4.61 77.91
N GLU E 44 -58.88 -5.63 78.72
CA GLU E 44 -58.87 -5.48 80.17
C GLU E 44 -57.62 -4.72 80.62
N LYS E 45 -57.76 -3.96 81.69
CA LYS E 45 -56.65 -3.12 82.16
C LYS E 45 -55.80 -3.79 83.24
N ARG E 46 -56.39 -4.77 83.95
CA ARG E 46 -55.70 -5.49 85.02
C ARG E 46 -55.11 -4.55 86.08
N ILE E 47 -55.96 -3.79 86.75
CA ILE E 47 -55.50 -2.89 87.80
C ILE E 47 -55.09 -3.69 89.04
N THR E 48 -53.84 -3.51 89.47
CA THR E 48 -53.29 -4.30 90.56
C THR E 48 -53.40 -3.58 91.91
N SER E 49 -53.92 -2.36 91.90
CA SER E 49 -54.07 -1.58 93.12
C SER E 49 -55.10 -0.47 92.96
N PRO E 50 -55.90 -0.24 94.01
CA PRO E 50 -56.89 0.85 94.02
C PRO E 50 -56.24 2.22 93.93
N LEU E 51 -54.96 2.30 94.30
CA LEU E 51 -54.23 3.56 94.28
C LEU E 51 -53.77 3.94 92.88
N MET E 52 -53.68 2.93 92.01
CA MET E 52 -53.23 3.15 90.63
C MET E 52 -54.31 3.80 89.78
N GLU E 53 -53.99 4.97 89.23
CA GLU E 53 -54.90 5.65 88.30
C GLU E 53 -55.07 4.82 87.03
N PRO E 54 -56.30 4.34 86.78
CA PRO E 54 -56.58 3.44 85.66
C PRO E 54 -56.52 4.14 84.31
N SER E 55 -56.62 5.46 84.31
CA SER E 55 -56.59 6.23 83.07
C SER E 55 -55.17 6.36 82.52
N SER E 56 -54.19 5.89 83.29
CA SER E 56 -52.80 5.91 82.86
C SER E 56 -52.41 4.56 82.26
N ILE E 57 -53.37 3.65 82.21
CA ILE E 57 -53.17 2.36 81.57
C ILE E 57 -53.83 2.36 80.21
N GLU E 58 -53.03 2.58 79.17
CA GLU E 58 -53.56 2.53 77.81
C GLU E 58 -52.97 1.38 77.01
N LYS E 59 -53.80 0.37 76.74
CA LYS E 59 -53.40 -0.75 75.91
C LYS E 59 -54.08 -0.62 74.54
N ILE E 60 -54.82 0.47 74.38
CA ILE E 60 -55.38 0.83 73.09
C ILE E 60 -54.94 2.25 72.75
N VAL E 61 -54.24 2.40 71.64
CA VAL E 61 -53.73 3.70 71.24
C VAL E 61 -54.07 4.04 69.80
N GLU E 62 -54.00 5.33 69.48
CA GLU E 62 -54.30 5.80 68.12
C GLU E 62 -53.04 5.86 67.27
N ILE E 63 -52.97 5.01 66.26
CA ILE E 63 -51.88 5.08 65.28
C ILE E 63 -52.09 6.30 64.39
N ASP E 64 -53.30 6.43 63.85
CA ASP E 64 -53.68 7.60 63.09
C ASP E 64 -55.19 7.75 63.19
N ALA E 65 -55.72 8.84 62.62
CA ALA E 65 -57.16 9.13 62.69
C ALA E 65 -58.03 7.99 62.18
N HIS E 66 -57.46 7.11 61.36
CA HIS E 66 -58.22 6.00 60.80
C HIS E 66 -57.71 4.64 61.29
N ILE E 67 -56.68 4.64 62.13
CA ILE E 67 -56.12 3.38 62.61
C ILE E 67 -55.82 3.38 64.11
N GLY E 68 -56.34 2.38 64.81
CA GLY E 68 -56.04 2.18 66.22
C GLY E 68 -55.40 0.84 66.47
N CYS E 69 -54.71 0.70 67.59
CA CYS E 69 -53.96 -0.51 67.90
C CYS E 69 -54.18 -1.00 69.33
N ALA E 70 -54.38 -2.30 69.47
CA ALA E 70 -54.47 -2.93 70.78
C ALA E 70 -53.25 -3.83 71.00
N MET E 71 -52.74 -3.86 72.22
CA MET E 71 -51.50 -4.57 72.49
C MET E 71 -51.60 -5.50 73.70
N SER E 72 -50.83 -6.59 73.66
CA SER E 72 -50.78 -7.51 74.80
C SER E 72 -49.38 -8.04 75.05
N GLY E 73 -48.97 -8.07 76.31
CA GLY E 73 -47.66 -8.57 76.69
C GLY E 73 -46.81 -7.51 77.35
N LEU E 74 -45.54 -7.45 76.97
CA LEU E 74 -44.64 -6.44 77.49
C LEU E 74 -44.88 -5.10 76.80
N ILE E 75 -45.66 -4.25 77.47
CA ILE E 75 -46.12 -2.98 76.89
C ILE E 75 -44.98 -2.04 76.53
N ALA E 76 -43.96 -2.02 77.38
CA ALA E 76 -42.79 -1.18 77.17
C ALA E 76 -42.17 -1.44 75.79
N ASP E 77 -42.20 -2.69 75.36
CA ASP E 77 -41.72 -3.06 74.03
C ASP E 77 -42.66 -2.51 72.96
N ALA E 78 -43.95 -2.47 73.28
CA ALA E 78 -44.96 -2.05 72.33
C ALA E 78 -44.91 -0.56 72.03
N LYS E 79 -44.53 0.24 73.03
CA LYS E 79 -44.43 1.70 72.86
C LYS E 79 -43.59 2.10 71.64
N THR E 80 -42.43 1.46 71.50
CA THR E 80 -41.52 1.69 70.38
C THR E 80 -42.21 1.42 69.06
N LEU E 81 -42.88 0.28 68.98
CA LEU E 81 -43.58 -0.14 67.76
C LEU E 81 -44.68 0.84 67.40
N ILE E 82 -45.41 1.29 68.41
CA ILE E 82 -46.48 2.26 68.21
C ILE E 82 -45.93 3.56 67.61
N ASP E 83 -44.87 4.07 68.22
CA ASP E 83 -44.28 5.31 67.73
C ASP E 83 -43.77 5.14 66.30
N LYS E 84 -43.17 3.97 66.02
CA LYS E 84 -42.68 3.68 64.67
C LYS E 84 -43.84 3.69 63.67
N ALA E 85 -44.98 3.14 64.09
CA ALA E 85 -46.16 3.10 63.22
C ALA E 85 -46.66 4.51 62.93
N ARG E 86 -46.81 5.32 63.98
CA ARG E 86 -47.26 6.70 63.83
C ARG E 86 -46.34 7.47 62.88
N VAL E 87 -45.04 7.35 63.10
CA VAL E 87 -44.05 7.99 62.25
C VAL E 87 -44.16 7.53 60.80
N GLU E 88 -44.34 6.23 60.59
CA GLU E 88 -44.50 5.69 59.24
C GLU E 88 -45.73 6.28 58.52
N THR E 89 -46.86 6.33 59.23
CA THR E 89 -48.07 6.90 58.65
C THR E 89 -47.87 8.36 58.28
N GLN E 90 -47.25 9.14 59.18
CA GLN E 90 -47.02 10.54 58.90
C GLN E 90 -46.03 10.78 57.75
N ASN E 91 -45.01 9.94 57.67
CA ASN E 91 -44.05 10.03 56.56
C ASN E 91 -44.76 9.76 55.25
N HIS E 92 -45.62 8.75 55.26
CA HIS E 92 -46.37 8.37 54.07
C HIS E 92 -47.32 9.50 53.64
N TRP E 93 -47.97 10.13 54.61
CA TRP E 93 -48.82 11.28 54.32
C TRP E 93 -48.01 12.42 53.71
N PHE E 94 -46.85 12.69 54.30
CA PHE E 94 -45.98 13.75 53.80
C PHE E 94 -45.57 13.50 52.35
N THR E 95 -45.19 12.26 52.06
CA THR E 95 -44.65 11.90 50.75
C THR E 95 -45.71 11.78 49.65
N TYR E 96 -46.85 11.18 49.98
CA TYR E 96 -47.83 10.81 48.97
C TYR E 96 -49.17 11.55 49.08
N ASN E 97 -49.32 12.34 50.14
CA ASN E 97 -50.56 13.09 50.38
C ASN E 97 -51.79 12.19 50.42
N GLU E 98 -51.72 11.13 51.21
CA GLU E 98 -52.81 10.18 51.35
C GLU E 98 -52.62 9.36 52.62
N THR E 99 -53.67 8.67 53.05
CA THR E 99 -53.59 7.83 54.23
C THR E 99 -53.01 6.47 53.90
N MET E 100 -52.42 5.81 54.88
CA MET E 100 -51.89 4.46 54.70
C MET E 100 -52.99 3.42 54.89
N THR E 101 -52.95 2.38 54.07
CA THR E 101 -53.83 1.25 54.27
C THR E 101 -53.39 0.52 55.53
N VAL E 102 -54.36 -0.04 56.25
CA VAL E 102 -54.08 -0.73 57.50
C VAL E 102 -53.04 -1.83 57.30
N GLU E 103 -53.14 -2.53 56.18
CA GLU E 103 -52.21 -3.60 55.85
C GLU E 103 -50.79 -3.08 55.68
N SER E 104 -50.64 -1.89 55.09
CA SER E 104 -49.33 -1.29 54.89
C SER E 104 -48.67 -0.92 56.21
N VAL E 105 -49.45 -0.34 57.12
CA VAL E 105 -48.96 -0.01 58.46
C VAL E 105 -48.54 -1.28 59.20
N THR E 106 -49.44 -2.26 59.21
CA THR E 106 -49.17 -3.53 59.88
C THR E 106 -47.90 -4.17 59.35
N GLN E 107 -47.72 -4.13 58.03
CA GLN E 107 -46.54 -4.70 57.39
C GLN E 107 -45.29 -3.93 57.79
N ALA E 108 -45.42 -2.61 57.82
CA ALA E 108 -44.31 -1.74 58.17
C ALA E 108 -43.79 -2.06 59.57
N VAL E 109 -44.71 -2.16 60.52
CA VAL E 109 -44.33 -2.55 61.88
C VAL E 109 -43.78 -3.97 61.91
N SER E 110 -44.35 -4.84 61.07
CA SER E 110 -43.92 -6.23 61.00
C SER E 110 -42.51 -6.38 60.43
N ASN E 111 -42.03 -5.34 59.77
CA ASN E 111 -40.69 -5.35 59.20
C ASN E 111 -39.60 -5.26 60.27
N LEU E 112 -39.98 -4.87 61.48
CA LEU E 112 -39.05 -4.78 62.60
C LEU E 112 -39.00 -6.10 63.35
N ALA E 113 -39.49 -7.16 62.72
CA ALA E 113 -39.63 -8.47 63.33
C ALA E 113 -38.32 -9.02 63.87
N LEU E 114 -37.56 -9.67 62.99
CA LEU E 114 -36.34 -10.33 63.38
C LEU E 114 -35.14 -9.41 63.22
N GLN E 115 -35.35 -8.13 63.52
CA GLN E 115 -34.31 -7.12 63.43
C GLN E 115 -33.48 -7.08 64.71
N PHE E 116 -33.08 -8.26 65.18
CA PHE E 116 -32.24 -8.36 66.38
C PHE E 116 -31.04 -9.25 66.10
N GLY E 117 -30.00 -9.11 66.91
CA GLY E 117 -28.80 -9.90 66.74
C GLY E 117 -27.63 -9.36 67.54
N GLU E 118 -26.53 -10.11 67.55
CA GLU E 118 -25.35 -9.73 68.30
C GLU E 118 -24.26 -9.20 67.37
N GLU E 119 -23.40 -10.10 66.89
CA GLU E 119 -22.30 -9.72 66.00
C GLU E 119 -22.80 -9.18 64.67
N ASP E 120 -21.91 -8.50 63.95
CA ASP E 120 -22.20 -7.93 62.63
C ASP E 120 -23.41 -6.99 62.66
N ALA E 121 -23.56 -6.26 63.76
CA ALA E 121 -24.73 -5.39 63.92
C ALA E 121 -24.36 -4.00 64.43
N ASP E 122 -25.35 -3.11 64.40
CA ASP E 122 -25.17 -1.73 64.86
C ASP E 122 -25.09 -1.69 66.39
N PRO E 123 -24.52 -0.61 66.95
CA PRO E 123 -24.41 -0.52 68.41
C PRO E 123 -25.76 -0.38 69.11
N GLY E 124 -26.72 0.27 68.44
CA GLY E 124 -28.03 0.49 69.04
C GLY E 124 -29.08 -0.50 68.57
N ALA E 125 -28.66 -1.50 67.79
CA ALA E 125 -29.56 -2.50 67.27
C ALA E 125 -30.15 -3.35 68.38
N MET E 126 -31.33 -3.92 68.13
CA MET E 126 -32.05 -4.71 69.13
C MET E 126 -31.29 -5.99 69.49
N SER E 127 -31.36 -6.37 70.77
CA SER E 127 -30.67 -7.56 71.26
C SER E 127 -31.61 -8.75 71.34
N ARG E 128 -32.91 -8.48 71.27
CA ARG E 128 -33.92 -9.50 71.46
C ARG E 128 -35.22 -9.10 70.78
N PRO E 129 -36.09 -10.08 70.48
CA PRO E 129 -37.39 -9.78 69.85
C PRO E 129 -38.28 -8.96 70.77
N PHE E 130 -39.36 -8.42 70.20
CA PHE E 130 -40.34 -7.68 70.99
C PHE E 130 -41.36 -8.64 71.58
N GLY E 131 -41.43 -8.70 72.91
CA GLY E 131 -42.36 -9.59 73.57
C GLY E 131 -43.76 -9.01 73.66
N VAL E 132 -44.37 -8.77 72.51
CA VAL E 132 -45.69 -8.15 72.47
C VAL E 132 -46.48 -8.61 71.24
N ALA E 133 -47.81 -8.57 71.35
CA ALA E 133 -48.69 -8.93 70.24
C ALA E 133 -49.63 -7.76 69.94
N LEU E 134 -49.93 -7.57 68.65
CA LEU E 134 -50.68 -6.39 68.23
C LEU E 134 -51.92 -6.72 67.39
N LEU E 135 -52.96 -5.91 67.60
CA LEU E 135 -54.17 -5.95 66.79
C LEU E 135 -54.37 -4.57 66.17
N PHE E 136 -54.30 -4.49 64.85
CA PHE E 136 -54.49 -3.23 64.14
C PHE E 136 -55.90 -3.15 63.56
N GLY E 137 -56.73 -2.29 64.15
CA GLY E 137 -58.08 -2.11 63.66
C GLY E 137 -58.24 -0.73 63.03
N GLY E 138 -58.69 -0.70 61.78
CA GLY E 138 -58.83 0.58 61.09
C GLY E 138 -59.70 0.54 59.85
N VAL E 139 -59.99 1.71 59.29
CA VAL E 139 -60.81 1.80 58.10
C VAL E 139 -60.06 2.46 56.94
N ASP E 140 -59.90 1.73 55.84
CA ASP E 140 -59.29 2.31 54.64
C ASP E 140 -60.20 2.19 53.42
N GLU E 141 -59.60 2.22 52.23
CA GLU E 141 -60.38 2.16 50.99
C GLU E 141 -61.03 0.80 50.82
N LYS E 142 -60.46 -0.21 51.47
CA LYS E 142 -61.02 -1.55 51.43
C LYS E 142 -62.00 -1.75 52.57
N GLY E 143 -62.40 -0.64 53.19
CA GLY E 143 -63.36 -0.66 54.28
C GLY E 143 -62.70 -0.96 55.61
N PRO E 144 -63.49 -1.47 56.57
CA PRO E 144 -63.00 -1.88 57.89
C PRO E 144 -62.09 -3.11 57.78
N GLN E 145 -60.98 -3.06 58.51
CA GLN E 145 -60.00 -4.15 58.51
C GLN E 145 -59.38 -4.34 59.88
N LEU E 146 -59.10 -5.60 60.20
CA LEU E 146 -58.47 -5.98 61.46
C LEU E 146 -57.30 -6.91 61.17
N PHE E 147 -56.13 -6.58 61.71
CA PHE E 147 -54.93 -7.39 61.51
C PHE E 147 -54.33 -7.85 62.83
N HIS E 148 -53.60 -8.96 62.78
CA HIS E 148 -52.94 -9.49 63.96
C HIS E 148 -51.47 -9.73 63.67
N MET E 149 -50.62 -9.37 64.63
CA MET E 149 -49.18 -9.56 64.48
C MET E 149 -48.54 -10.07 65.78
N ASP E 150 -47.62 -11.02 65.63
CA ASP E 150 -46.91 -11.61 66.75
C ASP E 150 -45.40 -11.41 66.56
N PRO E 151 -44.60 -11.58 67.63
CA PRO E 151 -43.14 -11.40 67.57
C PRO E 151 -42.43 -12.09 66.41
N SER E 152 -43.06 -13.07 65.78
CA SER E 152 -42.46 -13.75 64.63
C SER E 152 -42.43 -12.83 63.42
N GLY E 153 -43.26 -11.80 63.46
CA GLY E 153 -43.37 -10.86 62.36
C GLY E 153 -44.45 -11.28 61.39
N THR E 154 -44.97 -12.48 61.57
CA THR E 154 -46.07 -12.97 60.75
C THR E 154 -47.33 -12.18 61.08
N PHE E 155 -47.83 -11.43 60.09
CA PHE E 155 -49.06 -10.68 60.29
C PHE E 155 -50.14 -11.19 59.36
N VAL E 156 -51.37 -11.25 59.85
CA VAL E 156 -52.47 -11.76 59.04
C VAL E 156 -53.82 -11.10 59.39
N GLN E 157 -54.68 -10.96 58.40
CA GLN E 157 -55.98 -10.34 58.60
C GLN E 157 -56.93 -11.29 59.31
N CYS E 158 -57.74 -10.75 60.21
CA CYS E 158 -58.70 -11.54 60.96
C CYS E 158 -60.06 -10.86 60.95
N ASP E 159 -61.12 -11.65 60.94
CA ASP E 159 -62.47 -11.11 61.05
C ASP E 159 -62.80 -10.86 62.53
N ALA E 160 -62.27 -11.73 63.38
CA ALA E 160 -62.37 -11.57 64.82
C ALA E 160 -61.21 -12.31 65.46
N ARG E 161 -60.56 -11.69 66.43
CA ARG E 161 -59.35 -12.26 67.01
C ARG E 161 -59.13 -11.86 68.46
N ALA E 162 -58.66 -12.79 69.27
CA ALA E 162 -58.35 -12.52 70.66
C ALA E 162 -56.88 -12.86 70.95
N ILE E 163 -56.20 -11.94 71.63
CA ILE E 163 -54.81 -12.16 72.02
C ILE E 163 -54.68 -12.01 73.53
N GLY E 164 -53.66 -12.63 74.10
CA GLY E 164 -53.41 -12.50 75.53
C GLY E 164 -53.47 -13.82 76.30
N SER E 165 -53.64 -13.71 77.60
CA SER E 165 -53.64 -14.87 78.49
C SER E 165 -54.82 -15.80 78.21
N ALA E 166 -56.00 -15.22 78.06
CA ALA E 166 -57.21 -16.01 77.80
C ALA E 166 -57.47 -16.14 76.31
N SER E 167 -56.39 -16.29 75.53
CA SER E 167 -56.48 -16.32 74.08
C SER E 167 -57.40 -17.41 73.54
N GLU E 168 -57.13 -18.66 73.92
CA GLU E 168 -57.86 -19.81 73.38
C GLU E 168 -59.36 -19.78 73.66
N GLY E 169 -59.72 -19.65 74.93
CA GLY E 169 -61.11 -19.62 75.34
C GLY E 169 -61.89 -18.50 74.68
N ALA E 170 -61.31 -17.31 74.69
CA ALA E 170 -61.94 -16.14 74.08
C ALA E 170 -62.07 -16.31 72.56
N GLN E 171 -61.13 -17.04 71.97
CA GLN E 171 -61.18 -17.30 70.54
C GLN E 171 -62.31 -18.27 70.20
N SER E 172 -62.49 -19.28 71.05
CA SER E 172 -63.59 -20.22 70.89
C SER E 172 -64.93 -19.48 71.01
N SER E 173 -65.06 -18.71 72.08
CA SER E 173 -66.25 -17.91 72.32
C SER E 173 -66.51 -16.94 71.18
N LEU E 174 -65.43 -16.48 70.54
CA LEU E 174 -65.55 -15.61 69.37
C LEU E 174 -66.09 -16.38 68.17
N GLN E 175 -65.57 -17.60 67.96
CA GLN E 175 -66.01 -18.42 66.85
C GLN E 175 -67.48 -18.79 66.99
N GLU E 176 -67.95 -18.91 68.23
CA GLU E 176 -69.34 -19.26 68.48
C GLU E 176 -70.34 -18.15 68.13
N VAL E 177 -69.88 -16.90 68.12
CA VAL E 177 -70.80 -15.78 67.95
C VAL E 177 -70.53 -14.88 66.74
N TYR E 178 -69.57 -15.26 65.89
CA TYR E 178 -69.25 -14.42 64.75
C TYR E 178 -69.83 -14.90 63.43
N HIS E 179 -70.60 -14.02 62.79
CA HIS E 179 -71.00 -14.21 61.40
C HIS E 179 -70.67 -12.93 60.64
N LYS E 180 -70.16 -13.07 59.43
CA LYS E 180 -69.65 -11.93 58.66
C LYS E 180 -70.73 -10.93 58.25
N SER E 181 -71.53 -10.48 59.22
CA SER E 181 -72.61 -9.54 58.95
C SER E 181 -73.18 -8.93 60.23
N MET E 182 -72.43 -9.06 61.32
CA MET E 182 -72.83 -8.47 62.60
C MET E 182 -72.92 -6.96 62.50
N THR E 183 -73.71 -6.34 63.36
CA THR E 183 -73.70 -4.89 63.49
C THR E 183 -72.61 -4.54 64.50
N LEU E 184 -72.17 -3.29 64.49
CA LEU E 184 -71.08 -2.87 65.37
C LEU E 184 -71.48 -3.01 66.84
N LYS E 185 -72.73 -2.71 67.14
CA LYS E 185 -73.25 -2.85 68.50
C LYS E 185 -73.16 -4.31 68.96
N GLU E 186 -73.48 -5.23 68.06
CA GLU E 186 -73.38 -6.65 68.35
C GLU E 186 -71.93 -7.06 68.64
N ALA E 187 -71.01 -6.49 67.87
CA ALA E 187 -69.59 -6.77 68.04
C ALA E 187 -69.08 -6.28 69.40
N ILE E 188 -69.42 -5.04 69.74
CA ILE E 188 -69.05 -4.48 71.03
C ILE E 188 -69.63 -5.30 72.18
N LYS E 189 -70.91 -5.62 72.07
CA LYS E 189 -71.60 -6.41 73.07
C LYS E 189 -70.91 -7.75 73.29
N SER E 190 -70.69 -8.48 72.19
CA SER E 190 -70.04 -9.79 72.25
C SER E 190 -68.64 -9.68 72.87
N SER E 191 -67.90 -8.68 72.45
CA SER E 191 -66.56 -8.42 72.96
C SER E 191 -66.58 -8.27 74.48
N LEU E 192 -67.46 -7.40 74.96
CA LEU E 192 -67.55 -7.16 76.40
C LEU E 192 -68.04 -8.39 77.16
N ILE E 193 -68.90 -9.18 76.54
CA ILE E 193 -69.38 -10.41 77.15
C ILE E 193 -68.25 -11.40 77.36
N ILE E 194 -67.54 -11.71 76.28
CA ILE E 194 -66.41 -12.64 76.34
C ILE E 194 -65.35 -12.12 77.31
N LEU E 195 -65.16 -10.81 77.31
CA LEU E 195 -64.22 -10.17 78.22
C LEU E 195 -64.63 -10.43 79.68
N LYS E 196 -65.90 -10.21 79.98
CA LYS E 196 -66.44 -10.46 81.32
C LYS E 196 -66.26 -11.92 81.71
N GLN E 197 -66.42 -12.82 80.75
CA GLN E 197 -66.25 -14.24 80.99
C GLN E 197 -64.81 -14.55 81.40
N VAL E 198 -63.85 -14.09 80.59
CA VAL E 198 -62.45 -14.47 80.79
C VAL E 198 -61.74 -13.71 81.91
N MET E 199 -62.22 -12.50 82.23
CA MET E 199 -61.60 -11.69 83.27
C MET E 199 -61.83 -12.28 84.66
N GLU E 200 -60.84 -12.14 85.53
CA GLU E 200 -60.94 -12.61 86.90
C GLU E 200 -61.64 -11.59 87.79
N GLU E 201 -61.52 -10.31 87.41
CA GLU E 201 -62.17 -9.25 88.16
C GLU E 201 -63.54 -8.92 87.55
N LYS E 202 -64.40 -8.30 88.35
CA LYS E 202 -65.73 -7.93 87.90
C LYS E 202 -65.65 -6.82 86.87
N LEU E 203 -66.18 -7.07 85.68
CA LEU E 203 -66.12 -6.11 84.58
C LEU E 203 -66.92 -4.85 84.87
N ASN E 204 -66.23 -3.70 84.85
CA ASN E 204 -66.88 -2.41 85.05
C ASN E 204 -66.34 -1.34 84.10
N ALA E 205 -66.76 -0.10 84.32
CA ALA E 205 -66.44 0.99 83.42
C ALA E 205 -65.01 1.49 83.57
N THR E 206 -64.32 1.07 84.63
CA THR E 206 -62.95 1.48 84.86
C THR E 206 -62.00 0.30 84.80
N ASN E 207 -62.53 -0.86 84.42
CA ASN E 207 -61.74 -2.09 84.38
C ASN E 207 -61.16 -2.37 83.00
N ILE E 208 -61.77 -1.79 81.97
CA ILE E 208 -61.37 -2.05 80.60
C ILE E 208 -61.34 -0.78 79.76
N GLU E 209 -60.94 -0.94 78.49
CA GLU E 209 -61.10 0.13 77.52
C GLU E 209 -61.53 -0.42 76.17
N LEU E 210 -62.40 0.32 75.50
CA LEU E 210 -62.99 -0.09 74.23
C LEU E 210 -62.89 1.09 73.26
N ALA E 211 -62.59 0.80 72.00
CA ALA E 211 -62.48 1.83 70.99
C ALA E 211 -62.96 1.32 69.63
N THR E 212 -63.54 2.22 68.83
CA THR E 212 -64.04 1.82 67.52
C THR E 212 -63.54 2.74 66.41
N VAL E 213 -63.36 2.16 65.23
CA VAL E 213 -63.02 2.92 64.03
C VAL E 213 -64.00 2.57 62.92
N GLN E 214 -64.82 3.53 62.55
CA GLN E 214 -65.88 3.30 61.56
C GLN E 214 -65.74 4.20 60.33
N PRO E 215 -66.24 3.75 59.17
CA PRO E 215 -66.13 4.47 57.90
C PRO E 215 -66.49 5.96 57.97
N GLY E 216 -67.41 6.34 58.85
CA GLY E 216 -67.85 7.72 58.94
C GLY E 216 -67.27 8.51 60.09
N GLN E 217 -66.67 7.81 61.06
CA GLN E 217 -66.16 8.47 62.26
C GLN E 217 -64.72 8.06 62.56
N ASN E 218 -63.91 9.02 63.01
CA ASN E 218 -62.52 8.76 63.34
C ASN E 218 -62.35 7.76 64.48
N PHE E 219 -61.09 7.50 64.82
CA PHE E 219 -60.77 6.66 65.98
C PHE E 219 -61.39 7.26 67.22
N HIS E 220 -62.22 6.48 67.91
CA HIS E 220 -62.90 6.97 69.10
C HIS E 220 -62.69 6.07 70.30
N MET E 221 -62.08 6.62 71.34
CA MET E 221 -61.93 5.92 72.60
C MET E 221 -63.18 6.14 73.45
N PHE E 222 -63.84 5.04 73.82
CA PHE E 222 -65.08 5.12 74.60
C PHE E 222 -64.84 5.73 75.99
N THR E 223 -65.60 6.77 76.30
CA THR E 223 -65.52 7.42 77.60
C THR E 223 -66.18 6.56 78.66
N LYS E 224 -66.10 7.00 79.91
CA LYS E 224 -66.68 6.25 81.03
C LYS E 224 -68.18 6.04 80.85
N GLU E 225 -68.88 7.12 80.49
CA GLU E 225 -70.33 7.09 80.34
C GLU E 225 -70.79 6.12 79.25
N GLU E 226 -70.13 6.17 78.10
CA GLU E 226 -70.46 5.30 76.98
C GLU E 226 -70.21 3.84 77.32
N LEU E 227 -69.07 3.61 77.97
CA LEU E 227 -68.72 2.28 78.48
C LEU E 227 -69.84 1.77 79.39
N GLU E 228 -70.30 2.62 80.31
CA GLU E 228 -71.40 2.27 81.19
C GLU E 228 -72.66 1.94 80.40
N GLU E 229 -72.93 2.71 79.36
CA GLU E 229 -74.14 2.53 78.58
C GLU E 229 -74.10 1.27 77.72
N VAL E 230 -72.91 0.73 77.50
CA VAL E 230 -72.83 -0.57 76.83
C VAL E 230 -72.84 -1.72 77.84
N ILE E 231 -72.18 -1.52 78.98
CA ILE E 231 -72.16 -2.50 80.06
C ILE E 231 -73.57 -2.66 80.66
N LYS E 232 -74.34 -1.60 80.59
CA LYS E 232 -75.74 -1.58 81.05
C LYS E 232 -76.50 -2.81 80.56
N ASP E 233 -76.61 -2.95 79.24
CA ASP E 233 -77.26 -4.10 78.64
C ASP E 233 -76.33 -5.31 78.67
N ILE E 234 -75.98 -5.74 79.88
CA ILE E 234 -75.04 -6.84 80.09
C ILE E 234 -75.58 -8.15 79.51
N ASN F 1 -24.57 -32.14 70.40
CA ASN F 1 -25.16 -31.13 71.27
C ASN F 1 -24.23 -29.92 71.44
N GLN F 2 -22.94 -30.16 71.24
CA GLN F 2 -21.94 -29.11 71.38
C GLN F 2 -21.63 -28.46 70.04
N TYR F 3 -22.20 -29.01 68.98
CA TYR F 3 -22.00 -28.47 67.63
C TYR F 3 -23.32 -27.97 67.06
N ASP F 4 -24.27 -27.69 67.94
CA ASP F 4 -25.64 -27.41 67.53
C ASP F 4 -25.97 -25.93 67.39
N ASN F 5 -25.32 -25.08 68.18
CA ASN F 5 -25.80 -23.72 68.37
C ASN F 5 -25.12 -22.60 67.57
N ASP F 6 -24.09 -22.94 66.81
CA ASP F 6 -23.40 -21.93 66.00
C ASP F 6 -23.21 -22.38 64.57
N VAL F 7 -23.34 -21.42 63.64
CA VAL F 7 -23.25 -21.71 62.23
C VAL F 7 -21.80 -21.77 61.77
N THR F 8 -20.89 -21.42 62.66
CA THR F 8 -19.46 -21.45 62.34
C THR F 8 -18.78 -22.69 62.89
N VAL F 9 -19.57 -23.62 63.40
CA VAL F 9 -19.01 -24.83 64.00
C VAL F 9 -19.31 -26.08 63.18
N TRP F 10 -18.26 -26.65 62.58
CA TRP F 10 -18.39 -27.91 61.86
C TRP F 10 -18.53 -29.04 62.87
N SER F 11 -19.36 -30.01 62.54
CA SER F 11 -19.45 -31.24 63.33
C SER F 11 -18.28 -32.13 62.93
N PRO F 12 -17.91 -33.08 63.79
CA PRO F 12 -16.81 -34.00 63.44
C PRO F 12 -17.16 -34.88 62.23
N GLN F 13 -18.42 -34.88 61.83
CA GLN F 13 -18.87 -35.66 60.69
C GLN F 13 -18.93 -34.81 59.42
N GLY F 14 -18.38 -33.62 59.49
CA GLY F 14 -18.35 -32.71 58.35
C GLY F 14 -19.70 -32.11 58.02
N ARG F 15 -20.44 -31.75 59.05
CA ARG F 15 -21.77 -31.17 58.89
C ARG F 15 -21.95 -29.90 59.72
N ILE F 16 -22.89 -29.06 59.32
CA ILE F 16 -23.23 -27.86 60.08
C ILE F 16 -24.68 -27.93 60.53
N HIS F 17 -24.88 -28.19 61.81
CA HIS F 17 -26.22 -28.47 62.33
C HIS F 17 -27.17 -27.28 62.26
N GLN F 18 -26.66 -26.06 62.43
CA GLN F 18 -27.51 -24.88 62.37
C GLN F 18 -28.12 -24.70 60.99
N ILE F 19 -27.35 -25.03 59.95
CA ILE F 19 -27.83 -24.97 58.58
C ILE F 19 -28.99 -25.95 58.37
N GLU F 20 -28.82 -27.17 58.86
CA GLU F 20 -29.85 -28.20 58.71
C GLU F 20 -31.11 -27.87 59.51
N TYR F 21 -30.90 -27.34 60.71
CA TYR F 21 -32.00 -26.89 61.56
C TYR F 21 -32.76 -25.78 60.84
N ALA F 22 -32.03 -24.94 60.12
CA ALA F 22 -32.65 -23.89 59.32
C ALA F 22 -33.42 -24.51 58.15
N MET F 23 -32.89 -25.60 57.60
CA MET F 23 -33.55 -26.31 56.51
C MET F 23 -34.89 -26.86 56.99
N GLU F 24 -34.94 -27.27 58.25
CA GLU F 24 -36.18 -27.80 58.83
C GLU F 24 -37.31 -26.77 58.90
N ALA F 25 -36.95 -25.49 58.78
CA ALA F 25 -37.94 -24.42 58.86
C ALA F 25 -38.85 -24.41 57.64
N VAL F 26 -38.34 -24.89 56.51
CA VAL F 26 -39.08 -24.93 55.26
C VAL F 26 -40.25 -25.90 55.37
N LYS F 27 -40.01 -27.01 56.05
CA LYS F 27 -41.02 -28.06 56.20
C LYS F 27 -42.11 -27.66 57.19
N GLN F 28 -41.88 -26.58 57.93
CA GLN F 28 -42.84 -26.11 58.93
C GLN F 28 -43.99 -25.33 58.30
N GLY F 29 -43.79 -24.85 57.09
CA GLY F 29 -44.81 -24.07 56.40
C GLY F 29 -45.71 -24.92 55.55
N SER F 30 -46.76 -24.31 54.99
CA SER F 30 -47.69 -25.02 54.10
C SER F 30 -47.06 -25.30 52.74
N ALA F 31 -47.42 -26.43 52.14
CA ALA F 31 -46.78 -26.88 50.91
C ALA F 31 -47.07 -25.98 49.72
N THR F 32 -46.18 -26.00 48.74
CA THR F 32 -46.35 -25.24 47.51
C THR F 32 -45.71 -25.93 46.30
N VAL F 33 -46.28 -25.70 45.13
CA VAL F 33 -45.85 -26.40 43.92
C VAL F 33 -45.47 -25.40 42.82
N GLY F 34 -44.47 -25.75 42.03
CA GLY F 34 -44.07 -24.94 40.90
C GLY F 34 -43.74 -25.80 39.69
N LEU F 35 -44.28 -25.43 38.54
CA LEU F 35 -43.99 -26.17 37.31
C LEU F 35 -44.00 -25.26 36.09
N LYS F 36 -43.29 -25.68 35.05
CA LYS F 36 -43.22 -24.89 33.82
C LYS F 36 -43.56 -25.72 32.59
N SER F 37 -44.24 -25.09 31.63
CA SER F 37 -44.48 -25.71 30.34
C SER F 37 -43.31 -25.38 29.42
N LYS F 38 -43.61 -24.77 28.28
CA LYS F 38 -42.58 -24.28 27.39
C LYS F 38 -42.83 -22.80 27.12
N THR F 39 -43.97 -22.32 27.60
CA THR F 39 -44.37 -20.94 27.41
C THR F 39 -44.74 -20.27 28.72
N HIS F 40 -45.12 -21.07 29.71
CA HIS F 40 -45.58 -20.53 30.99
C HIS F 40 -44.90 -21.15 32.21
N ALA F 41 -44.73 -20.33 33.24
CA ALA F 41 -44.28 -20.78 34.54
C ALA F 41 -45.39 -20.52 35.55
N VAL F 42 -45.66 -21.55 36.37
CA VAL F 42 -46.81 -21.54 37.27
C VAL F 42 -46.46 -21.95 38.70
N LEU F 43 -46.91 -21.13 39.64
CA LEU F 43 -46.81 -21.44 41.06
C LEU F 43 -48.21 -21.64 41.60
N VAL F 44 -48.41 -22.73 42.33
CA VAL F 44 -49.66 -22.99 42.99
C VAL F 44 -49.37 -23.18 44.48
N ALA F 45 -50.00 -22.38 45.32
CA ALA F 45 -49.69 -22.42 46.74
C ALA F 45 -50.92 -22.69 47.60
N LEU F 46 -50.76 -23.61 48.55
CA LEU F 46 -51.81 -23.90 49.51
C LEU F 46 -51.70 -22.95 50.71
N LYS F 47 -52.60 -21.99 50.77
CA LYS F 47 -52.62 -21.04 51.88
C LYS F 47 -53.15 -21.72 53.14
N ARG F 48 -52.57 -21.36 54.28
CA ARG F 48 -52.95 -21.95 55.56
C ARG F 48 -53.65 -20.90 56.43
N ALA F 49 -54.55 -21.36 57.29
CA ALA F 49 -55.27 -20.46 58.20
C ALA F 49 -55.13 -20.93 59.65
N GLN F 50 -54.98 -19.97 60.56
CA GLN F 50 -54.90 -20.26 61.98
C GLN F 50 -56.24 -20.80 62.46
N SER F 51 -57.22 -19.91 62.56
CA SER F 51 -58.59 -20.31 62.85
C SER F 51 -59.46 -20.00 61.63
N GLU F 52 -60.74 -20.33 61.72
CA GLU F 52 -61.68 -20.08 60.63
C GLU F 52 -62.03 -18.60 60.53
N LEU F 53 -61.67 -17.83 61.55
CA LEU F 53 -61.94 -16.40 61.57
C LEU F 53 -60.77 -15.59 61.06
N ALA F 54 -59.65 -16.26 60.84
CA ALA F 54 -58.45 -15.60 60.31
C ALA F 54 -58.30 -15.87 58.82
N ALA F 55 -58.00 -14.83 58.06
CA ALA F 55 -57.77 -14.98 56.62
C ALA F 55 -56.54 -15.84 56.38
N HIS F 56 -56.43 -16.37 55.16
CA HIS F 56 -55.34 -17.28 54.83
C HIS F 56 -54.05 -16.53 54.51
N GLN F 57 -52.94 -17.09 54.96
CA GLN F 57 -51.62 -16.47 54.81
C GLN F 57 -51.20 -16.33 53.35
N LYS F 58 -50.68 -15.16 52.99
CA LYS F 58 -50.14 -14.94 51.65
C LYS F 58 -48.93 -15.84 51.43
N LYS F 59 -48.86 -16.44 50.25
CA LYS F 59 -47.79 -17.39 49.95
C LYS F 59 -47.12 -17.05 48.62
N ILE F 60 -47.77 -16.19 47.84
CA ILE F 60 -47.23 -15.80 46.55
C ILE F 60 -46.98 -14.29 46.49
N LEU F 61 -45.76 -13.91 46.13
CA LEU F 61 -45.36 -12.51 46.13
C LEU F 61 -44.85 -12.04 44.77
N HIS F 62 -45.12 -10.79 44.45
CA HIS F 62 -44.68 -10.21 43.19
C HIS F 62 -43.26 -9.65 43.35
N VAL F 63 -42.38 -9.98 42.42
CA VAL F 63 -41.00 -9.50 42.45
C VAL F 63 -40.77 -8.49 41.33
N ASP F 64 -40.98 -8.93 40.09
CA ASP F 64 -40.91 -8.04 38.93
C ASP F 64 -41.95 -8.50 37.91
N ASN F 65 -42.14 -7.70 36.86
CA ASN F 65 -43.12 -8.01 35.82
C ASN F 65 -42.93 -9.39 35.20
N HIS F 66 -41.72 -9.92 35.33
CA HIS F 66 -41.40 -11.21 34.74
C HIS F 66 -41.02 -12.26 35.79
N ILE F 67 -41.09 -11.90 37.06
CA ILE F 67 -40.66 -12.80 38.13
C ILE F 67 -41.56 -12.74 39.36
N GLY F 68 -41.97 -13.92 39.84
CA GLY F 68 -42.73 -14.03 41.06
C GLY F 68 -42.24 -15.17 41.91
N ILE F 69 -42.57 -15.18 43.20
CA ILE F 69 -42.09 -16.22 44.10
C ILE F 69 -43.18 -16.81 44.99
N SER F 70 -42.90 -18.02 45.49
CA SER F 70 -43.74 -18.69 46.46
C SER F 70 -42.87 -19.06 47.65
N ILE F 71 -43.31 -18.67 48.85
CA ILE F 71 -42.48 -18.81 50.04
C ILE F 71 -42.84 -20.02 50.91
N ALA F 72 -41.87 -20.49 51.69
CA ALA F 72 -42.09 -21.60 52.61
C ALA F 72 -41.14 -21.52 53.79
N GLY F 73 -41.62 -20.99 54.91
CA GLY F 73 -40.80 -20.83 56.10
C GLY F 73 -41.13 -19.57 56.88
N LEU F 74 -40.11 -18.94 57.45
CA LEU F 74 -40.31 -17.71 58.21
C LEU F 74 -40.72 -16.56 57.30
N THR F 75 -41.90 -16.00 57.55
CA THR F 75 -42.45 -14.96 56.68
C THR F 75 -41.60 -13.68 56.71
N ALA F 76 -40.92 -13.44 57.82
CA ALA F 76 -40.06 -12.26 57.93
C ALA F 76 -38.87 -12.38 57.00
N ASP F 77 -38.17 -13.52 57.08
CA ASP F 77 -37.05 -13.80 56.18
C ASP F 77 -37.52 -13.79 54.74
N ALA F 78 -38.72 -14.31 54.51
CA ALA F 78 -39.32 -14.33 53.18
C ALA F 78 -39.47 -12.91 52.64
N ARG F 79 -40.00 -12.02 53.49
CA ARG F 79 -40.19 -10.63 53.10
C ARG F 79 -38.84 -9.95 52.83
N LEU F 80 -37.85 -10.27 53.66
CA LEU F 80 -36.50 -9.74 53.49
C LEU F 80 -35.95 -10.11 52.11
N LEU F 81 -35.87 -11.42 51.86
CA LEU F 81 -35.37 -11.93 50.59
C LEU F 81 -36.15 -11.38 49.40
N CYS F 82 -37.46 -11.26 49.58
CA CYS F 82 -38.32 -10.73 48.52
C CYS F 82 -37.92 -9.30 48.19
N ASN F 83 -37.81 -8.46 49.22
CA ASN F 83 -37.39 -7.07 49.02
C ASN F 83 -36.02 -6.98 48.38
N PHE F 84 -35.14 -7.92 48.71
CA PHE F 84 -33.83 -7.98 48.10
C PHE F 84 -33.94 -8.23 46.59
N MET F 85 -34.73 -9.24 46.22
CA MET F 85 -34.91 -9.59 44.82
C MET F 85 -35.54 -8.44 44.03
N ARG F 86 -36.57 -7.83 44.62
CA ARG F 86 -37.22 -6.66 44.05
C ARG F 86 -36.20 -5.56 43.79
N GLN F 87 -35.35 -5.32 44.78
CA GLN F 87 -34.34 -4.28 44.67
C GLN F 87 -33.36 -4.57 43.54
N GLU F 88 -32.91 -5.82 43.46
CA GLU F 88 -31.96 -6.20 42.41
C GLU F 88 -32.57 -6.04 41.03
N CYS F 89 -33.84 -6.43 40.90
CA CYS F 89 -34.54 -6.29 39.63
C CYS F 89 -34.67 -4.82 39.23
N LEU F 90 -35.10 -3.99 40.18
CA LEU F 90 -35.19 -2.56 39.94
C LEU F 90 -33.84 -1.97 39.52
N ASP F 91 -32.77 -2.42 40.17
CA ASP F 91 -31.43 -1.97 39.82
C ASP F 91 -31.11 -2.34 38.37
N SER F 92 -31.42 -3.58 38.01
CA SER F 92 -31.15 -4.05 36.65
C SER F 92 -31.90 -3.22 35.61
N ARG F 93 -33.16 -2.89 35.92
CA ARG F 93 -33.95 -2.08 34.98
C ARG F 93 -33.44 -0.65 34.91
N PHE F 94 -33.01 -0.13 36.05
CA PHE F 94 -32.49 1.24 36.12
C PHE F 94 -31.21 1.38 35.31
N VAL F 95 -30.33 0.39 35.42
CA VAL F 95 -29.03 0.44 34.77
C VAL F 95 -29.07 0.05 33.29
N PHE F 96 -29.72 -1.07 32.99
CA PHE F 96 -29.67 -1.62 31.64
C PHE F 96 -30.95 -1.52 30.84
N ASP F 97 -32.03 -1.05 31.49
CA ASP F 97 -33.33 -0.89 30.85
C ASP F 97 -33.89 -2.20 30.29
N ARG F 98 -33.37 -3.32 30.79
CA ARG F 98 -33.84 -4.63 30.41
C ARG F 98 -34.06 -5.46 31.67
N PRO F 99 -35.05 -6.36 31.66
CA PRO F 99 -35.36 -7.16 32.84
C PRO F 99 -34.22 -8.11 33.21
N LEU F 100 -34.00 -8.29 34.51
CA LEU F 100 -32.93 -9.12 35.01
C LEU F 100 -33.19 -10.60 34.74
N PRO F 101 -32.27 -11.26 34.03
CA PRO F 101 -32.33 -12.71 33.78
C PRO F 101 -32.52 -13.46 35.09
N VAL F 102 -33.51 -14.35 35.14
CA VAL F 102 -33.89 -15.02 36.38
C VAL F 102 -32.72 -15.76 37.03
N SER F 103 -31.94 -16.48 36.23
CA SER F 103 -30.84 -17.29 36.72
C SER F 103 -29.82 -16.43 37.49
N ARG F 104 -29.61 -15.22 37.01
CA ARG F 104 -28.68 -14.30 37.65
C ARG F 104 -29.21 -13.82 38.99
N LEU F 105 -30.51 -13.54 39.04
CA LEU F 105 -31.16 -13.15 40.29
C LEU F 105 -31.03 -14.28 41.31
N VAL F 106 -31.25 -15.51 40.86
CA VAL F 106 -31.10 -16.68 41.72
C VAL F 106 -29.66 -16.80 42.23
N SER F 107 -28.69 -16.55 41.34
CA SER F 107 -27.28 -16.56 41.71
C SER F 107 -27.00 -15.54 42.80
N LEU F 108 -27.58 -14.36 42.66
CA LEU F 108 -27.43 -13.31 43.67
C LEU F 108 -28.05 -13.72 45.00
N ILE F 109 -29.19 -14.41 44.93
CA ILE F 109 -29.82 -14.94 46.14
C ILE F 109 -28.88 -15.92 46.84
N GLY F 110 -28.23 -16.77 46.05
CA GLY F 110 -27.26 -17.71 46.57
C GLY F 110 -26.11 -17.00 47.26
N SER F 111 -25.54 -16.02 46.58
CA SER F 111 -24.41 -15.26 47.14
C SER F 111 -24.78 -14.56 48.43
N LYS F 112 -25.94 -13.91 48.46
CA LYS F 112 -26.38 -13.20 49.65
C LYS F 112 -26.64 -14.14 50.81
N THR F 113 -27.38 -15.22 50.56
CA THR F 113 -27.77 -16.16 51.60
C THR F 113 -26.61 -17.01 52.12
N GLN F 114 -25.54 -17.11 51.33
CA GLN F 114 -24.37 -17.89 51.73
C GLN F 114 -23.57 -17.19 52.83
N ILE F 115 -23.52 -15.86 52.77
CA ILE F 115 -22.71 -15.07 53.70
C ILE F 115 -22.97 -15.33 55.19
N PRO F 116 -24.24 -15.30 55.64
CA PRO F 116 -24.43 -15.45 57.08
C PRO F 116 -24.22 -16.88 57.59
N THR F 117 -23.94 -17.82 56.68
CA THR F 117 -23.70 -19.20 57.09
C THR F 117 -22.22 -19.42 57.43
N GLN F 118 -21.44 -18.34 57.44
CA GLN F 118 -20.01 -18.46 57.63
C GLN F 118 -19.48 -17.44 58.64
N ARG F 119 -20.38 -16.67 59.24
CA ARG F 119 -19.98 -15.66 60.21
C ARG F 119 -20.59 -15.91 61.59
N TYR F 120 -19.76 -15.79 62.62
CA TYR F 120 -20.19 -15.98 64.00
C TYR F 120 -21.27 -14.98 64.38
N GLY F 121 -22.31 -15.46 65.05
CA GLY F 121 -23.37 -14.60 65.54
C GLY F 121 -24.44 -14.36 64.49
N ARG F 122 -24.19 -14.84 63.28
CA ARG F 122 -25.15 -14.74 62.19
C ARG F 122 -25.93 -16.04 62.06
N ARG F 123 -26.99 -16.03 61.25
CA ARG F 123 -27.82 -17.20 61.06
C ARG F 123 -28.28 -17.32 59.62
N PRO F 124 -28.53 -18.55 59.15
CA PRO F 124 -29.05 -18.75 57.80
C PRO F 124 -30.46 -18.19 57.66
N TYR F 125 -30.88 -17.93 56.42
CA TYR F 125 -32.23 -17.48 56.15
C TYR F 125 -33.21 -18.64 56.30
N GLY F 126 -34.14 -18.52 57.23
CA GLY F 126 -35.09 -19.60 57.49
C GLY F 126 -36.26 -19.61 56.54
N VAL F 127 -35.97 -19.78 55.25
CA VAL F 127 -37.02 -19.73 54.24
C VAL F 127 -36.61 -20.42 52.94
N GLY F 128 -37.54 -21.15 52.36
CA GLY F 128 -37.34 -21.77 51.06
C GLY F 128 -38.18 -21.06 50.02
N LEU F 129 -37.66 -20.94 48.81
CA LEU F 129 -38.37 -20.21 47.76
C LEU F 129 -38.55 -21.00 46.47
N LEU F 130 -39.70 -20.82 45.85
CA LEU F 130 -39.95 -21.28 44.50
C LEU F 130 -40.08 -20.06 43.59
N ILE F 131 -39.18 -19.94 42.62
CA ILE F 131 -39.16 -18.76 41.77
C ILE F 131 -39.65 -19.07 40.36
N ALA F 132 -40.75 -18.43 39.96
CA ALA F 132 -41.24 -18.57 38.59
C ALA F 132 -40.92 -17.33 37.79
N GLY F 133 -40.28 -17.51 36.64
CA GLY F 133 -39.88 -16.37 35.85
C GLY F 133 -39.90 -16.62 34.34
N TYR F 134 -39.91 -15.57 33.54
CA TYR F 134 -39.79 -15.73 32.10
C TYR F 134 -38.80 -14.73 31.49
N ASP F 135 -37.85 -15.22 30.68
CA ASP F 135 -36.93 -14.37 29.97
C ASP F 135 -36.70 -14.95 28.59
N ASP F 136 -35.70 -14.45 27.87
CA ASP F 136 -35.45 -14.96 26.52
C ASP F 136 -34.67 -16.28 26.54
N MET F 137 -34.85 -17.04 27.61
CA MET F 137 -34.42 -18.42 27.65
C MET F 137 -35.63 -19.28 28.00
N GLY F 138 -36.79 -18.64 28.04
CA GLY F 138 -38.04 -19.32 28.30
C GLY F 138 -38.55 -19.11 29.71
N PRO F 139 -39.44 -20.01 30.16
CA PRO F 139 -39.91 -20.04 31.55
C PRO F 139 -38.88 -20.72 32.44
N HIS F 140 -38.95 -20.46 33.74
CA HIS F 140 -37.99 -20.98 34.71
C HIS F 140 -38.66 -21.18 36.05
N ILE F 141 -38.42 -22.36 36.65
CA ILE F 141 -38.79 -22.62 38.03
C ILE F 141 -37.52 -22.91 38.81
N PHE F 142 -37.22 -22.09 39.79
CA PHE F 142 -36.02 -22.27 40.61
C PHE F 142 -36.39 -22.57 42.06
N GLN F 143 -35.46 -23.17 42.79
CA GLN F 143 -35.70 -23.46 44.19
C GLN F 143 -34.50 -23.00 45.03
N THR F 144 -34.76 -22.22 46.08
CA THR F 144 -33.68 -21.77 46.95
C THR F 144 -33.87 -22.24 48.39
N CYS F 145 -32.81 -22.78 48.97
CA CYS F 145 -32.82 -23.34 50.32
C CYS F 145 -32.05 -22.46 51.30
N PRO F 146 -32.36 -22.57 52.61
CA PRO F 146 -31.61 -21.91 53.68
C PRO F 146 -30.11 -22.21 53.65
N SER F 147 -29.73 -23.32 53.01
CA SER F 147 -28.32 -23.68 52.87
C SER F 147 -27.65 -22.89 51.76
N ALA F 148 -28.38 -21.91 51.22
CA ALA F 148 -27.91 -21.05 50.14
C ALA F 148 -27.63 -21.78 48.83
N ASN F 149 -28.11 -23.02 48.74
CA ASN F 149 -28.01 -23.79 47.52
C ASN F 149 -29.26 -23.57 46.68
N TYR F 150 -29.10 -23.50 45.36
CA TYR F 150 -30.25 -23.30 44.49
C TYR F 150 -30.30 -24.33 43.35
N PHE F 151 -31.51 -24.58 42.86
CA PHE F 151 -31.71 -25.60 41.85
C PHE F 151 -32.59 -25.10 40.70
N ASP F 152 -32.19 -25.42 39.48
CA ASP F 152 -33.01 -25.18 38.31
C ASP F 152 -33.90 -26.40 38.09
N CYS F 153 -35.21 -26.20 38.09
CA CYS F 153 -36.16 -27.30 38.11
C CYS F 153 -37.08 -27.32 36.90
N ARG F 154 -37.55 -28.52 36.59
CA ARG F 154 -38.62 -28.72 35.62
C ARG F 154 -39.92 -28.63 36.38
N ALA F 155 -39.86 -29.14 37.61
CA ALA F 155 -41.01 -29.08 38.53
C ALA F 155 -40.46 -29.25 39.95
N MET F 156 -41.14 -28.70 40.96
CA MET F 156 -40.69 -28.83 42.33
C MET F 156 -41.79 -28.57 43.36
N SER F 157 -41.64 -29.19 44.52
CA SER F 157 -42.52 -28.91 45.65
C SER F 157 -41.76 -28.86 46.96
N ILE F 158 -42.10 -27.87 47.78
CA ILE F 158 -41.44 -27.72 49.07
C ILE F 158 -42.45 -27.51 50.19
N GLY F 159 -42.12 -28.05 51.37
CA GLY F 159 -42.87 -27.83 52.58
C GLY F 159 -43.53 -29.04 53.22
N ALA F 160 -44.55 -28.77 54.04
CA ALA F 160 -45.21 -29.83 54.79
C ALA F 160 -45.90 -30.84 53.88
N ARG F 161 -45.49 -32.11 54.00
CA ARG F 161 -46.06 -33.21 53.22
C ARG F 161 -45.93 -32.99 51.71
N SER F 162 -44.90 -32.28 51.30
CA SER F 162 -44.68 -31.97 49.89
C SER F 162 -44.16 -33.18 49.12
N GLN F 163 -43.85 -34.25 49.84
CA GLN F 163 -43.35 -35.48 49.24
C GLN F 163 -44.35 -36.07 48.25
N SER F 164 -45.63 -35.99 48.59
CA SER F 164 -46.71 -36.47 47.73
C SER F 164 -46.72 -35.71 46.41
N ALA F 165 -46.65 -34.39 46.51
CA ALA F 165 -46.63 -33.52 45.35
C ALA F 165 -45.42 -33.82 44.46
N ARG F 166 -44.27 -34.03 45.10
CA ARG F 166 -43.05 -34.37 44.38
C ARG F 166 -43.24 -35.67 43.60
N THR F 167 -43.75 -36.69 44.29
CA THR F 167 -44.03 -37.99 43.68
C THR F 167 -44.97 -37.85 42.49
N TYR F 168 -45.98 -36.99 42.62
CA TYR F 168 -46.90 -36.74 41.52
C TYR F 168 -46.20 -36.12 40.32
N LEU F 169 -45.52 -35.00 40.55
CA LEU F 169 -44.84 -34.25 39.49
C LEU F 169 -43.84 -35.11 38.72
N GLU F 170 -43.14 -35.96 39.45
CA GLU F 170 -42.10 -36.81 38.87
C GLU F 170 -42.67 -37.77 37.82
N ARG F 171 -43.98 -37.98 37.84
CA ARG F 171 -44.65 -38.85 36.88
C ARG F 171 -45.11 -38.08 35.64
N HIS F 172 -45.38 -36.79 35.80
CA HIS F 172 -45.97 -35.99 34.73
C HIS F 172 -45.02 -34.95 34.13
N MET F 173 -43.74 -35.04 34.51
CA MET F 173 -42.70 -34.21 33.90
C MET F 173 -42.79 -34.21 32.38
N SER F 174 -42.90 -35.40 31.80
CA SER F 174 -42.93 -35.57 30.35
C SER F 174 -44.13 -34.87 29.73
N GLU F 175 -45.24 -34.83 30.46
CA GLU F 175 -46.45 -34.18 29.98
C GLU F 175 -46.31 -32.65 30.04
N PHE F 176 -45.64 -32.17 31.09
CA PHE F 176 -45.54 -30.73 31.37
C PHE F 176 -45.12 -29.83 30.19
N MET F 177 -44.09 -30.24 29.45
CA MET F 177 -43.49 -29.40 28.43
C MET F 177 -44.42 -28.99 27.28
N GLU F 178 -45.53 -29.70 27.12
CA GLU F 178 -46.42 -29.45 25.99
C GLU F 178 -47.82 -29.02 26.39
N CYS F 179 -48.11 -29.02 27.69
CA CYS F 179 -49.42 -28.61 28.19
C CYS F 179 -49.72 -27.16 27.85
N ASN F 180 -50.99 -26.86 27.66
CA ASN F 180 -51.42 -25.46 27.61
C ASN F 180 -51.50 -24.95 29.04
N LEU F 181 -51.80 -23.67 29.21
CA LEU F 181 -51.79 -23.04 30.53
C LEU F 181 -52.76 -23.73 31.50
N ASN F 182 -53.97 -24.00 31.04
CA ASN F 182 -54.99 -24.58 31.90
C ASN F 182 -54.60 -25.97 32.39
N GLU F 183 -54.02 -26.78 31.51
CA GLU F 183 -53.56 -28.11 31.87
C GLU F 183 -52.39 -28.06 32.85
N LEU F 184 -51.53 -27.06 32.66
CA LEU F 184 -50.38 -26.86 33.54
C LEU F 184 -50.84 -26.51 34.96
N VAL F 185 -51.74 -25.54 35.05
CA VAL F 185 -52.33 -25.17 36.34
C VAL F 185 -53.07 -26.35 36.96
N LYS F 186 -53.73 -27.15 36.11
CA LYS F 186 -54.39 -28.37 36.57
C LYS F 186 -53.40 -29.28 37.27
N HIS F 187 -52.34 -29.63 36.56
CA HIS F 187 -51.29 -30.50 37.10
C HIS F 187 -50.74 -29.95 38.43
N GLY F 188 -50.51 -28.64 38.46
CA GLY F 188 -50.05 -27.99 39.67
C GLY F 188 -51.01 -28.18 40.83
N LEU F 189 -52.31 -28.04 40.52
CA LEU F 189 -53.35 -28.16 41.54
C LEU F 189 -53.49 -29.59 42.04
N ARG F 190 -53.29 -30.56 41.16
CA ARG F 190 -53.34 -31.97 41.55
C ARG F 190 -52.16 -32.32 42.44
N ALA F 191 -50.98 -31.88 42.03
CA ALA F 191 -49.78 -32.05 42.84
C ALA F 191 -49.98 -31.45 44.22
N LEU F 192 -50.52 -30.23 44.26
CA LEU F 192 -50.76 -29.55 45.53
C LEU F 192 -51.76 -30.30 46.40
N ARG F 193 -52.84 -30.78 45.80
CA ARG F 193 -53.90 -31.45 46.54
C ARG F 193 -53.46 -32.83 47.02
N GLU F 194 -52.45 -33.41 46.38
CA GLU F 194 -51.89 -34.68 46.82
C GLU F 194 -51.34 -34.62 48.25
N THR F 195 -51.04 -33.41 48.70
CA THR F 195 -50.47 -33.20 50.03
C THR F 195 -51.55 -32.98 51.08
N LEU F 196 -52.70 -33.63 50.87
CA LEU F 196 -53.83 -33.49 51.78
C LEU F 196 -54.52 -34.83 52.00
N PRO F 197 -54.96 -35.08 53.25
CA PRO F 197 -55.79 -36.25 53.54
C PRO F 197 -57.11 -36.13 52.79
N ALA F 198 -57.79 -37.26 52.56
CA ALA F 198 -58.99 -37.27 51.74
C ALA F 198 -60.18 -36.53 52.35
N GLU F 199 -60.07 -36.17 53.62
CA GLU F 199 -61.15 -35.47 54.31
C GLU F 199 -61.19 -33.98 53.93
N GLN F 200 -60.15 -33.52 53.27
CA GLN F 200 -60.06 -32.12 52.85
C GLN F 200 -59.52 -32.01 51.43
N ASP F 201 -59.93 -30.97 50.71
CA ASP F 201 -59.43 -30.73 49.37
C ASP F 201 -59.31 -29.24 49.08
N LEU F 202 -58.97 -28.91 47.84
CA LEU F 202 -58.75 -27.53 47.43
C LEU F 202 -60.03 -26.70 47.47
N THR F 203 -59.87 -25.41 47.78
CA THR F 203 -61.00 -24.49 47.86
C THR F 203 -60.54 -23.12 47.34
N THR F 204 -61.49 -22.27 46.99
CA THR F 204 -61.17 -20.93 46.54
C THR F 204 -60.66 -20.08 47.70
N LYS F 205 -60.89 -20.56 48.92
CA LYS F 205 -60.48 -19.83 50.11
C LYS F 205 -59.06 -20.16 50.53
N ASN F 206 -58.53 -21.29 50.08
CA ASN F 206 -57.21 -21.73 50.53
C ASN F 206 -56.24 -22.08 49.40
N VAL F 207 -56.47 -21.54 48.21
CA VAL F 207 -55.57 -21.78 47.09
C VAL F 207 -55.19 -20.48 46.38
N SER F 208 -53.90 -20.29 46.15
CA SER F 208 -53.43 -19.13 45.39
C SER F 208 -52.64 -19.57 44.16
N ILE F 209 -52.74 -18.78 43.10
CA ILE F 209 -52.05 -19.11 41.85
C ILE F 209 -51.25 -17.92 41.34
N GLY F 210 -50.02 -18.18 40.92
CA GLY F 210 -49.19 -17.17 40.29
C GLY F 210 -48.78 -17.63 38.91
N ILE F 211 -49.01 -16.79 37.91
CA ILE F 211 -48.72 -17.17 36.53
C ILE F 211 -47.86 -16.14 35.81
N VAL F 212 -46.79 -16.60 35.16
CA VAL F 212 -46.01 -15.72 34.30
C VAL F 212 -45.74 -16.43 32.97
N GLY F 213 -45.60 -15.69 31.88
CA GLY F 213 -45.35 -16.31 30.59
C GLY F 213 -45.09 -15.35 29.43
N LYS F 214 -44.93 -15.92 28.24
CA LYS F 214 -44.62 -15.16 27.04
C LYS F 214 -45.74 -14.20 26.66
N ASP F 215 -46.95 -14.49 27.11
CA ASP F 215 -48.11 -13.67 26.78
C ASP F 215 -48.70 -13.01 28.02
N LEU F 216 -48.04 -13.16 29.16
CA LEU F 216 -48.61 -12.70 30.42
C LEU F 216 -47.55 -12.33 31.46
N GLU F 217 -47.71 -11.13 32.04
CA GLU F 217 -46.88 -10.71 33.16
C GLU F 217 -47.27 -11.51 34.40
N PHE F 218 -46.44 -11.49 35.42
CA PHE F 218 -46.74 -12.26 36.63
C PHE F 218 -48.00 -11.74 37.32
N THR F 219 -48.99 -12.62 37.46
CA THR F 219 -50.28 -12.25 38.03
C THR F 219 -50.64 -13.20 39.18
N ILE F 220 -51.36 -12.68 40.18
CA ILE F 220 -51.76 -13.48 41.33
C ILE F 220 -53.27 -13.59 41.46
N TYR F 221 -53.77 -14.81 41.35
CA TYR F 221 -55.19 -15.12 41.51
C TYR F 221 -55.42 -15.71 42.90
N ASP F 222 -56.34 -15.11 43.65
CA ASP F 222 -56.49 -15.42 45.08
C ASP F 222 -57.82 -16.06 45.48
N ASP F 223 -58.93 -15.40 45.17
CA ASP F 223 -60.23 -15.87 45.62
C ASP F 223 -61.15 -16.31 44.48
N ASP F 224 -62.08 -15.43 44.10
CA ASP F 224 -63.03 -15.75 43.04
C ASP F 224 -62.35 -15.93 41.69
N ASP F 225 -61.10 -15.48 41.60
CA ASP F 225 -60.34 -15.56 40.36
C ASP F 225 -59.65 -16.92 40.22
N VAL F 226 -59.77 -17.74 41.26
CA VAL F 226 -59.17 -19.08 41.25
C VAL F 226 -60.18 -20.09 40.73
N SER F 227 -61.46 -19.81 40.96
CA SER F 227 -62.54 -20.69 40.51
C SER F 227 -62.46 -21.19 39.05
N PRO F 228 -62.12 -20.32 38.09
CA PRO F 228 -61.97 -20.84 36.72
C PRO F 228 -60.91 -21.93 36.56
N PHE F 229 -60.08 -22.13 37.58
CA PHE F 229 -59.05 -23.15 37.53
C PHE F 229 -59.49 -24.41 38.29
N LEU F 230 -60.10 -24.22 39.45
CA LEU F 230 -60.59 -25.34 40.24
C LEU F 230 -61.74 -26.05 39.55
N GLU F 231 -62.65 -25.24 39.00
CA GLU F 231 -63.80 -25.77 38.27
C GLU F 231 -63.36 -26.29 36.91
N GLY F 232 -63.11 -27.59 36.85
CA GLY F 232 -62.58 -28.22 35.66
C GLY F 232 -61.57 -29.28 36.07
N LEU F 233 -61.79 -29.85 37.25
CA LEU F 233 -60.87 -30.83 37.83
C LEU F 233 -61.60 -32.11 38.24
N GLU F 234 -60.86 -33.21 38.26
CA GLU F 234 -61.43 -34.51 38.62
C GLU F 234 -61.95 -34.49 40.06
N GLU F 235 -62.55 -35.59 40.48
CA GLU F 235 -63.10 -35.70 41.83
C GLU F 235 -62.07 -36.28 42.80
N ARG F 236 -60.94 -36.72 42.26
CA ARG F 236 -59.88 -37.31 43.06
C ARG F 236 -60.34 -38.61 43.72
N PRO F 237 -59.37 -39.46 44.06
CA PRO F 237 -59.69 -40.76 44.68
C PRO F 237 -59.54 -40.72 46.20
N GLN F 238 -59.75 -41.86 46.85
CA GLN F 238 -59.64 -41.95 48.29
C GLN F 238 -58.64 -43.04 48.71
N SER G 1 -6.17 -40.22 66.41
CA SER G 1 -6.60 -39.21 65.46
C SER G 1 -8.02 -38.74 65.73
N SER G 2 -8.41 -38.71 67.01
CA SER G 2 -9.75 -38.26 67.36
C SER G 2 -9.85 -37.64 68.75
N ILE G 3 -9.62 -36.34 68.84
CA ILE G 3 -9.76 -35.61 70.09
C ILE G 3 -10.86 -34.56 69.91
N GLY G 4 -11.58 -34.25 70.98
CA GLY G 4 -12.69 -33.32 70.91
C GLY G 4 -13.28 -32.96 72.26
N THR G 5 -12.50 -32.25 73.08
CA THR G 5 -12.98 -31.83 74.40
C THR G 5 -12.94 -30.31 74.50
N GLY G 6 -13.55 -29.66 73.52
CA GLY G 6 -13.53 -28.21 73.44
C GLY G 6 -12.43 -27.71 72.53
N TYR G 7 -11.46 -28.59 72.23
CA TYR G 7 -10.35 -28.23 71.38
C TYR G 7 -10.73 -28.25 69.90
N ASP G 8 -11.96 -28.66 69.61
CA ASP G 8 -12.40 -28.80 68.21
C ASP G 8 -13.59 -27.90 67.87
N LEU G 9 -13.78 -26.83 68.63
CA LEU G 9 -14.92 -25.95 68.42
C LEU G 9 -14.57 -24.64 67.72
N SER G 10 -13.30 -24.45 67.40
CA SER G 10 -12.86 -23.20 66.79
C SER G 10 -11.57 -23.35 65.98
N ALA G 11 -11.38 -22.46 65.02
CA ALA G 11 -10.16 -22.43 64.23
C ALA G 11 -9.09 -21.61 64.92
N SER G 12 -9.49 -20.90 65.98
CA SER G 12 -8.57 -20.09 66.76
C SER G 12 -7.99 -20.90 67.91
N THR G 13 -8.34 -22.18 67.95
CA THR G 13 -7.92 -23.04 69.04
C THR G 13 -7.17 -24.28 68.55
N PHE G 14 -5.91 -24.41 68.97
CA PHE G 14 -5.12 -25.59 68.65
C PHE G 14 -5.50 -26.77 69.54
N SER G 15 -5.30 -27.97 69.03
CA SER G 15 -5.44 -29.17 69.84
C SER G 15 -4.14 -29.37 70.59
N PRO G 16 -4.17 -30.14 71.69
CA PRO G 16 -2.94 -30.37 72.46
C PRO G 16 -1.84 -31.07 71.65
N ASP G 17 -2.22 -31.71 70.53
CA ASP G 17 -1.24 -32.33 69.65
C ASP G 17 -0.98 -31.49 68.40
N GLY G 18 -1.36 -30.22 68.46
CA GLY G 18 -1.05 -29.27 67.40
C GLY G 18 -1.86 -29.44 66.13
N ARG G 19 -3.18 -29.52 66.27
CA ARG G 19 -4.06 -29.66 65.12
C ARG G 19 -5.22 -28.69 65.19
N VAL G 20 -5.75 -28.32 64.04
CA VAL G 20 -6.91 -27.45 63.97
C VAL G 20 -8.09 -28.25 63.43
N PHE G 21 -8.85 -28.84 64.34
CA PHE G 21 -9.88 -29.81 63.97
C PHE G 21 -11.01 -29.25 63.11
N GLN G 22 -11.28 -27.95 63.20
CA GLN G 22 -12.32 -27.35 62.39
C GLN G 22 -12.01 -27.48 60.91
N VAL G 23 -10.76 -27.22 60.55
CA VAL G 23 -10.28 -27.37 59.18
C VAL G 23 -10.43 -28.81 58.71
N GLU G 24 -10.03 -29.75 59.57
CA GLU G 24 -10.10 -31.17 59.24
C GLU G 24 -11.54 -31.63 59.06
N TYR G 25 -12.44 -31.08 59.87
CA TYR G 25 -13.86 -31.37 59.76
C TYR G 25 -14.40 -30.86 58.42
N ALA G 26 -13.98 -29.65 58.05
CA ALA G 26 -14.36 -29.10 56.75
C ALA G 26 -13.85 -30.00 55.62
N MET G 27 -12.64 -30.53 55.80
CA MET G 27 -12.06 -31.46 54.85
C MET G 27 -12.89 -32.74 54.77
N LYS G 28 -13.48 -33.12 55.90
CA LYS G 28 -14.32 -34.30 55.94
C LYS G 28 -15.62 -34.03 55.21
N ALA G 29 -16.06 -32.77 55.25
CA ALA G 29 -17.22 -32.34 54.49
C ALA G 29 -16.90 -32.41 53.00
N VAL G 30 -15.65 -32.14 52.65
CA VAL G 30 -15.18 -32.30 51.27
C VAL G 30 -15.20 -33.79 50.89
N GLU G 31 -14.80 -34.64 51.82
CA GLU G 31 -14.71 -36.07 51.58
C GLU G 31 -16.07 -36.73 51.34
N ASN G 32 -17.11 -36.20 51.97
CA ASN G 32 -18.45 -36.75 51.85
C ASN G 32 -19.14 -36.35 50.53
N SER G 33 -18.45 -35.53 49.74
CA SER G 33 -19.02 -35.06 48.49
C SER G 33 -18.64 -35.96 47.32
N SER G 34 -19.43 -35.90 46.26
CA SER G 34 -19.17 -36.70 45.06
C SER G 34 -17.84 -36.31 44.43
N THR G 35 -17.17 -37.30 43.85
CA THR G 35 -15.81 -37.13 43.34
C THR G 35 -15.75 -36.27 42.07
N ALA G 36 -14.80 -35.34 42.06
CA ALA G 36 -14.51 -34.55 40.86
C ALA G 36 -13.03 -34.67 40.54
N ILE G 37 -12.71 -35.04 39.31
CA ILE G 37 -11.32 -35.18 38.90
C ILE G 37 -10.97 -34.18 37.82
N GLY G 38 -9.67 -33.95 37.63
CA GLY G 38 -9.18 -33.07 36.60
C GLY G 38 -7.76 -33.48 36.25
N ILE G 39 -7.47 -33.55 34.96
CA ILE G 39 -6.16 -34.01 34.51
C ILE G 39 -5.58 -33.11 33.42
N ARG G 40 -4.27 -32.89 33.52
CA ARG G 40 -3.55 -32.03 32.59
C ARG G 40 -2.82 -32.83 31.51
N CYS G 41 -3.08 -32.51 30.26
CA CYS G 41 -2.32 -33.10 29.18
C CYS G 41 -1.35 -32.09 28.62
N LYS G 42 -0.59 -32.51 27.64
CA LYS G 42 0.46 -31.68 27.12
C LYS G 42 -0.07 -30.45 26.45
N ASP G 43 -1.35 -30.46 26.10
CA ASP G 43 -1.92 -29.35 25.37
C ASP G 43 -3.16 -28.79 26.04
N GLY G 44 -3.20 -28.86 27.35
CA GLY G 44 -4.32 -28.30 28.10
C GLY G 44 -4.74 -29.07 29.35
N VAL G 45 -5.93 -28.74 29.84
CA VAL G 45 -6.48 -29.34 31.04
C VAL G 45 -7.94 -29.73 30.81
N VAL G 46 -8.30 -30.92 31.29
CA VAL G 46 -9.67 -31.42 31.17
C VAL G 46 -10.26 -31.69 32.56
N PHE G 47 -11.50 -31.24 32.76
CA PHE G 47 -12.19 -31.48 34.02
C PHE G 47 -13.37 -32.43 33.85
N GLY G 48 -13.58 -33.27 34.86
CA GLY G 48 -14.71 -34.18 34.87
C GLY G 48 -15.33 -34.25 36.26
N VAL G 49 -16.65 -34.14 36.32
CA VAL G 49 -17.35 -34.12 37.60
C VAL G 49 -18.49 -35.12 37.66
N GLU G 50 -18.49 -35.93 38.72
CA GLU G 50 -19.58 -36.83 39.03
C GLU G 50 -20.67 -36.06 39.76
N LYS G 51 -21.59 -35.48 39.00
CA LYS G 51 -22.66 -34.68 39.58
C LYS G 51 -23.87 -35.54 39.91
N LEU G 52 -23.94 -35.99 41.16
CA LEU G 52 -25.04 -36.84 41.61
C LEU G 52 -26.38 -36.13 41.46
N VAL G 53 -27.39 -36.87 41.03
CA VAL G 53 -28.73 -36.32 40.86
C VAL G 53 -29.62 -36.72 42.03
N LEU G 54 -30.09 -35.73 42.78
CA LEU G 54 -30.90 -35.95 43.97
C LEU G 54 -32.38 -36.11 43.64
N SER G 55 -32.77 -35.70 42.44
CA SER G 55 -34.16 -35.81 42.00
C SER G 55 -34.29 -35.67 40.48
N LYS G 56 -35.19 -36.45 39.90
CA LYS G 56 -35.46 -36.37 38.47
C LYS G 56 -36.18 -35.08 38.10
N LEU G 57 -36.70 -34.39 39.11
CA LEU G 57 -37.39 -33.12 38.91
C LEU G 57 -36.45 -31.99 38.52
N TYR G 58 -35.17 -32.14 38.87
CA TYR G 58 -34.17 -31.12 38.57
C TYR G 58 -33.81 -31.10 37.09
N GLU G 59 -33.68 -29.89 36.53
CA GLU G 59 -33.28 -29.72 35.14
C GLU G 59 -31.85 -30.22 34.93
N GLU G 60 -31.52 -30.56 33.69
CA GLU G 60 -30.17 -30.95 33.34
C GLU G 60 -29.26 -29.74 33.41
N GLY G 61 -28.07 -29.91 33.97
CA GLY G 61 -27.13 -28.81 34.10
C GLY G 61 -27.36 -27.97 35.32
N SER G 62 -28.29 -28.39 36.17
CA SER G 62 -28.52 -27.71 37.45
C SER G 62 -27.40 -28.06 38.41
N ASN G 63 -27.12 -27.16 39.35
CA ASN G 63 -26.05 -27.36 40.33
C ASN G 63 -24.71 -27.66 39.67
N LYS G 64 -24.30 -26.81 38.75
CA LYS G 64 -23.02 -26.98 38.07
C LYS G 64 -21.86 -26.95 39.06
N ARG G 65 -20.99 -27.94 38.96
CA ARG G 65 -19.81 -27.99 39.79
C ARG G 65 -18.58 -27.63 38.96
N LEU G 66 -18.86 -27.13 37.76
CA LEU G 66 -17.82 -26.59 36.89
C LEU G 66 -18.13 -25.13 36.58
N PHE G 67 -17.17 -24.25 36.91
CA PHE G 67 -17.40 -22.82 36.78
C PHE G 67 -16.40 -22.16 35.85
N ASN G 68 -16.83 -21.05 35.25
CA ASN G 68 -15.91 -20.18 34.52
C ASN G 68 -15.42 -19.05 35.41
N VAL G 69 -14.21 -19.21 35.94
CA VAL G 69 -13.62 -18.21 36.81
C VAL G 69 -13.07 -17.04 35.99
N ASP G 70 -12.41 -17.37 34.89
CA ASP G 70 -11.96 -16.37 33.94
C ASP G 70 -12.07 -16.96 32.54
N ARG G 71 -11.98 -16.12 31.52
CA ARG G 71 -12.11 -16.58 30.15
C ARG G 71 -11.04 -17.61 29.79
N HIS G 72 -9.97 -17.65 30.59
CA HIS G 72 -8.89 -18.62 30.37
C HIS G 72 -8.72 -19.55 31.56
N VAL G 73 -9.61 -19.45 32.54
CA VAL G 73 -9.48 -20.25 33.76
C VAL G 73 -10.79 -20.89 34.19
N GLY G 74 -10.77 -22.21 34.33
CA GLY G 74 -11.93 -22.97 34.78
C GLY G 74 -11.75 -23.52 36.19
N MET G 75 -12.87 -23.82 36.84
CA MET G 75 -12.85 -24.25 38.24
C MET G 75 -13.76 -25.44 38.49
N ALA G 76 -13.18 -26.50 39.07
CA ALA G 76 -13.95 -27.69 39.42
C ALA G 76 -14.03 -27.82 40.94
N VAL G 77 -15.23 -27.93 41.47
CA VAL G 77 -15.41 -27.91 42.92
C VAL G 77 -15.86 -29.23 43.51
N ALA G 78 -15.58 -29.41 44.79
CA ALA G 78 -16.01 -30.59 45.52
C ALA G 78 -16.36 -30.23 46.97
N GLY G 79 -17.63 -30.44 47.34
CA GLY G 79 -18.07 -30.28 48.71
C GLY G 79 -19.30 -29.42 48.88
N LEU G 80 -19.30 -28.65 49.97
CA LEU G 80 -20.43 -27.77 50.24
C LEU G 80 -20.57 -26.72 49.15
N LEU G 81 -21.62 -26.86 48.35
CA LEU G 81 -21.73 -26.13 47.09
C LEU G 81 -21.79 -24.61 47.21
N ALA G 82 -22.51 -24.12 48.21
CA ALA G 82 -22.64 -22.68 48.42
C ALA G 82 -21.29 -22.02 48.66
N ASP G 83 -20.48 -22.63 49.53
CA ASP G 83 -19.13 -22.17 49.78
C ASP G 83 -18.31 -22.17 48.49
N ALA G 84 -18.49 -23.22 47.70
CA ALA G 84 -17.77 -23.35 46.45
C ALA G 84 -18.10 -22.22 45.50
N ARG G 85 -19.37 -21.86 45.46
CA ARG G 85 -19.83 -20.76 44.60
C ARG G 85 -19.29 -19.43 45.08
N SER G 86 -19.33 -19.19 46.39
CA SER G 86 -18.76 -17.96 46.94
C SER G 86 -17.28 -17.86 46.60
N LEU G 87 -16.57 -18.98 46.72
CA LEU G 87 -15.15 -19.03 46.38
C LEU G 87 -14.94 -18.76 44.89
N ALA G 88 -15.88 -19.21 44.06
CA ALA G 88 -15.83 -18.93 42.63
C ALA G 88 -15.97 -17.43 42.39
N ASP G 89 -16.84 -16.80 43.17
CA ASP G 89 -17.00 -15.35 43.12
C ASP G 89 -15.69 -14.65 43.48
N ILE G 90 -15.08 -15.08 44.57
CA ILE G 90 -13.81 -14.50 45.02
C ILE G 90 -12.73 -14.63 43.96
N ALA G 91 -12.63 -15.81 43.36
CA ALA G 91 -11.65 -16.06 42.31
C ALA G 91 -11.88 -15.15 41.12
N ARG G 92 -13.14 -15.08 40.69
CA ARG G 92 -13.53 -14.20 39.58
C ARG G 92 -13.11 -12.77 39.84
N GLU G 93 -13.47 -12.27 41.02
CA GLU G 93 -13.16 -10.89 41.40
C GLU G 93 -11.66 -10.65 41.43
N GLU G 94 -10.91 -11.64 41.89
CA GLU G 94 -9.46 -11.54 41.95
C GLU G 94 -8.88 -11.41 40.55
N ALA G 95 -9.37 -12.24 39.63
CA ALA G 95 -8.91 -12.20 38.24
C ALA G 95 -9.25 -10.87 37.57
N SER G 96 -10.47 -10.41 37.82
CA SER G 96 -10.93 -9.13 37.28
C SER G 96 -10.05 -7.97 37.77
N ASN G 97 -9.80 -7.94 39.07
CA ASN G 97 -8.95 -6.92 39.66
C ASN G 97 -7.53 -6.97 39.08
N PHE G 98 -7.00 -8.17 38.91
CA PHE G 98 -5.68 -8.32 38.34
C PHE G 98 -5.63 -7.75 36.93
N ARG G 99 -6.65 -8.03 36.12
CA ARG G 99 -6.70 -7.50 34.77
C ARG G 99 -6.78 -5.98 34.79
N SER G 100 -7.64 -5.44 35.65
CA SER G 100 -7.85 -4.00 35.73
C SER G 100 -6.62 -3.25 36.25
N ASN G 101 -5.75 -3.95 36.97
CA ASN G 101 -4.56 -3.33 37.54
C ASN G 101 -3.29 -3.48 36.70
N PHE G 102 -3.12 -4.65 36.09
CA PHE G 102 -1.86 -4.97 35.42
C PHE G 102 -1.99 -5.09 33.90
N GLY G 103 -3.22 -5.24 33.41
CA GLY G 103 -3.48 -5.14 31.99
C GLY G 103 -3.44 -6.41 31.16
N TYR G 104 -3.26 -7.55 31.81
CA TYR G 104 -3.28 -8.82 31.09
C TYR G 104 -3.94 -9.92 31.90
N ASN G 105 -4.23 -11.05 31.25
CA ASN G 105 -4.85 -12.19 31.92
C ASN G 105 -4.00 -12.73 33.06
N ILE G 106 -4.64 -12.98 34.19
CA ILE G 106 -3.93 -13.42 35.38
C ILE G 106 -3.32 -14.82 35.21
N PRO G 107 -2.04 -14.97 35.55
CA PRO G 107 -1.38 -16.28 35.54
C PRO G 107 -2.02 -17.19 36.57
N LEU G 108 -2.20 -18.46 36.23
CA LEU G 108 -2.94 -19.39 37.07
C LEU G 108 -2.32 -19.57 38.45
N LYS G 109 -0.99 -19.68 38.49
CA LYS G 109 -0.28 -19.86 39.76
C LYS G 109 -0.59 -18.72 40.74
N HIS G 110 -0.65 -17.52 40.20
CA HIS G 110 -0.91 -16.35 41.03
C HIS G 110 -2.36 -16.32 41.53
N LEU G 111 -3.30 -16.64 40.64
CA LEU G 111 -4.71 -16.68 41.02
C LEU G 111 -4.93 -17.71 42.13
N ALA G 112 -4.38 -18.90 41.91
CA ALA G 112 -4.43 -19.96 42.91
C ALA G 112 -3.83 -19.51 44.22
N ASP G 113 -2.69 -18.84 44.16
CA ASP G 113 -2.04 -18.31 45.37
C ASP G 113 -2.96 -17.35 46.13
N ARG G 114 -3.51 -16.38 45.41
CA ARG G 114 -4.37 -15.36 46.01
C ARG G 114 -5.59 -15.98 46.67
N VAL G 115 -6.34 -16.75 45.89
CA VAL G 115 -7.54 -17.40 46.40
C VAL G 115 -7.22 -18.31 47.59
N ALA G 116 -6.10 -19.02 47.50
CA ALA G 116 -5.66 -19.90 48.59
C ALA G 116 -5.39 -19.10 49.85
N MET G 117 -4.76 -17.94 49.71
CA MET G 117 -4.50 -17.06 50.85
C MET G 117 -5.82 -16.63 51.47
N TYR G 118 -6.78 -16.30 50.60
CA TYR G 118 -8.11 -15.91 51.06
C TYR G 118 -8.77 -17.03 51.86
N VAL G 119 -8.65 -18.25 51.37
CA VAL G 119 -9.19 -19.42 52.05
C VAL G 119 -8.52 -19.62 53.41
N HIS G 120 -7.20 -19.55 53.43
CA HIS G 120 -6.42 -19.70 54.65
C HIS G 120 -6.81 -18.68 55.69
N ALA G 121 -7.19 -17.49 55.25
CA ALA G 121 -7.63 -16.43 56.16
C ALA G 121 -8.83 -16.83 57.02
N TYR G 122 -9.42 -17.96 56.71
CA TYR G 122 -10.59 -18.38 57.42
C TYR G 122 -10.30 -19.50 58.39
N THR G 123 -9.08 -19.99 58.36
CA THR G 123 -8.65 -21.04 59.25
C THR G 123 -7.93 -20.46 60.44
N LEU G 124 -8.23 -19.24 60.83
CA LEU G 124 -7.48 -18.63 61.93
C LEU G 124 -8.26 -17.95 63.05
N TYR G 125 -9.53 -17.67 62.84
CA TYR G 125 -10.34 -16.98 63.83
C TYR G 125 -11.59 -17.72 64.25
N SER G 126 -12.16 -17.34 65.38
CA SER G 126 -13.39 -17.94 65.88
C SER G 126 -14.60 -17.22 65.30
N ALA G 127 -14.34 -16.10 64.64
CA ALA G 127 -15.42 -15.29 64.07
C ALA G 127 -15.94 -15.89 62.76
N VAL G 128 -15.13 -16.71 62.12
CA VAL G 128 -15.52 -17.37 60.87
C VAL G 128 -15.10 -18.83 60.85
N ARG G 129 -15.75 -19.62 60.00
CA ARG G 129 -15.42 -21.03 59.86
C ARG G 129 -14.79 -21.30 58.50
N PRO G 130 -13.86 -22.26 58.46
CA PRO G 130 -13.18 -22.62 57.21
C PRO G 130 -14.18 -23.00 56.11
N PHE G 131 -13.80 -22.76 54.87
CA PHE G 131 -14.66 -23.15 53.74
C PHE G 131 -14.79 -24.66 53.70
N GLY G 132 -15.99 -25.12 53.41
CA GLY G 132 -16.25 -26.54 53.33
C GLY G 132 -16.18 -27.04 51.92
N CYS G 133 -15.06 -26.83 51.23
CA CYS G 133 -14.89 -27.39 49.90
C CYS G 133 -13.43 -27.33 49.42
N SER G 134 -13.11 -28.22 48.50
CA SER G 134 -11.81 -28.16 47.82
C SER G 134 -12.08 -27.89 46.35
N PHE G 135 -11.13 -27.25 45.67
CA PHE G 135 -11.34 -26.97 44.26
C PHE G 135 -10.07 -27.02 43.42
N MET G 136 -10.26 -27.12 42.10
CA MET G 136 -9.16 -27.20 41.16
C MET G 136 -9.29 -26.10 40.11
N LEU G 137 -8.20 -25.43 39.81
CA LEU G 137 -8.18 -24.39 38.79
C LEU G 137 -7.36 -24.86 37.60
N GLY G 138 -7.97 -24.80 36.41
CA GLY G 138 -7.29 -25.24 35.21
C GLY G 138 -7.17 -24.12 34.19
N SER G 139 -6.04 -24.08 33.48
CA SER G 139 -5.81 -23.05 32.48
C SER G 139 -4.78 -23.46 31.44
N TYR G 140 -4.74 -22.73 30.33
CA TYR G 140 -3.72 -22.93 29.31
C TYR G 140 -3.36 -21.62 28.61
N SER G 141 -2.08 -21.50 28.26
CA SER G 141 -1.60 -20.39 27.46
C SER G 141 -0.39 -20.85 26.66
N VAL G 142 0.02 -20.06 25.68
CA VAL G 142 1.19 -20.40 24.88
C VAL G 142 2.47 -19.92 25.59
N ASN G 143 2.39 -18.76 26.23
CA ASN G 143 3.53 -18.22 26.95
C ASN G 143 3.67 -18.81 28.35
N ASP G 144 2.57 -19.37 28.85
CA ASP G 144 2.55 -19.97 30.18
C ASP G 144 2.64 -21.48 30.12
N GLY G 145 1.74 -22.09 29.36
CA GLY G 145 1.67 -23.54 29.24
C GLY G 145 0.35 -24.06 29.78
N ALA G 146 0.28 -25.38 29.96
CA ALA G 146 -0.89 -26.00 30.57
C ALA G 146 -0.68 -26.10 32.07
N GLN G 147 -1.66 -25.64 32.85
CA GLN G 147 -1.53 -25.64 34.30
C GLN G 147 -2.80 -26.07 35.04
N LEU G 148 -2.58 -26.85 36.10
CA LEU G 148 -3.67 -27.34 36.93
C LEU G 148 -3.26 -27.26 38.40
N TYR G 149 -4.02 -26.50 39.19
CA TYR G 149 -3.74 -26.34 40.60
C TYR G 149 -4.91 -26.81 41.46
N MET G 150 -4.64 -27.04 42.75
CA MET G 150 -5.69 -27.50 43.67
C MET G 150 -5.52 -26.87 45.05
N ILE G 151 -6.67 -26.53 45.65
CA ILE G 151 -6.73 -25.89 46.95
C ILE G 151 -7.72 -26.58 47.89
N ASP G 152 -7.26 -26.90 49.09
CA ASP G 152 -8.09 -27.53 50.12
C ASP G 152 -8.51 -26.49 51.17
N PRO G 153 -9.51 -26.81 52.01
CA PRO G 153 -10.02 -25.87 53.02
C PRO G 153 -8.97 -25.21 53.93
N SER G 154 -7.79 -25.81 54.07
CA SER G 154 -6.76 -25.24 54.93
C SER G 154 -6.09 -24.03 54.28
N GLY G 155 -6.12 -23.99 52.96
CA GLY G 155 -5.49 -22.92 52.21
C GLY G 155 -4.27 -23.38 51.43
N VAL G 156 -4.02 -24.69 51.47
CA VAL G 156 -2.88 -25.25 50.77
C VAL G 156 -3.13 -25.31 49.26
N SER G 157 -2.18 -24.81 48.48
CA SER G 157 -2.29 -24.80 47.04
C SER G 157 -1.13 -25.53 46.37
N TYR G 158 -1.44 -26.44 45.45
CA TYR G 158 -0.37 -27.20 44.78
C TYR G 158 -0.64 -27.43 43.30
N GLY G 159 0.43 -27.60 42.53
CA GLY G 159 0.32 -27.86 41.09
C GLY G 159 0.36 -29.34 40.76
N TYR G 160 -0.64 -29.81 40.04
CA TYR G 160 -0.79 -31.24 39.75
C TYR G 160 -0.73 -31.55 38.26
N TRP G 161 -0.40 -32.80 37.93
CA TRP G 161 -0.53 -33.30 36.57
C TRP G 161 -1.89 -33.95 36.45
N GLY G 162 -2.30 -34.64 37.52
CA GLY G 162 -3.62 -35.22 37.62
C GLY G 162 -4.06 -35.11 39.06
N CYS G 163 -5.36 -34.90 39.28
CA CYS G 163 -5.86 -34.71 40.63
C CYS G 163 -7.33 -35.10 40.76
N ALA G 164 -7.72 -35.47 41.97
CA ALA G 164 -9.11 -35.82 42.25
C ALA G 164 -9.48 -35.41 43.67
N ILE G 165 -10.75 -35.12 43.88
CA ILE G 165 -11.25 -34.70 45.20
C ILE G 165 -12.66 -35.23 45.42
N GLY G 166 -12.91 -35.75 46.62
CA GLY G 166 -14.23 -36.27 46.96
C GLY G 166 -14.20 -37.64 47.60
N LYS G 167 -15.29 -38.39 47.46
CA LYS G 167 -15.44 -39.73 48.02
C LYS G 167 -14.28 -40.64 47.62
N ALA G 168 -14.25 -40.99 46.34
CA ALA G 168 -13.23 -41.91 45.82
C ALA G 168 -12.04 -41.15 45.26
N ARG G 169 -11.41 -40.35 46.11
CA ARG G 169 -10.25 -39.58 45.72
C ARG G 169 -9.07 -40.49 45.37
N GLN G 170 -8.75 -41.41 46.27
CA GLN G 170 -7.65 -42.35 46.07
C GLN G 170 -7.98 -43.33 44.95
N ALA G 171 -9.22 -43.81 44.94
CA ALA G 171 -9.70 -44.76 43.94
C ALA G 171 -9.60 -44.17 42.54
N ALA G 172 -9.72 -42.85 42.46
CA ALA G 172 -9.58 -42.15 41.19
C ALA G 172 -8.12 -41.91 40.87
N LYS G 173 -7.34 -41.58 41.89
CA LYS G 173 -5.92 -41.30 41.71
C LYS G 173 -5.16 -42.52 41.18
N THR G 174 -5.53 -43.70 41.67
CA THR G 174 -4.91 -44.93 41.20
C THR G 174 -5.22 -45.18 39.72
N GLU G 175 -6.37 -44.70 39.27
CA GLU G 175 -6.78 -44.84 37.87
C GLU G 175 -6.12 -43.79 36.98
N ILE G 176 -5.88 -42.61 37.53
CA ILE G 176 -5.22 -41.54 36.79
C ILE G 176 -3.74 -41.86 36.55
N GLU G 177 -3.12 -42.49 37.55
CA GLU G 177 -1.71 -42.85 37.47
C GLU G 177 -1.40 -43.76 36.28
N LYS G 178 -2.39 -44.55 35.87
CA LYS G 178 -2.23 -45.48 34.75
C LYS G 178 -2.02 -44.73 33.43
N LEU G 179 -2.51 -43.51 33.36
CA LEU G 179 -2.43 -42.72 32.15
C LEU G 179 -1.05 -42.06 31.97
N GLN G 180 -0.71 -41.75 30.72
CA GLN G 180 0.53 -41.07 30.40
C GLN G 180 0.21 -39.69 29.85
N MET G 181 -0.43 -38.86 30.66
CA MET G 181 -0.95 -37.57 30.20
C MET G 181 0.12 -36.58 29.75
N LYS G 182 1.39 -36.87 30.05
CA LYS G 182 2.48 -36.01 29.64
C LYS G 182 2.72 -36.07 28.14
N GLU G 183 2.08 -37.04 27.48
CA GLU G 183 2.25 -37.23 26.04
C GLU G 183 0.91 -37.20 25.30
N MET G 184 -0.16 -37.47 26.03
CA MET G 184 -1.49 -37.54 25.43
C MET G 184 -2.07 -36.16 25.13
N THR G 185 -3.16 -36.09 24.39
CA THR G 185 -3.82 -34.78 24.20
C THR G 185 -5.24 -34.68 24.70
N CYS G 186 -5.64 -33.46 25.05
CA CYS G 186 -6.94 -33.21 25.65
C CYS G 186 -8.09 -33.83 24.91
N ARG G 187 -7.84 -34.30 23.71
CA ARG G 187 -8.89 -34.85 22.87
C ARG G 187 -9.12 -36.29 23.27
N ASP G 188 -8.03 -36.98 23.48
CA ASP G 188 -7.98 -38.37 23.93
C ASP G 188 -8.30 -38.43 25.42
N ILE G 189 -7.84 -37.42 26.15
CA ILE G 189 -7.97 -37.39 27.61
C ILE G 189 -9.43 -37.41 28.07
N VAL G 190 -10.31 -36.69 27.39
CA VAL G 190 -11.72 -36.61 27.77
C VAL G 190 -12.35 -37.99 27.99
N LYS G 191 -12.12 -38.89 27.05
CA LYS G 191 -12.61 -40.27 27.14
C LYS G 191 -12.14 -40.94 28.42
N GLU G 192 -10.84 -40.81 28.71
CA GLU G 192 -10.26 -41.42 29.90
C GLU G 192 -10.83 -40.82 31.18
N VAL G 193 -11.12 -39.53 31.14
CA VAL G 193 -11.72 -38.85 32.28
C VAL G 193 -13.10 -39.41 32.57
N ALA G 194 -13.94 -39.45 31.53
CA ALA G 194 -15.28 -40.02 31.65
C ALA G 194 -15.21 -41.45 32.16
N LYS G 195 -14.23 -42.20 31.63
CA LYS G 195 -14.00 -43.58 32.02
C LYS G 195 -13.72 -43.71 33.51
N ILE G 196 -12.76 -42.93 34.01
CA ILE G 196 -12.41 -42.95 35.42
C ILE G 196 -13.58 -42.53 36.29
N ILE G 197 -14.36 -41.57 35.80
CA ILE G 197 -15.57 -41.15 36.51
C ILE G 197 -16.56 -42.30 36.66
N TYR G 198 -16.81 -43.02 35.57
CA TYR G 198 -17.73 -44.16 35.58
C TYR G 198 -17.22 -45.31 36.44
N ILE G 199 -15.90 -45.53 36.44
CA ILE G 199 -15.27 -46.56 37.24
C ILE G 199 -15.43 -46.25 38.73
N VAL G 200 -15.04 -45.03 39.10
CA VAL G 200 -15.06 -44.59 40.50
C VAL G 200 -16.48 -44.49 41.07
N HIS G 201 -17.44 -44.23 40.19
CA HIS G 201 -18.84 -44.11 40.60
C HIS G 201 -19.37 -45.41 41.20
N ASP G 202 -20.09 -45.28 42.31
CA ASP G 202 -20.71 -46.43 42.97
C ASP G 202 -22.19 -46.47 42.66
N GLU G 203 -22.57 -47.33 41.71
CA GLU G 203 -23.96 -47.40 41.24
C GLU G 203 -24.92 -47.97 42.30
N VAL G 204 -24.36 -48.56 43.36
CA VAL G 204 -25.18 -49.16 44.40
C VAL G 204 -25.63 -48.15 45.45
N LYS G 205 -24.68 -47.61 46.21
CA LYS G 205 -24.98 -46.66 47.27
C LYS G 205 -25.55 -45.35 46.73
N ASP G 206 -24.86 -44.77 45.76
CA ASP G 206 -25.33 -43.54 45.13
C ASP G 206 -26.27 -43.85 43.96
N LYS G 207 -27.29 -43.02 43.79
CA LYS G 207 -28.27 -43.23 42.74
C LYS G 207 -27.74 -42.81 41.37
N ALA G 208 -28.62 -42.27 40.54
CA ALA G 208 -28.24 -41.83 39.20
C ALA G 208 -27.35 -40.60 39.27
N PHE G 209 -26.52 -40.41 38.24
CA PHE G 209 -25.61 -39.28 38.21
C PHE G 209 -25.42 -38.72 36.81
N GLU G 210 -25.16 -37.42 36.73
CA GLU G 210 -24.88 -36.74 35.47
C GLU G 210 -23.39 -36.41 35.42
N LEU G 211 -22.79 -36.55 34.24
CA LEU G 211 -21.36 -36.29 34.08
C LEU G 211 -21.07 -34.92 33.47
N GLU G 212 -20.26 -34.13 34.16
CA GLU G 212 -19.88 -32.81 33.64
C GLU G 212 -18.45 -32.82 33.11
N LEU G 213 -18.21 -32.09 32.02
CA LEU G 213 -16.91 -32.08 31.38
C LEU G 213 -16.46 -30.69 30.94
N SER G 214 -15.15 -30.42 31.01
CA SER G 214 -14.62 -29.10 30.68
C SER G 214 -13.27 -29.08 29.96
N TRP G 215 -13.21 -28.31 28.87
CA TRP G 215 -12.00 -28.06 28.11
C TRP G 215 -11.28 -26.81 28.60
N VAL G 216 -9.95 -26.84 28.55
CA VAL G 216 -9.18 -25.60 28.47
C VAL G 216 -7.78 -25.85 27.88
N GLY G 217 -7.58 -25.46 26.63
CA GLY G 217 -6.29 -25.71 25.98
C GLY G 217 -6.11 -25.11 24.60
N GLU G 218 -5.13 -25.64 23.88
CA GLU G 218 -4.77 -25.16 22.55
C GLU G 218 -5.89 -25.41 21.54
N LEU G 219 -6.72 -26.40 21.81
CA LEU G 219 -7.84 -26.74 20.95
C LEU G 219 -8.98 -25.74 21.11
N THR G 220 -8.88 -24.87 22.11
CA THR G 220 -9.91 -23.89 22.38
C THR G 220 -9.36 -22.47 22.47
N ASN G 221 -8.21 -22.24 21.83
CA ASN G 221 -7.57 -20.92 21.79
C ASN G 221 -7.23 -20.34 23.16
N GLY G 222 -7.20 -21.21 24.18
CA GLY G 222 -6.90 -20.77 25.52
C GLY G 222 -8.14 -20.47 26.34
N ARG G 223 -9.30 -20.69 25.74
CA ARG G 223 -10.58 -20.43 26.42
C ARG G 223 -11.06 -21.67 27.16
N HIS G 224 -11.54 -21.48 28.38
CA HIS G 224 -12.13 -22.58 29.14
C HIS G 224 -13.61 -22.74 28.78
N GLU G 225 -13.93 -23.84 28.12
CA GLU G 225 -15.28 -24.04 27.61
C GLU G 225 -15.86 -25.36 28.06
N ILE G 226 -17.18 -25.52 27.93
CA ILE G 226 -17.80 -26.81 28.24
C ILE G 226 -17.58 -27.75 27.05
N VAL G 227 -17.40 -29.03 27.35
CA VAL G 227 -17.24 -30.03 26.30
C VAL G 227 -18.54 -30.20 25.51
N PRO G 228 -18.46 -30.05 24.17
CA PRO G 228 -19.61 -30.18 23.28
C PRO G 228 -20.34 -31.51 23.49
N LYS G 229 -21.65 -31.51 23.25
CA LYS G 229 -22.48 -32.69 23.49
C LYS G 229 -22.00 -33.92 22.73
N ASP G 230 -21.45 -33.69 21.53
CA ASP G 230 -20.93 -34.78 20.70
C ASP G 230 -19.81 -35.51 21.41
N ILE G 231 -18.77 -34.77 21.78
CA ILE G 231 -17.60 -35.34 22.42
C ILE G 231 -17.95 -35.93 23.77
N ARG G 232 -18.91 -35.30 24.46
CA ARG G 232 -19.34 -35.78 25.76
C ARG G 232 -20.04 -37.13 25.66
N GLU G 233 -20.98 -37.25 24.73
CA GLU G 233 -21.69 -38.51 24.51
C GLU G 233 -20.74 -39.58 23.99
N GLU G 234 -19.75 -39.18 23.22
CA GLU G 234 -18.72 -40.08 22.73
C GLU G 234 -17.93 -40.67 23.90
N ALA G 235 -17.47 -39.78 24.79
CA ALA G 235 -16.71 -40.19 25.97
C ALA G 235 -17.54 -41.05 26.90
N GLU G 236 -18.81 -40.72 27.05
CA GLU G 236 -19.72 -41.50 27.89
C GLU G 236 -19.95 -42.89 27.30
N LYS G 237 -20.01 -42.96 25.98
CA LYS G 237 -20.17 -44.24 25.30
C LYS G 237 -18.93 -45.10 25.54
N TYR G 238 -17.76 -44.49 25.35
CA TYR G 238 -16.49 -45.15 25.60
C TYR G 238 -16.40 -45.66 27.04
N ALA G 239 -16.91 -44.87 27.97
CA ALA G 239 -16.87 -45.21 29.40
C ALA G 239 -17.82 -46.36 29.72
N LYS G 240 -19.04 -46.29 29.21
CA LYS G 240 -20.03 -47.34 29.45
C LYS G 240 -19.59 -48.66 28.84
N GLU G 241 -18.91 -48.58 27.70
CA GLU G 241 -18.38 -49.78 27.05
C GLU G 241 -17.17 -50.34 27.79
N SER G 242 -16.32 -49.46 28.30
CA SER G 242 -15.13 -49.88 29.05
C SER G 242 -15.47 -50.44 30.43
N LEU G 243 -16.73 -50.31 30.82
CA LEU G 243 -17.18 -50.78 32.13
C LEU G 243 -17.58 -52.25 32.07
N LYS G 244 -17.50 -52.84 30.88
CA LYS G 244 -17.84 -54.24 30.68
C LYS G 244 -16.59 -55.07 30.42
N GLU G 245 -15.68 -55.10 31.40
CA GLU G 245 -14.45 -55.87 31.28
C GLU G 245 -13.88 -56.21 32.65
N THR H 1 12.15 20.25 30.23
CA THR H 1 12.93 19.04 30.03
C THR H 1 12.69 18.44 28.64
N THR H 2 13.47 17.44 28.28
CA THR H 2 13.34 16.78 27.00
C THR H 2 13.79 15.33 27.07
N ILE H 3 12.83 14.41 27.03
CA ILE H 3 13.12 12.99 27.09
C ILE H 3 12.89 12.31 25.73
N MET H 4 13.37 11.08 25.61
CA MET H 4 13.23 10.33 24.36
C MET H 4 13.53 8.84 24.55
N ALA H 5 12.85 8.01 23.77
CA ALA H 5 13.06 6.56 23.82
C ALA H 5 12.77 5.93 22.47
N VAL H 6 13.74 5.19 21.93
CA VAL H 6 13.56 4.54 20.63
C VAL H 6 13.72 3.03 20.75
N GLN H 7 12.90 2.29 20.02
CA GLN H 7 12.95 0.83 20.06
C GLN H 7 13.71 0.24 18.88
N PHE H 8 14.71 -0.59 19.17
CA PHE H 8 15.36 -1.38 18.13
C PHE H 8 15.00 -2.86 18.32
N ASP H 9 15.74 -3.74 17.64
CA ASP H 9 15.42 -5.16 17.64
C ASP H 9 15.45 -5.79 19.03
N GLY H 10 16.65 -5.91 19.59
CA GLY H 10 16.83 -6.63 20.84
C GLY H 10 16.66 -5.79 22.11
N GLY H 11 16.10 -4.60 21.97
CA GLY H 11 15.90 -3.75 23.13
C GLY H 11 15.56 -2.30 22.81
N VAL H 12 15.87 -1.42 23.75
CA VAL H 12 15.53 0.00 23.62
C VAL H 12 16.70 0.93 23.96
N VAL H 13 16.56 2.18 23.54
CA VAL H 13 17.54 3.22 23.84
C VAL H 13 16.82 4.42 24.46
N LEU H 14 17.31 4.87 25.60
CA LEU H 14 16.72 6.00 26.30
C LEU H 14 17.67 7.19 26.30
N GLY H 15 17.10 8.39 26.32
CA GLY H 15 17.89 9.60 26.36
C GLY H 15 17.15 10.73 27.03
N ALA H 16 17.91 11.60 27.71
CA ALA H 16 17.32 12.77 28.35
C ALA H 16 18.35 13.86 28.57
N ASP H 17 17.87 15.10 28.70
CA ASP H 17 18.74 16.20 29.07
C ASP H 17 18.91 16.17 30.58
N SER H 18 19.60 17.15 31.14
CA SER H 18 19.87 17.13 32.56
C SER H 18 19.52 18.44 33.27
N ARG H 19 18.72 19.28 32.64
CA ARG H 19 18.39 20.57 33.22
C ARG H 19 17.11 20.54 34.05
N THR H 20 17.21 21.01 35.29
CA THR H 20 16.07 21.12 36.19
C THR H 20 15.97 22.57 36.66
N THR H 21 14.85 23.20 36.32
CA THR H 21 14.67 24.64 36.53
C THR H 21 13.52 24.96 37.47
N THR H 22 13.72 26.00 38.27
CA THR H 22 12.64 26.60 39.04
C THR H 22 12.57 28.07 38.66
N GLY H 23 11.53 28.43 37.92
CA GLY H 23 11.48 29.74 37.30
C GLY H 23 12.46 29.73 36.14
N SER H 24 13.30 30.75 36.05
CA SER H 24 14.30 30.81 35.00
C SER H 24 15.67 30.39 35.53
N TYR H 25 15.70 30.03 36.80
CA TYR H 25 16.95 29.58 37.43
C TYR H 25 17.12 28.08 37.31
N ILE H 26 18.35 27.65 37.06
CA ILE H 26 18.64 26.22 36.93
C ILE H 26 19.05 25.62 38.27
N ALA H 27 18.10 24.94 38.91
CA ALA H 27 18.33 24.36 40.24
C ALA H 27 19.22 23.12 40.16
N ASN H 28 19.28 22.49 38.99
CA ASN H 28 20.21 21.39 38.79
C ASN H 28 20.58 21.18 37.33
N ARG H 29 21.80 21.55 36.97
CA ARG H 29 22.24 21.47 35.58
C ARG H 29 22.73 20.08 35.20
N VAL H 30 22.42 19.08 36.03
CA VAL H 30 22.99 17.77 35.80
C VAL H 30 22.09 16.61 36.31
N THR H 31 20.79 16.84 36.26
CA THR H 31 19.77 15.90 36.66
C THR H 31 19.92 14.52 36.08
N ASP H 32 19.47 13.51 36.80
CA ASP H 32 19.36 12.18 36.25
C ASP H 32 17.90 11.87 36.07
N LYS H 33 17.45 11.92 34.82
CA LYS H 33 16.04 11.80 34.52
C LYS H 33 15.67 10.38 34.17
N LEU H 34 16.66 9.56 33.83
CA LEU H 34 16.39 8.21 33.49
C LEU H 34 16.42 7.51 34.80
N THR H 35 15.29 7.01 35.22
CA THR H 35 15.12 6.33 36.50
C THR H 35 14.87 4.84 36.34
N PRO H 36 15.67 4.01 37.00
CA PRO H 36 15.50 2.55 36.98
C PRO H 36 14.29 2.13 37.79
N ILE H 37 13.38 1.39 37.17
CA ILE H 37 12.23 0.84 37.89
C ILE H 37 12.49 -0.61 38.23
N HIS H 38 13.16 -1.31 37.31
CA HIS H 38 13.56 -2.69 37.53
C HIS H 38 14.82 -3.00 36.73
N ASP H 39 15.38 -4.18 36.94
CA ASP H 39 16.63 -4.61 36.29
C ASP H 39 16.75 -4.19 34.83
N ARG H 40 15.68 -4.36 34.08
CA ARG H 40 15.67 -3.98 32.67
C ARG H 40 14.47 -3.11 32.31
N ILE H 41 13.96 -2.37 33.30
CA ILE H 41 12.86 -1.45 33.06
C ILE H 41 13.17 -0.06 33.59
N PHE H 42 13.26 0.89 32.66
CA PHE H 42 13.57 2.27 32.99
C PHE H 42 12.39 3.18 32.65
N CYS H 43 12.37 4.38 33.22
CA CYS H 43 11.38 5.37 32.85
C CYS H 43 12.02 6.75 32.69
N CYS H 44 11.48 7.53 31.75
CA CYS H 44 11.95 8.88 31.51
C CYS H 44 10.94 9.87 32.09
N ARG H 45 11.44 10.74 32.97
CA ARG H 45 10.58 11.67 33.71
C ARG H 45 10.56 13.06 33.09
N SER H 46 9.37 13.66 33.06
CA SER H 46 9.22 15.06 32.71
C SER H 46 8.07 15.65 33.50
N GLY H 47 8.12 16.96 33.75
CA GLY H 47 7.10 17.62 34.52
C GLY H 47 7.59 17.95 35.92
N SER H 48 6.69 17.91 36.90
CA SER H 48 7.05 18.18 38.27
C SER H 48 8.08 17.18 38.78
N ALA H 49 9.16 17.67 39.36
CA ALA H 49 10.21 16.81 39.89
C ALA H 49 9.66 15.96 41.03
N ALA H 50 8.99 16.61 41.97
CA ALA H 50 8.43 15.93 43.14
C ALA H 50 7.46 14.83 42.73
N ASP H 51 6.53 15.19 41.85
CA ASP H 51 5.52 14.25 41.36
C ASP H 51 6.14 13.03 40.70
N THR H 52 6.99 13.26 39.69
CA THR H 52 7.62 12.15 38.97
C THR H 52 8.49 11.29 39.87
N GLN H 53 9.20 11.91 40.81
CA GLN H 53 10.03 11.16 41.74
C GLN H 53 9.17 10.25 42.63
N ALA H 54 8.14 10.83 43.24
CA ALA H 54 7.23 10.08 44.09
C ALA H 54 6.59 8.90 43.35
N VAL H 55 6.05 9.19 42.16
CA VAL H 55 5.41 8.16 41.36
C VAL H 55 6.39 7.07 40.96
N ALA H 56 7.59 7.45 40.56
CA ALA H 56 8.62 6.48 40.20
C ALA H 56 8.97 5.57 41.36
N ASP H 57 9.11 6.15 42.55
CA ASP H 57 9.38 5.39 43.76
C ASP H 57 8.26 4.37 44.02
N ALA H 58 7.03 4.87 44.01
CA ALA H 58 5.86 4.02 44.25
C ALA H 58 5.78 2.86 43.27
N VAL H 59 5.99 3.16 41.99
CA VAL H 59 5.91 2.12 40.96
C VAL H 59 7.04 1.11 41.12
N THR H 60 8.24 1.57 41.50
CA THR H 60 9.35 0.67 41.77
C THR H 60 9.00 -0.30 42.90
N TYR H 61 8.42 0.25 43.97
CA TYR H 61 7.90 -0.51 45.10
C TYR H 61 6.93 -1.61 44.63
N GLN H 62 5.82 -1.17 44.02
CA GLN H 62 4.76 -2.07 43.58
C GLN H 62 5.27 -3.16 42.62
N LEU H 63 6.07 -2.75 41.64
CA LEU H 63 6.56 -3.66 40.63
C LEU H 63 7.55 -4.65 41.22
N GLY H 64 8.32 -4.20 42.20
CA GLY H 64 9.24 -5.07 42.91
C GLY H 64 8.48 -6.17 43.63
N PHE H 65 7.49 -5.77 44.43
CA PHE H 65 6.66 -6.74 45.14
C PHE H 65 5.95 -7.69 44.18
N HIS H 66 5.49 -7.15 43.06
CA HIS H 66 4.75 -7.94 42.07
C HIS H 66 5.64 -8.98 41.41
N SER H 67 6.84 -8.57 41.02
CA SER H 67 7.79 -9.46 40.37
C SER H 67 8.27 -10.54 41.33
N ILE H 68 8.44 -10.18 42.61
CA ILE H 68 8.78 -11.18 43.62
C ILE H 68 7.65 -12.19 43.80
N GLU H 69 6.42 -11.69 43.84
CA GLU H 69 5.25 -12.52 44.04
C GLU H 69 5.00 -13.47 42.86
N LEU H 70 5.41 -13.05 41.67
CA LEU H 70 5.26 -13.89 40.47
C LEU H 70 6.51 -14.72 40.18
N ASN H 71 7.63 -14.34 40.78
CA ASN H 71 8.92 -14.98 40.52
C ASN H 71 9.25 -15.02 39.03
N GLU H 72 9.02 -13.89 38.35
CA GLU H 72 9.31 -13.77 36.94
C GLU H 72 9.74 -12.34 36.62
N PRO H 73 10.61 -12.17 35.62
CA PRO H 73 11.00 -10.84 35.14
C PRO H 73 9.77 -10.06 34.70
N PRO H 74 9.53 -8.90 35.32
CA PRO H 74 8.31 -8.10 35.09
C PRO H 74 8.16 -7.62 33.65
N LEU H 75 6.96 -7.75 33.10
CA LEU H 75 6.65 -7.24 31.78
C LEU H 75 6.76 -5.72 31.79
N VAL H 76 7.33 -5.15 30.73
CA VAL H 76 7.44 -3.69 30.62
C VAL H 76 6.05 -3.07 30.61
N HIS H 77 5.12 -3.74 29.94
CA HIS H 77 3.73 -3.30 29.86
C HIS H 77 3.11 -3.20 31.24
N THR H 78 3.58 -4.03 32.18
CA THR H 78 3.07 -4.02 33.54
C THR H 78 3.51 -2.76 34.29
N ALA H 79 4.80 -2.42 34.15
CA ALA H 79 5.33 -1.20 34.75
C ALA H 79 4.61 0.01 34.18
N ALA H 80 4.49 0.02 32.86
CA ALA H 80 3.77 1.08 32.17
C ALA H 80 2.32 1.16 32.65
N SER H 81 1.75 0.01 33.02
CA SER H 81 0.36 -0.05 33.49
C SER H 81 0.22 0.49 34.91
N LEU H 82 1.25 0.29 35.73
CA LEU H 82 1.26 0.83 37.09
C LEU H 82 1.38 2.34 37.04
N PHE H 83 2.33 2.82 36.24
CA PHE H 83 2.47 4.25 35.97
C PHE H 83 1.16 4.83 35.46
N LYS H 84 0.55 4.14 34.50
CA LYS H 84 -0.70 4.56 33.90
C LYS H 84 -1.79 4.71 34.94
N GLU H 85 -1.94 3.69 35.79
CA GLU H 85 -2.96 3.72 36.84
C GLU H 85 -2.76 4.90 37.76
N MET H 86 -1.53 5.09 38.22
CA MET H 86 -1.25 6.19 39.13
C MET H 86 -1.51 7.56 38.49
N CYS H 87 -1.00 7.74 37.29
CA CYS H 87 -1.10 9.03 36.60
C CYS H 87 -2.52 9.37 36.18
N TYR H 88 -3.30 8.35 35.83
CA TYR H 88 -4.69 8.56 35.45
C TYR H 88 -5.56 8.84 36.66
N ARG H 89 -5.38 8.05 37.71
CA ARG H 89 -6.18 8.20 38.93
C ARG H 89 -6.01 9.58 39.54
N TYR H 90 -4.78 10.07 39.56
CA TYR H 90 -4.48 11.36 40.17
C TYR H 90 -4.08 12.39 39.11
N ARG H 91 -4.77 12.38 37.98
CA ARG H 91 -4.43 13.26 36.87
C ARG H 91 -4.62 14.73 37.21
N GLU H 92 -5.57 15.02 38.10
CA GLU H 92 -5.85 16.39 38.47
C GLU H 92 -4.90 16.92 39.54
N ASP H 93 -4.05 16.04 40.07
CA ASP H 93 -3.14 16.41 41.15
C ASP H 93 -1.67 16.20 40.79
N LEU H 94 -1.44 15.61 39.62
CA LEU H 94 -0.07 15.33 39.17
C LEU H 94 0.27 16.08 37.89
N MET H 95 1.52 16.54 37.80
CA MET H 95 2.05 17.06 36.55
C MET H 95 3.19 16.17 36.08
N ALA H 96 2.83 15.12 35.35
CA ALA H 96 3.83 14.12 34.97
C ALA H 96 3.68 13.65 33.52
N GLY H 97 4.79 13.67 32.80
CA GLY H 97 4.88 13.10 31.47
C GLY H 97 5.95 12.04 31.51
N ILE H 98 5.56 10.79 31.32
CA ILE H 98 6.47 9.67 31.52
C ILE H 98 6.66 8.86 30.25
N ILE H 99 7.86 8.35 30.04
CA ILE H 99 8.10 7.37 28.98
C ILE H 99 8.71 6.10 29.55
N ILE H 100 7.89 5.08 29.73
CA ILE H 100 8.38 3.82 30.30
C ILE H 100 8.92 2.92 29.20
N ALA H 101 10.20 2.58 29.28
CA ALA H 101 10.78 1.72 28.26
C ALA H 101 11.76 0.70 28.84
N GLY H 102 11.90 -0.44 28.15
CA GLY H 102 12.81 -1.46 28.63
C GLY H 102 12.71 -2.79 27.90
N TRP H 103 13.43 -3.79 28.41
CA TRP H 103 13.41 -5.11 27.80
C TRP H 103 12.58 -6.10 28.62
N ASP H 104 12.08 -7.13 27.94
CA ASP H 104 11.16 -8.08 28.55
C ASP H 104 11.16 -9.38 27.75
N PRO H 105 11.47 -10.50 28.41
CA PRO H 105 11.63 -11.83 27.81
C PRO H 105 10.46 -12.27 26.91
N GLN H 106 9.29 -11.70 27.11
CA GLN H 106 8.10 -12.12 26.35
C GLN H 106 7.80 -11.23 25.14
N GLU H 107 8.08 -9.94 25.26
CA GLU H 107 7.76 -9.00 24.18
C GLU H 107 8.98 -8.22 23.68
N GLY H 108 10.13 -8.47 24.28
CA GLY H 108 11.36 -7.81 23.85
C GLY H 108 11.41 -6.34 24.24
N GLY H 109 12.08 -5.54 23.42
CA GLY H 109 12.21 -4.11 23.67
C GLY H 109 10.91 -3.37 23.45
N GLN H 110 10.47 -2.64 24.46
CA GLN H 110 9.20 -1.93 24.39
C GLN H 110 9.31 -0.49 24.88
N VAL H 111 8.57 0.40 24.24
CA VAL H 111 8.48 1.80 24.61
C VAL H 111 7.03 2.25 24.73
N TYR H 112 6.67 2.78 25.89
CA TYR H 112 5.31 3.24 26.16
C TYR H 112 5.30 4.69 26.61
N SER H 113 4.28 5.43 26.19
CA SER H 113 4.10 6.82 26.60
C SER H 113 2.93 6.98 27.55
N VAL H 114 3.16 7.70 28.64
CA VAL H 114 2.10 8.07 29.56
C VAL H 114 2.14 9.58 29.74
N PRO H 115 1.44 10.30 28.85
CA PRO H 115 1.39 11.78 28.89
C PRO H 115 0.50 12.25 30.03
N MET H 116 0.38 13.57 30.18
CA MET H 116 -0.30 14.15 31.34
C MET H 116 -1.76 13.71 31.51
N GLY H 117 -2.38 13.27 30.43
CA GLY H 117 -3.75 12.79 30.50
C GLY H 117 -3.90 11.59 31.43
N GLY H 118 -2.98 10.64 31.29
CA GLY H 118 -3.08 9.39 32.02
C GLY H 118 -3.30 8.23 31.07
N MET H 119 -3.34 8.53 29.77
CA MET H 119 -3.49 7.49 28.77
C MET H 119 -2.17 6.74 28.58
N MET H 120 -2.23 5.63 27.87
CA MET H 120 -1.04 4.83 27.61
C MET H 120 -1.08 4.26 26.18
N VAL H 121 0.05 4.35 25.50
CA VAL H 121 0.16 3.83 24.14
C VAL H 121 1.59 3.40 23.83
N ARG H 122 1.74 2.25 23.17
CA ARG H 122 3.05 1.78 22.75
C ARG H 122 3.45 2.44 21.44
N GLN H 123 4.71 2.86 21.34
CA GLN H 123 5.20 3.52 20.14
C GLN H 123 6.56 2.98 19.72
N SER H 124 6.85 3.10 18.42
CA SER H 124 8.15 2.73 17.89
C SER H 124 9.22 3.60 18.55
N PHE H 125 8.85 4.86 18.76
CA PHE H 125 9.69 5.80 19.48
C PHE H 125 8.79 6.87 20.11
N ALA H 126 9.30 7.50 21.16
CA ALA H 126 8.51 8.47 21.91
C ALA H 126 9.37 9.62 22.37
N ILE H 127 8.80 10.82 22.34
CA ILE H 127 9.47 12.01 22.85
C ILE H 127 8.53 12.75 23.80
N GLY H 128 9.11 13.44 24.77
CA GLY H 128 8.33 14.19 25.74
C GLY H 128 9.11 15.36 26.30
N GLY H 129 8.49 16.12 27.20
CA GLY H 129 9.14 17.28 27.79
C GLY H 129 8.93 18.52 26.96
N SER H 130 9.28 19.68 27.54
CA SER H 130 9.08 20.97 26.87
C SER H 130 9.84 21.06 25.54
N GLY H 131 11.00 20.42 25.47
CA GLY H 131 11.85 20.51 24.28
C GLY H 131 11.37 19.66 23.12
N SER H 132 10.55 18.67 23.43
CA SER H 132 10.07 17.73 22.41
C SER H 132 9.36 18.45 21.27
N SER H 133 8.76 19.59 21.57
CA SER H 133 8.05 20.38 20.58
C SER H 133 8.98 20.79 19.44
N TYR H 134 10.24 21.05 19.75
CA TYR H 134 11.17 21.56 18.75
C TYR H 134 11.81 20.49 17.89
N ILE H 135 11.53 19.22 18.19
CA ILE H 135 12.16 18.14 17.45
C ILE H 135 11.16 17.18 16.79
N TYR H 136 9.88 17.52 16.82
CA TYR H 136 8.86 16.69 16.17
C TYR H 136 9.15 16.51 14.69
N GLY H 137 9.49 17.61 14.01
CA GLY H 137 9.79 17.57 12.59
C GLY H 137 11.02 16.76 12.26
N TYR H 138 12.11 17.04 12.96
CA TYR H 138 13.35 16.30 12.77
C TYR H 138 13.14 14.81 13.01
N VAL H 139 12.49 14.50 14.13
CA VAL H 139 12.27 13.11 14.51
C VAL H 139 11.34 12.42 13.51
N ASP H 140 10.49 13.20 12.85
CA ASP H 140 9.60 12.66 11.82
C ASP H 140 10.35 12.38 10.53
N ALA H 141 11.31 13.23 10.21
CA ALA H 141 12.02 13.12 8.94
C ALA H 141 13.24 12.21 9.01
N THR H 142 13.66 11.87 10.22
CA THR H 142 14.89 11.11 10.43
C THR H 142 14.64 9.65 10.78
N TYR H 143 13.48 9.36 11.37
CA TYR H 143 13.17 8.00 11.79
C TYR H 143 13.07 7.03 10.61
N ARG H 144 13.69 5.86 10.78
CA ARG H 144 13.67 4.82 9.77
C ARG H 144 13.56 3.46 10.47
N GLU H 145 12.63 2.63 10.03
CA GLU H 145 12.42 1.33 10.66
C GLU H 145 13.59 0.39 10.42
N GLY H 146 13.94 -0.39 11.44
CA GLY H 146 15.03 -1.34 11.34
C GLY H 146 16.37 -0.76 11.74
N MET H 147 16.34 0.33 12.49
CA MET H 147 17.56 0.96 12.96
C MET H 147 18.32 0.03 13.90
N THR H 148 19.66 0.09 13.83
CA THR H 148 20.49 -0.68 14.73
C THR H 148 20.53 0.01 16.09
N LYS H 149 21.08 -0.68 17.09
CA LYS H 149 21.22 -0.13 18.43
C LYS H 149 22.01 1.18 18.40
N GLU H 150 23.16 1.14 17.74
CA GLU H 150 24.04 2.31 17.64
C GLU H 150 23.38 3.42 16.82
N GLU H 151 22.60 3.04 15.82
CA GLU H 151 21.86 4.00 15.02
C GLU H 151 20.83 4.73 15.86
N CYS H 152 20.13 4.00 16.71
CA CYS H 152 19.15 4.59 17.62
C CYS H 152 19.86 5.49 18.62
N LEU H 153 21.01 5.04 19.10
CA LEU H 153 21.83 5.81 20.03
C LEU H 153 22.18 7.18 19.43
N GLN H 154 22.74 7.16 18.23
CA GLN H 154 23.10 8.39 17.51
C GLN H 154 21.87 9.25 17.24
N PHE H 155 20.76 8.58 16.94
CA PHE H 155 19.49 9.24 16.65
C PHE H 155 19.00 10.08 17.83
N THR H 156 18.84 9.44 18.99
CA THR H 156 18.41 10.13 20.19
C THR H 156 19.41 11.20 20.58
N ALA H 157 20.70 10.90 20.41
CA ALA H 157 21.75 11.89 20.70
C ALA H 157 21.53 13.17 19.90
N ASN H 158 21.38 13.03 18.59
CA ASN H 158 21.16 14.19 17.72
C ASN H 158 19.89 14.95 18.07
N ALA H 159 18.78 14.23 18.19
CA ALA H 159 17.50 14.85 18.51
C ALA H 159 17.56 15.65 19.82
N LEU H 160 18.06 15.01 20.86
CA LEU H 160 18.21 15.66 22.16
C LEU H 160 19.13 16.88 22.06
N ALA H 161 20.20 16.77 21.29
CA ALA H 161 21.10 17.89 21.09
C ALA H 161 20.37 19.09 20.50
N LEU H 162 19.63 18.85 19.42
CA LEU H 162 18.85 19.90 18.77
C LEU H 162 17.86 20.56 19.74
N ALA H 163 17.07 19.73 20.41
CA ALA H 163 16.07 20.21 21.37
C ALA H 163 16.71 21.07 22.44
N MET H 164 17.81 20.57 23.02
CA MET H 164 18.53 21.30 24.07
C MET H 164 19.04 22.63 23.55
N GLU H 165 19.49 22.64 22.30
CA GLU H 165 19.98 23.87 21.68
C GLU H 165 18.86 24.91 21.58
N ARG H 166 17.67 24.47 21.17
CA ARG H 166 16.55 25.40 21.01
C ARG H 166 15.79 25.72 22.31
N ASP H 167 15.52 24.70 23.12
CA ASP H 167 14.72 24.90 24.33
C ASP H 167 15.55 25.45 25.48
N GLY H 168 15.03 26.48 26.13
CA GLY H 168 15.72 27.09 27.25
C GLY H 168 15.57 26.28 28.52
N SER H 169 14.47 25.55 28.62
CA SER H 169 14.21 24.70 29.78
C SER H 169 14.98 23.39 29.69
N SER H 170 15.59 23.15 28.53
CA SER H 170 16.42 21.97 28.35
C SER H 170 17.87 22.36 28.13
N GLY H 171 18.79 21.49 28.51
CA GLY H 171 20.21 21.75 28.35
C GLY H 171 21.05 20.95 29.32
N GLY H 172 22.30 21.38 29.48
CA GLY H 172 23.22 20.70 30.37
C GLY H 172 23.97 19.57 29.69
N VAL H 173 23.64 18.34 30.07
CA VAL H 173 24.36 17.17 29.59
C VAL H 173 23.38 16.16 28.98
N ILE H 174 23.88 15.27 28.13
CA ILE H 174 23.01 14.23 27.57
C ILE H 174 23.22 12.89 28.25
N ARG H 175 22.15 12.34 28.82
CA ARG H 175 22.23 11.02 29.43
C ARG H 175 21.56 9.97 28.56
N LEU H 176 22.31 8.91 28.27
CA LEU H 176 21.82 7.82 27.44
C LEU H 176 21.87 6.48 28.17
N ALA H 177 20.92 5.61 27.84
CA ALA H 177 20.88 4.27 28.42
C ALA H 177 20.50 3.24 27.37
N ALA H 178 21.28 2.18 27.26
CA ALA H 178 20.96 1.11 26.31
C ALA H 178 20.48 -0.11 27.07
N ILE H 179 19.26 -0.54 26.79
CA ILE H 179 18.68 -1.68 27.50
C ILE H 179 18.40 -2.85 26.57
N ALA H 180 18.94 -4.01 26.91
CA ALA H 180 18.70 -5.23 26.15
C ALA H 180 18.73 -6.43 27.09
N GLU H 181 18.77 -7.62 26.53
CA GLU H 181 18.88 -8.84 27.32
C GLU H 181 20.22 -8.86 28.06
N SER H 182 21.23 -8.25 27.45
CA SER H 182 22.57 -8.18 28.03
C SER H 182 22.55 -7.45 29.36
N GLY H 183 21.88 -6.31 29.40
CA GLY H 183 21.82 -5.50 30.61
C GLY H 183 21.60 -4.04 30.30
N VAL H 184 22.20 -3.16 31.11
CA VAL H 184 22.02 -1.73 30.95
C VAL H 184 23.35 -1.02 30.76
N GLU H 185 23.52 -0.41 29.59
CA GLU H 185 24.73 0.35 29.28
C GLU H 185 24.44 1.85 29.32
N ARG H 186 24.79 2.49 30.43
CA ARG H 186 24.54 3.92 30.58
C ARG H 186 25.78 4.74 30.22
N GLN H 187 25.57 5.86 29.53
CA GLN H 187 26.67 6.76 29.21
C GLN H 187 26.25 8.23 29.19
N VAL H 188 27.24 9.11 29.20
CA VAL H 188 27.01 10.54 29.33
C VAL H 188 27.79 11.35 28.28
N LEU H 189 27.05 12.07 27.44
CA LEU H 189 27.65 12.95 26.44
C LEU H 189 27.71 14.39 26.96
N LEU H 190 28.93 14.91 27.11
CA LEU H 190 29.15 16.25 27.64
C LEU H 190 30.10 17.07 26.77
N GLY H 191 29.84 18.37 26.69
CA GLY H 191 30.72 19.29 25.99
C GLY H 191 30.85 19.03 24.50
N ASP H 192 32.06 18.66 24.07
CA ASP H 192 32.33 18.41 22.66
C ASP H 192 31.74 17.08 22.19
N GLN H 193 31.35 16.23 23.13
CA GLN H 193 30.74 14.95 22.80
C GLN H 193 29.33 15.17 22.26
N ILE H 194 28.67 16.21 22.76
CA ILE H 194 27.33 16.56 22.29
C ILE H 194 27.38 17.05 20.85
N PRO H 195 26.59 16.42 19.98
CA PRO H 195 26.52 16.75 18.55
C PRO H 195 26.27 18.23 18.29
N LYS H 196 27.05 18.82 17.38
CA LYS H 196 26.94 20.23 17.05
C LYS H 196 26.43 20.40 15.62
N PHE H 197 25.79 21.54 15.35
CA PHE H 197 25.24 21.80 14.02
C PHE H 197 25.61 23.21 13.54
N ALA H 198 25.75 23.35 12.23
CA ALA H 198 26.16 24.61 11.63
C ALA H 198 25.17 25.74 11.87
N VAL H 199 25.62 26.78 12.57
CA VAL H 199 24.80 27.96 12.83
C VAL H 199 24.99 28.97 11.71
N ALA H 200 23.88 29.57 11.26
CA ALA H 200 23.91 30.55 10.18
C ALA H 200 24.81 31.73 10.50
N THR H 201 25.63 32.12 9.53
CA THR H 201 26.59 33.21 9.72
C THR H 201 26.12 34.50 9.04
N LEU H 202 26.63 34.75 7.83
CA LEU H 202 26.27 35.95 7.09
C LEU H 202 24.81 35.92 6.65
N THR I 1 17.50 33.46 54.52
CA THR I 1 18.54 32.50 54.88
C THR I 1 19.51 32.28 53.72
N THR I 2 20.55 31.48 53.98
CA THR I 2 21.55 31.19 52.97
C THR I 2 22.36 29.96 53.37
N ILE I 3 21.78 28.78 53.20
CA ILE I 3 22.44 27.53 53.57
C ILE I 3 23.10 26.86 52.38
N ALA I 4 24.24 26.23 52.62
CA ALA I 4 24.97 25.52 51.58
C ALA I 4 25.58 24.22 52.08
N GLY I 5 26.04 23.40 51.15
CA GLY I 5 26.65 22.13 51.50
C GLY I 5 27.60 21.67 50.42
N VAL I 6 28.71 21.07 50.84
CA VAL I 6 29.71 20.59 49.90
C VAL I 6 30.26 19.22 50.33
N VAL I 7 30.75 18.48 49.35
CA VAL I 7 31.33 17.16 49.58
C VAL I 7 32.81 17.19 49.21
N TYR I 8 33.66 16.88 50.19
CA TYR I 8 35.10 16.82 49.92
C TYR I 8 35.65 15.40 50.09
N LYS I 9 36.97 15.30 50.14
CA LYS I 9 37.64 14.00 50.16
C LYS I 9 37.25 13.12 51.34
N ASP I 10 37.18 13.70 52.52
CA ASP I 10 36.96 12.92 53.75
C ASP I 10 35.54 12.99 54.26
N GLY I 11 34.73 13.89 53.71
CA GLY I 11 33.37 14.03 54.16
C GLY I 11 32.55 15.18 53.59
N ILE I 12 31.96 15.97 54.48
CA ILE I 12 30.95 16.95 54.12
C ILE I 12 31.02 18.21 54.96
N VAL I 13 30.93 19.36 54.31
CA VAL I 13 30.87 20.63 55.03
C VAL I 13 29.52 21.30 54.82
N LEU I 14 28.86 21.66 55.92
CA LEU I 14 27.57 22.35 55.85
C LEU I 14 27.69 23.77 56.37
N GLY I 15 27.07 24.71 55.67
CA GLY I 15 27.12 26.11 56.06
C GLY I 15 25.77 26.77 56.13
N ALA I 16 25.68 27.83 56.93
CA ALA I 16 24.43 28.56 57.12
C ALA I 16 24.69 29.92 57.77
N ASP I 17 23.87 30.91 57.43
CA ASP I 17 23.92 32.19 58.12
C ASP I 17 23.06 32.08 59.37
N THR I 18 22.84 33.20 60.07
CA THR I 18 22.10 33.17 61.32
C THR I 18 21.03 34.25 61.43
N ARG I 19 20.62 34.80 60.30
CA ARG I 19 19.59 35.84 60.31
C ARG I 19 18.18 35.27 60.15
N ALA I 20 17.29 35.63 61.06
CA ALA I 20 15.88 35.28 60.95
C ALA I 20 15.04 36.54 60.90
N THR I 21 14.18 36.64 59.88
CA THR I 21 13.41 37.85 59.64
C THR I 21 11.91 37.64 59.78
N GLU I 22 11.22 38.69 60.19
CA GLU I 22 9.77 38.76 60.08
C GLU I 22 9.39 40.10 59.43
N GLY I 23 8.86 40.02 58.21
CA GLY I 23 8.68 41.21 57.41
C GLY I 23 10.03 41.58 56.84
N MET I 24 10.34 42.88 56.82
CA MET I 24 11.66 43.33 56.40
C MET I 24 12.48 43.78 57.61
N VAL I 25 12.24 43.12 58.73
CA VAL I 25 12.92 43.43 59.97
C VAL I 25 13.63 42.20 60.51
N VAL I 26 14.88 42.37 60.97
CA VAL I 26 15.63 41.28 61.57
C VAL I 26 15.08 40.95 62.95
N ALA I 27 14.56 39.73 63.10
CA ALA I 27 14.00 39.31 64.37
C ALA I 27 15.04 38.58 65.22
N ASP I 28 15.83 37.73 64.59
CA ASP I 28 16.91 37.01 65.28
C ASP I 28 18.24 37.25 64.59
N LYS I 29 19.20 37.80 65.32
CA LYS I 29 20.52 38.04 64.78
C LYS I 29 21.39 36.78 64.84
N ASN I 30 21.05 35.88 65.75
CA ASN I 30 21.79 34.63 65.87
C ASN I 30 20.85 33.43 65.97
N CYS I 31 20.56 32.83 64.82
CA CYS I 31 19.66 31.69 64.74
C CYS I 31 20.41 30.47 64.22
N SER I 32 20.31 29.36 64.95
CA SER I 32 20.98 28.14 64.51
C SER I 32 20.15 27.44 63.44
N LYS I 33 20.68 27.39 62.23
CA LYS I 33 19.96 26.82 61.10
C LYS I 33 20.54 25.47 60.69
N ILE I 34 21.55 25.01 61.41
CA ILE I 34 22.11 23.69 61.15
C ILE I 34 21.65 22.72 62.24
N HIS I 35 20.84 21.75 61.83
CA HIS I 35 20.11 20.93 62.79
C HIS I 35 20.67 19.51 62.93
N PHE I 36 20.59 19.00 64.15
CA PHE I 36 20.97 17.62 64.45
C PHE I 36 19.90 16.64 63.97
N ILE I 37 20.29 15.71 63.12
CA ILE I 37 19.41 14.62 62.73
C ILE I 37 19.85 13.36 63.45
N SER I 38 21.04 12.89 63.12
CA SER I 38 21.65 11.77 63.82
C SER I 38 23.08 12.18 64.12
N PRO I 39 23.78 11.45 65.02
CA PRO I 39 25.17 11.81 65.32
C PRO I 39 26.08 11.87 64.08
N ASN I 40 25.65 11.27 62.99
CA ASN I 40 26.43 11.31 61.75
C ASN I 40 25.72 12.05 60.61
N ILE I 41 24.57 12.64 60.91
CA ILE I 41 23.79 13.34 59.90
C ILE I 41 23.24 14.68 60.41
N TYR I 42 23.57 15.76 59.70
CA TYR I 42 23.05 17.08 60.04
C TYR I 42 22.28 17.67 58.86
N CYS I 43 21.45 18.67 59.15
CA CYS I 43 20.59 19.23 58.11
C CYS I 43 20.34 20.73 58.30
N CYS I 44 20.67 21.50 57.26
CA CYS I 44 20.45 22.94 57.26
C CYS I 44 19.03 23.26 56.81
N GLY I 45 18.39 24.21 57.50
CA GLY I 45 17.02 24.56 57.22
C GLY I 45 16.82 26.00 56.78
N ALA I 46 16.10 26.16 55.67
CA ALA I 46 15.73 27.47 55.16
C ALA I 46 14.25 27.50 54.82
N GLY I 47 13.63 28.66 54.96
CA GLY I 47 12.22 28.79 54.66
C GLY I 47 11.40 29.17 55.88
N THR I 48 10.25 28.50 56.04
CA THR I 48 9.41 28.74 57.20
C THR I 48 10.08 28.12 58.42
N ALA I 49 10.48 28.99 59.36
CA ALA I 49 11.30 28.58 60.49
C ALA I 49 10.71 27.42 61.30
N ALA I 50 9.49 27.60 61.78
CA ALA I 50 8.81 26.58 62.57
C ALA I 50 8.71 25.27 61.82
N ASP I 51 8.50 25.35 60.50
CA ASP I 51 8.40 24.15 59.68
C ASP I 51 9.73 23.40 59.62
N THR I 52 10.81 24.12 59.35
CA THR I 52 12.14 23.50 59.33
C THR I 52 12.46 22.88 60.69
N ASP I 53 12.16 23.61 61.75
CA ASP I 53 12.35 23.12 63.11
C ASP I 53 11.62 21.80 63.36
N MET I 54 10.29 21.84 63.29
CA MET I 54 9.48 20.67 63.62
C MET I 54 9.76 19.48 62.69
N THR I 55 10.02 19.77 61.42
CA THR I 55 10.31 18.71 60.44
C THR I 55 11.61 18.01 60.78
N THR I 56 12.66 18.82 60.97
CA THR I 56 13.99 18.28 61.25
C THR I 56 13.99 17.53 62.59
N GLN I 57 13.24 18.05 63.55
CA GLN I 57 13.11 17.41 64.86
C GLN I 57 12.42 16.06 64.77
N LEU I 58 11.31 16.04 64.02
CA LEU I 58 10.52 14.84 63.83
C LEU I 58 11.35 13.74 63.16
N ILE I 59 12.02 14.09 62.07
CA ILE I 59 12.84 13.13 61.35
C ILE I 59 14.02 12.65 62.19
N SER I 60 14.59 13.56 62.97
CA SER I 60 15.65 13.19 63.91
C SER I 60 15.13 12.13 64.88
N SER I 61 13.95 12.37 65.42
CA SER I 61 13.33 11.45 66.38
C SER I 61 13.09 10.07 65.76
N ASN I 62 12.45 10.05 64.60
CA ASN I 62 12.19 8.81 63.89
C ASN I 62 13.48 8.06 63.56
N LEU I 63 14.54 8.78 63.23
CA LEU I 63 15.82 8.15 62.97
C LEU I 63 16.43 7.59 64.25
N GLU I 64 16.22 8.26 65.37
CA GLU I 64 16.69 7.74 66.66
C GLU I 64 16.00 6.42 66.97
N LEU I 65 14.68 6.38 66.76
CA LEU I 65 13.92 5.16 66.92
C LEU I 65 14.48 4.06 66.00
N HIS I 66 14.71 4.45 64.74
CA HIS I 66 15.19 3.53 63.72
C HIS I 66 16.51 2.88 64.12
N SER I 67 17.51 3.71 64.44
CA SER I 67 18.82 3.21 64.82
C SER I 67 18.78 2.44 66.14
N LEU I 68 17.90 2.86 67.04
CA LEU I 68 17.69 2.17 68.30
C LEU I 68 17.24 0.73 68.05
N SER I 69 16.39 0.55 67.05
CA SER I 69 15.91 -0.79 66.73
C SER I 69 16.91 -1.59 65.89
N THR I 70 17.64 -0.90 65.02
CA THR I 70 18.55 -1.56 64.09
C THR I 70 19.93 -1.81 64.70
N GLY I 71 20.29 -0.98 65.67
CA GLY I 71 21.58 -1.10 66.33
C GLY I 71 22.75 -0.60 65.50
N ARG I 72 22.45 -0.07 64.32
CA ARG I 72 23.49 0.43 63.43
C ARG I 72 23.43 1.95 63.32
N LEU I 73 24.36 2.52 62.58
CA LEU I 73 24.39 3.96 62.34
C LEU I 73 23.46 4.29 61.17
N PRO I 74 22.59 5.29 61.35
CA PRO I 74 21.56 5.66 60.36
C PRO I 74 22.16 6.02 59.00
N ARG I 75 21.47 5.66 57.93
CA ARG I 75 21.89 6.04 56.59
C ARG I 75 21.27 7.38 56.17
N VAL I 76 21.96 8.09 55.28
CA VAL I 76 21.47 9.38 54.81
C VAL I 76 20.26 9.22 53.90
N VAL I 77 20.25 8.16 53.10
CA VAL I 77 19.12 7.86 52.22
C VAL I 77 17.82 7.73 53.00
N THR I 78 17.91 7.27 54.24
CA THR I 78 16.74 7.07 55.08
C THR I 78 16.13 8.42 55.47
N ALA I 79 17.00 9.33 55.94
CA ALA I 79 16.56 10.67 56.31
C ALA I 79 16.00 11.38 55.08
N ASN I 80 16.64 11.17 53.94
CA ASN I 80 16.18 11.75 52.69
C ASN I 80 14.79 11.25 52.30
N ARG I 81 14.59 9.94 52.35
CA ARG I 81 13.29 9.34 52.06
C ARG I 81 12.20 9.86 53.00
N MET I 82 12.47 9.83 54.30
CA MET I 82 11.51 10.30 55.29
C MET I 82 11.12 11.74 55.02
N LEU I 83 12.12 12.59 54.86
CA LEU I 83 11.91 14.01 54.60
C LEU I 83 11.09 14.25 53.32
N LYS I 84 11.54 13.69 52.21
CA LYS I 84 10.88 13.91 50.93
C LYS I 84 9.45 13.37 50.90
N GLN I 85 9.23 12.24 51.56
CA GLN I 85 7.89 11.65 51.57
C GLN I 85 6.94 12.45 52.45
N MET I 86 7.42 12.88 53.61
CA MET I 86 6.59 13.73 54.47
C MET I 86 6.25 15.03 53.76
N LEU I 87 7.28 15.70 53.23
CA LEU I 87 7.10 16.99 52.56
C LEU I 87 6.18 16.87 51.35
N PHE I 88 6.31 15.79 50.60
CA PHE I 88 5.47 15.56 49.43
C PHE I 88 4.03 15.29 49.84
N ARG I 89 3.84 14.60 50.97
CA ARG I 89 2.50 14.30 51.45
C ARG I 89 1.73 15.59 51.79
N TYR I 90 2.45 16.65 52.07
CA TYR I 90 1.83 17.93 52.42
C TYR I 90 1.81 18.92 51.26
N GLN I 91 2.27 18.44 50.09
CA GLN I 91 2.20 19.22 48.85
C GLN I 91 2.72 20.65 48.94
N GLY I 92 3.84 20.84 49.65
CA GLY I 92 4.48 22.14 49.70
C GLY I 92 3.96 23.10 50.74
N TYR I 93 2.92 22.70 51.48
CA TYR I 93 2.36 23.57 52.51
C TYR I 93 3.25 23.66 53.74
N ILE I 94 4.26 22.79 53.80
CA ILE I 94 5.30 22.89 54.82
C ILE I 94 6.52 23.59 54.20
N GLY I 95 6.69 24.87 54.52
CA GLY I 95 7.74 25.67 53.91
C GLY I 95 9.13 25.31 54.39
N ALA I 96 9.63 24.16 53.94
CA ALA I 96 10.91 23.65 54.41
C ALA I 96 11.87 23.27 53.29
N ALA I 97 12.81 24.15 52.99
CA ALA I 97 13.91 23.86 52.08
C ALA I 97 15.08 23.37 52.92
N LEU I 98 15.71 22.28 52.51
CA LEU I 98 16.70 21.64 53.37
C LEU I 98 17.97 21.22 52.64
N VAL I 99 19.09 21.28 53.37
CA VAL I 99 20.34 20.72 52.88
C VAL I 99 20.76 19.60 53.83
N LEU I 100 20.65 18.37 53.36
CA LEU I 100 20.90 17.19 54.20
C LEU I 100 22.29 16.62 53.94
N GLY I 101 23.15 16.64 54.95
CA GLY I 101 24.50 16.11 54.78
C GLY I 101 24.86 15.10 55.84
N GLY I 102 25.56 14.05 55.43
CA GLY I 102 26.00 13.06 56.41
C GLY I 102 26.98 12.02 55.89
N VAL I 103 27.66 11.34 56.81
CA VAL I 103 28.58 10.28 56.44
C VAL I 103 28.04 8.91 56.82
N ASP I 104 28.06 7.98 55.88
CA ASP I 104 27.46 6.66 56.06
C ASP I 104 28.47 5.55 56.17
N VAL I 105 27.98 4.33 56.08
CA VAL I 105 28.80 3.15 55.90
C VAL I 105 29.14 3.07 54.41
N THR I 106 28.45 3.88 53.63
CA THR I 106 28.65 3.94 52.19
C THR I 106 29.41 5.21 51.79
N GLY I 107 29.65 6.08 52.77
CA GLY I 107 30.43 7.28 52.52
C GLY I 107 29.69 8.58 52.77
N PRO I 108 30.20 9.67 52.21
CA PRO I 108 29.58 11.00 52.32
C PRO I 108 28.42 11.19 51.34
N HIS I 109 27.31 11.74 51.83
CA HIS I 109 26.13 11.99 51.02
C HIS I 109 25.51 13.35 51.31
N LEU I 110 25.21 14.07 50.24
CA LEU I 110 24.65 15.40 50.30
C LEU I 110 23.41 15.53 49.41
N TYR I 111 22.29 15.90 50.00
CA TYR I 111 21.03 16.06 49.29
C TYR I 111 20.50 17.47 49.47
N SER I 112 19.75 17.94 48.48
CA SER I 112 18.95 19.13 48.63
C SER I 112 17.49 18.71 48.55
N ILE I 113 16.68 19.20 49.48
CA ILE I 113 15.29 18.78 49.57
C ILE I 113 14.35 19.99 49.55
N TYR I 114 13.56 20.09 48.47
CA TYR I 114 12.64 21.21 48.31
C TYR I 114 11.29 20.89 48.96
N PRO I 115 10.60 21.93 49.47
CA PRO I 115 9.37 21.76 50.26
C PRO I 115 8.26 20.98 49.57
N HIS I 116 8.35 20.81 48.25
CA HIS I 116 7.35 20.04 47.52
C HIS I 116 7.66 18.55 47.52
N GLY I 117 8.85 18.19 47.98
CA GLY I 117 9.18 16.80 48.18
C GLY I 117 10.18 16.23 47.19
N SER I 118 10.76 17.09 46.36
CA SER I 118 11.75 16.64 45.39
C SER I 118 13.15 16.76 45.98
N THR I 119 14.02 15.81 45.64
CA THR I 119 15.39 15.83 46.15
C THR I 119 16.43 15.73 45.05
N ASP I 120 17.61 16.30 45.30
CA ASP I 120 18.73 16.20 44.37
C ASP I 120 20.00 15.79 45.11
N LYS I 121 20.64 14.72 44.65
CA LYS I 121 21.93 14.32 45.23
C LYS I 121 23.07 14.89 44.40
N LEU I 122 23.77 15.88 44.97
CA LEU I 122 24.80 16.59 44.26
C LEU I 122 26.04 16.80 45.13
N PRO I 123 27.22 16.94 44.50
CA PRO I 123 28.46 17.21 45.23
C PRO I 123 28.41 18.53 45.99
N TYR I 124 27.62 19.48 45.50
CA TYR I 124 27.44 20.75 46.20
C TYR I 124 26.06 21.33 45.94
N VAL I 125 25.44 21.89 46.99
CA VAL I 125 24.10 22.47 46.86
C VAL I 125 23.95 23.76 47.67
N THR I 126 22.99 24.58 47.27
CA THR I 126 22.65 25.80 48.01
C THR I 126 21.13 25.96 48.08
N MET I 127 20.65 26.54 49.18
CA MET I 127 19.23 26.82 49.36
C MET I 127 19.07 28.15 50.10
N GLY I 128 17.91 28.77 49.96
CA GLY I 128 17.61 30.01 50.64
C GLY I 128 17.53 31.21 49.72
N SER I 129 17.17 32.35 50.28
CA SER I 129 17.08 33.59 49.52
C SER I 129 18.44 34.01 48.96
N GLY I 130 19.51 33.58 49.60
CA GLY I 130 20.85 33.93 49.15
C GLY I 130 21.55 32.77 48.46
N SER I 131 20.76 31.83 47.93
CA SER I 131 21.32 30.62 47.35
C SER I 131 22.02 30.85 46.02
N LEU I 132 21.59 31.86 45.28
CA LEU I 132 22.17 32.16 43.97
C LEU I 132 23.63 32.62 44.10
N ALA I 133 23.88 33.52 45.05
CA ALA I 133 25.23 34.03 45.29
C ALA I 133 26.16 32.90 45.71
N ALA I 134 25.71 32.12 46.68
CA ALA I 134 26.49 31.00 47.19
C ALA I 134 26.79 30.01 46.07
N MET I 135 25.78 29.74 45.24
CA MET I 135 25.93 28.82 44.11
C MET I 135 26.91 29.39 43.08
N ALA I 136 26.98 30.71 42.98
CA ALA I 136 27.94 31.34 42.09
C ALA I 136 29.35 31.09 42.62
N VAL I 137 29.53 31.27 43.93
CA VAL I 137 30.82 30.97 44.56
C VAL I 137 31.22 29.51 44.35
N PHE I 138 30.27 28.59 44.50
CA PHE I 138 30.53 27.17 44.26
C PHE I 138 30.92 26.89 42.82
N GLU I 139 30.13 27.39 41.87
CA GLU I 139 30.38 27.16 40.46
C GLU I 139 31.70 27.77 40.03
N ASP I 140 32.15 28.80 40.74
CA ASP I 140 33.42 29.44 40.42
C ASP I 140 34.61 28.71 41.02
N LYS I 141 34.51 28.30 42.29
CA LYS I 141 35.68 27.80 43.02
C LYS I 141 35.51 26.42 43.66
N PHE I 142 34.84 25.51 42.96
CA PHE I 142 34.72 24.14 43.47
C PHE I 142 35.57 23.19 42.65
N ARG I 143 36.23 22.26 43.34
CA ARG I 143 36.94 21.17 42.69
C ARG I 143 36.70 19.90 43.49
N PRO I 144 36.61 18.75 42.81
CA PRO I 144 36.36 17.47 43.49
C PRO I 144 37.51 17.08 44.43
N ASP I 145 37.17 16.37 45.50
CA ASP I 145 38.15 15.89 46.47
C ASP I 145 38.99 16.99 47.10
N MET I 146 38.34 18.00 47.67
CA MET I 146 39.05 19.06 48.36
C MET I 146 39.50 18.58 49.74
N GLU I 147 40.45 19.30 50.33
CA GLU I 147 40.86 19.05 51.70
C GLU I 147 39.88 19.75 52.63
N GLU I 148 39.87 19.34 53.90
CA GLU I 148 38.89 19.85 54.87
C GLU I 148 38.89 21.37 55.01
N GLU I 149 40.04 21.96 55.31
CA GLU I 149 40.13 23.41 55.48
C GLU I 149 39.77 24.17 54.20
N GLU I 150 40.12 23.59 53.06
CA GLU I 150 39.81 24.18 51.76
C GLU I 150 38.30 24.25 51.57
N ALA I 151 37.62 23.14 51.85
CA ALA I 151 36.17 23.06 51.72
C ALA I 151 35.46 23.98 52.72
N LYS I 152 36.01 24.06 53.93
CA LYS I 152 35.47 24.96 54.95
C LYS I 152 35.56 26.40 54.46
N ASN I 153 36.70 26.74 53.87
CA ASN I 153 36.91 28.06 53.30
C ASN I 153 35.90 28.35 52.20
N LEU I 154 35.72 27.38 51.30
CA LEU I 154 34.77 27.53 50.19
C LEU I 154 33.34 27.77 50.67
N VAL I 155 32.88 26.91 51.57
CA VAL I 155 31.52 27.01 52.09
C VAL I 155 31.29 28.31 52.85
N SER I 156 32.24 28.66 53.72
CA SER I 156 32.12 29.92 54.47
C SER I 156 32.11 31.11 53.52
N GLU I 157 32.84 30.98 52.42
CA GLU I 157 32.88 32.02 51.39
C GLU I 157 31.51 32.16 50.73
N ALA I 158 30.91 31.03 50.39
CA ALA I 158 29.58 31.00 49.81
C ALA I 158 28.54 31.66 50.72
N ILE I 159 28.49 31.20 51.97
CA ILE I 159 27.60 31.76 52.97
C ILE I 159 27.85 33.26 53.13
N ALA I 160 29.11 33.67 53.02
CA ALA I 160 29.43 35.09 53.11
C ALA I 160 28.81 35.86 51.96
N ALA I 161 28.93 35.31 50.75
CA ALA I 161 28.33 35.91 49.56
C ALA I 161 26.84 36.09 49.77
N GLY I 162 26.19 35.06 50.30
CA GLY I 162 24.78 35.14 50.63
C GLY I 162 24.51 36.26 51.64
N ILE I 163 25.37 36.36 52.65
CA ILE I 163 25.19 37.32 53.72
C ILE I 163 25.25 38.77 53.23
N PHE I 164 26.26 39.09 52.43
CA PHE I 164 26.46 40.47 51.99
C PHE I 164 25.61 40.85 50.78
N ASN I 165 25.29 39.89 49.92
CA ASN I 165 24.54 40.20 48.70
C ASN I 165 23.02 40.08 48.83
N ASP I 166 22.56 39.28 49.81
CA ASP I 166 21.13 39.08 50.00
C ASP I 166 20.62 39.77 51.27
N LEU I 167 19.57 40.59 51.10
CA LEU I 167 18.97 41.30 52.22
C LEU I 167 18.28 40.35 53.20
N GLY I 168 18.07 39.11 52.77
CA GLY I 168 17.43 38.12 53.61
C GLY I 168 18.42 37.42 54.53
N SER I 169 19.70 37.50 54.19
CA SER I 169 20.75 36.88 55.00
C SER I 169 21.57 37.91 55.75
N GLY I 170 22.11 37.53 56.90
CA GLY I 170 22.91 38.44 57.70
C GLY I 170 23.48 37.83 58.96
N SER I 171 24.53 38.46 59.48
CA SER I 171 25.19 38.04 60.72
C SER I 171 26.27 36.97 60.54
N ASN I 172 26.24 35.96 61.42
CA ASN I 172 27.33 34.99 61.52
C ASN I 172 27.32 33.90 60.47
N ILE I 173 28.40 33.12 60.44
CA ILE I 173 28.51 31.95 59.57
C ILE I 173 28.74 30.71 60.43
N ASP I 174 27.81 29.76 60.36
CA ASP I 174 27.95 28.52 61.11
C ASP I 174 28.35 27.38 60.18
N LEU I 175 29.35 26.60 60.60
CA LEU I 175 29.80 25.47 59.82
C LEU I 175 29.57 24.16 60.56
N CYS I 176 29.57 23.07 59.81
CA CYS I 176 29.47 21.75 60.38
C CYS I 176 30.26 20.78 59.51
N VAL I 177 31.40 20.32 60.02
CA VAL I 177 32.24 19.38 59.29
C VAL I 177 31.96 17.96 59.76
N ILE I 178 31.74 17.07 58.80
CA ILE I 178 31.41 15.68 59.11
C ILE I 178 32.28 14.75 58.28
N SER I 179 33.19 14.04 58.96
CA SER I 179 34.06 13.08 58.27
C SER I 179 33.71 11.67 58.75
N LYS I 180 34.47 10.69 58.25
CA LYS I 180 34.23 9.29 58.62
C LYS I 180 34.50 9.00 60.10
N ASN I 181 35.08 9.98 60.81
CA ASN I 181 35.39 9.81 62.22
C ASN I 181 35.60 11.12 62.99
N LYS I 182 34.78 12.12 62.67
CA LYS I 182 34.84 13.41 63.36
C LYS I 182 33.59 14.24 63.10
N LEU I 183 33.19 15.04 64.09
CA LEU I 183 32.05 15.93 63.95
C LEU I 183 32.34 17.31 64.54
N ASP I 184 32.79 18.22 63.68
CA ASP I 184 33.09 19.59 64.11
C ASP I 184 31.88 20.50 63.91
N PHE I 185 31.10 20.69 64.97
CA PHE I 185 29.96 21.61 64.91
C PHE I 185 30.41 22.99 65.33
N LEU I 186 31.16 23.64 64.44
CA LEU I 186 31.70 24.97 64.71
C LEU I 186 30.59 26.00 64.68
N ARG I 187 30.19 26.47 65.86
CA ARG I 187 29.08 27.43 65.98
C ARG I 187 29.38 28.73 65.24
N PRO I 188 29.94 29.71 65.93
CA PRO I 188 30.22 30.99 65.28
C PRO I 188 31.50 30.92 64.44
N TYR I 189 31.53 30.03 63.45
CA TYR I 189 32.73 29.91 62.66
C TYR I 189 33.39 31.21 62.19
N THR I 190 32.61 32.26 61.99
CA THR I 190 33.03 33.59 61.60
C THR I 190 31.98 34.61 62.01
N VAL I 191 32.43 35.73 62.58
CA VAL I 191 31.54 36.84 62.89
C VAL I 191 31.97 38.04 62.04
N PRO I 192 31.58 38.03 60.75
CA PRO I 192 32.04 39.05 59.81
C PRO I 192 31.30 40.37 59.99
N ASN I 193 30.23 40.35 60.79
CA ASN I 193 29.44 41.54 61.04
C ASN I 193 29.38 41.88 62.52
N LYS I 194 29.58 43.16 62.84
CA LYS I 194 29.60 43.61 64.21
C LYS I 194 28.74 44.85 64.36
N LYS I 195 28.01 44.95 65.46
CA LYS I 195 27.28 46.16 65.76
C LYS I 195 28.26 47.27 66.14
N GLY I 196 28.03 48.47 65.62
CA GLY I 196 28.86 49.61 65.98
C GLY I 196 28.75 49.91 67.46
N THR I 197 29.84 50.40 68.04
CA THR I 197 29.86 50.72 69.46
C THR I 197 29.10 52.02 69.75
N ARG I 198 28.33 52.00 70.84
CA ARG I 198 27.56 53.17 71.25
C ARG I 198 28.45 54.38 71.46
N LEU I 199 28.00 55.54 70.98
CA LEU I 199 28.76 56.76 71.11
C LEU I 199 28.25 57.63 72.25
N GLY I 200 27.15 57.21 72.87
CA GLY I 200 26.56 57.98 73.96
C GLY I 200 26.09 57.13 75.12
N ARG I 201 25.64 57.80 76.17
CA ARG I 201 25.09 57.13 77.34
C ARG I 201 23.64 57.56 77.52
N TYR I 202 22.71 56.71 77.09
CA TYR I 202 21.30 57.02 77.22
C TYR I 202 20.71 56.32 78.43
N ARG I 203 21.58 55.94 79.36
CA ARG I 203 21.18 55.30 80.60
C ARG I 203 20.26 56.20 81.40
N CYS I 204 19.11 55.66 81.78
CA CYS I 204 18.16 56.41 82.59
C CYS I 204 18.40 56.10 84.07
N GLU I 205 18.66 57.15 84.84
CA GLU I 205 18.95 56.98 86.26
C GLU I 205 17.68 56.77 87.07
N LYS I 206 17.79 55.99 88.14
CA LYS I 206 16.65 55.62 88.98
C LYS I 206 15.83 56.83 89.44
N GLY I 207 14.60 56.92 88.97
CA GLY I 207 13.70 57.99 89.37
C GLY I 207 13.07 58.73 88.20
N THR I 208 13.68 58.60 87.02
CA THR I 208 13.21 59.32 85.85
C THR I 208 11.89 58.78 85.29
N THR I 209 11.54 57.56 85.70
CA THR I 209 10.27 56.97 85.28
C THR I 209 9.21 57.15 86.37
N ALA I 210 8.21 57.98 86.08
CA ALA I 210 7.11 58.21 87.02
C ALA I 210 6.27 56.94 87.20
N VAL I 211 5.85 56.70 88.43
CA VAL I 211 5.09 55.49 88.76
C VAL I 211 3.77 55.84 89.43
N LEU I 212 2.70 55.15 89.04
CA LEU I 212 1.38 55.39 89.62
C LEU I 212 1.03 54.37 90.69
N THR I 213 1.47 53.13 90.49
CA THR I 213 1.12 52.02 91.36
C THR I 213 2.32 51.11 91.58
N GLU I 214 2.49 50.64 92.82
CA GLU I 214 3.56 49.70 93.13
C GLU I 214 3.06 48.58 94.03
N LYS I 215 3.64 47.40 93.88
CA LYS I 215 3.30 46.26 94.72
C LYS I 215 4.44 45.24 94.76
N ILE I 216 5.08 45.12 95.92
CA ILE I 216 6.14 44.14 96.12
C ILE I 216 5.55 42.83 96.61
N THR I 217 6.08 41.71 96.12
CA THR I 217 5.61 40.40 96.54
C THR I 217 6.77 39.43 96.77
N PRO I 218 7.00 39.05 98.03
CA PRO I 218 8.09 38.15 98.43
C PRO I 218 7.88 36.72 97.94
N LEU I 219 8.98 36.03 97.67
CA LEU I 219 8.91 34.64 97.20
C LEU I 219 9.52 33.66 98.20
N GLU I 220 10.44 32.83 97.72
CA GLU I 220 11.12 31.88 98.57
C GLU I 220 12.44 31.41 97.96
N SER J 1 -4.88 43.99 58.86
CA SER J 1 -4.23 42.85 59.50
C SER J 1 -5.01 42.36 60.71
N ILE J 2 -5.00 41.03 60.91
CA ILE J 2 -5.74 40.43 62.01
C ILE J 2 -5.10 40.78 63.35
N MET J 3 -3.77 40.79 63.38
CA MET J 3 -3.01 41.12 64.59
C MET J 3 -3.32 42.54 65.07
N SER J 4 -3.56 43.44 64.13
CA SER J 4 -3.75 44.86 64.42
C SER J 4 -5.16 45.19 64.90
N TYR J 5 -6.04 44.19 64.89
CA TYR J 5 -7.44 44.38 65.23
C TYR J 5 -7.60 44.89 66.66
N ASN J 6 -6.87 44.29 67.59
CA ASN J 6 -6.92 44.70 68.99
C ASN J 6 -5.73 45.57 69.39
N GLY J 7 -4.61 45.37 68.69
CA GLY J 7 -3.39 46.09 68.99
C GLY J 7 -2.75 45.57 70.26
N GLY J 8 -1.74 46.30 70.76
CA GLY J 8 -1.07 45.91 71.98
C GLY J 8 0.42 45.74 71.82
N ALA J 9 1.12 45.63 72.94
CA ALA J 9 2.58 45.54 72.93
C ALA J 9 3.08 44.76 74.14
N VAL J 10 4.04 43.88 73.90
CA VAL J 10 4.64 43.07 74.95
C VAL J 10 6.15 43.02 74.77
N MET J 11 6.88 43.21 75.87
CA MET J 11 8.33 43.27 75.83
C MET J 11 8.94 42.54 77.02
N ALA J 12 10.11 41.92 76.82
CA ALA J 12 10.84 41.32 77.93
C ALA J 12 12.33 41.64 77.86
N MET J 13 12.93 41.88 79.01
CA MET J 13 14.33 42.28 79.11
C MET J 13 15.10 41.46 80.13
N LYS J 14 16.38 41.26 79.88
CA LYS J 14 17.24 40.49 80.78
C LYS J 14 18.02 41.41 81.71
N GLY J 15 18.35 40.91 82.90
CA GLY J 15 19.12 41.68 83.86
C GLY J 15 20.30 40.89 84.39
N LYS J 16 20.82 41.30 85.55
CA LYS J 16 21.92 40.59 86.19
C LYS J 16 21.45 39.23 86.68
N ASN J 17 20.72 39.23 87.79
CA ASN J 17 20.09 38.02 88.30
C ASN J 17 18.60 38.27 88.40
N CYS J 18 18.12 39.18 87.56
CA CYS J 18 16.71 39.54 87.52
C CYS J 18 16.22 39.57 86.08
N VAL J 19 14.91 39.66 85.91
CA VAL J 19 14.33 39.69 84.58
C VAL J 19 13.11 40.61 84.58
N ALA J 20 12.74 41.13 83.41
CA ALA J 20 11.64 42.09 83.33
C ALA J 20 10.67 41.77 82.20
N ILE J 21 9.40 42.06 82.42
CA ILE J 21 8.39 41.87 81.38
C ILE J 21 7.29 42.94 81.49
N ALA J 22 7.02 43.61 80.38
CA ALA J 22 6.06 44.70 80.38
C ALA J 22 5.05 44.60 79.24
N ALA J 23 3.91 45.24 79.43
CA ALA J 23 2.87 45.26 78.40
C ALA J 23 1.91 46.43 78.58
N ASP J 24 1.36 46.94 77.48
CA ASP J 24 0.36 48.00 77.55
C ASP J 24 -0.95 47.45 78.11
N ARG J 25 -1.89 48.32 78.41
CA ARG J 25 -3.10 47.91 79.14
C ARG J 25 -4.39 48.12 78.35
N ARG J 26 -4.27 48.53 77.09
CA ARG J 26 -5.44 48.86 76.30
C ARG J 26 -6.11 47.63 75.67
N PHE J 27 -7.40 47.48 75.92
CA PHE J 27 -8.21 46.56 75.13
C PHE J 27 -9.13 47.37 74.23
N GLY J 28 -8.84 47.33 72.93
CA GLY J 28 -9.61 48.07 71.97
C GLY J 28 -10.03 47.24 70.76
N ILE J 29 -11.11 47.67 70.12
CA ILE J 29 -11.56 47.05 68.89
C ILE J 29 -11.31 48.02 67.74
N GLN J 30 -10.33 47.67 66.90
CA GLN J 30 -9.85 48.55 65.85
C GLN J 30 -9.44 49.92 66.38
N ALA J 31 -10.35 50.89 66.33
CA ALA J 31 -10.00 52.26 66.71
C ALA J 31 -10.63 52.72 68.01
N GLN J 32 -11.54 51.92 68.57
CA GLN J 32 -12.19 52.30 69.80
C GLN J 32 -11.64 51.52 70.99
N MET J 33 -11.40 52.22 72.09
CA MET J 33 -10.92 51.58 73.31
C MET J 33 -12.11 51.13 74.15
N VAL J 34 -12.07 49.89 74.61
CA VAL J 34 -13.16 49.34 75.42
C VAL J 34 -12.75 49.27 76.88
N THR J 35 -11.52 48.82 77.13
CA THR J 35 -11.03 48.70 78.49
C THR J 35 -9.60 49.26 78.64
N THR J 36 -9.27 49.77 79.83
CA THR J 36 -7.92 50.29 80.08
C THR J 36 -7.15 49.45 81.10
N ASP J 37 -7.70 48.29 81.44
CA ASP J 37 -7.07 47.41 82.44
C ASP J 37 -7.01 45.96 81.96
N PHE J 38 -6.68 45.77 80.68
CA PHE J 38 -6.68 44.45 80.08
C PHE J 38 -5.38 43.71 80.37
N GLN J 39 -5.49 42.54 80.99
CA GLN J 39 -4.32 41.76 81.36
C GLN J 39 -3.75 40.99 80.16
N LYS J 40 -2.47 41.21 79.89
CA LYS J 40 -1.79 40.54 78.79
C LYS J 40 -0.59 39.74 79.29
N ILE J 41 -0.34 39.84 80.60
CA ILE J 41 0.75 39.09 81.23
C ILE J 41 0.20 38.16 82.31
N PHE J 42 0.53 36.89 82.20
CA PHE J 42 0.02 35.88 83.10
C PHE J 42 1.16 35.08 83.74
N PRO J 43 1.08 34.86 85.05
CA PRO J 43 2.06 34.07 85.79
C PRO J 43 1.88 32.59 85.54
N MET J 44 2.92 31.94 85.03
CA MET J 44 2.88 30.48 84.83
C MET J 44 3.66 29.80 85.95
N GLY J 45 3.54 30.34 87.16
CA GLY J 45 4.26 29.83 88.30
C GLY J 45 5.13 30.89 88.93
N ASP J 46 5.72 30.58 90.07
CA ASP J 46 6.57 31.54 90.78
C ASP J 46 7.83 31.83 89.96
N ARG J 47 8.08 33.12 89.73
CA ARG J 47 9.23 33.57 88.96
C ARG J 47 9.25 33.06 87.52
N LEU J 48 8.09 33.04 86.88
CA LEU J 48 7.98 32.69 85.46
C LEU J 48 6.71 33.28 84.88
N TYR J 49 6.86 34.28 84.02
CA TYR J 49 5.71 34.97 83.43
C TYR J 49 5.68 34.84 81.91
N ILE J 50 4.47 34.85 81.35
CA ILE J 50 4.29 34.89 79.90
C ILE J 50 3.47 36.12 79.50
N GLY J 51 3.77 36.71 78.36
CA GLY J 51 3.07 37.89 77.90
C GLY J 51 2.64 37.73 76.46
N LEU J 52 1.33 37.78 76.22
CA LEU J 52 0.79 37.54 74.89
C LEU J 52 0.24 38.81 74.26
N ALA J 53 0.73 39.11 73.06
CA ALA J 53 0.20 40.23 72.29
C ALA J 53 -0.47 39.71 71.02
N GLY J 54 -1.48 40.43 70.55
CA GLY J 54 -2.19 40.04 69.34
C GLY J 54 -3.68 40.05 69.53
N LEU J 55 -4.36 39.12 68.87
CA LEU J 55 -5.82 39.02 68.95
C LEU J 55 -6.22 38.61 70.37
N ALA J 56 -6.98 39.47 71.02
CA ALA J 56 -7.32 39.33 72.45
C ALA J 56 -7.87 37.95 72.80
N THR J 57 -8.80 37.46 71.98
CA THR J 57 -9.40 36.15 72.19
C THR J 57 -8.33 35.06 72.26
N ASP J 58 -7.43 35.07 71.30
CA ASP J 58 -6.37 34.05 71.26
C ASP J 58 -5.35 34.26 72.37
N VAL J 59 -5.21 35.49 72.82
CA VAL J 59 -4.37 35.77 73.99
C VAL J 59 -4.94 35.02 75.20
N GLN J 60 -6.20 35.29 75.50
CA GLN J 60 -6.87 34.64 76.63
C GLN J 60 -6.93 33.12 76.48
N THR J 61 -7.25 32.65 75.28
CA THR J 61 -7.40 31.22 75.02
C THR J 61 -6.08 30.48 75.15
N VAL J 62 -5.04 30.98 74.49
CA VAL J 62 -3.71 30.39 74.60
C VAL J 62 -3.24 30.39 76.05
N ALA J 63 -3.46 31.50 76.75
CA ALA J 63 -3.11 31.57 78.16
C ALA J 63 -3.79 30.47 78.97
N GLN J 64 -5.10 30.31 78.75
CA GLN J 64 -5.90 29.34 79.49
C GLN J 64 -5.51 27.89 79.22
N ARG J 65 -5.35 27.55 77.94
CA ARG J 65 -4.97 26.18 77.57
C ARG J 65 -3.55 25.88 78.05
N LEU J 66 -2.71 26.90 78.01
CA LEU J 66 -1.34 26.75 78.49
C LEU J 66 -1.33 26.49 79.99
N LYS J 67 -2.19 27.18 80.72
CA LYS J 67 -2.31 26.97 82.17
C LYS J 67 -2.83 25.56 82.44
N PHE J 68 -3.74 25.09 81.58
CA PHE J 68 -4.26 23.73 81.62
C PHE J 68 -3.11 22.72 81.57
N ARG J 69 -2.38 22.73 80.45
CA ARG J 69 -1.26 21.82 80.25
C ARG J 69 -0.18 21.96 81.31
N LEU J 70 0.07 23.19 81.74
CA LEU J 70 1.08 23.47 82.76
C LEU J 70 0.72 22.82 84.09
N ASN J 71 -0.52 23.06 84.53
CA ASN J 71 -1.01 22.46 85.76
C ASN J 71 -0.91 20.95 85.70
N LEU J 72 -1.33 20.37 84.59
CA LEU J 72 -1.19 18.92 84.42
C LEU J 72 0.26 18.46 84.49
N TYR J 73 1.17 19.28 83.97
CA TYR J 73 2.59 18.95 83.96
C TYR J 73 3.18 18.97 85.37
N GLU J 74 2.89 20.04 86.10
CA GLU J 74 3.38 20.20 87.46
C GLU J 74 2.66 19.27 88.44
N LEU J 75 1.60 18.62 87.97
CA LEU J 75 0.97 17.57 88.77
C LEU J 75 1.57 16.20 88.48
N LYS J 76 1.68 15.85 87.19
CA LYS J 76 2.30 14.58 86.81
C LYS J 76 3.74 14.49 87.30
N GLU J 77 4.45 15.60 87.15
CA GLU J 77 5.83 15.68 87.63
C GLU J 77 5.84 16.48 88.93
N GLY J 78 6.68 16.07 89.87
CA GLY J 78 6.69 16.69 91.18
C GLY J 78 7.60 17.90 91.25
N ARG J 79 7.42 18.83 90.30
CA ARG J 79 8.29 19.99 90.24
C ARG J 79 7.64 21.19 89.55
N GLN J 80 8.24 22.36 89.74
CA GLN J 80 7.88 23.54 88.96
C GLN J 80 8.51 23.41 87.58
N ILE J 81 8.00 24.18 86.62
CA ILE J 81 8.46 24.04 85.25
C ILE J 81 9.68 24.93 84.95
N LYS J 82 10.59 24.41 84.13
CA LYS J 82 11.74 25.17 83.67
C LYS J 82 11.30 26.11 82.55
N PRO J 83 11.99 27.25 82.39
CA PRO J 83 11.69 28.21 81.33
C PRO J 83 11.74 27.59 79.93
N TYR J 84 12.83 26.89 79.61
CA TYR J 84 12.98 26.20 78.33
C TYR J 84 11.82 25.25 78.08
N THR J 85 11.45 24.50 79.13
CA THR J 85 10.36 23.54 79.04
C THR J 85 9.05 24.24 78.70
N LEU J 86 8.77 25.34 79.40
CA LEU J 86 7.57 26.13 79.12
C LEU J 86 7.57 26.62 77.68
N MET J 87 8.73 27.05 77.21
CA MET J 87 8.88 27.53 75.84
C MET J 87 8.53 26.45 74.83
N SER J 88 9.07 25.25 75.02
CA SER J 88 8.77 24.13 74.14
C SER J 88 7.30 23.76 74.20
N MET J 89 6.71 23.89 75.39
CA MET J 89 5.30 23.60 75.59
C MET J 89 4.44 24.55 74.76
N VAL J 90 4.72 25.85 74.87
CA VAL J 90 4.01 26.85 74.09
C VAL J 90 4.20 26.61 72.60
N ALA J 91 5.44 26.31 72.20
CA ALA J 91 5.75 26.04 70.80
C ALA J 91 4.90 24.92 70.25
N ASN J 92 4.81 23.82 71.01
CA ASN J 92 3.99 22.68 70.64
C ASN J 92 2.52 23.07 70.52
N LEU J 93 2.02 23.76 71.55
CA LEU J 93 0.64 24.20 71.60
C LEU J 93 0.25 25.06 70.40
N LEU J 94 1.14 25.97 70.02
CA LEU J 94 0.88 26.84 68.88
C LEU J 94 0.98 26.08 67.56
N TYR J 95 1.96 25.19 67.45
CA TYR J 95 2.18 24.48 66.20
C TYR J 95 1.11 23.44 65.92
N GLU J 96 0.40 23.02 66.97
CA GLU J 96 -0.74 22.12 66.77
C GLU J 96 -1.80 22.77 65.88
N LYS J 97 -1.78 24.09 65.82
CA LYS J 97 -2.70 24.83 64.96
C LYS J 97 -1.95 25.46 63.78
N ARG J 98 -0.97 24.73 63.24
CA ARG J 98 -0.14 25.23 62.15
C ARG J 98 -0.94 25.80 60.98
N PHE J 99 -2.03 25.15 60.64
CA PHE J 99 -2.84 25.57 59.49
C PHE J 99 -4.12 26.29 59.88
N GLY J 100 -4.26 26.59 61.18
CA GLY J 100 -5.32 27.44 61.68
C GLY J 100 -4.87 28.14 62.94
N PRO J 101 -3.81 28.95 62.84
CA PRO J 101 -3.06 29.43 64.00
C PRO J 101 -3.80 30.45 64.86
N TYR J 102 -3.52 30.42 66.16
CA TYR J 102 -3.92 31.50 67.04
C TYR J 102 -3.15 32.74 66.60
N TYR J 103 -3.79 33.90 66.66
CA TYR J 103 -3.12 35.12 66.26
C TYR J 103 -2.55 35.85 67.46
N THR J 104 -1.51 35.26 68.04
CA THR J 104 -0.81 35.85 69.17
C THR J 104 0.67 35.48 69.13
N GLU J 105 1.53 36.40 69.57
CA GLU J 105 2.96 36.17 69.59
C GLU J 105 3.48 36.26 71.01
N PRO J 106 3.61 35.10 71.68
CA PRO J 106 3.94 35.03 73.10
C PRO J 106 5.40 35.40 73.40
N VAL J 107 5.61 35.94 74.59
CA VAL J 107 6.95 36.31 75.05
C VAL J 107 7.14 35.81 76.49
N ILE J 108 8.09 34.92 76.68
CA ILE J 108 8.32 34.32 77.99
C ILE J 108 9.51 34.94 78.69
N ALA J 109 9.30 35.33 79.96
CA ALA J 109 10.37 35.89 80.77
C ALA J 109 10.33 35.31 82.18
N GLY J 110 11.46 34.77 82.64
CA GLY J 110 11.50 34.21 83.98
C GLY J 110 12.89 33.86 84.48
N LEU J 111 12.95 33.23 85.65
CA LEU J 111 14.20 32.77 86.25
C LEU J 111 14.14 31.26 86.49
N ASP J 112 15.24 30.58 86.22
CA ASP J 112 15.31 29.14 86.43
C ASP J 112 15.03 28.80 87.90
N PRO J 113 13.94 28.06 88.15
CA PRO J 113 13.48 27.75 89.50
C PRO J 113 14.52 27.01 90.34
N LYS J 114 15.39 26.25 89.67
CA LYS J 114 16.47 25.55 90.36
C LYS J 114 17.66 26.49 90.56
N THR J 115 18.16 27.04 89.46
CA THR J 115 19.24 28.02 89.53
C THR J 115 18.65 29.37 89.91
N PHE J 116 18.66 30.29 88.93
CA PHE J 116 18.15 31.65 89.08
C PHE J 116 18.47 32.34 87.77
N LYS J 117 19.12 31.58 86.88
CA LYS J 117 19.57 32.07 85.59
C LYS J 117 18.42 32.69 84.80
N PRO J 118 18.54 33.97 84.44
CA PRO J 118 17.49 34.70 83.72
C PRO J 118 17.21 34.09 82.36
N PHE J 119 16.00 34.28 81.85
CA PHE J 119 15.57 33.67 80.61
C PHE J 119 14.51 34.52 79.90
N ILE J 120 14.77 34.84 78.64
CA ILE J 120 13.77 35.47 77.79
C ILE J 120 13.72 34.87 76.37
N CYS J 121 12.50 34.56 75.94
CA CYS J 121 12.28 34.09 74.58
C CYS J 121 11.00 34.66 74.00
N SER J 122 10.82 34.48 72.69
CA SER J 122 9.59 34.86 72.01
C SER J 122 9.24 33.76 71.03
N LEU J 123 7.99 33.76 70.53
CA LEU J 123 7.57 32.74 69.57
C LEU J 123 6.70 33.28 68.43
N ASP J 124 6.67 32.52 67.33
CA ASP J 124 5.75 32.78 66.22
C ASP J 124 4.31 32.61 66.66
N LEU J 125 3.39 32.80 65.72
CA LEU J 125 2.01 32.42 65.96
C LEU J 125 1.87 30.91 65.74
N ILE J 126 2.83 30.33 65.03
CA ILE J 126 2.88 28.89 64.82
C ILE J 126 3.91 28.21 65.71
N GLY J 127 4.47 28.98 66.64
CA GLY J 127 5.29 28.42 67.70
C GLY J 127 6.76 28.17 67.39
N CYS J 128 7.40 29.09 66.68
CA CYS J 128 8.84 29.01 66.49
C CYS J 128 9.55 29.78 67.58
N PRO J 129 10.34 29.09 68.41
CA PRO J 129 11.02 29.70 69.56
C PRO J 129 12.24 30.52 69.17
N MET J 130 12.51 31.56 69.95
CA MET J 130 13.68 32.40 69.76
C MET J 130 14.16 32.93 71.11
N VAL J 131 15.30 32.45 71.57
CA VAL J 131 15.84 32.86 72.86
C VAL J 131 16.89 33.95 72.71
N THR J 132 16.83 34.98 73.55
CA THR J 132 17.85 36.02 73.48
C THR J 132 18.46 36.35 74.83
N ASP J 133 19.54 37.10 74.81
CA ASP J 133 20.23 37.47 76.04
C ASP J 133 20.00 38.92 76.42
N ASP J 134 19.30 39.66 75.57
CA ASP J 134 19.06 41.08 75.81
C ASP J 134 17.57 41.41 75.96
N PHE J 135 16.84 41.37 74.85
CA PHE J 135 15.42 41.71 74.86
C PHE J 135 14.64 40.95 73.81
N VAL J 136 13.33 40.86 74.00
CA VAL J 136 12.42 40.33 73.00
C VAL J 136 11.16 41.19 72.96
N VAL J 137 10.64 41.41 71.76
CA VAL J 137 9.45 42.23 71.59
C VAL J 137 8.40 41.54 70.71
N SER J 138 7.14 41.86 70.94
CA SER J 138 6.06 41.37 70.10
C SER J 138 4.86 42.30 70.21
N GLY J 139 4.32 42.72 69.08
CA GLY J 139 3.19 43.63 69.09
C GLY J 139 3.08 44.45 67.82
N THR J 140 2.10 45.34 67.79
CA THR J 140 1.85 46.17 66.61
C THR J 140 2.92 47.24 66.46
N CYS J 141 3.62 47.55 67.54
CA CYS J 141 4.68 48.54 67.53
C CYS J 141 6.06 47.91 67.77
N ALA J 142 6.27 46.76 67.15
CA ALA J 142 7.52 46.02 67.31
C ALA J 142 8.74 46.80 66.83
N GLU J 143 8.57 47.58 65.77
CA GLU J 143 9.69 48.33 65.20
C GLU J 143 10.13 49.44 66.16
N GLN J 144 9.17 50.10 66.79
CA GLN J 144 9.47 51.13 67.77
C GLN J 144 10.19 50.53 68.98
N MET J 145 9.66 49.41 69.46
CA MET J 145 10.26 48.71 70.60
C MET J 145 11.69 48.28 70.29
N TYR J 146 11.91 47.77 69.08
CA TYR J 146 13.25 47.42 68.63
C TYR J 146 14.14 48.65 68.65
N GLY J 147 13.59 49.77 68.18
CA GLY J 147 14.32 51.03 68.15
C GLY J 147 14.79 51.47 69.52
N MET J 148 13.92 51.36 70.52
CA MET J 148 14.28 51.74 71.88
C MET J 148 15.25 50.76 72.52
N CYS J 149 14.95 49.47 72.40
CA CYS J 149 15.75 48.42 73.02
C CYS J 149 17.18 48.38 72.48
N GLU J 150 17.34 48.60 71.18
CA GLU J 150 18.67 48.57 70.56
C GLU J 150 19.57 49.71 71.03
N SER J 151 18.98 50.71 71.68
CA SER J 151 19.71 51.90 72.07
C SER J 151 19.75 52.13 73.59
N LEU J 152 18.89 51.44 74.32
CA LEU J 152 18.83 51.63 75.77
C LEU J 152 19.43 50.49 76.58
N TRP J 153 19.34 49.27 76.04
CA TRP J 153 19.72 48.09 76.80
C TRP J 153 21.22 47.96 77.04
N GLU J 154 21.58 47.72 78.30
CA GLU J 154 22.95 47.42 78.69
C GLU J 154 22.97 46.01 79.26
N PRO J 155 24.15 45.35 79.26
CA PRO J 155 24.25 43.98 79.75
C PRO J 155 23.81 43.77 81.20
N ASN J 156 24.73 43.89 82.14
CA ASN J 156 24.45 43.56 83.54
C ASN J 156 23.75 44.67 84.31
N MET J 157 22.43 44.75 84.13
CA MET J 157 21.65 45.78 84.81
C MET J 157 21.12 45.29 86.15
N ASP J 158 21.15 46.16 87.15
CA ASP J 158 20.56 45.87 88.44
C ASP J 158 19.04 46.05 88.34
N PRO J 159 18.28 45.44 89.26
CA PRO J 159 16.81 45.52 89.26
C PRO J 159 16.21 46.93 89.19
N ASP J 160 17.02 47.97 89.35
CA ASP J 160 16.53 49.34 89.24
C ASP J 160 16.76 49.94 87.86
N HIS J 161 17.93 49.65 87.28
CA HIS J 161 18.24 50.13 85.94
C HIS J 161 17.42 49.39 84.89
N LEU J 162 17.18 48.11 85.14
CA LEU J 162 16.36 47.30 84.24
C LEU J 162 14.95 47.87 84.16
N PHE J 163 14.40 48.24 85.32
CA PHE J 163 13.07 48.83 85.37
C PHE J 163 12.99 50.10 84.53
N GLU J 164 13.93 51.02 84.77
CA GLU J 164 13.97 52.28 84.05
C GLU J 164 14.10 52.06 82.55
N THR J 165 14.95 51.12 82.17
CA THR J 165 15.19 50.83 80.76
C THR J 165 13.95 50.29 80.06
N ILE J 166 13.39 49.20 80.59
CA ILE J 166 12.22 48.59 79.98
C ILE J 166 11.01 49.54 80.00
N SER J 167 10.94 50.37 81.04
CA SER J 167 9.85 51.33 81.17
C SER J 167 9.96 52.42 80.10
N GLN J 168 11.15 52.96 79.92
CA GLN J 168 11.35 53.99 78.91
C GLN J 168 11.14 53.44 77.50
N ALA J 169 11.63 52.22 77.28
CA ALA J 169 11.42 51.54 76.00
C ALA J 169 9.94 51.40 75.69
N MET J 170 9.21 50.76 76.61
CA MET J 170 7.77 50.55 76.44
C MET J 170 7.02 51.87 76.24
N LEU J 171 7.22 52.82 77.16
CA LEU J 171 6.54 54.12 77.09
C LEU J 171 6.75 54.82 75.76
N ASN J 172 8.01 54.98 75.37
CA ASN J 172 8.34 55.75 74.19
C ASN J 172 8.05 55.05 72.85
N ALA J 173 8.08 53.72 72.87
CA ALA J 173 7.66 52.95 71.70
C ALA J 173 6.15 53.06 71.53
N VAL J 174 5.44 52.75 72.61
CA VAL J 174 3.98 52.76 72.63
C VAL J 174 3.40 54.13 72.28
N ASP J 175 4.09 55.19 72.68
CA ASP J 175 3.60 56.55 72.42
C ASP J 175 3.67 56.96 70.94
N ARG J 176 4.30 56.12 70.12
CA ARG J 176 4.33 56.37 68.68
C ARG J 176 3.41 55.41 67.93
N ASP J 177 2.56 54.70 68.68
CA ASP J 177 1.60 53.77 68.10
C ASP J 177 0.20 54.10 68.59
N ALA J 178 -0.75 54.11 67.67
CA ALA J 178 -2.11 54.56 67.97
C ALA J 178 -2.95 53.51 68.68
N VAL J 179 -2.63 52.24 68.45
CA VAL J 179 -3.45 51.15 68.98
C VAL J 179 -2.77 50.44 70.16
N SER J 180 -1.66 51.00 70.63
CA SER J 180 -0.98 50.49 71.80
C SER J 180 -0.84 51.60 72.83
N GLY J 181 -1.10 51.28 74.09
CA GLY J 181 -0.98 52.26 75.16
C GLY J 181 -2.10 52.21 76.18
N MET J 182 -2.60 53.38 76.53
CA MET J 182 -3.58 53.54 77.60
C MET J 182 -3.07 52.96 78.91
N GLY J 183 -1.77 53.13 79.16
CA GLY J 183 -1.14 52.62 80.36
C GLY J 183 -0.16 51.51 80.07
N VAL J 184 0.88 51.43 80.90
CA VAL J 184 1.87 50.36 80.77
C VAL J 184 2.09 49.70 82.13
N ILE J 185 2.16 48.37 82.13
CA ILE J 185 2.45 47.62 83.34
C ILE J 185 3.78 46.88 83.21
N VAL J 186 4.56 46.91 84.28
CA VAL J 186 5.87 46.27 84.31
C VAL J 186 6.00 45.35 85.51
N HIS J 187 6.43 44.12 85.24
CA HIS J 187 6.78 43.17 86.28
C HIS J 187 8.30 42.98 86.25
N ILE J 188 8.95 43.38 87.33
CA ILE J 188 10.37 43.10 87.50
C ILE J 188 10.53 42.00 88.55
N ILE J 189 11.02 40.85 88.09
CA ILE J 189 11.08 39.66 88.94
C ILE J 189 12.52 39.26 89.25
N GLU J 190 12.76 38.98 90.52
CA GLU J 190 14.07 38.54 91.00
C GLU J 190 13.91 37.36 91.93
N LYS J 191 15.02 36.78 92.37
CA LYS J 191 15.00 35.57 93.18
C LYS J 191 14.17 35.73 94.47
N ASP J 192 14.32 36.88 95.12
CA ASP J 192 13.68 37.13 96.41
C ASP J 192 12.23 37.59 96.26
N LYS J 193 11.98 38.49 95.31
CA LYS J 193 10.68 39.14 95.22
C LYS J 193 10.23 39.39 93.79
N ILE J 194 8.96 39.80 93.67
CA ILE J 194 8.41 40.25 92.40
C ILE J 194 7.80 41.63 92.60
N THR J 195 8.21 42.59 91.77
CA THR J 195 7.72 43.95 91.89
C THR J 195 6.88 44.34 90.69
N THR J 196 5.62 44.67 90.93
CA THR J 196 4.69 45.04 89.87
C THR J 196 4.33 46.51 89.95
N ARG J 197 4.58 47.25 88.87
CA ARG J 197 4.26 48.67 88.85
C ARG J 197 3.49 49.04 87.58
N THR J 198 2.56 49.98 87.70
CA THR J 198 1.94 50.57 86.52
C THR J 198 2.47 51.99 86.34
N LEU J 199 2.99 52.27 85.15
CA LEU J 199 3.66 53.53 84.89
C LEU J 199 2.67 54.66 84.63
N LYS J 200 3.15 55.89 84.78
CA LYS J 200 2.41 57.07 84.39
C LYS J 200 2.58 57.21 82.90
N ALA J 201 1.49 57.10 82.15
CA ALA J 201 1.55 57.10 80.69
C ALA J 201 0.47 57.96 80.06
N ARG J 202 0.62 58.25 78.77
CA ARG J 202 -0.41 58.95 78.02
C ARG J 202 -1.65 58.07 77.88
N MET J 203 -2.81 58.71 77.85
CA MET J 203 -4.07 57.97 77.73
C MET J 203 -4.86 58.42 76.51
N ASP J 204 -4.17 58.64 75.40
CA ASP J 204 -4.82 59.11 74.18
C ASP J 204 -4.56 58.20 72.98
N MET K 1 -30.57 48.67 63.98
CA MET K 1 -29.41 48.04 64.60
C MET K 1 -29.45 48.22 66.12
N GLU K 2 -29.00 47.20 66.84
CA GLU K 2 -29.29 47.07 68.26
C GLU K 2 -28.32 47.79 69.20
N TYR K 3 -28.81 48.13 70.39
CA TYR K 3 -28.02 48.88 71.37
C TYR K 3 -28.12 48.30 72.79
N LEU K 4 -26.96 48.04 73.38
CA LEU K 4 -26.87 47.54 74.75
C LEU K 4 -26.08 48.51 75.62
N ILE K 5 -26.40 48.56 76.90
CA ILE K 5 -25.65 49.41 77.83
C ILE K 5 -25.66 48.87 79.26
N GLY K 6 -24.48 48.90 79.89
CA GLY K 6 -24.34 48.46 81.27
C GLY K 6 -23.54 49.44 82.10
N ILE K 7 -24.02 49.69 83.32
CA ILE K 7 -23.35 50.58 84.25
C ILE K 7 -23.28 49.93 85.62
N GLN K 8 -22.07 49.64 86.08
CA GLN K 8 -21.89 48.99 87.38
C GLN K 8 -21.73 50.00 88.52
N GLY K 9 -22.51 49.83 89.57
CA GLY K 9 -22.39 50.65 90.76
C GLY K 9 -21.61 49.91 91.83
N PRO K 10 -21.55 50.49 93.05
CA PRO K 10 -20.85 49.85 94.16
C PRO K 10 -21.50 48.55 94.63
N ASP K 11 -22.83 48.46 94.55
CA ASP K 11 -23.53 47.27 95.03
C ASP K 11 -24.64 46.81 94.08
N TYR K 12 -24.61 47.30 92.85
CA TYR K 12 -25.66 46.99 91.88
C TYR K 12 -25.13 47.06 90.45
N VAL K 13 -25.89 46.48 89.52
CA VAL K 13 -25.58 46.61 88.10
C VAL K 13 -26.83 47.04 87.35
N LEU K 14 -26.74 48.17 86.65
CA LEU K 14 -27.86 48.68 85.89
C LEU K 14 -27.68 48.37 84.41
N VAL K 15 -28.66 47.71 83.81
CA VAL K 15 -28.56 47.36 82.40
C VAL K 15 -29.78 47.83 81.61
N ALA K 16 -29.54 48.17 80.34
CA ALA K 16 -30.61 48.63 79.47
C ALA K 16 -30.36 48.27 78.01
N SER K 17 -31.46 48.04 77.28
CA SER K 17 -31.37 47.69 75.87
C SER K 17 -32.52 48.32 75.09
N ASP K 18 -32.40 48.39 73.77
CA ASP K 18 -33.49 48.92 72.96
C ASP K 18 -34.57 47.87 72.77
N ARG K 19 -35.77 48.30 72.41
CA ARG K 19 -36.90 47.38 72.29
C ARG K 19 -37.31 47.14 70.85
N VAL K 20 -36.44 47.49 69.91
CA VAL K 20 -36.76 47.40 68.50
C VAL K 20 -36.28 46.09 67.87
N ALA K 21 -37.19 45.38 67.23
CA ALA K 21 -36.83 44.30 66.32
C ALA K 21 -37.17 44.75 64.92
N ALA K 22 -36.15 44.99 64.12
CA ALA K 22 -36.32 45.56 62.79
C ALA K 22 -35.74 44.67 61.70
N SER K 23 -36.37 44.72 60.54
CA SER K 23 -35.87 44.03 59.35
C SER K 23 -36.10 44.94 58.16
N ASN K 24 -35.10 44.99 57.27
CA ASN K 24 -35.13 45.89 56.11
C ASN K 24 -35.24 47.35 56.54
N ILE K 25 -36.37 47.98 56.22
CA ILE K 25 -36.57 49.38 56.55
C ILE K 25 -37.71 49.57 57.55
N VAL K 26 -38.30 48.47 58.00
CA VAL K 26 -39.43 48.55 58.91
C VAL K 26 -39.11 48.00 60.30
N GLN K 27 -39.73 48.62 61.31
CA GLN K 27 -39.74 48.05 62.65
C GLN K 27 -40.80 46.96 62.67
N MET K 28 -40.41 45.75 63.04
CA MET K 28 -41.37 44.65 63.09
C MET K 28 -41.83 44.36 64.50
N LYS K 29 -41.15 44.94 65.49
CA LYS K 29 -41.53 44.77 66.88
C LYS K 29 -41.05 45.93 67.74
N ASP K 30 -41.95 46.46 68.56
CA ASP K 30 -41.63 47.61 69.40
C ASP K 30 -41.46 47.23 70.88
N ASP K 31 -41.58 45.94 71.17
CA ASP K 31 -41.44 45.46 72.54
C ASP K 31 -40.49 44.26 72.63
N HIS K 32 -39.48 44.25 71.75
CA HIS K 32 -38.49 43.18 71.75
C HIS K 32 -37.63 43.25 72.99
N ASP K 33 -37.32 42.09 73.56
CA ASP K 33 -36.51 42.03 74.77
C ASP K 33 -35.17 41.36 74.48
N LYS K 34 -34.08 42.06 74.80
CA LYS K 34 -32.75 41.55 74.50
C LYS K 34 -32.05 40.92 75.69
N MET K 35 -32.78 40.75 76.80
CA MET K 35 -32.17 40.23 78.02
C MET K 35 -32.59 38.78 78.32
N PHE K 36 -31.67 38.02 78.90
CA PHE K 36 -31.92 36.63 79.22
C PHE K 36 -31.56 36.31 80.66
N LYS K 37 -32.56 35.91 81.45
CA LYS K 37 -32.33 35.51 82.84
C LYS K 37 -31.66 34.15 82.84
N MET K 38 -30.49 34.07 83.45
CA MET K 38 -29.72 32.83 83.48
C MET K 38 -29.62 32.28 84.90
N SER K 39 -29.45 33.19 85.85
CA SER K 39 -29.51 32.86 87.26
C SER K 39 -30.51 33.82 87.91
N GLU K 40 -30.70 33.69 89.21
CA GLU K 40 -31.57 34.62 89.92
C GLU K 40 -30.89 35.98 90.04
N LYS K 41 -29.58 35.99 89.79
CA LYS K 41 -28.79 37.22 89.90
C LYS K 41 -27.88 37.44 88.69
N ILE K 42 -28.20 36.82 87.56
CA ILE K 42 -27.41 36.99 86.34
C ILE K 42 -28.27 37.27 85.10
N LEU K 43 -27.96 38.36 84.41
CA LEU K 43 -28.62 38.70 83.16
C LEU K 43 -27.64 38.67 81.99
N LEU K 44 -28.09 38.14 80.86
CA LEU K 44 -27.28 38.08 79.64
C LEU K 44 -27.91 38.92 78.52
N LEU K 45 -27.23 40.00 78.17
CA LEU K 45 -27.68 40.90 77.11
C LEU K 45 -27.00 40.51 75.81
N CYS K 46 -27.73 39.86 74.91
CA CYS K 46 -27.14 39.40 73.66
C CYS K 46 -27.69 40.16 72.45
N VAL K 47 -26.84 40.39 71.46
CA VAL K 47 -27.21 41.20 70.31
C VAL K 47 -26.39 40.81 69.07
N GLY K 48 -26.99 40.92 67.89
CA GLY K 48 -26.25 40.67 66.67
C GLY K 48 -27.02 39.99 65.55
N GLU K 49 -26.43 38.91 65.03
CA GLU K 49 -26.96 38.18 63.87
C GLU K 49 -28.38 37.65 64.12
N ALA K 50 -29.08 37.32 63.04
CA ALA K 50 -30.48 36.90 63.09
C ALA K 50 -30.78 35.79 64.10
N GLY K 51 -30.45 34.55 63.75
CA GLY K 51 -30.77 33.41 64.60
C GLY K 51 -29.69 33.11 65.63
N ASP K 52 -28.47 33.55 65.32
CA ASP K 52 -27.31 33.31 66.17
C ASP K 52 -27.54 33.79 67.60
N THR K 53 -28.12 34.99 67.72
CA THR K 53 -28.37 35.58 69.03
C THR K 53 -29.21 34.68 69.92
N VAL K 54 -30.46 34.46 69.52
CA VAL K 54 -31.38 33.65 70.32
C VAL K 54 -30.85 32.24 70.54
N GLN K 55 -30.33 31.61 69.47
CA GLN K 55 -29.79 30.26 69.59
C GLN K 55 -28.71 30.16 70.66
N PHE K 56 -27.65 30.95 70.48
CA PHE K 56 -26.52 30.95 71.42
C PHE K 56 -26.96 31.30 72.84
N ALA K 57 -27.69 32.40 72.98
CA ALA K 57 -28.16 32.86 74.28
C ALA K 57 -28.97 31.81 75.02
N GLU K 58 -29.93 31.19 74.32
CA GLU K 58 -30.75 30.16 74.94
C GLU K 58 -29.94 28.92 75.29
N TYR K 59 -28.98 28.58 74.44
CA TYR K 59 -28.09 27.46 74.73
C TYR K 59 -27.36 27.68 76.05
N ILE K 60 -26.70 28.82 76.16
CA ILE K 60 -25.98 29.20 77.38
C ILE K 60 -26.92 29.18 78.58
N GLN K 61 -28.07 29.80 78.43
CA GLN K 61 -29.09 29.88 79.48
C GLN K 61 -29.48 28.51 80.03
N LYS K 62 -29.89 27.63 79.13
CA LYS K 62 -30.30 26.28 79.53
C LYS K 62 -29.14 25.49 80.14
N ASN K 63 -27.93 25.75 79.67
CA ASN K 63 -26.77 25.10 80.28
C ASN K 63 -26.49 25.57 81.71
N VAL K 64 -26.69 26.87 81.95
CA VAL K 64 -26.54 27.43 83.28
C VAL K 64 -27.60 26.84 84.21
N GLN K 65 -28.84 26.82 83.73
CA GLN K 65 -29.92 26.21 84.50
C GLN K 65 -29.65 24.74 84.79
N LEU K 66 -29.06 24.04 83.81
CA LEU K 66 -28.67 22.66 83.98
C LEU K 66 -27.63 22.53 85.09
N TYR K 67 -26.68 23.47 85.13
CA TYR K 67 -25.69 23.50 86.19
C TYR K 67 -26.39 23.62 87.54
N LYS K 68 -27.31 24.58 87.63
CA LYS K 68 -28.09 24.80 88.84
C LYS K 68 -28.81 23.54 89.33
N MET K 69 -29.46 22.85 88.41
CA MET K 69 -30.19 21.63 88.76
C MET K 69 -29.26 20.50 89.18
N ARG K 70 -28.13 20.37 88.48
CA ARG K 70 -27.17 19.30 88.76
C ARG K 70 -26.44 19.50 90.09
N ASN K 71 -26.26 20.75 90.50
CA ASN K 71 -25.38 21.02 91.64
C ASN K 71 -26.06 21.69 92.84
N GLY K 72 -27.27 22.19 92.65
CA GLY K 72 -28.02 22.78 93.75
C GLY K 72 -27.65 24.23 94.04
N TYR K 73 -26.61 24.72 93.39
CA TYR K 73 -26.24 26.14 93.48
C TYR K 73 -25.96 26.71 92.10
N GLU K 74 -26.10 28.03 91.98
CA GLU K 74 -25.94 28.69 90.69
C GLU K 74 -24.48 29.06 90.41
N LEU K 75 -24.16 29.23 89.13
CA LEU K 75 -22.84 29.70 88.73
C LEU K 75 -22.66 31.15 89.14
N SER K 76 -21.44 31.52 89.52
CA SER K 76 -21.12 32.92 89.78
C SER K 76 -21.13 33.65 88.45
N PRO K 77 -21.38 34.97 88.48
CA PRO K 77 -21.34 35.79 87.26
C PRO K 77 -20.05 35.61 86.48
N THR K 78 -18.93 35.45 87.19
CA THR K 78 -17.63 35.25 86.55
C THR K 78 -17.56 33.89 85.85
N ALA K 79 -17.94 32.84 86.58
CA ALA K 79 -17.96 31.49 86.01
C ALA K 79 -18.88 31.43 84.81
N ALA K 80 -20.02 32.10 84.91
CA ALA K 80 -20.96 32.19 83.80
C ALA K 80 -20.29 32.86 82.61
N ALA K 81 -19.73 34.04 82.83
CA ALA K 81 -19.07 34.80 81.77
C ALA K 81 -18.00 33.98 81.04
N ASN K 82 -17.16 33.29 81.81
CA ASN K 82 -16.12 32.46 81.21
C ASN K 82 -16.66 31.21 80.53
N PHE K 83 -17.82 30.75 80.98
CA PHE K 83 -18.51 29.64 80.32
C PHE K 83 -18.98 30.08 78.94
N THR K 84 -19.69 31.20 78.87
CA THR K 84 -20.18 31.71 77.59
C THR K 84 -19.01 32.03 76.68
N ARG K 85 -17.96 32.61 77.25
CA ARG K 85 -16.79 32.97 76.46
C ARG K 85 -16.11 31.73 75.89
N ARG K 86 -16.07 30.66 76.69
CA ARG K 86 -15.51 29.40 76.23
C ARG K 86 -16.32 28.85 75.07
N ASN K 87 -17.64 28.79 75.24
CA ASN K 87 -18.50 28.31 74.16
C ASN K 87 -18.35 29.12 72.88
N LEU K 88 -18.41 30.43 72.99
CA LEU K 88 -18.31 31.32 71.84
C LEU K 88 -16.94 31.21 71.15
N ALA K 89 -15.89 31.06 71.96
CA ALA K 89 -14.54 30.97 71.41
C ALA K 89 -14.31 29.63 70.72
N ASP K 90 -14.97 28.58 71.21
CA ASP K 90 -14.80 27.26 70.64
C ASP K 90 -15.42 27.15 69.25
N CYS K 91 -16.51 27.89 69.03
CA CYS K 91 -17.22 27.85 67.75
C CYS K 91 -16.64 28.84 66.74
N LEU K 92 -15.67 29.63 67.19
CA LEU K 92 -15.11 30.70 66.37
C LEU K 92 -14.44 30.18 65.11
N ARG K 93 -13.69 29.10 65.24
CA ARG K 93 -12.97 28.52 64.11
C ARG K 93 -13.65 27.24 63.62
N SER K 94 -14.93 27.09 63.97
CA SER K 94 -15.68 25.91 63.57
C SER K 94 -16.50 26.17 62.31
N ARG K 95 -17.40 25.26 62.00
CA ARG K 95 -18.26 25.39 60.83
C ARG K 95 -19.43 26.33 61.14
N THR K 96 -19.84 26.37 62.41
CA THR K 96 -20.98 27.19 62.82
C THR K 96 -20.62 28.20 63.90
N PRO K 97 -20.02 29.34 63.49
CA PRO K 97 -19.69 30.41 64.42
C PRO K 97 -20.88 31.33 64.70
N TYR K 98 -21.02 31.75 65.94
CA TYR K 98 -22.11 32.64 66.34
C TYR K 98 -21.67 34.09 66.37
N HIS K 99 -22.20 34.89 65.45
CA HIS K 99 -21.90 36.31 65.40
C HIS K 99 -22.72 37.08 66.42
N VAL K 100 -22.25 37.07 67.67
CA VAL K 100 -22.97 37.72 68.76
C VAL K 100 -22.07 38.59 69.64
N ASN K 101 -22.51 39.83 69.88
CA ASN K 101 -21.87 40.68 70.87
C ASN K 101 -22.73 40.68 72.12
N LEU K 102 -22.08 40.67 73.29
CA LEU K 102 -22.87 40.53 74.52
C LEU K 102 -22.33 41.24 75.76
N LEU K 103 -23.25 41.49 76.69
CA LEU K 103 -22.91 41.99 78.02
C LEU K 103 -23.41 40.99 79.04
N LEU K 104 -22.68 40.81 80.14
CA LEU K 104 -23.17 39.95 81.22
C LEU K 104 -23.19 40.71 82.54
N ALA K 105 -24.38 40.87 83.10
CA ALA K 105 -24.52 41.54 84.38
C ALA K 105 -24.77 40.52 85.48
N GLY K 106 -24.22 40.76 86.66
CA GLY K 106 -24.40 39.82 87.75
C GLY K 106 -24.08 40.35 89.13
N TYR K 107 -24.58 39.64 90.14
CA TYR K 107 -24.25 39.96 91.53
C TYR K 107 -23.85 38.69 92.25
N ASP K 108 -22.68 38.70 92.87
CA ASP K 108 -22.19 37.57 93.64
C ASP K 108 -22.31 37.88 95.12
N GLU K 109 -22.57 36.84 95.92
CA GLU K 109 -22.67 37.00 97.37
C GLU K 109 -21.30 37.33 97.96
N HIS K 110 -20.24 37.06 97.21
CA HIS K 110 -18.89 37.29 97.67
C HIS K 110 -18.23 38.47 96.97
N GLU K 111 -18.30 38.50 95.64
CA GLU K 111 -17.56 39.49 94.86
C GLU K 111 -18.37 40.73 94.53
N GLY K 112 -19.68 40.69 94.80
CA GLY K 112 -20.53 41.84 94.56
C GLY K 112 -20.93 42.00 93.11
N PRO K 113 -21.22 43.23 92.69
CA PRO K 113 -21.70 43.54 91.33
C PRO K 113 -20.59 43.34 90.29
N ALA K 114 -20.98 42.91 89.09
CA ALA K 114 -20.03 42.66 88.02
C ALA K 114 -20.66 42.83 86.64
N LEU K 115 -19.91 43.46 85.74
CA LEU K 115 -20.33 43.66 84.36
C LEU K 115 -19.25 43.17 83.41
N TYR K 116 -19.66 42.41 82.40
CA TYR K 116 -18.71 41.85 81.44
C TYR K 116 -19.06 42.19 80.00
N TYR K 117 -18.02 42.35 79.19
CA TYR K 117 -18.15 42.74 77.80
C TYR K 117 -17.56 41.66 76.92
N MET K 118 -18.28 41.30 75.87
CA MET K 118 -17.82 40.27 74.95
C MET K 118 -18.00 40.62 73.48
N ASP K 119 -16.87 40.63 72.78
CA ASP K 119 -16.76 40.76 71.34
C ASP K 119 -17.39 39.54 70.69
N TYR K 120 -17.71 39.62 69.40
CA TYR K 120 -18.20 38.44 68.70
C TYR K 120 -17.06 37.44 68.50
N LEU K 121 -15.83 37.93 68.63
CA LEU K 121 -14.64 37.09 68.56
C LEU K 121 -14.37 36.42 69.89
N ALA K 122 -15.28 36.60 70.84
CA ALA K 122 -15.19 36.01 72.18
C ALA K 122 -14.01 36.50 72.99
N ALA K 123 -13.83 37.82 73.02
CA ALA K 123 -12.83 38.44 73.89
C ALA K 123 -13.54 39.00 75.11
N LEU K 124 -13.32 38.37 76.27
CA LEU K 124 -14.01 38.75 77.50
C LEU K 124 -13.24 39.82 78.27
N ALA K 125 -13.94 40.87 78.68
CA ALA K 125 -13.31 41.94 79.43
C ALA K 125 -14.25 42.55 80.47
N LYS K 126 -13.81 42.62 81.72
CA LYS K 126 -14.60 43.24 82.78
C LYS K 126 -14.47 44.76 82.74
N ALA K 127 -15.56 45.45 83.04
CA ALA K 127 -15.59 46.91 82.96
C ALA K 127 -16.59 47.51 83.94
N PRO K 128 -16.30 48.74 84.42
CA PRO K 128 -17.25 49.48 85.26
C PRO K 128 -18.50 49.85 84.48
N PHE K 129 -18.33 50.05 83.17
CA PHE K 129 -19.46 50.34 82.28
C PHE K 129 -19.09 50.02 80.84
N ALA K 130 -20.08 49.58 80.07
CA ALA K 130 -19.85 49.23 78.68
C ALA K 130 -21.09 49.46 77.84
N ALA K 131 -20.94 49.33 76.52
CA ALA K 131 -22.06 49.49 75.60
C ALA K 131 -21.78 48.78 74.27
N HIS K 132 -22.84 48.30 73.63
CA HIS K 132 -22.73 47.65 72.33
C HIS K 132 -23.57 48.35 71.27
N GLY K 133 -23.17 48.20 70.01
CA GLY K 133 -23.90 48.80 68.90
C GLY K 133 -23.33 50.14 68.49
N TYR K 134 -23.89 50.70 67.42
CA TYR K 134 -23.47 52.00 66.92
C TYR K 134 -23.71 53.09 67.97
N GLY K 135 -24.82 52.96 68.69
CA GLY K 135 -25.19 53.91 69.73
C GLY K 135 -24.09 54.08 70.77
N ALA K 136 -23.32 53.02 71.00
CA ALA K 136 -22.19 53.07 71.93
C ALA K 136 -21.23 54.20 71.57
N PHE K 137 -20.98 54.36 70.27
CA PHE K 137 -20.07 55.40 69.79
C PHE K 137 -20.51 56.79 70.23
N LEU K 138 -21.79 56.95 70.49
CA LEU K 138 -22.32 58.24 70.93
C LEU K 138 -22.50 58.34 72.43
N THR K 139 -22.46 57.21 73.12
CA THR K 139 -22.79 57.18 74.54
C THR K 139 -21.60 56.96 75.48
N LEU K 140 -20.65 56.13 75.03
CA LEU K 140 -19.48 55.80 75.84
C LEU K 140 -18.75 57.01 76.39
N SER K 141 -18.47 57.98 75.52
CA SER K 141 -17.80 59.21 75.94
C SER K 141 -18.57 59.88 77.06
N ILE K 142 -19.89 59.93 76.94
CA ILE K 142 -20.74 60.49 77.98
C ILE K 142 -20.51 59.75 79.28
N LEU K 143 -20.50 58.42 79.19
CA LEU K 143 -20.25 57.58 80.35
C LEU K 143 -18.86 57.87 80.92
N ASP K 144 -17.90 58.19 80.06
CA ASP K 144 -16.57 58.56 80.54
C ASP K 144 -16.65 59.86 81.33
N ARG K 145 -17.46 60.79 80.83
CA ARG K 145 -17.51 62.14 81.34
C ARG K 145 -18.14 62.25 82.74
N TYR K 146 -19.12 61.40 83.02
CA TYR K 146 -19.94 61.56 84.21
C TYR K 146 -19.93 60.40 85.21
N TYR K 147 -19.33 59.27 84.83
CA TYR K 147 -19.33 58.11 85.71
C TYR K 147 -18.33 58.21 86.83
N THR K 148 -18.76 57.83 88.03
CA THR K 148 -17.89 57.71 89.19
C THR K 148 -18.14 56.36 89.84
N PRO K 149 -17.09 55.71 90.35
CA PRO K 149 -17.18 54.37 90.93
C PRO K 149 -18.17 54.24 92.09
N THR K 150 -18.56 55.37 92.68
CA THR K 150 -19.44 55.35 93.83
C THR K 150 -20.86 55.83 93.48
N ILE K 151 -21.18 55.85 92.20
CA ILE K 151 -22.45 56.39 91.72
C ILE K 151 -23.66 55.63 92.27
N SER K 152 -24.66 56.37 92.74
CA SER K 152 -25.88 55.78 93.26
C SER K 152 -26.80 55.36 92.12
N ARG K 153 -27.68 54.39 92.40
CA ARG K 153 -28.54 53.83 91.37
C ARG K 153 -29.49 54.88 90.77
N GLU K 154 -29.87 55.87 91.57
CA GLU K 154 -30.69 56.97 91.07
C GLU K 154 -29.89 57.78 90.06
N ARG K 155 -28.68 58.15 90.47
CA ARG K 155 -27.76 58.88 89.59
C ARG K 155 -27.38 58.06 88.36
N ALA K 156 -27.29 56.75 88.53
CA ALA K 156 -27.00 55.85 87.43
C ALA K 156 -28.13 55.84 86.42
N VAL K 157 -29.37 55.78 86.91
CA VAL K 157 -30.54 55.84 86.04
C VAL K 157 -30.57 57.18 85.29
N GLU K 158 -30.27 58.26 86.00
CA GLU K 158 -30.23 59.59 85.38
C GLU K 158 -29.17 59.65 84.27
N LEU K 159 -28.03 59.04 84.52
CA LEU K 159 -26.94 58.98 83.53
C LEU K 159 -27.39 58.20 82.30
N LEU K 160 -28.03 57.06 82.54
CA LEU K 160 -28.64 56.25 81.49
C LEU K 160 -29.59 57.10 80.66
N ARG K 161 -30.39 57.92 81.33
CA ARG K 161 -31.31 58.83 80.65
C ARG K 161 -30.55 59.80 79.75
N LYS K 162 -29.45 60.34 80.26
CA LYS K 162 -28.61 61.22 79.44
C LYS K 162 -28.16 60.51 78.16
N CYS K 163 -27.70 59.27 78.32
CA CYS K 163 -27.27 58.48 77.17
C CYS K 163 -28.39 58.26 76.15
N LEU K 164 -29.52 57.76 76.61
CA LEU K 164 -30.65 57.47 75.72
C LEU K 164 -31.16 58.73 75.03
N GLU K 165 -31.21 59.84 75.76
CA GLU K 165 -31.60 61.12 75.18
C GLU K 165 -30.63 61.52 74.08
N GLU K 166 -29.33 61.28 74.33
CA GLU K 166 -28.32 61.56 73.31
C GLU K 166 -28.58 60.71 72.07
N LEU K 167 -28.99 59.47 72.27
CA LEU K 167 -29.38 58.62 71.16
C LEU K 167 -30.55 59.22 70.39
N GLN K 168 -31.52 59.77 71.12
CA GLN K 168 -32.67 60.41 70.49
C GLN K 168 -32.24 61.62 69.67
N LYS K 169 -31.16 62.27 70.10
CA LYS K 169 -30.68 63.48 69.45
C LYS K 169 -29.83 63.24 68.20
N ARG K 170 -28.79 62.43 68.33
CA ARG K 170 -27.81 62.26 67.24
C ARG K 170 -27.99 61.03 66.37
N PHE K 171 -28.42 59.92 66.96
CA PHE K 171 -28.55 58.65 66.24
C PHE K 171 -29.62 58.72 65.16
N ILE K 172 -29.32 58.18 63.99
CA ILE K 172 -30.25 58.22 62.86
C ILE K 172 -31.32 57.13 62.95
N LEU K 173 -31.04 56.09 63.73
CA LEU K 173 -32.02 55.03 63.94
C LEU K 173 -33.08 55.48 64.92
N ASN K 174 -34.27 54.89 64.83
CA ASN K 174 -35.40 55.30 65.65
C ASN K 174 -35.18 55.07 67.14
N LEU K 175 -35.37 53.83 67.58
CA LEU K 175 -35.17 53.45 68.99
C LEU K 175 -35.94 54.33 69.97
N PRO K 176 -37.27 54.18 70.02
CA PRO K 176 -38.11 55.02 70.87
C PRO K 176 -38.16 54.59 72.35
N THR K 177 -38.15 53.29 72.62
CA THR K 177 -38.26 52.80 74.00
C THR K 177 -37.09 51.91 74.40
N PHE K 178 -36.93 51.70 75.70
CA PHE K 178 -35.81 50.91 76.22
C PHE K 178 -36.21 50.05 77.42
N SER K 179 -35.79 48.78 77.40
CA SER K 179 -35.90 47.90 78.55
C SER K 179 -34.82 48.28 79.56
N VAL K 180 -35.20 48.44 80.82
CA VAL K 180 -34.27 48.78 81.88
C VAL K 180 -34.45 47.89 83.10
N ARG K 181 -33.37 47.25 83.54
CA ARG K 181 -33.42 46.39 84.71
C ARG K 181 -32.20 46.63 85.60
N ILE K 182 -32.31 46.26 86.87
CA ILE K 182 -31.20 46.39 87.80
C ILE K 182 -30.96 45.07 88.53
N ILE K 183 -29.73 44.86 89.00
CA ILE K 183 -29.38 43.63 89.70
C ILE K 183 -28.62 43.94 90.99
N ASP K 184 -29.07 43.38 92.10
CA ASP K 184 -28.37 43.56 93.37
C ASP K 184 -28.41 42.29 94.23
N LYS K 185 -28.44 42.48 95.54
CA LYS K 185 -28.46 41.36 96.48
C LYS K 185 -29.81 40.66 96.47
N ASN K 186 -30.84 41.33 95.96
CA ASN K 186 -32.18 40.78 95.91
C ASN K 186 -32.57 40.27 94.53
N GLY K 187 -31.58 40.13 93.65
CA GLY K 187 -31.81 39.58 92.33
C GLY K 187 -32.13 40.62 91.27
N ILE K 188 -32.93 40.21 90.29
CA ILE K 188 -33.25 41.07 89.15
C ILE K 188 -34.56 41.84 89.36
N HIS K 189 -34.47 43.16 89.16
CA HIS K 189 -35.62 44.04 89.33
C HIS K 189 -35.92 44.79 88.04
N ASP K 190 -37.13 44.64 87.53
CA ASP K 190 -37.57 45.35 86.34
C ASP K 190 -37.92 46.79 86.67
N LEU K 191 -37.36 47.73 85.92
CA LEU K 191 -37.65 49.15 86.13
C LEU K 191 -38.58 49.67 85.04
N ASP K 192 -39.12 50.86 85.25
CA ASP K 192 -39.97 51.51 84.26
C ASP K 192 -39.20 51.75 82.98
N ASN K 193 -39.81 51.38 81.85
CA ASN K 193 -39.17 51.55 80.54
C ASN K 193 -38.95 53.02 80.19
N ILE K 194 -37.69 53.38 79.99
CA ILE K 194 -37.37 54.71 79.49
C ILE K 194 -37.90 54.84 78.07
N SER K 195 -38.87 55.72 77.88
CA SER K 195 -39.47 55.91 76.56
C SER K 195 -39.63 57.39 76.24
N PHE K 196 -39.68 57.71 74.95
CA PHE K 196 -39.81 59.10 74.51
C PHE K 196 -41.03 59.26 73.62
N PRO K 197 -42.04 59.99 74.12
CA PRO K 197 -43.35 60.17 73.47
C PRO K 197 -43.27 60.80 72.08
N LYS K 198 -42.70 60.08 71.12
CA LYS K 198 -42.63 60.55 69.74
C LYS K 198 -44.01 60.50 69.09
N GLN K 199 -44.43 59.30 68.72
CA GLN K 199 -45.74 59.10 68.12
C GLN K 199 -46.19 57.65 68.26
N THR L 1 -45.28 38.24 46.56
CA THR L 1 -46.12 37.84 47.69
C THR L 1 -46.61 39.06 48.48
N THR L 2 -47.52 38.82 49.41
CA THR L 2 -48.09 39.89 50.23
C THR L 2 -49.04 39.34 51.27
N THR L 3 -48.50 38.62 52.25
CA THR L 3 -49.32 38.05 53.31
C THR L 3 -49.29 38.92 54.56
N LEU L 4 -50.25 38.85 55.27
CA LEU L 4 -50.35 39.63 56.51
C LEU L 4 -51.25 38.94 57.53
N ALA L 5 -51.00 39.19 58.80
CA ALA L 5 -51.78 38.61 59.88
C ALA L 5 -51.71 39.45 61.15
N PHE L 6 -52.85 39.63 61.79
CA PHE L 6 -52.92 40.42 63.02
C PHE L 6 -53.90 39.81 64.00
N LYS L 7 -53.57 39.88 65.28
CA LYS L 7 -54.47 39.36 66.29
C LYS L 7 -55.22 40.47 67.03
N PHE L 8 -56.52 40.26 67.19
CA PHE L 8 -57.38 41.19 67.91
C PHE L 8 -58.21 40.44 68.94
N ARG L 9 -59.29 41.06 69.40
CA ARG L 9 -60.12 40.46 70.44
C ARG L 9 -60.76 39.14 70.01
N HIS L 10 -61.20 39.07 68.77
CA HIS L 10 -61.96 37.92 68.29
C HIS L 10 -61.11 36.93 67.48
N GLY L 11 -59.83 36.83 67.82
CA GLY L 11 -58.97 35.84 67.20
C GLY L 11 -57.83 36.39 66.38
N VAL L 12 -57.42 35.65 65.36
CA VAL L 12 -56.31 36.06 64.51
C VAL L 12 -56.69 36.09 63.04
N ILE L 13 -56.66 37.28 62.45
CA ILE L 13 -56.95 37.43 61.03
C ILE L 13 -55.70 37.16 60.20
N VAL L 14 -55.87 36.37 59.15
CA VAL L 14 -54.78 36.06 58.23
C VAL L 14 -55.21 36.34 56.80
N ALA L 15 -54.35 36.98 56.01
CA ALA L 15 -54.70 37.30 54.62
C ALA L 15 -53.49 37.20 53.70
N ALA L 16 -53.74 36.93 52.42
CA ALA L 16 -52.65 36.82 51.45
C ALA L 16 -53.12 37.04 50.01
N ASP L 17 -52.17 37.31 49.12
CA ASP L 17 -52.47 37.31 47.69
C ASP L 17 -52.28 35.88 47.18
N SER L 18 -52.17 35.72 45.86
CA SER L 18 -51.99 34.38 45.31
C SER L 18 -51.04 34.33 44.11
N ARG L 19 -50.39 35.46 43.83
CA ARG L 19 -49.48 35.53 42.67
C ARG L 19 -48.19 34.76 42.91
N ALA L 20 -47.71 34.09 41.87
CA ALA L 20 -46.44 33.39 41.90
C ALA L 20 -45.70 33.68 40.60
N THR L 21 -44.50 34.24 40.74
CA THR L 21 -43.73 34.68 39.59
C THR L 21 -42.46 33.87 39.39
N ALA L 22 -42.00 33.81 38.15
CA ALA L 22 -40.69 33.23 37.84
C ALA L 22 -39.92 34.28 37.05
N GLY L 23 -39.39 35.27 37.77
CA GLY L 23 -38.84 36.44 37.14
C GLY L 23 -39.94 37.46 36.99
N ALA L 24 -40.02 38.10 35.84
CA ALA L 24 -41.10 39.05 35.56
C ALA L 24 -42.36 38.29 35.12
N TYR L 25 -42.17 37.06 34.68
CA TYR L 25 -43.27 36.22 34.21
C TYR L 25 -44.15 35.77 35.37
N ILE L 26 -45.46 35.94 35.21
CA ILE L 26 -46.42 35.49 36.21
C ILE L 26 -46.77 34.03 35.98
N ALA L 27 -46.24 33.15 36.81
CA ALA L 27 -46.41 31.71 36.61
C ALA L 27 -47.78 31.23 37.10
N SER L 28 -48.31 31.89 38.12
CA SER L 28 -49.62 31.50 38.66
C SER L 28 -50.31 32.64 39.38
N GLN L 29 -51.63 32.56 39.48
CA GLN L 29 -52.41 33.53 40.26
C GLN L 29 -53.37 32.79 41.15
N THR L 30 -53.18 31.48 41.27
CA THR L 30 -54.06 30.62 42.05
C THR L 30 -53.29 29.83 43.10
N VAL L 31 -52.43 30.51 43.85
CA VAL L 31 -51.60 29.85 44.86
C VAL L 31 -52.16 30.04 46.28
N LYS L 32 -52.39 28.93 46.97
CA LYS L 32 -52.84 28.99 48.35
C LYS L 32 -51.64 29.25 49.26
N LYS L 33 -51.48 30.50 49.67
CA LYS L 33 -50.32 30.91 50.46
C LYS L 33 -50.56 30.77 51.96
N VAL L 34 -51.76 30.38 52.34
CA VAL L 34 -52.05 30.12 53.74
C VAL L 34 -52.20 28.61 53.98
N ILE L 35 -51.11 27.99 54.40
CA ILE L 35 -51.11 26.56 54.65
C ILE L 35 -51.87 26.19 55.92
N GLU L 36 -52.74 25.19 55.80
CA GLU L 36 -53.51 24.71 56.93
C GLU L 36 -52.75 23.61 57.65
N ILE L 37 -51.93 24.00 58.61
CA ILE L 37 -51.14 23.06 59.39
C ILE L 37 -52.04 22.14 60.20
N ASN L 38 -52.76 22.74 61.14
CA ASN L 38 -53.75 22.02 61.94
C ASN L 38 -55.07 22.77 61.85
N PRO L 39 -56.18 22.12 62.26
CA PRO L 39 -57.46 22.84 62.31
C PRO L 39 -57.44 24.05 63.27
N TYR L 40 -56.32 24.24 63.97
CA TYR L 40 -56.16 25.40 64.85
C TYR L 40 -54.87 26.14 64.51
N LEU L 41 -54.10 25.61 63.56
CA LEU L 41 -52.82 26.21 63.20
C LEU L 41 -52.71 26.53 61.71
N LEU L 42 -52.46 27.81 61.41
CA LEU L 42 -52.23 28.26 60.04
C LEU L 42 -50.80 28.77 59.85
N GLY L 43 -50.31 28.66 58.62
CA GLY L 43 -49.00 29.15 58.29
C GLY L 43 -48.98 29.89 56.97
N THR L 44 -48.72 31.19 57.01
CA THR L 44 -48.59 31.99 55.79
C THR L 44 -47.32 31.58 55.07
N MET L 45 -47.13 32.09 53.86
CA MET L 45 -46.10 31.58 52.98
C MET L 45 -45.60 32.63 51.99
N ALA L 46 -44.33 33.01 52.12
CA ALA L 46 -43.73 34.03 51.27
C ALA L 46 -42.26 33.74 51.00
N GLY L 47 -41.80 34.05 49.79
CA GLY L 47 -40.44 33.77 49.39
C GLY L 47 -40.34 32.62 48.42
N GLY L 48 -39.37 31.74 48.63
CA GLY L 48 -39.22 30.56 47.80
C GLY L 48 -40.38 29.60 47.98
N ALA L 49 -41.13 29.38 46.90
CA ALA L 49 -42.34 28.58 46.94
C ALA L 49 -42.10 27.16 47.46
N ALA L 50 -41.20 26.45 46.80
CA ALA L 50 -40.87 25.08 47.18
C ALA L 50 -40.38 25.01 48.63
N ASP L 51 -39.53 25.96 49.01
CA ASP L 51 -38.99 26.00 50.37
C ASP L 51 -40.11 26.10 51.40
N CYS L 52 -40.94 27.12 51.26
CA CYS L 52 -42.06 27.34 52.17
C CYS L 52 -42.98 26.13 52.24
N SER L 53 -43.40 25.65 51.07
CA SER L 53 -44.32 24.51 50.99
C SER L 53 -43.76 23.28 51.70
N PHE L 54 -42.55 22.89 51.30
CA PHE L 54 -41.88 21.72 51.88
C PHE L 54 -41.73 21.85 53.39
N TRP L 55 -41.16 22.95 53.84
CA TRP L 55 -40.84 23.09 55.26
C TRP L 55 -42.07 23.23 56.15
N GLU L 56 -43.11 23.90 55.65
CA GLU L 56 -44.34 24.02 56.43
C GLU L 56 -45.13 22.71 56.43
N ARG L 57 -45.02 21.95 55.34
CA ARG L 57 -45.64 20.63 55.28
C ARG L 57 -44.97 19.71 56.29
N LEU L 58 -43.64 19.75 56.31
CA LEU L 58 -42.87 18.98 57.28
C LEU L 58 -43.22 19.41 58.70
N LEU L 59 -43.42 20.71 58.87
CA LEU L 59 -43.86 21.25 60.16
C LEU L 59 -45.20 20.64 60.57
N ALA L 60 -46.11 20.52 59.60
CA ALA L 60 -47.42 19.94 59.86
C ALA L 60 -47.28 18.49 60.29
N ARG L 61 -46.43 17.75 59.58
CA ARG L 61 -46.14 16.37 59.95
C ARG L 61 -45.67 16.29 61.40
N GLN L 62 -44.69 17.12 61.73
CA GLN L 62 -44.09 17.13 63.06
C GLN L 62 -45.14 17.45 64.13
N CYS L 63 -46.00 18.41 63.85
CA CYS L 63 -47.06 18.80 64.77
C CYS L 63 -48.05 17.66 64.98
N ARG L 64 -48.33 16.92 63.92
CA ARG L 64 -49.23 15.77 64.01
C ARG L 64 -48.62 14.69 64.90
N ILE L 65 -47.34 14.39 64.67
CA ILE L 65 -46.66 13.40 65.49
C ILE L 65 -46.63 13.84 66.96
N TYR L 66 -46.46 15.14 67.17
CA TYR L 66 -46.49 15.70 68.53
C TYR L 66 -47.87 15.46 69.16
N GLU L 67 -48.91 15.72 68.37
CA GLU L 67 -50.28 15.55 68.84
C GLU L 67 -50.54 14.10 69.23
N LEU L 68 -50.06 13.16 68.43
CA LEU L 68 -50.22 11.74 68.75
C LEU L 68 -49.43 11.33 69.99
N ARG L 69 -48.20 11.82 70.09
CA ARG L 69 -47.30 11.42 71.18
C ARG L 69 -47.72 11.99 72.54
N ASN L 70 -47.95 13.29 72.60
CA ASN L 70 -48.25 13.95 73.87
C ASN L 70 -49.74 13.97 74.21
N LYS L 71 -50.56 13.39 73.35
CA LYS L 71 -52.00 13.32 73.56
C LYS L 71 -52.63 14.69 73.80
N GLU L 72 -52.02 15.71 73.21
CA GLU L 72 -52.50 17.08 73.33
C GLU L 72 -52.05 17.86 72.11
N ARG L 73 -52.65 19.03 71.89
CA ARG L 73 -52.31 19.84 70.72
C ARG L 73 -51.10 20.73 70.98
N ILE L 74 -50.24 20.84 69.98
CA ILE L 74 -49.03 21.65 70.09
C ILE L 74 -49.38 23.13 70.22
N SER L 75 -48.58 23.86 70.99
CA SER L 75 -48.78 25.29 71.16
C SER L 75 -48.21 26.06 69.97
N VAL L 76 -48.67 27.30 69.81
CA VAL L 76 -48.19 28.15 68.72
C VAL L 76 -46.70 28.41 68.86
N ALA L 77 -46.28 28.72 70.08
CA ALA L 77 -44.87 28.97 70.38
C ALA L 77 -44.01 27.76 70.04
N ALA L 78 -44.51 26.57 70.37
CA ALA L 78 -43.76 25.33 70.11
C ALA L 78 -43.68 25.02 68.62
N ALA L 79 -44.74 25.31 67.88
CA ALA L 79 -44.75 25.08 66.44
C ALA L 79 -43.77 26.02 65.75
N SER L 80 -43.86 27.30 66.09
CA SER L 80 -42.97 28.31 65.53
C SER L 80 -41.52 28.01 65.87
N LYS L 81 -41.29 27.57 67.11
CA LYS L 81 -39.93 27.23 67.54
C LYS L 81 -39.42 26.00 66.80
N LEU L 82 -40.32 25.06 66.55
CA LEU L 82 -39.97 23.85 65.80
C LEU L 82 -39.50 24.22 64.40
N LEU L 83 -40.32 25.00 63.72
CA LEU L 83 -40.01 25.43 62.36
C LEU L 83 -38.70 26.23 62.32
N ALA L 84 -38.56 27.16 63.27
CA ALA L 84 -37.37 27.98 63.36
C ALA L 84 -36.11 27.15 63.56
N ASN L 85 -36.19 26.16 64.45
CA ASN L 85 -35.07 25.26 64.69
C ASN L 85 -34.73 24.42 63.46
N MET L 86 -35.75 23.93 62.77
CA MET L 86 -35.51 23.15 61.55
C MET L 86 -34.81 23.99 60.49
N VAL L 87 -35.29 25.22 60.31
CA VAL L 87 -34.76 26.11 59.30
C VAL L 87 -33.34 26.62 59.61
N TYR L 88 -33.07 26.85 60.89
CA TYR L 88 -31.79 27.41 61.31
C TYR L 88 -30.59 26.54 60.93
N GLN L 89 -30.79 25.23 60.90
CA GLN L 89 -29.72 24.31 60.56
C GLN L 89 -29.27 24.45 59.11
N TYR L 90 -30.04 25.19 58.32
CA TYR L 90 -29.72 25.40 56.91
C TYR L 90 -29.40 26.87 56.65
N LYS L 91 -29.08 27.61 57.71
CA LYS L 91 -28.79 29.03 57.58
C LYS L 91 -27.56 29.25 56.70
N GLY L 92 -27.69 30.17 55.74
CA GLY L 92 -26.59 30.48 54.84
C GLY L 92 -26.59 29.66 53.56
N MET L 93 -27.37 28.59 53.53
CA MET L 93 -27.39 27.70 52.37
C MET L 93 -28.30 28.20 51.25
N GLY L 94 -29.04 29.28 51.51
CA GLY L 94 -29.81 29.92 50.48
C GLY L 94 -31.30 29.66 50.45
N LEU L 95 -31.86 29.22 51.58
CA LEU L 95 -33.31 29.05 51.67
C LEU L 95 -33.96 30.41 51.79
N SER L 96 -34.80 30.76 50.83
CA SER L 96 -35.57 31.99 50.90
C SER L 96 -36.96 31.65 51.43
N MET L 97 -37.29 32.16 52.61
CA MET L 97 -38.51 31.76 53.28
C MET L 97 -38.85 32.67 54.46
N GLY L 98 -40.05 33.25 54.43
CA GLY L 98 -40.53 34.10 55.49
C GLY L 98 -41.99 33.80 55.78
N THR L 99 -42.27 33.21 56.93
CA THR L 99 -43.61 32.72 57.23
C THR L 99 -44.18 33.23 58.54
N MET L 100 -45.51 33.17 58.67
CA MET L 100 -46.17 33.50 59.92
C MET L 100 -46.94 32.30 60.45
N ILE L 101 -46.67 31.92 61.69
CA ILE L 101 -47.40 30.85 62.35
C ILE L 101 -48.49 31.46 63.23
N CYS L 102 -49.75 31.19 62.89
CA CYS L 102 -50.88 31.78 63.59
C CYS L 102 -51.77 30.70 64.15
N GLY L 103 -52.42 30.96 65.28
CA GLY L 103 -53.33 30.00 65.85
C GLY L 103 -53.98 30.44 67.14
N TRP L 104 -54.71 29.55 67.78
CA TRP L 104 -55.23 29.80 69.12
C TRP L 104 -54.62 28.80 70.09
N ASP L 105 -54.11 29.32 71.19
CA ASP L 105 -53.28 28.56 72.11
C ASP L 105 -53.93 28.53 73.48
N LYS L 106 -53.30 27.84 74.42
CA LYS L 106 -53.74 27.86 75.81
C LYS L 106 -53.47 29.26 76.40
N ARG L 107 -52.67 30.04 75.69
CA ARG L 107 -52.41 31.43 76.06
C ARG L 107 -53.23 32.36 75.19
N GLY L 108 -54.26 31.82 74.55
CA GLY L 108 -55.10 32.62 73.67
C GLY L 108 -54.48 32.81 72.30
N PRO L 109 -54.97 33.81 71.54
CA PRO L 109 -54.51 34.10 70.18
C PRO L 109 -52.99 34.23 70.09
N GLY L 110 -52.39 33.47 69.17
CA GLY L 110 -50.95 33.48 69.01
C GLY L 110 -50.53 33.75 67.58
N LEU L 111 -49.51 34.60 67.43
CA LEU L 111 -48.98 34.98 66.13
C LEU L 111 -47.47 35.15 66.19
N TYR L 112 -46.76 34.40 65.35
CA TYR L 112 -45.30 34.44 65.31
C TYR L 112 -44.76 34.66 63.89
N TYR L 113 -43.69 35.43 63.79
CA TYR L 113 -42.98 35.58 62.52
C TYR L 113 -41.70 34.76 62.56
N VAL L 114 -41.51 33.92 61.54
CA VAL L 114 -40.36 33.03 61.47
C VAL L 114 -39.63 33.19 60.13
N ASP L 115 -38.32 33.44 60.21
CA ASP L 115 -37.50 33.71 59.04
C ASP L 115 -36.67 32.50 58.64
N SER L 116 -36.21 32.51 57.40
CA SER L 116 -35.18 31.57 56.97
C SER L 116 -33.83 32.10 57.41
N GLU L 117 -33.80 33.39 57.77
CA GLU L 117 -32.61 34.04 58.29
C GLU L 117 -32.33 33.60 59.72
N GLY L 118 -33.40 33.32 60.47
CA GLY L 118 -33.27 32.85 61.83
C GLY L 118 -34.14 33.61 62.82
N ASN L 119 -34.93 34.54 62.31
CA ASN L 119 -35.81 35.32 63.17
C ASN L 119 -36.98 34.48 63.68
N ARG L 120 -37.46 34.84 64.87
CA ARG L 120 -38.66 34.24 65.43
C ARG L 120 -39.22 35.16 66.50
N ILE L 121 -40.19 36.00 66.12
CA ILE L 121 -40.74 36.97 67.06
C ILE L 121 -42.26 36.98 67.12
N SER L 122 -42.79 37.00 68.34
CA SER L 122 -44.22 37.17 68.55
C SER L 122 -44.57 38.65 68.40
N GLY L 123 -45.80 38.94 68.00
CA GLY L 123 -46.24 40.32 67.83
C GLY L 123 -47.72 40.43 67.51
N ALA L 124 -48.23 41.66 67.60
CA ALA L 124 -49.64 41.92 67.32
C ALA L 124 -49.94 41.81 65.83
N THR L 125 -49.30 42.65 65.02
CA THR L 125 -49.49 42.61 63.57
C THR L 125 -48.18 42.32 62.84
N PHE L 126 -48.31 41.75 61.65
CA PHE L 126 -47.15 41.38 60.84
C PHE L 126 -47.52 41.40 59.36
N SER L 127 -46.57 41.78 58.52
CA SER L 127 -46.74 41.74 57.08
C SER L 127 -45.45 41.28 56.41
N VAL L 128 -45.55 40.25 55.59
CA VAL L 128 -44.38 39.60 54.99
C VAL L 128 -44.51 39.48 53.48
N GLY L 129 -43.45 39.84 52.76
CA GLY L 129 -43.43 39.69 51.33
C GLY L 129 -42.97 40.94 50.61
N SER L 130 -42.87 40.85 49.28
CA SER L 130 -42.40 41.96 48.47
C SER L 130 -43.26 43.21 48.62
N GLY L 131 -44.55 43.02 48.89
CA GLY L 131 -45.47 44.12 49.06
C GLY L 131 -45.82 44.38 50.51
N SER L 132 -45.00 43.89 51.42
CA SER L 132 -45.27 44.01 52.85
C SER L 132 -45.37 45.45 53.33
N VAL L 133 -44.56 46.34 52.77
CA VAL L 133 -44.55 47.75 53.18
C VAL L 133 -45.89 48.43 52.90
N TYR L 134 -46.41 48.22 51.69
CA TYR L 134 -47.67 48.80 51.26
C TYR L 134 -48.81 48.31 52.16
N ALA L 135 -48.78 47.03 52.49
CA ALA L 135 -49.79 46.45 53.39
C ALA L 135 -49.67 47.07 54.77
N TYR L 136 -48.44 47.20 55.24
CA TYR L 136 -48.14 47.80 56.54
C TYR L 136 -48.75 49.18 56.66
N GLY L 137 -48.66 49.98 55.60
CA GLY L 137 -49.25 51.31 55.60
C GLY L 137 -50.71 51.35 56.03
N VAL L 138 -51.58 50.82 55.17
CA VAL L 138 -53.02 50.81 55.43
C VAL L 138 -53.40 50.00 56.67
N MET L 139 -52.73 48.86 56.87
CA MET L 139 -53.02 48.02 58.04
C MET L 139 -52.78 48.78 59.33
N ASP L 140 -51.65 49.48 59.41
CA ASP L 140 -51.34 50.27 60.59
C ASP L 140 -52.29 51.45 60.73
N ARG L 141 -52.65 52.06 59.60
CA ARG L 141 -53.57 53.19 59.65
C ARG L 141 -55.01 52.79 59.99
N GLY L 142 -55.29 51.49 59.98
CA GLY L 142 -56.64 51.03 60.25
C GLY L 142 -56.79 49.99 61.35
N TYR L 143 -55.71 49.68 62.05
CA TYR L 143 -55.74 48.61 63.04
C TYR L 143 -56.23 49.06 64.42
N SER L 144 -56.90 48.15 65.11
CA SER L 144 -57.29 48.34 66.50
C SER L 144 -57.59 46.97 67.11
N TYR L 145 -57.29 46.81 68.39
CA TYR L 145 -57.57 45.54 69.06
C TYR L 145 -59.07 45.38 69.25
N ASP L 146 -59.78 46.51 69.30
CA ASP L 146 -61.22 46.52 69.50
C ASP L 146 -61.97 46.55 68.18
N LEU L 147 -61.35 46.03 67.12
CA LEU L 147 -62.00 45.95 65.82
C LEU L 147 -63.07 44.87 65.83
N GLU L 148 -64.23 45.18 65.26
CA GLU L 148 -65.26 44.17 65.08
C GLU L 148 -64.85 43.26 63.94
N VAL L 149 -65.43 42.07 63.89
CA VAL L 149 -65.03 41.02 62.96
C VAL L 149 -65.02 41.45 61.48
N GLU L 150 -66.17 41.92 60.99
CA GLU L 150 -66.28 42.36 59.62
C GLU L 150 -65.33 43.51 59.30
N GLN L 151 -65.10 44.37 60.30
CA GLN L 151 -64.15 45.47 60.17
C GLN L 151 -62.73 44.95 59.96
N ALA L 152 -62.36 43.94 60.73
CA ALA L 152 -61.05 43.32 60.60
C ALA L 152 -60.89 42.68 59.22
N TYR L 153 -61.95 42.02 58.78
CA TYR L 153 -61.97 41.43 57.44
C TYR L 153 -61.71 42.50 56.37
N ASP L 154 -62.44 43.60 56.48
CA ASP L 154 -62.29 44.72 55.56
C ASP L 154 -60.87 45.27 55.56
N LEU L 155 -60.31 45.46 56.75
CA LEU L 155 -58.96 45.98 56.91
C LEU L 155 -57.93 45.09 56.22
N ALA L 156 -57.96 43.80 56.55
CA ALA L 156 -57.02 42.85 55.95
C ALA L 156 -57.15 42.80 54.43
N ARG L 157 -58.38 42.58 53.96
CA ARG L 157 -58.66 42.47 52.53
C ARG L 157 -58.17 43.72 51.78
N ARG L 158 -58.48 44.88 52.32
CA ARG L 158 -58.09 46.15 51.71
C ARG L 158 -56.57 46.32 51.68
N ALA L 159 -55.91 45.97 52.79
CA ALA L 159 -54.46 46.09 52.88
C ALA L 159 -53.78 45.23 51.81
N ILE L 160 -54.17 43.97 51.73
CA ILE L 160 -53.64 43.09 50.68
C ILE L 160 -53.94 43.67 49.28
N TYR L 161 -55.13 44.22 49.11
CA TYR L 161 -55.52 44.82 47.82
C TYR L 161 -54.59 45.97 47.39
N GLN L 162 -54.41 46.95 48.28
CA GLN L 162 -53.55 48.10 48.00
C GLN L 162 -52.12 47.63 47.74
N ALA L 163 -51.70 46.63 48.52
CA ALA L 163 -50.40 46.00 48.30
C ALA L 163 -50.28 45.48 46.86
N THR L 164 -51.30 44.77 46.40
CA THR L 164 -51.30 44.25 45.03
C THR L 164 -51.31 45.37 44.01
N TYR L 165 -51.90 46.50 44.39
CA TYR L 165 -51.96 47.67 43.51
C TYR L 165 -50.58 48.24 43.27
N ARG L 166 -49.81 48.45 44.34
CA ARG L 166 -48.46 49.01 44.20
C ARG L 166 -47.37 47.99 43.84
N ASP L 167 -47.37 46.83 44.48
CA ASP L 167 -46.35 45.82 44.25
C ASP L 167 -46.58 45.05 42.96
N ALA L 168 -45.60 45.11 42.06
CA ALA L 168 -45.71 44.48 40.76
C ALA L 168 -45.71 42.96 40.86
N TYR L 169 -45.17 42.45 41.96
CA TYR L 169 -45.07 41.01 42.16
C TYR L 169 -46.15 40.48 43.09
N SER L 170 -47.18 41.28 43.29
CA SER L 170 -48.34 40.86 44.08
C SER L 170 -49.63 41.12 43.33
N GLY L 171 -50.50 40.11 43.31
CA GLY L 171 -51.77 40.20 42.62
C GLY L 171 -52.55 38.91 42.71
N GLY L 172 -53.46 38.71 41.75
CA GLY L 172 -54.26 37.50 41.71
C GLY L 172 -55.57 37.64 42.47
N ALA L 173 -55.62 37.05 43.67
CA ALA L 173 -56.82 37.08 44.47
C ALA L 173 -56.51 37.14 45.97
N VAL L 174 -57.20 38.03 46.68
CA VAL L 174 -57.06 38.14 48.12
C VAL L 174 -57.80 37.00 48.82
N ASN L 175 -57.05 36.18 49.55
CA ASN L 175 -57.59 35.12 50.39
C ASN L 175 -57.55 35.52 51.84
N LEU L 176 -58.62 35.18 52.57
CA LEU L 176 -58.80 35.62 53.94
C LEU L 176 -59.30 34.50 54.86
N TYR L 177 -58.57 34.30 55.94
CA TYR L 177 -58.88 33.30 56.96
C TYR L 177 -59.04 33.95 58.33
N HIS L 178 -59.88 33.37 59.17
CA HIS L 178 -60.08 33.85 60.54
C HIS L 178 -59.84 32.70 61.52
N VAL L 179 -58.92 32.91 62.46
CA VAL L 179 -58.60 31.92 63.47
C VAL L 179 -59.33 32.22 64.77
N ARG L 180 -60.31 31.38 65.10
CA ARG L 180 -61.06 31.49 66.34
C ARG L 180 -60.69 30.38 67.31
N GLU L 181 -61.25 30.43 68.52
CA GLU L 181 -60.88 29.49 69.58
C GLU L 181 -61.23 28.04 69.24
N ASP L 182 -62.31 27.84 68.50
CA ASP L 182 -62.75 26.51 68.11
C ASP L 182 -62.14 26.10 66.77
N GLY L 183 -61.12 26.83 66.34
CA GLY L 183 -60.45 26.55 65.08
C GLY L 183 -60.53 27.72 64.11
N TRP L 184 -59.92 27.56 62.95
CA TRP L 184 -59.94 28.61 61.93
C TRP L 184 -61.07 28.41 60.93
N ILE L 185 -61.46 29.51 60.27
CA ILE L 185 -62.50 29.45 59.25
C ILE L 185 -62.09 30.22 58.01
N ARG L 186 -62.30 29.60 56.85
CA ARG L 186 -61.99 30.20 55.56
C ARG L 186 -62.99 31.31 55.25
N VAL L 187 -62.62 32.55 55.54
CA VAL L 187 -63.52 33.69 55.38
C VAL L 187 -63.85 33.99 53.93
N SER L 188 -62.85 34.35 53.14
CA SER L 188 -63.12 34.75 51.76
C SER L 188 -62.00 34.47 50.77
N SER L 189 -62.29 34.71 49.49
CA SER L 189 -61.34 34.50 48.42
C SER L 189 -61.74 35.34 47.21
N ASP L 190 -61.64 36.66 47.36
CA ASP L 190 -62.11 37.58 46.35
C ASP L 190 -61.01 37.93 45.35
N ASN L 191 -61.32 37.83 44.06
CA ASN L 191 -60.38 38.24 43.02
C ASN L 191 -60.15 39.75 43.06
N VAL L 192 -58.93 40.16 42.70
CA VAL L 192 -58.56 41.58 42.75
C VAL L 192 -59.35 42.41 41.75
N ALA L 193 -59.64 41.83 40.59
CA ALA L 193 -60.41 42.52 39.55
C ALA L 193 -61.78 42.95 40.05
N ASP L 194 -62.39 42.11 40.90
CA ASP L 194 -63.69 42.41 41.47
C ASP L 194 -63.57 43.43 42.59
N LEU L 195 -62.56 43.24 43.44
CA LEU L 195 -62.30 44.15 44.55
C LEU L 195 -62.00 45.57 44.06
N HIS L 196 -61.51 45.68 42.83
CA HIS L 196 -61.25 46.98 42.23
C HIS L 196 -62.58 47.70 42.01
N GLU L 197 -63.53 46.99 41.42
CA GLU L 197 -64.87 47.53 41.18
C GLU L 197 -65.56 47.88 42.51
N LYS L 198 -65.37 47.02 43.50
CA LYS L 198 -65.99 47.24 44.81
C LYS L 198 -65.42 48.47 45.54
N TYR L 199 -64.10 48.61 45.51
CA TYR L 199 -63.41 49.64 46.28
C TYR L 199 -63.37 51.01 45.59
N SER L 200 -63.33 51.02 44.26
CA SER L 200 -63.25 52.27 43.52
C SER L 200 -64.62 52.91 43.31
N GLY L 201 -65.61 52.10 42.95
CA GLY L 201 -66.95 52.59 42.70
C GLY L 201 -68.02 51.68 43.27
N ARG M 1 -14.74 26.57 34.05
CA ARG M 1 -14.47 25.30 34.73
C ARG M 1 -15.22 24.14 34.06
N PHE M 2 -16.33 23.73 34.66
CA PHE M 2 -17.15 22.66 34.12
C PHE M 2 -18.60 22.87 34.55
N SER M 3 -19.51 22.87 33.59
CA SER M 3 -20.93 23.04 33.88
C SER M 3 -21.68 21.72 33.70
N PRO M 4 -22.39 21.27 34.74
CA PRO M 4 -23.14 20.02 34.72
C PRO M 4 -24.54 20.19 34.12
N TYR M 5 -24.77 21.35 33.51
CA TYR M 5 -26.07 21.66 32.93
C TYR M 5 -25.95 22.06 31.47
N VAL M 6 -26.94 21.69 30.68
CA VAL M 6 -27.07 22.18 29.31
C VAL M 6 -28.55 22.20 28.96
N PHE M 7 -29.00 23.31 28.37
CA PHE M 7 -30.40 23.45 28.01
C PHE M 7 -30.69 22.75 26.69
N ASN M 8 -31.65 21.81 26.72
CA ASN M 8 -31.97 21.04 25.53
C ASN M 8 -33.30 21.41 24.87
N GLY M 9 -33.93 22.47 25.38
CA GLY M 9 -35.16 22.96 24.79
C GLY M 9 -36.35 22.06 25.04
N GLY M 10 -37.43 22.32 24.33
CA GLY M 10 -38.65 21.55 24.48
C GLY M 10 -39.77 22.33 25.15
N THR M 11 -40.97 22.20 24.60
CA THR M 11 -42.15 22.84 25.16
C THR M 11 -43.13 21.76 25.61
N ILE M 12 -43.97 22.09 26.58
CA ILE M 12 -44.82 21.09 27.21
C ILE M 12 -46.16 21.70 27.64
N LEU M 13 -47.24 20.93 27.51
CA LEU M 13 -48.58 21.45 27.77
C LEU M 13 -49.51 20.39 28.32
N ALA M 14 -50.34 20.76 29.29
CA ALA M 14 -51.38 19.86 29.76
C ALA M 14 -52.72 20.55 30.01
N ILE M 15 -53.79 19.93 29.54
CA ILE M 15 -55.15 20.44 29.71
C ILE M 15 -56.02 19.39 30.41
N ALA M 16 -56.81 19.83 31.38
CA ALA M 16 -57.69 18.91 32.09
C ALA M 16 -59.15 19.12 31.72
N GLY M 17 -59.77 18.08 31.19
CA GLY M 17 -61.18 18.13 30.86
C GLY M 17 -62.02 17.43 31.91
N GLU M 18 -63.32 17.37 31.69
CA GLU M 18 -64.23 16.73 32.64
C GLU M 18 -63.97 15.22 32.74
N ASP M 19 -63.65 14.61 31.61
CA ASP M 19 -63.46 13.16 31.56
C ASP M 19 -62.18 12.79 30.84
N PHE M 20 -61.34 13.78 30.57
CA PHE M 20 -60.10 13.54 29.85
C PHE M 20 -58.95 14.40 30.37
N ALA M 21 -57.74 14.09 29.89
CA ALA M 21 -56.56 14.89 30.19
C ALA M 21 -55.56 14.79 29.05
N ILE M 22 -55.18 15.94 28.49
CA ILE M 22 -54.25 15.99 27.39
C ILE M 22 -52.85 16.40 27.85
N VAL M 23 -51.84 15.63 27.46
CA VAL M 23 -50.45 16.00 27.72
C VAL M 23 -49.68 15.97 26.40
N ALA M 24 -49.27 17.15 25.94
CA ALA M 24 -48.60 17.26 24.65
C ALA M 24 -47.24 17.94 24.75
N SER M 25 -46.39 17.66 23.77
CA SER M 25 -45.05 18.25 23.74
C SER M 25 -44.47 18.17 22.34
N ASP M 26 -43.52 19.05 22.03
CA ASP M 26 -42.80 18.95 20.78
C ASP M 26 -41.83 17.78 20.85
N THR M 27 -41.19 17.47 19.73
CA THR M 27 -40.30 16.32 19.66
C THR M 27 -38.87 16.72 19.30
N ARG M 28 -38.54 17.99 19.52
CA ARG M 28 -37.22 18.48 19.16
C ARG M 28 -36.24 18.45 20.34
N LEU M 29 -35.13 17.75 20.15
CA LEU M 29 -34.03 17.78 21.10
C LEU M 29 -32.87 18.52 20.47
N SER M 30 -32.51 19.63 21.09
CA SER M 30 -31.48 20.52 20.55
C SER M 30 -30.43 20.86 21.60
N GLU M 31 -29.33 21.48 21.15
CA GLU M 31 -28.27 21.91 22.04
C GLU M 31 -27.45 23.01 21.39
N GLY M 32 -27.42 24.18 22.02
CA GLY M 32 -26.77 25.33 21.45
C GLY M 32 -27.57 25.87 20.28
N PHE M 33 -27.01 25.76 19.08
CA PHE M 33 -27.72 26.17 17.87
C PHE M 33 -27.96 24.99 16.96
N SER M 34 -27.84 23.77 17.50
CA SER M 34 -27.91 22.56 16.70
C SER M 34 -29.05 21.64 17.13
N ILE M 35 -29.48 20.79 16.20
CA ILE M 35 -30.51 19.80 16.48
C ILE M 35 -29.88 18.46 16.81
N HIS M 36 -30.18 17.93 18.00
CA HIS M 36 -29.71 16.58 18.34
C HIS M 36 -30.57 15.56 17.61
N THR M 37 -31.88 15.67 17.77
CA THR M 37 -32.81 14.78 17.07
C THR M 37 -34.19 15.40 16.93
N ARG M 38 -34.91 14.98 15.91
CA ARG M 38 -36.25 15.50 15.67
C ARG M 38 -37.28 14.51 16.21
N ASP M 39 -36.81 13.34 16.61
CA ASP M 39 -37.69 12.31 17.15
C ASP M 39 -37.40 12.09 18.63
N SER M 40 -37.77 13.06 19.45
CA SER M 40 -37.58 12.97 20.89
C SER M 40 -38.77 13.58 21.62
N PRO M 41 -39.85 12.81 21.79
CA PRO M 41 -41.01 13.30 22.52
C PRO M 41 -40.68 13.51 24.00
N LYS M 42 -41.33 14.50 24.62
CA LYS M 42 -41.09 14.80 26.02
C LYS M 42 -42.20 14.22 26.89
N CYS M 43 -42.96 13.30 26.33
CA CYS M 43 -44.06 12.68 27.07
C CYS M 43 -43.70 11.28 27.54
N TYR M 44 -44.07 10.97 28.77
CA TYR M 44 -43.75 9.69 29.38
C TYR M 44 -44.98 9.11 30.05
N LYS M 45 -45.37 7.91 29.64
CA LYS M 45 -46.53 7.25 30.23
C LYS M 45 -46.12 6.58 31.53
N LEU M 46 -46.71 7.03 32.64
CA LEU M 46 -46.40 6.47 33.96
C LEU M 46 -47.38 5.37 34.31
N THR M 47 -48.66 5.71 34.36
CA THR M 47 -49.70 4.71 34.56
C THR M 47 -50.84 4.89 33.56
N ASP M 48 -51.76 3.94 33.55
CA ASP M 48 -52.93 3.99 32.68
C ASP M 48 -53.72 5.27 32.87
N LYS M 49 -53.62 5.86 34.06
CA LYS M 49 -54.34 7.09 34.37
C LYS M 49 -53.43 8.32 34.41
N THR M 50 -52.13 8.13 34.24
CA THR M 50 -51.20 9.24 34.45
C THR M 50 -50.04 9.33 33.45
N VAL M 51 -49.90 10.52 32.85
CA VAL M 51 -48.82 10.80 31.90
C VAL M 51 -48.00 12.01 32.35
N ILE M 52 -46.67 11.91 32.25
CA ILE M 52 -45.81 13.01 32.68
C ILE M 52 -45.02 13.67 31.53
N GLY M 53 -44.97 15.00 31.57
CA GLY M 53 -44.19 15.76 30.62
C GLY M 53 -43.00 16.43 31.29
N CYS M 54 -41.80 16.18 30.76
CA CYS M 54 -40.56 16.69 31.34
C CYS M 54 -39.70 17.41 30.30
N SER M 55 -39.41 18.69 30.54
CA SER M 55 -38.60 19.48 29.62
C SER M 55 -37.36 20.05 30.30
N GLY M 56 -36.38 20.49 29.50
CA GLY M 56 -35.21 21.15 30.04
C GLY M 56 -33.90 20.46 29.72
N PHE M 57 -33.17 20.09 30.77
CA PHE M 57 -31.90 19.38 30.60
C PHE M 57 -32.14 17.89 30.48
N HIS M 58 -31.77 17.33 29.34
CA HIS M 58 -32.14 15.96 28.98
C HIS M 58 -31.59 14.90 29.94
N GLY M 59 -30.40 15.12 30.48
CA GLY M 59 -29.81 14.20 31.43
C GLY M 59 -30.71 14.03 32.64
N ASP M 60 -31.14 15.16 33.19
CA ASP M 60 -32.00 15.15 34.36
C ASP M 60 -33.39 14.64 34.02
N CYS M 61 -33.81 14.86 32.78
CA CYS M 61 -35.10 14.35 32.31
C CYS M 61 -35.12 12.83 32.33
N LEU M 62 -34.12 12.23 31.67
CA LEU M 62 -33.97 10.79 31.64
C LEU M 62 -33.86 10.22 33.05
N THR M 63 -32.94 10.77 33.83
CA THR M 63 -32.72 10.28 35.19
C THR M 63 -34.00 10.33 36.02
N LEU M 64 -34.65 11.49 36.05
CA LEU M 64 -35.86 11.67 36.84
C LEU M 64 -36.96 10.73 36.37
N THR M 65 -37.04 10.52 35.06
CA THR M 65 -38.00 9.57 34.49
C THR M 65 -37.79 8.17 35.05
N LYS M 66 -36.58 7.66 34.90
CA LYS M 66 -36.26 6.31 35.38
C LYS M 66 -36.49 6.16 36.89
N ILE M 67 -36.15 7.20 37.63
CA ILE M 67 -36.41 7.24 39.07
C ILE M 67 -37.89 7.10 39.37
N ILE M 68 -38.70 7.90 38.67
CA ILE M 68 -40.16 7.85 38.85
C ILE M 68 -40.71 6.47 38.54
N GLU M 69 -40.22 5.86 37.46
CA GLU M 69 -40.60 4.49 37.12
C GLU M 69 -40.33 3.53 38.27
N ALA M 70 -39.07 3.52 38.71
CA ALA M 70 -38.64 2.64 39.77
C ALA M 70 -39.49 2.80 41.03
N ARG M 71 -39.75 4.05 41.38
CA ARG M 71 -40.52 4.30 42.60
C ARG M 71 -42.00 3.97 42.46
N LEU M 72 -42.52 4.08 41.24
CA LEU M 72 -43.87 3.60 40.95
C LEU M 72 -43.92 2.11 41.26
N LYS M 73 -42.97 1.36 40.68
CA LYS M 73 -42.89 -0.07 40.97
C LYS M 73 -42.81 -0.35 42.47
N MET M 74 -41.96 0.39 43.18
CA MET M 74 -41.79 0.22 44.62
C MET M 74 -43.10 0.40 45.36
N TYR M 75 -43.83 1.45 45.02
CA TYR M 75 -45.11 1.73 45.67
C TYR M 75 -46.07 0.60 45.40
N LYS M 76 -46.06 0.11 44.16
CA LYS M 76 -46.94 -0.99 43.77
C LYS M 76 -46.64 -2.25 44.60
N HIS M 77 -45.36 -2.53 44.81
CA HIS M 77 -44.95 -3.66 45.62
C HIS M 77 -45.28 -3.46 47.09
N SER M 78 -45.36 -2.21 47.52
CA SER M 78 -45.51 -1.90 48.94
C SER M 78 -46.97 -1.81 49.39
N ASN M 79 -47.86 -1.38 48.50
CA ASN M 79 -49.26 -1.16 48.87
C ASN M 79 -50.26 -1.96 48.04
N ASN M 80 -49.76 -2.77 47.11
CA ASN M 80 -50.60 -3.60 46.25
C ASN M 80 -51.62 -2.81 45.45
N LYS M 81 -51.32 -1.54 45.21
CA LYS M 81 -52.16 -0.67 44.39
C LYS M 81 -51.28 0.24 43.54
N ALA M 82 -51.83 0.77 42.46
CA ALA M 82 -51.08 1.70 41.62
C ALA M 82 -51.14 3.09 42.24
N MET M 83 -50.15 3.91 41.92
CA MET M 83 -50.11 5.27 42.43
C MET M 83 -51.18 6.14 41.79
N THR M 84 -52.02 6.75 42.63
CA THR M 84 -52.99 7.71 42.14
C THR M 84 -52.22 8.93 41.61
N THR M 85 -52.87 9.70 40.74
CA THR M 85 -52.21 10.85 40.10
C THR M 85 -51.66 11.86 41.10
N GLY M 86 -52.52 12.30 42.02
CA GLY M 86 -52.11 13.26 43.04
C GLY M 86 -50.96 12.75 43.90
N ALA M 87 -50.98 11.45 44.16
CA ALA M 87 -49.90 10.82 44.90
C ALA M 87 -48.58 10.92 44.15
N ILE M 88 -48.62 10.69 42.84
CA ILE M 88 -47.44 10.83 42.00
C ILE M 88 -46.97 12.27 42.02
N ALA M 89 -47.92 13.20 42.07
CA ALA M 89 -47.57 14.62 42.15
C ALA M 89 -46.80 14.93 43.44
N ALA M 90 -47.33 14.48 44.57
CA ALA M 90 -46.69 14.70 45.86
C ALA M 90 -45.30 14.05 45.93
N MET M 91 -45.23 12.79 45.47
CA MET M 91 -43.97 12.06 45.41
C MET M 91 -42.95 12.83 44.57
N LEU M 92 -43.39 13.30 43.41
CA LEU M 92 -42.52 14.07 42.52
C LEU M 92 -42.03 15.33 43.22
N SER M 93 -42.90 15.95 44.01
CA SER M 93 -42.51 17.12 44.78
C SER M 93 -41.36 16.79 45.71
N THR M 94 -41.51 15.73 46.50
CA THR M 94 -40.46 15.34 47.43
C THR M 94 -39.15 14.99 46.71
N ILE M 95 -39.27 14.23 45.62
CA ILE M 95 -38.11 13.84 44.82
C ILE M 95 -37.37 15.06 44.28
N LEU M 96 -38.11 16.04 43.78
CA LEU M 96 -37.53 17.26 43.25
C LEU M 96 -36.85 18.06 44.35
N TYR M 97 -37.48 18.14 45.51
CA TYR M 97 -36.91 18.90 46.61
C TYR M 97 -35.72 18.19 47.24
N SER M 98 -35.60 16.89 47.00
CA SER M 98 -34.49 16.13 47.56
C SER M 98 -33.16 16.61 47.00
N ARG M 99 -33.22 17.30 45.86
CA ARG M 99 -32.04 17.90 45.25
C ARG M 99 -32.08 19.42 45.33
N ARG M 100 -32.70 19.93 46.40
CA ARG M 100 -32.85 21.37 46.61
C ARG M 100 -31.54 22.16 46.42
N PHE M 101 -30.41 21.53 46.71
CA PHE M 101 -29.12 22.19 46.57
C PHE M 101 -28.27 21.66 45.42
N PHE M 102 -28.91 20.96 44.51
CA PHE M 102 -28.32 20.54 43.23
C PHE M 102 -29.47 20.07 42.36
N PRO M 103 -30.31 21.03 41.92
CA PRO M 103 -31.63 20.72 41.35
C PRO M 103 -31.58 19.98 40.04
N TYR M 104 -32.63 19.21 39.76
CA TYR M 104 -32.85 18.72 38.42
C TYR M 104 -33.29 19.91 37.58
N TYR M 105 -32.59 20.20 36.50
CA TYR M 105 -33.01 21.26 35.59
C TYR M 105 -34.15 20.74 34.71
N VAL M 106 -35.31 20.57 35.33
CA VAL M 106 -36.46 19.95 34.65
C VAL M 106 -37.77 20.65 34.98
N TYR M 107 -38.51 21.05 33.95
CA TYR M 107 -39.87 21.54 34.10
C TYR M 107 -40.85 20.39 33.91
N ASN M 108 -41.68 20.14 34.91
CA ASN M 108 -42.54 18.97 34.95
C ASN M 108 -44.03 19.33 35.00
N ILE M 109 -44.80 18.75 34.10
CA ILE M 109 -46.25 18.89 34.17
C ILE M 109 -46.87 17.50 34.10
N ILE M 110 -47.68 17.18 35.10
CA ILE M 110 -48.36 15.89 35.18
C ILE M 110 -49.82 16.01 34.75
N GLY M 111 -50.23 15.19 33.80
CA GLY M 111 -51.62 15.19 33.38
C GLY M 111 -52.28 13.83 33.53
N GLY M 112 -53.49 13.81 34.06
CA GLY M 112 -54.20 12.54 34.17
C GLY M 112 -55.62 12.60 34.71
N LEU M 113 -56.07 11.50 35.29
CA LEU M 113 -57.39 11.42 35.88
C LEU M 113 -57.29 11.18 37.39
N ASP M 114 -58.13 11.88 38.15
CA ASP M 114 -58.18 11.67 39.60
C ASP M 114 -58.99 10.43 39.97
N GLU M 115 -59.34 10.30 41.24
CA GLU M 115 -60.05 9.10 41.70
C GLU M 115 -61.55 9.17 41.43
N GLU M 116 -62.02 10.31 40.93
CA GLU M 116 -63.42 10.47 40.56
C GLU M 116 -63.58 10.42 39.05
N GLY M 117 -62.50 10.11 38.35
CA GLY M 117 -62.53 9.99 36.90
C GLY M 117 -62.29 11.30 36.17
N LYS M 118 -62.42 12.41 36.89
CA LYS M 118 -62.24 13.74 36.30
C LYS M 118 -60.77 14.00 35.93
N GLY M 119 -60.56 14.97 35.05
CA GLY M 119 -59.22 15.32 34.62
C GLY M 119 -58.51 16.20 35.62
N ALA M 120 -57.18 16.17 35.60
CA ALA M 120 -56.38 16.99 36.50
C ALA M 120 -54.98 17.25 35.95
N VAL M 121 -54.54 18.50 36.07
CA VAL M 121 -53.15 18.84 35.76
C VAL M 121 -52.42 19.24 37.04
N TYR M 122 -51.12 18.96 37.10
CA TYR M 122 -50.28 19.39 38.19
C TYR M 122 -49.01 20.01 37.60
N SER M 123 -48.82 21.30 37.84
CA SER M 123 -47.63 21.98 37.33
C SER M 123 -46.55 22.06 38.41
N PHE M 124 -45.30 21.82 38.01
CA PHE M 124 -44.15 21.81 38.92
C PHE M 124 -43.09 22.85 38.56
N ASP M 125 -42.29 23.22 39.55
CA ASP M 125 -41.07 24.00 39.31
C ASP M 125 -39.89 23.07 39.61
N PRO M 126 -38.66 23.44 39.16
CA PRO M 126 -37.55 22.48 39.25
C PRO M 126 -37.21 21.95 40.64
N VAL M 127 -37.74 22.55 41.70
CA VAL M 127 -37.39 22.12 43.06
C VAL M 127 -38.56 21.61 43.89
N GLY M 128 -39.69 21.31 43.24
CA GLY M 128 -40.77 20.63 43.90
C GLY M 128 -42.05 21.39 44.16
N SER M 129 -42.04 22.69 43.92
CA SER M 129 -43.25 23.50 44.12
C SER M 129 -44.27 23.15 43.05
N TYR M 130 -45.41 22.61 43.46
CA TYR M 130 -46.43 22.23 42.51
C TYR M 130 -47.83 22.68 42.88
N GLN M 131 -48.70 22.77 41.88
CA GLN M 131 -50.11 23.06 42.15
C GLN M 131 -51.02 22.43 41.10
N ARG M 132 -52.29 22.25 41.47
CA ARG M 132 -53.25 21.68 40.54
C ARG M 132 -53.85 22.74 39.62
N ASP M 133 -53.92 22.42 38.34
CA ASP M 133 -54.45 23.32 37.33
C ASP M 133 -55.39 22.62 36.35
N SER M 134 -56.18 23.45 35.67
CA SER M 134 -57.06 23.01 34.60
C SER M 134 -56.24 22.93 33.33
N PHE M 135 -55.29 23.85 33.20
CA PHE M 135 -54.41 23.89 32.05
C PHE M 135 -53.11 24.63 32.40
N LYS M 136 -51.99 24.11 31.92
CA LYS M 136 -50.71 24.78 32.14
C LYS M 136 -49.69 24.45 31.06
N ALA M 137 -48.82 25.41 30.77
CA ALA M 137 -47.73 25.22 29.84
C ALA M 137 -46.39 25.36 30.57
N GLY M 138 -45.36 24.77 30.01
CA GLY M 138 -44.02 24.84 30.56
C GLY M 138 -43.01 24.63 29.45
N GLY M 139 -41.73 24.82 29.75
CA GLY M 139 -40.70 24.68 28.74
C GLY M 139 -40.44 26.00 28.04
N SER M 140 -39.66 25.95 26.97
CA SER M 140 -39.19 27.16 26.30
C SER M 140 -40.29 28.09 25.81
N ALA M 141 -41.30 27.54 25.13
CA ALA M 141 -42.35 28.37 24.54
C ALA M 141 -43.53 28.61 25.49
N SER M 142 -43.32 28.33 26.77
CA SER M 142 -44.38 28.46 27.78
C SER M 142 -45.10 29.81 27.76
N ALA M 143 -44.33 30.89 27.67
CA ALA M 143 -44.89 32.23 27.69
C ALA M 143 -45.68 32.55 26.42
N MET M 144 -45.48 31.75 25.38
CA MET M 144 -46.24 31.92 24.15
C MET M 144 -47.55 31.13 24.21
N LEU M 145 -47.53 30.01 24.92
CA LEU M 145 -48.71 29.14 25.01
C LEU M 145 -49.71 29.65 26.03
N GLN M 146 -49.23 30.00 27.21
CA GLN M 146 -50.10 30.39 28.33
C GLN M 146 -51.17 31.47 28.08
N PRO M 147 -50.80 32.61 27.46
CA PRO M 147 -51.79 33.69 27.34
C PRO M 147 -53.03 33.34 26.53
N LEU M 148 -52.89 32.53 25.49
CA LEU M 148 -54.03 32.15 24.66
C LEU M 148 -55.00 31.26 25.44
N LEU M 149 -54.45 30.30 26.19
CA LEU M 149 -55.26 29.39 26.97
C LEU M 149 -55.95 30.13 28.12
N ASP M 150 -55.31 31.18 28.62
CA ASP M 150 -55.94 32.03 29.63
C ASP M 150 -57.17 32.69 29.04
N ASN M 151 -57.09 33.03 27.76
CA ASN M 151 -58.19 33.68 27.06
C ASN M 151 -59.25 32.68 26.63
N GLN M 152 -58.83 31.60 25.98
CA GLN M 152 -59.76 30.68 25.34
C GLN M 152 -60.35 29.61 26.26
N VAL M 153 -59.57 29.17 27.25
CA VAL M 153 -60.04 28.14 28.17
C VAL M 153 -60.52 28.76 29.48
N GLY M 154 -59.86 29.84 29.91
CA GLY M 154 -60.23 30.52 31.13
C GLY M 154 -61.24 31.62 30.89
N PHE M 155 -61.48 31.93 29.61
CA PHE M 155 -62.44 32.96 29.22
C PHE M 155 -62.12 34.32 29.82
N LYS M 156 -60.83 34.58 30.03
CA LYS M 156 -60.38 35.81 30.68
C LYS M 156 -60.38 37.00 29.72
N ASN M 157 -60.73 38.16 30.26
CA ASN M 157 -60.78 39.41 29.51
C ASN M 157 -61.83 39.41 28.41
N MET M 158 -62.82 38.53 28.53
CA MET M 158 -63.90 38.46 27.57
C MET M 158 -65.24 38.82 28.20
N GLN M 159 -65.88 39.85 27.66
CA GLN M 159 -67.15 40.34 28.18
C GLN M 159 -68.31 39.58 27.54
N ASN M 160 -69.36 39.35 28.33
CA ASN M 160 -70.56 38.63 27.91
C ASN M 160 -70.33 37.39 27.03
N VAL M 161 -69.38 36.56 27.43
CA VAL M 161 -69.15 35.29 26.75
C VAL M 161 -69.66 34.14 27.61
N GLU M 162 -70.00 33.03 26.96
CA GLU M 162 -70.55 31.88 27.66
C GLU M 162 -69.45 30.96 28.19
N HIS M 163 -69.68 30.39 29.37
CA HIS M 163 -68.70 29.52 29.99
C HIS M 163 -68.94 28.04 29.67
N VAL M 164 -68.90 27.71 28.39
CA VAL M 164 -69.06 26.33 27.95
C VAL M 164 -67.81 25.50 28.23
N PRO M 165 -67.96 24.36 28.91
CA PRO M 165 -66.84 23.49 29.30
C PRO M 165 -66.06 22.99 28.09
N LEU M 166 -64.75 22.84 28.24
CA LEU M 166 -63.89 22.43 27.13
C LEU M 166 -64.13 20.98 26.75
N SER M 167 -64.48 20.75 25.48
CA SER M 167 -64.63 19.41 24.98
C SER M 167 -63.27 18.89 24.52
N LEU M 168 -63.16 17.58 24.35
CA LEU M 168 -61.92 16.97 23.93
C LEU M 168 -61.46 17.48 22.56
N ASP M 169 -62.42 17.65 21.65
CA ASP M 169 -62.13 18.09 20.28
C ASP M 169 -61.51 19.49 20.25
N ARG M 170 -62.23 20.44 20.87
CA ARG M 170 -61.78 21.82 20.93
C ARG M 170 -60.42 21.94 21.64
N ALA M 171 -60.25 21.17 22.71
CA ALA M 171 -58.98 21.14 23.42
C ALA M 171 -57.86 20.67 22.49
N MET M 172 -58.12 19.60 21.75
CA MET M 172 -57.15 19.06 20.79
C MET M 172 -56.72 20.10 19.77
N ARG M 173 -57.71 20.74 19.14
CA ARG M 173 -57.38 21.75 18.13
C ARG M 173 -56.65 22.94 18.75
N LEU M 174 -56.97 23.25 20.01
CA LEU M 174 -56.31 24.33 20.73
C LEU M 174 -54.83 24.01 20.92
N VAL M 175 -54.55 22.78 21.34
CA VAL M 175 -53.18 22.31 21.51
C VAL M 175 -52.41 22.42 20.19
N LYS M 176 -52.99 21.86 19.13
CA LYS M 176 -52.35 21.91 17.82
C LYS M 176 -52.08 23.35 17.40
N ASP M 177 -53.02 24.23 17.70
CA ASP M 177 -52.91 25.64 17.32
C ASP M 177 -51.78 26.35 18.07
N VAL M 178 -51.77 26.25 19.40
CA VAL M 178 -50.73 26.92 20.17
C VAL M 178 -49.34 26.37 19.84
N PHE M 179 -49.24 25.07 19.58
CA PHE M 179 -47.95 24.52 19.20
C PHE M 179 -47.50 24.99 17.82
N ILE M 180 -48.44 25.06 16.88
CA ILE M 180 -48.14 25.57 15.54
C ILE M 180 -47.67 27.03 15.59
N SER M 181 -48.32 27.81 16.45
CA SER M 181 -47.94 29.21 16.63
C SER M 181 -46.58 29.34 17.31
N ALA M 182 -46.33 28.48 18.29
CA ALA M 182 -45.07 28.50 19.01
C ALA M 182 -43.90 28.13 18.10
N ALA M 183 -44.15 27.22 17.17
CA ALA M 183 -43.11 26.79 16.24
C ALA M 183 -42.64 27.94 15.35
N GLU M 184 -43.47 28.98 15.25
CA GLU M 184 -43.16 30.15 14.45
C GLU M 184 -42.13 31.06 15.13
N ARG M 185 -42.22 31.16 16.45
CA ARG M 185 -41.44 32.13 17.19
C ARG M 185 -40.32 31.50 18.03
N ASP M 186 -40.62 30.42 18.74
CA ASP M 186 -39.61 29.70 19.50
C ASP M 186 -38.74 28.87 18.56
N VAL M 187 -37.43 29.03 18.69
CA VAL M 187 -36.50 28.30 17.85
C VAL M 187 -36.23 26.90 18.42
N TYR M 188 -36.65 26.68 19.65
CA TYR M 188 -36.44 25.38 20.30
C TYR M 188 -37.64 24.46 20.06
N THR M 189 -38.71 25.04 19.54
CA THR M 189 -39.94 24.29 19.30
C THR M 189 -40.14 24.05 17.81
N GLY M 190 -40.35 22.78 17.44
CA GLY M 190 -40.56 22.43 16.05
C GLY M 190 -40.57 20.93 15.78
N ASP M 191 -40.35 20.59 14.51
CA ASP M 191 -40.31 19.20 14.03
C ASP M 191 -41.65 18.46 14.12
N ALA M 192 -42.06 18.07 15.32
CA ALA M 192 -43.31 17.34 15.48
C ALA M 192 -43.97 17.59 16.84
N LEU M 193 -45.27 17.42 16.90
CA LEU M 193 -46.03 17.56 18.13
C LEU M 193 -46.68 16.23 18.51
N ARG M 194 -46.29 15.67 19.64
CA ARG M 194 -46.94 14.47 20.14
C ARG M 194 -47.97 14.85 21.20
N ILE M 195 -49.17 14.29 21.04
CA ILE M 195 -50.27 14.54 21.96
C ILE M 195 -50.72 13.23 22.61
N CYS M 196 -50.89 13.25 23.92
CA CYS M 196 -51.32 12.07 24.66
C CYS M 196 -52.66 12.33 25.35
N ILE M 197 -53.70 11.61 24.92
CA ILE M 197 -55.01 11.80 25.50
C ILE M 197 -55.31 10.70 26.50
N VAL M 198 -55.80 11.09 27.68
CA VAL M 198 -56.04 10.15 28.76
C VAL M 198 -57.51 10.18 29.18
N THR M 199 -58.19 9.07 28.94
CA THR M 199 -59.59 8.92 29.30
C THR M 199 -59.76 7.61 30.05
N LYS M 200 -61.01 7.28 30.38
CA LYS M 200 -61.31 6.02 31.06
C LYS M 200 -60.88 4.83 30.20
N GLU M 201 -60.93 5.01 28.88
CA GLU M 201 -60.53 3.97 27.94
C GLU M 201 -59.04 3.70 28.01
N GLY M 202 -58.25 4.74 28.26
CA GLY M 202 -56.81 4.60 28.35
C GLY M 202 -56.05 5.78 27.77
N ILE M 203 -54.96 5.49 27.08
CA ILE M 203 -54.07 6.52 26.57
C ILE M 203 -53.87 6.42 25.06
N ARG M 204 -54.37 7.41 24.33
CA ARG M 204 -54.13 7.52 22.89
C ARG M 204 -52.91 8.37 22.62
N GLU M 205 -52.19 8.05 21.54
CA GLU M 205 -51.07 8.88 21.10
C GLU M 205 -51.25 9.36 19.67
N GLU M 206 -51.31 10.68 19.50
CA GLU M 206 -51.42 11.28 18.17
C GLU M 206 -50.14 12.07 17.86
N THR M 207 -49.84 12.26 16.58
CA THR M 207 -48.62 12.94 16.18
C THR M 207 -48.81 13.91 15.01
N VAL M 208 -48.97 15.19 15.32
CA VAL M 208 -49.05 16.24 14.31
C VAL M 208 -47.64 16.64 13.89
N SER M 209 -47.52 17.31 12.75
CA SER M 209 -46.21 17.73 12.25
C SER M 209 -46.01 19.24 12.35
N LEU M 210 -44.80 19.64 12.75
CA LEU M 210 -44.44 21.03 12.86
C LEU M 210 -43.29 21.33 11.89
N ARG M 211 -43.02 22.61 11.62
CA ARG M 211 -41.99 22.96 10.66
C ARG M 211 -40.59 22.60 11.15
N LYS M 212 -39.67 22.44 10.22
CA LYS M 212 -38.36 21.86 10.52
C LYS M 212 -37.23 22.88 10.60
N ASP M 213 -37.56 24.17 10.57
CA ASP M 213 -36.53 25.20 10.63
C ASP M 213 -36.23 25.63 12.07
N THR N 1 -12.35 14.08 35.31
CA THR N 1 -11.52 14.96 34.48
C THR N 1 -12.11 16.36 34.41
N GLN N 2 -11.32 17.34 34.84
CA GLN N 2 -11.73 18.73 34.80
C GLN N 2 -11.10 19.46 33.62
N ASN N 3 -9.93 18.99 33.21
CA ASN N 3 -9.23 19.55 32.06
C ASN N 3 -8.74 18.46 31.13
N PRO N 4 -9.44 18.26 30.00
CA PRO N 4 -9.07 17.22 29.03
C PRO N 4 -7.69 17.48 28.42
N MET N 5 -6.94 16.41 28.18
CA MET N 5 -5.59 16.53 27.63
C MET N 5 -5.54 16.03 26.19
N VAL N 6 -5.05 14.81 25.99
CA VAL N 6 -5.05 14.22 24.67
C VAL N 6 -6.46 13.84 24.25
N THR N 7 -6.92 14.43 23.15
CA THR N 7 -8.31 14.23 22.72
C THR N 7 -8.43 13.77 21.27
N GLY N 8 -9.58 13.18 20.96
CA GLY N 8 -9.93 12.84 19.59
C GLY N 8 -11.14 13.66 19.18
N THR N 9 -11.29 13.91 17.89
CA THR N 9 -12.37 14.77 17.41
C THR N 9 -13.64 13.99 17.03
N SER N 10 -14.23 14.34 15.89
CA SER N 10 -15.54 13.84 15.49
C SER N 10 -15.66 12.31 15.42
N VAL N 11 -16.86 11.82 15.67
CA VAL N 11 -17.20 10.41 15.47
C VAL N 11 -18.54 10.32 14.73
N LEU N 12 -18.56 9.58 13.63
CA LEU N 12 -19.77 9.47 12.81
C LEU N 12 -20.45 8.11 12.96
N GLY N 13 -21.76 8.10 12.77
CA GLY N 13 -22.52 6.88 12.79
C GLY N 13 -23.74 6.98 11.90
N VAL N 14 -24.12 5.87 11.27
CA VAL N 14 -25.33 5.83 10.46
C VAL N 14 -25.83 4.40 10.25
N LYS N 15 -27.15 4.23 10.35
CA LYS N 15 -27.79 2.94 10.17
C LYS N 15 -27.92 2.60 8.69
N PHE N 16 -27.89 1.31 8.37
CA PHE N 16 -28.21 0.86 7.02
C PHE N 16 -28.98 -0.46 7.06
N GLU N 17 -29.37 -0.95 5.90
CA GLU N 17 -30.14 -2.20 5.81
C GLU N 17 -29.36 -3.37 6.39
N GLY N 18 -29.76 -3.79 7.59
CA GLY N 18 -29.16 -4.93 8.24
C GLY N 18 -27.82 -4.64 8.88
N GLY N 19 -27.66 -3.42 9.40
CA GLY N 19 -26.43 -3.07 10.08
C GLY N 19 -26.21 -1.61 10.38
N VAL N 20 -25.07 -1.31 11.02
CA VAL N 20 -24.74 0.07 11.38
C VAL N 20 -23.26 0.33 11.12
N VAL N 21 -22.93 1.51 10.60
CA VAL N 21 -21.55 1.86 10.33
C VAL N 21 -21.10 3.10 11.11
N ILE N 22 -19.85 3.07 11.58
CA ILE N 22 -19.29 4.14 12.41
C ILE N 22 -17.88 4.51 11.92
N ALA N 23 -17.56 5.80 11.92
CA ALA N 23 -16.23 6.23 11.51
C ALA N 23 -15.55 7.15 12.52
N ALA N 24 -14.22 7.11 12.58
CA ALA N 24 -13.46 8.00 13.46
C ALA N 24 -11.98 8.01 13.10
N ASP N 25 -11.37 9.18 13.04
CA ASP N 25 -9.95 9.27 12.72
C ASP N 25 -9.06 8.72 13.84
N MET N 26 -7.82 8.41 13.50
CA MET N 26 -6.92 7.77 14.44
C MET N 26 -5.97 8.78 15.07
N LEU N 27 -6.49 9.96 15.38
CA LEU N 27 -5.66 11.03 15.92
C LEU N 27 -5.95 11.37 17.38
N GLY N 28 -4.89 11.46 18.17
CA GLY N 28 -4.95 11.98 19.51
C GLY N 28 -4.19 13.30 19.54
N SER N 29 -4.91 14.38 19.78
CA SER N 29 -4.33 15.71 19.73
C SER N 29 -4.05 16.28 21.12
N TYR N 30 -2.85 16.84 21.27
CA TYR N 30 -2.46 17.51 22.50
C TYR N 30 -2.59 19.01 22.27
N GLY N 31 -3.82 19.50 22.32
CA GLY N 31 -4.09 20.89 21.98
C GLY N 31 -4.19 21.05 20.49
N SER N 32 -3.27 21.81 19.90
CA SER N 32 -3.24 21.98 18.45
C SER N 32 -2.24 21.01 17.86
N LEU N 33 -1.59 20.24 18.72
CA LEU N 33 -0.55 19.31 18.27
C LEU N 33 -1.12 17.93 17.95
N ALA N 34 -0.91 17.48 16.72
CA ALA N 34 -1.27 16.12 16.34
C ALA N 34 -0.23 15.18 16.91
N ARG N 35 -0.40 14.82 18.18
CA ARG N 35 0.64 14.09 18.91
C ARG N 35 0.67 12.59 18.60
N PHE N 36 -0.47 11.92 18.74
CA PHE N 36 -0.51 10.48 18.52
C PHE N 36 -1.34 10.12 17.30
N ARG N 37 -0.69 9.98 16.15
CA ARG N 37 -1.40 9.84 14.88
C ARG N 37 -1.71 8.38 14.52
N ASN N 38 -1.73 7.50 15.52
CA ASN N 38 -2.04 6.10 15.26
C ASN N 38 -2.71 5.40 16.43
N ILE N 39 -3.91 5.86 16.78
CA ILE N 39 -4.65 5.28 17.89
C ILE N 39 -6.09 4.95 17.51
N SER N 40 -6.60 3.84 18.00
CA SER N 40 -7.97 3.45 17.69
C SER N 40 -8.94 4.07 18.69
N ARG N 41 -9.93 4.79 18.16
CA ARG N 41 -10.95 5.41 18.99
C ARG N 41 -12.27 4.66 18.82
N ILE N 42 -12.16 3.40 18.39
CA ILE N 42 -13.32 2.54 18.21
C ILE N 42 -13.11 1.20 18.92
N MET N 43 -14.09 0.80 19.71
CA MET N 43 -14.00 -0.43 20.50
C MET N 43 -15.09 -1.42 20.11
N ARG N 44 -14.75 -2.70 20.05
CA ARG N 44 -15.74 -3.75 19.86
C ARG N 44 -16.26 -4.24 21.20
N VAL N 45 -17.46 -3.77 21.56
CA VAL N 45 -18.15 -4.26 22.75
C VAL N 45 -18.99 -5.46 22.33
N ASN N 46 -18.56 -6.66 22.71
CA ASN N 46 -19.15 -7.92 22.23
C ASN N 46 -19.43 -7.99 20.72
N ASN N 47 -20.29 -8.92 20.31
CA ASN N 47 -20.54 -9.16 18.89
C ASN N 47 -21.72 -8.40 18.30
N SER N 48 -22.55 -7.82 19.16
CA SER N 48 -23.75 -7.13 18.70
C SER N 48 -23.63 -5.61 18.77
N THR N 49 -22.63 -5.11 19.48
CA THR N 49 -22.45 -3.66 19.59
C THR N 49 -21.01 -3.20 19.41
N MET N 50 -20.83 -1.88 19.35
CA MET N 50 -19.53 -1.27 19.12
C MET N 50 -19.60 0.20 19.51
N LEU N 51 -18.45 0.78 19.83
CA LEU N 51 -18.41 2.13 20.39
C LEU N 51 -17.34 3.01 19.76
N GLY N 52 -17.73 4.24 19.42
CA GLY N 52 -16.79 5.27 19.00
C GLY N 52 -16.81 6.41 20.01
N ALA N 53 -15.67 7.02 20.24
CA ALA N 53 -15.56 8.04 21.28
C ALA N 53 -14.81 9.31 20.88
N SER N 54 -15.39 10.45 21.24
CA SER N 54 -14.76 11.75 21.10
C SER N 54 -14.37 12.27 22.47
N GLY N 55 -13.35 13.11 22.53
CA GLY N 55 -12.94 13.71 23.79
C GLY N 55 -11.67 13.12 24.33
N ASP N 56 -11.50 13.19 25.65
CA ASP N 56 -10.27 12.75 26.31
C ASP N 56 -10.02 11.25 26.12
N TYR N 57 -8.88 10.93 25.52
CA TYR N 57 -8.57 9.56 25.15
C TYR N 57 -8.33 8.66 26.35
N ALA N 58 -7.82 9.23 27.44
CA ALA N 58 -7.54 8.47 28.65
C ALA N 58 -8.85 7.94 29.27
N ASP N 59 -9.83 8.82 29.39
CA ASP N 59 -11.13 8.44 29.91
C ASP N 59 -11.77 7.38 29.02
N PHE N 60 -11.55 7.50 27.71
CA PHE N 60 -12.03 6.50 26.77
C PHE N 60 -11.37 5.16 27.03
N GLN N 61 -10.07 5.18 27.37
CA GLN N 61 -9.36 3.96 27.70
C GLN N 61 -9.92 3.34 28.97
N TYR N 62 -10.31 4.20 29.91
CA TYR N 62 -10.93 3.74 31.15
C TYR N 62 -12.25 3.03 30.85
N LEU N 63 -13.12 3.69 30.09
CA LEU N 63 -14.40 3.11 29.72
C LEU N 63 -14.22 1.83 28.92
N LYS N 64 -13.14 1.77 28.14
CA LYS N 64 -12.81 0.60 27.36
C LYS N 64 -12.49 -0.57 28.29
N GLN N 65 -11.67 -0.28 29.30
CA GLN N 65 -11.31 -1.27 30.32
C GLN N 65 -12.55 -1.80 31.04
N VAL N 66 -13.35 -0.87 31.54
CA VAL N 66 -14.56 -1.21 32.29
C VAL N 66 -15.56 -2.03 31.47
N LEU N 67 -15.87 -1.55 30.26
CA LEU N 67 -16.79 -2.25 29.38
C LEU N 67 -16.28 -3.63 29.01
N GLY N 68 -14.99 -3.72 28.70
CA GLY N 68 -14.37 -5.00 28.41
C GLY N 68 -14.55 -5.98 29.57
N GLN N 69 -14.32 -5.49 30.78
CA GLN N 69 -14.52 -6.30 31.97
C GLN N 69 -15.96 -6.75 32.14
N MET N 70 -16.91 -5.86 31.89
CA MET N 70 -18.32 -6.21 31.99
C MET N 70 -18.69 -7.31 31.01
N VAL N 71 -18.22 -7.17 29.77
CA VAL N 71 -18.49 -8.15 28.73
C VAL N 71 -17.88 -9.50 29.08
N ILE N 72 -16.65 -9.49 29.61
CA ILE N 72 -16.03 -10.73 30.07
C ILE N 72 -16.83 -11.38 31.19
N ASP N 73 -17.18 -10.57 32.19
CA ASP N 73 -17.96 -11.00 33.33
C ASP N 73 -19.25 -11.70 32.89
N GLU N 74 -19.93 -11.09 31.92
CA GLU N 74 -21.16 -11.67 31.42
C GLU N 74 -20.89 -12.97 30.66
N GLU N 75 -19.86 -12.95 29.81
CA GLU N 75 -19.53 -14.11 28.98
C GLU N 75 -19.09 -15.32 29.81
N LEU N 76 -18.68 -15.07 31.06
CA LEU N 76 -18.30 -16.16 31.94
C LEU N 76 -19.47 -17.04 32.34
N LEU N 77 -20.64 -16.41 32.54
CA LEU N 77 -21.83 -17.14 32.96
C LEU N 77 -22.33 -18.12 31.89
N GLY N 78 -22.42 -17.64 30.66
CA GLY N 78 -22.90 -18.45 29.55
C GLY N 78 -24.33 -18.93 29.77
N ASP N 79 -25.14 -18.08 30.40
CA ASP N 79 -26.51 -18.43 30.72
C ASP N 79 -27.47 -18.15 29.57
N GLY N 80 -26.92 -17.86 28.40
CA GLY N 80 -27.72 -17.63 27.22
C GLY N 80 -28.19 -16.19 27.05
N HIS N 81 -27.82 -15.34 28.01
CA HIS N 81 -28.16 -13.92 27.94
C HIS N 81 -26.92 -13.08 27.66
N SER N 82 -27.09 -12.01 26.90
CA SER N 82 -25.99 -11.09 26.63
C SER N 82 -26.47 -9.64 26.58
N TYR N 83 -25.53 -8.71 26.67
CA TYR N 83 -25.86 -7.28 26.64
C TYR N 83 -26.26 -6.84 25.24
N SER N 84 -27.49 -6.39 25.10
CA SER N 84 -27.96 -5.79 23.86
C SER N 84 -27.33 -4.41 23.71
N PRO N 85 -27.23 -3.91 22.48
CA PRO N 85 -26.71 -2.55 22.26
C PRO N 85 -27.47 -1.51 23.06
N ARG N 86 -28.79 -1.65 23.14
CA ARG N 86 -29.61 -0.72 23.91
C ARG N 86 -29.23 -0.76 25.39
N ALA N 87 -28.93 -1.96 25.89
CA ALA N 87 -28.55 -2.13 27.29
C ALA N 87 -27.22 -1.44 27.59
N ILE N 88 -26.24 -1.66 26.72
CA ILE N 88 -24.94 -1.01 26.84
C ILE N 88 -25.09 0.51 26.81
N HIS N 89 -25.93 0.99 25.89
CA HIS N 89 -26.22 2.41 25.79
C HIS N 89 -26.81 2.96 27.08
N SER N 90 -27.73 2.20 27.66
CA SER N 90 -28.38 2.61 28.90
C SER N 90 -27.38 2.69 30.04
N TRP N 91 -26.54 1.66 30.13
CA TRP N 91 -25.50 1.62 31.15
C TRP N 91 -24.58 2.81 31.01
N LEU N 92 -24.10 3.05 29.80
CA LEU N 92 -23.17 4.14 29.53
C LEU N 92 -23.80 5.49 29.90
N THR N 93 -25.09 5.65 29.57
CA THR N 93 -25.81 6.84 29.96
C THR N 93 -25.78 7.02 31.47
N ARG N 94 -26.12 5.95 32.19
CA ARG N 94 -26.13 5.95 33.64
C ARG N 94 -24.75 6.33 34.22
N ALA N 95 -23.70 5.79 33.63
CA ALA N 95 -22.34 6.03 34.09
C ALA N 95 -21.93 7.48 33.89
N MET N 96 -22.09 7.97 32.67
CA MET N 96 -21.73 9.34 32.35
C MET N 96 -22.50 10.33 33.22
N TYR N 97 -23.80 10.08 33.41
CA TYR N 97 -24.59 10.96 34.28
C TYR N 97 -24.11 10.88 35.73
N SER N 98 -23.72 9.69 36.16
CA SER N 98 -23.23 9.48 37.51
C SER N 98 -21.95 10.29 37.76
N ARG N 99 -21.01 10.22 36.82
CA ARG N 99 -19.78 10.99 36.91
C ARG N 99 -20.06 12.49 36.82
N ARG N 100 -21.01 12.87 35.97
CA ARG N 100 -21.44 14.26 35.86
C ARG N 100 -21.94 14.80 37.18
N SER N 101 -22.73 13.99 37.88
CA SER N 101 -23.35 14.42 39.13
C SER N 101 -22.37 14.41 40.29
N LYS N 102 -21.22 13.76 40.10
CA LYS N 102 -20.16 13.80 41.09
C LYS N 102 -19.23 14.98 40.82
N MET N 103 -19.62 15.81 39.85
CA MET N 103 -18.80 16.93 39.40
C MET N 103 -17.42 16.48 38.95
N ASN N 104 -17.33 15.24 38.51
CA ASN N 104 -16.09 14.66 37.99
C ASN N 104 -16.39 13.86 36.73
N PRO N 105 -16.65 14.54 35.61
CA PRO N 105 -17.12 13.89 34.39
C PRO N 105 -16.04 13.11 33.67
N LEU N 106 -16.47 12.15 32.85
CA LEU N 106 -15.58 11.51 31.90
C LEU N 106 -15.68 12.31 30.61
N TRP N 107 -14.65 13.10 30.30
CA TRP N 107 -14.72 14.03 29.19
C TRP N 107 -14.84 13.32 27.84
N ASN N 108 -16.01 12.73 27.59
CA ASN N 108 -16.26 12.00 26.35
C ASN N 108 -17.65 12.25 25.77
N THR N 109 -17.73 12.18 24.45
CA THR N 109 -19.01 12.17 23.75
C THR N 109 -18.99 10.94 22.87
N MET N 110 -19.95 10.03 23.07
CA MET N 110 -19.85 8.72 22.43
C MET N 110 -21.02 8.31 21.53
N VAL N 111 -20.68 7.52 20.51
CA VAL N 111 -21.65 6.96 19.59
C VAL N 111 -21.59 5.43 19.64
N ILE N 112 -22.68 4.81 20.06
CA ILE N 112 -22.77 3.36 20.11
C ILE N 112 -23.57 2.82 18.92
N GLY N 113 -22.94 2.00 18.10
CA GLY N 113 -23.61 1.36 16.98
C GLY N 113 -23.86 -0.09 17.30
N GLY N 114 -24.94 -0.67 16.77
CA GLY N 114 -25.24 -2.05 17.06
C GLY N 114 -26.22 -2.71 16.12
N TYR N 115 -26.28 -4.03 16.18
CA TYR N 115 -27.27 -4.80 15.41
C TYR N 115 -27.66 -6.07 16.16
N ALA N 116 -28.89 -6.08 16.68
CA ALA N 116 -29.40 -7.24 17.39
C ALA N 116 -30.91 -7.36 17.17
N ASP N 117 -31.38 -8.61 17.08
CA ASP N 117 -32.79 -8.91 16.83
C ASP N 117 -33.28 -8.30 15.53
N GLY N 118 -32.40 -8.25 14.53
CA GLY N 118 -32.76 -7.76 13.20
C GLY N 118 -32.94 -6.27 13.10
N GLU N 119 -32.72 -5.56 14.20
CA GLU N 119 -32.87 -4.10 14.22
C GLU N 119 -31.53 -3.39 14.34
N SER N 120 -31.39 -2.28 13.62
CA SER N 120 -30.18 -1.47 13.70
C SER N 120 -30.28 -0.44 14.82
N PHE N 121 -29.24 -0.37 15.64
CA PHE N 121 -29.21 0.57 16.75
C PHE N 121 -28.12 1.63 16.61
N LEU N 122 -28.46 2.85 16.96
CA LEU N 122 -27.49 3.95 16.98
C LEU N 122 -27.83 4.92 18.10
N GLY N 123 -26.95 5.01 19.10
CA GLY N 123 -27.19 5.83 20.26
C GLY N 123 -26.08 6.83 20.56
N TYR N 124 -26.47 7.96 21.14
CA TYR N 124 -25.57 9.05 21.46
C TYR N 124 -25.57 9.24 22.96
N VAL N 125 -24.39 9.47 23.53
CA VAL N 125 -24.23 9.73 24.97
C VAL N 125 -23.27 10.89 25.26
N ASP N 126 -23.74 11.87 26.04
CA ASP N 126 -22.95 13.04 26.42
C ASP N 126 -22.07 12.75 27.62
N MET N 127 -21.27 13.74 28.01
CA MET N 127 -20.52 13.66 29.25
C MET N 127 -21.40 14.12 30.41
N LEU N 128 -22.56 14.68 30.08
CA LEU N 128 -23.50 15.16 31.08
C LEU N 128 -24.62 14.14 31.28
N GLY N 129 -24.62 13.10 30.48
CA GLY N 129 -25.65 12.08 30.56
C GLY N 129 -26.83 12.35 29.64
N VAL N 130 -26.62 13.22 28.66
CA VAL N 130 -27.62 13.45 27.63
C VAL N 130 -27.50 12.36 26.59
N ALA N 131 -28.55 11.56 26.45
CA ALA N 131 -28.50 10.42 25.54
C ALA N 131 -29.74 10.32 24.68
N TYR N 132 -29.57 9.80 23.46
CA TYR N 132 -30.73 9.60 22.58
C TYR N 132 -30.45 8.65 21.41
N GLU N 133 -31.50 8.30 20.67
CA GLU N 133 -31.36 7.45 19.50
C GLU N 133 -31.66 8.24 18.22
N ALA N 134 -30.96 7.91 17.15
CA ALA N 134 -31.17 8.56 15.86
C ALA N 134 -30.61 7.72 14.71
N PRO N 135 -31.17 7.87 13.50
CA PRO N 135 -30.67 7.14 12.33
C PRO N 135 -29.27 7.57 11.90
N SER N 136 -28.89 8.80 12.27
CA SER N 136 -27.55 9.30 12.00
C SER N 136 -27.02 10.06 13.19
N LEU N 137 -25.70 9.99 13.41
CA LEU N 137 -25.07 10.67 14.53
C LEU N 137 -23.73 11.26 14.15
N ALA N 138 -23.43 12.42 14.72
CA ALA N 138 -22.15 13.08 14.50
C ALA N 138 -21.76 13.88 15.73
N THR N 139 -20.55 13.63 16.24
CA THR N 139 -20.06 14.33 17.41
C THR N 139 -19.05 15.41 17.02
N GLY N 140 -18.94 16.44 17.87
CA GLY N 140 -18.02 17.52 17.61
C GLY N 140 -18.36 18.27 16.34
N TYR N 141 -17.33 18.65 15.58
CA TYR N 141 -17.53 19.41 14.36
C TYR N 141 -18.35 18.65 13.32
N GLY N 142 -18.36 17.33 13.43
CA GLY N 142 -19.20 16.50 12.58
C GLY N 142 -20.64 16.95 12.70
N ALA N 143 -21.07 17.21 13.93
CA ALA N 143 -22.44 17.64 14.19
C ALA N 143 -22.79 18.94 13.46
N TYR N 144 -21.77 19.70 13.08
CA TYR N 144 -21.98 20.93 12.34
C TYR N 144 -21.73 20.73 10.85
N LEU N 145 -20.92 19.73 10.51
CA LEU N 145 -20.48 19.54 9.13
C LEU N 145 -21.02 18.27 8.49
N ALA N 146 -20.83 17.13 9.14
CA ALA N 146 -21.23 15.85 8.57
C ALA N 146 -22.73 15.60 8.71
N GLN N 147 -23.28 15.88 9.89
CA GLN N 147 -24.69 15.64 10.17
C GLN N 147 -25.68 16.30 9.20
N PRO N 148 -25.43 17.55 8.76
CA PRO N 148 -26.33 18.13 7.76
C PRO N 148 -26.40 17.31 6.47
N LEU N 149 -25.26 16.77 6.03
CA LEU N 149 -25.22 15.92 4.85
C LEU N 149 -25.99 14.63 5.07
N LEU N 150 -25.78 14.01 6.22
CA LEU N 150 -26.41 12.74 6.56
C LEU N 150 -27.93 12.86 6.60
N ARG N 151 -28.42 13.93 7.22
CA ARG N 151 -29.87 14.14 7.33
C ARG N 151 -30.50 14.42 5.98
N GLU N 152 -29.77 15.12 5.11
CA GLU N 152 -30.24 15.44 3.78
C GLU N 152 -30.58 14.17 3.00
N VAL N 153 -29.71 13.18 3.13
CA VAL N 153 -29.89 11.90 2.45
C VAL N 153 -30.98 11.05 3.11
N LEU N 154 -30.94 10.98 4.43
CA LEU N 154 -31.88 10.13 5.17
C LEU N 154 -33.32 10.61 5.11
N GLU N 155 -33.53 11.89 4.80
CA GLU N 155 -34.88 12.42 4.67
C GLU N 155 -35.34 12.33 3.23
N LYS N 156 -34.44 11.92 2.34
CA LYS N 156 -34.77 11.70 0.95
C LYS N 156 -34.78 10.20 0.64
N GLN N 157 -34.21 9.42 1.56
CA GLN N 157 -34.13 7.97 1.42
C GLN N 157 -33.74 7.35 2.76
N PRO N 158 -34.75 7.07 3.60
CA PRO N 158 -34.56 6.54 4.96
C PRO N 158 -33.69 5.27 5.02
N VAL N 159 -33.93 4.34 4.10
CA VAL N 159 -33.15 3.10 4.08
C VAL N 159 -31.98 3.18 3.11
N LEU N 160 -30.78 2.88 3.61
CA LEU N 160 -29.58 2.89 2.79
C LEU N 160 -28.97 1.50 2.74
N SER N 161 -28.27 1.19 1.65
CA SER N 161 -27.51 -0.05 1.58
C SER N 161 -26.20 0.17 2.33
N GLN N 162 -25.48 -0.91 2.59
CA GLN N 162 -24.20 -0.81 3.29
C GLN N 162 -23.20 0.00 2.49
N THR N 163 -23.18 -0.22 1.17
CA THR N 163 -22.27 0.51 0.29
C THR N 163 -22.62 2.00 0.23
N GLU N 164 -23.92 2.29 0.21
CA GLU N 164 -24.39 3.67 0.19
C GLU N 164 -23.97 4.40 1.46
N ALA N 165 -24.22 3.79 2.62
CA ALA N 165 -23.84 4.35 3.90
C ALA N 165 -22.33 4.54 4.00
N ARG N 166 -21.58 3.56 3.48
CA ARG N 166 -20.13 3.63 3.50
C ARG N 166 -19.62 4.80 2.66
N ASP N 167 -20.25 5.01 1.51
CA ASP N 167 -19.93 6.13 0.64
C ASP N 167 -20.21 7.46 1.34
N LEU N 168 -21.40 7.57 1.92
CA LEU N 168 -21.80 8.76 2.66
C LEU N 168 -20.77 9.07 3.75
N VAL N 169 -20.41 8.05 4.51
CA VAL N 169 -19.40 8.17 5.55
C VAL N 169 -18.07 8.68 5.01
N GLU N 170 -17.60 8.08 3.92
CA GLU N 170 -16.35 8.49 3.30
C GLU N 170 -16.36 9.98 2.92
N ARG N 171 -17.44 10.40 2.27
CA ARG N 171 -17.60 11.80 1.88
C ARG N 171 -17.61 12.74 3.08
N CYS N 172 -18.31 12.32 4.14
CA CYS N 172 -18.36 13.11 5.37
C CYS N 172 -16.97 13.24 6.02
N MET N 173 -16.21 12.16 6.04
CA MET N 173 -14.85 12.19 6.56
C MET N 173 -13.98 13.12 5.71
N ARG N 174 -14.25 13.15 4.41
CA ARG N 174 -13.54 14.08 3.53
C ARG N 174 -13.84 15.53 3.90
N VAL N 175 -15.13 15.85 4.07
CA VAL N 175 -15.54 17.19 4.46
C VAL N 175 -14.89 17.58 5.79
N LEU N 176 -14.92 16.66 6.75
CA LEU N 176 -14.32 16.91 8.06
C LEU N 176 -12.82 17.15 7.97
N TYR N 177 -12.14 16.37 7.14
CA TYR N 177 -10.71 16.58 6.95
C TYR N 177 -10.45 17.95 6.32
N TYR N 178 -11.35 18.38 5.45
CA TYR N 178 -11.23 19.70 4.84
C TYR N 178 -11.38 20.83 5.86
N ARG N 179 -12.42 20.75 6.70
CA ARG N 179 -12.79 21.89 7.53
C ARG N 179 -12.42 21.81 9.02
N ASP N 180 -12.17 20.60 9.53
CA ASP N 180 -11.80 20.45 10.94
C ASP N 180 -10.29 20.48 11.11
N ALA N 181 -9.81 21.49 11.83
CA ALA N 181 -8.37 21.71 11.97
C ALA N 181 -7.72 20.72 12.93
N ARG N 182 -8.54 19.96 13.66
CA ARG N 182 -8.01 18.99 14.62
C ARG N 182 -8.32 17.56 14.19
N SER N 183 -8.52 17.37 12.89
CA SER N 183 -8.72 16.04 12.32
C SER N 183 -7.45 15.51 11.67
N TYR N 184 -7.56 14.41 10.95
CA TYR N 184 -6.40 13.74 10.40
C TYR N 184 -6.79 12.82 9.23
N ASN N 185 -5.97 12.80 8.19
CA ASN N 185 -6.27 11.99 7.01
C ASN N 185 -5.88 10.53 7.21
N ARG N 186 -6.45 9.92 8.24
CA ARG N 186 -6.19 8.52 8.55
C ARG N 186 -7.24 8.06 9.56
N PHE N 187 -8.24 7.35 9.07
CA PHE N 187 -9.39 7.00 9.91
C PHE N 187 -9.77 5.53 9.89
N GLN N 188 -10.76 5.19 10.70
CA GLN N 188 -11.24 3.81 10.81
C GLN N 188 -12.75 3.76 10.63
N ILE N 189 -13.19 2.66 10.03
CA ILE N 189 -14.60 2.37 9.84
C ILE N 189 -14.94 1.04 10.48
N ALA N 190 -15.89 1.06 11.41
CA ALA N 190 -16.38 -0.15 12.04
C ALA N 190 -17.80 -0.44 11.58
N THR N 191 -18.15 -1.72 11.50
CA THR N 191 -19.46 -2.10 10.99
C THR N 191 -20.06 -3.25 11.81
N VAL N 192 -21.33 -3.10 12.17
CA VAL N 192 -22.08 -4.20 12.78
C VAL N 192 -23.07 -4.75 11.78
N THR N 193 -23.03 -6.07 11.59
CA THR N 193 -24.05 -6.80 10.86
C THR N 193 -24.44 -8.00 11.70
N GLU N 194 -25.18 -8.93 11.11
CA GLU N 194 -25.51 -10.16 11.83
C GLU N 194 -24.28 -11.05 11.93
N LYS N 195 -23.29 -10.78 11.09
CA LYS N 195 -22.05 -11.54 11.06
C LYS N 195 -21.10 -11.08 12.16
N GLY N 196 -21.43 -9.97 12.82
CA GLY N 196 -20.63 -9.46 13.92
C GLY N 196 -20.08 -8.06 13.71
N VAL N 197 -19.02 -7.74 14.44
CA VAL N 197 -18.39 -6.42 14.36
C VAL N 197 -17.06 -6.50 13.61
N GLU N 198 -16.89 -5.63 12.62
CA GLU N 198 -15.67 -5.62 11.83
C GLU N 198 -15.07 -4.22 11.73
N ILE N 199 -13.83 -4.08 12.17
CA ILE N 199 -13.12 -2.80 12.09
C ILE N 199 -12.08 -2.83 10.98
N GLU N 200 -12.26 -1.97 9.98
CA GLU N 200 -11.36 -1.93 8.84
C GLU N 200 -10.16 -1.03 9.11
N GLY N 201 -8.99 -1.45 8.62
CA GLY N 201 -7.73 -0.81 8.93
C GLY N 201 -7.59 0.63 8.49
N PRO N 202 -6.37 1.18 8.58
CA PRO N 202 -6.07 2.59 8.30
C PRO N 202 -6.49 3.01 6.89
N LEU N 203 -7.53 3.84 6.82
CA LEU N 203 -8.03 4.35 5.55
C LEU N 203 -7.59 5.79 5.35
N SER N 204 -7.41 6.19 4.09
CA SER N 204 -7.10 7.57 3.76
C SER N 204 -8.23 8.17 2.96
N THR N 205 -8.30 9.49 2.90
CA THR N 205 -9.33 10.17 2.11
C THR N 205 -8.71 10.93 0.96
N GLU N 206 -9.17 10.64 -0.26
CA GLU N 206 -8.72 11.37 -1.43
C GLU N 206 -9.13 12.84 -1.29
N THR N 207 -8.24 13.73 -1.69
CA THR N 207 -8.49 15.16 -1.53
C THR N 207 -8.28 15.93 -2.82
N ASN N 208 -9.23 16.81 -3.12
CA ASN N 208 -9.12 17.70 -4.26
C ASN N 208 -8.64 19.07 -3.83
N TRP N 209 -7.64 19.60 -4.52
CA TRP N 209 -7.10 20.92 -4.19
C TRP N 209 -6.99 21.83 -5.41
N ASP N 210 -7.94 21.68 -6.33
CA ASP N 210 -7.92 22.47 -7.56
C ASP N 210 -8.26 23.94 -7.29
N ILE N 211 -9.08 24.17 -6.26
CA ILE N 211 -9.47 25.54 -5.90
C ILE N 211 -8.29 26.35 -5.37
N ALA N 212 -7.10 25.74 -5.39
CA ALA N 212 -5.87 26.44 -5.06
C ALA N 212 -5.46 27.37 -6.21
N HIS N 213 -5.90 27.02 -7.41
CA HIS N 213 -5.53 27.81 -8.58
C HIS N 213 -6.69 28.69 -9.03
N MET N 214 -7.44 29.20 -8.07
CA MET N 214 -8.56 30.09 -8.33
C MET N 214 -8.42 31.39 -7.52
N ILE N 215 -7.17 31.80 -7.32
CA ILE N 215 -6.87 33.02 -6.59
C ILE N 215 -7.28 34.26 -7.39
N SER N 216 -6.78 34.35 -8.62
CA SER N 216 -7.05 35.51 -9.48
C SER N 216 -8.53 35.61 -9.86
N GLY N 217 -8.94 34.79 -10.82
CA GLY N 217 -10.32 34.80 -11.29
C GLY N 217 -11.27 34.14 -10.31
N SER O 1 -16.93 98.08 -19.45
CA SER O 1 -16.33 96.77 -19.57
C SER O 1 -15.21 96.77 -20.61
N ARG O 2 -14.97 95.60 -21.22
CA ARG O 2 -13.95 95.44 -22.25
C ARG O 2 -12.55 95.85 -21.77
N GLY O 3 -12.16 95.32 -20.62
CA GLY O 3 -10.84 95.61 -20.06
C GLY O 3 -10.92 96.35 -18.74
N SER O 4 -12.12 96.55 -18.24
CA SER O 4 -12.35 97.31 -17.02
C SER O 4 -11.85 96.60 -15.76
N SER O 5 -11.62 97.38 -14.71
CA SER O 5 -11.14 96.84 -13.43
C SER O 5 -11.69 97.65 -12.27
N ALA O 6 -11.76 97.02 -11.10
CA ALA O 6 -12.26 97.67 -9.90
C ALA O 6 -11.81 96.92 -8.65
N GLY O 7 -11.21 97.65 -7.71
CA GLY O 7 -10.74 97.05 -6.48
C GLY O 7 -9.45 96.27 -6.67
N PHE O 8 -9.38 95.10 -6.05
CA PHE O 8 -8.17 94.29 -6.11
C PHE O 8 -8.31 93.14 -7.09
N ASP O 9 -9.15 93.30 -8.10
CA ASP O 9 -9.43 92.20 -9.03
C ASP O 9 -8.25 91.84 -9.94
N ARG O 10 -7.18 92.62 -9.86
CA ARG O 10 -5.96 92.34 -10.62
C ARG O 10 -4.86 91.82 -9.70
N HIS O 11 -5.15 91.78 -8.40
CA HIS O 11 -4.16 91.34 -7.42
C HIS O 11 -4.50 89.97 -6.83
N ILE O 12 -5.79 89.74 -6.60
CA ILE O 12 -6.24 88.45 -6.07
C ILE O 12 -7.26 87.80 -6.99
N THR O 13 -7.76 86.64 -6.59
CA THR O 13 -8.69 85.89 -7.42
C THR O 13 -10.13 86.26 -7.13
N ILE O 14 -10.50 87.49 -7.45
CA ILE O 14 -11.90 87.91 -7.40
C ILE O 14 -12.34 88.41 -8.78
N PHE O 15 -13.64 88.55 -8.96
CA PHE O 15 -14.21 88.89 -10.26
C PHE O 15 -13.96 90.32 -10.69
N SER O 16 -13.65 90.50 -11.97
CA SER O 16 -13.59 91.82 -12.59
C SER O 16 -15.01 92.21 -12.96
N PRO O 17 -15.25 93.51 -13.25
CA PRO O 17 -16.59 93.96 -13.64
C PRO O 17 -17.19 93.18 -14.81
N GLU O 18 -16.36 92.64 -15.70
CA GLU O 18 -16.85 91.86 -16.82
C GLU O 18 -16.85 90.36 -16.52
N GLY O 19 -16.56 90.01 -15.27
CA GLY O 19 -16.65 88.63 -14.81
C GLY O 19 -15.42 87.79 -15.10
N ARG O 20 -14.26 88.43 -15.15
CA ARG O 20 -13.01 87.71 -15.42
C ARG O 20 -12.20 87.51 -14.15
N LEU O 21 -11.24 86.61 -14.21
CA LEU O 21 -10.30 86.40 -13.11
C LEU O 21 -8.89 86.68 -13.61
N TYR O 22 -8.43 87.90 -13.40
CA TYR O 22 -7.17 88.36 -13.97
C TYR O 22 -5.96 87.54 -13.51
N GLN O 23 -5.96 87.13 -12.24
CA GLN O 23 -4.85 86.35 -11.69
C GLN O 23 -4.68 85.02 -12.42
N VAL O 24 -5.78 84.43 -12.83
CA VAL O 24 -5.75 83.17 -13.58
C VAL O 24 -5.07 83.36 -14.94
N GLU O 25 -5.52 84.37 -15.66
CA GLU O 25 -4.95 84.69 -16.96
C GLU O 25 -3.46 84.98 -16.82
N TYR O 26 -3.12 85.73 -15.77
CA TYR O 26 -1.74 86.04 -15.47
C TYR O 26 -0.94 84.75 -15.25
N ALA O 27 -1.58 83.76 -14.61
CA ALA O 27 -0.94 82.46 -14.40
C ALA O 27 -0.69 81.76 -15.74
N PHE O 28 -1.64 81.87 -16.65
CA PHE O 28 -1.47 81.33 -17.99
C PHE O 28 -0.28 81.99 -18.69
N LYS O 29 -0.11 83.29 -18.46
CA LYS O 29 1.05 84.00 -18.99
C LYS O 29 2.33 83.56 -18.28
N ALA O 30 2.18 83.11 -17.04
CA ALA O 30 3.31 82.65 -16.25
C ALA O 30 3.79 81.30 -16.75
N ILE O 31 2.88 80.54 -17.38
CA ILE O 31 3.26 79.29 -18.01
C ILE O 31 4.33 79.51 -19.11
N ASN O 32 4.17 80.58 -19.88
CA ASN O 32 5.06 80.86 -21.00
C ASN O 32 6.44 81.36 -20.60
N GLN O 33 6.59 81.75 -19.33
CA GLN O 33 7.84 82.32 -18.83
C GLN O 33 9.03 81.36 -18.97
N GLY O 34 8.76 80.07 -18.96
CA GLY O 34 9.80 79.07 -19.12
C GLY O 34 10.46 79.14 -20.48
N GLY O 35 9.72 79.63 -21.46
CA GLY O 35 10.23 79.77 -22.81
C GLY O 35 10.30 78.45 -23.55
N LEU O 36 9.49 77.49 -23.11
CA LEU O 36 9.48 76.17 -23.73
C LEU O 36 8.11 75.80 -24.27
N THR O 37 8.07 74.73 -25.07
CA THR O 37 6.84 74.24 -25.67
C THR O 37 6.81 72.72 -25.64
N SER O 38 5.66 72.16 -25.27
CA SER O 38 5.49 70.71 -25.22
C SER O 38 4.36 70.29 -26.14
N VAL O 39 4.51 69.12 -26.77
CA VAL O 39 3.49 68.61 -27.68
C VAL O 39 3.09 67.18 -27.28
N ALA O 40 1.78 66.94 -27.26
CA ALA O 40 1.24 65.63 -26.94
C ALA O 40 0.38 65.12 -28.09
N VAL O 41 0.61 63.89 -28.53
CA VAL O 41 -0.16 63.32 -29.62
C VAL O 41 -0.64 61.90 -29.30
N ARG O 42 -1.92 61.65 -29.49
CA ARG O 42 -2.51 60.33 -29.24
C ARG O 42 -2.59 59.52 -30.52
N GLY O 43 -2.10 58.28 -30.46
CA GLY O 43 -2.13 57.39 -31.61
C GLY O 43 -3.28 56.41 -31.56
N LYS O 44 -3.18 55.35 -32.35
CA LYS O 44 -4.21 54.30 -32.37
C LYS O 44 -3.84 53.19 -31.38
N ASP O 45 -2.54 53.02 -31.15
CA ASP O 45 -2.07 51.99 -30.25
C ASP O 45 -1.01 52.52 -29.30
N CYS O 46 -0.96 53.84 -29.16
CA CYS O 46 0.03 54.47 -28.29
C CYS O 46 -0.31 55.92 -27.94
N ALA O 47 0.60 56.55 -27.20
CA ALA O 47 0.49 57.98 -26.85
C ALA O 47 1.88 58.54 -26.65
N VAL O 48 2.13 59.72 -27.22
CA VAL O 48 3.48 60.28 -27.28
C VAL O 48 3.57 61.71 -26.75
N ILE O 49 4.62 61.96 -25.97
CA ILE O 49 4.94 63.28 -25.45
C ILE O 49 6.30 63.71 -25.97
N VAL O 50 6.44 64.98 -26.38
CA VAL O 50 7.73 65.51 -26.78
C VAL O 50 7.92 66.93 -26.24
N THR O 51 9.12 67.24 -25.75
CA THR O 51 9.38 68.54 -25.15
C THR O 51 10.82 69.01 -25.35
N GLN O 52 11.01 70.33 -25.50
CA GLN O 52 12.33 70.92 -25.61
C GLN O 52 13.19 70.59 -24.40
N LYS O 53 14.49 70.43 -24.63
CA LYS O 53 15.44 70.19 -23.55
C LYS O 53 16.55 71.25 -23.62
N LYS O 54 16.18 72.49 -23.31
CA LYS O 54 17.13 73.60 -23.36
C LYS O 54 18.16 73.52 -22.25
N VAL O 55 19.32 72.94 -22.55
CA VAL O 55 20.42 72.87 -21.61
C VAL O 55 21.58 73.74 -22.10
N PRO O 56 21.58 75.02 -21.73
CA PRO O 56 22.53 76.01 -22.24
C PRO O 56 23.85 75.99 -21.48
N ASP O 57 24.07 74.98 -20.65
CA ASP O 57 25.26 74.91 -19.83
C ASP O 57 25.85 73.51 -19.79
N LYS O 58 27.17 73.43 -19.95
CA LYS O 58 27.87 72.15 -19.84
C LYS O 58 28.17 71.87 -18.37
N LEU O 59 27.81 72.82 -17.51
CA LEU O 59 28.01 72.68 -16.07
C LEU O 59 26.84 71.94 -15.43
N LEU O 60 25.82 71.65 -16.23
CA LEU O 60 24.64 70.93 -15.75
C LEU O 60 24.72 69.44 -16.06
N ASP O 61 24.47 68.61 -15.05
CA ASP O 61 24.28 67.20 -15.28
C ASP O 61 22.98 67.05 -16.05
N SER O 62 23.08 67.00 -17.38
CA SER O 62 21.92 67.05 -18.27
C SER O 62 20.88 65.95 -18.02
N SER O 63 21.21 65.00 -17.15
CA SER O 63 20.30 63.94 -16.77
C SER O 63 19.28 64.43 -15.74
N THR O 64 19.61 65.53 -15.07
CA THR O 64 18.75 66.09 -14.03
C THR O 64 17.75 67.09 -14.59
N VAL O 65 17.96 67.49 -15.85
CA VAL O 65 17.06 68.43 -16.50
C VAL O 65 15.97 67.70 -17.27
N THR O 66 14.78 67.64 -16.70
CA THR O 66 13.68 66.91 -17.31
C THR O 66 12.35 67.59 -17.03
N HIS O 67 11.44 67.52 -18.01
CA HIS O 67 10.08 67.98 -17.82
C HIS O 67 9.12 66.82 -17.92
N LEU O 68 9.69 65.62 -18.12
CA LEU O 68 8.93 64.39 -18.14
C LEU O 68 8.97 63.75 -16.76
N PHE O 69 7.80 63.38 -16.25
CA PHE O 69 7.72 62.79 -14.92
C PHE O 69 6.85 61.53 -14.89
N LYS O 70 7.37 60.50 -14.24
CA LYS O 70 6.62 59.27 -14.03
C LYS O 70 5.72 59.45 -12.80
N ILE O 71 4.41 59.50 -13.04
CA ILE O 71 3.45 59.57 -11.96
C ILE O 71 3.19 58.16 -11.44
N THR O 72 2.91 57.25 -12.36
CA THR O 72 2.76 55.85 -12.04
C THR O 72 3.44 55.04 -13.14
N GLU O 73 3.71 53.77 -12.89
CA GLU O 73 4.35 52.90 -13.88
C GLU O 73 3.63 52.96 -15.22
N ASN O 74 2.32 53.16 -15.19
CA ASN O 74 1.51 53.20 -16.40
C ASN O 74 0.99 54.60 -16.74
N ILE O 75 1.33 55.58 -15.91
CA ILE O 75 0.90 56.96 -16.15
C ILE O 75 2.07 57.93 -16.18
N GLY O 76 2.28 58.57 -17.32
CA GLY O 76 3.35 59.53 -17.48
C GLY O 76 2.81 60.94 -17.63
N CYS O 77 3.68 61.92 -17.52
CA CYS O 77 3.24 63.31 -17.64
C CYS O 77 4.36 64.25 -18.11
N VAL O 78 3.93 65.38 -18.68
CA VAL O 78 4.85 66.46 -18.98
C VAL O 78 4.32 67.78 -18.42
N MET O 79 5.22 68.54 -17.82
CA MET O 79 4.86 69.79 -17.19
C MET O 79 5.40 70.97 -17.99
N THR O 80 4.57 71.98 -18.18
CA THR O 80 5.03 73.17 -18.90
C THR O 80 4.79 74.43 -18.08
N GLY O 81 5.87 75.16 -17.80
CA GLY O 81 5.76 76.40 -17.05
C GLY O 81 6.76 76.51 -15.92
N MET O 82 6.35 77.17 -14.85
CA MET O 82 7.22 77.37 -13.68
C MET O 82 7.65 76.03 -13.09
N THR O 83 8.96 75.82 -13.04
CA THR O 83 9.53 74.53 -12.67
C THR O 83 9.11 74.03 -11.29
N ALA O 84 9.29 74.87 -10.27
CA ALA O 84 8.98 74.48 -8.90
C ALA O 84 7.51 74.11 -8.72
N ASP O 85 6.63 74.95 -9.25
CA ASP O 85 5.20 74.69 -9.22
C ASP O 85 4.88 73.38 -9.92
N SER O 86 5.58 73.12 -11.02
CA SER O 86 5.40 71.90 -11.79
C SER O 86 5.75 70.67 -10.95
N ARG O 87 6.91 70.72 -10.30
CA ARG O 87 7.34 69.61 -9.45
C ARG O 87 6.37 69.40 -8.30
N SER O 88 5.86 70.50 -7.75
CA SER O 88 4.84 70.43 -6.72
C SER O 88 3.61 69.65 -7.20
N GLN O 89 3.10 70.06 -8.37
CA GLN O 89 1.91 69.44 -8.93
C GLN O 89 2.15 67.96 -9.26
N VAL O 90 3.38 67.64 -9.64
CA VAL O 90 3.76 66.25 -9.89
C VAL O 90 3.72 65.43 -8.61
N GLN O 91 4.26 65.99 -7.53
CA GLN O 91 4.20 65.33 -6.22
C GLN O 91 2.74 65.06 -5.84
N ARG O 92 1.91 66.09 -5.96
CA ARG O 92 0.49 65.96 -5.63
C ARG O 92 -0.18 64.89 -6.48
N ALA O 93 0.18 64.83 -7.75
CA ALA O 93 -0.37 63.84 -8.67
C ALA O 93 -0.01 62.42 -8.22
N ARG O 94 1.28 62.23 -7.91
CA ARG O 94 1.77 60.95 -7.42
C ARG O 94 1.03 60.52 -6.15
N TYR O 95 0.85 61.47 -5.24
CA TYR O 95 0.10 61.20 -4.02
C TYR O 95 -1.33 60.76 -4.30
N GLU O 96 -2.03 61.54 -5.11
CA GLU O 96 -3.42 61.23 -5.42
C GLU O 96 -3.57 59.87 -6.11
N ALA O 97 -2.59 59.52 -6.93
CA ALA O 97 -2.60 58.23 -7.63
C ALA O 97 -2.39 57.07 -6.66
N ALA O 98 -1.31 57.15 -5.88
CA ALA O 98 -0.99 56.11 -4.92
C ALA O 98 -2.14 55.91 -3.92
N ASN O 99 -2.67 57.03 -3.43
CA ASN O 99 -3.80 57.00 -2.51
C ASN O 99 -5.04 56.40 -3.17
N TRP O 100 -5.25 56.72 -4.44
CA TRP O 100 -6.36 56.15 -5.19
C TRP O 100 -6.25 54.63 -5.20
N LYS O 101 -5.08 54.12 -5.59
CA LYS O 101 -4.89 52.67 -5.65
C LYS O 101 -5.04 52.03 -4.26
N TYR O 102 -4.59 52.74 -3.24
CA TYR O 102 -4.70 52.23 -1.87
C TYR O 102 -6.16 52.11 -1.43
N LYS O 103 -6.98 53.08 -1.81
CA LYS O 103 -8.37 53.12 -1.36
C LYS O 103 -9.33 52.27 -2.19
N TYR O 104 -9.08 52.18 -3.49
CA TYR O 104 -10.04 51.57 -4.39
C TYR O 104 -9.57 50.27 -5.04
N GLY O 105 -8.28 49.97 -4.88
CA GLY O 105 -7.75 48.68 -5.29
C GLY O 105 -7.49 48.53 -6.78
N TYR O 106 -7.54 49.62 -7.52
CA TYR O 106 -7.17 49.59 -8.94
C TYR O 106 -6.50 50.89 -9.36
N GLU O 107 -5.68 50.81 -10.40
CA GLU O 107 -4.93 51.96 -10.90
C GLU O 107 -5.87 53.09 -11.30
N ILE O 108 -5.49 54.32 -10.96
CA ILE O 108 -6.30 55.49 -11.28
C ILE O 108 -6.31 55.76 -12.79
N PRO O 109 -7.50 56.04 -13.35
CA PRO O 109 -7.59 56.43 -14.76
C PRO O 109 -7.00 57.82 -14.98
N VAL O 110 -6.31 58.01 -16.11
CA VAL O 110 -5.73 59.29 -16.46
C VAL O 110 -6.79 60.39 -16.39
N ASP O 111 -7.97 60.05 -16.89
CA ASP O 111 -9.16 60.89 -16.78
C ASP O 111 -9.36 61.39 -15.35
N MET O 112 -9.44 60.46 -14.41
CA MET O 112 -9.72 60.79 -13.02
C MET O 112 -8.58 61.54 -12.32
N LEU O 113 -7.34 61.20 -12.67
CA LEU O 113 -6.17 61.88 -12.12
C LEU O 113 -6.20 63.35 -12.53
N CYS O 114 -6.32 63.58 -13.83
CA CYS O 114 -6.36 64.93 -14.37
C CYS O 114 -7.52 65.72 -13.76
N LYS O 115 -8.68 65.08 -13.69
CA LYS O 115 -9.85 65.69 -13.07
C LYS O 115 -9.56 66.13 -11.64
N ARG O 116 -8.89 65.26 -10.88
CA ARG O 116 -8.55 65.54 -9.50
C ARG O 116 -7.61 66.74 -9.36
N ILE O 117 -6.52 66.70 -10.13
CA ILE O 117 -5.55 67.80 -10.13
C ILE O 117 -6.24 69.14 -10.47
N ALA O 118 -7.08 69.11 -11.50
CA ALA O 118 -7.83 70.30 -11.90
C ALA O 118 -8.74 70.79 -10.79
N ASP O 119 -9.41 69.86 -10.12
CA ASP O 119 -10.26 70.18 -8.98
C ASP O 119 -9.47 70.85 -7.86
N ILE O 120 -8.23 70.41 -7.66
CA ILE O 120 -7.36 71.06 -6.68
C ILE O 120 -6.99 72.48 -7.12
N SER O 121 -6.73 72.64 -8.41
CA SER O 121 -6.40 73.96 -8.96
C SER O 121 -7.55 74.96 -8.79
N GLN O 122 -8.77 74.47 -8.95
CA GLN O 122 -9.97 75.30 -8.82
C GLN O 122 -10.00 76.04 -7.48
N VAL O 123 -9.51 75.39 -6.45
CA VAL O 123 -9.49 75.99 -5.12
C VAL O 123 -8.58 77.21 -5.11
N TYR O 124 -7.44 77.09 -5.77
CA TYR O 124 -6.51 78.20 -5.89
C TYR O 124 -7.18 79.31 -6.68
N THR O 125 -8.01 78.91 -7.64
CA THR O 125 -8.78 79.85 -8.45
C THR O 125 -9.84 80.60 -7.62
N GLN O 126 -10.34 79.97 -6.57
CA GLN O 126 -11.45 80.55 -5.81
C GLN O 126 -11.04 81.17 -4.48
N ASN O 127 -9.90 80.76 -3.94
CA ASN O 127 -9.38 81.32 -2.70
C ASN O 127 -8.34 82.39 -2.96
N ALA O 128 -8.36 83.45 -2.14
CA ALA O 128 -7.51 84.61 -2.37
C ALA O 128 -6.16 84.53 -1.65
N GLU O 129 -6.06 83.62 -0.68
CA GLU O 129 -4.86 83.53 0.14
C GLU O 129 -3.66 83.01 -0.65
N MET O 130 -3.92 82.15 -1.63
CA MET O 130 -2.85 81.60 -2.45
C MET O 130 -3.06 81.91 -3.93
N ARG O 131 -1.98 81.89 -4.69
CA ARG O 131 -2.06 82.16 -6.13
C ARG O 131 -1.95 80.88 -6.94
N PRO O 132 -2.65 80.82 -8.07
CA PRO O 132 -2.62 79.63 -8.92
C PRO O 132 -1.19 79.23 -9.26
N LEU O 133 -1.01 78.03 -9.80
CA LEU O 133 0.32 77.58 -10.20
C LEU O 133 0.58 77.96 -11.65
N GLY O 134 1.79 78.46 -11.91
CA GLY O 134 2.16 78.87 -13.26
C GLY O 134 2.63 77.69 -14.09
N CYS O 135 1.80 76.67 -14.18
CA CYS O 135 2.15 75.46 -14.93
C CYS O 135 0.93 74.76 -15.51
N CYS O 136 1.18 73.91 -16.49
CA CYS O 136 0.15 73.17 -17.18
C CYS O 136 0.58 71.71 -17.22
N MET O 137 -0.36 70.80 -16.94
CA MET O 137 0.01 69.39 -16.87
C MET O 137 -0.62 68.55 -17.98
N ILE O 138 0.20 67.75 -18.67
CA ILE O 138 -0.31 66.83 -19.67
C ILE O 138 -0.02 65.39 -19.30
N LEU O 139 -1.07 64.62 -19.05
CA LEU O 139 -0.94 63.21 -18.65
C LEU O 139 -1.18 62.27 -19.83
N ILE O 140 -0.42 61.18 -19.88
CA ILE O 140 -0.65 60.14 -20.88
C ILE O 140 -0.66 58.76 -20.25
N GLY O 141 -1.47 57.86 -20.82
CA GLY O 141 -1.49 56.48 -20.34
C GLY O 141 -2.56 55.63 -21.00
N ILE O 142 -2.40 54.32 -20.96
CA ILE O 142 -3.36 53.40 -21.56
C ILE O 142 -4.49 53.05 -20.61
N ASP O 143 -5.73 53.19 -21.08
CA ASP O 143 -6.90 52.84 -20.30
C ASP O 143 -7.45 51.47 -20.72
N GLU O 144 -7.90 50.70 -19.74
CA GLU O 144 -8.30 49.30 -19.91
C GLU O 144 -9.22 49.02 -21.11
N GLU O 145 -10.11 49.95 -21.41
CA GLU O 145 -11.08 49.75 -22.49
C GLU O 145 -11.09 50.91 -23.48
N GLN O 146 -10.90 52.12 -22.97
CA GLN O 146 -10.89 53.30 -23.81
C GLN O 146 -9.54 53.50 -24.51
N GLY O 147 -8.58 52.62 -24.20
CA GLY O 147 -7.29 52.66 -24.86
C GLY O 147 -6.48 53.89 -24.49
N PRO O 148 -5.53 54.27 -25.36
CA PRO O 148 -4.63 55.40 -25.12
C PRO O 148 -5.36 56.69 -24.76
N GLN O 149 -4.85 57.38 -23.75
CA GLN O 149 -5.47 58.59 -23.22
C GLN O 149 -4.42 59.69 -23.05
N VAL O 150 -4.76 60.86 -23.57
CA VAL O 150 -3.95 62.06 -23.42
C VAL O 150 -4.80 63.19 -22.85
N TYR O 151 -4.57 63.53 -21.58
CA TYR O 151 -5.34 64.58 -20.92
C TYR O 151 -4.48 65.79 -20.60
N LYS O 152 -5.14 66.91 -20.34
CA LYS O 152 -4.43 68.14 -20.01
C LYS O 152 -5.23 69.00 -19.02
N CYS O 153 -4.52 69.61 -18.07
CA CYS O 153 -5.15 70.49 -17.09
C CYS O 153 -4.42 71.83 -16.93
N ASP O 154 -5.23 72.86 -16.74
CA ASP O 154 -4.84 74.27 -16.71
C ASP O 154 -4.75 74.81 -15.29
N PRO O 155 -4.17 76.01 -15.13
CA PRO O 155 -4.24 76.73 -13.85
C PRO O 155 -5.65 77.25 -13.58
N ALA O 156 -6.50 77.26 -14.60
CA ALA O 156 -7.85 77.78 -14.46
C ALA O 156 -8.75 76.75 -13.79
N GLY O 157 -8.35 75.49 -13.85
CA GLY O 157 -9.15 74.40 -13.32
C GLY O 157 -9.77 73.60 -14.45
N TYR O 158 -9.53 74.01 -15.68
CA TYR O 158 -10.03 73.29 -16.84
C TYR O 158 -9.19 72.05 -17.11
N TYR O 159 -9.86 70.94 -17.40
CA TYR O 159 -9.17 69.71 -17.79
C TYR O 159 -9.94 69.09 -18.95
N CYS O 160 -9.21 68.43 -19.85
CA CYS O 160 -9.87 67.79 -20.98
C CYS O 160 -9.03 66.68 -21.62
N GLY O 161 -9.73 65.74 -22.24
CA GLY O 161 -9.08 64.72 -23.04
C GLY O 161 -8.86 65.25 -24.45
N PHE O 162 -7.82 64.75 -25.11
CA PHE O 162 -7.42 65.28 -26.40
C PHE O 162 -6.96 64.18 -27.34
N LYS O 163 -7.11 64.44 -28.65
CA LYS O 163 -6.49 63.61 -29.66
C LYS O 163 -5.05 64.09 -29.81
N ALA O 164 -4.87 65.39 -29.55
CA ALA O 164 -3.55 66.01 -29.52
C ALA O 164 -3.64 67.39 -28.89
N THR O 165 -2.57 67.83 -28.23
CA THR O 165 -2.50 69.18 -27.69
C THR O 165 -1.08 69.67 -27.60
N ALA O 166 -0.93 70.88 -27.08
CA ALA O 166 0.37 71.47 -26.85
C ALA O 166 0.26 72.44 -25.69
N ALA O 167 1.42 72.87 -25.17
CA ALA O 167 1.44 73.82 -24.07
C ALA O 167 2.70 74.66 -24.12
N GLY O 168 2.62 75.89 -23.62
CA GLY O 168 3.77 76.76 -23.55
C GLY O 168 3.72 77.91 -24.54
N VAL O 169 4.90 78.31 -25.01
CA VAL O 169 5.03 79.48 -25.89
C VAL O 169 4.28 79.31 -27.21
N LYS O 170 4.74 78.38 -28.03
CA LYS O 170 4.14 78.18 -29.36
C LYS O 170 3.00 77.16 -29.30
N GLN O 171 2.07 77.38 -28.40
CA GLN O 171 0.93 76.47 -28.24
C GLN O 171 -0.05 76.59 -29.39
N THR O 172 -0.50 77.80 -29.68
CA THR O 172 -1.50 78.05 -30.71
C THR O 172 -1.03 77.59 -32.09
N GLU O 173 0.22 77.89 -32.41
CA GLU O 173 0.82 77.47 -33.68
C GLU O 173 0.83 75.94 -33.78
N SER O 174 1.22 75.30 -32.68
CA SER O 174 1.29 73.84 -32.63
C SER O 174 -0.08 73.18 -32.77
N THR O 175 -1.10 73.78 -32.17
CA THR O 175 -2.46 73.27 -32.30
C THR O 175 -2.96 73.44 -33.73
N SER O 176 -2.72 74.61 -34.31
CA SER O 176 -3.10 74.89 -35.69
C SER O 176 -2.41 73.92 -36.65
N PHE O 177 -1.20 73.51 -36.30
CA PHE O 177 -0.48 72.49 -37.04
C PHE O 177 -1.17 71.13 -36.89
N LEU O 178 -1.42 70.75 -35.64
CA LEU O 178 -1.93 69.43 -35.31
C LEU O 178 -3.32 69.15 -35.88
N GLU O 179 -4.21 70.14 -35.84
CA GLU O 179 -5.55 69.92 -36.39
C GLU O 179 -5.50 69.81 -37.90
N LYS O 180 -4.59 70.55 -38.53
CA LYS O 180 -4.38 70.44 -39.97
C LYS O 180 -3.87 69.05 -40.32
N LYS O 181 -2.99 68.52 -39.48
CA LYS O 181 -2.41 67.20 -39.73
C LYS O 181 -3.40 66.07 -39.43
N VAL O 182 -4.35 66.34 -38.53
CA VAL O 182 -5.34 65.34 -38.13
C VAL O 182 -6.43 65.15 -39.17
N LYS O 183 -6.87 66.26 -39.78
CA LYS O 183 -7.92 66.24 -40.80
C LYS O 183 -7.58 65.34 -41.99
N LYS O 184 -6.30 65.13 -42.23
CA LYS O 184 -5.85 64.34 -43.37
C LYS O 184 -6.09 62.85 -43.18
N LYS O 185 -6.28 62.44 -41.93
CA LYS O 185 -6.60 61.04 -41.59
C LYS O 185 -5.56 60.04 -42.09
N PHE O 186 -4.49 59.86 -41.32
CA PHE O 186 -3.46 58.89 -41.66
C PHE O 186 -3.58 57.66 -40.77
N ASP O 187 -2.81 56.62 -41.07
CA ASP O 187 -2.80 55.42 -40.24
C ASP O 187 -1.91 55.66 -39.03
N TRP O 188 -2.53 56.12 -37.94
CA TRP O 188 -1.81 56.53 -36.74
C TRP O 188 -1.05 55.39 -36.07
N THR O 189 0.07 54.99 -36.65
CA THR O 189 0.94 53.99 -36.05
C THR O 189 1.83 54.66 -35.01
N PHE O 190 2.76 53.89 -34.47
CA PHE O 190 3.71 54.39 -33.47
C PHE O 190 4.60 55.47 -34.07
N GLU O 191 5.29 55.10 -35.14
CA GLU O 191 6.23 55.99 -35.82
C GLU O 191 5.52 57.22 -36.38
N GLN O 192 4.28 57.03 -36.83
CA GLN O 192 3.48 58.13 -37.34
C GLN O 192 3.22 59.15 -36.24
N THR O 193 2.91 58.65 -35.04
CA THR O 193 2.62 59.50 -33.90
C THR O 193 3.86 60.26 -33.45
N VAL O 194 4.95 59.52 -33.22
CA VAL O 194 6.21 60.13 -32.79
C VAL O 194 6.68 61.17 -33.79
N GLU O 195 6.69 60.80 -35.06
CA GLU O 195 7.12 61.71 -36.13
C GLU O 195 6.22 62.94 -36.21
N THR O 196 4.92 62.75 -36.06
CA THR O 196 3.98 63.88 -36.10
C THR O 196 4.28 64.85 -34.96
N ALA O 197 4.55 64.31 -33.78
CA ALA O 197 4.86 65.16 -32.62
C ALA O 197 6.17 65.93 -32.81
N ILE O 198 7.25 65.20 -33.10
CA ILE O 198 8.56 65.79 -33.27
C ILE O 198 8.57 66.83 -34.39
N THR O 199 7.91 66.52 -35.50
CA THR O 199 7.81 67.44 -36.63
C THR O 199 6.93 68.63 -36.31
N CYS O 200 5.93 68.43 -35.44
CA CYS O 200 5.11 69.55 -35.00
C CYS O 200 6.00 70.54 -34.27
N LEU O 201 6.71 70.05 -33.26
CA LEU O 201 7.60 70.91 -32.48
C LEU O 201 8.66 71.57 -33.36
N SER O 202 9.23 70.78 -34.27
CA SER O 202 10.30 71.25 -35.15
C SER O 202 9.84 72.34 -36.10
N THR O 203 8.76 72.09 -36.83
CA THR O 203 8.25 73.06 -37.79
C THR O 203 7.57 74.24 -37.09
N VAL O 204 7.34 74.11 -35.79
CA VAL O 204 6.80 75.21 -35.00
C VAL O 204 7.92 76.11 -34.45
N LEU O 205 9.10 75.51 -34.26
CA LEU O 205 10.24 76.27 -33.74
C LEU O 205 11.29 76.55 -34.80
N SER O 206 11.21 75.84 -35.92
CA SER O 206 12.21 75.92 -37.00
C SER O 206 13.62 75.71 -36.48
N ILE O 207 13.89 74.52 -35.96
CA ILE O 207 15.16 74.22 -35.33
C ILE O 207 15.83 72.98 -35.94
N ASP O 208 15.04 71.95 -36.21
CA ASP O 208 15.56 70.63 -36.60
C ASP O 208 16.53 70.13 -35.53
N PHE O 209 15.97 69.43 -34.55
CA PHE O 209 16.68 69.11 -33.31
C PHE O 209 17.85 68.16 -33.47
N LYS O 210 18.79 68.27 -32.54
CA LYS O 210 19.76 67.22 -32.29
C LYS O 210 19.07 66.27 -31.31
N PRO O 211 19.56 65.02 -31.19
CA PRO O 211 18.89 64.10 -30.27
C PRO O 211 19.02 64.48 -28.80
N SER O 212 19.81 65.50 -28.50
CA SER O 212 19.99 65.96 -27.13
C SER O 212 19.27 67.28 -26.87
N GLU O 213 18.45 67.70 -27.82
CA GLU O 213 17.72 68.96 -27.71
C GLU O 213 16.27 68.76 -27.29
N ILE O 214 15.78 67.52 -27.42
CA ILE O 214 14.43 67.19 -27.00
C ILE O 214 14.38 65.94 -26.14
N GLU O 215 13.25 65.74 -25.46
CA GLU O 215 12.99 64.52 -24.72
C GLU O 215 11.61 64.00 -25.07
N VAL O 216 11.50 62.68 -25.18
CA VAL O 216 10.27 62.05 -25.64
C VAL O 216 9.77 60.96 -24.69
N GLY O 217 8.59 61.18 -24.13
CA GLY O 217 7.92 60.17 -23.34
C GLY O 217 6.96 59.40 -24.23
N VAL O 218 6.64 58.18 -23.85
CA VAL O 218 5.80 57.33 -24.69
C VAL O 218 5.11 56.22 -23.89
N VAL O 219 3.95 55.79 -24.40
CA VAL O 219 3.26 54.67 -23.78
C VAL O 219 2.47 53.87 -24.83
N THR O 220 2.76 52.59 -24.95
CA THR O 220 2.14 51.75 -25.97
C THR O 220 1.08 50.82 -25.36
N VAL O 221 0.21 50.30 -26.20
CA VAL O 221 -0.76 49.30 -25.76
C VAL O 221 -0.05 47.98 -25.47
N GLU O 222 0.90 47.63 -26.33
CA GLU O 222 1.70 46.42 -26.14
C GLU O 222 2.65 46.56 -24.96
N ASN O 223 2.95 47.80 -24.59
CA ASN O 223 3.84 48.08 -23.46
C ASN O 223 3.39 49.31 -22.70
N PRO O 224 2.40 49.14 -21.79
CA PRO O 224 1.73 50.23 -21.08
C PRO O 224 2.62 51.00 -20.11
N LYS O 225 3.83 50.51 -19.84
CA LYS O 225 4.72 51.20 -18.92
C LYS O 225 5.30 52.47 -19.52
N PHE O 226 5.19 53.57 -18.78
CA PHE O 226 5.69 54.87 -19.23
C PHE O 226 7.19 54.79 -19.50
N ARG O 227 7.56 55.00 -20.76
CA ARG O 227 8.93 54.81 -21.21
C ARG O 227 9.53 56.12 -21.71
N ILE O 228 10.74 56.42 -21.26
CA ILE O 228 11.47 57.59 -21.71
C ILE O 228 12.55 57.20 -22.72
N LEU O 229 12.52 57.84 -23.88
CA LEU O 229 13.42 57.47 -24.97
C LEU O 229 14.85 57.94 -24.75
N THR O 230 15.81 57.06 -25.07
CA THR O 230 17.22 57.38 -24.99
C THR O 230 17.58 58.31 -26.14
N GLU O 231 18.74 58.96 -26.05
CA GLU O 231 19.24 59.84 -27.10
C GLU O 231 19.35 59.08 -28.42
N ALA O 232 19.77 57.82 -28.33
CA ALA O 232 19.94 56.98 -29.52
C ALA O 232 18.63 56.70 -30.24
N GLU O 233 17.63 56.21 -29.50
CA GLU O 233 16.35 55.87 -30.11
C GLU O 233 15.51 57.10 -30.46
N ILE O 234 15.99 58.27 -30.08
CA ILE O 234 15.42 59.52 -30.56
C ILE O 234 16.10 59.90 -31.87
N ASP O 235 17.42 59.74 -31.91
CA ASP O 235 18.19 59.99 -33.11
C ASP O 235 17.74 59.06 -34.24
N ALA O 236 17.22 57.90 -33.88
CA ALA O 236 16.69 56.96 -34.85
C ALA O 236 15.50 57.57 -35.59
N HIS O 237 14.56 58.15 -34.85
CA HIS O 237 13.43 58.84 -35.46
C HIS O 237 13.89 60.07 -36.23
N LEU O 238 14.88 60.77 -35.66
CA LEU O 238 15.42 61.96 -36.31
C LEU O 238 15.99 61.68 -37.69
N VAL O 239 16.77 60.60 -37.81
CA VAL O 239 17.32 60.22 -39.10
C VAL O 239 16.27 59.54 -39.97
N ALA O 240 15.23 58.99 -39.34
CA ALA O 240 14.13 58.39 -40.08
C ALA O 240 13.28 59.46 -40.77
N LEU O 241 13.32 60.68 -40.22
CA LEU O 241 12.54 61.79 -40.78
C LEU O 241 13.19 62.41 -42.02
N ALA O 242 14.52 62.47 -42.02
CA ALA O 242 15.25 63.08 -43.13
C ALA O 242 15.48 62.10 -44.27
N GLU O 243 14.40 61.51 -44.78
CA GLU O 243 14.49 60.54 -45.88
C GLU O 243 13.37 60.72 -46.91
N ARG O 244 12.21 61.16 -46.45
CA ARG O 244 11.06 61.33 -47.33
C ARG O 244 10.70 62.80 -47.54
N ALA P 1 3.51 76.88 5.15
CA ALA P 1 2.43 77.13 6.10
C ALA P 1 1.33 78.00 5.49
N GLU P 2 0.08 77.74 5.88
CA GLU P 2 -1.05 78.53 5.40
C GLU P 2 -2.24 78.46 6.37
N ARG P 3 -3.10 79.46 6.32
CA ARG P 3 -4.30 79.50 7.14
C ARG P 3 -5.51 79.91 6.30
N GLY P 4 -5.74 81.21 6.20
CA GLY P 4 -6.82 81.73 5.39
C GLY P 4 -7.27 83.13 5.79
N TYR P 5 -7.85 83.85 4.84
CA TYR P 5 -8.41 85.16 5.11
C TYR P 5 -9.79 85.00 5.74
N SER P 6 -9.97 85.57 6.93
CA SER P 6 -11.19 85.37 7.70
C SER P 6 -12.27 86.42 7.40
N PHE P 7 -11.94 87.38 6.55
CA PHE P 7 -12.85 88.47 6.25
C PHE P 7 -13.58 88.27 4.92
N SER P 8 -14.80 88.80 4.83
CA SER P 8 -15.58 88.68 3.60
C SER P 8 -14.93 89.40 2.43
N LEU P 9 -14.94 88.76 1.27
CA LEU P 9 -14.46 89.39 0.05
C LEU P 9 -15.65 89.97 -0.72
N THR P 10 -16.85 89.78 -0.16
CA THR P 10 -18.07 90.28 -0.75
C THR P 10 -18.78 91.17 0.25
N THR P 11 -18.83 92.47 -0.05
CA THR P 11 -19.44 93.43 0.87
C THR P 11 -20.44 94.34 0.16
N PHE P 12 -21.20 95.09 0.97
CA PHE P 12 -22.18 96.02 0.44
C PHE P 12 -21.56 97.33 -0.03
N SER P 13 -21.90 97.75 -1.23
CA SER P 13 -21.53 99.07 -1.73
C SER P 13 -22.50 100.09 -1.11
N PRO P 14 -22.12 101.38 -1.12
CA PRO P 14 -22.99 102.41 -0.54
C PRO P 14 -24.40 102.42 -1.14
N SER P 15 -24.51 102.04 -2.42
CA SER P 15 -25.80 101.95 -3.07
C SER P 15 -26.61 100.77 -2.55
N GLY P 16 -25.92 99.78 -2.01
CA GLY P 16 -26.57 98.61 -1.42
C GLY P 16 -26.41 97.37 -2.27
N LYS P 17 -25.43 97.36 -3.16
CA LYS P 17 -25.24 96.24 -4.07
C LYS P 17 -24.06 95.35 -3.66
N LEU P 18 -24.31 94.05 -3.60
CA LEU P 18 -23.24 93.07 -3.39
C LEU P 18 -22.49 92.87 -4.70
N VAL P 19 -21.54 93.78 -4.95
CA VAL P 19 -20.88 93.90 -6.24
C VAL P 19 -20.26 92.62 -6.80
N GLN P 20 -19.62 91.84 -5.95
CA GLN P 20 -18.96 90.61 -6.39
C GLN P 20 -19.94 89.59 -6.94
N ILE P 21 -21.15 89.57 -6.38
CA ILE P 21 -22.20 88.68 -6.87
C ILE P 21 -22.64 89.11 -8.25
N GLU P 22 -22.77 90.42 -8.43
CA GLU P 22 -23.19 90.97 -9.72
C GLU P 22 -22.14 90.72 -10.79
N TYR P 23 -20.86 90.81 -10.40
CA TYR P 23 -19.76 90.50 -11.31
C TYR P 23 -19.75 89.01 -11.63
N ALA P 24 -20.14 88.20 -10.64
CA ALA P 24 -20.26 86.76 -10.84
C ALA P 24 -21.33 86.47 -11.87
N LEU P 25 -22.44 87.19 -11.78
CA LEU P 25 -23.52 87.08 -12.75
C LEU P 25 -23.05 87.54 -14.12
N ALA P 26 -22.18 88.54 -14.13
CA ALA P 26 -21.57 89.00 -15.38
C ALA P 26 -20.74 87.89 -16.00
N ALA P 27 -20.09 87.09 -15.16
CA ALA P 27 -19.36 85.93 -15.63
C ALA P 27 -20.32 84.88 -16.17
N VAL P 28 -21.46 84.73 -15.48
CA VAL P 28 -22.49 83.79 -15.90
C VAL P 28 -23.05 84.17 -17.27
N ALA P 29 -23.51 85.40 -17.39
CA ALA P 29 -24.00 85.91 -18.67
C ALA P 29 -22.83 86.22 -19.58
N GLY P 30 -22.12 85.17 -19.98
CA GLY P 30 -20.95 85.30 -20.84
C GLY P 30 -20.50 83.93 -21.31
N GLY P 31 -20.99 82.90 -20.63
CA GLY P 31 -20.69 81.52 -21.01
C GLY P 31 -21.69 81.01 -22.02
N ALA P 32 -21.47 79.77 -22.47
CA ALA P 32 -22.34 79.13 -23.46
C ALA P 32 -23.78 79.08 -22.97
N PRO P 33 -24.75 79.36 -23.87
CA PRO P 33 -26.16 79.39 -23.49
C PRO P 33 -26.71 78.01 -23.12
N SER P 34 -27.67 78.01 -22.21
CA SER P 34 -28.31 76.77 -21.78
C SER P 34 -29.81 76.99 -21.60
N VAL P 35 -30.61 76.10 -22.14
CA VAL P 35 -32.05 76.19 -22.02
C VAL P 35 -32.60 75.02 -21.22
N GLY P 36 -33.71 75.25 -20.53
CA GLY P 36 -34.39 74.20 -19.77
C GLY P 36 -35.89 74.33 -19.94
N ILE P 37 -36.55 73.21 -20.22
CA ILE P 37 -38.00 73.23 -20.45
C ILE P 37 -38.72 72.11 -19.71
N LYS P 38 -39.67 72.50 -18.85
CA LYS P 38 -40.52 71.54 -18.17
C LYS P 38 -41.72 71.20 -19.06
N ALA P 39 -42.01 69.92 -19.22
CA ALA P 39 -42.99 69.50 -20.21
C ALA P 39 -43.98 68.42 -19.74
N ALA P 40 -44.69 68.69 -18.65
CA ALA P 40 -45.79 67.84 -18.20
C ALA P 40 -45.41 66.37 -17.93
N ASN P 41 -44.79 65.73 -18.92
CA ASN P 41 -44.37 64.33 -18.77
C ASN P 41 -42.86 64.17 -18.69
N GLY P 42 -42.16 65.29 -18.53
CA GLY P 42 -40.70 65.26 -18.44
C GLY P 42 -40.05 66.64 -18.44
N VAL P 43 -38.73 66.66 -18.31
CA VAL P 43 -37.95 67.89 -18.36
C VAL P 43 -36.79 67.74 -19.34
N VAL P 44 -36.41 68.85 -19.96
CA VAL P 44 -35.30 68.84 -20.91
C VAL P 44 -34.27 69.89 -20.55
N LEU P 45 -33.00 69.50 -20.54
CA LEU P 45 -31.89 70.43 -20.38
C LEU P 45 -31.03 70.37 -21.63
N ALA P 46 -30.64 71.53 -22.15
CA ALA P 46 -29.83 71.58 -23.36
C ALA P 46 -28.79 72.68 -23.27
N THR P 47 -27.62 72.44 -23.83
CA THR P 47 -26.56 73.44 -23.78
C THR P 47 -25.65 73.42 -24.99
N GLU P 48 -25.03 74.56 -25.27
CA GLU P 48 -24.05 74.66 -26.34
C GLU P 48 -22.71 74.07 -25.89
N LYS P 49 -22.40 72.89 -26.41
CA LYS P 49 -21.15 72.22 -26.08
C LYS P 49 -20.15 72.43 -27.22
N LYS P 50 -19.98 73.69 -27.61
CA LYS P 50 -19.09 74.02 -28.72
C LYS P 50 -17.66 74.15 -28.23
N GLN P 51 -16.82 73.20 -28.60
CA GLN P 51 -15.40 73.25 -28.26
C GLN P 51 -14.69 74.32 -29.09
N LYS P 52 -13.40 74.13 -29.32
CA LYS P 52 -12.59 75.16 -29.96
C LYS P 52 -11.56 74.64 -30.95
N SER P 53 -11.63 73.34 -31.24
CA SER P 53 -10.63 72.68 -32.06
C SER P 53 -11.10 71.27 -32.39
N ILE P 54 -10.65 70.74 -33.53
CA ILE P 54 -10.95 69.35 -33.88
C ILE P 54 -10.14 68.41 -32.98
N LEU P 55 -9.18 68.99 -32.26
CA LEU P 55 -8.29 68.24 -31.38
C LEU P 55 -8.98 67.85 -30.06
N TYR P 56 -10.00 68.61 -29.69
CA TYR P 56 -10.74 68.35 -28.46
C TYR P 56 -11.52 67.04 -28.54
N ASP P 57 -11.55 66.31 -27.43
CA ASP P 57 -12.32 65.08 -27.35
C ASP P 57 -13.60 65.35 -26.56
N GLU P 58 -14.70 65.60 -27.27
CA GLU P 58 -15.95 66.01 -26.65
C GLU P 58 -16.60 64.89 -25.84
N ARG P 59 -16.12 63.66 -26.02
CA ARG P 59 -16.69 62.51 -25.32
C ARG P 59 -15.92 62.20 -24.04
N SER P 60 -15.31 63.22 -23.44
CA SER P 60 -14.56 63.03 -22.20
C SER P 60 -15.10 63.89 -21.06
N VAL P 61 -15.40 65.15 -21.36
CA VAL P 61 -15.99 66.05 -20.37
C VAL P 61 -17.40 66.44 -20.80
N HIS P 62 -18.33 66.48 -19.87
CA HIS P 62 -19.72 66.75 -20.18
C HIS P 62 -20.25 67.96 -19.42
N LYS P 63 -21.18 68.68 -20.03
CA LYS P 63 -21.80 69.83 -19.39
C LYS P 63 -23.13 69.44 -18.74
N VAL P 64 -23.74 68.39 -19.27
CA VAL P 64 -24.98 67.87 -18.70
C VAL P 64 -24.65 66.72 -17.77
N GLU P 65 -24.71 66.99 -16.47
CA GLU P 65 -24.31 65.99 -15.48
C GLU P 65 -25.49 65.49 -14.64
N PRO P 66 -25.46 64.19 -14.30
CA PRO P 66 -26.43 63.60 -13.39
C PRO P 66 -26.00 63.78 -11.93
N ILE P 67 -26.96 64.11 -11.08
CA ILE P 67 -26.71 64.20 -9.65
C ILE P 67 -27.03 62.87 -9.01
N THR P 68 -28.21 62.35 -9.33
CA THR P 68 -28.60 61.01 -8.93
C THR P 68 -29.26 60.30 -10.10
N LYS P 69 -30.12 59.34 -9.79
CA LYS P 69 -30.81 58.57 -10.81
C LYS P 69 -32.02 59.33 -11.35
N HIS P 70 -32.38 60.43 -10.69
CA HIS P 70 -33.57 61.17 -11.05
C HIS P 70 -33.37 62.69 -11.16
N ILE P 71 -32.14 63.16 -10.98
CA ILE P 71 -31.86 64.59 -11.02
C ILE P 71 -30.67 64.94 -11.91
N GLY P 72 -30.82 65.96 -12.74
CA GLY P 72 -29.77 66.36 -13.66
C GLY P 72 -29.39 67.83 -13.60
N LEU P 73 -28.23 68.14 -14.18
CA LEU P 73 -27.64 69.46 -14.09
C LEU P 73 -27.07 69.98 -15.42
N VAL P 74 -27.35 71.25 -15.71
CA VAL P 74 -26.56 72.01 -16.70
C VAL P 74 -26.26 73.38 -16.12
N TYR P 75 -25.41 74.15 -16.80
CA TYR P 75 -24.97 75.41 -16.21
C TYR P 75 -24.62 76.48 -17.25
N SER P 76 -24.45 77.69 -16.74
CA SER P 76 -23.90 78.79 -17.53
C SER P 76 -22.90 79.56 -16.68
N GLY P 77 -21.67 79.65 -17.18
CA GLY P 77 -20.63 80.35 -16.47
C GLY P 77 -19.28 79.65 -16.56
N MET P 78 -18.65 79.42 -15.40
CA MET P 78 -17.32 78.84 -15.35
C MET P 78 -17.34 77.34 -15.10
N GLY P 79 -16.65 76.59 -15.96
CA GLY P 79 -16.57 75.15 -15.86
C GLY P 79 -16.18 74.57 -14.51
N PRO P 80 -14.99 74.93 -14.00
CA PRO P 80 -14.49 74.41 -12.72
C PRO P 80 -15.45 74.60 -11.55
N ASP P 81 -15.98 75.81 -11.41
CA ASP P 81 -16.95 76.11 -10.35
C ASP P 81 -18.14 75.16 -10.44
N TYR P 82 -18.61 74.96 -11.67
CA TYR P 82 -19.70 74.03 -11.93
C TYR P 82 -19.34 72.64 -11.45
N ARG P 83 -18.14 72.18 -11.81
CA ARG P 83 -17.66 70.85 -11.43
C ARG P 83 -17.71 70.66 -9.91
N VAL P 84 -17.15 71.63 -9.20
CA VAL P 84 -17.22 71.67 -7.74
C VAL P 84 -18.64 71.54 -7.22
N LEU P 85 -19.54 72.37 -7.76
CA LEU P 85 -20.94 72.35 -7.36
C LEU P 85 -21.63 71.01 -7.66
N VAL P 86 -21.19 70.34 -8.72
CA VAL P 86 -21.74 69.04 -9.09
C VAL P 86 -21.34 68.00 -8.04
N HIS P 87 -20.06 67.96 -7.72
CA HIS P 87 -19.58 67.05 -6.70
C HIS P 87 -20.33 67.26 -5.38
N ARG P 88 -20.39 68.52 -4.95
CA ARG P 88 -21.08 68.87 -3.72
C ARG P 88 -22.57 68.46 -3.74
N ALA P 89 -23.22 68.68 -4.88
CA ALA P 89 -24.64 68.34 -5.02
C ALA P 89 -24.86 66.85 -4.90
N ARG P 90 -24.05 66.08 -5.61
CA ARG P 90 -24.08 64.62 -5.52
C ARG P 90 -23.93 64.16 -4.07
N LYS P 91 -22.93 64.72 -3.37
CA LYS P 91 -22.71 64.41 -1.97
C LYS P 91 -23.95 64.69 -1.10
N LEU P 92 -24.53 65.88 -1.26
CA LEU P 92 -25.72 66.25 -0.53
C LEU P 92 -26.87 65.26 -0.76
N ALA P 93 -27.04 64.88 -2.02
CA ALA P 93 -28.07 63.92 -2.40
C ALA P 93 -27.85 62.59 -1.68
N GLN P 94 -26.60 62.12 -1.68
CA GLN P 94 -26.27 60.87 -1.02
C GLN P 94 -26.51 60.94 0.49
N GLN P 95 -26.24 62.09 1.09
CA GLN P 95 -26.52 62.28 2.51
C GLN P 95 -28.01 62.14 2.77
N TYR P 96 -28.81 62.85 1.98
CA TYR P 96 -30.26 62.77 2.12
C TYR P 96 -30.73 61.33 2.00
N TYR P 97 -30.19 60.60 1.03
CA TYR P 97 -30.60 59.22 0.82
C TYR P 97 -30.22 58.32 1.98
N LEU P 98 -29.00 58.50 2.49
CA LEU P 98 -28.53 57.71 3.63
C LEU P 98 -29.40 57.94 4.85
N VAL P 99 -29.86 59.17 5.05
CA VAL P 99 -30.72 59.47 6.18
C VAL P 99 -32.15 58.94 6.01
N TYR P 100 -32.75 59.19 4.84
CA TYR P 100 -34.17 58.92 4.66
C TYR P 100 -34.51 57.68 3.84
N GLN P 101 -33.50 57.09 3.19
CA GLN P 101 -33.70 55.93 2.33
C GLN P 101 -34.73 56.20 1.23
N GLU P 102 -34.80 57.45 0.81
CA GLU P 102 -35.72 57.91 -0.21
C GLU P 102 -35.01 58.93 -1.07
N PRO P 103 -35.14 58.83 -2.40
CA PRO P 103 -34.48 59.76 -3.32
C PRO P 103 -34.86 61.21 -2.99
N ILE P 104 -33.86 62.08 -2.97
CA ILE P 104 -34.07 63.47 -2.54
C ILE P 104 -34.97 64.26 -3.50
N PRO P 105 -36.00 64.90 -2.94
CA PRO P 105 -36.86 65.82 -3.70
C PRO P 105 -36.02 66.88 -4.38
N THR P 106 -36.34 67.19 -5.63
CA THR P 106 -35.55 68.12 -6.43
C THR P 106 -35.44 69.49 -5.76
N ALA P 107 -36.56 69.97 -5.23
CA ALA P 107 -36.60 71.25 -4.52
C ALA P 107 -35.62 71.28 -3.34
N GLN P 108 -35.52 70.16 -2.63
CA GLN P 108 -34.63 70.07 -1.49
C GLN P 108 -33.16 70.17 -1.90
N LEU P 109 -32.78 69.39 -2.91
CA LEU P 109 -31.43 69.44 -3.44
C LEU P 109 -31.09 70.87 -3.88
N VAL P 110 -32.05 71.49 -4.57
CA VAL P 110 -31.89 72.86 -5.02
C VAL P 110 -31.64 73.80 -3.84
N GLN P 111 -32.45 73.70 -2.80
CA GLN P 111 -32.30 74.54 -1.62
C GLN P 111 -30.92 74.37 -0.95
N ARG P 112 -30.51 73.12 -0.77
CA ARG P 112 -29.22 72.81 -0.14
C ARG P 112 -28.04 73.35 -0.95
N VAL P 113 -28.03 73.05 -2.24
CA VAL P 113 -26.98 73.57 -3.13
C VAL P 113 -26.98 75.09 -3.12
N ALA P 114 -28.17 75.68 -3.03
CA ALA P 114 -28.32 77.12 -2.96
C ALA P 114 -27.68 77.67 -1.68
N SER P 115 -27.81 76.93 -0.58
CA SER P 115 -27.17 77.32 0.68
C SER P 115 -25.65 77.28 0.53
N VAL P 116 -25.16 76.22 -0.11
CA VAL P 116 -23.74 76.10 -0.40
C VAL P 116 -23.22 77.29 -1.20
N MET P 117 -23.97 77.68 -2.23
CA MET P 117 -23.59 78.82 -3.06
C MET P 117 -23.68 80.13 -2.27
N GLN P 118 -24.62 80.18 -1.33
CA GLN P 118 -24.82 81.35 -0.51
C GLN P 118 -23.63 81.57 0.40
N GLU P 119 -23.06 80.48 0.92
CA GLU P 119 -21.90 80.55 1.80
C GLU P 119 -20.77 81.38 1.19
N TYR P 120 -20.52 81.17 -0.10
CA TYR P 120 -19.40 81.81 -0.77
C TYR P 120 -19.62 83.28 -1.10
N THR P 121 -20.70 83.85 -0.58
CA THR P 121 -20.98 85.27 -0.75
C THR P 121 -20.83 85.98 0.59
N GLN P 122 -20.45 85.22 1.61
CA GLN P 122 -20.34 85.76 2.97
C GLN P 122 -19.13 85.23 3.72
N SER P 123 -18.78 83.96 3.48
CA SER P 123 -17.64 83.33 4.14
C SER P 123 -16.33 84.03 3.77
N GLY P 124 -15.33 83.86 4.62
CA GLY P 124 -14.08 84.59 4.48
C GLY P 124 -13.15 84.12 3.38
N GLY P 125 -12.47 85.07 2.75
CA GLY P 125 -11.39 84.77 1.81
C GLY P 125 -11.79 84.05 0.54
N VAL P 126 -13.06 84.13 0.18
CA VAL P 126 -13.55 83.47 -1.03
C VAL P 126 -14.45 84.37 -1.88
N ARG P 127 -14.44 84.14 -3.18
CA ARG P 127 -15.34 84.80 -4.11
C ARG P 127 -16.56 83.91 -4.33
N PRO P 128 -17.67 84.51 -4.78
CA PRO P 128 -18.84 83.70 -5.12
C PRO P 128 -18.57 82.83 -6.35
N PHE P 129 -19.46 81.89 -6.64
CA PHE P 129 -19.32 81.06 -7.84
C PHE P 129 -19.72 81.85 -9.09
N GLY P 130 -18.94 81.73 -10.15
CA GLY P 130 -19.29 82.32 -11.43
C GLY P 130 -20.15 81.37 -12.24
N VAL P 131 -21.25 80.92 -11.66
CA VAL P 131 -22.05 79.86 -12.26
C VAL P 131 -23.53 79.98 -11.90
N SER P 132 -24.38 79.87 -12.92
CA SER P 132 -25.81 79.64 -12.70
C SER P 132 -26.15 78.21 -13.07
N LEU P 133 -26.98 77.58 -12.25
CA LEU P 133 -27.32 76.17 -12.43
C LEU P 133 -28.76 75.97 -12.85
N LEU P 134 -28.97 75.11 -13.85
CA LEU P 134 -30.29 74.60 -14.16
C LEU P 134 -30.37 73.15 -13.71
N ILE P 135 -31.33 72.89 -12.83
CA ILE P 135 -31.48 71.60 -12.18
C ILE P 135 -32.83 71.00 -12.54
N CYS P 136 -32.81 69.83 -13.16
CA CYS P 136 -34.06 69.16 -13.52
C CYS P 136 -34.27 67.94 -12.62
N GLY P 137 -35.53 67.58 -12.41
CA GLY P 137 -35.83 66.43 -11.56
C GLY P 137 -37.21 65.84 -11.74
N TRP P 138 -37.38 64.60 -11.27
CA TRP P 138 -38.67 63.93 -11.29
C TRP P 138 -38.99 63.36 -9.91
N ASN P 139 -39.81 64.07 -9.15
CA ASN P 139 -40.15 63.65 -7.80
C ASN P 139 -41.66 63.72 -7.56
N GLU P 140 -42.20 62.67 -6.94
CA GLU P 140 -43.63 62.60 -6.59
C GLU P 140 -44.55 62.76 -7.81
N GLY P 141 -44.17 62.17 -8.93
CA GLY P 141 -44.98 62.20 -10.13
C GLY P 141 -44.76 63.42 -11.01
N ARG P 142 -44.72 64.60 -10.39
CA ARG P 142 -44.54 65.84 -11.12
C ARG P 142 -43.09 66.06 -11.54
N PRO P 143 -42.88 66.76 -12.67
CA PRO P 143 -41.54 67.16 -13.11
C PRO P 143 -41.15 68.53 -12.55
N TYR P 144 -39.85 68.78 -12.43
CA TYR P 144 -39.36 70.00 -11.81
C TYR P 144 -38.16 70.61 -12.53
N LEU P 145 -38.20 71.93 -12.69
CA LEU P 145 -37.08 72.68 -13.26
C LEU P 145 -36.74 73.87 -12.37
N PHE P 146 -35.49 73.95 -11.95
CA PHE P 146 -35.05 75.01 -11.05
C PHE P 146 -33.82 75.71 -11.58
N GLN P 147 -33.63 76.96 -11.15
CA GLN P 147 -32.42 77.69 -11.45
C GLN P 147 -31.84 78.27 -10.17
N SER P 148 -30.52 78.22 -10.04
CA SER P 148 -29.86 78.84 -8.89
C SER P 148 -28.71 79.74 -9.36
N ASP P 149 -28.73 81.00 -8.94
CA ASP P 149 -27.71 81.97 -9.34
C ASP P 149 -26.71 82.18 -8.21
N PRO P 150 -25.50 82.68 -8.53
CA PRO P 150 -24.40 82.92 -7.58
C PRO P 150 -24.77 83.49 -6.21
N SER P 151 -25.84 84.26 -6.11
CA SER P 151 -26.24 84.83 -4.84
C SER P 151 -26.76 83.76 -3.88
N GLY P 152 -27.10 82.60 -4.42
CA GLY P 152 -27.66 81.53 -3.64
C GLY P 152 -29.17 81.52 -3.70
N ALA P 153 -29.72 82.41 -4.53
CA ALA P 153 -31.16 82.46 -4.73
C ALA P 153 -31.57 81.41 -5.76
N TYR P 154 -32.81 80.94 -5.65
CA TYR P 154 -33.29 79.91 -6.56
C TYR P 154 -34.73 80.16 -6.98
N PHE P 155 -35.05 79.81 -8.23
CA PHE P 155 -36.39 80.01 -8.76
C PHE P 155 -36.89 78.77 -9.49
N ALA P 156 -38.19 78.55 -9.47
CA ALA P 156 -38.80 77.46 -10.22
C ALA P 156 -39.23 77.94 -11.59
N TRP P 157 -38.84 77.20 -12.63
CA TRP P 157 -39.14 77.61 -14.00
C TRP P 157 -40.00 76.59 -14.75
N LYS P 158 -40.94 77.10 -15.55
CA LYS P 158 -41.65 76.27 -16.52
C LYS P 158 -40.72 76.06 -17.71
N ALA P 159 -40.05 77.14 -18.10
CA ALA P 159 -39.01 77.10 -19.11
C ALA P 159 -38.16 78.35 -18.99
N THR P 160 -36.89 78.26 -19.33
CA THR P 160 -35.99 79.40 -19.28
C THR P 160 -34.66 79.17 -19.99
N ALA P 161 -33.85 80.21 -20.02
CA ALA P 161 -32.52 80.15 -20.62
C ALA P 161 -31.51 80.98 -19.84
N MET P 162 -30.24 80.61 -19.96
CA MET P 162 -29.17 81.32 -19.29
C MET P 162 -27.96 81.42 -20.22
N GLY P 163 -27.00 82.27 -19.87
CA GLY P 163 -25.81 82.45 -20.68
C GLY P 163 -25.98 83.57 -21.71
N LYS P 164 -25.23 83.47 -22.80
CA LYS P 164 -25.32 84.44 -23.89
C LYS P 164 -26.71 84.48 -24.51
N ASN P 165 -27.19 85.70 -24.78
CA ASN P 165 -28.51 85.90 -25.38
C ASN P 165 -29.65 85.24 -24.60
N TYR P 166 -29.56 85.28 -23.29
CA TYR P 166 -30.57 84.64 -22.45
C TYR P 166 -31.89 85.41 -22.50
N VAL P 167 -31.82 86.69 -22.84
CA VAL P 167 -33.01 87.52 -22.98
C VAL P 167 -33.80 87.16 -24.23
N ASN P 168 -33.11 87.10 -25.37
CA ASN P 168 -33.72 86.68 -26.62
C ASN P 168 -34.28 85.27 -26.54
N GLY P 169 -33.53 84.40 -25.86
CA GLY P 169 -33.96 83.03 -25.64
C GLY P 169 -35.17 82.96 -24.72
N LYS P 170 -35.22 83.87 -23.75
CA LYS P 170 -36.33 83.92 -22.80
C LYS P 170 -37.61 84.37 -23.49
N THR P 171 -37.50 85.38 -24.34
CA THR P 171 -38.66 85.85 -25.11
C THR P 171 -39.09 84.79 -26.12
N PHE P 172 -38.11 84.13 -26.73
CA PHE P 172 -38.36 83.05 -27.69
C PHE P 172 -39.19 81.95 -27.04
N LEU P 173 -38.72 81.47 -25.89
CA LEU P 173 -39.44 80.43 -25.15
C LEU P 173 -40.81 80.94 -24.70
N GLU P 174 -40.87 82.22 -24.33
CA GLU P 174 -42.11 82.84 -23.88
C GLU P 174 -43.15 82.84 -24.98
N LYS P 175 -42.69 82.94 -26.23
CA LYS P 175 -43.59 82.96 -27.37
C LYS P 175 -43.77 81.56 -27.97
N ARG P 176 -42.70 81.03 -28.55
CA ARG P 176 -42.78 79.79 -29.33
C ARG P 176 -42.77 78.50 -28.48
N TYR P 177 -43.40 78.55 -27.31
CA TYR P 177 -43.49 77.37 -26.45
C TYR P 177 -44.50 77.56 -25.34
N ASN P 178 -45.13 76.47 -24.91
CA ASN P 178 -46.09 76.48 -23.82
C ASN P 178 -46.31 75.11 -23.19
N GLU P 179 -47.26 75.03 -22.27
CA GLU P 179 -47.51 73.82 -21.51
C GLU P 179 -48.14 72.71 -22.35
N ASP P 180 -48.48 71.60 -21.71
CA ASP P 180 -49.10 70.44 -22.36
C ASP P 180 -48.23 69.78 -23.43
N LEU P 181 -47.00 70.24 -23.57
CA LEU P 181 -46.06 69.65 -24.52
C LEU P 181 -45.57 68.30 -24.03
N GLU P 182 -45.22 67.43 -24.98
CA GLU P 182 -44.61 66.15 -24.65
C GLU P 182 -43.10 66.32 -24.59
N LEU P 183 -42.41 65.31 -24.08
CA LEU P 183 -40.96 65.37 -23.96
C LEU P 183 -40.29 65.61 -25.30
N GLU P 184 -40.76 64.92 -26.33
CA GLU P 184 -40.24 65.07 -27.69
C GLU P 184 -40.35 66.51 -28.17
N ASP P 185 -41.54 67.08 -28.02
CA ASP P 185 -41.81 68.45 -28.43
C ASP P 185 -40.89 69.41 -27.69
N ALA P 186 -40.75 69.20 -26.39
CA ALA P 186 -39.91 70.04 -25.55
C ALA P 186 -38.46 70.00 -25.99
N ILE P 187 -37.96 68.80 -26.28
CA ILE P 187 -36.60 68.64 -26.80
C ILE P 187 -36.46 69.43 -28.09
N HIS P 188 -37.48 69.32 -28.94
CA HIS P 188 -37.48 70.02 -30.21
C HIS P 188 -37.35 71.53 -30.04
N THR P 189 -38.23 72.12 -29.24
CA THR P 189 -38.17 73.56 -29.02
C THR P 189 -36.95 74.00 -28.20
N ALA P 190 -36.31 73.04 -27.53
CA ALA P 190 -35.10 73.31 -26.76
C ALA P 190 -33.91 73.44 -27.70
N ILE P 191 -33.77 72.49 -28.61
CA ILE P 191 -32.73 72.56 -29.63
C ILE P 191 -33.00 73.76 -30.55
N LEU P 192 -34.28 74.08 -30.72
CA LEU P 192 -34.68 75.22 -31.54
C LEU P 192 -34.28 76.54 -30.88
N THR P 193 -34.54 76.68 -29.59
CA THR P 193 -34.17 77.90 -28.86
C THR P 193 -32.66 77.98 -28.67
N LEU P 194 -31.99 76.83 -28.75
CA LEU P 194 -30.53 76.81 -28.71
C LEU P 194 -29.99 77.24 -30.07
N LYS P 195 -30.74 76.97 -31.12
CA LYS P 195 -30.35 77.32 -32.48
C LYS P 195 -30.45 78.82 -32.72
N GLU P 196 -31.14 79.53 -31.84
CA GLU P 196 -31.35 80.96 -31.97
C GLU P 196 -30.09 81.75 -31.60
N SER P 197 -29.02 81.03 -31.28
CA SER P 197 -27.75 81.65 -30.87
C SER P 197 -26.55 80.89 -31.40
N PHE P 198 -26.70 79.58 -31.62
CA PHE P 198 -25.61 78.73 -32.06
C PHE P 198 -25.04 79.18 -33.41
N GLU P 199 -24.08 80.09 -33.37
CA GLU P 199 -23.45 80.59 -34.58
C GLU P 199 -22.56 79.53 -35.22
N GLY P 200 -23.12 78.78 -36.16
CA GLY P 200 -22.39 77.74 -36.85
C GLY P 200 -23.26 76.54 -37.18
N GLN P 201 -22.70 75.59 -37.92
CA GLN P 201 -23.42 74.35 -38.25
C GLN P 201 -23.61 73.50 -37.01
N MET P 202 -24.78 73.63 -36.39
CA MET P 202 -25.08 72.92 -35.15
C MET P 202 -25.17 71.41 -35.35
N THR P 203 -24.08 70.70 -35.02
CA THR P 203 -24.03 69.26 -35.18
C THR P 203 -24.57 68.54 -33.94
N GLU P 204 -24.32 67.24 -33.85
CA GLU P 204 -24.72 66.45 -32.71
C GLU P 204 -23.65 66.50 -31.64
N ASP P 205 -22.50 67.07 -31.98
CA ASP P 205 -21.38 67.19 -31.06
C ASP P 205 -21.19 68.65 -30.62
N ASN P 206 -22.00 69.54 -31.17
CA ASN P 206 -21.92 70.96 -30.83
C ASN P 206 -22.84 71.31 -29.66
N ILE P 207 -23.82 70.45 -29.40
CA ILE P 207 -24.76 70.66 -28.31
C ILE P 207 -24.94 69.38 -27.49
N GLU P 208 -25.36 69.54 -26.25
CA GLU P 208 -25.56 68.41 -25.36
C GLU P 208 -26.94 68.51 -24.72
N VAL P 209 -27.69 67.41 -24.75
CA VAL P 209 -29.04 67.39 -24.22
C VAL P 209 -29.21 66.25 -23.23
N GLY P 210 -29.88 66.54 -22.12
CA GLY P 210 -30.23 65.54 -21.15
C GLY P 210 -31.72 65.62 -20.87
N ILE P 211 -32.34 64.47 -20.66
CA ILE P 211 -33.77 64.44 -20.38
C ILE P 211 -34.02 63.83 -19.00
N CYS P 212 -35.18 64.19 -18.43
CA CYS P 212 -35.57 63.69 -17.13
C CYS P 212 -37.07 63.47 -17.06
N ASN P 213 -37.50 62.24 -17.37
CA ASN P 213 -38.89 61.87 -17.22
C ASN P 213 -39.12 61.15 -15.90
N GLU P 214 -40.27 60.51 -15.75
CA GLU P 214 -40.58 59.77 -14.53
C GLU P 214 -39.96 58.38 -14.57
N ALA P 215 -39.01 58.18 -15.48
CA ALA P 215 -38.27 56.94 -15.59
C ALA P 215 -36.80 57.17 -15.25
N GLY P 216 -36.49 58.39 -14.80
CA GLY P 216 -35.13 58.74 -14.41
C GLY P 216 -34.52 59.80 -15.30
N PHE P 217 -33.33 60.25 -14.93
CA PHE P 217 -32.59 61.23 -15.71
C PHE P 217 -31.48 60.56 -16.50
N ARG P 218 -31.23 61.03 -17.72
CA ARG P 218 -30.12 60.52 -18.50
C ARG P 218 -29.69 61.52 -19.58
N ARG P 219 -28.48 61.32 -20.10
CA ARG P 219 -27.97 62.17 -21.16
C ARG P 219 -28.28 61.53 -22.51
N LEU P 220 -28.81 62.32 -23.43
CA LEU P 220 -29.14 61.81 -24.76
C LEU P 220 -27.88 61.44 -25.54
N THR P 221 -27.92 60.29 -26.20
CA THR P 221 -26.80 59.82 -27.01
C THR P 221 -26.63 60.76 -28.20
N PRO P 222 -25.40 60.86 -28.73
CA PRO P 222 -25.14 61.66 -29.93
C PRO P 222 -26.03 61.24 -31.10
N THR P 223 -26.41 59.96 -31.14
CA THR P 223 -27.27 59.44 -32.19
C THR P 223 -28.68 60.02 -32.11
N GLU P 224 -29.25 60.02 -30.90
CA GLU P 224 -30.58 60.58 -30.67
C GLU P 224 -30.59 62.07 -30.97
N VAL P 225 -29.48 62.73 -30.63
CA VAL P 225 -29.31 64.14 -30.94
C VAL P 225 -29.25 64.36 -32.45
N LYS P 226 -28.62 63.42 -33.16
CA LYS P 226 -28.56 63.47 -34.61
C LYS P 226 -29.96 63.33 -35.22
N ASP P 227 -30.75 62.41 -34.67
CA ASP P 227 -32.12 62.22 -35.10
C ASP P 227 -32.96 63.47 -34.87
N TYR P 228 -32.78 64.11 -33.72
CA TYR P 228 -33.49 65.34 -33.41
C TYR P 228 -32.99 66.52 -34.25
N LEU P 229 -31.68 66.59 -34.45
CA LEU P 229 -31.08 67.71 -35.18
C LEU P 229 -31.26 67.60 -36.70
N ALA P 230 -32.08 66.65 -37.12
CA ALA P 230 -32.45 66.55 -38.53
C ALA P 230 -33.69 67.42 -38.78
N ALA P 231 -33.89 68.41 -37.92
CA ALA P 231 -35.04 69.31 -37.96
C ALA P 231 -36.37 68.56 -37.92
N ILE P 232 -36.35 67.34 -37.39
CA ILE P 232 -37.54 66.51 -37.29
C ILE P 232 -37.31 65.34 -36.33
N ALA P 233 -38.09 64.28 -36.51
CA ALA P 233 -37.97 63.06 -35.69
C ALA P 233 -38.13 63.30 -34.19
N SER Q 1 -2.98 91.00 3.11
CA SER Q 1 -3.98 90.43 4.01
C SER Q 1 -4.73 91.54 4.75
N ARG Q 2 -4.00 92.47 5.32
CA ARG Q 2 -4.60 93.59 6.03
C ARG Q 2 -5.11 94.60 5.01
N ARG Q 3 -4.59 94.50 3.80
CA ARG Q 3 -4.91 95.43 2.73
C ARG Q 3 -6.27 95.10 2.11
N TYR Q 4 -6.56 93.81 1.98
CA TYR Q 4 -7.78 93.36 1.33
C TYR Q 4 -9.00 93.39 2.26
N ASP Q 5 -8.75 93.52 3.56
CA ASP Q 5 -9.84 93.55 4.54
C ASP Q 5 -10.65 94.83 4.38
N SER Q 6 -11.96 94.67 4.25
CA SER Q 6 -12.86 95.79 4.04
C SER Q 6 -13.37 96.37 5.36
N ARG Q 7 -12.96 95.75 6.46
CA ARG Q 7 -13.32 96.22 7.81
C ARG Q 7 -14.83 96.36 7.98
N THR Q 8 -15.56 95.24 7.95
CA THR Q 8 -17.02 95.28 7.94
C THR Q 8 -17.64 95.58 9.30
N THR Q 9 -16.92 95.30 10.37
CA THR Q 9 -17.44 95.52 11.71
C THR Q 9 -16.71 96.64 12.43
N ILE Q 10 -16.70 97.83 11.81
CA ILE Q 10 -15.95 98.96 12.33
C ILE Q 10 -16.79 100.24 12.36
N PHE Q 11 -16.67 101.00 13.45
CA PHE Q 11 -17.37 102.27 13.58
C PHE Q 11 -16.88 103.31 12.57
N SER Q 12 -17.83 104.05 11.98
CA SER Q 12 -17.49 105.20 11.16
C SER Q 12 -17.28 106.39 12.09
N PRO Q 13 -16.48 107.38 11.66
CA PRO Q 13 -16.18 108.56 12.47
C PRO Q 13 -17.40 109.24 13.11
N GLU Q 14 -18.55 109.14 12.46
CA GLU Q 14 -19.77 109.74 13.01
C GLU Q 14 -20.36 108.86 14.11
N GLY Q 15 -19.84 107.64 14.24
CA GLY Q 15 -20.34 106.71 15.24
C GLY Q 15 -21.45 105.84 14.69
N ARG Q 16 -21.21 105.27 13.52
CA ARG Q 16 -22.21 104.44 12.86
C ARG Q 16 -21.57 103.32 12.05
N LEU Q 17 -22.33 102.27 11.78
CA LEU Q 17 -21.83 101.11 11.06
C LEU Q 17 -22.28 101.17 9.60
N TYR Q 18 -21.33 101.40 8.70
CA TYR Q 18 -21.65 101.65 7.30
C TYR Q 18 -22.28 100.46 6.56
N GLN Q 19 -21.77 99.26 6.81
CA GLN Q 19 -22.30 98.07 6.14
C GLN Q 19 -23.77 97.83 6.49
N VAL Q 20 -24.14 98.16 7.72
CA VAL Q 20 -25.53 98.05 8.15
C VAL Q 20 -26.43 98.99 7.36
N GLU Q 21 -26.01 100.25 7.25
CA GLU Q 21 -26.77 101.26 6.52
C GLU Q 21 -26.89 100.91 5.04
N TYR Q 22 -25.79 100.41 4.47
CA TYR Q 22 -25.77 100.01 3.07
C TYR Q 22 -26.72 98.82 2.88
N ALA Q 23 -26.78 97.93 3.86
CA ALA Q 23 -27.71 96.81 3.84
C ALA Q 23 -29.15 97.31 3.89
N MET Q 24 -29.37 98.38 4.65
CA MET Q 24 -30.68 99.02 4.68
C MET Q 24 -31.03 99.55 3.30
N GLU Q 25 -30.03 100.12 2.63
CA GLU Q 25 -30.21 100.61 1.26
C GLU Q 25 -30.56 99.46 0.32
N ALA Q 26 -29.99 98.28 0.59
CA ALA Q 26 -30.32 97.09 -0.19
C ALA Q 26 -31.77 96.72 0.03
N ILE Q 27 -32.21 96.78 1.29
CA ILE Q 27 -33.59 96.43 1.65
C ILE Q 27 -34.59 97.40 1.01
N GLY Q 28 -34.20 98.66 0.90
CA GLY Q 28 -35.07 99.66 0.30
C GLY Q 28 -35.43 99.40 -1.15
N HIS Q 29 -34.67 98.54 -1.80
CA HIS Q 29 -34.90 98.22 -3.20
C HIS Q 29 -35.70 96.91 -3.36
N ALA Q 30 -35.92 96.22 -2.25
CA ALA Q 30 -36.61 94.95 -2.26
C ALA Q 30 -38.13 95.16 -2.25
N GLY Q 31 -38.86 94.10 -2.58
CA GLY Q 31 -40.31 94.16 -2.66
C GLY Q 31 -40.97 94.65 -1.39
N THR Q 32 -41.99 95.49 -1.57
CA THR Q 32 -42.73 96.05 -0.44
C THR Q 32 -43.38 94.94 0.38
N CYS Q 33 -43.28 95.05 1.69
CA CYS Q 33 -43.83 94.04 2.58
C CYS Q 33 -44.30 94.67 3.88
N LEU Q 34 -45.59 94.52 4.17
CA LEU Q 34 -46.16 95.11 5.37
C LEU Q 34 -46.92 94.09 6.19
N GLY Q 35 -47.29 94.50 7.40
CA GLY Q 35 -48.04 93.65 8.30
C GLY Q 35 -48.90 94.48 9.22
N ILE Q 36 -50.09 93.98 9.51
CA ILE Q 36 -51.02 94.70 10.38
C ILE Q 36 -51.61 93.79 11.45
N LEU Q 37 -51.75 94.33 12.65
CA LEU Q 37 -52.26 93.58 13.80
C LEU Q 37 -53.72 93.94 14.08
N ALA Q 38 -54.54 92.93 14.28
CA ALA Q 38 -55.96 93.14 14.56
C ALA Q 38 -56.37 92.51 15.89
N ASN Q 39 -57.66 92.52 16.17
CA ASN Q 39 -58.18 91.95 17.41
C ASN Q 39 -58.46 90.45 17.30
N ASP Q 40 -58.77 90.00 16.10
CA ASP Q 40 -59.12 88.60 15.88
C ASP Q 40 -58.07 87.87 15.05
N GLY Q 41 -56.94 88.53 14.81
CA GLY Q 41 -55.87 87.94 14.02
C GLY Q 41 -54.78 88.93 13.67
N VAL Q 42 -53.89 88.51 12.78
CA VAL Q 42 -52.80 89.37 12.32
C VAL Q 42 -52.41 88.96 10.92
N LEU Q 43 -52.04 89.91 10.07
CA LEU Q 43 -51.76 89.56 8.68
C LEU Q 43 -50.49 90.16 8.08
N LEU Q 44 -49.95 89.44 7.10
CA LEU Q 44 -48.81 89.89 6.30
C LEU Q 44 -49.26 90.06 4.85
N ALA Q 45 -48.72 91.08 4.19
CA ALA Q 45 -49.01 91.32 2.78
C ALA Q 45 -47.76 91.86 2.09
N ALA Q 46 -47.28 91.14 1.07
CA ALA Q 46 -46.03 91.52 0.42
C ALA Q 46 -46.12 91.54 -1.10
N GLU Q 47 -45.42 92.49 -1.70
CA GLU Q 47 -45.27 92.57 -3.15
C GLU Q 47 -44.42 91.40 -3.63
N ARG Q 48 -44.75 90.86 -4.79
CA ARG Q 48 -44.00 89.76 -5.36
C ARG Q 48 -43.09 90.22 -6.49
N ARG Q 49 -41.79 90.00 -6.35
CA ARG Q 49 -40.83 90.36 -7.38
C ARG Q 49 -40.62 89.20 -8.34
N ASN Q 50 -40.87 87.99 -7.88
CA ASN Q 50 -40.83 86.82 -8.74
C ASN Q 50 -42.14 86.71 -9.51
N ILE Q 51 -42.38 87.69 -10.38
CA ILE Q 51 -43.59 87.73 -11.19
C ILE Q 51 -43.24 87.74 -12.68
N HIS Q 52 -43.11 86.55 -13.24
CA HIS Q 52 -42.83 86.39 -14.66
C HIS Q 52 -43.73 85.30 -15.21
N LYS Q 53 -44.02 85.37 -16.51
CA LYS Q 53 -44.98 84.45 -17.12
C LYS Q 53 -44.51 82.99 -17.09
N LEU Q 54 -43.21 82.79 -17.08
CA LEU Q 54 -42.65 81.45 -17.20
C LEU Q 54 -42.31 80.76 -15.87
N LEU Q 55 -42.63 81.43 -14.76
CA LEU Q 55 -42.36 80.84 -13.45
C LEU Q 55 -43.32 79.69 -13.14
N ASP Q 56 -42.83 78.72 -12.37
CA ASP Q 56 -43.54 77.44 -12.23
C ASP Q 56 -44.50 77.36 -11.05
N GLU Q 57 -44.24 78.17 -10.01
CA GLU Q 57 -45.11 78.20 -8.82
C GLU Q 57 -45.28 76.81 -8.19
N VAL Q 58 -44.26 76.35 -7.47
CA VAL Q 58 -44.31 75.03 -6.85
C VAL Q 58 -44.33 75.10 -5.33
N PHE Q 59 -44.31 76.31 -4.79
CA PHE Q 59 -44.34 76.49 -3.34
C PHE Q 59 -45.63 77.16 -2.89
N PHE Q 60 -45.95 77.01 -1.61
CA PHE Q 60 -47.13 77.63 -1.02
C PHE Q 60 -47.03 79.15 -1.08
N SER Q 61 -45.80 79.65 -1.14
CA SER Q 61 -45.55 81.08 -1.07
C SER Q 61 -44.23 81.47 -1.72
N GLU Q 62 -43.83 82.72 -1.53
CA GLU Q 62 -42.60 83.24 -2.11
C GLU Q 62 -41.81 84.03 -1.06
N LYS Q 63 -42.51 84.86 -0.30
CA LYS Q 63 -41.87 85.70 0.69
C LYS Q 63 -42.48 85.47 2.07
N ILE Q 64 -43.37 84.48 2.17
CA ILE Q 64 -43.95 84.11 3.46
C ILE Q 64 -43.44 82.75 3.92
N TYR Q 65 -42.79 82.72 5.08
CA TYR Q 65 -42.24 81.49 5.63
C TYR Q 65 -42.98 81.10 6.90
N LYS Q 66 -43.27 79.81 7.06
CA LYS Q 66 -43.80 79.30 8.31
C LYS Q 66 -42.61 78.93 9.22
N LEU Q 67 -42.63 79.46 10.44
CA LEU Q 67 -41.52 79.23 11.37
C LEU Q 67 -41.91 78.24 12.44
N ASN Q 68 -43.16 78.35 12.89
CA ASN Q 68 -43.63 77.60 14.04
C ASN Q 68 -45.14 77.42 13.89
N GLU Q 69 -45.70 76.43 14.56
CA GLU Q 69 -47.14 76.20 14.46
C GLU Q 69 -47.98 77.38 14.95
N ASP Q 70 -47.34 78.29 15.68
CA ASP Q 70 -48.02 79.50 16.14
C ASP Q 70 -47.39 80.76 15.57
N MET Q 71 -46.52 80.61 14.56
CA MET Q 71 -45.74 81.74 14.08
C MET Q 71 -45.30 81.64 12.62
N ALA Q 72 -45.36 82.77 11.92
CA ALA Q 72 -44.88 82.85 10.55
C ALA Q 72 -44.20 84.20 10.33
N CYS Q 73 -43.38 84.29 9.29
CA CYS Q 73 -42.66 85.53 9.03
C CYS Q 73 -42.58 85.86 7.55
N SER Q 74 -42.35 87.13 7.25
CA SER Q 74 -42.13 87.59 5.89
C SER Q 74 -40.80 88.30 5.82
N VAL Q 75 -40.26 88.44 4.61
CA VAL Q 75 -38.88 88.84 4.44
C VAL Q 75 -38.70 89.93 3.37
N ALA Q 76 -37.64 90.74 3.51
CA ALA Q 76 -37.33 91.76 2.52
C ALA Q 76 -35.85 92.03 2.40
N GLY Q 77 -35.30 91.80 1.21
CA GLY Q 77 -33.89 92.02 0.96
C GLY Q 77 -33.29 90.90 0.13
N ILE Q 78 -32.05 90.51 0.45
CA ILE Q 78 -31.41 89.38 -0.20
C ILE Q 78 -32.10 88.08 0.21
N THR Q 79 -32.65 87.36 -0.77
CA THR Q 79 -33.48 86.20 -0.49
C THR Q 79 -32.72 85.01 0.09
N SER Q 80 -31.44 84.87 -0.26
CA SER Q 80 -30.65 83.75 0.22
C SER Q 80 -30.29 83.90 1.70
N ASP Q 81 -29.88 85.12 2.07
CA ASP Q 81 -29.65 85.44 3.46
C ASP Q 81 -30.93 85.20 4.24
N ALA Q 82 -32.05 85.52 3.61
CA ALA Q 82 -33.36 85.29 4.18
C ALA Q 82 -33.59 83.81 4.44
N ASN Q 83 -33.17 82.98 3.48
CA ASN Q 83 -33.28 81.53 3.64
C ASN Q 83 -32.49 81.06 4.86
N VAL Q 84 -31.25 81.52 4.95
CA VAL Q 84 -30.39 81.22 6.10
C VAL Q 84 -31.08 81.57 7.43
N LEU Q 85 -31.51 82.82 7.54
CA LEU Q 85 -32.12 83.32 8.76
C LEU Q 85 -33.42 82.60 9.13
N THR Q 86 -34.22 82.27 8.13
CA THR Q 86 -35.48 81.56 8.37
C THR Q 86 -35.21 80.14 8.87
N ASN Q 87 -34.30 79.45 8.20
CA ASN Q 87 -33.90 78.11 8.63
C ASN Q 87 -33.43 78.13 10.08
N GLU Q 88 -32.56 79.08 10.39
CA GLU Q 88 -32.06 79.24 11.75
C GLU Q 88 -33.19 79.53 12.73
N LEU Q 89 -34.17 80.31 12.32
CA LEU Q 89 -35.34 80.62 13.15
C LEU Q 89 -36.09 79.34 13.51
N ARG Q 90 -36.33 78.50 12.49
CA ARG Q 90 -36.99 77.22 12.71
C ARG Q 90 -36.19 76.38 13.70
N LEU Q 91 -34.87 76.35 13.52
CA LEU Q 91 -33.98 75.65 14.46
C LEU Q 91 -34.20 76.12 15.89
N ILE Q 92 -34.10 77.42 16.12
CA ILE Q 92 -34.29 78.01 17.45
C ILE Q 92 -35.63 77.61 18.05
N ALA Q 93 -36.70 77.75 17.26
CA ALA Q 93 -38.04 77.40 17.71
C ALA Q 93 -38.11 75.95 18.18
N GLN Q 94 -37.54 75.06 17.38
CA GLN Q 94 -37.55 73.64 17.73
C GLN Q 94 -36.68 73.32 18.95
N ARG Q 95 -35.62 74.10 19.15
CA ARG Q 95 -34.79 73.92 20.34
C ARG Q 95 -35.57 74.30 21.59
N TYR Q 96 -36.21 75.47 21.55
CA TYR Q 96 -37.02 75.92 22.68
C TYR Q 96 -38.09 74.89 22.97
N LEU Q 97 -38.72 74.38 21.92
CA LEU Q 97 -39.78 73.38 22.08
C LEU Q 97 -39.23 72.11 22.74
N LEU Q 98 -38.08 71.66 22.26
CA LEU Q 98 -37.44 70.46 22.79
C LEU Q 98 -37.12 70.63 24.27
N GLN Q 99 -36.77 71.85 24.66
CA GLN Q 99 -36.34 72.10 26.03
C GLN Q 99 -37.49 72.29 27.03
N TYR Q 100 -38.41 73.19 26.71
CA TYR Q 100 -39.47 73.54 27.65
C TYR Q 100 -40.80 72.83 27.39
N GLN Q 101 -40.88 72.12 26.26
CA GLN Q 101 -42.09 71.41 25.86
C GLN Q 101 -43.30 72.33 25.77
N GLU Q 102 -43.08 73.51 25.17
CA GLU Q 102 -44.14 74.46 24.86
C GLU Q 102 -43.60 75.43 23.82
N PRO Q 103 -44.48 76.01 22.98
CA PRO Q 103 -44.03 76.84 21.87
C PRO Q 103 -43.24 78.06 22.35
N ILE Q 104 -42.22 78.43 21.59
CA ILE Q 104 -41.42 79.61 21.94
C ILE Q 104 -42.22 80.89 21.77
N PRO Q 105 -42.25 81.72 22.83
CA PRO Q 105 -42.85 83.05 22.75
C PRO Q 105 -42.23 83.84 21.61
N CYS Q 106 -43.04 84.58 20.87
CA CYS Q 106 -42.60 85.23 19.64
C CYS Q 106 -41.41 86.15 19.83
N GLU Q 107 -41.51 87.02 20.83
CA GLU Q 107 -40.46 87.99 21.11
C GLU Q 107 -39.13 87.29 21.39
N GLN Q 108 -39.19 86.14 22.07
CA GLN Q 108 -37.99 85.38 22.39
C GLN Q 108 -37.29 84.86 21.13
N LEU Q 109 -38.08 84.40 20.16
CA LEU Q 109 -37.56 83.95 18.88
C LEU Q 109 -36.90 85.12 18.15
N VAL Q 110 -37.61 86.25 18.11
CA VAL Q 110 -37.09 87.43 17.43
C VAL Q 110 -35.77 87.86 18.02
N THR Q 111 -35.72 88.03 19.35
CA THR Q 111 -34.50 88.41 20.04
C THR Q 111 -33.39 87.39 19.78
N ALA Q 112 -33.76 86.12 19.71
CA ALA Q 112 -32.79 85.06 19.45
C ALA Q 112 -32.11 85.23 18.09
N LEU Q 113 -32.87 85.57 17.06
CA LEU Q 113 -32.27 85.82 15.75
C LEU Q 113 -31.46 87.12 15.75
N CYS Q 114 -32.02 88.13 16.38
CA CYS Q 114 -31.40 89.45 16.42
C CYS Q 114 -30.06 89.46 17.12
N ASP Q 115 -29.88 88.56 18.10
CA ASP Q 115 -28.60 88.43 18.77
C ASP Q 115 -27.53 87.93 17.80
N ILE Q 116 -27.94 87.03 16.91
CA ILE Q 116 -27.06 86.52 15.86
C ILE Q 116 -26.68 87.62 14.88
N LYS Q 117 -27.69 88.37 14.41
CA LYS Q 117 -27.42 89.47 13.49
C LYS Q 117 -26.48 90.53 14.11
N GLN Q 118 -26.76 90.92 15.35
CA GLN Q 118 -25.93 91.86 16.07
C GLN Q 118 -24.51 91.32 16.17
N ALA Q 119 -24.40 90.03 16.48
CA ALA Q 119 -23.11 89.37 16.55
C ALA Q 119 -22.37 89.53 15.23
N TYR Q 120 -23.11 89.48 14.13
CA TYR Q 120 -22.52 89.69 12.81
C TYR Q 120 -22.12 91.16 12.60
N THR Q 121 -22.74 92.07 13.35
CA THR Q 121 -22.36 93.48 13.23
C THR Q 121 -21.17 93.87 14.12
N GLN Q 122 -20.94 93.11 15.18
CA GLN Q 122 -19.90 93.51 16.15
C GLN Q 122 -18.54 92.83 15.95
N PHE Q 123 -18.52 91.57 15.54
CA PHE Q 123 -17.26 90.88 15.31
C PHE Q 123 -17.34 89.87 14.16
N GLY Q 124 -16.19 89.32 13.79
CA GLY Q 124 -16.13 88.31 12.75
C GLY Q 124 -15.58 88.81 11.43
N GLY Q 125 -15.76 90.10 11.16
CA GLY Q 125 -15.29 90.69 9.92
C GLY Q 125 -16.07 90.21 8.71
N LYS Q 126 -17.30 89.79 8.93
CA LYS Q 126 -18.17 89.33 7.86
C LYS Q 126 -19.18 90.41 7.50
N ARG Q 127 -19.71 90.36 6.28
CA ARG Q 127 -20.80 91.25 5.91
C ARG Q 127 -22.06 90.84 6.67
N PRO Q 128 -22.90 91.82 7.02
CA PRO Q 128 -24.14 91.49 7.72
C PRO Q 128 -25.17 90.92 6.75
N PHE Q 129 -26.29 90.44 7.27
CA PHE Q 129 -27.35 89.90 6.44
C PHE Q 129 -28.23 91.01 5.91
N GLY Q 130 -28.30 91.16 4.59
CA GLY Q 130 -29.12 92.18 3.98
C GLY Q 130 -30.60 91.81 4.00
N VAL Q 131 -31.17 91.65 5.19
CA VAL Q 131 -32.53 91.18 5.34
C VAL Q 131 -33.27 91.88 6.48
N SER Q 132 -34.46 92.39 6.18
CA SER Q 132 -35.39 92.82 7.22
C SER Q 132 -36.53 91.80 7.31
N LEU Q 133 -37.02 91.57 8.52
CA LEU Q 133 -38.08 90.58 8.71
C LEU Q 133 -39.29 91.11 9.45
N LEU Q 134 -40.47 90.62 9.07
CA LEU Q 134 -41.70 90.89 9.80
C LEU Q 134 -42.22 89.60 10.41
N TYR Q 135 -42.50 89.61 11.69
CA TYR Q 135 -42.94 88.40 12.38
C TYR Q 135 -44.39 88.52 12.82
N ILE Q 136 -45.21 87.53 12.48
CA ILE Q 136 -46.55 87.48 13.02
C ILE Q 136 -46.74 86.19 13.80
N GLY Q 137 -47.44 86.26 14.92
CA GLY Q 137 -47.68 85.05 15.68
C GLY Q 137 -48.62 85.17 16.86
N TRP Q 138 -48.89 84.04 17.50
CA TRP Q 138 -49.70 84.03 18.71
C TRP Q 138 -48.99 83.28 19.83
N ASP Q 139 -49.06 83.82 21.05
CA ASP Q 139 -48.60 83.05 22.21
C ASP Q 139 -49.48 83.32 23.43
N LYS Q 140 -49.30 82.51 24.47
CA LYS Q 140 -50.16 82.57 25.65
C LYS Q 140 -49.81 83.73 26.57
N HIS Q 141 -48.79 84.50 26.20
CA HIS Q 141 -48.35 85.61 27.04
C HIS Q 141 -48.84 86.96 26.54
N TYR Q 142 -48.77 87.17 25.22
CA TYR Q 142 -49.13 88.45 24.64
C TYR Q 142 -50.09 88.31 23.46
N GLY Q 143 -50.65 87.12 23.28
CA GLY Q 143 -51.63 86.88 22.23
C GLY Q 143 -51.08 87.09 20.83
N PHE Q 144 -51.81 87.84 20.02
CA PHE Q 144 -51.40 88.16 18.66
C PHE Q 144 -50.32 89.23 18.66
N GLN Q 145 -49.30 89.04 17.83
CA GLN Q 145 -48.12 89.88 17.84
C GLN Q 145 -47.50 90.08 16.47
N LEU Q 146 -47.04 91.31 16.25
CA LEU Q 146 -46.30 91.69 15.05
C LEU Q 146 -44.96 92.31 15.44
N TYR Q 147 -43.90 91.89 14.76
CA TYR Q 147 -42.56 92.37 15.05
C TYR Q 147 -41.82 92.73 13.77
N GLN Q 148 -40.76 93.53 13.92
CA GLN Q 148 -39.92 93.90 12.79
C GLN Q 148 -38.47 93.84 13.24
N SER Q 149 -37.60 93.32 12.38
CA SER Q 149 -36.18 93.26 12.69
C SER Q 149 -35.33 93.71 11.50
N ASP Q 150 -34.34 94.54 11.80
CA ASP Q 150 -33.45 95.10 10.79
C ASP Q 150 -32.07 94.43 10.89
N PRO Q 151 -31.26 94.51 9.83
CA PRO Q 151 -29.93 93.88 9.82
C PRO Q 151 -28.99 94.35 10.94
N SER Q 152 -29.33 95.46 11.59
CA SER Q 152 -28.54 95.97 12.69
C SER Q 152 -28.64 95.08 13.93
N GLY Q 153 -29.57 94.12 13.87
CA GLY Q 153 -29.84 93.27 15.01
C GLY Q 153 -30.85 93.92 15.93
N ASN Q 154 -31.39 95.05 15.48
CA ASN Q 154 -32.40 95.77 16.25
C ASN Q 154 -33.79 95.32 15.86
N TYR Q 155 -34.71 95.29 16.83
CA TYR Q 155 -36.06 94.85 16.57
C TYR Q 155 -37.08 95.66 17.37
N GLY Q 156 -38.36 95.52 16.99
CA GLY Q 156 -39.43 96.19 17.71
C GLY Q 156 -40.79 95.58 17.45
N GLY Q 157 -41.71 95.77 18.39
CA GLY Q 157 -43.06 95.27 18.25
C GLY Q 157 -44.00 96.34 17.74
N TRP Q 158 -44.74 96.03 16.68
CA TRP Q 158 -45.60 97.01 16.03
C TRP Q 158 -47.06 96.57 16.02
N LYS Q 159 -47.95 97.55 15.91
CA LYS Q 159 -49.38 97.27 15.72
C LYS Q 159 -49.69 97.26 14.23
N ALA Q 160 -48.84 97.91 13.46
CA ALA Q 160 -48.89 97.90 12.01
C ALA Q 160 -47.62 98.57 11.48
N THR Q 161 -46.97 97.94 10.50
CA THR Q 161 -45.76 98.53 9.93
C THR Q 161 -45.46 97.97 8.56
N CYS Q 162 -44.49 98.58 7.88
CA CYS Q 162 -44.13 98.18 6.54
C CYS Q 162 -42.62 98.16 6.35
N ILE Q 163 -42.17 97.36 5.40
CA ILE Q 163 -40.75 97.22 5.12
C ILE Q 163 -40.52 96.86 3.65
N GLY Q 164 -39.55 97.52 3.03
CA GLY Q 164 -39.26 97.29 1.62
C GLY Q 164 -39.31 98.59 0.83
N ASN Q 165 -39.59 98.47 -0.45
CA ASN Q 165 -39.68 99.64 -1.33
C ASN Q 165 -40.88 100.52 -0.98
N ASN Q 166 -40.67 101.83 -1.03
CA ASN Q 166 -41.70 102.82 -0.68
C ASN Q 166 -42.27 102.59 0.73
N SER Q 167 -41.39 102.22 1.65
CA SER Q 167 -41.81 101.87 3.00
C SER Q 167 -42.30 103.08 3.79
N ALA Q 168 -41.67 104.23 3.57
CA ALA Q 168 -41.99 105.45 4.31
C ALA Q 168 -43.44 105.90 4.10
N ALA Q 169 -43.79 106.13 2.84
CA ALA Q 169 -45.14 106.53 2.46
C ALA Q 169 -46.16 105.53 2.99
N ALA Q 170 -45.81 104.25 2.91
CA ALA Q 170 -46.66 103.18 3.42
C ALA Q 170 -46.87 103.32 4.93
N VAL Q 171 -45.82 103.70 5.65
CA VAL Q 171 -45.90 103.88 7.08
C VAL Q 171 -46.81 105.04 7.45
N SER Q 172 -46.64 106.18 6.78
CA SER Q 172 -47.49 107.33 7.04
C SER Q 172 -48.95 107.03 6.68
N MET Q 173 -49.14 106.29 5.59
CA MET Q 173 -50.46 105.90 5.13
C MET Q 173 -51.13 104.98 6.15
N LEU Q 174 -50.33 104.12 6.78
CA LEU Q 174 -50.82 103.27 7.85
C LEU Q 174 -51.18 104.09 9.07
N LYS Q 175 -50.37 105.11 9.36
CA LYS Q 175 -50.63 106.03 10.46
C LYS Q 175 -52.00 106.68 10.28
N GLN Q 176 -52.29 107.09 9.05
CA GLN Q 176 -53.57 107.72 8.77
C GLN Q 176 -54.77 106.81 9.04
N ASP Q 177 -54.72 105.60 8.49
CA ASP Q 177 -55.85 104.67 8.59
C ASP Q 177 -55.71 103.64 9.71
N TYR Q 178 -54.92 103.96 10.74
CA TYR Q 178 -54.76 103.07 11.88
C TYR Q 178 -56.00 103.08 12.75
N LYS Q 179 -56.06 102.15 13.70
CA LYS Q 179 -57.24 102.02 14.57
C LYS Q 179 -56.96 101.21 15.83
N GLU Q 180 -56.25 101.83 16.78
CA GLU Q 180 -55.84 101.16 18.01
C GLU Q 180 -57.03 100.59 18.81
N GLY Q 181 -57.17 99.27 18.77
CA GLY Q 181 -58.19 98.59 19.56
C GLY Q 181 -59.47 98.31 18.79
N GLU Q 182 -59.62 98.91 17.62
CA GLU Q 182 -60.85 98.78 16.85
C GLU Q 182 -60.58 98.08 15.52
N MET Q 183 -59.43 97.44 15.42
CA MET Q 183 -59.03 96.76 14.19
C MET Q 183 -59.57 95.34 14.11
N THR Q 184 -60.21 95.00 12.99
CA THR Q 184 -60.60 93.62 12.72
C THR Q 184 -59.76 93.11 11.57
N LEU Q 185 -59.77 91.80 11.34
CA LEU Q 185 -58.98 91.21 10.28
C LEU Q 185 -59.43 91.70 8.90
N LYS Q 186 -60.74 91.91 8.76
CA LYS Q 186 -61.30 92.35 7.49
C LYS Q 186 -60.87 93.77 7.13
N SER Q 187 -61.03 94.68 8.09
CA SER Q 187 -60.62 96.07 7.88
C SER Q 187 -59.11 96.17 7.67
N ALA Q 188 -58.37 95.30 8.35
CA ALA Q 188 -56.93 95.24 8.20
C ALA Q 188 -56.55 94.79 6.79
N LEU Q 189 -57.32 93.84 6.26
CA LEU Q 189 -57.10 93.37 4.89
C LEU Q 189 -57.42 94.47 3.89
N ALA Q 190 -58.47 95.24 4.18
CA ALA Q 190 -58.82 96.39 3.34
C ALA Q 190 -57.69 97.42 3.33
N LEU Q 191 -57.16 97.70 4.51
CA LEU Q 191 -56.04 98.63 4.67
C LEU Q 191 -54.82 98.15 3.90
N ALA Q 192 -54.55 96.86 4.01
CA ALA Q 192 -53.43 96.25 3.31
C ALA Q 192 -53.58 96.42 1.81
N ILE Q 193 -54.76 96.10 1.30
CA ILE Q 193 -55.06 96.26 -0.11
C ILE Q 193 -54.85 97.71 -0.57
N LYS Q 194 -55.33 98.65 0.24
CA LYS Q 194 -55.20 100.08 -0.06
C LYS Q 194 -53.73 100.53 -0.15
N VAL Q 195 -52.99 100.31 0.94
CA VAL Q 195 -51.59 100.72 1.01
C VAL Q 195 -50.76 100.06 -0.07
N LEU Q 196 -50.93 98.75 -0.23
CA LEU Q 196 -50.20 98.03 -1.27
C LEU Q 196 -50.58 98.53 -2.65
N ASN Q 197 -51.80 99.03 -2.78
CA ASN Q 197 -52.26 99.59 -4.05
C ASN Q 197 -51.58 100.91 -4.39
N LYS Q 198 -51.50 101.81 -3.42
CA LYS Q 198 -50.88 103.12 -3.68
C LYS Q 198 -49.35 103.04 -3.73
N THR Q 199 -48.77 102.10 -3.00
CA THR Q 199 -47.30 102.02 -2.89
C THR Q 199 -46.64 101.23 -4.02
N MET Q 200 -47.29 100.18 -4.51
CA MET Q 200 -46.74 99.37 -5.58
C MET Q 200 -46.63 100.21 -6.86
N ASP Q 201 -45.43 100.24 -7.45
CA ASP Q 201 -45.15 101.09 -8.60
C ASP Q 201 -46.03 100.77 -9.80
N VAL Q 202 -46.19 99.48 -10.08
CA VAL Q 202 -47.11 99.04 -11.14
C VAL Q 202 -48.53 99.01 -10.59
N SER Q 203 -49.34 99.98 -11.02
CA SER Q 203 -50.68 100.17 -10.47
C SER Q 203 -51.66 99.06 -10.86
N LYS Q 204 -52.95 99.34 -10.68
CA LYS Q 204 -54.03 98.39 -10.94
C LYS Q 204 -54.04 97.20 -9.97
N LEU Q 205 -52.88 96.61 -9.75
CA LEU Q 205 -52.70 95.51 -8.80
C LEU Q 205 -53.51 94.26 -9.12
N SER Q 206 -52.89 93.31 -9.79
CA SER Q 206 -53.49 92.00 -9.98
C SER Q 206 -53.11 91.12 -8.79
N ALA Q 207 -53.85 90.04 -8.57
CA ALA Q 207 -53.53 89.11 -7.50
C ALA Q 207 -52.24 88.37 -7.81
N GLU Q 208 -51.83 88.43 -9.07
CA GLU Q 208 -50.56 87.86 -9.53
C GLU Q 208 -49.37 88.55 -8.87
N LYS Q 209 -49.52 89.83 -8.56
CA LYS Q 209 -48.40 90.66 -8.12
C LYS Q 209 -48.22 90.73 -6.61
N VAL Q 210 -49.23 90.35 -5.84
CA VAL Q 210 -49.15 90.42 -4.39
C VAL Q 210 -49.31 89.06 -3.72
N GLU Q 211 -49.09 89.03 -2.41
CA GLU Q 211 -49.14 87.79 -1.65
C GLU Q 211 -49.56 88.07 -0.22
N ILE Q 212 -50.65 87.47 0.22
CA ILE Q 212 -51.21 87.78 1.55
C ILE Q 212 -51.41 86.53 2.39
N ALA Q 213 -51.02 86.61 3.65
CA ALA Q 213 -51.21 85.51 4.59
C ALA Q 213 -51.80 86.00 5.91
N THR Q 214 -52.62 85.18 6.55
CA THR Q 214 -53.26 85.54 7.81
C THR Q 214 -53.05 84.49 8.89
N LEU Q 215 -52.91 84.97 10.12
CA LEU Q 215 -52.76 84.11 11.28
C LEU Q 215 -53.90 84.42 12.24
N THR Q 216 -54.66 83.39 12.59
CA THR Q 216 -55.84 83.57 13.43
C THR Q 216 -55.97 82.48 14.49
N ARG Q 217 -56.84 82.72 15.45
CA ARG Q 217 -57.08 81.78 16.54
C ARG Q 217 -58.45 81.14 16.38
N GLU Q 218 -58.47 79.83 16.13
CA GLU Q 218 -59.73 79.13 15.88
C GLU Q 218 -59.83 77.82 16.65
N ASN Q 219 -60.69 77.80 17.66
CA ASN Q 219 -60.97 76.61 18.46
C ASN Q 219 -59.75 75.99 19.13
N GLY Q 220 -58.97 76.82 19.83
CA GLY Q 220 -57.84 76.32 20.61
C GLY Q 220 -56.55 76.22 19.83
N LYS Q 221 -56.64 76.05 18.52
CA LYS Q 221 -55.46 75.91 17.68
C LYS Q 221 -55.18 77.18 16.88
N THR Q 222 -53.94 77.33 16.43
CA THR Q 222 -53.54 78.49 15.65
C THR Q 222 -53.53 78.15 14.16
N VAL Q 223 -54.21 78.98 13.37
CA VAL Q 223 -54.31 78.74 11.93
C VAL Q 223 -53.55 79.77 11.10
N ILE Q 224 -52.66 79.29 10.24
CA ILE Q 224 -51.92 80.14 9.32
C ILE Q 224 -52.32 79.79 7.89
N ARG Q 225 -52.83 80.76 7.16
CA ARG Q 225 -53.33 80.49 5.81
C ARG Q 225 -52.92 81.54 4.79
N VAL Q 226 -52.46 81.10 3.63
CA VAL Q 226 -52.15 82.01 2.54
C VAL Q 226 -53.36 82.10 1.60
N LEU Q 227 -53.82 83.31 1.36
CA LEU Q 227 -55.01 83.53 0.55
C LEU Q 227 -54.79 83.14 -0.90
N LYS Q 228 -55.79 82.51 -1.51
CA LYS Q 228 -55.74 82.14 -2.91
C LYS Q 228 -55.99 83.38 -3.78
N GLN Q 229 -55.66 83.28 -5.06
CA GLN Q 229 -55.75 84.42 -5.98
C GLN Q 229 -57.16 85.03 -6.00
N LYS Q 230 -58.17 84.17 -5.93
CA LYS Q 230 -59.56 84.60 -5.96
C LYS Q 230 -59.92 85.54 -4.80
N GLU Q 231 -59.53 85.16 -3.59
CA GLU Q 231 -59.81 85.97 -2.40
C GLU Q 231 -59.18 87.36 -2.51
N VAL Q 232 -57.92 87.38 -2.93
CA VAL Q 232 -57.20 88.62 -3.14
C VAL Q 232 -57.92 89.48 -4.17
N GLU Q 233 -58.37 88.85 -5.26
CA GLU Q 233 -59.15 89.54 -6.28
C GLU Q 233 -60.42 90.16 -5.69
N GLN Q 234 -61.06 89.44 -4.77
CA GLN Q 234 -62.23 89.95 -4.07
C GLN Q 234 -61.88 91.22 -3.30
N LEU Q 235 -60.79 91.17 -2.54
CA LEU Q 235 -60.35 92.33 -1.78
C LEU Q 235 -60.02 93.54 -2.67
N ILE Q 236 -59.35 93.28 -3.79
CA ILE Q 236 -59.00 94.33 -4.74
C ILE Q 236 -60.24 94.98 -5.35
N LYS Q 237 -61.13 94.14 -5.89
CA LYS Q 237 -62.38 94.59 -6.48
C LYS Q 237 -63.19 95.41 -5.49
N LYS Q 238 -63.24 94.95 -4.24
CA LYS Q 238 -63.95 95.68 -3.19
C LYS Q 238 -63.30 97.04 -2.95
N HIS Q 239 -61.97 97.07 -2.98
CA HIS Q 239 -61.25 98.33 -2.81
C HIS Q 239 -61.58 99.32 -3.93
N GLU Q 240 -61.71 98.81 -5.16
CA GLU Q 240 -62.09 99.67 -6.28
C GLU Q 240 -63.54 100.13 -6.18
N GLU Q 241 -64.39 99.25 -5.64
CA GLU Q 241 -65.80 99.58 -5.44
C GLU Q 241 -65.99 100.53 -4.28
N GLU Q 242 -64.95 100.71 -3.47
CA GLU Q 242 -64.98 101.68 -2.39
C GLU Q 242 -64.24 102.95 -2.78
N GLU Q 243 -63.42 102.86 -3.83
CA GLU Q 243 -62.69 104.01 -4.32
C GLU Q 243 -63.49 104.80 -5.35
N ALA Q 244 -64.24 104.09 -6.19
CA ALA Q 244 -65.09 104.73 -7.19
C ALA Q 244 -66.39 105.23 -6.55
N LYS Q 245 -66.61 104.83 -5.30
CA LYS Q 245 -67.80 105.23 -4.56
C LYS Q 245 -67.60 106.58 -3.88
N ALA Q 246 -66.44 106.74 -3.23
CA ALA Q 246 -66.13 107.96 -2.51
C ALA Q 246 -65.86 109.13 -3.46
N GLU Q 247 -65.54 108.80 -4.70
CA GLU Q 247 -65.23 109.82 -5.71
C GLU Q 247 -66.49 110.35 -6.37
N ARG Q 248 -67.64 109.74 -6.06
CA ARG Q 248 -68.91 110.24 -6.55
C ARG Q 248 -69.21 111.58 -5.90
N GLU Q 249 -69.00 111.66 -4.59
CA GLU Q 249 -69.19 112.90 -3.85
C GLU Q 249 -68.16 113.93 -4.26
N LYS Q 250 -68.50 114.73 -5.28
CA LYS Q 250 -67.59 115.74 -5.80
C LYS Q 250 -68.33 117.02 -6.12
N SER R 1 -10.08 82.30 13.11
CA SER R 1 -11.06 83.35 13.35
C SER R 1 -10.54 84.71 12.87
N TYR R 2 -11.26 85.77 13.21
CA TYR R 2 -10.91 87.11 12.76
C TYR R 2 -9.89 87.76 13.69
N ASP R 3 -8.61 87.52 13.43
CA ASP R 3 -7.54 88.06 14.26
C ASP R 3 -7.04 89.39 13.68
N ARG R 4 -7.83 90.43 13.87
CA ARG R 4 -7.49 91.76 13.36
C ARG R 4 -7.66 92.83 14.43
N ALA R 5 -6.63 93.64 14.62
CA ALA R 5 -6.69 94.73 15.58
C ALA R 5 -7.62 95.83 15.06
N ILE R 6 -8.72 96.05 15.78
CA ILE R 6 -9.69 97.05 15.36
C ILE R 6 -9.49 98.37 16.10
N THR R 7 -9.45 98.30 17.43
CA THR R 7 -9.20 99.48 18.24
C THR R 7 -7.71 99.63 18.50
N VAL R 8 -7.10 100.65 17.88
CA VAL R 8 -5.67 100.91 18.04
C VAL R 8 -5.42 102.37 18.40
N PHE R 9 -4.18 102.67 18.79
CA PHE R 9 -3.81 104.04 19.13
C PHE R 9 -3.53 104.89 17.90
N SER R 10 -3.90 106.16 17.98
CA SER R 10 -3.58 107.14 16.94
C SER R 10 -2.30 107.86 17.34
N PRO R 11 -1.61 108.49 16.37
CA PRO R 11 -0.37 109.21 16.64
C PRO R 11 -0.48 110.26 17.76
N ASP R 12 -1.67 110.79 17.99
CA ASP R 12 -1.89 111.76 19.06
C ASP R 12 -2.29 111.07 20.37
N GLY R 13 -2.35 109.74 20.34
CA GLY R 13 -2.62 108.97 21.53
C GLY R 13 -4.10 108.75 21.81
N HIS R 14 -4.91 108.70 20.75
CA HIS R 14 -6.35 108.49 20.90
C HIS R 14 -6.76 107.09 20.44
N LEU R 15 -7.86 106.60 21.01
CA LEU R 15 -8.47 105.37 20.54
C LEU R 15 -9.72 105.71 19.75
N PHE R 16 -9.55 105.93 18.45
CA PHE R 16 -10.61 106.45 17.59
C PHE R 16 -11.92 105.65 17.64
N GLN R 17 -11.82 104.32 17.61
CA GLN R 17 -13.02 103.48 17.62
C GLN R 17 -13.87 103.71 18.88
N VAL R 18 -13.20 103.88 20.01
CA VAL R 18 -13.88 104.13 21.27
C VAL R 18 -14.59 105.48 21.25
N GLU R 19 -13.89 106.49 20.73
CA GLU R 19 -14.46 107.84 20.61
C GLU R 19 -15.69 107.83 19.71
N TYR R 20 -15.58 107.09 18.61
CA TYR R 20 -16.68 106.94 17.67
C TYR R 20 -17.87 106.28 18.38
N ALA R 21 -17.58 105.27 19.18
CA ALA R 21 -18.62 104.60 19.95
C ALA R 21 -19.30 105.59 20.90
N GLN R 22 -18.51 106.48 21.49
CA GLN R 22 -19.03 107.51 22.37
C GLN R 22 -19.93 108.49 21.61
N GLU R 23 -19.56 108.76 20.36
CA GLU R 23 -20.39 109.59 19.49
C GLU R 23 -21.69 108.89 19.14
N ALA R 24 -21.64 107.56 19.05
CA ALA R 24 -22.83 106.76 18.82
C ALA R 24 -23.73 106.82 20.05
N VAL R 25 -23.11 106.91 21.23
CA VAL R 25 -23.85 107.09 22.47
C VAL R 25 -24.51 108.46 22.49
N LYS R 26 -23.81 109.46 21.96
CA LYS R 26 -24.32 110.83 21.92
C LYS R 26 -25.60 110.95 21.09
N LYS R 27 -25.77 110.07 20.11
CA LYS R 27 -26.95 110.08 19.26
C LYS R 27 -28.14 109.37 19.90
N GLY R 28 -27.89 108.68 21.01
CA GLY R 28 -28.93 107.92 21.68
C GLY R 28 -29.94 108.80 22.41
N SER R 29 -31.10 108.24 22.70
CA SER R 29 -32.12 108.94 23.46
C SER R 29 -31.60 109.27 24.85
N THR R 30 -31.91 110.47 25.33
CA THR R 30 -31.47 110.91 26.66
C THR R 30 -31.92 109.94 27.74
N ALA R 31 -31.01 109.67 28.68
CA ALA R 31 -31.32 108.77 29.80
C ALA R 31 -30.70 109.30 31.10
N VAL R 32 -31.54 109.81 31.97
CA VAL R 32 -31.09 110.37 33.25
C VAL R 32 -31.47 109.49 34.42
N GLY R 33 -30.78 109.68 35.55
CA GLY R 33 -31.04 108.92 36.75
C GLY R 33 -30.60 109.67 37.99
N VAL R 34 -31.42 109.62 39.05
CA VAL R 34 -31.07 110.25 40.31
C VAL R 34 -31.20 109.29 41.50
N ARG R 35 -30.39 109.56 42.52
CA ARG R 35 -30.34 108.77 43.73
C ARG R 35 -30.92 109.54 44.92
N GLY R 36 -31.85 108.92 45.65
CA GLY R 36 -32.49 109.55 46.77
C GLY R 36 -32.23 108.87 48.09
N ARG R 37 -33.08 109.12 49.07
CA ARG R 37 -32.92 108.54 50.40
C ARG R 37 -33.44 107.11 50.45
N ASP R 38 -34.67 106.92 50.01
CA ASP R 38 -35.30 105.61 50.05
C ASP R 38 -35.81 105.18 48.68
N ILE R 39 -35.47 105.97 47.66
CA ILE R 39 -35.87 105.67 46.29
C ILE R 39 -34.76 106.05 45.31
N VAL R 40 -34.83 105.47 44.11
CA VAL R 40 -33.90 105.79 43.05
C VAL R 40 -34.66 105.77 41.73
N VAL R 41 -34.47 106.80 40.91
CA VAL R 41 -35.32 106.95 39.73
C VAL R 41 -34.54 107.05 38.43
N LEU R 42 -34.97 106.31 37.42
CA LEU R 42 -34.34 106.38 36.10
C LEU R 42 -35.39 106.73 35.05
N GLY R 43 -35.08 107.70 34.19
CA GLY R 43 -36.00 108.13 33.16
C GLY R 43 -35.32 108.30 31.82
N VAL R 44 -35.97 107.85 30.75
CA VAL R 44 -35.40 107.95 29.41
C VAL R 44 -36.27 108.81 28.49
N GLU R 45 -35.58 109.61 27.70
CA GLU R 45 -36.17 110.56 26.80
C GLU R 45 -36.53 109.93 25.48
N LYS R 46 -36.55 110.82 24.51
CA LYS R 46 -37.09 110.57 23.17
C LYS R 46 -37.22 109.09 22.81
N LYS R 47 -38.35 108.50 23.17
CA LYS R 47 -38.59 107.08 22.93
C LYS R 47 -39.04 106.81 21.49
N SER R 48 -38.89 107.81 20.62
CA SER R 48 -39.30 107.71 19.22
C SER R 48 -40.75 107.28 19.08
N VAL R 49 -41.64 108.09 19.65
CA VAL R 49 -43.07 107.77 19.66
C VAL R 49 -43.65 107.74 18.24
N ALA R 50 -43.99 106.54 17.78
CA ALA R 50 -44.60 106.37 16.47
C ALA R 50 -46.09 106.07 16.60
N LYS R 51 -46.51 105.76 17.82
CA LYS R 51 -47.91 105.46 18.14
C LYS R 51 -48.47 104.22 17.44
N LEU R 52 -47.68 103.65 16.53
CA LEU R 52 -48.02 102.38 15.91
C LEU R 52 -47.11 101.30 16.46
N GLN R 53 -46.21 101.71 17.35
CA GLN R 53 -45.24 100.79 17.96
C GLN R 53 -45.60 100.46 19.39
N ASP R 54 -45.47 99.19 19.76
CA ASP R 54 -45.72 98.74 21.12
C ASP R 54 -44.65 99.30 22.04
N GLU R 55 -45.06 100.05 23.06
CA GLU R 55 -44.14 100.71 23.97
C GLU R 55 -43.32 99.72 24.79
N ARG R 56 -43.96 98.63 25.20
CA ARG R 56 -43.33 97.61 26.02
C ARG R 56 -42.07 97.01 25.39
N THR R 57 -42.14 96.76 24.08
CA THR R 57 -41.09 96.05 23.37
C THR R 57 -39.87 96.91 23.03
N VAL R 58 -39.86 98.14 23.53
CA VAL R 58 -38.80 99.08 23.16
C VAL R 58 -38.29 99.87 24.37
N ARG R 59 -38.68 99.43 25.56
CA ARG R 59 -38.26 100.08 26.80
C ARG R 59 -36.74 100.13 26.94
N LYS R 60 -36.22 101.27 27.39
CA LYS R 60 -34.78 101.44 27.55
C LYS R 60 -34.36 101.17 28.99
N ILE R 61 -35.32 100.75 29.82
CA ILE R 61 -35.03 100.40 31.20
C ILE R 61 -35.24 98.91 31.44
N CYS R 62 -34.20 98.25 31.93
CA CYS R 62 -34.23 96.81 32.12
C CYS R 62 -33.74 96.42 33.50
N ALA R 63 -34.37 95.42 34.10
CA ALA R 63 -33.91 94.90 35.39
C ALA R 63 -32.88 93.80 35.17
N LEU R 64 -31.80 93.84 35.95
CA LEU R 64 -30.74 92.84 35.84
C LEU R 64 -30.96 91.73 36.88
N ASP R 65 -31.41 92.14 38.06
CA ASP R 65 -31.75 91.21 39.13
C ASP R 65 -32.82 91.88 39.98
N ASP R 66 -33.27 91.22 41.03
CA ASP R 66 -34.24 91.80 41.94
C ASP R 66 -33.63 92.99 42.68
N ASN R 67 -32.30 93.04 42.70
CA ASN R 67 -31.57 94.09 43.41
C ASN R 67 -31.21 95.27 42.51
N VAL R 68 -30.87 95.00 41.27
CA VAL R 68 -30.32 96.02 40.38
C VAL R 68 -31.11 96.23 39.08
N CYS R 69 -31.36 97.50 38.75
CA CYS R 69 -31.94 97.87 37.47
C CYS R 69 -30.94 98.72 36.68
N MET R 70 -31.26 99.00 35.42
CA MET R 70 -30.32 99.67 34.53
C MET R 70 -30.99 100.32 33.33
N ALA R 71 -30.59 101.55 33.01
CA ALA R 71 -31.00 102.19 31.77
C ALA R 71 -29.77 102.36 30.87
N PHE R 72 -29.98 102.66 29.60
CA PHE R 72 -28.87 102.80 28.68
C PHE R 72 -29.06 103.91 27.65
N ALA R 73 -28.01 104.16 26.87
CA ALA R 73 -28.08 105.13 25.78
C ALA R 73 -27.09 104.75 24.68
N GLY R 74 -27.61 104.59 23.47
CA GLY R 74 -26.79 104.22 22.33
C GLY R 74 -27.42 103.13 21.48
N LEU R 75 -26.59 102.27 20.90
CA LEU R 75 -27.06 101.18 20.05
C LEU R 75 -27.84 100.16 20.86
N THR R 76 -29.12 100.03 20.54
CA THR R 76 -30.03 99.19 21.34
C THR R 76 -29.69 97.70 21.32
N ALA R 77 -29.20 97.21 20.19
CA ALA R 77 -28.82 95.82 20.06
C ALA R 77 -27.64 95.45 20.98
N ASP R 78 -26.59 96.27 20.90
CA ASP R 78 -25.44 96.14 21.78
C ASP R 78 -25.89 96.14 23.23
N ALA R 79 -26.82 97.04 23.54
CA ALA R 79 -27.38 97.15 24.88
C ALA R 79 -28.09 95.88 25.29
N ARG R 80 -28.76 95.23 24.34
CA ARG R 80 -29.42 93.95 24.62
C ARG R 80 -28.37 92.92 25.01
N ILE R 81 -27.31 92.84 24.21
CA ILE R 81 -26.19 91.94 24.50
C ILE R 81 -25.63 92.15 25.91
N VAL R 82 -25.22 93.39 26.18
CA VAL R 82 -24.64 93.75 27.48
C VAL R 82 -25.60 93.43 28.63
N ILE R 83 -26.88 93.77 28.46
CA ILE R 83 -27.88 93.54 29.48
C ILE R 83 -28.02 92.05 29.81
N ASN R 84 -28.15 91.23 28.76
CA ASN R 84 -28.28 89.79 28.97
C ASN R 84 -27.05 89.18 29.64
N ARG R 85 -25.87 89.54 29.16
CA ARG R 85 -24.63 89.05 29.79
C ARG R 85 -24.55 89.47 31.25
N ALA R 86 -25.04 90.68 31.55
CA ALA R 86 -25.08 91.18 32.91
C ALA R 86 -26.03 90.36 33.79
N ARG R 87 -27.18 89.99 33.24
CA ARG R 87 -28.15 89.17 33.98
C ARG R 87 -27.57 87.80 34.29
N VAL R 88 -26.97 87.20 33.26
CA VAL R 88 -26.31 85.91 33.40
C VAL R 88 -25.25 85.98 34.49
N GLU R 89 -24.46 87.04 34.48
CA GLU R 89 -23.44 87.24 35.51
C GLU R 89 -24.06 87.36 36.90
N CYS R 90 -25.18 88.09 36.97
CA CYS R 90 -25.89 88.26 38.24
C CYS R 90 -26.31 86.93 38.82
N GLN R 91 -26.72 86.00 37.95
CA GLN R 91 -27.08 84.67 38.42
C GLN R 91 -25.86 83.83 38.81
N SER R 92 -24.82 83.89 37.98
CA SER R 92 -23.58 83.14 38.24
C SER R 92 -22.96 83.54 39.57
N HIS R 93 -23.09 84.80 39.93
CA HIS R 93 -22.57 85.29 41.19
C HIS R 93 -23.29 84.61 42.34
N ARG R 94 -24.61 84.46 42.21
CA ARG R 94 -25.40 83.75 43.21
C ARG R 94 -25.01 82.27 43.26
N LEU R 95 -24.64 81.72 42.10
CA LEU R 95 -24.23 80.32 42.04
C LEU R 95 -22.90 80.05 42.75
N THR R 96 -21.92 80.91 42.52
CA THR R 96 -20.59 80.72 43.10
C THR R 96 -20.49 81.30 44.50
N VAL R 97 -21.34 82.26 44.81
CA VAL R 97 -21.37 82.91 46.11
C VAL R 97 -22.81 83.01 46.59
N GLU R 98 -23.08 82.53 47.79
CA GLU R 98 -24.44 82.48 48.33
C GLU R 98 -25.13 83.84 48.32
N ASP R 99 -24.35 84.89 48.59
CA ASP R 99 -24.87 86.26 48.61
C ASP R 99 -25.30 86.68 47.21
N PRO R 100 -26.21 87.67 47.12
CA PRO R 100 -26.66 88.17 45.82
C PRO R 100 -25.59 88.98 45.09
N VAL R 101 -25.91 90.22 44.73
CA VAL R 101 -24.97 91.04 43.98
C VAL R 101 -25.03 92.51 44.42
N THR R 102 -23.86 93.16 44.43
CA THR R 102 -23.78 94.58 44.72
C THR R 102 -23.83 95.34 43.41
N VAL R 103 -24.34 96.58 43.45
CA VAL R 103 -24.42 97.41 42.26
C VAL R 103 -23.04 97.68 41.69
N GLU R 104 -22.10 98.00 42.57
CA GLU R 104 -20.71 98.23 42.21
C GLU R 104 -20.12 97.04 41.46
N TYR R 105 -20.44 95.82 41.92
CA TYR R 105 -19.89 94.62 41.31
C TYR R 105 -20.35 94.43 39.86
N ILE R 106 -21.65 94.44 39.64
CA ILE R 106 -22.19 94.24 38.31
C ILE R 106 -21.78 95.39 37.37
N THR R 107 -21.65 96.59 37.95
CA THR R 107 -21.17 97.74 37.20
C THR R 107 -19.75 97.49 36.73
N ARG R 108 -18.92 96.98 37.64
CA ARG R 108 -17.53 96.67 37.36
C ARG R 108 -17.44 95.58 36.28
N TYR R 109 -18.38 94.63 36.32
CA TYR R 109 -18.43 93.56 35.33
C TYR R 109 -18.73 94.11 33.95
N ILE R 110 -19.76 94.94 33.86
CA ILE R 110 -20.14 95.56 32.59
C ILE R 110 -19.00 96.39 32.01
N ALA R 111 -18.40 97.21 32.88
CA ALA R 111 -17.28 98.06 32.49
C ALA R 111 -16.11 97.23 31.98
N SER R 112 -15.79 96.16 32.70
CA SER R 112 -14.69 95.28 32.31
C SER R 112 -14.98 94.65 30.96
N LEU R 113 -16.23 94.28 30.73
CA LEU R 113 -16.65 93.70 29.46
C LEU R 113 -16.41 94.68 28.32
N LYS R 114 -16.90 95.91 28.50
CA LYS R 114 -16.71 96.95 27.50
C LYS R 114 -15.24 97.19 27.19
N GLN R 115 -14.42 97.31 28.23
CA GLN R 115 -12.98 97.52 28.05
C GLN R 115 -12.35 96.37 27.29
N ARG R 116 -12.73 95.16 27.68
CA ARG R 116 -12.23 93.94 27.04
C ARG R 116 -12.55 94.04 25.55
N TYR R 117 -13.71 94.59 25.22
CA TYR R 117 -14.05 94.80 23.82
C TYR R 117 -13.33 96.00 23.20
N THR R 118 -12.71 96.84 24.03
CA THR R 118 -11.88 97.92 23.50
C THR R 118 -10.45 97.44 23.24
N GLN R 119 -10.08 96.29 23.80
CA GLN R 119 -8.70 95.82 23.65
C GLN R 119 -8.54 94.45 22.97
N SER R 120 -9.65 93.87 22.50
CA SER R 120 -9.60 92.53 21.90
C SER R 120 -9.51 92.56 20.38
N ASN R 121 -8.91 91.51 19.82
CA ASN R 121 -8.82 91.36 18.37
C ASN R 121 -10.14 90.99 17.72
N GLY R 122 -10.40 91.57 16.55
CA GLY R 122 -11.55 91.21 15.75
C GLY R 122 -12.88 91.74 16.23
N ARG R 123 -12.90 92.33 17.42
CA ARG R 123 -14.15 92.84 18.00
C ARG R 123 -14.28 94.34 17.78
N ARG R 124 -15.28 94.93 18.41
CA ARG R 124 -15.61 96.35 18.22
C ARG R 124 -16.37 96.84 19.44
N PRO R 125 -15.96 97.98 20.01
CA PRO R 125 -16.53 98.52 21.24
C PRO R 125 -18.05 98.62 21.21
N PHE R 126 -18.69 98.34 22.34
CA PHE R 126 -20.14 98.52 22.46
C PHE R 126 -20.47 100.01 22.38
N GLY R 127 -21.44 100.35 21.54
CA GLY R 127 -21.83 101.73 21.36
C GLY R 127 -22.90 102.16 22.35
N ILE R 128 -22.70 101.84 23.62
CA ILE R 128 -23.66 102.22 24.65
C ILE R 128 -23.00 102.79 25.90
N SER R 129 -23.77 103.59 26.64
CA SER R 129 -23.40 103.97 27.99
C SER R 129 -24.55 103.51 28.88
N ALA R 130 -24.27 103.26 30.15
CA ALA R 130 -25.29 102.72 31.03
C ALA R 130 -25.40 103.44 32.36
N LEU R 131 -26.63 103.65 32.81
CA LEU R 131 -26.89 104.15 34.15
C LEU R 131 -27.42 103.01 34.99
N ILE R 132 -26.59 102.52 35.90
CA ILE R 132 -26.94 101.37 36.73
C ILE R 132 -27.41 101.84 38.10
N VAL R 133 -28.49 101.25 38.59
CA VAL R 133 -29.13 101.74 39.81
C VAL R 133 -29.53 100.60 40.72
N GLY R 134 -29.28 100.74 42.03
CA GLY R 134 -29.67 99.69 42.94
C GLY R 134 -29.66 100.04 44.43
N PHE R 135 -30.18 99.11 45.23
CA PHE R 135 -30.20 99.25 46.68
C PHE R 135 -29.59 97.99 47.29
N ASP R 136 -28.26 97.93 47.34
CA ASP R 136 -27.59 96.77 47.89
C ASP R 136 -27.81 96.65 49.40
N PHE R 137 -27.64 95.44 49.94
CA PHE R 137 -27.82 95.20 51.37
C PHE R 137 -26.93 96.13 52.19
N ASP R 138 -27.50 96.62 53.30
CA ASP R 138 -27.03 97.72 54.16
C ASP R 138 -27.86 98.97 53.90
N GLY R 139 -28.73 98.88 52.89
CA GLY R 139 -29.70 99.93 52.62
C GLY R 139 -29.21 101.07 51.74
N THR R 140 -27.90 101.24 51.65
CA THR R 140 -27.31 102.35 50.90
C THR R 140 -27.69 102.33 49.42
N PRO R 141 -28.45 103.34 48.98
CA PRO R 141 -28.84 103.48 47.57
C PRO R 141 -27.68 103.94 46.71
N ARG R 142 -27.46 103.28 45.58
CA ARG R 142 -26.32 103.63 44.74
C ARG R 142 -26.65 103.72 43.24
N LEU R 143 -25.99 104.68 42.59
CA LEU R 143 -26.12 104.90 41.16
C LEU R 143 -24.73 105.01 40.53
N TYR R 144 -24.53 104.26 39.44
CA TYR R 144 -23.26 104.29 38.73
C TYR R 144 -23.48 104.57 37.25
N GLN R 145 -22.40 104.95 36.57
CA GLN R 145 -22.44 105.25 35.15
C GLN R 145 -21.25 104.59 34.47
N THR R 146 -21.49 104.00 33.30
CA THR R 146 -20.44 103.33 32.54
C THR R 146 -20.19 104.04 31.22
N ASP R 147 -19.13 103.63 30.53
CA ASP R 147 -18.70 104.28 29.31
C ASP R 147 -18.13 103.21 28.39
N PRO R 148 -18.27 103.39 27.07
CA PRO R 148 -17.70 102.48 26.08
C PRO R 148 -16.22 102.18 26.31
N SER R 149 -15.49 103.16 26.85
CA SER R 149 -14.06 103.00 27.12
C SER R 149 -13.81 101.89 28.13
N GLY R 150 -14.74 101.72 29.06
CA GLY R 150 -14.58 100.77 30.14
C GLY R 150 -14.52 101.48 31.48
N THR R 151 -14.46 102.80 31.43
CA THR R 151 -14.42 103.60 32.65
C THR R 151 -15.80 103.64 33.29
N TYR R 152 -15.84 103.69 34.62
CA TYR R 152 -17.10 103.74 35.34
C TYR R 152 -16.98 104.53 36.63
N HIS R 153 -18.04 105.24 37.00
CA HIS R 153 -18.01 106.07 38.20
C HIS R 153 -19.32 106.03 38.95
N ALA R 154 -19.34 106.59 40.15
CA ALA R 154 -20.58 106.70 40.93
C ALA R 154 -21.07 108.14 40.89
N TRP R 155 -22.39 108.32 40.88
CA TRP R 155 -22.99 109.64 40.79
C TRP R 155 -24.14 109.81 41.78
N LYS R 156 -24.44 111.06 42.11
CA LYS R 156 -25.64 111.37 42.88
C LYS R 156 -26.78 111.47 41.91
N ALA R 157 -26.48 111.98 40.72
CA ALA R 157 -27.43 112.08 39.62
C ALA R 157 -26.65 112.32 38.33
N ASN R 158 -27.13 111.77 37.22
CA ASN R 158 -26.43 111.91 35.95
C ASN R 158 -27.33 111.74 34.73
N ALA R 159 -26.78 112.03 33.56
CA ALA R 159 -27.52 111.91 32.31
C ALA R 159 -26.59 111.52 31.17
N ILE R 160 -27.11 110.75 30.22
CA ILE R 160 -26.36 110.34 29.04
C ILE R 160 -27.23 110.39 27.80
N GLY R 161 -26.56 110.46 26.65
CA GLY R 161 -27.19 110.31 25.36
C GLY R 161 -27.52 111.63 24.69
N ARG R 162 -28.51 111.61 23.81
CA ARG R 162 -29.03 112.83 23.22
C ARG R 162 -29.06 113.90 24.33
N GLY R 163 -28.44 115.03 24.04
CA GLY R 163 -28.44 116.13 25.00
C GLY R 163 -28.18 115.62 26.40
N ALA R 164 -26.91 115.45 26.72
CA ALA R 164 -26.55 114.98 28.05
C ALA R 164 -25.93 116.10 28.87
N LYS R 165 -25.21 117.00 28.21
CA LYS R 165 -24.54 118.12 28.87
C LYS R 165 -25.55 119.11 29.45
N SER R 166 -26.64 119.32 28.71
CA SER R 166 -27.68 120.25 29.15
C SER R 166 -28.37 119.76 30.41
N VAL R 167 -28.75 118.48 30.41
CA VAL R 167 -29.40 117.88 31.56
C VAL R 167 -28.43 117.72 32.72
N ARG R 168 -27.15 117.54 32.40
CA ARG R 168 -26.13 117.46 33.42
C ARG R 168 -25.98 118.80 34.13
N GLU R 169 -26.00 119.88 33.35
CA GLU R 169 -25.91 121.23 33.90
C GLU R 169 -27.16 121.56 34.73
N PHE R 170 -28.32 121.21 34.20
CA PHE R 170 -29.59 121.41 34.91
C PHE R 170 -29.58 120.69 36.26
N LEU R 171 -29.21 119.41 36.24
CA LEU R 171 -29.15 118.60 37.45
C LEU R 171 -28.11 119.17 38.43
N GLU R 172 -27.01 119.66 37.90
CA GLU R 172 -25.99 120.31 38.72
C GLU R 172 -26.58 121.50 39.46
N LYS R 173 -27.36 122.30 38.75
CA LYS R 173 -27.93 123.51 39.33
C LYS R 173 -29.21 123.25 40.14
N ASN R 174 -29.71 122.02 40.10
CA ASN R 174 -30.98 121.70 40.75
C ASN R 174 -30.92 120.59 41.82
N TYR R 175 -29.80 119.87 41.89
CA TYR R 175 -29.67 118.79 42.85
C TYR R 175 -29.34 119.34 44.25
N THR R 176 -30.36 119.40 45.11
CA THR R 176 -30.18 119.89 46.47
C THR R 176 -30.58 118.82 47.47
N ASP R 177 -30.50 119.16 48.75
CA ASP R 177 -30.98 118.27 49.81
C ASP R 177 -32.48 118.49 49.99
N GLU R 178 -32.94 119.68 49.64
CA GLU R 178 -34.36 120.00 49.66
C GLU R 178 -35.06 119.20 48.56
N ALA R 179 -34.54 119.29 47.34
CA ALA R 179 -35.00 118.43 46.26
C ALA R 179 -34.60 117.00 46.62
N ILE R 180 -35.42 116.04 46.20
CA ILE R 180 -35.22 114.64 46.56
C ILE R 180 -35.15 114.44 48.06
N GLU R 181 -36.06 115.09 48.79
CA GLU R 181 -36.21 114.87 50.21
C GLU R 181 -37.36 113.90 50.43
N THR R 182 -38.26 113.85 49.46
CA THR R 182 -39.36 112.89 49.45
C THR R 182 -39.32 112.13 48.13
N ASP R 183 -39.94 110.95 48.10
CA ASP R 183 -39.95 110.11 46.91
C ASP R 183 -40.58 110.83 45.72
N ASP R 184 -41.79 111.35 45.92
CA ASP R 184 -42.51 112.07 44.88
C ASP R 184 -41.72 113.29 44.41
N LEU R 185 -40.95 113.88 45.31
CA LEU R 185 -40.15 115.06 44.99
C LEU R 185 -38.93 114.70 44.14
N THR R 186 -38.34 113.54 44.42
CA THR R 186 -37.23 113.04 43.61
C THR R 186 -37.71 112.69 42.21
N ILE R 187 -38.83 111.96 42.14
CA ILE R 187 -39.45 111.62 40.86
C ILE R 187 -39.78 112.89 40.08
N LYS R 188 -40.29 113.89 40.77
CA LYS R 188 -40.62 115.17 40.16
C LYS R 188 -39.35 115.86 39.64
N LEU R 189 -38.25 115.69 40.36
CA LEU R 189 -36.97 116.24 39.93
C LEU R 189 -36.52 115.59 38.63
N VAL R 190 -36.66 114.27 38.55
CA VAL R 190 -36.33 113.53 37.34
C VAL R 190 -37.19 113.99 36.17
N ILE R 191 -38.50 114.09 36.40
CA ILE R 191 -39.43 114.52 35.36
C ILE R 191 -39.12 115.93 34.86
N LYS R 192 -38.78 116.83 35.79
CA LYS R 192 -38.42 118.20 35.44
C LYS R 192 -37.15 118.23 34.59
N ALA R 193 -36.13 117.53 35.06
CA ALA R 193 -34.85 117.44 34.36
C ALA R 193 -35.05 116.90 32.94
N LEU R 194 -35.93 115.92 32.81
CA LEU R 194 -36.22 115.33 31.51
C LEU R 194 -36.97 116.33 30.63
N LEU R 195 -37.89 117.07 31.22
CA LEU R 195 -38.68 118.06 30.50
C LEU R 195 -37.81 119.22 30.02
N GLU R 196 -36.67 119.41 30.68
CA GLU R 196 -35.75 120.49 30.31
C GLU R 196 -34.98 120.21 29.02
N VAL R 197 -35.26 119.07 28.38
CA VAL R 197 -34.56 118.71 27.15
C VAL R 197 -35.48 117.99 26.15
N VAL R 198 -36.46 117.26 26.67
CA VAL R 198 -37.40 116.53 25.82
C VAL R 198 -38.24 117.51 25.02
N GLN R 199 -38.84 117.03 23.93
CA GLN R 199 -39.61 117.89 23.04
C GLN R 199 -40.99 118.25 23.63
N SER R 200 -41.01 118.65 24.89
CA SER R 200 -42.20 119.12 25.59
C SER R 200 -43.43 118.22 25.43
N GLY R 201 -43.57 117.25 26.32
CA GLY R 201 -44.70 116.35 26.26
C GLY R 201 -45.01 115.63 27.56
N GLY R 202 -44.56 114.38 27.64
CA GLY R 202 -44.90 113.52 28.77
C GLY R 202 -45.20 112.13 28.25
N LYS R 203 -45.70 112.09 27.02
CA LYS R 203 -45.94 110.82 26.33
C LYS R 203 -44.64 110.37 25.65
N ASN R 204 -43.59 111.17 25.83
CA ASN R 204 -42.27 110.86 25.29
C ASN R 204 -41.35 110.36 26.39
N ILE R 205 -41.83 110.42 27.63
CA ILE R 205 -41.00 110.12 28.79
C ILE R 205 -41.36 108.79 29.45
N GLU R 206 -40.35 107.93 29.61
CA GLU R 206 -40.52 106.69 30.34
C GLU R 206 -39.73 106.76 31.65
N LEU R 207 -40.44 106.64 32.77
CA LEU R 207 -39.81 106.75 34.08
C LEU R 207 -40.10 105.52 34.94
N ALA R 208 -39.07 105.04 35.65
CA ALA R 208 -39.21 103.89 36.54
C ALA R 208 -38.46 104.14 37.84
N VAL R 209 -38.92 103.50 38.91
CA VAL R 209 -38.36 103.72 40.23
C VAL R 209 -38.11 102.43 41.00
N MET R 210 -37.03 102.40 41.77
CA MET R 210 -36.77 101.30 42.70
C MET R 210 -36.77 101.85 44.12
N ARG R 211 -37.42 101.14 45.04
CA ARG R 211 -37.57 101.64 46.40
C ARG R 211 -37.39 100.55 47.46
N ARG R 212 -36.44 100.78 48.37
CA ARG R 212 -36.22 99.90 49.52
C ARG R 212 -36.06 98.44 49.14
N ASP R 213 -36.78 97.57 49.86
CA ASP R 213 -36.73 96.14 49.60
C ASP R 213 -37.85 95.69 48.67
N GLN R 214 -38.38 96.62 47.89
CA GLN R 214 -39.45 96.30 46.94
C GLN R 214 -38.89 95.98 45.56
N SER R 215 -39.77 95.56 44.66
CA SER R 215 -39.39 95.25 43.29
C SER R 215 -39.39 96.53 42.44
N LEU R 216 -38.87 96.42 41.22
CA LEU R 216 -38.83 97.55 40.30
C LEU R 216 -40.25 97.91 39.86
N LYS R 217 -40.56 99.20 39.88
CA LYS R 217 -41.89 99.65 39.49
C LYS R 217 -41.83 100.68 38.36
N ILE R 218 -42.45 100.35 37.24
CA ILE R 218 -42.53 101.26 36.10
C ILE R 218 -43.77 102.13 36.24
N LEU R 219 -43.65 103.41 35.92
CA LEU R 219 -44.75 104.35 36.05
C LEU R 219 -45.62 104.40 34.79
N ASN R 220 -46.92 104.20 34.97
CA ASN R 220 -47.88 104.33 33.89
C ASN R 220 -47.98 105.78 33.41
N PRO R 221 -48.36 105.98 32.14
CA PRO R 221 -48.47 107.34 31.59
C PRO R 221 -49.48 108.21 32.35
N GLU R 222 -50.41 107.58 33.06
CA GLU R 222 -51.38 108.31 33.88
C GLU R 222 -50.68 108.97 35.07
N GLU R 223 -49.89 108.17 35.81
CA GLU R 223 -49.15 108.67 36.96
C GLU R 223 -48.12 109.70 36.54
N ILE R 224 -47.48 109.45 35.39
CA ILE R 224 -46.51 110.39 34.85
C ILE R 224 -47.20 111.71 34.48
N GLU R 225 -48.41 111.62 33.94
CA GLU R 225 -49.18 112.80 33.61
C GLU R 225 -49.61 113.55 34.88
N LYS R 226 -49.81 112.81 35.96
CA LYS R 226 -50.17 113.40 37.25
C LYS R 226 -48.99 114.18 37.83
N TYR R 227 -47.83 113.53 37.88
CA TYR R 227 -46.62 114.19 38.38
C TYR R 227 -46.23 115.38 37.50
N VAL R 228 -46.47 115.26 36.20
CA VAL R 228 -46.18 116.34 35.27
C VAL R 228 -47.19 117.48 35.43
N ALA R 229 -48.39 117.13 35.88
CA ALA R 229 -49.41 118.13 36.17
C ALA R 229 -49.04 118.90 37.43
N GLU R 230 -48.54 118.19 38.42
CA GLU R 230 -48.08 118.81 39.66
C GLU R 230 -46.84 119.68 39.40
N ILE R 231 -46.01 119.24 38.46
CA ILE R 231 -44.81 119.99 38.09
C ILE R 231 -45.17 121.25 37.30
N GLU R 232 -46.19 121.14 36.44
CA GLU R 232 -46.65 122.27 35.66
C GLU R 232 -47.47 123.22 36.54
N LYS R 233 -47.92 122.73 37.69
CA LYS R 233 -48.66 123.53 38.64
C LYS R 233 -47.71 124.27 39.58
N GLU R 234 -46.60 123.63 39.91
CA GLU R 234 -45.58 124.25 40.76
C GLU R 234 -44.76 125.26 39.95
N LYS R 235 -44.88 125.19 38.64
CA LYS R 235 -44.20 126.13 37.75
C LYS R 235 -45.08 127.33 37.46
N GLU R 236 -46.27 127.34 38.04
CA GLU R 236 -47.22 128.43 37.87
C GLU R 236 -47.72 128.94 39.23
N GLU R 237 -47.21 128.34 40.29
CA GLU R 237 -47.57 128.75 41.65
C GLU R 237 -46.34 129.24 42.41
N ASN R 238 -45.18 129.14 41.76
CA ASN R 238 -43.92 129.58 42.36
C ASN R 238 -43.01 130.21 41.31
N GLU R 239 -43.49 130.27 40.07
CA GLU R 239 -42.73 130.87 38.98
C GLU R 239 -43.59 131.83 38.17
N LYS R 240 -44.88 131.88 38.51
CA LYS R 240 -45.81 132.79 37.83
C LYS R 240 -46.18 133.94 38.76
N LYS R 241 -46.18 133.67 40.07
CA LYS R 241 -46.48 134.68 41.07
C LYS R 241 -45.19 135.30 41.61
N LYS R 242 -44.23 135.51 40.72
CA LYS R 242 -42.94 136.11 41.08
C LYS R 242 -42.23 136.65 39.84
N GLN R 243 -42.76 136.35 38.67
CA GLN R 243 -42.16 136.78 37.42
C GLN R 243 -43.14 137.59 36.57
N TYR S 1 -3.17 105.71 5.50
CA TYR S 1 -2.28 104.57 5.37
C TYR S 1 -2.23 103.75 6.66
N ASP S 2 -2.77 102.54 6.60
CA ASP S 2 -2.82 101.67 7.79
C ASP S 2 -1.76 100.59 7.75
N ARG S 3 -1.25 100.23 8.93
CA ARG S 3 -0.18 99.25 9.06
C ARG S 3 -0.43 98.33 10.25
N GLY S 4 0.42 97.32 10.41
CA GLY S 4 0.27 96.38 11.50
C GLY S 4 0.60 96.99 12.85
N VAL S 5 0.06 96.41 13.92
CA VAL S 5 0.27 96.93 15.26
C VAL S 5 1.66 96.61 15.80
N ASN S 6 2.39 95.75 15.09
CA ASN S 6 3.77 95.46 15.44
C ASN S 6 4.72 95.92 14.35
N THR S 7 4.51 97.15 13.88
CA THR S 7 5.33 97.71 12.83
C THR S 7 6.40 98.60 13.44
N PHE S 8 7.60 98.57 12.86
CA PHE S 8 8.71 99.39 13.33
C PHE S 8 8.82 100.70 12.56
N SER S 9 9.12 101.78 13.26
CA SER S 9 9.43 103.06 12.62
C SER S 9 10.87 102.97 12.11
N PRO S 10 11.22 103.81 11.12
CA PRO S 10 12.61 103.85 10.63
C PRO S 10 13.60 104.20 11.74
N GLU S 11 13.09 104.83 12.80
CA GLU S 11 13.91 105.21 13.94
C GLU S 11 14.22 104.00 14.83
N GLY S 12 13.42 102.96 14.71
CA GLY S 12 13.63 101.73 15.46
C GLY S 12 12.74 101.57 16.67
N ARG S 13 11.50 102.07 16.57
CA ARG S 13 10.55 101.94 17.66
C ARG S 13 9.17 101.49 17.17
N LEU S 14 8.38 100.94 18.08
CA LEU S 14 7.04 100.47 17.75
C LEU S 14 6.05 101.62 17.80
N PHE S 15 5.35 101.85 16.69
CA PHE S 15 4.41 102.96 16.58
C PHE S 15 3.37 102.97 17.69
N GLN S 16 2.70 101.84 17.88
CA GLN S 16 1.62 101.74 18.86
C GLN S 16 2.09 102.08 20.27
N VAL S 17 3.28 101.61 20.63
CA VAL S 17 3.85 101.87 21.94
C VAL S 17 4.10 103.37 22.14
N GLU S 18 4.75 103.98 21.16
CA GLU S 18 5.01 105.41 21.19
C GLU S 18 3.72 106.20 21.33
N TYR S 19 2.69 105.78 20.59
CA TYR S 19 1.40 106.43 20.63
C TYR S 19 0.75 106.27 22.00
N ALA S 20 1.03 105.15 22.67
CA ALA S 20 0.54 104.93 24.02
C ALA S 20 1.24 105.88 24.99
N ILE S 21 2.54 106.06 24.79
CA ILE S 21 3.31 107.03 25.57
C ILE S 21 2.69 108.41 25.40
N GLU S 22 2.30 108.72 24.17
CA GLU S 22 1.60 109.97 23.88
C GLU S 22 0.25 110.02 24.59
N ALA S 23 -0.36 108.86 24.76
CA ALA S 23 -1.66 108.78 25.41
C ALA S 23 -1.57 109.06 26.90
N ILE S 24 -0.45 108.68 27.52
CA ILE S 24 -0.24 108.94 28.94
C ILE S 24 -0.32 110.42 29.29
N LYS S 25 0.16 111.27 28.37
CA LYS S 25 0.27 112.70 28.62
C LYS S 25 -1.06 113.41 28.87
N LEU S 26 -2.16 112.69 28.66
CA LEU S 26 -3.48 113.28 28.83
C LEU S 26 -4.11 112.85 30.17
N GLY S 27 -3.35 112.12 30.96
CA GLY S 27 -3.87 111.57 32.20
C GLY S 27 -3.58 112.42 33.43
N SER S 28 -4.25 112.10 34.54
CA SER S 28 -4.04 112.81 35.79
C SER S 28 -2.62 112.62 36.30
N THR S 29 -1.98 113.71 36.69
CA THR S 29 -0.60 113.65 37.15
C THR S 29 -0.47 113.09 38.56
N ALA S 30 0.49 112.18 38.73
CA ALA S 30 0.72 111.53 40.02
C ALA S 30 2.19 111.58 40.40
N ILE S 31 2.46 111.65 41.70
CA ILE S 31 3.82 111.74 42.21
C ILE S 31 4.08 110.69 43.27
N GLY S 32 5.21 110.00 43.15
CA GLY S 32 5.65 109.05 44.14
C GLY S 32 7.02 109.42 44.68
N ILE S 33 7.17 109.37 46.00
CA ILE S 33 8.45 109.67 46.62
C ILE S 33 8.91 108.55 47.56
N GLN S 34 10.16 108.13 47.36
CA GLN S 34 10.77 107.10 48.19
C GLN S 34 11.54 107.73 49.34
N THR S 35 11.37 107.15 50.53
CA THR S 35 11.96 107.69 51.75
C THR S 35 12.21 106.53 52.70
N SER S 36 13.35 106.55 53.39
CA SER S 36 13.73 105.48 54.32
C SER S 36 12.67 105.24 55.41
N GLU S 37 11.76 106.18 55.58
CA GLU S 37 10.66 106.02 56.53
C GLU S 37 9.41 105.49 55.85
N GLY S 38 9.44 105.39 54.52
CA GLY S 38 8.32 104.88 53.77
C GLY S 38 8.13 105.54 52.42
N VAL S 39 7.26 104.97 51.59
CA VAL S 39 6.99 105.51 50.26
C VAL S 39 5.63 106.21 50.25
N CYS S 40 5.53 107.32 49.53
CA CYS S 40 4.25 108.02 49.42
C CYS S 40 3.82 108.23 47.97
N LEU S 41 2.51 108.10 47.73
CA LEU S 41 1.94 108.27 46.40
C LEU S 41 0.75 109.22 46.47
N ALA S 42 0.82 110.29 45.67
CA ALA S 42 -0.27 111.26 45.63
C ALA S 42 -0.75 111.46 44.19
N VAL S 43 -2.04 111.70 44.02
CA VAL S 43 -2.57 111.93 42.67
C VAL S 43 -3.83 112.78 42.68
N GLU S 44 -3.94 113.66 41.70
CA GLU S 44 -5.14 114.47 41.51
C GLU S 44 -6.26 113.62 40.93
N LYS S 45 -7.50 113.92 41.31
CA LYS S 45 -8.65 113.13 40.87
C LYS S 45 -9.33 113.67 39.61
N ARG S 46 -9.15 114.96 39.35
CA ARG S 46 -9.75 115.61 38.17
C ARG S 46 -11.26 115.42 38.09
N ILE S 47 -11.98 115.91 39.10
CA ILE S 47 -13.43 115.80 39.10
C ILE S 47 -14.03 116.75 38.06
N THR S 48 -14.81 116.19 37.13
CA THR S 48 -15.36 116.98 36.03
C THR S 48 -16.77 117.48 36.31
N SER S 49 -17.33 117.09 37.46
CA SER S 49 -18.67 117.51 37.82
C SER S 49 -18.91 117.41 39.32
N PRO S 50 -19.63 118.38 39.89
CA PRO S 50 -19.99 118.38 41.31
C PRO S 50 -20.90 117.20 41.67
N LEU S 51 -21.58 116.65 40.66
CA LEU S 51 -22.49 115.53 40.87
C LEU S 51 -21.75 114.20 40.99
N MET S 52 -20.53 114.16 40.47
CA MET S 52 -19.71 112.94 40.51
C MET S 52 -19.14 112.68 41.89
N GLU S 53 -19.47 111.53 42.47
CA GLU S 53 -18.91 111.11 43.75
C GLU S 53 -17.41 110.89 43.60
N PRO S 54 -16.61 111.69 44.30
CA PRO S 54 -15.14 111.66 44.17
C PRO S 54 -14.53 110.41 44.79
N SER S 55 -15.27 109.75 45.68
CA SER S 55 -14.76 108.56 46.35
C SER S 55 -14.79 107.34 45.43
N SER S 56 -15.39 107.50 44.26
CA SER S 56 -15.44 106.43 43.28
C SER S 56 -14.32 106.58 42.26
N ILE S 57 -13.48 107.60 42.47
CA ILE S 57 -12.31 107.79 41.63
C ILE S 57 -11.08 107.32 42.39
N GLU S 58 -10.62 106.11 42.10
CA GLU S 58 -9.41 105.62 42.72
C GLU S 58 -8.28 105.42 41.71
N LYS S 59 -7.28 106.28 41.78
CA LYS S 59 -6.09 106.15 40.95
C LYS S 59 -4.93 105.62 41.80
N ILE S 60 -5.23 105.36 43.07
CA ILE S 60 -4.29 104.69 43.96
C ILE S 60 -4.98 103.46 44.55
N VAL S 61 -4.40 102.29 44.30
CA VAL S 61 -5.00 101.06 44.77
C VAL S 61 -3.98 100.18 45.50
N GLU S 62 -4.49 99.24 46.30
CA GLU S 62 -3.64 98.33 47.05
C GLU S 62 -3.37 97.05 46.28
N ILE S 63 -2.11 96.84 45.89
CA ILE S 63 -1.70 95.60 45.26
C ILE S 63 -1.66 94.51 46.33
N ASP S 64 -0.99 94.81 47.44
CA ASP S 64 -0.97 93.91 48.59
C ASP S 64 -0.73 94.76 49.83
N ALA S 65 -0.77 94.13 51.00
CA ALA S 65 -0.60 94.84 52.27
C ALA S 65 0.69 95.64 52.36
N HIS S 66 1.67 95.29 51.53
CA HIS S 66 2.95 95.99 51.53
C HIS S 66 3.23 96.72 50.24
N ILE S 67 2.30 96.67 49.28
CA ILE S 67 2.50 97.32 47.99
C ILE S 67 1.26 98.06 47.48
N GLY S 68 1.44 99.33 47.14
CA GLY S 68 0.39 100.13 46.54
C GLY S 68 0.80 100.65 45.17
N CYS S 69 -0.18 101.01 44.36
CA CYS S 69 0.08 101.42 42.99
C CYS S 69 -0.68 102.69 42.60
N ALA S 70 0.02 103.61 41.93
CA ALA S 70 -0.60 104.81 41.39
C ALA S 70 -0.57 104.73 39.86
N MET S 71 -1.64 105.20 39.22
CA MET S 71 -1.78 105.04 37.77
C MET S 71 -2.14 106.34 37.07
N SER S 72 -1.70 106.47 35.82
CA SER S 72 -2.06 107.64 35.01
C SER S 72 -2.32 107.27 33.56
N GLY S 73 -3.39 107.83 33.00
CA GLY S 73 -3.76 107.58 31.62
C GLY S 73 -5.11 106.92 31.49
N LEU S 74 -5.20 105.93 30.61
CA LEU S 74 -6.44 105.17 30.43
C LEU S 74 -6.61 104.17 31.56
N ILE S 75 -7.41 104.55 32.55
CA ILE S 75 -7.57 103.78 33.79
C ILE S 75 -8.14 102.39 33.55
N ALA S 76 -9.09 102.31 32.62
CA ALA S 76 -9.72 101.05 32.26
C ALA S 76 -8.69 100.00 31.88
N ASP S 77 -7.62 100.43 31.23
CA ASP S 77 -6.52 99.54 30.87
C ASP S 77 -5.75 99.13 32.12
N ALA S 78 -5.68 100.04 33.09
CA ALA S 78 -4.90 99.81 34.30
C ALA S 78 -5.55 98.78 35.21
N LYS S 79 -6.88 98.75 35.22
CA LYS S 79 -7.62 97.81 36.06
C LYS S 79 -7.15 96.35 35.88
N THR S 80 -6.99 95.95 34.63
CA THR S 80 -6.50 94.62 34.28
C THR S 80 -5.14 94.35 34.89
N LEU S 81 -4.23 95.30 34.72
CA LEU S 81 -2.87 95.18 35.23
C LEU S 81 -2.85 95.07 36.75
N ILE S 82 -3.70 95.85 37.40
CA ILE S 82 -3.82 95.82 38.85
C ILE S 82 -4.25 94.44 39.32
N ASP S 83 -5.31 93.92 38.71
CA ASP S 83 -5.80 92.60 39.09
C ASP S 83 -4.74 91.53 38.85
N LYS S 84 -4.03 91.64 37.73
CA LYS S 84 -2.95 90.71 37.43
C LYS S 84 -1.87 90.74 38.50
N ALA S 85 -1.55 91.96 38.97
CA ALA S 85 -0.55 92.13 40.02
C ALA S 85 -1.00 91.47 41.32
N ARG S 86 -2.22 91.76 41.73
CA ARG S 86 -2.79 91.16 42.94
C ARG S 86 -2.75 89.64 42.88
N VAL S 87 -3.20 89.11 41.76
CA VAL S 87 -3.20 87.66 41.54
C VAL S 87 -1.79 87.08 41.62
N GLU S 88 -0.83 87.77 41.00
CA GLU S 88 0.57 87.33 41.05
C GLU S 88 1.12 87.27 42.48
N THR S 89 0.85 88.32 43.24
CA THR S 89 1.30 88.36 44.64
C THR S 89 0.68 87.21 45.45
N GLN S 90 -0.62 87.00 45.27
CA GLN S 90 -1.29 85.92 46.00
C GLN S 90 -0.82 84.52 45.60
N ASN S 91 -0.54 84.34 44.30
CA ASN S 91 0.00 83.08 43.82
C ASN S 91 1.36 82.82 44.44
N HIS S 92 2.17 83.88 44.49
CA HIS S 92 3.51 83.77 45.06
C HIS S 92 3.44 83.44 46.55
N TRP S 93 2.51 84.06 47.26
CA TRP S 93 2.31 83.75 48.67
C TRP S 93 1.90 82.29 48.86
N PHE S 94 0.98 81.83 48.01
CA PHE S 94 0.51 80.46 48.08
C PHE S 94 1.66 79.48 47.88
N THR S 95 2.48 79.75 46.89
CA THR S 95 3.55 78.84 46.48
C THR S 95 4.75 78.84 47.44
N TYR S 96 5.17 80.01 47.88
CA TYR S 96 6.43 80.16 48.60
C TYR S 96 6.28 80.60 50.06
N ASN S 97 5.05 80.89 50.47
CA ASN S 97 4.78 81.35 51.83
C ASN S 97 5.61 82.57 52.24
N GLU S 98 5.59 83.59 51.38
CA GLU S 98 6.33 84.82 51.63
C GLU S 98 5.76 85.94 50.76
N THR S 99 6.13 87.17 51.07
CA THR S 99 5.67 88.31 50.27
C THR S 99 6.56 88.51 49.05
N MET S 100 6.01 89.15 48.02
CA MET S 100 6.79 89.46 46.82
C MET S 100 7.55 90.76 47.01
N THR S 101 8.76 90.81 46.50
CA THR S 101 9.51 92.05 46.45
C THR S 101 8.84 92.97 45.43
N VAL S 102 8.87 94.27 45.70
CA VAL S 102 8.23 95.25 44.84
C VAL S 102 8.73 95.13 43.41
N GLU S 103 10.03 94.89 43.27
CA GLU S 103 10.65 94.73 41.95
C GLU S 103 10.09 93.52 41.21
N SER S 104 9.82 92.45 41.93
CA SER S 104 9.27 91.24 41.31
C SER S 104 7.86 91.47 40.78
N VAL S 105 7.04 92.16 41.57
CA VAL S 105 5.69 92.51 41.15
C VAL S 105 5.72 93.41 39.92
N THR S 106 6.53 94.47 40.01
CA THR S 106 6.68 95.42 38.91
C THR S 106 7.11 94.71 37.64
N GLN S 107 8.05 93.78 37.77
CA GLN S 107 8.55 93.01 36.63
C GLN S 107 7.45 92.13 36.05
N ALA S 108 6.70 91.50 36.95
CA ALA S 108 5.62 90.60 36.57
C ALA S 108 4.59 91.33 35.72
N VAL S 109 4.18 92.51 36.18
CA VAL S 109 3.25 93.34 35.41
C VAL S 109 3.89 93.81 34.11
N SER S 110 5.19 94.10 34.18
CA SER S 110 5.93 94.56 33.01
C SER S 110 6.07 93.49 31.94
N ASN S 111 5.85 92.23 32.33
CA ASN S 111 5.93 91.12 31.37
C ASN S 111 4.76 91.10 30.40
N LEU S 112 3.71 91.85 30.72
CA LEU S 112 2.53 91.95 29.85
C LEU S 112 2.71 93.10 28.86
N ALA S 113 3.94 93.57 28.72
CA ALA S 113 4.26 94.74 27.91
C ALA S 113 3.80 94.62 26.46
N LEU S 114 4.65 94.00 25.65
CA LEU S 114 4.39 93.89 24.23
C LEU S 114 3.67 92.60 23.90
N GLN S 115 2.75 92.21 24.80
CA GLN S 115 1.95 91.01 24.61
C GLN S 115 0.72 91.30 23.77
N PHE S 116 0.92 91.99 22.65
CA PHE S 116 -0.16 92.31 21.72
C PHE S 116 0.23 91.92 20.29
N GLY S 117 -0.76 91.75 19.44
CA GLY S 117 -0.50 91.38 18.06
C GLY S 117 -1.75 90.91 17.34
N GLU S 118 -1.62 90.70 16.03
CA GLU S 118 -2.75 90.27 15.22
C GLU S 118 -2.63 88.79 14.87
N GLU S 119 -1.98 88.49 13.75
CA GLU S 119 -1.82 87.11 13.29
C GLU S 119 -0.97 86.28 14.24
N ASP S 120 -1.05 84.96 14.10
CA ASP S 120 -0.28 84.02 14.92
C ASP S 120 -0.52 84.21 16.42
N ALA S 121 -1.74 84.58 16.78
CA ALA S 121 -2.05 84.87 18.18
C ALA S 121 -3.35 84.22 18.65
N ASP S 122 -3.57 84.28 19.96
CA ASP S 122 -4.76 83.71 20.58
C ASP S 122 -5.98 84.57 20.27
N PRO S 123 -7.20 84.01 20.37
CA PRO S 123 -8.40 84.78 20.09
C PRO S 123 -8.64 85.92 21.09
N GLY S 124 -8.25 85.71 22.34
CA GLY S 124 -8.47 86.70 23.37
C GLY S 124 -7.25 87.57 23.66
N ALA S 125 -6.20 87.37 22.88
CA ALA S 125 -4.96 88.13 23.06
C ALA S 125 -5.17 89.61 22.80
N MET S 126 -4.33 90.44 23.40
CA MET S 126 -4.44 91.90 23.29
C MET S 126 -4.19 92.38 21.87
N SER S 127 -4.94 93.40 21.45
CA SER S 127 -4.82 93.95 20.10
C SER S 127 -3.93 95.19 20.09
N ARG S 128 -3.68 95.74 21.27
CA ARG S 128 -2.96 97.00 21.40
C ARG S 128 -2.30 97.10 22.77
N PRO S 129 -1.27 97.96 22.90
CA PRO S 129 -0.62 98.15 24.20
C PRO S 129 -1.55 98.78 25.22
N PHE S 130 -1.14 98.76 26.48
CA PHE S 130 -1.90 99.40 27.55
C PHE S 130 -1.51 100.87 27.64
N GLY S 131 -2.48 101.76 27.41
CA GLY S 131 -2.22 103.18 27.46
C GLY S 131 -2.24 103.72 28.88
N VAL S 132 -1.32 103.23 29.71
CA VAL S 132 -1.29 103.63 31.11
C VAL S 132 0.14 103.59 31.67
N ALA S 133 0.39 104.40 32.70
CA ALA S 133 1.70 104.41 33.37
C ALA S 133 1.51 104.15 34.85
N LEU S 134 2.47 103.42 35.43
CA LEU S 134 2.33 102.94 36.81
C LEU S 134 3.50 103.32 37.73
N LEU S 135 3.16 103.61 38.98
CA LEU S 135 4.13 103.82 40.04
C LEU S 135 3.87 102.82 41.15
N PHE S 136 4.83 101.91 41.38
CA PHE S 136 4.69 100.92 42.43
C PHE S 136 5.47 101.32 43.67
N GLY S 137 4.75 101.69 44.73
CA GLY S 137 5.39 102.06 45.98
C GLY S 137 5.14 101.02 47.04
N GLY S 138 6.20 100.48 47.63
CA GLY S 138 6.03 99.46 48.64
C GLY S 138 7.24 99.22 49.52
N VAL S 139 7.06 98.40 50.56
CA VAL S 139 8.16 98.09 51.47
C VAL S 139 8.46 96.60 51.50
N ASP S 140 9.68 96.22 51.14
CA ASP S 140 10.11 94.83 51.23
C ASP S 140 11.37 94.67 52.09
N GLU S 141 12.10 93.59 51.87
CA GLU S 141 13.30 93.30 52.65
C GLU S 141 14.40 94.31 52.36
N LYS S 142 14.33 94.94 51.19
CA LYS S 142 15.28 95.96 50.80
C LYS S 142 14.79 97.34 51.24
N GLY S 143 13.79 97.34 52.11
CA GLY S 143 13.22 98.57 52.63
C GLY S 143 12.18 99.17 51.71
N PRO S 144 11.96 100.48 51.82
CA PRO S 144 11.05 101.22 50.96
C PRO S 144 11.58 101.32 49.53
N GLN S 145 10.70 101.11 48.56
CA GLN S 145 11.06 101.13 47.14
C GLN S 145 9.94 101.71 46.30
N LEU S 146 10.34 102.44 45.26
CA LEU S 146 9.41 103.04 44.31
C LEU S 146 9.86 102.70 42.89
N PHE S 147 8.94 102.19 42.09
CA PHE S 147 9.24 101.82 40.71
C PHE S 147 8.32 102.52 39.73
N HIS S 148 8.79 102.68 38.50
CA HIS S 148 8.02 103.32 37.45
C HIS S 148 7.97 102.42 36.22
N MET S 149 6.80 102.33 35.60
CA MET S 149 6.63 101.52 34.41
C MET S 149 5.76 102.23 33.37
N ASP S 150 6.16 102.12 32.11
CA ASP S 150 5.44 102.72 31.00
C ASP S 150 5.05 101.61 29.99
N PRO S 151 4.12 101.91 29.06
CA PRO S 151 3.66 100.95 28.06
C PRO S 151 4.76 100.20 27.31
N SER S 152 5.98 100.71 27.30
CA SER S 152 7.09 100.03 26.65
C SER S 152 7.48 98.76 27.40
N GLY S 153 7.08 98.71 28.67
CA GLY S 153 7.42 97.58 29.52
C GLY S 153 8.70 97.83 30.28
N THR S 154 9.40 98.90 29.92
CA THR S 154 10.61 99.28 30.61
C THR S 154 10.25 99.79 32.01
N PHE S 155 10.71 99.07 33.02
CA PHE S 155 10.47 99.47 34.40
C PHE S 155 11.78 99.81 35.10
N VAL S 156 11.77 100.85 35.92
CA VAL S 156 12.99 101.26 36.61
C VAL S 156 12.70 101.90 37.98
N GLN S 157 13.63 101.70 38.91
CA GLN S 157 13.46 102.23 40.26
C GLN S 157 13.74 103.73 40.28
N CYS S 158 12.94 104.44 41.07
CA CYS S 158 13.08 105.89 41.20
C CYS S 158 13.07 106.29 42.67
N ASP S 159 13.83 107.33 43.00
CA ASP S 159 13.80 107.88 44.35
C ASP S 159 12.61 108.83 44.48
N ALA S 160 12.31 109.52 43.39
CA ALA S 160 11.13 110.38 43.30
C ALA S 160 10.75 110.50 41.83
N ARG S 161 9.46 110.39 41.55
CA ARG S 161 9.02 110.36 40.15
C ARG S 161 7.62 110.90 39.97
N ALA S 162 7.41 111.65 38.88
CA ALA S 162 6.10 112.16 38.55
C ALA S 162 5.67 111.69 37.17
N ILE S 163 4.43 111.21 37.08
CA ILE S 163 3.88 110.78 35.80
C ILE S 163 2.59 111.54 35.51
N GLY S 164 2.23 111.65 34.24
CA GLY S 164 1.00 112.32 33.87
C GLY S 164 1.17 113.52 32.97
N SER S 165 0.15 114.38 32.93
CA SER S 165 0.14 115.54 32.07
C SER S 165 1.22 116.54 32.46
N ALA S 166 1.32 116.82 33.75
CA ALA S 166 2.31 117.78 34.24
C ALA S 166 3.59 117.09 34.65
N SER S 167 3.99 116.08 33.87
CA SER S 167 5.14 115.25 34.17
C SER S 167 6.44 116.05 34.32
N GLU S 168 6.79 116.81 33.29
CA GLU S 168 8.08 117.52 33.24
C GLU S 168 8.25 118.53 34.37
N GLY S 169 7.30 119.45 34.50
CA GLY S 169 7.35 120.48 35.51
C GLY S 169 7.42 119.91 36.91
N ALA S 170 6.56 118.95 37.20
CA ALA S 170 6.54 118.29 38.50
C ALA S 170 7.83 117.54 38.77
N GLN S 171 8.46 117.02 37.71
CA GLN S 171 9.73 116.32 37.85
C GLN S 171 10.85 117.29 38.19
N SER S 172 10.83 118.46 37.56
CA SER S 172 11.80 119.50 37.86
C SER S 172 11.65 119.94 39.32
N SER S 173 10.41 120.25 39.71
CA SER S 173 10.09 120.65 41.06
C SER S 173 10.48 119.56 42.07
N LEU S 174 10.42 118.31 41.63
CA LEU S 174 10.84 117.19 42.46
C LEU S 174 12.36 117.19 42.63
N GLN S 175 13.07 117.41 41.53
CA GLN S 175 14.53 117.44 41.57
C GLN S 175 15.03 118.57 42.46
N GLU S 176 14.28 119.66 42.51
CA GLU S 176 14.67 120.81 43.33
C GLU S 176 14.58 120.56 44.84
N VAL S 177 13.74 119.62 45.25
CA VAL S 177 13.47 119.42 46.67
C VAL S 177 13.81 118.04 47.23
N TYR S 178 14.41 117.18 46.42
CA TYR S 178 14.72 115.84 46.89
C TYR S 178 16.17 115.62 47.28
N HIS S 179 16.37 115.18 48.52
CA HIS S 179 17.66 114.68 48.99
C HIS S 179 17.41 113.32 49.64
N LYS S 180 18.28 112.36 49.38
CA LYS S 180 18.08 110.98 49.83
C LYS S 180 18.11 110.81 51.35
N SER S 181 17.33 111.62 52.06
CA SER S 181 17.29 111.57 53.51
C SER S 181 16.10 112.34 54.09
N MET S 182 15.13 112.65 53.24
CA MET S 182 13.92 113.34 53.67
C MET S 182 13.16 112.50 54.68
N THR S 183 12.34 113.16 55.50
CA THR S 183 11.41 112.44 56.35
C THR S 183 10.13 112.24 55.54
N LEU S 184 9.30 111.30 55.97
CA LEU S 184 8.08 110.99 55.22
C LEU S 184 7.13 112.19 55.18
N LYS S 185 7.08 112.93 56.28
CA LYS S 185 6.26 114.14 56.35
C LYS S 185 6.72 115.16 55.31
N GLU S 186 8.03 115.29 55.15
CA GLU S 186 8.61 116.19 54.14
C GLU S 186 8.21 115.75 52.73
N ALA S 187 8.23 114.44 52.50
CA ALA S 187 7.87 113.89 51.20
C ALA S 187 6.41 114.16 50.86
N ILE S 188 5.52 113.90 51.83
CA ILE S 188 4.10 114.16 51.65
C ILE S 188 3.85 115.64 51.38
N LYS S 189 4.47 116.48 52.19
CA LYS S 189 4.35 117.93 52.07
C LYS S 189 4.76 118.40 50.67
N SER S 190 5.96 118.00 50.26
CA SER S 190 6.49 118.36 48.95
C SER S 190 5.57 117.89 47.83
N SER S 191 5.12 116.64 47.95
CA SER S 191 4.20 116.06 46.96
C SER S 191 2.96 116.92 46.80
N LEU S 192 2.31 117.24 47.92
CA LEU S 192 1.10 118.05 47.88
C LEU S 192 1.35 119.46 47.36
N ILE S 193 2.53 120.00 47.66
CA ILE S 193 2.91 121.33 47.17
C ILE S 193 3.00 121.34 45.65
N ILE S 194 3.83 120.44 45.11
CA ILE S 194 4.00 120.33 43.67
C ILE S 194 2.66 120.04 42.98
N LEU S 195 1.85 119.21 43.63
CA LEU S 195 0.52 118.88 43.14
C LEU S 195 -0.33 120.15 43.03
N LYS S 196 -0.34 120.95 44.10
CA LYS S 196 -1.08 122.21 44.11
C LYS S 196 -0.59 123.15 43.01
N GLN S 197 0.73 123.14 42.77
CA GLN S 197 1.31 123.96 41.71
C GLN S 197 0.78 123.56 40.34
N VAL S 198 0.86 122.27 40.03
CA VAL S 198 0.56 121.79 38.70
C VAL S 198 -0.95 121.64 38.40
N MET S 199 -1.75 121.46 39.44
CA MET S 199 -3.19 121.31 39.27
C MET S 199 -3.86 122.61 38.84
N GLU S 200 -4.88 122.49 37.99
CA GLU S 200 -5.63 123.66 37.54
C GLU S 200 -6.72 124.03 38.54
N GLU S 201 -7.20 123.04 39.28
CA GLU S 201 -8.21 123.29 40.31
C GLU S 201 -7.56 123.55 41.67
N LYS S 202 -8.29 124.19 42.56
CA LYS S 202 -7.79 124.47 43.91
C LYS S 202 -7.67 123.18 44.70
N LEU S 203 -6.45 122.90 45.18
CA LEU S 203 -6.19 121.67 45.91
C LEU S 203 -6.92 121.62 47.25
N ASN S 204 -7.75 120.59 47.43
CA ASN S 204 -8.47 120.38 48.68
C ASN S 204 -8.50 118.91 49.08
N ALA S 205 -9.29 118.61 50.12
CA ALA S 205 -9.30 117.27 50.71
C ALA S 205 -10.10 116.27 49.87
N THR S 206 -10.86 116.76 48.89
CA THR S 206 -11.66 115.90 48.05
C THR S 206 -11.19 115.96 46.59
N ASN S 207 -10.07 116.65 46.37
CA ASN S 207 -9.55 116.85 45.02
C ASN S 207 -8.49 115.81 44.66
N ILE S 208 -7.87 115.22 45.67
CA ILE S 208 -6.77 114.29 45.45
C ILE S 208 -6.86 113.07 46.36
N GLU S 209 -5.91 112.16 46.18
CA GLU S 209 -5.73 111.07 47.14
C GLU S 209 -4.25 110.79 47.37
N LEU S 210 -3.93 110.47 48.62
CA LEU S 210 -2.56 110.26 49.06
C LEU S 210 -2.52 108.97 49.87
N ALA S 211 -1.46 108.19 49.70
CA ALA S 211 -1.31 106.93 50.42
C ALA S 211 0.16 106.66 50.73
N THR S 212 0.41 106.02 51.86
CA THR S 212 1.78 105.72 52.26
C THR S 212 1.98 104.25 52.62
N VAL S 213 3.17 103.74 52.35
CA VAL S 213 3.55 102.39 52.77
C VAL S 213 4.88 102.46 53.51
N GLN S 214 4.84 102.19 54.81
CA GLN S 214 6.01 102.33 55.67
C GLN S 214 6.40 100.99 56.32
N PRO S 215 7.70 100.82 56.65
CA PRO S 215 8.23 99.58 57.25
C PRO S 215 7.42 99.03 58.41
N GLY S 216 6.77 99.89 59.20
CA GLY S 216 6.03 99.44 60.36
C GLY S 216 4.52 99.37 60.17
N GLN S 217 4.02 100.01 59.12
CA GLN S 217 2.58 100.10 58.90
C GLN S 217 2.19 99.67 57.49
N ASN S 218 1.07 98.96 57.37
CA ASN S 218 0.57 98.51 56.08
C ASN S 218 0.24 99.66 55.12
N PHE S 219 -0.21 99.29 53.92
CA PHE S 219 -0.71 100.26 52.95
C PHE S 219 -1.84 101.06 53.57
N HIS S 220 -1.69 102.37 53.62
CA HIS S 220 -2.71 103.22 54.23
C HIS S 220 -3.17 104.34 53.29
N MET S 221 -4.46 104.33 52.97
CA MET S 221 -5.07 105.39 52.20
C MET S 221 -5.50 106.50 53.14
N PHE S 222 -4.97 107.71 52.91
CA PHE S 222 -5.29 108.85 53.77
C PHE S 222 -6.76 109.23 53.70
N THR S 223 -7.40 109.29 54.87
CA THR S 223 -8.79 109.69 54.97
C THR S 223 -8.93 111.19 54.76
N LYS S 224 -10.17 111.67 54.74
CA LYS S 224 -10.44 113.09 54.53
C LYS S 224 -9.77 113.96 55.60
N GLU S 225 -9.93 113.56 56.86
CA GLU S 225 -9.39 114.30 57.99
C GLU S 225 -7.87 114.43 57.94
N GLU S 226 -7.20 113.32 57.67
CA GLU S 226 -5.73 113.30 57.61
C GLU S 226 -5.23 114.16 56.45
N LEU S 227 -5.90 114.02 55.31
CA LEU S 227 -5.62 114.87 54.15
C LEU S 227 -5.72 116.34 54.54
N GLU S 228 -6.79 116.70 55.24
CA GLU S 228 -6.97 118.06 55.72
C GLU S 228 -5.83 118.50 56.63
N GLU S 229 -5.40 117.58 57.50
CA GLU S 229 -4.36 117.89 58.48
C GLU S 229 -2.99 118.04 57.83
N VAL S 230 -2.83 117.51 56.62
CA VAL S 230 -1.59 117.75 55.88
C VAL S 230 -1.70 119.01 55.01
N ILE S 231 -2.87 119.22 54.41
CA ILE S 231 -3.15 120.41 53.61
C ILE S 231 -3.12 121.66 54.47
N LYS S 232 -3.48 121.49 55.75
CA LYS S 232 -3.44 122.56 56.75
C LYS S 232 -2.15 123.37 56.68
N ASP S 233 -1.03 122.70 56.92
CA ASP S 233 0.28 123.33 56.83
C ASP S 233 0.69 123.47 55.36
N ILE S 234 -0.09 124.25 54.61
CA ILE S 234 0.14 124.43 53.18
C ILE S 234 1.48 125.10 52.90
N ASN T 1 8.60 103.28 0.59
CA ASN T 1 7.50 103.58 1.49
C ASN T 1 6.43 102.51 1.47
N GLN T 2 6.36 101.78 0.36
CA GLN T 2 5.39 100.70 0.19
C GLN T 2 5.97 99.35 0.61
N TYR T 3 7.26 99.33 0.91
CA TYR T 3 7.93 98.11 1.32
C TYR T 3 8.43 98.25 2.76
N ASP T 4 7.84 99.18 3.50
CA ASP T 4 8.35 99.57 4.82
C ASP T 4 7.70 98.86 6.00
N ASN T 5 6.43 98.50 5.84
CA ASN T 5 5.61 98.14 7.01
C ASN T 5 5.41 96.66 7.31
N ASP T 6 5.92 95.79 6.45
CA ASP T 6 5.77 94.34 6.67
C ASP T 6 7.09 93.61 6.54
N VAL T 7 7.29 92.60 7.39
CA VAL T 7 8.53 91.84 7.41
C VAL T 7 8.54 90.76 6.34
N THR T 8 7.40 90.58 5.67
CA THR T 8 7.27 89.58 4.61
C THR T 8 7.38 90.20 3.23
N VAL T 9 7.75 91.48 3.17
CA VAL T 9 7.84 92.18 1.91
C VAL T 9 9.28 92.53 1.53
N TRP T 10 9.77 91.88 0.49
CA TRP T 10 11.09 92.21 -0.05
C TRP T 10 11.01 93.52 -0.81
N SER T 11 12.06 94.35 -0.69
CA SER T 11 12.17 95.54 -1.51
C SER T 11 12.68 95.10 -2.88
N PRO T 12 12.47 95.93 -3.91
CA PRO T 12 13.00 95.59 -5.23
C PRO T 12 14.52 95.54 -5.28
N GLN T 13 15.18 96.02 -4.22
CA GLN T 13 16.63 96.01 -4.13
C GLN T 13 17.13 94.82 -3.33
N GLY T 14 16.23 93.89 -3.04
CA GLY T 14 16.59 92.68 -2.32
C GLY T 14 16.85 92.93 -0.84
N ARG T 15 16.04 93.79 -0.23
CA ARG T 15 16.19 94.14 1.17
C ARG T 15 14.86 94.06 1.91
N ILE T 16 14.93 93.89 3.23
CA ILE T 16 13.74 93.89 4.06
C ILE T 16 13.82 95.04 5.07
N HIS T 17 13.03 96.08 4.83
CA HIS T 17 13.13 97.31 5.60
C HIS T 17 12.76 97.17 7.07
N GLN T 18 11.79 96.31 7.37
CA GLN T 18 11.37 96.10 8.75
C GLN T 18 12.51 95.52 9.60
N ILE T 19 13.29 94.64 9.00
CA ILE T 19 14.44 94.05 9.67
C ILE T 19 15.47 95.12 10.02
N GLU T 20 15.76 95.99 9.06
CA GLU T 20 16.74 97.05 9.26
C GLU T 20 16.26 98.09 10.27
N TYR T 21 14.96 98.40 10.20
CA TYR T 21 14.35 99.30 11.17
C TYR T 21 14.48 98.70 12.56
N ALA T 22 14.33 97.38 12.65
CA ALA T 22 14.52 96.68 13.91
C ALA T 22 15.98 96.75 14.35
N MET T 23 16.89 96.71 13.39
CA MET T 23 18.31 96.82 13.67
C MET T 23 18.63 98.18 14.28
N GLU T 24 17.89 99.19 13.84
CA GLU T 24 18.09 100.55 14.36
C GLU T 24 17.73 100.68 15.85
N ALA T 25 16.99 99.70 16.37
CA ALA T 25 16.58 99.73 17.77
C ALA T 25 17.76 99.50 18.71
N VAL T 26 18.76 98.78 18.23
CA VAL T 26 19.95 98.48 19.03
C VAL T 26 20.73 99.76 19.32
N LYS T 27 20.79 100.64 18.33
CA LYS T 27 21.54 101.88 18.44
C LYS T 27 20.84 102.90 19.34
N GLN T 28 19.58 102.62 19.69
CA GLN T 28 18.79 103.52 20.52
C GLN T 28 19.14 103.38 22.00
N GLY T 29 19.74 102.25 22.37
CA GLY T 29 20.09 102.00 23.75
C GLY T 29 21.49 102.45 24.09
N SER T 30 21.84 102.41 25.37
CA SER T 30 23.17 102.79 25.82
C SER T 30 24.21 101.75 25.40
N ALA T 31 25.43 102.20 25.13
CA ALA T 31 26.47 101.34 24.60
C ALA T 31 26.95 100.29 25.60
N THR T 32 27.49 99.19 25.07
CA THR T 32 28.03 98.12 25.92
C THR T 32 29.19 97.40 25.23
N VAL T 33 30.13 96.89 26.02
CA VAL T 33 31.34 96.28 25.50
C VAL T 33 31.50 94.85 26.01
N GLY T 34 32.06 93.99 25.17
CA GLY T 34 32.37 92.63 25.56
C GLY T 34 33.70 92.18 25.02
N LEU T 35 34.52 91.59 25.88
CA LEU T 35 35.83 91.08 25.45
C LEU T 35 36.24 89.84 26.22
N LYS T 36 37.10 89.02 25.63
CA LYS T 36 37.56 87.81 26.28
C LYS T 36 39.08 87.71 26.28
N SER T 37 39.64 87.17 27.35
CA SER T 37 41.06 86.88 27.40
C SER T 37 41.27 85.46 26.88
N LYS T 38 41.88 84.61 27.69
CA LYS T 38 42.00 83.19 27.35
C LYS T 38 41.43 82.37 28.50
N THR T 39 41.08 83.06 29.58
CA THR T 39 40.54 82.41 30.77
C THR T 39 39.23 83.06 31.21
N HIS T 40 39.04 84.32 30.84
CA HIS T 40 37.85 85.06 31.28
C HIS T 40 37.10 85.75 30.14
N ALA T 41 35.79 85.83 30.31
CA ALA T 41 34.92 86.61 29.43
C ALA T 41 34.30 87.71 30.24
N VAL T 42 34.34 88.93 29.69
CA VAL T 42 33.97 90.17 30.38
C VAL T 42 32.97 91.04 29.63
N LEU T 43 31.89 91.40 30.31
CA LEU T 43 30.94 92.37 29.78
C LEU T 43 31.00 93.63 30.64
N VAL T 44 31.13 94.78 29.99
CA VAL T 44 31.10 96.05 30.69
C VAL T 44 29.98 96.89 30.08
N ALA T 45 29.03 97.32 30.89
CA ALA T 45 27.88 98.03 30.35
C ALA T 45 27.69 99.40 30.97
N LEU T 46 27.45 100.40 30.12
CA LEU T 46 27.15 101.75 30.57
C LEU T 46 25.66 101.88 30.84
N LYS T 47 25.29 101.90 32.11
CA LYS T 47 23.89 102.08 32.49
C LYS T 47 23.45 103.52 32.25
N ARG T 48 22.21 103.69 31.81
CA ARG T 48 21.66 105.01 31.50
C ARG T 48 20.57 105.37 32.51
N ALA T 49 20.41 106.66 32.77
CA ALA T 49 19.38 107.13 33.69
C ALA T 49 18.50 108.18 33.03
N GLN T 50 17.20 108.12 33.32
CA GLN T 50 16.26 109.11 32.82
C GLN T 50 16.56 110.47 33.45
N SER T 51 16.22 110.61 34.73
CA SER T 51 16.59 111.79 35.49
C SER T 51 17.58 111.39 36.57
N GLU T 52 18.04 112.36 37.35
CA GLU T 52 18.99 112.09 38.42
C GLU T 52 18.30 111.43 39.61
N LEU T 53 16.97 111.42 39.61
CA LEU T 53 16.20 110.81 40.68
C LEU T 53 15.81 109.37 40.35
N ALA T 54 16.08 108.95 39.12
CA ALA T 54 15.79 107.59 38.70
C ALA T 54 17.05 106.74 38.70
N ALA T 55 16.96 105.53 39.24
CA ALA T 55 18.08 104.61 39.24
C ALA T 55 18.45 104.23 37.82
N HIS T 56 19.67 103.72 37.64
CA HIS T 56 20.15 103.38 36.31
C HIS T 56 19.63 102.03 35.82
N GLN T 57 19.31 101.98 34.53
CA GLN T 57 18.73 100.79 33.92
C GLN T 57 19.66 99.58 33.95
N LYS T 58 19.13 98.42 34.33
CA LYS T 58 19.89 97.18 34.30
C LYS T 58 20.26 96.85 32.86
N LYS T 59 21.50 96.41 32.66
CA LYS T 59 21.98 96.13 31.32
C LYS T 59 22.64 94.75 31.25
N ILE T 60 22.91 94.18 32.42
CA ILE T 60 23.54 92.87 32.48
C ILE T 60 22.65 91.87 33.22
N LEU T 61 22.40 90.74 32.57
CA LEU T 61 21.46 89.75 33.11
C LEU T 61 22.11 88.37 33.24
N HIS T 62 21.71 87.65 34.28
CA HIS T 62 22.23 86.30 34.51
C HIS T 62 21.41 85.28 33.74
N VAL T 63 22.09 84.39 33.02
CA VAL T 63 21.42 83.35 32.25
C VAL T 63 21.64 81.99 32.91
N ASP T 64 22.90 81.59 33.02
CA ASP T 64 23.27 80.37 33.71
C ASP T 64 24.59 80.60 34.43
N ASN T 65 24.98 79.64 35.26
CA ASN T 65 26.22 79.74 36.03
C ASN T 65 27.46 80.00 35.16
N HIS T 66 27.34 79.66 33.89
CA HIS T 66 28.46 79.82 32.97
C HIS T 66 28.16 80.82 31.84
N ILE T 67 26.98 81.44 31.88
CA ILE T 67 26.56 82.32 30.79
C ILE T 67 25.83 83.58 31.29
N GLY T 68 26.24 84.74 30.79
CA GLY T 68 25.56 85.98 31.10
C GLY T 68 25.45 86.86 29.87
N ILE T 69 24.55 87.82 29.89
CA ILE T 69 24.31 88.67 28.72
C ILE T 69 24.27 90.16 29.02
N SER T 70 24.50 90.96 27.99
CA SER T 70 24.36 92.41 28.05
C SER T 70 23.43 92.83 26.93
N ILE T 71 22.40 93.60 27.28
CA ILE T 71 21.33 93.91 26.33
C ILE T 71 21.46 95.31 25.72
N ALA T 72 20.87 95.48 24.54
CA ALA T 72 20.86 96.78 23.87
C ALA T 72 19.65 96.91 22.95
N GLY T 73 18.61 97.57 23.44
CA GLY T 73 17.39 97.73 22.67
C GLY T 73 16.15 97.72 23.55
N LEU T 74 15.07 97.13 23.03
CA LEU T 74 13.82 97.02 23.79
C LEU T 74 13.98 96.08 24.96
N THR T 75 13.77 96.61 26.17
CA THR T 75 13.98 95.82 27.38
C THR T 75 12.99 94.65 27.50
N ALA T 76 11.82 94.80 26.92
CA ALA T 76 10.82 93.74 26.94
C ALA T 76 11.29 92.54 26.11
N ASP T 77 11.70 92.80 24.87
CA ASP T 77 12.27 91.78 24.01
C ASP T 77 13.50 91.16 24.65
N ALA T 78 14.29 92.00 25.31
CA ALA T 78 15.48 91.54 26.00
C ALA T 78 15.12 90.54 27.08
N ARG T 79 14.09 90.86 27.87
CA ARG T 79 13.63 89.97 28.93
C ARG T 79 13.10 88.66 28.35
N LEU T 80 12.38 88.78 27.24
CA LEU T 80 11.86 87.60 26.55
C LEU T 80 12.99 86.65 26.16
N LEU T 81 13.91 87.16 25.35
CA LEU T 81 15.05 86.38 24.89
C LEU T 81 15.85 85.80 26.04
N CYS T 82 16.01 86.60 27.10
CA CYS T 82 16.73 86.17 28.28
C CYS T 82 16.06 84.96 28.90
N ASN T 83 14.75 85.06 29.13
CA ASN T 83 13.99 83.95 29.69
C ASN T 83 14.07 82.71 28.80
N PHE T 84 14.11 82.92 27.49
CA PHE T 84 14.28 81.82 26.54
C PHE T 84 15.62 81.11 26.76
N MET T 85 16.69 81.89 26.84
CA MET T 85 18.03 81.34 27.03
C MET T 85 18.13 80.60 28.37
N ARG T 86 17.59 81.21 29.41
CA ARG T 86 17.53 80.60 30.74
C ARG T 86 16.84 79.24 30.66
N GLN T 87 15.70 79.23 29.98
CA GLN T 87 14.91 78.00 29.84
C GLN T 87 15.69 76.91 29.10
N GLU T 88 16.36 77.29 28.01
CA GLU T 88 17.14 76.32 27.25
C GLU T 88 18.29 75.74 28.07
N CYS T 89 18.94 76.61 28.83
CA CYS T 89 20.02 76.16 29.71
C CYS T 89 19.52 75.19 30.77
N LEU T 90 18.42 75.56 31.43
CA LEU T 90 17.79 74.68 32.42
C LEU T 90 17.42 73.33 31.82
N ASP T 91 16.89 73.35 30.59
CA ASP T 91 16.56 72.13 29.89
C ASP T 91 17.80 71.26 29.69
N SER T 92 18.88 71.89 29.25
CA SER T 92 20.13 71.17 29.01
C SER T 92 20.66 70.53 30.29
N ARG T 93 20.57 71.25 31.40
CA ARG T 93 21.02 70.70 32.68
C ARG T 93 20.12 69.57 33.16
N PHE T 94 18.82 69.73 32.93
CA PHE T 94 17.84 68.73 33.35
C PHE T 94 18.05 67.42 32.59
N VAL T 95 18.30 67.54 31.29
CA VAL T 95 18.42 66.36 30.44
C VAL T 95 19.80 65.70 30.50
N PHE T 96 20.86 66.51 30.39
CA PHE T 96 22.21 65.95 30.27
C PHE T 96 23.11 66.14 31.48
N ASP T 97 22.61 66.90 32.47
CA ASP T 97 23.36 67.17 33.70
C ASP T 97 24.70 67.88 33.45
N ARG T 98 24.82 68.49 32.27
CA ARG T 98 26.01 69.25 31.91
C ARG T 98 25.56 70.60 31.35
N PRO T 99 26.36 71.65 31.58
CA PRO T 99 26.00 73.00 31.10
C PRO T 99 25.95 73.07 29.58
N LEU T 100 24.98 73.84 29.06
CA LEU T 100 24.80 73.99 27.62
C LEU T 100 25.94 74.78 26.99
N PRO T 101 26.63 74.17 26.01
CA PRO T 101 27.67 74.86 25.24
C PRO T 101 27.14 76.18 24.67
N VAL T 102 27.88 77.26 24.89
CA VAL T 102 27.41 78.60 24.53
C VAL T 102 27.04 78.74 23.06
N SER T 103 27.86 78.19 22.19
CA SER T 103 27.65 78.29 20.74
C SER T 103 26.30 77.71 20.33
N ARG T 104 25.92 76.62 20.99
CA ARG T 104 24.64 75.98 20.71
C ARG T 104 23.46 76.83 21.17
N LEU T 105 23.62 77.47 22.32
CA LEU T 105 22.59 78.38 22.82
C LEU T 105 22.43 79.54 21.84
N VAL T 106 23.55 80.06 21.35
CA VAL T 106 23.51 81.15 20.38
C VAL T 106 22.81 80.69 19.10
N SER T 107 23.10 79.46 18.66
CA SER T 107 22.44 78.89 17.49
C SER T 107 20.93 78.82 17.68
N LEU T 108 20.50 78.43 18.89
CA LEU T 108 19.08 78.37 19.21
C LEU T 108 18.46 79.76 19.20
N ILE T 109 19.21 80.75 19.67
CA ILE T 109 18.75 82.13 19.60
C ILE T 109 18.53 82.55 18.16
N GLY T 110 19.47 82.17 17.29
CA GLY T 110 19.35 82.45 15.87
C GLY T 110 18.10 81.82 15.28
N SER T 111 17.91 80.54 15.55
CA SER T 111 16.75 79.81 15.04
C SER T 111 15.44 80.42 15.51
N LYS T 112 15.36 80.75 16.79
CA LYS T 112 14.13 81.34 17.34
C LYS T 112 13.85 82.72 16.75
N THR T 113 14.87 83.57 16.71
CA THR T 113 14.70 84.94 16.26
C THR T 113 14.50 85.06 14.75
N GLN T 114 14.88 84.02 14.01
CA GLN T 114 14.71 84.01 12.56
C GLN T 114 13.25 83.83 12.16
N ILE T 115 12.51 83.04 12.94
CA ILE T 115 11.12 82.71 12.62
C ILE T 115 10.20 83.92 12.37
N PRO T 116 10.15 84.89 13.30
CA PRO T 116 9.19 85.96 13.08
C PRO T 116 9.57 86.93 11.96
N THR T 117 10.73 86.75 11.33
CA THR T 117 11.15 87.60 10.23
C THR T 117 10.63 87.08 8.90
N GLN T 118 9.81 86.04 8.94
CA GLN T 118 9.34 85.39 7.74
C GLN T 118 7.83 85.14 7.75
N ARG T 119 7.15 85.61 8.80
CA ARG T 119 5.71 85.42 8.91
C ARG T 119 4.95 86.74 8.98
N TYR T 120 3.87 86.83 8.21
CA TYR T 120 3.03 88.01 8.17
C TYR T 120 2.44 88.33 9.55
N GLY T 121 2.47 89.61 9.92
CA GLY T 121 1.89 90.04 11.18
C GLY T 121 2.84 89.88 12.34
N ARG T 122 3.99 89.26 12.08
CA ARG T 122 5.03 89.10 13.10
C ARG T 122 6.08 90.18 12.94
N ARG T 123 6.96 90.29 13.92
CA ARG T 123 8.02 91.30 13.88
C ARG T 123 9.32 90.74 14.45
N PRO T 124 10.46 91.28 13.99
CA PRO T 124 11.77 90.87 14.51
C PRO T 124 11.93 91.27 15.97
N TYR T 125 12.84 90.62 16.68
CA TYR T 125 13.15 90.99 18.06
C TYR T 125 13.97 92.29 18.08
N GLY T 126 13.42 93.33 18.71
CA GLY T 126 14.08 94.62 18.73
C GLY T 126 15.14 94.72 19.81
N VAL T 127 16.16 93.86 19.73
CA VAL T 127 17.19 93.82 20.76
C VAL T 127 18.48 93.17 20.26
N GLY T 128 19.60 93.77 20.65
CA GLY T 128 20.91 93.20 20.37
C GLY T 128 21.51 92.66 21.65
N LEU T 129 22.24 91.55 21.55
CA LEU T 129 22.81 90.93 22.73
C LEU T 129 24.31 90.67 22.63
N LEU T 130 25.00 90.87 23.75
CA LEU T 130 26.37 90.44 23.91
C LEU T 130 26.39 89.29 24.92
N ILE T 131 26.84 88.13 24.50
CA ILE T 131 26.81 86.95 25.36
C ILE T 131 28.21 86.54 25.81
N ALA T 132 28.45 86.57 27.12
CA ALA T 132 29.71 86.11 27.67
C ALA T 132 29.52 84.76 28.33
N GLY T 133 30.34 83.80 27.93
CA GLY T 133 30.21 82.45 28.47
C GLY T 133 31.51 81.70 28.61
N TYR T 134 31.50 80.61 29.37
CA TYR T 134 32.68 79.77 29.49
C TYR T 134 32.33 78.29 29.45
N ASP T 135 32.97 77.57 28.55
CA ASP T 135 32.80 76.12 28.48
C ASP T 135 34.16 75.44 28.26
N ASP T 136 34.15 74.16 27.91
CA ASP T 136 35.40 73.45 27.64
C ASP T 136 35.96 73.74 26.25
N MET T 137 35.61 74.91 25.72
CA MET T 137 36.25 75.45 24.54
C MET T 137 36.80 76.83 24.89
N GLY T 138 36.71 77.17 26.17
CA GLY T 138 37.24 78.43 26.67
C GLY T 138 36.16 79.46 26.93
N PRO T 139 36.55 80.74 26.98
CA PRO T 139 35.63 81.87 27.06
C PRO T 139 35.06 82.19 25.69
N HIS T 140 33.93 82.89 25.67
CA HIS T 140 33.23 83.20 24.43
C HIS T 140 32.49 84.52 24.57
N ILE T 141 32.64 85.38 23.56
CA ILE T 141 31.83 86.57 23.43
C ILE T 141 31.06 86.48 22.12
N PHE T 142 29.74 86.45 22.20
CA PHE T 142 28.91 86.36 21.01
C PHE T 142 28.06 87.62 20.84
N GLN T 143 27.61 87.86 19.62
CA GLN T 143 26.74 89.00 19.36
C GLN T 143 25.52 88.58 18.56
N THR T 144 24.33 88.93 19.03
CA THR T 144 23.10 88.59 18.30
C THR T 144 22.31 89.83 17.91
N CYS T 145 21.89 89.87 16.64
CA CYS T 145 21.18 91.01 16.07
C CYS T 145 19.71 90.67 15.81
N PRO T 146 18.86 91.71 15.74
CA PRO T 146 17.45 91.58 15.35
C PRO T 146 17.25 90.85 14.03
N SER T 147 18.27 90.85 13.17
CA SER T 147 18.22 90.15 11.89
C SER T 147 18.45 88.66 12.06
N ALA T 148 18.49 88.21 13.32
CA ALA T 148 18.69 86.81 13.69
C ALA T 148 20.06 86.26 13.27
N ASN T 149 20.97 87.16 12.91
CA ASN T 149 22.34 86.78 12.60
C ASN T 149 23.19 86.87 13.85
N TYR T 150 24.12 85.93 14.02
CA TYR T 150 24.99 85.96 15.20
C TYR T 150 26.46 85.86 14.83
N PHE T 151 27.31 86.39 15.71
CA PHE T 151 28.74 86.46 15.44
C PHE T 151 29.56 85.99 16.63
N ASP T 152 30.58 85.19 16.35
CA ASP T 152 31.57 84.82 17.35
C ASP T 152 32.68 85.87 17.34
N CYS T 153 32.90 86.51 18.48
CA CYS T 153 33.77 87.67 18.55
C CYS T 153 34.96 87.48 19.47
N ARG T 154 36.03 88.22 19.17
CA ARG T 154 37.17 88.35 20.06
C ARG T 154 36.88 89.52 20.99
N ALA T 155 36.21 90.51 20.42
CA ALA T 155 35.75 91.69 21.14
C ALA T 155 34.62 92.32 20.35
N MET T 156 33.72 93.03 21.03
CA MET T 156 32.62 93.67 20.33
C MET T 156 31.96 94.79 21.15
N SER T 157 31.38 95.77 20.44
CA SER T 157 30.59 96.80 21.08
C SER T 157 29.34 97.14 20.27
N ILE T 158 28.21 97.28 20.96
CA ILE T 158 26.96 97.63 20.32
C ILE T 158 26.23 98.76 21.04
N GLY T 159 25.55 99.59 20.25
CA GLY T 159 24.70 100.63 20.82
C GLY T 159 25.07 102.04 20.40
N ALA T 160 24.55 103.01 21.16
CA ALA T 160 24.77 104.42 20.88
C ALA T 160 26.23 104.82 20.98
N ARG T 161 26.78 105.33 19.88
CA ARG T 161 28.17 105.78 19.80
C ARG T 161 29.16 104.68 20.12
N SER T 162 28.79 103.43 19.82
CA SER T 162 29.65 102.28 20.10
C SER T 162 30.81 102.18 19.12
N GLN T 163 30.78 103.02 18.09
CA GLN T 163 31.82 103.05 17.07
C GLN T 163 33.20 103.34 17.68
N SER T 164 33.22 104.25 18.65
CA SER T 164 34.46 104.61 19.35
C SER T 164 35.03 103.40 20.07
N ALA T 165 34.17 102.70 20.80
CA ALA T 165 34.57 101.50 21.53
C ALA T 165 35.11 100.43 20.58
N ARG T 166 34.42 100.28 19.44
CA ARG T 166 34.85 99.33 18.42
C ARG T 166 36.26 99.66 17.94
N THR T 167 36.45 100.93 17.59
CA THR T 167 37.75 101.43 17.13
C THR T 167 38.84 101.18 18.16
N TYR T 168 38.51 101.37 19.43
CA TYR T 168 39.45 101.10 20.51
C TYR T 168 39.83 99.62 20.58
N LEU T 169 38.83 98.76 20.67
CA LEU T 169 39.04 97.31 20.81
C LEU T 169 39.86 96.74 19.66
N GLU T 170 39.61 97.25 18.46
CA GLU T 170 40.27 96.77 17.25
C GLU T 170 41.79 96.98 17.31
N ARG T 171 42.24 97.86 18.19
CA ARG T 171 43.66 98.12 18.36
C ARG T 171 44.30 97.22 19.41
N HIS T 172 43.49 96.76 20.38
CA HIS T 172 44.01 96.03 21.52
C HIS T 172 43.62 94.54 21.52
N MET T 173 43.04 94.09 20.42
CA MET T 173 42.76 92.67 20.22
C MET T 173 43.95 91.78 20.58
N SER T 174 45.12 92.16 20.05
CA SER T 174 46.34 91.38 20.25
C SER T 174 46.74 91.31 21.72
N GLU T 175 46.45 92.37 22.46
CA GLU T 175 46.75 92.42 23.89
C GLU T 175 45.79 91.54 24.68
N PHE T 176 44.52 91.53 24.26
CA PHE T 176 43.46 90.85 25.00
C PHE T 176 43.73 89.40 25.44
N MET T 177 44.27 88.60 24.53
CA MET T 177 44.41 87.16 24.76
C MET T 177 45.31 86.77 25.95
N GLU T 178 46.14 87.70 26.40
CA GLU T 178 47.10 87.39 27.46
C GLU T 178 46.91 88.21 28.75
N CYS T 179 45.98 89.16 28.71
CA CYS T 179 45.71 89.99 29.87
C CYS T 179 45.20 89.17 31.05
N ASN T 180 45.51 89.63 32.26
CA ASN T 180 44.86 89.08 33.44
C ASN T 180 43.48 89.71 33.55
N LEU T 181 42.69 89.29 34.52
CA LEU T 181 41.31 89.73 34.64
C LEU T 181 41.21 91.26 34.80
N ASN T 182 42.03 91.82 35.67
CA ASN T 182 41.98 93.25 35.93
C ASN T 182 42.31 94.09 34.70
N GLU T 183 43.31 93.66 33.93
CA GLU T 183 43.68 94.34 32.69
C GLU T 183 42.58 94.23 31.64
N LEU T 184 41.91 93.08 31.61
CA LEU T 184 40.82 92.84 30.68
C LEU T 184 39.64 93.77 30.98
N VAL T 185 39.24 93.82 32.23
CA VAL T 185 38.20 94.73 32.68
C VAL T 185 38.60 96.19 32.43
N LYS T 186 39.88 96.49 32.62
CA LYS T 186 40.41 97.82 32.30
C LYS T 186 40.14 98.18 30.85
N HIS T 187 40.62 97.33 29.94
CA HIS T 187 40.41 97.52 28.51
C HIS T 187 38.94 97.70 28.17
N GLY T 188 38.09 96.87 28.76
CA GLY T 188 36.65 97.00 28.58
C GLY T 188 36.12 98.36 29.00
N LEU T 189 36.61 98.84 30.14
CA LEU T 189 36.18 100.12 30.68
C LEU T 189 36.65 101.31 29.83
N ARG T 190 37.84 101.18 29.25
CA ARG T 190 38.37 102.21 28.38
C ARG T 190 37.58 102.26 27.08
N ALA T 191 37.32 101.09 26.51
CA ALA T 191 36.48 100.99 25.32
C ALA T 191 35.12 101.62 25.59
N LEU T 192 34.53 101.29 26.73
CA LEU T 192 33.22 101.82 27.09
C LEU T 192 33.25 103.34 27.25
N ARG T 193 34.28 103.85 27.90
CA ARG T 193 34.39 105.27 28.18
C ARG T 193 34.69 106.08 26.91
N GLU T 194 35.24 105.41 25.91
CA GLU T 194 35.50 106.07 24.61
C GLU T 194 34.20 106.58 23.97
N THR T 195 33.08 106.01 24.37
CA THR T 195 31.78 106.38 23.80
C THR T 195 31.14 107.52 24.58
N LEU T 196 31.98 108.41 25.11
CA LEU T 196 31.49 109.53 25.90
C LEU T 196 32.27 110.80 25.58
N PRO T 197 31.57 111.94 25.54
CA PRO T 197 32.25 113.24 25.43
C PRO T 197 33.11 113.48 26.66
N ALA T 198 34.12 114.34 26.55
CA ALA T 198 35.08 114.55 27.63
C ALA T 198 34.49 115.20 28.88
N GLU T 199 33.26 115.71 28.78
CA GLU T 199 32.62 116.36 29.90
C GLU T 199 32.06 115.35 30.90
N GLN T 200 32.03 114.08 30.50
CA GLN T 200 31.52 113.03 31.36
C GLN T 200 32.42 111.78 31.27
N ASP T 201 32.47 111.02 32.35
CA ASP T 201 33.24 109.78 32.36
C ASP T 201 32.58 108.72 33.23
N LEU T 202 33.24 107.59 33.39
CA LEU T 202 32.70 106.46 34.13
C LEU T 202 32.53 106.77 35.62
N THR T 203 31.51 106.16 36.22
CA THR T 203 31.21 106.35 37.64
C THR T 203 30.70 105.03 38.20
N THR T 204 30.73 104.90 39.53
CA THR T 204 30.21 103.70 40.18
C THR T 204 28.68 103.65 40.07
N LYS T 205 28.08 104.79 39.73
CA LYS T 205 26.64 104.89 39.63
C LYS T 205 26.12 104.49 38.25
N ASN T 206 26.98 104.54 37.24
CA ASN T 206 26.54 104.29 35.87
C ASN T 206 27.36 103.23 35.12
N VAL T 207 28.02 102.34 35.85
CA VAL T 207 28.80 101.27 35.22
C VAL T 207 28.49 99.92 35.85
N SER T 208 28.21 98.93 35.01
CA SER T 208 28.01 97.56 35.48
C SER T 208 29.00 96.60 34.83
N ILE T 209 29.40 95.58 35.59
CA ILE T 209 30.37 94.61 35.10
C ILE T 209 29.86 93.19 35.29
N GLY T 210 30.01 92.37 34.26
CA GLY T 210 29.68 90.96 34.35
C GLY T 210 30.91 90.14 34.05
N ILE T 211 31.24 89.22 34.96
CA ILE T 211 32.44 88.38 34.79
C ILE T 211 32.18 86.88 34.83
N VAL T 212 32.68 86.15 33.83
CA VAL T 212 32.64 84.70 33.88
C VAL T 212 34.00 84.11 33.49
N GLY T 213 34.36 82.96 34.04
CA GLY T 213 35.65 82.38 33.73
C GLY T 213 35.93 81.00 34.31
N LYS T 214 37.14 80.50 34.07
CA LYS T 214 37.54 79.16 34.52
C LYS T 214 37.57 79.05 36.05
N ASP T 215 37.71 80.19 36.72
CA ASP T 215 37.80 80.20 38.17
C ASP T 215 36.61 80.93 38.80
N LEU T 216 35.66 81.33 37.97
CA LEU T 216 34.57 82.18 38.44
C LEU T 216 33.26 82.00 37.68
N GLU T 217 32.17 81.78 38.41
CA GLU T 217 30.84 81.76 37.81
C GLU T 217 30.46 83.17 37.40
N PHE T 218 29.43 83.30 36.57
CA PHE T 218 29.01 84.63 36.12
C PHE T 218 28.52 85.50 37.29
N THR T 219 29.19 86.63 37.49
CA THR T 219 28.87 87.52 38.59
C THR T 219 28.63 88.94 38.09
N ILE T 220 27.75 89.66 38.75
CA ILE T 220 27.44 91.03 38.37
C ILE T 220 27.80 92.05 39.46
N TYR T 221 28.71 92.94 39.12
CA TYR T 221 29.14 94.02 40.00
C TYR T 221 28.47 95.32 39.56
N ASP T 222 27.79 95.97 40.49
CA ASP T 222 26.91 97.10 40.15
C ASP T 222 27.32 98.46 40.72
N ASP T 223 27.47 98.55 42.04
CA ASP T 223 27.74 99.83 42.68
C ASP T 223 29.11 99.91 43.34
N ASP T 224 29.16 99.73 44.65
CA ASP T 224 30.41 99.82 45.40
C ASP T 224 31.37 98.70 45.02
N ASP T 225 30.85 97.67 44.34
CA ASP T 225 31.64 96.54 43.93
C ASP T 225 32.36 96.80 42.61
N VAL T 226 32.07 97.94 42.01
CA VAL T 226 32.68 98.32 40.74
C VAL T 226 33.95 99.14 41.00
N SER T 227 33.96 99.86 42.12
CA SER T 227 35.09 100.69 42.51
C SER T 227 36.49 100.04 42.42
N PRO T 228 36.62 98.77 42.86
CA PRO T 228 37.94 98.14 42.70
C PRO T 228 38.42 98.03 41.24
N PHE T 229 37.53 98.28 40.29
CA PHE T 229 37.88 98.23 38.87
C PHE T 229 38.15 99.62 38.31
N LEU T 230 37.30 100.58 38.68
CA LEU T 230 37.46 101.95 38.23
C LEU T 230 38.71 102.58 38.83
N GLU T 231 38.92 102.33 40.12
CA GLU T 231 40.09 102.85 40.83
C GLU T 231 41.32 102.05 40.43
N GLY T 232 42.05 102.58 39.46
CA GLY T 232 43.20 101.90 38.90
C GLY T 232 43.23 102.15 37.41
N LEU T 233 42.71 103.30 37.00
CA LEU T 233 42.58 103.66 35.59
C LEU T 233 43.19 105.01 35.30
N GLU T 234 43.63 105.21 34.05
CA GLU T 234 44.24 106.46 33.64
C GLU T 234 43.31 107.64 33.91
N GLU T 235 43.63 108.79 33.32
CA GLU T 235 42.82 109.99 33.49
C GLU T 235 41.66 110.02 32.50
N ARG T 236 41.60 109.07 31.57
CA ARG T 236 40.47 109.05 30.65
C ARG T 236 40.67 110.06 29.52
N PRO T 237 40.14 111.27 29.65
CA PRO T 237 40.37 112.23 28.57
C PRO T 237 41.85 112.48 28.31
N GLN T 238 42.24 112.50 27.04
CA GLN T 238 43.64 112.70 26.68
C GLN T 238 43.79 112.88 25.17
N SER U 1 11.29 94.41 -17.72
CA SER U 1 11.77 93.63 -16.58
C SER U 1 11.63 94.40 -15.28
N SER U 2 10.73 95.38 -15.23
CA SER U 2 10.55 96.15 -14.01
C SER U 2 9.14 96.70 -13.83
N ILE U 3 8.26 95.90 -13.22
CA ILE U 3 6.91 96.36 -12.89
C ILE U 3 6.75 96.32 -11.37
N GLY U 4 5.95 97.23 -10.83
CA GLY U 4 5.75 97.30 -9.39
C GLY U 4 4.66 98.27 -8.97
N THR U 5 3.41 97.95 -9.30
CA THR U 5 2.27 98.77 -8.92
C THR U 5 1.31 97.97 -8.04
N GLY U 6 1.85 97.36 -6.99
CA GLY U 6 1.05 96.52 -6.12
C GLY U 6 1.19 95.05 -6.49
N TYR U 7 1.67 94.81 -7.70
CA TYR U 7 1.84 93.45 -8.20
C TYR U 7 3.09 92.78 -7.65
N ASP U 8 3.87 93.53 -6.89
CA ASP U 8 5.15 93.01 -6.37
C ASP U 8 5.21 93.00 -4.85
N LEU U 9 4.06 92.99 -4.19
CA LEU U 9 4.03 93.04 -2.73
C LEU U 9 3.72 91.69 -2.07
N SER U 10 3.52 90.65 -2.88
CA SER U 10 3.14 89.35 -2.36
C SER U 10 3.52 88.20 -3.29
N ALA U 11 3.69 87.02 -2.72
CA ALA U 11 3.97 85.83 -3.50
C ALA U 11 2.66 85.18 -3.96
N SER U 12 1.54 85.66 -3.42
CA SER U 12 0.24 85.16 -3.77
C SER U 12 -0.35 85.98 -4.92
N THR U 13 0.45 86.90 -5.45
CA THR U 13 -0.01 87.79 -6.51
C THR U 13 0.89 87.73 -7.73
N PHE U 14 0.30 87.34 -8.87
CA PHE U 14 1.02 87.33 -10.13
C PHE U 14 1.11 88.73 -10.72
N SER U 15 2.14 88.96 -11.51
CA SER U 15 2.24 90.20 -12.28
C SER U 15 1.42 90.01 -13.55
N PRO U 16 1.03 91.12 -14.19
CA PRO U 16 0.25 91.02 -15.42
C PRO U 16 0.99 90.27 -16.54
N ASP U 17 2.31 90.15 -16.43
CA ASP U 17 3.09 89.40 -17.41
C ASP U 17 3.49 88.01 -16.88
N GLY U 18 2.81 87.58 -15.81
CA GLY U 18 3.00 86.24 -15.28
C GLY U 18 4.30 86.03 -14.52
N ARG U 19 4.59 86.91 -13.58
CA ARG U 19 5.80 86.80 -12.77
C ARG U 19 5.49 86.98 -11.29
N VAL U 20 6.33 86.39 -10.45
CA VAL U 20 6.19 86.54 -9.01
C VAL U 20 7.37 87.33 -8.48
N PHE U 21 7.21 88.64 -8.42
CA PHE U 21 8.33 89.55 -8.15
C PHE U 21 8.98 89.37 -6.77
N GLN U 22 8.23 88.87 -5.80
CA GLN U 22 8.79 88.64 -4.46
C GLN U 22 9.94 87.64 -4.53
N VAL U 23 9.71 86.56 -5.26
CA VAL U 23 10.74 85.54 -5.46
C VAL U 23 11.97 86.12 -6.15
N GLU U 24 11.73 86.92 -7.19
CA GLU U 24 12.83 87.54 -7.93
C GLU U 24 13.62 88.51 -7.06
N TYR U 25 12.92 89.20 -6.18
CA TYR U 25 13.55 90.12 -5.23
C TYR U 25 14.44 89.34 -4.27
N ALA U 26 13.92 88.21 -3.78
CA ALA U 26 14.70 87.34 -2.92
C ALA U 26 15.95 86.86 -3.65
N MET U 27 15.79 86.56 -4.93
CA MET U 27 16.91 86.16 -5.77
C MET U 27 17.92 87.29 -5.90
N LYS U 28 17.43 88.53 -5.89
CA LYS U 28 18.30 89.69 -5.96
C LYS U 28 19.06 89.83 -4.64
N ALA U 29 18.42 89.44 -3.55
CA ALA U 29 19.09 89.40 -2.26
C ALA U 29 20.18 88.35 -2.28
N VAL U 30 19.95 87.27 -3.02
CA VAL U 30 21.00 86.26 -3.22
C VAL U 30 22.15 86.83 -4.03
N GLU U 31 21.82 87.64 -5.04
CA GLU U 31 22.81 88.22 -5.93
C GLU U 31 23.74 89.23 -5.23
N ASN U 32 23.22 89.92 -4.22
CA ASN U 32 23.99 90.91 -3.49
C ASN U 32 24.96 90.29 -2.48
N SER U 33 24.91 88.97 -2.37
CA SER U 33 25.75 88.27 -1.40
C SER U 33 27.08 87.84 -2.02
N SER U 34 28.09 87.62 -1.18
CA SER U 34 29.39 87.18 -1.65
C SER U 34 29.30 85.82 -2.33
N THR U 35 30.14 85.62 -3.34
CA THR U 35 30.07 84.43 -4.18
C THR U 35 30.54 83.16 -3.48
N ALA U 36 29.76 82.09 -3.63
CA ALA U 36 30.16 80.77 -3.17
C ALA U 36 30.07 79.78 -4.33
N ILE U 37 31.15 79.06 -4.57
CA ILE U 37 31.18 78.09 -5.65
C ILE U 37 31.35 76.68 -5.11
N GLY U 38 31.01 75.70 -5.94
CA GLY U 38 31.17 74.30 -5.60
C GLY U 38 31.29 73.49 -6.87
N ILE U 39 32.26 72.58 -6.91
CA ILE U 39 32.52 71.80 -8.11
C ILE U 39 32.68 70.31 -7.83
N ARG U 40 32.13 69.50 -8.71
CA ARG U 40 32.16 68.05 -8.58
C ARG U 40 33.26 67.42 -9.43
N CYS U 41 34.16 66.69 -8.76
CA CYS U 41 35.21 65.96 -9.47
C CYS U 41 34.73 64.53 -9.76
N LYS U 42 35.66 63.64 -10.10
CA LYS U 42 35.29 62.28 -10.44
C LYS U 42 35.18 61.39 -9.21
N ASP U 43 35.67 61.86 -8.07
CA ASP U 43 35.59 61.08 -6.84
C ASP U 43 35.06 61.89 -5.64
N GLY U 44 34.29 62.94 -5.93
CA GLY U 44 33.68 63.73 -4.88
C GLY U 44 33.28 65.15 -5.25
N VAL U 45 33.03 65.95 -4.22
CA VAL U 45 32.59 67.33 -4.38
C VAL U 45 33.39 68.25 -3.46
N VAL U 46 33.81 69.39 -3.99
CA VAL U 46 34.55 70.38 -3.22
C VAL U 46 33.79 71.71 -3.17
N PHE U 47 33.70 72.30 -1.99
CA PHE U 47 33.05 73.59 -1.83
C PHE U 47 34.04 74.69 -1.46
N GLY U 48 33.80 75.88 -1.98
CA GLY U 48 34.61 77.04 -1.68
C GLY U 48 33.76 78.28 -1.49
N VAL U 49 33.99 79.01 -0.41
CA VAL U 49 33.18 80.19 -0.10
C VAL U 49 34.02 81.43 0.15
N GLU U 50 33.67 82.51 -0.54
CA GLU U 50 34.24 83.83 -0.31
C GLU U 50 33.52 84.47 0.89
N LYS U 51 34.02 84.21 2.09
CA LYS U 51 33.40 84.74 3.29
C LYS U 51 33.96 86.12 3.64
N LEU U 52 33.27 87.16 3.19
CA LEU U 52 33.70 88.54 3.44
C LEU U 52 33.78 88.82 4.94
N VAL U 53 34.80 89.56 5.34
CA VAL U 53 34.99 89.93 6.74
C VAL U 53 34.54 91.37 6.98
N LEU U 54 33.52 91.54 7.80
CA LEU U 54 32.95 92.86 8.06
C LEU U 54 33.68 93.60 9.17
N SER U 55 34.47 92.86 9.95
CA SER U 55 35.25 93.45 11.03
C SER U 55 36.38 92.54 11.51
N LYS U 56 37.52 93.13 11.84
CA LYS U 56 38.65 92.37 12.36
C LYS U 56 38.38 91.86 13.77
N LEU U 57 37.34 92.39 14.40
CA LEU U 57 36.95 91.98 15.74
C LEU U 57 36.35 90.58 15.77
N TYR U 58 35.83 90.14 14.63
CA TYR U 58 35.21 88.81 14.54
C TYR U 58 36.25 87.70 14.54
N GLU U 59 35.94 86.64 15.27
CA GLU U 59 36.82 85.47 15.32
C GLU U 59 36.88 84.78 13.96
N GLU U 60 37.95 84.03 13.73
CA GLU U 60 38.08 83.25 12.51
C GLU U 60 37.08 82.10 12.53
N GLY U 61 36.42 81.86 11.41
CA GLY U 61 35.45 80.79 11.32
C GLY U 61 34.08 81.20 11.79
N SER U 62 33.91 82.49 12.08
CA SER U 62 32.60 83.02 12.45
C SER U 62 31.76 83.16 11.18
N ASN U 63 30.44 83.08 11.35
CA ASN U 63 29.51 83.15 10.22
C ASN U 63 29.83 82.15 9.12
N LYS U 64 29.94 80.88 9.49
CA LYS U 64 30.23 79.83 8.53
C LYS U 64 29.14 79.75 7.47
N ARG U 65 29.56 79.73 6.21
CA ARG U 65 28.62 79.58 5.11
C ARG U 65 28.74 78.18 4.54
N LEU U 66 29.44 77.32 5.27
CA LEU U 66 29.53 75.90 4.96
C LEU U 66 29.00 75.10 6.14
N PHE U 67 27.99 74.27 5.88
CA PHE U 67 27.33 73.53 6.95
C PHE U 67 27.40 72.03 6.75
N ASN U 68 27.33 71.31 7.86
CA ASN U 68 27.16 69.86 7.82
C ASN U 68 25.68 69.50 7.96
N VAL U 69 25.04 69.22 6.83
CA VAL U 69 23.63 68.85 6.82
C VAL U 69 23.45 67.39 7.25
N ASP U 70 24.31 66.52 6.74
CA ASP U 70 24.34 65.14 7.18
C ASP U 70 25.79 64.68 7.16
N ARG U 71 26.08 63.55 7.80
CA ARG U 71 27.43 63.04 7.88
C ARG U 71 28.02 62.76 6.50
N HIS U 72 27.16 62.67 5.49
CA HIS U 72 27.59 62.44 4.12
C HIS U 72 27.17 63.58 3.19
N VAL U 73 26.57 64.63 3.76
CA VAL U 73 26.06 65.73 2.95
C VAL U 73 26.45 67.10 3.49
N GLY U 74 27.10 67.89 2.65
CA GLY U 74 27.49 69.25 3.00
C GLY U 74 26.67 70.31 2.27
N MET U 75 26.63 71.51 2.83
CA MET U 75 25.80 72.58 2.30
C MET U 75 26.54 73.91 2.22
N ALA U 76 26.55 74.51 1.03
CA ALA U 76 27.17 75.82 0.83
C ALA U 76 26.10 76.85 0.54
N VAL U 77 26.06 77.93 1.30
CA VAL U 77 24.98 78.91 1.18
C VAL U 77 25.40 80.25 0.62
N ALA U 78 24.43 80.97 0.06
CA ALA U 78 24.66 82.31 -0.44
C ALA U 78 23.42 83.19 -0.25
N GLY U 79 23.58 84.27 0.49
CA GLY U 79 22.51 85.22 0.69
C GLY U 79 22.25 85.60 2.14
N LEU U 80 20.98 85.85 2.46
CA LEU U 80 20.58 86.19 3.81
C LEU U 80 20.87 85.02 4.74
N LEU U 81 21.85 85.19 5.61
CA LEU U 81 22.43 84.10 6.37
C LEU U 81 21.46 83.38 7.32
N ALA U 82 20.60 84.14 7.99
CA ALA U 82 19.65 83.55 8.92
C ALA U 82 18.73 82.54 8.24
N ASP U 83 18.19 82.94 7.09
CA ASP U 83 17.36 82.06 6.27
C ASP U 83 18.13 80.81 5.85
N ALA U 84 19.40 81.01 5.51
CA ALA U 84 20.26 79.90 5.11
C ALA U 84 20.43 78.90 6.24
N ARG U 85 20.59 79.41 7.46
CA ARG U 85 20.74 78.56 8.63
C ARG U 85 19.46 77.80 8.94
N SER U 86 18.33 78.50 8.86
CA SER U 86 17.05 77.83 9.07
C SER U 86 16.86 76.71 8.04
N LEU U 87 17.21 76.99 6.79
CA LEU U 87 17.13 75.99 5.73
C LEU U 87 18.06 74.82 6.01
N ALA U 88 19.21 75.10 6.61
CA ALA U 88 20.15 74.06 7.02
C ALA U 88 19.50 73.17 8.07
N ASP U 89 18.77 73.80 9.00
CA ASP U 89 18.02 73.06 10.00
C ASP U 89 16.98 72.15 9.35
N ILE U 90 16.22 72.69 8.42
CA ILE U 90 15.20 71.92 7.71
C ILE U 90 15.81 70.72 6.99
N ALA U 91 16.93 70.95 6.31
CA ALA U 91 17.62 69.89 5.59
C ALA U 91 18.09 68.79 6.54
N ARG U 92 18.71 69.22 7.64
CA ARG U 92 19.17 68.28 8.67
C ARG U 92 18.02 67.42 9.18
N GLU U 93 16.91 68.06 9.53
CA GLU U 93 15.76 67.37 10.06
C GLU U 93 15.18 66.39 9.04
N GLU U 94 15.20 66.79 7.77
CA GLU U 94 14.71 65.93 6.70
C GLU U 94 15.56 64.66 6.60
N ALA U 95 16.88 64.85 6.63
CA ALA U 95 17.81 63.71 6.55
C ALA U 95 17.65 62.77 7.76
N SER U 96 17.52 63.37 8.93
CA SER U 96 17.33 62.62 10.17
C SER U 96 16.05 61.78 10.11
N ASN U 97 14.95 62.40 9.69
CA ASN U 97 13.68 61.71 9.54
C ASN U 97 13.78 60.57 8.53
N PHE U 98 14.47 60.83 7.43
CA PHE U 98 14.63 59.79 6.41
C PHE U 98 15.38 58.59 6.98
N ARG U 99 16.45 58.85 7.73
CA ARG U 99 17.20 57.76 8.36
C ARG U 99 16.33 56.99 9.35
N SER U 100 15.58 57.72 10.17
CA SER U 100 14.74 57.10 11.19
C SER U 100 13.58 56.30 10.61
N ASN U 101 13.21 56.62 9.38
CA ASN U 101 12.09 55.93 8.73
C ASN U 101 12.48 54.77 7.82
N PHE U 102 13.58 54.95 7.08
CA PHE U 102 13.93 53.99 6.05
C PHE U 102 15.21 53.20 6.35
N GLY U 103 16.01 53.70 7.29
CA GLY U 103 17.11 52.93 7.83
C GLY U 103 18.48 53.11 7.18
N TYR U 104 18.60 54.02 6.23
CA TYR U 104 19.88 54.30 5.61
C TYR U 104 20.07 55.77 5.29
N ASN U 105 21.30 56.15 4.96
CA ASN U 105 21.60 57.54 4.62
C ASN U 105 20.82 58.04 3.42
N ILE U 106 20.25 59.23 3.55
CA ILE U 106 19.39 59.79 2.51
C ILE U 106 20.18 60.08 1.22
N PRO U 107 19.64 59.64 0.08
CA PRO U 107 20.23 59.97 -1.23
C PRO U 107 20.14 61.47 -1.47
N LEU U 108 21.19 62.05 -2.05
CA LEU U 108 21.26 63.51 -2.20
C LEU U 108 20.12 64.08 -3.04
N LYS U 109 19.80 63.41 -4.14
CA LYS U 109 18.74 63.88 -5.03
C LYS U 109 17.42 64.02 -4.29
N HIS U 110 17.14 63.06 -3.42
CA HIS U 110 15.91 63.08 -2.65
C HIS U 110 15.90 64.20 -1.61
N LEU U 111 17.01 64.38 -0.92
CA LEU U 111 17.12 65.43 0.09
C LEU U 111 16.91 66.79 -0.58
N ALA U 112 17.61 67.00 -1.69
CA ALA U 112 17.49 68.22 -2.47
C ALA U 112 16.04 68.43 -2.91
N ASP U 113 15.40 67.36 -3.36
CA ASP U 113 13.99 67.44 -3.77
C ASP U 113 13.09 67.90 -2.63
N ARG U 114 13.23 67.25 -1.46
CA ARG U 114 12.42 67.55 -0.29
C ARG U 114 12.59 69.00 0.15
N VAL U 115 13.84 69.38 0.39
CA VAL U 115 14.14 70.73 0.83
C VAL U 115 13.66 71.76 -0.18
N ALA U 116 13.83 71.45 -1.47
CA ALA U 116 13.37 72.34 -2.53
C ALA U 116 11.86 72.52 -2.50
N MET U 117 11.14 71.43 -2.26
CA MET U 117 9.69 71.50 -2.12
C MET U 117 9.32 72.40 -0.95
N TYR U 118 10.05 72.24 0.14
CA TYR U 118 9.82 73.07 1.32
C TYR U 118 10.03 74.54 1.00
N VAL U 119 11.08 74.84 0.24
CA VAL U 119 11.38 76.21 -0.17
C VAL U 119 10.25 76.76 -1.04
N HIS U 120 9.85 75.98 -2.03
CA HIS U 120 8.78 76.36 -2.95
C HIS U 120 7.48 76.66 -2.22
N ALA U 121 7.25 75.95 -1.13
CA ALA U 121 6.05 76.17 -0.32
C ALA U 121 5.94 77.61 0.20
N TYR U 122 7.05 78.34 0.19
CA TYR U 122 7.07 79.72 0.68
C TYR U 122 6.89 80.75 -0.43
N THR U 123 6.64 80.28 -1.65
CA THR U 123 6.47 81.17 -2.78
C THR U 123 5.04 81.14 -3.29
N LEU U 124 4.09 80.88 -2.39
CA LEU U 124 2.70 80.68 -2.81
C LEU U 124 1.70 81.52 -2.01
N TYR U 125 2.12 82.05 -0.87
CA TYR U 125 1.17 82.70 0.03
C TYR U 125 1.63 84.09 0.45
N SER U 126 0.67 84.88 0.92
CA SER U 126 0.96 86.22 1.42
C SER U 126 1.31 86.18 2.89
N ALA U 127 1.11 85.01 3.51
CA ALA U 127 1.37 84.84 4.93
C ALA U 127 2.87 84.69 5.22
N VAL U 128 3.62 84.28 4.21
CA VAL U 128 5.06 84.10 4.34
C VAL U 128 5.81 84.64 3.13
N ARG U 129 7.09 84.95 3.32
CA ARG U 129 7.94 85.43 2.24
C ARG U 129 8.92 84.35 1.82
N PRO U 130 9.31 84.35 0.54
CA PRO U 130 10.31 83.41 0.02
C PRO U 130 11.63 83.51 0.77
N PHE U 131 12.37 82.42 0.84
CA PHE U 131 13.68 82.43 1.47
C PHE U 131 14.63 83.32 0.69
N GLY U 132 15.45 84.08 1.39
CA GLY U 132 16.39 84.97 0.74
C GLY U 132 17.77 84.35 0.60
N CYS U 133 17.84 83.14 0.05
CA CYS U 133 19.14 82.51 -0.17
C CYS U 133 19.10 81.38 -1.19
N SER U 134 20.23 81.12 -1.83
CA SER U 134 20.39 79.94 -2.67
C SER U 134 21.43 79.05 -2.02
N PHE U 135 21.33 77.74 -2.23
CA PHE U 135 22.33 76.85 -1.64
C PHE U 135 22.65 75.64 -2.49
N MET U 136 23.78 75.00 -2.17
CA MET U 136 24.25 73.84 -2.89
C MET U 136 24.47 72.69 -1.92
N LEU U 137 24.01 71.51 -2.31
CA LEU U 137 24.21 70.30 -1.51
C LEU U 137 25.19 69.36 -2.20
N GLY U 138 26.23 68.95 -1.48
CA GLY U 138 27.23 68.07 -2.04
C GLY U 138 27.34 66.77 -1.27
N SER U 139 27.57 65.68 -1.99
CA SER U 139 27.69 64.38 -1.35
C SER U 139 28.45 63.37 -2.20
N TYR U 140 28.87 62.28 -1.58
CA TYR U 140 29.50 61.18 -2.30
C TYR U 140 29.20 59.83 -1.66
N SER U 141 29.05 58.82 -2.50
CA SER U 141 28.90 57.44 -2.05
C SER U 141 29.46 56.51 -3.12
N VAL U 142 29.66 55.24 -2.76
CA VAL U 142 30.15 54.28 -3.73
C VAL U 142 29.00 53.71 -4.56
N ASN U 143 27.86 53.51 -3.92
CA ASN U 143 26.67 52.98 -4.60
C ASN U 143 25.90 54.08 -5.33
N ASP U 144 26.13 55.32 -4.92
CA ASP U 144 25.44 56.47 -5.51
C ASP U 144 26.34 57.22 -6.49
N GLY U 145 27.53 57.60 -6.02
CA GLY U 145 28.46 58.37 -6.82
C GLY U 145 28.71 59.74 -6.22
N ALA U 146 29.35 60.61 -7.00
CA ALA U 146 29.54 62.00 -6.58
C ALA U 146 28.37 62.83 -7.07
N GLN U 147 27.79 63.62 -6.18
CA GLN U 147 26.62 64.43 -6.56
C GLN U 147 26.64 65.84 -5.99
N LEU U 148 26.21 66.80 -6.82
CA LEU U 148 26.14 68.19 -6.44
C LEU U 148 24.85 68.81 -6.98
N TYR U 149 24.01 69.31 -6.07
CA TYR U 149 22.74 69.92 -6.46
C TYR U 149 22.66 71.36 -6.00
N MET U 150 21.74 72.13 -6.58
CA MET U 150 21.57 73.53 -6.22
C MET U 150 20.09 73.93 -6.22
N ILE U 151 19.74 74.77 -5.25
CA ILE U 151 18.38 75.25 -5.05
C ILE U 151 18.34 76.77 -4.88
N ASP U 152 17.46 77.41 -5.65
CA ASP U 152 17.25 78.85 -5.58
C ASP U 152 15.95 79.15 -4.81
N PRO U 153 15.74 80.42 -4.39
CA PRO U 153 14.56 80.81 -3.62
C PRO U 153 13.20 80.40 -4.19
N SER U 154 13.12 80.14 -5.49
CA SER U 154 11.85 79.75 -6.11
C SER U 154 11.48 78.31 -5.76
N GLY U 155 12.49 77.50 -5.48
CA GLY U 155 12.28 76.10 -5.17
C GLY U 155 12.82 75.18 -6.25
N VAL U 156 13.47 75.77 -7.24
CA VAL U 156 14.04 75.00 -8.34
C VAL U 156 15.30 74.26 -7.90
N SER U 157 15.35 72.96 -8.19
CA SER U 157 16.50 72.13 -7.82
C SER U 157 17.12 71.46 -9.04
N TYR U 158 18.44 71.57 -9.19
CA TYR U 158 19.11 70.97 -10.35
C TYR U 158 20.46 70.35 -10.00
N GLY U 159 20.88 69.37 -10.79
CA GLY U 159 22.16 68.70 -10.59
C GLY U 159 23.25 69.28 -11.47
N TYR U 160 24.35 69.68 -10.85
CA TYR U 160 25.44 70.37 -11.55
C TYR U 160 26.75 69.59 -11.51
N TRP U 161 27.63 69.90 -12.47
CA TRP U 161 29.01 69.43 -12.42
C TRP U 161 29.85 70.50 -11.73
N GLY U 162 29.53 71.75 -12.05
CA GLY U 162 30.13 72.89 -11.40
C GLY U 162 29.06 73.96 -11.25
N CYS U 163 29.12 74.72 -10.15
CA CYS U 163 28.11 75.73 -9.91
C CYS U 163 28.62 76.87 -9.03
N ALA U 164 28.01 78.04 -9.18
CA ALA U 164 28.37 79.20 -8.38
C ALA U 164 27.13 80.04 -8.11
N ILE U 165 27.13 80.75 -6.97
CA ILE U 165 26.02 81.61 -6.58
C ILE U 165 26.53 82.85 -5.85
N GLY U 166 25.97 84.00 -6.19
CA GLY U 166 26.36 85.25 -5.56
C GLY U 166 26.65 86.37 -6.54
N LYS U 167 27.48 87.32 -6.12
CA LYS U 167 27.85 88.48 -6.93
C LYS U 167 28.39 88.06 -8.30
N ALA U 168 29.56 87.46 -8.30
CA ALA U 168 30.22 87.08 -9.54
C ALA U 168 29.90 85.63 -9.90
N ARG U 169 28.62 85.35 -10.05
CA ARG U 169 28.16 84.01 -10.42
C ARG U 169 28.65 83.62 -11.80
N GLN U 170 28.38 84.49 -12.78
CA GLN U 170 28.80 84.25 -14.16
C GLN U 170 30.31 84.30 -14.30
N ALA U 171 30.91 85.27 -13.63
CA ALA U 171 32.37 85.45 -13.66
C ALA U 171 33.08 84.22 -13.10
N ALA U 172 32.43 83.52 -12.19
CA ALA U 172 32.97 82.29 -11.65
C ALA U 172 32.68 81.11 -12.57
N LYS U 173 31.49 81.10 -13.16
CA LYS U 173 31.10 80.02 -14.06
C LYS U 173 32.00 79.94 -15.29
N THR U 174 32.40 81.09 -15.82
CA THR U 174 33.31 81.12 -16.95
C THR U 174 34.67 80.53 -16.59
N GLU U 175 35.05 80.66 -15.32
CA GLU U 175 36.32 80.13 -14.83
C GLU U 175 36.24 78.63 -14.54
N ILE U 176 35.06 78.18 -14.12
CA ILE U 176 34.84 76.77 -13.83
C ILE U 176 34.81 75.95 -15.11
N GLU U 177 34.24 76.53 -16.17
CA GLU U 177 34.13 75.88 -17.47
C GLU U 177 35.49 75.48 -18.05
N LYS U 178 36.53 76.22 -17.67
CA LYS U 178 37.88 75.96 -18.16
C LYS U 178 38.42 74.63 -17.62
N LEU U 179 37.90 74.21 -16.48
CA LEU U 179 38.36 72.98 -15.85
C LEU U 179 37.75 71.73 -16.48
N GLN U 180 38.44 70.61 -16.32
CA GLN U 180 37.96 69.32 -16.81
C GLN U 180 37.69 68.41 -15.62
N MET U 181 36.75 68.82 -14.77
CA MET U 181 36.51 68.13 -13.50
C MET U 181 35.99 66.70 -13.64
N LYS U 182 35.59 66.32 -14.85
CA LYS U 182 35.12 64.96 -15.10
C LYS U 182 36.26 63.94 -15.03
N GLU U 183 37.50 64.44 -15.01
CA GLU U 183 38.66 63.57 -14.99
C GLU U 183 39.58 63.88 -13.81
N MET U 184 39.46 65.10 -13.27
CA MET U 184 40.32 65.53 -12.18
C MET U 184 39.91 64.92 -10.84
N THR U 185 40.85 64.89 -9.90
CA THR U 185 40.57 64.43 -8.54
C THR U 185 40.35 65.63 -7.63
N CYS U 186 39.63 65.43 -6.54
CA CYS U 186 39.32 66.52 -5.62
C CYS U 186 40.58 67.19 -5.08
N ARG U 187 41.58 66.38 -4.77
CA ARG U 187 42.83 66.87 -4.22
C ARG U 187 43.44 67.95 -5.12
N ASP U 188 43.25 67.80 -6.43
CA ASP U 188 43.69 68.80 -7.39
C ASP U 188 42.66 69.93 -7.46
N ILE U 189 41.39 69.57 -7.34
CA ILE U 189 40.28 70.51 -7.47
C ILE U 189 40.32 71.64 -6.46
N VAL U 190 40.68 71.33 -5.21
CA VAL U 190 40.71 72.34 -4.15
C VAL U 190 41.50 73.59 -4.54
N LYS U 191 42.69 73.38 -5.09
CA LYS U 191 43.54 74.46 -5.57
C LYS U 191 42.81 75.34 -6.57
N GLU U 192 42.17 74.70 -7.54
CA GLU U 192 41.45 75.41 -8.59
C GLU U 192 40.27 76.20 -8.03
N VAL U 193 39.62 75.64 -7.01
CA VAL U 193 38.52 76.30 -6.34
C VAL U 193 38.99 77.58 -5.67
N ALA U 194 40.03 77.45 -4.85
CA ALA U 194 40.62 78.61 -4.19
C ALA U 194 41.04 79.66 -5.21
N LYS U 195 41.61 79.18 -6.31
CA LYS U 195 42.05 80.04 -7.41
C LYS U 195 40.90 80.85 -7.98
N ILE U 196 39.82 80.18 -8.34
CA ILE U 196 38.64 80.85 -8.89
C ILE U 196 38.03 81.82 -7.88
N ILE U 197 38.08 81.45 -6.60
CA ILE U 197 37.60 82.34 -5.54
C ILE U 197 38.41 83.65 -5.51
N TYR U 198 39.73 83.51 -5.55
CA TYR U 198 40.62 84.67 -5.54
C TYR U 198 40.48 85.53 -6.80
N ILE U 199 40.27 84.87 -7.94
CA ILE U 199 40.07 85.58 -9.20
C ILE U 199 38.78 86.40 -9.17
N VAL U 200 37.69 85.75 -8.79
CA VAL U 200 36.37 86.36 -8.77
C VAL U 200 36.25 87.47 -7.71
N HIS U 201 37.04 87.35 -6.66
CA HIS U 201 37.02 88.33 -5.58
C HIS U 201 37.44 89.72 -6.07
N ASP U 202 36.70 90.73 -5.64
CA ASP U 202 37.03 92.11 -5.99
C ASP U 202 37.69 92.80 -4.81
N GLU U 203 39.01 92.93 -4.86
CA GLU U 203 39.79 93.48 -3.76
C GLU U 203 39.55 94.97 -3.54
N VAL U 204 38.94 95.61 -4.52
CA VAL U 204 38.69 97.05 -4.46
C VAL U 204 37.41 97.40 -3.69
N LYS U 205 36.26 97.02 -4.24
CA LYS U 205 34.97 97.32 -3.62
C LYS U 205 34.80 96.61 -2.28
N ASP U 206 35.01 95.29 -2.29
CA ASP U 206 34.92 94.51 -1.06
C ASP U 206 36.26 94.51 -0.31
N LYS U 207 36.18 94.54 1.01
CA LYS U 207 37.39 94.59 1.84
C LYS U 207 38.05 93.21 1.94
N ALA U 208 38.63 92.92 3.10
CA ALA U 208 39.29 91.65 3.34
C ALA U 208 38.30 90.50 3.37
N PHE U 209 38.76 89.30 3.04
CA PHE U 209 37.89 88.13 3.03
C PHE U 209 38.61 86.88 3.49
N GLU U 210 37.84 85.96 4.08
CA GLU U 210 38.35 84.66 4.51
C GLU U 210 37.80 83.60 3.58
N LEU U 211 38.64 82.61 3.24
CA LEU U 211 38.23 81.55 2.32
C LEU U 211 37.84 80.27 3.05
N GLU U 212 36.63 79.78 2.77
CA GLU U 212 36.17 78.53 3.37
C GLU U 212 36.21 77.38 2.36
N LEU U 213 36.56 76.19 2.84
CA LEU U 213 36.70 75.04 1.94
C LEU U 213 36.12 73.75 2.53
N SER U 214 35.56 72.90 1.67
CA SER U 214 34.91 71.66 2.12
C SER U 214 35.08 70.44 1.22
N TRP U 215 35.47 69.32 1.85
CA TRP U 215 35.59 68.02 1.20
C TRP U 215 34.31 67.23 1.32
N VAL U 216 34.00 66.45 0.28
CA VAL U 216 33.15 65.27 0.45
C VAL U 216 33.37 64.25 -0.67
N GLY U 217 34.06 63.16 -0.36
CA GLY U 217 34.36 62.17 -1.37
C GLY U 217 35.04 60.89 -0.90
N GLU U 218 35.64 60.17 -1.85
CA GLU U 218 36.29 58.90 -1.59
C GLU U 218 37.51 59.06 -0.69
N LEU U 219 38.09 60.26 -0.70
CA LEU U 219 39.26 60.55 0.12
C LEU U 219 38.86 60.76 1.58
N THR U 220 37.56 60.84 1.84
CA THR U 220 37.06 61.07 3.19
C THR U 220 36.03 60.02 3.61
N ASN U 221 36.08 58.85 2.98
CA ASN U 221 35.19 57.73 3.29
C ASN U 221 33.70 58.05 3.12
N GLY U 222 33.40 59.11 2.39
CA GLY U 222 32.03 59.53 2.16
C GLY U 222 31.56 60.58 3.16
N ARG U 223 32.47 61.00 4.04
CA ARG U 223 32.13 62.01 5.05
C ARG U 223 32.41 63.42 4.54
N HIS U 224 31.48 64.33 4.80
CA HIS U 224 31.69 65.73 4.44
C HIS U 224 32.44 66.45 5.55
N GLU U 225 33.68 66.83 5.26
CA GLU U 225 34.55 67.41 6.28
C GLU U 225 35.11 68.75 5.84
N ILE U 226 35.67 69.51 6.77
CA ILE U 226 36.33 70.75 6.43
C ILE U 226 37.72 70.44 5.90
N VAL U 227 38.19 71.21 4.93
CA VAL U 227 39.53 71.03 4.38
C VAL U 227 40.58 71.39 5.43
N PRO U 228 41.51 70.44 5.71
CA PRO U 228 42.59 70.64 6.69
C PRO U 228 43.39 71.90 6.41
N LYS U 229 43.93 72.51 7.46
CA LYS U 229 44.64 73.79 7.34
C LYS U 229 45.80 73.72 6.36
N ASP U 230 46.45 72.56 6.31
CA ASP U 230 47.57 72.34 5.40
C ASP U 230 47.15 72.53 3.95
N ILE U 231 46.16 71.75 3.53
CA ILE U 231 45.69 71.78 2.16
C ILE U 231 45.06 73.13 1.83
N ARG U 232 44.43 73.75 2.81
CA ARG U 232 43.82 75.06 2.62
C ARG U 232 44.87 76.13 2.36
N GLU U 233 45.91 76.17 3.19
CA GLU U 233 46.98 77.13 3.01
C GLU U 233 47.75 76.87 1.72
N GLU U 234 47.84 75.60 1.35
CA GLU U 234 48.47 75.21 0.09
C GLU U 234 47.69 75.78 -1.10
N ALA U 235 46.37 75.57 -1.07
CA ALA U 235 45.50 76.07 -2.13
C ALA U 235 45.49 77.59 -2.18
N GLU U 236 45.53 78.24 -1.02
CA GLU U 236 45.57 79.69 -0.96
C GLU U 236 46.89 80.23 -1.51
N LYS U 237 47.97 79.50 -1.27
CA LYS U 237 49.27 79.88 -1.80
C LYS U 237 49.25 79.78 -3.32
N TYR U 238 48.74 78.65 -3.82
CA TYR U 238 48.58 78.44 -5.25
C TYR U 238 47.73 79.54 -5.89
N ALA U 239 46.70 79.98 -5.18
CA ALA U 239 45.79 80.99 -5.68
C ALA U 239 46.44 82.37 -5.72
N LYS U 240 47.13 82.73 -4.64
CA LYS U 240 47.81 84.02 -4.55
C LYS U 240 48.93 84.11 -5.58
N GLU U 241 49.58 82.98 -5.85
CA GLU U 241 50.63 82.94 -6.87
C GLU U 241 50.06 82.99 -8.27
N SER U 242 48.92 82.34 -8.49
CA SER U 242 48.28 82.34 -9.81
C SER U 242 47.62 83.67 -10.14
N LEU U 243 47.58 84.57 -9.15
CA LEU U 243 46.96 85.88 -9.34
C LEU U 243 47.96 86.89 -9.91
N LYS U 244 49.20 86.43 -10.10
CA LYS U 244 50.25 87.27 -10.67
C LYS U 244 50.60 86.85 -12.09
N GLU U 245 49.62 86.95 -12.99
CA GLU U 245 49.82 86.58 -14.39
C GLU U 245 48.80 87.27 -15.29
N THR V 1 -0.67 29.14 11.11
CA THR V 1 0.22 29.48 10.00
C THR V 1 1.62 28.87 10.15
N THR V 2 2.26 28.43 9.09
CA THR V 2 3.69 28.14 9.06
C THR V 2 4.33 28.82 7.85
N ILE V 3 5.15 29.84 8.11
CA ILE V 3 5.81 30.58 7.04
C ILE V 3 7.31 30.34 7.06
N MET V 4 7.97 30.54 5.93
CA MET V 4 9.40 30.28 5.81
C MET V 4 10.04 31.03 4.64
N ALA V 5 11.30 31.40 4.80
CA ALA V 5 12.04 32.10 3.75
C ALA V 5 13.53 31.79 3.83
N VAL V 6 14.11 31.29 2.75
CA VAL V 6 15.53 30.95 2.73
C VAL V 6 16.27 31.76 1.65
N GLN V 7 17.48 32.20 1.97
CA GLN V 7 18.28 33.00 1.05
C GLN V 7 19.33 32.16 0.32
N PHE V 8 19.30 32.20 -1.01
CA PHE V 8 20.39 31.63 -1.80
C PHE V 8 21.19 32.75 -2.45
N ASP V 9 22.02 32.38 -3.43
CA ASP V 9 22.95 33.35 -4.04
C ASP V 9 22.22 34.51 -4.71
N GLY V 10 21.54 34.23 -5.82
CA GLY V 10 20.93 35.28 -6.63
C GLY V 10 19.54 35.70 -6.23
N GLY V 11 19.08 35.28 -5.05
CA GLY V 11 17.77 35.64 -4.58
C GLY V 11 17.26 34.85 -3.39
N VAL V 12 15.94 34.79 -3.26
CA VAL V 12 15.32 34.13 -2.11
C VAL V 12 14.22 33.15 -2.51
N VAL V 13 13.85 32.28 -1.57
CA VAL V 13 12.75 31.35 -1.74
C VAL V 13 11.77 31.49 -0.58
N LEU V 14 10.50 31.66 -0.89
CA LEU V 14 9.47 31.81 0.12
C LEU V 14 8.53 30.61 0.11
N GLY V 15 7.97 30.31 1.28
CA GLY V 15 7.03 29.20 1.40
C GLY V 15 6.05 29.43 2.53
N ALA V 16 4.83 28.93 2.35
CA ALA V 16 3.81 29.03 3.40
C ALA V 16 2.74 27.96 3.23
N ASP V 17 2.05 27.65 4.33
CA ASP V 17 0.90 26.77 4.26
C ASP V 17 -0.29 27.61 3.81
N SER V 18 -1.48 27.03 3.79
CA SER V 18 -2.64 27.75 3.29
C SER V 18 -3.85 27.68 4.22
N ARG V 19 -3.63 27.30 5.47
CA ARG V 19 -4.73 27.13 6.41
C ARG V 19 -5.01 28.40 7.21
N THR V 20 -6.27 28.84 7.19
CA THR V 20 -6.71 29.98 7.97
C THR V 20 -7.89 29.54 8.84
N THR V 21 -7.69 29.63 10.16
CA THR V 21 -8.63 29.08 11.13
C THR V 21 -9.23 30.14 12.04
N THR V 22 -10.50 29.96 12.37
CA THR V 22 -11.15 30.72 13.43
C THR V 22 -11.68 29.73 14.44
N GLY V 23 -11.05 29.68 15.60
CA GLY V 23 -11.32 28.62 16.55
C GLY V 23 -10.67 27.36 16.00
N SER V 24 -11.44 26.26 15.99
CA SER V 24 -10.92 25.01 15.46
C SER V 24 -11.46 24.78 14.05
N TYR V 25 -12.24 25.73 13.56
CA TYR V 25 -12.80 25.64 12.21
C TYR V 25 -11.89 26.29 11.18
N ILE V 26 -11.78 25.66 10.02
CA ILE V 26 -10.93 26.17 8.95
C ILE V 26 -11.73 27.09 8.03
N ALA V 27 -11.57 28.40 8.23
CA ALA V 27 -12.31 29.38 7.44
C ALA V 27 -11.78 29.51 6.02
N ASN V 28 -10.53 29.09 5.82
CA ASN V 28 -9.98 29.04 4.47
C ASN V 28 -8.84 28.05 4.32
N ARG V 29 -9.10 26.92 3.68
CA ARG V 29 -8.10 25.86 3.55
C ARG V 29 -7.14 26.11 2.39
N VAL V 30 -7.12 27.33 1.87
CA VAL V 30 -6.34 27.59 0.66
C VAL V 30 -5.84 29.04 0.56
N THR V 31 -5.62 29.67 1.72
CA THR V 31 -5.15 31.04 1.81
C THR V 31 -3.83 31.29 1.08
N ASP V 32 -3.72 32.44 0.42
CA ASP V 32 -2.47 32.88 -0.16
C ASP V 32 -1.72 33.74 0.86
N LYS V 33 -0.76 33.14 1.56
CA LYS V 33 -0.06 33.83 2.64
C LYS V 33 1.23 34.51 2.18
N LEU V 34 1.54 34.40 0.89
CA LEU V 34 2.66 35.11 0.31
C LEU V 34 2.14 36.36 -0.42
N THR V 35 2.38 37.52 0.18
CA THR V 35 1.85 38.76 -0.35
C THR V 35 2.92 39.63 -1.02
N PRO V 36 2.66 40.03 -2.28
CA PRO V 36 3.57 40.89 -3.03
C PRO V 36 3.51 42.32 -2.50
N ILE V 37 4.66 42.88 -2.14
CA ILE V 37 4.73 44.26 -1.71
C ILE V 37 5.25 45.12 -2.87
N HIS V 38 6.18 44.55 -3.63
CA HIS V 38 6.69 45.21 -4.83
C HIS V 38 7.15 44.15 -5.83
N ASP V 39 7.50 44.60 -7.03
CA ASP V 39 7.93 43.73 -8.13
C ASP V 39 8.78 42.53 -7.71
N ARG V 40 9.75 42.79 -6.83
CA ARG V 40 10.61 41.72 -6.33
C ARG V 40 10.71 41.72 -4.81
N ILE V 41 9.66 42.21 -4.16
CA ILE V 41 9.60 42.20 -2.70
C ILE V 41 8.32 41.58 -2.19
N PHE V 42 8.46 40.46 -1.50
CA PHE V 42 7.31 39.73 -0.96
C PHE V 42 7.37 39.71 0.56
N CYS V 43 6.24 39.41 1.19
CA CYS V 43 6.21 39.21 2.63
C CYS V 43 5.38 38.00 3.02
N CYS V 44 5.80 37.30 4.07
CA CYS V 44 5.07 36.16 4.59
C CYS V 44 4.33 36.56 5.84
N ARG V 45 3.01 36.33 5.84
CA ARG V 45 2.14 36.77 6.91
C ARG V 45 1.82 35.66 7.90
N SER V 46 1.81 36.01 9.19
CA SER V 46 1.31 35.11 10.22
C SER V 46 0.67 35.94 11.33
N GLY V 47 -0.28 35.34 12.03
CA GLY V 47 -1.00 36.06 13.08
C GLY V 47 -2.39 36.44 12.63
N SER V 48 -2.88 37.57 13.13
CA SER V 48 -4.20 38.05 12.76
C SER V 48 -4.28 38.32 11.26
N ALA V 49 -5.31 37.78 10.62
CA ALA V 49 -5.50 37.97 9.19
C ALA V 49 -5.74 39.44 8.87
N ALA V 50 -6.66 40.05 9.60
CA ALA V 50 -7.02 41.45 9.40
C ALA V 50 -5.79 42.35 9.56
N ASP V 51 -5.07 42.16 10.67
CA ASP V 51 -3.89 42.95 10.98
C ASP V 51 -2.84 42.85 9.87
N THR V 52 -2.42 41.63 9.54
CA THR V 52 -1.39 41.42 8.52
C THR V 52 -1.83 41.94 7.16
N GLN V 53 -3.10 41.77 6.81
CA GLN V 53 -3.61 42.27 5.53
C GLN V 53 -3.53 43.80 5.47
N ALA V 54 -4.05 44.45 6.52
CA ALA V 54 -4.04 45.91 6.60
C ALA V 54 -2.62 46.46 6.52
N VAL V 55 -1.72 45.89 7.33
CA VAL V 55 -0.34 46.33 7.35
C VAL V 55 0.33 46.12 5.99
N ALA V 56 0.10 44.97 5.38
CA ALA V 56 0.66 44.68 4.06
C ALA V 56 0.20 45.70 3.02
N ASP V 57 -1.09 46.02 3.04
CA ASP V 57 -1.65 47.03 2.14
C ASP V 57 -0.97 48.38 2.35
N ALA V 58 -0.90 48.81 3.60
CA ALA V 58 -0.29 50.10 3.93
C ALA V 58 1.16 50.18 3.48
N VAL V 59 1.91 49.11 3.73
CA VAL V 59 3.33 49.08 3.36
C VAL V 59 3.49 49.08 1.84
N THR V 60 2.61 48.37 1.14
CA THR V 60 2.62 48.39 -0.33
C THR V 60 2.40 49.81 -0.87
N TYR V 61 1.42 50.49 -0.27
CA TYR V 61 1.13 51.89 -0.54
C TYR V 61 2.38 52.77 -0.37
N GLN V 62 2.90 52.80 0.85
CA GLN V 62 4.05 53.62 1.21
C GLN V 62 5.27 53.34 0.34
N LEU V 63 5.58 52.06 0.16
CA LEU V 63 6.76 51.65 -0.59
C LEU V 63 6.60 51.98 -2.06
N GLY V 64 5.37 51.90 -2.57
CA GLY V 64 5.09 52.27 -3.94
C GLY V 64 5.37 53.74 -4.16
N PHE V 65 4.79 54.58 -3.31
CA PHE V 65 5.03 56.02 -3.39
C PHE V 65 6.52 56.36 -3.24
N HIS V 66 7.20 55.66 -2.34
CA HIS V 66 8.60 55.90 -2.07
C HIS V 66 9.47 55.56 -3.27
N SER V 67 9.21 54.39 -3.87
CA SER V 67 9.97 53.95 -5.02
C SER V 67 9.73 54.85 -6.24
N ILE V 68 8.49 55.32 -6.37
CA ILE V 68 8.19 56.28 -7.44
C ILE V 68 8.95 57.59 -7.21
N GLU V 69 8.95 58.05 -5.96
CA GLU V 69 9.60 59.31 -5.61
C GLU V 69 11.13 59.24 -5.76
N LEU V 70 11.69 58.05 -5.62
CA LEU V 70 13.13 57.87 -5.79
C LEU V 70 13.50 57.42 -7.19
N ASN V 71 12.52 56.94 -7.95
CA ASN V 71 12.75 56.38 -9.28
C ASN V 71 13.83 55.30 -9.28
N GLU V 72 13.75 54.41 -8.29
CA GLU V 72 14.69 53.31 -8.17
C GLU V 72 14.00 52.10 -7.57
N PRO V 73 14.45 50.89 -7.96
CA PRO V 73 13.93 49.66 -7.36
C PRO V 73 14.16 49.67 -5.86
N PRO V 74 13.07 49.56 -5.08
CA PRO V 74 13.11 49.69 -3.62
C PRO V 74 13.98 48.63 -2.94
N LEU V 75 14.80 49.06 -1.99
CA LEU V 75 15.60 48.15 -1.19
C LEU V 75 14.68 47.27 -0.36
N VAL V 76 15.03 45.99 -0.25
CA VAL V 76 14.24 45.06 0.57
C VAL V 76 14.26 45.51 2.02
N HIS V 77 15.43 46.00 2.46
CA HIS V 77 15.60 46.52 3.81
C HIS V 77 14.65 47.67 4.10
N THR V 78 14.27 48.41 3.06
CA THR V 78 13.36 49.53 3.20
C THR V 78 11.93 49.06 3.48
N ALA V 79 11.49 48.04 2.73
CA ALA V 79 10.19 47.44 2.94
C ALA V 79 10.12 46.84 4.35
N ALA V 80 11.17 46.11 4.69
CA ALA V 80 11.28 45.53 6.02
C ALA V 80 11.25 46.61 7.10
N SER V 81 11.81 47.78 6.78
CA SER V 81 11.83 48.89 7.72
C SER V 81 10.47 49.56 7.89
N LEU V 82 9.67 49.58 6.81
CA LEU V 82 8.31 50.11 6.89
C LEU V 82 7.45 49.19 7.73
N PHE V 83 7.54 47.89 7.43
CA PHE V 83 6.87 46.86 8.24
C PHE V 83 7.28 46.99 9.70
N LYS V 84 8.58 47.15 9.92
CA LYS V 84 9.15 47.27 11.27
C LYS V 84 8.56 48.45 12.01
N GLU V 85 8.53 49.61 11.34
CA GLU V 85 7.98 50.81 11.95
C GLU V 85 6.53 50.61 12.34
N MET V 86 5.73 50.09 11.42
CA MET V 86 4.32 49.87 11.70
C MET V 86 4.09 48.90 12.86
N CYS V 87 4.77 47.76 12.80
CA CYS V 87 4.58 46.71 13.79
C CYS V 87 5.10 47.08 15.17
N TYR V 88 6.16 47.88 15.21
CA TYR V 88 6.71 48.33 16.49
C TYR V 88 5.85 49.43 17.11
N ARG V 89 5.44 50.39 16.28
CA ARG V 89 4.64 51.50 16.76
C ARG V 89 3.32 51.03 17.36
N TYR V 90 2.69 50.07 16.71
CA TYR V 90 1.40 49.57 17.15
C TYR V 90 1.51 48.13 17.66
N ARG V 91 2.58 47.84 18.39
CA ARG V 91 2.83 46.49 18.88
C ARG V 91 1.76 46.01 19.85
N GLU V 92 1.17 46.94 20.59
CA GLU V 92 0.16 46.60 21.59
C GLU V 92 -1.22 46.41 20.97
N ASP V 93 -1.34 46.71 19.68
CA ASP V 93 -2.63 46.65 19.00
C ASP V 93 -2.63 45.69 17.81
N LEU V 94 -1.46 45.15 17.49
CA LEU V 94 -1.31 44.25 16.35
C LEU V 94 -0.85 42.87 16.78
N MET V 95 -1.38 41.84 16.11
CA MET V 95 -0.86 40.49 16.26
C MET V 95 -0.30 40.05 14.93
N ALA V 96 0.97 40.37 14.68
CA ALA V 96 1.57 40.09 13.38
C ALA V 96 3.00 39.57 13.49
N GLY V 97 3.24 38.47 12.78
CA GLY V 97 4.57 37.93 12.61
C GLY V 97 4.87 37.90 11.13
N ILE V 98 5.83 38.69 10.71
CA ILE V 98 6.08 38.90 9.28
C ILE V 98 7.48 38.45 8.88
N ILE V 99 7.61 37.92 7.68
CA ILE V 99 8.92 37.66 7.11
C ILE V 99 9.06 38.35 5.76
N ILE V 100 9.74 39.49 5.73
CA ILE V 100 9.89 40.24 4.48
C ILE V 100 11.12 39.75 3.72
N ALA V 101 10.92 39.25 2.51
CA ALA V 101 12.05 38.76 1.73
C ALA V 101 11.92 39.10 0.24
N GLY V 102 13.06 39.20 -0.43
CA GLY V 102 13.04 39.53 -1.85
C GLY V 102 14.40 39.86 -2.44
N TRP V 103 14.39 40.31 -3.69
CA TRP V 103 15.63 40.67 -4.38
C TRP V 103 15.79 42.18 -4.48
N ASP V 104 17.04 42.62 -4.59
CA ASP V 104 17.37 44.04 -4.58
C ASP V 104 18.73 44.25 -5.22
N PRO V 105 18.78 45.09 -6.27
CA PRO V 105 19.98 45.35 -7.08
C PRO V 105 21.24 45.72 -6.29
N GLN V 106 21.08 46.21 -5.06
CA GLN V 106 22.22 46.66 -4.27
C GLN V 106 22.72 45.61 -3.28
N GLU V 107 21.81 44.82 -2.73
CA GLU V 107 22.17 43.84 -1.70
C GLU V 107 21.79 42.40 -2.08
N GLY V 108 21.16 42.23 -3.22
CA GLY V 108 20.78 40.90 -3.69
C GLY V 108 19.62 40.32 -2.92
N GLY V 109 19.61 38.99 -2.78
CA GLY V 109 18.56 38.30 -2.07
C GLY V 109 18.65 38.50 -0.57
N GLN V 110 17.56 38.99 0.03
CA GLN V 110 17.54 39.30 1.45
C GLN V 110 16.30 38.74 2.14
N VAL V 111 16.49 38.29 3.38
CA VAL V 111 15.41 37.80 4.23
C VAL V 111 15.46 38.47 5.60
N TYR V 112 14.35 39.11 5.99
CA TYR V 112 14.25 39.80 7.27
C TYR V 112 13.06 39.29 8.07
N SER V 113 13.25 39.21 9.40
CA SER V 113 12.17 38.81 10.29
C SER V 113 11.65 39.98 11.12
N VAL V 114 10.34 40.12 11.17
CA VAL V 114 9.70 41.09 12.04
C VAL V 114 8.68 40.36 12.90
N PRO V 115 9.13 39.82 14.04
CA PRO V 115 8.27 39.08 14.97
C PRO V 115 7.36 40.03 15.75
N MET V 116 6.51 39.47 16.60
CA MET V 116 5.46 40.26 17.26
C MET V 116 5.97 41.43 18.09
N GLY V 117 7.24 41.38 18.50
CA GLY V 117 7.82 42.47 19.26
C GLY V 117 7.85 43.77 18.47
N GLY V 118 8.26 43.68 17.22
CA GLY V 118 8.44 44.86 16.39
C GLY V 118 9.90 45.04 16.02
N MET V 119 10.75 44.12 16.49
CA MET V 119 12.16 44.16 16.16
C MET V 119 12.38 43.69 14.73
N MET V 120 13.59 43.89 14.22
CA MET V 120 13.93 43.49 12.87
C MET V 120 15.35 42.94 12.82
N VAL V 121 15.54 41.82 12.12
CA VAL V 121 16.85 41.22 11.97
C VAL V 121 16.95 40.44 10.66
N ARG V 122 18.08 40.57 9.98
CA ARG V 122 18.32 39.82 8.76
C ARG V 122 18.85 38.42 9.10
N GLN V 123 18.34 37.41 8.41
CA GLN V 123 18.75 36.04 8.66
C GLN V 123 19.03 35.29 7.36
N SER V 124 19.88 34.27 7.45
CA SER V 124 20.15 33.40 6.31
C SER V 124 18.85 32.69 5.90
N PHE V 125 18.06 32.34 6.90
CA PHE V 125 16.73 31.80 6.70
C PHE V 125 15.87 32.13 7.90
N ALA V 126 14.55 32.14 7.71
CA ALA V 126 13.63 32.53 8.77
C ALA V 126 12.37 31.68 8.72
N ILE V 127 11.86 31.33 9.90
CA ILE V 127 10.60 30.61 10.01
C ILE V 127 9.69 31.32 11.00
N GLY V 128 8.39 31.20 10.81
CA GLY V 128 7.42 31.83 11.69
C GLY V 128 6.10 31.10 11.67
N GLY V 129 5.15 31.59 12.46
CA GLY V 129 3.84 30.95 12.55
C GLY V 129 3.81 29.89 13.62
N SER V 130 2.62 29.41 13.95
CA SER V 130 2.44 28.41 15.00
C SER V 130 3.19 27.11 14.73
N GLY V 131 3.31 26.75 13.46
CA GLY V 131 3.94 25.49 13.07
C GLY V 131 5.45 25.52 13.14
N SER V 132 6.03 26.72 13.12
CA SER V 132 7.48 26.89 13.11
C SER V 132 8.14 26.20 14.30
N SER V 133 7.40 26.13 15.40
CA SER V 133 7.90 25.48 16.62
C SER V 133 8.30 24.04 16.37
N TYR V 134 7.56 23.36 15.50
CA TYR V 134 7.78 21.93 15.28
C TYR V 134 8.90 21.62 14.29
N ILE V 135 9.47 22.66 13.67
CA ILE V 135 10.51 22.43 12.68
C ILE V 135 11.83 23.12 12.98
N TYR V 136 11.96 23.71 14.18
CA TYR V 136 13.22 24.34 14.58
C TYR V 136 14.38 23.37 14.53
N GLY V 137 14.17 22.17 15.06
CA GLY V 137 15.21 21.15 15.07
C GLY V 137 15.60 20.68 13.68
N TYR V 138 14.60 20.33 12.87
CA TYR V 138 14.84 19.89 11.50
C TYR V 138 15.57 20.96 10.71
N VAL V 139 15.06 22.19 10.81
CA VAL V 139 15.64 23.31 10.07
C VAL V 139 17.06 23.62 10.56
N ASP V 140 17.34 23.28 11.81
CA ASP V 140 18.69 23.46 12.37
C ASP V 140 19.65 22.39 11.85
N ALA V 141 19.14 21.18 11.70
CA ALA V 141 19.99 20.04 11.32
C ALA V 141 20.13 19.89 9.81
N THR V 142 19.28 20.58 9.06
CA THR V 142 19.24 20.40 7.61
C THR V 142 19.88 21.56 6.84
N TYR V 143 19.90 22.74 7.45
CA TYR V 143 20.45 23.91 6.78
C TYR V 143 21.94 23.79 6.49
N ARG V 144 22.32 24.17 5.27
CA ARG V 144 23.71 24.13 4.83
C ARG V 144 23.98 25.35 3.97
N GLU V 145 25.05 26.08 4.27
CA GLU V 145 25.37 27.29 3.51
C GLU V 145 25.79 26.97 2.08
N GLY V 146 25.35 27.81 1.15
CA GLY V 146 25.69 27.65 -0.25
C GLY V 146 24.69 26.81 -1.01
N MET V 147 23.48 26.69 -0.46
CA MET V 147 22.42 25.93 -1.11
C MET V 147 22.04 26.56 -2.44
N THR V 148 21.70 25.73 -3.42
CA THR V 148 21.22 26.22 -4.70
C THR V 148 19.77 26.63 -4.57
N LYS V 149 19.25 27.30 -5.60
CA LYS V 149 17.87 27.74 -5.61
C LYS V 149 16.90 26.56 -5.44
N GLU V 150 17.13 25.51 -6.21
CA GLU V 150 16.29 24.32 -6.16
C GLU V 150 16.46 23.59 -4.83
N GLU V 151 17.67 23.63 -4.27
CA GLU V 151 17.93 23.04 -2.97
C GLU V 151 17.14 23.76 -1.87
N CYS V 152 17.10 25.08 -1.94
CA CYS V 152 16.32 25.87 -0.99
C CYS V 152 14.83 25.59 -1.17
N LEU V 153 14.41 25.46 -2.42
CA LEU V 153 13.03 25.13 -2.77
C LEU V 153 12.60 23.82 -2.08
N GLN V 154 13.38 22.77 -2.32
CA GLN V 154 13.14 21.47 -1.71
C GLN V 154 13.17 21.55 -0.19
N PHE V 155 14.09 22.37 0.32
CA PHE V 155 14.29 22.56 1.76
C PHE V 155 13.02 23.10 2.42
N THR V 156 12.55 24.25 1.94
CA THR V 156 11.33 24.85 2.48
C THR V 156 10.14 23.93 2.27
N ALA V 157 10.10 23.25 1.13
CA ALA V 157 9.02 22.30 0.87
C ALA V 157 8.94 21.23 1.96
N ASN V 158 10.08 20.59 2.25
CA ASN V 158 10.15 19.56 3.27
C ASN V 158 9.78 20.09 4.66
N ALA V 159 10.41 21.19 5.04
CA ALA V 159 10.15 21.80 6.35
C ALA V 159 8.66 22.12 6.55
N LEU V 160 8.08 22.82 5.58
CA LEU V 160 6.67 23.17 5.62
C LEU V 160 5.79 21.92 5.67
N ALA V 161 6.17 20.89 4.93
CA ALA V 161 5.43 19.64 4.94
C ALA V 161 5.38 19.05 6.35
N LEU V 162 6.55 18.96 6.98
CA LEU V 162 6.66 18.43 8.34
C LEU V 162 5.80 19.22 9.32
N ALA V 163 5.98 20.55 9.30
CA ALA V 163 5.23 21.44 10.19
C ALA V 163 3.72 21.26 10.00
N MET V 164 3.27 21.26 8.76
CA MET V 164 1.86 21.08 8.44
C MET V 164 1.34 19.74 8.96
N GLU V 165 2.18 18.71 8.86
CA GLU V 165 1.81 17.39 9.34
C GLU V 165 1.60 17.41 10.86
N ARG V 166 2.48 18.08 11.58
CA ARG V 166 2.37 18.13 13.03
C ARG V 166 1.40 19.18 13.58
N ASP V 167 1.43 20.39 13.02
CA ASP V 167 0.61 21.48 13.52
C ASP V 167 -0.83 21.41 12.99
N GLY V 168 -1.79 21.54 13.90
CA GLY V 168 -3.19 21.49 13.54
C GLY V 168 -3.65 22.79 12.93
N SER V 169 -3.00 23.89 13.31
CA SER V 169 -3.33 25.20 12.78
C SER V 169 -2.72 25.42 11.41
N SER V 170 -1.85 24.50 11.01
CA SER V 170 -1.26 24.54 9.68
C SER V 170 -1.71 23.36 8.84
N GLY V 171 -1.74 23.54 7.53
CA GLY V 171 -2.16 22.48 6.64
C GLY V 171 -2.67 23.02 5.31
N GLY V 172 -3.37 22.16 4.58
CA GLY V 172 -3.92 22.54 3.29
C GLY V 172 -2.94 22.31 2.15
N VAL V 173 -2.44 23.39 1.58
CA VAL V 173 -1.58 23.33 0.40
C VAL V 173 -0.27 24.09 0.65
N ILE V 174 0.77 23.76 -0.10
CA ILE V 174 2.03 24.47 0.04
C ILE V 174 2.23 25.50 -1.06
N ARG V 175 2.41 26.76 -0.68
CA ARG V 175 2.66 27.81 -1.66
C ARG V 175 4.12 28.24 -1.63
N LEU V 176 4.76 28.19 -2.79
CA LEU V 176 6.17 28.56 -2.92
C LEU V 176 6.36 29.71 -3.90
N ALA V 177 7.38 30.53 -3.64
CA ALA V 177 7.71 31.63 -4.54
C ALA V 177 9.22 31.79 -4.67
N ALA V 178 9.71 31.85 -5.90
CA ALA V 178 11.14 32.02 -6.13
C ALA V 178 11.39 33.43 -6.64
N ILE V 179 12.19 34.20 -5.91
CA ILE V 179 12.45 35.58 -6.30
C ILE V 179 13.92 35.81 -6.62
N ALA V 180 14.19 36.35 -7.80
CA ALA V 180 15.54 36.69 -8.21
C ALA V 180 15.50 37.89 -9.14
N GLU V 181 16.62 38.17 -9.80
CA GLU V 181 16.68 39.26 -10.77
C GLU V 181 15.76 38.95 -11.95
N SER V 182 15.61 37.66 -12.24
CA SER V 182 14.76 37.21 -13.35
C SER V 182 13.31 37.62 -13.14
N GLY V 183 12.80 37.42 -11.93
CA GLY V 183 11.42 37.75 -11.62
C GLY V 183 10.88 36.89 -10.50
N VAL V 184 9.59 36.58 -10.57
CA VAL V 184 8.93 35.79 -9.54
C VAL V 184 8.30 34.52 -10.09
N GLU V 185 8.80 33.38 -9.63
CA GLU V 185 8.28 32.08 -10.04
C GLU V 185 7.46 31.46 -8.92
N ARG V 186 6.15 31.59 -9.00
CA ARG V 186 5.27 31.03 -7.97
C ARG V 186 4.73 29.66 -8.36
N GLN V 187 4.67 28.75 -7.40
CA GLN V 187 4.11 27.43 -7.63
C GLN V 187 3.39 26.86 -6.42
N VAL V 188 2.60 25.82 -6.64
CA VAL V 188 1.74 25.25 -5.61
C VAL V 188 1.87 23.73 -5.53
N LEU V 189 2.30 23.24 -4.36
CA LEU V 189 2.39 21.82 -4.10
C LEU V 189 1.16 21.31 -3.38
N LEU V 190 0.42 20.41 -4.03
CA LEU V 190 -0.84 19.88 -3.48
C LEU V 190 -0.89 18.36 -3.55
N GLY V 191 -1.53 17.75 -2.55
CA GLY V 191 -1.75 16.32 -2.54
C GLY V 191 -0.49 15.48 -2.53
N ASP V 192 -0.27 14.72 -3.60
CA ASP V 192 0.89 13.84 -3.70
C ASP V 192 2.18 14.61 -3.97
N GLN V 193 2.05 15.87 -4.36
CA GLN V 193 3.20 16.73 -4.60
C GLN V 193 3.88 17.08 -3.28
N ILE V 194 3.07 17.21 -2.23
CA ILE V 194 3.58 17.51 -0.89
C ILE V 194 4.40 16.32 -0.38
N PRO V 195 5.65 16.59 0.04
CA PRO V 195 6.58 15.57 0.55
C PRO V 195 5.98 14.76 1.69
N LYS V 196 6.14 13.44 1.61
CA LYS V 196 5.62 12.53 2.62
C LYS V 196 6.75 11.85 3.38
N PHE V 197 6.48 11.45 4.62
CA PHE V 197 7.49 10.81 5.45
C PHE V 197 6.96 9.54 6.11
N ALA V 198 7.84 8.58 6.33
CA ALA V 198 7.47 7.28 6.89
C ALA V 198 6.89 7.40 8.30
N VAL V 199 5.64 7.00 8.45
CA VAL V 199 4.97 6.99 9.75
C VAL V 199 5.20 5.65 10.44
N ALA V 200 5.50 5.69 11.74
CA ALA V 200 5.76 4.48 12.51
C ALA V 200 4.58 3.51 12.47
N THR V 201 4.88 2.23 12.26
CA THR V 201 3.86 1.20 12.16
C THR V 201 3.76 0.36 13.43
N LEU V 202 4.39 -0.81 13.41
CA LEU V 202 4.37 -1.70 14.56
C LEU V 202 5.12 -1.11 15.75
N THR W 1 -27.78 33.42 10.95
CA THR W 1 -27.57 33.76 9.55
C THR W 1 -26.95 32.60 8.77
N THR W 2 -27.54 32.27 7.63
CA THR W 2 -27.06 31.18 6.80
C THR W 2 -26.94 31.61 5.34
N ILE W 3 -26.01 32.52 5.07
CA ILE W 3 -25.80 33.01 3.71
C ILE W 3 -24.78 32.16 2.97
N ALA W 4 -24.43 32.59 1.77
CA ALA W 4 -23.46 31.86 0.95
C ALA W 4 -23.24 32.54 -0.39
N GLY W 5 -22.23 32.08 -1.14
CA GLY W 5 -21.93 32.64 -2.44
C GLY W 5 -21.07 31.69 -3.24
N VAL W 6 -21.36 31.63 -4.54
CA VAL W 6 -20.62 30.75 -5.43
C VAL W 6 -20.31 31.42 -6.77
N VAL W 7 -19.25 30.96 -7.41
CA VAL W 7 -18.82 31.48 -8.70
C VAL W 7 -18.94 30.39 -9.76
N TYR W 8 -19.74 30.65 -10.79
CA TYR W 8 -19.89 29.70 -11.89
C TYR W 8 -19.35 30.26 -13.20
N LYS W 9 -19.67 29.58 -14.29
CA LYS W 9 -19.11 29.91 -15.61
C LYS W 9 -19.40 31.35 -16.06
N ASP W 10 -20.64 31.78 -15.88
CA ASP W 10 -21.07 33.08 -16.40
C ASP W 10 -21.13 34.18 -15.36
N GLY W 11 -21.02 33.80 -14.08
CA GLY W 11 -21.08 34.81 -13.03
C GLY W 11 -21.09 34.30 -11.60
N ILE W 12 -22.07 34.76 -10.83
CA ILE W 12 -22.08 34.58 -9.39
C ILE W 12 -23.49 34.36 -8.85
N VAL W 13 -23.63 33.38 -7.95
CA VAL W 13 -24.90 33.17 -7.27
C VAL W 13 -24.77 33.47 -5.78
N LEU W 14 -25.65 34.32 -5.26
CA LEU W 14 -25.64 34.63 -3.84
C LEU W 14 -26.91 34.10 -3.16
N GLY W 15 -26.75 33.53 -1.98
CA GLY W 15 -27.87 32.97 -1.25
C GLY W 15 -27.94 33.44 0.19
N ALA W 16 -29.15 33.40 0.75
CA ALA W 16 -29.38 33.83 2.12
C ALA W 16 -30.74 33.34 2.63
N ASP W 17 -30.83 33.07 3.92
CA ASP W 17 -32.13 32.77 4.53
C ASP W 17 -32.80 34.08 4.90
N THR W 18 -33.92 34.02 5.62
CA THR W 18 -34.67 35.23 5.93
C THR W 18 -35.10 35.31 7.39
N ARG W 19 -34.43 34.57 8.26
CA ARG W 19 -34.76 34.61 9.68
C ARG W 19 -33.94 35.63 10.45
N ALA W 20 -34.61 36.50 11.19
CA ALA W 20 -33.95 37.44 12.08
C ALA W 20 -34.42 37.20 13.51
N THR W 21 -33.46 37.03 14.41
CA THR W 21 -33.77 36.66 15.79
C THR W 21 -33.37 37.74 16.79
N GLU W 22 -34.11 37.81 17.89
CA GLU W 22 -33.67 38.53 19.07
C GLU W 22 -33.84 37.63 20.29
N GLY W 23 -32.72 37.25 20.89
CA GLY W 23 -32.73 36.20 21.90
C GLY W 23 -32.87 34.87 21.19
N MET W 24 -33.68 33.98 21.74
CA MET W 24 -33.96 32.71 21.08
C MET W 24 -35.37 32.73 20.50
N VAL W 25 -35.80 33.91 20.06
CA VAL W 25 -37.13 34.11 19.49
C VAL W 25 -37.02 34.70 18.09
N VAL W 26 -37.80 34.17 17.16
CA VAL W 26 -37.83 34.69 15.79
C VAL W 26 -38.55 36.03 15.76
N ALA W 27 -37.83 37.08 15.38
CA ALA W 27 -38.41 38.41 15.33
C ALA W 27 -38.93 38.72 13.93
N ASP W 28 -38.15 38.35 12.92
CA ASP W 28 -38.56 38.53 11.53
C ASP W 28 -38.52 37.21 10.77
N LYS W 29 -39.66 36.81 10.22
CA LYS W 29 -39.74 35.58 9.45
C LYS W 29 -39.28 35.81 8.01
N ASN W 30 -39.37 37.05 7.54
CA ASN W 30 -38.94 37.38 6.19
C ASN W 30 -38.07 38.64 6.17
N CYS W 31 -36.76 38.42 6.25
CA CYS W 31 -35.81 39.52 6.26
C CYS W 31 -34.90 39.43 5.04
N SER W 32 -34.79 40.53 4.31
CA SER W 32 -33.92 40.56 3.13
C SER W 32 -32.47 40.77 3.55
N LYS W 33 -31.65 39.75 3.34
CA LYS W 33 -30.25 39.78 3.76
C LYS W 33 -29.31 39.93 2.58
N ILE W 34 -29.87 40.04 1.38
CA ILE W 34 -29.07 40.28 0.20
C ILE W 34 -29.21 41.74 -0.24
N HIS W 35 -28.12 42.49 -0.12
CA HIS W 35 -28.19 43.94 -0.25
C HIS W 35 -27.63 44.48 -1.56
N PHE W 36 -28.24 45.55 -2.04
CA PHE W 36 -27.78 46.26 -3.22
C PHE W 36 -26.56 47.11 -2.89
N ILE W 37 -25.46 46.87 -3.61
CA ILE W 37 -24.29 47.74 -3.52
C ILE W 37 -24.25 48.63 -4.75
N SER W 38 -24.02 48.00 -5.91
CA SER W 38 -24.09 48.67 -7.19
C SER W 38 -24.95 47.80 -8.10
N PRO W 39 -25.40 48.34 -9.24
CA PRO W 39 -26.20 47.53 -10.16
C PRO W 39 -25.54 46.22 -10.59
N ASN W 40 -24.22 46.11 -10.42
CA ASN W 40 -23.50 44.90 -10.77
C ASN W 40 -22.87 44.21 -9.56
N ILE W 41 -23.13 44.74 -8.37
CA ILE W 41 -22.56 44.18 -7.13
C ILE W 41 -23.58 44.09 -6.01
N TYR W 42 -23.74 42.89 -5.47
CA TYR W 42 -24.63 42.67 -4.33
C TYR W 42 -23.85 42.07 -3.16
N CYS W 43 -24.43 42.19 -1.96
CA CYS W 43 -23.73 41.74 -0.76
C CYS W 43 -24.67 41.19 0.30
N CYS W 44 -24.42 39.94 0.71
CA CYS W 44 -25.19 39.29 1.76
C CYS W 44 -24.65 39.65 3.14
N GLY W 45 -25.56 39.92 4.07
CA GLY W 45 -25.17 40.36 5.40
C GLY W 45 -25.61 39.42 6.51
N ALA W 46 -24.66 39.07 7.37
CA ALA W 46 -24.92 38.25 8.55
C ALA W 46 -24.29 38.90 9.78
N GLY W 47 -24.89 38.69 10.94
CA GLY W 47 -24.35 39.25 12.16
C GLY W 47 -25.29 40.26 12.79
N THR W 48 -24.74 41.39 13.23
CA THR W 48 -25.55 42.46 13.81
C THR W 48 -26.31 43.14 12.69
N ALA W 49 -27.63 43.02 12.73
CA ALA W 49 -28.49 43.45 11.63
C ALA W 49 -28.28 44.91 11.24
N ALA W 50 -28.43 45.81 12.21
CA ALA W 50 -28.28 47.24 11.95
C ALA W 50 -26.90 47.56 11.38
N ASP W 51 -25.89 46.83 11.82
CA ASP W 51 -24.53 47.04 11.34
C ASP W 51 -24.41 46.66 9.86
N THR W 52 -24.90 45.47 9.51
CA THR W 52 -24.88 45.03 8.12
C THR W 52 -25.65 46.01 7.24
N ASP W 53 -26.82 46.43 7.72
CA ASP W 53 -27.64 47.42 7.02
C ASP W 53 -26.85 48.70 6.74
N MET W 54 -26.48 49.41 7.80
CA MET W 54 -25.83 50.71 7.65
C MET W 54 -24.51 50.64 6.89
N THR W 55 -23.77 49.55 7.10
CA THR W 55 -22.49 49.37 6.42
C THR W 55 -22.69 49.20 4.92
N THR W 56 -23.58 48.27 4.57
CA THR W 56 -23.84 47.97 3.18
C THR W 56 -24.43 49.20 2.46
N GLN W 57 -25.28 49.95 3.17
CA GLN W 57 -25.89 51.16 2.62
C GLN W 57 -24.84 52.22 2.37
N LEU W 58 -23.96 52.42 3.35
CA LEU W 58 -22.91 53.42 3.26
C LEU W 58 -21.98 53.13 2.09
N ILE W 59 -21.53 51.88 1.99
CA ILE W 59 -20.63 51.50 0.91
C ILE W 59 -21.31 51.60 -0.45
N SER W 60 -22.60 51.24 -0.49
CA SER W 60 -23.38 51.41 -1.71
C SER W 60 -23.38 52.87 -2.13
N SER W 61 -23.62 53.77 -1.17
CA SER W 61 -23.66 55.20 -1.43
C SER W 61 -22.32 55.71 -1.98
N ASN W 62 -21.25 55.39 -1.26
CA ASN W 62 -19.91 55.78 -1.70
C ASN W 62 -19.57 55.25 -3.08
N LEU W 63 -20.03 54.04 -3.40
CA LEU W 63 -19.80 53.49 -4.72
C LEU W 63 -20.61 54.22 -5.78
N GLU W 64 -21.80 54.66 -5.41
CA GLU W 64 -22.62 55.44 -6.33
C GLU W 64 -21.91 56.75 -6.66
N LEU W 65 -21.38 57.41 -5.63
CA LEU W 65 -20.58 58.61 -5.82
C LEU W 65 -19.39 58.33 -6.73
N HIS W 66 -18.72 57.22 -6.44
CA HIS W 66 -17.53 56.82 -7.18
C HIS W 66 -17.82 56.66 -8.67
N SER W 67 -18.80 55.83 -9.00
CA SER W 67 -19.15 55.57 -10.39
C SER W 67 -19.72 56.82 -11.07
N LEU W 68 -20.43 57.63 -10.29
CA LEU W 68 -20.93 58.91 -10.79
C LEU W 68 -19.79 59.79 -11.27
N SER W 69 -18.68 59.80 -10.53
CA SER W 69 -17.54 60.61 -10.93
C SER W 69 -16.68 59.94 -12.01
N THR W 70 -16.61 58.62 -12.00
CA THR W 70 -15.75 57.89 -12.94
C THR W 70 -16.45 57.58 -14.26
N GLY W 71 -17.77 57.52 -14.22
CA GLY W 71 -18.56 57.25 -15.41
C GLY W 71 -18.52 55.80 -15.86
N ARG W 72 -17.84 54.96 -15.08
CA ARG W 72 -17.71 53.55 -15.41
C ARG W 72 -18.50 52.69 -14.41
N LEU W 73 -18.51 51.39 -14.65
CA LEU W 73 -19.16 50.45 -13.76
C LEU W 73 -18.20 50.10 -12.63
N PRO W 74 -18.69 50.16 -11.37
CA PRO W 74 -17.88 49.94 -10.17
C PRO W 74 -17.19 48.57 -10.15
N ARG W 75 -15.97 48.51 -9.64
CA ARG W 75 -15.27 47.25 -9.49
C ARG W 75 -15.54 46.62 -8.12
N VAL W 76 -15.46 45.30 -8.05
CA VAL W 76 -15.71 44.59 -6.79
C VAL W 76 -14.59 44.83 -5.78
N VAL W 77 -13.36 44.92 -6.28
CA VAL W 77 -12.21 45.20 -5.42
C VAL W 77 -12.39 46.49 -4.63
N THR W 78 -13.11 47.44 -5.23
CA THR W 78 -13.32 48.73 -4.59
C THR W 78 -14.25 48.58 -3.39
N ALA W 79 -15.35 47.88 -3.59
CA ALA W 79 -16.31 47.62 -2.51
C ALA W 79 -15.63 46.83 -1.41
N ASN W 80 -14.79 45.88 -1.82
CA ASN W 80 -14.04 45.07 -0.88
C ASN W 80 -13.08 45.90 -0.03
N ARG W 81 -12.32 46.77 -0.67
CA ARG W 81 -11.39 47.67 0.02
C ARG W 81 -12.12 48.58 1.00
N MET W 82 -13.17 49.23 0.52
CA MET W 82 -13.96 50.13 1.36
C MET W 82 -14.49 49.41 2.60
N LEU W 83 -15.12 48.26 2.36
CA LEU W 83 -15.68 47.45 3.44
C LEU W 83 -14.62 47.01 4.45
N LYS W 84 -13.55 46.40 3.96
CA LYS W 84 -12.52 45.87 4.86
C LYS W 84 -11.81 46.97 5.64
N GLN W 85 -11.60 48.12 5.00
CA GLN W 85 -10.91 49.22 5.67
C GLN W 85 -11.79 49.86 6.73
N MET W 86 -13.07 50.07 6.41
CA MET W 86 -14.00 50.59 7.40
C MET W 86 -14.12 49.65 8.59
N LEU W 87 -14.37 48.37 8.29
CA LEU W 87 -14.55 47.37 9.34
C LEU W 87 -13.31 47.23 10.21
N PHE W 88 -12.14 47.29 9.59
CA PHE W 88 -10.89 47.18 10.33
C PHE W 88 -10.65 48.41 11.19
N ARG W 89 -11.07 49.57 10.71
CA ARG W 89 -10.91 50.81 11.48
C ARG W 89 -11.70 50.76 12.78
N TYR W 90 -12.74 49.92 12.81
CA TYR W 90 -13.58 49.80 14.00
C TYR W 90 -13.25 48.57 14.84
N GLN W 91 -12.21 47.86 14.42
CA GLN W 91 -11.68 46.71 15.18
C GLN W 91 -12.71 45.69 15.63
N GLY W 92 -13.67 45.37 14.75
CA GLY W 92 -14.62 44.32 15.03
C GLY W 92 -15.85 44.74 15.82
N TYR W 93 -15.91 46.00 16.23
CA TYR W 93 -17.06 46.48 17.01
C TYR W 93 -18.30 46.65 16.13
N ILE W 94 -18.12 46.58 14.82
CA ILE W 94 -19.23 46.55 13.88
C ILE W 94 -19.48 45.10 13.48
N GLY W 95 -20.51 44.50 14.06
CA GLY W 95 -20.79 43.10 13.86
C GLY W 95 -21.32 42.77 12.48
N ALA W 96 -20.45 42.84 11.48
CA ALA W 96 -20.86 42.66 10.09
C ALA W 96 -20.02 41.64 9.33
N ALA W 97 -20.55 40.43 9.20
CA ALA W 97 -19.97 39.40 8.34
C ALA W 97 -20.65 39.50 6.98
N LEU W 98 -19.87 39.49 5.92
CA LEU W 98 -20.43 39.78 4.59
C LEU W 98 -19.96 38.84 3.50
N VAL W 99 -20.85 38.60 2.54
CA VAL W 99 -20.49 37.89 1.32
C VAL W 99 -20.69 38.82 0.14
N LEU W 100 -19.59 39.28 -0.44
CA LEU W 100 -19.63 40.29 -1.50
C LEU W 100 -19.46 39.65 -2.86
N GLY W 101 -20.46 39.77 -3.72
CA GLY W 101 -20.39 39.16 -5.03
C GLY W 101 -20.73 40.13 -6.14
N GLY W 102 -19.99 40.06 -7.25
CA GLY W 102 -20.28 40.94 -8.37
C GLY W 102 -19.55 40.63 -9.65
N VAL W 103 -20.04 41.18 -10.76
CA VAL W 103 -19.38 40.98 -12.06
C VAL W 103 -18.75 42.28 -12.53
N ASP W 104 -17.49 42.19 -12.93
CA ASP W 104 -16.70 43.37 -13.31
C ASP W 104 -16.42 43.46 -14.80
N VAL W 105 -15.50 44.35 -15.14
CA VAL W 105 -14.91 44.41 -16.45
C VAL W 105 -13.81 43.36 -16.48
N THR W 106 -13.49 42.84 -15.29
CA THR W 106 -12.46 41.81 -15.15
C THR W 106 -13.09 40.45 -14.89
N GLY W 107 -14.41 40.42 -14.74
CA GLY W 107 -15.12 39.17 -14.57
C GLY W 107 -15.87 39.04 -13.25
N PRO W 108 -16.21 37.81 -12.87
CA PRO W 108 -16.89 37.52 -11.60
C PRO W 108 -15.94 37.49 -10.42
N HIS W 109 -16.35 38.12 -9.31
CA HIS W 109 -15.55 38.17 -8.10
C HIS W 109 -16.39 37.98 -6.85
N LEU W 110 -15.90 37.10 -5.97
CA LEU W 110 -16.57 36.73 -4.75
C LEU W 110 -15.62 36.84 -3.56
N TYR W 111 -16.00 37.65 -2.57
CA TYR W 111 -15.21 37.85 -1.37
C TYR W 111 -16.02 37.50 -0.12
N SER W 112 -15.32 37.06 0.92
CA SER W 112 -15.92 36.96 2.24
C SER W 112 -15.22 37.97 3.13
N ILE W 113 -16.02 38.74 3.88
CA ILE W 113 -15.48 39.84 4.68
C ILE W 113 -15.90 39.71 6.14
N TYR W 114 -14.92 39.45 7.01
CA TYR W 114 -15.19 39.27 8.44
C TYR W 114 -15.14 40.62 9.17
N PRO W 115 -15.95 40.77 10.23
CA PRO W 115 -16.14 42.04 10.92
C PRO W 115 -14.86 42.69 11.44
N HIS W 116 -13.78 41.93 11.51
CA HIS W 116 -12.50 42.49 11.96
C HIS W 116 -11.72 43.12 10.81
N GLY W 117 -12.20 42.93 9.58
CA GLY W 117 -11.62 43.60 8.44
C GLY W 117 -10.79 42.73 7.52
N SER W 118 -10.79 41.42 7.75
CA SER W 118 -10.06 40.50 6.89
C SER W 118 -10.95 39.99 5.78
N THR W 119 -10.39 39.81 4.59
CA THR W 119 -11.15 39.31 3.44
C THR W 119 -10.53 38.08 2.79
N ASP W 120 -11.36 37.26 2.17
CA ASP W 120 -10.89 36.10 1.43
C ASP W 120 -11.56 36.03 0.06
N LYS W 121 -10.76 35.98 -1.00
CA LYS W 121 -11.31 35.80 -2.34
C LYS W 121 -11.31 34.33 -2.71
N LEU W 122 -12.50 33.74 -2.77
CA LEU W 122 -12.64 32.30 -3.01
C LEU W 122 -13.77 32.02 -4.01
N PRO W 123 -13.67 30.88 -4.72
CA PRO W 123 -14.73 30.46 -5.64
C PRO W 123 -16.06 30.23 -4.94
N TYR W 124 -16.03 29.87 -3.66
CA TYR W 124 -17.25 29.71 -2.88
C TYR W 124 -17.02 30.02 -1.41
N VAL W 125 -17.98 30.73 -0.79
CA VAL W 125 -17.86 31.09 0.61
C VAL W 125 -19.20 30.99 1.36
N THR W 126 -19.11 30.84 2.68
CA THR W 126 -20.29 30.82 3.54
C THR W 126 -20.03 31.66 4.80
N MET W 127 -21.09 32.30 5.30
CA MET W 127 -21.02 33.06 6.54
C MET W 127 -22.32 32.89 7.33
N GLY W 128 -22.25 33.12 8.63
CA GLY W 128 -23.42 33.05 9.48
C GLY W 128 -23.38 31.88 10.44
N SER W 129 -24.39 31.80 11.31
CA SER W 129 -24.48 30.71 12.28
C SER W 129 -24.66 29.35 11.61
N GLY W 130 -25.18 29.36 10.38
CA GLY W 130 -25.40 28.14 9.63
C GLY W 130 -24.38 27.93 8.53
N SER W 131 -23.22 28.58 8.67
CA SER W 131 -22.22 28.56 7.62
C SER W 131 -21.51 27.22 7.47
N LEU W 132 -21.42 26.47 8.56
CA LEU W 132 -20.74 25.18 8.54
C LEU W 132 -21.48 24.16 7.68
N ALA W 133 -22.81 24.10 7.84
CA ALA W 133 -23.65 23.20 7.06
C ALA W 133 -23.56 23.52 5.57
N ALA W 134 -23.75 24.80 5.26
CA ALA W 134 -23.69 25.27 3.89
C ALA W 134 -22.32 24.95 3.27
N MET W 135 -21.27 25.18 4.04
CA MET W 135 -19.91 24.90 3.58
C MET W 135 -19.71 23.41 3.36
N ALA W 136 -20.41 22.59 4.13
CA ALA W 136 -20.36 21.14 3.94
C ALA W 136 -20.98 20.79 2.59
N VAL W 137 -22.15 21.39 2.31
CA VAL W 137 -22.80 21.19 1.02
C VAL W 137 -21.90 21.62 -0.13
N PHE W 138 -21.23 22.76 0.02
CA PHE W 138 -20.30 23.24 -1.01
C PHE W 138 -19.12 22.29 -1.20
N GLU W 139 -18.48 21.91 -0.10
CA GLU W 139 -17.32 21.02 -0.17
C GLU W 139 -17.69 19.66 -0.75
N ASP W 140 -18.96 19.29 -0.61
CA ASP W 140 -19.43 18.02 -1.13
C ASP W 140 -19.78 18.08 -2.62
N LYS W 141 -20.49 19.13 -3.03
CA LYS W 141 -21.07 19.17 -4.36
C LYS W 141 -20.73 20.41 -5.19
N PHE W 142 -19.49 20.88 -5.10
CA PHE W 142 -19.05 22.00 -5.93
C PHE W 142 -18.09 21.52 -7.01
N ARG W 143 -18.26 22.08 -8.21
CA ARG W 143 -17.32 21.87 -9.30
C ARG W 143 -17.15 23.19 -10.05
N PRO W 144 -15.93 23.44 -10.54
CA PRO W 144 -15.65 24.69 -11.25
C PRO W 144 -16.45 24.83 -12.55
N ASP W 145 -16.78 26.05 -12.92
CA ASP W 145 -17.50 26.35 -14.15
C ASP W 145 -18.85 25.63 -14.25
N MET W 146 -19.70 25.82 -13.25
CA MET W 146 -21.04 25.25 -13.29
C MET W 146 -21.95 26.09 -14.18
N GLU W 147 -23.07 25.50 -14.58
CA GLU W 147 -24.09 26.25 -15.31
C GLU W 147 -24.95 26.99 -14.30
N GLU W 148 -25.70 27.99 -14.78
CA GLU W 148 -26.46 28.86 -13.90
C GLU W 148 -27.45 28.12 -13.00
N GLU W 149 -28.33 27.32 -13.59
CA GLU W 149 -29.32 26.59 -12.81
C GLU W 149 -28.69 25.59 -11.84
N GLU W 150 -27.57 25.01 -12.26
CA GLU W 150 -26.82 24.09 -11.41
C GLU W 150 -26.32 24.80 -10.16
N ALA W 151 -25.70 25.97 -10.36
CA ALA W 151 -25.17 26.78 -9.26
C ALA W 151 -26.28 27.29 -8.35
N LYS W 152 -27.42 27.67 -8.94
CA LYS W 152 -28.58 28.10 -8.18
C LYS W 152 -29.07 26.98 -7.28
N ASN W 153 -29.09 25.77 -7.84
CA ASN W 153 -29.49 24.59 -7.09
C ASN W 153 -28.52 24.32 -5.93
N LEU W 154 -27.22 24.42 -6.21
CA LEU W 154 -26.21 24.21 -5.18
C LEU W 154 -26.33 25.20 -4.03
N VAL W 155 -26.41 26.48 -4.36
CA VAL W 155 -26.51 27.53 -3.35
C VAL W 155 -27.79 27.41 -2.53
N SER W 156 -28.91 27.21 -3.20
CA SER W 156 -30.18 27.05 -2.50
C SER W 156 -30.14 25.82 -1.59
N GLU W 157 -29.41 24.80 -2.01
CA GLU W 157 -29.23 23.59 -1.23
C GLU W 157 -28.44 23.90 0.04
N ALA W 158 -27.36 24.66 -0.12
CA ALA W 158 -26.53 25.10 1.00
C ALA W 158 -27.35 25.89 2.03
N ILE W 159 -28.01 26.93 1.55
CA ILE W 159 -28.88 27.74 2.40
C ILE W 159 -29.92 26.88 3.10
N ALA W 160 -30.42 25.87 2.39
CA ALA W 160 -31.41 24.95 2.98
C ALA W 160 -30.81 24.18 4.14
N ALA W 161 -29.59 23.68 3.94
CA ALA W 161 -28.87 22.98 5.00
C ALA W 161 -28.74 23.87 6.22
N GLY W 162 -28.37 25.13 5.98
CA GLY W 162 -28.31 26.10 7.06
C GLY W 162 -29.64 26.26 7.76
N ILE W 163 -30.70 26.33 6.97
CA ILE W 163 -32.04 26.55 7.49
C ILE W 163 -32.52 25.43 8.41
N PHE W 164 -32.36 24.18 7.97
CA PHE W 164 -32.87 23.06 8.75
C PHE W 164 -31.93 22.59 9.87
N ASN W 165 -30.62 22.77 9.69
CA ASN W 165 -29.67 22.31 10.69
C ASN W 165 -29.28 23.34 11.76
N ASP W 166 -29.44 24.62 11.45
CA ASP W 166 -29.11 25.68 12.39
C ASP W 166 -30.33 26.37 12.98
N LEU W 167 -30.41 26.42 14.30
CA LEU W 167 -31.52 27.07 14.99
C LEU W 167 -31.54 28.57 14.78
N GLY W 168 -30.44 29.10 14.24
CA GLY W 168 -30.33 30.53 13.99
C GLY W 168 -30.91 30.93 12.65
N SER W 169 -31.10 29.96 11.76
CA SER W 169 -31.65 30.23 10.43
C SER W 169 -33.02 29.57 10.25
N GLY W 170 -33.75 30.04 9.26
CA GLY W 170 -35.07 29.51 8.98
C GLY W 170 -35.77 30.23 7.84
N SER W 171 -37.04 29.94 7.63
CA SER W 171 -37.86 30.57 6.63
C SER W 171 -37.39 30.34 5.22
N ASN W 172 -37.46 31.38 4.41
CA ASN W 172 -37.27 31.33 2.96
C ASN W 172 -35.82 31.30 2.49
N ILE W 173 -35.64 31.10 1.19
CA ILE W 173 -34.33 31.14 0.57
C ILE W 173 -34.33 32.18 -0.53
N ASP W 174 -33.48 33.20 -0.38
CA ASP W 174 -33.38 34.26 -1.38
C ASP W 174 -32.12 34.07 -2.21
N LEU W 175 -32.25 34.19 -3.52
CA LEU W 175 -31.11 34.07 -4.41
C LEU W 175 -30.86 35.36 -5.16
N CYS W 176 -29.66 35.49 -5.68
CA CYS W 176 -29.30 36.63 -6.53
C CYS W 176 -28.28 36.17 -7.56
N VAL W 177 -28.71 36.08 -8.80
CA VAL W 177 -27.83 35.65 -9.89
C VAL W 177 -27.29 36.87 -10.62
N ILE W 178 -25.99 36.91 -10.82
CA ILE W 178 -25.33 38.04 -11.46
C ILE W 178 -24.39 37.54 -12.55
N SER W 179 -24.74 37.80 -13.80
CA SER W 179 -23.89 37.43 -14.92
C SER W 179 -23.35 38.67 -15.62
N LYS W 180 -22.61 38.48 -16.70
CA LYS W 180 -22.01 39.59 -17.43
C LYS W 180 -23.05 40.50 -18.08
N ASN W 181 -24.31 40.07 -18.08
CA ASN W 181 -25.39 40.83 -18.69
C ASN W 181 -26.79 40.46 -18.19
N LYS W 182 -26.91 40.20 -16.89
CA LYS W 182 -28.20 39.88 -16.28
C LYS W 182 -28.15 39.98 -14.77
N LEU W 183 -29.26 40.40 -14.16
CA LEU W 183 -29.38 40.49 -12.71
C LEU W 183 -30.70 39.92 -12.22
N ASP W 184 -30.69 38.64 -11.84
CA ASP W 184 -31.89 37.99 -11.32
C ASP W 184 -31.95 38.07 -9.81
N PHE W 185 -32.66 39.05 -9.28
CA PHE W 185 -32.84 39.17 -7.84
C PHE W 185 -34.08 38.41 -7.41
N LEU W 186 -33.98 37.09 -7.43
CA LEU W 186 -35.10 36.22 -7.09
C LEU W 186 -35.38 36.29 -5.60
N ARG W 187 -36.45 36.97 -5.22
CA ARG W 187 -36.74 37.15 -3.80
C ARG W 187 -37.17 35.84 -3.11
N PRO W 188 -38.42 35.43 -3.21
CA PRO W 188 -38.78 34.13 -2.65
C PRO W 188 -38.38 32.98 -3.58
N TYR W 189 -37.07 32.66 -3.69
CA TYR W 189 -36.71 31.58 -4.60
C TYR W 189 -37.30 30.25 -4.17
N THR W 190 -37.46 30.07 -2.86
CA THR W 190 -38.05 28.85 -2.31
C THR W 190 -38.67 29.16 -0.96
N VAL W 191 -39.88 28.64 -0.74
CA VAL W 191 -40.52 28.74 0.57
C VAL W 191 -40.67 27.32 1.12
N PRO W 192 -39.58 26.76 1.67
CA PRO W 192 -39.57 25.37 2.10
C PRO W 192 -40.27 25.20 3.44
N ASN W 193 -40.57 26.30 4.10
CA ASN W 193 -41.25 26.26 5.39
C ASN W 193 -42.57 27.01 5.36
N LYS W 194 -43.60 26.39 5.93
CA LYS W 194 -44.94 26.96 5.93
C LYS W 194 -45.55 26.87 7.32
N LYS W 195 -46.25 27.92 7.73
CA LYS W 195 -46.99 27.86 8.98
C LYS W 195 -48.18 26.92 8.82
N GLY W 196 -48.42 26.09 9.82
CA GLY W 196 -49.57 25.21 9.81
C GLY W 196 -50.86 26.00 9.79
N THR W 197 -51.89 25.46 9.14
CA THR W 197 -53.17 26.14 9.05
C THR W 197 -53.94 26.06 10.36
N ARG W 198 -54.56 27.16 10.75
CA ARG W 198 -55.35 27.24 11.97
C ARG W 198 -56.45 26.18 11.98
N LEU W 199 -56.62 25.53 13.13
CA LEU W 199 -57.65 24.49 13.25
C LEU W 199 -58.89 25.01 13.96
N GLY W 200 -58.83 26.24 14.44
CA GLY W 200 -59.95 26.84 15.16
C GLY W 200 -60.23 28.28 14.79
N ARG W 201 -61.32 28.81 15.34
CA ARG W 201 -61.68 30.21 15.14
C ARG W 201 -61.69 30.92 16.48
N TYR W 202 -60.62 31.66 16.77
CA TYR W 202 -60.51 32.37 18.03
C TYR W 202 -60.89 33.83 17.84
N ARG W 203 -61.61 34.09 16.75
CA ARG W 203 -62.08 35.44 16.43
C ARG W 203 -62.98 35.96 17.54
N CYS W 204 -62.66 37.15 18.03
CA CYS W 204 -63.46 37.79 19.06
C CYS W 204 -64.49 38.71 18.41
N GLU W 205 -65.76 38.47 18.69
CA GLU W 205 -66.84 39.25 18.10
C GLU W 205 -66.99 40.60 18.81
N LYS W 206 -67.38 41.62 18.04
CA LYS W 206 -67.51 42.97 18.56
C LYS W 206 -68.36 43.07 19.83
N GLY W 207 -67.71 43.46 20.93
CA GLY W 207 -68.40 43.63 22.19
C GLY W 207 -67.77 42.87 23.34
N THR W 208 -66.95 41.88 23.02
CA THR W 208 -66.33 41.03 24.04
C THR W 208 -65.24 41.76 24.83
N THR W 209 -64.76 42.87 24.29
CA THR W 209 -63.76 43.68 24.99
C THR W 209 -64.41 44.85 25.71
N ALA W 210 -64.39 44.80 27.04
CA ALA W 210 -64.96 45.87 27.86
C ALA W 210 -64.15 47.15 27.70
N VAL W 211 -64.84 48.29 27.64
CA VAL W 211 -64.20 49.57 27.43
C VAL W 211 -64.57 50.56 28.54
N LEU W 212 -63.58 51.32 29.02
CA LEU W 212 -63.80 52.30 30.08
C LEU W 212 -63.96 53.71 29.53
N THR W 213 -63.21 54.01 28.47
CA THR W 213 -63.13 55.35 27.91
C THR W 213 -63.10 55.28 26.38
N GLU W 214 -63.82 56.19 25.73
CA GLU W 214 -63.80 56.27 24.27
C GLU W 214 -63.72 57.72 23.81
N LYS W 215 -63.07 57.95 22.67
CA LYS W 215 -62.98 59.27 22.09
C LYS W 215 -62.72 59.19 20.59
N ILE W 216 -63.71 59.59 19.80
CA ILE W 216 -63.58 59.63 18.35
C ILE W 216 -63.05 61.00 17.91
N THR W 217 -62.17 61.00 16.92
CA THR W 217 -61.60 62.24 16.41
C THR W 217 -61.53 62.22 14.88
N PRO W 218 -62.34 63.08 14.23
CA PRO W 218 -62.42 63.18 12.77
C PRO W 218 -61.15 63.78 12.15
N LEU W 219 -60.83 63.37 10.94
CA LEU W 219 -59.65 63.88 10.24
C LEU W 219 -60.02 64.66 8.99
N GLU W 220 -59.42 64.29 7.86
CA GLU W 220 -59.71 64.94 6.58
C GLU W 220 -59.31 64.05 5.40
N SER X 1 -31.81 43.35 33.80
CA SER X 1 -31.83 43.98 32.48
C SER X 1 -32.27 45.44 32.56
N ILE X 2 -31.65 46.28 31.72
CA ILE X 2 -31.96 47.70 31.71
C ILE X 2 -33.37 47.96 31.17
N MET X 3 -33.75 47.21 30.14
CA MET X 3 -35.07 47.33 29.55
C MET X 3 -36.18 47.02 30.54
N SER X 4 -35.92 46.09 31.45
CA SER X 4 -36.91 45.61 32.39
C SER X 4 -37.10 46.53 33.60
N TYR X 5 -36.27 47.58 33.67
CA TYR X 5 -36.28 48.49 34.81
C TYR X 5 -37.64 49.17 34.98
N ASN X 6 -38.20 49.64 33.87
CA ASN X 6 -39.50 50.30 33.88
C ASN X 6 -40.62 49.38 33.42
N GLY X 7 -40.27 48.43 32.55
CA GLY X 7 -41.24 47.52 32.00
C GLY X 7 -42.10 48.19 30.94
N GLY X 8 -43.15 47.52 30.52
CA GLY X 8 -44.05 48.09 29.53
C GLY X 8 -44.22 47.21 28.32
N ALA X 9 -45.21 47.56 27.48
CA ALA X 9 -45.54 46.76 26.31
C ALA X 9 -46.15 47.63 25.22
N VAL X 10 -45.71 47.42 23.98
CA VAL X 10 -46.21 48.16 22.83
C VAL X 10 -46.45 47.20 21.67
N MET X 11 -47.60 47.34 21.02
CA MET X 11 -47.98 46.45 19.94
C MET X 11 -48.63 47.22 18.79
N ALA X 12 -48.42 46.77 17.55
CA ALA X 12 -49.12 47.35 16.42
C ALA X 12 -49.66 46.27 15.48
N MET X 13 -50.85 46.49 14.94
CA MET X 13 -51.52 45.53 14.07
C MET X 13 -52.03 46.16 12.79
N LYS X 14 -52.07 45.38 11.72
CA LYS X 14 -52.54 45.85 10.43
C LYS X 14 -54.00 45.46 10.20
N GLY X 15 -54.70 46.26 9.42
CA GLY X 15 -56.09 46.00 9.10
C GLY X 15 -56.36 46.07 7.60
N LYS X 16 -57.63 46.25 7.25
CA LYS X 16 -58.00 46.39 5.84
C LYS X 16 -57.47 47.70 5.28
N ASN X 17 -58.13 48.79 5.63
CA ASN X 17 -57.66 50.12 5.30
C ASN X 17 -57.48 50.91 6.59
N CYS X 18 -57.23 50.18 7.67
CA CYS X 18 -57.05 50.77 8.98
C CYS X 18 -55.81 50.17 9.64
N VAL X 19 -55.40 50.77 10.75
CA VAL X 19 -54.24 50.27 11.47
C VAL X 19 -54.45 50.48 12.97
N ALA X 20 -53.75 49.69 13.79
CA ALA X 20 -53.95 49.75 15.24
C ALA X 20 -52.64 49.80 16.00
N ILE X 21 -52.64 50.51 17.13
CA ILE X 21 -51.47 50.56 18.00
C ILE X 21 -51.88 50.66 19.46
N ALA X 22 -51.32 49.80 20.30
CA ALA X 22 -51.71 49.74 21.70
C ALA X 22 -50.51 49.69 22.63
N ALA X 23 -50.72 50.11 23.87
CA ALA X 23 -49.66 50.08 24.87
C ALA X 23 -50.23 50.10 26.29
N ASP X 24 -49.54 49.46 27.23
CA ASP X 24 -49.94 49.51 28.64
C ASP X 24 -49.70 50.90 29.21
N ARG X 25 -50.20 51.15 30.41
CA ARG X 25 -50.19 52.51 30.95
C ARG X 25 -49.37 52.67 32.23
N ARG X 26 -48.66 51.62 32.63
CA ARG X 26 -47.93 51.63 33.88
C ARG X 26 -46.56 52.29 33.77
N PHE X 27 -46.32 53.27 34.63
CA PHE X 27 -44.97 53.77 34.85
C PHE X 27 -44.51 53.30 36.22
N GLY X 28 -43.57 52.36 36.22
CA GLY X 28 -43.04 51.82 37.45
C GLY X 28 -41.53 51.78 37.49
N ILE X 29 -40.99 51.79 38.71
CA ILE X 29 -39.56 51.63 38.93
C ILE X 29 -39.31 50.26 39.53
N GLN X 30 -38.71 49.37 38.72
CA GLN X 30 -38.54 47.97 39.08
C GLN X 30 -39.86 47.31 39.49
N ALA X 31 -40.14 47.27 40.79
CA ALA X 31 -41.30 46.56 41.28
C ALA X 31 -42.41 47.47 41.79
N GLN X 32 -42.14 48.75 41.91
CA GLN X 32 -43.14 49.68 42.41
C GLN X 32 -43.75 50.51 41.29
N MET X 33 -45.07 50.66 41.31
CA MET X 33 -45.77 51.48 40.33
C MET X 33 -45.83 52.92 40.82
N VAL X 34 -45.47 53.86 39.94
CA VAL X 34 -45.50 55.27 40.30
C VAL X 34 -46.69 55.96 39.67
N THR X 35 -46.95 55.64 38.40
CA THR X 35 -48.06 56.27 37.68
C THR X 35 -48.87 55.23 36.89
N THR X 36 -50.17 55.48 36.72
CA THR X 36 -51.02 54.59 35.95
C THR X 36 -51.52 55.21 34.65
N ASP X 37 -50.96 56.36 34.29
CA ASP X 37 -51.40 57.06 33.09
C ASP X 37 -50.22 57.53 32.26
N PHE X 38 -49.21 56.68 32.14
CA PHE X 38 -47.98 57.04 31.44
C PHE X 38 -48.11 56.86 29.94
N GLN X 39 -47.87 57.95 29.20
CA GLN X 39 -48.02 57.93 27.75
C GLN X 39 -46.81 57.30 27.08
N LYS X 40 -47.07 56.28 26.26
CA LYS X 40 -46.00 55.58 25.54
C LYS X 40 -46.26 55.62 24.04
N ILE X 41 -47.37 56.22 23.66
CA ILE X 41 -47.70 56.38 22.24
C ILE X 41 -47.87 57.86 21.89
N PHE X 42 -47.12 58.30 20.89
CA PHE X 42 -47.09 59.70 20.51
C PHE X 42 -47.42 59.86 19.03
N PRO X 43 -48.29 60.84 18.71
CA PRO X 43 -48.66 61.14 17.34
C PRO X 43 -47.56 61.90 16.62
N MET X 44 -47.07 61.36 15.51
CA MET X 44 -46.07 62.04 14.71
C MET X 44 -46.72 62.65 13.48
N GLY X 45 -47.94 63.18 13.67
CA GLY X 45 -48.72 63.72 12.58
C GLY X 45 -50.05 63.02 12.44
N ASP X 46 -50.91 63.55 11.57
CA ASP X 46 -52.22 62.96 11.35
C ASP X 46 -52.11 61.58 10.71
N ARG X 47 -52.74 60.61 11.35
CA ARG X 47 -52.72 59.21 10.88
C ARG X 47 -51.32 58.60 10.82
N LEU X 48 -50.51 58.88 11.84
CA LEU X 48 -49.18 58.28 11.98
C LEU X 48 -48.73 58.34 13.43
N TYR X 49 -48.69 57.19 14.08
CA TYR X 49 -48.33 57.12 15.50
C TYR X 49 -47.08 56.28 15.73
N ILE X 50 -46.34 56.63 16.78
CA ILE X 50 -45.19 55.83 17.22
C ILE X 50 -45.38 55.40 18.67
N GLY X 51 -44.91 54.21 19.01
CA GLY X 51 -45.06 53.68 20.36
C GLY X 51 -43.74 53.14 20.86
N LEU X 52 -43.25 53.73 21.95
CA LEU X 52 -41.94 53.35 22.47
C LEU X 52 -42.04 52.60 23.79
N ALA X 53 -41.43 51.42 23.83
CA ALA X 53 -41.34 50.64 25.06
C ALA X 53 -39.88 50.54 25.49
N GLY X 54 -39.66 50.45 26.79
CA GLY X 54 -38.32 50.33 27.33
C GLY X 54 -38.08 51.29 28.47
N LEU X 55 -36.85 51.80 28.55
CA LEU X 55 -36.48 52.73 29.60
C LEU X 55 -37.22 54.06 29.40
N ALA X 56 -38.04 54.42 30.39
CA ALA X 56 -38.94 55.57 30.29
C ALA X 56 -38.27 56.86 29.82
N THR X 57 -37.11 57.16 30.39
CA THR X 57 -36.36 58.35 30.02
C THR X 57 -36.06 58.37 28.53
N ASP X 58 -35.57 57.25 28.01
CA ASP X 58 -35.22 57.17 26.60
C ASP X 58 -36.47 57.15 25.72
N VAL X 59 -37.57 56.67 26.27
CA VAL X 59 -38.86 56.75 25.57
C VAL X 59 -39.20 58.22 25.32
N GLN X 60 -39.26 58.98 26.40
CA GLN X 60 -39.57 60.41 26.32
C GLN X 60 -38.56 61.18 25.46
N THR X 61 -37.28 60.89 25.65
CA THR X 61 -36.21 61.60 24.96
C THR X 61 -36.22 61.32 23.46
N VAL X 62 -36.29 60.05 23.09
CA VAL X 62 -36.37 59.68 21.69
C VAL X 62 -37.62 60.29 21.04
N ALA X 63 -38.74 60.24 21.76
CA ALA X 63 -39.97 60.85 21.27
C ALA X 63 -39.77 62.34 20.97
N GLN X 64 -39.17 63.05 21.92
CA GLN X 64 -38.97 64.48 21.81
C GLN X 64 -38.02 64.88 20.69
N ARG X 65 -36.88 64.21 20.61
CA ARG X 65 -35.90 64.51 19.55
C ARG X 65 -36.46 64.14 18.19
N LEU X 66 -37.25 63.08 18.15
CA LEU X 66 -37.90 62.66 16.91
C LEU X 66 -38.90 63.70 16.47
N LYS X 67 -39.65 64.27 17.41
CA LYS X 67 -40.59 65.34 17.09
C LYS X 67 -39.86 66.58 16.60
N PHE X 68 -38.68 66.83 17.19
CA PHE X 68 -37.79 67.90 16.75
C PHE X 68 -37.46 67.75 15.26
N ARG X 69 -36.81 66.64 14.92
CA ARG X 69 -36.41 66.38 13.54
C ARG X 69 -37.60 66.32 12.59
N LEU X 70 -38.72 65.77 13.06
CA LEU X 70 -39.92 65.66 12.25
C LEU X 70 -40.47 67.03 11.90
N ASN X 71 -40.63 67.88 12.90
CA ASN X 71 -41.09 69.25 12.69
C ASN X 71 -40.20 69.97 11.70
N LEU X 72 -38.89 69.86 11.90
CA LEU X 72 -37.97 70.46 10.94
C LEU X 72 -38.13 69.91 9.52
N TYR X 73 -38.45 68.62 9.42
CA TYR X 73 -38.63 67.97 8.12
C TYR X 73 -39.89 68.50 7.41
N GLU X 74 -41.00 68.52 8.14
CA GLU X 74 -42.27 68.98 7.61
C GLU X 74 -42.28 70.50 7.41
N LEU X 75 -41.26 71.18 7.92
CA LEU X 75 -41.10 72.59 7.64
C LEU X 75 -40.24 72.82 6.39
N LYS X 76 -39.09 72.16 6.32
CA LYS X 76 -38.22 72.26 5.16
C LYS X 76 -38.92 71.78 3.90
N GLU X 77 -39.63 70.67 4.03
CA GLU X 77 -40.40 70.14 2.91
C GLU X 77 -41.87 70.48 3.15
N GLY X 78 -42.59 70.81 2.09
CA GLY X 78 -43.98 71.24 2.22
C GLY X 78 -44.96 70.10 2.22
N ARG X 79 -44.74 69.12 3.10
CA ARG X 79 -45.59 67.94 3.16
C ARG X 79 -45.57 67.25 4.51
N GLN X 80 -46.55 66.38 4.71
CA GLN X 80 -46.54 65.47 5.86
C GLN X 80 -45.58 64.34 5.55
N ILE X 81 -45.15 63.63 6.59
CA ILE X 81 -44.13 62.60 6.41
C ILE X 81 -44.74 61.24 6.07
N LYS X 82 -44.05 60.50 5.20
CA LYS X 82 -44.44 59.15 4.87
C LYS X 82 -43.99 58.20 5.99
N PRO X 83 -44.72 57.09 6.17
CA PRO X 83 -44.37 56.09 7.19
C PRO X 83 -42.95 55.53 7.03
N TYR X 84 -42.59 55.10 5.82
CA TYR X 84 -41.24 54.61 5.54
C TYR X 84 -40.18 55.66 5.90
N THR X 85 -40.46 56.90 5.53
CA THR X 85 -39.55 58.01 5.82
C THR X 85 -39.35 58.17 7.33
N LEU X 86 -40.44 58.17 8.08
CA LEU X 86 -40.37 58.25 9.54
C LEU X 86 -39.55 57.10 10.11
N MET X 87 -39.75 55.91 9.55
CA MET X 87 -39.01 54.73 9.98
C MET X 87 -37.50 54.92 9.79
N SER X 88 -37.11 55.36 8.61
CA SER X 88 -35.70 55.61 8.34
C SER X 88 -35.14 56.70 9.24
N MET X 89 -35.97 57.70 9.54
CA MET X 89 -35.59 58.79 10.42
C MET X 89 -35.28 58.26 11.82
N VAL X 90 -36.18 57.47 12.37
CA VAL X 90 -35.99 56.84 13.67
C VAL X 90 -34.74 55.96 13.66
N ALA X 91 -34.59 55.17 12.61
CA ALA X 91 -33.44 54.28 12.46
C ALA X 91 -32.12 55.06 12.54
N ASN X 92 -32.06 56.16 11.80
CA ASN X 92 -30.89 57.03 11.81
C ASN X 92 -30.64 57.60 13.21
N LEU X 93 -31.70 58.13 13.82
CA LEU X 93 -31.62 58.72 15.15
C LEU X 93 -31.09 57.74 16.19
N LEU X 94 -31.56 56.51 16.13
CA LEU X 94 -31.14 55.48 17.07
C LEU X 94 -29.71 55.04 16.79
N TYR X 95 -29.36 54.90 15.51
CA TYR X 95 -28.03 54.39 15.15
C TYR X 95 -26.94 55.41 15.40
N GLU X 96 -27.30 56.69 15.49
CA GLU X 96 -26.34 57.71 15.87
C GLU X 96 -25.74 57.42 17.25
N LYS X 97 -26.46 56.66 18.05
CA LYS X 97 -25.98 56.27 19.37
C LYS X 97 -25.64 54.78 19.39
N ARG X 98 -25.06 54.28 18.29
CA ARG X 98 -24.73 52.86 18.15
C ARG X 98 -23.95 52.30 19.35
N PHE X 99 -23.02 53.08 19.87
CA PHE X 99 -22.17 52.61 20.96
C PHE X 99 -22.55 53.20 22.31
N GLY X 100 -23.69 53.90 22.35
CA GLY X 100 -24.28 54.35 23.60
C GLY X 100 -25.78 54.48 23.44
N PRO X 101 -26.45 53.36 23.12
CA PRO X 101 -27.82 53.38 22.62
C PRO X 101 -28.88 53.76 23.63
N TYR X 102 -29.95 54.39 23.15
CA TYR X 102 -31.15 54.58 23.95
C TYR X 102 -31.72 53.20 24.19
N TYR X 103 -32.27 52.98 25.37
CA TYR X 103 -32.85 51.68 25.68
C TYR X 103 -34.36 51.68 25.45
N THR X 104 -34.74 51.73 24.18
CA THR X 104 -36.13 51.71 23.78
C THR X 104 -36.27 51.04 22.41
N GLU X 105 -37.37 50.32 22.23
CA GLU X 105 -37.63 49.63 20.97
C GLU X 105 -38.92 50.15 20.35
N PRO X 106 -38.80 51.11 19.42
CA PRO X 106 -39.94 51.82 18.85
C PRO X 106 -40.76 50.97 17.90
N VAL X 107 -42.05 51.27 17.82
CA VAL X 107 -42.97 50.58 16.93
C VAL X 107 -43.84 51.61 16.22
N ILE X 108 -43.73 51.66 14.89
CA ILE X 108 -44.45 52.66 14.12
C ILE X 108 -45.68 52.06 13.44
N ALA X 109 -46.81 52.73 13.60
CA ALA X 109 -48.05 52.31 12.96
C ALA X 109 -48.79 53.51 12.38
N GLY X 110 -49.12 53.44 11.08
CA GLY X 110 -49.85 54.53 10.45
C GLY X 110 -50.40 54.23 9.07
N LEU X 111 -50.95 55.25 8.43
CA LEU X 111 -51.47 55.13 7.07
C LEU X 111 -50.77 56.14 6.17
N ASP X 112 -50.46 55.72 4.94
CA ASP X 112 -49.80 56.60 3.97
C ASP X 112 -50.65 57.83 3.70
N PRO X 113 -50.14 59.02 4.05
CA PRO X 113 -50.88 60.28 3.97
C PRO X 113 -51.37 60.59 2.56
N LYS X 114 -50.65 60.10 1.56
CA LYS X 114 -51.06 60.27 0.17
C LYS X 114 -52.08 59.20 -0.23
N THR X 115 -51.67 57.94 -0.07
CA THR X 115 -52.58 56.83 -0.33
C THR X 115 -53.50 56.65 0.88
N PHE X 116 -53.28 55.55 1.60
CA PHE X 116 -54.05 55.19 2.79
C PHE X 116 -53.52 53.83 3.21
N LYS X 117 -52.58 53.33 2.42
CA LYS X 117 -51.98 52.02 2.62
C LYS X 117 -51.43 51.87 4.03
N PRO X 118 -51.93 50.89 4.78
CA PRO X 118 -51.52 50.64 6.17
C PRO X 118 -50.04 50.32 6.27
N PHE X 119 -49.45 50.60 7.43
CA PHE X 119 -48.02 50.44 7.62
C PHE X 119 -47.68 50.15 9.08
N ILE X 120 -46.96 49.06 9.32
CA ILE X 120 -46.41 48.76 10.63
C ILE X 120 -44.95 48.27 10.58
N CYS X 121 -44.12 48.87 11.41
CA CYS X 121 -42.73 48.44 11.56
C CYS X 121 -42.27 48.51 13.01
N SER X 122 -41.12 47.90 13.28
CA SER X 122 -40.50 48.00 14.60
C SER X 122 -39.00 48.19 14.40
N LEU X 123 -38.29 48.60 15.44
CA LEU X 123 -36.85 48.83 15.34
C LEU X 123 -36.06 48.35 16.55
N ASP X 124 -34.77 48.11 16.33
CA ASP X 124 -33.81 47.82 17.39
C ASP X 124 -33.66 49.01 18.33
N LEU X 125 -32.82 48.86 19.34
CA LEU X 125 -32.41 50.01 20.13
C LEU X 125 -31.33 50.78 19.37
N ILE X 126 -30.70 50.10 18.40
CA ILE X 126 -29.72 50.75 17.54
C ILE X 126 -30.29 51.06 16.16
N GLY X 127 -31.60 50.89 16.01
CA GLY X 127 -32.31 51.36 14.83
C GLY X 127 -32.31 50.47 13.62
N CYS X 128 -32.46 49.16 13.82
CA CYS X 128 -32.64 48.26 12.68
C CYS X 128 -34.13 48.09 12.40
N PRO X 129 -34.57 48.52 11.21
CA PRO X 129 -35.99 48.50 10.83
C PRO X 129 -36.48 47.10 10.46
N MET X 130 -37.76 46.86 10.72
CA MET X 130 -38.41 45.61 10.37
C MET X 130 -39.88 45.87 10.06
N VAL X 131 -40.26 45.75 8.80
CA VAL X 131 -41.63 46.00 8.39
C VAL X 131 -42.43 44.71 8.27
N THR X 132 -43.65 44.70 8.78
CA THR X 132 -44.47 43.49 8.64
C THR X 132 -45.87 43.79 8.10
N ASP X 133 -46.58 42.74 7.72
CA ASP X 133 -47.92 42.89 7.18
C ASP X 133 -49.00 42.46 8.17
N ASP X 134 -48.58 41.95 9.32
CA ASP X 134 -49.52 41.46 10.32
C ASP X 134 -49.45 42.22 11.63
N PHE X 135 -48.38 42.00 12.38
CA PHE X 135 -48.21 42.63 13.69
C PHE X 135 -46.75 42.87 14.02
N VAL X 136 -46.51 43.78 14.96
CA VAL X 136 -45.18 43.97 15.53
C VAL X 136 -45.31 44.20 17.03
N VAL X 137 -44.37 43.64 17.79
CA VAL X 137 -44.40 43.80 19.24
C VAL X 137 -43.04 44.24 19.80
N SER X 138 -43.08 44.93 20.93
CA SER X 138 -41.86 45.31 21.64
C SER X 138 -42.18 45.55 23.10
N GLY X 139 -41.40 44.96 23.98
CA GLY X 139 -41.63 45.12 25.41
C GLY X 139 -41.11 43.96 26.22
N THR X 140 -41.34 44.02 27.53
CA THR X 140 -40.85 43.00 28.44
C THR X 140 -41.62 41.70 28.29
N CYS X 141 -42.82 41.79 27.73
CA CYS X 141 -43.67 40.63 27.52
C CYS X 141 -43.85 40.33 26.03
N ALA X 142 -42.76 40.45 25.29
CA ALA X 142 -42.79 40.23 23.83
C ALA X 142 -43.20 38.82 23.46
N GLU X 143 -42.78 37.85 24.26
CA GLU X 143 -43.08 36.45 23.96
C GLU X 143 -44.57 36.16 24.10
N GLN X 144 -45.19 36.74 25.13
CA GLN X 144 -46.63 36.61 25.34
C GLN X 144 -47.40 37.26 24.19
N MET X 145 -46.98 38.45 23.82
CA MET X 145 -47.62 39.18 22.72
C MET X 145 -47.50 38.42 21.41
N TYR X 146 -46.33 37.82 21.17
CA TYR X 146 -46.14 36.97 20.01
C TYR X 146 -47.10 35.80 20.06
N GLY X 147 -47.24 35.21 21.25
CA GLY X 147 -48.14 34.10 21.45
C GLY X 147 -49.58 34.42 21.09
N MET X 148 -50.05 35.59 21.52
CA MET X 148 -51.41 35.99 21.22
C MET X 148 -51.59 36.36 19.74
N CYS X 149 -50.67 37.17 19.22
CA CYS X 149 -50.77 37.66 17.85
C CYS X 149 -50.70 36.52 16.81
N GLU X 150 -49.87 35.52 17.07
CA GLU X 150 -49.73 34.40 16.14
C GLU X 150 -50.99 33.54 16.05
N SER X 151 -51.92 33.73 16.99
CA SER X 151 -53.10 32.90 17.07
C SER X 151 -54.40 33.67 16.87
N LEU X 152 -54.34 34.99 17.01
CA LEU X 152 -55.55 35.81 16.89
C LEU X 152 -55.66 36.58 15.58
N TRP X 153 -54.52 36.97 15.01
CA TRP X 153 -54.52 37.85 13.85
C TRP X 153 -55.03 37.20 12.58
N GLU X 154 -55.96 37.89 11.92
CA GLU X 154 -56.46 37.51 10.60
C GLU X 154 -56.08 38.61 9.62
N PRO X 155 -56.01 38.29 8.32
CA PRO X 155 -55.62 39.28 7.30
C PRO X 155 -56.50 40.53 7.24
N ASN X 156 -57.54 40.50 6.43
CA ASN X 156 -58.35 41.69 6.17
C ASN X 156 -59.39 41.96 7.26
N MET X 157 -58.96 42.58 8.35
CA MET X 157 -59.88 42.87 9.45
C MET X 157 -60.49 44.26 9.31
N ASP X 158 -61.77 44.37 9.63
CA ASP X 158 -62.43 45.66 9.66
C ASP X 158 -62.06 46.38 10.96
N PRO X 159 -62.22 47.71 11.01
CA PRO X 159 -61.88 48.51 12.19
C PRO X 159 -62.48 48.04 13.52
N ASP X 160 -63.42 47.09 13.49
CA ASP X 160 -64.00 46.57 14.73
C ASP X 160 -63.35 45.27 15.17
N HIS X 161 -63.04 44.41 14.20
CA HIS X 161 -62.37 43.14 14.51
C HIS X 161 -60.91 43.38 14.89
N LEU X 162 -60.30 44.37 14.26
CA LEU X 162 -58.92 44.74 14.58
C LEU X 162 -58.81 45.19 16.02
N PHE X 163 -59.77 46.01 16.45
CA PHE X 163 -59.81 46.50 17.82
C PHE X 163 -59.88 45.33 18.81
N GLU X 164 -60.85 44.44 18.60
CA GLU X 164 -61.03 43.29 19.47
C GLU X 164 -59.78 42.42 19.52
N THR X 165 -59.17 42.21 18.37
CA THR X 165 -57.97 41.38 18.27
C THR X 165 -56.79 41.96 19.03
N ILE X 166 -56.42 43.19 18.71
CA ILE X 166 -55.28 43.83 19.36
C ILE X 166 -55.55 44.02 20.86
N SER X 167 -56.81 44.24 21.22
CA SER X 167 -57.17 44.42 22.61
C SER X 167 -57.01 43.12 23.40
N GLN X 168 -57.49 42.02 22.84
CA GLN X 168 -57.36 40.73 23.51
C GLN X 168 -55.90 40.31 23.61
N ALA X 169 -55.15 40.54 22.52
CA ALA X 169 -53.72 40.27 22.51
C ALA X 169 -53.01 41.02 23.64
N MET X 170 -53.15 42.34 23.63
CA MET X 170 -52.53 43.17 24.66
C MET X 170 -52.94 42.77 26.07
N LEU X 171 -54.24 42.69 26.32
CA LEU X 171 -54.75 42.34 27.65
C LEU X 171 -54.20 41.00 28.16
N ASN X 172 -54.33 39.95 27.36
CA ASN X 172 -53.94 38.62 27.80
C ASN X 172 -52.44 38.37 27.83
N ALA X 173 -51.69 39.09 27.00
CA ALA X 173 -50.23 39.03 27.09
C ALA X 173 -49.76 39.75 28.35
N VAL X 174 -50.22 40.99 28.51
CA VAL X 174 -49.87 41.83 29.64
C VAL X 174 -50.24 41.21 30.98
N ASP X 175 -51.33 40.46 31.02
CA ASP X 175 -51.79 39.85 32.28
C ASP X 175 -50.91 38.69 32.75
N ARG X 176 -49.96 38.28 31.91
CA ARG X 176 -48.99 37.25 32.31
C ARG X 176 -47.61 37.86 32.58
N ASP X 177 -47.56 39.18 32.68
CA ASP X 177 -46.32 39.89 32.96
C ASP X 177 -46.53 40.81 34.14
N ALA X 178 -45.57 40.80 35.07
CA ALA X 178 -45.71 41.51 36.33
C ALA X 178 -45.42 43.01 36.21
N VAL X 179 -44.60 43.38 35.23
CA VAL X 179 -44.17 44.77 35.10
C VAL X 179 -44.83 45.48 33.92
N SER X 180 -45.80 44.82 33.32
CA SER X 180 -46.60 45.43 32.26
C SER X 180 -48.07 45.37 32.62
N GLY X 181 -48.78 46.47 32.39
CA GLY X 181 -50.20 46.51 32.69
C GLY X 181 -50.67 47.80 33.33
N MET X 182 -51.49 47.66 34.37
CA MET X 182 -52.15 48.78 35.03
C MET X 182 -52.97 49.61 34.03
N GLY X 183 -53.58 48.91 33.08
CA GLY X 183 -54.40 49.56 32.06
C GLY X 183 -53.79 49.43 30.68
N VAL X 184 -54.64 49.39 29.67
CA VAL X 184 -54.20 49.32 28.28
C VAL X 184 -54.91 50.39 27.46
N ILE X 185 -54.16 51.06 26.59
CA ILE X 185 -54.74 52.04 25.69
C ILE X 185 -54.56 51.58 24.24
N VAL X 186 -55.61 51.77 23.44
CA VAL X 186 -55.61 51.39 22.05
C VAL X 186 -56.03 52.55 21.15
N HIS X 187 -55.23 52.80 20.12
CA HIS X 187 -55.56 53.76 19.09
C HIS X 187 -55.83 52.97 17.81
N ILE X 188 -57.07 53.03 17.34
CA ILE X 188 -57.41 52.47 16.04
C ILE X 188 -57.62 53.61 15.06
N ILE X 189 -56.74 53.69 14.07
CA ILE X 189 -56.71 54.81 13.13
C ILE X 189 -57.11 54.39 11.72
N GLU X 190 -57.99 55.17 11.12
CA GLU X 190 -58.45 54.94 9.75
C GLU X 190 -58.44 56.26 9.00
N LYS X 191 -58.72 56.20 7.69
CA LYS X 191 -58.66 57.37 6.82
C LYS X 191 -59.52 58.54 7.31
N ASP X 192 -60.73 58.22 7.77
CA ASP X 192 -61.69 59.25 8.18
C ASP X 192 -61.46 59.74 9.60
N LYS X 193 -61.19 58.82 10.52
CA LYS X 193 -61.15 59.16 11.94
C LYS X 193 -60.08 58.41 12.72
N ILE X 194 -59.88 58.83 13.96
CA ILE X 194 -59.02 58.13 14.90
C ILE X 194 -59.82 57.85 16.18
N THR X 195 -59.85 56.59 16.59
CA THR X 195 -60.60 56.20 17.78
C THR X 195 -59.67 55.74 18.89
N THR X 196 -59.72 56.44 20.01
CA THR X 196 -58.87 56.12 21.15
C THR X 196 -59.69 55.58 22.31
N ARG X 197 -59.35 54.39 22.76
CA ARG X 197 -60.05 53.77 23.89
C ARG X 197 -59.10 53.24 24.94
N THR X 198 -59.48 53.34 26.21
CA THR X 198 -58.76 52.66 27.27
C THR X 198 -59.58 51.46 27.75
N LEU X 199 -58.96 50.28 27.75
CA LEU X 199 -59.67 49.05 28.04
C LEU X 199 -59.87 48.84 29.53
N LYS X 200 -60.83 47.99 29.87
CA LYS X 200 -61.01 47.54 31.23
C LYS X 200 -59.99 46.44 31.47
N ALA X 201 -59.06 46.69 32.40
CA ALA X 201 -57.96 45.76 32.61
C ALA X 201 -57.68 45.54 34.09
N ARG X 202 -56.88 44.53 34.39
CA ARG X 202 -56.45 44.26 35.75
C ARG X 202 -55.49 45.36 36.22
N MET X 203 -55.54 45.67 37.51
CA MET X 203 -54.69 46.73 38.06
C MET X 203 -53.80 46.19 39.19
N ASP X 204 -53.24 45.00 38.98
CA ASP X 204 -52.41 44.37 40.01
C ASP X 204 -51.02 43.99 39.47
N MET Y 1 -31.60 58.61 55.54
CA MET Y 1 -32.04 58.68 54.15
C MET Y 1 -33.30 59.53 54.00
N GLU Y 2 -33.39 60.27 52.90
CA GLU Y 2 -34.33 61.37 52.78
C GLU Y 2 -35.72 61.00 52.30
N TYR Y 3 -36.71 61.82 52.66
CA TYR Y 3 -38.11 61.56 52.34
C TYR Y 3 -38.84 62.79 51.79
N LEU Y 4 -39.47 62.64 50.63
CA LEU Y 4 -40.25 63.70 50.01
C LEU Y 4 -41.69 63.24 49.83
N ILE Y 5 -42.63 64.18 49.87
CA ILE Y 5 -44.04 63.85 49.63
C ILE Y 5 -44.82 65.02 49.05
N GLY Y 6 -45.64 64.73 48.05
CA GLY Y 6 -46.48 65.73 47.42
C GLY Y 6 -47.90 65.24 47.23
N ILE Y 7 -48.86 66.12 47.55
CA ILE Y 7 -50.27 65.82 47.40
C ILE Y 7 -50.97 66.98 46.68
N GLN Y 8 -51.48 66.73 45.48
CA GLN Y 8 -52.16 67.77 44.72
C GLN Y 8 -53.66 67.82 45.00
N GLY Y 9 -54.16 69.01 45.31
CA GLY Y 9 -55.59 69.21 45.49
C GLY Y 9 -56.19 69.83 44.24
N PRO Y 10 -57.47 70.21 44.33
CA PRO Y 10 -58.17 70.83 43.19
C PRO Y 10 -57.60 72.21 42.82
N ASP Y 11 -57.12 72.97 43.80
CA ASP Y 11 -56.62 74.31 43.55
C ASP Y 11 -55.33 74.62 44.30
N TYR Y 12 -54.65 73.59 44.79
CA TYR Y 12 -53.45 73.77 45.59
C TYR Y 12 -52.54 72.55 45.48
N VAL Y 13 -51.28 72.73 45.89
CA VAL Y 13 -50.35 71.62 45.99
C VAL Y 13 -49.69 71.64 47.37
N LEU Y 14 -49.82 70.56 48.10
CA LEU Y 14 -49.22 70.45 49.43
C LEU Y 14 -47.95 69.62 49.36
N VAL Y 15 -46.84 70.17 49.84
CA VAL Y 15 -45.58 69.44 49.81
C VAL Y 15 -44.91 69.39 51.17
N ALA Y 16 -44.19 68.30 51.42
CA ALA Y 16 -43.51 68.14 52.70
C ALA Y 16 -42.24 67.29 52.56
N SER Y 17 -41.25 67.59 53.40
CA SER Y 17 -39.98 66.87 53.37
C SER Y 17 -39.44 66.71 54.79
N ASP Y 18 -38.50 65.80 54.98
CA ASP Y 18 -37.88 65.64 56.29
C ASP Y 18 -36.82 66.71 56.52
N ARG Y 19 -36.47 66.95 57.78
CA ARG Y 19 -35.55 68.03 58.13
C ARG Y 19 -34.18 67.52 58.56
N VAL Y 20 -33.91 66.25 58.27
CA VAL Y 20 -32.67 65.63 58.71
C VAL Y 20 -31.57 65.67 57.67
N ALA Y 21 -30.42 66.19 58.07
CA ALA Y 21 -29.20 66.03 57.29
C ALA Y 21 -28.28 65.12 58.09
N ALA Y 22 -28.08 63.92 57.58
CA ALA Y 22 -27.34 62.90 58.31
C ALA Y 22 -26.14 62.38 57.52
N SER Y 23 -25.10 61.99 58.25
CA SER Y 23 -23.93 61.37 57.66
C SER Y 23 -23.47 60.26 58.60
N ASN Y 24 -23.09 59.13 58.03
CA ASN Y 24 -22.71 57.95 58.81
C ASN Y 24 -23.85 57.48 59.71
N ILE Y 25 -23.66 57.58 61.02
CA ILE Y 25 -24.67 57.14 61.97
C ILE Y 25 -25.25 58.29 62.78
N VAL Y 26 -24.80 59.51 62.47
CA VAL Y 26 -25.23 60.67 63.23
C VAL Y 26 -26.08 61.63 62.41
N GLN Y 27 -27.04 62.27 63.06
CA GLN Y 27 -27.75 63.40 62.48
C GLN Y 27 -26.85 64.62 62.65
N MET Y 28 -26.53 65.28 61.54
CA MET Y 28 -25.67 66.45 61.59
C MET Y 28 -26.48 67.75 61.52
N LYS Y 29 -27.75 67.64 61.16
CA LYS Y 29 -28.61 68.81 61.11
C LYS Y 29 -30.08 68.42 61.28
N ASP Y 30 -30.78 69.15 62.15
CA ASP Y 30 -32.18 68.85 62.44
C ASP Y 30 -33.13 69.86 61.82
N ASP Y 31 -32.59 70.81 61.07
CA ASP Y 31 -33.41 71.83 60.41
C ASP Y 31 -33.03 71.99 58.94
N HIS Y 32 -32.63 70.89 58.31
CA HIS Y 32 -32.27 70.90 56.90
C HIS Y 32 -33.51 71.13 56.03
N ASP Y 33 -33.37 71.94 55.00
CA ASP Y 33 -34.48 72.24 54.11
C ASP Y 33 -34.22 71.65 52.73
N LYS Y 34 -35.17 70.85 52.25
CA LYS Y 34 -35.00 70.17 50.96
C LYS Y 34 -35.75 70.85 49.82
N MET Y 35 -36.30 72.04 50.07
CA MET Y 35 -37.10 72.72 49.07
C MET Y 35 -36.39 73.93 48.46
N PHE Y 36 -36.66 74.18 47.18
CA PHE Y 36 -36.02 75.27 46.45
C PHE Y 36 -37.04 76.13 45.72
N LYS Y 37 -37.15 77.39 46.11
CA LYS Y 37 -38.05 78.32 45.44
C LYS Y 37 -37.44 78.69 44.09
N MET Y 38 -38.19 78.43 43.03
CA MET Y 38 -37.70 78.69 41.68
C MET Y 38 -38.51 79.79 41.01
N SER Y 39 -39.82 79.77 41.25
CA SER Y 39 -40.70 80.86 40.85
C SER Y 39 -41.48 81.31 42.07
N GLU Y 40 -42.35 82.27 41.91
CA GLU Y 40 -43.20 82.70 43.01
C GLU Y 40 -44.25 81.64 43.28
N LYS Y 41 -44.45 80.74 42.33
CA LYS Y 41 -45.44 79.68 42.45
C LYS Y 41 -44.88 78.30 42.10
N ILE Y 42 -43.57 78.13 42.18
CA ILE Y 42 -42.93 76.84 41.89
C ILE Y 42 -41.91 76.42 42.96
N LEU Y 43 -42.10 75.22 43.51
CA LEU Y 43 -41.14 74.65 44.45
C LEU Y 43 -40.49 73.39 43.89
N LEU Y 44 -39.20 73.25 44.13
CA LEU Y 44 -38.44 72.08 43.69
C LEU Y 44 -37.90 71.30 44.88
N LEU Y 45 -38.43 70.10 45.09
CA LEU Y 45 -38.02 69.22 46.18
C LEU Y 45 -36.97 68.25 45.66
N CYS Y 46 -35.70 68.48 45.99
CA CYS Y 46 -34.63 67.63 45.49
C CYS Y 46 -34.00 66.80 46.59
N VAL Y 47 -33.60 65.56 46.25
CA VAL Y 47 -33.09 64.62 47.24
C VAL Y 47 -32.13 63.62 46.60
N GLY Y 48 -31.12 63.17 47.34
CA GLY Y 48 -30.22 62.14 46.85
C GLY Y 48 -28.76 62.27 47.23
N GLU Y 49 -27.89 62.20 46.22
CA GLU Y 49 -26.44 62.20 46.40
C GLU Y 49 -25.95 63.45 47.13
N ALA Y 50 -24.73 63.39 47.66
CA ALA Y 50 -24.14 64.44 48.47
C ALA Y 50 -24.21 65.84 47.85
N GLY Y 51 -23.31 66.11 46.91
CA GLY Y 51 -23.23 67.43 46.31
C GLY Y 51 -24.13 67.61 45.11
N ASP Y 52 -24.47 66.48 44.48
CA ASP Y 52 -25.31 66.47 43.28
C ASP Y 52 -26.63 67.20 43.50
N THR Y 53 -27.26 66.95 44.64
CA THR Y 53 -28.54 67.58 44.96
C THR Y 53 -28.48 69.10 44.90
N VAL Y 54 -27.71 69.69 45.80
CA VAL Y 54 -27.61 71.15 45.88
C VAL Y 54 -27.09 71.75 44.58
N GLN Y 55 -26.05 71.14 44.00
CA GLN Y 55 -25.50 71.64 42.73
C GLN Y 55 -26.56 71.73 41.63
N PHE Y 56 -27.18 70.59 41.32
CA PHE Y 56 -28.19 70.51 40.28
C PHE Y 56 -29.36 71.44 40.57
N ALA Y 57 -29.90 71.34 41.78
CA ALA Y 57 -31.06 72.14 42.18
C ALA Y 57 -30.80 73.65 42.03
N GLU Y 58 -29.66 74.11 42.53
CA GLU Y 58 -29.30 75.52 42.42
C GLU Y 58 -29.08 75.94 40.98
N TYR Y 59 -28.48 75.06 40.18
CA TYR Y 59 -28.31 75.33 38.76
C TYR Y 59 -29.65 75.60 38.09
N ILE Y 60 -30.58 74.66 38.25
CA ILE Y 60 -31.92 74.79 37.70
C ILE Y 60 -32.58 76.08 38.19
N GLN Y 61 -32.51 76.30 39.50
CA GLN Y 61 -33.09 77.49 40.13
C GLN Y 61 -32.62 78.79 39.50
N LYS Y 62 -31.30 78.96 39.45
CA LYS Y 62 -30.72 80.17 38.88
C LYS Y 62 -31.04 80.32 37.39
N ASN Y 63 -31.17 79.19 36.70
CA ASN Y 63 -31.58 79.26 35.30
C ASN Y 63 -33.03 79.71 35.10
N VAL Y 64 -33.90 79.26 36.00
CA VAL Y 64 -35.30 79.68 35.98
C VAL Y 64 -35.38 81.18 36.26
N GLN Y 65 -34.66 81.62 37.30
CA GLN Y 65 -34.61 83.04 37.62
C GLN Y 65 -34.05 83.86 36.47
N LEU Y 66 -33.06 83.30 35.78
CA LEU Y 66 -32.50 83.95 34.59
C LEU Y 66 -33.57 84.09 33.51
N TYR Y 67 -34.39 83.06 33.34
CA TYR Y 67 -35.50 83.12 32.39
C TYR Y 67 -36.42 84.28 32.75
N LYS Y 68 -36.79 84.34 34.03
CA LYS Y 68 -37.65 85.41 34.55
C LYS Y 68 -37.09 86.79 34.26
N MET Y 69 -35.79 86.99 34.51
CA MET Y 69 -35.17 88.29 34.27
C MET Y 69 -35.11 88.62 32.78
N ARG Y 70 -34.80 87.62 31.96
CA ARG Y 70 -34.66 87.83 30.52
C ARG Y 70 -35.98 88.12 29.83
N ASN Y 71 -37.07 87.58 30.36
CA ASN Y 71 -38.35 87.62 29.65
C ASN Y 71 -39.47 88.38 30.36
N GLY Y 72 -39.30 88.68 31.64
CA GLY Y 72 -40.27 89.45 32.37
C GLY Y 72 -41.44 88.64 32.91
N TYR Y 73 -41.50 87.37 32.53
CA TYR Y 73 -42.49 86.45 33.09
C TYR Y 73 -41.83 85.13 33.47
N GLU Y 74 -42.45 84.42 34.40
CA GLU Y 74 -41.89 83.17 34.91
C GLU Y 74 -42.28 81.96 34.07
N LEU Y 75 -41.48 80.91 34.14
CA LEU Y 75 -41.81 79.65 33.49
C LEU Y 75 -43.01 79.01 34.17
N SER Y 76 -43.84 78.34 33.38
CA SER Y 76 -44.94 77.56 33.94
C SER Y 76 -44.35 76.35 34.63
N PRO Y 77 -45.06 75.80 35.61
CA PRO Y 77 -44.61 74.58 36.31
C PRO Y 77 -44.25 73.46 35.34
N THR Y 78 -45.00 73.35 34.24
CA THR Y 78 -44.74 72.32 33.24
C THR Y 78 -43.45 72.58 32.48
N ALA Y 79 -43.29 73.81 32.00
CA ALA Y 79 -42.07 74.21 31.30
C ALA Y 79 -40.85 74.03 32.19
N ALA Y 80 -41.01 74.40 33.46
CA ALA Y 80 -39.96 74.20 34.45
C ALA Y 80 -39.60 72.74 34.55
N ALA Y 81 -40.61 71.90 34.81
CA ALA Y 81 -40.41 70.46 34.94
C ALA Y 81 -39.68 69.84 33.76
N ASN Y 82 -40.09 70.22 32.55
CA ASN Y 82 -39.43 69.70 31.35
C ASN Y 82 -38.03 70.27 31.15
N PHE Y 83 -37.80 71.46 31.68
CA PHE Y 83 -36.47 72.07 31.65
C PHE Y 83 -35.52 71.26 32.53
N THR Y 84 -35.93 71.02 33.78
CA THR Y 84 -35.11 70.24 34.70
C THR Y 84 -34.91 68.83 34.16
N ARG Y 85 -35.97 68.26 33.59
CA ARG Y 85 -35.88 66.90 33.06
C ARG Y 85 -34.93 66.84 31.88
N ARG Y 86 -34.93 67.88 31.06
CA ARG Y 86 -33.99 67.98 29.94
C ARG Y 86 -32.56 68.03 30.44
N ASN Y 87 -32.30 68.92 31.39
CA ASN Y 87 -30.96 69.02 31.96
C ASN Y 87 -30.47 67.71 32.58
N LEU Y 88 -31.32 67.09 33.40
CA LEU Y 88 -30.95 65.85 34.07
C LEU Y 88 -30.74 64.71 33.08
N ALA Y 89 -31.56 64.67 32.02
CA ALA Y 89 -31.44 63.62 31.03
C ALA Y 89 -30.20 63.80 30.16
N ASP Y 90 -29.81 65.05 29.94
CA ASP Y 90 -28.63 65.32 29.12
C ASP Y 90 -27.34 64.88 29.80
N CYS Y 91 -27.30 64.98 31.12
CA CYS Y 91 -26.10 64.62 31.88
C CYS Y 91 -26.06 63.13 32.22
N LEU Y 92 -27.11 62.42 31.86
CA LEU Y 92 -27.25 61.01 32.22
C LEU Y 92 -26.15 60.14 31.63
N ARG Y 93 -25.84 60.37 30.36
CA ARG Y 93 -24.83 59.59 29.67
C ARG Y 93 -23.53 60.37 29.50
N SER Y 94 -23.36 61.41 30.32
CA SER Y 94 -22.17 62.25 30.27
C SER Y 94 -21.14 61.80 31.29
N ARG Y 95 -20.12 62.63 31.50
CA ARG Y 95 -19.07 62.33 32.47
C ARG Y 95 -19.54 62.68 33.88
N THR Y 96 -20.43 63.66 33.98
CA THR Y 96 -20.91 64.12 35.27
C THR Y 96 -22.42 64.01 35.42
N PRO Y 97 -22.92 62.80 35.73
CA PRO Y 97 -24.36 62.61 35.95
C PRO Y 97 -24.77 62.96 37.37
N TYR Y 98 -25.94 63.56 37.52
CA TYR Y 98 -26.45 63.95 38.82
C TYR Y 98 -27.43 62.92 39.36
N HIS Y 99 -27.04 62.24 40.43
CA HIS Y 99 -27.91 61.25 41.06
C HIS Y 99 -28.92 61.93 41.97
N VAL Y 100 -30.00 62.43 41.37
CA VAL Y 100 -31.03 63.14 42.13
C VAL Y 100 -32.45 62.69 41.80
N ASN Y 101 -33.23 62.42 42.85
CA ASN Y 101 -34.66 62.19 42.70
C ASN Y 101 -35.39 63.45 43.13
N LEU Y 102 -36.45 63.80 42.41
CA LEU Y 102 -37.11 65.08 42.70
C LEU Y 102 -38.62 65.14 42.49
N LEU Y 103 -39.24 66.09 43.18
CA LEU Y 103 -40.63 66.45 42.98
C LEU Y 103 -40.70 67.90 42.57
N LEU Y 104 -41.64 68.26 41.70
CA LEU Y 104 -41.84 69.66 41.36
C LEU Y 104 -43.30 70.07 41.58
N ALA Y 105 -43.50 71.01 42.50
CA ALA Y 105 -44.84 71.50 42.79
C ALA Y 105 -45.03 72.87 42.15
N GLY Y 106 -46.23 73.15 41.65
CA GLY Y 106 -46.47 74.43 41.01
C GLY Y 106 -47.93 74.81 40.85
N TYR Y 107 -48.17 76.09 40.61
CA TYR Y 107 -49.50 76.58 40.31
C TYR Y 107 -49.43 77.49 39.08
N ASP Y 108 -50.23 77.17 38.07
CA ASP Y 108 -50.31 78.00 36.87
C ASP Y 108 -51.59 78.80 36.88
N GLU Y 109 -51.55 80.00 36.30
CA GLU Y 109 -52.72 80.85 36.21
C GLU Y 109 -53.74 80.26 35.24
N HIS Y 110 -53.28 79.33 34.40
CA HIS Y 110 -54.14 78.71 33.40
C HIS Y 110 -54.47 77.26 33.74
N GLU Y 111 -53.45 76.47 34.05
CA GLU Y 111 -53.61 75.03 34.23
C GLU Y 111 -53.85 74.61 35.68
N GLY Y 112 -53.69 75.55 36.61
CA GLY Y 112 -53.93 75.27 38.01
C GLY Y 112 -52.79 74.52 38.69
N PRO Y 113 -53.10 73.77 39.75
CA PRO Y 113 -52.10 73.04 40.54
C PRO Y 113 -51.50 71.87 39.77
N ALA Y 114 -50.22 71.61 40.01
CA ALA Y 114 -49.49 70.54 39.32
C ALA Y 114 -48.36 69.96 40.16
N LEU Y 115 -48.24 68.64 40.14
CA LEU Y 115 -47.19 67.93 40.84
C LEU Y 115 -46.46 67.01 39.87
N TYR Y 116 -45.13 67.03 39.91
CA TYR Y 116 -44.33 66.22 39.02
C TYR Y 116 -43.33 65.34 39.77
N TYR Y 117 -43.08 64.16 39.21
CA TYR Y 117 -42.19 63.16 39.81
C TYR Y 117 -41.05 62.87 38.85
N MET Y 118 -39.83 62.86 39.38
CA MET Y 118 -38.65 62.59 38.57
C MET Y 118 -37.67 61.60 39.19
N ASP Y 119 -37.45 60.52 38.44
CA ASP Y 119 -36.45 59.50 38.70
C ASP Y 119 -35.07 60.14 38.57
N TYR Y 120 -34.04 59.48 39.10
CA TYR Y 120 -32.68 59.98 38.89
C TYR Y 120 -32.27 59.75 37.43
N LEU Y 121 -32.97 58.85 36.77
CA LEU Y 121 -32.76 58.59 35.35
C LEU Y 121 -33.47 59.62 34.48
N ALA Y 122 -34.06 60.62 35.13
CA ALA Y 122 -34.77 61.71 34.45
C ALA Y 122 -36.01 61.25 33.68
N ALA Y 123 -36.85 60.46 34.34
CA ALA Y 123 -38.13 60.08 33.79
C ALA Y 123 -39.21 60.93 34.46
N LEU Y 124 -39.80 61.84 33.68
CA LEU Y 124 -40.78 62.78 34.22
C LEU Y 124 -42.19 62.24 34.13
N ALA Y 125 -42.93 62.32 35.24
CA ALA Y 125 -44.30 61.83 35.26
C ALA Y 125 -45.20 62.67 36.18
N LYS Y 126 -46.31 63.14 35.64
CA LYS Y 126 -47.27 63.90 36.44
C LYS Y 126 -48.15 62.98 37.27
N ALA Y 127 -48.49 63.41 38.48
CA ALA Y 127 -49.26 62.58 39.40
C ALA Y 127 -50.10 63.42 40.36
N PRO Y 128 -51.25 62.88 40.79
CA PRO Y 128 -52.07 63.53 41.82
C PRO Y 128 -51.34 63.56 43.16
N PHE Y 129 -50.50 62.57 43.39
CA PHE Y 129 -49.68 62.52 44.60
C PHE Y 129 -48.47 61.61 44.38
N ALA Y 130 -47.36 61.94 45.02
CA ALA Y 130 -46.15 61.15 44.89
C ALA Y 130 -45.30 61.22 46.14
N ALA Y 131 -44.26 60.40 46.19
CA ALA Y 131 -43.33 60.38 47.33
C ALA Y 131 -41.98 59.80 46.93
N HIS Y 132 -40.92 60.28 47.56
CA HIS Y 132 -39.58 59.77 47.31
C HIS Y 132 -38.94 59.23 48.58
N GLY Y 133 -37.99 58.31 48.42
CA GLY Y 133 -37.28 57.72 49.54
C GLY Y 133 -37.89 56.41 50.00
N TYR Y 134 -37.24 55.78 50.97
CA TYR Y 134 -37.72 54.52 51.53
C TYR Y 134 -39.09 54.71 52.17
N GLY Y 135 -39.27 55.86 52.83
CA GLY Y 135 -40.52 56.17 53.49
C GLY Y 135 -41.72 56.09 52.55
N ALA Y 136 -41.50 56.37 51.28
CA ALA Y 136 -42.54 56.28 50.27
C ALA Y 136 -43.18 54.88 50.28
N PHE Y 137 -42.35 53.85 50.41
CA PHE Y 137 -42.82 52.47 50.43
C PHE Y 137 -43.85 52.23 51.53
N LEU Y 138 -43.79 53.05 52.58
CA LEU Y 138 -44.72 52.90 53.69
C LEU Y 138 -45.89 53.88 53.62
N THR Y 139 -45.77 54.89 52.77
CA THR Y 139 -46.77 55.96 52.76
C THR Y 139 -47.68 55.96 51.53
N LEU Y 140 -47.11 55.61 50.37
CA LEU Y 140 -47.86 55.61 49.12
C LEU Y 140 -49.18 54.86 49.18
N SER Y 141 -49.15 53.65 49.71
CA SER Y 141 -50.36 52.85 49.87
C SER Y 141 -51.41 53.61 50.66
N ILE Y 142 -50.99 54.26 51.75
CA ILE Y 142 -51.89 55.07 52.55
C ILE Y 142 -52.52 56.15 51.67
N LEU Y 143 -51.68 56.82 50.88
CA LEU Y 143 -52.16 57.83 49.96
C LEU Y 143 -53.14 57.23 48.95
N ASP Y 144 -52.93 55.98 48.56
CA ASP Y 144 -53.87 55.31 47.67
C ASP Y 144 -55.20 55.13 48.38
N ARG Y 145 -55.13 54.77 49.66
CA ARG Y 145 -56.30 54.38 50.43
C ARG Y 145 -57.26 55.54 50.72
N TYR Y 146 -56.72 56.74 50.91
CA TYR Y 146 -57.51 57.86 51.43
C TYR Y 146 -57.62 59.09 50.53
N TYR Y 147 -56.83 59.12 49.46
CA TYR Y 147 -56.83 60.30 48.59
C TYR Y 147 -58.04 60.35 47.67
N THR Y 148 -58.61 61.54 47.55
CA THR Y 148 -59.68 61.81 46.59
C THR Y 148 -59.33 63.10 45.85
N PRO Y 149 -59.63 63.16 44.54
CA PRO Y 149 -59.27 64.30 43.69
C PRO Y 149 -59.83 65.63 44.18
N THR Y 150 -60.82 65.61 45.05
CA THR Y 150 -61.47 66.82 45.51
C THR Y 150 -61.10 67.16 46.95
N ILE Y 151 -60.04 66.54 47.45
CA ILE Y 151 -59.63 66.69 48.85
C ILE Y 151 -59.29 68.14 49.21
N SER Y 152 -59.80 68.59 50.36
CA SER Y 152 -59.54 69.94 50.84
C SER Y 152 -58.17 70.01 51.51
N ARG Y 153 -57.59 71.20 51.55
CA ARG Y 153 -56.23 71.37 52.08
C ARG Y 153 -56.12 70.97 53.54
N GLU Y 154 -57.20 71.14 54.29
CA GLU Y 154 -57.22 70.71 55.70
C GLU Y 154 -57.14 69.19 55.75
N ARG Y 155 -57.99 68.53 54.97
CA ARG Y 155 -57.99 67.08 54.86
C ARG Y 155 -56.68 66.56 54.30
N ALA Y 156 -56.08 67.33 53.39
CA ALA Y 156 -54.78 66.97 52.82
C ALA Y 156 -53.68 67.00 53.88
N VAL Y 157 -53.70 68.05 54.71
CA VAL Y 157 -52.74 68.16 55.81
C VAL Y 157 -52.93 67.00 56.79
N GLU Y 158 -54.19 66.66 57.07
CA GLU Y 158 -54.49 65.54 57.97
C GLU Y 158 -53.96 64.22 57.40
N LEU Y 159 -54.11 64.04 56.09
CA LEU Y 159 -53.61 62.86 55.40
C LEU Y 159 -52.08 62.79 55.50
N LEU Y 160 -51.44 63.93 55.26
CA LEU Y 160 -50.00 64.06 55.42
C LEU Y 160 -49.58 63.65 56.83
N ARG Y 161 -50.36 64.07 57.82
CA ARG Y 161 -50.11 63.68 59.20
C ARG Y 161 -50.19 62.17 59.38
N LYS Y 162 -51.18 61.55 58.75
CA LYS Y 162 -51.30 60.09 58.80
C LYS Y 162 -50.03 59.44 58.25
N CYS Y 163 -49.56 59.94 57.12
CA CYS Y 163 -48.32 59.43 56.51
C CYS Y 163 -47.11 59.57 57.44
N LEU Y 164 -46.87 60.77 57.92
CA LEU Y 164 -45.72 61.03 58.79
C LEU Y 164 -45.76 60.22 60.08
N GLU Y 165 -46.96 60.09 60.65
CA GLU Y 165 -47.14 59.26 61.84
C GLU Y 165 -46.80 57.80 61.52
N GLU Y 166 -47.20 57.35 60.33
CA GLU Y 166 -46.85 56.00 59.90
C GLU Y 166 -45.33 55.85 59.83
N LEU Y 167 -44.66 56.89 59.34
CA LEU Y 167 -43.20 56.89 59.33
C LEU Y 167 -42.64 56.77 60.74
N GLN Y 168 -43.25 57.48 61.69
CA GLN Y 168 -42.83 57.39 63.08
C GLN Y 168 -43.02 55.99 63.63
N LYS Y 169 -44.02 55.28 63.12
CA LYS Y 169 -44.35 53.95 63.62
C LYS Y 169 -43.47 52.83 63.03
N ARG Y 170 -43.38 52.76 61.70
CA ARG Y 170 -42.72 51.62 61.06
C ARG Y 170 -41.28 51.87 60.63
N PHE Y 171 -40.98 53.08 60.16
CA PHE Y 171 -39.67 53.39 59.62
C PHE Y 171 -38.58 53.31 60.68
N ILE Y 172 -37.45 52.72 60.34
CA ILE Y 172 -36.35 52.55 61.29
C ILE Y 172 -35.50 53.80 61.44
N LEU Y 173 -35.57 54.68 60.45
CA LEU Y 173 -34.86 55.95 60.52
C LEU Y 173 -35.60 56.92 61.44
N ASN Y 174 -34.85 57.86 62.01
CA ASN Y 174 -35.41 58.79 62.98
C ASN Y 174 -36.50 59.70 62.40
N LEU Y 175 -36.07 60.76 61.71
CA LEU Y 175 -36.99 61.70 61.07
C LEU Y 175 -38.05 62.27 62.02
N PRO Y 176 -37.63 63.15 62.94
CA PRO Y 176 -38.55 63.70 63.95
C PRO Y 176 -39.42 64.85 63.45
N THR Y 177 -38.89 65.72 62.60
CA THR Y 177 -39.63 66.90 62.15
C THR Y 177 -39.74 66.96 60.63
N PHE Y 178 -40.67 67.78 60.14
CA PHE Y 178 -40.91 67.88 58.70
C PHE Y 178 -41.23 69.31 58.26
N SER Y 179 -40.59 69.75 57.17
CA SER Y 179 -40.95 71.00 56.51
C SER Y 179 -42.22 70.79 55.72
N VAL Y 180 -43.19 71.70 55.89
CA VAL Y 180 -44.46 71.61 55.18
C VAL Y 180 -44.83 72.96 54.54
N ARG Y 181 -45.08 72.95 53.24
CA ARG Y 181 -45.49 74.16 52.54
C ARG Y 181 -46.64 73.87 51.59
N ILE Y 182 -47.37 74.92 51.21
CA ILE Y 182 -48.46 74.78 50.26
C ILE Y 182 -48.33 75.81 49.13
N ILE Y 183 -48.91 75.50 47.98
CA ILE Y 183 -48.83 76.40 46.84
C ILE Y 183 -50.20 76.58 46.20
N ASP Y 184 -50.62 77.83 46.00
CA ASP Y 184 -51.88 78.10 45.33
C ASP Y 184 -51.81 79.34 44.44
N LYS Y 185 -52.92 80.06 44.33
CA LYS Y 185 -52.98 81.25 43.50
C LYS Y 185 -52.20 82.41 44.11
N ASN Y 186 -51.93 82.31 45.42
CA ASN Y 186 -51.21 83.35 46.12
C ASN Y 186 -49.74 83.02 46.37
N GLY Y 187 -49.25 81.98 45.68
CA GLY Y 187 -47.85 81.60 45.77
C GLY Y 187 -47.56 80.58 46.84
N ILE Y 188 -46.34 80.66 47.39
CA ILE Y 188 -45.87 79.68 48.37
C ILE Y 188 -46.13 80.13 49.80
N HIS Y 189 -46.75 79.25 50.58
CA HIS Y 189 -47.08 79.54 51.97
C HIS Y 189 -46.44 78.50 52.89
N ASP Y 190 -45.64 78.97 53.83
CA ASP Y 190 -45.01 78.10 54.82
C ASP Y 190 -46.01 77.72 55.91
N LEU Y 191 -46.12 76.43 56.18
CA LEU Y 191 -47.02 75.95 57.23
C LEU Y 191 -46.23 75.53 58.46
N ASP Y 192 -46.94 75.33 59.57
CA ASP Y 192 -46.31 74.86 60.80
C ASP Y 192 -45.68 73.49 60.59
N ASN Y 193 -44.44 73.35 61.04
CA ASN Y 193 -43.70 72.11 60.89
C ASN Y 193 -44.34 70.97 61.67
N ILE Y 194 -44.74 69.91 60.96
CA ILE Y 194 -45.21 68.70 61.61
C ILE Y 194 -44.04 68.07 62.36
N SER Y 195 -44.14 68.02 63.68
CA SER Y 195 -43.07 67.45 64.49
C SER Y 195 -43.63 66.55 65.58
N PHE Y 196 -42.81 65.61 66.05
CA PHE Y 196 -43.24 64.67 67.07
C PHE Y 196 -42.32 64.74 68.28
N PRO Y 197 -42.85 65.22 69.42
CA PRO Y 197 -42.10 65.48 70.65
C PRO Y 197 -41.41 64.24 71.22
N LYS Y 198 -40.41 63.72 70.51
CA LYS Y 198 -39.65 62.58 71.01
C LYS Y 198 -38.74 62.99 72.16
N GLN Y 199 -37.64 63.66 71.83
CA GLN Y 199 -36.71 64.17 72.84
C GLN Y 199 -35.85 65.31 72.28
N THR Z 1 -8.20 62.26 63.30
CA THR Z 1 -8.54 63.64 63.60
C THR Z 1 -9.84 63.73 64.41
N THR Z 2 -10.05 64.87 65.05
CA THR Z 2 -11.25 65.08 65.87
C THR Z 2 -11.42 66.56 66.21
N THR Z 3 -12.13 67.28 65.33
CA THR Z 3 -12.37 68.70 65.53
C THR Z 3 -13.84 68.98 65.81
N LEU Z 4 -14.11 70.09 66.47
CA LEU Z 4 -15.49 70.48 66.80
C LEU Z 4 -15.62 71.99 66.89
N ALA Z 5 -16.78 72.49 66.47
CA ALA Z 5 -17.03 73.93 66.51
C ALA Z 5 -18.49 74.17 66.83
N PHE Z 6 -18.75 75.19 67.65
CA PHE Z 6 -20.13 75.54 67.96
C PHE Z 6 -20.28 77.03 68.18
N LYS Z 7 -21.39 77.58 67.73
CA LYS Z 7 -21.63 79.00 67.91
C LYS Z 7 -22.63 79.27 69.03
N PHE Z 8 -22.29 80.24 69.87
CA PHE Z 8 -23.15 80.65 70.97
C PHE Z 8 -23.29 82.17 70.97
N ARG Z 9 -23.71 82.74 72.09
CA ARG Z 9 -23.95 84.18 72.17
C ARG Z 9 -22.69 85.00 71.93
N HIS Z 10 -21.56 84.53 72.48
CA HIS Z 10 -20.32 85.29 72.44
C HIS Z 10 -19.36 84.86 71.34
N GLY Z 11 -19.90 84.39 70.23
CA GLY Z 11 -19.09 84.06 69.06
C GLY Z 11 -19.09 82.61 68.67
N VAL Z 12 -17.98 82.15 68.09
CA VAL Z 12 -17.86 80.77 67.64
C VAL Z 12 -16.64 80.08 68.23
N ILE Z 13 -16.87 79.06 69.04
CA ILE Z 13 -15.80 78.27 69.62
C ILE Z 13 -15.33 77.20 68.65
N VAL Z 14 -14.02 77.08 68.48
CA VAL Z 14 -13.42 76.07 67.62
C VAL Z 14 -12.36 75.29 68.39
N ALA Z 15 -12.35 73.97 68.26
CA ALA Z 15 -11.39 73.15 68.98
C ALA Z 15 -10.94 71.95 68.15
N ALA Z 16 -9.73 71.46 68.42
CA ALA Z 16 -9.20 70.31 67.69
C ALA Z 16 -8.10 69.57 68.44
N ASP Z 17 -7.83 68.34 68.05
CA ASP Z 17 -6.63 67.65 68.55
C ASP Z 17 -5.47 67.99 67.63
N SER Z 18 -4.39 67.22 67.67
CA SER Z 18 -3.24 67.51 66.83
C SER Z 18 -2.54 66.27 66.30
N ARG Z 19 -3.13 65.10 66.53
CA ARG Z 19 -2.54 63.84 66.09
C ARG Z 19 -2.62 63.66 64.57
N ALA Z 20 -1.57 63.12 63.99
CA ALA Z 20 -1.53 62.79 62.57
C ALA Z 20 -0.91 61.41 62.42
N THR Z 21 -1.65 60.49 61.80
CA THR Z 21 -1.22 59.11 61.69
C THR Z 21 -0.96 58.70 60.25
N ALA Z 22 -0.08 57.72 60.09
CA ALA Z 22 0.14 57.10 58.79
C ALA Z 22 -0.06 55.60 58.97
N GLY Z 23 -1.33 55.20 59.02
CA GLY Z 23 -1.68 53.85 59.43
C GLY Z 23 -1.84 53.85 60.93
N ALA Z 24 -1.31 52.83 61.59
CA ALA Z 24 -1.34 52.76 63.05
C ALA Z 24 -0.23 53.63 63.65
N TYR Z 25 0.77 53.94 62.83
CA TYR Z 25 1.91 54.74 63.26
C TYR Z 25 1.52 56.19 63.46
N ILE Z 26 1.89 56.76 64.60
CA ILE Z 26 1.63 58.17 64.88
C ILE Z 26 2.75 59.02 64.32
N ALA Z 27 2.48 59.70 63.21
CA ALA Z 27 3.49 60.47 62.50
C ALA Z 27 3.77 61.81 63.17
N SER Z 28 2.75 62.37 63.81
CA SER Z 28 2.91 63.66 64.47
C SER Z 28 1.88 63.88 65.57
N GLN Z 29 2.19 64.76 66.52
CA GLN Z 29 1.25 65.15 67.55
C GLN Z 29 1.25 66.66 67.69
N THR Z 30 1.86 67.33 66.72
CA THR Z 30 2.00 68.77 66.74
C THR Z 30 1.43 69.41 65.47
N VAL Z 31 0.23 68.99 65.08
CA VAL Z 31 -0.39 69.50 63.87
C VAL Z 31 -1.44 70.56 64.15
N LYS Z 32 -1.28 71.72 63.52
CA LYS Z 32 -2.26 72.79 63.64
C LYS Z 32 -3.43 72.52 62.71
N LYS Z 33 -4.52 71.99 63.28
CA LYS Z 33 -5.67 71.58 62.47
C LYS Z 33 -6.69 72.71 62.30
N VAL Z 34 -6.42 73.85 62.92
CA VAL Z 34 -7.28 75.02 62.74
C VAL Z 34 -6.56 76.06 61.89
N ILE Z 35 -6.82 76.04 60.58
CA ILE Z 35 -6.19 76.97 59.67
C ILE Z 35 -6.75 78.37 59.80
N GLU Z 36 -5.85 79.34 59.89
CA GLU Z 36 -6.23 80.75 59.98
C GLU Z 36 -6.34 81.34 58.59
N ILE Z 37 -7.53 81.24 58.01
CA ILE Z 37 -7.81 81.77 56.68
C ILE Z 37 -7.67 83.29 56.68
N ASN Z 38 -8.55 83.95 57.42
CA ASN Z 38 -8.49 85.39 57.60
C ASN Z 38 -8.48 85.70 59.10
N PRO Z 39 -8.13 86.93 59.48
CA PRO Z 39 -8.25 87.32 60.90
C PRO Z 39 -9.68 87.23 61.42
N TYR Z 40 -10.63 86.90 60.56
CA TYR Z 40 -12.01 86.71 60.97
C TYR Z 40 -12.54 85.36 60.50
N LEU Z 41 -11.71 84.63 59.75
CA LEU Z 41 -12.12 83.33 59.19
C LEU Z 41 -11.18 82.19 59.57
N LEU Z 42 -11.75 81.17 60.21
CA LEU Z 42 -11.01 79.97 60.57
C LEU Z 42 -11.53 78.75 59.82
N GLY Z 43 -10.67 77.78 59.60
CA GLY Z 43 -11.06 76.54 58.94
C GLY Z 43 -10.47 75.33 59.63
N THR Z 44 -11.32 74.49 60.20
CA THR Z 44 -10.87 73.25 60.81
C THR Z 44 -10.43 72.29 59.72
N MET Z 45 -9.82 71.17 60.12
CA MET Z 45 -9.14 70.32 59.15
C MET Z 45 -9.12 68.86 59.60
N ALA Z 46 -9.77 68.00 58.82
CA ALA Z 46 -9.88 66.58 59.15
C ALA Z 46 -9.89 65.73 57.87
N GLY Z 47 -9.25 64.57 57.94
CA GLY Z 47 -9.16 63.68 56.78
C GLY Z 47 -7.77 63.67 56.19
N GLY Z 48 -7.69 63.72 54.86
CA GLY Z 48 -6.40 63.76 54.19
C GLY Z 48 -5.68 65.06 54.47
N ALA Z 49 -4.52 64.95 55.11
CA ALA Z 49 -3.76 66.12 55.55
C ALA Z 49 -3.41 67.07 54.41
N ALA Z 50 -2.73 66.54 53.40
CA ALA Z 50 -2.33 67.34 52.24
C ALA Z 50 -3.53 67.97 51.55
N ASP Z 51 -4.61 67.19 51.40
CA ASP Z 51 -5.83 67.69 50.76
C ASP Z 51 -6.38 68.90 51.49
N CYS Z 52 -6.64 68.73 52.78
CA CYS Z 52 -7.16 69.82 53.62
C CYS Z 52 -6.26 71.05 53.58
N SER Z 53 -4.97 70.84 53.83
CA SER Z 53 -4.00 71.95 53.86
C SER Z 53 -3.98 72.73 52.54
N PHE Z 54 -3.79 72.01 51.44
CA PHE Z 54 -3.75 72.60 50.11
C PHE Z 54 -5.03 73.38 49.79
N TRP Z 55 -6.17 72.71 49.94
CA TRP Z 55 -7.43 73.32 49.52
C TRP Z 55 -7.86 74.50 50.40
N GLU Z 56 -7.58 74.41 51.69
CA GLU Z 56 -7.90 75.53 52.57
C GLU Z 56 -6.94 76.70 52.40
N ARG Z 57 -5.70 76.40 52.06
CA ARG Z 57 -4.73 77.44 51.74
C ARG Z 57 -5.15 78.17 50.47
N LEU Z 58 -5.56 77.39 49.46
CA LEU Z 58 -6.06 77.96 48.22
C LEU Z 58 -7.31 78.79 48.48
N LEU Z 59 -8.15 78.31 49.39
CA LEU Z 59 -9.33 79.04 49.82
C LEU Z 59 -8.93 80.39 50.42
N ALA Z 60 -7.88 80.39 51.23
CA ALA Z 60 -7.38 81.62 51.84
C ALA Z 60 -6.91 82.60 50.78
N ARG Z 61 -6.17 82.09 49.80
CA ARG Z 61 -5.74 82.89 48.65
C ARG Z 61 -6.94 83.55 47.98
N GLN Z 62 -7.94 82.73 47.67
CA GLN Z 62 -9.13 83.19 46.97
C GLN Z 62 -9.86 84.27 47.76
N CYS Z 63 -9.97 84.06 49.08
CA CYS Z 63 -10.62 85.03 49.96
C CYS Z 63 -9.84 86.35 50.00
N ARG Z 64 -8.53 86.26 49.95
CA ARG Z 64 -7.70 87.46 49.93
C ARG Z 64 -7.92 88.25 48.64
N ILE Z 65 -7.91 87.54 47.52
CA ILE Z 65 -8.17 88.18 46.23
C ILE Z 65 -9.57 88.82 46.21
N TYR Z 66 -10.52 88.14 46.83
CA TYR Z 66 -11.88 88.68 46.95
C TYR Z 66 -11.85 89.97 47.74
N GLU Z 67 -11.11 89.96 48.85
CA GLU Z 67 -11.01 91.13 49.72
C GLU Z 67 -10.41 92.33 48.97
N LEU Z 68 -9.39 92.06 48.16
CA LEU Z 68 -8.77 93.12 47.37
C LEU Z 68 -9.70 93.65 46.28
N ARG Z 69 -10.40 92.73 45.60
CA ARG Z 69 -11.25 93.09 44.48
C ARG Z 69 -12.50 93.86 44.90
N ASN Z 70 -13.24 93.31 45.85
CA ASN Z 70 -14.51 93.90 46.25
C ASN Z 70 -14.41 94.95 47.35
N LYS Z 71 -13.18 95.22 47.79
CA LYS Z 71 -12.90 96.22 48.81
C LYS Z 71 -13.71 95.97 50.09
N GLU Z 72 -14.01 94.70 50.35
CA GLU Z 72 -14.76 94.30 51.53
C GLU Z 72 -14.38 92.88 51.89
N ARG Z 73 -14.74 92.46 53.10
CA ARG Z 73 -14.41 91.12 53.56
C ARG Z 73 -15.44 90.09 53.09
N ILE Z 74 -14.95 88.92 52.69
CA ILE Z 74 -15.83 87.84 52.23
C ILE Z 74 -16.70 87.31 53.37
N SER Z 75 -17.92 86.91 53.05
CA SER Z 75 -18.81 86.37 54.05
C SER Z 75 -18.51 84.90 54.31
N VAL Z 76 -18.96 84.38 55.44
CA VAL Z 76 -18.74 82.98 55.79
C VAL Z 76 -19.40 82.07 54.76
N ALA Z 77 -20.63 82.40 54.40
CA ALA Z 77 -21.38 81.62 53.42
C ALA Z 77 -20.66 81.59 52.08
N ALA Z 78 -20.08 82.73 51.69
CA ALA Z 78 -19.39 82.81 50.41
C ALA Z 78 -18.08 82.03 50.42
N ALA Z 79 -17.39 82.03 51.55
CA ALA Z 79 -16.15 81.28 51.68
C ALA Z 79 -16.42 79.79 51.63
N SER Z 80 -17.39 79.35 52.42
CA SER Z 80 -17.78 77.94 52.45
C SER Z 80 -18.28 77.48 51.08
N LYS Z 81 -19.03 78.34 50.40
CA LYS Z 81 -19.54 78.01 49.07
C LYS Z 81 -18.40 77.93 48.06
N LEU Z 82 -17.41 78.80 48.23
CA LEU Z 82 -16.24 78.82 47.37
C LEU Z 82 -15.49 77.50 47.48
N LEU Z 83 -15.18 77.12 48.73
CA LEU Z 83 -14.47 75.86 48.99
C LEU Z 83 -15.26 74.67 48.48
N ALA Z 84 -16.56 74.65 48.76
CA ALA Z 84 -17.44 73.58 48.32
C ALA Z 84 -17.44 73.43 46.80
N ASN Z 85 -17.54 74.56 46.10
CA ASN Z 85 -17.50 74.54 44.64
C ASN Z 85 -16.16 74.05 44.09
N MET Z 86 -15.07 74.50 44.71
CA MET Z 86 -13.75 74.04 44.29
C MET Z 86 -13.61 72.54 44.45
N VAL Z 87 -14.05 72.03 45.60
CA VAL Z 87 -13.92 70.62 45.92
C VAL Z 87 -14.83 69.72 45.08
N TYR Z 88 -16.03 70.22 44.77
CA TYR Z 88 -17.03 69.43 44.05
C TYR Z 88 -16.55 68.99 42.66
N GLN Z 89 -15.71 69.80 42.02
CA GLN Z 89 -15.22 69.47 40.69
C GLN Z 89 -14.29 68.25 40.69
N TYR Z 90 -13.90 67.82 41.89
CA TYR Z 90 -13.03 66.66 42.04
C TYR Z 90 -13.76 65.51 42.72
N LYS Z 91 -15.08 65.58 42.74
CA LYS Z 91 -15.88 64.55 43.41
C LYS Z 91 -15.66 63.19 42.75
N GLY Z 92 -15.41 62.18 43.58
CA GLY Z 92 -15.19 60.83 43.10
C GLY Z 92 -13.73 60.49 42.83
N MET Z 93 -12.88 61.51 42.79
CA MET Z 93 -11.47 61.30 42.48
C MET Z 93 -10.65 60.86 43.69
N GLY Z 94 -11.28 60.86 44.86
CA GLY Z 94 -10.65 60.32 46.05
C GLY Z 94 -10.07 61.31 47.04
N LEU Z 95 -10.53 62.56 46.99
CA LEU Z 95 -10.12 63.53 47.99
C LEU Z 95 -10.82 63.24 49.30
N SER Z 96 -10.05 62.95 50.35
CA SER Z 96 -10.61 62.77 51.67
C SER Z 96 -10.44 64.08 52.43
N MET Z 97 -11.55 64.71 52.79
CA MET Z 97 -11.52 66.05 53.36
C MET Z 97 -12.86 66.46 53.95
N GLY Z 98 -12.83 66.83 55.24
CA GLY Z 98 -14.03 67.28 55.93
C GLY Z 98 -13.68 68.45 56.82
N THR Z 99 -14.17 69.64 56.47
CA THR Z 99 -13.75 70.85 57.16
C THR Z 99 -14.90 71.70 57.66
N MET Z 100 -14.61 72.57 58.63
CA MET Z 100 -15.58 73.53 59.11
C MET Z 100 -15.09 74.96 58.87
N ILE Z 101 -15.91 75.76 58.20
CA ILE Z 101 -15.60 77.16 58.00
C ILE Z 101 -16.34 78.00 59.04
N CYS Z 102 -15.58 78.65 59.91
CA CYS Z 102 -16.15 79.42 61.02
C CYS Z 102 -15.72 80.87 60.94
N GLY Z 103 -16.56 81.78 61.41
CA GLY Z 103 -16.20 83.18 61.42
C GLY Z 103 -17.28 84.09 61.95
N TRP Z 104 -17.06 85.40 61.84
CA TRP Z 104 -18.09 86.38 62.16
C TRP Z 104 -18.44 87.16 60.89
N ASP Z 105 -19.73 87.25 60.62
CA ASP Z 105 -20.23 87.75 59.34
C ASP Z 105 -21.09 88.97 59.57
N LYS Z 106 -21.58 89.57 58.49
CA LYS Z 106 -22.56 90.65 58.58
C LYS Z 106 -23.88 90.09 59.12
N ARG Z 107 -24.00 88.76 59.10
CA ARG Z 107 -25.16 88.09 59.68
C ARG Z 107 -24.80 87.51 61.05
N GLY Z 108 -23.72 88.01 61.63
CA GLY Z 108 -23.27 87.53 62.93
C GLY Z 108 -22.49 86.24 62.82
N PRO Z 109 -22.34 85.51 63.94
CA PRO Z 109 -21.58 84.26 64.01
C PRO Z 109 -22.00 83.26 62.94
N GLY Z 110 -21.03 82.76 62.18
CA GLY Z 110 -21.29 81.83 61.11
C GLY Z 110 -20.46 80.57 61.21
N LEU Z 111 -21.11 79.44 60.97
CA LEU Z 111 -20.46 78.13 61.02
C LEU Z 111 -21.01 77.19 59.96
N TYR Z 112 -20.13 76.68 59.10
CA TYR Z 112 -20.51 75.81 58.01
C TYR Z 112 -19.69 74.52 58.00
N TYR Z 113 -20.34 73.42 57.64
CA TYR Z 113 -19.63 72.15 57.43
C TYR Z 113 -19.54 71.88 55.95
N VAL Z 114 -18.33 71.60 55.47
CA VAL Z 114 -18.07 71.38 54.05
C VAL Z 114 -17.32 70.07 53.83
N ASP Z 115 -17.88 69.23 52.97
CA ASP Z 115 -17.36 67.90 52.70
C ASP Z 115 -16.59 67.83 51.39
N SER Z 116 -15.76 66.81 51.27
CA SER Z 116 -15.16 66.48 49.99
C SER Z 116 -16.17 65.68 49.19
N GLU Z 117 -17.18 65.17 49.88
CA GLU Z 117 -18.28 64.45 49.26
C GLU Z 117 -19.21 65.40 48.53
N GLY Z 118 -19.34 66.61 49.04
CA GLY Z 118 -20.15 67.63 48.40
C GLY Z 118 -21.11 68.32 49.35
N ASN Z 119 -21.05 67.94 50.63
CA ASN Z 119 -21.92 68.56 51.62
C ASN Z 119 -21.52 70.00 51.93
N ARG Z 120 -22.51 70.80 52.29
CA ARG Z 120 -22.28 72.17 52.74
C ARG Z 120 -23.50 72.63 53.54
N ILE Z 121 -23.41 72.50 54.86
CA ILE Z 121 -24.55 72.85 55.70
C ILE Z 121 -24.20 73.76 56.88
N SER Z 122 -25.00 74.81 57.08
CA SER Z 122 -24.88 75.66 58.24
C SER Z 122 -25.52 74.96 59.44
N GLY Z 123 -25.03 75.27 60.64
CA GLY Z 123 -25.58 74.67 61.85
C GLY Z 123 -25.01 75.27 63.12
N ALA Z 124 -25.64 74.94 64.25
CA ALA Z 124 -25.20 75.44 65.54
C ALA Z 124 -23.90 74.77 65.98
N THR Z 125 -23.93 73.45 66.15
CA THR Z 125 -22.75 72.70 66.55
C THR Z 125 -22.36 71.66 65.49
N PHE Z 126 -21.09 71.31 65.45
CA PHE Z 126 -20.56 70.36 64.48
C PHE Z 126 -19.33 69.67 65.05
N SER Z 127 -19.17 68.39 64.70
CA SER Z 127 -17.98 67.64 65.08
C SER Z 127 -17.55 66.73 63.94
N VAL Z 128 -16.29 66.85 63.53
CA VAL Z 128 -15.78 66.17 62.35
C VAL Z 128 -14.51 65.39 62.65
N GLY Z 129 -14.44 64.15 62.17
CA GLY Z 129 -13.25 63.34 62.33
C GLY Z 129 -13.53 61.96 62.86
N SER Z 130 -12.50 61.14 62.98
CA SER Z 130 -12.64 59.77 63.45
C SER Z 130 -13.24 59.68 64.85
N GLY Z 131 -12.99 60.70 65.67
CA GLY Z 131 -13.51 60.72 67.03
C GLY Z 131 -14.68 61.66 67.20
N SER Z 132 -15.33 62.01 66.09
CA SER Z 132 -16.42 62.97 66.11
C SER Z 132 -17.60 62.54 66.98
N VAL Z 133 -17.89 61.24 66.98
CA VAL Z 133 -19.02 60.73 67.77
C VAL Z 133 -18.84 60.95 69.27
N TYR Z 134 -17.64 60.64 69.76
CA TYR Z 134 -17.31 60.78 71.17
C TYR Z 134 -17.41 62.24 71.59
N ALA Z 135 -16.92 63.14 70.74
CA ALA Z 135 -17.01 64.57 70.99
C ALA Z 135 -18.48 65.01 71.02
N TYR Z 136 -19.25 64.51 70.05
CA TYR Z 136 -20.68 64.81 69.95
C TYR Z 136 -21.40 64.47 71.24
N GLY Z 137 -21.06 63.35 71.85
CA GLY Z 137 -21.67 62.96 73.11
C GLY Z 137 -21.62 64.04 74.18
N VAL Z 138 -20.42 64.31 74.68
CA VAL Z 138 -20.24 65.30 75.74
C VAL Z 138 -20.63 66.72 75.32
N MET Z 139 -20.31 67.08 74.08
CA MET Z 139 -20.64 68.41 73.58
C MET Z 139 -22.15 68.65 73.61
N ASP Z 140 -22.91 67.65 73.16
CA ASP Z 140 -24.37 67.77 73.17
C ASP Z 140 -24.90 67.75 74.59
N ARG Z 141 -24.27 66.95 75.46
CA ARG Z 141 -24.72 66.89 76.85
C ARG Z 141 -24.36 68.13 77.65
N GLY Z 142 -23.52 69.00 77.09
CA GLY Z 142 -23.12 70.20 77.80
C GLY Z 142 -23.31 71.52 77.08
N TYR Z 143 -23.96 71.49 75.92
CA TYR Z 143 -24.11 72.70 75.12
C TYR Z 143 -25.31 73.57 75.51
N SER Z 144 -25.13 74.88 75.36
CA SER Z 144 -26.21 75.84 75.51
C SER Z 144 -25.81 77.13 74.79
N TYR Z 145 -26.77 77.83 74.22
CA TYR Z 145 -26.49 79.10 73.55
C TYR Z 145 -26.14 80.17 74.57
N ASP Z 146 -26.64 79.98 75.80
CA ASP Z 146 -26.41 80.93 76.88
C ASP Z 146 -25.21 80.53 77.73
N LEU Z 147 -24.26 79.81 77.12
CA LEU Z 147 -23.03 79.45 77.81
C LEU Z 147 -22.13 80.65 77.98
N GLU Z 148 -21.56 80.81 79.16
CA GLU Z 148 -20.56 81.85 79.39
C GLU Z 148 -19.26 81.41 78.73
N VAL Z 149 -18.39 82.37 78.45
CA VAL Z 149 -17.16 82.14 77.68
C VAL Z 149 -16.28 81.00 78.21
N GLU Z 150 -15.88 81.10 79.47
CA GLU Z 150 -15.02 80.10 80.08
C GLU Z 150 -15.71 78.73 80.11
N GLN Z 151 -17.03 78.73 80.26
CA GLN Z 151 -17.81 77.50 80.23
C GLN Z 151 -17.74 76.84 78.86
N ALA Z 152 -17.85 77.66 77.80
CA ALA Z 152 -17.75 77.16 76.43
C ALA Z 152 -16.37 76.57 76.19
N TYR Z 153 -15.35 77.28 76.68
CA TYR Z 153 -13.97 76.80 76.58
C TYR Z 153 -13.83 75.42 77.23
N ASP Z 154 -14.36 75.30 78.45
CA ASP Z 154 -14.33 74.03 79.18
C ASP Z 154 -15.03 72.92 78.41
N LEU Z 155 -16.21 73.23 77.88
CA LEU Z 155 -17.00 72.25 77.13
C LEU Z 155 -16.24 71.72 75.92
N ALA Z 156 -15.72 72.65 75.10
CA ALA Z 156 -14.98 72.26 73.90
C ALA Z 156 -13.74 71.44 74.25
N ARG Z 157 -12.92 71.98 75.14
CA ARG Z 157 -11.68 71.33 75.56
C ARG Z 157 -11.94 69.91 76.09
N ARG Z 158 -12.95 69.78 76.95
CA ARG Z 158 -13.31 68.49 77.52
C ARG Z 158 -13.80 67.52 76.45
N ALA Z 159 -14.63 68.00 75.54
CA ALA Z 159 -15.15 67.16 74.47
C ALA Z 159 -14.03 66.57 73.62
N ILE Z 160 -13.13 67.44 73.15
CA ILE Z 160 -11.96 66.97 72.41
C ILE Z 160 -11.14 65.98 73.24
N TYR Z 161 -10.99 66.26 74.54
CA TYR Z 161 -10.25 65.37 75.44
C TYR Z 161 -10.82 63.95 75.50
N GLN Z 162 -12.12 63.85 75.80
CA GLN Z 162 -12.80 62.56 75.88
C GLN Z 162 -12.72 61.83 74.54
N ALA Z 163 -12.86 62.60 73.46
CA ALA Z 163 -12.67 62.08 72.12
C ALA Z 163 -11.30 61.42 71.98
N THR Z 164 -10.25 62.10 72.43
CA THR Z 164 -8.89 61.56 72.35
C THR Z 164 -8.75 60.32 73.23
N TYR Z 165 -9.54 60.28 74.31
CA TYR Z 165 -9.51 59.15 75.23
C TYR Z 165 -10.04 57.88 74.56
N ARG Z 166 -11.19 57.99 73.87
CA ARG Z 166 -11.77 56.81 73.21
C ARG Z 166 -11.19 56.52 71.81
N ASP Z 167 -11.03 57.55 71.01
CA ASP Z 167 -10.53 57.38 69.63
C ASP Z 167 -9.03 57.14 69.59
N ALA Z 168 -8.64 55.99 69.04
CA ALA Z 168 -7.23 55.62 68.97
C ALA Z 168 -6.45 56.51 68.02
N TYR Z 169 -7.15 57.15 67.10
CA TYR Z 169 -6.50 57.99 66.10
C TYR Z 169 -6.62 59.47 66.44
N SER Z 170 -6.96 59.75 67.69
CA SER Z 170 -7.01 61.12 68.18
C SER Z 170 -6.22 61.27 69.47
N GLY Z 171 -5.40 62.31 69.53
CA GLY Z 171 -4.59 62.57 70.70
C GLY Z 171 -3.70 63.79 70.51
N GLY Z 172 -2.60 63.83 71.26
CA GLY Z 172 -1.66 64.93 71.15
C GLY Z 172 -1.96 66.07 72.10
N ALA Z 173 -2.54 67.14 71.56
CA ALA Z 173 -2.85 68.31 72.36
C ALA Z 173 -4.12 69.01 71.88
N VAL Z 174 -4.99 69.35 72.82
CA VAL Z 174 -6.21 70.10 72.51
C VAL Z 174 -5.90 71.57 72.26
N ASN Z 175 -6.19 72.02 71.05
CA ASN Z 175 -6.08 73.43 70.67
C ASN Z 175 -7.44 74.07 70.62
N LEU Z 176 -7.51 75.31 71.10
CA LEU Z 176 -8.79 76.01 71.25
C LEU Z 176 -8.70 77.46 70.79
N TYR Z 177 -9.62 77.82 69.89
CA TYR Z 177 -9.75 79.17 69.34
C TYR Z 177 -11.14 79.73 69.61
N HIS Z 178 -11.23 81.05 69.75
CA HIS Z 178 -12.51 81.73 69.94
C HIS Z 178 -12.67 82.81 68.87
N VAL Z 179 -13.76 82.74 68.13
CA VAL Z 179 -14.06 83.72 67.09
C VAL Z 179 -15.03 84.77 67.59
N ARG Z 180 -14.54 85.99 67.77
CA ARG Z 180 -15.37 87.12 68.20
C ARG Z 180 -15.57 88.11 67.06
N GLU Z 181 -16.37 89.13 67.30
CA GLU Z 181 -16.75 90.08 66.25
C GLU Z 181 -15.57 90.87 65.69
N ASP Z 182 -14.59 91.14 66.55
CA ASP Z 182 -13.40 91.88 66.14
C ASP Z 182 -12.29 90.94 65.67
N GLY Z 183 -12.66 89.69 65.41
CA GLY Z 183 -11.71 88.69 64.96
C GLY Z 183 -11.62 87.51 65.91
N TRP Z 184 -10.77 86.53 65.55
CA TRP Z 184 -10.60 85.36 66.39
C TRP Z 184 -9.42 85.51 67.34
N ILE Z 185 -9.42 84.73 68.41
CA ILE Z 185 -8.33 84.74 69.38
C ILE Z 185 -7.91 83.32 69.76
N ARG Z 186 -6.61 83.08 69.75
CA ARG Z 186 -6.06 81.79 70.12
C ARG Z 186 -6.18 81.57 71.62
N VAL Z 187 -7.23 80.85 72.03
CA VAL Z 187 -7.51 80.66 73.46
C VAL Z 187 -6.48 79.80 74.16
N SER Z 188 -6.33 78.54 73.76
CA SER Z 188 -5.43 77.64 74.46
C SER Z 188 -4.81 76.54 73.60
N SER Z 189 -3.90 75.80 74.21
CA SER Z 189 -3.19 74.72 73.54
C SER Z 189 -2.64 73.76 74.59
N ASP Z 190 -3.54 73.07 75.28
CA ASP Z 190 -3.15 72.21 76.39
C ASP Z 190 -2.88 70.79 75.94
N ASN Z 191 -1.75 70.24 76.36
CA ASN Z 191 -1.44 68.84 76.07
C ASN Z 191 -2.41 67.91 76.80
N VAL Z 192 -2.70 66.77 76.19
CA VAL Z 192 -3.65 65.81 76.74
C VAL Z 192 -3.14 65.21 78.06
N ALA Z 193 -1.83 64.98 78.14
CA ALA Z 193 -1.22 64.41 79.34
C ALA Z 193 -1.48 65.28 80.57
N ASP Z 194 -1.48 66.59 80.38
CA ASP Z 194 -1.74 67.53 81.46
C ASP Z 194 -3.24 67.58 81.78
N LEU Z 195 -4.05 67.62 80.73
CA LEU Z 195 -5.50 67.66 80.88
C LEU Z 195 -6.01 66.41 81.59
N HIS Z 196 -5.27 65.32 81.50
CA HIS Z 196 -5.62 64.09 82.21
C HIS Z 196 -5.52 64.33 83.71
N GLU Z 197 -4.40 64.90 84.14
CA GLU Z 197 -4.16 65.24 85.53
C GLU Z 197 -5.19 66.25 86.03
N LYS Z 198 -5.52 67.22 85.19
CA LYS Z 198 -6.49 68.25 85.56
C LYS Z 198 -7.91 67.69 85.72
N TYR Z 199 -8.32 66.83 84.80
CA TYR Z 199 -9.70 66.35 84.76
C TYR Z 199 -9.96 65.15 85.68
N SER Z 200 -8.95 64.32 85.90
CA SER Z 200 -9.13 63.13 86.74
C SER Z 200 -8.96 63.45 88.23
N GLY Z 201 -7.95 64.24 88.56
CA GLY Z 201 -7.69 64.59 89.94
C GLY Z 201 -7.32 66.05 90.11
N ARG AA 1 0.02 43.43 35.42
CA ARG AA 1 0.16 44.38 34.31
C ARG AA 1 1.54 45.04 34.31
N PHE AA 2 1.60 46.27 34.78
CA PHE AA 2 2.86 47.00 34.88
C PHE AA 2 2.79 47.99 36.04
N SER AA 3 3.77 47.93 36.94
CA SER AA 3 3.83 48.84 38.07
C SER AA 3 4.93 49.87 37.88
N PRO AA 4 4.56 51.17 37.97
CA PRO AA 4 5.49 52.27 37.78
C PRO AA 4 6.23 52.62 39.07
N TYR AA 5 6.10 51.76 40.08
CA TYR AA 5 6.73 51.99 41.38
C TYR AA 5 7.59 50.80 41.80
N VAL AA 6 8.68 51.10 42.48
CA VAL AA 6 9.49 50.07 43.13
C VAL AA 6 10.14 50.71 44.35
N PHE AA 7 10.08 50.02 45.48
CA PHE AA 7 10.65 50.53 46.72
C PHE AA 7 12.15 50.28 46.76
N ASN AA 8 12.92 51.36 46.93
CA ASN AA 8 14.38 51.24 46.93
C ASN AA 8 15.02 51.41 48.30
N GLY AA 9 14.20 51.51 49.34
CA GLY AA 9 14.70 51.59 50.69
C GLY AA 9 15.34 52.93 51.02
N GLY AA 10 16.02 52.97 52.16
CA GLY AA 10 16.69 54.19 52.60
C GLY AA 10 16.01 54.81 53.80
N THR AA 11 16.83 55.24 54.76
CA THR AA 11 16.33 55.92 55.94
C THR AA 11 16.87 57.35 55.96
N ILE AA 12 16.15 58.25 56.63
CA ILE AA 12 16.47 59.66 56.57
C ILE AA 12 16.14 60.36 57.88
N LEU AA 13 16.98 61.33 58.27
CA LEU AA 13 16.84 61.97 59.58
C LEU AA 13 17.28 63.43 59.55
N ALA AA 14 16.53 64.29 60.24
CA ALA AA 14 16.96 65.67 60.40
C ALA AA 14 16.73 66.21 61.80
N ILE AA 15 17.74 66.89 62.33
CA ILE AA 15 17.67 67.51 63.65
C ILE AA 15 17.96 68.99 63.55
N ALA AA 16 17.18 69.81 64.26
CA ALA AA 16 17.39 71.25 64.23
C ALA AA 16 17.94 71.75 65.56
N GLY AA 17 19.12 72.37 65.52
CA GLY AA 17 19.72 72.95 66.70
C GLY AA 17 19.53 74.45 66.71
N GLU AA 18 20.10 75.11 67.72
CA GLU AA 18 19.96 76.56 67.85
C GLU AA 18 20.69 77.28 66.72
N ASP AA 19 21.84 76.76 66.31
CA ASP AA 19 22.64 77.41 65.29
C ASP AA 19 23.09 76.42 64.22
N PHE AA 20 22.49 75.24 64.22
CA PHE AA 20 22.86 74.21 63.25
C PHE AA 20 21.66 73.40 62.78
N ALA AA 21 21.88 72.58 61.76
CA ALA AA 21 20.87 71.64 61.28
C ALA AA 21 21.54 70.43 60.67
N ILE AA 22 21.21 69.24 61.17
CA ILE AA 22 21.79 68.01 60.68
C ILE AA 22 20.81 67.26 59.78
N VAL AA 23 21.29 66.86 58.61
CA VAL AA 23 20.52 66.00 57.71
C VAL AA 23 21.35 64.78 57.34
N ALA AA 24 20.93 63.62 57.83
CA ALA AA 24 21.68 62.38 57.62
C ALA AA 24 20.84 61.29 56.95
N SER AA 25 21.52 60.35 56.32
CA SER AA 25 20.85 59.25 55.65
C SER AA 25 21.82 58.11 55.42
N ASP AA 26 21.30 56.89 55.28
CA ASP AA 26 22.14 55.76 54.90
C ASP AA 26 22.51 55.88 53.43
N THR AA 27 23.38 55.00 52.96
CA THR AA 27 23.86 55.07 51.58
C THR AA 27 23.53 53.82 50.79
N ARG AA 28 22.53 53.07 51.25
CA ARG AA 28 22.17 51.81 50.61
C ARG AA 28 21.02 51.98 49.62
N LEU AA 29 21.27 51.60 48.38
CA LEU AA 29 20.23 51.53 47.37
C LEU AA 29 19.98 50.08 47.04
N SER AA 30 18.76 49.62 47.33
CA SER AA 30 18.39 48.22 47.18
C SER AA 30 17.11 48.05 46.37
N GLU AA 31 16.81 46.82 45.98
CA GLU AA 31 15.58 46.52 45.25
C GLU AA 31 15.23 45.04 45.41
N GLY AA 32 14.06 44.77 46.00
CA GLY AA 32 13.68 43.42 46.29
C GLY AA 32 14.48 42.89 47.46
N PHE AA 33 15.33 41.90 47.19
CA PHE AA 33 16.21 41.34 48.22
C PHE AA 33 17.66 41.59 47.85
N SER AA 34 17.90 42.50 46.93
CA SER AA 34 19.24 42.71 46.39
C SER AA 34 19.74 44.14 46.62
N ILE AA 35 21.07 44.28 46.61
CA ILE AA 35 21.70 45.59 46.75
C ILE AA 35 22.05 46.17 45.39
N HIS AA 36 21.53 47.35 45.07
CA HIS AA 36 21.90 48.01 43.83
C HIS AA 36 23.28 48.62 44.00
N THR AA 37 23.44 49.42 45.05
CA THR AA 37 24.74 50.01 45.35
C THR AA 37 24.85 50.38 46.82
N ARG AA 38 26.08 50.40 47.32
CA ARG AA 38 26.33 50.76 48.71
C ARG AA 38 26.76 52.22 48.81
N ASP AA 39 26.99 52.84 47.66
CA ASP AA 39 27.41 54.24 47.60
C ASP AA 39 26.31 55.10 46.97
N SER AA 40 25.22 55.27 47.70
CA SER AA 40 24.11 56.08 47.22
C SER AA 40 23.50 56.88 48.37
N PRO AA 41 24.11 58.03 48.70
CA PRO AA 41 23.56 58.87 49.77
C PRO AA 41 22.23 59.46 49.37
N LYS AA 42 21.35 59.67 50.34
CA LYS AA 42 20.02 60.22 50.09
C LYS AA 42 19.97 61.70 50.43
N CYS AA 43 21.14 62.31 50.55
CA CYS AA 43 21.22 63.73 50.89
C CYS AA 43 21.57 64.58 49.67
N TYR AA 44 20.89 65.70 49.54
CA TYR AA 44 21.06 66.59 48.38
C TYR AA 44 21.20 68.03 48.86
N LYS AA 45 22.33 68.66 48.51
CA LYS AA 45 22.56 70.04 48.89
C LYS AA 45 21.83 70.96 47.93
N LEU AA 46 20.88 71.73 48.45
CA LEU AA 46 20.10 72.65 47.62
C LEU AA 46 20.72 74.04 47.64
N THR AA 47 20.83 74.62 48.83
CA THR AA 47 21.53 75.89 48.98
C THR AA 47 22.50 75.84 50.16
N ASP AA 48 23.30 76.89 50.30
CA ASP AA 48 24.25 76.99 51.39
C ASP AA 48 23.58 76.87 52.75
N LYS AA 49 22.30 77.22 52.79
CA LYS AA 49 21.53 77.16 54.03
C LYS AA 49 20.56 75.98 54.09
N THR AA 50 20.45 75.22 52.99
CA THR AA 50 19.39 74.21 52.91
C THR AA 50 19.80 72.89 52.26
N VAL AA 51 19.56 71.79 52.98
CA VAL AA 51 19.84 70.45 52.49
C VAL AA 51 18.58 69.58 52.52
N ILE AA 52 18.36 68.81 51.46
CA ILE AA 52 17.17 67.96 51.38
C ILE AA 52 17.47 66.46 51.40
N GLY AA 53 16.65 65.72 52.16
CA GLY AA 53 16.74 64.27 52.19
C GLY AA 53 15.52 63.62 51.56
N CYS AA 54 15.76 62.76 50.58
CA CYS AA 54 14.69 62.10 49.82
C CYS AA 54 14.85 60.58 49.80
N SER AA 55 13.84 59.87 50.31
CA SER AA 55 13.88 58.40 50.35
C SER AA 55 12.69 57.79 49.60
N GLY AA 56 12.80 56.50 49.27
CA GLY AA 56 11.69 55.78 48.66
C GLY AA 56 11.98 55.21 47.29
N PHE AA 57 11.20 55.64 46.30
CA PHE AA 57 11.39 55.19 44.92
C PHE AA 57 12.41 56.07 44.22
N HIS AA 58 13.53 55.46 43.83
CA HIS AA 58 14.69 56.20 43.33
C HIS AA 58 14.41 57.05 42.09
N GLY AA 59 13.53 56.57 41.22
CA GLY AA 59 13.18 57.31 40.02
C GLY AA 59 12.58 58.65 40.37
N ASP AA 60 11.62 58.62 41.29
CA ASP AA 60 10.95 59.85 41.72
C ASP AA 60 11.88 60.71 42.55
N CYS AA 61 12.82 60.09 43.25
CA CYS AA 61 13.81 60.84 44.02
C CYS AA 61 14.69 61.67 43.09
N LEU AA 62 15.28 61.01 42.09
CA LEU AA 62 16.10 61.71 41.10
C LEU AA 62 15.31 62.81 40.40
N THR AA 63 14.15 62.45 39.88
CA THR AA 63 13.30 63.40 39.16
C THR AA 63 12.98 64.63 40.01
N LEU AA 64 12.46 64.39 41.21
CA LEU AA 64 12.07 65.46 42.13
C LEU AA 64 13.28 66.33 42.48
N THR AA 65 14.43 65.69 42.66
CA THR AA 65 15.67 66.41 42.93
C THR AA 65 15.99 67.40 41.81
N LYS AA 66 16.07 66.89 40.59
CA LYS AA 66 16.39 67.74 39.44
C LYS AA 66 15.37 68.87 39.24
N ILE AA 67 14.10 68.55 39.48
CA ILE AA 67 13.04 69.55 39.43
C ILE AA 67 13.29 70.67 40.44
N ILE AA 68 13.58 70.29 41.68
CA ILE AA 68 13.85 71.26 42.73
C ILE AA 68 15.04 72.14 42.38
N GLU AA 69 16.10 71.54 41.82
CA GLU AA 69 17.25 72.30 41.35
C GLU AA 69 16.84 73.36 40.35
N ALA AA 70 16.18 72.90 39.28
CA ALA AA 70 15.76 73.78 38.21
C ALA AA 70 14.92 74.95 38.73
N ARG AA 71 13.99 74.64 39.63
CA ARG AA 71 13.09 75.67 40.15
C ARG AA 71 13.80 76.62 41.12
N LEU AA 72 14.81 76.13 41.82
CA LEU AA 72 15.68 77.00 42.61
C LEU AA 72 16.30 78.03 41.69
N LYS AA 73 16.93 77.55 40.61
CA LYS AA 73 17.51 78.44 39.61
C LYS AA 73 16.49 79.46 39.09
N MET AA 74 15.29 78.98 38.77
CA MET AA 74 14.23 79.86 38.26
C MET AA 74 13.89 80.97 39.24
N TYR AA 75 13.73 80.61 40.52
CA TYR AA 75 13.42 81.59 41.55
C TYR AA 75 14.55 82.61 41.64
N LYS AA 76 15.79 82.12 41.58
CA LYS AA 76 16.95 82.99 41.66
C LYS AA 76 16.96 84.00 40.51
N HIS AA 77 16.60 83.54 39.32
CA HIS AA 77 16.54 84.41 38.16
C HIS AA 77 15.37 85.38 38.25
N SER AA 78 14.34 85.01 39.00
CA SER AA 78 13.11 85.80 39.05
C SER AA 78 13.09 86.86 40.14
N ASN AA 79 13.77 86.60 41.25
CA ASN AA 79 13.73 87.51 42.39
C ASN AA 79 15.09 88.03 42.84
N ASN AA 80 16.15 87.62 42.13
CA ASN AA 80 17.52 88.04 42.43
C ASN AA 80 17.96 87.70 43.86
N LYS AA 81 17.34 86.69 44.44
CA LYS AA 81 17.69 86.21 45.77
C LYS AA 81 17.59 84.69 45.79
N ALA AA 82 18.26 84.06 46.75
CA ALA AA 82 18.17 82.61 46.90
C ALA AA 82 16.92 82.26 47.67
N MET AA 83 16.42 81.04 47.47
CA MET AA 83 15.23 80.59 48.17
C MET AA 83 15.51 80.35 49.64
N THR AA 84 14.74 81.01 50.50
CA THR AA 84 14.81 80.75 51.93
C THR AA 84 14.31 79.32 52.18
N THR AA 85 14.73 78.74 53.30
CA THR AA 85 14.38 77.35 53.61
C THR AA 85 12.87 77.08 53.62
N GLY AA 86 12.14 77.90 54.36
CA GLY AA 86 10.69 77.76 54.46
C GLY AA 86 10.02 77.89 53.10
N ALA AA 87 10.57 78.76 52.26
CA ALA AA 87 10.08 78.93 50.91
C ALA AA 87 10.25 77.66 50.10
N ILE AA 88 11.40 77.02 50.24
CA ILE AA 88 11.65 75.75 49.57
C ILE AA 88 10.69 74.69 50.08
N ALA AA 89 10.36 74.76 51.37
CA ALA AA 89 9.39 73.84 51.95
C ALA AA 89 8.01 74.01 51.31
N ALA AA 90 7.54 75.25 51.22
CA ALA AA 90 6.25 75.56 50.62
C ALA AA 90 6.19 75.14 49.14
N MET AA 91 7.25 75.49 48.41
CA MET AA 91 7.38 75.14 47.00
C MET AA 91 7.32 73.62 46.84
N LEU AA 92 8.06 72.90 47.68
CA LEU AA 92 8.07 71.45 47.66
C LEU AA 92 6.67 70.91 47.91
N SER AA 93 5.94 71.55 48.80
CA SER AA 93 4.56 71.14 49.08
C SER AA 93 3.73 71.23 47.81
N THR AA 94 3.77 72.38 47.13
CA THR AA 94 3.00 72.54 45.91
C THR AA 94 3.40 71.54 44.83
N ILE AA 95 4.71 71.34 44.68
CA ILE AA 95 5.25 70.42 43.69
C ILE AA 95 4.77 68.99 43.95
N LEU AA 96 4.80 68.59 45.21
CA LEU AA 96 4.34 67.26 45.60
C LEU AA 96 2.85 67.10 45.36
N TYR AA 97 2.08 68.12 45.69
CA TYR AA 97 0.63 68.04 45.50
C TYR AA 97 0.22 68.13 44.03
N SER AA 98 1.12 68.64 43.19
CA SER AA 98 0.85 68.74 41.77
C SER AA 98 0.65 67.35 41.14
N ARG AA 99 1.14 66.33 41.82
CA ARG AA 99 0.96 64.95 41.38
C ARG AA 99 0.03 64.20 42.34
N ARG AA 100 -0.91 64.92 42.93
CA ARG AA 100 -1.87 64.35 43.87
C ARG AA 100 -2.52 63.05 43.38
N PHE AA 101 -2.69 62.91 42.06
CA PHE AA 101 -3.32 61.72 41.51
C PHE AA 101 -2.35 60.82 40.74
N PHE AA 102 -1.06 61.01 40.97
CA PHE AA 102 0.01 60.14 40.50
C PHE AA 102 1.25 60.53 41.28
N PRO AA 103 1.27 60.25 42.58
CA PRO AA 103 2.23 60.83 43.51
C PRO AA 103 3.67 60.40 43.27
N TYR AA 104 4.60 61.24 43.69
CA TYR AA 104 5.99 60.83 43.78
C TYR AA 104 6.05 59.93 45.00
N TYR AA 105 6.57 58.72 44.84
CA TYR AA 105 6.76 57.82 45.98
C TYR AA 105 8.03 58.23 46.72
N VAL AA 106 7.97 59.37 47.40
CA VAL AA 106 9.15 59.96 48.03
C VAL AA 106 8.83 60.53 49.40
N TYR AA 107 9.59 60.12 50.40
CA TYR AA 107 9.55 60.73 51.72
C TYR AA 107 10.63 61.81 51.82
N ASN AA 108 10.21 63.03 52.12
CA ASN AA 108 11.10 64.19 52.08
C ASN AA 108 11.25 64.89 53.42
N ILE AA 109 12.49 65.09 53.84
CA ILE AA 109 12.75 65.90 55.02
C ILE AA 109 13.77 66.99 54.69
N ILE AA 110 13.39 68.24 54.92
CA ILE AA 110 14.25 69.39 54.64
C ILE AA 110 14.91 69.90 55.92
N GLY AA 111 16.23 70.01 55.91
CA GLY AA 111 16.92 70.56 57.06
C GLY AA 111 17.74 71.77 56.71
N GLY AA 112 17.68 72.81 57.53
CA GLY AA 112 18.51 73.97 57.28
C GLY AA 112 18.44 75.08 58.32
N LEU AA 113 18.74 76.29 57.88
CA LEU AA 113 18.69 77.47 58.74
C LEU AA 113 17.64 78.46 58.24
N ASP AA 114 16.87 79.03 59.17
CA ASP AA 114 15.89 80.04 58.82
C ASP AA 114 16.54 81.41 58.60
N GLU AA 115 15.72 82.45 58.56
CA GLU AA 115 16.24 83.80 58.31
C GLU AA 115 16.80 84.48 59.55
N GLU AA 116 16.66 83.81 60.69
CA GLU AA 116 17.23 84.31 61.94
C GLU AA 116 18.48 83.51 62.32
N GLY AA 117 18.91 82.63 61.42
CA GLY AA 117 20.10 81.83 61.65
C GLY AA 117 19.85 80.54 62.40
N LYS AA 118 18.68 80.44 63.04
CA LYS AA 118 18.33 79.25 63.81
C LYS AA 118 18.08 78.04 62.92
N GLY AA 119 18.15 76.85 63.51
CA GLY AA 119 17.92 75.63 62.76
C GLY AA 119 16.44 75.35 62.56
N ALA AA 120 16.12 74.59 61.52
CA ALA AA 120 14.74 74.22 61.24
C ALA AA 120 14.63 72.93 60.42
N VAL AA 121 13.70 72.07 60.82
CA VAL AA 121 13.38 70.88 60.03
C VAL AA 121 11.97 71.03 59.45
N TYR AA 122 11.75 70.47 58.27
CA TYR AA 122 10.42 70.41 57.67
C TYR AA 122 10.18 68.98 57.19
N SER AA 123 9.21 68.30 57.77
CA SER AA 123 8.89 66.94 57.37
C SER AA 123 7.71 66.91 56.40
N PHE AA 124 7.83 66.08 55.36
CA PHE AA 124 6.84 65.98 54.29
C PHE AA 124 6.22 64.58 54.18
N ASP AA 125 5.03 64.51 53.60
CA ASP AA 125 4.45 63.25 53.17
C ASP AA 125 4.44 63.24 51.64
N PRO AA 126 4.25 62.07 51.01
CA PRO AA 126 4.43 62.00 49.54
C PRO AA 126 3.57 62.95 48.70
N VAL AA 127 2.54 63.56 49.27
CA VAL AA 127 1.65 64.40 48.49
C VAL AA 127 1.62 65.87 48.93
N GLY AA 128 2.59 66.28 49.73
CA GLY AA 128 2.76 67.70 50.03
C GLY AA 128 2.46 68.19 51.43
N SER AA 129 1.88 67.32 52.26
CA SER AA 129 1.60 67.69 53.65
C SER AA 129 2.90 67.83 54.42
N TYR AA 130 3.19 69.03 54.89
CA TYR AA 130 4.43 69.25 55.63
C TYR AA 130 4.25 70.04 56.91
N GLN AA 131 5.20 69.89 57.82
CA GLN AA 131 5.21 70.70 59.04
C GLN AA 131 6.62 70.94 59.55
N ARG AA 132 6.79 71.98 60.34
CA ARG AA 132 8.08 72.31 60.91
C ARG AA 132 8.35 71.52 62.20
N ASP AA 133 9.54 70.94 62.30
CA ASP AA 133 9.93 70.14 63.44
C ASP AA 133 11.34 70.48 63.93
N SER AA 134 11.60 70.08 65.18
CA SER AA 134 12.93 70.17 65.78
C SER AA 134 13.73 68.97 65.33
N PHE AA 135 13.04 67.84 65.18
CA PHE AA 135 13.67 66.61 64.75
C PHE AA 135 12.63 65.67 64.14
N LYS AA 136 13.00 65.01 63.04
CA LYS AA 136 12.11 64.04 62.43
C LYS AA 136 12.87 62.97 61.64
N ALA AA 137 12.30 61.77 61.61
CA ALA AA 137 12.84 60.68 60.82
C ALA AA 137 11.83 60.27 59.75
N GLY AA 138 12.33 59.66 58.68
CA GLY AA 138 11.51 59.18 57.60
C GLY AA 138 12.22 58.03 56.90
N GLY AA 139 11.54 57.38 55.97
CA GLY AA 139 12.13 56.25 55.28
C GLY AA 139 11.83 54.96 56.02
N SER AA 140 12.50 53.88 55.59
CA SER AA 140 12.19 52.55 56.08
C SER AA 140 12.31 52.38 57.60
N ALA AA 141 13.43 52.84 58.16
CA ALA AA 141 13.69 52.64 59.59
C ALA AA 141 13.14 53.77 60.47
N SER AA 142 12.26 54.59 59.90
CA SER AA 142 11.67 55.74 60.59
C SER AA 142 11.10 55.39 61.99
N ALA AA 143 10.34 54.31 62.06
CA ALA AA 143 9.70 53.90 63.30
C ALA AA 143 10.71 53.42 64.35
N MET AA 144 11.93 53.12 63.90
CA MET AA 144 12.98 52.71 64.82
C MET AA 144 13.74 53.93 65.34
N LEU AA 145 13.84 54.97 64.51
CA LEU AA 145 14.58 56.17 64.87
C LEU AA 145 13.77 57.11 65.76
N GLN AA 146 12.51 57.35 65.38
CA GLN AA 146 11.66 58.31 66.08
C GLN AA 146 11.52 58.19 67.61
N PRO AA 147 11.25 56.97 68.13
CA PRO AA 147 10.97 56.88 69.57
C PRO AA 147 12.14 57.31 70.47
N LEU AA 148 13.37 57.03 70.05
CA LEU AA 148 14.53 57.41 70.86
C LEU AA 148 14.70 58.92 70.93
N LEU AA 149 14.53 59.57 69.78
CA LEU AA 149 14.64 61.02 69.69
C LEU AA 149 13.52 61.71 70.47
N ASP AA 150 12.36 61.07 70.51
CA ASP AA 150 11.27 61.58 71.33
C ASP AA 150 11.67 61.59 72.79
N ASN AA 151 12.44 60.57 73.18
CA ASN AA 151 12.91 60.42 74.56
C ASN AA 151 14.10 61.31 74.85
N GLN AA 152 15.10 61.28 73.98
CA GLN AA 152 16.38 61.92 74.26
C GLN AA 152 16.44 63.41 73.89
N VAL AA 153 15.72 63.80 72.84
CA VAL AA 153 15.73 65.20 72.41
C VAL AA 153 14.49 65.92 72.93
N GLY AA 154 13.37 65.21 72.98
CA GLY AA 154 12.13 65.80 73.45
C GLY AA 154 11.95 65.63 74.94
N PHE AA 155 12.82 64.84 75.55
CA PHE AA 155 12.79 64.58 76.99
C PHE AA 155 11.44 64.02 77.46
N LYS AA 156 10.80 63.25 76.58
CA LYS AA 156 9.46 62.73 76.88
C LYS AA 156 9.52 61.50 77.77
N ASN AA 157 8.51 61.38 78.63
CA ASN AA 157 8.40 60.28 79.58
C ASN AA 157 9.54 60.21 80.60
N MET AA 158 10.21 61.34 80.80
CA MET AA 158 11.29 61.43 81.78
C MET AA 158 10.95 62.38 82.91
N GLN AA 159 10.93 61.86 84.13
CA GLN AA 159 10.59 62.64 85.31
C GLN AA 159 11.83 63.34 85.86
N ASN AA 160 11.63 64.55 86.39
CA ASN AA 160 12.70 65.38 86.95
C ASN AA 160 14.02 65.39 86.18
N VAL AA 161 13.94 65.54 84.87
CA VAL AA 161 15.14 65.68 84.05
C VAL AA 161 15.27 67.14 83.59
N GLU AA 162 16.50 67.54 83.29
CA GLU AA 162 16.77 68.91 82.89
C GLU AA 162 16.60 69.10 81.37
N HIS AA 163 16.09 70.26 80.98
CA HIS AA 163 15.83 70.55 79.57
C HIS AA 163 16.99 71.31 78.92
N VAL AA 164 18.17 70.69 78.93
CA VAL AA 164 19.35 71.26 78.30
C VAL AA 164 19.27 71.16 76.78
N PRO AA 165 19.43 72.29 76.08
CA PRO AA 165 19.34 72.34 74.61
C PRO AA 165 20.36 71.43 73.93
N LEU AA 166 19.98 70.83 72.81
CA LEU AA 166 20.85 69.90 72.11
C LEU AA 166 22.05 70.61 71.47
N SER AA 167 23.24 70.17 71.84
CA SER AA 167 24.45 70.67 71.24
C SER AA 167 24.74 69.89 69.96
N LEU AA 168 25.59 70.44 69.11
CA LEU AA 168 25.94 69.80 67.84
C LEU AA 168 26.59 68.43 68.07
N ASP AA 169 27.44 68.34 69.08
CA ASP AA 169 28.17 67.11 69.38
C ASP AA 169 27.23 65.97 69.76
N ARG AA 170 26.38 66.23 70.76
CA ARG AA 170 25.42 65.25 71.26
C ARG AA 170 24.45 64.83 70.16
N ALA AA 171 24.03 65.80 69.34
CA ALA AA 171 23.15 65.51 68.22
C ALA AA 171 23.84 64.56 67.25
N MET AA 172 25.10 64.85 66.92
CA MET AA 172 25.88 64.00 66.03
C MET AA 172 25.96 62.56 66.53
N ARG AA 173 26.35 62.40 67.79
CA ARG AA 173 26.46 61.06 68.35
C ARG AA 173 25.10 60.36 68.40
N LEU AA 174 24.03 61.14 68.59
CA LEU AA 174 22.68 60.60 68.60
C LEU AA 174 22.32 60.04 67.24
N VAL AA 175 22.62 60.81 66.19
CA VAL AA 175 22.41 60.37 64.82
C VAL AA 175 23.15 59.07 64.54
N LYS AA 176 24.45 59.07 64.83
CA LYS AA 176 25.26 57.87 64.62
C LYS AA 176 24.69 56.67 65.37
N ASP AA 177 24.20 56.92 66.59
CA ASP AA 177 23.65 55.85 67.41
C ASP AA 177 22.37 55.27 66.84
N VAL AA 178 21.40 56.11 66.51
CA VAL AA 178 20.13 55.63 65.97
C VAL AA 178 20.32 54.93 64.64
N PHE AA 179 21.24 55.42 63.80
CA PHE AA 179 21.52 54.74 62.54
C PHE AA 179 22.20 53.39 62.76
N ILE AA 180 23.15 53.33 63.69
CA ILE AA 180 23.80 52.06 64.02
C ILE AA 180 22.79 51.04 64.53
N SER AA 181 21.84 51.50 65.35
CA SER AA 181 20.80 50.62 65.89
C SER AA 181 19.84 50.18 64.78
N ALA AA 182 19.51 51.09 63.89
CA ALA AA 182 18.60 50.79 62.78
C ALA AA 182 19.21 49.76 61.85
N ALA AA 183 20.53 49.84 61.64
CA ALA AA 183 21.21 48.90 60.76
C ALA AA 183 21.11 47.46 61.27
N GLU AA 184 20.82 47.32 62.55
CA GLU AA 184 20.68 46.01 63.18
C GLU AA 184 19.36 45.34 62.82
N ARG AA 185 18.31 46.14 62.70
CA ARG AA 185 16.95 45.60 62.54
C ARG AA 185 16.37 45.80 61.14
N ASP AA 186 16.54 47.00 60.58
CA ASP AA 186 16.09 47.27 59.22
C ASP AA 186 17.06 46.66 58.22
N VAL AA 187 16.50 45.89 57.28
CA VAL AA 187 17.33 45.23 56.27
C VAL AA 187 17.63 46.19 55.12
N TYR AA 188 16.90 47.30 55.06
CA TYR AA 188 17.11 48.29 54.00
C TYR AA 188 18.13 49.34 54.41
N THR AA 189 18.50 49.33 55.69
CA THR AA 189 19.44 50.29 56.23
C THR AA 189 20.78 49.65 56.51
N GLY AA 190 21.86 50.23 55.98
CA GLY AA 190 23.18 49.70 56.17
C GLY AA 190 24.26 50.35 55.32
N ASP AA 191 25.38 49.65 55.18
CA ASP AA 191 26.54 50.10 54.40
C ASP AA 191 27.26 51.33 54.96
N ALA AA 192 26.66 52.51 54.81
CA ALA AA 192 27.29 53.73 55.31
C ALA AA 192 26.28 54.79 55.71
N LEU AA 193 26.68 55.68 56.61
CA LEU AA 193 25.84 56.79 57.03
C LEU AA 193 26.50 58.11 56.66
N ARG AA 194 25.83 58.88 55.81
CA ARG AA 194 26.31 60.22 55.50
C ARG AA 194 25.55 61.26 56.31
N ILE AA 195 26.32 62.16 56.92
CA ILE AA 195 25.75 63.21 57.75
C ILE AA 195 26.13 64.58 57.18
N CYS AA 196 25.15 65.46 57.09
CA CYS AA 196 25.37 66.80 56.56
C CYS AA 196 25.05 67.84 57.63
N ILE AA 197 26.07 68.58 58.06
CA ILE AA 197 25.86 69.60 59.09
C ILE AA 197 25.81 70.97 58.46
N VAL AA 198 24.81 71.76 58.86
CA VAL AA 198 24.57 73.07 58.26
C VAL AA 198 24.61 74.15 59.32
N THR AA 199 25.62 75.01 59.23
CA THR AA 199 25.81 76.12 60.15
C THR AA 199 26.03 77.39 59.35
N LYS AA 200 26.29 78.49 60.05
CA LYS AA 200 26.58 79.76 59.39
C LYS AA 200 27.80 79.64 58.49
N GLU AA 201 28.73 78.77 58.88
CA GLU AA 201 29.96 78.55 58.12
C GLU AA 201 29.66 77.86 56.78
N GLY AA 202 28.66 76.99 56.78
CA GLY AA 202 28.30 76.29 55.56
C GLY AA 202 27.86 74.85 55.80
N ILE AA 203 28.26 73.96 54.90
CA ILE AA 203 27.83 72.57 54.94
C ILE AA 203 28.99 71.59 55.01
N ARG AA 204 29.12 70.90 56.14
CA ARG AA 204 30.12 69.84 56.29
C ARG AA 204 29.50 68.50 55.91
N GLU AA 205 30.33 67.60 55.37
CA GLU AA 205 29.90 66.24 55.09
C GLU AA 205 30.78 65.22 55.79
N GLU AA 206 30.16 64.42 56.67
CA GLU AA 206 30.88 63.35 57.36
C GLU AA 206 30.32 62.00 56.92
N THR AA 207 31.12 60.94 57.05
CA THR AA 207 30.70 59.61 56.60
C THR AA 207 31.10 58.50 57.56
N VAL AA 208 30.17 58.07 58.39
CA VAL AA 208 30.36 56.94 59.29
C VAL AA 208 30.09 55.65 58.52
N SER AA 209 30.54 54.52 59.05
CA SER AA 209 30.33 53.23 58.39
C SER AA 209 29.33 52.35 59.14
N LEU AA 210 28.48 51.67 58.37
CA LEU AA 210 27.50 50.76 58.92
C LEU AA 210 27.77 49.35 58.40
N ARG AA 211 27.15 48.35 59.01
CA ARG AA 211 27.42 46.97 58.62
C ARG AA 211 26.89 46.66 57.23
N LYS AA 212 27.46 45.64 56.58
CA LYS AA 212 27.21 45.39 55.17
C LYS AA 212 26.26 44.23 54.90
N ASP AA 213 25.63 43.70 55.95
CA ASP AA 213 24.71 42.58 55.77
C ASP AA 213 23.27 43.03 55.54
N THR BA 1 5.68 49.66 25.73
CA THR BA 1 5.59 48.20 25.77
C THR BA 1 4.98 47.73 27.08
N GLN BA 2 3.88 47.00 26.99
CA GLN BA 2 3.21 46.47 28.16
C GLN BA 2 3.54 44.99 28.34
N ASN BA 3 3.81 44.31 27.23
CA ASN BA 3 4.19 42.90 27.24
C ASN BA 3 5.42 42.65 26.38
N PRO BA 4 6.58 42.48 27.00
CA PRO BA 4 7.84 42.23 26.28
C PRO BA 4 7.77 40.94 25.49
N MET BA 5 8.39 40.94 24.30
CA MET BA 5 8.39 39.77 23.45
C MET BA 5 9.78 39.14 23.37
N VAL BA 6 10.50 39.40 22.29
CA VAL BA 6 11.87 38.91 22.17
C VAL BA 6 12.79 39.67 23.12
N THR BA 7 13.42 38.96 24.03
CA THR BA 7 14.23 39.60 25.07
C THR BA 7 15.64 39.04 25.17
N GLY BA 8 16.53 39.84 25.75
CA GLY BA 8 17.88 39.40 26.08
C GLY BA 8 18.04 39.39 27.59
N THR BA 9 18.96 38.57 28.10
CA THR BA 9 19.10 38.43 29.54
C THR BA 9 20.18 39.35 30.13
N SER BA 10 21.02 38.80 31.01
CA SER BA 10 21.96 39.61 31.79
C SER BA 10 22.93 40.45 30.97
N VAL BA 11 23.34 41.58 31.55
CA VAL BA 11 24.40 42.41 30.99
C VAL BA 11 25.37 42.79 32.10
N LEU BA 12 26.66 42.54 31.88
CA LEU BA 12 27.68 42.79 32.90
C LEU BA 12 28.52 44.01 32.58
N GLY BA 13 29.02 44.66 33.62
CA GLY BA 13 29.92 45.79 33.47
C GLY BA 13 30.87 45.90 34.63
N VAL BA 14 32.09 46.33 34.37
CA VAL BA 14 33.06 46.57 35.44
C VAL BA 14 34.18 47.52 34.99
N LYS BA 15 34.54 48.43 35.88
CA LYS BA 15 35.62 49.39 35.63
C LYS BA 15 36.99 48.74 35.81
N PHE BA 16 37.96 49.24 35.06
CA PHE BA 16 39.35 48.85 35.28
C PHE BA 16 40.28 50.05 35.07
N GLU BA 17 41.58 49.83 35.30
CA GLU BA 17 42.57 50.89 35.15
C GLU BA 17 42.59 51.44 33.73
N GLY BA 18 42.02 52.63 33.56
CA GLY BA 18 42.02 53.30 32.27
C GLY BA 18 41.00 52.76 31.30
N GLY BA 19 39.85 52.31 31.81
CA GLY BA 19 38.80 51.83 30.95
C GLY BA 19 37.66 51.08 31.61
N VAL BA 20 36.69 50.66 30.80
CA VAL BA 20 35.52 49.93 31.29
C VAL BA 20 35.17 48.77 30.36
N VAL BA 21 34.82 47.63 30.93
CA VAL BA 21 34.46 46.47 30.12
C VAL BA 21 33.01 46.00 30.38
N ILE BA 22 32.34 45.59 29.32
CA ILE BA 22 30.93 45.17 29.38
C ILE BA 22 30.73 43.87 28.60
N ALA BA 23 29.88 42.98 29.12
CA ALA BA 23 29.61 41.73 28.44
C ALA BA 23 28.12 41.46 28.29
N ALA BA 24 27.75 40.75 27.23
CA ALA BA 24 26.35 40.35 27.02
C ALA BA 24 26.22 39.26 25.96
N ASP BA 25 25.42 38.23 26.22
CA ASP BA 25 25.25 37.17 25.22
C ASP BA 25 24.48 37.65 24.00
N MET BA 26 24.58 36.89 22.92
CA MET BA 26 23.99 37.29 21.65
C MET BA 26 22.66 36.58 21.41
N LEU BA 27 21.88 36.41 22.47
CA LEU BA 27 20.63 35.68 22.38
C LEU BA 27 19.38 36.55 22.53
N GLY BA 28 18.44 36.37 21.61
CA GLY BA 28 17.12 36.94 21.73
C GLY BA 28 16.14 35.79 21.93
N SER BA 29 15.50 35.77 23.09
CA SER BA 29 14.62 34.67 23.47
C SER BA 29 13.15 35.04 23.33
N TYR BA 30 12.39 34.14 22.72
CA TYR BA 30 10.94 34.30 22.60
C TYR BA 30 10.28 33.42 23.64
N GLY BA 31 10.29 33.89 24.88
CA GLY BA 31 9.82 33.08 26.00
C GLY BA 31 10.92 32.14 26.45
N SER BA 32 10.68 30.84 26.32
CA SER BA 32 11.69 29.85 26.67
C SER BA 32 12.45 29.43 25.42
N LEU BA 33 12.06 30.00 24.28
CA LEU BA 33 12.67 29.65 23.01
C LEU BA 33 13.86 30.53 22.67
N ALA BA 34 15.01 29.90 22.47
CA ALA BA 34 16.19 30.62 22.00
C ALA BA 34 16.02 30.89 20.51
N ARG BA 35 15.29 31.95 20.19
CA ARG BA 35 14.87 32.20 18.80
C ARG BA 35 15.97 32.80 17.93
N PHE BA 36 16.55 33.91 18.38
CA PHE BA 36 17.57 34.58 17.57
C PHE BA 36 18.94 34.52 18.24
N ARG BA 37 19.73 33.51 17.86
CA ARG BA 37 20.99 33.24 18.56
C ARG BA 37 22.18 33.99 17.98
N ASN BA 38 21.93 35.10 17.28
CA ASN BA 38 23.02 35.87 16.71
C ASN BA 38 22.70 37.36 16.58
N ILE BA 39 22.50 38.02 17.72
CA ILE BA 39 22.17 39.44 17.72
C ILE BA 39 23.03 40.20 18.71
N SER BA 40 23.42 41.42 18.34
CA SER BA 40 24.25 42.22 19.22
C SER BA 40 23.39 43.06 20.16
N ARG BA 41 23.63 42.91 21.45
CA ARG BA 41 22.92 43.67 22.46
C ARG BA 41 23.83 44.73 23.05
N ILE BA 42 24.85 45.10 22.29
CA ILE BA 42 25.80 46.13 22.69
C ILE BA 42 25.98 47.16 21.59
N MET BA 43 25.85 48.44 21.95
CA MET BA 43 25.93 49.53 20.99
C MET BA 43 27.09 50.47 21.30
N ARG BA 44 27.79 50.93 20.27
CA ARG BA 44 28.81 51.94 20.43
C ARG BA 44 28.19 53.34 20.29
N VAL BA 45 27.96 53.99 21.43
CA VAL BA 45 27.52 55.38 21.45
C VAL BA 45 28.75 56.26 21.44
N ASN BA 46 29.04 56.90 20.31
CA ASN BA 46 30.28 57.64 20.09
C ASN BA 46 31.58 56.92 20.55
N ASN BA 47 32.65 57.68 20.72
CA ASN BA 47 33.96 57.09 21.04
C ASN BA 47 34.29 57.01 22.52
N SER BA 48 33.51 57.69 23.35
CA SER BA 48 33.79 57.73 24.78
C SER BA 48 32.82 56.87 25.60
N THR BA 49 31.71 56.44 25.00
CA THR BA 49 30.75 55.63 25.71
C THR BA 49 30.23 54.43 24.91
N MET BA 50 29.47 53.57 25.59
CA MET BA 50 28.95 52.35 25.01
C MET BA 50 27.81 51.82 25.88
N LEU BA 51 26.93 51.03 25.29
CA LEU BA 51 25.71 50.61 25.97
C LEU BA 51 25.40 49.13 25.80
N GLY BA 52 25.05 48.48 26.90
CA GLY BA 52 24.53 47.13 26.87
C GLY BA 52 23.11 47.13 27.40
N ALA BA 53 22.25 46.27 26.83
CA ALA BA 53 20.83 46.29 27.19
C ALA BA 53 20.21 44.92 27.45
N SER BA 54 19.43 44.86 28.52
CA SER BA 54 18.63 43.69 28.85
C SER BA 54 17.17 44.02 28.61
N GLY BA 55 16.36 43.01 28.34
CA GLY BA 55 14.94 43.21 28.14
C GLY BA 55 14.53 43.14 26.68
N ASP BA 56 13.42 43.80 26.35
CA ASP BA 56 12.84 43.72 25.00
C ASP BA 56 13.78 44.28 23.95
N TYR BA 57 14.14 43.43 22.99
CA TYR BA 57 15.13 43.78 21.98
C TYR BA 57 14.65 44.87 21.02
N ALA BA 58 13.35 44.90 20.76
CA ALA BA 58 12.79 45.91 19.85
C ALA BA 58 12.95 47.31 20.42
N ASP BA 59 12.61 47.47 21.70
CA ASP BA 59 12.78 48.76 22.38
C ASP BA 59 14.25 49.16 22.41
N PHE BA 60 15.13 48.18 22.54
CA PHE BA 60 16.56 48.43 22.49
C PHE BA 60 16.95 48.93 21.11
N GLN BA 61 16.34 48.38 20.07
CA GLN BA 61 16.60 48.82 18.71
C GLN BA 61 16.14 50.26 18.53
N TYR BA 62 15.02 50.59 19.16
CA TYR BA 62 14.49 51.95 19.14
C TYR BA 62 15.48 52.92 19.77
N LEU BA 63 15.91 52.60 20.99
CA LEU BA 63 16.87 53.44 21.70
C LEU BA 63 18.18 53.55 20.93
N LYS BA 64 18.53 52.49 20.22
CA LYS BA 64 19.73 52.45 19.40
C LYS BA 64 19.61 53.46 18.26
N GLN BA 65 18.44 53.45 17.61
CA GLN BA 65 18.13 54.39 16.54
C GLN BA 65 18.21 55.83 17.04
N VAL BA 66 17.50 56.11 18.14
CA VAL BA 66 17.43 57.45 18.72
C VAL BA 66 18.81 57.96 19.14
N LEU BA 67 19.55 57.15 19.90
CA LEU BA 67 20.88 57.53 20.36
C LEU BA 67 21.83 57.77 19.19
N GLY BA 68 21.77 56.88 18.20
CA GLY BA 68 22.58 57.05 17.01
C GLY BA 68 22.30 58.38 16.33
N GLN BA 69 21.01 58.71 16.23
CA GLN BA 69 20.62 59.99 15.65
C GLN BA 69 21.13 61.19 16.46
N MET BA 70 21.06 61.09 17.79
CA MET BA 70 21.56 62.15 18.66
C MET BA 70 23.05 62.38 18.46
N VAL BA 71 23.79 61.28 18.41
CA VAL BA 71 25.24 61.33 18.21
C VAL BA 71 25.59 61.93 16.85
N ILE BA 72 24.85 61.54 15.81
CA ILE BA 72 25.05 62.12 14.49
C ILE BA 72 24.77 63.63 14.50
N ASP BA 73 23.62 64.00 15.07
CA ASP BA 73 23.20 65.39 15.19
C ASP BA 73 24.28 66.23 15.84
N GLU BA 74 24.85 65.72 16.93
CA GLU BA 74 25.92 66.43 17.62
C GLU BA 74 27.18 66.52 16.77
N GLU BA 75 27.55 65.40 16.16
CA GLU BA 75 28.76 65.34 15.34
C GLU BA 75 28.70 66.24 14.12
N LEU BA 76 27.49 66.63 13.71
CA LEU BA 76 27.35 67.54 12.58
C LEU BA 76 27.85 68.94 12.90
N LEU BA 77 27.66 69.38 14.13
CA LEU BA 77 28.06 70.73 14.54
C LEU BA 77 29.57 70.90 14.52
N GLY BA 78 30.28 69.94 15.12
CA GLY BA 78 31.73 70.00 15.21
C GLY BA 78 32.22 71.21 15.97
N ASP BA 79 31.46 71.60 17.00
CA ASP BA 79 31.78 72.78 17.78
C ASP BA 79 32.76 72.48 18.92
N GLY BA 80 33.35 71.30 18.89
CA GLY BA 80 34.35 70.91 19.87
C GLY BA 80 33.76 70.29 21.13
N HIS BA 81 32.43 70.20 21.18
CA HIS BA 81 31.76 69.59 22.32
C HIS BA 81 31.16 68.24 21.92
N SER BA 82 31.16 67.29 22.86
CA SER BA 82 30.54 65.99 22.61
C SER BA 82 29.87 65.45 23.87
N TYR BA 83 29.01 64.45 23.70
CA TYR BA 83 28.30 63.84 24.81
C TYR BA 83 29.23 62.98 25.66
N SER BA 84 29.40 63.37 26.92
CA SER BA 84 30.15 62.56 27.87
C SER BA 84 29.29 61.37 28.25
N PRO BA 85 29.92 60.27 28.71
CA PRO BA 85 29.17 59.09 29.17
C PRO BA 85 28.15 59.45 30.24
N ARG BA 86 28.52 60.34 31.16
CA ARG BA 86 27.61 60.79 32.22
C ARG BA 86 26.39 61.48 31.63
N ALA BA 87 26.62 62.28 30.58
CA ALA BA 87 25.54 62.99 29.90
C ALA BA 87 24.56 62.02 29.24
N ILE BA 88 25.09 61.05 28.52
CA ILE BA 88 24.28 60.02 27.89
C ILE BA 88 23.48 59.26 28.92
N HIS BA 89 24.13 58.93 30.04
CA HIS BA 89 23.45 58.24 31.15
C HIS BA 89 22.30 59.07 31.70
N SER BA 90 22.53 60.38 31.84
CA SER BA 90 21.51 61.28 32.35
C SER BA 90 20.32 61.35 31.41
N TRP BA 91 20.61 61.48 30.12
CA TRP BA 91 19.59 61.52 29.09
C TRP BA 91 18.75 60.25 29.13
N LEU BA 92 19.42 59.11 29.12
CA LEU BA 92 18.75 57.83 29.13
C LEU BA 92 17.86 57.68 30.35
N THR BA 93 18.36 58.13 31.51
CA THR BA 93 17.56 58.13 32.72
C THR BA 93 16.28 58.94 32.52
N ARG BA 94 16.45 60.16 32.00
CA ARG BA 94 15.32 61.04 31.73
C ARG BA 94 14.28 60.39 30.80
N ALA BA 95 14.77 59.72 29.77
CA ALA BA 95 13.93 59.09 28.77
C ALA BA 95 13.14 57.93 29.37
N MET BA 96 13.84 57.01 30.04
CA MET BA 96 13.19 55.87 30.65
C MET BA 96 12.15 56.31 31.68
N TYR BA 97 12.49 57.32 32.47
CA TYR BA 97 11.53 57.81 33.46
C TYR BA 97 10.32 58.45 32.77
N SER BA 98 10.58 59.14 31.66
CA SER BA 98 9.52 59.78 30.91
C SER BA 98 8.52 58.77 30.37
N ARG BA 99 9.04 57.69 29.77
CA ARG BA 99 8.21 56.61 29.28
C ARG BA 99 7.48 55.89 30.42
N ARG BA 100 8.16 55.74 31.55
CA ARG BA 100 7.56 55.15 32.73
C ARG BA 100 6.36 55.96 33.19
N SER BA 101 6.50 57.28 33.19
CA SER BA 101 5.46 58.16 33.69
C SER BA 101 4.30 58.30 32.71
N LYS BA 102 4.53 57.87 31.47
CA LYS BA 102 3.45 57.84 30.48
C LYS BA 102 2.73 56.49 30.53
N MET BA 103 3.10 55.67 31.51
CA MET BA 103 2.59 54.32 31.65
C MET BA 103 2.83 53.48 30.39
N ASN BA 104 3.87 53.85 29.65
CA ASN BA 104 4.27 53.12 28.46
C ASN BA 104 5.78 52.98 28.43
N PRO BA 105 6.31 52.08 29.26
CA PRO BA 105 7.77 51.96 29.47
C PRO BA 105 8.49 51.33 28.29
N LEU BA 106 9.78 51.59 28.19
CA LEU BA 106 10.65 50.85 27.30
C LEU BA 106 11.21 49.70 28.10
N TRP BA 107 10.72 48.49 27.84
CA TRP BA 107 11.06 47.33 28.67
C TRP BA 107 12.54 46.98 28.59
N ASN BA 108 13.38 47.83 29.17
CA ASN BA 108 14.83 47.61 29.17
C ASN BA 108 15.50 47.92 30.49
N THR BA 109 16.59 47.21 30.77
CA THR BA 109 17.46 47.53 31.88
C THR BA 109 18.87 47.65 31.29
N MET BA 110 19.48 48.82 31.44
CA MET BA 110 20.71 49.09 30.69
C MET BA 110 21.94 49.45 31.50
N VAL BA 111 23.09 49.06 30.96
CA VAL BA 111 24.39 49.38 31.55
C VAL BA 111 25.22 50.21 30.56
N ILE BA 112 25.55 51.42 30.96
CA ILE BA 112 26.38 52.29 30.14
C ILE BA 112 27.82 52.33 30.65
N GLY BA 113 28.76 51.90 29.81
CA GLY BA 113 30.16 51.97 30.16
C GLY BA 113 30.81 53.11 29.40
N GLY BA 114 31.85 53.71 29.98
CA GLY BA 114 32.50 54.82 29.32
C GLY BA 114 33.87 55.18 29.87
N TYR BA 115 34.61 55.97 29.10
CA TYR BA 115 35.90 56.49 29.54
C TYR BA 115 36.17 57.87 28.94
N ALA BA 116 36.09 58.89 29.77
CA ALA BA 116 36.36 60.25 29.34
C ALA BA 116 36.99 61.06 30.46
N ASP BA 117 37.91 61.96 30.09
CA ASP BA 117 38.65 62.78 31.04
C ASP BA 117 39.44 61.93 32.04
N GLY BA 118 39.95 60.80 31.58
CA GLY BA 118 40.78 59.93 32.38
C GLY BA 118 40.04 59.15 33.46
N GLU BA 119 38.72 59.30 33.51
CA GLU BA 119 37.91 58.63 34.51
C GLU BA 119 37.06 57.53 33.88
N SER BA 120 36.92 56.41 34.58
CA SER BA 120 36.08 55.31 34.12
C SER BA 120 34.65 55.49 34.62
N PHE BA 121 33.69 55.35 33.70
CA PHE BA 121 32.28 55.51 34.04
C PHE BA 121 31.49 54.20 33.86
N LEU BA 122 30.59 53.94 34.80
CA LEU BA 122 29.69 52.80 34.71
C LEU BA 122 28.36 53.15 35.36
N GLY BA 123 27.30 53.20 34.54
CA GLY BA 123 25.99 53.61 35.01
C GLY BA 123 24.90 52.60 34.71
N TYR BA 124 23.89 52.56 35.58
CA TYR BA 124 22.77 51.62 35.48
C TYR BA 124 21.50 52.43 35.33
N VAL BA 125 20.62 51.98 34.43
CA VAL BA 125 19.32 52.61 34.21
C VAL BA 125 18.18 51.59 34.12
N ASP BA 126 17.13 51.81 34.92
CA ASP BA 126 15.95 50.94 34.94
C ASP BA 126 14.96 51.33 33.86
N MET BA 127 13.86 50.57 33.78
CA MET BA 127 12.75 50.94 32.91
C MET BA 127 11.84 51.90 33.66
N LEU BA 128 12.07 52.05 34.95
CA LEU BA 128 11.28 52.95 35.78
C LEU BA 128 12.01 54.26 36.00
N GLY BA 129 13.24 54.34 35.51
CA GLY BA 129 14.03 55.55 35.67
C GLY BA 129 14.91 55.53 36.92
N VAL BA 130 15.10 54.34 37.46
CA VAL BA 130 16.02 54.15 38.58
C VAL BA 130 17.43 54.05 38.03
N ALA BA 131 18.26 55.02 38.36
CA ALA BA 131 19.62 55.06 37.82
C ALA BA 131 20.69 55.31 38.88
N TYR BA 132 21.87 54.76 38.65
CA TYR BA 132 22.98 54.99 39.60
C TYR BA 132 24.35 54.65 39.01
N GLU BA 133 25.40 54.99 39.76
CA GLU BA 133 26.77 54.65 39.36
C GLU BA 133 27.36 53.63 40.31
N ALA BA 134 28.21 52.75 39.78
CA ALA BA 134 28.87 51.73 40.58
C ALA BA 134 30.09 51.17 39.84
N PRO BA 135 31.09 50.68 40.59
CA PRO BA 135 32.29 50.08 39.99
C PRO BA 135 31.98 48.77 39.25
N SER BA 136 30.90 48.11 39.64
CA SER BA 136 30.47 46.89 38.96
C SER BA 136 28.95 46.89 38.79
N LEU BA 137 28.49 46.30 37.69
CA LEU BA 137 27.06 46.25 37.39
C LEU BA 137 26.65 44.91 36.79
N ALA BA 138 25.46 44.46 37.15
CA ALA BA 138 24.91 43.23 36.61
C ALA BA 138 23.40 43.32 36.56
N THR BA 139 22.83 43.05 35.39
CA THR BA 139 21.38 43.11 35.21
C THR BA 139 20.79 41.71 35.16
N GLY BA 140 19.52 41.59 35.54
CA GLY BA 140 18.84 40.31 35.53
C GLY BA 140 19.48 39.33 36.48
N TYR BA 141 19.58 38.08 36.06
CA TYR BA 141 20.13 37.02 36.91
C TYR BA 141 21.59 37.29 37.29
N GLY BA 142 22.28 38.08 36.48
CA GLY BA 142 23.63 38.49 36.78
C GLY BA 142 23.67 39.15 38.14
N ALA BA 143 22.67 40.01 38.40
CA ALA BA 143 22.58 40.72 39.66
C ALA BA 143 22.49 39.78 40.86
N TYR BA 144 22.07 38.55 40.61
CA TYR BA 144 21.99 37.54 41.67
C TYR BA 144 23.20 36.60 41.62
N LEU BA 145 23.81 36.47 40.45
CA LEU BA 145 24.87 35.48 40.27
C LEU BA 145 26.26 36.09 40.03
N ALA BA 146 26.35 37.00 39.08
CA ALA BA 146 27.64 37.58 38.71
C ALA BA 146 28.08 38.68 39.69
N GLN BA 147 27.15 39.55 40.05
CA GLN BA 147 27.44 40.67 40.96
C GLN BA 147 28.08 40.29 42.31
N PRO BA 148 27.62 39.20 42.95
CA PRO BA 148 28.31 38.80 44.18
C PRO BA 148 29.79 38.51 43.98
N LEU BA 149 30.14 37.87 42.86
CA LEU BA 149 31.53 37.59 42.53
C LEU BA 149 32.31 38.88 42.30
N LEU BA 150 31.72 39.80 41.55
CA LEU BA 150 32.36 41.06 41.20
C LEU BA 150 32.67 41.90 42.44
N ARG BA 151 31.70 41.97 43.35
CA ARG BA 151 31.88 42.76 44.58
C ARG BA 151 32.93 42.15 45.49
N GLU BA 152 33.00 40.82 45.51
CA GLU BA 152 33.97 40.11 46.33
C GLU BA 152 35.39 40.53 45.96
N VAL BA 153 35.63 40.64 44.66
CA VAL BA 153 36.94 41.02 44.15
C VAL BA 153 37.21 42.50 44.36
N LEU BA 154 36.22 43.34 44.04
CA LEU BA 154 36.41 44.79 44.10
C LEU BA 154 36.54 45.33 45.52
N GLU BA 155 36.11 44.56 46.52
CA GLU BA 155 36.26 44.97 47.90
C GLU BA 155 37.55 44.41 48.48
N LYS BA 156 38.22 43.57 47.71
CA LYS BA 156 39.52 43.03 48.09
C LYS BA 156 40.62 43.68 47.24
N GLN BA 157 40.21 44.33 46.16
CA GLN BA 157 41.14 44.99 45.24
C GLN BA 157 40.37 45.92 44.31
N PRO BA 158 40.14 47.17 44.76
CA PRO BA 158 39.35 48.17 44.03
C PRO BA 158 39.80 48.39 42.58
N VAL BA 159 41.11 48.48 42.37
CA VAL BA 159 41.63 48.69 41.01
C VAL BA 159 42.03 47.38 40.35
N LEU BA 160 41.49 47.16 39.15
CA LEU BA 160 41.81 45.96 38.37
C LEU BA 160 42.48 46.35 37.07
N SER BA 161 43.32 45.45 36.56
CA SER BA 161 43.90 45.63 35.22
C SER BA 161 42.85 45.20 34.21
N GLN BA 162 43.08 45.54 32.94
CA GLN BA 162 42.15 45.18 31.87
C GLN BA 162 42.02 43.66 31.76
N THR BA 163 43.16 42.98 31.84
CA THR BA 163 43.17 41.51 31.76
C THR BA 163 42.45 40.88 32.95
N GLU BA 164 42.64 41.45 34.14
CA GLU BA 164 41.98 40.97 35.34
C GLU BA 164 40.47 41.09 35.23
N ALA BA 165 40.01 42.28 34.83
CA ALA BA 165 38.59 42.53 34.64
C ALA BA 165 38.00 41.61 33.56
N ARG BA 166 38.77 41.39 32.49
CA ARG BA 166 38.32 40.53 31.41
C ARG BA 166 38.16 39.09 31.89
N ASP BA 167 39.10 38.64 32.71
CA ASP BA 167 39.03 37.31 33.30
C ASP BA 167 37.79 37.18 34.18
N LEU BA 168 37.61 38.15 35.07
CA LEU BA 168 36.44 38.20 35.96
C LEU BA 168 35.16 38.09 35.16
N VAL BA 169 35.07 38.89 34.11
CA VAL BA 169 33.92 38.88 33.21
C VAL BA 169 33.69 37.51 32.59
N GLU BA 170 34.76 36.90 32.08
CA GLU BA 170 34.66 35.57 31.47
C GLU BA 170 34.11 34.54 32.46
N ARG BA 171 34.64 34.54 33.67
CA ARG BA 171 34.18 33.62 34.71
C ARG BA 171 32.71 33.86 35.06
N CYS BA 172 32.33 35.13 35.15
CA CYS BA 172 30.93 35.48 35.42
C CYS BA 172 29.98 34.99 34.33
N MET BA 173 30.40 35.15 33.07
CA MET BA 173 29.61 34.67 31.94
C MET BA 173 29.50 33.15 31.99
N ARG BA 174 30.55 32.50 32.47
CA ARG BA 174 30.51 31.04 32.65
C ARG BA 174 29.47 30.65 33.71
N VAL BA 175 29.51 31.33 34.85
CA VAL BA 175 28.52 31.09 35.91
C VAL BA 175 27.10 31.30 35.41
N LEU BA 176 26.90 32.39 34.68
CA LEU BA 176 25.59 32.71 34.12
C LEU BA 176 25.13 31.65 33.12
N TYR BA 177 26.02 31.18 32.27
CA TYR BA 177 25.67 30.12 31.33
C TYR BA 177 25.29 28.85 32.08
N TYR BA 178 25.96 28.60 33.21
CA TYR BA 178 25.64 27.45 34.04
C TYR BA 178 24.24 27.54 34.64
N ARG BA 179 23.90 28.68 35.23
CA ARG BA 179 22.70 28.78 36.05
C ARG BA 179 21.51 29.51 35.44
N ASP BA 180 21.74 30.35 34.43
CA ASP BA 180 20.65 31.07 33.78
C ASP BA 180 20.10 30.28 32.60
N ALA BA 181 18.84 29.89 32.70
CA ALA BA 181 18.20 29.03 31.68
C ALA BA 181 17.87 29.78 30.40
N ARG BA 182 17.96 31.10 30.45
CA ARG BA 182 17.65 31.91 29.28
C ARG BA 182 18.89 32.61 28.71
N SER BA 183 20.05 32.03 28.99
CA SER BA 183 21.31 32.55 28.46
C SER BA 183 21.77 31.69 27.28
N TYR BA 184 23.01 31.92 26.84
CA TYR BA 184 23.51 31.28 25.62
C TYR BA 184 25.03 31.30 25.58
N ASN BA 185 25.64 30.20 25.15
CA ASN BA 185 27.09 30.10 25.11
C ASN BA 185 27.69 30.80 23.89
N ARG BA 186 27.39 32.08 23.77
CA ARG BA 186 27.89 32.89 22.66
C ARG BA 186 27.67 34.35 23.00
N PHE BA 187 28.73 35.03 23.42
CA PHE BA 187 28.58 36.38 23.95
C PHE BA 187 29.55 37.39 23.34
N GLN BA 188 29.38 38.64 23.74
CA GLN BA 188 30.22 39.73 23.26
C GLN BA 188 30.79 40.53 24.43
N ILE BA 189 32.01 41.01 24.22
CA ILE BA 189 32.70 41.87 25.17
C ILE BA 189 33.06 43.19 24.50
N ALA BA 190 32.59 44.30 25.07
CA ALA BA 190 32.94 45.61 24.58
C ALA BA 190 33.82 46.31 25.60
N THR BA 191 34.72 47.17 25.12
CA THR BA 191 35.68 47.83 25.99
C THR BA 191 35.88 49.29 25.60
N VAL BA 192 35.85 50.17 26.59
CA VAL BA 192 36.22 51.56 26.39
C VAL BA 192 37.57 51.83 27.01
N THR BA 193 38.46 52.41 26.21
CA THR BA 193 39.72 52.95 26.71
C THR BA 193 39.86 54.35 26.12
N GLU BA 194 41.06 54.93 26.22
CA GLU BA 194 41.30 56.22 25.61
C GLU BA 194 41.41 56.05 24.09
N LYS BA 195 41.65 54.82 23.66
CA LYS BA 195 41.77 54.51 22.24
C LYS BA 195 40.40 54.37 21.58
N GLY BA 196 39.35 54.35 22.38
CA GLY BA 196 37.99 54.28 21.86
C GLY BA 196 37.20 53.07 22.33
N VAL BA 197 36.17 52.73 21.57
CA VAL BA 197 35.29 51.60 21.90
C VAL BA 197 35.56 50.42 20.97
N GLU BA 198 35.78 49.24 21.55
CA GLU BA 198 36.06 48.06 20.77
C GLU BA 198 35.16 46.89 21.18
N ILE BA 199 34.42 46.35 20.21
CA ILE BA 199 33.55 45.21 20.46
C ILE BA 199 34.14 43.95 19.85
N GLU BA 200 34.47 42.98 20.70
CA GLU BA 200 35.09 41.74 20.25
C GLU BA 200 34.04 40.72 19.81
N GLY BA 201 34.35 39.99 18.75
CA GLY BA 201 33.41 39.09 18.11
C GLY BA 201 32.88 37.96 18.96
N PRO BA 202 32.17 37.01 18.33
CA PRO BA 202 31.49 35.89 19.01
C PRO BA 202 32.45 35.05 19.86
N LEU BA 203 32.30 35.15 21.17
CA LEU BA 203 33.11 34.38 22.10
C LEU BA 203 32.31 33.23 22.68
N SER BA 204 33.00 32.14 23.02
CA SER BA 204 32.37 31.02 23.68
C SER BA 204 32.96 30.86 25.08
N THR BA 205 32.26 30.15 25.95
CA THR BA 205 32.75 29.89 27.30
C THR BA 205 33.04 28.41 27.51
N GLU BA 206 34.26 28.10 27.92
CA GLU BA 206 34.63 26.72 28.24
C GLU BA 206 33.79 26.25 29.41
N THR BA 207 33.33 25.00 29.34
CA THR BA 207 32.44 24.48 30.37
C THR BA 207 32.93 23.15 30.92
N ASN BA 208 32.91 23.03 32.24
CA ASN BA 208 33.26 21.78 32.91
C ASN BA 208 31.99 21.02 33.30
N TRP BA 209 31.96 19.74 32.98
CA TRP BA 209 30.80 18.92 33.29
C TRP BA 209 31.19 17.62 33.99
N ASP BA 210 32.23 17.67 34.81
CA ASP BA 210 32.71 16.49 35.52
C ASP BA 210 31.76 16.06 36.62
N ILE BA 211 31.05 17.02 37.20
CA ILE BA 211 30.09 16.72 38.26
C ILE BA 211 28.89 15.92 37.74
N ALA BA 212 28.94 15.56 36.45
CA ALA BA 212 27.96 14.65 35.87
C ALA BA 212 28.19 13.22 36.33
N HIS BA 213 29.44 12.93 36.68
CA HIS BA 213 29.79 11.57 37.10
C HIS BA 213 29.93 11.49 38.62
N MET BA 214 29.10 12.24 39.32
CA MET BA 214 29.07 12.23 40.78
C MET BA 214 27.67 11.94 41.29
N ILE BA 215 26.95 11.11 40.55
CA ILE BA 215 25.60 10.72 40.92
C ILE BA 215 25.60 9.80 42.14
N SER BA 216 26.36 8.71 42.05
CA SER BA 216 26.43 7.72 43.11
C SER BA 216 27.06 8.28 44.39
N GLY BA 217 28.38 8.37 44.39
CA GLY BA 217 29.10 8.89 45.55
C GLY BA 217 28.98 10.39 45.70
N SER CA 1 27.94 -105.78 8.42
CA SER CA 1 28.64 -105.41 7.21
C SER CA 1 29.23 -106.64 6.52
N ARG CA 2 30.31 -106.42 5.77
CA ARG CA 2 31.01 -107.49 5.05
C ARG CA 2 30.10 -108.24 4.08
N GLY CA 3 29.38 -107.50 3.25
CA GLY CA 3 28.48 -108.08 2.27
C GLY CA 3 27.03 -107.73 2.51
N SER CA 4 26.78 -106.88 3.50
CA SER CA 4 25.43 -106.52 3.88
C SER CA 4 24.71 -105.66 2.84
N SER CA 5 23.39 -105.64 2.91
CA SER CA 5 22.57 -104.87 1.99
C SER CA 5 21.30 -104.37 2.69
N ALA CA 6 20.73 -103.30 2.14
CA ALA CA 6 19.51 -102.72 2.71
C ALA CA 6 18.83 -101.81 1.69
N GLY CA 7 17.54 -102.04 1.46
CA GLY CA 7 16.79 -101.25 0.50
C GLY CA 7 17.10 -101.62 -0.93
N PHE CA 8 17.23 -100.61 -1.78
CA PHE CA 8 17.48 -100.85 -3.20
C PHE CA 8 18.94 -100.63 -3.58
N ASP CA 9 19.84 -100.83 -2.63
CA ASP CA 9 21.26 -100.55 -2.86
C ASP CA 9 21.93 -101.52 -3.85
N ARG CA 10 21.20 -102.56 -4.25
CA ARG CA 10 21.70 -103.49 -5.25
C ARG CA 10 21.02 -103.28 -6.59
N HIS CA 11 20.06 -102.37 -6.63
CA HIS CA 11 19.31 -102.09 -7.86
C HIS CA 11 19.67 -100.75 -8.48
N ILE CA 12 19.90 -99.75 -7.63
CA ILE CA 12 20.29 -98.43 -8.11
C ILE CA 12 21.62 -97.99 -7.51
N THR CA 13 22.06 -96.78 -7.86
CA THR CA 13 23.34 -96.28 -7.39
C THR CA 13 23.22 -95.52 -6.08
N ILE CA 14 22.86 -96.24 -5.00
CA ILE CA 14 22.89 -95.67 -3.67
C ILE CA 14 23.80 -96.50 -2.78
N PHE CA 15 24.15 -95.96 -1.62
CA PHE CA 15 25.14 -96.58 -0.73
C PHE CA 15 24.62 -97.82 -0.02
N SER CA 16 25.49 -98.83 0.06
CA SER CA 16 25.22 -100.01 0.89
C SER CA 16 25.62 -99.66 2.32
N PRO CA 17 25.17 -100.46 3.30
CA PRO CA 17 25.53 -100.20 4.70
C PRO CA 17 27.03 -100.06 4.96
N GLU CA 18 27.85 -100.72 4.14
CA GLU CA 18 29.30 -100.61 4.29
C GLU CA 18 29.90 -99.55 3.38
N GLY CA 19 29.03 -98.78 2.72
CA GLY CA 19 29.45 -97.66 1.91
C GLY CA 19 29.90 -98.01 0.50
N ARG CA 20 29.31 -99.07 -0.05
CA ARG CA 20 29.66 -99.50 -1.40
C ARG CA 20 28.57 -99.11 -2.40
N LEU CA 21 28.92 -99.15 -3.68
CA LEU CA 21 27.96 -98.93 -4.75
C LEU CA 21 27.91 -100.18 -5.61
N TYR CA 22 26.94 -101.04 -5.32
CA TYR CA 22 26.86 -102.35 -5.96
C TYR CA 22 26.69 -102.28 -7.48
N GLN CA 23 25.90 -101.32 -7.94
CA GLN CA 23 25.65 -101.16 -9.38
C GLN CA 23 26.94 -100.89 -10.16
N VAL CA 24 27.85 -100.14 -9.54
CA VAL CA 24 29.14 -99.83 -10.16
C VAL CA 24 29.98 -101.10 -10.33
N GLU CA 25 30.09 -101.87 -9.26
CA GLU CA 25 30.84 -103.11 -9.29
C GLU CA 25 30.23 -104.05 -10.33
N TYR CA 26 28.91 -104.09 -10.36
CA TYR CA 26 28.18 -104.88 -11.35
C TYR CA 26 28.54 -104.43 -12.76
N ALA CA 27 28.73 -103.13 -12.94
CA ALA CA 27 29.15 -102.60 -14.24
C ALA CA 27 30.56 -103.08 -14.60
N PHE CA 28 31.43 -103.12 -13.59
CA PHE CA 28 32.77 -103.67 -13.79
C PHE CA 28 32.70 -105.12 -14.23
N LYS CA 29 31.75 -105.87 -13.67
CA LYS CA 29 31.53 -107.25 -14.09
C LYS CA 29 30.93 -107.31 -15.49
N ALA CA 30 30.22 -106.24 -15.86
CA ALA CA 30 29.60 -106.14 -17.17
C ALA CA 30 30.65 -105.90 -18.24
N ILE CA 31 31.77 -105.30 -17.83
CA ILE CA 31 32.90 -105.13 -18.74
C ILE CA 31 33.42 -106.48 -19.26
N ASN CA 32 33.48 -107.47 -18.37
CA ASN CA 32 34.02 -108.78 -18.71
C ASN CA 32 33.11 -109.62 -19.60
N GLN CA 33 31.86 -109.22 -19.73
CA GLN CA 33 30.86 -109.97 -20.50
C GLN CA 33 31.24 -110.15 -21.96
N GLY CA 34 32.02 -109.22 -22.49
CA GLY CA 34 32.48 -109.30 -23.87
C GLY CA 34 33.39 -110.50 -24.11
N GLY CA 35 34.06 -110.94 -23.04
CA GLY CA 35 34.95 -112.09 -23.13
C GLY CA 35 36.26 -111.75 -23.80
N LEU CA 36 36.63 -110.48 -23.79
CA LEU CA 36 37.87 -110.03 -24.42
C LEU CA 36 38.81 -109.35 -23.44
N THR CA 37 40.05 -109.14 -23.89
CA THR CA 37 41.06 -108.49 -23.07
C THR CA 37 41.90 -107.55 -23.93
N SER CA 38 42.16 -106.36 -23.41
CA SER CA 38 42.97 -105.37 -24.11
C SER CA 38 44.19 -105.01 -23.29
N VAL CA 39 45.31 -104.76 -23.96
CA VAL CA 39 46.55 -104.39 -23.29
C VAL CA 39 47.12 -103.09 -23.85
N ALA CA 40 47.52 -102.19 -22.96
CA ALA CA 40 48.12 -100.92 -23.34
C ALA CA 40 49.51 -100.80 -22.72
N VAL CA 41 50.49 -100.43 -23.54
CA VAL CA 41 51.86 -100.28 -23.05
C VAL CA 41 52.48 -98.97 -23.55
N ARG CA 42 53.06 -98.21 -22.63
CA ARG CA 42 53.73 -96.96 -22.98
C ARG CA 42 55.23 -97.15 -23.14
N GLY CA 43 55.77 -96.66 -24.25
CA GLY CA 43 57.19 -96.77 -24.52
C GLY CA 43 57.95 -95.50 -24.18
N LYS CA 44 59.16 -95.38 -24.73
CA LYS CA 44 59.98 -94.19 -24.51
C LYS CA 44 59.73 -93.18 -25.62
N ASP CA 45 59.36 -93.66 -26.79
CA ASP CA 45 59.12 -92.80 -27.94
C ASP CA 45 57.82 -93.17 -28.65
N CYS CA 46 56.96 -93.91 -27.96
CA CYS CA 46 55.69 -94.35 -28.53
C CYS CA 46 54.68 -94.82 -27.50
N ALA CA 47 53.53 -95.29 -27.99
CA ALA CA 47 52.49 -95.87 -27.15
C ALA CA 47 51.70 -96.89 -27.99
N VAL CA 48 51.45 -98.05 -27.39
CA VAL CA 48 50.89 -99.17 -28.14
C VAL CA 48 49.65 -99.79 -27.48
N ILE CA 49 48.65 -100.08 -28.33
CA ILE CA 49 47.43 -100.75 -27.92
C ILE CA 49 47.31 -102.08 -28.66
N VAL CA 50 46.91 -103.14 -27.96
CA VAL CA 50 46.64 -104.42 -28.61
C VAL CA 50 45.38 -105.07 -28.05
N THR CA 51 44.55 -105.65 -28.92
CA THR CA 51 43.28 -106.23 -28.48
C THR CA 51 42.86 -107.44 -29.31
N GLN CA 52 42.20 -108.41 -28.68
CA GLN CA 52 41.67 -109.58 -29.37
C GLN CA 52 40.70 -109.17 -30.47
N LYS CA 53 40.70 -109.94 -31.55
CA LYS CA 53 39.76 -109.72 -32.65
C LYS CA 53 38.98 -111.00 -32.91
N LYS CA 54 38.12 -111.37 -31.96
CA LYS CA 54 37.35 -112.60 -32.06
C LYS CA 54 36.27 -112.49 -33.14
N VAL CA 55 36.59 -112.98 -34.34
CA VAL CA 55 35.63 -113.02 -35.44
C VAL CA 55 35.30 -114.47 -35.77
N PRO CA 56 34.27 -115.02 -35.09
CA PRO CA 56 33.91 -116.44 -35.19
C PRO CA 56 33.03 -116.74 -36.39
N ASP CA 57 32.88 -115.78 -37.31
CA ASP CA 57 32.00 -115.95 -38.44
C ASP CA 57 32.63 -115.43 -39.73
N LYS CA 58 32.51 -116.22 -40.80
CA LYS CA 58 32.98 -115.78 -42.12
C LYS CA 58 31.91 -114.94 -42.79
N LEU CA 59 30.77 -114.81 -42.12
CA LEU CA 59 29.65 -114.02 -42.62
C LEU CA 59 29.81 -112.55 -42.24
N LEU CA 60 30.83 -112.26 -41.44
CA LEU CA 60 31.09 -110.89 -41.00
C LEU CA 60 32.16 -110.23 -41.86
N ASP CA 61 31.87 -109.02 -42.32
CA ASP CA 61 32.89 -108.19 -42.95
C ASP CA 61 33.88 -107.81 -41.86
N SER CA 62 34.95 -108.60 -41.72
CA SER CA 62 35.89 -108.49 -40.60
C SER CA 62 36.52 -107.10 -40.45
N SER CA 63 36.29 -106.23 -41.43
CA SER CA 63 36.78 -104.86 -41.37
C SER CA 63 35.89 -103.99 -40.48
N THR CA 64 34.67 -104.45 -40.22
CA THR CA 64 33.72 -103.70 -39.42
C THR CA 64 33.82 -104.06 -37.93
N VAL CA 65 34.55 -105.12 -37.63
CA VAL CA 65 34.75 -105.56 -36.26
C VAL CA 65 36.02 -104.96 -35.67
N THR CA 66 35.85 -103.91 -34.86
CA THR CA 66 36.99 -103.20 -34.30
C THR CA 66 36.67 -102.71 -32.89
N HIS CA 67 37.69 -102.71 -32.04
CA HIS CA 67 37.58 -102.11 -30.71
C HIS CA 67 38.52 -100.92 -30.61
N LEU CA 68 39.23 -100.65 -31.70
CA LEU CA 68 40.11 -99.49 -31.80
C LEU CA 68 39.35 -98.34 -32.46
N PHE CA 69 39.40 -97.17 -31.83
CA PHE CA 69 38.68 -96.02 -32.36
C PHE CA 69 39.54 -94.76 -32.39
N LYS CA 70 39.49 -94.07 -33.52
CA LYS CA 70 40.17 -92.78 -33.66
C LYS CA 70 39.29 -91.69 -33.07
N ILE CA 71 39.74 -91.11 -31.96
CA ILE CA 71 39.03 -89.99 -31.36
C ILE CA 71 39.46 -88.71 -32.05
N THR CA 72 40.78 -88.55 -32.18
CA THR CA 72 41.34 -87.43 -32.93
C THR CA 72 42.52 -87.97 -33.72
N GLU CA 73 42.97 -87.22 -34.72
CA GLU CA 73 44.10 -87.62 -35.54
C GLU CA 73 45.31 -88.01 -34.69
N ASN CA 74 45.45 -87.37 -33.53
CA ASN CA 74 46.57 -87.64 -32.65
C ASN CA 74 46.18 -88.37 -31.37
N ILE CA 75 44.89 -88.67 -31.22
CA ILE CA 75 44.40 -89.39 -30.05
C ILE CA 75 43.63 -90.65 -30.43
N GLY CA 76 44.14 -91.79 -30.00
CA GLY CA 76 43.49 -93.06 -30.27
C GLY CA 76 42.94 -93.69 -29.01
N CYS CA 77 42.12 -94.71 -29.15
CA CYS CA 77 41.54 -95.36 -27.98
C CYS CA 77 41.15 -96.81 -28.24
N VAL CA 78 41.05 -97.57 -27.15
CA VAL CA 78 40.50 -98.92 -27.21
C VAL CA 78 39.43 -99.08 -26.12
N MET CA 79 38.32 -99.70 -26.52
CA MET CA 79 37.19 -99.89 -25.63
C MET CA 79 37.07 -101.35 -25.24
N THR CA 80 36.82 -101.60 -23.95
CA THR CA 80 36.64 -102.97 -23.51
C THR CA 80 35.33 -103.13 -22.74
N GLY CA 81 34.46 -104.01 -23.24
CA GLY CA 81 33.20 -104.26 -22.57
C GLY CA 81 32.02 -104.25 -23.52
N MET CA 82 30.87 -103.79 -23.01
CA MET CA 82 29.64 -103.74 -23.79
C MET CA 82 29.83 -102.85 -25.01
N THR CA 83 29.62 -103.42 -26.18
CA THR CA 83 29.92 -102.77 -27.46
C THR CA 83 29.18 -101.45 -27.67
N ALA CA 84 27.86 -101.47 -27.53
CA ALA CA 84 27.04 -100.27 -27.76
C ALA CA 84 27.42 -99.13 -26.83
N ASP CA 85 27.57 -99.43 -25.54
CA ASP CA 85 28.01 -98.45 -24.56
C ASP CA 85 29.37 -97.89 -24.93
N SER CA 86 30.25 -98.76 -25.41
CA SER CA 86 31.59 -98.37 -25.85
C SER CA 86 31.51 -97.36 -26.99
N ARG CA 87 30.72 -97.67 -28.00
CA ARG CA 87 30.57 -96.77 -29.14
C ARG CA 87 29.99 -95.43 -28.70
N SER CA 88 29.05 -95.49 -27.76
CA SER CA 88 28.46 -94.27 -27.18
C SER CA 88 29.55 -93.40 -26.55
N GLN CA 89 30.37 -94.02 -25.70
CA GLN CA 89 31.44 -93.30 -25.00
C GLN CA 89 32.47 -92.75 -25.99
N VAL CA 90 32.68 -93.46 -27.09
CA VAL CA 90 33.57 -92.99 -28.15
C VAL CA 90 33.02 -91.74 -28.81
N GLN CA 91 31.73 -91.77 -29.14
CA GLN CA 91 31.06 -90.59 -29.69
C GLN CA 91 31.22 -89.39 -28.76
N ARG CA 92 30.92 -89.60 -27.49
CA ARG CA 92 31.05 -88.53 -26.50
C ARG CA 92 32.47 -88.00 -26.41
N ALA CA 93 33.44 -88.90 -26.50
CA ALA CA 93 34.86 -88.52 -26.47
C ALA CA 93 35.20 -87.62 -27.65
N ARG CA 94 34.79 -88.05 -28.85
CA ARG CA 94 35.01 -87.28 -30.07
C ARG CA 94 34.38 -85.88 -29.96
N TYR CA 95 33.17 -85.83 -29.43
CA TYR CA 95 32.50 -84.55 -29.22
C TYR CA 95 33.28 -83.66 -28.29
N GLU CA 96 33.66 -84.19 -27.13
CA GLU CA 96 34.37 -83.40 -26.14
C GLU CA 96 35.72 -82.89 -26.67
N ALA CA 97 36.36 -83.70 -27.51
CA ALA CA 97 37.64 -83.32 -28.09
C ALA CA 97 37.48 -82.20 -29.12
N ALA CA 98 36.56 -82.41 -30.07
CA ALA CA 98 36.30 -81.41 -31.10
C ALA CA 98 35.87 -80.08 -30.49
N ASN CA 99 34.97 -80.17 -29.52
CA ASN CA 99 34.49 -78.99 -28.80
C ASN CA 99 35.62 -78.30 -28.05
N TRP CA 100 36.51 -79.10 -27.45
CA TRP CA 100 37.67 -78.57 -26.76
C TRP CA 100 38.50 -77.73 -27.72
N LYS CA 101 38.83 -78.30 -28.88
CA LYS CA 101 39.65 -77.58 -29.84
C LYS CA 101 38.94 -76.33 -30.36
N TYR CA 102 37.63 -76.42 -30.49
CA TYR CA 102 36.84 -75.27 -30.94
C TYR CA 102 36.88 -74.13 -29.93
N LYS CA 103 36.81 -74.45 -28.65
CA LYS CA 103 36.73 -73.44 -27.61
C LYS CA 103 38.09 -72.86 -27.17
N TYR CA 104 39.13 -73.69 -27.19
CA TYR CA 104 40.40 -73.30 -26.60
C TYR CA 104 41.53 -73.16 -27.62
N GLY CA 105 41.30 -73.62 -28.84
CA GLY CA 105 42.23 -73.38 -29.92
C GLY CA 105 43.46 -74.28 -29.95
N TYR CA 106 43.44 -75.33 -29.14
CA TYR CA 106 44.51 -76.33 -29.18
C TYR CA 106 43.97 -77.72 -28.90
N GLU CA 107 44.68 -78.73 -29.39
CA GLU CA 107 44.27 -80.13 -29.24
C GLU CA 107 44.16 -80.51 -27.78
N ILE CA 108 43.12 -81.25 -27.44
CA ILE CA 108 42.90 -81.68 -26.05
C ILE CA 108 43.95 -82.70 -25.61
N PRO CA 109 44.50 -82.51 -24.41
CA PRO CA 109 45.43 -83.50 -23.85
C PRO CA 109 44.71 -84.78 -23.48
N VAL CA 110 45.35 -85.93 -23.72
CA VAL CA 110 44.80 -87.23 -23.37
C VAL CA 110 44.35 -87.24 -21.90
N ASP CA 111 45.20 -86.66 -21.06
CA ASP CA 111 44.90 -86.43 -19.66
C ASP CA 111 43.52 -85.80 -19.47
N MET CA 112 43.31 -84.67 -20.12
CA MET CA 112 42.07 -83.91 -19.96
C MET CA 112 40.86 -84.61 -20.56
N LEU CA 113 41.05 -85.30 -21.68
CA LEU CA 113 39.96 -86.04 -22.33
C LEU CA 113 39.47 -87.14 -21.39
N CYS CA 114 40.43 -87.95 -20.91
CA CYS CA 114 40.11 -89.04 -20.00
C CYS CA 114 39.43 -88.52 -18.75
N LYS CA 115 39.99 -87.43 -18.20
CA LYS CA 115 39.40 -86.78 -17.03
C LYS CA 115 37.95 -86.40 -17.28
N ARG CA 116 37.68 -85.83 -18.46
CA ARG CA 116 36.34 -85.39 -18.82
C ARG CA 116 35.37 -86.56 -18.90
N ILE CA 117 35.76 -87.60 -19.64
CA ILE CA 117 34.93 -88.80 -19.78
C ILE CA 117 34.61 -89.40 -18.41
N ALA CA 118 35.63 -89.52 -17.56
CA ALA CA 118 35.45 -90.03 -16.21
C ALA CA 118 34.48 -89.17 -15.41
N ASP CA 119 34.61 -87.85 -15.55
CA ASP CA 119 33.71 -86.90 -14.89
C ASP CA 119 32.27 -87.12 -15.32
N ILE CA 120 32.08 -87.45 -16.60
CA ILE CA 120 30.75 -87.75 -17.12
C ILE CA 120 30.22 -89.06 -16.51
N SER CA 121 31.11 -90.05 -16.38
CA SER CA 121 30.74 -91.33 -15.78
C SER CA 121 30.29 -91.19 -14.32
N GLN CA 122 30.96 -90.30 -13.60
CA GLN CA 122 30.65 -90.04 -12.19
C GLN CA 122 29.18 -89.71 -11.99
N VAL CA 123 28.60 -89.00 -12.95
CA VAL CA 123 27.20 -88.61 -12.86
C VAL CA 123 26.30 -89.84 -12.89
N TYR CA 124 26.65 -90.79 -13.74
CA TYR CA 124 25.93 -92.06 -13.82
C TYR CA 124 26.09 -92.79 -12.51
N THR CA 125 27.27 -92.63 -11.90
CA THR CA 125 27.56 -93.21 -10.59
C THR CA 125 26.71 -92.60 -9.47
N GLN CA 126 26.33 -91.34 -9.63
CA GLN CA 126 25.63 -90.62 -8.55
C GLN CA 126 24.13 -90.46 -8.77
N ASN CA 127 23.69 -90.55 -10.02
CA ASN CA 127 22.27 -90.46 -10.33
C ASN CA 127 21.64 -91.85 -10.50
N ALA CA 128 20.42 -92.00 -10.01
CA ALA CA 128 19.75 -93.31 -9.99
C ALA CA 128 18.94 -93.60 -11.25
N GLU CA 129 18.64 -92.57 -12.03
CA GLU CA 129 17.78 -92.72 -13.20
C GLU CA 129 18.44 -93.54 -14.29
N MET CA 130 19.76 -93.43 -14.40
CA MET CA 130 20.49 -94.18 -15.42
C MET CA 130 21.55 -95.09 -14.80
N ARG CA 131 21.92 -96.12 -15.54
CA ARG CA 131 22.93 -97.05 -15.10
C ARG CA 131 24.29 -96.66 -15.67
N PRO CA 132 25.37 -97.05 -14.99
CA PRO CA 132 26.71 -96.82 -15.54
C PRO CA 132 26.89 -97.58 -16.85
N LEU CA 133 27.95 -97.28 -17.58
CA LEU CA 133 28.24 -97.98 -18.82
C LEU CA 133 29.13 -99.19 -18.54
N GLY CA 134 28.81 -100.32 -19.16
CA GLY CA 134 29.57 -101.54 -18.98
C GLY CA 134 30.79 -101.57 -19.88
N CYS CA 135 31.61 -100.55 -19.79
CA CYS CA 135 32.81 -100.46 -20.62
C CYS CA 135 33.94 -99.68 -19.94
N CYS CA 136 35.14 -99.88 -20.46
CA CYS CA 136 36.34 -99.25 -19.94
C CYS CA 136 37.08 -98.64 -21.11
N MET CA 137 37.57 -97.40 -20.94
CA MET CA 137 38.24 -96.74 -22.06
C MET CA 137 39.72 -96.51 -21.84
N ILE CA 138 40.53 -96.89 -22.82
CA ILE CA 138 41.97 -96.62 -22.75
C ILE CA 138 42.41 -95.71 -23.88
N LEU CA 139 42.86 -94.51 -23.54
CA LEU CA 139 43.30 -93.53 -24.53
C LEU CA 139 44.83 -93.51 -24.66
N ILE CA 140 45.31 -93.30 -25.88
CA ILE CA 140 46.74 -93.12 -26.11
C ILE CA 140 47.02 -91.93 -27.02
N GLY CA 141 48.14 -91.26 -26.79
CA GLY CA 141 48.54 -90.16 -27.65
C GLY CA 141 49.77 -89.42 -27.16
N ILE CA 142 50.44 -88.70 -28.06
CA ILE CA 142 51.65 -87.96 -27.70
C ILE CA 142 51.33 -86.56 -27.18
N ASP CA 143 51.90 -86.23 -26.02
CA ASP CA 143 51.73 -84.90 -25.43
C ASP CA 143 52.95 -84.03 -25.71
N GLU CA 144 52.69 -82.75 -25.99
CA GLU CA 144 53.71 -81.79 -26.43
C GLU CA 144 55.01 -81.78 -25.64
N GLU CA 145 54.93 -82.00 -24.33
CA GLU CA 145 56.12 -81.95 -23.48
C GLU CA 145 56.27 -83.20 -22.62
N GLN CA 146 55.13 -83.74 -22.19
CA GLN CA 146 55.15 -84.94 -21.35
C GLN CA 146 55.30 -86.21 -22.19
N GLY CA 147 55.33 -86.05 -23.50
CA GLY CA 147 55.55 -87.17 -24.39
C GLY CA 147 54.40 -88.16 -24.39
N PRO CA 148 54.68 -89.42 -24.77
CA PRO CA 148 53.66 -90.48 -24.88
C PRO CA 148 52.81 -90.62 -23.62
N GLN CA 149 51.50 -90.74 -23.82
CA GLN CA 149 50.54 -90.82 -22.73
C GLN CA 149 49.56 -91.96 -22.96
N VAL CA 150 49.38 -92.77 -21.93
CA VAL CA 150 48.41 -93.86 -21.92
C VAL CA 150 47.51 -93.73 -20.69
N TYR CA 151 46.26 -93.34 -20.91
CA TYR CA 151 45.33 -93.15 -19.81
C TYR CA 151 44.19 -94.17 -19.85
N LYS CA 152 43.51 -94.33 -18.73
CA LYS CA 152 42.39 -95.27 -18.66
C LYS CA 152 41.31 -94.77 -17.71
N CYS CA 153 40.05 -94.99 -18.10
CA CYS CA 153 38.90 -94.61 -17.27
C CYS CA 153 37.87 -95.73 -17.12
N ASP CA 154 37.31 -95.77 -15.90
CA ASP CA 154 36.43 -96.82 -15.42
C ASP CA 154 34.97 -96.38 -15.43
N PRO CA 155 34.04 -97.33 -15.25
CA PRO CA 155 32.64 -96.99 -15.00
C PRO CA 155 32.43 -96.35 -13.63
N ALA CA 156 33.42 -96.47 -12.76
CA ALA CA 156 33.32 -95.93 -11.41
C ALA CA 156 33.55 -94.42 -11.41
N GLY CA 157 34.22 -93.93 -12.44
CA GLY CA 157 34.58 -92.54 -12.52
C GLY CA 157 36.07 -92.34 -12.30
N TYR CA 158 36.76 -93.44 -12.03
CA TYR CA 158 38.20 -93.38 -11.83
C TYR CA 158 38.93 -93.26 -13.15
N TYR CA 159 39.92 -92.38 -13.20
CA TYR CA 159 40.78 -92.27 -14.37
C TYR CA 159 42.23 -92.14 -13.91
N CYS CA 160 43.16 -92.66 -14.71
CA CYS CA 160 44.56 -92.55 -14.34
C CYS CA 160 45.50 -92.73 -15.52
N GLY CA 161 46.69 -92.12 -15.41
CA GLY CA 161 47.76 -92.33 -16.36
C GLY CA 161 48.53 -93.58 -15.97
N PHE CA 162 49.11 -94.25 -16.97
CA PHE CA 162 49.77 -95.53 -16.73
C PHE CA 162 51.03 -95.68 -17.56
N LYS CA 163 51.96 -96.47 -17.05
CA LYS CA 163 53.11 -96.91 -17.83
C LYS CA 163 52.64 -98.10 -18.67
N ALA CA 164 51.67 -98.83 -18.12
CA ALA CA 164 51.01 -99.92 -18.82
C ALA CA 164 49.76 -100.34 -18.07
N THR CA 165 48.75 -100.82 -18.79
CA THR CA 165 47.55 -101.36 -18.17
C THR CA 165 46.89 -102.41 -19.05
N ALA CA 166 45.77 -102.92 -18.55
CA ALA CA 166 44.97 -103.87 -19.30
C ALA CA 166 43.52 -103.73 -18.88
N ALA CA 167 42.62 -104.34 -19.63
CA ALA CA 167 41.20 -104.28 -19.31
C ALA CA 167 40.49 -105.53 -19.82
N GLY CA 168 39.42 -105.93 -19.14
CA GLY CA 168 38.64 -107.07 -19.57
C GLY CA 168 38.79 -108.28 -18.69
N VAL CA 169 38.69 -109.46 -19.31
CA VAL CA 169 38.71 -110.72 -18.59
C VAL CA 169 40.01 -110.96 -17.84
N LYS CA 170 41.10 -111.13 -18.59
CA LYS CA 170 42.39 -111.42 -17.99
C LYS CA 170 43.17 -110.15 -17.68
N GLN CA 171 42.54 -109.23 -16.96
CA GLN CA 171 43.15 -107.96 -16.61
C GLN CA 171 44.23 -108.12 -15.55
N THR CA 172 43.88 -108.77 -14.45
CA THR CA 172 44.79 -108.95 -13.32
C THR CA 172 46.05 -109.72 -13.69
N GLU CA 173 45.87 -110.80 -14.46
CA GLU CA 173 46.98 -111.60 -14.94
C GLU CA 173 47.91 -110.76 -15.81
N SER CA 174 47.31 -109.95 -16.69
CA SER CA 174 48.06 -109.10 -17.60
C SER CA 174 48.86 -108.02 -16.85
N THR CA 175 48.25 -107.47 -15.80
CA THR CA 175 48.93 -106.47 -14.99
C THR CA 175 50.10 -107.09 -14.23
N SER CA 176 49.84 -108.26 -13.65
CA SER CA 176 50.89 -108.99 -12.93
C SER CA 176 52.04 -109.35 -13.86
N PHE CA 177 51.73 -109.59 -15.12
CA PHE CA 177 52.74 -109.82 -16.15
C PHE CA 177 53.52 -108.53 -16.39
N LEU CA 178 52.79 -107.45 -16.65
CA LEU CA 178 53.38 -106.19 -17.07
C LEU CA 178 54.29 -105.55 -16.03
N GLU CA 179 53.90 -105.62 -14.75
CA GLU CA 179 54.75 -105.06 -13.71
C GLU CA 179 56.03 -105.87 -13.52
N LYS CA 180 55.91 -107.18 -13.71
CA LYS CA 180 57.08 -108.06 -13.67
C LYS CA 180 58.03 -107.72 -14.82
N LYS CA 181 57.46 -107.43 -15.99
CA LYS CA 181 58.27 -107.10 -17.16
C LYS CA 181 58.87 -105.69 -17.08
N VAL CA 182 58.21 -104.81 -16.33
CA VAL CA 182 58.66 -103.43 -16.18
C VAL CA 182 59.84 -103.30 -15.23
N LYS CA 183 59.81 -104.06 -14.14
CA LYS CA 183 60.85 -104.02 -13.12
C LYS CA 183 62.23 -104.36 -13.67
N LYS CA 184 62.27 -105.10 -14.78
CA LYS CA 184 63.53 -105.54 -15.38
C LYS CA 184 64.26 -104.39 -16.10
N LYS CA 185 63.53 -103.33 -16.41
CA LYS CA 185 64.10 -102.13 -17.02
C LYS CA 185 64.84 -102.40 -18.33
N PHE CA 186 64.09 -102.45 -19.42
CA PHE CA 186 64.68 -102.65 -20.75
C PHE CA 186 64.69 -101.33 -21.52
N ASP CA 187 65.34 -101.32 -22.67
CA ASP CA 187 65.35 -100.14 -23.54
C ASP CA 187 64.04 -100.09 -24.32
N TRP CA 188 63.05 -99.39 -23.77
CA TRP CA 188 61.71 -99.37 -24.34
C TRP CA 188 61.64 -98.72 -25.72
N THR CA 189 62.09 -99.45 -26.73
CA THR CA 189 61.98 -99.00 -28.10
C THR CA 189 60.58 -99.31 -28.63
N PHE CA 190 60.36 -99.07 -29.91
CA PHE CA 190 59.08 -99.33 -30.55
C PHE CA 190 58.76 -100.82 -30.53
N GLU CA 191 59.67 -101.60 -31.10
CA GLU CA 191 59.51 -103.05 -31.21
C GLU CA 191 59.45 -103.70 -29.84
N GLN CA 192 60.17 -103.14 -28.88
CA GLN CA 192 60.15 -103.64 -27.51
C GLN CA 192 58.74 -103.47 -26.92
N THR CA 193 58.14 -102.31 -27.18
CA THR CA 193 56.82 -102.02 -26.66
C THR CA 193 55.76 -102.91 -27.30
N VAL CA 194 55.75 -102.95 -28.64
CA VAL CA 194 54.79 -103.78 -29.37
C VAL CA 194 54.90 -105.24 -28.97
N GLU CA 195 56.13 -105.75 -28.95
CA GLU CA 195 56.38 -107.13 -28.57
C GLU CA 195 55.95 -107.41 -27.13
N THR CA 196 56.23 -106.48 -26.23
CA THR CA 196 55.82 -106.64 -24.83
C THR CA 196 54.30 -106.74 -24.71
N ALA CA 197 53.60 -105.90 -25.46
CA ALA CA 197 52.14 -105.92 -25.44
C ALA CA 197 51.57 -107.23 -26.00
N ILE CA 198 51.97 -107.56 -27.23
CA ILE CA 198 51.50 -108.77 -27.90
C ILE CA 198 51.82 -110.02 -27.10
N THR CA 199 53.03 -110.09 -26.55
CA THR CA 199 53.42 -111.23 -25.73
C THR CA 199 52.70 -111.26 -24.40
N CYS CA 200 52.33 -110.09 -23.88
CA CYS CA 200 51.53 -110.05 -22.67
C CYS CA 200 50.20 -110.72 -22.94
N LEU CA 201 49.51 -110.25 -23.98
CA LEU CA 201 48.21 -110.82 -24.34
C LEU CA 201 48.32 -112.31 -24.64
N SER CA 202 49.36 -112.69 -25.37
CA SER CA 202 49.57 -114.06 -25.81
C SER CA 202 49.82 -115.01 -24.64
N THR CA 203 50.78 -114.67 -23.78
CA THR CA 203 51.11 -115.50 -22.64
C THR CA 203 50.05 -115.40 -21.55
N VAL CA 204 49.14 -114.44 -21.67
CA VAL CA 204 48.00 -114.38 -20.76
C VAL CA 204 46.83 -115.23 -21.24
N LEU CA 205 46.74 -115.42 -22.55
CA LEU CA 205 45.66 -116.22 -23.13
C LEU CA 205 46.13 -117.60 -23.60
N SER CA 206 47.44 -117.77 -23.74
CA SER CA 206 48.03 -119.00 -24.29
C SER CA 206 47.41 -119.37 -25.64
N ILE CA 207 47.61 -118.51 -26.63
CA ILE CA 207 46.99 -118.69 -27.94
C ILE CA 207 48.03 -118.68 -29.07
N ASP CA 208 48.99 -117.76 -28.98
CA ASP CA 208 49.92 -117.50 -30.08
C ASP CA 208 49.15 -117.12 -31.34
N PHE CA 209 48.87 -115.84 -31.47
CA PHE CA 209 47.90 -115.34 -32.44
C PHE CA 209 48.32 -115.52 -33.90
N LYS CA 210 47.30 -115.58 -34.77
CA LYS CA 210 47.47 -115.36 -36.18
C LYS CA 210 47.37 -113.85 -36.37
N PRO CA 211 47.86 -113.31 -37.49
CA PRO CA 211 47.80 -111.86 -37.66
C PRO CA 211 46.38 -111.32 -37.82
N SER CA 212 45.40 -112.21 -37.92
CA SER CA 212 44.00 -111.79 -38.05
C SER CA 212 43.21 -112.04 -36.77
N GLU CA 213 43.92 -112.36 -35.68
CA GLU CA 213 43.28 -112.64 -34.40
C GLU CA 213 43.37 -111.46 -33.45
N ILE CA 214 44.28 -110.53 -33.73
CA ILE CA 214 44.42 -109.32 -32.93
C ILE CA 214 44.44 -108.06 -33.78
N GLU CA 215 44.25 -106.93 -33.11
CA GLU CA 215 44.39 -105.63 -33.75
C GLU CA 215 45.27 -104.73 -32.88
N VAL CA 216 46.12 -103.95 -33.53
CA VAL CA 216 47.11 -103.14 -32.83
C VAL CA 216 47.08 -101.67 -33.23
N GLY CA 217 46.75 -100.81 -32.27
CA GLY CA 217 46.83 -99.38 -32.47
C GLY CA 217 48.18 -98.89 -31.99
N VAL CA 218 48.63 -97.75 -32.51
CA VAL CA 218 49.96 -97.27 -32.16
C VAL CA 218 50.10 -95.76 -32.39
N VAL CA 219 50.99 -95.12 -31.63
CA VAL CA 219 51.29 -93.71 -31.84
C VAL CA 219 52.73 -93.38 -31.46
N THR CA 220 53.48 -92.85 -32.42
CA THR CA 220 54.91 -92.59 -32.23
C THR CA 220 55.16 -91.10 -32.03
N VAL CA 221 56.33 -90.76 -31.47
CA VAL CA 221 56.73 -89.37 -31.36
C VAL CA 221 57.08 -88.81 -32.73
N GLU CA 222 57.76 -89.64 -33.54
CA GLU CA 222 58.11 -89.26 -34.90
C GLU CA 222 56.88 -89.20 -35.79
N ASN CA 223 55.82 -89.90 -35.38
CA ASN CA 223 54.58 -89.92 -36.14
C ASN CA 223 53.37 -89.97 -35.21
N PRO CA 224 52.96 -88.80 -34.70
CA PRO CA 224 51.93 -88.66 -33.66
C PRO CA 224 50.52 -89.07 -34.11
N LYS CA 225 50.32 -89.30 -35.41
CA LYS CA 225 49.00 -89.69 -35.90
C LYS CA 225 48.65 -91.12 -35.51
N PHE CA 226 47.47 -91.29 -34.93
CA PHE CA 226 46.99 -92.60 -34.51
C PHE CA 226 46.93 -93.56 -35.69
N ARG CA 227 47.73 -94.61 -35.63
CA ARG CA 227 47.90 -95.52 -36.74
C ARG CA 227 47.45 -96.94 -36.38
N ILE CA 228 46.65 -97.54 -37.26
CA ILE CA 228 46.19 -98.91 -37.08
C ILE CA 228 47.00 -99.84 -37.97
N LEU CA 229 47.57 -100.88 -37.38
CA LEU CA 229 48.45 -101.80 -38.09
C LEU CA 229 47.69 -102.75 -39.02
N THR CA 230 48.23 -102.94 -40.21
CA THR CA 230 47.69 -103.89 -41.17
C THR CA 230 48.01 -105.31 -40.71
N GLU CA 231 47.32 -106.29 -41.29
CA GLU CA 231 47.56 -107.69 -40.98
C GLU CA 231 49.02 -108.07 -41.26
N ALA CA 232 49.56 -107.50 -42.33
CA ALA CA 232 50.94 -107.77 -42.74
C ALA CA 232 51.96 -107.28 -41.72
N GLU CA 233 51.86 -106.01 -41.35
CA GLU CA 233 52.82 -105.42 -40.41
C GLU CA 233 52.59 -105.87 -38.96
N ILE CA 234 51.52 -106.63 -38.74
CA ILE CA 234 51.34 -107.33 -37.47
C ILE CA 234 52.03 -108.69 -37.56
N ASP CA 235 51.86 -109.35 -38.69
CA ASP CA 235 52.52 -110.64 -38.94
C ASP CA 235 54.03 -110.48 -38.91
N ALA CA 236 54.51 -109.27 -39.22
CA ALA CA 236 55.93 -108.97 -39.16
C ALA CA 236 56.44 -109.08 -37.73
N HIS CA 237 55.73 -108.48 -36.79
CA HIS CA 237 56.08 -108.60 -35.37
C HIS CA 237 55.90 -110.04 -34.90
N LEU CA 238 54.85 -110.69 -35.38
CA LEU CA 238 54.56 -112.07 -35.01
C LEU CA 238 55.71 -113.01 -35.37
N VAL CA 239 56.25 -112.87 -36.58
CA VAL CA 239 57.37 -113.69 -37.01
C VAL CA 239 58.67 -113.19 -36.39
N ALA CA 240 58.70 -111.93 -35.99
CA ALA CA 240 59.86 -111.36 -35.33
C ALA CA 240 60.00 -111.91 -33.92
N LEU CA 241 58.88 -112.35 -33.34
CA LEU CA 241 58.87 -112.89 -31.99
C LEU CA 241 59.37 -114.34 -31.91
N ALA CA 242 59.07 -115.13 -32.95
CA ALA CA 242 59.45 -116.54 -32.96
C ALA CA 242 60.86 -116.73 -33.50
N GLU CA 243 61.83 -116.07 -32.87
CA GLU CA 243 63.22 -116.16 -33.30
C GLU CA 243 64.19 -116.23 -32.13
N ARG CA 244 63.84 -115.58 -31.03
CA ARG CA 244 64.70 -115.52 -29.85
C ARG CA 244 64.13 -116.32 -28.69
N ALA DA 1 15.66 -90.82 -24.53
CA ALA DA 1 14.99 -89.83 -23.70
C ALA DA 1 15.25 -90.06 -22.22
N GLU DA 2 15.35 -88.98 -21.45
CA GLU DA 2 15.55 -89.08 -20.01
C GLU DA 2 15.07 -87.81 -19.29
N ARG DA 3 14.74 -87.96 -18.00
CA ARG DA 3 14.33 -86.83 -17.18
C ARG DA 3 15.05 -86.85 -15.84
N GLY DA 4 14.45 -87.57 -14.87
CA GLY DA 4 15.06 -87.70 -13.56
C GLY DA 4 14.07 -88.06 -12.47
N TYR DA 5 14.56 -88.71 -11.42
CA TYR DA 5 13.74 -89.02 -10.26
C TYR DA 5 13.62 -87.78 -9.38
N SER DA 6 12.40 -87.35 -9.13
CA SER DA 6 12.16 -86.10 -8.41
C SER DA 6 12.05 -86.27 -6.90
N PHE DA 7 12.14 -87.52 -6.44
CA PHE DA 7 11.99 -87.82 -5.01
C PHE DA 7 13.33 -88.04 -4.32
N SER DA 8 13.38 -87.71 -3.03
CA SER DA 8 14.60 -87.89 -2.25
C SER DA 8 14.99 -89.36 -2.15
N LEU DA 9 16.27 -89.63 -2.30
CA LEU DA 9 16.81 -90.97 -2.07
C LEU DA 9 17.37 -91.07 -0.67
N THR DA 10 17.28 -89.96 0.07
CA THR DA 10 17.76 -89.89 1.44
C THR DA 10 16.62 -89.45 2.34
N THR DA 11 16.15 -90.37 3.20
CA THR DA 11 15.01 -90.09 4.06
C THR DA 11 15.30 -90.47 5.52
N PHE DA 12 14.41 -90.03 6.40
CA PHE DA 12 14.53 -90.31 7.83
C PHE DA 12 14.04 -91.72 8.17
N SER DA 13 14.87 -92.46 8.91
CA SER DA 13 14.45 -93.73 9.47
C SER DA 13 13.62 -93.45 10.72
N PRO DA 14 12.81 -94.43 11.18
CA PRO DA 14 11.97 -94.24 12.37
C PRO DA 14 12.76 -93.77 13.59
N SER DA 15 14.01 -94.21 13.69
CA SER DA 15 14.88 -93.79 14.79
C SER DA 15 15.29 -92.32 14.65
N GLY DA 16 15.25 -91.82 13.41
CA GLY DA 16 15.56 -90.43 13.14
C GLY DA 16 16.90 -90.25 12.44
N LYS DA 17 17.39 -91.31 11.82
CA LYS DA 17 18.70 -91.27 11.19
C LYS DA 17 18.61 -91.17 9.67
N LEU DA 18 19.34 -90.22 9.09
CA LEU DA 18 19.46 -90.12 7.65
C LEU DA 18 20.46 -91.17 7.17
N VAL DA 19 19.96 -92.38 6.99
CA VAL DA 19 20.78 -93.58 6.79
C VAL DA 19 21.81 -93.48 5.65
N GLN DA 20 21.42 -92.88 4.53
CA GLN DA 20 22.31 -92.79 3.37
C GLN DA 20 23.53 -91.92 3.66
N ILE DA 21 23.36 -90.91 4.50
CA ILE DA 21 24.46 -90.06 4.89
C ILE DA 21 25.44 -90.84 5.76
N GLU DA 22 24.89 -91.66 6.65
CA GLU DA 22 25.71 -92.47 7.54
C GLU DA 22 26.47 -93.52 6.74
N TYR DA 23 25.84 -94.07 5.72
CA TYR DA 23 26.49 -95.04 4.84
C TYR DA 23 27.57 -94.34 4.02
N ALA DA 24 27.31 -93.07 3.68
CA ALA DA 24 28.29 -92.26 2.97
C ALA DA 24 29.52 -92.06 3.85
N LEU DA 25 29.29 -91.81 5.12
CA LEU DA 25 30.36 -91.68 6.10
C LEU DA 25 31.11 -92.99 6.24
N ALA DA 26 30.38 -94.10 6.12
CA ALA DA 26 30.99 -95.42 6.14
C ALA DA 26 31.93 -95.58 4.95
N ALA DA 27 31.54 -95.00 3.81
CA ALA DA 27 32.41 -94.98 2.65
C ALA DA 27 33.63 -94.11 2.90
N VAL DA 28 33.42 -92.99 3.59
CA VAL DA 28 34.50 -92.07 3.95
C VAL DA 28 35.52 -92.76 4.85
N ALA DA 29 35.03 -93.31 5.96
CA ALA DA 29 35.87 -94.05 6.88
C ALA DA 29 36.20 -95.42 6.29
N GLY DA 30 36.93 -95.42 5.19
CA GLY DA 30 37.29 -96.64 4.50
C GLY DA 30 38.33 -96.35 3.44
N GLY DA 31 38.47 -95.07 3.10
CA GLY DA 31 39.46 -94.64 2.13
C GLY DA 31 40.79 -94.33 2.80
N ALA DA 32 41.77 -93.97 1.99
CA ALA DA 32 43.11 -93.66 2.49
C ALA DA 32 43.06 -92.53 3.51
N PRO DA 33 43.85 -92.65 4.59
CA PRO DA 33 43.84 -91.66 5.68
C PRO DA 33 44.42 -90.31 5.23
N SER DA 34 43.89 -89.24 5.82
CA SER DA 34 44.37 -87.90 5.54
C SER DA 34 44.43 -87.08 6.83
N VAL DA 35 45.55 -86.39 7.04
CA VAL DA 35 45.72 -85.55 8.21
C VAL DA 35 45.84 -84.09 7.81
N GLY DA 36 45.40 -83.21 8.70
CA GLY DA 36 45.52 -81.78 8.50
C GLY DA 36 45.91 -81.09 9.78
N ILE DA 37 46.91 -80.21 9.71
CA ILE DA 37 47.41 -79.53 10.91
C ILE DA 37 47.58 -78.03 10.69
N LYS DA 38 46.89 -77.23 11.52
CA LYS DA 38 47.06 -75.78 11.51
C LYS DA 38 48.22 -75.41 12.43
N ALA DA 39 49.13 -74.57 11.94
CA ALA DA 39 50.37 -74.32 12.67
C ALA DA 39 50.80 -72.86 12.73
N ALA DA 40 49.94 -72.00 13.26
CA ALA DA 40 50.29 -70.60 13.54
C ALA DA 40 50.79 -69.80 12.34
N ASN DA 41 51.81 -70.31 11.65
CA ASN DA 41 52.36 -69.64 10.48
C ASN DA 41 52.04 -70.36 9.18
N GLY DA 42 51.14 -71.34 9.23
CA GLY DA 42 50.77 -72.09 8.05
C GLY DA 42 49.88 -73.28 8.33
N VAL DA 43 49.47 -73.97 7.27
CA VAL DA 43 48.64 -75.18 7.38
C VAL DA 43 49.26 -76.30 6.56
N VAL DA 44 49.08 -77.53 7.01
CA VAL DA 44 49.60 -78.70 6.30
C VAL DA 44 48.50 -79.71 6.03
N LEU DA 45 48.43 -80.19 4.79
CA LEU DA 45 47.54 -81.29 4.43
C LEU DA 45 48.39 -82.46 3.95
N ALA DA 46 48.08 -83.66 4.40
CA ALA DA 46 48.86 -84.83 4.00
C ALA DA 46 47.95 -86.03 3.81
N THR DA 47 48.27 -86.87 2.84
CA THR DA 47 47.43 -88.04 2.58
C THR DA 47 48.23 -89.23 2.06
N GLU DA 48 47.69 -90.42 2.28
CA GLU DA 48 48.27 -91.65 1.76
C GLU DA 48 47.95 -91.80 0.28
N LYS DA 49 48.95 -91.56 -0.56
CA LYS DA 49 48.78 -91.69 -2.00
C LYS DA 49 49.35 -93.03 -2.45
N LYS DA 50 48.94 -94.10 -1.78
CA LYS DA 50 49.45 -95.42 -2.10
C LYS DA 50 48.66 -96.05 -3.24
N GLN DA 51 49.31 -96.16 -4.40
CA GLN DA 51 48.69 -96.81 -5.56
C GLN DA 51 48.61 -98.32 -5.36
N LYS DA 52 48.61 -99.08 -6.45
CA LYS DA 52 48.37 -100.51 -6.37
C LYS DA 52 49.25 -101.34 -7.30
N SER DA 53 50.21 -100.69 -7.96
CA SER DA 53 51.03 -101.33 -8.97
C SER DA 53 52.16 -100.40 -9.37
N ILE DA 54 53.27 -100.98 -9.82
CA ILE DA 54 54.38 -100.19 -10.33
C ILE DA 54 54.00 -99.58 -11.67
N LEU DA 55 52.89 -100.06 -12.24
CA LEU DA 55 52.40 -99.62 -13.53
C LEU DA 55 51.71 -98.26 -13.46
N TYR DA 56 51.21 -97.91 -12.28
CA TYR DA 56 50.54 -96.65 -12.07
C TYR DA 56 51.49 -95.47 -12.20
N ASP DA 57 51.01 -94.38 -12.80
CA ASP DA 57 51.79 -93.15 -12.92
C ASP DA 57 51.28 -92.15 -11.89
N GLU DA 58 51.97 -92.08 -10.75
CA GLU DA 58 51.51 -91.26 -9.63
C GLU DA 58 51.62 -89.76 -9.92
N ARG DA 59 52.34 -89.42 -10.98
CA ARG DA 59 52.54 -88.01 -11.33
C ARG DA 59 51.52 -87.53 -12.35
N SER DA 60 50.33 -88.14 -12.34
CA SER DA 60 49.27 -87.75 -13.27
C SER DA 60 48.01 -87.32 -12.55
N VAL DA 61 47.61 -88.06 -11.53
CA VAL DA 61 46.45 -87.71 -10.72
C VAL DA 61 46.90 -87.39 -9.30
N HIS DA 62 46.33 -86.34 -8.71
CA HIS DA 62 46.74 -85.90 -7.39
C HIS DA 62 45.57 -85.88 -6.40
N LYS DA 63 45.88 -86.14 -5.13
CA LYS DA 63 44.85 -86.11 -4.09
C LYS DA 63 44.84 -84.75 -3.39
N VAL DA 64 45.99 -84.08 -3.42
CA VAL DA 64 46.10 -82.75 -2.84
C VAL DA 64 45.91 -81.70 -3.94
N GLU DA 65 44.72 -81.10 -3.98
CA GLU DA 65 44.38 -80.17 -5.05
C GLU DA 65 44.25 -78.74 -4.57
N PRO DA 66 44.68 -77.79 -5.41
CA PRO DA 66 44.49 -76.36 -5.14
C PRO DA 66 43.13 -75.89 -5.65
N ILE DA 67 42.47 -75.06 -4.85
CA ILE DA 67 41.21 -74.46 -5.27
C ILE DA 67 41.51 -73.10 -5.90
N THR DA 68 42.31 -72.31 -5.20
CA THR DA 68 42.80 -71.05 -5.75
C THR DA 68 44.29 -70.92 -5.42
N LYS DA 69 44.75 -69.67 -5.36
CA LYS DA 69 46.15 -69.41 -5.07
C LYS DA 69 46.43 -69.48 -3.58
N HIS DA 70 45.37 -69.57 -2.77
CA HIS DA 70 45.51 -69.53 -1.32
C HIS DA 70 44.71 -70.61 -0.59
N ILE DA 71 44.04 -71.47 -1.33
CA ILE DA 71 43.22 -72.52 -0.71
C ILE DA 71 43.49 -73.91 -1.29
N GLY DA 72 43.62 -74.90 -0.41
CA GLY DA 72 43.92 -76.26 -0.84
C GLY DA 72 42.97 -77.32 -0.31
N LEU DA 73 43.02 -78.50 -0.94
CA LEU DA 73 42.08 -79.58 -0.65
C LEU DA 73 42.74 -80.95 -0.56
N VAL DA 74 42.33 -81.72 0.46
CA VAL DA 74 42.54 -83.17 0.45
C VAL DA 74 41.25 -83.84 0.90
N TYR DA 75 41.18 -85.16 0.81
CA TYR DA 75 39.92 -85.84 1.09
C TYR DA 75 40.08 -87.26 1.63
N SER DA 76 38.96 -87.80 2.09
CA SER DA 76 38.88 -89.20 2.45
C SER DA 76 37.55 -89.76 1.95
N GLY DA 77 37.63 -90.79 1.12
CA GLY DA 77 36.44 -91.42 0.56
C GLY DA 77 36.61 -91.81 -0.89
N MET DA 78 35.67 -91.37 -1.73
CA MET DA 78 35.65 -91.76 -3.13
C MET DA 78 36.29 -90.71 -4.04
N GLY DA 79 37.23 -91.13 -4.87
CA GLY DA 79 37.93 -90.27 -5.80
C GLY DA 79 37.08 -89.37 -6.68
N PRO DA 80 36.20 -89.98 -7.51
CA PRO DA 80 35.36 -89.23 -8.45
C PRO DA 80 34.52 -88.13 -7.79
N ASP DA 81 33.85 -88.47 -6.69
CA ASP DA 81 33.05 -87.51 -5.94
C ASP DA 81 33.92 -86.31 -5.53
N TYR DA 82 35.12 -86.62 -5.06
CA TYR DA 82 36.07 -85.60 -4.68
C TYR DA 82 36.37 -84.69 -5.86
N ARG DA 83 36.65 -85.30 -7.02
CA ARG DA 83 36.98 -84.57 -8.24
C ARG DA 83 35.88 -83.56 -8.58
N VAL DA 84 34.64 -84.06 -8.58
CA VAL DA 84 33.46 -83.23 -8.77
C VAL DA 84 33.45 -82.04 -7.81
N LEU DA 85 33.61 -82.33 -6.53
CA LEU DA 85 33.60 -81.29 -5.50
C LEU DA 85 34.72 -80.28 -5.69
N VAL DA 86 35.85 -80.72 -6.24
CA VAL DA 86 36.99 -79.84 -6.49
C VAL DA 86 36.65 -78.86 -7.59
N HIS DA 87 36.12 -79.38 -8.69
CA HIS DA 87 35.69 -78.53 -9.80
C HIS DA 87 34.68 -77.49 -9.32
N ARG DA 88 33.66 -77.96 -8.61
CA ARG DA 88 32.63 -77.08 -8.09
C ARG DA 88 33.20 -76.01 -7.15
N ALA DA 89 34.13 -76.41 -6.28
CA ALA DA 89 34.75 -75.48 -5.33
C ALA DA 89 35.52 -74.39 -6.05
N ARG DA 90 36.34 -74.79 -7.02
CA ARG DA 90 37.07 -73.85 -7.85
C ARG DA 90 36.13 -72.85 -8.51
N LYS DA 91 35.05 -73.35 -9.10
CA LYS DA 91 34.04 -72.49 -9.71
C LYS DA 91 33.47 -71.47 -8.72
N LEU DA 92 33.06 -71.94 -7.54
CA LEU DA 92 32.53 -71.07 -6.49
C LEU DA 92 33.51 -69.95 -6.14
N ALA DA 93 34.78 -70.34 -6.00
CA ALA DA 93 35.84 -69.40 -5.67
C ALA DA 93 35.95 -68.33 -6.74
N GLN DA 94 35.93 -68.76 -8.00
CA GLN DA 94 36.02 -67.82 -9.11
C GLN DA 94 34.81 -66.88 -9.16
N GLN DA 95 33.64 -67.38 -8.81
CA GLN DA 95 32.45 -66.53 -8.74
C GLN DA 95 32.65 -65.45 -7.69
N TYR DA 96 33.06 -65.86 -6.50
CA TYR DA 96 33.32 -64.91 -5.42
C TYR DA 96 34.31 -63.85 -5.86
N TYR DA 97 35.38 -64.28 -6.55
CA TYR DA 97 36.40 -63.34 -6.97
C TYR DA 97 35.88 -62.36 -8.01
N LEU DA 98 35.11 -62.88 -8.97
CA LEU DA 98 34.51 -62.03 -10.01
C LEU DA 98 33.61 -60.97 -9.40
N VAL DA 99 32.88 -61.34 -8.36
CA VAL DA 99 31.99 -60.37 -7.72
C VAL DA 99 32.73 -59.35 -6.86
N TYR DA 100 33.65 -59.83 -6.03
CA TYR DA 100 34.26 -58.95 -5.02
C TYR DA 100 35.69 -58.49 -5.33
N GLN DA 101 36.31 -59.08 -6.35
CA GLN DA 101 37.69 -58.75 -6.72
C GLN DA 101 38.65 -58.95 -5.54
N GLU DA 102 38.30 -59.89 -4.68
CA GLU DA 102 39.09 -60.21 -3.50
C GLU DA 102 39.05 -61.73 -3.31
N PRO DA 103 40.20 -62.35 -3.02
CA PRO DA 103 40.28 -63.79 -2.83
C PRO DA 103 39.32 -64.26 -1.76
N ILE DA 104 38.59 -65.33 -2.04
CA ILE DA 104 37.53 -65.80 -1.15
C ILE DA 104 38.05 -66.30 0.20
N PRO DA 105 37.47 -65.79 1.29
CA PRO DA 105 37.76 -66.28 2.64
C PRO DA 105 37.54 -67.77 2.72
N THR DA 106 38.45 -68.48 3.38
CA THR DA 106 38.40 -69.94 3.45
C THR DA 106 37.08 -70.43 4.03
N ALA DA 107 36.64 -69.79 5.10
CA ALA DA 107 35.38 -70.13 5.75
C ALA DA 107 34.19 -70.04 4.78
N GLN DA 108 34.22 -69.03 3.92
CA GLN DA 108 33.15 -68.83 2.94
C GLN DA 108 33.10 -69.96 1.91
N LEU DA 109 34.25 -70.28 1.34
CA LEU DA 109 34.35 -71.39 0.40
C LEU DA 109 33.86 -72.68 1.04
N VAL DA 110 34.27 -72.89 2.28
CA VAL DA 110 33.84 -74.06 3.04
C VAL DA 110 32.33 -74.10 3.17
N GLN DA 111 31.72 -72.98 3.56
CA GLN DA 111 30.27 -72.90 3.72
C GLN DA 111 29.54 -73.20 2.41
N ARG DA 112 29.99 -72.59 1.32
CA ARG DA 112 29.37 -72.78 0.01
C ARG DA 112 29.45 -74.23 -0.47
N VAL DA 113 30.67 -74.80 -0.42
CA VAL DA 113 30.85 -76.20 -0.78
C VAL DA 113 30.00 -77.10 0.10
N ALA DA 114 29.87 -76.72 1.37
CA ALA DA 114 29.04 -77.46 2.31
C ALA DA 114 27.59 -77.43 1.89
N SER DA 115 27.14 -76.30 1.36
CA SER DA 115 25.77 -76.18 0.86
C SER DA 115 25.57 -77.10 -0.34
N VAL DA 116 26.57 -77.10 -1.23
CA VAL DA 116 26.55 -78.01 -2.38
C VAL DA 116 26.43 -79.47 -1.95
N MET DA 117 27.20 -79.86 -0.94
CA MET DA 117 27.15 -81.22 -0.42
C MET DA 117 25.81 -81.51 0.26
N GLN DA 118 25.23 -80.47 0.86
CA GLN DA 118 23.97 -80.60 1.56
C GLN DA 118 22.85 -80.89 0.57
N GLU DA 119 22.93 -80.26 -0.60
CA GLU DA 119 21.92 -80.47 -1.65
C GLU DA 119 21.71 -81.95 -1.95
N TYR DA 120 22.80 -82.70 -2.04
CA TYR DA 120 22.73 -84.10 -2.44
C TYR DA 120 22.23 -85.04 -1.33
N THR DA 121 21.75 -84.46 -0.24
CA THR DA 121 21.16 -85.26 0.83
C THR DA 121 19.65 -85.02 0.88
N GLN DA 122 19.16 -84.20 -0.06
CA GLN DA 122 17.76 -83.82 -0.07
C GLN DA 122 17.18 -83.75 -1.49
N SER DA 123 18.00 -83.33 -2.45
CA SER DA 123 17.56 -83.23 -3.84
C SER DA 123 17.19 -84.60 -4.40
N GLY DA 124 16.38 -84.59 -5.46
CA GLY DA 124 15.81 -85.81 -5.99
C GLY DA 124 16.76 -86.67 -6.81
N GLY DA 125 16.59 -87.99 -6.67
CA GLY DA 125 17.27 -88.95 -7.53
C GLY DA 125 18.78 -89.02 -7.40
N VAL DA 126 19.31 -88.55 -6.27
CA VAL DA 126 20.74 -88.57 -6.05
C VAL DA 126 21.12 -89.05 -4.66
N ARG DA 127 22.31 -89.66 -4.57
CA ARG DA 127 22.88 -90.08 -3.30
C ARG DA 127 23.82 -88.99 -2.81
N PRO DA 128 24.08 -88.95 -1.49
CA PRO DA 128 25.08 -88.00 -0.98
C PRO DA 128 26.48 -88.34 -1.47
N PHE DA 129 27.44 -87.44 -1.27
CA PHE DA 129 28.82 -87.70 -1.63
C PHE DA 129 29.48 -88.64 -0.63
N GLY DA 130 30.22 -89.61 -1.13
CA GLY DA 130 30.99 -90.49 -0.27
C GLY DA 130 32.37 -89.91 0.00
N VAL DA 131 32.39 -88.67 0.50
CA VAL DA 131 33.63 -87.92 0.63
C VAL DA 131 33.62 -86.94 1.81
N SER DA 132 34.68 -86.97 2.61
CA SER DA 132 34.93 -85.91 3.57
C SER DA 132 36.11 -85.06 3.07
N LEU DA 133 35.97 -83.75 3.21
CA LEU DA 133 36.97 -82.83 2.70
C LEU DA 133 37.74 -82.12 3.80
N LEU DA 134 39.05 -82.05 3.65
CA LEU DA 134 39.89 -81.17 4.45
C LEU DA 134 40.35 -80.00 3.60
N ILE DA 135 39.99 -78.80 4.04
CA ILE DA 135 40.21 -77.58 3.29
C ILE DA 135 41.13 -76.65 4.07
N CYS DA 136 42.27 -76.31 3.49
CA CYS DA 136 43.20 -75.41 4.16
C CYS DA 136 43.20 -74.06 3.45
N GLY DA 137 43.51 -73.00 4.19
CA GLY DA 137 43.54 -71.68 3.60
C GLY DA 137 44.30 -70.63 4.39
N TRP DA 138 44.65 -69.54 3.72
CA TRP DA 138 45.31 -68.40 4.36
C TRP DA 138 44.60 -67.11 4.03
N ASN DA 139 43.77 -66.62 4.95
CA ASN DA 139 42.98 -65.42 4.74
C ASN DA 139 43.09 -64.47 5.93
N GLU DA 140 43.29 -63.18 5.63
CA GLU DA 140 43.36 -62.14 6.66
C GLU DA 140 44.45 -62.38 7.71
N GLY DA 141 45.60 -62.89 7.26
CA GLY DA 141 46.73 -63.13 8.15
C GLY DA 141 46.71 -64.48 8.85
N ARG DA 142 45.55 -64.85 9.38
CA ARG DA 142 45.41 -66.11 10.10
C ARG DA 142 45.30 -67.31 9.16
N PRO DA 143 45.78 -68.48 9.59
CA PRO DA 143 45.62 -69.74 8.85
C PRO DA 143 44.34 -70.46 9.23
N TYR DA 144 43.81 -71.27 8.32
CA TYR DA 144 42.52 -71.94 8.53
C TYR DA 144 42.51 -73.39 8.07
N LEU DA 145 41.92 -74.24 8.89
CA LEU DA 145 41.72 -75.65 8.55
C LEU DA 145 40.27 -76.04 8.82
N PHE DA 146 39.61 -76.56 7.79
CA PHE DA 146 38.21 -76.95 7.88
C PHE DA 146 37.97 -78.37 7.42
N GLN DA 147 36.90 -78.97 7.92
CA GLN DA 147 36.47 -80.28 7.45
C GLN DA 147 35.00 -80.23 7.10
N SER DA 148 34.63 -80.88 5.99
CA SER DA 148 33.22 -80.98 5.62
C SER DA 148 32.84 -82.42 5.31
N ASP DA 149 31.81 -82.92 6.00
CA ASP DA 149 31.38 -84.30 5.82
C ASP DA 149 30.12 -84.36 4.94
N PRO DA 150 29.84 -85.54 4.33
CA PRO DA 150 28.71 -85.76 3.42
C PRO DA 150 27.37 -85.12 3.80
N SER DA 151 27.10 -84.91 5.08
CA SER DA 151 25.85 -84.31 5.50
C SER DA 151 25.79 -82.84 5.11
N GLY DA 152 26.93 -82.26 4.80
CA GLY DA 152 27.01 -80.85 4.48
C GLY DA 152 27.41 -80.03 5.68
N ALA DA 153 27.70 -80.71 6.79
CA ALA DA 153 28.15 -80.05 8.00
C ALA DA 153 29.65 -79.77 7.90
N TYR DA 154 30.10 -78.71 8.58
CA TYR DA 154 31.51 -78.34 8.54
C TYR DA 154 32.02 -77.90 9.91
N PHE DA 155 33.29 -78.22 10.18
CA PHE DA 155 33.90 -77.88 11.46
C PHE DA 155 35.28 -77.27 11.26
N ALA DA 156 35.67 -76.38 12.16
CA ALA DA 156 37.01 -75.81 12.14
C ALA DA 156 37.95 -76.63 13.01
N TRP DA 157 39.10 -77.00 12.47
CA TRP DA 157 40.05 -77.84 13.19
C TRP DA 157 41.41 -77.18 13.42
N LYS DA 158 41.97 -77.39 14.60
CA LYS DA 158 43.36 -77.05 14.86
C LYS DA 158 44.23 -78.11 14.22
N ALA DA 159 43.80 -79.36 14.38
CA ALA DA 159 44.41 -80.50 13.72
C ALA DA 159 43.44 -81.67 13.76
N THR DA 160 43.48 -82.52 12.75
CA THR DA 160 42.60 -83.70 12.70
C THR DA 160 43.02 -84.71 11.65
N ALA DA 161 42.32 -85.82 11.65
CA ALA DA 161 42.59 -86.88 10.73
C ALA DA 161 41.30 -87.49 10.25
N MET DA 162 41.35 -88.15 9.10
CA MET DA 162 40.19 -88.81 8.56
C MET DA 162 40.61 -90.10 7.90
N GLY DA 163 39.64 -90.87 7.47
CA GLY DA 163 39.95 -92.07 6.75
C GLY DA 163 40.08 -93.27 7.65
N LYS DA 164 40.84 -94.23 7.19
CA LYS DA 164 41.18 -95.38 8.02
C LYS DA 164 41.96 -94.97 9.26
N ASN DA 165 41.61 -95.57 10.40
CA ASN DA 165 42.27 -95.28 11.67
C ASN DA 165 42.27 -93.81 12.05
N TYR DA 166 41.16 -93.13 11.75
CA TYR DA 166 41.07 -91.70 12.04
C TYR DA 166 40.97 -91.43 13.53
N VAL DA 167 40.53 -92.44 14.29
CA VAL DA 167 40.44 -92.33 15.73
C VAL DA 167 41.82 -92.37 16.38
N ASN DA 168 42.62 -93.37 16.01
CA ASN DA 168 43.99 -93.49 16.49
C ASN DA 168 44.83 -92.28 16.08
N GLY DA 169 44.60 -91.80 14.87
CA GLY DA 169 45.28 -90.61 14.38
C GLY DA 169 44.85 -89.36 15.12
N LYS DA 170 43.56 -89.32 15.51
CA LYS DA 170 43.03 -88.18 16.24
C LYS DA 170 43.60 -88.12 17.64
N THR DA 171 43.71 -89.27 18.30
CA THR DA 171 44.32 -89.33 19.62
C THR DA 171 45.82 -89.03 19.54
N PHE DA 172 46.46 -89.53 18.49
CA PHE DA 172 47.87 -89.28 18.24
C PHE DA 172 48.15 -87.79 18.13
N LEU DA 173 47.39 -87.11 17.28
CA LEU DA 173 47.53 -85.67 17.11
C LEU DA 173 47.18 -84.93 18.40
N GLU DA 174 46.19 -85.46 19.13
CA GLU DA 174 45.75 -84.87 20.39
C GLU DA 174 46.87 -84.90 21.42
N LYS DA 175 47.71 -85.93 21.34
CA LYS DA 175 48.83 -86.08 22.27
C LYS DA 175 50.12 -85.47 21.71
N ARG DA 176 50.65 -86.09 20.66
CA ARG DA 176 51.97 -85.74 20.14
C ARG DA 176 52.00 -84.51 19.24
N TYR DA 177 51.17 -83.51 19.54
CA TYR DA 177 51.14 -82.28 18.77
C TYR DA 177 50.37 -81.17 19.48
N ASN DA 178 50.76 -79.92 19.25
CA ASN DA 178 50.08 -78.78 19.83
C ASN DA 178 50.39 -77.47 19.10
N GLU DA 179 49.90 -76.36 19.64
CA GLU DA 179 50.02 -75.06 18.98
C GLU DA 179 51.45 -74.53 18.99
N ASP DA 180 51.61 -73.31 18.50
CA ASP DA 180 52.92 -72.63 18.44
C ASP DA 180 53.95 -73.33 17.56
N LEU DA 181 53.54 -74.39 16.88
CA LEU DA 181 54.43 -75.11 15.97
C LEU DA 181 54.67 -74.30 14.71
N GLU DA 182 55.83 -74.50 14.09
CA GLU DA 182 56.13 -73.90 12.81
C GLU DA 182 55.66 -74.83 11.69
N LEU DA 183 55.66 -74.33 10.46
CA LEU DA 183 55.21 -75.13 9.32
C LEU DA 183 56.01 -76.42 9.18
N GLU DA 184 57.33 -76.32 9.33
CA GLU DA 184 58.22 -77.47 9.26
C GLU DA 184 57.83 -78.54 10.28
N ASP DA 185 57.66 -78.11 11.52
CA ASP DA 185 57.29 -79.01 12.61
C ASP DA 185 55.96 -79.69 12.31
N ALA DA 186 55.01 -78.91 11.84
CA ALA DA 186 53.68 -79.41 11.50
C ALA DA 186 53.74 -80.47 10.40
N ILE DA 187 54.51 -80.20 9.35
CA ILE DA 187 54.71 -81.18 8.29
C ILE DA 187 55.29 -82.46 8.87
N HIS DA 188 56.27 -82.29 9.76
CA HIS DA 188 56.92 -83.42 10.41
C HIS DA 188 55.90 -84.30 11.16
N THR DA 189 55.13 -83.70 12.05
CA THR DA 189 54.14 -84.47 12.81
C THR DA 189 52.98 -84.95 11.94
N ALA DA 190 52.83 -84.37 10.75
CA ALA DA 190 51.79 -84.79 9.82
C ALA DA 190 52.21 -86.08 9.11
N ILE DA 191 53.46 -86.10 8.62
CA ILE DA 191 53.99 -87.32 8.02
C ILE DA 191 54.12 -88.39 9.10
N LEU DA 192 54.37 -87.96 10.33
CA LEU DA 192 54.48 -88.87 11.46
C LEU DA 192 53.13 -89.52 11.79
N THR DA 193 52.08 -88.71 11.84
CA THR DA 193 50.75 -89.25 12.13
C THR DA 193 50.22 -90.04 10.94
N LEU DA 194 50.76 -89.78 9.76
CA LEU DA 194 50.42 -90.58 8.59
C LEU DA 194 51.15 -91.92 8.66
N LYS DA 195 52.32 -91.91 9.29
CA LYS DA 195 53.13 -93.13 9.42
C LYS DA 195 52.52 -94.10 10.42
N GLU DA 196 51.58 -93.62 11.23
CA GLU DA 196 50.93 -94.45 12.25
C GLU DA 196 49.92 -95.41 11.64
N SER DA 197 49.82 -95.41 10.31
CA SER DA 197 48.89 -96.28 9.61
C SER DA 197 49.47 -96.81 8.30
N PHE DA 198 50.38 -96.06 7.71
CA PHE DA 198 50.97 -96.43 6.41
C PHE DA 198 51.69 -97.77 6.48
N GLU DA 199 50.94 -98.85 6.24
CA GLU DA 199 51.49 -100.19 6.25
C GLU DA 199 52.40 -100.42 5.03
N GLY DA 200 53.70 -100.18 5.22
CA GLY DA 200 54.66 -100.37 4.16
C GLY DA 200 55.78 -99.34 4.22
N GLN DA 201 56.78 -99.50 3.35
CA GLN DA 201 57.88 -98.56 3.27
C GLN DA 201 57.39 -97.24 2.69
N MET DA 202 57.08 -96.29 3.58
CA MET DA 202 56.54 -94.99 3.17
C MET DA 202 57.56 -94.16 2.40
N THR DA 203 57.44 -94.17 1.08
CA THR DA 203 58.36 -93.42 0.23
C THR DA 203 57.88 -92.00 0.01
N GLU DA 204 58.48 -91.32 -0.96
CA GLU DA 204 58.08 -89.96 -1.31
C GLU DA 204 56.95 -89.99 -2.33
N ASP DA 205 56.66 -91.19 -2.84
CA ASP DA 205 55.60 -91.36 -3.83
C ASP DA 205 54.38 -92.04 -3.22
N ASN DA 206 54.53 -92.52 -1.98
CA ASN DA 206 53.44 -93.19 -1.28
C ASN DA 206 52.50 -92.21 -0.60
N ILE DA 207 53.00 -91.01 -0.32
CA ILE DA 207 52.22 -89.97 0.33
C ILE DA 207 52.29 -88.65 -0.42
N GLU DA 208 51.32 -87.79 -0.19
CA GLU DA 208 51.27 -86.49 -0.85
C GLU DA 208 51.00 -85.41 0.18
N VAL DA 209 51.80 -84.35 0.14
CA VAL DA 209 51.67 -83.28 1.10
C VAL DA 209 51.54 -81.94 0.38
N GLY DA 210 50.63 -81.10 0.88
CA GLY DA 210 50.49 -79.75 0.40
C GLY DA 210 50.56 -78.80 1.58
N ILE DA 211 51.15 -77.64 1.38
CA ILE DA 211 51.26 -76.63 2.43
C ILE DA 211 50.55 -75.35 2.04
N CYS DA 212 50.15 -74.59 3.04
CA CYS DA 212 49.46 -73.32 2.83
C CYS DA 212 49.86 -72.30 3.88
N ASN DA 213 50.87 -71.50 3.56
CA ASN DA 213 51.27 -70.40 4.42
C ASN DA 213 50.65 -69.10 3.94
N GLU DA 214 51.15 -67.97 4.45
CA GLU DA 214 50.64 -66.67 4.04
C GLU DA 214 51.29 -66.21 2.75
N ALA DA 215 51.92 -67.15 2.04
CA ALA DA 215 52.54 -66.88 0.76
C ALA DA 215 51.81 -67.68 -0.33
N GLY DA 216 50.71 -68.32 0.05
CA GLY DA 216 49.91 -69.08 -0.90
C GLY DA 216 49.90 -70.56 -0.59
N PHE DA 217 49.10 -71.31 -1.35
CA PHE DA 217 49.03 -72.76 -1.22
C PHE DA 217 49.78 -73.43 -2.35
N ARG DA 218 50.45 -74.53 -2.04
CA ARG DA 218 51.11 -75.32 -3.08
C ARG DA 218 51.34 -76.76 -2.65
N ARG DA 219 51.60 -77.63 -3.62
CA ARG DA 219 51.86 -79.03 -3.34
C ARG DA 219 53.36 -79.23 -3.22
N LEU DA 220 53.80 -79.93 -2.18
CA LEU DA 220 55.22 -80.18 -1.97
C LEU DA 220 55.77 -81.12 -3.04
N THR DA 221 56.95 -80.78 -3.55
CA THR DA 221 57.61 -81.61 -4.57
C THR DA 221 58.02 -82.93 -3.94
N PRO DA 222 58.11 -83.99 -4.76
CA PRO DA 222 58.58 -85.29 -4.27
C PRO DA 222 59.96 -85.20 -3.60
N THR DA 223 60.76 -84.24 -4.04
CA THR DA 223 62.09 -84.03 -3.47
C THR DA 223 62.01 -83.53 -2.03
N GLU DA 224 61.17 -82.52 -1.81
CA GLU DA 224 60.97 -81.97 -0.47
C GLU DA 224 60.39 -83.03 0.46
N VAL DA 225 59.51 -83.86 -0.09
CA VAL DA 225 58.93 -84.98 0.64
C VAL DA 225 60.01 -85.99 1.00
N LYS DA 226 60.97 -86.18 0.09
CA LYS DA 226 62.09 -87.08 0.35
C LYS DA 226 62.97 -86.54 1.48
N ASP DA 227 63.19 -85.23 1.47
CA ASP DA 227 63.97 -84.58 2.53
C ASP DA 227 63.27 -84.72 3.87
N TYR DA 228 61.96 -84.55 3.87
CA TYR DA 228 61.19 -84.71 5.11
C TYR DA 228 61.09 -86.17 5.55
N LEU DA 229 60.94 -87.07 4.59
CA LEU DA 229 60.77 -88.49 4.89
C LEU DA 229 62.09 -89.19 5.26
N ALA DA 230 63.14 -88.40 5.45
CA ALA DA 230 64.40 -88.91 5.94
C ALA DA 230 64.41 -88.88 7.46
N ALA DA 231 63.20 -88.87 8.03
CA ALA DA 231 63.00 -88.78 9.49
C ALA DA 231 63.66 -87.55 10.10
N ILE DA 232 63.92 -86.53 9.27
CA ILE DA 232 64.55 -85.30 9.72
C ILE DA 232 64.37 -84.20 8.68
N ALA DA 233 65.28 -83.21 8.70
CA ALA DA 233 65.27 -82.09 7.76
C ALA DA 233 63.95 -81.30 7.75
N SER EA 1 10.97 -96.71 -11.00
CA SER EA 1 10.78 -95.29 -10.71
C SER EA 1 9.74 -95.09 -9.61
N ARG EA 2 8.60 -95.75 -9.76
CA ARG EA 2 7.54 -95.69 -8.77
C ARG EA 2 7.91 -96.57 -7.58
N ARG EA 3 8.82 -97.50 -7.84
CA ARG EA 3 9.24 -98.48 -6.85
C ARG EA 3 10.20 -97.86 -5.85
N TYR EA 4 11.09 -97.00 -6.34
CA TYR EA 4 12.12 -96.41 -5.51
C TYR EA 4 11.64 -95.22 -4.70
N ASP EA 5 10.47 -94.69 -5.06
CA ASP EA 5 9.90 -93.54 -4.35
C ASP EA 5 9.51 -93.94 -2.93
N SER EA 6 9.99 -93.17 -1.96
CA SER EA 6 9.73 -93.46 -0.56
C SER EA 6 8.47 -92.77 -0.06
N ARG EA 7 7.82 -92.01 -0.94
CA ARG EA 7 6.57 -91.32 -0.64
C ARG EA 7 6.68 -90.44 0.63
N THR EA 8 7.49 -89.39 0.55
CA THR EA 8 7.79 -88.59 1.74
C THR EA 8 6.68 -87.64 2.16
N THR EA 9 5.81 -87.28 1.23
CA THR EA 9 4.72 -86.34 1.53
C THR EA 9 3.36 -87.03 1.46
N ILE EA 10 3.20 -88.09 2.25
CA ILE EA 10 2.00 -88.90 2.21
C ILE EA 10 1.45 -89.17 3.61
N PHE EA 11 0.12 -89.08 3.75
CA PHE EA 11 -0.53 -89.37 5.03
C PHE EA 11 -0.41 -90.84 5.42
N SER EA 12 -0.14 -91.08 6.71
CA SER EA 12 -0.19 -92.42 7.26
C SER EA 12 -1.66 -92.72 7.60
N PRO EA 13 -2.03 -94.01 7.61
CA PRO EA 13 -3.42 -94.43 7.91
C PRO EA 13 -4.03 -93.78 9.15
N GLU EA 14 -3.21 -93.44 10.14
CA GLU EA 14 -3.71 -92.80 11.35
C GLU EA 14 -3.97 -91.32 11.11
N GLY EA 15 -3.51 -90.81 9.98
CA GLY EA 15 -3.68 -89.40 9.65
C GLY EA 15 -2.52 -88.57 10.13
N ARG EA 16 -1.30 -89.02 9.82
CA ARG EA 16 -0.10 -88.33 10.26
C ARG EA 16 1.03 -88.49 9.25
N LEU EA 17 1.99 -87.57 9.31
CA LEU EA 17 3.10 -87.58 8.37
C LEU EA 17 4.34 -88.19 9.02
N TYR EA 18 4.73 -89.38 8.57
CA TYR EA 18 5.79 -90.15 9.22
C TYR EA 18 7.17 -89.50 9.18
N GLN EA 19 7.52 -88.92 8.03
CA GLN EA 19 8.84 -88.29 7.89
C GLN EA 19 9.01 -87.13 8.85
N VAL EA 20 7.93 -86.41 9.12
CA VAL EA 20 7.95 -85.31 10.07
C VAL EA 20 8.27 -85.83 11.48
N GLU EA 21 7.56 -86.87 11.89
CA GLU EA 21 7.75 -87.46 13.22
C GLU EA 21 9.16 -88.03 13.37
N TYR EA 22 9.65 -88.67 12.31
CA TYR EA 22 10.99 -89.22 12.33
C TYR EA 22 12.01 -88.10 12.43
N ALA EA 23 11.72 -86.97 11.78
CA ALA EA 23 12.57 -85.80 11.87
C ALA EA 23 12.58 -85.26 13.31
N MET EA 24 11.42 -85.33 13.96
CA MET EA 24 11.33 -84.95 15.36
C MET EA 24 12.22 -85.87 16.20
N GLU EA 25 12.22 -87.15 15.87
CA GLU EA 25 13.09 -88.11 16.54
C GLU EA 25 14.56 -87.77 16.32
N ALA EA 26 14.86 -87.24 15.14
CA ALA EA 26 16.22 -86.79 14.85
C ALA EA 26 16.58 -85.61 15.76
N ILE EA 27 15.63 -84.69 15.91
CA ILE EA 27 15.84 -83.49 16.73
C ILE EA 27 16.03 -83.86 18.20
N GLY EA 28 15.34 -84.91 18.65
CA GLY EA 28 15.45 -85.36 20.03
C GLY EA 28 16.83 -85.82 20.42
N HIS EA 29 17.68 -86.10 19.44
CA HIS EA 29 19.03 -86.57 19.69
C HIS EA 29 20.06 -85.44 19.60
N ALA EA 30 19.59 -84.28 19.17
CA ALA EA 30 20.47 -83.12 19.01
C ALA EA 30 20.67 -82.39 20.33
N GLY EA 31 21.68 -81.52 20.35
CA GLY EA 31 22.03 -80.78 21.55
C GLY EA 31 20.89 -79.99 22.14
N THR EA 32 20.77 -80.02 23.46
CA THR EA 32 19.72 -79.30 24.17
C THR EA 32 19.83 -77.80 23.90
N CYS EA 33 18.70 -77.17 23.63
CA CYS EA 33 18.67 -75.75 23.32
C CYS EA 33 17.38 -75.13 23.83
N LEU EA 34 17.51 -74.15 24.72
CA LEU EA 34 16.35 -73.49 25.30
C LEU EA 34 16.42 -71.99 25.17
N GLY EA 35 15.31 -71.33 25.45
CA GLY EA 35 15.22 -69.88 25.40
C GLY EA 35 14.21 -69.37 26.40
N ILE EA 36 14.52 -68.23 27.01
CA ILE EA 36 13.63 -67.64 28.01
C ILE EA 36 13.40 -66.15 27.75
N LEU EA 37 12.16 -65.71 27.96
CA LEU EA 37 11.77 -64.33 27.73
C LEU EA 37 11.68 -63.57 29.04
N ALA EA 38 12.26 -62.38 29.08
CA ALA EA 38 12.23 -61.55 30.27
C ALA EA 38 11.60 -60.19 29.99
N ASN EA 39 11.65 -59.30 30.97
CA ASN EA 39 11.08 -57.97 30.84
C ASN EA 39 12.06 -56.97 30.21
N ASP EA 40 13.34 -57.21 30.41
CA ASP EA 40 14.38 -56.29 29.92
C ASP EA 40 15.22 -56.93 28.81
N GLY EA 41 14.79 -58.09 28.34
CA GLY EA 41 15.51 -58.78 27.29
C GLY EA 41 15.01 -60.19 27.05
N VAL EA 42 15.75 -60.96 26.27
CA VAL EA 42 15.40 -62.35 25.99
C VAL EA 42 16.68 -63.12 25.70
N LEU EA 43 16.76 -64.39 26.10
CA LEU EA 43 18.00 -65.12 25.93
C LEU EA 43 17.88 -66.54 25.38
N LEU EA 44 18.93 -66.97 24.70
CA LEU EA 44 19.08 -68.34 24.22
C LEU EA 44 20.25 -69.01 24.94
N ALA EA 45 20.10 -70.30 25.21
CA ALA EA 45 21.16 -71.08 25.83
C ALA EA 45 21.13 -72.50 25.28
N ALA EA 46 22.23 -72.93 24.67
CA ALA EA 46 22.27 -74.23 24.02
C ALA EA 46 23.51 -75.06 24.39
N GLU EA 47 23.30 -76.37 24.48
CA GLU EA 47 24.40 -77.31 24.68
C GLU EA 47 25.24 -77.38 23.42
N ARG EA 48 26.55 -77.52 23.58
CA ARG EA 48 27.45 -77.61 22.44
C ARG EA 48 27.91 -79.04 22.19
N ARG EA 49 27.63 -79.55 21.01
CA ARG EA 49 28.04 -80.90 20.63
C ARG EA 49 29.41 -80.88 19.97
N ASN EA 50 29.76 -79.75 19.38
CA ASN EA 50 31.09 -79.56 18.84
C ASN EA 50 32.05 -79.20 19.96
N ILE EA 51 32.27 -80.14 20.87
CA ILE EA 51 33.16 -79.94 22.01
C ILE EA 51 34.27 -80.98 22.01
N HIS EA 52 35.36 -80.68 21.32
CA HIS EA 52 36.52 -81.54 21.26
C HIS EA 52 37.77 -80.69 21.45
N LYS EA 53 38.83 -81.30 21.96
CA LYS EA 53 40.04 -80.57 22.29
C LYS EA 53 40.72 -79.94 21.08
N LEU EA 54 40.55 -80.54 19.92
CA LEU EA 54 41.27 -80.13 18.73
C LEU EA 54 40.51 -79.14 17.84
N LEU EA 55 39.32 -78.73 18.25
CA LEU EA 55 38.53 -77.80 17.46
C LEU EA 55 39.13 -76.39 17.49
N ASP EA 56 38.95 -75.65 16.41
CA ASP EA 56 39.70 -74.41 16.21
C ASP EA 56 39.00 -73.14 16.71
N GLU EA 57 37.67 -73.18 16.78
CA GLU EA 57 36.89 -72.04 17.27
C GLU EA 57 37.19 -70.75 16.49
N VAL EA 58 36.65 -70.65 15.28
CA VAL EA 58 36.90 -69.47 14.44
C VAL EA 58 35.64 -68.64 14.22
N PHE EA 59 34.53 -69.06 14.81
CA PHE EA 59 33.28 -68.32 14.67
C PHE EA 59 32.82 -67.75 16.00
N PHE EA 60 31.94 -66.75 15.94
CA PHE EA 60 31.39 -66.12 17.13
C PHE EA 60 30.58 -67.12 17.94
N SER EA 61 30.07 -68.14 17.26
CA SER EA 61 29.17 -69.10 17.88
C SER EA 61 29.18 -70.45 17.17
N GLU EA 62 28.24 -71.31 17.54
CA GLU EA 62 28.15 -72.65 16.97
C GLU EA 62 26.71 -72.98 16.61
N LYS EA 63 25.78 -72.65 17.51
CA LYS EA 63 24.38 -72.94 17.30
C LYS EA 63 23.53 -71.68 17.40
N ILE EA 64 24.20 -70.52 17.51
CA ILE EA 64 23.49 -69.24 17.53
C ILE EA 64 23.77 -68.46 16.25
N TYR EA 65 22.71 -68.16 15.50
CA TYR EA 65 22.83 -67.40 14.25
C TYR EA 65 22.19 -66.02 14.39
N LYS EA 66 22.85 -65.02 13.84
CA LYS EA 66 22.23 -63.70 13.73
C LYS EA 66 21.45 -63.63 12.42
N LEU EA 67 20.20 -63.25 12.51
CA LEU EA 67 19.33 -63.20 11.34
C LEU EA 67 19.10 -61.77 10.88
N ASN EA 68 18.96 -60.88 11.84
CA ASN EA 68 18.55 -59.52 11.59
C ASN EA 68 19.12 -58.65 12.71
N GLU EA 69 19.26 -57.35 12.46
CA GLU EA 69 19.77 -56.45 13.49
C GLU EA 69 18.91 -56.42 14.74
N ASP EA 70 17.67 -56.91 14.64
CA ASP EA 70 16.77 -56.98 15.78
C ASP EA 70 16.40 -58.42 16.12
N MET EA 71 17.10 -59.38 15.51
CA MET EA 71 16.69 -60.78 15.64
C MET EA 71 17.82 -61.79 15.50
N ALA EA 72 17.77 -62.83 16.32
CA ALA EA 72 18.72 -63.94 16.23
C ALA EA 72 18.00 -65.24 16.51
N CYS EA 73 18.60 -66.36 16.11
CA CYS EA 73 17.97 -67.65 16.31
C CYS EA 73 18.95 -68.73 16.71
N SER EA 74 18.43 -69.79 17.30
CA SER EA 74 19.22 -70.97 17.65
C SER EA 74 18.58 -72.19 17.01
N VAL EA 75 19.36 -73.26 16.89
CA VAL EA 75 18.97 -74.38 16.04
C VAL EA 75 19.19 -75.74 16.73
N ALA EA 76 18.40 -76.74 16.32
CA ALA EA 76 18.55 -78.09 16.87
C ALA EA 76 18.16 -79.17 15.86
N GLY EA 77 19.13 -80.01 15.51
CA GLY EA 77 18.91 -81.08 14.56
C GLY EA 77 20.06 -81.21 13.57
N ILE EA 78 19.74 -81.49 12.31
CA ILE EA 78 20.75 -81.56 11.27
C ILE EA 78 21.30 -80.15 10.99
N THR EA 79 22.60 -79.98 11.19
CA THR EA 79 23.20 -78.65 11.12
C THR EA 79 23.24 -78.03 9.73
N SER EA 80 23.32 -78.88 8.71
CA SER EA 80 23.39 -78.38 7.33
C SER EA 80 22.03 -77.83 6.87
N ASP EA 81 20.97 -78.57 7.17
CA ASP EA 81 19.61 -78.12 6.92
C ASP EA 81 19.41 -76.80 7.65
N ALA EA 82 19.98 -76.72 8.85
CA ALA EA 82 19.95 -75.52 9.65
C ALA EA 82 20.62 -74.36 8.94
N ASN EA 83 21.75 -74.64 8.30
CA ASN EA 83 22.45 -73.63 7.52
C ASN EA 83 21.56 -73.11 6.39
N VAL EA 84 20.94 -74.03 5.65
CA VAL EA 84 20.02 -73.66 4.59
C VAL EA 84 18.91 -72.73 5.09
N LEU EA 85 18.22 -73.18 6.14
CA LEU EA 85 17.09 -72.44 6.69
C LEU EA 85 17.48 -71.07 7.24
N THR EA 86 18.65 -70.99 7.87
CA THR EA 86 19.12 -69.70 8.42
C THR EA 86 19.45 -68.73 7.30
N ASN EA 87 20.17 -69.21 6.29
CA ASN EA 87 20.49 -68.39 5.13
C ASN EA 87 19.21 -67.85 4.49
N GLU EA 88 18.24 -68.73 4.30
CA GLU EA 88 16.95 -68.35 3.75
C GLU EA 88 16.25 -67.31 4.63
N LEU EA 89 16.35 -67.47 5.94
CA LEU EA 89 15.78 -66.51 6.88
C LEU EA 89 16.37 -65.13 6.69
N ARG EA 90 17.69 -65.06 6.57
CA ARG EA 90 18.38 -63.80 6.31
C ARG EA 90 17.88 -63.18 5.01
N LEU EA 91 17.75 -64.02 3.99
CA LEU EA 91 17.20 -63.57 2.71
C LEU EA 91 15.83 -62.91 2.88
N ILE EA 92 14.90 -63.62 3.51
CA ILE EA 92 13.55 -63.10 3.76
C ILE EA 92 13.59 -61.77 4.48
N ALA EA 93 14.37 -61.69 5.56
CA ALA EA 93 14.50 -60.47 6.35
C ALA EA 93 14.94 -59.30 5.47
N GLN EA 94 15.96 -59.54 4.66
CA GLN EA 94 16.47 -58.49 3.78
C GLN EA 94 15.47 -58.09 2.69
N ARG EA 95 14.65 -59.04 2.25
CA ARG EA 95 13.61 -58.73 1.27
C ARG EA 95 12.57 -57.81 1.88
N TYR EA 96 12.08 -58.16 3.06
CA TYR EA 96 11.11 -57.34 3.76
C TYR EA 96 11.68 -55.94 3.97
N LEU EA 97 12.95 -55.88 4.37
CA LEU EA 97 13.61 -54.60 4.60
C LEU EA 97 13.67 -53.78 3.32
N LEU EA 98 14.05 -54.43 2.22
CA LEU EA 98 14.14 -53.77 0.92
C LEU EA 98 12.80 -53.21 0.49
N GLN EA 99 11.73 -53.91 0.86
CA GLN EA 99 10.40 -53.52 0.41
C GLN EA 99 9.75 -52.42 1.25
N TYR EA 100 9.70 -52.62 2.57
CA TYR EA 100 8.99 -51.69 3.44
C TYR EA 100 9.89 -50.67 4.13
N GLN EA 101 11.19 -50.84 3.99
CA GLN EA 101 12.18 -49.96 4.62
C GLN EA 101 12.01 -49.89 6.14
N GLU EA 102 11.79 -51.05 6.74
CA GLU EA 102 11.74 -51.20 8.19
C GLU EA 102 11.92 -52.68 8.52
N PRO EA 103 12.46 -53.00 9.70
CA PRO EA 103 12.79 -54.39 10.03
C PRO EA 103 11.56 -55.29 10.01
N ILE EA 104 11.74 -56.52 9.56
CA ILE EA 104 10.63 -57.46 9.54
C ILE EA 104 10.22 -57.88 10.94
N PRO EA 105 8.93 -57.75 11.25
CA PRO EA 105 8.39 -58.26 12.52
C PRO EA 105 8.71 -59.74 12.69
N CYS EA 106 9.07 -60.14 13.89
CA CYS EA 106 9.61 -61.47 14.15
C CYS EA 106 8.67 -62.59 13.69
N GLU EA 107 7.41 -62.48 14.09
CA GLU EA 107 6.42 -63.49 13.77
C GLU EA 107 6.28 -63.67 12.25
N GLN EA 108 6.40 -62.57 11.51
CA GLN EA 108 6.30 -62.62 10.06
C GLN EA 108 7.45 -63.42 9.45
N LEU EA 109 8.65 -63.24 9.99
CA LEU EA 109 9.81 -63.99 9.53
C LEU EA 109 9.62 -65.47 9.82
N VAL EA 110 9.18 -65.77 11.04
CA VAL EA 110 8.95 -67.15 11.44
C VAL EA 110 7.93 -67.83 10.52
N THR EA 111 6.78 -67.20 10.35
CA THR EA 111 5.74 -67.72 9.46
C THR EA 111 6.27 -67.89 8.04
N ALA EA 112 7.11 -66.96 7.61
CA ALA EA 112 7.71 -67.02 6.28
C ALA EA 112 8.54 -68.27 6.08
N LEU EA 113 9.34 -68.64 7.08
CA LEU EA 113 10.13 -69.87 6.97
C LEU EA 113 9.23 -71.11 7.08
N CYS EA 114 8.27 -71.04 8.00
CA CYS EA 114 7.38 -72.15 8.27
C CYS EA 114 6.52 -72.52 7.06
N ASP EA 115 6.19 -71.53 6.24
CA ASP EA 115 5.45 -71.79 5.01
C ASP EA 115 6.28 -72.65 4.06
N ILE EA 116 7.58 -72.39 4.02
CA ILE EA 116 8.50 -73.17 3.21
C ILE EA 116 8.60 -74.60 3.74
N LYS EA 117 8.78 -74.74 5.05
CA LYS EA 117 8.84 -76.08 5.64
C LYS EA 117 7.57 -76.89 5.39
N GLN EA 118 6.41 -76.25 5.62
CA GLN EA 118 5.12 -76.88 5.37
C GLN EA 118 5.02 -77.30 3.91
N ALA EA 119 5.47 -76.42 3.02
CA ALA EA 119 5.49 -76.72 1.59
C ALA EA 119 6.31 -77.98 1.34
N TYR EA 120 7.40 -78.15 2.10
CA TYR EA 120 8.19 -79.38 1.99
C TYR EA 120 7.47 -80.60 2.56
N THR EA 121 6.50 -80.37 3.45
CA THR EA 121 5.72 -81.48 3.98
C THR EA 121 4.53 -81.88 3.10
N GLN EA 122 4.05 -80.96 2.28
CA GLN EA 122 2.83 -81.22 1.51
C GLN EA 122 3.06 -81.71 0.08
N PHE EA 123 4.08 -81.20 -0.60
CA PHE EA 123 4.38 -81.63 -1.96
C PHE EA 123 5.88 -81.64 -2.25
N GLY EA 124 6.23 -82.18 -3.41
CA GLY EA 124 7.61 -82.19 -3.87
C GLY EA 124 8.28 -83.54 -3.78
N GLY EA 125 7.81 -84.37 -2.84
CA GLY EA 125 8.37 -85.70 -2.65
C GLY EA 125 9.78 -85.66 -2.08
N LYS EA 126 10.11 -84.57 -1.39
CA LYS EA 126 11.42 -84.42 -0.77
C LYS EA 126 11.32 -84.70 0.73
N ARG EA 127 12.45 -85.06 1.34
CA ARG EA 127 12.49 -85.20 2.79
C ARG EA 127 12.38 -83.82 3.42
N PRO EA 128 11.74 -83.72 4.58
CA PRO EA 128 11.64 -82.42 5.27
C PRO EA 128 12.96 -82.05 5.93
N PHE EA 129 13.05 -80.84 6.44
CA PHE EA 129 14.27 -80.39 7.12
C PHE EA 129 14.25 -80.84 8.57
N GLY EA 130 15.24 -81.65 8.95
CA GLY EA 130 15.34 -82.15 10.31
C GLY EA 130 15.87 -81.08 11.26
N VAL EA 131 15.12 -79.99 11.40
CA VAL EA 131 15.56 -78.85 12.19
C VAL EA 131 14.42 -78.22 12.98
N SER EA 132 14.64 -77.99 14.27
CA SER EA 132 13.77 -77.15 15.06
C SER EA 132 14.51 -75.85 15.36
N LEU EA 133 13.78 -74.73 15.41
CA LEU EA 133 14.42 -73.45 15.64
C LEU EA 133 13.79 -72.65 16.78
N LEU EA 134 14.62 -71.90 17.49
CA LEU EA 134 14.15 -70.97 18.50
C LEU EA 134 14.50 -69.56 18.06
N TYR EA 135 13.52 -68.66 18.04
CA TYR EA 135 13.74 -67.31 17.56
C TYR EA 135 13.64 -66.31 18.71
N ILE EA 136 14.63 -65.45 18.85
CA ILE EA 136 14.53 -64.34 19.80
C ILE EA 136 14.67 -63.03 19.06
N GLY EA 137 13.89 -62.04 19.45
CA GLY EA 137 14.00 -60.74 18.80
C GLY EA 137 13.20 -59.62 19.41
N TRP EA 138 13.36 -58.42 18.85
CA TRP EA 138 12.56 -57.28 19.27
C TRP EA 138 11.94 -56.59 18.06
N ASP EA 139 10.68 -56.18 18.20
CA ASP EA 139 10.07 -55.32 17.19
C ASP EA 139 9.13 -54.29 17.81
N LYS EA 140 8.71 -53.31 17.01
CA LYS EA 140 7.93 -52.20 17.52
C LYS EA 140 6.46 -52.56 17.75
N HIS EA 141 6.11 -53.81 17.46
CA HIS EA 141 4.72 -54.25 17.58
C HIS EA 141 4.49 -55.06 18.85
N TYR EA 142 5.40 -55.97 19.15
CA TYR EA 142 5.24 -56.86 20.29
C TYR EA 142 6.47 -56.92 21.19
N GLY EA 143 7.40 -55.98 20.98
CA GLY EA 143 8.59 -55.89 21.81
C GLY EA 143 9.48 -57.11 21.74
N PHE EA 144 9.87 -57.61 22.91
CA PHE EA 144 10.69 -58.81 23.02
C PHE EA 144 9.87 -60.06 22.78
N GLN EA 145 10.42 -61.00 22.01
CA GLN EA 145 9.68 -62.16 21.55
C GLN EA 145 10.53 -63.41 21.42
N LEU EA 146 9.92 -64.53 21.80
CA LEU EA 146 10.51 -65.86 21.65
C LEU EA 146 9.55 -66.76 20.87
N TYR EA 147 10.10 -67.50 19.91
CA TYR EA 147 9.30 -68.38 19.07
C TYR EA 147 9.98 -69.74 18.93
N GLN EA 148 9.19 -70.73 18.53
CA GLN EA 148 9.70 -72.07 18.28
C GLN EA 148 9.04 -72.61 17.01
N SER EA 149 9.83 -73.25 16.17
CA SER EA 149 9.31 -73.85 14.94
C SER EA 149 9.82 -75.27 14.75
N ASP EA 150 8.91 -76.17 14.38
CA ASP EA 150 9.21 -77.58 14.18
C ASP EA 150 9.20 -77.89 12.68
N PRO EA 151 9.83 -79.00 12.28
CA PRO EA 151 9.90 -79.39 10.85
C PRO EA 151 8.53 -79.56 10.19
N SER EA 152 7.47 -79.66 10.97
CA SER EA 152 6.13 -79.79 10.44
C SER EA 152 5.66 -78.50 9.78
N GLY EA 153 6.43 -77.44 9.97
CA GLY EA 153 6.05 -76.13 9.48
C GLY EA 153 5.18 -75.42 10.50
N ASN EA 154 5.03 -76.04 11.67
CA ASN EA 154 4.24 -75.47 12.74
C ASN EA 154 5.11 -74.63 13.66
N TYR EA 155 4.54 -73.54 14.19
CA TYR EA 155 5.29 -72.66 15.07
C TYR EA 155 4.43 -72.13 16.20
N GLY EA 156 5.08 -71.54 17.21
CA GLY EA 156 4.37 -70.93 18.31
C GLY EA 156 5.21 -69.94 19.09
N GLY EA 157 4.56 -68.99 19.75
CA GLY EA 157 5.24 -68.00 20.57
C GLY EA 157 5.26 -68.41 22.03
N TRP EA 158 6.46 -68.41 22.62
CA TRP EA 158 6.61 -68.88 24.00
C TRP EA 158 7.19 -67.79 24.91
N LYS EA 159 6.94 -67.94 26.21
CA LYS EA 159 7.54 -67.08 27.21
C LYS EA 159 8.82 -67.74 27.71
N ALA EA 160 8.89 -69.05 27.54
CA ALA EA 160 10.07 -69.85 27.85
C ALA EA 160 9.84 -71.25 27.32
N THR EA 161 10.83 -71.80 26.63
CA THR EA 161 10.70 -73.16 26.11
C THR EA 161 12.05 -73.79 25.79
N CYS EA 162 12.03 -75.08 25.51
CA CYS EA 162 13.27 -75.80 25.23
C CYS EA 162 13.09 -76.75 24.06
N ILE EA 163 14.19 -77.07 23.41
CA ILE EA 163 14.18 -77.94 22.24
C ILE EA 163 15.51 -78.69 22.13
N GLY EA 164 15.42 -79.99 21.85
CA GLY EA 164 16.61 -80.82 21.75
C GLY EA 164 16.55 -82.01 22.68
N ASN EA 165 17.71 -82.52 23.08
CA ASN EA 165 17.78 -83.66 23.98
C ASN EA 165 17.27 -83.31 25.37
N ASN EA 166 16.54 -84.25 25.98
CA ASN EA 166 15.94 -84.05 27.30
C ASN EA 166 15.06 -82.80 27.37
N SER EA 167 14.34 -82.54 26.28
CA SER EA 167 13.53 -81.33 26.17
C SER EA 167 12.34 -81.33 27.11
N ALA EA 168 11.74 -82.51 27.32
CA ALA EA 168 10.53 -82.62 28.15
C ALA EA 168 10.77 -82.19 29.59
N ALA EA 169 11.74 -82.85 30.23
CA ALA EA 169 12.11 -82.54 31.61
C ALA EA 169 12.48 -81.07 31.74
N ALA EA 170 13.15 -80.54 30.73
CA ALA EA 170 13.53 -79.14 30.71
C ALA EA 170 12.30 -78.24 30.68
N VAL EA 171 11.27 -78.66 29.94
CA VAL EA 171 10.04 -77.90 29.84
C VAL EA 171 9.30 -77.88 31.17
N SER EA 172 9.17 -79.03 31.81
CA SER EA 172 8.50 -79.09 33.11
C SER EA 172 9.28 -78.29 34.16
N MET EA 173 10.61 -78.37 34.08
CA MET EA 173 11.49 -77.65 34.99
C MET EA 173 11.32 -76.15 34.80
N LEU EA 174 11.12 -75.73 33.55
CA LEU EA 174 10.84 -74.33 33.26
C LEU EA 174 9.48 -73.92 33.79
N LYS EA 175 8.50 -74.82 33.69
CA LYS EA 175 7.17 -74.60 34.23
C LYS EA 175 7.26 -74.32 35.72
N GLN EA 176 8.09 -75.09 36.41
CA GLN EA 176 8.28 -74.93 37.85
C GLN EA 176 8.79 -73.53 38.21
N ASP EA 177 9.89 -73.13 37.58
CA ASP EA 177 10.57 -71.88 37.93
C ASP EA 177 10.22 -70.70 37.03
N TYR EA 178 9.05 -70.77 36.40
CA TYR EA 178 8.58 -69.69 35.53
C TYR EA 178 8.15 -68.49 36.38
N LYS EA 179 7.93 -67.36 35.72
CA LYS EA 179 7.57 -66.13 36.42
C LYS EA 179 6.93 -65.09 35.49
N GLU EA 180 5.68 -65.34 35.12
CA GLU EA 180 4.98 -64.46 34.19
C GLU EA 180 4.92 -63.00 34.64
N GLY EA 181 5.72 -62.15 34.01
CA GLY EA 181 5.69 -60.73 34.27
C GLY EA 181 6.73 -60.26 35.28
N GLU EA 182 7.36 -61.21 35.97
CA GLU EA 182 8.32 -60.86 37.00
C GLU EA 182 9.72 -61.35 36.63
N MET EA 183 9.91 -61.68 35.36
CA MET EA 183 11.19 -62.19 34.88
C MET EA 183 12.15 -61.07 34.49
N THR EA 184 13.37 -61.15 35.01
CA THR EA 184 14.44 -60.26 34.58
C THR EA 184 15.47 -61.09 33.82
N LEU EA 185 16.38 -60.42 33.12
CA LEU EA 185 17.38 -61.13 32.34
C LEU EA 185 18.32 -61.94 33.23
N LYS EA 186 18.60 -61.41 34.42
CA LYS EA 186 19.50 -62.07 35.36
C LYS EA 186 18.91 -63.38 35.89
N SER EA 187 17.67 -63.30 36.38
CA SER EA 187 16.96 -64.47 36.89
C SER EA 187 16.74 -65.50 35.79
N ALA EA 188 16.53 -65.01 34.57
CA ALA EA 188 16.36 -65.88 33.42
C ALA EA 188 17.66 -66.61 33.12
N LEU EA 189 18.78 -65.92 33.26
CA LEU EA 189 20.09 -66.53 33.07
C LEU EA 189 20.36 -67.58 34.15
N ALA EA 190 19.93 -67.29 35.37
CA ALA EA 190 20.03 -68.25 36.47
C ALA EA 190 19.23 -69.51 36.17
N LEU EA 191 18.00 -69.31 35.69
CA LEU EA 191 17.12 -70.40 35.32
C LEU EA 191 17.73 -71.24 34.21
N ALA EA 192 18.31 -70.56 33.23
CA ALA EA 192 18.97 -71.23 32.10
C ALA EA 192 20.10 -72.11 32.60
N ILE EA 193 20.94 -71.54 33.46
CA ILE EA 193 22.06 -72.27 34.03
C ILE EA 193 21.57 -73.51 34.79
N LYS EA 194 20.51 -73.34 35.56
CA LYS EA 194 19.92 -74.43 36.34
C LYS EA 194 19.42 -75.58 35.45
N VAL EA 195 18.51 -75.26 34.54
CA VAL EA 195 17.91 -76.25 33.65
C VAL EA 195 18.97 -76.94 32.80
N LEU EA 196 19.86 -76.16 32.20
CA LEU EA 196 20.93 -76.72 31.39
C LEU EA 196 21.85 -77.59 32.24
N ASN EA 197 21.95 -77.28 33.54
CA ASN EA 197 22.75 -78.08 34.45
C ASN EA 197 22.14 -79.45 34.75
N LYS EA 198 20.84 -79.48 35.03
CA LYS EA 198 20.19 -80.75 35.33
C LYS EA 198 19.94 -81.61 34.07
N THR EA 199 19.74 -80.96 32.93
CA THR EA 199 19.39 -81.67 31.70
C THR EA 199 20.58 -82.22 30.91
N MET EA 200 21.69 -81.49 30.92
CA MET EA 200 22.89 -81.94 30.22
C MET EA 200 23.42 -83.22 30.86
N ASP EA 201 23.61 -84.25 30.04
CA ASP EA 201 23.99 -85.58 30.52
C ASP EA 201 25.34 -85.57 31.24
N VAL EA 202 26.32 -84.87 30.67
CA VAL EA 202 27.61 -84.69 31.34
C VAL EA 202 27.51 -83.56 32.35
N SER EA 203 27.48 -83.92 33.63
CA SER EA 203 27.23 -82.96 34.70
C SER EA 203 28.38 -81.96 34.91
N LYS EA 204 28.36 -81.31 36.07
CA LYS EA 204 29.33 -80.27 36.44
C LYS EA 204 29.22 -79.01 35.57
N LEU EA 205 29.11 -79.19 34.26
CA LEU EA 205 28.92 -78.09 33.31
C LEU EA 205 30.04 -77.06 33.30
N SER EA 206 30.98 -77.23 32.37
CA SER EA 206 31.99 -76.21 32.13
C SER EA 206 31.44 -75.23 31.10
N ALA EA 207 32.03 -74.04 31.03
CA ALA EA 207 31.61 -73.05 30.03
C ALA EA 207 32.00 -73.51 28.64
N GLU EA 208 32.88 -74.51 28.58
CA GLU EA 208 33.28 -75.14 27.33
C GLU EA 208 32.11 -75.85 26.65
N LYS EA 209 31.19 -76.36 27.46
CA LYS EA 209 30.13 -77.23 26.96
C LYS EA 209 28.83 -76.52 26.59
N VAL EA 210 28.66 -75.28 27.04
CA VAL EA 210 27.43 -74.55 26.74
C VAL EA 210 27.68 -73.26 25.97
N GLU EA 211 26.61 -72.61 25.54
CA GLU EA 211 26.70 -71.42 24.72
C GLU EA 211 25.47 -70.54 24.94
N ILE EA 212 25.70 -69.31 25.40
CA ILE EA 212 24.59 -68.43 25.77
C ILE EA 212 24.66 -67.08 25.06
N ALA EA 213 23.51 -66.63 24.56
CA ALA EA 213 23.42 -65.32 23.91
C ALA EA 213 22.21 -64.54 24.41
N THR EA 214 22.35 -63.23 24.48
CA THR EA 214 21.27 -62.37 24.97
C THR EA 214 20.94 -61.24 24.00
N LEU EA 215 19.65 -60.92 23.92
CA LEU EA 215 19.16 -59.83 23.10
C LEU EA 215 18.46 -58.83 24.01
N THR EA 216 18.92 -57.57 23.96
CA THR EA 216 18.41 -56.53 24.85
C THR EA 216 18.21 -55.20 24.13
N ARG EA 217 17.47 -54.30 24.79
CA ARG EA 217 17.18 -52.99 24.23
C ARG EA 217 17.97 -51.92 24.98
N GLU EA 218 18.90 -51.28 24.29
CA GLU EA 218 19.77 -50.29 24.93
C GLU EA 218 19.90 -49.00 24.11
N ASN EA 219 19.28 -47.94 24.61
CA ASN EA 219 19.36 -46.61 23.99
C ASN EA 219 18.90 -46.54 22.54
N GLY EA 220 17.71 -47.08 22.27
CA GLY EA 220 17.12 -46.98 20.95
C GLY EA 220 17.52 -48.09 20.00
N LYS EA 221 18.69 -48.69 20.22
CA LYS EA 221 19.17 -49.75 19.34
C LYS EA 221 19.05 -51.12 20.01
N THR EA 222 19.06 -52.17 19.19
CA THR EA 222 18.95 -53.53 19.68
C THR EA 222 20.33 -54.18 19.75
N VAL EA 223 20.65 -54.75 20.91
CA VAL EA 223 21.96 -55.36 21.12
C VAL EA 223 21.88 -56.87 21.26
N ILE EA 224 22.65 -57.58 20.43
CA ILE EA 224 22.76 -59.03 20.51
C ILE EA 224 24.18 -59.41 20.87
N ARG EA 225 24.34 -60.12 21.98
CA ARG EA 225 25.69 -60.43 22.47
C ARG EA 225 25.82 -61.88 22.93
N VAL EA 226 26.91 -62.53 22.53
CA VAL EA 226 27.21 -63.87 23.00
C VAL EA 226 28.18 -63.77 24.18
N LEU EA 227 27.79 -64.38 25.30
CA LEU EA 227 28.58 -64.30 26.53
C LEU EA 227 29.91 -65.03 26.39
N LYS EA 228 30.97 -64.41 26.93
CA LYS EA 228 32.29 -65.02 26.94
C LYS EA 228 32.35 -66.12 28.00
N GLN EA 229 33.36 -66.98 27.92
CA GLN EA 229 33.49 -68.12 28.82
C GLN EA 229 33.46 -67.70 30.29
N LYS EA 230 34.12 -66.58 30.58
CA LYS EA 230 34.20 -66.07 31.95
C LYS EA 230 32.84 -65.78 32.56
N GLU EA 231 31.98 -65.08 31.82
CA GLU EA 231 30.65 -64.72 32.28
C GLU EA 231 29.83 -65.98 32.60
N VAL EA 232 29.88 -66.94 31.70
CA VAL EA 232 29.19 -68.21 31.87
C VAL EA 232 29.70 -68.90 33.14
N GLU EA 233 31.02 -68.89 33.33
CA GLU EA 233 31.62 -69.44 34.53
C GLU EA 233 31.09 -68.76 35.79
N GLN EA 234 30.90 -67.44 35.72
CA GLN EA 234 30.31 -66.69 36.83
C GLN EA 234 28.92 -67.20 37.14
N LEU EA 235 28.10 -67.36 36.10
CA LEU EA 235 26.74 -67.87 36.28
C LEU EA 235 26.71 -69.28 36.89
N ILE EA 236 27.60 -70.14 36.40
CA ILE EA 236 27.70 -71.52 36.90
C ILE EA 236 28.11 -71.56 38.37
N LYS EA 237 29.19 -70.85 38.69
CA LYS EA 237 29.69 -70.75 40.05
C LYS EA 237 28.62 -70.22 40.99
N LYS EA 238 27.89 -69.20 40.54
CA LYS EA 238 26.80 -68.64 41.32
C LYS EA 238 25.70 -69.68 41.56
N HIS EA 239 25.43 -70.48 40.53
CA HIS EA 239 24.44 -71.54 40.65
C HIS EA 239 24.85 -72.58 41.69
N GLU EA 240 26.14 -72.89 41.73
CA GLU EA 240 26.65 -73.84 42.72
C GLU EA 240 26.64 -73.23 44.12
N GLU EA 241 26.87 -71.92 44.19
CA GLU EA 241 26.84 -71.21 45.47
C GLU EA 241 25.41 -71.02 45.96
N GLU EA 242 24.45 -71.25 45.08
CA GLU EA 242 23.05 -71.19 45.47
C GLU EA 242 22.49 -72.59 45.70
N GLU EA 243 23.21 -73.59 45.19
CA GLU EA 243 22.80 -74.98 45.35
C GLU EA 243 23.36 -75.58 46.64
N ALA EA 244 24.59 -75.21 46.97
CA ALA EA 244 25.22 -75.68 48.20
C ALA EA 244 24.72 -74.89 49.41
N LYS EA 245 24.00 -73.81 49.13
CA LYS EA 245 23.44 -72.96 50.17
C LYS EA 245 22.10 -73.49 50.66
N ALA EA 246 21.24 -73.87 49.72
CA ALA EA 246 19.91 -74.36 50.05
C ALA EA 246 19.96 -75.75 50.67
N GLU EA 247 21.08 -76.45 50.46
CA GLU EA 247 21.23 -77.81 50.98
C GLU EA 247 21.76 -77.79 52.41
N ARG EA 248 22.10 -76.60 52.91
CA ARG EA 248 22.48 -76.45 54.31
C ARG EA 248 21.28 -76.73 55.21
N GLU EA 249 20.15 -76.14 54.84
CA GLU EA 249 18.91 -76.34 55.58
C GLU EA 249 18.44 -77.78 55.44
N LYS EA 250 18.88 -78.65 56.34
CA LYS EA 250 18.54 -80.06 56.30
C LYS EA 250 18.25 -80.60 57.69
N SER FA 1 9.38 -81.58 -12.37
CA SER FA 1 8.81 -81.54 -11.03
C SER FA 1 8.35 -82.93 -10.59
N TYR FA 2 7.65 -82.98 -9.47
CA TYR FA 2 7.18 -84.24 -8.90
C TYR FA 2 5.85 -84.68 -9.51
N ASP FA 3 5.93 -85.39 -10.63
CA ASP FA 3 4.73 -85.85 -11.32
C ASP FA 3 4.35 -87.25 -10.86
N ARG FA 4 3.79 -87.35 -9.66
CA ARG FA 4 3.40 -88.63 -9.10
C ARG FA 4 1.98 -88.59 -8.53
N ALA FA 5 1.16 -89.54 -8.93
CA ALA FA 5 -0.21 -89.63 -8.43
C ALA FA 5 -0.20 -90.07 -6.97
N ILE FA 6 -0.65 -89.20 -6.09
CA ILE FA 6 -0.66 -89.49 -4.66
C ILE FA 6 -2.02 -89.99 -4.20
N THR FA 7 -3.06 -89.22 -4.51
CA THR FA 7 -4.43 -89.61 -4.18
C THR FA 7 -5.05 -90.38 -5.33
N VAL FA 8 -5.23 -91.69 -5.14
CA VAL FA 8 -5.82 -92.55 -6.15
C VAL FA 8 -6.97 -93.38 -5.58
N PHE FA 9 -7.72 -94.04 -6.47
CA PHE FA 9 -8.83 -94.88 -6.05
C PHE FA 9 -8.36 -96.25 -5.58
N SER FA 10 -9.06 -96.78 -4.58
CA SER FA 10 -8.82 -98.13 -4.09
C SER FA 10 -9.83 -99.06 -4.76
N PRO FA 11 -9.54 -100.37 -4.78
CA PRO FA 11 -10.43 -101.34 -5.42
C PRO FA 11 -11.87 -101.30 -4.93
N ASP FA 12 -12.09 -100.82 -3.71
CA ASP FA 12 -13.45 -100.68 -3.18
C ASP FA 12 -14.03 -99.31 -3.48
N GLY FA 13 -13.27 -98.48 -4.18
CA GLY FA 13 -13.74 -97.17 -4.62
C GLY FA 13 -13.52 -96.06 -3.60
N HIS FA 14 -12.47 -96.18 -2.80
CA HIS FA 14 -12.16 -95.16 -1.79
C HIS FA 14 -10.92 -94.35 -2.17
N LEU FA 15 -10.87 -93.12 -1.68
CA LEU FA 15 -9.68 -92.29 -1.81
C LEU FA 15 -8.97 -92.26 -0.47
N PHE FA 16 -8.08 -93.22 -0.25
CA PHE FA 16 -7.45 -93.43 1.05
C PHE FA 16 -6.76 -92.19 1.63
N GLN FA 17 -6.03 -91.46 0.81
CA GLN FA 17 -5.32 -90.26 1.28
C GLN FA 17 -6.27 -89.23 1.87
N VAL FA 18 -7.42 -89.06 1.24
CA VAL FA 18 -8.42 -88.12 1.70
C VAL FA 18 -9.00 -88.57 3.04
N GLU FA 19 -9.30 -89.85 3.15
CA GLU FA 19 -9.82 -90.41 4.39
C GLU FA 19 -8.82 -90.24 5.53
N TYR FA 20 -7.55 -90.48 5.23
CA TYR FA 20 -6.47 -90.31 6.19
C TYR FA 20 -6.42 -88.85 6.63
N ALA FA 21 -6.56 -87.93 5.68
CA ALA FA 21 -6.59 -86.51 6.01
C ALA FA 21 -7.76 -86.20 6.95
N GLN FA 22 -8.89 -86.85 6.72
CA GLN FA 22 -10.06 -86.68 7.57
C GLN FA 22 -9.78 -87.22 8.97
N GLU FA 23 -9.01 -88.29 9.06
CA GLU FA 23 -8.59 -88.83 10.34
C GLU FA 23 -7.64 -87.87 11.05
N ALA FA 24 -6.85 -87.14 10.27
CA ALA FA 24 -5.97 -86.13 10.81
C ALA FA 24 -6.80 -84.96 11.35
N VAL FA 25 -7.92 -84.70 10.70
CA VAL FA 25 -8.86 -83.69 11.18
C VAL FA 25 -9.49 -84.15 12.49
N LYS FA 26 -9.78 -85.45 12.59
CA LYS FA 26 -10.38 -86.02 13.79
C LYS FA 26 -9.51 -85.85 15.02
N LYS FA 27 -8.20 -85.78 14.83
CA LYS FA 27 -7.26 -85.60 15.94
C LYS FA 27 -7.13 -84.14 16.36
N GLY FA 28 -7.69 -83.24 15.59
CA GLY FA 28 -7.58 -81.82 15.87
C GLY FA 28 -8.43 -81.38 17.05
N SER FA 29 -8.11 -80.23 17.61
CA SER FA 29 -8.89 -79.66 18.69
C SER FA 29 -10.31 -79.35 18.22
N THR FA 30 -11.29 -79.64 19.06
CA THR FA 30 -12.69 -79.49 18.70
C THR FA 30 -13.05 -78.05 18.39
N ALA FA 31 -13.69 -77.84 17.24
CA ALA FA 31 -14.11 -76.51 16.82
C ALA FA 31 -15.59 -76.51 16.48
N VAL FA 32 -16.35 -75.67 17.18
CA VAL FA 32 -17.78 -75.55 16.96
C VAL FA 32 -18.16 -74.14 16.53
N GLY FA 33 -19.33 -74.02 15.92
CA GLY FA 33 -19.82 -72.72 15.48
C GLY FA 33 -21.33 -72.72 15.34
N VAL FA 34 -21.97 -71.64 15.79
CA VAL FA 34 -23.41 -71.49 15.63
C VAL FA 34 -23.81 -70.16 14.99
N ARG FA 35 -24.96 -70.20 14.33
CA ARG FA 35 -25.52 -69.06 13.61
C ARG FA 35 -26.77 -68.54 14.31
N GLY FA 36 -26.80 -67.23 14.56
CA GLY FA 36 -27.93 -66.62 15.25
C GLY FA 36 -28.67 -65.61 14.41
N ARG FA 37 -29.42 -64.73 15.08
CA ARG FA 37 -30.20 -63.71 14.38
C ARG FA 37 -29.33 -62.52 13.97
N ASP FA 38 -28.60 -61.97 14.93
CA ASP FA 38 -27.78 -60.80 14.68
C ASP FA 38 -26.33 -61.04 15.08
N ILE FA 39 -26.02 -62.29 15.44
CA ILE FA 39 -24.67 -62.65 15.83
C ILE FA 39 -24.31 -64.05 15.33
N VAL FA 40 -23.02 -64.34 15.27
CA VAL FA 40 -22.54 -65.66 14.88
C VAL FA 40 -21.30 -65.97 15.71
N VAL FA 41 -21.26 -67.16 16.30
CA VAL FA 41 -20.20 -67.45 17.27
C VAL FA 41 -19.39 -68.70 16.93
N LEU FA 42 -18.07 -68.57 17.04
CA LEU FA 42 -17.18 -69.70 16.80
C LEU FA 42 -16.30 -69.94 18.02
N GLY FA 43 -16.21 -71.18 18.47
CA GLY FA 43 -15.42 -71.52 19.64
C GLY FA 43 -14.57 -72.75 19.43
N VAL FA 44 -13.33 -72.72 19.89
CA VAL FA 44 -12.43 -73.86 19.73
C VAL FA 44 -11.98 -74.42 21.08
N GLU FA 45 -11.96 -75.75 21.20
CA GLU FA 45 -11.71 -76.40 22.47
C GLU FA 45 -10.24 -76.52 22.84
N LYS FA 46 -9.81 -77.75 23.14
CA LYS FA 46 -8.49 -78.05 23.66
C LYS FA 46 -7.35 -77.29 22.99
N LYS FA 47 -7.07 -76.10 23.50
CA LYS FA 47 -6.04 -75.23 22.92
C LYS FA 47 -4.64 -75.62 23.39
N SER FA 48 -4.53 -76.81 23.98
CA SER FA 48 -3.25 -77.33 24.50
C SER FA 48 -2.59 -76.33 25.45
N VAL FA 49 -3.29 -76.00 26.52
CA VAL FA 49 -2.82 -75.01 27.48
C VAL FA 49 -1.54 -75.47 28.18
N ALA FA 50 -0.43 -74.82 27.85
CA ALA FA 50 0.85 -75.12 28.47
C ALA FA 50 1.23 -74.03 29.47
N LYS FA 51 0.51 -72.92 29.43
CA LYS FA 51 0.72 -71.77 30.31
C LYS FA 51 2.09 -71.11 30.18
N LEU FA 52 2.97 -71.70 29.38
CA LEU FA 52 4.25 -71.09 29.05
C LEU FA 52 4.20 -70.63 27.59
N GLN FA 53 3.06 -70.89 26.94
CA GLN FA 53 2.87 -70.52 25.55
C GLN FA 53 1.96 -69.31 25.39
N ASP FA 54 2.35 -68.39 24.50
CA ASP FA 54 1.55 -67.22 24.20
C ASP FA 54 0.27 -67.63 23.50
N GLU FA 55 -0.87 -67.27 24.08
CA GLU FA 55 -2.17 -67.67 23.57
C GLU FA 55 -2.45 -67.06 22.19
N ARG FA 56 -2.03 -65.81 22.02
CA ARG FA 56 -2.28 -65.08 20.78
C ARG FA 56 -1.70 -65.77 19.54
N THR FA 57 -0.50 -66.33 19.68
CA THR FA 57 0.23 -66.88 18.54
C THR FA 57 -0.24 -68.27 18.12
N VAL FA 58 -1.32 -68.75 18.73
CA VAL FA 58 -1.76 -70.12 18.47
C VAL FA 58 -3.29 -70.19 18.31
N ARG FA 59 -3.92 -69.03 18.15
CA ARG FA 59 -5.37 -68.96 17.98
C ARG FA 59 -5.84 -69.74 16.76
N LYS FA 60 -6.93 -70.48 16.93
CA LYS FA 60 -7.46 -71.30 15.85
C LYS FA 60 -8.58 -70.56 15.10
N ILE FA 61 -8.80 -69.30 15.46
CA ILE FA 61 -9.79 -68.47 14.79
C ILE FA 61 -9.11 -67.31 14.07
N CYS FA 62 -9.36 -67.20 12.78
CA CYS FA 62 -8.70 -66.20 11.95
C CYS FA 62 -9.72 -65.46 11.08
N ALA FA 63 -9.51 -64.15 10.91
CA ALA FA 63 -10.35 -63.37 10.02
C ALA FA 63 -9.80 -63.39 8.61
N LEU FA 64 -10.67 -63.58 7.63
CA LEU FA 64 -10.26 -63.62 6.23
C LEU FA 64 -10.45 -62.24 5.60
N ASP FA 65 -11.53 -61.57 5.97
CA ASP FA 65 -11.80 -60.20 5.54
C ASP FA 65 -12.62 -59.54 6.63
N ASP FA 66 -13.02 -58.29 6.42
CA ASP FA 66 -13.86 -57.59 7.38
C ASP FA 66 -15.24 -58.24 7.43
N ASN FA 67 -15.58 -59.00 6.40
CA ASN FA 67 -16.87 -59.63 6.28
C ASN FA 67 -16.89 -61.06 6.82
N VAL FA 68 -15.80 -61.79 6.62
CA VAL FA 68 -15.77 -63.22 6.90
C VAL FA 68 -14.68 -63.65 7.89
N CYS FA 69 -15.05 -64.46 8.87
CA CYS FA 69 -14.10 -65.10 9.77
C CYS FA 69 -14.15 -66.61 9.59
N MET FA 70 -13.23 -67.32 10.23
CA MET FA 70 -13.09 -68.75 10.02
C MET FA 70 -12.32 -69.46 11.13
N ALA FA 71 -12.83 -70.61 11.57
CA ALA FA 71 -12.11 -71.48 12.48
C ALA FA 71 -11.73 -72.75 11.75
N PHE FA 72 -10.83 -73.54 12.31
CA PHE FA 72 -10.41 -74.78 11.66
C PHE FA 72 -10.15 -75.93 12.64
N ALA FA 73 -9.88 -77.10 12.08
CA ALA FA 73 -9.54 -78.28 12.87
C ALA FA 73 -8.65 -79.21 12.06
N GLY FA 74 -7.47 -79.51 12.59
CA GLY FA 74 -6.53 -80.39 11.93
C GLY FA 74 -5.11 -79.87 11.96
N LEU FA 75 -4.35 -80.14 10.90
CA LEU FA 75 -2.97 -79.69 10.80
C LEU FA 75 -2.87 -78.17 10.71
N THR FA 76 -2.29 -77.55 11.72
CA THR FA 76 -2.26 -76.09 11.84
C THR FA 76 -1.51 -75.38 10.70
N ALA FA 77 -0.42 -76.00 10.24
CA ALA FA 77 0.38 -75.43 9.16
C ALA FA 77 -0.42 -75.35 7.84
N ASP FA 78 -1.04 -76.47 7.48
CA ASP FA 78 -1.92 -76.54 6.32
C ASP FA 78 -3.00 -75.47 6.44
N ALA FA 79 -3.54 -75.32 7.64
CA ALA FA 79 -4.55 -74.32 7.91
C ALA FA 79 -4.03 -72.91 7.68
N ARG FA 80 -2.76 -72.69 8.01
CA ARG FA 80 -2.15 -71.39 7.78
C ARG FA 80 -2.11 -71.12 6.28
N ILE FA 81 -1.65 -72.12 5.52
CA ILE FA 81 -1.63 -72.02 4.06
C ILE FA 81 -3.00 -71.67 3.48
N VAL FA 82 -3.99 -72.49 3.80
CA VAL FA 82 -5.36 -72.29 3.32
C VAL FA 82 -5.91 -70.92 3.71
N ILE FA 83 -5.68 -70.52 4.95
CA ILE FA 83 -6.17 -69.24 5.46
C ILE FA 83 -5.56 -68.07 4.66
N ASN FA 84 -4.25 -68.09 4.48
CA ASN FA 84 -3.60 -67.03 3.72
C ASN FA 84 -4.06 -66.95 2.28
N ARG FA 85 -4.13 -68.11 1.61
CA ARG FA 85 -4.63 -68.15 0.23
C ARG FA 85 -6.06 -67.61 0.15
N ALA FA 86 -6.85 -67.91 1.18
CA ALA FA 86 -8.22 -67.42 1.27
C ALA FA 86 -8.28 -65.90 1.40
N ARG FA 87 -7.38 -65.34 2.21
CA ARG FA 87 -7.31 -63.90 2.39
C ARG FA 87 -6.92 -63.20 1.09
N VAL FA 88 -5.89 -63.75 0.44
CA VAL FA 88 -5.44 -63.26 -0.85
C VAL FA 88 -6.58 -63.26 -1.85
N GLU FA 89 -7.33 -64.36 -1.88
CA GLU FA 89 -8.49 -64.47 -2.77
C GLU FA 89 -9.54 -63.41 -2.44
N CYS FA 90 -9.79 -63.21 -1.14
CA CYS FA 90 -10.74 -62.18 -0.70
C CYS FA 90 -10.36 -60.81 -1.22
N GLN FA 91 -9.07 -60.51 -1.26
CA GLN FA 91 -8.63 -59.22 -1.81
C GLN FA 91 -8.74 -59.18 -3.34
N SER FA 92 -8.33 -60.27 -4.00
CA SER FA 92 -8.39 -60.35 -5.45
C SER FA 92 -9.82 -60.17 -5.97
N HIS FA 93 -10.78 -60.68 -5.20
CA HIS FA 93 -12.18 -60.54 -5.56
C HIS FA 93 -12.57 -59.07 -5.57
N ARG FA 94 -12.10 -58.33 -4.58
CA ARG FA 94 -12.34 -56.89 -4.53
C ARG FA 94 -11.65 -56.18 -5.69
N LEU FA 95 -10.49 -56.70 -6.11
CA LEU FA 95 -9.76 -56.12 -7.22
C LEU FA 95 -10.48 -56.29 -8.56
N THR FA 96 -10.98 -57.49 -8.83
CA THR FA 96 -11.62 -57.79 -10.10
C THR FA 96 -13.11 -57.40 -10.11
N VAL FA 97 -13.69 -57.34 -8.92
CA VAL FA 97 -15.10 -56.98 -8.77
C VAL FA 97 -15.22 -55.97 -7.62
N GLU FA 98 -15.87 -54.85 -7.90
CA GLU FA 98 -15.97 -53.75 -6.93
C GLU FA 98 -16.58 -54.20 -5.60
N ASP FA 99 -17.53 -55.12 -5.67
CA ASP FA 99 -18.20 -55.65 -4.48
C ASP FA 99 -17.20 -56.46 -3.64
N PRO FA 100 -17.48 -56.60 -2.33
CA PRO FA 100 -16.61 -57.40 -1.45
C PRO FA 100 -16.70 -58.91 -1.72
N VAL FA 101 -17.03 -59.68 -0.70
CA VAL FA 101 -17.08 -61.13 -0.84
C VAL FA 101 -18.23 -61.75 -0.05
N THR FA 102 -18.85 -62.77 -0.62
CA THR FA 102 -19.89 -63.52 0.08
C THR FA 102 -19.24 -64.71 0.78
N VAL FA 103 -19.84 -65.14 1.88
CA VAL FA 103 -19.32 -66.28 2.64
C VAL FA 103 -19.31 -67.53 1.78
N GLU FA 104 -20.40 -67.74 1.05
CA GLU FA 104 -20.54 -68.86 0.13
C GLU FA 104 -19.41 -68.89 -0.89
N TYR FA 105 -19.05 -67.71 -1.40
CA TYR FA 105 -18.01 -67.63 -2.42
C TYR FA 105 -16.64 -68.09 -1.91
N ILE FA 106 -16.19 -67.49 -0.82
CA ILE FA 106 -14.88 -67.84 -0.26
C ILE FA 106 -14.85 -69.29 0.24
N THR FA 107 -16.00 -69.76 0.72
CA THR FA 107 -16.14 -71.16 1.12
C THR FA 107 -15.94 -72.06 -0.10
N ARG FA 108 -16.57 -71.69 -1.20
CA ARG FA 108 -16.46 -72.43 -2.45
C ARG FA 108 -15.02 -72.43 -2.95
N TYR FA 109 -14.33 -71.32 -2.75
CA TYR FA 109 -12.93 -71.20 -3.15
C TYR FA 109 -12.05 -72.15 -2.35
N ILE FA 110 -12.21 -72.13 -1.03
CA ILE FA 110 -11.46 -73.01 -0.15
C ILE FA 110 -11.69 -74.47 -0.49
N ALA FA 111 -12.97 -74.81 -0.66
CA ALA FA 111 -13.37 -76.17 -1.01
C ALA FA 111 -12.74 -76.61 -2.32
N SER FA 112 -12.81 -75.73 -3.32
CA SER FA 112 -12.24 -76.03 -4.64
C SER FA 112 -10.74 -76.25 -4.53
N LEU FA 113 -10.09 -75.45 -3.69
CA LEU FA 113 -8.66 -75.60 -3.46
C LEU FA 113 -8.33 -76.96 -2.90
N LYS FA 114 -9.04 -77.34 -1.84
CA LYS FA 114 -8.85 -78.65 -1.22
C LYS FA 114 -9.06 -79.80 -2.21
N GLN FA 115 -10.13 -79.73 -2.98
CA GLN FA 115 -10.43 -80.75 -3.98
C GLN FA 115 -9.31 -80.83 -5.01
N ARG FA 116 -8.87 -79.66 -5.47
CA ARG FA 116 -7.79 -79.57 -6.43
C ARG FA 116 -6.58 -80.30 -5.88
N TYR FA 117 -6.37 -80.17 -4.57
CA TYR FA 117 -5.28 -80.91 -3.93
C TYR FA 117 -5.61 -82.39 -3.71
N THR FA 118 -6.87 -82.77 -3.88
CA THR FA 118 -7.23 -84.18 -3.85
C THR FA 118 -7.07 -84.84 -5.21
N GLN FA 119 -6.95 -84.03 -6.27
CA GLN FA 119 -6.86 -84.60 -7.60
C GLN FA 119 -5.60 -84.23 -8.40
N SER FA 120 -4.66 -83.54 -7.76
CA SER FA 120 -3.45 -83.09 -8.46
C SER FA 120 -2.26 -84.02 -8.24
N ASN FA 121 -1.36 -84.03 -9.23
CA ASN FA 121 -0.14 -84.82 -9.14
C ASN FA 121 0.88 -84.22 -8.16
N GLY FA 122 1.56 -85.09 -7.43
CA GLY FA 122 2.65 -84.69 -6.56
C GLY FA 122 2.26 -83.99 -5.27
N ARG FA 123 0.97 -83.68 -5.14
CA ARG FA 123 0.50 -82.97 -3.96
C ARG FA 123 -0.12 -83.92 -2.94
N ARG FA 124 -0.74 -83.36 -1.92
CA ARG FA 124 -1.30 -84.14 -0.81
C ARG FA 124 -2.38 -83.33 -0.13
N PRO FA 125 -3.55 -83.93 0.08
CA PRO FA 125 -4.72 -83.25 0.63
C PRO FA 125 -4.43 -82.48 1.91
N PHE FA 126 -5.04 -81.32 2.07
CA PHE FA 126 -4.93 -80.56 3.30
C PHE FA 126 -5.61 -81.31 4.44
N GLY FA 127 -4.91 -81.46 5.55
CA GLY FA 127 -5.44 -82.18 6.69
C GLY FA 127 -6.25 -81.30 7.62
N ILE FA 128 -7.15 -80.49 7.06
CA ILE FA 128 -7.98 -79.61 7.86
C ILE FA 128 -9.44 -79.61 7.43
N SER FA 129 -10.30 -79.26 8.38
CA SER FA 129 -11.69 -78.92 8.07
C SER FA 129 -11.89 -77.50 8.57
N ALA FA 130 -12.84 -76.78 7.99
CA ALA FA 130 -13.02 -75.38 8.35
C ALA FA 130 -14.48 -75.01 8.60
N LEU FA 131 -14.68 -74.19 9.63
CA LEU FA 131 -15.98 -73.60 9.89
C LEU FA 131 -15.91 -72.13 9.52
N ILE FA 132 -16.57 -71.78 8.41
CA ILE FA 132 -16.52 -70.43 7.90
C ILE FA 132 -17.78 -69.67 8.31
N VAL FA 133 -17.61 -68.44 8.75
CA VAL FA 133 -18.72 -67.69 9.32
C VAL FA 133 -18.74 -66.25 8.82
N GLY FA 134 -19.93 -65.75 8.48
CA GLY FA 134 -20.01 -64.36 8.04
C GLY FA 134 -21.39 -63.74 7.97
N PHE FA 135 -21.41 -62.44 7.71
CA PHE FA 135 -22.64 -61.69 7.54
C PHE FA 135 -22.58 -60.90 6.24
N ASP FA 136 -22.88 -61.57 5.13
CA ASP FA 136 -22.83 -60.93 3.81
C ASP FA 136 -23.93 -59.89 3.67
N PHE FA 137 -23.73 -58.94 2.76
CA PHE FA 137 -24.71 -57.89 2.50
C PHE FA 137 -26.08 -58.48 2.19
N ASP FA 138 -27.11 -57.83 2.72
CA ASP FA 138 -28.51 -58.28 2.82
C ASP FA 138 -28.81 -58.71 4.25
N GLY FA 139 -27.77 -58.76 5.07
CA GLY FA 139 -27.92 -59.01 6.50
C GLY FA 139 -27.95 -60.47 6.91
N THR FA 140 -28.26 -61.36 5.96
CA THR FA 140 -28.39 -62.77 6.26
C THR FA 140 -27.11 -63.40 6.81
N PRO FA 141 -27.14 -63.85 8.08
CA PRO FA 141 -26.00 -64.50 8.72
C PRO FA 141 -25.82 -65.91 8.20
N ARG FA 142 -24.59 -66.28 7.86
CA ARG FA 142 -24.35 -67.60 7.28
C ARG FA 142 -23.13 -68.33 7.85
N LEU FA 143 -23.27 -69.63 7.99
CA LEU FA 143 -22.21 -70.52 8.46
C LEU FA 143 -22.07 -71.72 7.52
N TYR FA 144 -20.83 -71.99 7.13
CA TYR FA 144 -20.53 -73.10 6.25
C TYR FA 144 -19.45 -74.00 6.85
N GLN FA 145 -19.35 -75.21 6.32
CA GLN FA 145 -18.36 -76.17 6.77
C GLN FA 145 -17.70 -76.82 5.56
N THR FA 146 -16.39 -76.99 5.62
CA THR FA 146 -15.63 -77.60 4.54
C THR FA 146 -15.02 -78.91 4.97
N ASP FA 147 -14.47 -79.64 4.00
CA ASP FA 147 -13.93 -80.97 4.24
C ASP FA 147 -12.72 -81.17 3.33
N PRO FA 148 -11.73 -81.94 3.79
CA PRO FA 148 -10.55 -82.26 2.98
C PRO FA 148 -10.89 -82.78 1.59
N SER FA 149 -12.02 -83.47 1.46
CA SER FA 149 -12.47 -84.02 0.17
C SER FA 149 -12.73 -82.91 -0.84
N GLY FA 150 -13.19 -81.78 -0.35
CA GLY FA 150 -13.56 -80.67 -1.20
C GLY FA 150 -15.04 -80.37 -1.09
N THR FA 151 -15.75 -81.24 -0.38
CA THR FA 151 -17.18 -81.05 -0.17
C THR FA 151 -17.42 -79.95 0.85
N TYR FA 152 -18.50 -79.20 0.68
CA TYR FA 152 -18.84 -78.12 1.59
C TYR FA 152 -20.34 -77.95 1.72
N HIS FA 153 -20.80 -77.57 2.91
CA HIS FA 153 -22.23 -77.42 3.15
C HIS FA 153 -22.53 -76.23 4.05
N ALA FA 154 -23.80 -75.88 4.18
CA ALA FA 154 -24.21 -74.83 5.10
C ALA FA 154 -24.88 -75.45 6.33
N TRP FA 155 -24.69 -74.81 7.48
CA TRP FA 155 -25.20 -75.35 8.73
C TRP FA 155 -25.85 -74.25 9.57
N LYS FA 156 -26.74 -74.65 10.46
CA LYS FA 156 -27.28 -73.75 11.46
C LYS FA 156 -26.30 -73.72 12.63
N ALA FA 157 -25.68 -74.87 12.87
CA ALA FA 157 -24.65 -75.02 13.88
C ALA FA 157 -23.91 -76.33 13.62
N ASN FA 158 -22.61 -76.36 13.88
CA ASN FA 158 -21.83 -77.56 13.62
C ASN FA 158 -20.55 -77.64 14.47
N ALA FA 159 -19.88 -78.78 14.40
CA ALA FA 159 -18.66 -79.01 15.15
C ALA FA 159 -17.72 -79.94 14.38
N ILE FA 160 -16.41 -79.71 14.53
CA ILE FA 160 -15.41 -80.56 13.89
C ILE FA 160 -14.24 -80.80 14.84
N GLY FA 161 -13.54 -81.91 14.63
CA GLY FA 161 -12.37 -82.23 15.43
C GLY FA 161 -12.57 -83.39 16.37
N ARG FA 162 -11.80 -83.42 17.45
CA ARG FA 162 -11.90 -84.49 18.43
C ARG FA 162 -13.26 -84.48 19.13
N GLY FA 163 -14.01 -85.56 18.98
CA GLY FA 163 -15.32 -85.67 19.58
C GLY FA 163 -16.34 -84.75 18.94
N ALA FA 164 -16.28 -84.64 17.62
CA ALA FA 164 -17.20 -83.79 16.88
C ALA FA 164 -18.61 -84.39 16.86
N LYS FA 165 -18.69 -85.71 16.90
CA LYS FA 165 -19.98 -86.39 16.90
C LYS FA 165 -20.76 -86.11 18.18
N SER FA 166 -20.05 -86.05 19.30
CA SER FA 166 -20.67 -85.79 20.59
C SER FA 166 -21.28 -84.39 20.63
N VAL FA 167 -20.49 -83.40 20.21
CA VAL FA 167 -20.94 -82.01 20.20
C VAL FA 167 -22.00 -81.81 19.12
N ARG FA 168 -21.91 -82.59 18.05
CA ARG FA 168 -22.92 -82.54 16.99
C ARG FA 168 -24.25 -83.02 17.53
N GLU FA 169 -24.22 -84.12 18.28
CA GLU FA 169 -25.43 -84.66 18.89
C GLU FA 169 -26.02 -83.70 19.93
N PHE FA 170 -25.14 -83.14 20.76
CA PHE FA 170 -25.55 -82.17 21.77
C PHE FA 170 -26.23 -80.97 21.11
N LEU FA 171 -25.60 -80.42 20.10
CA LEU FA 171 -26.15 -79.27 19.36
C LEU FA 171 -27.46 -79.63 18.69
N GLU FA 172 -27.56 -80.86 18.18
CA GLU FA 172 -28.79 -81.35 17.59
C GLU FA 172 -29.91 -81.33 18.60
N LYS FA 173 -29.61 -81.78 19.83
CA LYS FA 173 -30.63 -81.87 20.87
C LYS FA 173 -30.85 -80.53 21.59
N ASN FA 174 -30.03 -79.53 21.31
CA ASN FA 174 -30.12 -78.25 22.02
C ASN FA 174 -30.37 -77.02 21.15
N TYR FA 175 -30.28 -77.17 19.83
CA TYR FA 175 -30.49 -76.04 18.95
C TYR FA 175 -31.98 -75.76 18.74
N THR FA 176 -32.48 -74.75 19.44
CA THR FA 176 -33.89 -74.36 19.34
C THR FA 176 -34.02 -72.93 18.88
N ASP FA 177 -35.26 -72.45 18.78
CA ASP FA 177 -35.50 -71.05 18.48
C ASP FA 177 -35.45 -70.24 19.77
N GLU FA 178 -35.72 -70.91 20.88
CA GLU FA 178 -35.61 -70.31 22.20
C GLU FA 178 -34.14 -70.04 22.50
N ALA FA 179 -33.32 -71.08 22.35
CA ALA FA 179 -31.87 -70.91 22.40
C ALA FA 179 -31.45 -70.06 21.22
N ILE FA 180 -30.41 -69.27 21.40
CA ILE FA 180 -29.96 -68.32 20.38
C ILE FA 180 -31.08 -67.39 19.94
N GLU FA 181 -31.82 -66.87 20.92
CA GLU FA 181 -32.83 -65.84 20.66
C GLU FA 181 -32.22 -64.48 20.99
N THR FA 182 -31.21 -64.50 21.85
CA THR FA 182 -30.43 -63.32 22.19
C THR FA 182 -28.96 -63.62 21.96
N ASP FA 183 -28.16 -62.58 21.79
CA ASP FA 183 -26.72 -62.74 21.52
C ASP FA 183 -26.03 -63.51 22.65
N ASP FA 184 -26.22 -63.03 23.88
CA ASP FA 184 -25.63 -63.66 25.05
C ASP FA 184 -26.09 -65.11 25.20
N LEU FA 185 -27.31 -65.38 24.76
CA LEU FA 185 -27.87 -66.72 24.85
C LEU FA 185 -27.25 -67.66 23.81
N THR FA 186 -26.97 -67.13 22.62
CA THR FA 186 -26.28 -67.90 21.59
C THR FA 186 -24.85 -68.21 22.02
N ILE FA 187 -24.16 -67.19 22.52
CA ILE FA 187 -22.81 -67.36 23.04
C ILE FA 187 -22.79 -68.39 24.18
N LYS FA 188 -23.80 -68.32 25.05
CA LYS FA 188 -23.94 -69.27 26.14
C LYS FA 188 -24.18 -70.68 25.60
N LEU FA 189 -24.90 -70.79 24.49
CA LEU FA 189 -25.13 -72.08 23.85
C LEU FA 189 -23.83 -72.66 23.35
N VAL FA 190 -23.01 -71.83 22.73
CA VAL FA 190 -21.69 -72.25 22.26
C VAL FA 190 -20.82 -72.71 23.42
N ILE FA 191 -20.78 -71.92 24.48
CA ILE FA 191 -19.98 -72.25 25.65
C ILE FA 191 -20.43 -73.56 26.29
N LYS FA 192 -21.74 -73.77 26.36
CA LYS FA 192 -22.29 -75.01 26.93
C LYS FA 192 -21.91 -76.22 26.08
N ALA FA 193 -22.12 -76.08 24.77
CA ALA FA 193 -21.78 -77.13 23.83
C ALA FA 193 -20.30 -77.50 23.92
N LEU FA 194 -19.45 -76.49 24.09
CA LEU FA 194 -18.02 -76.70 24.22
C LEU FA 194 -17.69 -77.40 25.54
N LEU FA 195 -18.38 -77.00 26.60
CA LEU FA 195 -18.16 -77.57 27.92
C LEU FA 195 -18.61 -79.03 27.97
N GLU FA 196 -19.51 -79.40 27.05
CA GLU FA 196 -20.00 -80.78 27.00
C GLU FA 196 -18.97 -81.78 26.44
N VAL FA 197 -17.77 -81.29 26.13
CA VAL FA 197 -16.73 -82.15 25.58
C VAL FA 197 -15.34 -81.78 26.07
N VAL FA 198 -15.13 -80.49 26.35
CA VAL FA 198 -13.85 -80.01 26.86
C VAL FA 198 -13.56 -80.58 28.23
N GLN FA 199 -12.28 -80.57 28.62
CA GLN FA 199 -11.89 -81.17 29.89
C GLN FA 199 -12.25 -80.29 31.09
N SER FA 200 -13.50 -79.81 31.11
CA SER FA 200 -14.05 -79.04 32.22
C SER FA 200 -13.16 -77.91 32.71
N GLY FA 201 -13.31 -76.73 32.12
CA GLY FA 201 -12.52 -75.58 32.52
C GLY FA 201 -13.10 -74.23 32.13
N GLY FA 202 -12.58 -73.68 31.05
CA GLY FA 202 -12.94 -72.33 30.63
C GLY FA 202 -11.69 -71.61 30.18
N LYS FA 203 -10.56 -72.00 30.76
CA LYS FA 203 -9.26 -71.49 30.35
C LYS FA 203 -8.74 -72.33 29.18
N ASN FA 204 -9.55 -73.29 28.76
CA ASN FA 204 -9.23 -74.14 27.61
C ASN FA 204 -10.05 -73.74 26.40
N ILE FA 205 -10.97 -72.81 26.60
CA ILE FA 205 -11.92 -72.43 25.56
C ILE FA 205 -11.64 -71.04 24.97
N GLU FA 206 -11.52 -70.99 23.65
CA GLU FA 206 -11.39 -69.73 22.94
C GLU FA 206 -12.65 -69.47 22.13
N LEU FA 207 -13.34 -68.37 22.44
CA LEU FA 207 -14.58 -68.03 21.75
C LEU FA 207 -14.53 -66.63 21.13
N ALA FA 208 -15.05 -66.52 19.92
CA ALA FA 208 -15.10 -65.25 19.21
C ALA FA 208 -16.45 -65.07 18.52
N VAL FA 209 -16.86 -63.82 18.34
CA VAL FA 209 -18.17 -63.52 17.78
C VAL FA 209 -18.13 -62.44 16.71
N MET FA 210 -18.98 -62.58 15.69
CA MET FA 210 -19.16 -61.54 14.69
C MET FA 210 -20.61 -61.07 14.76
N ARG FA 211 -20.82 -59.75 14.71
CA ARG FA 211 -22.15 -59.19 14.88
C ARG FA 211 -22.45 -58.04 13.93
N ARG FA 212 -23.51 -58.18 13.15
CA ARG FA 212 -24.00 -57.12 12.26
C ARG FA 212 -22.93 -56.53 11.36
N ASP FA 213 -22.87 -55.20 11.31
CA ASP FA 213 -21.88 -54.50 10.50
C ASP FA 213 -20.64 -54.13 11.31
N GLN FA 214 -20.41 -54.85 12.41
CA GLN FA 214 -19.24 -54.60 13.24
C GLN FA 214 -18.07 -55.50 12.85
N SER FA 215 -16.92 -55.25 13.48
CA SER FA 215 -15.73 -56.06 13.25
C SER FA 215 -15.76 -57.32 14.11
N LEU FA 216 -14.83 -58.23 13.85
CA LEU FA 216 -14.72 -59.45 14.63
C LEU FA 216 -14.25 -59.14 16.05
N LYS FA 217 -14.92 -59.73 17.04
CA LYS FA 217 -14.57 -59.50 18.43
C LYS FA 217 -14.24 -60.79 19.16
N ILE FA 218 -13.01 -60.88 19.66
CA ILE FA 218 -12.58 -62.03 20.45
C ILE FA 218 -12.90 -61.80 21.92
N LEU FA 219 -13.38 -62.83 22.60
CA LEU FA 219 -13.76 -62.71 24.00
C LEU FA 219 -12.60 -62.97 24.95
N ASN FA 220 -12.35 -62.02 25.85
CA ASN FA 220 -11.34 -62.18 26.89
C ASN FA 220 -11.73 -63.28 27.87
N PRO FA 221 -10.75 -63.91 28.52
CA PRO FA 221 -11.03 -64.99 29.48
C PRO FA 221 -11.90 -64.52 30.64
N GLU FA 222 -11.92 -63.23 30.91
CA GLU FA 222 -12.77 -62.67 31.95
C GLU FA 222 -14.25 -62.77 31.55
N GLU FA 223 -14.57 -62.30 30.35
CA GLU FA 223 -15.94 -62.37 29.84
C GLU FA 223 -16.39 -63.82 29.67
N ILE FA 224 -15.47 -64.67 29.22
CA ILE FA 224 -15.75 -66.10 29.07
C ILE FA 224 -16.04 -66.72 30.43
N GLU FA 225 -15.29 -66.29 31.45
CA GLU FA 225 -15.52 -66.77 32.81
C GLU FA 225 -16.85 -66.27 33.36
N LYS FA 226 -17.28 -65.09 32.90
CA LYS FA 226 -18.55 -64.53 33.31
C LYS FA 226 -19.71 -65.32 32.70
N TYR FA 227 -19.64 -65.55 31.39
CA TYR FA 227 -20.66 -66.34 30.70
C TYR FA 227 -20.71 -67.77 31.22
N VAL FA 228 -19.54 -68.31 31.57
CA VAL FA 228 -19.45 -69.65 32.12
C VAL FA 228 -19.99 -69.69 33.55
N ALA FA 229 -19.90 -68.56 34.25
CA ALA FA 229 -20.46 -68.43 35.58
C ALA FA 229 -21.99 -68.40 35.51
N GLU FA 230 -22.50 -67.68 34.51
CA GLU FA 230 -23.94 -67.62 34.29
C GLU FA 230 -24.48 -68.98 33.83
N ILE FA 231 -23.66 -69.70 33.08
CA ILE FA 231 -24.02 -71.04 32.62
C ILE FA 231 -24.01 -72.05 33.76
N GLU FA 232 -23.05 -71.91 34.66
CA GLU FA 232 -22.94 -72.77 35.82
C GLU FA 232 -23.99 -72.40 36.86
N LYS FA 233 -24.54 -71.20 36.73
CA LYS FA 233 -25.60 -70.73 37.62
C LYS FA 233 -26.97 -71.19 37.12
N GLU FA 234 -27.13 -71.23 35.80
CA GLU FA 234 -28.37 -71.69 35.19
C GLU FA 234 -28.45 -73.21 35.24
N LYS FA 235 -27.33 -73.86 35.54
CA LYS FA 235 -27.28 -75.31 35.68
C LYS FA 235 -27.51 -75.71 37.12
N GLU FA 236 -27.74 -74.71 37.98
CA GLU FA 236 -28.00 -74.95 39.40
C GLU FA 236 -29.26 -74.22 39.85
N GLU FA 237 -29.91 -73.54 38.92
CA GLU FA 237 -31.14 -72.82 39.19
C GLU FA 237 -32.29 -73.36 38.34
N ASN FA 238 -31.96 -74.32 37.48
CA ASN FA 238 -32.95 -74.94 36.62
C ASN FA 238 -32.66 -76.43 36.44
N GLU FA 239 -31.59 -76.90 37.07
CA GLU FA 239 -31.20 -78.31 36.99
C GLU FA 239 -30.90 -78.87 38.37
N LYS FA 240 -30.91 -78.00 39.39
CA LYS FA 240 -30.68 -78.41 40.76
C LYS FA 240 -31.98 -78.37 41.55
N LYS FA 241 -32.88 -77.47 41.16
CA LYS FA 241 -34.19 -77.36 41.80
C LYS FA 241 -35.24 -78.15 41.04
N LYS FA 242 -34.84 -79.31 40.53
CA LYS FA 242 -35.74 -80.18 39.78
C LYS FA 242 -35.20 -81.61 39.72
N GLN FA 243 -33.97 -81.79 40.20
CA GLN FA 243 -33.34 -83.10 40.19
C GLN FA 243 -32.89 -83.52 41.59
N TYR GA 1 0.82 -104.01 -3.05
CA TYR GA 1 1.36 -103.90 -4.41
C TYR GA 1 0.77 -102.70 -5.14
N ASP GA 2 1.61 -101.69 -5.39
CA ASP GA 2 1.16 -100.48 -6.06
C ASP GA 2 1.56 -100.44 -7.53
N ARG GA 3 0.71 -99.84 -8.35
CA ARG GA 3 0.91 -99.78 -9.79
C ARG GA 3 0.53 -98.40 -10.32
N GLY GA 4 0.77 -98.17 -11.61
CA GLY GA 4 0.46 -96.90 -12.23
C GLY GA 4 -1.03 -96.66 -12.38
N VAL GA 5 -1.44 -95.40 -12.46
CA VAL GA 5 -2.85 -95.06 -12.58
C VAL GA 5 -3.42 -95.34 -13.98
N ASN GA 6 -2.53 -95.63 -14.93
CA ASN GA 6 -2.95 -96.04 -16.26
C ASN GA 6 -2.55 -97.47 -16.56
N THR GA 7 -2.80 -98.36 -15.60
CA THR GA 7 -2.48 -99.76 -15.74
C THR GA 7 -3.70 -100.54 -16.20
N PHE GA 8 -3.48 -101.52 -17.07
CA PHE GA 8 -4.56 -102.36 -17.56
C PHE GA 8 -4.69 -103.65 -16.77
N SER GA 9 -5.93 -104.06 -16.51
CA SER GA 9 -6.20 -105.37 -15.93
C SER GA 9 -6.06 -106.42 -17.03
N PRO GA 10 -5.83 -107.68 -16.66
CA PRO GA 10 -5.76 -108.75 -17.65
C PRO GA 10 -7.06 -108.88 -18.44
N GLU GA 11 -8.15 -108.38 -17.87
CA GLU GA 11 -9.45 -108.41 -18.52
C GLU GA 11 -9.56 -107.34 -19.61
N GLY GA 12 -8.71 -106.33 -19.54
CA GLY GA 12 -8.67 -105.29 -20.55
C GLY GA 12 -9.35 -104.00 -20.13
N ARG GA 13 -9.25 -103.67 -18.85
CA ARG GA 13 -9.85 -102.43 -18.35
C ARG GA 13 -8.90 -101.67 -17.44
N LEU GA 14 -9.15 -100.38 -17.27
CA LEU GA 14 -8.32 -99.54 -16.41
C LEU GA 14 -8.78 -99.65 -14.97
N PHE GA 15 -7.87 -100.04 -14.08
CA PHE GA 15 -8.18 -100.24 -12.67
C PHE GA 15 -8.86 -99.03 -12.03
N GLN GA 16 -8.23 -97.87 -12.18
CA GLN GA 16 -8.72 -96.64 -11.55
C GLN GA 16 -10.14 -96.30 -11.98
N VAL GA 17 -10.43 -96.49 -13.26
CA VAL GA 17 -11.75 -96.20 -13.80
C VAL GA 17 -12.79 -97.12 -13.18
N GLU GA 18 -12.50 -98.42 -13.17
CA GLU GA 18 -13.38 -99.41 -12.56
C GLU GA 18 -13.65 -99.08 -11.10
N TYR GA 19 -12.59 -98.67 -10.40
CA TYR GA 19 -12.70 -98.32 -8.99
C TYR GA 19 -13.56 -97.07 -8.81
N ALA GA 20 -13.53 -96.19 -9.80
CA ALA GA 20 -14.38 -95.00 -9.78
C ALA GA 20 -15.84 -95.40 -9.96
N ILE GA 21 -16.08 -96.35 -10.88
CA ILE GA 21 -17.41 -96.91 -11.07
C ILE GA 21 -17.90 -97.49 -9.74
N GLU GA 22 -17.01 -98.17 -9.04
CA GLU GA 22 -17.32 -98.69 -7.71
C GLU GA 22 -17.62 -97.57 -6.74
N ALA GA 23 -16.97 -96.43 -6.94
CA ALA GA 23 -17.15 -95.28 -6.06
C ALA GA 23 -18.53 -94.65 -6.23
N ILE GA 24 -19.06 -94.69 -7.46
CA ILE GA 24 -20.39 -94.13 -7.73
C ILE GA 24 -21.48 -94.79 -6.88
N LYS GA 25 -21.32 -96.09 -6.61
CA LYS GA 25 -22.34 -96.87 -5.93
C LYS GA 25 -22.63 -96.41 -4.50
N LEU GA 26 -21.83 -95.48 -3.99
CA LEU GA 26 -22.00 -95.00 -2.63
C LEU GA 26 -22.69 -93.63 -2.60
N GLY GA 27 -23.09 -93.15 -3.78
CA GLY GA 27 -23.66 -91.82 -3.90
C GLY GA 27 -25.17 -91.79 -3.86
N SER GA 28 -25.73 -90.60 -3.70
CA SER GA 28 -27.18 -90.41 -3.69
C SER GA 28 -27.79 -90.81 -5.02
N THR GA 29 -28.85 -91.60 -4.98
CA THR GA 29 -29.49 -92.07 -6.20
C THR GA 29 -30.33 -90.98 -6.88
N ALA GA 30 -30.18 -90.88 -8.20
CA ALA GA 30 -30.90 -89.88 -8.98
C ALA GA 30 -31.56 -90.51 -10.20
N ILE GA 31 -32.69 -89.96 -10.60
CA ILE GA 31 -33.46 -90.48 -11.73
C ILE GA 31 -33.78 -89.38 -12.74
N GLY GA 32 -33.54 -89.68 -14.02
CA GLY GA 32 -33.90 -88.78 -15.08
C GLY GA 32 -34.84 -89.45 -16.07
N ILE GA 33 -35.90 -88.75 -16.44
CA ILE GA 33 -36.86 -89.29 -17.41
C ILE GA 33 -37.07 -88.34 -18.58
N GLN GA 34 -36.96 -88.90 -19.79
CA GLN GA 34 -37.19 -88.14 -21.02
C GLN GA 34 -38.63 -88.28 -21.47
N THR GA 35 -39.22 -87.17 -21.88
CA THR GA 35 -40.62 -87.12 -22.27
C THR GA 35 -40.80 -86.01 -23.31
N SER GA 36 -41.61 -86.27 -24.32
CA SER GA 36 -41.84 -85.30 -25.40
C SER GA 36 -42.35 -83.94 -24.91
N GLU GA 37 -42.82 -83.91 -23.66
CA GLU GA 37 -43.24 -82.66 -23.03
C GLU GA 37 -42.12 -82.03 -22.22
N GLY GA 38 -41.01 -82.74 -22.06
CA GLY GA 38 -39.87 -82.24 -21.33
C GLY GA 38 -39.12 -83.31 -20.55
N VAL GA 39 -37.94 -82.95 -20.04
CA VAL GA 39 -37.12 -83.89 -19.27
C VAL GA 39 -37.20 -83.56 -17.79
N CYS GA 40 -37.21 -84.58 -16.94
CA CYS GA 40 -37.23 -84.35 -15.50
C CYS GA 40 -36.10 -85.06 -14.78
N LEU GA 41 -35.56 -84.40 -13.76
CA LEU GA 41 -34.46 -84.94 -12.97
C LEU GA 41 -34.78 -84.82 -11.49
N ALA GA 42 -34.75 -85.94 -10.78
CA ALA GA 42 -35.02 -85.96 -9.34
C ALA GA 42 -33.88 -86.64 -8.60
N VAL GA 43 -33.59 -86.16 -7.39
CA VAL GA 43 -32.51 -86.77 -6.61
C VAL GA 43 -32.72 -86.57 -5.10
N GLU GA 44 -32.40 -87.61 -4.33
CA GLU GA 44 -32.43 -87.51 -2.88
C GLU GA 44 -31.23 -86.71 -2.36
N LYS GA 45 -31.44 -85.99 -1.27
CA LYS GA 45 -30.40 -85.12 -0.73
C LYS GA 45 -29.54 -85.80 0.34
N ARG GA 46 -30.09 -86.82 0.98
CA ARG GA 46 -29.39 -87.55 2.05
C ARG GA 46 -28.88 -86.64 3.17
N ILE GA 47 -29.80 -85.96 3.85
CA ILE GA 47 -29.41 -85.08 4.94
C ILE GA 47 -28.98 -85.91 6.15
N THR GA 48 -27.76 -85.67 6.62
CA THR GA 48 -27.19 -86.47 7.71
C THR GA 48 -27.38 -85.83 9.07
N SER GA 49 -27.96 -84.63 9.10
CA SER GA 49 -28.18 -83.91 10.34
C SER GA 49 -29.27 -82.85 10.21
N PRO GA 50 -30.11 -82.72 11.24
CA PRO GA 50 -31.16 -81.68 11.27
C PRO GA 50 -30.58 -80.28 11.26
N LEU GA 51 -29.32 -80.14 11.66
CA LEU GA 51 -28.66 -78.84 11.72
C LEU GA 51 -28.18 -78.39 10.34
N MET GA 52 -28.02 -79.34 9.43
CA MET GA 52 -27.55 -79.05 8.08
C MET GA 52 -28.64 -78.42 7.23
N GLU GA 53 -28.39 -77.21 6.74
CA GLU GA 53 -29.29 -76.54 5.81
C GLU GA 53 -29.38 -77.33 4.50
N PRO GA 54 -30.57 -77.86 4.20
CA PRO GA 54 -30.78 -78.72 3.04
C PRO GA 54 -30.72 -77.96 1.72
N SER GA 55 -30.90 -76.65 1.78
CA SER GA 55 -30.88 -75.83 0.56
C SER GA 55 -29.45 -75.61 0.05
N SER GA 56 -28.48 -76.04 0.84
CA SER GA 56 -27.08 -75.93 0.44
C SER GA 56 -26.59 -77.24 -0.19
N ILE GA 57 -27.50 -78.20 -0.31
CA ILE GA 57 -27.20 -79.45 -1.00
C ILE GA 57 -27.83 -79.42 -2.38
N GLU GA 58 -27.02 -79.12 -3.39
CA GLU GA 58 -27.52 -79.13 -4.76
C GLU GA 58 -26.84 -80.22 -5.58
N LYS GA 59 -27.61 -81.25 -5.91
CA LYS GA 59 -27.13 -82.32 -6.79
C LYS GA 59 -27.77 -82.16 -8.16
N ILE GA 60 -28.57 -81.11 -8.31
CA ILE GA 60 -29.12 -80.72 -9.60
C ILE GA 60 -28.75 -79.27 -9.86
N VAL GA 61 -28.02 -79.03 -10.95
CA VAL GA 61 -27.58 -77.68 -11.27
C VAL GA 61 -27.90 -77.30 -12.72
N GLU GA 62 -27.90 -76.01 -12.99
CA GLU GA 62 -28.19 -75.50 -14.32
C GLU GA 62 -26.91 -75.32 -15.13
N ILE GA 63 -26.77 -76.13 -16.19
CA ILE GA 63 -25.67 -75.96 -17.12
C ILE GA 63 -25.91 -74.72 -17.96
N ASP GA 64 -27.12 -74.64 -18.53
CA ASP GA 64 -27.54 -73.45 -19.26
C ASP GA 64 -29.06 -73.38 -19.19
N ALA GA 65 -29.64 -72.31 -19.72
CA ALA GA 65 -31.09 -72.10 -19.67
C ALA GA 65 -31.90 -73.25 -20.27
N HIS GA 66 -31.25 -74.07 -21.10
CA HIS GA 66 -31.92 -75.19 -21.73
C HIS GA 66 -31.36 -76.54 -21.30
N ILE GA 67 -30.36 -76.52 -20.42
CA ILE GA 67 -29.74 -77.78 -19.98
C ILE GA 67 -29.47 -77.82 -18.47
N GLY GA 68 -29.94 -78.88 -17.83
CA GLY GA 68 -29.69 -79.12 -16.42
C GLY GA 68 -28.97 -80.44 -16.21
N CYS GA 69 -28.30 -80.57 -15.07
CA CYS GA 69 -27.50 -81.75 -14.79
C CYS GA 69 -27.73 -82.31 -13.39
N ALA GA 70 -27.85 -83.64 -13.31
CA ALA GA 70 -27.94 -84.33 -12.03
C ALA GA 70 -26.69 -85.17 -11.82
N MET GA 71 -26.20 -85.22 -10.58
CA MET GA 71 -24.93 -85.88 -10.30
C MET GA 71 -25.01 -86.86 -9.14
N SER GA 72 -24.18 -87.90 -9.20
CA SER GA 72 -24.11 -88.86 -8.11
C SER GA 72 -22.69 -89.34 -7.84
N GLY GA 73 -22.31 -89.39 -6.57
CA GLY GA 73 -20.99 -89.84 -6.18
C GLY GA 73 -20.21 -88.76 -5.44
N LEU GA 74 -18.94 -88.61 -5.78
CA LEU GA 74 -18.10 -87.58 -5.20
C LEU GA 74 -18.41 -86.22 -5.84
N ILE GA 75 -19.24 -85.44 -5.16
CA ILE GA 75 -19.76 -84.18 -5.70
C ILE GA 75 -18.67 -83.16 -5.99
N ALA GA 76 -17.67 -83.13 -5.11
CA ALA GA 76 -16.54 -82.21 -5.26
C ALA GA 76 -15.88 -82.38 -6.62
N ASP GA 77 -15.82 -83.61 -7.12
CA ASP GA 77 -15.30 -83.90 -8.44
C ASP GA 77 -16.24 -83.36 -9.51
N ALA GA 78 -17.53 -83.40 -9.23
CA ALA GA 78 -18.54 -83.00 -10.19
C ALA GA 78 -18.55 -81.49 -10.41
N LYS GA 79 -18.25 -80.72 -9.38
CA LYS GA 79 -18.23 -79.26 -9.48
C LYS GA 79 -17.38 -78.76 -10.66
N THR GA 80 -16.19 -79.32 -10.80
CA THR GA 80 -15.27 -79.00 -11.88
C THR GA 80 -15.91 -79.25 -13.23
N LEU GA 81 -16.49 -80.42 -13.39
CA LEU GA 81 -17.14 -80.82 -14.63
C LEU GA 81 -18.30 -79.88 -14.99
N ILE GA 82 -19.08 -79.52 -13.97
CA ILE GA 82 -20.20 -78.59 -14.16
C ILE GA 82 -19.70 -77.25 -14.68
N ASP GA 83 -18.68 -76.71 -14.03
CA ASP GA 83 -18.15 -75.42 -14.45
C ASP GA 83 -17.59 -75.50 -15.88
N LYS GA 84 -16.93 -76.61 -16.19
CA LYS GA 84 -16.39 -76.82 -17.53
C LYS GA 84 -17.52 -76.84 -18.57
N ALA GA 85 -18.63 -77.46 -18.21
CA ALA GA 85 -19.79 -77.53 -19.10
C ALA GA 85 -20.37 -76.14 -19.35
N ARG GA 86 -20.58 -75.39 -18.27
CA ARG GA 86 -21.09 -74.03 -18.37
C ARG GA 86 -20.20 -73.17 -19.27
N VAL GA 87 -18.90 -73.23 -19.01
CA VAL GA 87 -17.93 -72.49 -19.80
C VAL GA 87 -17.98 -72.90 -21.28
N GLU GA 88 -18.08 -74.19 -21.54
CA GLU GA 88 -18.18 -74.68 -22.93
C GLU GA 88 -19.41 -74.14 -23.65
N THR GA 89 -20.56 -74.18 -22.98
CA THR GA 89 -21.79 -73.65 -23.56
C THR GA 89 -21.66 -72.15 -23.86
N GLN GA 90 -21.11 -71.40 -22.92
CA GLN GA 90 -20.95 -69.97 -23.13
C GLN GA 90 -19.95 -69.62 -24.23
N ASN GA 91 -18.87 -70.39 -24.33
CA ASN GA 91 -17.91 -70.22 -25.40
C ASN GA 91 -18.57 -70.47 -26.75
N HIS GA 92 -19.37 -71.53 -26.81
CA HIS GA 92 -20.06 -71.89 -28.03
C HIS GA 92 -21.05 -70.80 -28.44
N TRP GA 93 -21.77 -70.25 -27.46
CA TRP GA 93 -22.67 -69.14 -27.73
C TRP GA 93 -21.92 -67.93 -28.26
N PHE GA 94 -20.78 -67.63 -27.65
CA PHE GA 94 -19.96 -66.50 -28.07
C PHE GA 94 -19.51 -66.66 -29.51
N THR GA 95 -19.05 -67.86 -29.84
CA THR GA 95 -18.46 -68.14 -31.15
C THR GA 95 -19.49 -68.26 -32.28
N TYR GA 96 -20.59 -68.94 -32.01
CA TYR GA 96 -21.53 -69.32 -33.06
C TYR GA 96 -22.90 -68.67 -32.95
N ASN GA 97 -23.12 -67.92 -31.88
CA ASN GA 97 -24.40 -67.25 -31.66
C ASN GA 97 -25.58 -68.22 -31.67
N GLU GA 98 -25.59 -69.14 -30.71
CA GLU GA 98 -26.64 -70.13 -30.60
C GLU GA 98 -26.49 -70.97 -29.34
N THR GA 99 -27.35 -71.99 -29.21
CA THR GA 99 -27.31 -72.87 -28.05
C THR GA 99 -26.73 -74.24 -28.41
N MET GA 100 -25.98 -74.81 -27.49
CA MET GA 100 -25.38 -76.12 -27.71
C MET GA 100 -26.41 -77.22 -27.61
N THR GA 101 -26.30 -78.22 -28.47
CA THR GA 101 -27.11 -79.41 -28.34
C THR GA 101 -26.67 -80.16 -27.09
N VAL GA 102 -27.62 -80.81 -26.42
CA VAL GA 102 -27.34 -81.54 -25.19
C VAL GA 102 -26.23 -82.57 -25.41
N GLU GA 103 -26.27 -83.23 -26.56
CA GLU GA 103 -25.27 -84.23 -26.91
C GLU GA 103 -23.87 -83.62 -27.01
N SER GA 104 -23.79 -82.41 -27.55
CA SER GA 104 -22.51 -81.73 -27.69
C SER GA 104 -21.90 -81.39 -26.33
N VAL GA 105 -22.72 -80.88 -25.42
CA VAL GA 105 -22.28 -80.59 -24.06
C VAL GA 105 -21.81 -81.86 -23.36
N THR GA 106 -22.66 -82.89 -23.41
CA THR GA 106 -22.34 -84.17 -22.79
C THR GA 106 -21.02 -84.72 -23.31
N GLN GA 107 -20.82 -84.61 -24.63
CA GLN GA 107 -19.60 -85.08 -25.25
C GLN GA 107 -18.40 -84.27 -24.79
N ALA GA 108 -18.60 -82.96 -24.72
CA ALA GA 108 -17.54 -82.04 -24.29
C ALA GA 108 -17.05 -82.39 -22.90
N VAL GA 109 -17.98 -82.59 -21.97
CA VAL GA 109 -17.62 -83.01 -20.62
C VAL GA 109 -16.99 -84.40 -20.64
N SER GA 110 -17.49 -85.26 -21.52
CA SER GA 110 -16.98 -86.63 -21.63
C SER GA 110 -15.56 -86.67 -22.17
N ASN GA 111 -15.11 -85.57 -22.78
CA ASN GA 111 -13.75 -85.50 -23.31
C ASN GA 111 -12.70 -85.39 -22.22
N LEU GA 112 -13.15 -85.08 -21.00
CA LEU GA 112 -12.24 -84.98 -19.86
C LEU GA 112 -12.14 -86.32 -19.15
N ALA GA 113 -12.55 -87.38 -19.85
CA ALA GA 113 -12.63 -88.73 -19.28
C ALA GA 113 -11.31 -89.22 -18.73
N LEU GA 114 -10.51 -89.80 -19.61
CA LEU GA 114 -9.25 -90.41 -19.22
C LEU GA 114 -8.10 -89.41 -19.32
N GLN GA 115 -8.40 -88.16 -18.97
CA GLN GA 115 -7.40 -87.10 -18.99
C GLN GA 115 -6.61 -87.07 -17.68
N PHE GA 116 -6.15 -88.24 -17.25
CA PHE GA 116 -5.34 -88.35 -16.04
C PHE GA 116 -4.08 -89.16 -16.32
N GLY GA 117 -3.07 -88.99 -15.48
CA GLY GA 117 -1.82 -89.70 -15.66
C GLY GA 117 -0.72 -89.14 -14.80
N GLU GA 118 0.42 -89.83 -14.79
CA GLU GA 118 1.56 -89.42 -13.99
C GLU GA 118 2.65 -88.79 -14.86
N GLU GA 119 3.56 -89.62 -15.35
CA GLU GA 119 4.66 -89.14 -16.19
C GLU GA 119 4.17 -88.57 -17.51
N ASP GA 120 5.05 -87.82 -18.18
CA ASP GA 120 4.74 -87.21 -19.48
C ASP GA 120 3.49 -86.34 -19.45
N ALA GA 121 3.26 -85.67 -18.33
CA ALA GA 121 2.06 -84.86 -18.16
C ALA GA 121 2.33 -83.48 -17.58
N ASP GA 122 1.30 -82.63 -17.61
CA ASP GA 122 1.38 -81.28 -17.08
C ASP GA 122 1.43 -81.30 -15.56
N PRO GA 123 1.93 -80.22 -14.93
CA PRO GA 123 1.99 -80.17 -13.47
C PRO GA 123 0.61 -80.14 -12.81
N GLY GA 124 -0.36 -79.53 -13.46
CA GLY GA 124 -1.70 -79.41 -12.90
C GLY GA 124 -2.68 -80.43 -13.43
N ALA GA 125 -2.18 -81.35 -14.24
CA ALA GA 125 -3.02 -82.39 -14.84
C ALA GA 125 -3.60 -83.32 -13.77
N MET GA 126 -4.73 -83.94 -14.07
CA MET GA 126 -5.41 -84.81 -13.14
C MET GA 126 -4.60 -86.07 -12.80
N SER GA 127 -4.69 -86.50 -11.55
CA SER GA 127 -3.95 -87.67 -11.09
C SER GA 127 -4.82 -88.91 -11.09
N ARG GA 128 -6.12 -88.70 -11.18
CA ARG GA 128 -7.09 -89.79 -11.06
C ARG GA 128 -8.39 -89.43 -11.76
N PRO GA 129 -9.19 -90.45 -12.13
CA PRO GA 129 -10.48 -90.18 -12.77
C PRO GA 129 -11.45 -89.45 -11.85
N PHE GA 130 -12.54 -88.95 -12.42
CA PHE GA 130 -13.58 -88.29 -11.62
C PHE GA 130 -14.56 -89.35 -11.10
N GLY GA 131 -14.67 -89.46 -9.78
CA GLY GA 131 -15.56 -90.43 -9.18
C GLY GA 131 -16.98 -89.94 -9.11
N VAL GA 132 -17.59 -89.67 -10.27
CA VAL GA 132 -18.93 -89.12 -10.32
C VAL GA 132 -19.67 -89.58 -11.57
N ALA GA 133 -20.99 -89.62 -11.51
CA ALA GA 133 -21.82 -89.97 -12.66
C ALA GA 133 -22.83 -88.85 -12.94
N LEU GA 134 -23.10 -88.61 -14.21
CA LEU GA 134 -23.90 -87.47 -14.63
C LEU GA 134 -25.10 -87.82 -15.50
N LEU GA 135 -26.19 -87.08 -15.29
CA LEU GA 135 -27.37 -87.15 -16.14
C LEU GA 135 -27.64 -85.75 -16.71
N PHE GA 136 -27.53 -85.61 -18.02
CA PHE GA 136 -27.78 -84.35 -18.67
C PHE GA 136 -29.18 -84.31 -19.29
N GLY GA 137 -30.06 -83.52 -18.70
CA GLY GA 137 -31.41 -83.39 -19.22
C GLY GA 137 -31.63 -82.01 -19.80
N GLY GA 138 -32.04 -81.94 -21.06
CA GLY GA 138 -32.24 -80.66 -21.69
C GLY GA 138 -33.07 -80.68 -22.95
N VAL GA 139 -33.42 -79.50 -23.46
CA VAL GA 139 -34.21 -79.40 -24.68
C VAL GA 139 -33.47 -78.65 -25.77
N ASP GA 140 -33.24 -79.32 -26.90
CA ASP GA 140 -32.63 -78.67 -28.07
C ASP GA 140 -33.50 -78.78 -29.32
N GLU GA 141 -32.88 -78.66 -30.48
CA GLU GA 141 -33.61 -78.71 -31.75
C GLU GA 141 -34.18 -80.10 -32.00
N LYS GA 142 -33.58 -81.10 -31.37
CA LYS GA 142 -34.06 -82.48 -31.48
C LYS GA 142 -35.06 -82.77 -30.37
N GLY GA 143 -35.54 -81.72 -29.73
CA GLY GA 143 -36.52 -81.85 -28.66
C GLY GA 143 -35.89 -82.15 -27.32
N PRO GA 144 -36.68 -82.74 -26.42
CA PRO GA 144 -36.18 -83.19 -25.10
C PRO GA 144 -35.21 -84.35 -25.23
N GLN GA 145 -34.12 -84.30 -24.47
CA GLN GA 145 -33.09 -85.31 -24.50
C GLN GA 145 -32.48 -85.53 -23.11
N LEU GA 146 -32.15 -86.79 -22.83
CA LEU GA 146 -31.53 -87.17 -21.57
C LEU GA 146 -30.30 -88.04 -21.87
N PHE GA 147 -29.16 -87.67 -21.28
CA PHE GA 147 -27.92 -88.40 -21.49
C PHE GA 147 -27.33 -88.88 -20.17
N HIS GA 148 -26.54 -89.94 -20.24
CA HIS GA 148 -25.88 -90.50 -19.07
C HIS GA 148 -24.39 -90.64 -19.33
N MET GA 149 -23.59 -90.28 -18.33
CA MET GA 149 -22.13 -90.38 -18.45
C MET GA 149 -21.51 -90.91 -17.16
N ASP GA 150 -20.53 -91.81 -17.33
CA ASP GA 150 -19.81 -92.40 -16.20
C ASP GA 150 -18.31 -92.10 -16.35
N PRO GA 151 -17.53 -92.28 -15.27
CA PRO GA 151 -16.08 -92.03 -15.27
C PRO GA 151 -15.30 -92.62 -16.46
N SER GA 152 -15.87 -93.61 -17.14
CA SER GA 152 -15.19 -94.21 -18.29
C SER GA 152 -15.18 -93.23 -19.46
N GLY GA 153 -16.07 -92.24 -19.40
CA GLY GA 153 -16.21 -91.27 -20.46
C GLY GA 153 -17.24 -91.70 -21.48
N THR GA 154 -17.70 -92.94 -21.36
CA THR GA 154 -18.75 -93.44 -22.23
C THR GA 154 -20.06 -92.75 -21.90
N PHE GA 155 -20.58 -92.00 -22.86
CA PHE GA 155 -21.85 -91.31 -22.68
C PHE GA 155 -22.87 -91.84 -23.66
N VAL GA 156 -24.12 -91.98 -23.21
CA VAL GA 156 -25.16 -92.52 -24.07
C VAL GA 156 -26.54 -91.95 -23.73
N GLN GA 157 -27.39 -91.82 -24.74
CA GLN GA 157 -28.73 -91.28 -24.55
C GLN GA 157 -29.65 -92.31 -23.90
N CYS GA 158 -30.50 -91.84 -23.00
CA CYS GA 158 -31.44 -92.71 -22.31
C CYS GA 158 -32.84 -92.11 -22.33
N ASP GA 159 -33.85 -92.96 -22.40
CA ASP GA 159 -35.23 -92.50 -22.30
C ASP GA 159 -35.60 -92.33 -20.84
N ALA GA 160 -35.04 -93.20 -20.00
CA ALA GA 160 -35.19 -93.12 -18.56
C ALA GA 160 -34.01 -93.82 -17.92
N ARG GA 161 -33.40 -93.18 -16.93
CA ARG GA 161 -32.21 -93.76 -16.31
C ARG GA 161 -32.03 -93.37 -14.86
N ALA GA 162 -31.54 -94.32 -14.07
CA ALA GA 162 -31.27 -94.10 -12.66
C ALA GA 162 -29.80 -94.36 -12.34
N ILE GA 163 -29.19 -93.45 -11.61
CA ILE GA 163 -27.80 -93.61 -11.19
C ILE GA 163 -27.72 -93.51 -9.67
N GLY GA 164 -26.68 -94.11 -9.09
CA GLY GA 164 -26.48 -94.03 -7.65
C GLY GA 164 -26.47 -95.36 -6.95
N SER GA 165 -26.69 -95.32 -5.64
CA SER GA 165 -26.65 -96.52 -4.80
C SER GA 165 -27.76 -97.50 -5.16
N ALA GA 166 -28.97 -96.99 -5.31
CA ALA GA 166 -30.12 -97.83 -5.63
C ALA GA 166 -30.34 -97.90 -7.14
N SER GA 167 -29.24 -97.96 -7.89
CA SER GA 167 -29.28 -97.94 -9.34
C SER GA 167 -30.14 -99.06 -9.96
N GLU GA 168 -29.81 -100.30 -9.61
CA GLU GA 168 -30.46 -101.46 -10.22
C GLU GA 168 -31.96 -101.53 -9.99
N GLY GA 169 -32.36 -101.47 -8.72
CA GLY GA 169 -33.76 -101.54 -8.36
C GLY GA 169 -34.58 -100.44 -8.99
N ALA GA 170 -34.07 -99.20 -8.91
CA ALA GA 170 -34.75 -98.05 -9.49
C ALA GA 170 -34.83 -98.17 -11.01
N GLN GA 171 -33.84 -98.82 -11.61
CA GLN GA 171 -33.84 -99.02 -13.06
C GLN GA 171 -34.90 -100.03 -13.46
N SER GA 172 -35.04 -101.09 -12.67
CA SER GA 172 -36.08 -102.08 -12.89
C SER GA 172 -37.46 -101.42 -12.77
N SER GA 173 -37.66 -100.70 -11.68
CA SER GA 173 -38.90 -99.98 -11.44
C SER GA 173 -39.19 -98.97 -12.56
N LEU GA 174 -38.13 -98.43 -13.14
CA LEU GA 174 -38.27 -97.52 -14.27
C LEU GA 174 -38.73 -98.27 -15.52
N GLN GA 175 -38.13 -99.43 -15.76
CA GLN GA 175 -38.50 -100.25 -16.92
C GLN GA 175 -39.96 -100.69 -16.84
N GLU GA 176 -40.44 -100.89 -15.61
CA GLU GA 176 -41.83 -101.33 -15.42
C GLU GA 176 -42.86 -100.27 -15.75
N VAL GA 177 -42.48 -98.99 -15.70
CA VAL GA 177 -43.45 -97.91 -15.84
C VAL GA 177 -43.21 -96.95 -17.00
N TYR GA 178 -42.21 -97.24 -17.84
CA TYR GA 178 -41.90 -96.33 -18.94
C TYR GA 178 -42.42 -96.79 -20.30
N HIS GA 179 -43.22 -95.93 -20.93
CA HIS GA 179 -43.58 -96.07 -22.33
C HIS GA 179 -43.30 -94.74 -23.03
N LYS GA 180 -42.74 -94.81 -24.23
CA LYS GA 180 -42.29 -93.61 -24.93
C LYS GA 180 -43.41 -92.65 -25.32
N SER GA 181 -44.25 -92.29 -24.36
CA SER GA 181 -45.39 -91.40 -24.62
C SER GA 181 -46.01 -90.87 -23.33
N MET GA 182 -45.28 -91.01 -22.23
CA MET GA 182 -45.76 -90.50 -20.94
C MET GA 182 -45.92 -88.99 -20.99
N THR GA 183 -46.76 -88.46 -20.12
CA THR GA 183 -46.83 -87.02 -19.93
C THR GA 183 -45.80 -86.65 -18.87
N LEU GA 184 -45.42 -85.38 -18.82
CA LEU GA 184 -44.39 -84.95 -17.89
C LEU GA 184 -44.81 -85.16 -16.44
N LYS GA 185 -46.09 -84.94 -16.17
CA LYS GA 185 -46.63 -85.18 -14.83
C LYS GA 185 -46.48 -86.64 -14.43
N GLU GA 186 -46.71 -87.54 -15.37
CA GLU GA 186 -46.55 -88.97 -15.13
C GLU GA 186 -45.09 -89.30 -14.82
N ALA GA 187 -44.18 -88.66 -15.54
CA ALA GA 187 -42.75 -88.86 -15.35
C ALA GA 187 -42.31 -88.41 -13.96
N ILE GA 188 -42.73 -87.21 -13.57
CA ILE GA 188 -42.42 -86.67 -12.26
C ILE GA 188 -42.97 -87.57 -11.16
N LYS GA 189 -44.23 -87.96 -11.31
CA LYS GA 189 -44.91 -88.83 -10.36
C LYS GA 189 -44.15 -90.14 -10.18
N SER GA 190 -43.86 -90.82 -11.29
CA SER GA 190 -43.13 -92.08 -11.28
C SER GA 190 -41.77 -91.93 -10.62
N SER GA 191 -41.07 -90.86 -10.98
CA SER GA 191 -39.76 -90.56 -10.42
C SER GA 191 -39.83 -90.47 -8.90
N LEU GA 192 -40.76 -89.67 -8.39
CA LEU GA 192 -40.90 -89.49 -6.96
C LEU GA 192 -41.34 -90.78 -6.26
N ILE GA 193 -42.14 -91.59 -6.94
CA ILE GA 193 -42.58 -92.87 -6.38
C ILE GA 193 -41.39 -93.81 -6.19
N ILE GA 194 -40.63 -94.03 -7.27
CA ILE GA 194 -39.46 -94.89 -7.21
C ILE GA 194 -38.45 -94.37 -6.19
N LEU GA 195 -38.33 -93.04 -6.13
CA LEU GA 195 -37.45 -92.39 -5.16
C LEU GA 195 -37.88 -92.74 -3.74
N LYS GA 196 -39.18 -92.61 -3.46
CA LYS GA 196 -39.73 -92.94 -2.15
C LYS GA 196 -39.48 -94.40 -1.82
N GLN GA 197 -39.58 -95.26 -2.82
CA GLN GA 197 -39.32 -96.69 -2.63
C GLN GA 197 -37.89 -96.94 -2.20
N VAL GA 198 -36.94 -96.40 -2.95
CA VAL GA 198 -35.52 -96.71 -2.74
C VAL GA 198 -34.88 -95.95 -1.57
N MET GA 199 -35.44 -94.79 -1.21
CA MET GA 199 -34.89 -94.00 -0.12
C MET GA 199 -35.13 -94.65 1.24
N GLU GA 200 -34.15 -94.49 2.14
CA GLU GA 200 -34.27 -95.04 3.48
C GLU GA 200 -35.04 -94.08 4.39
N GLU GA 201 -34.99 -92.79 4.08
CA GLU GA 201 -35.72 -91.79 4.85
C GLU GA 201 -37.09 -91.53 4.23
N LYS GA 202 -38.00 -90.99 5.03
CA LYS GA 202 -39.34 -90.67 4.55
C LYS GA 202 -39.29 -89.50 3.56
N LEU GA 203 -39.78 -89.74 2.36
CA LEU GA 203 -39.74 -88.73 1.30
C LEU GA 203 -40.61 -87.52 1.62
N ASN GA 204 -39.99 -86.34 1.66
CA ASN GA 204 -40.73 -85.10 1.89
C ASN GA 204 -40.23 -83.96 1.01
N ALA GA 205 -40.71 -82.75 1.28
CA ALA GA 205 -40.42 -81.61 0.42
C ALA GA 205 -39.02 -81.04 0.63
N THR GA 206 -38.35 -81.48 1.69
CA THR GA 206 -37.01 -80.99 1.98
C THR GA 206 -35.99 -82.12 1.89
N ASN GA 207 -36.44 -83.28 1.45
CA ASN GA 207 -35.59 -84.46 1.38
C ASN GA 207 -34.95 -84.66 0.01
N ILE GA 208 -35.58 -84.07 -1.00
CA ILE GA 208 -35.12 -84.24 -2.38
C ILE GA 208 -35.15 -82.94 -3.17
N GLU GA 209 -34.71 -83.02 -4.42
CA GLU GA 209 -34.90 -81.93 -5.36
C GLU GA 209 -35.27 -82.44 -6.75
N LEU GA 210 -36.15 -81.71 -7.40
CA LEU GA 210 -36.68 -82.10 -8.70
C LEU GA 210 -36.63 -80.88 -9.62
N ALA GA 211 -36.28 -81.10 -10.88
CA ALA GA 211 -36.19 -80.01 -11.85
C ALA GA 211 -36.62 -80.50 -13.23
N THR GA 212 -37.22 -79.61 -14.02
CA THR GA 212 -37.67 -79.96 -15.35
C THR GA 212 -37.19 -78.99 -16.41
N VAL GA 213 -36.95 -79.50 -17.61
CA VAL GA 213 -36.62 -78.67 -18.76
C VAL GA 213 -37.56 -79.02 -19.91
N GLN GA 214 -38.42 -78.08 -20.28
CA GLN GA 214 -39.44 -78.34 -21.29
C GLN GA 214 -39.31 -77.37 -22.48
N PRO GA 215 -39.77 -77.81 -23.67
CA PRO GA 215 -39.67 -77.02 -24.91
C PRO GA 215 -40.11 -75.56 -24.79
N GLY GA 216 -41.07 -75.27 -23.92
CA GLY GA 216 -41.59 -73.93 -23.79
C GLY GA 216 -41.07 -73.15 -22.59
N GLN GA 217 -40.47 -73.86 -21.64
CA GLN GA 217 -40.03 -73.23 -20.39
C GLN GA 217 -38.57 -73.57 -20.07
N ASN GA 218 -37.84 -72.58 -19.56
CA ASN GA 218 -36.44 -72.77 -19.19
C ASN GA 218 -36.24 -73.82 -18.11
N PHE GA 219 -34.98 -74.04 -17.74
CA PHE GA 219 -34.64 -74.90 -16.61
C PHE GA 219 -35.33 -74.39 -15.36
N HIS GA 220 -36.13 -75.25 -14.73
CA HIS GA 220 -36.86 -74.84 -13.54
C HIS GA 220 -36.64 -75.77 -12.36
N MET GA 221 -36.09 -75.24 -11.29
CA MET GA 221 -35.93 -75.98 -10.04
C MET GA 221 -37.21 -75.87 -9.23
N PHE GA 222 -37.82 -77.01 -8.93
CA PHE GA 222 -39.06 -77.04 -8.17
C PHE GA 222 -38.90 -76.47 -6.76
N THR GA 223 -39.73 -75.49 -6.43
CA THR GA 223 -39.71 -74.89 -5.10
C THR GA 223 -40.35 -75.84 -4.09
N LYS GA 224 -40.33 -75.44 -2.81
CA LYS GA 224 -40.90 -76.27 -1.75
C LYS GA 224 -42.38 -76.54 -1.98
N GLU GA 225 -43.13 -75.50 -2.31
CA GLU GA 225 -44.57 -75.60 -2.51
C GLU GA 225 -44.94 -76.55 -3.65
N GLU GA 226 -44.26 -76.41 -4.78
CA GLU GA 226 -44.53 -77.24 -5.95
C GLU GA 226 -44.19 -78.71 -5.65
N LEU GA 227 -43.06 -78.91 -4.99
CA LEU GA 227 -42.66 -80.23 -4.52
C LEU GA 227 -43.77 -80.85 -3.66
N GLU GA 228 -44.29 -80.06 -2.73
CA GLU GA 228 -45.39 -80.50 -1.89
C GLU GA 228 -46.61 -80.87 -2.72
N GLU GA 229 -46.89 -80.07 -3.75
CA GLU GA 229 -48.08 -80.27 -4.56
C GLU GA 229 -47.95 -81.50 -5.47
N VAL GA 230 -46.73 -81.97 -5.68
CA VAL GA 230 -46.54 -83.23 -6.40
C VAL GA 230 -46.53 -84.42 -5.43
N ILE GA 231 -45.91 -84.23 -4.27
CA ILE GA 231 -45.86 -85.25 -3.23
C ILE GA 231 -47.26 -85.53 -2.69
N LYS GA 232 -48.10 -84.49 -2.72
CA LYS GA 232 -49.50 -84.58 -2.31
C LYS GA 232 -50.19 -85.83 -2.87
N ASP GA 233 -50.25 -85.91 -4.19
CA ASP GA 233 -50.82 -87.08 -4.85
C ASP GA 233 -49.82 -88.23 -4.85
N ILE GA 234 -49.48 -88.69 -3.65
CA ILE GA 234 -48.49 -89.74 -3.46
C ILE GA 234 -48.94 -91.05 -4.11
N ASN HA 1 3.42 -111.76 -12.71
CA ASN HA 1 2.77 -110.81 -11.82
C ASN HA 1 3.63 -109.57 -11.60
N GLN HA 2 4.94 -109.73 -11.77
CA GLN HA 2 5.88 -108.65 -11.58
C GLN HA 2 6.19 -107.93 -12.89
N TYR HA 3 5.66 -108.47 -13.99
CA TYR HA 3 5.86 -107.89 -15.30
C TYR HA 3 4.52 -107.43 -15.88
N ASP HA 4 3.55 -107.22 -15.00
CA ASP HA 4 2.16 -106.99 -15.43
C ASP HA 4 1.77 -105.53 -15.52
N ASN HA 5 2.38 -104.67 -14.69
CA ASN HA 5 1.82 -103.35 -14.46
C ASN HA 5 2.46 -102.17 -15.21
N ASP HA 6 3.52 -102.43 -15.96
CA ASP HA 6 4.17 -101.36 -16.72
C ASP HA 6 4.40 -101.74 -18.18
N VAL HA 7 4.24 -100.76 -19.06
CA VAL HA 7 4.37 -100.99 -20.50
C VAL HA 7 5.83 -100.97 -20.93
N THR HA 8 6.71 -100.61 -20.00
CA THR HA 8 8.14 -100.55 -20.30
C THR HA 8 8.87 -101.77 -19.77
N VAL HA 9 8.12 -102.77 -19.33
CA VAL HA 9 8.72 -103.97 -18.76
C VAL HA 9 8.51 -105.20 -19.62
N TRP HA 10 9.59 -105.69 -20.21
CA TRP HA 10 9.54 -106.93 -20.97
C TRP HA 10 9.43 -108.11 -20.02
N SER HA 11 8.65 -109.12 -20.39
CA SER HA 11 8.61 -110.36 -19.64
C SER HA 11 9.83 -111.18 -20.06
N PRO HA 12 10.24 -112.14 -19.23
CA PRO HA 12 11.38 -112.99 -19.61
C PRO HA 12 11.10 -113.84 -20.84
N GLN HA 13 9.85 -113.88 -21.27
CA GLN HA 13 9.45 -114.66 -22.45
C GLN HA 13 9.37 -113.77 -23.68
N GLY HA 14 9.86 -112.54 -23.56
CA GLY HA 14 9.86 -111.60 -24.67
C GLY HA 14 8.49 -111.06 -25.00
N ARG HA 15 7.72 -110.75 -23.96
CA ARG HA 15 6.36 -110.25 -24.15
C ARG HA 15 6.10 -109.03 -23.27
N ILE HA 16 5.13 -108.22 -23.65
CA ILE HA 16 4.72 -107.06 -22.86
C ILE HA 16 3.27 -107.22 -22.44
N HIS HA 17 3.06 -107.54 -21.17
CA HIS HA 17 1.73 -107.89 -20.69
C HIS HA 17 0.72 -106.74 -20.73
N GLN HA 18 1.17 -105.51 -20.51
CA GLN HA 18 0.27 -104.36 -20.54
C GLN HA 18 -0.33 -104.17 -21.93
N ILE HA 19 0.47 -104.43 -22.96
CA ILE HA 19 0.00 -104.33 -24.34
C ILE HA 19 -1.10 -105.35 -24.61
N GLU HA 20 -0.89 -106.59 -24.16
CA GLU HA 20 -1.85 -107.67 -24.36
C GLU HA 20 -3.13 -107.42 -23.57
N TYR HA 21 -2.97 -106.92 -22.35
CA TYR HA 21 -4.10 -106.56 -21.51
C TYR HA 21 -4.90 -105.47 -22.20
N ALA HA 22 -4.20 -104.55 -22.87
CA ALA HA 22 -4.86 -103.51 -23.65
C ALA HA 22 -5.59 -104.12 -24.85
N MET HA 23 -4.99 -105.17 -25.42
CA MET HA 23 -5.60 -105.87 -26.55
C MET HA 23 -6.92 -106.51 -26.11
N GLU HA 24 -6.97 -106.97 -24.87
CA GLU HA 24 -8.18 -107.58 -24.34
C GLU HA 24 -9.36 -106.60 -24.26
N ALA HA 25 -9.07 -105.30 -24.33
CA ALA HA 25 -10.12 -104.29 -24.23
C ALA HA 25 -11.01 -104.28 -25.46
N VAL HA 26 -10.44 -104.68 -26.59
CA VAL HA 26 -11.18 -104.71 -27.85
C VAL HA 26 -12.30 -105.75 -27.80
N LYS HA 27 -12.01 -106.87 -27.15
CA LYS HA 27 -12.97 -107.97 -27.05
C LYS HA 27 -14.09 -107.66 -26.07
N GLN HA 28 -13.93 -106.60 -25.30
CA GLN HA 28 -14.92 -106.21 -24.30
C GLN HA 28 -16.10 -105.47 -24.92
N GLY HA 29 -15.90 -104.92 -26.12
CA GLY HA 29 -16.95 -104.17 -26.80
C GLY HA 29 -17.79 -105.04 -27.71
N SER HA 30 -18.86 -104.46 -28.25
CA SER HA 30 -19.73 -105.19 -29.17
C SER HA 30 -19.05 -105.40 -30.52
N ALA HA 31 -19.37 -106.50 -31.18
CA ALA HA 31 -18.69 -106.88 -32.42
C ALA HA 31 -19.00 -105.95 -33.59
N THR HA 32 -18.09 -105.90 -34.55
CA THR HA 32 -18.29 -105.09 -35.75
C THR HA 32 -17.60 -105.73 -36.96
N VAL HA 33 -18.16 -105.49 -38.14
CA VAL HA 33 -17.67 -106.11 -39.37
C VAL HA 33 -17.32 -105.05 -40.42
N GLY HA 34 -16.29 -105.33 -41.19
CA GLY HA 34 -15.91 -104.46 -42.30
C GLY HA 34 -15.52 -105.25 -43.52
N LEU HA 35 -16.06 -104.87 -44.68
CA LEU HA 35 -15.73 -105.55 -45.93
C LEU HA 35 -15.74 -104.59 -47.11
N LYS HA 36 -15.00 -104.93 -48.16
CA LYS HA 36 -14.95 -104.09 -49.35
C LYS HA 36 -15.23 -104.89 -50.62
N SER HA 37 -15.92 -104.26 -51.57
CA SER HA 37 -16.11 -104.85 -52.89
C SER HA 37 -14.94 -104.43 -53.77
N LYS HA 38 -15.26 -103.80 -54.90
CA LYS HA 38 -14.22 -103.22 -55.74
C LYS HA 38 -14.55 -101.75 -55.97
N THR HA 39 -15.72 -101.35 -55.49
CA THR HA 39 -16.19 -99.97 -55.65
C THR HA 39 -16.60 -99.37 -54.32
N HIS HA 40 -16.97 -100.23 -53.36
CA HIS HA 40 -17.47 -99.75 -52.08
C HIS HA 40 -16.79 -100.39 -50.86
N ALA HA 41 -16.67 -99.59 -49.81
CA ALA HA 41 -16.22 -100.08 -48.51
C ALA HA 41 -17.36 -99.91 -47.51
N VAL HA 42 -17.60 -100.97 -46.74
CA VAL HA 42 -18.76 -101.05 -45.86
C VAL HA 42 -18.42 -101.50 -44.44
N LEU HA 43 -18.91 -100.72 -43.48
CA LEU HA 43 -18.82 -101.08 -42.07
C LEU HA 43 -20.21 -101.38 -41.55
N VAL HA 44 -20.37 -102.50 -40.87
CA VAL HA 44 -21.63 -102.85 -40.24
C VAL HA 44 -21.36 -103.08 -38.76
N ALA HA 45 -22.03 -102.32 -37.90
CA ALA HA 45 -21.75 -102.40 -36.47
C ALA HA 45 -22.97 -102.77 -35.65
N LEU HA 46 -22.79 -103.71 -34.73
CA LEU HA 46 -23.83 -104.10 -33.79
C LEU HA 46 -23.79 -103.19 -32.57
N LYS HA 47 -24.75 -102.26 -32.49
CA LYS HA 47 -24.83 -101.36 -31.35
C LYS HA 47 -25.34 -102.11 -30.12
N ARG HA 48 -24.80 -101.76 -28.96
CA ARG HA 48 -25.17 -102.41 -27.71
C ARG HA 48 -25.94 -101.44 -26.81
N ALA HA 49 -26.83 -101.97 -25.99
CA ALA HA 49 -27.59 -101.14 -25.07
C ALA HA 49 -27.46 -101.65 -23.62
N GLN HA 50 -27.37 -100.71 -22.69
CA GLN HA 50 -27.31 -101.07 -21.27
C GLN HA 50 -28.64 -101.68 -20.86
N SER HA 51 -29.66 -100.84 -20.72
CA SER HA 51 -31.01 -101.32 -20.48
C SER HA 51 -31.87 -101.01 -21.69
N GLU HA 52 -33.14 -101.40 -21.63
CA GLU HA 52 -34.06 -101.16 -22.74
C GLU HA 52 -34.49 -99.70 -22.80
N LEU HA 53 -34.17 -98.95 -21.73
CA LEU HA 53 -34.53 -97.53 -21.66
C LEU HA 53 -33.37 -96.65 -22.13
N ALA HA 54 -32.22 -97.26 -22.36
CA ALA HA 54 -31.06 -96.52 -22.84
C ALA HA 54 -30.86 -96.73 -24.33
N ALA HA 55 -30.60 -95.65 -25.06
CA ALA HA 55 -30.34 -95.73 -26.49
C ALA HA 55 -29.07 -96.52 -26.74
N HIS HA 56 -28.92 -97.00 -27.97
CA HIS HA 56 -27.77 -97.84 -28.32
C HIS HA 56 -26.51 -97.02 -28.58
N GLN HA 57 -25.38 -97.55 -28.14
CA GLN HA 57 -24.09 -96.86 -28.25
C GLN HA 57 -23.66 -96.65 -29.68
N LYS HA 58 -23.19 -95.44 -29.99
CA LYS HA 58 -22.64 -95.15 -31.31
C LYS HA 58 -21.39 -95.98 -31.55
N LYS HA 59 -21.26 -96.53 -32.75
CA LYS HA 59 -20.14 -97.41 -33.05
C LYS HA 59 -19.47 -96.99 -34.36
N ILE HA 60 -20.15 -96.14 -35.12
CA ILE HA 60 -19.60 -95.67 -36.39
C ILE HA 60 -19.43 -94.15 -36.39
N LEU HA 61 -18.23 -93.70 -36.71
CA LEU HA 61 -17.90 -92.28 -36.65
C LEU HA 61 -17.38 -91.74 -37.98
N HIS HA 62 -17.72 -90.50 -38.27
CA HIS HA 62 -17.27 -89.85 -39.50
C HIS HA 62 -15.90 -89.22 -39.30
N VAL HA 63 -14.97 -89.50 -40.22
CA VAL HA 63 -13.63 -88.93 -40.15
C VAL HA 63 -13.44 -87.88 -41.22
N ASP HA 64 -13.59 -88.28 -42.48
CA ASP HA 64 -13.55 -87.36 -43.60
C ASP HA 64 -14.54 -87.82 -44.66
N ASN HA 65 -14.76 -87.00 -45.69
CA ASN HA 65 -15.70 -87.31 -46.75
C ASN HA 65 -15.43 -88.65 -47.42
N HIS HA 66 -14.20 -89.14 -47.29
CA HIS HA 66 -13.81 -90.39 -47.92
C HIS HA 66 -13.39 -91.45 -46.90
N ILE HA 67 -13.49 -91.13 -45.62
CA ILE HA 67 -13.05 -92.05 -44.57
C ILE HA 67 -13.97 -92.09 -43.36
N GLY HA 68 -14.33 -93.30 -42.93
CA GLY HA 68 -15.12 -93.49 -41.72
C GLY HA 68 -14.58 -94.66 -40.91
N ILE HA 69 -14.93 -94.71 -39.63
CA ILE HA 69 -14.42 -95.75 -38.75
C ILE HA 69 -15.49 -96.44 -37.91
N SER HA 70 -15.16 -97.64 -37.44
CA SER HA 70 -15.98 -98.39 -36.51
C SER HA 70 -15.11 -98.77 -35.32
N ILE HA 71 -15.59 -98.44 -34.12
CA ILE HA 71 -14.78 -98.57 -32.91
C ILE HA 71 -15.10 -99.83 -32.10
N ALA HA 72 -14.11 -100.27 -31.32
CA ALA HA 72 -14.29 -101.44 -30.45
C ALA HA 72 -13.36 -101.37 -29.24
N GLY HA 73 -13.89 -100.89 -28.12
CA GLY HA 73 -13.10 -100.73 -26.91
C GLY HA 73 -13.51 -99.52 -26.10
N LEU HA 74 -12.53 -98.86 -25.48
CA LEU HA 74 -12.80 -97.67 -24.68
C LEU HA 74 -13.24 -96.51 -25.57
N THR HA 75 -14.46 -96.03 -25.32
CA THR HA 75 -15.04 -94.98 -26.15
C THR HA 75 -14.26 -93.66 -26.07
N ALA HA 76 -13.62 -93.42 -24.93
CA ALA HA 76 -12.81 -92.21 -24.76
C ALA HA 76 -11.59 -92.24 -25.67
N ASP HA 77 -10.86 -93.34 -25.63
CA ASP HA 77 -9.70 -93.55 -26.51
C ASP HA 77 -10.14 -93.51 -27.97
N ALA HA 78 -11.31 -94.07 -28.23
CA ALA HA 78 -11.89 -94.06 -29.57
C ALA HA 78 -12.10 -92.64 -30.05
N ARG HA 79 -12.70 -91.82 -29.20
CA ARG HA 79 -12.94 -90.42 -29.54
C ARG HA 79 -11.63 -89.67 -29.75
N LEU HA 80 -10.63 -89.96 -28.92
CA LEU HA 80 -9.30 -89.36 -29.05
C LEU HA 80 -8.73 -89.66 -30.43
N LEU HA 81 -8.57 -90.95 -30.72
CA LEU HA 81 -8.01 -91.39 -31.99
C LEU HA 81 -8.80 -90.83 -33.18
N CYS HA 82 -10.12 -90.78 -33.03
CA CYS HA 82 -10.99 -90.26 -34.07
C CYS HA 82 -10.66 -88.80 -34.35
N ASN HA 83 -10.59 -88.00 -33.29
CA ASN HA 83 -10.25 -86.58 -33.43
C ASN HA 83 -8.87 -86.40 -34.04
N PHE HA 84 -7.96 -87.31 -33.73
CA PHE HA 84 -6.63 -87.28 -34.32
C PHE HA 84 -6.70 -87.49 -35.83
N MET HA 85 -7.43 -88.52 -36.25
CA MET HA 85 -7.58 -88.82 -37.67
C MET HA 85 -8.25 -87.68 -38.42
N ARG HA 86 -9.31 -87.15 -37.84
CA ARG HA 86 -10.01 -85.99 -38.38
C ARG HA 86 -9.04 -84.84 -38.58
N GLN HA 87 -8.23 -84.57 -37.57
CA GLN HA 87 -7.27 -83.48 -37.62
C GLN HA 87 -6.24 -83.69 -38.74
N GLU HA 88 -5.73 -84.92 -38.86
CA GLU HA 88 -4.75 -85.22 -39.90
C GLU HA 88 -5.34 -85.03 -41.30
N CYS HA 89 -6.59 -85.48 -41.46
CA CYS HA 89 -7.28 -85.32 -42.74
C CYS HA 89 -7.47 -83.85 -43.08
N LEU HA 90 -7.96 -83.08 -42.12
CA LEU HA 90 -8.12 -81.64 -42.30
C LEU HA 90 -6.80 -80.98 -42.67
N ASP HA 91 -5.72 -81.39 -42.02
CA ASP HA 91 -4.39 -80.88 -42.33
C ASP HA 91 -4.02 -81.17 -43.79
N SER HA 92 -4.27 -82.41 -44.20
CA SER HA 92 -3.95 -82.81 -45.57
C SER HA 92 -4.73 -82.00 -46.59
N ARG HA 93 -6.00 -81.74 -46.30
CA ARG HA 93 -6.83 -80.93 -47.21
C ARG HA 93 -6.39 -79.47 -47.22
N PHE HA 94 -5.99 -78.97 -46.06
CA PHE HA 94 -5.55 -77.58 -45.94
C PHE HA 94 -4.26 -77.36 -46.72
N VAL HA 95 -3.34 -78.30 -46.62
CA VAL HA 95 -2.03 -78.16 -47.25
C VAL HA 95 -2.02 -78.51 -48.73
N PHE HA 96 -2.60 -79.65 -49.09
CA PHE HA 96 -2.51 -80.16 -50.46
C PHE HA 96 -3.80 -80.07 -51.28
N ASP HA 97 -4.89 -79.67 -50.64
CA ASP HA 97 -6.19 -79.55 -51.30
C ASP HA 97 -6.68 -80.88 -51.90
N ARG HA 98 -6.10 -81.98 -51.44
CA ARG HA 98 -6.52 -83.30 -51.87
C ARG HA 98 -6.71 -84.18 -50.64
N PRO HA 99 -7.66 -85.12 -50.71
CA PRO HA 99 -7.94 -86.00 -49.56
C PRO HA 99 -6.76 -86.89 -49.20
N LEU HA 100 -6.56 -87.10 -47.91
CA LEU HA 100 -5.46 -87.91 -47.41
C LEU HA 100 -5.64 -89.39 -47.75
N PRO HA 101 -4.67 -89.97 -48.47
CA PRO HA 101 -4.66 -91.41 -48.76
C PRO HA 101 -4.84 -92.22 -47.48
N VAL HA 102 -5.79 -93.16 -47.48
CA VAL HA 102 -6.15 -93.91 -46.28
C VAL HA 102 -4.96 -94.60 -45.64
N SER HA 103 -4.14 -95.25 -46.45
CA SER HA 103 -3.00 -96.01 -45.96
C SER HA 103 -2.04 -95.15 -45.14
N ARG HA 104 -1.88 -93.90 -45.58
CA ARG HA 104 -1.00 -92.97 -44.89
C ARG HA 104 -1.58 -92.56 -43.54
N LEU HA 105 -2.89 -92.36 -43.51
CA LEU HA 105 -3.58 -92.05 -42.26
C LEU HA 105 -3.42 -93.19 -41.27
N VAL HA 106 -3.55 -94.42 -41.77
CA VAL HA 106 -3.37 -95.60 -40.94
C VAL HA 106 -1.94 -95.67 -40.41
N SER HA 107 -0.98 -95.36 -41.27
CA SER HA 107 0.43 -95.31 -40.88
C SER HA 107 0.65 -94.31 -39.74
N LEU HA 108 0.01 -93.15 -39.86
CA LEU HA 108 0.10 -92.14 -38.81
C LEU HA 108 -0.53 -92.62 -37.51
N ILE HA 109 -1.63 -93.37 -37.62
CA ILE HA 109 -2.25 -93.97 -36.45
C ILE HA 109 -1.28 -94.93 -35.77
N GLY HA 110 -0.57 -95.71 -36.58
CA GLY HA 110 0.43 -96.63 -36.07
C GLY HA 110 1.53 -95.90 -35.33
N SER HA 111 2.07 -94.86 -35.97
CA SER HA 111 3.14 -94.07 -35.37
C SER HA 111 2.72 -93.44 -34.05
N LYS HA 112 1.53 -92.84 -34.02
CA LYS HA 112 1.04 -92.20 -32.82
C LYS HA 112 0.80 -93.19 -31.69
N THR HA 113 0.13 -94.29 -32.01
CA THR HA 113 -0.23 -95.28 -30.99
C THR HA 113 0.95 -96.10 -30.49
N GLN HA 114 2.03 -96.12 -31.27
CA GLN HA 114 3.23 -96.86 -30.86
C GLN HA 114 3.99 -96.15 -29.74
N ILE HA 115 3.97 -94.82 -29.75
CA ILE HA 115 4.72 -94.03 -28.78
C ILE HA 115 4.46 -94.37 -27.30
N PRO HA 116 3.17 -94.39 -26.87
CA PRO HA 116 2.97 -94.61 -25.44
C PRO HA 116 3.24 -96.05 -24.98
N THR HA 117 3.57 -96.95 -25.91
CA THR HA 117 3.88 -98.32 -25.54
C THR HA 117 5.36 -98.49 -25.19
N GLN HA 118 6.09 -97.37 -25.14
CA GLN HA 118 7.53 -97.42 -24.92
C GLN HA 118 7.98 -96.41 -23.86
N ARG HA 119 7.05 -95.72 -23.25
CA ARG HA 119 7.37 -94.73 -22.23
C ARG HA 119 6.75 -95.05 -20.88
N TYR HA 120 7.56 -94.93 -19.83
CA TYR HA 120 7.11 -95.19 -18.46
C TYR HA 120 5.98 -94.26 -18.06
N GLY HA 121 4.96 -94.82 -17.42
CA GLY HA 121 3.85 -94.03 -16.93
C GLY HA 121 2.78 -93.80 -17.99
N ARG HA 122 3.08 -94.23 -19.21
CA ARG HA 122 2.12 -94.12 -20.32
C ARG HA 122 1.42 -95.46 -20.50
N ARG HA 123 0.38 -95.47 -21.33
CA ARG HA 123 -0.39 -96.68 -21.58
C ARG HA 123 -0.83 -96.75 -23.03
N PRO HA 124 -1.01 -97.99 -23.55
CA PRO HA 124 -1.50 -98.16 -24.92
C PRO HA 124 -2.93 -97.66 -25.07
N TYR HA 125 -3.34 -97.38 -26.31
CA TYR HA 125 -4.71 -96.98 -26.59
C TYR HA 125 -5.63 -98.20 -26.50
N GLY HA 126 -6.59 -98.15 -25.58
CA GLY HA 126 -7.48 -99.27 -25.36
C GLY HA 126 -8.63 -99.32 -26.35
N VAL HA 127 -8.32 -99.43 -27.63
CA VAL HA 127 -9.35 -99.39 -28.67
C VAL HA 127 -8.88 -100.01 -29.97
N GLY HA 128 -9.76 -100.77 -30.60
CA GLY HA 128 -9.51 -101.34 -31.91
C GLY HA 128 -10.37 -100.62 -32.93
N LEU HA 129 -9.83 -100.43 -34.14
CA LEU HA 129 -10.56 -99.70 -35.16
C LEU HA 129 -10.67 -100.45 -36.49
N LEU HA 130 -11.83 -100.30 -37.12
CA LEU HA 130 -12.02 -100.72 -38.50
C LEU HA 130 -12.20 -99.48 -39.36
N ILE HA 131 -11.31 -99.27 -40.32
CA ILE HA 131 -11.33 -98.06 -41.13
C ILE HA 131 -11.77 -98.35 -42.55
N ALA HA 132 -12.88 -97.75 -42.95
CA ALA HA 132 -13.36 -97.87 -44.33
C ALA HA 132 -13.08 -96.57 -45.08
N GLY HA 133 -12.40 -96.68 -46.22
CA GLY HA 133 -12.06 -95.49 -46.98
C GLY HA 133 -12.04 -95.71 -48.48
N TYR HA 134 -12.06 -94.62 -49.24
CA TYR HA 134 -11.94 -94.71 -50.68
C TYR HA 134 -11.00 -93.65 -51.24
N ASP HA 135 -10.01 -94.10 -52.02
CA ASP HA 135 -9.11 -93.18 -52.70
C ASP HA 135 -8.87 -93.68 -54.14
N ASP HA 136 -7.87 -93.11 -54.81
CA ASP HA 136 -7.54 -93.55 -56.17
C ASP HA 136 -6.71 -94.82 -56.19
N MET HA 137 -6.86 -95.63 -55.15
CA MET HA 137 -6.37 -96.99 -55.13
C MET HA 137 -7.54 -97.92 -54.83
N GLY HA 138 -8.74 -97.34 -54.79
CA GLY HA 138 -9.96 -98.09 -54.58
C GLY HA 138 -10.49 -97.96 -53.17
N PRO HA 139 -11.35 -98.91 -52.76
CA PRO HA 139 -11.84 -99.02 -51.39
C PRO HA 139 -10.79 -99.69 -50.50
N HIS HA 140 -10.91 -99.46 -49.19
CA HIS HA 140 -9.94 -99.97 -48.23
C HIS HA 140 -10.62 -100.26 -46.91
N ILE HA 141 -10.33 -101.44 -46.36
CA ILE HA 141 -10.71 -101.77 -45.00
C ILE HA 141 -9.44 -102.04 -44.19
N PHE HA 142 -9.18 -101.22 -43.17
CA PHE HA 142 -8.01 -101.38 -42.34
C PHE HA 142 -8.38 -101.75 -40.91
N GLN HA 143 -7.44 -102.34 -40.19
CA GLN HA 143 -7.67 -102.69 -38.80
C GLN HA 143 -6.52 -102.20 -37.92
N THR HA 144 -6.83 -101.48 -36.86
CA THR HA 144 -5.78 -101.01 -35.95
C THR HA 144 -5.99 -101.53 -34.53
N CYS HA 145 -4.90 -102.04 -33.95
CA CYS HA 145 -4.92 -102.64 -32.62
C CYS HA 145 -4.20 -101.77 -31.59
N PRO HA 146 -4.53 -101.95 -30.30
CA PRO HA 146 -3.83 -101.29 -29.19
C PRO HA 146 -2.31 -101.52 -29.21
N SER HA 147 -1.87 -102.59 -29.87
CA SER HA 147 -0.45 -102.87 -30.00
C SER HA 147 0.21 -102.00 -31.07
N ALA HA 148 -0.56 -101.05 -31.59
CA ALA HA 148 -0.12 -100.11 -32.63
C ALA HA 148 0.22 -100.79 -33.96
N ASN HA 149 -0.19 -102.04 -34.10
CA ASN HA 149 -0.04 -102.76 -35.35
C ASN HA 149 -1.29 -102.58 -36.21
N TYR HA 150 -1.11 -102.45 -37.51
CA TYR HA 150 -2.25 -102.28 -38.40
C TYR HA 150 -2.24 -103.25 -39.56
N PHE HA 151 -3.42 -103.56 -40.09
CA PHE HA 151 -3.56 -104.55 -41.14
C PHE HA 151 -4.44 -104.04 -42.29
N ASP HA 152 -4.00 -104.30 -43.51
CA ASP HA 152 -4.82 -104.06 -44.69
C ASP HA 152 -5.63 -105.32 -44.97
N CYS HA 153 -6.95 -105.17 -44.98
CA CYS HA 153 -7.85 -106.31 -45.01
C CYS HA 153 -8.75 -106.35 -46.24
N ARG HA 154 -9.16 -107.55 -46.60
CA ARG HA 154 -10.19 -107.75 -47.61
C ARG HA 154 -11.52 -107.76 -46.87
N ALA HA 155 -11.47 -108.29 -45.66
CA ALA HA 155 -12.61 -108.33 -44.75
C ALA HA 155 -12.07 -108.53 -43.34
N MET HA 156 -12.80 -108.06 -42.34
CA MET HA 156 -12.36 -108.22 -40.96
C MET HA 156 -13.49 -108.07 -39.94
N SER HA 157 -13.35 -108.73 -38.78
CA SER HA 157 -14.28 -108.52 -37.67
C SER HA 157 -13.53 -108.48 -36.34
N ILE HA 158 -13.90 -107.52 -35.49
CA ILE HA 158 -13.31 -107.41 -34.17
C ILE HA 158 -14.35 -107.27 -33.07
N GLY HA 159 -14.03 -107.81 -31.89
CA GLY HA 159 -14.87 -107.64 -30.73
C GLY HA 159 -15.41 -108.92 -30.13
N ALA HA 160 -16.44 -108.78 -29.29
CA ALA HA 160 -17.05 -109.90 -28.60
C ALA HA 160 -17.68 -110.90 -29.57
N ARG HA 161 -17.20 -112.15 -29.50
CA ARG HA 161 -17.70 -113.25 -30.32
C ARG HA 161 -17.56 -112.96 -31.82
N SER HA 162 -16.55 -112.18 -32.18
CA SER HA 162 -16.33 -111.81 -33.57
C SER HA 162 -15.74 -112.97 -34.39
N GLN HA 163 -15.38 -114.05 -33.70
CA GLN HA 163 -14.82 -115.23 -34.33
C GLN HA 163 -15.78 -115.83 -35.36
N SER HA 164 -17.06 -115.83 -35.03
CA SER HA 164 -18.09 -116.33 -35.93
C SER HA 164 -18.12 -115.53 -37.22
N ALA HA 165 -18.12 -114.20 -37.07
CA ALA HA 165 -18.12 -113.29 -38.21
C ALA HA 165 -16.89 -113.51 -39.08
N ARG HA 166 -15.74 -113.68 -38.43
CA ARG HA 166 -14.49 -113.94 -39.13
C ARG HA 166 -14.61 -115.22 -39.97
N THR HA 167 -15.08 -116.28 -39.32
CA THR HA 167 -15.28 -117.57 -39.97
C THR HA 167 -16.21 -117.44 -41.18
N TYR HA 168 -17.25 -116.62 -41.04
CA TYR HA 168 -18.18 -116.38 -42.14
C TYR HA 168 -17.49 -115.68 -43.31
N LEU HA 169 -16.86 -114.54 -43.03
CA LEU HA 169 -16.22 -113.72 -44.05
C LEU HA 169 -15.16 -114.50 -44.83
N GLU HA 170 -14.43 -115.34 -44.12
CA GLU HA 170 -13.34 -116.13 -44.71
C GLU HA 170 -13.84 -117.08 -45.81
N ARG HA 171 -15.14 -117.35 -45.81
CA ARG HA 171 -15.74 -118.21 -46.82
C ARG HA 171 -16.22 -117.42 -48.04
N HIS HA 172 -16.56 -116.15 -47.84
CA HIS HA 172 -17.17 -115.34 -48.89
C HIS HA 172 -16.26 -114.25 -49.44
N MET HA 173 -14.99 -114.27 -49.03
CA MET HA 173 -13.98 -113.38 -49.59
C MET HA 173 -14.04 -113.32 -51.12
N SER HA 174 -14.08 -114.50 -51.74
CA SER HA 174 -14.09 -114.62 -53.20
C SER HA 174 -15.31 -113.96 -53.82
N GLU HA 175 -16.42 -114.00 -53.10
CA GLU HA 175 -17.66 -113.38 -53.57
C GLU HA 175 -17.59 -111.86 -53.46
N PHE HA 176 -16.97 -111.38 -52.39
CA PHE HA 176 -16.94 -109.95 -52.06
C PHE HA 176 -16.55 -109.00 -53.20
N MET HA 177 -15.49 -109.33 -53.93
CA MET HA 177 -14.91 -108.41 -54.91
C MET HA 177 -15.83 -108.01 -56.06
N GLU HA 178 -16.91 -108.77 -56.27
CA GLU HA 178 -17.79 -108.52 -57.40
C GLU HA 178 -19.22 -108.16 -57.01
N CYS HA 179 -19.52 -108.23 -55.72
CA CYS HA 179 -20.86 -107.91 -55.22
C CYS HA 179 -21.23 -106.46 -55.51
N ASN HA 180 -22.52 -106.21 -55.72
CA ASN HA 180 -23.01 -104.84 -55.73
C ASN HA 180 -23.14 -104.38 -54.29
N LEU HA 181 -23.50 -103.12 -54.08
CA LEU HA 181 -23.54 -102.56 -52.74
C LEU HA 181 -24.49 -103.32 -51.81
N ASN HA 182 -25.68 -103.62 -52.30
CA ASN HA 182 -26.69 -104.28 -51.48
C ASN HA 182 -26.24 -105.68 -51.03
N GLU HA 183 -25.61 -106.42 -51.93
CA GLU HA 183 -25.09 -107.75 -51.61
C GLU HA 183 -23.94 -107.66 -50.61
N LEU HA 184 -23.13 -106.62 -50.74
CA LEU HA 184 -22.00 -106.40 -49.84
C LEU HA 184 -22.49 -106.13 -48.42
N VAL HA 185 -23.44 -105.19 -48.30
CA VAL HA 185 -24.07 -104.91 -47.02
C VAL HA 185 -24.77 -106.14 -46.45
N LYS HA 186 -25.38 -106.93 -47.33
CA LYS HA 186 -25.99 -108.20 -46.94
C LYS HA 186 -24.96 -109.09 -46.25
N HIS HA 187 -23.87 -109.38 -46.96
CA HIS HA 187 -22.79 -110.20 -46.41
C HIS HA 187 -22.29 -109.67 -45.07
N GLY HA 188 -22.12 -108.35 -44.99
CA GLY HA 188 -21.71 -107.73 -43.74
C GLY HA 188 -22.70 -108.01 -42.61
N LEU HA 189 -23.99 -107.91 -42.93
CA LEU HA 189 -25.04 -108.13 -41.94
C LEU HA 189 -25.12 -109.59 -41.49
N ARG HA 190 -24.85 -110.52 -42.40
CA ARG HA 190 -24.85 -111.93 -42.08
C ARG HA 190 -23.67 -112.26 -41.17
N ALA HA 191 -22.49 -111.75 -41.54
CA ALA HA 191 -21.30 -111.89 -40.71
C ALA HA 191 -21.56 -111.35 -39.31
N LEU HA 192 -22.16 -110.16 -39.24
CA LEU HA 192 -22.45 -109.53 -37.96
C LEU HA 192 -23.42 -110.36 -37.13
N ARG HA 193 -24.47 -110.87 -37.77
CA ARG HA 193 -25.50 -111.63 -37.08
C ARG HA 193 -25.01 -113.00 -36.64
N GLU HA 194 -23.96 -113.50 -37.27
CA GLU HA 194 -23.35 -114.76 -36.87
C GLU HA 194 -22.83 -114.72 -35.42
N THR HA 195 -22.59 -113.52 -34.93
CA THR HA 195 -22.04 -113.33 -33.59
C THR HA 195 -23.16 -113.20 -32.55
N LEU HA 196 -24.27 -113.90 -32.80
CA LEU HA 196 -25.42 -113.84 -31.91
C LEU HA 196 -26.04 -115.22 -31.74
N PRO HA 197 -26.50 -115.54 -30.52
CA PRO HA 197 -27.29 -116.75 -30.29
C PRO HA 197 -28.59 -116.67 -31.06
N ALA HA 198 -29.21 -117.82 -31.33
CA ALA HA 198 -30.39 -117.86 -32.18
C ALA HA 198 -31.63 -117.20 -31.56
N GLU HA 199 -31.55 -116.88 -30.27
CA GLU HA 199 -32.68 -116.25 -29.58
C GLU HA 199 -32.79 -114.77 -29.91
N GLN HA 200 -31.75 -114.23 -30.53
CA GLN HA 200 -31.74 -112.82 -30.91
C GLN HA 200 -31.17 -112.63 -32.31
N ASP HA 201 -31.62 -111.59 -33.00
CA ASP HA 201 -31.11 -111.27 -34.32
C ASP HA 201 -31.07 -109.76 -34.56
N LEU HA 202 -30.72 -109.38 -35.79
CA LEU HA 202 -30.56 -107.97 -36.14
C LEU HA 202 -31.87 -107.20 -36.09
N THR HA 203 -31.79 -105.93 -35.74
CA THR HA 203 -32.96 -105.06 -35.64
C THR HA 203 -32.56 -103.66 -36.10
N THR HA 204 -33.55 -102.84 -36.44
CA THR HA 204 -33.28 -101.47 -36.83
C THR HA 204 -32.83 -100.64 -35.63
N LYS HA 205 -33.06 -101.17 -34.44
CA LYS HA 205 -32.71 -100.46 -33.21
C LYS HA 205 -31.27 -100.73 -32.77
N ASN HA 206 -30.69 -101.82 -33.25
CA ASN HA 206 -29.35 -102.23 -32.80
C ASN HA 206 -28.34 -102.48 -33.92
N VAL HA 207 -28.58 -101.91 -35.10
CA VAL HA 207 -27.65 -102.06 -36.22
C VAL HA 207 -27.33 -100.73 -36.87
N SER HA 208 -26.04 -100.46 -37.06
CA SER HA 208 -25.62 -99.26 -37.78
C SER HA 208 -24.79 -99.60 -39.01
N ILE HA 209 -24.92 -98.80 -40.06
CA ILE HA 209 -24.19 -99.04 -41.30
C ILE HA 209 -23.44 -97.80 -41.75
N GLY HA 210 -22.19 -97.98 -42.16
CA GLY HA 210 -21.40 -96.90 -42.73
C GLY HA 210 -20.95 -97.29 -44.12
N ILE HA 211 -21.20 -96.44 -45.10
CA ILE HA 211 -20.86 -96.75 -46.47
C ILE HA 211 -20.05 -95.65 -47.15
N VAL HA 212 -18.95 -96.05 -47.79
CA VAL HA 212 -18.19 -95.10 -48.61
C VAL HA 212 -17.86 -95.75 -49.96
N GLY HA 213 -17.73 -94.95 -51.01
CA GLY HA 213 -17.45 -95.51 -52.32
C GLY HA 213 -17.21 -94.51 -53.44
N LYS HA 214 -17.01 -95.03 -54.64
CA LYS HA 214 -16.71 -94.20 -55.82
C LYS HA 214 -17.86 -93.28 -56.17
N ASP HA 215 -19.07 -93.66 -55.75
CA ASP HA 215 -20.26 -92.87 -56.08
C ASP HA 215 -20.90 -92.27 -54.84
N LEU HA 216 -20.25 -92.45 -53.69
CA LEU HA 216 -20.86 -92.08 -52.42
C LEU HA 216 -19.85 -91.68 -51.34
N GLU HA 217 -20.07 -90.51 -50.73
CA GLU HA 217 -19.29 -90.09 -49.58
C GLU HA 217 -19.67 -90.95 -48.38
N PHE HA 218 -18.84 -90.93 -47.34
CA PHE HA 218 -19.13 -91.75 -46.16
C PHE HA 218 -20.43 -91.32 -45.49
N THR HA 219 -21.38 -92.26 -45.40
CA THR HA 219 -22.69 -91.97 -44.83
C THR HA 219 -23.01 -92.98 -43.72
N ILE HA 220 -23.76 -92.53 -42.71
CA ILE HA 220 -24.15 -93.40 -41.61
C ILE HA 220 -25.67 -93.57 -41.51
N TYR HA 221 -26.10 -94.82 -41.66
CA TYR HA 221 -27.51 -95.20 -41.55
C TYR HA 221 -27.73 -95.85 -40.18
N ASP HA 222 -28.68 -95.32 -39.43
CA ASP HA 222 -28.84 -95.69 -38.02
C ASP HA 222 -30.15 -96.40 -37.66
N ASP HA 223 -31.29 -95.78 -37.97
CA ASP HA 223 -32.57 -96.34 -37.55
C ASP HA 223 -33.46 -96.78 -38.72
N ASP HA 224 -34.41 -95.94 -39.10
CA ASP HA 224 -35.34 -96.26 -40.19
C ASP HA 224 -34.62 -96.35 -41.53
N ASP HA 225 -33.39 -95.84 -41.58
CA ASP HA 225 -32.61 -95.85 -42.81
C ASP HA 225 -31.85 -97.16 -42.98
N VAL HA 226 -31.95 -98.02 -41.97
CA VAL HA 226 -31.28 -99.32 -42.01
C VAL HA 226 -32.23 -100.37 -42.60
N SER HA 227 -33.53 -100.16 -42.39
CA SER HA 227 -34.56 -101.08 -42.88
C SER HA 227 -34.44 -101.52 -44.35
N PRO HA 228 -34.11 -100.60 -45.28
CA PRO HA 228 -33.92 -101.06 -46.67
C PRO HA 228 -32.81 -102.09 -46.83
N PHE HA 229 -31.98 -102.28 -45.81
CA PHE HA 229 -30.90 -103.26 -45.87
C PHE HA 229 -31.29 -104.56 -45.18
N LEU HA 230 -31.93 -104.45 -44.02
CA LEU HA 230 -32.38 -105.62 -43.26
C LEU HA 230 -33.48 -106.36 -44.01
N GLU HA 231 -34.42 -105.57 -44.54
CA GLU HA 231 -35.54 -106.13 -45.31
C GLU HA 231 -35.05 -106.58 -46.68
N GLY HA 232 -34.72 -107.86 -46.79
CA GLY HA 232 -34.14 -108.42 -47.99
C GLY HA 232 -33.10 -109.44 -47.60
N LEU HA 233 -33.31 -110.06 -46.44
CA LEU HA 233 -32.36 -111.02 -45.88
C LEU HA 233 -33.02 -112.34 -45.53
N GLU HA 234 -32.23 -113.41 -45.54
CA GLU HA 234 -32.72 -114.73 -45.14
C GLU HA 234 -33.04 -114.75 -43.66
N GLU HA 235 -34.02 -115.56 -43.26
CA GLU HA 235 -34.46 -115.62 -41.86
C GLU HA 235 -33.47 -116.40 -41.00
N ARG HA 236 -32.52 -117.05 -41.67
CA ARG HA 236 -31.32 -117.51 -41.00
C ARG HA 236 -31.38 -118.99 -40.67
N PRO HA 237 -30.20 -119.57 -40.48
CA PRO HA 237 -30.12 -120.99 -40.11
C PRO HA 237 -30.90 -121.26 -38.83
N GLN HA 238 -31.21 -122.53 -38.57
CA GLN HA 238 -31.97 -122.90 -37.38
C GLN HA 238 -31.39 -124.09 -36.62
N SER IA 1 22.28 -118.67 -16.29
CA SER IA 1 21.90 -117.69 -17.31
C SER IA 1 20.46 -117.23 -17.11
N SER IA 2 19.98 -117.29 -15.87
CA SER IA 2 18.61 -116.92 -15.56
C SER IA 2 18.45 -116.35 -14.15
N ILE IA 3 18.62 -115.04 -14.03
CA ILE IA 3 18.40 -114.35 -12.75
C ILE IA 3 17.24 -113.37 -12.91
N GLY IA 4 16.47 -113.16 -11.85
CA GLY IA 4 15.34 -112.26 -11.92
C GLY IA 4 14.70 -111.98 -10.57
N THR IA 5 15.43 -111.27 -9.71
CA THR IA 5 14.91 -110.89 -8.39
C THR IA 5 14.87 -109.37 -8.25
N GLY IA 6 14.26 -108.72 -9.23
CA GLY IA 6 14.20 -107.27 -9.25
C GLY IA 6 15.29 -106.69 -10.12
N TYR IA 7 16.29 -107.50 -10.42
CA TYR IA 7 17.41 -107.08 -11.25
C TYR IA 7 17.07 -107.06 -12.74
N ASP IA 8 15.87 -107.52 -13.07
CA ASP IA 8 15.46 -107.63 -14.47
C ASP IA 8 14.24 -106.79 -14.82
N LEU IA 9 13.98 -105.75 -14.03
CA LEU IA 9 12.78 -104.92 -14.24
C LEU IA 9 13.08 -103.57 -14.88
N SER IA 10 14.35 -103.32 -15.18
CA SER IA 10 14.75 -102.02 -15.73
C SER IA 10 16.06 -102.10 -16.52
N ALA IA 11 16.22 -101.15 -17.44
CA ALA IA 11 17.46 -101.05 -18.21
C ALA IA 11 18.46 -100.20 -17.47
N SER IA 12 18.00 -99.54 -16.40
CA SER IA 12 18.87 -98.71 -15.58
C SER IA 12 19.45 -99.51 -14.44
N THR IA 13 19.18 -100.81 -14.45
CA THR IA 13 19.62 -101.69 -13.37
C THR IA 13 20.44 -102.87 -13.89
N PHE IA 14 21.70 -102.96 -13.44
CA PHE IA 14 22.56 -104.08 -13.79
C PHE IA 14 22.21 -105.30 -12.94
N SER IA 15 22.50 -106.48 -13.48
CA SER IA 15 22.39 -107.71 -12.71
C SER IA 15 23.69 -107.86 -11.94
N PRO IA 16 23.67 -108.66 -10.86
CA PRO IA 16 24.90 -108.88 -10.08
C PRO IA 16 26.04 -109.48 -10.89
N ASP IA 17 25.73 -110.09 -12.03
CA ASP IA 17 26.75 -110.64 -12.91
C ASP IA 17 27.01 -109.75 -14.12
N GLY IA 18 26.56 -108.50 -14.03
CA GLY IA 18 26.83 -107.50 -15.06
C GLY IA 18 26.06 -107.68 -16.35
N ARG IA 19 24.74 -107.82 -16.24
CA ARG IA 19 23.90 -107.97 -17.42
C ARG IA 19 22.68 -107.07 -17.34
N VAL IA 20 22.16 -106.69 -18.49
CA VAL IA 20 20.95 -105.87 -18.55
C VAL IA 20 19.83 -106.72 -19.14
N PHE IA 21 19.09 -107.38 -18.27
CA PHE IA 21 18.11 -108.39 -18.68
C PHE IA 21 16.97 -107.86 -19.55
N GLN IA 22 16.64 -106.57 -19.42
CA GLN IA 22 15.58 -106.01 -20.25
C GLN IA 22 15.93 -106.08 -21.73
N VAL IA 23 17.18 -105.74 -22.05
CA VAL IA 23 17.67 -105.82 -23.40
C VAL IA 23 17.61 -107.25 -23.92
N GLU IA 24 18.05 -108.20 -23.09
CA GLU IA 24 18.06 -109.61 -23.47
C GLU IA 24 16.65 -110.13 -23.69
N TYR IA 25 15.70 -109.65 -22.89
CA TYR IA 25 14.29 -110.00 -23.04
C TYR IA 25 13.77 -109.48 -24.36
N ALA IA 26 14.13 -108.24 -24.69
CA ALA IA 26 13.75 -107.67 -25.98
C ALA IA 26 14.32 -108.51 -27.12
N MET IA 27 15.56 -108.97 -26.94
CA MET IA 27 16.20 -109.86 -27.90
C MET IA 27 15.44 -111.17 -28.03
N LYS IA 28 14.85 -111.62 -26.92
CA LYS IA 28 14.06 -112.84 -26.93
C LYS IA 28 12.77 -112.61 -27.69
N ALA IA 29 12.26 -111.38 -27.62
CA ALA IA 29 11.09 -110.99 -28.41
C ALA IA 29 11.46 -111.00 -29.88
N VAL IA 30 12.70 -110.65 -30.19
CA VAL IA 30 13.19 -110.75 -31.55
C VAL IA 30 13.26 -112.21 -31.99
N GLU IA 31 13.69 -113.07 -31.08
CA GLU IA 31 13.85 -114.50 -31.38
C GLU IA 31 12.53 -115.21 -31.66
N ASN IA 32 11.46 -114.74 -31.03
CA ASN IA 32 10.14 -115.36 -31.20
C ASN IA 32 9.46 -114.95 -32.51
N SER IA 33 10.13 -114.08 -33.26
CA SER IA 33 9.56 -113.59 -34.51
C SER IA 33 10.01 -114.44 -35.70
N SER IA 34 9.23 -114.40 -36.78
CA SER IA 34 9.56 -115.13 -37.99
C SER IA 34 10.88 -114.66 -38.59
N THR IA 35 11.62 -115.59 -39.18
CA THR IA 35 12.97 -115.34 -39.66
C THR IA 35 13.02 -114.44 -40.89
N ALA IA 36 13.91 -113.45 -40.86
CA ALA IA 36 14.19 -112.62 -42.02
C ALA IA 36 15.68 -112.65 -42.32
N ILE IA 37 16.04 -112.98 -43.55
CA ILE IA 37 17.44 -113.03 -43.93
C ILE IA 37 17.76 -111.98 -44.99
N GLY IA 38 19.04 -111.68 -45.12
CA GLY IA 38 19.52 -110.74 -46.12
C GLY IA 38 20.96 -111.06 -46.46
N ILE IA 39 21.28 -111.07 -47.74
CA ILE IA 39 22.63 -111.46 -48.17
C ILE IA 39 23.19 -110.51 -49.23
N ARG IA 40 24.49 -110.23 -49.12
CA ARG IA 40 25.15 -109.33 -50.07
C ARG IA 40 25.87 -110.11 -51.15
N CYS IA 41 25.80 -109.60 -52.37
CA CYS IA 41 26.44 -110.25 -53.52
C CYS IA 41 27.67 -109.47 -53.97
N LYS IA 42 28.01 -109.60 -55.25
CA LYS IA 42 29.16 -108.91 -55.82
C LYS IA 42 28.74 -107.62 -56.51
N ASP IA 43 27.45 -107.31 -56.43
CA ASP IA 43 26.91 -106.09 -57.05
C ASP IA 43 25.64 -105.59 -56.38
N GLY IA 44 25.45 -105.95 -55.11
CA GLY IA 44 24.29 -105.47 -54.36
C GLY IA 44 23.89 -106.29 -53.16
N VAL IA 45 22.68 -106.04 -52.68
CA VAL IA 45 22.13 -106.71 -51.50
C VAL IA 45 20.70 -107.16 -51.78
N VAL IA 46 20.40 -108.39 -51.34
CA VAL IA 46 19.06 -108.95 -51.51
C VAL IA 46 18.45 -109.29 -50.15
N PHE IA 47 17.19 -108.91 -49.95
CA PHE IA 47 16.48 -109.22 -48.72
C PHE IA 47 15.36 -110.22 -48.95
N GLY IA 48 15.17 -111.11 -47.96
CA GLY IA 48 14.08 -112.08 -48.00
C GLY IA 48 13.44 -112.22 -46.64
N VAL IA 49 12.11 -112.16 -46.60
CA VAL IA 49 11.39 -112.22 -45.33
C VAL IA 49 10.30 -113.29 -45.33
N GLU IA 50 10.33 -114.13 -44.30
CA GLU IA 50 9.28 -115.10 -44.03
C GLU IA 50 8.13 -114.41 -43.31
N LYS IA 51 7.20 -113.85 -44.07
CA LYS IA 51 6.09 -113.12 -43.50
C LYS IA 51 4.91 -114.04 -43.20
N LEU IA 52 4.84 -114.54 -41.98
CA LEU IA 52 3.78 -115.45 -41.57
C LEU IA 52 2.40 -114.81 -41.74
N VAL IA 53 1.44 -115.60 -42.19
CA VAL IA 53 0.08 -115.11 -42.38
C VAL IA 53 -0.82 -115.59 -41.25
N LEU IA 54 -1.34 -114.63 -40.48
CA LEU IA 54 -2.16 -114.95 -39.32
C LEU IA 54 -3.63 -115.18 -39.68
N SER IA 55 -4.01 -114.74 -40.88
CA SER IA 55 -5.39 -114.90 -41.35
C SER IA 55 -5.50 -114.72 -42.86
N LYS IA 56 -6.35 -115.53 -43.49
CA LYS IA 56 -6.58 -115.41 -44.93
C LYS IA 56 -7.36 -114.15 -45.26
N LEU IA 57 -7.94 -113.51 -44.24
CA LEU IA 57 -8.70 -112.28 -44.42
C LEU IA 57 -7.80 -111.10 -44.75
N TYR IA 58 -6.53 -111.19 -44.38
CA TYR IA 58 -5.58 -110.12 -44.64
C TYR IA 58 -5.19 -110.03 -46.10
N GLU IA 59 -5.11 -108.81 -46.63
CA GLU IA 59 -4.68 -108.58 -47.99
C GLU IA 59 -3.23 -108.99 -48.20
N GLU IA 60 -2.86 -109.27 -49.44
CA GLU IA 60 -1.48 -109.58 -49.77
C GLU IA 60 -0.64 -108.32 -49.65
N GLY IA 61 0.54 -108.46 -49.05
CA GLY IA 61 1.43 -107.32 -48.89
C GLY IA 61 1.13 -106.52 -47.63
N SER IA 62 0.21 -107.02 -46.81
CA SER IA 62 -0.07 -106.39 -45.53
C SER IA 62 1.04 -106.72 -44.54
N ASN IA 63 1.25 -105.84 -43.57
CA ASN IA 63 2.31 -106.00 -42.58
C ASN IA 63 3.67 -106.22 -43.21
N LYS IA 64 4.06 -105.32 -44.11
CA LYS IA 64 5.35 -105.40 -44.77
C LYS IA 64 6.49 -105.34 -43.75
N ARG IA 65 7.40 -106.29 -43.87
CA ARG IA 65 8.58 -106.32 -43.01
C ARG IA 65 9.80 -105.87 -43.81
N LEU IA 66 9.53 -105.34 -45.00
CA LEU IA 66 10.56 -104.72 -45.84
C LEU IA 66 10.18 -103.26 -46.09
N PHE IA 67 11.08 -102.35 -45.71
CA PHE IA 67 10.78 -100.93 -45.81
C PHE IA 67 11.77 -100.18 -46.70
N ASN IA 68 11.30 -99.08 -47.27
CA ASN IA 68 12.18 -98.15 -47.96
C ASN IA 68 12.59 -97.03 -47.02
N VAL IA 69 13.80 -97.14 -46.48
CA VAL IA 69 14.33 -96.13 -45.56
C VAL IA 69 14.83 -94.92 -46.33
N ASP IA 70 15.54 -95.18 -47.43
CA ASP IA 70 15.95 -94.12 -48.33
C ASP IA 70 15.89 -94.68 -49.74
N ARG IA 71 15.96 -93.80 -50.74
CA ARG IA 71 15.88 -94.22 -52.14
C ARG IA 71 17.01 -95.18 -52.51
N HIS IA 72 18.06 -95.20 -51.68
CA HIS IA 72 19.19 -96.11 -51.91
C HIS IA 72 19.39 -97.07 -50.75
N VAL IA 73 18.48 -97.04 -49.77
CA VAL IA 73 18.62 -97.87 -48.58
C VAL IA 73 17.34 -98.59 -48.19
N GLY IA 74 17.43 -99.91 -48.10
CA GLY IA 74 16.29 -100.73 -47.69
C GLY IA 74 16.47 -101.32 -46.31
N MET IA 75 15.35 -101.68 -45.68
CA MET IA 75 15.37 -102.16 -44.30
C MET IA 75 14.52 -103.42 -44.10
N ALA IA 76 15.13 -104.46 -43.55
CA ALA IA 76 14.42 -105.70 -43.24
C ALA IA 76 14.33 -105.89 -41.73
N VAL IA 77 13.12 -106.07 -41.23
CA VAL IA 77 12.91 -106.10 -39.78
C VAL IA 77 12.50 -107.47 -39.23
N ALA IA 78 12.76 -107.67 -37.95
CA ALA IA 78 12.37 -108.89 -37.26
C ALA IA 78 12.01 -108.61 -35.81
N GLY IA 79 10.76 -108.90 -35.44
CA GLY IA 79 10.31 -108.74 -34.08
C GLY IA 79 9.01 -107.99 -33.93
N LEU IA 80 8.90 -107.24 -32.83
CA LEU IA 80 7.71 -106.44 -32.56
C LEU IA 80 7.56 -105.37 -33.64
N LEU IA 81 6.55 -105.53 -34.48
CA LEU IA 81 6.42 -104.78 -35.72
C LEU IA 81 6.28 -103.27 -35.53
N ALA IA 82 5.52 -102.84 -34.52
CA ALA IA 82 5.31 -101.42 -34.28
C ALA IA 82 6.63 -100.70 -34.01
N ASP IA 83 7.44 -101.29 -33.14
CA ASP IA 83 8.77 -100.77 -32.84
C ASP IA 83 9.61 -100.70 -34.09
N ALA IA 84 9.50 -101.73 -34.94
CA ALA IA 84 10.26 -101.79 -36.18
C ALA IA 84 9.88 -100.63 -37.09
N ARG IA 85 8.59 -100.33 -37.15
CA ARG IA 85 8.09 -99.24 -37.98
C ARG IA 85 8.56 -97.89 -37.46
N SER IA 86 8.49 -97.70 -36.14
CA SER IA 86 8.97 -96.47 -35.55
C SER IA 86 10.46 -96.28 -35.85
N LEU IA 87 11.22 -97.36 -35.75
CA LEU IA 87 12.64 -97.33 -36.06
C LEU IA 87 12.88 -97.00 -37.54
N ALA IA 88 11.98 -97.47 -38.39
CA ALA IA 88 12.04 -97.15 -39.81
C ALA IA 88 11.84 -95.65 -40.00
N ASP IA 89 10.91 -95.09 -39.23
CA ASP IA 89 10.67 -93.64 -39.25
C ASP IA 89 11.93 -92.89 -38.83
N ILE IA 90 12.55 -93.32 -37.74
CA ILE IA 90 13.77 -92.70 -37.24
C ILE IA 90 14.88 -92.74 -38.29
N ALA IA 91 15.05 -93.89 -38.92
CA ALA IA 91 16.07 -94.07 -39.96
C ALA IA 91 15.82 -93.13 -41.13
N ARG IA 92 14.56 -93.10 -41.59
CA ARG IA 92 14.16 -92.22 -42.67
C ARG IA 92 14.49 -90.77 -42.35
N GLU IA 93 14.08 -90.32 -41.17
CA GLU IA 93 14.31 -88.94 -40.75
C GLU IA 93 15.80 -88.63 -40.67
N GLU IA 94 16.59 -89.60 -40.21
CA GLU IA 94 18.03 -89.44 -40.13
C GLU IA 94 18.63 -89.23 -41.52
N ALA IA 95 18.21 -90.06 -42.46
CA ALA IA 95 18.70 -89.95 -43.83
C ALA IA 95 18.30 -88.61 -44.48
N SER IA 96 17.05 -88.21 -44.24
CA SER IA 96 16.54 -86.95 -44.76
C SER IA 96 17.34 -85.76 -44.22
N ASN IA 97 17.56 -85.77 -42.90
CA ASN IA 97 18.36 -84.73 -42.27
C ASN IA 97 19.77 -84.68 -42.82
N PHE IA 98 20.37 -85.85 -43.01
CA PHE IA 98 21.72 -85.91 -43.56
C PHE IA 98 21.77 -85.29 -44.95
N ARG IA 99 20.78 -85.61 -45.78
CA ARG IA 99 20.73 -85.03 -47.12
C ARG IA 99 20.57 -83.51 -47.06
N SER IA 100 19.66 -83.06 -46.20
CA SER IA 100 19.38 -81.63 -46.08
C SER IA 100 20.56 -80.84 -45.52
N ASN IA 101 21.44 -81.51 -44.80
CA ASN IA 101 22.60 -80.84 -44.19
C ASN IA 101 23.88 -80.91 -45.01
N PHE IA 102 24.13 -82.05 -45.64
CA PHE IA 102 25.42 -82.28 -46.30
C PHE IA 102 25.32 -82.37 -47.82
N GLY IA 103 24.11 -82.56 -48.34
CA GLY IA 103 23.86 -82.42 -49.76
C GLY IA 103 23.98 -83.66 -50.63
N TYR IA 104 24.21 -84.81 -50.01
CA TYR IA 104 24.27 -86.06 -50.77
C TYR IA 104 23.67 -87.23 -50.00
N ASN IA 105 23.44 -88.35 -50.69
CA ASN IA 105 22.86 -89.53 -50.08
C ASN IA 105 23.71 -90.07 -48.94
N ILE IA 106 23.07 -90.39 -47.82
CA ILE IA 106 23.78 -90.83 -46.63
C ILE IA 106 24.46 -92.18 -46.84
N PRO IA 107 25.76 -92.28 -46.46
CA PRO IA 107 26.47 -93.55 -46.51
C PRO IA 107 25.85 -94.53 -45.52
N LEU IA 108 25.75 -95.80 -45.91
CA LEU IA 108 25.05 -96.78 -45.11
C LEU IA 108 25.65 -96.97 -43.72
N LYS IA 109 26.98 -97.02 -43.65
CA LYS IA 109 27.67 -97.21 -42.38
C LYS IA 109 27.28 -96.12 -41.37
N HIS IA 110 27.18 -94.90 -41.86
CA HIS IA 110 26.83 -93.77 -41.01
C HIS IA 110 25.38 -93.84 -40.54
N LEU IA 111 24.47 -94.17 -41.46
CA LEU IA 111 23.06 -94.30 -41.13
C LEU IA 111 22.88 -95.36 -40.05
N ALA IA 112 23.49 -96.52 -40.28
CA ALA IA 112 23.47 -97.62 -39.33
C ALA IA 112 24.02 -97.18 -37.98
N ASP IA 113 25.13 -96.44 -37.99
CA ASP IA 113 25.72 -95.92 -36.75
C ASP IA 113 24.74 -95.03 -35.99
N ARG IA 114 24.15 -94.07 -36.69
CA ARG IA 114 23.23 -93.11 -36.09
C ARG IA 114 22.03 -93.81 -35.47
N VAL IA 115 21.34 -94.60 -36.29
CA VAL IA 115 20.16 -95.33 -35.82
C VAL IA 115 20.51 -96.25 -34.65
N ALA IA 116 21.66 -96.91 -34.74
CA ALA IA 116 22.12 -97.79 -33.67
C ALA IA 116 22.33 -97.02 -32.37
N MET IA 117 22.91 -95.83 -32.47
CA MET IA 117 23.09 -94.98 -31.30
C MET IA 117 21.74 -94.63 -30.69
N TYR IA 118 20.78 -94.32 -31.58
CA TYR IA 118 19.42 -94.01 -31.13
C TYR IA 118 18.80 -95.19 -30.38
N VAL IA 119 19.01 -96.39 -30.90
CA VAL IA 119 18.51 -97.60 -30.28
C VAL IA 119 19.14 -97.80 -28.90
N HIS IA 120 20.47 -97.66 -28.85
CA HIS IA 120 21.24 -97.83 -27.62
C HIS IA 120 20.77 -96.85 -26.54
N ALA IA 121 20.33 -95.67 -26.98
CA ALA IA 121 19.83 -94.66 -26.04
C ALA IA 121 18.64 -95.14 -25.22
N TYR IA 122 17.99 -96.22 -25.67
CA TYR IA 122 16.82 -96.78 -24.98
C TYR IA 122 17.18 -97.93 -24.04
N THR IA 123 18.47 -98.19 -23.89
CA THR IA 123 18.92 -99.28 -23.04
C THR IA 123 19.66 -98.74 -21.81
N LEU IA 124 19.30 -97.55 -21.37
CA LEU IA 124 20.04 -96.88 -20.30
C LEU IA 124 19.17 -96.37 -19.17
N TYR IA 125 17.87 -96.25 -19.41
CA TYR IA 125 16.99 -95.59 -18.46
C TYR IA 125 15.78 -96.43 -18.09
N SER IA 126 15.17 -96.10 -16.95
CA SER IA 126 13.96 -96.77 -16.50
C SER IA 126 12.73 -96.10 -17.08
N ALA IA 127 12.94 -94.95 -17.71
CA ALA IA 127 11.84 -94.17 -18.28
C ALA IA 127 11.37 -94.75 -19.61
N VAL IA 128 12.23 -95.52 -20.25
CA VAL IA 128 11.91 -96.14 -21.52
C VAL IA 128 12.40 -97.58 -21.57
N ARG IA 129 11.79 -98.37 -22.45
CA ARG IA 129 12.20 -99.76 -22.65
C ARG IA 129 12.91 -99.93 -23.99
N PRO IA 130 13.87 -100.87 -24.06
CA PRO IA 130 14.57 -101.16 -25.31
C PRO IA 130 13.63 -101.55 -26.42
N PHE IA 131 14.01 -101.27 -27.66
CA PHE IA 131 13.21 -101.66 -28.82
C PHE IA 131 13.13 -103.18 -28.91
N GLY IA 132 11.96 -103.69 -29.25
CA GLY IA 132 11.79 -105.12 -29.37
C GLY IA 132 11.93 -105.61 -30.79
N CYS IA 133 13.03 -105.25 -31.45
CA CYS IA 133 13.27 -105.73 -32.80
C CYS IA 133 14.74 -105.62 -33.24
N SER IA 134 15.13 -106.47 -34.17
CA SER IA 134 16.42 -106.34 -34.82
C SER IA 134 16.17 -106.02 -36.29
N PHE IA 135 17.09 -105.32 -36.94
CA PHE IA 135 16.90 -105.00 -38.34
C PHE IA 135 18.18 -104.95 -39.16
N MET IA 136 18.03 -105.01 -40.47
CA MET IA 136 19.15 -105.01 -41.39
C MET IA 136 18.98 -103.90 -42.41
N LEU IA 137 20.05 -103.16 -42.66
CA LEU IA 137 20.04 -102.09 -43.65
C LEU IA 137 20.90 -102.48 -44.84
N GLY IA 138 20.32 -102.42 -46.04
CA GLY IA 138 21.04 -102.78 -47.24
C GLY IA 138 21.11 -101.63 -48.22
N SER IA 139 22.26 -101.51 -48.91
CA SER IA 139 22.45 -100.44 -49.88
C SER IA 139 23.53 -100.77 -50.90
N TYR IA 140 23.55 -100.00 -51.98
CA TYR IA 140 24.60 -100.11 -52.99
C TYR IA 140 24.91 -98.78 -53.64
N SER IA 141 26.18 -98.57 -53.95
CA SER IA 141 26.62 -97.41 -54.71
C SER IA 141 27.86 -97.79 -55.49
N VAL IA 142 28.25 -96.95 -56.45
CA VAL IA 142 29.45 -97.20 -57.22
C VAL IA 142 30.69 -96.69 -56.49
N ASN IA 143 30.55 -95.55 -55.81
CA ASN IA 143 31.64 -94.97 -55.05
C ASN IA 143 31.78 -95.60 -53.67
N ASP IA 144 30.71 -96.24 -53.21
CA ASP IA 144 30.70 -96.86 -51.89
C ASP IA 144 30.86 -98.38 -52.00
N GLY IA 145 30.00 -99.01 -52.80
CA GLY IA 145 30.01 -100.44 -52.95
C GLY IA 145 28.71 -101.06 -52.47
N ALA IA 146 28.69 -102.38 -52.32
CA ALA IA 146 27.54 -103.07 -51.76
C ALA IA 146 27.73 -103.21 -50.26
N GLN IA 147 26.71 -102.83 -49.49
CA GLN IA 147 26.83 -102.87 -48.04
C GLN IA 147 25.57 -103.38 -47.34
N LEU IA 148 25.80 -104.17 -46.30
CA LEU IA 148 24.72 -104.76 -45.50
C LEU IA 148 25.10 -104.70 -44.02
N TYR IA 149 24.29 -104.01 -43.23
CA TYR IA 149 24.53 -103.88 -41.80
C TYR IA 149 23.37 -104.43 -40.99
N MET IA 150 23.62 -104.69 -39.70
CA MET IA 150 22.59 -105.22 -38.82
C MET IA 150 22.69 -104.63 -37.42
N ILE IA 151 21.52 -104.38 -36.82
CA ILE IA 151 21.41 -103.78 -35.50
C ILE IA 151 20.43 -104.56 -34.62
N ASP IA 152 20.87 -104.89 -33.41
CA ASP IA 152 20.05 -105.59 -32.42
C ASP IA 152 19.55 -104.59 -31.36
N PRO IA 153 18.56 -104.99 -30.54
CA PRO IA 153 17.99 -104.11 -29.51
C PRO IA 153 18.98 -103.43 -28.57
N SER IA 154 20.19 -103.97 -28.42
CA SER IA 154 21.18 -103.38 -27.52
C SER IA 154 21.80 -102.12 -28.11
N GLY IA 155 21.80 -102.04 -29.43
CA GLY IA 155 22.37 -100.91 -30.13
C GLY IA 155 23.63 -101.28 -30.90
N VAL IA 156 23.95 -102.57 -30.90
CA VAL IA 156 25.13 -103.07 -31.60
C VAL IA 156 24.91 -103.08 -33.11
N SER IA 157 25.86 -102.52 -33.84
CA SER IA 157 25.77 -102.45 -35.30
C SER IA 157 26.99 -103.11 -35.96
N TYR IA 158 26.75 -103.99 -36.92
CA TYR IA 158 27.85 -104.68 -37.59
C TYR IA 158 27.63 -104.88 -39.08
N GLY IA 159 28.71 -104.97 -39.84
CA GLY IA 159 28.65 -105.19 -41.28
C GLY IA 159 28.78 -106.66 -41.65
N TYR IA 160 27.80 -107.16 -42.41
CA TYR IA 160 27.74 -108.59 -42.74
C TYR IA 160 27.85 -108.84 -44.24
N TRP IA 161 28.25 -110.06 -44.59
CA TRP IA 161 28.17 -110.54 -45.97
C TRP IA 161 26.84 -111.25 -46.15
N GLY IA 162 26.46 -111.99 -45.12
CA GLY IA 162 25.17 -112.64 -45.05
C GLY IA 162 24.69 -112.59 -43.62
N CYS IA 163 23.38 -112.44 -43.42
CA CYS IA 163 22.84 -112.34 -42.07
C CYS IA 163 21.39 -112.80 -41.98
N ALA IA 164 20.99 -113.23 -40.80
CA ALA IA 164 19.62 -113.66 -40.56
C ALA IA 164 19.20 -113.31 -39.13
N ILE IA 165 17.90 -113.09 -38.94
CA ILE IA 165 17.37 -112.74 -37.62
C ILE IA 165 15.97 -113.34 -37.44
N GLY IA 166 15.72 -113.91 -36.27
CA GLY IA 166 14.43 -114.51 -35.98
C GLY IA 166 14.53 -115.90 -35.37
N LYS IA 167 13.47 -116.70 -35.57
CA LYS IA 167 13.40 -118.06 -35.05
C LYS IA 167 14.60 -118.90 -35.45
N ALA IA 168 14.67 -119.22 -36.74
CA ALA IA 168 15.73 -120.06 -37.26
C ALA IA 168 16.90 -119.22 -37.78
N ARG IA 169 17.48 -118.42 -36.89
CA ARG IA 169 18.60 -117.58 -37.24
C ARG IA 169 19.83 -118.42 -37.60
N GLN IA 170 20.18 -119.34 -36.70
CA GLN IA 170 21.33 -120.22 -36.92
C GLN IA 170 21.07 -121.19 -38.07
N ALA IA 171 19.85 -121.73 -38.11
CA ALA IA 171 19.45 -122.66 -39.15
C ALA IA 171 19.54 -122.02 -40.53
N ALA IA 172 19.36 -120.71 -40.58
CA ALA IA 172 19.49 -119.96 -41.83
C ALA IA 172 20.95 -119.64 -42.11
N LYS IA 173 21.69 -119.30 -41.06
CA LYS IA 173 23.10 -118.95 -41.21
C LYS IA 173 23.93 -120.12 -41.75
N THR IA 174 23.61 -121.34 -41.30
CA THR IA 174 24.30 -122.52 -41.80
C THR IA 174 24.03 -122.73 -43.29
N GLU IA 175 22.86 -122.28 -43.75
CA GLU IA 175 22.49 -122.40 -45.15
C GLU IA 175 23.11 -121.30 -46.01
N ILE IA 176 23.29 -120.12 -45.42
CA ILE IA 176 23.89 -119.00 -46.11
C ILE IA 176 25.39 -119.23 -46.33
N GLU IA 177 26.02 -119.86 -45.34
CA GLU IA 177 27.46 -120.16 -45.39
C GLU IA 177 27.84 -121.01 -46.59
N LYS IA 178 26.90 -121.83 -47.06
CA LYS IA 178 27.14 -122.71 -48.19
C LYS IA 178 27.32 -121.93 -49.49
N LEU IA 179 26.78 -120.73 -49.53
CA LEU IA 179 26.85 -119.89 -50.73
C LEU IA 179 28.19 -119.17 -50.84
N GLN IA 180 28.54 -118.80 -52.08
CA GLN IA 180 29.75 -118.04 -52.34
C GLN IA 180 29.37 -116.66 -52.87
N MET IA 181 28.67 -115.89 -52.05
CA MET IA 181 28.09 -114.61 -52.48
C MET IA 181 29.12 -113.56 -52.88
N LYS IA 182 30.38 -113.80 -52.56
CA LYS IA 182 31.45 -112.86 -52.92
C LYS IA 182 31.72 -112.87 -54.42
N GLU IA 183 31.15 -113.85 -55.12
CA GLU IA 183 31.36 -113.98 -56.56
C GLU IA 183 30.03 -114.00 -57.32
N MET IA 184 28.95 -114.34 -56.63
CA MET IA 184 27.64 -114.46 -57.26
C MET IA 184 27.01 -113.10 -57.54
N THR IA 185 26.06 -113.08 -58.47
CA THR IA 185 25.30 -111.87 -58.77
C THR IA 185 23.95 -111.94 -58.07
N CYS IA 186 23.35 -110.77 -57.87
CA CYS IA 186 22.02 -110.66 -57.30
C CYS IA 186 21.00 -111.53 -58.02
N ARG IA 187 20.94 -111.40 -59.35
CA ARG IA 187 20.00 -112.18 -60.15
C ARG IA 187 19.97 -113.64 -59.72
N ASP IA 188 21.13 -114.18 -59.33
CA ASP IA 188 21.24 -115.56 -58.92
C ASP IA 188 20.89 -115.70 -57.44
N ILE IA 189 21.29 -114.69 -56.67
CA ILE IA 189 21.12 -114.71 -55.22
C ILE IA 189 19.66 -114.82 -54.78
N VAL IA 190 18.76 -114.11 -55.46
CA VAL IA 190 17.33 -114.13 -55.11
C VAL IA 190 16.77 -115.54 -54.95
N LYS IA 191 17.07 -116.41 -55.91
CA LYS IA 191 16.65 -117.80 -55.87
C LYS IA 191 17.13 -118.48 -54.60
N GLU IA 192 18.41 -118.31 -54.28
CA GLU IA 192 19.01 -118.92 -53.10
C GLU IA 192 18.38 -118.39 -51.82
N VAL IA 193 18.02 -117.11 -51.81
CA VAL IA 193 17.37 -116.50 -50.67
C VAL IA 193 16.01 -117.14 -50.43
N ALA IA 194 15.19 -117.19 -51.48
CA ALA IA 194 13.88 -117.82 -51.40
C ALA IA 194 14.01 -119.27 -50.95
N LYS IA 195 15.04 -119.95 -51.47
CA LYS IA 195 15.33 -121.33 -51.13
C LYS IA 195 15.59 -121.50 -49.63
N ILE IA 196 16.50 -120.69 -49.10
CA ILE IA 196 16.82 -120.73 -47.67
C ILE IA 196 15.61 -120.39 -46.82
N ILE IA 197 14.78 -119.46 -47.29
CA ILE IA 197 13.55 -119.12 -46.60
C ILE IA 197 12.61 -120.32 -46.50
N TYR IA 198 12.43 -121.02 -47.62
CA TYR IA 198 11.58 -122.20 -47.65
C TYR IA 198 12.13 -123.36 -46.81
N ILE IA 199 13.45 -123.51 -46.81
CA ILE IA 199 14.11 -124.53 -46.02
C ILE IA 199 13.91 -124.28 -44.52
N VAL IA 200 14.22 -123.06 -44.11
CA VAL IA 200 14.16 -122.67 -42.70
C VAL IA 200 12.73 -122.65 -42.17
N HIS IA 201 11.77 -122.41 -43.06
CA HIS IA 201 10.35 -122.37 -42.65
C HIS IA 201 9.88 -123.70 -42.11
N ASP IA 202 9.13 -123.66 -41.02
CA ASP IA 202 8.57 -124.86 -40.42
C ASP IA 202 7.09 -124.96 -40.76
N GLU IA 203 6.77 -125.82 -41.73
CA GLU IA 203 5.40 -125.94 -42.24
C GLU IA 203 4.46 -126.57 -41.22
N VAL IA 204 5.02 -127.18 -40.17
CA VAL IA 204 4.22 -127.86 -39.16
C VAL IA 204 3.69 -126.90 -38.08
N LYS IA 205 4.60 -126.35 -37.29
CA LYS IA 205 4.23 -125.44 -36.20
C LYS IA 205 3.60 -124.15 -36.73
N ASP IA 206 4.28 -123.50 -37.66
CA ASP IA 206 3.75 -122.27 -38.27
C ASP IA 206 2.86 -122.59 -39.45
N LYS IA 207 1.80 -121.81 -39.63
CA LYS IA 207 0.85 -122.05 -40.71
C LYS IA 207 1.39 -121.54 -42.04
N ALA IA 208 0.50 -121.03 -42.88
CA ALA IA 208 0.88 -120.52 -44.20
C ALA IA 208 1.72 -119.25 -44.07
N PHE IA 209 2.55 -118.99 -45.08
CA PHE IA 209 3.41 -117.81 -45.05
C PHE IA 209 3.58 -117.21 -46.44
N GLU IA 210 3.79 -115.89 -46.47
CA GLU IA 210 4.06 -115.16 -47.70
C GLU IA 210 5.52 -114.75 -47.72
N LEU IA 211 6.15 -114.83 -48.88
CA LEU IA 211 7.57 -114.49 -49.01
C LEU IA 211 7.80 -113.09 -49.57
N GLU IA 212 8.55 -112.28 -48.83
CA GLU IA 212 8.89 -110.93 -49.30
C GLU IA 212 10.32 -110.84 -49.81
N LEU IA 213 10.55 -110.07 -50.86
CA LEU IA 213 11.86 -109.98 -51.48
C LEU IA 213 12.24 -108.55 -51.87
N SER IA 214 13.53 -108.22 -51.77
CA SER IA 214 13.99 -106.85 -52.04
C SER IA 214 15.36 -106.75 -52.73
N TRP IA 215 15.40 -105.94 -53.79
CA TRP IA 215 16.61 -105.61 -54.52
C TRP IA 215 17.26 -104.35 -53.98
N VAL IA 216 18.59 -104.31 -53.99
CA VAL IA 216 19.30 -103.03 -54.02
C VAL IA 216 20.72 -103.19 -54.58
N GLY IA 217 20.92 -102.75 -55.83
CA GLY IA 217 22.22 -102.91 -56.45
C GLY IA 217 22.40 -102.27 -57.82
N GLU IA 218 23.43 -102.72 -58.53
CA GLU IA 218 23.79 -102.18 -59.83
C GLU IA 218 22.71 -102.45 -60.87
N LEU IA 219 21.93 -103.50 -60.64
CA LEU IA 219 20.85 -103.86 -61.55
C LEU IA 219 19.65 -102.92 -61.38
N THR IA 220 19.69 -102.09 -60.35
CA THR IA 220 18.60 -101.16 -60.07
C THR IA 220 19.08 -99.72 -59.93
N ASN IA 221 20.22 -99.41 -60.53
CA ASN IA 221 20.80 -98.07 -60.53
C ASN IA 221 21.08 -97.52 -59.13
N GLY IA 222 21.13 -98.41 -58.14
CA GLY IA 222 21.38 -98.00 -56.77
C GLY IA 222 20.11 -97.79 -55.97
N ARG IA 223 18.97 -98.04 -56.61
CA ARG IA 223 17.68 -97.88 -55.94
C ARG IA 223 17.24 -99.16 -55.26
N HIS IA 224 16.73 -99.03 -54.04
CA HIS IA 224 16.18 -100.18 -53.33
C HIS IA 224 14.72 -100.40 -53.72
N GLU IA 225 14.47 -101.50 -54.43
CA GLU IA 225 13.13 -101.74 -54.97
C GLU IA 225 12.61 -103.11 -54.56
N ILE IA 226 11.32 -103.33 -54.73
CA ILE IA 226 10.75 -104.66 -54.48
C ILE IA 226 11.04 -105.55 -55.68
N VAL IA 227 11.28 -106.83 -55.43
CA VAL IA 227 11.52 -107.79 -56.50
C VAL IA 227 10.25 -108.00 -57.32
N PRO IA 228 10.35 -107.81 -58.65
CA PRO IA 228 9.21 -107.97 -59.57
C PRO IA 228 8.56 -109.33 -59.42
N LYS IA 229 7.25 -109.39 -59.69
CA LYS IA 229 6.48 -110.62 -59.49
C LYS IA 229 7.03 -111.79 -60.29
N ASP IA 230 7.60 -111.50 -61.46
CA ASP IA 230 8.19 -112.53 -62.32
C ASP IA 230 9.33 -113.23 -61.60
N ILE IA 231 10.32 -112.45 -61.19
CA ILE IA 231 11.51 -112.99 -60.54
C ILE IA 231 11.16 -113.64 -59.21
N ARG IA 232 10.17 -113.07 -58.53
CA ARG IA 232 9.72 -113.61 -57.25
C ARG IA 232 9.10 -115.00 -57.42
N GLU IA 233 8.18 -115.13 -58.37
CA GLU IA 233 7.55 -116.42 -58.64
C GLU IA 233 8.56 -117.43 -59.17
N GLU IA 234 9.54 -116.94 -59.91
CA GLU IA 234 10.62 -117.79 -60.41
C GLU IA 234 11.43 -118.37 -59.23
N ALA IA 235 11.82 -117.49 -58.31
CA ALA IA 235 12.57 -117.89 -57.13
C ALA IA 235 11.77 -118.82 -56.23
N GLU IA 236 10.47 -118.56 -56.11
CA GLU IA 236 9.60 -119.42 -55.31
C GLU IA 236 9.45 -120.79 -55.94
N LYS IA 237 9.41 -120.83 -57.27
CA LYS IA 237 9.34 -122.09 -57.99
C LYS IA 237 10.62 -122.89 -57.75
N TYR IA 238 11.75 -122.22 -57.90
CA TYR IA 238 13.06 -122.83 -57.64
C TYR IA 238 13.14 -123.37 -56.22
N ALA IA 239 12.57 -122.63 -55.27
CA ALA IA 239 12.60 -123.01 -53.87
C ALA IA 239 11.72 -124.22 -53.58
N LYS IA 240 10.49 -124.21 -54.11
CA LYS IA 240 9.56 -125.31 -53.93
C LYS IA 240 10.08 -126.59 -54.58
N GLU IA 241 10.78 -126.43 -55.70
CA GLU IA 241 11.37 -127.58 -56.37
C GLU IA 241 12.59 -128.10 -55.63
N SER IA 242 13.39 -127.19 -55.06
CA SER IA 242 14.59 -127.58 -54.31
C SER IA 242 14.25 -128.20 -52.96
N LEU IA 243 12.97 -128.15 -52.58
CA LEU IA 243 12.52 -128.68 -51.30
C LEU IA 243 12.19 -130.17 -51.41
N LYS IA 244 12.33 -130.71 -52.62
CA LYS IA 244 12.07 -132.12 -52.87
C LYS IA 244 13.37 -132.88 -53.13
N GLU IA 245 14.24 -132.91 -52.13
CA GLU IA 245 15.52 -133.60 -52.24
C GLU IA 245 16.08 -133.95 -50.87
N THR JA 1 37.88 -56.65 -50.01
CA THR JA 1 38.77 -57.78 -50.27
C THR JA 1 38.73 -58.19 -51.75
N THR JA 2 39.69 -59.00 -52.16
CA THR JA 2 39.76 -59.46 -53.54
C THR JA 2 40.25 -60.91 -53.61
N ILE JA 3 39.35 -61.84 -53.34
CA ILE JA 3 39.69 -63.27 -53.38
C ILE JA 3 39.53 -63.84 -54.78
N MET JA 4 40.01 -65.06 -54.98
CA MET JA 4 39.93 -65.72 -56.27
C MET JA 4 40.33 -67.19 -56.17
N ALA JA 5 39.67 -68.03 -56.95
CA ALA JA 5 39.95 -69.47 -56.95
C ALA JA 5 39.73 -70.07 -58.32
N VAL JA 6 40.75 -70.73 -58.87
CA VAL JA 6 40.63 -71.34 -60.19
C VAL JA 6 40.88 -72.84 -60.12
N GLN JA 7 40.11 -73.60 -60.90
CA GLN JA 7 40.24 -75.05 -60.91
C GLN JA 7 41.04 -75.56 -62.09
N PHE JA 8 42.09 -76.34 -61.81
CA PHE JA 8 42.81 -77.05 -62.85
C PHE JA 8 42.53 -78.55 -62.73
N ASP JA 9 43.33 -79.36 -63.41
CA ASP JA 9 43.09 -80.80 -63.48
C ASP JA 9 43.12 -81.48 -62.12
N GLY JA 10 44.32 -81.56 -61.53
CA GLY JA 10 44.50 -82.31 -60.30
C GLY JA 10 44.26 -81.54 -59.01
N GLY JA 11 43.64 -80.37 -59.12
CA GLY JA 11 43.37 -79.58 -57.93
C GLY JA 11 42.97 -78.14 -58.21
N VAL JA 12 43.19 -77.27 -57.23
CA VAL JA 12 42.78 -75.87 -57.32
C VAL JA 12 43.89 -74.90 -56.92
N VAL JA 13 43.70 -73.65 -57.29
CA VAL JA 13 44.60 -72.56 -56.93
C VAL JA 13 43.80 -71.43 -56.29
N LEU JA 14 44.25 -70.99 -55.12
CA LEU JA 14 43.58 -69.92 -54.39
C LEU JA 14 44.46 -68.69 -54.33
N GLY JA 15 43.83 -67.53 -54.27
CA GLY JA 15 44.54 -66.27 -54.17
C GLY JA 15 43.73 -65.21 -53.47
N ALA JA 16 44.43 -64.33 -52.75
CA ALA JA 16 43.76 -63.22 -52.08
C ALA JA 16 44.72 -62.07 -51.81
N ASP JA 17 44.18 -60.87 -51.64
CA ASP JA 17 44.98 -59.73 -51.20
C ASP JA 17 45.12 -59.83 -49.70
N SER JA 18 45.73 -58.82 -49.08
CA SER JA 18 45.97 -58.88 -47.64
C SER JA 18 45.55 -57.62 -46.90
N ARG JA 19 44.72 -56.81 -47.53
CA ARG JA 19 44.30 -55.56 -46.91
C ARG JA 19 43.00 -55.69 -46.10
N THR JA 20 43.05 -55.26 -44.85
CA THR JA 20 41.89 -55.23 -43.98
C THR JA 20 41.69 -53.82 -43.46
N THR JA 21 40.55 -53.23 -43.80
CA THR JA 21 40.30 -51.83 -43.54
C THR JA 21 39.11 -51.60 -42.62
N THR JA 22 39.22 -50.58 -41.77
CA THR JA 22 38.10 -50.07 -41.02
C THR JA 22 37.96 -48.59 -41.34
N GLY JA 23 36.92 -48.26 -42.09
CA GLY JA 23 36.81 -46.93 -42.67
C GLY JA 23 37.80 -46.85 -43.80
N SER JA 24 38.60 -45.77 -43.82
CA SER JA 24 39.61 -45.63 -44.86
C SER JA 24 40.99 -46.00 -44.30
N TYR JA 25 41.01 -46.41 -43.04
CA TYR JA 25 42.26 -46.80 -42.40
C TYR JA 25 42.52 -48.30 -42.56
N ILE JA 26 43.78 -48.65 -42.81
CA ILE JA 26 44.16 -50.05 -42.99
C ILE JA 26 44.56 -50.66 -41.66
N ALA JA 27 43.64 -51.42 -41.06
CA ALA JA 27 43.87 -52.04 -39.76
C ALA JA 27 44.82 -53.23 -39.87
N ASN JA 28 44.95 -53.80 -41.06
CA ASN JA 28 45.94 -54.86 -41.27
C ASN JA 28 46.36 -54.98 -42.73
N ARG JA 29 47.56 -54.53 -43.04
CA ARG JA 29 48.04 -54.54 -44.42
C ARG JA 29 48.62 -55.89 -44.84
N VAL JA 30 48.34 -56.92 -44.06
CA VAL JA 30 48.98 -58.21 -44.32
C VAL JA 30 48.14 -59.42 -43.87
N THR JA 31 46.83 -59.24 -43.89
CA THR JA 31 45.88 -60.28 -43.49
C THR JA 31 46.03 -61.60 -44.27
N ASP JA 32 45.89 -62.71 -43.57
CA ASP JA 32 45.83 -64.02 -44.20
C ASP JA 32 44.36 -64.36 -44.50
N LYS JA 33 43.94 -64.16 -45.73
CA LYS JA 33 42.54 -64.34 -46.11
C LYS JA 33 42.24 -65.73 -46.64
N LEU JA 34 43.27 -66.58 -46.71
CA LEU JA 34 43.09 -67.97 -47.09
C LEU JA 34 43.08 -68.83 -45.84
N THR JA 35 41.90 -69.32 -45.47
CA THR JA 35 41.74 -70.06 -44.22
C THR JA 35 41.57 -71.56 -44.45
N PRO JA 36 42.40 -72.38 -43.80
CA PRO JA 36 42.32 -73.83 -43.87
C PRO JA 36 41.11 -74.35 -43.10
N ILE JA 37 40.26 -75.12 -43.77
CA ILE JA 37 39.12 -75.75 -43.12
C ILE JA 37 39.46 -77.20 -42.82
N HIS JA 38 40.18 -77.83 -43.74
CA HIS JA 38 40.65 -79.19 -43.56
C HIS JA 38 41.95 -79.40 -44.35
N ASP JA 39 42.57 -80.56 -44.17
CA ASP JA 39 43.86 -80.90 -44.80
C ASP JA 39 43.99 -80.42 -46.24
N ARG JA 40 42.94 -80.61 -47.04
CA ARG JA 40 42.95 -80.18 -48.42
C ARG JA 40 41.70 -79.36 -48.77
N ILE JA 41 41.14 -78.69 -47.77
CA ILE JA 41 39.99 -77.83 -48.01
C ILE JA 41 40.21 -76.44 -47.43
N PHE JA 42 40.27 -75.44 -48.32
CA PHE JA 42 40.49 -74.07 -47.93
C PHE JA 42 39.27 -73.21 -48.26
N CYS JA 43 39.19 -72.04 -47.66
CA CYS JA 43 38.15 -71.08 -48.01
C CYS JA 43 38.71 -69.67 -48.10
N CYS JA 44 38.15 -68.89 -49.02
CA CYS JA 44 38.55 -67.49 -49.20
C CYS JA 44 37.48 -66.59 -48.61
N ARG JA 45 37.90 -65.72 -47.69
CA ARG JA 45 36.99 -64.88 -46.94
C ARG JA 45 36.88 -63.48 -47.50
N SER JA 46 35.68 -62.94 -47.53
CA SER JA 46 35.46 -61.53 -47.84
C SER JA 46 34.25 -61.03 -47.05
N GLY JA 47 34.22 -59.73 -46.78
CA GLY JA 47 33.15 -59.15 -45.99
C GLY JA 47 33.60 -58.86 -44.57
N SER JA 48 32.68 -58.98 -43.61
CA SER JA 48 33.00 -58.73 -42.21
C SER JA 48 34.06 -59.71 -41.72
N ALA JA 49 35.10 -59.18 -41.09
CA ALA JA 49 36.18 -60.01 -40.58
C ALA JA 49 35.68 -60.93 -39.48
N ALA JA 50 34.95 -60.35 -38.51
CA ALA JA 50 34.40 -61.11 -37.40
C ALA JA 50 33.50 -62.24 -37.88
N ASP JA 51 32.56 -61.89 -38.77
CA ASP JA 51 31.62 -62.86 -39.32
C ASP JA 51 32.32 -64.03 -40.00
N THR JA 52 33.17 -63.72 -40.97
CA THR JA 52 33.88 -64.75 -41.72
C THR JA 52 34.79 -65.60 -40.85
N GLN JA 53 35.44 -64.98 -39.86
CA GLN JA 53 36.29 -65.73 -38.93
C GLN JA 53 35.46 -66.71 -38.10
N ALA JA 54 34.38 -66.21 -37.52
CA ALA JA 54 33.50 -67.04 -36.70
C ALA JA 54 32.95 -68.22 -37.50
N VAL JA 55 32.41 -67.92 -38.68
CA VAL JA 55 31.84 -68.95 -39.54
C VAL JA 55 32.90 -69.98 -39.95
N ALA JA 56 34.08 -69.50 -40.30
CA ALA JA 56 35.18 -70.41 -40.68
C ALA JA 56 35.53 -71.35 -39.54
N ASP JA 57 35.63 -70.80 -38.33
CA ASP JA 57 35.91 -71.59 -37.15
C ASP JA 57 34.84 -72.68 -36.96
N ALA JA 58 33.58 -72.25 -36.97
CA ALA JA 58 32.47 -73.17 -36.78
C ALA JA 58 32.45 -74.30 -37.82
N VAL JA 59 32.69 -73.94 -39.08
CA VAL JA 59 32.69 -74.93 -40.15
C VAL JA 59 33.87 -75.90 -40.00
N THR JA 60 35.02 -75.38 -39.58
CA THR JA 60 36.18 -76.23 -39.32
C THR JA 60 35.86 -77.25 -38.22
N TYR JA 61 35.23 -76.77 -37.15
CA TYR JA 61 34.72 -77.61 -36.07
C TYR JA 61 33.82 -78.74 -36.60
N GLN JA 62 32.71 -78.34 -37.22
CA GLN JA 62 31.71 -79.28 -37.72
C GLN JA 62 32.29 -80.29 -38.70
N LEU JA 63 33.09 -79.81 -39.65
CA LEU JA 63 33.66 -80.66 -40.68
C LEU JA 63 34.69 -81.62 -40.11
N GLY JA 64 35.40 -81.15 -39.08
CA GLY JA 64 36.35 -82.00 -38.38
C GLY JA 64 35.64 -83.16 -37.72
N PHE JA 65 34.61 -82.84 -36.94
CA PHE JA 65 33.84 -83.89 -36.28
C PHE JA 65 33.20 -84.84 -37.29
N HIS JA 66 32.71 -84.29 -38.39
CA HIS JA 66 32.05 -85.07 -39.44
C HIS JA 66 33.01 -86.04 -40.11
N SER JA 67 34.20 -85.55 -40.46
CA SER JA 67 35.21 -86.36 -41.12
C SER JA 67 35.72 -87.45 -40.18
N ILE JA 68 35.84 -87.14 -38.90
CA ILE JA 68 36.22 -88.15 -37.91
C ILE JA 68 35.14 -89.21 -37.80
N GLU JA 69 33.88 -88.78 -37.77
CA GLU JA 69 32.76 -89.70 -37.63
C GLU JA 69 32.58 -90.60 -38.85
N LEU JA 70 33.01 -90.12 -40.01
CA LEU JA 70 32.93 -90.92 -41.25
C LEU JA 70 34.22 -91.68 -41.53
N ASN JA 71 35.30 -91.27 -40.90
CA ASN JA 71 36.63 -91.81 -41.14
C ASN JA 71 37.00 -91.79 -42.62
N GLU JA 72 36.72 -90.65 -43.26
CA GLU JA 72 37.03 -90.44 -44.67
C GLU JA 72 37.39 -88.99 -44.92
N PRO JA 73 38.27 -88.74 -45.90
CA PRO JA 73 38.60 -87.37 -46.32
C PRO JA 73 37.34 -86.64 -46.76
N PRO JA 74 37.02 -85.52 -46.11
CA PRO JA 74 35.77 -84.78 -46.33
C PRO JA 74 35.63 -84.25 -47.75
N LEU JA 75 34.45 -84.43 -48.33
CA LEU JA 75 34.14 -83.88 -49.64
C LEU JA 75 34.16 -82.36 -49.57
N VAL JA 76 34.72 -81.72 -50.60
CA VAL JA 76 34.76 -80.26 -50.65
C VAL JA 76 33.34 -79.71 -50.67
N HIS JA 77 32.46 -80.42 -51.39
CA HIS JA 77 31.06 -80.04 -51.48
C HIS JA 77 30.39 -80.03 -50.12
N THR JA 78 30.89 -80.86 -49.20
CA THR JA 78 30.34 -80.93 -47.86
C THR JA 78 30.71 -79.68 -47.04
N ALA JA 79 31.97 -79.27 -47.13
CA ALA JA 79 32.43 -78.05 -46.48
C ALA JA 79 31.65 -76.86 -47.03
N ALA JA 80 31.55 -76.80 -48.36
CA ALA JA 80 30.79 -75.77 -49.03
C ALA JA 80 29.33 -75.77 -48.57
N SER JA 81 28.81 -76.97 -48.28
CA SER JA 81 27.42 -77.11 -47.83
C SER JA 81 27.23 -76.63 -46.40
N LEU JA 82 28.24 -76.82 -45.55
CA LEU JA 82 28.19 -76.34 -44.18
C LEU JA 82 28.22 -74.81 -44.18
N PHE JA 83 29.16 -74.25 -44.94
CA PHE JA 83 29.24 -72.81 -45.13
C PHE JA 83 27.92 -72.27 -45.66
N LYS JA 84 27.36 -72.97 -46.66
CA LYS JA 84 26.10 -72.59 -47.28
C LYS JA 84 24.97 -72.54 -46.26
N GLU JA 85 24.86 -73.60 -45.46
CA GLU JA 85 23.83 -73.67 -44.44
C GLU JA 85 23.94 -72.50 -43.46
N MET JA 86 25.15 -72.27 -42.95
CA MET JA 86 25.36 -71.18 -42.00
C MET JA 86 25.03 -69.82 -42.60
N CYS JA 87 25.56 -69.55 -43.78
CA CYS JA 87 25.41 -68.25 -44.42
C CYS JA 87 23.98 -67.98 -44.87
N TYR JA 88 23.26 -69.02 -45.27
CA TYR JA 88 21.87 -68.87 -45.68
C TYR JA 88 20.94 -68.70 -44.48
N ARG JA 89 21.15 -69.51 -43.45
CA ARG JA 89 20.32 -69.45 -42.25
C ARG JA 89 20.40 -68.08 -41.58
N TYR JA 90 21.61 -67.52 -41.51
CA TYR JA 90 21.82 -66.24 -40.85
C TYR JA 90 22.19 -65.15 -41.86
N ARG JA 91 21.53 -65.17 -43.02
CA ARG JA 91 21.85 -64.23 -44.08
C ARG JA 91 21.57 -62.78 -43.68
N GLU JA 92 20.59 -62.58 -42.80
CA GLU JA 92 20.21 -61.23 -42.39
C GLU JA 92 21.11 -60.70 -41.28
N ASP JA 93 21.99 -61.56 -40.77
CA ASP JA 93 22.85 -61.18 -39.65
C ASP JA 93 24.34 -61.30 -39.99
N LEU JA 94 24.64 -61.81 -41.18
CA LEU JA 94 26.02 -62.00 -41.60
C LEU JA 94 26.36 -61.20 -42.84
N MET JA 95 27.57 -60.67 -42.89
CA MET JA 95 28.10 -60.07 -44.11
C MET JA 95 29.30 -60.88 -44.57
N ALA JA 96 29.03 -61.93 -45.34
CA ALA JA 96 30.07 -62.85 -45.75
C ALA JA 96 29.99 -63.27 -47.22
N GLY JA 97 31.11 -63.16 -47.90
CA GLY JA 97 31.25 -63.68 -49.25
C GLY JA 97 32.39 -64.67 -49.23
N ILE JA 98 32.06 -65.94 -49.47
CA ILE JA 98 33.03 -67.01 -49.28
C ILE JA 98 33.30 -67.75 -50.59
N ILE JA 99 34.54 -68.19 -50.78
CA ILE JA 99 34.84 -69.12 -51.87
C ILE JA 99 35.50 -70.38 -51.33
N ILE JA 100 34.74 -71.45 -51.21
CA ILE JA 100 35.29 -72.69 -50.68
C ILE JA 100 35.90 -73.53 -51.80
N ALA JA 101 37.19 -73.81 -51.70
CA ALA JA 101 37.85 -74.60 -52.74
C ALA JA 101 38.87 -75.58 -52.17
N GLY JA 102 39.09 -76.67 -52.89
CA GLY JA 102 40.04 -77.67 -52.43
C GLY JA 102 40.02 -78.97 -53.21
N TRP JA 103 40.79 -79.95 -52.73
CA TRP JA 103 40.86 -81.25 -53.39
C TRP JA 103 40.07 -82.30 -52.63
N ASP JA 104 39.63 -83.33 -53.35
CA ASP JA 104 38.76 -84.35 -52.79
C ASP JA 104 38.84 -85.62 -53.64
N PRO JA 105 39.21 -86.75 -53.01
CA PRO JA 105 39.44 -88.04 -53.66
C PRO JA 105 38.33 -88.51 -54.60
N GLN JA 106 37.11 -88.01 -54.42
CA GLN JA 106 35.98 -88.48 -55.21
C GLN JA 106 35.66 -87.57 -56.40
N GLU JA 107 35.86 -86.25 -56.22
CA GLU JA 107 35.51 -85.30 -57.26
C GLU JA 107 36.69 -84.44 -57.72
N GLY JA 108 37.86 -84.64 -57.11
CA GLY JA 108 39.05 -83.90 -57.48
C GLY JA 108 39.02 -82.45 -57.03
N GLY JA 109 39.65 -81.58 -57.81
CA GLY JA 109 39.70 -80.17 -57.50
C GLY JA 109 38.36 -79.48 -57.73
N GLN JA 110 37.86 -78.81 -56.70
CA GLN JA 110 36.55 -78.17 -56.76
C GLN JA 110 36.58 -76.75 -56.22
N VAL JA 111 35.80 -75.88 -56.86
CA VAL JA 111 35.63 -74.49 -56.44
C VAL JA 111 34.15 -74.14 -56.34
N TYR JA 112 33.73 -73.67 -55.16
CA TYR JA 112 32.35 -73.28 -54.92
C TYR JA 112 32.25 -71.85 -54.41
N SER JA 113 31.20 -71.16 -54.83
CA SER JA 113 30.94 -69.80 -54.37
C SER JA 113 29.74 -69.74 -53.44
N VAL JA 114 29.91 -69.05 -52.32
CA VAL JA 114 28.81 -68.77 -51.41
C VAL JA 114 28.76 -67.27 -51.18
N PRO JA 115 28.04 -66.55 -52.06
CA PRO JA 115 27.91 -65.09 -51.96
C PRO JA 115 26.96 -64.69 -50.84
N MET JA 116 26.78 -63.40 -50.63
CA MET JA 116 26.04 -62.90 -49.48
C MET JA 116 24.60 -63.43 -49.35
N GLY JA 117 24.03 -63.86 -50.47
CA GLY JA 117 22.68 -64.41 -50.44
C GLY JA 117 22.58 -65.66 -49.57
N GLY JA 118 23.54 -66.55 -49.72
CA GLY JA 118 23.52 -67.83 -49.04
C GLY JA 118 23.37 -68.96 -50.03
N MET JA 119 23.33 -68.62 -51.31
CA MET JA 119 23.27 -69.63 -52.36
C MET JA 119 24.63 -70.30 -52.55
N MET JA 120 24.65 -71.38 -53.31
CA MET JA 120 25.88 -72.10 -53.57
C MET JA 120 25.92 -72.62 -55.00
N VAL JA 121 27.06 -72.46 -55.66
CA VAL JA 121 27.22 -72.91 -57.04
C VAL JA 121 28.67 -73.26 -57.32
N ARG JA 122 28.90 -74.36 -58.01
CA ARG JA 122 30.24 -74.74 -58.43
C ARG JA 122 30.62 -74.01 -59.71
N GLN JA 123 31.86 -73.53 -59.76
CA GLN JA 123 32.35 -72.78 -60.92
C GLN JA 123 33.74 -73.24 -61.34
N SER JA 124 34.07 -73.06 -62.61
CA SER JA 124 35.40 -73.34 -63.13
C SER JA 124 36.40 -72.42 -62.42
N PHE JA 125 35.97 -71.19 -62.18
CA PHE JA 125 36.73 -70.24 -61.39
C PHE JA 125 35.77 -69.25 -60.73
N ALA JA 126 36.21 -68.63 -59.65
CA ALA JA 126 35.35 -67.74 -58.89
C ALA JA 126 36.13 -66.55 -58.35
N ILE JA 127 35.50 -65.39 -58.36
CA ILE JA 127 36.09 -64.19 -57.80
C ILE JA 127 35.10 -63.53 -56.85
N GLY JA 128 35.62 -62.86 -55.83
CA GLY JA 128 34.78 -62.18 -54.85
C GLY JA 128 35.48 -61.00 -54.23
N GLY JA 129 34.80 -60.30 -53.33
CA GLY JA 129 35.36 -59.14 -52.67
C GLY JA 129 35.10 -57.87 -53.46
N SER JA 130 35.38 -56.73 -52.84
CA SER JA 130 35.13 -55.43 -53.46
C SER JA 130 35.90 -55.23 -54.76
N GLY JA 131 37.10 -55.81 -54.83
CA GLY JA 131 37.96 -55.63 -55.99
C GLY JA 131 37.57 -56.46 -57.19
N SER JA 132 36.79 -57.52 -56.95
CA SER JA 132 36.39 -58.44 -58.01
C SER JA 132 35.67 -57.71 -59.14
N SER JA 133 35.00 -56.62 -58.81
CA SER JA 133 34.26 -55.83 -59.79
C SER JA 133 35.19 -55.34 -60.90
N TYR JA 134 36.43 -55.01 -60.54
CA TYR JA 134 37.35 -54.40 -61.49
C TYR JA 134 38.06 -55.42 -62.39
N ILE JA 135 37.86 -56.71 -62.14
CA ILE JA 135 38.56 -57.73 -62.91
C ILE JA 135 37.63 -58.71 -63.63
N TYR JA 136 36.33 -58.45 -63.60
CA TYR JA 136 35.37 -59.31 -64.30
C TYR JA 136 35.70 -59.40 -65.80
N GLY JA 137 35.98 -58.27 -66.43
CA GLY JA 137 36.32 -58.22 -67.83
C GLY JA 137 37.61 -58.97 -68.16
N TYR JA 138 38.67 -58.66 -67.41
CA TYR JA 138 39.96 -59.31 -67.61
C TYR JA 138 39.83 -60.82 -67.43
N VAL JA 139 39.17 -61.21 -66.34
CA VAL JA 139 39.01 -62.62 -66.02
C VAL JA 139 38.14 -63.32 -67.07
N ASP JA 140 37.26 -62.57 -67.73
CA ASP JA 140 36.43 -63.12 -68.78
C ASP JA 140 37.22 -63.30 -70.07
N ALA JA 141 38.14 -62.39 -70.34
CA ALA JA 141 38.88 -62.41 -71.59
C ALA JA 141 40.15 -63.25 -71.52
N THR JA 142 40.55 -63.62 -70.31
CA THR JA 142 41.83 -64.31 -70.11
C THR JA 142 41.65 -65.81 -69.81
N TYR JA 143 40.49 -66.17 -69.28
CA TYR JA 143 40.25 -67.57 -68.92
C TYR JA 143 40.23 -68.50 -70.13
N ARG JA 144 40.90 -69.63 -69.98
CA ARG JA 144 40.96 -70.64 -71.03
C ARG JA 144 40.92 -72.02 -70.38
N GLU JA 145 40.04 -72.89 -70.88
CA GLU JA 145 39.90 -74.22 -70.29
C GLU JA 145 41.12 -75.09 -70.55
N GLY JA 146 41.49 -75.88 -69.55
CA GLY JA 146 42.63 -76.78 -69.65
C GLY JA 146 43.92 -76.13 -69.20
N MET JA 147 43.82 -75.08 -68.41
CA MET JA 147 45.00 -74.40 -67.88
C MET JA 147 45.79 -75.33 -66.96
N THR JA 148 47.11 -75.20 -66.99
CA THR JA 148 47.96 -75.95 -66.10
C THR JA 148 47.95 -75.31 -64.72
N LYS JA 149 48.51 -76.01 -63.74
CA LYS JA 149 48.59 -75.49 -62.38
C LYS JA 149 49.31 -74.15 -62.32
N GLU JA 150 50.47 -74.09 -62.97
CA GLU JA 150 51.28 -72.89 -63.00
C GLU JA 150 50.59 -71.78 -63.79
N GLU JA 151 49.85 -72.17 -64.83
CA GLU JA 151 49.08 -71.21 -65.62
C GLU JA 151 47.98 -70.57 -64.77
N CYS JA 152 47.30 -71.37 -63.97
CA CYS JA 152 46.28 -70.87 -63.06
C CYS JA 152 46.91 -69.97 -62.00
N LEU JA 153 48.07 -70.37 -61.52
CA LEU JA 153 48.83 -69.60 -60.54
C LEU JA 153 49.12 -68.19 -61.08
N GLN JA 154 49.71 -68.14 -62.26
CA GLN JA 154 50.01 -66.87 -62.93
C GLN JA 154 48.74 -66.07 -63.19
N PHE JA 155 47.67 -66.78 -63.55
CA PHE JA 155 46.38 -66.19 -63.85
C PHE JA 155 45.82 -65.41 -62.65
N THR JA 156 45.67 -66.11 -61.53
CA THR JA 156 45.17 -65.47 -60.30
C THR JA 156 46.11 -64.36 -59.85
N ALA JA 157 47.42 -64.59 -60.01
CA ALA JA 157 48.40 -63.57 -59.66
C ALA JA 157 48.14 -62.26 -60.40
N ASN JA 158 48.03 -62.36 -61.72
CA ASN JA 158 47.76 -61.19 -62.56
C ASN JA 158 46.44 -60.51 -62.22
N ALA JA 159 45.36 -61.30 -62.14
CA ALA JA 159 44.04 -60.76 -61.83
C ALA JA 159 44.03 -60.01 -60.50
N LEU JA 160 44.54 -60.65 -59.46
CA LEU JA 160 44.63 -60.04 -58.14
C LEU JA 160 45.47 -58.77 -58.17
N ALA JA 161 46.57 -58.80 -58.92
CA ALA JA 161 47.42 -57.63 -59.05
C ALA JA 161 46.64 -56.45 -59.63
N LEU JA 162 45.93 -56.69 -60.72
CA LEU JA 162 45.11 -55.66 -61.35
C LEU JA 162 44.06 -55.09 -60.40
N ALA JA 163 43.30 -55.99 -59.77
CA ALA JA 163 42.26 -55.59 -58.82
C ALA JA 163 42.84 -54.75 -57.69
N MET JA 164 43.94 -55.20 -57.12
CA MET JA 164 44.60 -54.47 -56.03
C MET JA 164 45.04 -53.10 -56.48
N GLU JA 165 45.53 -53.02 -57.71
CA GLU JA 165 45.96 -51.75 -58.28
C GLU JA 165 44.79 -50.76 -58.37
N ARG JA 166 43.63 -51.24 -58.82
CA ARG JA 166 42.47 -50.38 -58.96
C ARG JA 166 41.66 -50.15 -57.69
N ASP JA 167 41.43 -51.21 -56.91
CA ASP JA 167 40.59 -51.10 -55.72
C ASP JA 167 41.37 -50.55 -54.53
N GLY JA 168 40.78 -49.58 -53.85
CA GLY JA 168 41.40 -48.96 -52.69
C GLY JA 168 41.28 -49.83 -51.47
N SER JA 169 40.21 -50.62 -51.42
CA SER JA 169 39.97 -51.53 -50.30
C SER JA 169 40.81 -52.79 -50.42
N SER JA 170 41.46 -52.96 -51.57
CA SER JA 170 42.35 -54.08 -51.77
C SER JA 170 43.80 -53.59 -51.94
N GLY JA 171 44.75 -54.43 -51.56
CA GLY JA 171 46.15 -54.10 -51.68
C GLY JA 171 47.02 -54.88 -50.72
N GLY JA 172 48.25 -54.40 -50.51
CA GLY JA 172 49.18 -55.06 -49.63
C GLY JA 172 50.01 -56.11 -50.32
N VAL JA 173 49.74 -57.37 -50.01
CA VAL JA 173 50.53 -58.49 -50.51
C VAL JA 173 49.62 -59.53 -51.16
N ILE JA 174 50.18 -60.36 -52.04
CA ILE JA 174 49.38 -61.41 -52.68
C ILE JA 174 49.65 -62.77 -52.04
N ARG JA 175 48.60 -63.40 -51.52
CA ARG JA 175 48.73 -64.73 -50.94
C ARG JA 175 48.14 -65.79 -51.87
N LEU JA 176 48.96 -66.79 -52.18
CA LEU JA 176 48.55 -67.87 -53.07
C LEU JA 176 48.65 -69.23 -52.38
N ALA JA 177 47.77 -70.15 -52.77
CA ALA JA 177 47.79 -71.50 -52.24
C ALA JA 177 47.47 -72.51 -53.34
N ALA JA 178 48.32 -73.53 -53.47
CA ALA JA 178 48.09 -74.57 -54.45
C ALA JA 178 47.66 -75.85 -53.76
N ILE JA 179 46.46 -76.34 -54.09
CA ILE JA 179 45.95 -77.53 -53.42
C ILE JA 179 45.74 -78.67 -54.41
N ALA JA 180 46.33 -79.82 -54.09
CA ALA JA 180 46.17 -81.02 -54.90
C ALA JA 180 46.26 -82.24 -54.00
N GLU JA 181 46.38 -83.42 -54.61
CA GLU JA 181 46.53 -84.65 -53.86
C GLU JA 181 47.86 -84.63 -53.09
N SER JA 182 48.84 -83.95 -53.66
CA SER JA 182 50.16 -83.82 -53.04
C SER JA 182 50.09 -83.14 -51.69
N GLY JA 183 49.34 -82.05 -51.62
CA GLY JA 183 49.21 -81.29 -50.39
C GLY JA 183 48.92 -79.83 -50.64
N VAL JA 184 49.44 -78.96 -49.79
CA VAL JA 184 49.19 -77.52 -49.90
C VAL JA 184 50.48 -76.73 -50.03
N GLU JA 185 50.64 -76.07 -51.18
CA GLU JA 185 51.81 -75.24 -51.44
C GLU JA 185 51.45 -73.76 -51.34
N ARG JA 186 51.73 -73.15 -50.20
CA ARG JA 186 51.41 -71.73 -50.01
C ARG JA 186 52.61 -70.84 -50.31
N GLN JA 187 52.35 -69.69 -50.95
CA GLN JA 187 53.41 -68.73 -51.22
C GLN JA 187 52.91 -67.29 -51.20
N VAL JA 188 53.85 -66.36 -51.12
CA VAL JA 188 53.54 -64.95 -50.96
C VAL JA 188 54.29 -64.06 -51.95
N LEU JA 189 53.54 -63.35 -52.78
CA LEU JA 189 54.10 -62.40 -53.73
C LEU JA 189 54.08 -60.98 -53.16
N LEU JA 190 55.26 -60.40 -52.97
CA LEU JA 190 55.40 -59.08 -52.38
C LEU JA 190 56.32 -58.17 -53.20
N GLY JA 191 56.00 -56.89 -53.23
CA GLY JA 191 56.83 -55.89 -53.88
C GLY JA 191 57.02 -56.09 -55.38
N ASP JA 192 58.25 -56.38 -55.79
CA ASP JA 192 58.57 -56.56 -57.20
C ASP JA 192 58.06 -57.89 -57.73
N GLN JA 193 57.70 -58.80 -56.83
CA GLN JA 193 57.17 -60.09 -57.22
C GLN JA 193 55.76 -59.94 -57.79
N ILE JA 194 55.02 -58.96 -57.26
CA ILE JA 194 53.69 -58.66 -57.75
C ILE JA 194 53.74 -58.12 -59.18
N PRO JA 195 52.99 -58.75 -60.10
CA PRO JA 195 52.94 -58.37 -61.51
C PRO JA 195 52.63 -56.89 -61.72
N LYS JA 196 53.38 -56.24 -62.59
CA LYS JA 196 53.21 -54.82 -62.87
C LYS JA 196 52.72 -54.63 -64.31
N PHE JA 197 52.02 -53.52 -64.55
CA PHE JA 197 51.50 -53.23 -65.87
C PHE JA 197 51.80 -51.79 -66.30
N ALA JA 198 51.94 -51.58 -67.60
CA ALA JA 198 52.32 -50.28 -68.15
C ALA JA 198 51.25 -49.23 -67.89
N VAL JA 199 51.63 -48.19 -67.13
CA VAL JA 199 50.74 -47.07 -66.85
C VAL JA 199 50.89 -46.00 -67.93
N ALA JA 200 49.77 -45.45 -68.38
CA ALA JA 200 49.77 -44.43 -69.43
C ALA JA 200 50.60 -43.21 -69.05
N THR JA 201 51.42 -42.74 -69.98
CA THR JA 201 52.30 -41.61 -69.73
C THR JA 201 51.78 -40.32 -70.37
N LEU JA 202 52.30 -39.99 -71.54
CA LEU JA 202 51.90 -38.79 -72.25
C LEU JA 202 50.44 -38.89 -72.73
N THR KA 1 42.10 -43.87 -25.76
CA THR KA 1 43.29 -44.55 -25.26
C THR KA 1 44.32 -44.76 -26.36
N THR KA 2 45.54 -45.11 -25.98
CA THR KA 2 46.61 -45.34 -26.93
C THR KA 2 47.47 -46.53 -26.51
N ILE KA 3 46.89 -47.72 -26.59
CA ILE KA 3 47.60 -48.94 -26.23
C ILE KA 3 48.33 -49.53 -27.43
N ALA KA 4 49.41 -50.26 -27.16
CA ALA KA 4 50.19 -50.89 -28.23
C ALA KA 4 50.88 -52.16 -27.73
N GLY KA 5 51.37 -52.96 -28.67
CA GLY KA 5 52.05 -54.20 -28.33
C GLY KA 5 53.04 -54.62 -29.40
N VAL KA 6 54.24 -55.01 -28.96
CA VAL KA 6 55.29 -55.44 -29.88
C VAL KA 6 55.98 -56.70 -29.37
N VAL KA 7 56.40 -57.56 -30.30
CA VAL KA 7 57.08 -58.80 -29.95
C VAL KA 7 58.51 -58.82 -30.49
N TYR KA 8 59.47 -58.90 -29.58
CA TYR KA 8 60.87 -58.92 -29.96
C TYR KA 8 61.40 -60.36 -30.05
N LYS KA 9 62.70 -60.53 -29.81
CA LYS KA 9 63.32 -61.84 -29.87
C LYS KA 9 63.04 -62.63 -28.60
N ASP KA 10 63.27 -62.01 -27.45
CA ASP KA 10 63.03 -62.66 -26.16
C ASP KA 10 61.55 -62.92 -25.94
N GLY KA 11 60.77 -61.85 -25.83
CA GLY KA 11 59.34 -61.97 -25.62
C GLY KA 11 58.56 -60.85 -26.27
N ILE KA 12 57.56 -60.34 -25.56
CA ILE KA 12 56.74 -59.25 -26.07
C ILE KA 12 56.75 -58.05 -25.13
N VAL KA 13 56.28 -56.91 -25.62
CA VAL KA 13 56.25 -55.70 -24.82
C VAL KA 13 54.90 -54.97 -24.98
N LEU KA 14 54.20 -54.80 -23.86
CA LEU KA 14 52.90 -54.13 -23.87
C LEU KA 14 53.00 -52.76 -23.22
N GLY KA 15 52.31 -51.79 -23.82
CA GLY KA 15 52.30 -50.43 -23.30
C GLY KA 15 50.96 -49.74 -23.49
N ALA KA 16 50.68 -48.76 -22.64
CA ALA KA 16 49.44 -48.01 -22.72
C ALA KA 16 49.48 -46.76 -21.84
N ASP KA 17 48.62 -45.80 -22.16
CA ASP KA 17 48.58 -44.55 -21.41
C ASP KA 17 47.70 -44.75 -20.18
N THR KA 18 47.39 -43.68 -19.47
CA THR KA 18 46.62 -43.81 -18.23
C THR KA 18 45.49 -42.78 -18.11
N ARG KA 19 45.07 -42.21 -19.23
CA ARG KA 19 43.99 -41.23 -19.21
C ARG KA 19 42.62 -41.86 -19.44
N ALA KA 20 41.68 -41.58 -18.54
CA ALA KA 20 40.31 -42.01 -18.70
C ALA KA 20 39.40 -40.79 -18.73
N THR KA 21 38.57 -40.70 -19.76
CA THR KA 21 37.74 -39.53 -19.98
C THR KA 21 36.25 -39.83 -19.89
N GLU KA 22 35.48 -38.83 -19.46
CA GLU KA 22 34.04 -38.84 -19.61
C GLU KA 22 33.61 -37.51 -20.22
N GLY KA 23 33.12 -37.56 -21.44
CA GLY KA 23 32.89 -36.36 -22.22
C GLY KA 23 34.22 -35.88 -22.73
N MET KA 24 34.45 -34.58 -22.70
CA MET KA 24 35.76 -34.03 -23.07
C MET KA 24 36.52 -33.58 -21.82
N VAL KA 25 36.30 -34.30 -20.72
CA VAL KA 25 36.93 -34.00 -19.45
C VAL KA 25 37.69 -35.21 -18.93
N VAL KA 26 38.91 -34.99 -18.44
CA VAL KA 26 39.71 -36.07 -17.86
C VAL KA 26 39.13 -36.49 -16.51
N ALA KA 27 38.69 -37.73 -16.41
CA ALA KA 27 38.12 -38.24 -15.17
C ALA KA 27 39.17 -38.93 -14.33
N ASP KA 28 40.03 -39.71 -14.98
CA ASP KA 28 41.11 -40.39 -14.28
C ASP KA 28 42.46 -40.07 -14.93
N LYS KA 29 43.37 -39.49 -14.14
CA LYS KA 29 44.69 -39.15 -14.63
C LYS KA 29 45.62 -40.37 -14.61
N ASN KA 30 45.31 -41.32 -13.73
CA ASN KA 30 46.12 -42.54 -13.64
C ASN KA 30 45.25 -43.78 -13.61
N CYS KA 31 45.02 -44.36 -14.78
CA CYS KA 31 44.19 -45.54 -14.92
C CYS KA 31 45.01 -46.70 -15.48
N SER KA 32 44.97 -47.84 -14.80
CA SER KA 32 45.70 -49.01 -15.26
C SER KA 32 44.95 -49.70 -16.38
N LYS KA 33 45.51 -49.68 -17.58
CA LYS KA 33 44.84 -50.25 -18.75
C LYS KA 33 45.51 -51.54 -19.20
N ILE KA 34 46.53 -51.97 -18.47
CA ILE KA 34 47.18 -53.24 -18.75
C ILE KA 34 46.74 -54.29 -17.72
N HIS KA 35 45.99 -55.28 -18.18
CA HIS KA 35 45.29 -56.17 -17.27
C HIS KA 35 45.91 -57.56 -17.17
N PHE KA 36 45.83 -58.13 -15.97
CA PHE KA 36 46.27 -59.49 -15.72
C PHE KA 36 45.28 -60.50 -16.28
N ILE KA 37 45.75 -61.38 -17.16
CA ILE KA 37 44.94 -62.50 -17.61
C ILE KA 37 45.43 -63.76 -16.91
N SER KA 38 46.65 -64.17 -17.24
CA SER KA 38 47.31 -65.26 -16.56
C SER KA 38 48.71 -64.79 -16.19
N PRO KA 39 49.41 -65.51 -15.31
CA PRO KA 39 50.78 -65.10 -14.96
C PRO KA 39 51.72 -64.93 -16.16
N ASN KA 40 51.36 -65.51 -17.30
CA ASN KA 40 52.16 -65.38 -18.51
C ASN KA 40 51.46 -64.63 -19.63
N ILE KA 41 50.25 -64.13 -19.35
CA ILE KA 41 49.47 -63.42 -20.35
C ILE KA 41 48.84 -62.15 -19.80
N TYR KA 42 49.11 -61.02 -20.46
CA TYR KA 42 48.51 -59.74 -20.09
C TYR KA 42 47.75 -59.15 -21.27
N CYS KA 43 46.84 -58.21 -20.97
CA CYS KA 43 45.99 -57.65 -22.00
C CYS KA 43 45.65 -56.18 -21.77
N CYS KA 44 45.97 -55.35 -22.75
CA CYS KA 44 45.66 -53.93 -22.71
C CYS KA 44 44.24 -53.67 -23.19
N GLY KA 45 43.53 -52.79 -22.49
CA GLY KA 45 42.15 -52.51 -22.80
C GLY KA 45 41.88 -51.06 -23.20
N ALA KA 46 41.18 -50.89 -24.31
CA ALA KA 46 40.75 -49.58 -24.79
C ALA KA 46 39.27 -49.62 -25.16
N GLY KA 47 38.58 -48.51 -25.00
CA GLY KA 47 37.17 -48.44 -25.34
C GLY KA 47 36.31 -48.16 -24.13
N THR KA 48 35.20 -48.88 -24.02
CA THR KA 48 34.32 -48.74 -22.87
C THR KA 48 35.00 -49.37 -21.66
N ALA KA 49 35.31 -48.53 -20.68
CA ALA KA 49 36.13 -48.93 -19.54
C ALA KA 49 35.58 -50.16 -18.80
N ALA KA 50 34.34 -50.06 -18.35
CA ALA KA 50 33.70 -51.14 -17.60
C ALA KA 50 33.69 -52.44 -18.41
N ASP KA 51 33.52 -52.31 -19.72
CA ASP KA 51 33.50 -53.48 -20.60
C ASP KA 51 34.87 -54.16 -20.64
N THR KA 52 35.92 -53.37 -20.85
CA THR KA 52 37.28 -53.91 -20.86
C THR KA 52 37.60 -54.57 -19.53
N ASP KA 53 37.23 -53.89 -18.44
CA ASP KA 53 37.41 -54.43 -17.09
C ASP KA 53 36.75 -55.79 -16.93
N MET KA 54 35.42 -55.83 -17.02
CA MET KA 54 34.67 -57.05 -16.77
C MET KA 54 35.03 -58.19 -17.73
N THR KA 55 35.32 -57.84 -18.99
CA THR KA 55 35.69 -58.83 -19.99
C THR KA 55 37.02 -59.47 -19.63
N THR KA 56 38.02 -58.61 -19.40
CA THR KA 56 39.36 -59.09 -19.10
C THR KA 56 39.37 -59.89 -17.79
N GLN KA 57 38.57 -59.46 -16.82
CA GLN KA 57 38.46 -60.15 -15.54
C GLN KA 57 37.83 -61.53 -15.71
N LEU KA 58 36.75 -61.58 -16.49
CA LEU KA 58 36.04 -62.83 -16.74
C LEU KA 58 36.94 -63.84 -17.43
N ILE KA 59 37.62 -63.40 -18.48
CA ILE KA 59 38.50 -64.30 -19.23
C ILE KA 59 39.68 -64.74 -18.36
N SER KA 60 40.19 -63.83 -17.53
CA SER KA 60 41.24 -64.19 -16.58
C SER KA 60 40.76 -65.31 -15.66
N SER KA 61 39.55 -65.15 -15.14
CA SER KA 61 38.96 -66.14 -14.25
C SER KA 61 38.82 -67.50 -14.93
N ASN KA 62 38.20 -67.51 -16.10
CA ASN KA 62 38.03 -68.74 -16.87
C ASN KA 62 39.36 -69.42 -17.19
N LEU KA 63 40.39 -68.61 -17.46
CA LEU KA 63 41.72 -69.16 -17.70
C LEU KA 63 42.32 -69.75 -16.43
N GLU KA 64 42.04 -69.14 -15.29
CA GLU KA 64 42.51 -69.68 -14.02
C GLU KA 64 41.88 -71.04 -13.78
N LEU KA 65 40.58 -71.13 -14.02
CA LEU KA 65 39.89 -72.42 -13.93
C LEU KA 65 40.52 -73.44 -14.88
N HIS KA 66 40.76 -73.00 -16.10
CA HIS KA 66 41.33 -73.84 -17.15
C HIS KA 66 42.67 -74.42 -16.74
N SER KA 67 43.61 -73.56 -16.36
CA SER KA 67 44.94 -74.01 -15.97
C SER KA 67 44.90 -74.82 -14.67
N LEU KA 68 43.98 -74.48 -13.79
CA LEU KA 68 43.77 -75.24 -12.56
C LEU KA 68 43.41 -76.68 -12.87
N SER KA 69 42.59 -76.88 -13.90
CA SER KA 69 42.20 -78.24 -14.29
C SER KA 69 43.27 -78.94 -15.14
N THR KA 70 43.98 -78.18 -15.96
CA THR KA 70 44.95 -78.76 -16.88
C THR KA 70 46.33 -78.94 -16.25
N GLY KA 71 46.63 -78.12 -15.24
CA GLY KA 71 47.89 -78.21 -14.54
C GLY KA 71 49.05 -77.61 -15.31
N ARG KA 72 48.75 -77.05 -16.48
CA ARG KA 72 49.78 -76.46 -17.33
C ARG KA 72 49.65 -74.95 -17.37
N LEU KA 73 50.57 -74.29 -18.08
CA LEU KA 73 50.51 -72.86 -18.25
C LEU KA 73 49.60 -72.53 -19.43
N PRO KA 74 48.68 -71.58 -19.24
CA PRO KA 74 47.66 -71.23 -20.24
C PRO KA 74 48.26 -70.79 -21.56
N ARG KA 75 47.62 -71.14 -22.67
CA ARG KA 75 48.06 -70.68 -23.99
C ARG KA 75 47.37 -69.37 -24.38
N VAL KA 76 48.04 -68.58 -25.21
CA VAL KA 76 47.50 -67.31 -25.65
C VAL KA 76 46.31 -67.51 -26.60
N VAL KA 77 46.39 -68.53 -27.43
CA VAL KA 77 45.29 -68.86 -28.36
C VAL KA 77 43.99 -69.09 -27.63
N THR KA 78 44.07 -69.59 -26.40
CA THR KA 78 42.90 -69.88 -25.60
C THR KA 78 42.20 -68.58 -25.18
N ALA KA 79 43.00 -67.65 -24.66
CA ALA KA 79 42.50 -66.35 -24.25
C ALA KA 79 41.92 -65.62 -25.45
N ASN KA 80 42.60 -65.75 -26.59
CA ASN KA 80 42.13 -65.16 -27.83
C ASN KA 80 40.78 -65.70 -28.27
N ARG KA 81 40.65 -67.03 -28.27
CA ARG KA 81 39.40 -67.70 -28.62
C ARG KA 81 38.26 -67.27 -27.70
N MET KA 82 38.50 -67.33 -26.40
CA MET KA 82 37.49 -66.96 -25.42
C MET KA 82 37.02 -65.52 -25.65
N LEU KA 83 37.99 -64.62 -25.74
CA LEU KA 83 37.70 -63.20 -25.96
C LEU KA 83 36.91 -62.97 -27.24
N LYS KA 84 37.41 -63.47 -28.37
CA LYS KA 84 36.77 -63.22 -29.66
C LYS KA 84 35.37 -63.83 -29.74
N GLN KA 85 35.20 -65.00 -29.13
CA GLN KA 85 33.90 -65.67 -29.19
C GLN KA 85 32.88 -64.96 -28.30
N MET KA 86 33.29 -64.55 -27.11
CA MET KA 86 32.41 -63.78 -26.25
C MET KA 86 32.02 -62.46 -26.91
N LEU KA 87 33.02 -61.73 -27.39
CA LEU KA 87 32.78 -60.43 -28.02
C LEU KA 87 31.89 -60.53 -29.25
N PHE KA 88 32.11 -61.59 -30.04
CA PHE KA 88 31.31 -61.81 -31.24
C PHE KA 88 29.87 -62.18 -30.89
N ARG KA 89 29.70 -62.92 -29.81
CA ARG KA 89 28.37 -63.31 -29.37
C ARG KA 89 27.52 -62.09 -29.00
N TYR KA 90 28.18 -60.98 -28.65
CA TYR KA 90 27.48 -59.76 -28.26
C TYR KA 90 27.44 -58.73 -29.39
N GLN KA 91 27.95 -59.13 -30.56
CA GLN KA 91 27.87 -58.32 -31.77
C GLN KA 91 28.31 -56.86 -31.62
N GLY KA 92 29.38 -56.64 -30.87
CA GLY KA 92 29.98 -55.31 -30.75
C GLY KA 92 29.36 -54.42 -29.68
N TYR KA 93 28.34 -54.91 -28.99
CA TYR KA 93 27.69 -54.11 -27.95
C TYR KA 93 28.54 -54.02 -26.70
N ILE KA 94 29.60 -54.83 -26.64
CA ILE KA 94 30.60 -54.71 -25.59
C ILE KA 94 31.80 -53.94 -26.14
N GLY KA 95 31.89 -52.66 -25.78
CA GLY KA 95 32.90 -51.77 -26.32
C GLY KA 95 34.30 -52.08 -25.82
N ALA KA 96 34.87 -53.18 -26.30
CA ALA KA 96 36.17 -53.63 -25.81
C ALA KA 96 37.17 -53.93 -26.93
N ALA KA 97 38.07 -52.97 -27.17
CA ALA KA 97 39.21 -53.17 -28.05
C ALA KA 97 40.38 -53.61 -27.19
N LEU KA 98 41.09 -54.66 -27.62
CA LEU KA 98 42.09 -55.28 -26.75
C LEU KA 98 43.40 -55.59 -27.47
N VAL KA 99 44.49 -55.51 -26.72
CA VAL KA 99 45.79 -55.98 -27.19
C VAL KA 99 46.24 -57.10 -26.27
N LEU KA 100 46.22 -58.33 -26.79
CA LEU KA 100 46.51 -59.51 -25.97
C LEU KA 100 47.93 -60.00 -26.23
N GLY KA 101 48.76 -59.99 -25.19
CA GLY KA 101 50.14 -60.42 -25.35
C GLY KA 101 50.54 -61.46 -24.32
N GLY KA 102 51.31 -62.45 -24.74
CA GLY KA 102 51.78 -63.45 -23.79
C GLY KA 102 52.82 -64.41 -24.32
N VAL KA 103 53.51 -65.09 -23.42
CA VAL KA 103 54.51 -66.08 -23.80
C VAL KA 103 54.02 -67.50 -23.47
N ASP KA 104 54.12 -68.39 -24.46
CA ASP KA 104 53.59 -69.74 -24.34
C ASP KA 104 54.68 -70.79 -24.24
N VAL KA 105 54.25 -72.04 -24.40
CA VAL KA 105 55.14 -73.16 -24.59
C VAL KA 105 55.52 -73.17 -26.07
N THR KA 106 54.80 -72.36 -26.84
CA THR KA 106 55.03 -72.23 -28.27
C THR KA 106 55.73 -70.91 -28.60
N GLY KA 107 55.91 -70.07 -27.59
CA GLY KA 107 56.63 -68.82 -27.76
C GLY KA 107 55.80 -67.58 -27.48
N PRO KA 108 56.27 -66.43 -27.99
CA PRO KA 108 55.56 -65.15 -27.84
C PRO KA 108 54.42 -64.99 -28.85
N HIS KA 109 53.27 -64.51 -28.37
CA HIS KA 109 52.10 -64.30 -29.21
C HIS KA 109 51.39 -62.99 -28.88
N LEU KA 110 51.07 -62.25 -29.95
CA LEU KA 110 50.44 -60.95 -29.84
C LEU KA 110 49.23 -60.86 -30.76
N TYR KA 111 48.07 -60.57 -30.18
CA TYR KA 111 46.83 -60.46 -30.93
C TYR KA 111 46.21 -59.08 -30.71
N SER KA 112 45.47 -58.61 -31.71
CA SER KA 112 44.60 -57.47 -31.53
C SER KA 112 43.16 -57.97 -31.67
N ILE KA 113 42.31 -57.57 -30.74
CA ILE KA 113 40.93 -58.05 -30.70
C ILE KA 113 39.92 -56.91 -30.72
N TYR KA 114 39.17 -56.80 -31.80
CA TYR KA 114 38.19 -55.74 -31.95
C TYR KA 114 36.84 -56.14 -31.35
N PRO KA 115 36.08 -55.17 -30.82
CA PRO KA 115 34.85 -55.44 -30.07
C PRO KA 115 33.80 -56.26 -30.83
N HIS KA 116 33.94 -56.36 -32.15
CA HIS KA 116 32.99 -57.16 -32.93
C HIS KA 116 33.39 -58.62 -32.98
N GLY KA 117 34.58 -58.94 -32.48
CA GLY KA 117 35.00 -60.33 -32.33
C GLY KA 117 36.04 -60.80 -33.33
N SER KA 118 36.58 -59.89 -34.11
CA SER KA 118 37.63 -60.23 -35.06
C SER KA 118 39.00 -60.05 -34.43
N THR KA 119 39.94 -60.94 -34.78
CA THR KA 119 41.30 -60.87 -34.23
C THR KA 119 42.37 -60.86 -35.30
N ASP KA 120 43.51 -60.25 -34.99
CA ASP KA 120 44.65 -60.25 -35.91
C ASP KA 120 45.92 -60.61 -35.15
N LYS KA 121 46.64 -61.62 -35.61
CA LYS KA 121 47.92 -61.98 -35.02
C LYS KA 121 49.05 -61.31 -35.80
N LEU KA 122 49.68 -60.31 -35.17
CA LEU KA 122 50.69 -59.51 -35.83
C LEU KA 122 51.90 -59.28 -34.91
N PRO KA 123 53.08 -59.05 -35.50
CA PRO KA 123 54.29 -58.73 -34.73
C PRO KA 123 54.14 -57.45 -33.92
N TYR KA 124 53.31 -56.54 -34.40
CA TYR KA 124 53.04 -55.29 -33.66
C TYR KA 124 51.64 -54.77 -33.94
N VAL KA 125 50.96 -54.31 -32.88
CA VAL KA 125 49.59 -53.79 -33.02
C VAL KA 125 49.35 -52.55 -32.16
N THR KA 126 48.35 -51.76 -32.56
CA THR KA 126 47.93 -50.59 -31.79
C THR KA 126 46.41 -50.52 -31.76
N MET KA 127 45.87 -50.03 -30.64
CA MET KA 127 44.42 -49.81 -30.49
C MET KA 127 44.18 -48.54 -29.70
N GLY KA 128 42.99 -47.96 -29.88
CA GLY KA 128 42.60 -46.78 -29.13
C GLY KA 128 42.48 -45.55 -30.02
N SER KA 129 42.04 -44.44 -29.42
CA SER KA 129 41.90 -43.19 -30.15
C SER KA 129 43.24 -42.65 -30.65
N GLY KA 130 44.33 -43.06 -30.00
CA GLY KA 130 45.65 -42.63 -30.39
C GLY KA 130 46.43 -43.72 -31.11
N SER KA 131 45.71 -44.68 -31.68
CA SER KA 131 46.36 -45.84 -32.30
C SER KA 131 47.08 -45.51 -33.61
N LEU KA 132 46.61 -44.48 -34.31
CA LEU KA 132 47.21 -44.12 -35.59
C LEU KA 132 48.63 -43.58 -35.41
N ALA KA 133 48.80 -42.71 -34.42
CA ALA KA 133 50.11 -42.14 -34.12
C ALA KA 133 51.11 -43.23 -33.72
N ALA KA 134 50.68 -44.06 -32.79
CA ALA KA 134 51.50 -45.16 -32.30
C ALA KA 134 51.88 -46.09 -33.46
N MET KA 135 50.90 -46.38 -34.33
CA MET KA 135 51.14 -47.24 -35.48
C MET KA 135 52.12 -46.59 -36.46
N ALA KA 136 52.11 -45.25 -36.51
CA ALA KA 136 53.06 -44.54 -37.34
C ALA KA 136 54.47 -44.73 -36.80
N VAL KA 137 54.60 -44.60 -35.48
CA VAL KA 137 55.88 -44.85 -34.81
C VAL KA 137 56.37 -46.28 -35.07
N PHE KA 138 55.47 -47.25 -35.00
CA PHE KA 138 55.81 -48.64 -35.26
C PHE KA 138 56.25 -48.84 -36.71
N GLU KA 139 55.46 -48.35 -37.65
CA GLU KA 139 55.76 -48.50 -39.07
C GLU KA 139 57.06 -47.81 -39.44
N ASP KA 140 57.44 -46.80 -38.66
CA ASP KA 140 58.67 -46.07 -38.92
C ASP KA 140 59.90 -46.75 -38.32
N LYS KA 141 59.78 -47.22 -37.08
CA LYS KA 141 60.95 -47.68 -36.34
C LYS KA 141 60.84 -49.10 -35.76
N PHE KA 142 60.25 -50.01 -36.50
CA PHE KA 142 60.19 -51.40 -36.06
C PHE KA 142 61.12 -52.27 -36.88
N ARG KA 143 61.80 -53.19 -36.21
CA ARG KA 143 62.59 -54.22 -36.87
C ARG KA 143 62.41 -55.54 -36.13
N PRO KA 144 62.40 -56.66 -36.87
CA PRO KA 144 62.21 -57.97 -36.24
C PRO KA 144 63.34 -58.34 -35.28
N ASP KA 145 63.02 -59.10 -34.25
CA ASP KA 145 63.99 -59.57 -33.27
C ASP KA 145 64.77 -58.45 -32.58
N MET KA 146 64.04 -57.50 -31.98
CA MET KA 146 64.67 -56.44 -31.23
C MET KA 146 65.12 -56.94 -29.86
N GLU KA 147 66.00 -56.19 -29.21
CA GLU KA 147 66.38 -56.48 -27.84
C GLU KA 147 65.35 -55.87 -26.91
N GLU KA 148 65.33 -56.31 -25.66
CA GLU KA 148 64.30 -55.90 -24.71
C GLU KA 148 64.20 -54.39 -24.52
N GLU KA 149 65.31 -53.75 -24.16
CA GLU KA 149 65.32 -52.31 -23.93
C GLU KA 149 64.96 -51.51 -25.19
N GLU KA 150 65.38 -52.03 -26.33
CA GLU KA 150 65.06 -51.42 -27.62
C GLU KA 150 63.54 -51.42 -27.85
N ALA KA 151 62.93 -52.58 -27.63
CA ALA KA 151 61.48 -52.73 -27.80
C ALA KA 151 60.71 -51.89 -26.79
N LYS KA 152 61.21 -51.82 -25.56
CA LYS KA 152 60.60 -50.99 -24.52
C LYS KA 152 60.62 -49.53 -24.96
N ASN KA 153 61.75 -49.11 -25.51
CA ASN KA 153 61.89 -47.76 -26.01
C ASN KA 153 60.91 -47.48 -27.15
N LEU KA 154 60.81 -48.42 -28.08
CA LEU KA 154 59.88 -48.28 -29.21
C LEU KA 154 58.43 -48.15 -28.76
N VAL KA 155 57.98 -49.07 -27.91
CA VAL KA 155 56.61 -49.06 -27.42
C VAL KA 155 56.29 -47.80 -26.62
N SER KA 156 57.20 -47.43 -25.71
CA SER KA 156 56.99 -46.21 -24.91
C SER KA 156 56.94 -44.99 -25.82
N GLU KA 157 57.71 -45.03 -26.90
CA GLU KA 157 57.71 -43.96 -27.89
C GLU KA 157 56.35 -43.87 -28.58
N ALA KA 158 55.82 -45.02 -28.97
CA ALA KA 158 54.51 -45.10 -29.60
C ALA KA 158 53.41 -44.52 -28.69
N ILE KA 159 53.36 -45.05 -27.47
CA ILE KA 159 52.40 -44.57 -26.47
C ILE KA 159 52.56 -43.07 -26.24
N ALA KA 160 53.79 -42.58 -26.30
CA ALA KA 160 54.05 -41.15 -26.15
C ALA KA 160 53.42 -40.37 -27.29
N ALA KA 161 53.61 -40.87 -28.51
CA ALA KA 161 53.00 -40.25 -29.69
C ALA KA 161 51.50 -40.15 -29.51
N GLY KA 162 50.90 -41.25 -29.05
CA GLY KA 162 49.48 -41.25 -28.76
C GLY KA 162 49.12 -40.19 -27.72
N ILE KA 163 49.94 -40.09 -26.68
CA ILE KA 163 49.68 -39.18 -25.58
C ILE KA 163 49.67 -37.71 -26.01
N PHE KA 164 50.68 -37.31 -26.78
CA PHE KA 164 50.81 -35.91 -27.15
C PHE KA 164 49.98 -35.50 -28.38
N ASN KA 165 49.73 -36.46 -29.27
CA ASN KA 165 49.00 -36.14 -30.50
C ASN KA 165 47.48 -36.36 -30.42
N ASP KA 166 47.04 -37.21 -29.49
CA ASP KA 166 45.62 -37.51 -29.35
C ASP KA 166 45.03 -36.90 -28.07
N LEU KA 167 43.96 -36.14 -28.23
CA LEU KA 167 43.28 -35.50 -27.11
C LEU KA 167 42.63 -36.52 -26.18
N GLY KA 168 42.50 -37.75 -26.67
CA GLY KA 168 41.89 -38.82 -25.88
C GLY KA 168 42.89 -39.48 -24.97
N SER KA 169 44.17 -39.32 -25.26
CA SER KA 169 45.24 -39.94 -24.48
C SER KA 169 46.05 -38.91 -23.70
N GLY KA 170 46.69 -39.36 -22.64
CA GLY KA 170 47.52 -38.47 -21.83
C GLY KA 170 48.17 -39.14 -20.63
N SER KA 171 48.81 -38.31 -19.81
CA SER KA 171 49.44 -38.75 -18.56
C SER KA 171 50.59 -39.74 -18.75
N ASN KA 172 50.59 -40.79 -17.91
CA ASN KA 172 51.74 -41.69 -17.83
C ASN KA 172 51.82 -42.75 -18.91
N ILE KA 173 52.93 -43.47 -18.93
CA ILE KA 173 53.14 -44.59 -19.84
C ILE KA 173 53.41 -45.85 -19.03
N ASP KA 174 52.54 -46.85 -19.16
CA ASP KA 174 52.73 -48.11 -18.46
C ASP KA 174 53.23 -49.17 -19.42
N LEU KA 175 54.24 -49.92 -18.99
CA LEU KA 175 54.78 -50.99 -19.81
C LEU KA 175 54.61 -52.33 -19.11
N CYS KA 176 54.69 -53.40 -19.92
CA CYS KA 176 54.66 -54.75 -19.39
C CYS KA 176 55.51 -55.64 -20.28
N VAL KA 177 56.65 -56.05 -19.75
CA VAL KA 177 57.57 -56.91 -20.49
C VAL KA 177 57.36 -58.36 -20.08
N ILE KA 178 57.21 -59.23 -21.08
CA ILE KA 178 56.95 -60.64 -20.84
C ILE KA 178 57.90 -61.50 -21.67
N SER KA 179 58.83 -62.18 -21.00
CA SER KA 179 59.75 -63.06 -21.70
C SER KA 179 59.49 -64.51 -21.29
N LYS KA 180 60.31 -65.42 -21.79
CA LYS KA 180 60.15 -66.85 -21.49
C LYS KA 180 60.38 -67.17 -20.01
N ASN KA 181 60.89 -66.20 -19.25
CA ASN KA 181 61.17 -66.41 -17.84
C ASN KA 181 61.29 -65.12 -17.02
N LYS KA 182 60.42 -64.15 -17.32
CA LYS KA 182 60.39 -62.89 -16.59
C LYS KA 182 59.11 -62.11 -16.85
N LEU KA 183 58.64 -61.39 -15.85
CA LEU KA 183 57.45 -60.56 -15.98
C LEU KA 183 57.65 -59.19 -15.33
N ASP KA 184 58.06 -58.22 -16.14
CA ASP KA 184 58.28 -56.86 -15.65
C ASP KA 184 57.03 -56.00 -15.85
N PHE KA 185 56.21 -55.91 -14.81
CA PHE KA 185 55.03 -55.05 -14.86
C PHE KA 185 55.38 -53.65 -14.38
N LEU KA 186 56.11 -52.92 -15.22
CA LEU KA 186 56.57 -51.57 -14.90
C LEU KA 186 55.40 -50.61 -14.91
N ARG KA 187 54.95 -50.19 -13.73
CA ARG KA 187 53.77 -49.34 -13.66
C ARG KA 187 54.04 -47.91 -14.19
N PRO KA 188 54.61 -47.01 -13.40
CA PRO KA 188 54.98 -45.71 -13.96
C PRO KA 188 56.28 -45.79 -14.77
N TYR KA 189 56.26 -46.38 -15.98
CA TYR KA 189 57.53 -46.47 -16.72
C TYR KA 189 58.06 -45.08 -17.09
N THR KA 190 57.14 -44.15 -17.31
CA THR KA 190 57.50 -42.78 -17.63
C THR KA 190 56.39 -41.84 -17.21
N VAL KA 191 56.76 -40.73 -16.59
CA VAL KA 191 55.80 -39.67 -16.26
C VAL KA 191 56.19 -38.43 -17.04
N PRO KA 192 55.84 -38.40 -18.35
CA PRO KA 192 56.26 -37.32 -19.24
C PRO KA 192 55.44 -36.05 -19.02
N ASN KA 193 54.35 -36.17 -18.26
CA ASN KA 193 53.50 -35.03 -17.99
C ASN KA 193 53.37 -34.75 -16.51
N LYS KA 194 53.49 -33.48 -16.14
CA LYS KA 194 53.46 -33.07 -14.74
C LYS KA 194 52.52 -31.88 -14.57
N LYS KA 195 51.76 -31.88 -13.49
CA LYS KA 195 50.95 -30.71 -13.16
C LYS KA 195 51.86 -29.58 -12.71
N GLY KA 196 51.59 -28.38 -13.20
CA GLY KA 196 52.33 -27.21 -12.77
C GLY KA 196 52.17 -26.97 -11.28
N THR KA 197 53.22 -26.44 -10.65
CA THR KA 197 53.18 -26.17 -9.22
C THR KA 197 52.35 -24.94 -8.89
N ARG KA 198 51.55 -25.04 -7.83
CA ARG KA 198 50.69 -23.94 -7.39
C ARG KA 198 51.51 -22.69 -7.12
N LEU KA 199 51.01 -21.54 -7.57
CA LEU KA 199 51.71 -20.28 -7.37
C LEU KA 199 51.11 -19.48 -6.21
N GLY KA 200 50.02 -19.98 -5.64
CA GLY KA 200 49.35 -19.30 -4.55
C GLY KA 200 48.90 -20.22 -3.44
N ARG KA 201 48.39 -19.61 -2.36
CA ARG KA 201 47.85 -20.36 -1.23
C ARG KA 201 46.39 -20.02 -1.07
N TYR KA 202 45.51 -20.89 -1.56
CA TYR KA 202 44.08 -20.67 -1.47
C TYR KA 202 43.49 -21.44 -0.30
N ARG KA 203 44.38 -21.81 0.64
CA ARG KA 203 43.97 -22.53 1.83
C ARG KA 203 42.98 -21.70 2.65
N CYS KA 204 41.85 -22.32 2.97
CA CYS KA 204 40.84 -21.66 3.79
C CYS KA 204 41.06 -22.01 5.26
N GLU KA 205 41.25 -20.99 6.08
CA GLU KA 205 41.51 -21.19 7.50
C GLU KA 205 40.22 -21.50 8.26
N LYS KA 206 40.35 -22.32 9.30
CA LYS KA 206 39.20 -22.78 10.09
C LYS KA 206 38.31 -21.64 10.58
N GLY KA 207 37.08 -21.60 10.08
CA GLY KA 207 36.12 -20.60 10.49
C GLY KA 207 35.48 -19.84 9.34
N THR KA 208 36.13 -19.90 8.17
CA THR KA 208 35.65 -19.15 7.00
C THR KA 208 34.38 -19.74 6.41
N THR KA 209 34.08 -20.99 6.75
CA THR KA 209 32.86 -21.64 6.27
C THR KA 209 31.76 -21.56 7.33
N ALA KA 210 30.72 -20.78 7.05
CA ALA KA 210 29.59 -20.65 7.96
C ALA KA 210 28.82 -21.96 8.07
N VAL KA 211 28.39 -22.28 9.28
CA VAL KA 211 27.69 -23.53 9.54
C VAL KA 211 26.33 -23.29 10.20
N LEU KA 212 25.31 -24.02 9.76
CA LEU KA 212 23.97 -23.87 10.29
C LEU KA 212 23.66 -24.95 11.32
N THR KA 213 24.18 -26.15 11.09
CA THR KA 213 23.85 -27.32 11.90
C THR KA 213 25.09 -28.17 12.12
N GLU KA 214 25.27 -28.68 13.34
CA GLU KA 214 26.37 -29.57 13.64
C GLU KA 214 25.92 -30.75 14.50
N LYS KA 215 26.57 -31.90 14.32
CA LYS KA 215 26.26 -33.09 15.10
C LYS KA 215 27.45 -34.04 15.13
N ILE KA 216 28.07 -34.18 16.31
CA ILE KA 216 29.18 -35.09 16.49
C ILE KA 216 28.66 -36.45 16.92
N THR KA 217 29.26 -37.52 16.41
CA THR KA 217 28.84 -38.87 16.76
C THR KA 217 30.06 -39.77 16.99
N PRO KA 218 30.27 -40.21 18.24
CA PRO KA 218 31.40 -41.05 18.64
C PRO KA 218 31.29 -42.46 18.08
N LEU KA 219 32.43 -43.10 17.82
CA LEU KA 219 32.44 -44.46 17.29
C LEU KA 219 33.08 -45.44 18.27
N GLU KA 220 34.06 -46.20 17.79
CA GLU KA 220 34.78 -47.15 18.62
C GLU KA 220 36.14 -47.52 18.03
N SER LA 1 19.32 -34.35 -21.08
CA SER LA 1 20.02 -35.46 -20.47
C SER LA 1 19.23 -36.06 -19.31
N ILE LA 2 19.30 -37.37 -19.16
CA ILE LA 2 18.58 -38.07 -18.10
C ILE LA 2 19.16 -37.73 -16.73
N MET LA 3 20.48 -37.65 -16.66
CA MET LA 3 21.18 -37.33 -15.41
C MET LA 3 20.79 -35.96 -14.88
N SER LA 4 20.52 -35.02 -15.80
CA SER LA 4 20.25 -33.64 -15.45
C SER LA 4 18.80 -33.40 -15.02
N TYR LA 5 17.98 -34.46 -15.10
CA TYR LA 5 16.56 -34.35 -14.79
C TYR LA 5 16.32 -33.90 -13.34
N ASN LA 6 17.07 -34.50 -12.41
CA ASN LA 6 16.96 -34.15 -11.00
C ASN LA 6 18.09 -33.24 -10.54
N GLY LA 7 19.23 -33.36 -11.21
CA GLY LA 7 20.41 -32.58 -10.83
C GLY LA 7 21.04 -33.12 -9.57
N GLY LA 8 21.98 -32.35 -9.01
CA GLY LA 8 22.65 -32.75 -7.79
C GLY LA 8 24.15 -32.82 -7.91
N ALA LA 9 24.82 -32.93 -6.78
CA ALA LA 9 26.27 -32.96 -6.75
C ALA LA 9 26.79 -33.75 -5.55
N VAL LA 10 27.81 -34.57 -5.79
CA VAL LA 10 28.41 -35.40 -4.75
C VAL LA 10 29.94 -35.36 -4.88
N MET LA 11 30.61 -35.16 -3.76
CA MET LA 11 32.06 -35.03 -3.76
C MET LA 11 32.69 -35.78 -2.58
N ALA LA 12 33.88 -36.33 -2.77
CA ALA LA 12 34.61 -36.93 -1.66
C ALA LA 12 36.08 -36.52 -1.67
N MET LA 13 36.64 -36.29 -0.48
CA MET LA 13 38.01 -35.83 -0.34
C MET LA 13 38.79 -36.65 0.68
N LYS LA 14 40.09 -36.77 0.46
CA LYS LA 14 40.96 -37.52 1.35
C LYS LA 14 41.66 -36.60 2.34
N GLY LA 15 41.99 -37.13 3.52
CA GLY LA 15 42.69 -36.37 4.54
C GLY LA 15 43.90 -37.11 5.07
N LYS LA 16 44.35 -36.72 6.26
CA LYS LA 16 45.48 -37.39 6.90
C LYS LA 16 45.07 -38.80 7.33
N ASN LA 17 44.32 -38.88 8.41
CA ASN LA 17 43.73 -40.14 8.86
C ASN LA 17 42.23 -39.97 8.92
N CYS LA 18 41.72 -39.07 8.10
CA CYS LA 18 40.30 -38.77 8.04
C CYS LA 18 39.85 -38.72 6.59
N VAL LA 19 38.54 -38.69 6.38
CA VAL LA 19 37.99 -38.63 5.03
C VAL LA 19 36.72 -37.78 5.03
N ALA LA 20 36.37 -37.24 3.88
CA ALA LA 20 35.22 -36.34 3.79
C ALA LA 20 34.29 -36.67 2.62
N ILE LA 21 33.00 -36.44 2.81
CA ILE LA 21 32.03 -36.64 1.74
C ILE LA 21 30.88 -35.65 1.85
N ALA LA 22 30.59 -34.96 0.75
CA ALA LA 22 29.58 -33.91 0.77
C ALA LA 22 28.61 -34.02 -0.39
N ALA LA 23 27.43 -33.45 -0.22
CA ALA LA 23 26.42 -33.45 -1.28
C ALA LA 23 25.40 -32.34 -1.08
N ASP LA 24 24.86 -31.81 -2.18
CA ASP LA 24 23.80 -30.81 -2.10
C ASP LA 24 22.50 -31.46 -1.61
N ARG LA 25 21.50 -30.65 -1.30
CA ARG LA 25 20.31 -31.15 -0.63
C ARG LA 25 19.02 -30.98 -1.43
N ARG LA 26 19.16 -30.52 -2.67
CA ARG LA 26 17.99 -30.22 -3.50
C ARG LA 26 17.42 -31.44 -4.20
N PHE LA 27 16.13 -31.68 -3.99
CA PHE LA 27 15.38 -32.61 -4.84
C PHE LA 27 14.45 -31.82 -5.73
N GLY LA 28 14.79 -31.79 -7.02
CA GLY LA 28 14.00 -31.04 -7.98
C GLY LA 28 13.67 -31.85 -9.23
N ILE LA 29 12.58 -31.46 -9.89
CA ILE LA 29 12.19 -32.04 -11.15
C ILE LA 29 12.43 -31.03 -12.26
N GLN LA 30 13.44 -31.29 -13.08
CA GLN LA 30 13.92 -30.33 -14.08
C GLN LA 30 14.24 -28.96 -13.48
N ALA LA 31 13.28 -28.05 -13.52
CA ALA LA 31 13.53 -26.68 -13.09
C ALA LA 31 12.84 -26.31 -11.78
N GLN LA 32 11.97 -27.18 -11.29
CA GLN LA 32 11.25 -26.88 -10.06
C GLN LA 32 11.81 -27.68 -8.89
N MET LA 33 11.99 -27.02 -7.75
CA MET LA 33 12.46 -27.68 -6.54
C MET LA 33 11.27 -28.22 -5.75
N VAL LA 34 11.37 -29.48 -5.35
CA VAL LA 34 10.30 -30.11 -4.60
C VAL LA 34 10.67 -30.21 -3.13
N THR LA 35 11.91 -30.61 -2.86
CA THR LA 35 12.36 -30.77 -1.48
C THR LA 35 13.75 -30.14 -1.26
N THR LA 36 14.02 -29.67 -0.05
CA THR LA 36 15.33 -29.08 0.27
C THR LA 36 16.12 -29.92 1.27
N ASP LA 37 15.64 -31.12 1.55
CA ASP LA 37 16.28 -32.00 2.53
C ASP LA 37 16.43 -33.42 2.00
N PHE LA 38 16.80 -33.54 0.73
CA PHE LA 38 16.90 -34.83 0.08
C PHE LA 38 18.22 -35.51 0.36
N GLN LA 39 18.16 -36.71 0.94
CA GLN LA 39 19.35 -37.45 1.31
C GLN LA 39 20.00 -38.13 0.11
N LYS LA 40 21.28 -37.85 -0.11
CA LYS LA 40 22.02 -38.44 -1.22
C LYS LA 40 23.26 -39.18 -0.71
N ILE LA 41 23.46 -39.13 0.60
CA ILE LA 41 24.57 -39.83 1.23
C ILE LA 41 24.05 -40.82 2.27
N PHE LA 42 24.45 -42.08 2.11
CA PHE LA 42 23.96 -43.15 2.96
C PHE LA 42 25.13 -43.91 3.59
N PRO LA 43 25.01 -44.19 4.90
CA PRO LA 43 26.03 -44.95 5.63
C PRO LA 43 25.93 -46.43 5.32
N MET LA 44 27.02 -47.01 4.82
CA MET LA 44 27.08 -48.44 4.56
C MET LA 44 27.86 -49.13 5.68
N GLY LA 45 27.66 -48.66 6.90
CA GLY LA 45 28.39 -49.18 8.05
C GLY LA 45 29.16 -48.08 8.75
N ASP LA 46 29.74 -48.41 9.89
CA ASP LA 46 30.53 -47.44 10.66
C ASP LA 46 31.79 -47.04 9.90
N ARG LA 47 31.97 -45.74 9.73
CA ARG LA 47 33.12 -45.19 9.01
C ARG LA 47 33.21 -45.65 7.55
N LEU LA 48 32.06 -45.69 6.88
CA LEU LA 48 32.02 -46.01 5.45
C LEU LA 48 30.73 -45.46 4.85
N TYR LA 49 30.85 -44.42 4.03
CA TYR LA 49 29.68 -43.77 3.44
C TYR LA 49 29.70 -43.83 1.91
N ILE LA 50 28.52 -43.85 1.31
CA ILE LA 50 28.37 -43.77 -0.14
C ILE LA 50 27.48 -42.58 -0.52
N GLY LA 51 27.79 -41.94 -1.63
CA GLY LA 51 27.04 -40.77 -2.06
C GLY LA 51 26.65 -40.89 -3.52
N LEU LA 52 25.36 -40.90 -3.79
CA LEU LA 52 24.87 -41.12 -5.15
C LEU LA 52 24.27 -39.85 -5.76
N ALA LA 53 24.78 -39.47 -6.93
CA ALA LA 53 24.22 -38.36 -7.67
C ALA LA 53 23.62 -38.86 -8.97
N GLY LA 54 22.59 -38.19 -9.45
CA GLY LA 54 21.94 -38.56 -10.69
C GLY LA 54 20.44 -38.64 -10.54
N LEU LA 55 19.82 -39.58 -11.26
CA LEU LA 55 18.38 -39.76 -11.23
C LEU LA 55 17.95 -40.24 -9.84
N ALA LA 56 17.12 -39.45 -9.17
CA ALA LA 56 16.74 -39.68 -7.78
C ALA LA 56 16.26 -41.10 -7.48
N THR LA 57 15.39 -41.60 -8.34
CA THR LA 57 14.87 -42.95 -8.21
C THR LA 57 15.98 -43.98 -8.15
N ASP LA 58 16.93 -43.88 -9.08
CA ASP LA 58 18.02 -44.84 -9.14
C ASP LA 58 19.01 -44.62 -7.99
N VAL LA 59 19.08 -43.40 -7.48
CA VAL LA 59 19.85 -43.12 -6.28
C VAL LA 59 19.29 -43.96 -5.12
N GLN LA 60 18.00 -43.76 -4.84
CA GLN LA 60 17.34 -44.49 -3.77
C GLN LA 60 17.38 -46.01 -3.98
N THR LA 61 17.13 -46.45 -5.20
CA THR LA 61 17.05 -47.87 -5.52
C THR LA 61 18.41 -48.55 -5.37
N VAL LA 62 19.44 -47.96 -5.98
CA VAL LA 62 20.79 -48.49 -5.85
C VAL LA 62 21.22 -48.52 -4.39
N ALA LA 63 20.91 -47.45 -3.66
CA ALA LA 63 21.22 -47.41 -2.23
C ALA LA 63 20.57 -48.58 -1.49
N GLN LA 64 19.29 -48.81 -1.75
CA GLN LA 64 18.52 -49.84 -1.07
C GLN LA 64 19.01 -51.26 -1.39
N ARG LA 65 19.22 -51.54 -2.68
CA ARG LA 65 19.67 -52.87 -3.09
C ARG LA 65 21.10 -53.12 -2.59
N LEU LA 66 21.88 -52.05 -2.55
CA LEU LA 66 23.24 -52.14 -2.04
C LEU LA 66 23.22 -52.45 -0.55
N LYS LA 67 22.31 -51.83 0.19
CA LYS LA 67 22.16 -52.13 1.61
C LYS LA 67 21.71 -53.57 1.81
N PHE LA 68 20.87 -54.05 0.90
CA PHE LA 68 20.41 -55.44 0.88
C PHE LA 68 21.62 -56.38 0.82
N ARG LA 69 22.37 -56.27 -0.27
CA ARG LA 69 23.54 -57.13 -0.48
C ARG LA 69 24.58 -56.98 0.63
N LEU LA 70 24.75 -55.75 1.11
CA LEU LA 70 25.72 -55.46 2.17
C LEU LA 70 25.35 -56.18 3.45
N ASN LA 71 24.09 -56.02 3.88
CA ASN LA 71 23.60 -56.70 5.06
C ASN LA 71 23.79 -58.20 4.96
N LEU LA 72 23.43 -58.76 3.80
CA LEU LA 72 23.65 -60.18 3.58
C LEU LA 72 25.13 -60.58 3.68
N TYR LA 73 26.01 -59.68 3.22
CA TYR LA 73 27.44 -59.93 3.24
C TYR LA 73 27.98 -59.94 4.66
N GLU LA 74 27.62 -58.91 5.44
CA GLU LA 74 28.05 -58.78 6.81
C GLU LA 74 27.36 -59.79 7.72
N LEU LA 75 26.35 -60.49 7.20
CA LEU LA 75 25.76 -61.59 7.94
C LEU LA 75 26.45 -62.92 7.62
N LYS LA 76 26.61 -63.21 6.33
CA LYS LA 76 27.31 -64.43 5.91
C LYS LA 76 28.73 -64.45 6.44
N GLU LA 77 29.39 -63.31 6.35
CA GLU LA 77 30.75 -63.17 6.88
C GLU LA 77 30.68 -62.43 8.21
N GLY LA 78 31.51 -62.84 9.15
CA GLY LA 78 31.46 -62.26 10.49
C GLY LA 78 32.29 -61.01 10.63
N ARG LA 79 32.09 -60.05 9.72
CA ARG LA 79 32.89 -58.84 9.73
C ARG LA 79 32.20 -57.65 9.07
N GLN LA 80 32.73 -56.46 9.32
CA GLN LA 80 32.32 -55.28 8.58
C GLN LA 80 33.00 -55.31 7.22
N ILE LA 81 32.48 -54.54 6.28
CA ILE LA 81 32.99 -54.59 4.91
C ILE LA 81 34.16 -53.63 4.69
N LYS LA 82 35.12 -54.07 3.89
CA LYS LA 82 36.24 -53.22 3.47
C LYS LA 82 35.77 -52.27 2.38
N PRO LA 83 36.40 -51.08 2.30
CA PRO LA 83 36.07 -50.10 1.25
C PRO LA 83 36.21 -50.66 -0.17
N TYR LA 84 37.35 -51.29 -0.47
CA TYR LA 84 37.57 -51.92 -1.78
C TYR LA 84 36.46 -52.92 -2.10
N THR LA 85 36.11 -53.72 -1.10
CA THR LA 85 35.08 -54.74 -1.26
C THR LA 85 33.74 -54.09 -1.62
N LEU LA 86 33.38 -53.05 -0.88
CA LEU LA 86 32.15 -52.31 -1.16
C LEU LA 86 32.17 -51.76 -2.58
N MET LA 87 33.33 -51.25 -3.00
CA MET LA 87 33.48 -50.71 -4.34
C MET LA 87 33.21 -51.77 -5.41
N SER LA 88 33.83 -52.93 -5.25
CA SER LA 88 33.61 -54.04 -6.18
C SER LA 88 32.14 -54.49 -6.18
N MET LA 89 31.53 -54.45 -5.00
CA MET LA 89 30.12 -54.81 -4.86
C MET LA 89 29.24 -53.88 -5.68
N VAL LA 90 29.45 -52.57 -5.50
CA VAL LA 90 28.71 -51.57 -6.26
C VAL LA 90 28.96 -51.74 -7.76
N ALA LA 91 30.21 -51.96 -8.13
CA ALA LA 91 30.58 -52.16 -9.53
C ALA LA 91 29.80 -53.31 -10.15
N ASN LA 92 29.76 -54.43 -9.44
CA ASN LA 92 29.02 -55.60 -9.88
C ASN LA 92 27.52 -55.29 -10.02
N LEU LA 93 26.96 -54.68 -8.99
CA LEU LA 93 25.55 -54.31 -8.96
C LEU LA 93 25.16 -53.42 -10.15
N LEU LA 94 26.01 -52.45 -10.46
CA LEU LA 94 25.75 -51.54 -11.56
C LEU LA 94 25.91 -52.24 -12.90
N TYR LA 95 26.94 -53.08 -13.02
CA TYR LA 95 27.23 -53.72 -14.29
C TYR LA 95 26.23 -54.81 -14.65
N GLU LA 96 25.51 -55.31 -13.64
CA GLU LA 96 24.43 -56.25 -13.91
C GLU LA 96 23.36 -55.63 -14.81
N LYS LA 97 23.30 -54.31 -14.82
CA LYS LA 97 22.37 -53.59 -15.69
C LYS LA 97 23.11 -52.87 -16.80
N ARG LA 98 24.15 -53.53 -17.34
CA ARG LA 98 24.99 -52.95 -18.38
C ARG LA 98 24.20 -52.36 -19.55
N PHE LA 99 23.14 -53.06 -19.96
CA PHE LA 99 22.36 -52.63 -21.11
C PHE LA 99 21.03 -52.00 -20.72
N GLY LA 100 20.84 -51.77 -19.43
CA GLY LA 100 19.71 -50.99 -18.93
C GLY LA 100 20.09 -50.33 -17.62
N PRO LA 101 21.11 -49.45 -17.67
CA PRO LA 101 21.79 -48.98 -16.45
C PRO LA 101 20.99 -48.02 -15.59
N TYR LA 102 21.23 -48.08 -14.29
CA TYR LA 102 20.73 -47.07 -13.37
C TYR LA 102 21.44 -45.78 -13.74
N TYR LA 103 20.74 -44.66 -13.65
CA TYR LA 103 21.35 -43.38 -13.99
C TYR LA 103 21.85 -42.67 -12.73
N THR LA 104 22.91 -43.22 -12.15
CA THR LA 104 23.54 -42.65 -10.97
C THR LA 104 25.03 -42.95 -10.97
N GLU LA 105 25.82 -42.00 -10.48
CA GLU LA 105 27.27 -42.16 -10.43
C GLU LA 105 27.75 -42.10 -8.99
N PRO LA 106 27.91 -43.27 -8.36
CA PRO LA 106 28.22 -43.38 -6.93
C PRO LA 106 29.63 -42.95 -6.57
N VAL LA 107 29.79 -42.46 -5.36
CA VAL LA 107 31.08 -42.03 -4.84
C VAL LA 107 31.26 -42.57 -3.43
N ILE LA 108 32.26 -43.42 -3.25
CA ILE LA 108 32.48 -44.05 -1.95
C ILE LA 108 33.61 -43.39 -1.18
N ALA LA 109 33.35 -43.07 0.08
CA ALA LA 109 34.36 -42.48 0.95
C ALA LA 109 34.32 -43.11 2.35
N GLY LA 110 35.45 -43.62 2.82
CA GLY LA 110 35.51 -44.22 4.13
C GLY LA 110 36.90 -44.52 4.66
N LEU LA 111 36.94 -45.19 5.81
CA LEU LA 111 38.20 -45.61 6.42
C LEU LA 111 38.21 -47.13 6.60
N ASP LA 112 39.35 -47.75 6.33
CA ASP LA 112 39.50 -49.20 6.50
C ASP LA 112 39.20 -49.60 7.94
N PRO LA 113 38.14 -50.41 8.13
CA PRO LA 113 37.66 -50.80 9.46
C PRO LA 113 38.71 -51.52 10.30
N LYS LA 114 39.64 -52.19 9.63
CA LYS LA 114 40.74 -52.86 10.31
C LYS LA 114 41.87 -51.87 10.59
N THR LA 115 42.37 -51.25 9.53
CA THR LA 115 43.39 -50.21 9.67
C THR LA 115 42.72 -48.90 10.08
N PHE LA 116 42.71 -47.95 9.14
CA PHE LA 116 42.13 -46.63 9.32
C PHE LA 116 42.44 -45.87 8.05
N LYS LA 117 43.15 -46.55 7.15
CA LYS LA 117 43.62 -45.99 5.90
C LYS LA 117 42.45 -45.41 5.10
N PRO LA 118 42.52 -44.10 4.80
CA PRO LA 118 41.46 -43.40 4.08
C PRO LA 118 41.24 -43.97 2.68
N PHE LA 119 40.04 -43.82 2.15
CA PHE LA 119 39.66 -44.41 0.87
C PHE LA 119 38.59 -43.60 0.17
N ILE LA 120 38.87 -43.21 -1.07
CA ILE LA 120 37.87 -42.60 -1.93
C ILE LA 120 37.89 -43.14 -3.36
N CYS LA 121 36.70 -43.50 -3.85
CA CYS LA 121 36.54 -43.94 -5.23
C CYS LA 121 35.24 -43.41 -5.84
N SER LA 122 35.12 -43.54 -7.15
CA SER LA 122 33.89 -43.20 -7.86
C SER LA 122 33.62 -44.27 -8.90
N LEU LA 123 32.40 -44.32 -9.42
CA LEU LA 123 32.06 -45.32 -10.43
C LEU LA 123 31.19 -44.78 -11.58
N ASP LA 124 31.23 -45.50 -12.71
CA ASP LA 124 30.34 -45.26 -13.83
C ASP LA 124 28.90 -45.51 -13.45
N LEU LA 125 28.00 -45.33 -14.41
CA LEU LA 125 26.64 -45.80 -14.24
C LEU LA 125 26.59 -47.30 -14.52
N ILE LA 126 27.60 -47.79 -15.21
CA ILE LA 126 27.72 -49.23 -15.48
C ILE LA 126 28.78 -49.88 -14.58
N GLY LA 127 29.26 -49.12 -13.60
CA GLY LA 127 30.08 -49.68 -12.54
C GLY LA 127 31.57 -49.84 -12.82
N CYS LA 128 32.17 -48.86 -13.48
CA CYS LA 128 33.62 -48.85 -13.63
C CYS LA 128 34.27 -48.08 -12.48
N PRO LA 129 35.06 -48.77 -11.67
CA PRO LA 129 35.67 -48.17 -10.46
C PRO LA 129 36.86 -47.27 -10.79
N MET LA 130 37.05 -46.25 -9.96
CA MET LA 130 38.18 -45.33 -10.08
C MET LA 130 38.58 -44.84 -8.70
N VAL LA 131 39.74 -45.27 -8.22
CA VAL LA 131 40.22 -44.90 -6.90
C VAL LA 131 41.21 -43.75 -6.97
N THR LA 132 41.06 -42.76 -6.10
CA THR LA 132 42.03 -41.65 -6.10
C THR LA 132 42.58 -41.36 -4.71
N ASP LA 133 43.62 -40.54 -4.66
CA ASP LA 133 44.26 -40.18 -3.40
C ASP LA 133 43.93 -38.76 -2.98
N ASP LA 134 43.21 -38.03 -3.82
CA ASP LA 134 42.88 -36.64 -3.53
C ASP LA 134 41.38 -36.39 -3.41
N PHE LA 135 40.69 -36.43 -4.54
CA PHE LA 135 39.25 -36.16 -4.56
C PHE LA 135 38.54 -36.93 -5.67
N VAL LA 136 37.23 -37.09 -5.51
CA VAL LA 136 36.39 -37.62 -6.57
C VAL LA 136 35.08 -36.83 -6.62
N VAL LA 137 34.59 -36.59 -7.83
CA VAL LA 137 33.35 -35.84 -8.00
C VAL LA 137 32.38 -36.56 -8.94
N SER LA 138 31.09 -36.30 -8.73
CA SER LA 138 30.06 -36.81 -9.62
C SER LA 138 28.81 -35.95 -9.51
N GLY LA 139 28.27 -35.53 -10.65
CA GLY LA 139 27.09 -34.69 -10.65
C GLY LA 139 26.98 -33.82 -11.88
N THR LA 140 25.95 -32.98 -11.90
CA THR LA 140 25.69 -32.12 -13.04
C THR LA 140 26.71 -30.99 -13.13
N CYS LA 141 27.35 -30.69 -12.00
CA CYS LA 141 28.37 -29.64 -11.95
C CYS LA 141 29.76 -30.20 -11.71
N ALA LA 142 30.06 -31.32 -12.35
CA ALA LA 142 31.34 -31.99 -12.19
C ALA LA 142 32.52 -31.12 -12.59
N GLU LA 143 32.35 -30.31 -13.63
CA GLU LA 143 33.43 -29.48 -14.13
C GLU LA 143 33.80 -28.38 -13.12
N GLN LA 144 32.78 -27.80 -12.50
CA GLN LA 144 33.00 -26.80 -11.47
C GLN LA 144 33.71 -27.40 -10.25
N MET LA 145 33.23 -28.58 -9.84
CA MET LA 145 33.85 -29.28 -8.71
C MET LA 145 35.30 -29.63 -9.00
N TYR LA 146 35.58 -30.06 -10.22
CA TYR LA 146 36.95 -30.33 -10.63
C TYR LA 146 37.77 -29.05 -10.54
N GLY LA 147 37.18 -27.95 -10.99
CA GLY LA 147 37.82 -26.65 -10.94
C GLY LA 147 38.23 -26.25 -9.54
N MET LA 148 37.34 -26.45 -8.57
CA MET LA 148 37.64 -26.09 -7.19
C MET LA 148 38.64 -27.05 -6.56
N CYS LA 149 38.42 -28.35 -6.74
CA CYS LA 149 39.26 -29.37 -6.14
C CYS LA 149 40.71 -29.32 -6.63
N GLU LA 150 40.89 -29.04 -7.92
CA GLU LA 150 42.23 -28.97 -8.49
C GLU LA 150 43.05 -27.80 -7.96
N SER LA 151 42.39 -26.87 -7.28
CA SER LA 151 43.05 -25.65 -6.82
C SER LA 151 43.04 -25.49 -5.30
N LEU LA 152 42.18 -26.23 -4.62
CA LEU LA 152 42.07 -26.11 -3.16
C LEU LA 152 42.72 -27.26 -2.39
N TRP LA 153 42.71 -28.46 -2.98
CA TRP LA 153 43.13 -29.65 -2.26
C TRP LA 153 44.63 -29.70 -1.97
N GLU LA 154 44.95 -29.98 -0.71
CA GLU LA 154 46.34 -30.22 -0.29
C GLU LA 154 46.41 -31.65 0.23
N PRO LA 155 47.63 -32.24 0.24
CA PRO LA 155 47.80 -33.63 0.68
C PRO LA 155 47.33 -33.92 2.11
N ASN LA 156 48.21 -33.77 3.08
CA ASN LA 156 47.92 -34.18 4.45
C ASN LA 156 47.12 -33.15 5.24
N MET LA 157 45.80 -33.13 5.04
CA MET LA 157 44.95 -32.17 5.73
C MET LA 157 44.41 -32.75 7.03
N ASP LA 158 44.37 -31.92 8.06
CA ASP LA 158 43.76 -32.30 9.32
C ASP LA 158 42.23 -32.20 9.18
N PRO LA 159 41.48 -32.87 10.06
CA PRO LA 159 40.01 -32.87 10.01
C PRO LA 159 39.35 -31.50 9.97
N ASP LA 160 40.10 -30.43 10.20
CA ASP LA 160 39.52 -29.08 10.13
C ASP LA 160 39.76 -28.41 8.78
N HIS LA 161 40.96 -28.61 8.22
CA HIS LA 161 41.29 -28.06 6.92
C HIS LA 161 40.53 -28.80 5.81
N LEU LA 162 40.35 -30.10 6.00
CA LEU LA 162 39.61 -30.92 5.06
C LEU LA 162 38.18 -30.41 4.94
N PHE LA 163 37.57 -30.13 6.09
CA PHE LA 163 36.22 -29.61 6.13
C PHE LA 163 36.10 -28.32 5.35
N GLU LA 164 36.96 -27.37 5.66
CA GLU LA 164 36.96 -26.07 4.98
C GLU LA 164 37.13 -26.22 3.48
N THR LA 165 38.05 -27.10 3.08
CA THR LA 165 38.36 -27.33 1.68
C THR LA 165 37.16 -27.90 0.91
N ILE LA 166 36.64 -29.04 1.38
CA ILE LA 166 35.51 -29.69 0.71
C ILE LA 166 34.27 -28.81 0.75
N SER LA 167 34.13 -28.03 1.82
CA SER LA 167 32.99 -27.13 1.94
C SER LA 167 33.06 -25.99 0.92
N GLN LA 168 34.23 -25.38 0.79
CA GLN LA 168 34.39 -24.29 -0.17
C GLN LA 168 34.26 -24.81 -1.61
N ALA LA 169 34.82 -25.98 -1.86
CA ALA LA 169 34.69 -26.62 -3.16
C ALA LA 169 33.22 -26.83 -3.52
N MET LA 170 32.51 -27.54 -2.65
CA MET LA 170 31.09 -27.81 -2.86
C MET LA 170 30.27 -26.53 -3.04
N LEU LA 171 30.40 -25.61 -2.10
CA LEU LA 171 29.63 -24.36 -2.14
C LEU LA 171 29.86 -23.58 -3.44
N ASN LA 172 31.12 -23.34 -3.78
CA ASN LA 172 31.43 -22.51 -4.94
C ASN LA 172 31.23 -23.18 -6.28
N ALA LA 173 31.32 -24.51 -6.32
CA ALA LA 173 30.97 -25.24 -7.53
C ALA LA 173 29.47 -25.21 -7.73
N VAL LA 174 28.75 -25.61 -6.69
CA VAL LA 174 27.29 -25.67 -6.71
C VAL LA 174 26.64 -24.33 -7.03
N ASP LA 175 27.27 -23.24 -6.58
CA ASP LA 175 26.70 -21.91 -6.80
C ASP LA 175 26.78 -21.43 -8.25
N ARG LA 176 27.48 -22.19 -9.10
CA ARG LA 176 27.55 -21.89 -10.52
C ARG LA 176 26.71 -22.87 -11.34
N ASP LA 177 25.88 -23.65 -10.64
CA ASP LA 177 24.99 -24.60 -11.28
C ASP LA 177 23.56 -24.36 -10.82
N ALA LA 178 22.64 -24.37 -11.77
CA ALA LA 178 21.25 -24.00 -11.49
C ALA LA 178 20.44 -25.13 -10.84
N VAL LA 179 20.85 -26.37 -11.11
CA VAL LA 179 20.08 -27.52 -10.64
C VAL LA 179 20.75 -28.24 -9.49
N SER LA 180 21.82 -27.65 -8.96
CA SER LA 180 22.49 -28.17 -7.78
C SER LA 180 22.54 -27.10 -6.71
N GLY LA 181 22.26 -27.49 -5.46
CA GLY LA 181 22.29 -26.55 -4.36
C GLY LA 181 21.15 -26.70 -3.38
N MET LA 182 20.57 -25.56 -3.00
CA MET LA 182 19.55 -25.49 -1.96
C MET LA 182 20.06 -26.10 -0.64
N GLY LA 183 21.34 -25.86 -0.35
CA GLY LA 183 21.96 -26.39 0.84
C GLY LA 183 23.01 -27.44 0.55
N VAL LA 184 24.03 -27.50 1.40
CA VAL LA 184 25.08 -28.50 1.27
C VAL LA 184 25.29 -29.21 2.60
N ILE LA 185 25.44 -30.53 2.54
CA ILE LA 185 25.73 -31.31 3.74
C ILE LA 185 27.10 -31.97 3.62
N VAL LA 186 27.85 -31.95 4.71
CA VAL LA 186 29.20 -32.51 4.76
C VAL LA 186 29.35 -33.47 5.92
N HIS LA 187 29.86 -34.66 5.63
CA HIS LA 187 30.23 -35.64 6.63
C HIS LA 187 31.74 -35.75 6.64
N ILE LA 188 32.34 -35.36 7.76
CA ILE LA 188 33.77 -35.56 7.95
C ILE LA 188 33.96 -36.70 8.95
N ILE LA 189 34.52 -37.80 8.48
CA ILE LA 189 34.63 -39.01 9.27
C ILE LA 189 36.08 -39.35 9.62
N GLU LA 190 36.30 -39.67 10.89
CA GLU LA 190 37.62 -40.05 11.38
C GLU LA 190 37.49 -41.28 12.27
N LYS LA 191 38.62 -41.83 12.71
CA LYS LA 191 38.64 -43.06 13.49
C LYS LA 191 37.78 -42.99 14.75
N ASP LA 192 37.84 -41.87 15.45
CA ASP LA 192 37.14 -41.71 16.72
C ASP LA 192 35.68 -41.32 16.55
N LYS LA 193 35.41 -40.40 15.64
CA LYS LA 193 34.08 -39.82 15.53
C LYS LA 193 33.65 -39.53 14.10
N ILE LA 194 32.38 -39.18 13.94
CA ILE LA 194 31.83 -38.71 12.67
C ILE LA 194 31.14 -37.37 12.91
N THR LA 195 31.52 -36.36 12.14
CA THR LA 195 30.95 -35.04 12.31
C THR LA 195 30.13 -34.64 11.09
N THR LA 196 28.84 -34.39 11.30
CA THR LA 196 27.93 -34.03 10.22
C THR LA 196 27.48 -32.59 10.35
N ARG LA 197 27.73 -31.80 9.31
CA ARG LA 197 27.33 -30.39 9.32
C ARG LA 197 26.57 -30.01 8.06
N THR LA 198 25.59 -29.14 8.18
CA THR LA 198 24.97 -28.53 7.01
C THR LA 198 25.43 -27.08 6.89
N LEU LA 199 25.96 -26.72 5.74
CA LEU LA 199 26.57 -25.41 5.54
C LEU LA 199 25.53 -24.32 5.30
N LYS LA 200 25.95 -23.08 5.52
CA LYS LA 200 25.15 -21.94 5.15
C LYS LA 200 25.35 -21.72 3.66
N ALA LA 201 24.28 -21.86 2.89
CA ALA LA 201 24.39 -21.80 1.44
C ALA LA 201 23.27 -20.98 0.80
N ARG LA 202 23.45 -20.63 -0.47
CA ARG LA 202 22.42 -19.94 -1.22
C ARG LA 202 21.23 -20.88 -1.44
N MET LA 203 20.03 -20.32 -1.48
CA MET LA 203 18.82 -21.11 -1.67
C MET LA 203 18.04 -20.64 -2.89
N ASP LA 204 18.75 -20.35 -3.98
CA ASP LA 204 18.11 -19.87 -5.20
C ASP LA 204 18.45 -20.73 -6.42
N MET MA 1 -6.72 -31.19 -16.46
CA MET MA 1 -5.55 -31.79 -15.83
C MET MA 1 -5.63 -31.67 -14.29
N GLU MA 2 -5.15 -32.69 -13.61
CA GLU MA 2 -5.45 -32.91 -12.19
C GLU MA 2 -4.55 -32.16 -11.21
N TYR MA 3 -5.08 -31.90 -10.02
CA TYR MA 3 -4.36 -31.14 -8.99
C TYR MA 3 -4.45 -31.79 -7.60
N LEU MA 4 -3.30 -32.01 -6.99
CA LEU MA 4 -3.22 -32.55 -5.64
C LEU MA 4 -2.50 -31.59 -4.72
N ILE MA 5 -2.85 -31.59 -3.43
CA ILE MA 5 -2.16 -30.75 -2.46
C ILE MA 5 -2.18 -31.34 -1.05
N GLY MA 6 -1.02 -31.29 -0.39
CA GLY MA 6 -0.89 -31.77 0.97
C GLY MA 6 -0.15 -30.79 1.86
N ILE MA 7 -0.68 -30.60 3.06
CA ILE MA 7 -0.08 -29.71 4.06
C ILE MA 7 -0.01 -30.43 5.41
N GLN MA 8 1.21 -30.67 5.88
CA GLN MA 8 1.39 -31.36 7.17
C GLN MA 8 1.47 -30.39 8.34
N GLY MA 9 0.67 -30.65 9.36
CA GLY MA 9 0.73 -29.87 10.59
C GLY MA 9 1.53 -30.60 11.65
N PRO MA 10 1.53 -30.08 12.88
CA PRO MA 10 2.23 -30.71 14.00
C PRO MA 10 1.64 -32.06 14.41
N ASP MA 11 0.33 -32.22 14.28
CA ASP MA 11 -0.33 -33.46 14.69
C ASP MA 11 -1.40 -33.92 13.70
N TYR MA 12 -1.36 -33.40 12.49
CA TYR MA 12 -2.37 -33.72 11.48
C TYR MA 12 -1.81 -33.57 10.07
N VAL MA 13 -2.51 -34.15 9.10
CA VAL MA 13 -2.17 -33.95 7.70
C VAL MA 13 -3.43 -33.54 6.94
N LEU MA 14 -3.38 -32.39 6.30
CA LEU MA 14 -4.51 -31.91 5.51
C LEU MA 14 -4.28 -32.15 4.03
N VAL MA 15 -5.22 -32.84 3.38
CA VAL MA 15 -5.07 -33.13 1.95
C VAL MA 15 -6.29 -32.69 1.15
N ALA MA 16 -6.04 -32.28 -0.09
CA ALA MA 16 -7.11 -31.84 -0.96
C ALA MA 16 -6.82 -32.13 -2.44
N SER MA 17 -7.88 -32.39 -3.21
CA SER MA 17 -7.74 -32.67 -4.63
C SER MA 17 -8.90 -32.08 -5.40
N ASP MA 18 -8.76 -31.95 -6.72
CA ASP MA 18 -9.85 -31.45 -7.54
C ASP MA 18 -10.87 -32.55 -7.79
N ARG MA 19 -12.08 -32.17 -8.17
CA ARG MA 19 -13.17 -33.13 -8.35
C ARG MA 19 -13.53 -33.33 -9.81
N VAL MA 20 -12.65 -32.90 -10.71
CA VAL MA 20 -12.94 -32.96 -12.13
C VAL MA 20 -12.37 -34.21 -12.80
N ALA MA 21 -13.23 -34.93 -13.50
CA ALA MA 21 -12.80 -35.96 -14.42
C ALA MA 21 -13.13 -35.48 -15.82
N ALA MA 22 -12.10 -35.16 -16.59
CA ALA MA 22 -12.27 -34.54 -17.89
C ALA MA 22 -11.62 -35.36 -19.01
N SER MA 23 -12.23 -35.29 -20.18
CA SER MA 23 -11.66 -35.91 -21.37
C SER MA 23 -11.90 -34.97 -22.54
N ASN MA 24 -10.90 -34.83 -23.40
CA ASN MA 24 -10.95 -33.90 -24.52
C ASN MA 24 -11.16 -32.46 -24.04
N ILE MA 25 -12.29 -31.87 -24.37
CA ILE MA 25 -12.59 -30.49 -23.99
C ILE MA 25 -13.75 -30.41 -23.02
N VAL MA 26 -14.29 -31.55 -22.62
CA VAL MA 26 -15.44 -31.57 -21.74
C VAL MA 26 -15.13 -32.15 -20.35
N GLN MA 27 -15.80 -31.61 -19.34
CA GLN MA 27 -15.81 -32.22 -18.02
C GLN MA 27 -16.82 -33.36 -18.07
N MET MA 28 -16.37 -34.56 -17.73
CA MET MA 28 -17.26 -35.72 -17.75
C MET MA 28 -17.75 -36.09 -16.37
N LYS MA 29 -17.12 -35.52 -15.34
CA LYS MA 29 -17.53 -35.77 -13.97
C LYS MA 29 -17.13 -34.61 -13.06
N ASP MA 30 -18.07 -34.16 -12.24
CA ASP MA 30 -17.83 -33.02 -11.34
C ASP MA 30 -17.68 -33.45 -9.88
N ASP MA 31 -17.73 -34.75 -9.64
CA ASP MA 31 -17.60 -35.28 -8.29
C ASP MA 31 -16.59 -36.43 -8.22
N HIS MA 32 -15.56 -36.36 -9.07
CA HIS MA 32 -14.52 -37.38 -9.10
C HIS MA 32 -13.69 -37.32 -7.82
N ASP MA 33 -13.34 -38.48 -7.29
CA ASP MA 33 -12.55 -38.55 -6.06
C ASP MA 33 -11.17 -39.14 -6.35
N LYS MA 34 -10.13 -38.39 -5.99
CA LYS MA 34 -8.76 -38.82 -6.28
C LYS MA 34 -8.05 -39.47 -5.08
N MET MA 35 -8.80 -39.72 -4.00
CA MET MA 35 -8.21 -40.26 -2.79
C MET MA 35 -8.55 -41.73 -2.57
N PHE MA 36 -7.61 -42.47 -1.98
CA PHE MA 36 -7.79 -43.88 -1.72
C PHE MA 36 -7.45 -44.25 -0.28
N LYS MA 37 -8.44 -44.72 0.46
CA LYS MA 37 -8.23 -45.16 1.83
C LYS MA 37 -7.48 -46.49 1.81
N MET MA 38 -6.32 -46.53 2.44
CA MET MA 38 -5.49 -47.73 2.45
C MET MA 38 -5.41 -48.33 3.85
N SER MA 39 -5.30 -47.45 4.83
CA SER MA 39 -5.39 -47.83 6.23
C SER MA 39 -6.43 -46.95 6.88
N GLU MA 40 -6.64 -47.15 8.18
CA GLU MA 40 -7.57 -46.29 8.91
C GLU MA 40 -6.96 -44.91 9.09
N LYS MA 41 -5.65 -44.82 8.88
CA LYS MA 41 -4.94 -43.55 9.05
C LYS MA 41 -4.01 -43.24 7.87
N ILE MA 42 -4.28 -43.83 6.72
CA ILE MA 42 -3.47 -43.58 5.52
C ILE MA 42 -4.30 -43.29 4.27
N LEU MA 43 -4.04 -42.15 3.63
CA LEU MA 43 -4.69 -41.80 2.37
C LEU MA 43 -3.69 -41.73 1.23
N LEU MA 44 -4.10 -42.24 0.07
CA LEU MA 44 -3.25 -42.21 -1.12
C LEU MA 44 -3.89 -41.37 -2.23
N LEU MA 45 -3.26 -40.23 -2.53
CA LEU MA 45 -3.74 -39.32 -3.55
C LEU MA 45 -3.01 -39.62 -4.86
N CYS MA 46 -3.68 -40.27 -5.79
CA CYS MA 46 -3.04 -40.65 -7.04
C CYS MA 46 -3.60 -39.88 -8.24
N VAL MA 47 -2.74 -39.57 -9.20
CA VAL MA 47 -3.12 -38.72 -10.33
C VAL MA 47 -2.26 -39.03 -11.55
N GLY MA 48 -2.82 -38.90 -12.75
CA GLY MA 48 -2.04 -39.07 -13.96
C GLY MA 48 -2.75 -39.74 -15.12
N GLU MA 49 -2.11 -40.76 -15.68
CA GLU MA 49 -2.57 -41.47 -16.87
C GLU MA 49 -3.96 -42.07 -16.67
N ALA MA 50 -4.62 -42.41 -17.78
CA ALA MA 50 -6.00 -42.90 -17.79
C ALA MA 50 -6.26 -44.05 -16.82
N GLY MA 51 -5.85 -45.26 -17.20
CA GLY MA 51 -6.14 -46.43 -16.40
C GLY MA 51 -5.07 -46.73 -15.37
N ASP MA 52 -3.87 -46.24 -15.64
CA ASP MA 52 -2.72 -46.45 -14.77
C ASP MA 52 -3.00 -46.02 -13.33
N THR MA 53 -3.64 -44.86 -13.16
CA THR MA 53 -3.96 -44.33 -11.84
C THR MA 53 -4.77 -45.32 -11.01
N VAL MA 54 -6.00 -45.59 -11.45
CA VAL MA 54 -6.89 -46.46 -10.70
C VAL MA 54 -6.30 -47.86 -10.54
N GLN MA 55 -5.72 -48.42 -11.61
CA GLN MA 55 -5.12 -49.74 -11.53
C GLN MA 55 -4.05 -49.84 -10.44
N PHE MA 56 -3.03 -48.99 -10.56
CA PHE MA 56 -1.93 -48.96 -9.59
C PHE MA 56 -2.42 -48.70 -8.17
N ALA MA 57 -3.20 -47.63 -8.01
CA ALA MA 57 -3.73 -47.24 -6.70
C ALA MA 57 -4.50 -48.37 -6.02
N GLU MA 58 -5.41 -49.01 -6.76
CA GLU MA 58 -6.19 -50.10 -6.21
C GLU MA 58 -5.33 -51.32 -5.89
N TYR MA 59 -4.32 -51.57 -6.73
CA TYR MA 59 -3.38 -52.66 -6.45
C TYR MA 59 -2.69 -52.46 -5.11
N ILE MA 60 -2.09 -51.28 -4.94
CA ILE MA 60 -1.44 -50.92 -3.70
C ILE MA 60 -2.40 -51.04 -2.51
N GLN MA 61 -3.59 -50.46 -2.67
CA GLN MA 61 -4.62 -50.48 -1.64
C GLN MA 61 -4.94 -51.89 -1.17
N LYS MA 62 -5.28 -52.76 -2.11
CA LYS MA 62 -5.64 -54.13 -1.76
C LYS MA 62 -4.46 -54.89 -1.16
N ASN MA 63 -3.25 -54.54 -1.57
CA ASN MA 63 -2.08 -55.17 -0.96
C ASN MA 63 -1.86 -54.74 0.48
N VAL MA 64 -2.11 -53.47 0.77
CA VAL MA 64 -2.03 -52.95 2.13
C VAL MA 64 -3.08 -53.63 3.00
N GLN MA 65 -4.31 -53.71 2.49
CA GLN MA 65 -5.38 -54.39 3.21
C GLN MA 65 -5.04 -55.86 3.44
N LEU MA 66 -4.38 -56.47 2.46
CA LEU MA 66 -3.92 -57.85 2.59
C LEU MA 66 -2.90 -57.97 3.71
N TYR MA 67 -2.01 -56.98 3.81
CA TYR MA 67 -1.04 -56.94 4.90
C TYR MA 67 -1.78 -56.90 6.25
N LYS MA 68 -2.75 -56.00 6.35
CA LYS MA 68 -3.57 -55.87 7.55
C LYS MA 68 -4.24 -57.17 7.95
N MET MA 69 -4.83 -57.87 6.99
CA MET MA 69 -5.50 -59.14 7.28
C MET MA 69 -4.51 -60.23 7.68
N ARG MA 70 -3.37 -60.27 7.02
CA ARG MA 70 -2.37 -61.31 7.27
C ARG MA 70 -1.68 -61.13 8.63
N ASN MA 71 -1.56 -59.88 9.08
CA ASN MA 71 -0.74 -59.61 10.26
C ASN MA 71 -1.47 -59.03 11.46
N GLY MA 72 -2.70 -58.57 11.27
CA GLY MA 72 -3.50 -58.07 12.37
C GLY MA 72 -3.21 -56.62 12.73
N TYR MA 73 -2.19 -56.04 12.11
CA TYR MA 73 -1.90 -54.62 12.28
C TYR MA 73 -1.62 -53.99 10.92
N GLU MA 74 -1.81 -52.68 10.84
CA GLU MA 74 -1.67 -51.96 9.58
C GLU MA 74 -0.23 -51.48 9.35
N LEU MA 75 0.11 -51.26 8.09
CA LEU MA 75 1.42 -50.71 7.75
C LEU MA 75 1.50 -49.27 8.22
N SER MA 76 2.70 -48.85 8.63
CA SER MA 76 2.93 -47.46 8.96
C SER MA 76 2.93 -46.66 7.66
N PRO MA 77 2.60 -45.36 7.74
CA PRO MA 77 2.63 -44.50 6.55
C PRO MA 77 3.96 -44.58 5.79
N THR MA 78 5.06 -44.72 6.53
CA THR MA 78 6.38 -44.82 5.92
C THR MA 78 6.54 -46.15 5.16
N ALA MA 79 6.20 -47.24 5.84
CA ALA MA 79 6.26 -48.57 5.22
C ALA MA 79 5.37 -48.63 3.98
N ALA MA 80 4.19 -48.03 4.09
CA ALA MA 80 3.28 -47.94 2.96
C ALA MA 80 3.94 -47.20 1.81
N ALA MA 81 4.42 -45.99 2.09
CA ALA MA 81 5.08 -45.15 1.09
C ALA MA 81 6.21 -45.90 0.36
N ASN MA 82 7.06 -46.58 1.12
CA ASN MA 82 8.15 -47.31 0.51
C ASN MA 82 7.69 -48.55 -0.24
N PHE MA 83 6.54 -49.09 0.17
CA PHE MA 83 5.93 -50.21 -0.55
C PHE MA 83 5.48 -49.76 -1.93
N THR MA 84 4.71 -48.68 -1.97
CA THR MA 84 4.22 -48.14 -3.24
C THR MA 84 5.40 -47.71 -4.11
N ARG MA 85 6.40 -47.10 -3.49
CA ARG MA 85 7.57 -46.65 -4.24
C ARG MA 85 8.33 -47.83 -4.83
N ARG MA 86 8.40 -48.92 -4.08
CA ARG MA 86 9.04 -50.13 -4.57
C ARG MA 86 8.29 -50.68 -5.78
N ASN MA 87 6.97 -50.81 -5.64
CA ASN MA 87 6.16 -51.29 -6.76
C ASN MA 87 6.30 -50.43 -8.01
N LEU MA 88 6.16 -49.12 -7.84
CA LEU MA 88 6.25 -48.20 -8.96
C LEU MA 88 7.63 -48.20 -9.61
N ALA MA 89 8.67 -48.33 -8.79
CA ALA MA 89 10.04 -48.34 -9.30
C ALA MA 89 10.35 -49.63 -10.04
N ASP MA 90 9.74 -50.73 -9.59
CA ASP MA 90 9.98 -52.02 -10.23
C ASP MA 90 9.39 -52.09 -11.63
N CYS MA 91 8.28 -51.41 -11.85
CA CYS MA 91 7.61 -51.44 -13.15
C CYS MA 91 8.15 -50.38 -14.10
N LEU MA 92 9.08 -49.56 -13.60
CA LEU MA 92 9.60 -48.43 -14.35
C LEU MA 92 10.33 -48.87 -15.63
N ARG MA 93 11.13 -49.92 -15.53
CA ARG MA 93 11.89 -50.41 -16.66
C ARG MA 93 11.30 -51.70 -17.20
N SER MA 94 10.03 -51.93 -16.89
CA SER MA 94 9.33 -53.14 -17.35
C SER MA 94 8.54 -52.87 -18.62
N ARG MA 95 7.70 -53.82 -18.99
CA ARG MA 95 6.85 -53.67 -20.17
C ARG MA 95 5.63 -52.81 -19.86
N THR MA 96 5.20 -52.83 -18.60
CA THR MA 96 4.01 -52.10 -18.19
C THR MA 96 4.29 -51.11 -17.07
N PRO MA 97 4.83 -49.92 -17.42
CA PRO MA 97 5.09 -48.87 -16.43
C PRO MA 97 3.84 -48.03 -16.15
N TYR MA 98 3.65 -47.66 -14.89
CA TYR MA 98 2.50 -46.85 -14.50
C TYR MA 98 2.87 -45.37 -14.41
N HIS MA 99 2.31 -44.57 -15.30
CA HIS MA 99 2.55 -43.13 -15.29
C HIS MA 99 1.67 -42.46 -14.25
N VAL MA 100 2.11 -42.49 -13.00
CA VAL MA 100 1.33 -41.92 -11.90
C VAL MA 100 2.17 -41.04 -10.97
N ASN MA 101 1.65 -39.84 -10.70
CA ASN MA 101 2.22 -38.99 -9.66
C ASN MA 101 1.34 -39.08 -8.42
N LEU MA 102 1.96 -39.12 -7.24
CA LEU MA 102 1.15 -39.34 -6.04
C LEU MA 102 1.62 -38.66 -4.76
N LEU MA 103 0.68 -38.48 -3.84
CA LEU MA 103 0.95 -38.02 -2.49
C LEU MA 103 0.48 -39.09 -1.52
N LEU MA 104 1.19 -39.28 -0.41
CA LEU MA 104 0.72 -40.20 0.62
C LEU MA 104 0.63 -39.51 1.98
N ALA MA 105 -0.58 -39.43 2.52
CA ALA MA 105 -0.79 -38.81 3.81
C ALA MA 105 -1.00 -39.88 4.86
N GLY MA 106 -0.49 -39.67 6.07
CA GLY MA 106 -0.64 -40.65 7.12
C GLY MA 106 -0.39 -40.16 8.52
N TYR MA 107 -0.87 -40.93 9.50
CA TYR MA 107 -0.59 -40.66 10.90
C TYR MA 107 -0.14 -41.94 11.59
N ASP MA 108 1.02 -41.88 12.22
CA ASP MA 108 1.54 -43.03 12.97
C ASP MA 108 1.37 -42.79 14.45
N GLU MA 109 1.15 -43.86 15.21
CA GLU MA 109 1.01 -43.76 16.66
C GLU MA 109 2.34 -43.39 17.30
N HIS MA 110 3.43 -43.58 16.56
CA HIS MA 110 4.76 -43.29 17.07
C HIS MA 110 5.38 -42.05 16.43
N GLU MA 111 5.34 -41.97 15.10
CA GLU MA 111 6.04 -40.92 14.37
C GLU MA 111 5.17 -39.70 14.07
N GLY MA 112 3.87 -39.81 14.31
CA GLY MA 112 2.95 -38.71 14.09
C GLY MA 112 2.58 -38.51 12.63
N PRO MA 113 2.23 -37.28 12.26
CA PRO MA 113 1.79 -36.94 10.90
C PRO MA 113 2.92 -37.03 9.88
N ALA MA 114 2.58 -37.45 8.66
CA ALA MA 114 3.56 -37.61 7.60
C ALA MA 114 2.96 -37.42 6.21
N LEU MA 115 3.70 -36.71 5.36
CA LEU MA 115 3.30 -36.47 3.98
C LEU MA 115 4.43 -36.88 3.03
N TYR MA 116 4.08 -37.62 1.99
CA TYR MA 116 5.08 -38.09 1.03
C TYR MA 116 4.74 -37.70 -0.40
N TYR MA 117 5.78 -37.46 -1.18
CA TYR MA 117 5.67 -37.02 -2.57
C TYR MA 117 6.34 -38.04 -3.46
N MET MA 118 5.66 -38.39 -4.56
CA MET MA 118 6.19 -39.37 -5.50
C MET MA 118 6.03 -38.97 -6.96
N ASP MA 119 7.19 -38.87 -7.62
CA ASP MA 119 7.32 -38.68 -9.05
C ASP MA 119 6.76 -39.90 -9.76
N TYR MA 120 6.47 -39.78 -11.06
CA TYR MA 120 6.06 -40.96 -11.82
C TYR MA 120 7.25 -41.89 -12.02
N LEU MA 121 8.46 -41.34 -11.84
CA LEU MA 121 9.68 -42.11 -11.92
C LEU MA 121 9.96 -42.83 -10.61
N ALA MA 122 9.02 -42.73 -9.67
CA ALA MA 122 9.11 -43.37 -8.35
C ALA MA 122 10.25 -42.84 -7.50
N ALA MA 123 10.35 -41.52 -7.41
CA ALA MA 123 11.29 -40.89 -6.49
C ALA MA 123 10.53 -40.41 -5.27
N LEU MA 124 10.76 -41.08 -4.13
CA LEU MA 124 10.02 -40.78 -2.91
C LEU MA 124 10.71 -39.71 -2.07
N ALA MA 125 9.95 -38.71 -1.65
CA ALA MA 125 10.51 -37.63 -0.83
C ALA MA 125 9.51 -37.11 0.20
N LYS MA 126 9.92 -37.08 1.46
CA LYS MA 126 9.07 -36.54 2.52
C LYS MA 126 9.12 -35.02 2.54
N ALA MA 127 7.98 -34.39 2.83
CA ALA MA 127 7.89 -32.94 2.81
C ALA MA 127 6.85 -32.42 3.79
N PRO MA 128 7.05 -31.21 4.33
CA PRO MA 128 6.05 -30.55 5.17
C PRO MA 128 4.81 -30.20 4.37
N PHE MA 129 4.99 -29.94 3.08
CA PHE MA 129 3.87 -29.68 2.18
C PHE MA 129 4.28 -29.93 0.73
N ALA MA 130 3.34 -30.38 -0.07
CA ALA MA 130 3.62 -30.67 -1.47
C ALA MA 130 2.38 -30.47 -2.34
N ALA MA 131 2.57 -30.54 -3.65
CA ALA MA 131 1.47 -30.40 -4.59
C ALA MA 131 1.81 -31.04 -5.94
N HIS MA 132 0.79 -31.55 -6.62
CA HIS MA 132 0.97 -32.15 -7.94
C HIS MA 132 0.11 -31.44 -9.00
N GLY MA 133 0.56 -31.52 -10.25
CA GLY MA 133 -0.18 -30.92 -11.35
C GLY MA 133 0.32 -29.53 -11.71
N TYR MA 134 -0.23 -28.96 -12.76
CA TYR MA 134 0.13 -27.62 -13.21
C TYR MA 134 -0.19 -26.60 -12.12
N GLY MA 135 -1.30 -26.81 -11.42
CA GLY MA 135 -1.73 -25.92 -10.36
C GLY MA 135 -0.68 -25.72 -9.29
N ALA MA 136 0.14 -26.76 -9.08
CA ALA MA 136 1.24 -26.68 -8.12
C ALA MA 136 2.14 -25.50 -8.42
N PHE MA 137 2.43 -25.28 -9.70
CA PHE MA 137 3.28 -24.17 -10.12
C PHE MA 137 2.77 -22.82 -9.64
N LEU MA 138 1.47 -22.74 -9.39
CA LEU MA 138 0.86 -21.49 -8.95
C LEU MA 138 0.63 -21.46 -7.43
N THR MA 139 0.72 -22.61 -6.79
CA THR MA 139 0.35 -22.71 -5.37
C THR MA 139 1.54 -22.91 -4.43
N LEU MA 140 2.54 -23.68 -4.87
CA LEU MA 140 3.71 -23.99 -4.05
C LEU MA 140 4.37 -22.75 -3.44
N SER MA 141 4.61 -21.74 -4.26
CA SER MA 141 5.21 -20.50 -3.78
C SER MA 141 4.38 -19.91 -2.64
N ILE MA 142 3.06 -19.91 -2.81
CA ILE MA 142 2.16 -19.44 -1.76
C ILE MA 142 2.40 -20.23 -0.49
N LEU MA 143 2.47 -21.54 -0.63
CA LEU MA 143 2.76 -22.42 0.50
C LEU MA 143 4.11 -22.08 1.12
N ASP MA 144 5.07 -21.68 0.30
CA ASP MA 144 6.37 -21.26 0.83
C ASP MA 144 6.20 -20.00 1.66
N ARG MA 145 5.35 -19.11 1.17
CA ARG MA 145 5.22 -17.77 1.74
C ARG MA 145 4.55 -17.75 3.12
N TYR MA 146 3.62 -18.67 3.35
CA TYR MA 146 2.75 -18.58 4.53
C TYR MA 146 2.83 -19.78 5.48
N TYR MA 147 3.46 -20.87 5.07
CA TYR MA 147 3.50 -22.07 5.89
C TYR MA 147 4.48 -21.95 7.05
N THR MA 148 4.05 -22.41 8.22
CA THR MA 148 4.90 -22.52 9.41
C THR MA 148 4.69 -23.91 9.99
N PRO MA 149 5.77 -24.52 10.50
CA PRO MA 149 5.73 -25.89 11.02
C PRO MA 149 4.72 -26.11 12.15
N THR MA 150 4.27 -25.04 12.77
CA THR MA 150 3.35 -25.13 13.91
C THR MA 150 1.93 -24.72 13.55
N ILE MA 151 1.64 -24.66 12.25
CA ILE MA 151 0.36 -24.17 11.77
C ILE MA 151 -0.83 -25.01 12.25
N SER MA 152 -1.87 -24.34 12.72
CA SER MA 152 -3.07 -25.02 13.20
C SER MA 152 -3.94 -25.45 12.02
N ARG MA 153 -4.77 -26.46 12.24
CA ARG MA 153 -5.60 -27.01 11.16
C ARG MA 153 -6.57 -26.00 10.58
N GLU MA 154 -7.03 -25.07 11.41
CA GLU MA 154 -7.89 -23.99 10.93
C GLU MA 154 -7.11 -23.10 9.97
N ARG MA 155 -5.93 -22.67 10.41
CA ARG MA 155 -5.03 -21.87 9.61
C ARG MA 155 -4.59 -22.62 8.35
N ALA MA 156 -4.43 -23.94 8.48
CA ALA MA 156 -4.06 -24.77 7.35
C ALA MA 156 -5.17 -24.80 6.29
N VAL MA 157 -6.41 -24.94 6.75
CA VAL MA 157 -7.57 -24.90 5.86
C VAL MA 157 -7.65 -23.54 5.17
N GLU MA 158 -7.42 -22.48 5.92
CA GLU MA 158 -7.44 -21.13 5.36
C GLU MA 158 -6.36 -20.97 4.28
N LEU MA 159 -5.18 -21.52 4.53
CA LEU MA 159 -4.08 -21.49 3.57
C LEU MA 159 -4.46 -22.24 2.30
N LEU MA 160 -5.05 -23.43 2.48
CA LEU MA 160 -5.58 -24.22 1.38
C LEU MA 160 -6.56 -23.40 0.56
N ARG MA 161 -7.42 -22.64 1.24
CA ARG MA 161 -8.36 -21.76 0.57
C ARG MA 161 -7.65 -20.71 -0.26
N LYS MA 162 -6.57 -20.14 0.28
CA LYS MA 162 -5.77 -19.18 -0.47
C LYS MA 162 -5.24 -19.81 -1.76
N CYS MA 163 -4.73 -21.03 -1.64
CA CYS MA 163 -4.23 -21.76 -2.81
C CYS MA 163 -5.32 -21.99 -3.87
N LEU MA 164 -6.43 -22.57 -3.46
CA LEU MA 164 -7.52 -22.88 -4.38
C LEU MA 164 -8.08 -21.62 -5.04
N GLU MA 165 -8.20 -20.54 -4.27
CA GLU MA 165 -8.65 -19.26 -4.80
C GLU MA 165 -7.66 -18.76 -5.86
N GLU MA 166 -6.37 -18.94 -5.59
CA GLU MA 166 -5.36 -18.59 -6.57
C GLU MA 166 -5.54 -19.39 -7.85
N LEU MA 167 -5.90 -20.66 -7.71
CA LEU MA 167 -6.22 -21.49 -8.87
C LEU MA 167 -7.40 -20.92 -9.63
N GLN MA 168 -8.41 -20.45 -8.91
CA GLN MA 168 -9.57 -19.85 -9.55
C GLN MA 168 -9.18 -18.57 -10.30
N LYS MA 169 -8.15 -17.89 -9.82
CA LYS MA 169 -7.73 -16.63 -10.42
C LYS MA 169 -6.84 -16.78 -11.65
N ARG MA 170 -5.75 -17.55 -11.53
CA ARG MA 170 -4.74 -17.61 -12.59
C ARG MA 170 -4.86 -18.82 -13.52
N PHE MA 171 -5.24 -19.97 -12.98
CA PHE MA 171 -5.26 -21.21 -13.76
C PHE MA 171 -6.32 -21.16 -14.86
N ILE MA 172 -5.96 -21.65 -16.04
CA ILE MA 172 -6.87 -21.60 -17.19
C ILE MA 172 -7.88 -22.75 -17.16
N LEU MA 173 -7.56 -23.80 -16.42
CA LEU MA 173 -8.49 -24.92 -16.28
C LEU MA 173 -9.60 -24.56 -15.31
N ASN MA 174 -10.75 -25.22 -15.45
CA ASN MA 174 -11.92 -24.89 -14.64
C ASN MA 174 -11.72 -25.16 -13.15
N LEU MA 175 -11.85 -26.43 -12.76
CA LEU MA 175 -11.67 -26.85 -11.37
C LEU MA 175 -12.51 -26.05 -10.37
N PRO MA 176 -13.83 -26.28 -10.36
CA PRO MA 176 -14.73 -25.51 -9.50
C PRO MA 176 -14.79 -25.99 -8.05
N THR MA 177 -14.71 -27.30 -7.83
CA THR MA 177 -14.84 -27.84 -6.47
C THR MA 177 -13.64 -28.70 -6.08
N PHE MA 178 -13.49 -28.95 -4.77
CA PHE MA 178 -12.36 -29.70 -4.26
C PHE MA 178 -12.73 -30.63 -3.11
N SER MA 179 -12.24 -31.87 -3.17
CA SER MA 179 -12.33 -32.81 -2.05
C SER MA 179 -11.30 -32.42 -1.00
N VAL MA 180 -11.73 -32.33 0.25
CA VAL MA 180 -10.83 -31.97 1.35
C VAL MA 180 -10.99 -32.93 2.53
N ARG MA 181 -9.89 -33.53 2.97
CA ARG MA 181 -9.91 -34.43 4.11
C ARG MA 181 -8.74 -34.15 5.04
N ILE MA 182 -8.86 -34.60 6.28
CA ILE MA 182 -7.77 -34.44 7.25
C ILE MA 182 -7.47 -35.78 7.93
N ILE MA 183 -6.25 -35.93 8.42
CA ILE MA 183 -5.86 -37.18 9.08
C ILE MA 183 -5.14 -36.87 10.40
N ASP MA 184 -5.60 -37.51 11.48
CA ASP MA 184 -4.93 -37.35 12.78
C ASP MA 184 -4.93 -38.64 13.58
N LYS MA 185 -4.99 -38.51 14.90
CA LYS MA 185 -4.97 -39.67 15.78
C LYS MA 185 -6.29 -40.44 15.72
N ASN MA 186 -7.33 -39.79 15.21
CA ASN MA 186 -8.65 -40.41 15.11
C ASN MA 186 -8.98 -40.89 13.70
N GLY MA 187 -7.96 -40.95 12.85
CA GLY MA 187 -8.14 -41.45 11.50
C GLY MA 187 -8.49 -40.39 10.47
N ILE MA 188 -9.24 -40.79 9.45
CA ILE MA 188 -9.57 -39.91 8.34
C ILE MA 188 -10.92 -39.21 8.54
N HIS MA 189 -10.91 -37.89 8.39
CA HIS MA 189 -12.10 -37.08 8.57
C HIS MA 189 -12.41 -36.29 7.30
N ASP MA 190 -13.61 -36.48 6.77
CA ASP MA 190 -14.04 -35.75 5.59
C ASP MA 190 -14.48 -34.34 5.97
N LEU MA 191 -13.95 -33.34 5.27
CA LEU MA 191 -14.33 -31.95 5.52
C LEU MA 191 -15.25 -31.44 4.42
N ASP MA 192 -15.86 -30.28 4.67
CA ASP MA 192 -16.72 -29.64 3.68
C ASP MA 192 -15.93 -29.30 2.43
N ASN MA 193 -16.48 -29.67 1.28
CA ASN MA 193 -15.84 -29.41 0.00
C ASN MA 193 -15.68 -27.92 -0.29
N ILE MA 194 -14.44 -27.48 -0.45
CA ILE MA 194 -14.17 -26.12 -0.88
C ILE MA 194 -14.68 -25.97 -2.31
N SER MA 195 -15.68 -25.13 -2.49
CA SER MA 195 -16.26 -24.92 -3.81
C SER MA 195 -16.51 -23.44 -4.09
N PHE MA 196 -16.53 -23.07 -5.37
CA PHE MA 196 -16.73 -21.68 -5.76
C PHE MA 196 -17.94 -21.54 -6.67
N PRO MA 197 -19.00 -20.88 -6.17
CA PRO MA 197 -20.30 -20.75 -6.83
C PRO MA 197 -20.22 -20.06 -8.21
N LYS MA 198 -19.58 -20.71 -9.17
CA LYS MA 198 -19.50 -20.18 -10.53
C LYS MA 198 -20.87 -20.28 -11.22
N GLN MA 199 -21.22 -21.48 -11.65
CA GLN MA 199 -22.52 -21.73 -12.29
C GLN MA 199 -22.89 -23.20 -12.22
N THR NA 1 -20.35 -42.23 -34.02
CA THR NA 1 -21.38 -42.66 -33.07
C THR NA 1 -21.79 -41.51 -32.16
N THR NA 2 -23.00 -41.60 -31.62
CA THR NA 2 -23.52 -40.57 -30.73
C THR NA 2 -24.50 -41.16 -29.72
N THR NA 3 -23.96 -41.73 -28.64
CA THR NA 3 -24.79 -42.33 -27.60
C THR NA 3 -24.72 -41.53 -26.31
N LEU NA 4 -25.82 -41.47 -25.58
CA LEU NA 4 -25.88 -40.76 -24.36
C LEU NA 4 -26.72 -41.63 -23.50
N ALA NA 5 -26.69 -41.40 -22.21
CA ALA NA 5 -27.41 -42.21 -21.26
C ALA NA 5 -27.44 -41.33 -20.07
N PHE NA 6 -28.39 -41.52 -19.18
CA PHE NA 6 -28.52 -40.65 -18.06
C PHE NA 6 -29.55 -41.12 -17.11
N LYS NA 7 -29.21 -41.19 -15.83
CA LYS NA 7 -30.10 -41.81 -14.86
C LYS NA 7 -30.90 -40.76 -14.11
N PHE NA 8 -32.20 -41.04 -13.97
CA PHE NA 8 -33.12 -40.18 -13.24
C PHE NA 8 -33.94 -41.00 -12.27
N ARG NA 9 -35.06 -40.46 -11.80
CA ARG NA 9 -35.87 -41.14 -10.80
C ARG NA 9 -36.42 -42.48 -11.29
N HIS NA 10 -36.84 -42.50 -12.55
CA HIS NA 10 -37.52 -43.68 -13.09
C HIS NA 10 -36.63 -44.60 -13.90
N GLY NA 11 -35.35 -44.64 -13.55
CA GLY NA 11 -34.42 -45.57 -14.19
C GLY NA 11 -33.29 -44.92 -14.96
N VAL NA 12 -32.83 -45.61 -15.99
CA VAL NA 12 -31.72 -45.11 -16.81
C VAL NA 12 -32.08 -45.04 -18.28
N ILE NA 13 -32.10 -43.83 -18.83
CA ILE NA 13 -32.37 -43.64 -20.25
C ILE NA 13 -31.09 -43.82 -21.06
N VAL NA 14 -31.19 -44.57 -22.15
CA VAL NA 14 -30.06 -44.79 -23.04
C VAL NA 14 -30.48 -44.48 -24.48
N ALA NA 15 -29.65 -43.76 -25.22
CA ALA NA 15 -29.98 -43.40 -26.60
C ALA NA 15 -28.75 -43.41 -27.50
N ALA NA 16 -28.95 -43.65 -28.79
CA ALA NA 16 -27.85 -43.67 -29.73
C ALA NA 16 -28.29 -43.42 -31.17
N ASP NA 17 -27.35 -43.07 -32.04
CA ASP NA 17 -27.62 -43.03 -33.47
C ASP NA 17 -27.34 -44.42 -34.04
N SER NA 18 -27.19 -44.52 -35.36
CA SER NA 18 -26.93 -45.84 -35.96
C SER NA 18 -25.97 -45.78 -37.13
N ARG NA 19 -25.37 -44.62 -37.37
CA ARG NA 19 -24.45 -44.45 -38.49
C ARG NA 19 -23.12 -45.17 -38.26
N ALA NA 20 -22.59 -45.77 -39.32
CA ALA NA 20 -21.28 -46.41 -39.28
C ALA NA 20 -20.53 -46.02 -40.54
N THR NA 21 -19.37 -45.41 -40.37
CA THR NA 21 -18.60 -44.89 -41.49
C THR NA 21 -17.28 -45.63 -41.68
N ALA NA 22 -16.78 -45.63 -42.91
CA ALA NA 22 -15.46 -46.12 -43.22
C ALA NA 22 -14.72 -45.01 -43.96
N GLY NA 23 -14.26 -44.03 -43.19
CA GLY NA 23 -13.75 -42.80 -43.77
C GLY NA 23 -14.91 -41.83 -43.90
N ALA NA 24 -15.00 -41.15 -45.03
CA ALA NA 24 -16.12 -40.26 -45.30
C ALA NA 24 -17.33 -41.05 -45.79
N TYR NA 25 -17.07 -42.26 -46.26
CA TYR NA 25 -18.12 -43.12 -46.79
C TYR NA 25 -18.99 -43.67 -45.67
N ILE NA 26 -20.30 -43.55 -45.85
CA ILE NA 26 -21.26 -44.08 -44.88
C ILE NA 26 -21.53 -45.55 -45.19
N ALA NA 27 -20.96 -46.43 -44.38
CA ALA NA 27 -21.06 -47.87 -44.61
C ALA NA 27 -22.40 -48.45 -44.18
N SER NA 28 -23.01 -47.85 -43.16
CA SER NA 28 -24.29 -48.33 -42.66
C SER NA 28 -25.06 -47.24 -41.92
N GLN NA 29 -26.38 -47.40 -41.84
CA GLN NA 29 -27.21 -46.51 -41.05
C GLN NA 29 -28.15 -47.33 -40.19
N THR NA 30 -27.89 -48.63 -40.12
CA THR NA 30 -28.75 -49.55 -39.40
C THR NA 30 -27.96 -50.36 -38.36
N VAL NA 31 -27.16 -49.65 -37.57
CA VAL NA 31 -26.33 -50.31 -36.56
C VAL NA 31 -26.91 -50.20 -35.16
N LYS NA 32 -27.10 -51.34 -34.51
CA LYS NA 32 -27.57 -51.37 -33.13
C LYS NA 32 -26.40 -51.09 -32.20
N LYS NA 33 -26.32 -49.84 -31.74
CA LYS NA 33 -25.20 -49.40 -30.90
C LYS NA 33 -25.47 -49.61 -29.42
N VAL NA 34 -26.65 -50.08 -29.08
CA VAL NA 34 -26.97 -50.41 -27.69
C VAL NA 34 -27.02 -51.92 -27.52
N ILE NA 35 -25.92 -52.51 -27.09
CA ILE NA 35 -25.84 -53.95 -26.90
C ILE NA 35 -26.62 -54.40 -25.66
N GLU NA 36 -27.42 -55.44 -25.84
CA GLU NA 36 -28.21 -56.00 -24.75
C GLU NA 36 -27.39 -57.10 -24.06
N ILE NA 37 -26.61 -56.70 -23.07
CA ILE NA 37 -25.79 -57.64 -22.29
C ILE NA 37 -26.67 -58.62 -21.54
N ASN NA 38 -27.42 -58.10 -20.58
CA ASN NA 38 -28.40 -58.89 -19.84
C ASN NA 38 -29.76 -58.21 -19.93
N PRO NA 39 -30.84 -58.92 -19.58
CA PRO NA 39 -32.15 -58.27 -19.52
C PRO NA 39 -32.21 -57.12 -18.52
N TYR NA 40 -31.12 -56.88 -17.79
CA TYR NA 40 -31.03 -55.76 -16.87
C TYR NA 40 -29.78 -54.93 -17.15
N LEU NA 41 -28.96 -55.39 -18.09
CA LEU NA 41 -27.70 -54.71 -18.41
C LEU NA 41 -27.57 -54.34 -19.88
N LEU NA 42 -27.39 -53.04 -20.13
CA LEU NA 42 -27.16 -52.53 -21.47
C LEU NA 42 -25.76 -51.94 -21.62
N GLY NA 43 -25.24 -51.97 -22.83
CA GLY NA 43 -23.94 -51.40 -23.12
C GLY NA 43 -23.93 -50.61 -24.41
N THR NA 44 -23.73 -49.31 -24.31
CA THR NA 44 -23.63 -48.46 -25.50
C THR NA 44 -22.33 -48.76 -26.22
N MET NA 45 -22.15 -48.19 -27.40
CA MET NA 45 -21.07 -48.62 -28.27
C MET NA 45 -20.61 -47.50 -29.21
N ALA NA 46 -19.36 -47.08 -29.04
CA ALA NA 46 -18.80 -45.98 -29.83
C ALA NA 46 -17.30 -46.20 -30.08
N GLY NA 47 -16.84 -45.82 -31.27
CA GLY NA 47 -15.45 -46.01 -31.64
C GLY NA 47 -15.28 -47.13 -32.66
N GLY NA 48 -14.27 -47.96 -32.46
CA GLY NA 48 -14.03 -49.10 -33.33
C GLY NA 48 -15.15 -50.11 -33.23
N ALA NA 49 -15.86 -50.33 -34.33
CA ALA NA 49 -17.04 -51.20 -34.33
C ALA NA 49 -16.74 -52.62 -33.86
N ALA NA 50 -15.79 -53.27 -34.53
CA ALA NA 50 -15.40 -54.63 -34.18
C ALA NA 50 -14.93 -54.73 -32.74
N ASP NA 51 -14.14 -53.76 -32.30
CA ASP NA 51 -13.63 -53.73 -30.93
C ASP NA 51 -14.78 -53.73 -29.93
N CYS NA 52 -15.65 -52.74 -30.04
CA CYS NA 52 -16.80 -52.62 -29.15
C CYS NA 52 -17.66 -53.88 -29.16
N SER NA 53 -18.04 -54.34 -30.35
CA SER NA 53 -18.89 -55.51 -30.48
C SER NA 53 -18.28 -56.75 -29.81
N PHE NA 54 -17.05 -57.05 -30.19
CA PHE NA 54 -16.33 -58.21 -29.65
C PHE NA 54 -16.22 -58.14 -28.13
N TRP NA 55 -15.71 -57.03 -27.62
CA TRP NA 55 -15.43 -56.92 -26.19
C TRP NA 55 -16.70 -56.88 -25.33
N GLU NA 56 -17.75 -56.24 -25.83
CA GLU NA 56 -19.00 -56.22 -25.08
C GLU NA 56 -19.72 -57.55 -25.15
N ARG NA 57 -19.56 -58.27 -26.26
CA ARG NA 57 -20.10 -59.62 -26.37
C ARG NA 57 -19.41 -60.54 -25.38
N LEU NA 58 -18.09 -60.43 -25.33
CA LEU NA 58 -17.29 -61.20 -24.38
C LEU NA 58 -17.68 -60.85 -22.96
N LEU NA 59 -17.96 -59.57 -22.73
CA LEU NA 59 -18.45 -59.09 -21.44
C LEU NA 59 -19.76 -59.78 -21.09
N ALA NA 60 -20.64 -59.91 -22.07
CA ALA NA 60 -21.93 -60.57 -21.87
C ALA NA 60 -21.74 -62.04 -21.49
N ARG NA 61 -20.84 -62.70 -22.20
CA ARG NA 61 -20.47 -64.08 -21.88
C ARG NA 61 -20.02 -64.19 -20.42
N GLN NA 62 -19.09 -63.32 -20.04
CA GLN NA 62 -18.54 -63.34 -18.70
C GLN NA 62 -19.61 -63.11 -17.64
N CYS NA 63 -20.51 -62.17 -17.90
CA CYS NA 63 -21.61 -61.88 -16.98
C CYS NA 63 -22.55 -63.07 -16.85
N ARG NA 64 -22.76 -63.79 -17.95
CA ARG NA 64 -23.60 -64.98 -17.91
C ARG NA 64 -22.96 -66.07 -17.05
N ILE NA 65 -21.67 -66.30 -17.27
CA ILE NA 65 -20.95 -67.28 -16.46
C ILE NA 65 -20.97 -66.89 -14.98
N TYR NA 66 -20.87 -65.60 -14.71
CA TYR NA 66 -20.97 -65.09 -13.34
C TYR NA 66 -22.33 -65.42 -12.77
N GLU NA 67 -23.37 -65.18 -13.56
CA GLU NA 67 -24.74 -65.44 -13.12
C GLU NA 67 -24.94 -66.92 -12.78
N LEU NA 68 -24.38 -67.80 -13.60
CA LEU NA 68 -24.48 -69.23 -13.35
C LEU NA 68 -23.70 -69.65 -12.11
N ARG NA 69 -22.50 -69.11 -11.96
CA ARG NA 69 -21.61 -69.50 -10.87
C ARG NA 69 -22.09 -69.02 -9.50
N ASN NA 70 -22.37 -67.73 -9.40
CA ASN NA 70 -22.74 -67.13 -8.11
C ASN NA 70 -24.22 -67.20 -7.80
N LYS NA 71 -25.00 -67.78 -8.70
CA LYS NA 71 -26.44 -67.95 -8.52
C LYS NA 71 -27.13 -66.61 -8.25
N GLU NA 72 -26.57 -65.54 -8.79
CA GLU NA 72 -27.13 -64.20 -8.62
C GLU NA 72 -26.69 -63.35 -9.81
N ARG NA 73 -27.34 -62.21 -9.99
CA ARG NA 73 -27.02 -61.34 -11.11
C ARG NA 73 -25.86 -60.41 -10.80
N ILE NA 74 -24.99 -60.21 -11.78
CA ILE NA 74 -23.83 -59.34 -11.62
C ILE NA 74 -24.26 -57.89 -11.44
N SER NA 75 -23.50 -57.15 -10.64
CA SER NA 75 -23.79 -55.74 -10.40
C SER NA 75 -23.24 -54.89 -11.55
N VAL NA 76 -23.74 -53.67 -11.67
CA VAL NA 76 -23.30 -52.76 -12.72
C VAL NA 76 -21.82 -52.44 -12.54
N ALA NA 77 -21.44 -52.16 -11.30
CA ALA NA 77 -20.06 -51.84 -10.96
C ALA NA 77 -19.12 -53.00 -11.32
N ALA NA 78 -19.57 -54.22 -11.06
CA ALA NA 78 -18.76 -55.40 -11.34
C ALA NA 78 -18.63 -55.66 -12.83
N ALA NA 79 -19.68 -55.38 -13.59
CA ALA NA 79 -19.65 -55.56 -15.03
C ALA NA 79 -18.71 -54.54 -15.67
N SER NA 80 -18.89 -53.28 -15.29
CA SER NA 80 -18.04 -52.21 -15.78
C SER NA 80 -16.57 -52.44 -15.42
N LYS NA 81 -16.33 -52.93 -14.20
CA LYS NA 81 -14.97 -53.21 -13.75
C LYS NA 81 -14.39 -54.39 -14.52
N LEU NA 82 -15.23 -55.36 -14.84
CA LEU NA 82 -14.81 -56.52 -15.60
C LEU NA 82 -14.33 -56.09 -16.98
N LEU NA 83 -15.18 -55.32 -17.67
CA LEU NA 83 -14.85 -54.81 -19.01
C LEU NA 83 -13.59 -53.95 -18.98
N ALA NA 84 -13.52 -53.05 -17.99
CA ALA NA 84 -12.37 -52.17 -17.84
C ALA NA 84 -11.08 -52.96 -17.65
N ASN NA 85 -11.13 -53.98 -16.81
CA ASN NA 85 -9.96 -54.83 -16.57
C ASN NA 85 -9.55 -55.60 -17.82
N MET NA 86 -10.53 -56.13 -18.55
CA MET NA 86 -10.24 -56.84 -19.80
C MET NA 86 -9.55 -55.92 -20.79
N VAL NA 87 -10.09 -54.71 -20.94
CA VAL NA 87 -9.59 -53.76 -21.92
C VAL NA 87 -8.22 -53.19 -21.56
N TYR NA 88 -7.98 -52.99 -20.27
CA TYR NA 88 -6.73 -52.39 -19.79
C TYR NA 88 -5.49 -53.17 -20.18
N GLN NA 89 -5.60 -54.49 -20.26
CA GLN NA 89 -4.48 -55.34 -20.61
C GLN NA 89 -4.01 -55.13 -22.05
N TYR NA 90 -4.81 -54.41 -22.84
CA TYR NA 90 -4.48 -54.12 -24.21
C TYR NA 90 -4.23 -52.63 -24.42
N LYS NA 91 -3.98 -51.91 -23.33
CA LYS NA 91 -3.75 -50.47 -23.40
C LYS NA 91 -2.52 -50.16 -24.24
N GLY NA 92 -2.67 -49.22 -25.16
CA GLY NA 92 -1.58 -48.81 -26.03
C GLY NA 92 -1.50 -49.58 -27.34
N MET NA 93 -2.23 -50.69 -27.43
CA MET NA 93 -2.18 -51.53 -28.62
C MET NA 93 -3.08 -51.03 -29.74
N GLY NA 94 -3.89 -50.01 -29.45
CA GLY NA 94 -4.67 -49.35 -30.48
C GLY NA 94 -6.15 -49.69 -30.55
N LEU NA 95 -6.70 -50.23 -29.46
CA LEU NA 95 -8.14 -50.46 -29.40
C LEU NA 95 -8.87 -49.13 -29.24
N SER NA 96 -9.70 -48.79 -30.21
CA SER NA 96 -10.55 -47.60 -30.11
C SER NA 96 -11.92 -48.04 -29.63
N MET NA 97 -12.30 -47.60 -28.44
CA MET NA 97 -13.52 -48.09 -27.80
C MET NA 97 -13.92 -47.23 -26.60
N GLY NA 98 -15.15 -46.73 -26.64
CA GLY NA 98 -15.69 -45.93 -25.55
C GLY NA 98 -17.14 -46.32 -25.30
N THR NA 99 -17.41 -46.97 -24.18
CA THR NA 99 -18.73 -47.53 -23.93
C THR NA 99 -19.35 -47.10 -22.61
N MET NA 100 -20.66 -47.23 -22.52
CA MET NA 100 -21.37 -46.98 -21.27
C MET NA 100 -22.09 -48.23 -20.81
N ILE NA 101 -21.83 -48.65 -19.57
CA ILE NA 101 -22.52 -49.78 -18.96
C ILE NA 101 -23.65 -49.25 -18.09
N CYS NA 102 -24.88 -49.57 -18.47
CA CYS NA 102 -26.07 -49.07 -17.77
C CYS NA 102 -26.90 -50.23 -17.26
N GLY NA 103 -27.58 -50.03 -16.14
CA GLY NA 103 -28.47 -51.06 -15.63
C GLY NA 103 -29.16 -50.70 -14.33
N TRP NA 104 -29.86 -51.67 -13.75
CA TRP NA 104 -30.42 -51.48 -12.42
C TRP NA 104 -29.77 -52.49 -11.47
N ASP NA 105 -29.32 -51.98 -10.34
CA ASP NA 105 -28.47 -52.74 -9.43
C ASP NA 105 -29.14 -52.85 -8.08
N LYS NA 106 -28.50 -53.56 -7.15
CA LYS NA 106 -28.96 -53.60 -5.77
C LYS NA 106 -28.78 -52.22 -5.12
N ARG NA 107 -28.00 -51.37 -5.79
CA ARG NA 107 -27.82 -49.99 -5.35
C ARG NA 107 -28.68 -49.06 -6.21
N GLY NA 108 -29.67 -49.62 -6.90
CA GLY NA 108 -30.53 -48.84 -7.76
C GLY NA 108 -29.89 -48.57 -9.11
N PRO NA 109 -30.41 -47.57 -9.84
CA PRO NA 109 -29.94 -47.21 -11.18
C PRO NA 109 -28.44 -46.99 -11.23
N GLY NA 110 -27.77 -47.68 -12.17
CA GLY NA 110 -26.33 -47.59 -12.30
C GLY NA 110 -25.89 -47.24 -13.71
N LEU NA 111 -24.92 -46.34 -13.79
CA LEU NA 111 -24.38 -45.89 -15.07
C LEU NA 111 -22.87 -45.64 -14.97
N TYR NA 112 -22.11 -46.32 -15.82
CA TYR NA 112 -20.66 -46.20 -15.83
C TYR NA 112 -20.11 -45.90 -17.22
N TYR NA 113 -19.07 -45.09 -17.28
CA TYR NA 113 -18.36 -44.84 -18.52
C TYR NA 113 -17.04 -45.61 -18.49
N VAL NA 114 -16.78 -46.39 -19.54
CA VAL NA 114 -15.58 -47.21 -19.61
C VAL NA 114 -14.84 -46.98 -20.93
N ASP NA 115 -13.55 -46.65 -20.81
CA ASP NA 115 -12.71 -46.32 -21.95
C ASP NA 115 -11.81 -47.46 -22.37
N SER NA 116 -11.33 -47.38 -23.61
CA SER NA 116 -10.25 -48.24 -24.05
C SER NA 116 -8.94 -47.66 -23.55
N GLU NA 117 -8.99 -46.39 -23.15
CA GLU NA 117 -7.82 -45.71 -22.58
C GLU NA 117 -7.56 -46.18 -21.15
N GLY NA 118 -8.64 -46.54 -20.45
CA GLY NA 118 -8.51 -47.07 -19.11
C GLY NA 118 -9.44 -46.38 -18.11
N ASN NA 119 -10.25 -45.46 -18.59
CA ASN NA 119 -11.20 -44.77 -17.73
C ASN NA 119 -12.33 -45.68 -17.28
N ARG NA 120 -12.86 -45.39 -16.09
CA ARG NA 120 -14.04 -46.08 -15.58
C ARG NA 120 -14.66 -45.23 -14.49
N ILE NA 121 -15.65 -44.43 -14.86
CA ILE NA 121 -16.27 -43.52 -13.89
C ILE NA 121 -17.79 -43.59 -13.86
N SER NA 122 -18.35 -43.65 -12.66
CA SER NA 122 -19.79 -43.55 -12.48
C SER NA 122 -20.21 -42.09 -12.57
N GLY NA 123 -21.45 -41.84 -12.99
CA GLY NA 123 -21.95 -40.49 -13.11
C GLY NA 123 -23.43 -40.43 -13.46
N ALA NA 124 -24.01 -39.24 -13.34
CA ALA NA 124 -25.42 -39.03 -13.63
C ALA NA 124 -25.68 -39.11 -15.13
N THR NA 125 -25.07 -38.21 -15.90
CA THR NA 125 -25.23 -38.20 -17.35
C THR NA 125 -23.90 -38.39 -18.07
N PHE NA 126 -23.96 -38.92 -19.28
CA PHE NA 126 -22.78 -39.20 -20.07
C PHE NA 126 -23.11 -39.15 -21.56
N SER NA 127 -22.17 -38.66 -22.36
CA SER NA 127 -22.31 -38.67 -23.81
C SER NA 127 -20.98 -39.03 -24.47
N VAL NA 128 -21.01 -40.05 -25.32
CA VAL NA 128 -19.81 -40.61 -25.92
C VAL NA 128 -19.89 -40.68 -27.43
N GLY NA 129 -18.84 -40.25 -28.12
CA GLY NA 129 -18.78 -40.34 -29.56
C GLY NA 129 -18.37 -39.04 -30.22
N SER NA 130 -18.24 -39.07 -31.54
CA SER NA 130 -17.81 -37.90 -32.31
C SER NA 130 -18.75 -36.70 -32.13
N GLY NA 131 -20.02 -36.98 -31.88
CA GLY NA 131 -21.00 -35.93 -31.70
C GLY NA 131 -21.41 -35.73 -30.26
N SER NA 132 -20.57 -36.22 -29.34
CA SER NA 132 -20.88 -36.18 -27.92
C SER NA 132 -21.06 -34.76 -27.38
N VAL NA 133 -20.27 -33.81 -27.89
CA VAL NA 133 -20.36 -32.43 -27.44
C VAL NA 133 -21.72 -31.79 -27.72
N TYR NA 134 -22.20 -31.98 -28.94
CA TYR NA 134 -23.49 -31.45 -29.37
C TYR NA 134 -24.62 -32.03 -28.53
N ALA NA 135 -24.53 -33.32 -28.24
CA ALA NA 135 -25.52 -33.98 -27.40
C ALA NA 135 -25.46 -33.42 -25.98
N TYR NA 136 -24.24 -33.24 -25.48
CA TYR NA 136 -24.00 -32.68 -24.15
C TYR NA 136 -24.70 -31.34 -23.98
N GLY NA 137 -24.62 -30.50 -25.03
CA GLY NA 137 -25.27 -29.19 -24.98
C GLY NA 137 -26.74 -29.25 -24.59
N VAL NA 138 -27.56 -29.79 -25.47
CA VAL NA 138 -29.01 -29.87 -25.25
C VAL NA 138 -29.37 -30.76 -24.05
N MET NA 139 -28.66 -31.87 -23.87
CA MET NA 139 -28.93 -32.75 -22.76
C MET NA 139 -28.75 -32.03 -21.42
N ASP NA 140 -27.66 -31.29 -21.29
CA ASP NA 140 -27.41 -30.54 -20.07
C ASP NA 140 -28.42 -29.41 -19.92
N ARG NA 141 -28.79 -28.77 -21.03
CA ARG NA 141 -29.77 -27.69 -20.96
C ARG NA 141 -31.19 -28.17 -20.67
N GLY NA 142 -31.41 -29.49 -20.74
CA GLY NA 142 -32.74 -30.02 -20.50
C GLY NA 142 -32.85 -31.11 -19.44
N TYR NA 143 -31.77 -31.40 -18.75
CA TYR NA 143 -31.77 -32.50 -17.78
C TYR NA 143 -32.30 -32.13 -16.41
N SER NA 144 -32.95 -33.09 -15.76
CA SER NA 144 -33.37 -32.98 -14.38
C SER NA 144 -33.60 -34.39 -13.83
N TYR NA 145 -33.33 -34.59 -12.55
CA TYR NA 145 -33.56 -35.89 -11.93
C TYR NA 145 -35.06 -36.13 -11.78
N ASP NA 146 -35.82 -35.04 -11.71
CA ASP NA 146 -37.26 -35.12 -11.54
C ASP NA 146 -37.99 -35.06 -12.88
N LEU NA 147 -37.32 -35.52 -13.94
CA LEU NA 147 -37.94 -35.58 -15.25
C LEU NA 147 -38.95 -36.71 -15.31
N GLU NA 148 -40.11 -36.44 -15.89
CA GLU NA 148 -41.08 -37.49 -16.12
C GLU NA 148 -40.61 -38.34 -17.30
N VAL NA 149 -41.13 -39.55 -17.39
CA VAL NA 149 -40.66 -40.54 -18.36
C VAL NA 149 -40.63 -40.05 -19.82
N GLU NA 150 -41.79 -39.62 -20.31
CA GLU NA 150 -41.90 -39.14 -21.68
C GLU NA 150 -41.01 -37.92 -21.92
N GLN NA 151 -40.84 -37.09 -20.89
CA GLN NA 151 -39.94 -35.95 -20.97
C GLN NA 151 -38.49 -36.38 -21.16
N ALA NA 152 -38.09 -37.41 -20.42
CA ALA NA 152 -36.74 -37.96 -20.54
C ALA NA 152 -36.53 -38.53 -21.94
N TYR NA 153 -37.54 -39.23 -22.44
CA TYR NA 153 -37.51 -39.76 -23.79
C TYR NA 153 -37.28 -38.65 -24.81
N ASP NA 154 -38.07 -37.58 -24.67
CA ASP NA 154 -37.96 -36.42 -25.55
C ASP NA 154 -36.57 -35.80 -25.50
N LEU NA 155 -36.05 -35.64 -24.29
CA LEU NA 155 -34.72 -35.04 -24.09
C LEU NA 155 -33.63 -35.86 -24.78
N ALA NA 156 -33.60 -37.16 -24.50
CA ALA NA 156 -32.60 -38.04 -25.12
C ALA NA 156 -32.70 -38.03 -26.64
N ARG NA 157 -33.91 -38.30 -27.14
CA ARG NA 157 -34.15 -38.36 -28.58
C ARG NA 157 -33.72 -37.07 -29.28
N ARG NA 158 -34.10 -35.94 -28.70
CA ARG NA 158 -33.76 -34.64 -29.26
C ARG NA 158 -32.25 -34.39 -29.25
N ALA NA 159 -31.61 -34.75 -28.14
CA ALA NA 159 -30.16 -34.56 -28.02
C ALA NA 159 -29.40 -35.34 -29.10
N ILE NA 160 -29.73 -36.62 -29.23
CA ILE NA 160 -29.14 -37.43 -30.30
C ILE NA 160 -29.45 -36.82 -31.68
N TYR NA 161 -30.66 -36.30 -31.86
CA TYR NA 161 -31.04 -35.68 -33.13
C TYR NA 161 -30.17 -34.48 -33.49
N GLN NA 162 -30.06 -33.52 -32.57
CA GLN NA 162 -29.25 -32.33 -32.79
C GLN NA 162 -27.79 -32.70 -33.04
N ALA NA 163 -27.34 -33.70 -32.29
CA ALA NA 163 -26.01 -34.27 -32.49
C ALA NA 163 -25.83 -34.72 -33.94
N THR NA 164 -26.81 -35.47 -34.47
CA THR NA 164 -26.75 -35.94 -35.86
C THR NA 164 -26.80 -34.77 -36.83
N TYR NA 165 -27.46 -33.69 -36.43
CA TYR NA 165 -27.56 -32.50 -37.27
C TYR NA 165 -26.20 -31.84 -37.45
N ARG NA 166 -25.47 -31.65 -36.34
CA ARG NA 166 -24.15 -31.00 -36.44
C ARG NA 166 -23.00 -31.95 -36.82
N ASP NA 167 -22.97 -33.13 -36.22
CA ASP NA 167 -21.88 -34.08 -36.46
C ASP NA 167 -22.05 -34.81 -37.78
N ALA NA 168 -21.05 -34.67 -38.66
CA ALA NA 168 -21.10 -35.26 -39.99
C ALA NA 168 -21.02 -36.78 -39.94
N TYR NA 169 -20.48 -37.30 -38.84
CA TYR NA 169 -20.30 -38.74 -38.71
C TYR NA 169 -21.38 -39.36 -37.83
N SER NA 170 -22.45 -38.62 -37.61
CA SER NA 170 -23.60 -39.12 -36.86
C SER NA 170 -24.90 -38.90 -37.63
N GLY NA 171 -25.71 -39.96 -37.71
CA GLY NA 171 -26.98 -39.90 -38.40
C GLY NA 171 -27.69 -41.23 -38.40
N GLY NA 172 -28.56 -41.44 -39.37
CA GLY NA 172 -29.30 -42.69 -39.48
C GLY NA 172 -30.62 -42.65 -38.75
N ALA NA 173 -30.66 -43.28 -37.58
CA ALA NA 173 -31.89 -43.34 -36.80
C ALA NA 173 -31.60 -43.33 -35.30
N VAL NA 174 -32.35 -42.50 -34.57
CA VAL NA 174 -32.25 -42.44 -33.12
C VAL NA 174 -32.95 -43.64 -32.48
N ASN NA 175 -32.17 -44.45 -31.77
CA ASN NA 175 -32.67 -45.57 -30.99
C ASN NA 175 -32.68 -45.22 -29.51
N LEU NA 176 -33.75 -45.65 -28.82
CA LEU NA 176 -33.97 -45.26 -27.43
C LEU NA 176 -34.43 -46.44 -26.58
N TYR NA 177 -33.72 -46.66 -25.48
CA TYR NA 177 -34.01 -47.72 -24.51
C TYR NA 177 -34.22 -47.11 -23.12
N HIS NA 178 -35.05 -47.77 -22.31
CA HIS NA 178 -35.30 -47.37 -20.94
C HIS NA 178 -35.01 -48.53 -20.00
N VAL NA 179 -34.13 -48.31 -19.04
CA VAL NA 179 -33.78 -49.32 -18.05
C VAL NA 179 -34.55 -49.11 -16.76
N ARG NA 180 -35.49 -50.02 -16.48
CA ARG NA 180 -36.27 -49.98 -15.25
C ARG NA 180 -35.87 -51.11 -14.32
N GLU NA 181 -36.45 -51.14 -13.12
CA GLU NA 181 -36.06 -52.09 -12.09
C GLU NA 181 -36.33 -53.55 -12.47
N ASP NA 182 -37.38 -53.77 -13.26
CA ASP NA 182 -37.73 -55.11 -13.71
C ASP NA 182 -37.08 -55.43 -15.05
N GLY NA 183 -36.08 -54.63 -15.43
CA GLY NA 183 -35.38 -54.83 -16.68
C GLY NA 183 -35.50 -53.63 -17.61
N TRP NA 184 -34.86 -53.72 -18.78
CA TRP NA 184 -34.91 -52.63 -19.74
C TRP NA 184 -36.02 -52.83 -20.77
N ILE NA 185 -36.45 -51.75 -21.41
CA ILE NA 185 -37.47 -51.81 -22.44
C ILE NA 185 -37.07 -50.97 -23.66
N ARG NA 186 -37.23 -51.56 -24.84
CA ARG NA 186 -36.91 -50.89 -26.09
C ARG NA 186 -37.96 -49.83 -26.39
N VAL NA 187 -37.65 -48.58 -26.04
CA VAL NA 187 -38.62 -47.49 -26.18
C VAL NA 187 -38.94 -47.14 -27.62
N SER NA 188 -37.93 -46.70 -28.37
CA SER NA 188 -38.21 -46.27 -29.74
C SER NA 188 -37.05 -46.45 -30.71
N SER NA 189 -37.33 -46.18 -31.99
CA SER NA 189 -36.35 -46.31 -33.06
C SER NA 189 -36.76 -45.44 -34.23
N ASP NA 190 -36.73 -44.12 -34.03
CA ASP NA 190 -37.23 -43.19 -35.03
C ASP NA 190 -36.14 -42.74 -35.99
N ASN NA 191 -36.41 -42.80 -37.28
CA ASN NA 191 -35.47 -42.31 -38.28
C ASN NA 191 -35.31 -40.79 -38.18
N VAL NA 192 -34.11 -40.30 -38.49
CA VAL NA 192 -33.81 -38.88 -38.38
C VAL NA 192 -34.63 -38.04 -39.37
N ALA NA 193 -34.87 -38.60 -40.56
CA ALA NA 193 -35.64 -37.90 -41.59
C ALA NA 193 -37.06 -37.57 -41.10
N ASP NA 194 -37.64 -38.47 -40.31
CA ASP NA 194 -38.97 -38.25 -39.75
C ASP NA 194 -38.92 -37.27 -38.59
N LEU NA 195 -37.92 -37.45 -37.73
CA LEU NA 195 -37.72 -36.57 -36.57
C LEU NA 195 -37.48 -35.12 -37.01
N HIS NA 196 -36.97 -34.94 -38.21
CA HIS NA 196 -36.78 -33.60 -38.77
C HIS NA 196 -38.14 -32.94 -38.98
N GLU NA 197 -39.04 -33.67 -39.61
CA GLU NA 197 -40.39 -33.19 -39.87
C GLU NA 197 -41.13 -32.93 -38.56
N LYS NA 198 -40.92 -33.82 -37.58
CA LYS NA 198 -41.57 -33.67 -36.28
C LYS NA 198 -41.08 -32.45 -35.49
N TYR NA 199 -39.76 -32.25 -35.49
CA TYR NA 199 -39.15 -31.21 -34.67
C TYR NA 199 -39.16 -29.81 -35.31
N SER NA 200 -39.10 -29.75 -36.63
CA SER NA 200 -39.06 -28.47 -37.33
C SER NA 200 -40.46 -27.89 -37.54
N GLY NA 201 -41.39 -28.74 -37.95
CA GLY NA 201 -42.76 -28.31 -38.21
C GLY NA 201 -43.80 -29.29 -37.70
N ARG OA 1 10.87 -51.43 -46.83
CA ARG OA 1 11.19 -52.70 -46.21
C ARG OA 1 10.51 -53.87 -46.92
N PHE OA 2 9.41 -54.36 -46.35
CA PHE OA 2 8.64 -55.43 -46.94
C PHE OA 2 7.18 -55.31 -46.52
N SER OA 3 6.28 -55.31 -47.50
CA SER OA 3 4.85 -55.22 -47.21
C SER OA 3 4.17 -56.56 -47.46
N PRO OA 4 3.47 -57.08 -46.44
CA PRO OA 4 2.77 -58.37 -46.51
C PRO OA 4 1.38 -58.22 -47.12
N TYR OA 5 1.10 -57.07 -47.69
CA TYR OA 5 -0.21 -56.80 -48.28
C TYR OA 5 -0.08 -56.32 -49.73
N VAL OA 6 -1.05 -56.71 -50.54
CA VAL OA 6 -1.18 -56.19 -51.90
C VAL OA 6 -2.65 -56.21 -52.27
N PHE OA 7 -3.15 -55.11 -52.81
CA PHE OA 7 -4.56 -55.02 -53.18
C PHE OA 7 -4.81 -55.69 -54.53
N ASN OA 8 -5.72 -56.66 -54.56
CA ASN OA 8 -5.99 -57.41 -55.78
C ASN OA 8 -7.33 -57.07 -56.44
N GLY OA 9 -8.02 -56.07 -55.91
CA GLY OA 9 -9.25 -55.61 -56.49
C GLY OA 9 -10.41 -56.57 -56.29
N GLY OA 10 -11.50 -56.33 -57.01
CA GLY OA 10 -12.67 -57.16 -56.90
C GLY OA 10 -13.83 -56.46 -56.21
N THR OA 11 -15.02 -56.62 -56.78
CA THR OA 11 -16.23 -56.05 -56.21
C THR OA 11 -17.16 -57.19 -55.81
N ILE OA 12 -18.02 -56.95 -54.84
CA ILE OA 12 -18.85 -58.00 -54.27
C ILE OA 12 -20.21 -57.48 -53.83
N LEU OA 13 -21.26 -58.29 -53.99
CA LEU OA 13 -22.62 -57.84 -53.75
C LEU OA 13 -23.51 -58.96 -53.25
N ALA OA 14 -24.37 -58.66 -52.27
CA ALA OA 14 -25.37 -59.63 -51.84
C ALA OA 14 -26.75 -59.01 -51.59
N ILE OA 15 -27.78 -59.68 -52.10
CA ILE OA 15 -29.16 -59.22 -51.92
C ILE OA 15 -29.98 -60.33 -51.28
N ALA OA 16 -30.81 -59.98 -50.30
CA ALA OA 16 -31.65 -60.96 -49.63
C ALA OA 16 -33.11 -60.79 -50.02
N GLY OA 17 -33.69 -61.84 -50.59
CA GLY OA 17 -35.09 -61.84 -50.94
C GLY OA 17 -35.91 -62.61 -49.92
N GLU OA 18 -37.20 -62.73 -50.16
CA GLU OA 18 -38.09 -63.46 -49.25
C GLU OA 18 -37.76 -64.93 -49.21
N ASP OA 19 -37.41 -65.50 -50.36
CA ASP OA 19 -37.14 -66.93 -50.45
C ASP OA 19 -35.84 -67.22 -51.17
N PHE OA 20 -35.05 -66.18 -51.40
CA PHE OA 20 -33.78 -66.34 -52.11
C PHE OA 20 -32.68 -65.45 -51.56
N ALA OA 21 -31.46 -65.69 -52.01
CA ALA OA 21 -30.32 -64.84 -51.67
C ALA OA 21 -29.30 -64.85 -52.80
N ILE OA 22 -28.96 -63.67 -53.29
CA ILE OA 22 -28.02 -63.53 -54.40
C ILE OA 22 -26.66 -63.06 -53.90
N VAL OA 23 -25.61 -63.77 -54.30
CA VAL OA 23 -24.23 -63.36 -54.02
C VAL OA 23 -23.46 -63.30 -55.33
N ALA OA 24 -23.09 -62.09 -55.74
CA ALA OA 24 -22.41 -61.90 -57.02
C ALA OA 24 -21.08 -61.17 -56.87
N SER OA 25 -20.20 -61.36 -57.85
CA SER OA 25 -18.90 -60.72 -57.84
C SER OA 25 -18.30 -60.72 -59.24
N ASP OA 26 -17.40 -59.79 -59.50
CA ASP OA 26 -16.65 -59.80 -60.74
C ASP OA 26 -15.64 -60.94 -60.71
N THR OA 27 -14.97 -61.17 -61.83
CA THR OA 27 -14.02 -62.28 -61.93
C THR OA 27 -12.61 -61.80 -62.25
N ARG OA 28 -12.33 -60.53 -61.98
CA ARG OA 28 -11.04 -59.96 -62.30
C ARG OA 28 -10.08 -59.99 -61.12
N LEU OA 29 -8.93 -60.63 -61.33
CA LEU OA 29 -7.85 -60.59 -60.35
C LEU OA 29 -6.71 -59.78 -60.94
N SER OA 30 -6.41 -58.66 -60.28
CA SER OA 30 -5.43 -57.71 -60.77
C SER OA 30 -4.38 -57.36 -59.70
N GLU OA 31 -3.31 -56.68 -60.11
CA GLU OA 31 -2.28 -56.24 -59.19
C GLU OA 31 -1.51 -55.07 -59.78
N GLY OA 32 -1.56 -53.93 -59.11
CA GLY OA 32 -0.94 -52.73 -59.63
C GLY OA 32 -1.76 -52.19 -60.78
N PHE OA 33 -1.19 -52.23 -61.99
CA PHE OA 33 -1.90 -51.80 -63.18
C PHE OA 33 -2.07 -52.96 -64.15
N SER OA 34 -1.89 -54.18 -63.64
CA SER OA 34 -1.90 -55.37 -64.48
C SER OA 34 -3.00 -56.36 -64.11
N ILE OA 35 -3.37 -57.20 -65.07
CA ILE OA 35 -4.37 -58.24 -64.84
C ILE OA 35 -3.68 -59.56 -64.55
N HIS OA 36 -3.97 -60.16 -63.41
CA HIS OA 36 -3.44 -61.49 -63.11
C HIS OA 36 -4.24 -62.52 -63.88
N THR OA 37 -5.56 -62.48 -63.73
CA THR OA 37 -6.43 -63.37 -64.47
C THR OA 37 -7.83 -62.80 -64.61
N ARG OA 38 -8.53 -63.22 -65.66
CA ARG OA 38 -9.90 -62.75 -65.90
C ARG OA 38 -10.88 -63.81 -65.41
N ASP OA 39 -10.36 -64.98 -65.04
CA ASP OA 39 -11.19 -66.07 -64.55
C ASP OA 39 -10.92 -66.33 -63.08
N SER OA 40 -11.35 -65.40 -62.22
CA SER OA 40 -11.17 -65.54 -60.79
C SER OA 40 -12.38 -65.01 -60.04
N PRO OA 41 -13.43 -65.85 -59.93
CA PRO OA 41 -14.63 -65.42 -59.19
C PRO OA 41 -14.33 -65.26 -57.71
N LYS OA 42 -15.03 -64.33 -57.07
CA LYS OA 42 -14.82 -64.06 -55.64
C LYS OA 42 -15.90 -64.73 -54.80
N CYS OA 43 -16.62 -65.67 -55.41
CA CYS OA 43 -17.70 -66.36 -54.70
C CYS OA 43 -17.28 -67.76 -54.29
N TYR OA 44 -17.63 -68.13 -53.07
CA TYR OA 44 -17.27 -69.41 -52.50
C TYR OA 44 -18.48 -70.08 -51.86
N LYS OA 45 -18.81 -71.27 -52.33
CA LYS OA 45 -19.94 -72.02 -51.78
C LYS OA 45 -19.53 -72.72 -50.50
N LEU OA 46 -20.15 -72.33 -49.39
CA LEU OA 46 -19.82 -72.92 -48.09
C LEU OA 46 -20.76 -74.08 -47.79
N THR OA 47 -22.06 -73.80 -47.74
CA THR OA 47 -23.05 -74.86 -47.58
C THR OA 47 -24.18 -74.68 -48.59
N ASP OA 48 -25.06 -75.68 -48.66
CA ASP OA 48 -26.21 -75.64 -49.55
C ASP OA 48 -27.07 -74.40 -49.32
N LYS OA 49 -27.01 -73.87 -48.10
CA LYS OA 49 -27.79 -72.68 -47.74
C LYS OA 49 -26.95 -71.42 -47.67
N THR OA 50 -25.64 -71.54 -47.82
CA THR OA 50 -24.75 -70.39 -47.55
C THR OA 50 -23.59 -70.21 -48.54
N VAL OA 51 -23.50 -69.00 -49.09
CA VAL OA 51 -22.41 -68.64 -50.01
C VAL OA 51 -21.66 -67.41 -49.50
N ILE OA 52 -20.33 -67.44 -49.59
CA ILE OA 52 -19.52 -66.32 -49.12
C ILE OA 52 -18.76 -65.58 -50.22
N GLY OA 53 -18.77 -64.25 -50.14
CA GLY OA 53 -18.00 -63.42 -51.05
C GLY OA 53 -16.86 -62.73 -50.33
N CYS OA 54 -15.64 -62.91 -50.87
CA CYS OA 54 -14.43 -62.36 -50.25
C CYS OA 54 -13.59 -61.56 -51.25
N SER OA 55 -13.37 -60.28 -50.96
CA SER OA 55 -12.59 -59.41 -51.84
C SER OA 55 -11.38 -58.82 -51.13
N GLY OA 56 -10.42 -58.30 -51.89
CA GLY OA 56 -9.28 -57.60 -51.32
C GLY OA 56 -7.94 -58.22 -51.64
N PHE OA 57 -7.20 -58.61 -50.60
CA PHE OA 57 -5.90 -59.24 -50.77
C PHE OA 57 -6.06 -60.75 -50.95
N HIS OA 58 -5.66 -61.23 -52.12
CA HIS OA 58 -5.95 -62.60 -52.53
C HIS OA 58 -5.38 -63.68 -51.61
N GLY OA 59 -4.21 -63.41 -51.02
CA GLY OA 59 -3.58 -64.35 -50.11
C GLY OA 59 -4.49 -64.62 -48.92
N ASP OA 60 -4.98 -63.53 -48.32
CA ASP OA 60 -5.86 -63.61 -47.17
C ASP OA 60 -7.23 -64.17 -47.55
N CYS OA 61 -7.64 -63.92 -48.78
CA CYS OA 61 -8.89 -64.48 -49.29
C CYS OA 61 -8.82 -66.00 -49.33
N LEU OA 62 -7.79 -66.52 -49.99
CA LEU OA 62 -7.57 -67.95 -50.08
C LEU OA 62 -7.46 -68.57 -48.70
N THR OA 63 -6.57 -68.01 -47.88
CA THR OA 63 -6.34 -68.53 -46.54
C THR OA 63 -7.64 -68.59 -45.73
N LEU OA 64 -8.34 -67.45 -45.66
CA LEU OA 64 -9.56 -67.36 -44.89
C LEU OA 64 -10.62 -68.33 -45.40
N THR OA 65 -10.67 -68.49 -46.72
CA THR OA 65 -11.58 -69.46 -47.33
C THR OA 65 -11.32 -70.87 -46.82
N LYS OA 66 -10.07 -71.33 -46.98
CA LYS OA 66 -9.70 -72.68 -46.54
C LYS OA 66 -9.94 -72.89 -45.04
N ILE OA 67 -9.66 -71.85 -44.25
CA ILE OA 67 -9.94 -71.89 -42.82
C ILE OA 67 -11.42 -72.11 -42.55
N ILE OA 68 -12.26 -71.32 -43.22
CA ILE OA 68 -13.70 -71.43 -43.06
C ILE OA 68 -14.19 -72.83 -43.44
N GLU OA 69 -13.65 -73.39 -44.52
CA GLU OA 69 -13.98 -74.76 -44.93
C GLU OA 69 -13.67 -75.75 -43.81
N ALA OA 70 -12.42 -75.72 -43.36
CA ALA OA 70 -11.95 -76.63 -42.32
C ALA OA 70 -12.82 -76.54 -41.07
N ARG OA 71 -13.15 -75.33 -40.66
CA ARG OA 71 -13.94 -75.14 -39.46
C ARG OA 71 -15.40 -75.54 -39.63
N LEU OA 72 -15.92 -75.40 -40.85
CA LEU OA 72 -17.24 -75.94 -41.17
C LEU OA 72 -17.22 -77.44 -40.91
N LYS OA 73 -16.23 -78.12 -41.50
CA LYS OA 73 -16.08 -79.56 -41.27
C LYS OA 73 -16.01 -79.90 -39.79
N MET OA 74 -15.21 -79.14 -39.05
CA MET OA 74 -15.05 -79.35 -37.62
C MET OA 74 -16.38 -79.27 -36.87
N TYR OA 75 -17.18 -78.26 -37.16
CA TYR OA 75 -18.46 -78.04 -36.51
C TYR OA 75 -19.37 -79.17 -36.81
N LYS OA 76 -19.32 -79.63 -38.04
CA LYS OA 76 -20.11 -80.76 -38.43
C LYS OA 76 -19.75 -81.89 -37.52
N HIS OA 77 -18.49 -82.25 -37.55
CA HIS OA 77 -18.04 -83.41 -36.79
C HIS OA 77 -18.39 -83.28 -35.31
N SER OA 78 -18.54 -82.05 -34.84
CA SER OA 78 -18.73 -81.80 -33.42
C SER OA 78 -20.19 -81.80 -32.98
N ASN OA 79 -21.09 -81.37 -33.87
CA ASN OA 79 -22.50 -81.24 -33.50
C ASN OA 79 -23.46 -82.04 -34.38
N ASN OA 80 -22.91 -82.80 -35.32
CA ASN OA 80 -23.70 -83.63 -36.23
C ASN OA 80 -24.75 -82.86 -37.02
N LYS OA 81 -24.51 -81.56 -37.21
CA LYS OA 81 -25.39 -80.71 -38.01
C LYS OA 81 -24.53 -79.74 -38.81
N ALA OA 82 -25.09 -79.17 -39.88
CA ALA OA 82 -24.37 -78.19 -40.66
C ALA OA 82 -24.50 -76.83 -40.00
N MET OA 83 -23.55 -75.95 -40.27
CA MET OA 83 -23.57 -74.61 -39.70
C MET OA 83 -24.68 -73.77 -40.34
N THR OA 84 -25.56 -73.24 -39.49
CA THR OA 84 -26.57 -72.29 -39.94
C THR OA 84 -25.85 -71.03 -40.42
N THR OA 85 -26.51 -70.25 -41.28
CA THR OA 85 -25.90 -69.06 -41.86
C THR OA 85 -25.41 -68.04 -40.81
N GLY OA 86 -26.28 -67.69 -39.88
CA GLY OA 86 -25.94 -66.75 -38.83
C GLY OA 86 -24.79 -67.24 -37.98
N ALA OA 87 -24.74 -68.54 -37.77
CA ALA OA 87 -23.64 -69.16 -37.03
C ALA OA 87 -22.33 -68.97 -37.77
N ILE OA 88 -22.34 -69.17 -39.09
CA ILE OA 88 -21.16 -68.93 -39.92
C ILE OA 88 -20.75 -67.46 -39.83
N ALA OA 89 -21.74 -66.57 -39.75
CA ALA OA 89 -21.45 -65.15 -39.61
C ALA OA 89 -20.73 -64.85 -38.30
N ALA OA 90 -21.25 -65.37 -37.20
CA ALA OA 90 -20.63 -65.17 -35.89
C ALA OA 90 -19.21 -65.76 -35.84
N MET OA 91 -19.08 -66.99 -36.34
CA MET OA 91 -17.79 -67.66 -36.41
C MET OA 91 -16.80 -66.82 -37.19
N LEU OA 92 -17.24 -66.33 -38.35
CA LEU OA 92 -16.40 -65.48 -39.20
C LEU OA 92 -15.98 -64.23 -38.44
N SER OA 93 -16.89 -63.68 -37.64
CA SER OA 93 -16.55 -62.52 -36.83
C SER OA 93 -15.40 -62.83 -35.90
N THR OA 94 -15.51 -63.93 -35.16
CA THR OA 94 -14.46 -64.31 -34.22
C THR OA 94 -13.13 -64.56 -34.94
N ILE OA 95 -13.20 -65.27 -36.07
CA ILE OA 95 -12.01 -65.58 -36.85
C ILE OA 95 -11.31 -64.32 -37.35
N LEU OA 96 -12.11 -63.36 -37.81
CA LEU OA 96 -11.56 -62.10 -38.29
C LEU OA 96 -10.94 -61.30 -37.15
N TYR OA 97 -11.59 -61.30 -35.99
CA TYR OA 97 -11.07 -60.55 -34.86
C TYR OA 97 -9.85 -61.22 -34.24
N SER OA 98 -9.66 -62.51 -34.52
CA SER OA 98 -8.53 -63.24 -33.99
C SER OA 98 -7.21 -62.68 -34.51
N ARG OA 99 -7.29 -61.94 -35.61
CA ARG OA 99 -6.12 -61.28 -36.18
C ARG OA 99 -6.24 -59.76 -36.04
N ARG OA 100 -6.89 -59.33 -34.97
CA ARG OA 100 -7.11 -57.90 -34.71
C ARG OA 100 -5.85 -57.05 -34.85
N PHE OA 101 -4.69 -57.64 -34.58
CA PHE OA 101 -3.43 -56.91 -34.67
C PHE OA 101 -2.54 -57.37 -35.82
N PHE OA 102 -3.14 -58.06 -36.78
CA PHE OA 102 -2.51 -58.40 -38.06
C PHE OA 102 -3.64 -58.88 -38.95
N PRO OA 103 -4.52 -57.96 -39.36
CA PRO OA 103 -5.82 -58.31 -39.96
C PRO OA 103 -5.71 -59.00 -41.31
N TYR OA 104 -6.72 -59.79 -41.64
CA TYR OA 104 -6.91 -60.24 -43.01
C TYR OA 104 -7.41 -59.05 -43.80
N TYR OA 105 -6.70 -58.69 -44.87
CA TYR OA 105 -7.15 -57.61 -45.74
C TYR OA 105 -8.26 -58.15 -46.64
N VAL OA 106 -9.42 -58.40 -46.05
CA VAL OA 106 -10.52 -59.03 -46.76
C VAL OA 106 -11.87 -58.41 -46.42
N TYR OA 107 -12.61 -58.01 -47.45
CA TYR OA 107 -13.99 -57.58 -47.28
C TYR OA 107 -14.91 -58.78 -47.55
N ASN OA 108 -15.75 -59.09 -46.56
CA ASN OA 108 -16.57 -60.30 -46.59
C ASN OA 108 -18.06 -60.01 -46.55
N ILE OA 109 -18.80 -60.59 -47.48
CA ILE OA 109 -20.25 -60.53 -47.43
C ILE OA 109 -20.82 -61.93 -47.54
N ILE OA 110 -21.61 -62.34 -46.55
CA ILE OA 110 -22.23 -63.65 -46.53
C ILE OA 110 -23.69 -63.58 -46.98
N GLY OA 111 -24.05 -64.39 -47.97
CA GLY OA 111 -25.43 -64.43 -48.42
C GLY OA 111 -26.03 -65.83 -48.31
N GLY OA 112 -27.25 -65.93 -47.80
CA GLY OA 112 -27.90 -67.23 -47.75
C GLY OA 112 -29.32 -67.24 -47.22
N LEU OA 113 -29.72 -68.39 -46.69
CA LEU OA 113 -31.06 -68.55 -46.12
C LEU OA 113 -30.97 -68.85 -44.63
N ASP OA 114 -31.83 -68.21 -43.85
CA ASP OA 114 -31.89 -68.49 -42.42
C ASP OA 114 -32.65 -69.79 -42.11
N GLU OA 115 -33.01 -69.99 -40.85
CA GLU OA 115 -33.68 -71.22 -40.45
C GLU OA 115 -35.18 -71.22 -40.73
N GLU OA 116 -35.69 -70.09 -41.18
CA GLU OA 116 -37.08 -69.96 -41.55
C GLU OA 116 -37.23 -69.96 -43.07
N GLY OA 117 -36.13 -70.21 -43.77
CA GLY OA 117 -36.13 -70.25 -45.22
C GLY OA 117 -35.95 -68.91 -45.89
N LYS OA 118 -36.13 -67.83 -45.14
CA LYS OA 118 -36.00 -66.48 -45.67
C LYS OA 118 -34.55 -66.14 -46.03
N GLY OA 119 -34.38 -65.14 -46.88
CA GLY OA 119 -33.06 -64.70 -47.28
C GLY OA 119 -32.39 -63.82 -46.22
N ALA OA 120 -31.06 -63.79 -46.23
CA ALA OA 120 -30.31 -62.97 -45.29
C ALA OA 120 -28.91 -62.62 -45.81
N VAL OA 121 -28.53 -61.37 -45.63
CA VAL OA 121 -27.17 -60.94 -45.92
C VAL OA 121 -26.46 -60.58 -44.61
N TYR OA 122 -25.16 -60.80 -44.55
CA TYR OA 122 -24.33 -60.36 -43.42
C TYR OA 122 -23.09 -59.67 -43.97
N SER OA 123 -22.96 -58.38 -43.69
CA SER OA 123 -21.80 -57.63 -44.16
C SER OA 123 -20.75 -57.53 -43.06
N PHE OA 124 -19.49 -57.69 -43.45
CA PHE OA 124 -18.35 -57.70 -42.53
C PHE OA 124 -17.34 -56.59 -42.83
N ASP OA 125 -16.55 -56.24 -41.82
CA ASP OA 125 -15.37 -55.39 -42.01
C ASP OA 125 -14.14 -56.27 -41.74
N PRO OA 126 -12.95 -55.83 -42.15
CA PRO OA 126 -11.78 -56.73 -42.09
C PRO OA 126 -11.44 -57.31 -40.71
N VAL OA 127 -12.01 -56.76 -39.64
CA VAL OA 127 -11.65 -57.22 -38.30
C VAL OA 127 -12.81 -57.82 -37.50
N GLY OA 128 -13.91 -58.15 -38.18
CA GLY OA 128 -14.97 -58.92 -37.55
C GLY OA 128 -16.29 -58.22 -37.29
N SER OA 129 -16.34 -56.90 -37.47
CA SER OA 129 -17.57 -56.17 -37.26
C SER OA 129 -18.57 -56.51 -38.36
N TYR OA 130 -19.68 -57.12 -37.97
CA TYR OA 130 -20.68 -57.52 -38.97
C TYR OA 130 -22.10 -57.14 -38.59
N GLN OA 131 -22.96 -57.06 -39.59
CA GLN OA 131 -24.39 -56.84 -39.35
C GLN OA 131 -25.25 -57.47 -40.42
N ARG OA 132 -26.51 -57.72 -40.08
CA ARG OA 132 -27.44 -58.31 -41.03
C ARG OA 132 -28.09 -57.24 -41.93
N ASP OA 133 -28.11 -57.52 -43.22
CA ASP OA 133 -28.66 -56.60 -44.20
C ASP OA 133 -29.57 -57.30 -45.22
N SER OA 134 -30.40 -56.49 -45.87
CA SER OA 134 -31.24 -56.93 -46.98
C SER OA 134 -30.40 -56.93 -48.24
N PHE OA 135 -29.49 -55.96 -48.31
CA PHE OA 135 -28.59 -55.82 -49.45
C PHE OA 135 -27.36 -55.03 -49.06
N LYS OA 136 -26.20 -55.49 -49.53
CA LYS OA 136 -24.96 -54.76 -49.28
C LYS OA 136 -23.91 -55.02 -50.35
N ALA OA 137 -23.09 -54.00 -50.61
CA ALA OA 137 -21.97 -54.11 -51.52
C ALA OA 137 -20.65 -53.94 -50.77
N GLY OA 138 -19.58 -54.46 -51.35
CA GLY OA 138 -18.26 -54.36 -50.78
C GLY OA 138 -17.23 -54.46 -51.88
N GLY OA 139 -15.96 -54.24 -51.55
CA GLY OA 139 -14.90 -54.29 -52.55
C GLY OA 139 -14.71 -52.94 -53.19
N SER OA 140 -13.92 -52.91 -54.26
CA SER OA 140 -13.49 -51.65 -54.88
C SER OA 140 -14.63 -50.75 -55.34
N ALA OA 141 -15.60 -51.32 -56.06
CA ALA OA 141 -16.68 -50.52 -56.63
C ALA OA 141 -17.89 -50.37 -55.70
N SER OA 142 -17.69 -50.71 -54.43
CA SER OA 142 -18.76 -50.66 -53.42
C SER OA 142 -19.54 -49.34 -53.40
N ALA OA 143 -18.82 -48.22 -53.43
CA ALA OA 143 -19.43 -46.90 -53.37
C ALA OA 143 -20.23 -46.58 -54.64
N MET OA 144 -19.98 -47.33 -55.70
CA MET OA 144 -20.73 -47.15 -56.94
C MET OA 144 -22.01 -47.99 -56.93
N LEU OA 145 -21.94 -49.15 -56.28
CA LEU OA 145 -23.07 -50.06 -56.23
C LEU OA 145 -24.11 -49.64 -55.19
N GLN OA 146 -23.65 -49.32 -53.99
CA GLN OA 146 -24.56 -49.00 -52.88
C GLN OA 146 -25.67 -47.96 -53.11
N PRO OA 147 -25.36 -46.79 -53.68
CA PRO OA 147 -26.38 -45.74 -53.76
C PRO OA 147 -27.60 -46.13 -54.60
N LEU OA 148 -27.41 -46.90 -55.67
CA LEU OA 148 -28.53 -47.28 -56.52
C LEU OA 148 -29.46 -48.25 -55.79
N LEU OA 149 -28.87 -49.21 -55.08
CA LEU OA 149 -29.64 -50.18 -54.33
C LEU OA 149 -30.38 -49.52 -53.16
N ASP OA 150 -29.80 -48.47 -52.61
CA ASP OA 150 -30.48 -47.68 -51.59
C ASP OA 150 -31.74 -47.06 -52.17
N ASN OA 151 -31.66 -46.66 -53.43
CA ASN OA 151 -32.77 -46.03 -54.13
C ASN OA 151 -33.78 -47.07 -54.61
N GLN OA 152 -33.30 -48.11 -55.28
CA GLN OA 152 -34.18 -49.04 -55.98
C GLN OA 152 -34.74 -50.17 -55.10
N VAL OA 153 -33.95 -50.61 -54.13
CA VAL OA 153 -34.39 -51.70 -53.25
C VAL OA 153 -34.92 -51.15 -51.92
N GLY OA 154 -34.31 -50.07 -51.45
CA GLY OA 154 -34.72 -49.45 -50.21
C GLY OA 154 -35.78 -48.39 -50.42
N PHE OA 155 -36.02 -48.04 -51.68
CA PHE OA 155 -37.02 -47.03 -52.05
C PHE OA 155 -36.76 -45.69 -51.38
N LYS OA 156 -35.49 -45.38 -51.15
CA LYS OA 156 -35.12 -44.14 -50.46
C LYS OA 156 -35.16 -42.92 -51.37
N ASN OA 157 -35.55 -41.80 -50.80
CA ASN OA 157 -35.65 -40.53 -51.50
C ASN OA 157 -36.70 -40.53 -52.62
N MET OA 158 -37.63 -41.47 -52.54
CA MET OA 158 -38.71 -41.56 -53.52
C MET OA 158 -40.07 -41.27 -52.89
N GLN OA 159 -40.75 -40.24 -53.39
CA GLN OA 159 -42.05 -39.83 -52.89
C GLN OA 159 -43.16 -40.63 -53.56
N ASN OA 160 -44.20 -40.93 -52.78
CA ASN OA 160 -45.37 -41.70 -53.26
C ASN OA 160 -45.08 -42.89 -54.18
N VAL OA 161 -44.09 -43.69 -53.80
CA VAL OA 161 -43.79 -44.91 -54.53
C VAL OA 161 -44.26 -46.12 -53.71
N GLU OA 162 -44.54 -47.23 -54.41
CA GLU OA 162 -45.05 -48.43 -53.75
C GLU OA 162 -43.91 -49.31 -53.24
N HIS OA 163 -44.13 -49.94 -52.09
CA HIS OA 163 -43.11 -50.79 -51.49
C HIS OA 163 -43.28 -52.25 -51.85
N VAL OA 164 -43.21 -52.54 -53.15
CA VAL OA 164 -43.31 -53.91 -53.65
C VAL OA 164 -42.02 -54.68 -53.39
N PRO OA 165 -42.12 -55.86 -52.74
CA PRO OA 165 -40.97 -56.68 -52.38
C PRO OA 165 -40.16 -57.10 -53.60
N LEU OA 166 -38.84 -57.20 -53.43
CA LEU OA 166 -37.95 -57.53 -54.54
C LEU OA 166 -38.12 -58.98 -54.98
N SER OA 167 -38.45 -59.17 -56.26
CA SER OA 167 -38.53 -60.51 -56.82
C SER OA 167 -37.14 -60.93 -57.28
N LEU OA 168 -36.97 -62.23 -57.48
CA LEU OA 168 -35.69 -62.77 -57.92
C LEU OA 168 -35.25 -62.19 -59.26
N ASP OA 169 -36.20 -62.02 -60.17
CA ASP OA 169 -35.91 -61.53 -61.52
C ASP OA 169 -35.36 -60.10 -61.49
N ARG OA 170 -36.12 -59.21 -60.85
CA ARG OA 170 -35.74 -57.80 -60.73
C ARG OA 170 -34.40 -57.65 -60.01
N ALA OA 171 -34.20 -58.45 -58.96
CA ALA OA 171 -32.94 -58.45 -58.24
C ALA OA 171 -31.79 -58.84 -59.17
N MET OA 172 -31.99 -59.89 -59.94
CA MET OA 172 -30.98 -60.35 -60.90
C MET OA 172 -30.60 -59.25 -61.89
N ARG OA 173 -31.60 -58.64 -62.51
CA ARG OA 173 -31.32 -57.58 -63.47
C ARG OA 173 -30.66 -56.37 -62.80
N LEU OA 174 -30.99 -56.13 -61.54
CA LEU OA 174 -30.38 -55.05 -60.78
C LEU OA 174 -28.90 -55.30 -60.57
N VAL OA 175 -28.57 -56.53 -60.19
CA VAL OA 175 -27.18 -56.95 -60.03
C VAL OA 175 -26.40 -56.76 -61.33
N LYS OA 176 -26.94 -57.31 -62.42
CA LYS OA 176 -26.29 -57.18 -63.71
C LYS OA 176 -26.09 -55.71 -64.08
N ASP OA 177 -27.08 -54.88 -63.76
CA ASP OA 177 -27.01 -53.46 -64.09
C ASP OA 177 -25.94 -52.72 -63.30
N VAL OA 178 -25.93 -52.88 -61.98
CA VAL OA 178 -24.94 -52.20 -61.15
C VAL OA 178 -23.52 -52.66 -61.48
N PHE OA 179 -23.36 -53.95 -61.79
CA PHE OA 179 -22.03 -54.43 -62.18
C PHE OA 179 -21.60 -53.88 -63.54
N ILE OA 180 -22.52 -53.83 -64.49
CA ILE OA 180 -22.23 -53.25 -65.81
C ILE OA 180 -21.84 -51.77 -65.69
N SER OA 181 -22.53 -51.04 -64.82
CA SER OA 181 -22.21 -49.64 -64.58
C SER OA 181 -20.87 -49.48 -63.88
N ALA OA 182 -20.59 -50.37 -62.92
CA ALA OA 182 -19.33 -50.31 -62.19
C ALA OA 182 -18.15 -50.59 -63.09
N ALA OA 183 -18.34 -51.48 -64.07
CA ALA OA 183 -17.27 -51.82 -65.00
C ALA OA 183 -16.85 -50.61 -65.84
N GLU OA 184 -17.72 -49.62 -65.91
CA GLU OA 184 -17.45 -48.40 -66.66
C GLU OA 184 -16.48 -47.47 -65.94
N ARG OA 185 -16.59 -47.43 -64.61
CA ARG OA 185 -15.86 -46.45 -63.83
C ARG OA 185 -14.72 -47.05 -62.99
N ASP OA 186 -14.99 -48.18 -62.34
CA ASP OA 186 -13.96 -48.88 -61.59
C ASP OA 186 -13.03 -49.63 -62.54
N VAL OA 187 -11.73 -49.43 -62.39
CA VAL OA 187 -10.74 -50.08 -63.24
C VAL OA 187 -10.42 -51.48 -62.73
N TYR OA 188 -10.84 -51.77 -61.51
CA TYR OA 188 -10.60 -53.08 -60.91
C TYR OA 188 -11.75 -54.04 -61.18
N THR OA 189 -12.84 -53.50 -61.70
CA THR OA 189 -14.04 -54.29 -61.99
C THR OA 189 -14.20 -54.49 -63.49
N GLY OA 190 -14.34 -55.75 -63.90
CA GLY OA 190 -14.51 -56.06 -65.31
C GLY OA 190 -14.45 -57.54 -65.64
N ASP OA 191 -14.21 -57.82 -66.92
CA ASP OA 191 -14.11 -59.19 -67.44
C ASP OA 191 -15.41 -59.99 -67.40
N ALA OA 192 -15.81 -60.45 -66.22
CA ALA OA 192 -17.03 -61.24 -66.10
C ALA OA 192 -17.71 -61.08 -64.74
N LEU OA 193 -19.01 -61.31 -64.71
CA LEU OA 193 -19.78 -61.25 -63.47
C LEU OA 193 -20.38 -62.61 -63.17
N ARG OA 194 -19.96 -63.20 -62.05
CA ARG OA 194 -20.58 -64.43 -61.60
C ARG OA 194 -21.63 -64.17 -60.54
N ILE OA 195 -22.80 -64.76 -60.74
CA ILE OA 195 -23.92 -64.60 -59.83
C ILE OA 195 -24.31 -65.95 -59.23
N CYS OA 196 -24.51 -65.98 -57.92
CA CYS OA 196 -24.90 -67.20 -57.23
C CYS OA 196 -26.25 -67.02 -56.55
N ILE OA 197 -27.26 -67.77 -56.98
CA ILE OA 197 -28.60 -67.62 -56.39
C ILE OA 197 -28.84 -68.82 -55.48
N VAL OA 198 -29.35 -68.51 -54.30
CA VAL OA 198 -29.57 -69.50 -53.26
C VAL OA 198 -31.03 -69.54 -52.87
N THR OA 199 -31.66 -70.68 -53.16
CA THR OA 199 -33.06 -70.91 -52.81
C THR OA 199 -33.18 -72.24 -52.12
N LYS OA 200 -34.42 -72.64 -51.81
CA LYS OA 200 -34.66 -73.94 -51.19
C LYS OA 200 -34.17 -75.08 -52.09
N GLU OA 201 -34.21 -74.86 -53.40
CA GLU OA 201 -33.76 -75.84 -54.37
C GLU OA 201 -32.24 -76.05 -54.29
N GLY OA 202 -31.52 -74.97 -54.00
CA GLY OA 202 -30.07 -75.06 -53.90
C GLY OA 202 -29.36 -73.82 -54.41
N ILE OA 203 -28.24 -74.04 -55.10
CA ILE OA 203 -27.39 -72.94 -55.56
C ILE OA 203 -27.16 -72.97 -57.07
N ARG OA 204 -27.68 -71.97 -57.77
CA ARG OA 204 -27.47 -71.86 -59.22
C ARG OA 204 -26.25 -70.95 -59.44
N GLU OA 205 -25.54 -71.16 -60.53
CA GLU OA 205 -24.44 -70.27 -60.92
C GLU OA 205 -24.63 -69.73 -62.34
N GLU OA 206 -24.75 -68.41 -62.44
CA GLU OA 206 -24.87 -67.76 -63.74
C GLU OA 206 -23.63 -66.90 -64.01
N THR OA 207 -23.33 -66.66 -65.28
CA THR OA 207 -22.13 -65.89 -65.65
C THR OA 207 -22.37 -64.90 -66.78
N VAL OA 208 -22.58 -63.63 -66.42
CA VAL OA 208 -22.71 -62.55 -67.39
C VAL OA 208 -21.31 -62.07 -67.78
N SER OA 209 -21.21 -61.35 -68.89
CA SER OA 209 -19.92 -60.85 -69.36
C SER OA 209 -19.78 -59.34 -69.20
N LEU OA 210 -18.59 -58.91 -68.77
CA LEU OA 210 -18.29 -57.49 -68.61
C LEU OA 210 -17.15 -57.11 -69.55
N ARG OA 211 -16.94 -55.82 -69.75
CA ARG OA 211 -15.91 -55.37 -70.70
C ARG OA 211 -14.51 -55.71 -70.20
N LYS OA 212 -13.56 -55.79 -71.13
CA LYS OA 212 -12.23 -56.32 -70.83
C LYS OA 212 -11.15 -55.25 -70.70
N ASP OA 213 -11.55 -53.98 -70.68
CA ASP OA 213 -10.56 -52.90 -70.57
C ASP OA 213 -10.31 -52.50 -69.11
N THR PA 1 13.87 -63.74 -45.82
CA THR PA 1 14.67 -62.80 -46.59
C THR PA 1 14.02 -61.42 -46.62
N GLN PA 2 14.75 -60.42 -46.14
CA GLN PA 2 14.26 -59.05 -46.13
C GLN PA 2 14.87 -58.25 -47.27
N ASN PA 3 16.08 -58.64 -47.68
CA ASN PA 3 16.77 -58.00 -48.79
C ASN PA 3 17.34 -59.03 -49.76
N PRO PA 4 16.66 -59.23 -50.89
CA PRO PA 4 17.10 -60.20 -51.90
C PRO PA 4 18.48 -59.85 -52.46
N MET PA 5 19.30 -60.87 -52.73
CA MET PA 5 20.64 -60.66 -53.24
C MET PA 5 20.75 -61.11 -54.70
N VAL PA 6 21.29 -62.29 -54.93
CA VAL PA 6 21.37 -62.83 -56.29
C VAL PA 6 19.98 -63.26 -56.75
N THR PA 7 19.51 -62.66 -57.83
CA THR PA 7 18.15 -62.91 -58.30
C THR PA 7 18.08 -63.31 -59.77
N GLY PA 8 16.96 -63.94 -60.13
CA GLY PA 8 16.66 -64.25 -61.52
C GLY PA 8 15.42 -63.48 -61.93
N THR PA 9 15.28 -63.20 -63.22
CA THR PA 9 14.16 -62.37 -63.68
C THR PA 9 12.94 -63.20 -64.11
N SER PA 10 12.35 -62.84 -65.25
CA SER PA 10 11.08 -63.40 -65.69
C SER PA 10 11.05 -64.92 -65.83
N VAL PA 11 9.86 -65.49 -65.61
CA VAL PA 11 9.60 -66.90 -65.88
C VAL PA 11 8.29 -67.03 -66.64
N LEU PA 12 8.32 -67.73 -67.77
CA LEU PA 12 7.14 -67.87 -68.62
C LEU PA 12 6.53 -69.25 -68.54
N GLY PA 13 5.22 -69.32 -68.76
CA GLY PA 13 4.52 -70.59 -68.80
C GLY PA 13 3.31 -70.52 -69.71
N VAL PA 14 3.00 -71.62 -70.38
CA VAL PA 14 1.81 -71.69 -71.22
C VAL PA 14 1.39 -73.14 -71.49
N LYS PA 15 0.08 -73.37 -71.41
CA LYS PA 15 -0.49 -74.69 -71.67
C LYS PA 15 -0.57 -74.97 -73.17
N PHE PA 16 -0.46 -76.24 -73.53
CA PHE PA 16 -0.73 -76.66 -74.90
C PHE PA 16 -1.44 -78.02 -74.92
N GLU PA 17 -1.79 -78.49 -76.12
CA GLU PA 17 -2.47 -79.77 -76.27
C GLU PA 17 -1.66 -80.92 -75.71
N GLY PA 18 -2.05 -81.40 -74.54
CA GLY PA 18 -1.41 -82.54 -73.91
C GLY PA 18 -0.10 -82.20 -73.23
N GLY PA 19 -0.01 -81.00 -72.67
CA GLY PA 19 1.19 -80.62 -71.96
C GLY PA 19 1.33 -79.16 -71.60
N VAL PA 20 2.42 -78.82 -70.91
CA VAL PA 20 2.69 -77.45 -70.50
C VAL PA 20 4.16 -77.10 -70.71
N VAL PA 21 4.42 -75.88 -71.20
CA VAL PA 21 5.81 -75.45 -71.42
C VAL PA 21 6.17 -74.22 -70.59
N ILE PA 22 7.41 -74.21 -70.08
CA ILE PA 22 7.90 -73.14 -69.21
C ILE PA 22 9.29 -72.68 -69.65
N ALA PA 23 9.55 -71.39 -69.59
CA ALA PA 23 10.86 -70.87 -69.96
C ALA PA 23 11.47 -69.95 -68.90
N ALA PA 24 12.79 -69.95 -68.81
CA ALA PA 24 13.49 -69.04 -67.89
C ALA PA 24 14.98 -68.94 -68.22
N ASP PA 25 15.52 -67.73 -68.23
CA ASP PA 25 16.95 -67.56 -68.52
C ASP PA 25 17.84 -68.11 -67.41
N MET PA 26 19.10 -68.34 -67.73
CA MET PA 26 20.02 -68.96 -66.78
C MET PA 26 20.90 -67.94 -66.08
N LEU PA 27 20.32 -66.79 -65.75
CA LEU PA 27 21.08 -65.70 -65.17
C LEU PA 27 20.75 -65.44 -63.70
N GLY PA 28 21.79 -65.33 -62.89
CA GLY PA 28 21.67 -64.86 -61.51
C GLY PA 28 22.37 -63.51 -61.43
N SER PA 29 21.59 -62.48 -61.15
CA SER PA 29 22.10 -61.11 -61.15
C SER PA 29 22.33 -60.59 -59.73
N TYR PA 30 23.49 -59.97 -59.54
CA TYR PA 30 23.82 -59.33 -58.27
C TYR PA 30 23.62 -57.83 -58.45
N GLY PA 31 22.36 -57.39 -58.40
CA GLY PA 31 22.03 -56.02 -58.69
C GLY PA 31 21.95 -55.81 -60.20
N SER PA 32 22.83 -54.97 -60.73
CA SER PA 32 22.88 -54.75 -62.17
C SER PA 32 23.95 -55.65 -62.78
N LEU PA 33 24.63 -56.41 -61.94
CA LEU PA 33 25.71 -57.27 -62.39
C LEU PA 33 25.22 -58.65 -62.78
N ALA PA 34 25.49 -59.04 -64.02
CA ALA PA 34 25.21 -60.40 -64.47
C ALA PA 34 26.27 -61.33 -63.89
N ARG PA 35 26.10 -61.74 -62.64
CA ARG PA 35 27.15 -62.45 -61.92
C ARG PA 35 27.27 -63.93 -62.28
N PHE PA 36 26.17 -64.66 -62.20
CA PHE PA 36 26.21 -66.10 -62.47
C PHE PA 36 25.41 -66.45 -63.73
N ARG PA 37 26.10 -66.51 -64.86
CA ARG PA 37 25.43 -66.65 -66.15
C ARG PA 37 25.20 -68.09 -66.57
N ASN PA 38 25.20 -69.02 -65.61
CA ASN PA 38 24.96 -70.42 -65.93
C ASN PA 38 24.32 -71.19 -64.80
N ILE PA 39 23.08 -70.82 -64.46
CA ILE PA 39 22.36 -71.48 -63.38
C ILE PA 39 20.94 -71.86 -63.81
N SER PA 40 20.48 -73.03 -63.36
CA SER PA 40 19.14 -73.47 -63.72
C SER PA 40 18.11 -72.94 -62.72
N ARG PA 41 17.11 -72.24 -63.24
CA ARG PA 41 16.04 -71.71 -62.40
C ARG PA 41 14.76 -72.52 -62.64
N ILE PA 42 14.94 -73.75 -63.10
CA ILE PA 42 13.83 -74.65 -63.34
C ILE PA 42 14.10 -76.01 -62.69
N MET PA 43 13.13 -76.49 -61.92
CA MET PA 43 13.26 -77.74 -61.19
C MET PA 43 12.22 -78.77 -61.63
N ARG PA 44 12.65 -80.02 -61.72
CA ARG PA 44 11.72 -81.12 -61.98
C ARG PA 44 11.18 -81.69 -60.68
N VAL PA 45 9.96 -81.29 -60.32
CA VAL PA 45 9.27 -81.87 -59.17
C VAL PA 45 8.50 -83.08 -59.65
N ASN PA 46 8.99 -84.27 -59.30
CA ASN PA 46 8.48 -85.55 -59.84
C ASN PA 46 8.24 -85.58 -61.36
N ASN PA 47 7.43 -86.53 -61.83
CA ASN PA 47 7.22 -86.72 -63.26
C ASN PA 47 6.01 -86.00 -63.84
N SER PA 48 5.13 -85.50 -62.98
CA SER PA 48 3.90 -84.86 -63.44
C SER PA 48 3.94 -83.34 -63.31
N THR PA 49 4.91 -82.82 -62.56
CA THR PA 49 5.01 -81.37 -62.39
C THR PA 49 6.43 -80.82 -62.52
N MET PA 50 6.54 -79.50 -62.54
CA MET PA 50 7.80 -78.81 -62.71
C MET PA 50 7.66 -77.36 -62.27
N LEU PA 51 8.77 -76.72 -61.91
CA LEU PA 51 8.73 -75.40 -61.30
C LEU PA 51 9.76 -74.44 -61.86
N GLY PA 52 9.31 -73.23 -62.17
CA GLY PA 52 10.21 -72.14 -62.53
C GLY PA 52 10.11 -71.04 -61.48
N ALA PA 53 11.22 -70.37 -61.21
CA ALA PA 53 11.25 -69.40 -60.12
C ALA PA 53 11.94 -68.07 -60.46
N SER PA 54 11.30 -66.98 -60.06
CA SER PA 54 11.86 -65.65 -60.15
C SER PA 54 12.19 -65.17 -58.75
N GLY PA 55 13.17 -64.27 -58.64
CA GLY PA 55 13.52 -63.70 -57.36
C GLY PA 55 14.82 -64.25 -56.80
N ASP PA 56 14.95 -64.23 -55.47
CA ASP PA 56 16.19 -64.62 -54.81
C ASP PA 56 16.52 -66.09 -55.04
N TYR PA 57 17.68 -66.34 -55.65
CA TYR PA 57 18.07 -67.68 -56.05
C TYR PA 57 18.34 -68.61 -54.87
N ALA PA 58 18.80 -68.06 -53.76
CA ALA PA 58 19.09 -68.86 -52.57
C ALA PA 58 17.81 -69.46 -52.00
N ASP PA 59 16.78 -68.64 -51.87
CA ASP PA 59 15.48 -69.10 -51.39
C ASP PA 59 14.91 -70.14 -52.33
N PHE PA 60 15.15 -69.97 -53.63
CA PHE PA 60 14.75 -70.96 -54.62
C PHE PA 60 15.48 -72.27 -54.39
N GLN PA 61 16.76 -72.20 -54.03
CA GLN PA 61 17.53 -73.40 -53.73
C GLN PA 61 16.97 -74.10 -52.49
N TYR PA 62 16.53 -73.30 -51.53
CA TYR PA 62 15.91 -73.83 -50.33
C TYR PA 62 14.63 -74.59 -50.67
N LEU PA 63 13.75 -73.95 -51.42
CA LEU PA 63 12.49 -74.58 -51.86
C LEU PA 63 12.76 -75.83 -52.69
N LYS PA 64 13.85 -75.80 -53.45
CA LYS PA 64 14.26 -76.92 -54.26
C LYS PA 64 14.64 -78.11 -53.38
N GLN PA 65 15.41 -77.81 -52.34
CA GLN PA 65 15.80 -78.82 -51.35
C GLN PA 65 14.58 -79.44 -50.68
N VAL PA 66 13.72 -78.57 -50.15
CA VAL PA 66 12.51 -79.00 -49.45
C VAL PA 66 11.57 -79.84 -50.33
N LEU PA 67 11.26 -79.33 -51.51
CA LEU PA 67 10.40 -80.04 -52.45
C LEU PA 67 10.98 -81.38 -52.85
N GLY PA 68 12.29 -81.39 -53.13
CA GLY PA 68 12.98 -82.63 -53.46
C GLY PA 68 12.82 -83.64 -52.35
N GLN PA 69 12.99 -83.19 -51.12
CA GLN PA 69 12.83 -84.07 -49.96
C GLN PA 69 11.41 -84.60 -49.83
N MET PA 70 10.42 -83.74 -50.08
CA MET PA 70 9.02 -84.15 -50.01
C MET PA 70 8.73 -85.24 -51.04
N VAL PA 71 9.22 -85.04 -52.26
CA VAL PA 71 9.01 -85.99 -53.34
C VAL PA 71 9.69 -87.33 -53.02
N ILE PA 72 10.90 -87.27 -52.48
CA ILE PA 72 11.59 -88.49 -52.06
C ILE PA 72 10.80 -89.22 -50.96
N ASP PA 73 10.39 -88.47 -49.94
CA ASP PA 73 9.60 -88.99 -48.84
C ASP PA 73 8.37 -89.72 -49.33
N GLU PA 74 7.67 -89.12 -50.29
CA GLU PA 74 6.48 -89.75 -50.85
C GLU PA 74 6.84 -91.00 -51.65
N GLU PA 75 7.86 -90.89 -52.48
CA GLU PA 75 8.29 -92.00 -53.34
C GLU PA 75 8.77 -93.21 -52.54
N LEU PA 76 9.15 -93.00 -51.28
CA LEU PA 76 9.57 -94.10 -50.43
C LEU PA 76 8.43 -95.05 -50.09
N LEU PA 77 7.23 -94.50 -49.90
CA LEU PA 77 6.07 -95.30 -49.52
C LEU PA 77 5.65 -96.26 -50.63
N GLY PA 78 5.55 -95.74 -51.86
CA GLY PA 78 5.13 -96.54 -53.00
C GLY PA 78 3.73 -97.09 -52.83
N ASP PA 79 2.86 -96.31 -52.19
CA ASP PA 79 1.50 -96.74 -51.90
C ASP PA 79 0.55 -96.46 -53.07
N GLY PA 80 1.11 -96.08 -54.22
CA GLY PA 80 0.32 -95.85 -55.41
C GLY PA 80 -0.22 -94.44 -55.53
N HIS PA 81 0.09 -93.62 -54.54
CA HIS PA 81 -0.32 -92.21 -54.57
C HIS PA 81 0.88 -91.31 -54.78
N SER PA 82 0.66 -90.20 -55.50
CA SER PA 82 1.72 -89.22 -55.71
C SER PA 82 1.17 -87.81 -55.72
N TYR PA 83 2.06 -86.83 -55.56
CA TYR PA 83 1.67 -85.42 -55.56
C TYR PA 83 1.27 -84.94 -56.95
N SER PA 84 0.00 -84.55 -57.10
CA SER PA 84 -0.47 -83.94 -58.32
C SER PA 84 0.09 -82.52 -58.40
N PRO PA 85 0.20 -81.96 -59.61
CA PRO PA 85 0.65 -80.57 -59.78
C PRO PA 85 -0.18 -79.59 -58.95
N ARG PA 86 -1.49 -79.81 -58.91
CA ARG PA 86 -2.38 -78.96 -58.12
C ARG PA 86 -2.03 -79.03 -56.63
N ALA PA 87 -1.68 -80.23 -56.17
CA ALA PA 87 -1.30 -80.43 -54.77
C ALA PA 87 -0.02 -79.69 -54.42
N ILE PA 88 0.98 -79.83 -55.28
CA ILE PA 88 2.25 -79.12 -55.11
C ILE PA 88 2.02 -77.61 -55.09
N HIS PA 89 1.17 -77.14 -56.00
CA HIS PA 89 0.81 -75.73 -56.06
C HIS PA 89 0.16 -75.25 -54.77
N SER PA 90 -0.73 -76.07 -54.22
CA SER PA 90 -1.42 -75.75 -52.98
C SER PA 90 -0.45 -75.68 -51.82
N TRP PA 91 0.43 -76.66 -51.74
CA TRP PA 91 1.47 -76.69 -50.71
C TRP PA 91 2.33 -75.44 -50.79
N LEU PA 92 2.84 -75.15 -51.98
CA LEU PA 92 3.70 -73.99 -52.19
C LEU PA 92 2.99 -72.71 -51.78
N THR PA 93 1.71 -72.59 -52.13
CA THR PA 93 0.92 -71.45 -51.71
C THR PA 93 0.90 -71.33 -50.19
N ARG PA 94 0.60 -72.45 -49.53
CA ARG PA 94 0.57 -72.49 -48.07
C ARG PA 94 1.90 -72.06 -47.44
N ALA PA 95 3.00 -72.53 -48.03
CA ALA PA 95 4.34 -72.24 -47.54
C ALA PA 95 4.68 -70.77 -47.68
N MET PA 96 4.50 -70.23 -48.89
CA MET PA 96 4.80 -68.83 -49.15
C MET PA 96 3.97 -67.92 -48.25
N TYR PA 97 2.69 -68.25 -48.10
CA TYR PA 97 1.83 -67.44 -47.22
C TYR PA 97 2.29 -67.55 -45.76
N SER PA 98 2.74 -68.74 -45.37
CA SER PA 98 3.22 -68.96 -44.02
C SER PA 98 4.44 -68.09 -43.71
N ARG PA 99 5.40 -68.10 -44.63
CA ARG PA 99 6.58 -67.26 -44.50
C ARG PA 99 6.23 -65.78 -44.54
N ARG PA 100 5.27 -65.42 -45.38
CA ARG PA 100 4.79 -64.05 -45.46
C ARG PA 100 4.22 -63.59 -44.12
N SER PA 101 3.46 -64.46 -43.47
CA SER PA 101 2.80 -64.11 -42.22
C SER PA 101 3.76 -64.11 -41.05
N LYS PA 102 4.94 -64.70 -41.23
CA LYS PA 102 5.98 -64.64 -40.22
C LYS PA 102 6.86 -63.41 -40.43
N MET PA 103 6.44 -62.56 -41.37
CA MET PA 103 7.20 -61.37 -41.76
C MET PA 103 8.62 -61.74 -42.21
N ASN PA 104 8.78 -62.97 -42.68
CA ASN PA 104 10.06 -63.45 -43.20
C ASN PA 104 9.83 -64.23 -44.50
N PRO PA 105 9.54 -63.51 -45.59
CA PRO PA 105 9.14 -64.14 -46.84
C PRO PA 105 10.27 -64.84 -47.57
N LEU PA 106 9.91 -65.79 -48.43
CA LEU PA 106 10.85 -66.34 -49.38
C LEU PA 106 10.73 -65.51 -50.65
N TRP PA 107 11.71 -64.65 -50.91
CA TRP PA 107 11.63 -63.67 -51.99
C TRP PA 107 11.57 -64.35 -53.36
N ASN PA 108 10.45 -64.98 -53.65
CA ASN PA 108 10.26 -65.67 -54.93
C ASN PA 108 8.87 -65.48 -55.53
N THR PA 109 8.81 -65.50 -56.85
CA THR PA 109 7.56 -65.55 -57.57
C THR PA 109 7.64 -66.75 -58.51
N MET PA 110 6.73 -67.71 -58.35
CA MET PA 110 6.91 -68.98 -59.04
C MET PA 110 5.79 -69.42 -59.97
N VAL PA 111 6.18 -70.15 -61.01
CA VAL PA 111 5.25 -70.73 -61.97
C VAL PA 111 5.40 -72.25 -61.99
N ILE PA 112 4.33 -72.94 -61.62
CA ILE PA 112 4.31 -74.39 -61.63
C ILE PA 112 3.56 -74.92 -62.84
N GLY PA 113 4.26 -75.67 -63.69
CA GLY PA 113 3.64 -76.31 -64.83
C GLY PA 113 3.45 -77.79 -64.56
N GLY PA 114 2.42 -78.39 -65.15
CA GLY PA 114 2.19 -79.81 -64.91
C GLY PA 114 1.26 -80.48 -65.90
N TYR PA 115 1.26 -81.80 -65.89
CA TYR PA 115 0.34 -82.58 -66.70
C TYR PA 115 -0.01 -83.90 -66.02
N ALA PA 116 -1.23 -84.00 -65.52
CA ALA PA 116 -1.71 -85.21 -64.87
C ALA PA 116 -3.20 -85.40 -65.12
N ASP PA 117 -3.61 -86.66 -65.27
CA ASP PA 117 -4.99 -87.03 -65.56
C ASP PA 117 -5.49 -86.39 -66.86
N GLY PA 118 -4.59 -86.26 -67.83
CA GLY PA 118 -4.94 -85.74 -69.14
C GLY PA 118 -5.19 -84.24 -69.20
N GLU PA 119 -5.04 -83.57 -68.06
CA GLU PA 119 -5.28 -82.13 -67.99
C GLU PA 119 -3.97 -81.35 -67.82
N SER PA 120 -3.87 -80.21 -68.49
CA SER PA 120 -2.71 -79.35 -68.37
C SER PA 120 -2.88 -78.37 -67.21
N PHE PA 121 -1.86 -78.27 -66.36
CA PHE PA 121 -1.92 -77.37 -65.21
C PHE PA 121 -0.86 -76.27 -65.29
N LEU PA 122 -1.27 -75.06 -64.90
CA LEU PA 122 -0.36 -73.93 -64.83
C LEU PA 122 -0.78 -73.02 -63.66
N GLY PA 123 0.08 -72.93 -62.66
CA GLY PA 123 -0.22 -72.16 -61.46
C GLY PA 123 0.82 -71.12 -61.11
N TYR PA 124 0.36 -70.03 -60.49
CA TYR PA 124 1.20 -68.90 -60.12
C TYR PA 124 1.16 -68.77 -58.61
N VAL PA 125 2.33 -68.51 -58.01
CA VAL PA 125 2.43 -68.29 -56.56
C VAL PA 125 3.33 -67.09 -56.22
N ASP PA 126 2.79 -66.17 -55.40
CA ASP PA 126 3.52 -64.97 -54.97
C ASP PA 126 4.39 -65.27 -53.75
N MET PA 127 5.12 -64.24 -53.30
CA MET PA 127 5.85 -64.35 -52.04
C MET PA 127 4.93 -63.97 -50.90
N LEU PA 128 3.77 -63.44 -51.23
CA LEU PA 128 2.76 -63.07 -50.24
C LEU PA 128 1.69 -64.15 -50.11
N GLY PA 129 1.76 -65.16 -50.96
CA GLY PA 129 0.79 -66.24 -50.93
C GLY PA 129 -0.38 -66.00 -51.86
N VAL PA 130 -0.20 -65.07 -52.80
CA VAL PA 130 -1.19 -64.85 -53.84
C VAL PA 130 -1.00 -65.89 -54.92
N ALA PA 131 -2.01 -66.74 -55.11
CA ALA PA 131 -1.88 -67.84 -56.06
C ALA PA 131 -3.10 -67.98 -56.95
N TYR PA 132 -2.89 -68.45 -58.18
CA TYR PA 132 -4.00 -68.67 -59.10
C TYR PA 132 -3.66 -69.55 -60.29
N GLU PA 133 -4.68 -69.92 -61.06
CA GLU PA 133 -4.48 -70.72 -62.26
C GLU PA 133 -4.78 -69.91 -63.51
N ALA PA 134 -4.04 -70.16 -64.57
CA ALA PA 134 -4.26 -69.46 -65.85
C ALA PA 134 -3.62 -70.24 -67.00
N PRO PA 135 -4.17 -70.08 -68.22
CA PRO PA 135 -3.62 -70.74 -69.41
C PRO PA 135 -2.24 -70.21 -69.79
N SER PA 136 -1.93 -68.99 -69.38
CA SER PA 136 -0.61 -68.41 -69.61
C SER PA 136 -0.13 -67.65 -68.38
N LEU PA 137 1.17 -67.66 -68.14
CA LEU PA 137 1.75 -67.01 -66.98
C LEU PA 137 3.07 -66.33 -67.30
N ALA PA 138 3.29 -65.18 -66.68
CA ALA PA 138 4.54 -64.45 -66.86
C ALA PA 138 4.86 -63.68 -65.58
N THR PA 139 6.07 -63.88 -65.07
CA THR PA 139 6.51 -63.20 -63.85
C THR PA 139 7.47 -62.06 -64.17
N GLY PA 140 7.50 -61.05 -63.30
CA GLY PA 140 8.38 -59.92 -63.49
C GLY PA 140 8.03 -59.15 -64.74
N TYR PA 141 9.04 -58.69 -65.45
CA TYR PA 141 8.83 -57.90 -66.66
C TYR PA 141 8.07 -58.65 -67.73
N GLY PA 142 8.12 -59.98 -67.68
CA GLY PA 142 7.35 -60.81 -68.57
C GLY PA 142 5.88 -60.45 -68.47
N ALA PA 143 5.42 -60.25 -67.24
CA ALA PA 143 4.02 -59.90 -66.99
C ALA PA 143 3.62 -58.59 -67.68
N TYR PA 144 4.60 -57.77 -68.02
CA TYR PA 144 4.35 -56.53 -68.72
C TYR PA 144 4.64 -56.65 -70.21
N LEU PA 145 5.51 -57.60 -70.56
CA LEU PA 145 5.98 -57.72 -71.93
C LEU PA 145 5.51 -58.99 -72.64
N ALA PA 146 5.76 -60.13 -72.03
CA ALA PA 146 5.43 -61.42 -72.65
C ALA PA 146 3.94 -61.75 -72.55
N GLN PA 147 3.36 -61.55 -71.37
CA GLN PA 147 1.95 -61.84 -71.13
C GLN PA 147 0.94 -61.21 -72.10
N PRO PA 148 1.14 -59.93 -72.49
CA PRO PA 148 0.23 -59.37 -73.49
C PRO PA 148 0.24 -60.14 -74.81
N LEU PA 149 1.40 -60.60 -75.24
CA LEU PA 149 1.52 -61.40 -76.45
C LEU PA 149 0.80 -62.74 -76.29
N LEU PA 150 1.04 -63.39 -75.15
CA LEU PA 150 0.46 -64.70 -74.88
C LEU PA 150 -1.08 -64.66 -74.87
N ARG PA 151 -1.64 -63.65 -74.22
CA ARG PA 151 -3.08 -63.50 -74.13
C ARG PA 151 -3.71 -63.20 -75.49
N GLU PA 152 -3.01 -62.43 -76.31
CA GLU PA 152 -3.47 -62.09 -77.65
C GLU PA 152 -3.71 -63.35 -78.47
N VAL PA 153 -2.79 -64.30 -78.37
CA VAL PA 153 -2.89 -65.56 -79.10
C VAL PA 153 -3.95 -66.48 -78.49
N LEU PA 154 -3.94 -66.60 -77.18
CA LEU PA 154 -4.84 -67.53 -76.50
C LEU PA 154 -6.31 -67.12 -76.56
N GLU PA 155 -6.56 -65.85 -76.82
CA GLU PA 155 -7.94 -65.38 -76.97
C GLU PA 155 -8.39 -65.44 -78.43
N LYS PA 156 -7.43 -65.76 -79.30
CA LYS PA 156 -7.73 -65.95 -80.71
C LYS PA 156 -7.67 -67.44 -81.07
N GLN PA 157 -7.07 -68.22 -80.17
CA GLN PA 157 -6.91 -69.66 -80.36
C GLN PA 157 -6.52 -70.31 -79.04
N PRO PA 158 -7.52 -70.68 -78.22
CA PRO PA 158 -7.33 -71.25 -76.88
C PRO PA 158 -6.40 -72.46 -76.86
N VAL PA 159 -6.57 -73.38 -77.81
CA VAL PA 159 -5.72 -74.57 -77.86
C VAL PA 159 -4.54 -74.39 -78.80
N LEU PA 160 -3.34 -74.64 -78.28
CA LEU PA 160 -2.13 -74.56 -79.08
C LEU PA 160 -1.45 -75.91 -79.17
N SER PA 161 -0.71 -76.14 -80.25
CA SER PA 161 0.12 -77.34 -80.36
C SER PA 161 1.39 -77.08 -79.59
N GLN PA 162 2.17 -78.14 -79.34
CA GLN PA 162 3.43 -78.00 -78.62
C GLN PA 162 4.40 -77.09 -79.36
N THR PA 163 4.47 -77.27 -80.67
CA THR PA 163 5.35 -76.46 -81.52
C THR PA 163 4.92 -74.99 -81.52
N GLU PA 164 3.61 -74.76 -81.56
CA GLU PA 164 3.07 -73.40 -81.53
C GLU PA 164 3.42 -72.69 -80.23
N ALA PA 165 3.18 -73.38 -79.12
CA ALA PA 165 3.50 -72.84 -77.80
C ALA PA 165 5.00 -72.58 -77.67
N ARG PA 166 5.80 -73.49 -78.21
CA ARG PA 166 7.26 -73.35 -78.14
C ARG PA 166 7.72 -72.13 -78.93
N ASP PA 167 7.10 -71.91 -80.10
CA ASP PA 167 7.39 -70.74 -80.91
C ASP PA 167 7.03 -69.45 -80.17
N LEU PA 168 5.82 -69.43 -79.61
CA LEU PA 168 5.34 -68.30 -78.82
C LEU PA 168 6.33 -67.96 -77.71
N VAL PA 169 6.74 -69.01 -76.99
CA VAL PA 169 7.71 -68.87 -75.92
C VAL PA 169 9.02 -68.27 -76.42
N GLU PA 170 9.55 -68.81 -77.52
CA GLU PA 170 10.79 -68.30 -78.09
C GLU PA 170 10.70 -66.81 -78.42
N ARG PA 171 9.61 -66.42 -79.08
CA ARG PA 171 9.40 -65.01 -79.41
C ARG PA 171 9.32 -64.13 -78.17
N CYS PA 172 8.62 -64.62 -77.15
CA CYS PA 172 8.51 -63.88 -75.89
C CYS PA 172 9.86 -63.70 -75.21
N MET PA 173 10.68 -64.74 -75.22
CA MET PA 173 12.03 -64.65 -74.66
C MET PA 173 12.87 -63.66 -75.45
N ARG PA 174 12.62 -63.59 -76.76
CA ARG PA 174 13.30 -62.59 -77.59
C ARG PA 174 12.91 -61.17 -77.17
N VAL PA 175 11.61 -60.94 -77.03
CA VAL PA 175 11.13 -59.63 -76.58
C VAL PA 175 11.72 -59.25 -75.23
N LEU PA 176 11.73 -60.21 -74.30
CA LEU PA 176 12.28 -59.98 -72.98
C LEU PA 176 13.77 -59.66 -73.03
N TYR PA 177 14.51 -60.37 -73.87
CA TYR PA 177 15.93 -60.08 -74.02
C TYR PA 177 16.14 -58.69 -74.59
N TYR PA 178 15.22 -58.26 -75.46
CA TYR PA 178 15.27 -56.92 -76.02
C TYR PA 178 15.06 -55.84 -74.97
N ARG PA 179 14.02 -56.00 -74.15
CA ARG PA 179 13.57 -54.91 -73.29
C ARG PA 179 13.91 -55.03 -71.79
N ASP PA 180 14.20 -56.23 -71.32
CA ASP PA 180 14.55 -56.44 -69.92
C ASP PA 180 16.07 -56.32 -69.72
N ALA PA 181 16.49 -55.32 -68.95
CA ALA PA 181 17.90 -55.04 -68.76
C ALA PA 181 18.59 -56.03 -67.83
N ARG PA 182 17.79 -56.85 -67.14
CA ARG PA 182 18.34 -57.83 -66.21
C ARG PA 182 18.12 -59.26 -66.70
N SER PA 183 17.97 -59.41 -68.01
CA SER PA 183 17.83 -60.73 -68.63
C SER PA 183 19.15 -61.16 -69.27
N TYR PA 184 19.11 -62.24 -70.03
CA TYR PA 184 20.32 -62.84 -70.59
C TYR PA 184 20.00 -63.72 -71.79
N ASN PA 185 20.83 -63.66 -72.82
CA ASN PA 185 20.61 -64.43 -74.03
C ASN PA 185 21.06 -65.89 -73.88
N ARG PA 186 20.50 -66.57 -72.88
CA ARG PA 186 20.83 -67.95 -72.61
C ARG PA 186 19.78 -68.51 -71.66
N PHE PA 187 18.83 -69.27 -72.19
CA PHE PA 187 17.68 -69.68 -71.39
C PHE PA 187 17.39 -71.18 -71.47
N GLN PA 188 16.40 -71.61 -70.69
CA GLN PA 188 15.99 -73.00 -70.65
C GLN PA 188 14.49 -73.13 -70.86
N ILE PA 189 14.11 -74.22 -71.52
CA ILE PA 189 12.72 -74.56 -71.74
C ILE PA 189 12.44 -75.94 -71.15
N ALA PA 190 11.48 -76.00 -70.24
CA ALA PA 190 11.04 -77.27 -69.67
C ALA PA 190 9.64 -77.60 -70.16
N THR PA 191 9.36 -78.89 -70.30
CA THR PA 191 8.08 -79.33 -70.85
C THR PA 191 7.52 -80.54 -70.11
N VAL PA 192 6.24 -80.47 -69.76
CA VAL PA 192 5.53 -81.63 -69.21
C VAL PA 192 4.59 -82.19 -70.25
N THR PA 193 4.71 -83.49 -70.48
CA THR PA 193 3.74 -84.24 -71.27
C THR PA 193 3.39 -85.50 -70.47
N GLU PA 194 2.72 -86.45 -71.11
CA GLU PA 194 2.44 -87.71 -70.45
C GLU PA 194 3.71 -88.54 -70.36
N LYS PA 195 4.70 -88.18 -71.17
CA LYS PA 195 5.98 -88.88 -71.19
C LYS PA 195 6.89 -88.41 -70.06
N GLY PA 196 6.48 -87.35 -69.38
CA GLY PA 196 7.23 -86.84 -68.24
C GLY PA 196 7.72 -85.41 -68.38
N VAL PA 197 8.75 -85.07 -67.62
CA VAL PA 197 9.31 -83.72 -67.63
C VAL PA 197 10.65 -83.70 -68.36
N GLU PA 198 10.80 -82.78 -69.31
CA GLU PA 198 12.03 -82.67 -70.08
C GLU PA 198 12.55 -81.24 -70.11
N ILE PA 199 13.78 -81.05 -69.64
CA ILE PA 199 14.43 -79.74 -69.66
C ILE PA 199 15.49 -79.67 -70.74
N GLU PA 200 15.28 -78.79 -71.71
CA GLU PA 200 16.20 -78.65 -72.83
C GLU PA 200 17.35 -77.71 -72.51
N GLY PA 201 18.54 -78.06 -72.98
CA GLY PA 201 19.77 -77.36 -72.62
C GLY PA 201 19.83 -75.90 -73.01
N PRO PA 202 21.02 -75.30 -72.87
CA PRO PA 202 21.25 -73.87 -73.10
C PRO PA 202 20.84 -73.41 -74.50
N LEU PA 203 19.76 -72.63 -74.55
CA LEU PA 203 19.27 -72.09 -75.81
C LEU PA 203 19.63 -70.62 -75.95
N SER PA 204 19.82 -70.18 -77.18
CA SER PA 204 20.06 -68.77 -77.46
C SER PA 204 18.91 -68.21 -78.28
N THR PA 205 18.77 -66.88 -78.28
CA THR PA 205 17.73 -66.23 -79.06
C THR PA 205 18.33 -65.39 -80.18
N GLU PA 206 17.89 -65.66 -81.41
CA GLU PA 206 18.33 -64.86 -82.55
C GLU PA 206 17.84 -63.43 -82.36
N THR PA 207 18.70 -62.47 -82.70
CA THR PA 207 18.38 -61.07 -82.49
C THR PA 207 18.57 -60.23 -83.75
N ASN PA 208 17.59 -59.39 -84.05
CA ASN PA 208 17.67 -58.46 -85.15
C ASN PA 208 18.07 -57.08 -84.64
N TRP PA 209 19.05 -56.46 -85.31
CA TRP PA 209 19.52 -55.14 -84.91
C TRP PA 209 19.61 -54.20 -86.09
N ASP PA 210 18.69 -54.34 -87.04
CA ASP PA 210 18.69 -53.51 -88.24
C ASP PA 210 18.26 -52.07 -87.93
N ILE PA 211 17.41 -51.92 -86.92
CA ILE PA 211 16.95 -50.59 -86.50
C ILE PA 211 18.07 -49.74 -85.92
N ALA PA 212 19.29 -50.29 -85.93
CA ALA PA 212 20.49 -49.53 -85.57
C ALA PA 212 20.85 -48.55 -86.65
N HIS PA 213 20.47 -48.87 -87.89
CA HIS PA 213 20.81 -48.02 -89.02
C HIS PA 213 19.62 -47.18 -89.45
N MET PA 214 18.82 -46.75 -88.48
CA MET PA 214 17.67 -45.91 -88.74
C MET PA 214 17.73 -44.65 -87.89
N ILE PA 215 18.95 -44.17 -87.65
CA ILE PA 215 19.17 -42.96 -86.85
C ILE PA 215 18.71 -41.73 -87.62
N SER PA 216 19.23 -41.55 -88.83
CA SER PA 216 18.91 -40.38 -89.65
C SER PA 216 17.44 -40.34 -90.06
N GLY PA 217 17.08 -41.14 -91.06
CA GLY PA 217 15.72 -41.18 -91.56
C GLY PA 217 14.79 -41.93 -90.62
N SER QA 1 6.14 21.81 -97.67
CA SER QA 1 6.81 20.53 -97.83
C SER QA 1 7.95 20.63 -98.85
N ARG QA 2 8.26 19.50 -99.49
CA ARG QA 2 9.32 19.42 -100.50
C ARG QA 2 10.68 19.88 -99.98
N GLY QA 3 11.08 19.33 -98.83
CA GLY QA 3 12.36 19.67 -98.24
C GLY QA 3 12.22 20.36 -96.89
N SER QA 4 10.99 20.46 -96.41
CA SER QA 4 10.70 21.18 -95.17
C SER QA 4 11.21 20.44 -93.93
N SER QA 5 11.38 21.19 -92.84
CA SER QA 5 11.85 20.63 -91.58
C SER QA 5 11.23 21.36 -90.40
N ALA QA 6 11.18 20.70 -89.26
CA ALA QA 6 10.62 21.28 -88.05
C ALA QA 6 11.09 20.51 -86.81
N GLY QA 7 11.62 21.23 -85.84
CA GLY QA 7 12.09 20.61 -84.62
C GLY QA 7 13.43 19.90 -84.81
N PHE QA 8 13.55 18.72 -84.22
CA PHE QA 8 14.80 17.96 -84.28
C PHE QA 8 14.74 16.83 -85.30
N ASP QA 9 13.91 16.99 -86.33
CA ASP QA 9 13.71 15.92 -87.31
C ASP QA 9 14.92 15.65 -88.19
N ARG QA 10 15.95 16.49 -88.08
CA ARG QA 10 17.19 16.29 -88.81
C ARG QA 10 18.29 15.80 -87.89
N HIS QA 11 17.99 15.69 -86.60
CA HIS QA 11 18.98 15.26 -85.61
C HIS QA 11 18.68 13.87 -85.07
N ILE QA 12 17.42 13.56 -84.88
CA ILE QA 12 17.02 12.23 -84.41
C ILE QA 12 16.05 11.56 -85.37
N THR QA 13 15.61 10.36 -85.04
CA THR QA 13 14.73 9.59 -85.91
C THR QA 13 13.25 9.88 -85.65
N ILE QA 14 12.84 11.12 -85.92
CA ILE QA 14 11.42 11.46 -85.89
C ILE QA 14 10.99 11.98 -87.26
N PHE QA 15 9.69 12.07 -87.46
CA PHE QA 15 9.13 12.42 -88.76
C PHE QA 15 9.31 13.89 -89.14
N SER QA 16 9.64 14.13 -90.40
CA SER QA 16 9.65 15.47 -90.97
C SER QA 16 8.22 15.81 -91.36
N PRO QA 17 7.92 17.10 -91.61
CA PRO QA 17 6.57 17.50 -92.02
C PRO QA 17 6.02 16.73 -93.23
N GLU QA 18 6.90 16.27 -94.11
CA GLU QA 18 6.48 15.50 -95.28
C GLU QA 18 6.56 14.00 -95.02
N GLY QA 19 6.83 13.62 -93.78
CA GLY QA 19 6.80 12.21 -93.39
C GLY QA 19 8.07 11.45 -93.68
N ARG QA 20 9.20 12.14 -93.67
CA ARG QA 20 10.49 11.51 -93.93
C ARG QA 20 11.28 11.31 -92.65
N LEU QA 21 12.29 10.44 -92.72
CA LEU QA 21 13.22 10.25 -91.62
C LEU QA 21 14.62 10.62 -92.09
N TYR QA 22 15.01 11.85 -91.81
CA TYR QA 22 16.26 12.39 -92.33
C TYR QA 22 17.51 11.62 -91.87
N GLN QA 23 17.49 11.16 -90.62
CA GLN QA 23 18.63 10.41 -90.07
C GLN QA 23 18.90 9.12 -90.84
N VAL QA 24 17.83 8.48 -91.30
CA VAL QA 24 17.94 7.25 -92.08
C VAL QA 24 18.63 7.54 -93.41
N GLU QA 25 18.15 8.55 -94.12
CA GLU QA 25 18.73 8.94 -95.40
C GLU QA 25 20.20 9.30 -95.22
N TYR QA 26 20.47 10.02 -94.13
CA TYR QA 26 21.84 10.39 -93.78
C TYR QA 26 22.69 9.14 -93.58
N ALA QA 27 22.09 8.09 -93.01
CA ALA QA 27 22.79 6.82 -92.83
C ALA QA 27 23.11 6.19 -94.18
N PHE QA 28 22.15 6.29 -95.11
CA PHE QA 28 22.39 5.81 -96.46
C PHE QA 28 23.56 6.55 -97.11
N LYS QA 29 23.66 7.85 -96.82
CA LYS QA 29 24.80 8.63 -97.31
C LYS QA 29 26.08 8.22 -96.58
N ALA QA 30 25.92 7.72 -95.37
CA ALA QA 30 27.06 7.29 -94.57
C ALA QA 30 27.62 5.98 -95.11
N ILE QA 31 26.77 5.22 -95.78
CA ILE QA 31 27.22 4.00 -96.46
C ILE QA 31 28.29 4.32 -97.52
N ASN QA 32 28.09 5.40 -98.25
CA ASN QA 32 28.99 5.77 -99.34
C ASN QA 32 30.35 6.32 -98.88
N GLN QA 33 30.44 6.68 -97.60
CA GLN QA 33 31.65 7.28 -97.05
C GLN QA 33 32.89 6.39 -97.20
N GLY QA 34 32.69 5.08 -97.24
CA GLY QA 34 33.79 4.15 -97.41
C GLY QA 34 34.48 4.31 -98.75
N GLY QA 35 33.73 4.80 -99.73
CA GLY QA 35 34.27 5.02 -101.06
C GLY QA 35 34.42 3.72 -101.84
N LEU QA 36 33.64 2.71 -101.47
CA LEU QA 36 33.70 1.41 -102.13
C LEU QA 36 32.37 0.99 -102.72
N THR QA 37 32.40 -0.05 -103.55
CA THR QA 37 31.20 -0.56 -104.20
C THR QA 37 31.26 -2.09 -104.22
N SER QA 38 30.13 -2.72 -103.92
CA SER QA 38 30.03 -4.18 -103.91
C SER QA 38 28.94 -4.63 -104.87
N VAL QA 39 29.17 -5.75 -105.54
CA VAL QA 39 28.20 -6.29 -106.49
C VAL QA 39 27.86 -7.75 -106.15
N ALA QA 40 26.56 -8.06 -106.16
CA ALA QA 40 26.08 -9.41 -105.91
C ALA QA 40 25.27 -9.91 -107.09
N VAL QA 41 25.58 -11.11 -107.57
CA VAL QA 41 24.85 -11.68 -108.70
C VAL QA 41 24.45 -13.13 -108.43
N ARG QA 42 23.18 -13.43 -108.67
CA ARG QA 42 22.66 -14.78 -108.48
C ARG QA 42 22.65 -15.56 -109.79
N GLY QA 43 23.19 -16.78 -109.77
CA GLY QA 43 23.23 -17.61 -110.95
C GLY QA 43 22.13 -18.66 -110.95
N LYS QA 44 22.30 -19.69 -111.79
CA LYS QA 44 21.33 -20.77 -111.86
C LYS QA 44 21.73 -21.90 -110.91
N ASP QA 45 23.03 -22.02 -110.66
CA ASP QA 45 23.54 -23.06 -109.79
C ASP QA 45 24.55 -22.51 -108.79
N CYS QA 46 24.54 -21.19 -108.60
CA CYS QA 46 25.47 -20.54 -107.68
C CYS QA 46 25.05 -19.13 -107.29
N ALA QA 47 25.90 -18.47 -106.51
CA ALA QA 47 25.72 -17.08 -106.11
C ALA QA 47 27.08 -16.46 -105.87
N VAL QA 48 27.27 -15.25 -106.38
CA VAL QA 48 28.59 -14.62 -106.38
C VAL QA 48 28.61 -13.21 -105.80
N ILE QA 49 29.63 -12.93 -104.99
CA ILE QA 49 29.86 -11.62 -104.42
C ILE QA 49 31.21 -11.10 -104.89
N VAL QA 50 31.30 -9.82 -105.25
CA VAL QA 50 32.57 -9.21 -105.60
C VAL QA 50 32.68 -7.80 -105.02
N THR QA 51 33.85 -7.45 -104.48
CA THR QA 51 34.03 -6.15 -103.83
C THR QA 51 35.45 -5.60 -103.98
N GLN QA 52 35.56 -4.28 -104.08
CA GLN QA 52 36.86 -3.61 -104.13
C GLN QA 52 37.71 -3.95 -102.90
N LYS QA 53 39.02 -4.03 -103.11
CA LYS QA 53 39.95 -4.26 -102.03
C LYS QA 53 41.01 -3.16 -102.02
N LYS QA 54 40.57 -1.94 -101.69
CA LYS QA 54 41.46 -0.79 -101.69
C LYS QA 54 42.48 -0.86 -100.54
N VAL QA 55 43.67 -1.37 -100.85
CA VAL QA 55 44.76 -1.42 -99.88
C VAL QA 55 45.88 -0.48 -100.32
N PRO QA 56 45.80 0.79 -99.89
CA PRO QA 56 46.72 1.84 -100.34
C PRO QA 56 48.03 1.86 -99.55
N ASP QA 57 48.27 0.82 -98.76
CA ASP QA 57 49.44 0.80 -97.91
C ASP QA 57 50.11 -0.57 -97.91
N LYS QA 58 51.43 -0.59 -98.05
CA LYS QA 58 52.19 -1.83 -97.96
C LYS QA 58 52.48 -2.16 -96.49
N LEU QA 59 52.05 -1.26 -95.61
CA LEU QA 59 52.22 -1.44 -94.18
C LEU QA 59 51.09 -2.26 -93.59
N LEU QA 60 50.09 -2.57 -94.42
CA LEU QA 60 48.94 -3.36 -93.98
C LEU QA 60 49.10 -4.82 -94.35
N ASP QA 61 48.88 -5.71 -93.38
CA ASP QA 61 48.76 -7.13 -93.67
C ASP QA 61 47.48 -7.32 -94.47
N SER QA 62 47.62 -7.31 -95.80
CA SER QA 62 46.48 -7.29 -96.72
C SER QA 62 45.49 -8.44 -96.52
N SER QA 63 45.86 -9.40 -95.69
CA SER QA 63 44.98 -10.51 -95.37
C SER QA 63 43.93 -10.12 -94.35
N THR QA 64 44.18 -9.02 -93.64
CA THR QA 64 43.27 -8.56 -92.59
C THR QA 64 42.23 -7.58 -93.14
N VAL QA 65 42.44 -7.12 -94.37
CA VAL QA 65 41.52 -6.20 -95.01
C VAL QA 65 40.49 -6.96 -95.83
N THR QA 66 39.29 -7.10 -95.29
CA THR QA 66 38.23 -7.87 -95.95
C THR QA 66 36.87 -7.26 -95.68
N HIS QA 67 35.99 -7.34 -96.68
CA HIS QA 67 34.60 -6.95 -96.51
C HIS QA 67 33.71 -8.16 -96.67
N LEU QA 68 34.34 -9.31 -96.91
CA LEU QA 68 33.64 -10.58 -96.99
C LEU QA 68 33.68 -11.27 -95.63
N PHE QA 69 32.52 -11.72 -95.17
CA PHE QA 69 32.44 -12.36 -93.86
C PHE QA 69 31.64 -13.66 -93.90
N LYS QA 70 32.19 -14.69 -93.26
CA LYS QA 70 31.49 -15.95 -93.12
C LYS QA 70 30.56 -15.86 -91.91
N ILE QA 71 29.26 -15.88 -92.17
CA ILE QA 71 28.28 -15.90 -91.10
C ILE QA 71 28.08 -17.34 -90.64
N THR QA 72 27.87 -18.22 -91.62
CA THR QA 72 27.77 -19.64 -91.34
C THR QA 72 28.51 -20.36 -92.47
N GLU QA 73 28.84 -21.64 -92.24
CA GLU QA 73 29.54 -22.43 -93.25
C GLU QA 73 28.85 -22.37 -94.60
N ASN QA 74 27.53 -22.22 -94.59
CA ASN QA 74 26.75 -22.18 -95.82
C ASN QA 74 26.17 -20.80 -96.11
N ILE QA 75 26.44 -19.83 -95.24
CA ILE QA 75 25.95 -18.47 -95.44
C ILE QA 75 27.08 -17.45 -95.41
N GLY QA 76 27.27 -16.75 -96.53
CA GLY QA 76 28.29 -15.74 -96.63
C GLY QA 76 27.68 -14.35 -96.74
N CYS QA 77 28.51 -13.33 -96.57
CA CYS QA 77 28.00 -11.96 -96.66
C CYS QA 77 29.07 -10.96 -97.06
N VAL QA 78 28.61 -9.83 -97.60
CA VAL QA 78 29.48 -8.69 -97.85
C VAL QA 78 28.87 -7.42 -97.25
N MET QA 79 29.72 -6.64 -96.60
CA MET QA 79 29.28 -5.42 -95.93
C MET QA 79 29.77 -4.20 -96.68
N THR QA 80 28.90 -3.21 -96.85
CA THR QA 80 29.32 -1.99 -97.50
C THR QA 80 29.01 -0.77 -96.65
N GLY QA 81 30.03 -0.01 -96.31
CA GLY QA 81 29.85 1.20 -95.54
C GLY QA 81 30.82 1.33 -94.38
N MET QA 82 30.35 1.93 -93.29
CA MET QA 82 31.17 2.13 -92.10
C MET QA 82 31.66 0.79 -91.56
N THR QA 83 32.98 0.64 -91.49
CA THR QA 83 33.61 -0.64 -91.15
C THR QA 83 33.18 -1.20 -89.79
N ALA QA 84 33.31 -0.39 -88.74
CA ALA QA 84 32.99 -0.85 -87.38
C ALA QA 84 31.53 -1.29 -87.25
N ASP QA 85 30.62 -0.49 -87.78
CA ASP QA 85 29.20 -0.81 -87.79
C ASP QA 85 28.96 -2.12 -88.54
N SER QA 86 29.70 -2.30 -89.63
CA SER QA 86 29.60 -3.50 -90.46
C SER QA 86 29.99 -4.73 -89.66
N ARG QA 87 31.13 -4.66 -88.96
CA ARG QA 87 31.60 -5.77 -88.15
C ARG QA 87 30.62 -6.08 -87.03
N SER QA 88 30.04 -5.03 -86.46
CA SER QA 88 29.00 -5.18 -85.45
C SER QA 88 27.82 -5.99 -86.00
N GLN QA 89 27.32 -5.58 -87.15
CA GLN QA 89 26.18 -6.23 -87.77
C GLN QA 89 26.50 -7.67 -88.15
N VAL QA 90 27.76 -7.93 -88.50
CA VAL QA 90 28.21 -9.29 -88.80
C VAL QA 90 28.17 -10.15 -87.54
N GLN QA 91 28.67 -9.61 -86.44
CA GLN QA 91 28.61 -10.31 -85.16
C GLN QA 91 27.17 -10.67 -84.81
N ARG QA 92 26.28 -9.69 -84.92
CA ARG QA 92 24.87 -9.90 -84.62
C ARG QA 92 24.26 -10.97 -85.52
N ALA QA 93 24.65 -10.96 -86.79
CA ALA QA 93 24.17 -11.95 -87.76
C ALA QA 93 24.61 -13.36 -87.35
N ARG QA 94 25.89 -13.50 -87.03
CA ARG QA 94 26.43 -14.78 -86.57
C ARG QA 94 25.69 -15.29 -85.34
N TYR QA 95 25.43 -14.38 -84.39
CA TYR QA 95 24.68 -14.73 -83.20
C TYR QA 95 23.29 -15.22 -83.53
N GLU QA 96 22.57 -14.47 -84.34
CA GLU QA 96 21.20 -14.82 -84.69
C GLU QA 96 21.12 -16.16 -85.42
N ALA QA 97 22.14 -16.44 -86.23
CA ALA QA 97 22.20 -17.69 -86.97
C ALA QA 97 22.46 -18.87 -86.04
N ALA QA 98 23.51 -18.76 -85.24
CA ALA QA 98 23.86 -19.83 -84.30
C ALA QA 98 22.71 -20.12 -83.34
N ASN QA 99 22.11 -19.06 -82.82
CA ASN QA 99 20.96 -19.17 -81.93
C ASN QA 99 19.77 -19.82 -82.63
N TRP QA 100 19.56 -19.45 -83.90
CA TRP QA 100 18.51 -20.04 -84.70
C TRP QA 100 18.69 -21.56 -84.76
N LYS QA 101 19.89 -22.00 -85.13
CA LYS QA 101 20.15 -23.43 -85.24
C LYS QA 101 20.02 -24.13 -83.89
N TYR QA 102 20.40 -23.43 -82.83
CA TYR QA 102 20.28 -24.00 -81.49
C TYR QA 102 18.83 -24.21 -81.09
N LYS QA 103 17.97 -23.27 -81.44
CA LYS QA 103 16.57 -23.32 -81.02
C LYS QA 103 15.68 -24.18 -81.91
N TYR QA 104 15.95 -24.20 -83.21
CA TYR QA 104 15.04 -24.83 -84.15
C TYR QA 104 15.60 -26.08 -84.83
N GLY QA 105 16.89 -26.33 -84.65
CA GLY QA 105 17.50 -27.56 -85.10
C GLY QA 105 17.79 -27.66 -86.59
N TYR QA 106 17.71 -26.54 -87.29
CA TYR QA 106 18.10 -26.50 -88.70
C TYR QA 106 18.72 -25.15 -89.05
N GLU QA 107 19.56 -25.15 -90.07
CA GLU QA 107 20.26 -23.95 -90.52
C GLU QA 107 19.28 -22.84 -90.90
N ILE QA 108 19.59 -21.61 -90.51
CA ILE QA 108 18.73 -20.48 -90.80
C ILE QA 108 18.73 -20.15 -92.29
N PRO QA 109 17.55 -19.90 -92.87
CA PRO QA 109 17.46 -19.47 -94.27
C PRO QA 109 18.00 -18.05 -94.43
N VAL QA 110 18.71 -17.78 -95.52
CA VAL QA 110 19.22 -16.45 -95.83
C VAL QA 110 18.10 -15.42 -95.74
N ASP QA 111 16.95 -15.80 -96.28
CA ASP QA 111 15.72 -15.03 -96.17
C ASP QA 111 15.46 -14.58 -94.73
N MET QA 112 15.41 -15.55 -93.83
CA MET QA 112 15.09 -15.29 -92.43
C MET QA 112 16.18 -14.51 -91.68
N LEU QA 113 17.44 -14.79 -92.01
CA LEU QA 113 18.55 -14.07 -91.41
C LEU QA 113 18.45 -12.58 -91.76
N CYS QA 114 18.34 -12.31 -93.06
CA CYS QA 114 18.26 -10.94 -93.55
C CYS QA 114 17.04 -10.24 -92.94
N LYS QA 115 15.92 -10.94 -92.92
CA LYS QA 115 14.70 -10.41 -92.31
C LYS QA 115 14.95 -10.01 -90.85
N ARG QA 116 15.66 -10.87 -90.12
CA ARG QA 116 15.95 -10.62 -88.70
C ARG QA 116 16.82 -9.38 -88.51
N ILE QA 117 17.93 -9.33 -89.25
CA ILE QA 117 18.83 -8.20 -89.20
C ILE QA 117 18.09 -6.89 -89.50
N ALA QA 118 17.27 -6.91 -90.55
CA ALA QA 118 16.47 -5.75 -90.93
C ALA QA 118 15.51 -5.34 -89.82
N ASP QA 119 14.89 -6.34 -89.19
CA ASP QA 119 13.99 -6.10 -88.07
C ASP QA 119 14.72 -5.42 -86.91
N ILE QA 120 15.97 -5.81 -86.70
CA ILE QA 120 16.80 -5.16 -85.68
C ILE QA 120 17.10 -3.71 -86.06
N SER QA 121 17.38 -3.48 -87.33
CA SER QA 121 17.65 -2.13 -87.83
C SER QA 121 16.45 -1.20 -87.65
N GLN QA 122 15.26 -1.75 -87.85
CA GLN QA 122 14.01 -0.98 -87.72
C GLN QA 122 13.92 -0.28 -86.36
N VAL QA 123 14.41 -0.95 -85.33
CA VAL QA 123 14.38 -0.40 -83.99
C VAL QA 123 15.23 0.86 -83.90
N TYR QA 124 16.39 0.82 -84.55
CA TYR QA 124 17.27 1.99 -84.61
C TYR QA 124 16.56 3.09 -85.38
N THR QA 125 15.77 2.68 -86.37
CA THR QA 125 14.96 3.61 -87.15
C THR QA 125 13.86 4.28 -86.34
N GLN QA 126 13.36 3.58 -85.31
CA GLN QA 126 12.21 4.08 -84.56
C GLN QA 126 12.55 4.67 -83.19
N ASN QA 127 13.71 4.29 -82.64
CA ASN QA 127 14.17 4.83 -81.37
C ASN QA 127 15.17 5.97 -81.57
N ALA QA 128 15.06 6.99 -80.72
CA ALA QA 128 15.87 8.20 -80.88
C ALA QA 128 17.20 8.16 -80.14
N GLU QA 129 17.33 7.23 -79.20
CA GLU QA 129 18.51 7.16 -78.35
C GLU QA 129 19.75 6.73 -79.13
N MET QA 130 19.54 5.90 -80.15
CA MET QA 130 20.64 5.41 -80.97
C MET QA 130 20.49 5.86 -82.42
N ARG QA 131 21.55 5.69 -83.21
CA ARG QA 131 21.54 6.08 -84.61
C ARG QA 131 21.67 4.86 -85.52
N PRO QA 132 20.85 4.86 -86.66
CA PRO QA 132 21.03 3.66 -87.50
C PRO QA 132 22.49 3.46 -87.90
N LEU QA 133 22.82 2.25 -88.34
CA LEU QA 133 24.19 1.93 -88.75
C LEU QA 133 24.45 2.39 -90.18
N GLY QA 134 25.66 2.89 -90.42
CA GLY QA 134 26.04 3.35 -91.74
C GLY QA 134 26.59 2.23 -92.61
N CYS QA 135 25.80 1.17 -92.76
CA CYS QA 135 26.24 0.02 -93.53
C CYS QA 135 25.06 -0.73 -94.17
N CYS QA 136 25.39 -1.52 -95.18
CA CYS QA 136 24.41 -2.29 -95.92
C CYS QA 136 24.90 -3.73 -95.99
N MET QA 137 24.01 -4.69 -95.77
CA MET QA 137 24.45 -6.08 -95.75
C MET QA 137 23.90 -6.91 -96.90
N ILE QA 138 24.77 -7.64 -97.59
CA ILE QA 138 24.31 -8.55 -98.64
C ILE QA 138 24.67 -10.00 -98.31
N LEU QA 139 23.65 -10.83 -98.11
CA LEU QA 139 23.86 -12.23 -97.77
C LEU QA 139 23.69 -13.14 -98.98
N ILE QA 140 24.49 -14.19 -99.06
CA ILE QA 140 24.34 -15.20 -100.10
C ILE QA 140 24.39 -16.61 -99.52
N GLY QA 141 23.64 -17.52 -100.13
CA GLY QA 141 23.68 -18.92 -99.71
C GLY QA 141 22.67 -19.79 -100.42
N ILE QA 142 22.90 -21.10 -100.42
CA ILE QA 142 22.00 -22.04 -101.08
C ILE QA 142 20.85 -22.48 -100.16
N ASP QA 143 19.63 -22.39 -100.67
CA ASP QA 143 18.45 -22.82 -99.92
C ASP QA 143 17.99 -24.19 -100.41
N GLU QA 144 17.56 -25.02 -99.46
CA GLU QA 144 17.23 -26.43 -99.70
C GLU QA 144 16.35 -26.71 -100.93
N GLU QA 145 15.42 -25.82 -101.22
CA GLU QA 145 14.49 -26.03 -102.32
C GLU QA 145 14.44 -24.84 -103.27
N GLN QA 146 14.57 -23.64 -102.71
CA GLN QA 146 14.53 -22.42 -103.52
C GLN QA 146 15.88 -22.14 -104.17
N GLY QA 147 16.88 -22.97 -103.87
CA GLY QA 147 18.18 -22.85 -104.49
C GLY QA 147 18.91 -21.59 -104.07
N PRO QA 148 19.86 -21.13 -104.90
CA PRO QA 148 20.70 -19.96 -104.61
C PRO QA 148 19.90 -18.73 -104.21
N GLN QA 149 20.36 -18.05 -103.16
CA GLN QA 149 19.67 -16.90 -102.60
C GLN QA 149 20.64 -15.76 -102.36
N VAL QA 150 20.27 -14.58 -102.85
CA VAL QA 150 21.01 -13.35 -102.64
C VAL QA 150 20.09 -12.29 -102.04
N TYR QA 151 20.27 -11.98 -100.77
CA TYR QA 151 19.44 -11.00 -100.09
C TYR QA 151 20.22 -9.76 -99.71
N LYS QA 152 19.51 -8.67 -99.42
CA LYS QA 152 20.15 -7.43 -99.03
C LYS QA 152 19.30 -6.65 -98.03
N CYS QA 153 19.94 -6.04 -97.05
CA CYS QA 153 19.26 -5.23 -96.04
C CYS QA 153 19.91 -3.86 -95.82
N ASP QA 154 19.03 -2.88 -95.61
CA ASP QA 154 19.36 -1.45 -95.53
C ASP QA 154 19.39 -0.97 -94.08
N PRO QA 155 19.92 0.25 -93.86
CA PRO QA 155 19.77 0.92 -92.56
C PRO QA 155 18.33 1.36 -92.31
N ALA QA 156 17.50 1.37 -93.34
CA ALA QA 156 16.12 1.80 -93.22
C ALA QA 156 15.26 0.72 -92.60
N GLY QA 157 15.73 -0.52 -92.70
CA GLY QA 157 14.98 -1.67 -92.24
C GLY QA 157 14.42 -2.46 -93.39
N TYR QA 158 14.67 -1.98 -94.61
CA TYR QA 158 14.23 -2.69 -95.80
C TYR QA 158 15.14 -3.87 -96.10
N TYR QA 159 14.53 -5.00 -96.44
CA TYR QA 159 15.27 -6.18 -96.87
C TYR QA 159 14.58 -6.80 -98.07
N CYS QA 160 15.35 -7.39 -98.97
CA CYS QA 160 14.75 -8.03 -100.13
C CYS QA 160 15.65 -9.07 -100.79
N GLY QA 161 15.03 -10.02 -101.46
CA GLY QA 161 15.73 -10.98 -102.29
C GLY QA 161 15.96 -10.38 -103.67
N PHE QA 162 17.04 -10.79 -104.31
CA PHE QA 162 17.43 -10.20 -105.59
C PHE QA 162 17.99 -11.23 -106.55
N LYS QA 163 17.85 -10.94 -107.84
CA LYS QA 163 18.53 -11.70 -108.88
C LYS QA 163 19.94 -11.13 -108.99
N ALA QA 164 20.06 -9.84 -108.67
CA ALA QA 164 21.34 -9.16 -108.59
C ALA QA 164 21.16 -7.80 -107.91
N THR QA 165 22.19 -7.35 -107.22
CA THR QA 165 22.18 -6.02 -106.62
C THR QA 165 23.58 -5.46 -106.48
N ALA QA 166 23.65 -4.27 -105.91
CA ALA QA 166 24.93 -3.63 -105.62
C ALA QA 166 24.75 -2.71 -104.42
N ALA QA 167 25.85 -2.24 -103.87
CA ALA QA 167 25.80 -1.32 -102.74
C ALA QA 167 27.03 -0.42 -102.73
N GLY QA 168 26.86 0.79 -102.19
CA GLY QA 168 27.97 1.71 -102.07
C GLY QA 168 27.89 2.90 -103.01
N VAL QA 169 29.05 3.37 -103.43
CA VAL QA 169 29.15 4.57 -104.27
C VAL QA 169 28.44 4.41 -105.61
N LYS QA 170 28.96 3.54 -106.46
CA LYS QA 170 28.40 3.36 -107.79
C LYS QA 170 27.31 2.29 -107.82
N GLN QA 171 26.34 2.43 -106.93
CA GLN QA 171 25.26 1.47 -106.82
C GLN QA 171 24.29 1.56 -107.99
N THR QA 172 23.79 2.77 -108.25
CA THR QA 172 22.80 3.00 -109.30
C THR QA 172 23.33 2.62 -110.68
N GLU QA 173 24.57 2.99 -110.96
CA GLU QA 173 25.20 2.64 -112.22
C GLU QA 173 25.30 1.13 -112.38
N SER QA 174 25.69 0.46 -111.29
CA SER QA 174 25.84 -0.99 -111.29
C SER QA 174 24.51 -1.71 -111.50
N THR QA 175 23.44 -1.18 -110.90
CA THR QA 175 22.12 -1.75 -111.07
C THR QA 175 21.64 -1.56 -112.51
N SER QA 176 21.83 -0.36 -113.03
CA SER QA 176 21.46 -0.05 -114.42
C SER QA 176 22.23 -0.95 -115.39
N PHE QA 177 23.45 -1.31 -115.03
CA PHE QA 177 24.23 -2.27 -115.79
C PHE QA 177 23.60 -3.65 -115.71
N LEU QA 178 23.35 -4.09 -114.48
CA LEU QA 178 22.90 -5.45 -114.21
C LEU QA 178 21.55 -5.78 -114.81
N GLU QA 179 20.60 -4.84 -114.76
CA GLU QA 179 19.29 -5.10 -115.36
C GLU QA 179 19.37 -5.16 -116.87
N LYS QA 180 20.26 -4.35 -117.45
CA LYS QA 180 20.50 -4.39 -118.89
C LYS QA 180 21.09 -5.75 -119.28
N LYS QA 181 21.99 -6.26 -118.44
CA LYS QA 181 22.63 -7.54 -118.72
C LYS QA 181 21.70 -8.73 -118.48
N VAL QA 182 20.72 -8.54 -117.59
CA VAL QA 182 19.76 -9.59 -117.25
C VAL QA 182 18.71 -9.80 -118.33
N LYS QA 183 18.24 -8.69 -118.90
CA LYS QA 183 17.20 -8.73 -119.94
C LYS QA 183 17.61 -9.57 -121.16
N LYS QA 184 18.91 -9.70 -121.38
CA LYS QA 184 19.43 -10.43 -122.54
C LYS QA 184 19.25 -11.94 -122.41
N LYS QA 185 19.05 -12.40 -121.17
CA LYS QA 185 18.80 -13.81 -120.89
C LYS QA 185 19.89 -14.75 -121.40
N PHE QA 186 20.95 -14.90 -120.62
CA PHE QA 186 22.05 -15.81 -120.96
C PHE QA 186 21.96 -17.08 -120.12
N ASP QA 187 22.79 -18.07 -120.46
CA ASP QA 187 22.85 -19.30 -119.66
C ASP QA 187 23.69 -19.05 -118.42
N TRP QA 188 23.03 -18.68 -117.33
CA TRP QA 188 23.71 -18.28 -116.11
C TRP QA 188 24.50 -19.40 -115.45
N THR QA 189 25.66 -19.72 -116.03
CA THR QA 189 26.56 -20.69 -115.44
C THR QA 189 27.40 -20.02 -114.36
N PHE QA 190 28.36 -20.76 -113.82
CA PHE QA 190 29.25 -20.25 -112.78
C PHE QA 190 30.10 -19.10 -113.31
N GLU QA 191 30.84 -19.40 -114.39
CA GLU QA 191 31.74 -18.43 -115.00
C GLU QA 191 30.98 -17.23 -115.54
N GLN QA 192 29.76 -17.47 -116.02
CA GLN QA 192 28.92 -16.39 -116.52
C GLN QA 192 28.59 -15.43 -115.39
N THR QA 193 28.27 -15.98 -114.23
CA THR QA 193 27.91 -15.18 -113.06
C THR QA 193 29.11 -14.38 -112.54
N VAL QA 194 30.23 -15.08 -112.32
CA VAL QA 194 31.44 -14.43 -111.84
C VAL QA 194 31.90 -13.33 -112.79
N GLU QA 195 31.94 -13.65 -114.07
CA GLU QA 195 32.34 -12.69 -115.09
C GLU QA 195 31.40 -11.49 -115.14
N THR QA 196 30.09 -11.75 -115.05
CA THR QA 196 29.10 -10.67 -115.06
C THR QA 196 29.32 -9.73 -113.88
N ALA QA 197 29.60 -10.29 -112.71
CA ALA QA 197 29.85 -9.49 -111.51
C ALA QA 197 31.12 -8.64 -111.65
N ILE QA 198 32.23 -9.30 -111.93
CA ILE QA 198 33.52 -8.64 -112.07
C ILE QA 198 33.50 -7.57 -113.14
N THR QA 199 32.88 -7.87 -114.28
CA THR QA 199 32.76 -6.91 -115.38
C THR QA 199 31.81 -5.77 -115.03
N CYS QA 200 30.80 -6.06 -114.19
CA CYS QA 200 29.92 -4.99 -113.73
C CYS QA 200 30.74 -3.98 -112.94
N LEU QA 201 31.45 -4.48 -111.94
CA LEU QA 201 32.28 -3.61 -111.11
C LEU QA 201 33.33 -2.86 -111.94
N SER QA 202 33.96 -3.59 -112.86
CA SER QA 202 35.02 -3.04 -113.69
C SER QA 202 34.53 -1.94 -114.63
N THR QA 203 33.48 -2.21 -115.38
CA THR QA 203 32.93 -1.23 -116.31
C THR QA 203 32.19 -0.12 -115.59
N VAL QA 204 31.93 -0.31 -114.30
CA VAL QA 204 31.32 0.75 -113.49
C VAL QA 204 32.39 1.67 -112.89
N LEU QA 205 33.59 1.13 -112.68
CA LEU QA 205 34.68 1.91 -112.11
C LEU QA 205 35.74 2.29 -113.15
N SER QA 206 35.72 1.61 -114.29
CA SER QA 206 36.73 1.79 -115.34
C SER QA 206 38.14 1.64 -114.79
N ILE QA 207 38.46 0.44 -114.31
CA ILE QA 207 39.73 0.17 -113.66
C ILE QA 207 40.47 -1.00 -114.30
N ASP QA 208 39.74 -2.06 -114.62
CA ASP QA 208 40.34 -3.33 -115.05
C ASP QA 208 41.30 -3.83 -113.99
N PHE QA 209 40.76 -4.59 -113.03
CA PHE QA 209 41.45 -4.91 -111.79
C PHE QA 209 42.67 -5.81 -111.96
N LYS QA 210 43.59 -5.69 -111.00
CA LYS QA 210 44.61 -6.69 -110.76
C LYS QA 210 43.95 -7.72 -109.84
N PRO QA 211 44.49 -8.93 -109.75
CA PRO QA 211 43.86 -9.93 -108.89
C PRO QA 211 43.93 -9.59 -107.39
N SER QA 212 44.67 -8.55 -107.04
CA SER QA 212 44.79 -8.14 -105.65
C SER QA 212 44.01 -6.86 -105.36
N GLU QA 213 43.17 -6.45 -106.32
CA GLU QA 213 42.39 -5.23 -106.17
C GLU QA 213 40.94 -5.53 -105.79
N ILE QA 214 40.52 -6.78 -105.98
CA ILE QA 214 39.17 -7.17 -105.60
C ILE QA 214 39.17 -8.46 -104.78
N GLU QA 215 38.05 -8.74 -104.15
CA GLU QA 215 37.84 -10.01 -103.46
C GLU QA 215 36.48 -10.58 -103.86
N VAL QA 216 36.44 -11.90 -104.02
CA VAL QA 216 35.26 -12.57 -104.53
C VAL QA 216 34.79 -13.71 -103.64
N GLY QA 217 33.59 -13.58 -103.09
CA GLY QA 217 32.95 -14.65 -102.36
C GLY QA 217 32.06 -15.43 -103.29
N VAL QA 218 31.78 -16.68 -102.96
CA VAL QA 218 31.01 -17.53 -103.86
C VAL QA 218 30.36 -18.70 -103.12
N VAL QA 219 29.24 -19.18 -103.65
CA VAL QA 219 28.59 -20.37 -103.10
C VAL QA 219 27.85 -21.14 -104.19
N THR QA 220 28.22 -22.42 -104.36
CA THR QA 220 27.67 -23.25 -105.42
C THR QA 220 26.65 -24.24 -104.87
N VAL QA 221 25.81 -24.78 -105.75
CA VAL QA 221 24.88 -25.84 -105.36
C VAL QA 221 25.65 -27.13 -105.10
N GLU QA 222 26.64 -27.41 -105.94
CA GLU QA 222 27.49 -28.59 -105.79
C GLU QA 222 28.41 -28.44 -104.58
N ASN QA 223 28.65 -27.20 -104.16
CA ASN QA 223 29.49 -26.92 -103.00
C ASN QA 223 28.96 -25.73 -102.20
N PRO QA 224 27.97 -25.99 -101.33
CA PRO QA 224 27.23 -24.96 -100.60
C PRO QA 224 28.05 -24.18 -99.58
N LYS QA 225 29.28 -24.62 -99.30
CA LYS QA 225 30.12 -23.93 -98.33
C LYS QA 225 30.64 -22.61 -98.87
N PHE QA 226 30.46 -21.54 -98.10
CA PHE QA 226 30.91 -20.21 -98.49
C PHE QA 226 32.41 -20.20 -98.73
N ARG QA 227 32.79 -19.93 -99.97
CA ARG QA 227 34.18 -20.03 -100.40
C ARG QA 227 34.73 -18.67 -100.84
N ILE QA 228 35.91 -18.34 -100.35
CA ILE QA 228 36.59 -17.11 -100.74
C ILE QA 228 37.71 -17.42 -101.74
N LEU QA 229 37.68 -16.73 -102.87
CA LEU QA 229 38.62 -17.00 -103.95
C LEU QA 229 40.01 -16.48 -103.68
N THR QA 230 41.01 -17.30 -104.01
CA THR QA 230 42.42 -16.91 -103.89
C THR QA 230 42.75 -15.91 -105.00
N GLU QA 231 43.88 -15.23 -104.85
CA GLU QA 231 44.34 -14.29 -105.85
C GLU QA 231 44.53 -14.99 -107.20
N ALA QA 232 45.01 -16.22 -107.16
CA ALA QA 232 45.26 -17.01 -108.36
C ALA QA 232 43.97 -17.32 -109.13
N GLU QA 233 42.98 -17.89 -108.43
CA GLU QA 233 41.73 -18.28 -109.07
C GLU QA 233 40.85 -17.08 -109.40
N ILE QA 234 41.25 -15.90 -108.97
CA ILE QA 234 40.63 -14.66 -109.41
C ILE QA 234 41.31 -14.20 -110.70
N ASP QA 235 42.64 -14.29 -110.71
CA ASP QA 235 43.42 -13.96 -111.89
C ASP QA 235 43.05 -14.86 -113.06
N ALA QA 236 42.58 -16.06 -112.74
CA ALA QA 236 42.11 -17.00 -113.77
C ALA QA 236 40.92 -16.42 -114.52
N HIS QA 237 39.93 -15.91 -113.78
CA HIS QA 237 38.77 -15.26 -114.39
C HIS QA 237 39.20 -13.98 -115.09
N LEU QA 238 40.13 -13.24 -114.49
CA LEU QA 238 40.63 -12.00 -115.07
C LEU QA 238 41.23 -12.20 -116.45
N VAL QA 239 42.06 -13.24 -116.60
CA VAL QA 239 42.67 -13.54 -117.89
C VAL QA 239 41.67 -14.25 -118.80
N ALA QA 240 40.65 -14.85 -118.22
CA ALA QA 240 39.59 -15.49 -118.99
C ALA QA 240 38.71 -14.44 -119.66
N LEU QA 241 38.67 -13.24 -119.08
CA LEU QA 241 37.86 -12.16 -119.62
C LEU QA 241 38.49 -11.46 -120.80
N ALA QA 242 39.82 -11.33 -120.78
CA ALA QA 242 40.54 -10.65 -121.86
C ALA QA 242 40.85 -11.58 -123.02
N GLU QA 243 39.81 -12.19 -123.59
CA GLU QA 243 39.97 -13.11 -124.70
C GLU QA 243 38.88 -12.95 -125.75
N ARG QA 244 37.67 -12.58 -125.31
CA ARG QA 244 36.53 -12.45 -126.22
C ARG QA 244 36.11 -10.99 -126.38
N ALA RA 1 27.08 0.82 -73.38
CA ALA RA 1 25.97 1.00 -72.45
C ALA RA 1 24.83 1.83 -73.07
N GLU RA 2 23.59 1.49 -72.72
CA GLU RA 2 22.43 2.23 -73.20
C GLU RA 2 21.23 2.06 -72.27
N ARG RA 3 20.32 3.02 -72.32
CA ARG RA 3 19.10 2.97 -71.52
C ARG RA 3 17.89 3.34 -72.37
N GLY RA 4 17.60 4.63 -72.45
CA GLY RA 4 16.50 5.11 -73.27
C GLY RA 4 15.97 6.47 -72.84
N TYR RA 5 15.38 7.19 -73.80
CA TYR RA 5 14.74 8.47 -73.50
C TYR RA 5 13.36 8.22 -72.90
N SER RA 6 13.12 8.73 -71.71
CA SER RA 6 11.89 8.45 -70.98
C SER RA 6 10.77 9.45 -71.27
N PHE RA 7 11.06 10.45 -72.09
CA PHE RA 7 10.10 11.50 -72.38
C PHE RA 7 9.42 11.29 -73.74
N SER RA 8 8.17 11.76 -73.85
CA SER RA 8 7.42 11.65 -75.09
C SER RA 8 8.08 12.43 -76.22
N LEU RA 9 8.13 11.83 -77.40
CA LEU RA 9 8.59 12.53 -78.59
C LEU RA 9 7.39 13.05 -79.37
N THR RA 10 6.20 12.79 -78.85
CA THR RA 10 4.96 13.24 -79.47
C THR RA 10 4.19 14.07 -78.46
N THR RA 11 4.07 15.36 -78.71
CA THR RA 11 3.40 16.26 -77.79
C THR RA 11 2.37 17.14 -78.49
N PHE RA 12 1.55 17.83 -77.69
CA PHE RA 12 0.52 18.72 -78.21
C PHE RA 12 1.09 20.07 -78.62
N SER RA 13 0.75 20.51 -79.83
CA SER RA 13 1.07 21.86 -80.27
C SER RA 13 0.03 22.80 -79.66
N PRO RA 14 0.34 24.11 -79.61
CA PRO RA 14 -0.60 25.08 -79.03
C PRO RA 14 -1.99 25.03 -79.67
N SER RA 15 -2.06 24.69 -80.96
CA SER RA 15 -3.33 24.55 -81.65
C SER RA 15 -4.08 23.31 -81.18
N GLY RA 16 -3.34 22.34 -80.67
CA GLY RA 16 -3.95 21.13 -80.13
C GLY RA 16 -3.70 19.91 -80.99
N LYS RA 17 -2.70 19.99 -81.86
CA LYS RA 17 -2.42 18.91 -82.80
C LYS RA 17 -1.21 18.07 -82.37
N LEU RA 18 -1.39 16.75 -82.36
CA LEU RA 18 -0.28 15.84 -82.14
C LEU RA 18 0.52 15.70 -83.43
N VAL RA 19 1.43 16.66 -83.63
CA VAL RA 19 2.10 16.87 -84.92
C VAL RA 19 2.79 15.64 -85.50
N GLN RA 20 3.45 14.86 -84.65
CA GLN RA 20 4.19 13.69 -85.11
C GLN RA 20 3.28 12.63 -85.71
N ILE RA 21 2.06 12.53 -85.19
CA ILE RA 21 1.08 11.60 -85.72
C ILE RA 21 0.64 12.05 -87.11
N GLU RA 22 0.45 13.36 -87.26
CA GLU RA 22 0.04 13.92 -88.54
C GLU RA 22 1.14 13.76 -89.59
N TYR RA 23 2.38 13.91 -89.17
CA TYR RA 23 3.52 13.68 -90.05
C TYR RA 23 3.61 12.20 -90.41
N ALA RA 24 3.25 11.34 -89.45
CA ALA RA 24 3.21 9.90 -89.69
C ALA RA 24 2.18 9.59 -90.77
N LEU RA 25 1.03 10.25 -90.68
CA LEU RA 25 -0.02 10.10 -91.68
C LEU RA 25 0.46 10.64 -93.03
N ALA RA 26 1.28 11.67 -92.99
CA ALA RA 26 1.89 12.21 -94.21
C ALA RA 26 2.79 11.15 -94.84
N ALA RA 27 3.47 10.38 -94.01
CA ALA RA 27 4.28 9.26 -94.49
C ALA RA 27 3.37 8.18 -95.07
N VAL RA 28 2.24 7.96 -94.43
CA VAL RA 28 1.26 6.97 -94.90
C VAL RA 28 0.71 7.35 -96.26
N ALA RA 29 0.20 8.57 -96.36
CA ALA RA 29 -0.29 9.10 -97.63
C ALA RA 29 0.89 9.49 -98.52
N GLY RA 30 1.67 8.49 -98.93
CA GLY RA 30 2.84 8.70 -99.74
C GLY RA 30 3.37 7.37 -100.25
N GLY RA 31 2.92 6.30 -99.62
CA GLY RA 31 3.30 4.95 -100.02
C GLY RA 31 2.36 4.40 -101.07
N ALA RA 32 2.65 3.20 -101.55
CA ALA RA 32 1.84 2.55 -102.57
C ALA RA 32 0.39 2.41 -102.12
N PRO RA 33 -0.55 2.66 -103.04
CA PRO RA 33 -1.98 2.61 -102.71
C PRO RA 33 -2.46 1.20 -102.38
N SER RA 34 -3.45 1.11 -101.49
CA SER RA 34 -4.03 -0.17 -101.12
C SER RA 34 -5.54 -0.03 -100.96
N VAL RA 35 -6.28 -0.96 -101.55
CA VAL RA 35 -7.73 -0.95 -101.47
C VAL RA 35 -8.23 -2.17 -100.72
N GLY RA 36 -9.38 -2.01 -100.05
CA GLY RA 36 -10.01 -3.11 -99.35
C GLY RA 36 -11.51 -3.07 -99.55
N ILE RA 37 -12.10 -4.20 -99.89
CA ILE RA 37 -13.54 -4.25 -100.15
C ILE RA 37 -14.22 -5.43 -99.45
N LYS RA 38 -15.21 -5.12 -98.62
CA LYS RA 38 -16.03 -6.15 -97.98
C LYS RA 38 -17.18 -6.52 -98.91
N ALA RA 39 -17.40 -7.81 -99.11
CA ALA RA 39 -18.34 -8.26 -100.14
C ALA RA 39 -19.27 -9.39 -99.71
N ALA RA 40 -20.02 -9.19 -98.64
CA ALA RA 40 -21.08 -10.11 -98.25
C ALA RA 40 -20.63 -11.57 -98.01
N ASN RA 41 -19.96 -12.16 -98.99
CA ASN RA 41 -19.46 -13.53 -98.87
C ASN RA 41 -17.95 -13.60 -98.77
N GLY RA 42 -17.31 -12.46 -98.56
CA GLY RA 42 -15.86 -12.42 -98.42
C GLY RA 42 -15.29 -11.01 -98.38
N VAL RA 43 -13.96 -10.93 -98.21
CA VAL RA 43 -13.26 -9.65 -98.19
C VAL RA 43 -12.07 -9.71 -99.15
N VAL RA 44 -11.73 -8.56 -99.73
CA VAL RA 44 -10.60 -8.49 -100.66
C VAL RA 44 -9.64 -7.39 -100.24
N LEU RA 45 -8.35 -7.72 -100.20
CA LEU RA 45 -7.30 -6.73 -99.99
C LEU RA 45 -6.40 -6.71 -101.22
N ALA RA 46 -6.06 -5.51 -101.69
CA ALA RA 46 -5.22 -5.40 -102.88
C ALA RA 46 -4.26 -4.23 -102.74
N THR RA 47 -3.05 -4.39 -103.28
CA THR RA 47 -2.05 -3.33 -103.17
C THR RA 47 -1.11 -3.28 -104.36
N GLU RA 48 -0.55 -2.10 -104.59
CA GLU RA 48 0.45 -1.91 -105.63
C GLU RA 48 1.80 -2.44 -105.15
N LYS RA 49 2.19 -3.59 -105.69
CA LYS RA 49 3.47 -4.21 -105.36
C LYS RA 49 4.48 -3.91 -106.46
N LYS RA 50 4.58 -2.64 -106.82
CA LYS RA 50 5.49 -2.23 -107.89
C LYS RA 50 6.91 -2.03 -107.36
N GLN RA 51 7.80 -2.93 -107.72
CA GLN RA 51 9.21 -2.81 -107.35
C GLN RA 51 9.88 -1.68 -108.14
N LYS RA 52 11.19 -1.79 -108.35
CA LYS RA 52 11.92 -0.68 -108.96
C LYS RA 52 13.07 -1.15 -109.85
N SER RA 53 13.03 -2.42 -110.24
CA SER RA 53 14.09 -3.02 -111.06
C SER RA 53 13.71 -4.44 -111.43
N ILE RA 54 14.21 -4.91 -112.56
CA ILE RA 54 14.00 -6.30 -112.97
C ILE RA 54 14.83 -7.21 -112.07
N LEU RA 55 15.74 -6.61 -111.32
CA LEU RA 55 16.64 -7.34 -110.44
C LEU RA 55 15.95 -7.80 -109.16
N TYR RA 56 14.87 -7.12 -108.79
CA TYR RA 56 14.13 -7.45 -107.59
C TYR RA 56 13.42 -8.80 -107.72
N ASP RA 57 13.40 -9.55 -106.63
CA ASP RA 57 12.70 -10.83 -106.59
C ASP RA 57 11.39 -10.65 -105.83
N GLU RA 58 10.30 -10.44 -106.57
CA GLU RA 58 9.01 -10.11 -105.97
C GLU RA 58 8.40 -11.29 -105.20
N ARG RA 59 8.95 -12.48 -105.41
CA ARG RA 59 8.43 -13.68 -104.77
C ARG RA 59 9.18 -13.99 -103.47
N SER RA 60 9.71 -12.96 -102.82
CA SER RA 60 10.45 -13.13 -101.57
C SER RA 60 9.83 -12.35 -100.42
N VAL RA 61 9.47 -11.10 -100.69
CA VAL RA 61 8.81 -10.26 -99.70
C VAL RA 61 7.40 -9.93 -100.16
N HIS RA 62 6.44 -9.98 -99.24
CA HIS RA 62 5.05 -9.77 -99.58
C HIS RA 62 4.43 -8.61 -98.80
N LYS RA 63 3.48 -7.92 -99.42
CA LYS RA 63 2.78 -6.82 -98.75
C LYS RA 63 1.47 -7.31 -98.16
N VAL RA 64 0.92 -8.37 -98.73
CA VAL RA 64 -0.30 -8.98 -98.22
C VAL RA 64 0.06 -10.13 -97.30
N GLU RA 65 -0.03 -9.90 -96.00
CA GLU RA 65 0.39 -10.91 -95.03
C GLU RA 65 -0.77 -11.49 -94.24
N PRO RA 66 -0.69 -12.79 -93.94
CA PRO RA 66 -1.65 -13.47 -93.06
C PRO RA 66 -1.27 -13.31 -91.58
N ILE RA 67 -2.26 -13.05 -90.74
CA ILE RA 67 -2.04 -12.97 -89.31
C ILE RA 67 -2.32 -14.35 -88.71
N THR RA 68 -3.45 -14.93 -89.08
CA THR RA 68 -3.79 -16.30 -88.72
C THR RA 68 -4.38 -17.00 -89.94
N LYS RA 69 -5.19 -18.02 -89.67
CA LYS RA 69 -5.81 -18.79 -90.73
C LYS RA 69 -7.05 -18.08 -91.28
N HIS RA 70 -7.48 -17.02 -90.60
CA HIS RA 70 -8.70 -16.33 -90.97
C HIS RA 70 -8.57 -14.80 -91.03
N ILE RA 71 -7.38 -14.28 -90.79
CA ILE RA 71 -7.18 -12.83 -90.79
C ILE RA 71 -5.98 -12.41 -91.65
N GLY RA 72 -6.17 -11.35 -92.46
CA GLY RA 72 -5.14 -10.87 -93.35
C GLY RA 72 -4.82 -9.39 -93.23
N LEU RA 73 -3.67 -9.01 -93.76
CA LEU RA 73 -3.15 -7.66 -93.64
C LEU RA 73 -2.58 -7.07 -94.92
N VAL RA 74 -2.92 -5.80 -95.19
CA VAL RA 74 -2.15 -4.99 -96.13
C VAL RA 74 -1.93 -3.62 -95.50
N TYR RA 75 -1.12 -2.78 -96.14
CA TYR RA 75 -0.76 -1.52 -95.51
C TYR RA 75 -0.45 -0.40 -96.49
N SER RA 76 -0.34 0.81 -95.95
CA SER RA 76 0.15 1.95 -96.70
C SER RA 76 1.09 2.74 -95.81
N GLY RA 77 2.33 2.92 -96.27
CA GLY RA 77 3.33 3.65 -95.52
C GLY RA 77 4.70 3.03 -95.59
N MET RA 78 5.31 2.80 -94.42
CA MET RA 78 6.68 2.29 -94.36
C MET RA 78 6.73 0.78 -94.15
N GLY RA 79 7.49 0.10 -95.01
CA GLY RA 79 7.64 -1.34 -94.95
C GLY RA 79 8.02 -1.94 -93.60
N PRO RA 80 9.18 -1.53 -93.05
CA PRO RA 80 9.67 -2.07 -91.78
C PRO RA 80 8.67 -1.96 -90.63
N ASP RA 81 8.09 -0.79 -90.46
CA ASP RA 81 7.07 -0.56 -89.42
C ASP RA 81 5.94 -1.58 -89.57
N TYR RA 82 5.51 -1.76 -90.81
CA TYR RA 82 4.48 -2.74 -91.13
C TYR RA 82 4.89 -4.13 -90.69
N ARG RA 83 6.13 -4.51 -91.01
CA ARG RA 83 6.66 -5.82 -90.67
C ARG RA 83 6.59 -6.06 -89.15
N VAL RA 84 7.07 -5.08 -88.41
CA VAL RA 84 6.97 -5.08 -86.95
C VAL RA 84 5.55 -5.31 -86.48
N LEU RA 85 4.63 -4.51 -87.01
CA LEU RA 85 3.21 -4.61 -86.65
C LEU RA 85 2.61 -5.98 -86.99
N VAL RA 86 3.11 -6.60 -88.05
CA VAL RA 86 2.64 -7.91 -88.48
C VAL RA 86 3.06 -8.96 -87.46
N HIS RA 87 4.34 -8.94 -87.11
CA HIS RA 87 4.85 -9.85 -86.09
C HIS RA 87 4.06 -9.72 -84.79
N ARG RA 88 3.92 -8.48 -84.33
CA ARG RA 88 3.17 -8.20 -83.11
C ARG RA 88 1.72 -8.70 -83.18
N ALA RA 89 1.08 -8.46 -84.32
CA ALA RA 89 -0.32 -8.87 -84.52
C ALA RA 89 -0.46 -10.39 -84.44
N ARG RA 90 0.41 -11.09 -85.15
CA ARG RA 90 0.45 -12.55 -85.10
C ARG RA 90 0.60 -13.04 -83.66
N LYS RA 91 1.55 -12.45 -82.92
CA LYS RA 91 1.75 -12.80 -81.52
C LYS RA 91 0.48 -12.61 -80.69
N LEU RA 92 -0.16 -11.45 -80.82
CA LEU RA 92 -1.41 -11.16 -80.12
C LEU RA 92 -2.48 -12.21 -80.39
N ALA RA 93 -2.60 -12.56 -81.67
CA ALA RA 93 -3.57 -13.57 -82.10
C ALA RA 93 -3.29 -14.89 -81.42
N GLN RA 94 -2.02 -15.29 -81.40
CA GLN RA 94 -1.64 -16.55 -80.75
C GLN RA 94 -1.91 -16.53 -79.25
N GLN RA 95 -1.73 -15.38 -78.62
CA GLN RA 95 -2.04 -15.25 -77.20
C GLN RA 95 -3.53 -15.48 -76.98
N TYR RA 96 -4.35 -14.80 -77.78
CA TYR RA 96 -5.80 -14.95 -77.69
C TYR RA 96 -6.20 -16.41 -77.85
N TYR RA 97 -5.59 -17.07 -78.84
CA TYR RA 97 -5.93 -18.47 -79.10
C TYR RA 97 -5.51 -19.38 -77.94
N LEU RA 98 -4.32 -19.16 -77.41
CA LEU RA 98 -3.84 -19.95 -76.28
C LEU RA 98 -4.76 -19.82 -75.07
N VAL RA 99 -5.30 -18.61 -74.86
CA VAL RA 99 -6.19 -18.40 -73.72
C VAL RA 99 -7.58 -18.99 -73.95
N TYR RA 100 -8.16 -18.73 -75.11
CA TYR RA 100 -9.57 -19.07 -75.35
C TYR RA 100 -9.81 -20.30 -76.21
N GLN RA 101 -8.76 -20.83 -76.84
CA GLN RA 101 -8.88 -21.97 -77.75
C GLN RA 101 -9.89 -21.73 -78.87
N GLU RA 102 -10.02 -20.46 -79.25
CA GLU RA 102 -10.95 -20.02 -80.29
C GLU RA 102 -10.26 -18.93 -81.10
N PRO RA 103 -10.35 -19.01 -82.44
CA PRO RA 103 -9.72 -18.01 -83.31
C PRO RA 103 -10.19 -16.60 -82.96
N ILE RA 104 -9.23 -15.67 -82.88
CA ILE RA 104 -9.52 -14.32 -82.43
C ILE RA 104 -10.44 -13.55 -83.38
N PRO RA 105 -11.53 -12.97 -82.83
CA PRO RA 105 -12.41 -12.08 -83.58
C PRO RA 105 -11.61 -10.95 -84.21
N THR RA 106 -11.93 -10.63 -85.46
CA THR RA 106 -11.17 -9.63 -86.21
C THR RA 106 -11.14 -8.29 -85.49
N ALA RA 107 -12.30 -7.88 -84.98
CA ALA RA 107 -12.42 -6.63 -84.24
C ALA RA 107 -11.48 -6.57 -83.04
N GLN RA 108 -11.34 -7.70 -82.36
CA GLN RA 108 -10.46 -7.78 -81.19
C GLN RA 108 -9.00 -7.60 -81.56
N LEU RA 109 -8.54 -8.34 -82.57
CA LEU RA 109 -7.18 -8.18 -83.07
C LEU RA 109 -6.92 -6.74 -83.47
N VAL RA 110 -7.89 -6.14 -84.16
CA VAL RA 110 -7.79 -4.76 -84.57
C VAL RA 110 -7.62 -3.83 -83.36
N GLN RA 111 -8.45 -4.03 -82.34
CA GLN RA 111 -8.37 -3.20 -81.13
C GLN RA 111 -7.01 -3.32 -80.44
N ARG RA 112 -6.53 -4.55 -80.29
CA ARG RA 112 -5.25 -4.81 -79.63
C ARG RA 112 -4.08 -4.18 -80.39
N VAL RA 113 -4.01 -4.44 -81.69
CA VAL RA 113 -2.98 -3.84 -82.53
C VAL RA 113 -3.06 -2.32 -82.48
N ALA RA 114 -4.29 -1.81 -82.43
CA ALA RA 114 -4.51 -0.37 -82.30
C ALA RA 114 -3.93 0.16 -80.99
N SER RA 115 -4.06 -0.61 -79.91
CA SER RA 115 -3.47 -0.23 -78.63
C SER RA 115 -1.94 -0.18 -78.74
N VAL RA 116 -1.39 -1.19 -79.40
CA VAL RA 116 0.05 -1.23 -79.65
C VAL RA 116 0.52 0.02 -80.41
N MET RA 117 -0.21 0.39 -81.45
CA MET RA 117 0.12 1.57 -82.23
C MET RA 117 -0.05 2.85 -81.41
N GLN RA 118 -1.01 2.81 -80.49
CA GLN RA 118 -1.30 3.96 -79.63
C GLN RA 118 -0.15 4.22 -78.69
N GLU RA 119 0.46 3.13 -78.20
CA GLU RA 119 1.60 3.25 -77.28
C GLU RA 119 2.70 4.15 -77.84
N TYR RA 120 2.99 4.00 -79.13
CA TYR RA 120 4.09 4.71 -79.76
C TYR RA 120 3.79 6.18 -80.05
N THR RA 121 2.67 6.67 -79.55
CA THR RA 121 2.33 8.08 -79.68
C THR RA 121 2.41 8.76 -78.31
N GLN RA 122 2.81 8.00 -77.30
CA GLN RA 122 2.85 8.49 -75.93
C GLN RA 122 4.07 8.00 -75.16
N SER RA 123 4.49 6.77 -75.43
CA SER RA 123 5.65 6.19 -74.75
C SER RA 123 6.93 6.96 -75.07
N GLY RA 124 7.92 6.81 -74.20
CA GLY RA 124 9.13 7.61 -74.29
C GLY RA 124 10.11 7.21 -75.37
N GLY RA 125 10.76 8.22 -75.96
CA GLY RA 125 11.86 8.01 -76.88
C GLY RA 125 11.54 7.31 -78.18
N VAL RA 126 10.27 7.34 -78.57
CA VAL RA 126 9.85 6.69 -79.82
C VAL RA 126 8.92 7.56 -80.65
N ARG RA 127 8.98 7.36 -81.96
CA ARG RA 127 8.07 8.01 -82.90
C ARG RA 127 6.91 7.07 -83.18
N PRO RA 128 5.76 7.62 -83.63
CA PRO RA 128 4.65 6.75 -84.04
C PRO RA 128 5.00 5.94 -85.29
N PHE RA 129 4.18 4.96 -85.62
CA PHE RA 129 4.39 4.18 -86.84
C PHE RA 129 3.96 4.98 -88.07
N GLY RA 130 4.78 4.92 -89.12
CA GLY RA 130 4.42 5.54 -90.38
C GLY RA 130 3.64 4.57 -91.25
N VAL RA 131 2.55 4.04 -90.71
CA VAL RA 131 1.83 2.96 -91.36
C VAL RA 131 0.33 2.99 -91.04
N SER RA 132 -0.49 2.87 -92.08
CA SER RA 132 -1.90 2.56 -91.89
C SER RA 132 -2.15 1.12 -92.32
N LEU RA 133 -2.98 0.42 -91.54
CA LEU RA 133 -3.22 -0.99 -91.76
C LEU RA 133 -4.65 -1.25 -92.23
N LEU RA 134 -4.78 -2.10 -93.24
CA LEU RA 134 -6.07 -2.67 -93.61
C LEU RA 134 -6.10 -4.13 -93.21
N ILE RA 135 -7.06 -4.47 -92.37
CA ILE RA 135 -7.15 -5.79 -91.75
C ILE RA 135 -8.45 -6.45 -92.16
N CYS RA 136 -8.36 -7.59 -92.82
CA CYS RA 136 -9.55 -8.31 -93.22
C CYS RA 136 -9.72 -9.56 -92.37
N GLY RA 137 -10.96 -10.01 -92.20
CA GLY RA 137 -11.21 -11.20 -91.39
C GLY RA 137 -12.57 -11.85 -91.62
N TRP RA 138 -12.68 -13.11 -91.20
CA TRP RA 138 -13.94 -13.85 -91.27
C TRP RA 138 -14.26 -14.48 -89.92
N ASN RA 139 -15.13 -13.82 -89.15
CA ASN RA 139 -15.49 -14.30 -87.82
C ASN RA 139 -17.00 -14.33 -87.62
N GLU RA 140 -17.50 -15.42 -87.05
CA GLU RA 140 -18.93 -15.58 -86.74
C GLU RA 140 -19.82 -15.42 -87.96
N GLY RA 141 -19.38 -15.96 -89.10
CA GLY RA 141 -20.17 -15.93 -90.32
C GLY RA 141 -19.99 -14.69 -91.15
N ARG RA 142 -20.03 -13.52 -90.51
CA ARG RA 142 -19.91 -12.24 -91.19
C ARG RA 142 -18.46 -11.93 -91.56
N PRO RA 143 -18.25 -11.19 -92.66
CA PRO RA 143 -16.93 -10.71 -93.07
C PRO RA 143 -16.63 -9.35 -92.45
N TYR RA 144 -15.34 -9.04 -92.29
CA TYR RA 144 -14.92 -7.80 -91.62
C TYR RA 144 -13.75 -7.11 -92.31
N LEU RA 145 -13.85 -5.80 -92.43
CA LEU RA 145 -12.77 -4.97 -92.94
C LEU RA 145 -12.52 -3.79 -92.02
N PHE RA 146 -11.28 -3.65 -91.56
CA PHE RA 146 -10.91 -2.60 -90.63
C PHE RA 146 -9.71 -1.81 -91.10
N GLN RA 147 -9.61 -0.57 -90.63
CA GLN RA 147 -8.44 0.24 -90.89
C GLN RA 147 -7.92 0.79 -89.57
N SER RA 148 -6.60 0.81 -89.41
CA SER RA 148 -5.99 1.44 -88.23
C SER RA 148 -4.89 2.40 -88.63
N ASP RA 149 -4.99 3.64 -88.18
CA ASP RA 149 -4.02 4.68 -88.53
C ASP RA 149 -3.06 4.92 -87.35
N PRO RA 150 -1.87 5.49 -87.63
CA PRO RA 150 -0.80 5.75 -86.66
C PRO RA 150 -1.23 6.25 -85.27
N SER RA 151 -2.34 6.96 -85.19
CA SER RA 151 -2.81 7.49 -83.90
C SER RA 151 -3.29 6.37 -82.99
N GLY RA 152 -3.54 5.21 -83.57
CA GLY RA 152 -4.06 4.08 -82.84
C GLY RA 152 -5.58 3.99 -82.95
N ALA RA 153 -6.15 4.88 -83.76
CA ALA RA 153 -7.59 4.86 -83.99
C ALA RA 153 -7.92 3.83 -85.05
N TYR RA 154 -9.13 3.28 -84.99
CA TYR RA 154 -9.54 2.25 -85.94
C TYR RA 154 -10.99 2.43 -86.40
N PHE RA 155 -11.26 2.10 -87.66
CA PHE RA 155 -12.59 2.26 -88.23
C PHE RA 155 -12.99 1.01 -89.01
N ALA RA 156 -14.28 0.72 -89.03
CA ALA RA 156 -14.81 -0.38 -89.82
C ALA RA 156 -15.24 0.12 -91.20
N TRP RA 157 -14.79 -0.56 -92.23
CA TRP RA 157 -15.07 -0.13 -93.60
C TRP RA 157 -15.86 -1.17 -94.40
N LYS RA 158 -16.80 -0.69 -95.21
CA LYS RA 158 -17.44 -1.52 -96.22
C LYS RA 158 -16.48 -1.66 -97.39
N ALA RA 159 -15.86 -0.54 -97.74
CA ALA RA 159 -14.80 -0.49 -98.72
C ALA RA 159 -14.01 0.81 -98.54
N THR RA 160 -12.71 0.78 -98.84
CA THR RA 160 -11.90 1.98 -98.74
C THR RA 160 -10.54 1.84 -99.42
N ALA RA 161 -9.77 2.92 -99.40
CA ALA RA 161 -8.44 2.93 -99.98
C ALA RA 161 -7.49 3.80 -99.14
N MET RA 162 -6.21 3.50 -99.24
CA MET RA 162 -5.18 4.25 -98.52
C MET RA 162 -3.96 4.45 -99.42
N GLY RA 163 -3.06 5.32 -99.02
CA GLY RA 163 -1.87 5.60 -99.80
C GLY RA 163 -2.06 6.72 -100.80
N LYS RA 164 -1.29 6.70 -101.88
CA LYS RA 164 -1.40 7.71 -102.93
C LYS RA 164 -2.78 7.70 -103.59
N ASN RA 165 -3.32 8.89 -103.83
CA ASN RA 165 -4.63 9.04 -104.47
C ASN RA 165 -5.75 8.30 -103.74
N TYR RA 166 -5.69 8.30 -102.41
CA TYR RA 166 -6.69 7.59 -101.62
C TYR RA 166 -8.05 8.28 -101.69
N VAL RA 167 -8.04 9.57 -101.99
CA VAL RA 167 -9.27 10.35 -102.14
C VAL RA 167 -10.01 9.98 -103.41
N ASN RA 168 -9.28 9.99 -104.53
CA ASN RA 168 -9.84 9.58 -105.82
C ASN RA 168 -10.32 8.14 -105.79
N GLY RA 169 -9.56 7.29 -105.11
CA GLY RA 169 -9.92 5.90 -104.96
C GLY RA 169 -11.15 5.73 -104.07
N LYS RA 170 -11.26 6.60 -103.06
CA LYS RA 170 -12.39 6.56 -102.15
C LYS RA 170 -13.67 6.97 -102.85
N THR RA 171 -13.60 8.02 -103.68
CA THR RA 171 -14.76 8.45 -104.46
C THR RA 171 -15.11 7.40 -105.52
N PHE RA 172 -14.07 6.81 -106.11
CA PHE RA 172 -14.24 5.75 -107.10
C PHE RA 172 -15.03 4.58 -106.51
N LEU RA 173 -14.58 4.09 -105.36
CA LEU RA 173 -15.25 3.00 -104.68
C LEU RA 173 -16.66 3.41 -104.24
N GLU RA 174 -16.79 4.68 -103.84
CA GLU RA 174 -18.06 5.22 -103.40
C GLU RA 174 -19.09 5.20 -104.53
N LYS RA 175 -18.61 5.37 -105.76
CA LYS RA 175 -19.48 5.36 -106.93
C LYS RA 175 -19.56 3.97 -107.57
N ARG RA 176 -18.46 3.52 -108.14
CA ARG RA 176 -18.45 2.30 -108.95
C ARG RA 176 -18.40 0.99 -108.15
N TYR RA 177 -19.06 0.96 -106.99
CA TYR RA 177 -19.09 -0.23 -106.16
C TYR RA 177 -20.15 -0.14 -105.06
N ASN RA 178 -20.72 -1.28 -104.69
CA ASN RA 178 -21.71 -1.33 -103.62
C ASN RA 178 -21.87 -2.74 -103.04
N GLU RA 179 -22.84 -2.89 -102.14
CA GLU RA 179 -23.04 -4.15 -101.43
C GLU RA 179 -23.59 -5.25 -102.32
N ASP RA 180 -23.89 -6.40 -101.71
CA ASP RA 180 -24.42 -7.57 -102.41
C ASP RA 180 -23.50 -8.16 -103.47
N LEU RA 181 -22.28 -7.62 -103.57
CA LEU RA 181 -21.30 -8.13 -104.52
C LEU RA 181 -20.75 -9.47 -104.06
N GLU RA 182 -20.34 -10.30 -105.01
CA GLU RA 182 -19.66 -11.55 -104.70
C GLU RA 182 -18.16 -11.29 -104.60
N LEU RA 183 -17.43 -12.29 -104.10
CA LEU RA 183 -15.99 -12.16 -103.94
C LEU RA 183 -15.31 -11.84 -105.26
N GLU RA 184 -15.71 -12.53 -106.32
CA GLU RA 184 -15.17 -12.30 -107.66
C GLU RA 184 -15.34 -10.86 -108.11
N ASP RA 185 -16.56 -10.36 -107.97
CA ASP RA 185 -16.90 -8.99 -108.34
C ASP RA 185 -16.06 -8.01 -107.55
N ALA RA 186 -15.94 -8.25 -106.26
CA ALA RA 186 -15.16 -7.39 -105.37
C ALA RA 186 -13.69 -7.34 -105.79
N ILE RA 187 -13.12 -8.50 -106.10
CA ILE RA 187 -11.74 -8.57 -106.57
C ILE RA 187 -11.60 -7.74 -107.84
N HIS RA 188 -12.60 -7.89 -108.72
CA HIS RA 188 -12.61 -7.15 -109.97
C HIS RA 188 -12.57 -5.63 -109.75
N THR RA 189 -13.50 -5.12 -108.96
CA THR RA 189 -13.52 -3.68 -108.69
C THR RA 189 -12.35 -3.22 -107.83
N ALA RA 190 -11.67 -4.16 -107.17
CA ALA RA 190 -10.50 -3.83 -106.38
C ALA RA 190 -9.28 -3.62 -107.28
N ILE RA 191 -9.08 -4.54 -108.22
CA ILE RA 191 -8.01 -4.37 -109.20
C ILE RA 191 -8.33 -3.16 -110.08
N LEU RA 192 -9.62 -2.92 -110.28
CA LEU RA 192 -10.06 -1.77 -111.07
C LEU RA 192 -9.75 -0.45 -110.37
N THR RA 193 -10.05 -0.37 -109.08
CA THR RA 193 -9.76 0.84 -108.31
C THR RA 193 -8.26 1.00 -108.08
N LEU RA 194 -7.54 -0.11 -108.20
CA LEU RA 194 -6.08 -0.08 -108.11
C LEU RA 194 -5.50 0.38 -109.44
N LYS RA 195 -6.25 0.18 -110.51
CA LYS RA 195 -5.83 0.58 -111.85
C LYS RA 195 -6.00 2.09 -112.05
N GLU RA 196 -6.76 2.73 -111.16
CA GLU RA 196 -7.04 4.15 -111.26
C GLU RA 196 -5.83 4.99 -110.83
N SER RA 197 -4.77 4.30 -110.45
CA SER RA 197 -3.63 4.93 -109.85
C SER RA 197 -2.42 4.29 -110.42
N PHE RA 198 -2.46 2.97 -110.52
CA PHE RA 198 -1.31 2.25 -111.01
C PHE RA 198 -0.87 2.80 -112.32
N GLU RA 199 0.23 3.53 -112.28
CA GLU RA 199 0.83 4.06 -113.50
C GLU RA 199 1.78 3.04 -114.13
N GLY RA 200 1.39 2.53 -115.29
CA GLY RA 200 2.20 1.55 -116.00
C GLY RA 200 1.40 0.32 -116.38
N GLN RA 201 2.03 -0.58 -117.13
CA GLN RA 201 1.38 -1.83 -117.51
C GLN RA 201 1.21 -2.74 -116.30
N MET RA 202 0.03 -2.70 -115.71
CA MET RA 202 -0.28 -3.46 -114.49
C MET RA 202 -0.28 -4.96 -114.74
N THR RA 203 0.83 -5.61 -114.41
CA THR RA 203 0.97 -7.05 -114.61
C THR RA 203 0.45 -7.82 -113.39
N GLU RA 204 0.76 -9.12 -113.35
CA GLU RA 204 0.36 -9.96 -112.23
C GLU RA 204 1.42 -9.89 -111.13
N ASP RA 205 2.53 -9.24 -111.43
CA ASP RA 205 3.62 -9.10 -110.47
C ASP RA 205 3.68 -7.67 -109.93
N ASN RA 206 2.93 -6.77 -110.56
CA ASN RA 206 2.90 -5.38 -110.15
C ASN RA 206 1.93 -5.14 -108.99
N ILE RA 207 0.98 -6.06 -108.83
CA ILE RA 207 0.00 -5.95 -107.76
C ILE RA 207 0.00 -7.20 -106.90
N GLU RA 208 -0.58 -7.10 -105.71
CA GLU RA 208 -0.75 -8.27 -104.86
C GLU RA 208 -2.14 -8.25 -104.25
N VAL RA 209 -2.82 -9.39 -104.33
CA VAL RA 209 -4.18 -9.49 -103.83
C VAL RA 209 -4.31 -10.67 -102.88
N GLY RA 210 -5.02 -10.44 -101.78
CA GLY RA 210 -5.35 -11.49 -100.85
C GLY RA 210 -6.85 -11.50 -100.62
N ILE RA 211 -7.42 -12.69 -100.44
CA ILE RA 211 -8.85 -12.81 -100.20
C ILE RA 211 -9.11 -13.48 -98.85
N CYS RA 212 -10.29 -13.20 -98.30
CA CYS RA 212 -10.69 -13.76 -97.02
C CYS RA 212 -12.18 -14.06 -97.01
N ASN RA 213 -12.53 -15.29 -97.36
CA ASN RA 213 -13.91 -15.74 -97.25
C ASN RA 213 -14.13 -16.51 -95.96
N GLU RA 214 -15.25 -17.22 -95.86
CA GLU RA 214 -15.54 -18.01 -94.67
C GLU RA 214 -14.83 -19.36 -94.72
N ALA RA 215 -13.86 -19.47 -95.62
CA ALA RA 215 -13.05 -20.68 -95.73
C ALA RA 215 -11.61 -20.37 -95.36
N GLY RA 216 -11.37 -19.17 -94.86
CA GLY RA 216 -10.05 -18.75 -94.43
C GLY RA 216 -9.48 -17.62 -95.27
N PHE RA 217 -8.32 -17.12 -94.86
CA PHE RA 217 -7.62 -16.08 -95.60
C PHE RA 217 -6.46 -16.68 -96.38
N ARG RA 218 -6.21 -16.15 -97.58
CA ARG RA 218 -5.04 -16.58 -98.35
C ARG RA 218 -4.65 -15.54 -99.38
N ARG RA 219 -3.42 -15.65 -99.87
CA ARG RA 219 -2.92 -14.75 -100.90
C ARG RA 219 -3.16 -15.37 -102.26
N LEU RA 220 -3.70 -14.58 -103.19
CA LEU RA 220 -3.98 -15.07 -104.53
C LEU RA 220 -2.69 -15.34 -105.30
N THR RA 221 -2.64 -16.48 -105.99
CA THR RA 221 -1.48 -16.85 -106.78
C THR RA 221 -1.33 -15.87 -107.95
N PRO RA 222 -0.10 -15.69 -108.44
CA PRO RA 222 0.14 -14.84 -109.61
C PRO RA 222 -0.69 -15.28 -110.82
N THR RA 223 -1.00 -16.57 -110.89
CA THR RA 223 -1.81 -17.10 -111.98
C THR RA 223 -3.25 -16.61 -111.91
N GLU RA 224 -3.85 -16.68 -110.73
CA GLU RA 224 -5.20 -16.19 -110.51
C GLU RA 224 -5.28 -14.69 -110.77
N VAL RA 225 -4.22 -13.98 -110.39
CA VAL RA 225 -4.13 -12.55 -110.64
C VAL RA 225 -4.04 -12.30 -112.15
N LYS RA 226 -3.36 -13.19 -112.87
CA LYS RA 226 -3.26 -13.07 -114.32
C LYS RA 226 -4.62 -13.28 -114.97
N ASP RA 227 -5.38 -14.25 -114.45
CA ASP RA 227 -6.73 -14.51 -114.94
C ASP RA 227 -7.63 -13.30 -114.69
N TYR RA 228 -7.51 -12.70 -113.51
CA TYR RA 228 -8.30 -11.51 -113.20
C TYR RA 228 -7.84 -10.29 -113.98
N LEU RA 229 -6.53 -10.14 -114.15
CA LEU RA 229 -5.97 -8.97 -114.83
C LEU RA 229 -6.12 -9.04 -116.36
N ALA RA 230 -6.88 -10.03 -116.83
CA ALA RA 230 -7.22 -10.09 -118.25
C ALA RA 230 -8.49 -9.30 -118.51
N ALA RA 231 -8.75 -8.34 -117.62
CA ALA RA 231 -9.95 -7.50 -117.67
C ALA RA 231 -11.24 -8.31 -117.69
N ILE RA 232 -11.16 -9.55 -117.19
CA ILE RA 232 -12.32 -10.44 -117.15
C ILE RA 232 -12.05 -11.62 -116.21
N ALA RA 233 -12.76 -12.72 -116.43
CA ALA RA 233 -12.60 -13.96 -115.65
C ALA RA 233 -12.81 -13.76 -114.15
N SER SA 1 20.12 14.42 -75.27
CA SER SA 1 19.13 13.78 -74.40
C SER SA 1 18.31 14.82 -73.65
N ARG SA 2 18.99 15.77 -73.03
CA ARG SA 2 18.33 16.84 -72.30
C ARG SA 2 17.78 17.85 -73.30
N ARG SA 3 18.33 17.82 -74.51
CA ARG SA 3 17.99 18.77 -75.55
C ARG SA 3 16.66 18.39 -76.20
N TYR SA 4 16.43 17.10 -76.37
CA TYR SA 4 15.25 16.62 -77.07
C TYR SA 4 14.02 16.56 -76.17
N ASP SA 5 14.23 16.66 -74.85
CA ASP SA 5 13.13 16.62 -73.90
C ASP SA 5 12.25 17.85 -74.05
N SER SA 6 10.95 17.63 -74.20
CA SER SA 6 10.01 18.72 -74.40
C SER SA 6 9.45 19.23 -73.08
N ARG SA 7 9.87 18.61 -71.98
CA ARG SA 7 9.46 19.01 -70.62
C ARG SA 7 7.94 19.07 -70.48
N THR SA 8 7.27 17.93 -70.57
CA THR SA 8 5.81 17.90 -70.61
C THR SA 8 5.14 18.13 -69.25
N THR SA 9 5.86 17.85 -68.17
CA THR SA 9 5.30 17.99 -66.83
C THR SA 9 5.97 19.13 -66.06
N ILE SA 10 5.94 20.33 -66.64
CA ILE SA 10 6.62 21.49 -66.08
C ILE SA 10 5.72 22.72 -66.02
N PHE SA 11 5.78 23.44 -64.91
CA PHE SA 11 5.02 24.68 -64.76
C PHE SA 11 5.48 25.77 -65.73
N SER SA 12 4.51 26.49 -66.31
CA SER SA 12 4.82 27.69 -67.09
C SER SA 12 4.95 28.84 -66.11
N PRO SA 13 5.71 29.89 -66.50
CA PRO SA 13 5.95 31.05 -65.65
C PRO SA 13 4.70 31.65 -65.01
N GLU SA 14 3.55 31.53 -65.69
CA GLU SA 14 2.30 32.05 -65.14
C GLU SA 14 1.73 31.11 -64.09
N GLY SA 15 2.30 29.92 -63.98
CA GLY SA 15 1.83 28.93 -63.02
C GLY SA 15 0.77 28.03 -63.62
N ARG SA 16 1.06 27.51 -64.81
CA ARG SA 16 0.11 26.65 -65.50
C ARG SA 16 0.81 25.60 -66.35
N LEU SA 17 0.10 24.52 -66.66
CA LEU SA 17 0.68 23.41 -67.41
C LEU SA 17 0.26 23.48 -68.87
N TYR SA 18 1.20 23.79 -69.73
CA TYR SA 18 0.91 24.08 -71.15
C TYR SA 18 0.34 22.89 -71.93
N GLN SA 19 0.90 21.69 -71.71
CA GLN SA 19 0.45 20.51 -72.42
C GLN SA 19 -1.02 20.20 -72.12
N VAL SA 20 -1.44 20.46 -70.89
CA VAL SA 20 -2.83 20.27 -70.49
C VAL SA 20 -3.75 21.20 -71.27
N GLU SA 21 -3.39 22.47 -71.32
CA GLU SA 21 -4.18 23.47 -72.04
C GLU SA 21 -4.24 23.17 -73.53
N TYR SA 22 -3.12 22.74 -74.09
CA TYR SA 22 -3.06 22.38 -75.49
C TYR SA 22 -3.94 21.16 -75.76
N ALA SA 23 -3.98 20.25 -74.80
CA ALA SA 23 -4.86 19.08 -74.88
C ALA SA 23 -6.32 19.52 -74.84
N MET SA 24 -6.61 20.54 -74.05
CA MET SA 24 -7.94 21.12 -74.02
C MET SA 24 -8.29 21.68 -75.40
N GLU SA 25 -7.31 22.32 -76.03
CA GLU SA 25 -7.49 22.84 -77.38
C GLU SA 25 -7.76 21.71 -78.38
N ALA SA 26 -7.15 20.56 -78.13
CA ALA SA 26 -7.40 19.38 -78.94
C ALA SA 26 -8.84 18.92 -78.77
N ILE SA 27 -9.30 18.91 -77.52
CA ILE SA 27 -10.67 18.50 -77.21
C ILE SA 27 -11.70 19.44 -77.83
N GLY SA 28 -11.37 20.72 -77.90
CA GLY SA 28 -12.27 21.71 -78.48
C GLY SA 28 -12.60 21.47 -79.94
N HIS SA 29 -11.78 20.66 -80.60
CA HIS SA 29 -11.98 20.38 -82.02
C HIS SA 29 -12.70 19.05 -82.23
N ALA SA 30 -12.90 18.31 -81.15
CA ALA SA 30 -13.56 17.01 -81.22
C ALA SA 30 -15.07 17.15 -81.24
N GLY SA 31 -15.75 16.07 -81.61
CA GLY SA 31 -17.19 16.06 -81.72
C GLY SA 31 -17.91 16.49 -80.44
N THR SA 32 -18.96 17.29 -80.62
CA THR SA 32 -19.74 17.79 -79.49
C THR SA 32 -20.36 16.62 -78.73
N CYS SA 33 -20.28 16.69 -77.40
CA CYS SA 33 -20.80 15.63 -76.56
C CYS SA 33 -21.33 16.20 -75.25
N LEU SA 34 -22.62 15.99 -75.00
CA LEU SA 34 -23.25 16.51 -73.79
C LEU SA 34 -23.97 15.43 -73.01
N GLY SA 35 -24.37 15.76 -71.79
CA GLY SA 35 -25.10 14.85 -70.93
C GLY SA 35 -26.01 15.63 -70.00
N ILE SA 36 -27.19 15.06 -69.76
CA ILE SA 36 -28.17 15.71 -68.89
C ILE SA 36 -28.74 14.74 -67.86
N LEU SA 37 -28.92 15.23 -66.64
CA LEU SA 37 -29.42 14.43 -65.54
C LEU SA 37 -30.90 14.71 -65.28
N ALA SA 38 -31.68 13.64 -65.13
CA ALA SA 38 -33.12 13.79 -64.88
C ALA SA 38 -33.51 13.11 -63.58
N ASN SA 39 -34.82 13.04 -63.32
CA ASN SA 39 -35.34 12.42 -62.11
C ASN SA 39 -35.55 10.92 -62.27
N ASP SA 40 -35.81 10.48 -63.50
CA ASP SA 40 -36.09 9.08 -63.76
C ASP SA 40 -34.99 8.42 -64.60
N GLY SA 41 -33.89 9.13 -64.78
CA GLY SA 41 -32.78 8.62 -65.55
C GLY SA 41 -31.72 9.67 -65.85
N VAL SA 42 -30.80 9.32 -66.75
CA VAL SA 42 -29.75 10.25 -67.15
C VAL SA 42 -29.31 9.89 -68.57
N LEU SA 43 -28.97 10.89 -69.38
CA LEU SA 43 -28.64 10.60 -70.77
C LEU SA 43 -27.39 11.27 -71.33
N LEU SA 44 -26.80 10.62 -72.32
CA LEU SA 44 -25.68 11.14 -73.08
C LEU SA 44 -26.09 11.33 -74.53
N ALA SA 45 -25.59 12.39 -75.14
CA ALA SA 45 -25.85 12.66 -76.56
C ALA SA 45 -24.62 13.29 -77.20
N ALA SA 46 -24.08 12.63 -78.22
CA ALA SA 46 -22.84 13.08 -78.84
C ALA SA 46 -22.91 13.15 -80.36
N GLU SA 47 -22.24 14.15 -80.92
CA GLU SA 47 -22.07 14.27 -82.36
C GLU SA 47 -21.16 13.17 -82.85
N ARG SA 48 -21.45 12.65 -84.04
CA ARG SA 48 -20.63 11.59 -84.63
C ARG SA 48 -19.72 12.14 -85.73
N ARG SA 49 -18.41 11.97 -85.56
CA ARG SA 49 -17.45 12.41 -86.56
C ARG SA 49 -17.17 11.29 -87.56
N ASN SA 50 -17.36 10.05 -87.13
CA ASN SA 50 -17.26 8.91 -88.03
C ASN SA 50 -18.55 8.77 -88.83
N ILE SA 51 -18.81 9.76 -89.68
CA ILE SA 51 -20.01 9.78 -90.50
C ILE SA 51 -19.63 9.86 -91.98
N HIS SA 52 -19.43 8.69 -92.58
CA HIS SA 52 -19.12 8.59 -94.00
C HIS SA 52 -19.96 7.47 -94.61
N LYS SA 53 -20.24 7.57 -95.91
CA LYS SA 53 -21.14 6.63 -96.57
C LYS SA 53 -20.61 5.20 -96.58
N LEU SA 54 -19.29 5.05 -96.55
CA LEU SA 54 -18.67 3.73 -96.69
C LEU SA 54 -18.34 3.02 -95.38
N LEU SA 55 -18.70 3.64 -94.26
CA LEU SA 55 -18.43 3.03 -92.96
C LEU SA 55 -19.33 1.82 -92.71
N ASP SA 56 -18.83 0.85 -91.97
CA ASP SA 56 -19.47 -0.46 -91.88
C ASP SA 56 -20.45 -0.61 -90.71
N GLU SA 57 -20.26 0.16 -89.65
CA GLU SA 57 -21.14 0.11 -88.48
C GLU SA 57 -21.26 -1.30 -87.89
N VAL SA 58 -20.23 -1.74 -87.17
CA VAL SA 58 -20.23 -3.08 -86.59
C VAL SA 58 -20.28 -3.06 -85.07
N PHE SA 59 -20.33 -1.87 -84.48
CA PHE SA 59 -20.40 -1.73 -83.04
C PHE SA 59 -21.72 -1.13 -82.59
N PHE SA 60 -22.07 -1.34 -81.32
CA PHE SA 60 -23.28 -0.79 -80.74
C PHE SA 60 -23.25 0.73 -80.75
N SER SA 61 -22.05 1.29 -80.77
CA SER SA 61 -21.88 2.73 -80.65
C SER SA 61 -20.56 3.20 -81.26
N GLU SA 62 -20.21 4.46 -81.02
CA GLU SA 62 -18.99 5.05 -81.54
C GLU SA 62 -18.26 5.84 -80.47
N LYS SA 63 -19.01 6.62 -79.70
CA LYS SA 63 -18.44 7.45 -78.66
C LYS SA 63 -19.06 7.15 -77.30
N ILE SA 64 -19.89 6.11 -77.24
CA ILE SA 64 -20.49 5.67 -75.98
C ILE SA 64 -19.92 4.32 -75.56
N TYR SA 65 -19.29 4.29 -74.39
CA TYR SA 65 -18.70 3.07 -73.86
C TYR SA 65 -19.45 2.60 -72.61
N LYS SA 66 -19.68 1.30 -72.52
CA LYS SA 66 -20.21 0.73 -71.29
C LYS SA 66 -19.04 0.38 -70.37
N LEU SA 67 -19.09 0.87 -69.13
CA LEU SA 67 -17.99 0.66 -68.19
C LEU SA 67 -18.37 -0.38 -67.15
N ASN SA 68 -19.63 -0.34 -66.73
CA ASN SA 68 -20.09 -1.13 -65.61
C ASN SA 68 -21.58 -1.39 -65.81
N GLU SA 69 -22.11 -2.42 -65.17
CA GLU SA 69 -23.54 -2.72 -65.31
C GLU SA 69 -24.43 -1.59 -64.81
N ASP SA 70 -23.85 -0.68 -64.04
CA ASP SA 70 -24.58 0.48 -63.54
C ASP SA 70 -24.01 1.79 -64.07
N MET SA 71 -23.11 1.70 -65.05
CA MET SA 71 -22.38 2.89 -65.49
C MET SA 71 -21.90 2.86 -66.94
N ALA SA 72 -22.01 4.00 -67.60
CA ALA SA 72 -21.50 4.14 -68.96
C ALA SA 72 -20.87 5.53 -69.13
N CYS SA 73 -20.04 5.69 -70.15
CA CYS SA 73 -19.38 6.97 -70.35
C CYS SA 73 -19.29 7.34 -71.83
N SER SA 74 -19.11 8.64 -72.08
CA SER SA 74 -18.88 9.16 -73.41
C SER SA 74 -17.58 9.94 -73.44
N VAL SA 75 -17.03 10.14 -74.63
CA VAL SA 75 -15.66 10.60 -74.76
C VAL SA 75 -15.51 11.73 -75.79
N ALA SA 76 -14.50 12.58 -75.60
CA ALA SA 76 -14.22 13.65 -76.56
C ALA SA 76 -12.74 13.99 -76.63
N GLY SA 77 -12.16 13.82 -77.82
CA GLY SA 77 -10.76 14.10 -78.03
C GLY SA 77 -10.09 13.04 -78.88
N ILE SA 78 -8.85 12.71 -78.55
CA ILE SA 78 -8.13 11.63 -79.23
C ILE SA 78 -8.77 10.29 -78.86
N THR SA 79 -9.28 9.58 -79.88
CA THR SA 79 -10.06 8.36 -79.65
C THR SA 79 -9.25 7.19 -79.10
N SER SA 80 -7.96 7.13 -79.42
CA SER SA 80 -7.13 6.02 -78.97
C SER SA 80 -6.81 6.14 -77.47
N ASP SA 81 -6.46 7.35 -77.06
CA ASP SA 81 -6.27 7.66 -75.64
C ASP SA 81 -7.55 7.32 -74.89
N ALA SA 82 -8.67 7.62 -75.54
CA ALA SA 82 -10.00 7.31 -75.01
C ALA SA 82 -10.16 5.80 -74.81
N ASN SA 83 -9.69 5.03 -75.78
CA ASN SA 83 -9.72 3.57 -75.67
C ASN SA 83 -8.93 3.09 -74.46
N VAL SA 84 -7.72 3.62 -74.31
CA VAL SA 84 -6.87 3.30 -73.16
C VAL SA 84 -7.60 3.59 -71.84
N LEU SA 85 -8.09 4.81 -71.70
CA LEU SA 85 -8.75 5.25 -70.46
C LEU SA 85 -10.01 4.46 -70.15
N THR SA 86 -10.79 4.13 -71.18
CA THR SA 86 -12.01 3.36 -70.99
C THR SA 86 -11.69 1.94 -70.53
N ASN SA 87 -10.73 1.31 -71.20
CA ASN SA 87 -10.29 -0.03 -70.80
C ASN SA 87 -9.83 -0.04 -69.35
N GLU SA 88 -9.01 0.94 -68.99
CA GLU SA 88 -8.55 1.09 -67.61
C GLU SA 88 -9.72 1.29 -66.64
N LEU SA 89 -10.72 2.05 -67.06
CA LEU SA 89 -11.92 2.26 -66.25
C LEU SA 89 -12.62 0.96 -65.94
N ARG SA 90 -12.80 0.14 -66.98
CA ARG SA 90 -13.40 -1.18 -66.82
C ARG SA 90 -12.59 -2.02 -65.84
N LEU SA 91 -11.27 -1.97 -65.99
CA LEU SA 91 -10.37 -2.67 -65.06
C LEU SA 91 -10.63 -2.26 -63.61
N ILE SA 92 -10.58 -0.96 -63.34
CA ILE SA 92 -10.83 -0.43 -62.02
C ILE SA 92 -12.16 -0.91 -61.44
N ALA SA 93 -13.22 -0.78 -62.24
CA ALA SA 93 -14.55 -1.21 -61.83
C ALA SA 93 -14.57 -2.68 -61.42
N GLN SA 94 -13.94 -3.52 -62.23
CA GLN SA 94 -13.89 -4.94 -61.93
C GLN SA 94 -13.05 -5.26 -60.70
N ARG SA 95 -12.03 -4.44 -60.45
CA ARG SA 95 -11.21 -4.62 -59.25
C ARG SA 95 -12.03 -4.32 -58.00
N TYR SA 96 -12.71 -3.18 -58.02
CA TYR SA 96 -13.57 -2.81 -56.90
C TYR SA 96 -14.60 -3.89 -56.66
N LEU SA 97 -15.19 -4.39 -57.75
CA LEU SA 97 -16.19 -5.45 -57.64
C LEU SA 97 -15.61 -6.71 -57.01
N LEU SA 98 -14.42 -7.10 -57.47
CA LEU SA 98 -13.75 -8.29 -56.96
C LEU SA 98 -13.46 -8.15 -55.47
N GLN SA 99 -13.18 -6.93 -55.04
CA GLN SA 99 -12.79 -6.69 -53.65
C GLN SA 99 -13.96 -6.60 -52.68
N TYR SA 100 -14.92 -5.72 -52.98
CA TYR SA 100 -16.01 -5.46 -52.05
C TYR SA 100 -17.30 -6.22 -52.36
N GLN SA 101 -17.32 -6.90 -53.51
CA GLN SA 101 -18.50 -7.63 -53.97
C GLN SA 101 -19.75 -6.76 -54.06
N GLU SA 102 -19.57 -5.57 -54.62
CA GLU SA 102 -20.66 -4.66 -54.92
C GLU SA 102 -20.15 -3.62 -55.92
N PRO SA 103 -21.04 -3.07 -56.76
CA PRO SA 103 -20.60 -2.17 -57.83
C PRO SA 103 -19.88 -0.93 -57.29
N ILE SA 104 -18.86 -0.48 -58.03
CA ILE SA 104 -18.13 0.70 -57.62
C ILE SA 104 -18.98 1.95 -57.76
N PRO SA 105 -19.07 2.75 -56.68
CA PRO SA 105 -19.73 4.05 -56.73
C PRO SA 105 -19.11 4.91 -57.83
N CYS SA 106 -19.95 5.63 -58.57
CA CYS SA 106 -19.52 6.34 -59.77
C CYS SA 106 -18.37 7.30 -59.52
N GLU SA 107 -18.53 8.14 -58.49
CA GLU SA 107 -17.53 9.14 -58.15
C GLU SA 107 -16.18 8.50 -57.86
N GLN SA 108 -16.19 7.33 -57.23
CA GLN SA 108 -14.96 6.60 -56.92
C GLN SA 108 -14.22 6.17 -58.18
N LEU SA 109 -14.97 5.70 -59.17
CA LEU SA 109 -14.40 5.32 -60.46
C LEU SA 109 -13.78 6.53 -61.14
N VAL SA 110 -14.54 7.61 -61.17
CA VAL SA 110 -14.08 8.86 -61.79
C VAL SA 110 -12.78 9.33 -61.15
N THR SA 111 -12.78 9.45 -59.83
CA THR SA 111 -11.58 9.86 -59.09
C THR SA 111 -10.42 8.91 -59.37
N ALA SA 112 -10.73 7.63 -59.49
CA ALA SA 112 -9.71 6.61 -59.76
C ALA SA 112 -9.00 6.86 -61.09
N LEU SA 113 -9.76 7.19 -62.12
CA LEU SA 113 -9.14 7.50 -63.40
C LEU SA 113 -8.39 8.84 -63.36
N CYS SA 114 -9.02 9.82 -62.70
CA CYS SA 114 -8.47 11.16 -62.61
C CYS SA 114 -7.12 11.20 -61.88
N ASP SA 115 -6.93 10.29 -60.92
CA ASP SA 115 -5.65 10.19 -60.23
C ASP SA 115 -4.54 9.77 -61.21
N ILE SA 116 -4.90 8.88 -62.13
CA ILE SA 116 -3.98 8.45 -63.17
C ILE SA 116 -3.63 9.61 -64.11
N LYS SA 117 -4.66 10.31 -64.58
CA LYS SA 117 -4.42 11.45 -65.45
C LYS SA 117 -3.54 12.53 -64.79
N GLN SA 118 -3.87 12.85 -63.54
CA GLN SA 118 -3.09 13.82 -62.76
C GLN SA 118 -1.65 13.34 -62.65
N ALA SA 119 -1.49 12.05 -62.38
CA ALA SA 119 -0.17 11.44 -62.32
C ALA SA 119 0.58 11.69 -63.62
N TYR SA 120 -0.13 11.63 -64.73
CA TYR SA 120 0.49 11.92 -66.02
C TYR SA 120 0.81 13.40 -66.20
N THR SA 121 0.13 14.26 -65.42
CA THR SA 121 0.45 15.69 -65.49
C THR SA 121 1.60 16.10 -64.56
N GLN SA 122 1.85 15.32 -63.51
CA GLN SA 122 2.85 15.73 -62.51
C GLN SA 122 4.25 15.13 -62.70
N PHE SA 123 4.32 13.88 -63.14
CA PHE SA 123 5.63 13.26 -63.38
C PHE SA 123 5.61 12.28 -64.55
N GLY SA 124 6.79 11.80 -64.93
CA GLY SA 124 6.92 10.82 -65.99
C GLY SA 124 7.46 11.39 -67.29
N GLY SA 125 7.24 12.68 -67.52
CA GLY SA 125 7.71 13.33 -68.73
C GLY SA 125 6.97 12.87 -69.97
N LYS SA 126 5.75 12.36 -69.78
CA LYS SA 126 4.94 11.91 -70.90
C LYS SA 126 3.88 12.96 -71.24
N ARG SA 127 3.37 12.91 -72.47
CA ARG SA 127 2.26 13.78 -72.83
C ARG SA 127 1.00 13.28 -72.12
N PRO SA 128 0.12 14.21 -71.75
CA PRO SA 128 -1.13 13.81 -71.10
C PRO SA 128 -2.12 13.22 -72.11
N PHE SA 129 -3.21 12.67 -71.62
CA PHE SA 129 -4.23 12.10 -72.49
C PHE SA 129 -5.16 13.20 -73.00
N GLY SA 130 -5.21 13.38 -74.32
CA GLY SA 130 -6.07 14.39 -74.90
C GLY SA 130 -7.52 13.95 -74.94
N VAL SA 131 -8.10 13.72 -73.76
CA VAL SA 131 -9.45 13.19 -73.65
C VAL SA 131 -10.24 13.83 -72.51
N SER SA 132 -11.45 14.28 -72.82
CA SER SA 132 -12.41 14.64 -71.79
C SER SA 132 -13.50 13.57 -71.74
N LEU SA 133 -14.01 13.27 -70.55
CA LEU SA 133 -15.02 12.23 -70.43
C LEU SA 133 -16.28 12.69 -69.69
N LEU SA 134 -17.42 12.15 -70.11
CA LEU SA 134 -18.67 12.35 -69.39
C LEU SA 134 -19.15 11.01 -68.85
N TYR SA 135 -19.46 10.96 -67.55
CA TYR SA 135 -19.85 9.71 -66.93
C TYR SA 135 -21.31 9.76 -66.51
N ILE SA 136 -22.08 8.75 -66.89
CA ILE SA 136 -23.43 8.62 -66.38
C ILE SA 136 -23.57 7.29 -65.65
N GLY SA 137 -24.28 7.30 -64.54
CA GLY SA 137 -24.48 6.06 -63.82
C GLY SA 137 -25.46 6.10 -62.67
N TRP SA 138 -25.70 4.93 -62.06
CA TRP SA 138 -26.53 4.87 -60.87
C TRP SA 138 -25.80 4.10 -59.76
N ASP SA 139 -25.90 4.60 -58.54
CA ASP SA 139 -25.45 3.81 -57.39
C ASP SA 139 -26.36 4.00 -56.17
N LYS SA 140 -26.17 3.15 -55.16
CA LYS SA 140 -27.06 3.15 -54.01
C LYS SA 140 -26.78 4.30 -53.03
N HIS SA 141 -25.79 5.12 -53.35
CA HIS SA 141 -25.40 6.22 -52.47
C HIS SA 141 -25.95 7.55 -52.94
N TYR SA 142 -25.88 7.81 -54.25
CA TYR SA 142 -26.28 9.09 -54.80
C TYR SA 142 -27.21 8.95 -56.01
N GLY SA 143 -27.71 7.74 -56.22
CA GLY SA 143 -28.65 7.49 -57.30
C GLY SA 143 -28.08 7.77 -58.69
N PHE SA 144 -28.84 8.51 -59.48
CA PHE SA 144 -28.41 8.90 -60.83
C PHE SA 144 -27.38 10.02 -60.77
N GLN SA 145 -26.35 9.90 -61.60
CA GLN SA 145 -25.20 10.78 -61.53
C GLN SA 145 -24.57 11.06 -62.88
N LEU SA 146 -24.15 12.32 -63.05
CA LEU SA 146 -23.42 12.77 -64.22
C LEU SA 146 -22.11 13.44 -63.79
N TYR SA 147 -21.01 13.09 -64.45
CA TYR SA 147 -19.70 13.62 -64.11
C TYR SA 147 -18.96 14.05 -65.37
N GLN SA 148 -17.95 14.89 -65.19
CA GLN SA 148 -17.10 15.33 -66.28
C GLN SA 148 -15.65 15.34 -65.81
N SER SA 149 -14.75 14.86 -66.65
CA SER SA 149 -13.32 14.86 -66.32
C SER SA 149 -12.48 15.39 -67.47
N ASP SA 150 -11.53 16.26 -67.13
CA ASP SA 150 -10.65 16.88 -68.11
C ASP SA 150 -9.25 16.27 -67.99
N PRO SA 151 -8.42 16.42 -69.04
CA PRO SA 151 -7.06 15.85 -69.04
C PRO SA 151 -6.17 16.33 -67.88
N SER SA 152 -6.57 17.40 -67.21
CA SER SA 152 -5.82 17.92 -66.07
C SER SA 152 -5.92 16.98 -64.88
N GLY SA 153 -6.79 15.99 -64.98
CA GLY SA 153 -7.05 15.09 -63.88
C GLY SA 153 -8.10 15.67 -62.95
N ASN SA 154 -8.69 16.78 -63.38
CA ASN SA 154 -9.74 17.43 -62.62
C ASN SA 154 -11.11 16.92 -63.04
N TYR SA 155 -12.03 16.82 -62.09
CA TYR SA 155 -13.36 16.33 -62.39
C TYR SA 155 -14.43 17.07 -61.60
N GLY SA 156 -15.69 16.88 -61.99
CA GLY SA 156 -16.81 17.49 -61.28
C GLY SA 156 -18.14 16.81 -61.58
N GLY SA 157 -19.08 16.93 -60.66
CA GLY SA 157 -20.41 16.39 -60.84
C GLY SA 157 -21.39 17.43 -61.34
N TRP SA 158 -22.07 17.11 -62.43
CA TRP SA 158 -22.97 18.07 -63.06
C TRP SA 158 -24.40 17.58 -63.12
N LYS SA 159 -25.35 18.52 -63.23
CA LYS SA 159 -26.75 18.18 -63.44
C LYS SA 159 -27.04 18.19 -64.94
N ALA SA 160 -26.19 18.90 -65.67
CA ALA SA 160 -26.21 18.95 -67.12
C ALA SA 160 -24.97 19.68 -67.59
N THR SA 161 -24.28 19.12 -68.58
CA THR SA 161 -23.08 19.78 -69.11
C THR SA 161 -22.72 19.28 -70.50
N CYS SA 162 -21.78 19.96 -71.13
CA CYS SA 162 -21.38 19.63 -72.49
C CYS SA 162 -19.87 19.67 -72.63
N ILE SA 163 -19.35 18.92 -73.60
CA ILE SA 163 -17.92 18.85 -73.85
C ILE SA 163 -17.65 18.56 -75.32
N GLY SA 164 -16.70 19.28 -75.91
CA GLY SA 164 -16.38 19.12 -77.31
C GLY SA 164 -16.48 20.42 -78.07
N ASN SA 165 -16.74 20.34 -79.37
CA ASN SA 165 -16.85 21.53 -80.20
C ASN SA 165 -18.08 22.35 -79.85
N ASN SA 166 -17.93 23.67 -79.86
CA ASN SA 166 -19.02 24.59 -79.50
C ASN SA 166 -19.60 24.31 -78.12
N SER SA 167 -18.73 23.93 -77.18
CA SER SA 167 -19.16 23.52 -75.85
C SER SA 167 -19.71 24.69 -75.03
N ALA SA 168 -19.13 25.87 -75.21
CA ALA SA 168 -19.53 27.05 -74.43
C ALA SA 168 -20.99 27.44 -74.66
N ALA SA 169 -21.33 27.69 -75.92
CA ALA SA 169 -22.68 28.04 -76.31
C ALA SA 169 -23.67 26.98 -75.84
N ALA SA 170 -23.26 25.72 -75.94
CA ALA SA 170 -24.07 24.60 -75.49
C ALA SA 170 -24.32 24.68 -73.98
N VAL SA 171 -23.30 25.08 -73.24
CA VAL SA 171 -23.41 25.20 -71.79
C VAL SA 171 -24.39 26.32 -71.41
N SER SA 172 -24.24 27.49 -72.04
CA SER SA 172 -25.16 28.59 -71.76
C SER SA 172 -26.60 28.23 -72.16
N MET SA 173 -26.72 27.53 -73.29
CA MET SA 173 -28.02 27.09 -73.78
C MET SA 173 -28.67 26.11 -72.80
N LEU SA 174 -27.83 25.28 -72.18
CA LEU SA 174 -28.31 24.36 -71.15
C LEU SA 174 -28.73 25.13 -69.89
N LYS SA 175 -27.96 26.17 -69.57
CA LYS SA 175 -28.31 27.04 -68.45
C LYS SA 175 -29.69 27.64 -68.64
N GLN SA 176 -29.98 28.06 -69.87
CA GLN SA 176 -31.27 28.64 -70.19
C GLN SA 176 -32.42 27.66 -69.94
N ASP SA 177 -32.33 26.47 -70.51
CA ASP SA 177 -33.43 25.50 -70.46
C ASP SA 177 -33.27 24.44 -69.37
N TYR SA 178 -32.51 24.77 -68.33
CA TYR SA 178 -32.32 23.85 -67.21
C TYR SA 178 -33.58 23.78 -66.36
N LYS SA 179 -33.62 22.81 -65.45
CA LYS SA 179 -34.80 22.61 -64.62
C LYS SA 179 -34.49 21.78 -63.37
N GLU SA 180 -33.84 22.40 -62.40
CA GLU SA 180 -33.43 21.70 -61.18
C GLU SA 180 -34.59 21.05 -60.43
N GLY SA 181 -34.68 19.73 -60.52
CA GLY SA 181 -35.67 18.97 -59.78
C GLY SA 181 -36.93 18.66 -60.57
N GLU SA 182 -37.09 19.31 -61.71
CA GLU SA 182 -38.29 19.14 -62.52
C GLU SA 182 -37.97 18.50 -63.86
N MET SA 183 -36.79 17.90 -63.96
CA MET SA 183 -36.35 17.29 -65.20
C MET SA 183 -36.81 15.84 -65.32
N THR SA 184 -37.41 15.51 -66.46
CA THR SA 184 -37.74 14.13 -66.80
C THR SA 184 -36.84 13.69 -67.94
N LEU SA 185 -36.80 12.39 -68.20
CA LEU SA 185 -35.95 11.88 -69.26
C LEU SA 185 -36.41 12.38 -70.64
N LYS SA 186 -37.71 12.54 -70.80
CA LYS SA 186 -38.28 12.99 -72.07
C LYS SA 186 -37.90 14.44 -72.37
N SER SA 187 -38.12 15.31 -71.40
CA SER SA 187 -37.78 16.73 -71.55
C SER SA 187 -36.27 16.90 -71.72
N ALA SA 188 -35.50 16.04 -71.06
CA ALA SA 188 -34.05 16.06 -71.19
C ALA SA 188 -33.63 15.66 -72.60
N LEU SA 189 -34.34 14.69 -73.16
CA LEU SA 189 -34.08 14.28 -74.54
C LEU SA 189 -34.42 15.41 -75.52
N ALA SA 190 -35.51 16.11 -75.23
CA ALA SA 190 -35.90 17.28 -76.03
C ALA SA 190 -34.81 18.34 -75.99
N LEU SA 191 -34.32 18.62 -74.79
CA LEU SA 191 -33.26 19.60 -74.58
C LEU SA 191 -32.01 19.20 -75.34
N ALA SA 192 -31.67 17.91 -75.27
CA ALA SA 192 -30.51 17.37 -75.96
C ALA SA 192 -30.64 17.59 -77.46
N ILE SA 193 -31.80 17.23 -78.00
CA ILE SA 193 -32.08 17.43 -79.42
C ILE SA 193 -31.91 18.90 -79.82
N LYS SA 194 -32.45 19.78 -78.99
CA LYS SA 194 -32.38 21.22 -79.24
C LYS SA 194 -30.94 21.75 -79.29
N VAL SA 195 -30.22 21.53 -78.19
CA VAL SA 195 -28.84 22.00 -78.08
C VAL SA 195 -27.95 21.41 -79.16
N LEU SA 196 -28.04 20.10 -79.37
CA LEU SA 196 -27.26 19.44 -80.40
C LEU SA 196 -27.65 19.97 -81.79
N ASN SA 197 -28.90 20.43 -81.93
CA ASN SA 197 -29.35 21.01 -83.18
C ASN SA 197 -28.73 22.37 -83.47
N LYS SA 198 -28.71 23.24 -82.47
CA LYS SA 198 -28.14 24.58 -82.68
C LYS SA 198 -26.61 24.57 -82.70
N THR SA 199 -26.00 23.64 -81.99
CA THR SA 199 -24.53 23.61 -81.85
C THR SA 199 -23.80 22.88 -82.99
N MET SA 200 -24.41 21.83 -83.52
CA MET SA 200 -23.79 21.09 -84.61
C MET SA 200 -23.70 21.96 -85.86
N ASP SA 201 -22.50 22.07 -86.42
CA ASP SA 201 -22.24 22.97 -87.54
C ASP SA 201 -23.07 22.64 -88.77
N VAL SA 202 -23.18 21.35 -89.09
CA VAL SA 202 -24.04 20.91 -90.17
C VAL SA 202 -25.47 20.80 -89.66
N SER SA 203 -26.32 21.74 -90.07
CA SER SA 203 -27.67 21.86 -89.55
C SER SA 203 -28.59 20.72 -89.99
N LYS SA 204 -29.90 20.94 -89.83
CA LYS SA 204 -30.94 19.95 -90.15
C LYS SA 204 -30.91 18.73 -89.21
N LEU SA 205 -29.72 18.19 -88.99
CA LEU SA 205 -29.50 17.06 -88.07
C LEU SA 205 -30.26 15.79 -88.44
N SER SA 206 -29.58 14.88 -89.14
CA SER SA 206 -30.11 13.55 -89.37
C SER SA 206 -29.72 12.67 -88.20
N ALA SA 207 -30.41 11.54 -88.04
CA ALA SA 207 -30.08 10.59 -86.99
C ALA SA 207 -28.75 9.91 -87.31
N GLU SA 208 -28.30 10.05 -88.55
CA GLU SA 208 -27.01 9.54 -89.00
C GLU SA 208 -25.87 10.26 -88.29
N LYS SA 209 -26.09 11.53 -87.95
CA LYS SA 209 -25.01 12.39 -87.45
C LYS SA 209 -24.86 12.43 -85.94
N VAL SA 210 -25.88 11.97 -85.21
CA VAL SA 210 -25.82 11.99 -83.75
C VAL SA 210 -25.93 10.61 -83.12
N GLU SA 211 -25.74 10.55 -81.81
CA GLU SA 211 -25.75 9.29 -81.09
C GLU SA 211 -26.20 9.50 -79.65
N ILE SA 212 -27.29 8.84 -79.26
CA ILE SA 212 -27.87 9.08 -77.95
C ILE SA 212 -28.05 7.79 -77.15
N ALA SA 213 -27.66 7.84 -75.87
CA ALA SA 213 -27.83 6.71 -74.97
C ALA SA 213 -28.45 7.14 -73.64
N THR SA 214 -29.25 6.25 -73.05
CA THR SA 214 -29.93 6.55 -71.80
C THR SA 214 -29.70 5.48 -70.75
N LEU SA 215 -29.59 5.93 -69.50
CA LEU SA 215 -29.44 5.04 -68.37
C LEU SA 215 -30.61 5.26 -67.42
N THR SA 216 -31.34 4.19 -67.12
CA THR SA 216 -32.53 4.28 -66.29
C THR SA 216 -32.64 3.16 -65.27
N ARG SA 217 -33.54 3.33 -64.31
CA ARG SA 217 -33.76 2.34 -63.26
C ARG SA 217 -35.09 1.64 -63.47
N GLU SA 218 -35.05 0.34 -63.77
CA GLU SA 218 -36.26 -0.41 -64.06
C GLU SA 218 -36.31 -1.75 -63.33
N ASN SA 219 -37.20 -1.83 -62.34
CA ASN SA 219 -37.44 -3.06 -61.59
C ASN SA 219 -36.21 -3.65 -60.91
N GLY SA 220 -35.48 -2.82 -60.16
CA GLY SA 220 -34.34 -3.28 -59.39
C GLY SA 220 -33.03 -3.30 -60.14
N LYS SA 221 -33.09 -3.43 -61.46
CA LYS SA 221 -31.89 -3.49 -62.28
C LYS SA 221 -31.65 -2.18 -63.03
N THR SA 222 -30.41 -1.96 -63.45
CA THR SA 222 -30.05 -0.76 -64.19
C THR SA 222 -30.00 -1.05 -65.69
N VAL SA 223 -30.69 -0.22 -66.47
CA VAL SA 223 -30.76 -0.43 -67.91
C VAL SA 223 -30.04 0.66 -68.69
N ILE SA 224 -29.10 0.25 -69.54
CA ILE SA 224 -28.39 1.16 -70.42
C ILE SA 224 -28.74 0.83 -71.86
N ARG SA 225 -29.28 1.81 -72.58
CA ARG SA 225 -29.75 1.56 -73.95
C ARG SA 225 -29.35 2.67 -74.92
N VAL SA 226 -28.85 2.28 -76.09
CA VAL SA 226 -28.57 3.23 -77.15
C VAL SA 226 -29.76 3.30 -78.11
N LEU SA 227 -30.28 4.51 -78.32
CA LEU SA 227 -31.46 4.69 -79.15
C LEU SA 227 -31.19 4.36 -80.61
N LYS SA 228 -32.15 3.70 -81.25
CA LYS SA 228 -32.06 3.39 -82.67
C LYS SA 228 -32.34 4.64 -83.50
N GLN SA 229 -31.98 4.59 -84.78
CA GLN SA 229 -32.11 5.76 -85.66
C GLN SA 229 -33.54 6.31 -85.69
N LYS SA 230 -34.52 5.39 -85.67
CA LYS SA 230 -35.93 5.77 -85.71
C LYS SA 230 -36.35 6.65 -84.54
N GLU SA 231 -35.97 6.25 -83.33
CA GLU SA 231 -36.31 7.01 -82.12
C GLU SA 231 -35.74 8.42 -82.17
N VAL SA 232 -34.47 8.51 -82.57
CA VAL SA 232 -33.79 9.80 -82.72
C VAL SA 232 -34.55 10.66 -83.74
N GLU SA 233 -34.94 10.04 -84.85
CA GLU SA 233 -35.74 10.73 -85.87
C GLU SA 233 -37.04 11.27 -85.29
N GLN SA 234 -37.67 10.49 -84.41
CA GLN SA 234 -38.88 10.93 -83.73
C GLN SA 234 -38.60 12.19 -82.90
N LEU SA 235 -37.52 12.16 -82.13
CA LEU SA 235 -37.15 13.31 -81.31
C LEU SA 235 -36.86 14.57 -82.16
N ILE SA 236 -36.15 14.38 -83.26
CA ILE SA 236 -35.83 15.47 -84.18
C ILE SA 236 -37.09 16.08 -84.80
N LYS SA 237 -37.92 15.21 -85.38
CA LYS SA 237 -39.18 15.63 -85.99
C LYS SA 237 -40.06 16.38 -84.98
N LYS SA 238 -40.10 15.88 -83.75
CA LYS SA 238 -40.87 16.54 -82.69
C LYS SA 238 -40.29 17.92 -82.40
N HIS SA 239 -38.95 18.01 -82.41
CA HIS SA 239 -38.30 19.30 -82.17
C HIS SA 239 -38.65 20.30 -83.27
N GLU SA 240 -38.74 19.84 -84.51
CA GLU SA 240 -39.13 20.71 -85.62
C GLU SA 240 -40.60 21.09 -85.54
N GLU SA 241 -41.42 20.17 -85.03
CA GLU SA 241 -42.85 20.42 -84.86
C GLU SA 241 -43.11 21.34 -83.67
N GLU SA 242 -42.09 21.52 -82.84
CA GLU SA 242 -42.18 22.46 -81.72
C GLU SA 242 -41.50 23.78 -82.06
N GLU SA 243 -40.66 23.76 -83.09
CA GLU SA 243 -39.96 24.96 -83.54
C GLU SA 243 -40.79 25.74 -84.56
N ALA SA 244 -41.48 25.01 -85.44
CA ALA SA 244 -42.34 25.65 -86.43
C ALA SA 244 -43.67 26.07 -85.81
N LYS SA 245 -43.91 25.63 -84.58
CA LYS SA 245 -45.12 25.95 -83.85
C LYS SA 245 -45.00 27.28 -83.11
N ALA SA 246 -43.86 27.47 -82.44
CA ALA SA 246 -43.62 28.69 -81.67
C ALA SA 246 -43.39 29.89 -82.59
N GLU SA 247 -43.03 29.62 -83.84
CA GLU SA 247 -42.74 30.68 -84.79
C GLU SA 247 -44.01 31.17 -85.48
N ARG SA 248 -45.14 30.51 -85.20
CA ARG SA 248 -46.43 30.96 -85.70
C ARG SA 248 -46.80 32.28 -85.02
N GLU SA 249 -46.63 32.31 -83.70
CA GLU SA 249 -46.89 33.51 -82.92
C GLU SA 249 -45.89 34.61 -83.28
N LYS SA 250 -46.24 35.43 -84.27
CA LYS SA 250 -45.36 36.49 -84.75
C LYS SA 250 -46.15 37.76 -85.04
N SER TA 1 13.24 5.15 -65.59
CA SER TA 1 12.21 6.14 -65.33
C SER TA 1 12.67 7.54 -65.77
N TYR TA 2 11.89 8.55 -65.39
CA TYR TA 2 12.17 9.92 -65.79
C TYR TA 2 13.13 10.60 -64.82
N ASP TA 3 14.43 10.43 -65.07
CA ASP TA 3 15.44 11.01 -64.20
C ASP TA 3 15.88 12.37 -64.72
N ARG TA 4 15.03 13.38 -64.51
CA ARG TA 4 15.32 14.73 -64.98
C ARG TA 4 15.06 15.76 -63.89
N ALA TA 5 16.05 16.60 -63.63
CA ALA TA 5 15.91 17.67 -62.65
C ALA TA 5 14.93 18.73 -63.16
N ILE TA 6 13.81 18.87 -62.46
CA ILE TA 6 12.79 19.83 -62.87
C ILE TA 6 12.90 21.13 -62.10
N THR TA 7 12.92 21.03 -60.77
CA THR TA 7 13.08 22.19 -59.91
C THR TA 7 14.56 22.42 -59.61
N VAL TA 8 15.12 23.47 -60.19
CA VAL TA 8 16.53 23.80 -59.98
C VAL TA 8 16.68 25.27 -59.58
N PHE TA 9 17.90 25.63 -59.15
CA PHE TA 9 18.18 27.00 -58.75
C PHE TA 9 18.45 27.91 -59.94
N SER TA 10 18.02 29.16 -59.83
CA SER TA 10 18.31 30.17 -60.84
C SER TA 10 19.53 30.96 -60.39
N PRO TA 11 20.20 31.65 -61.32
CA PRO TA 11 21.40 32.43 -60.99
C PRO TA 11 21.21 33.44 -59.85
N ASP TA 12 19.97 33.89 -59.64
CA ASP TA 12 19.69 34.81 -58.55
C ASP TA 12 19.30 34.06 -57.27
N GLY TA 13 19.32 32.74 -57.33
CA GLY TA 13 19.04 31.90 -56.17
C GLY TA 13 17.58 31.60 -55.94
N HIS TA 14 16.80 31.54 -57.02
CA HIS TA 14 15.37 31.24 -56.92
C HIS TA 14 15.05 29.85 -57.43
N LEU TA 15 13.98 29.27 -56.90
CA LEU TA 15 13.44 28.02 -57.42
C LEU TA 15 12.19 28.33 -58.22
N PHE TA 16 12.37 28.60 -59.51
CA PHE TA 16 11.29 29.09 -60.38
C PHE TA 16 10.04 28.23 -60.40
N GLN TA 17 10.21 26.91 -60.45
CA GLN TA 17 9.07 26.00 -60.50
C GLN TA 17 8.17 26.15 -59.27
N VAL TA 18 8.81 26.33 -58.11
CA VAL TA 18 8.09 26.49 -56.86
C VAL TA 18 7.31 27.80 -56.86
N GLU TA 19 7.96 28.87 -57.31
CA GLU TA 19 7.32 30.18 -57.42
C GLU TA 19 6.13 30.13 -58.35
N TYR TA 20 6.29 29.43 -59.47
CA TYR TA 20 5.21 29.25 -60.44
C TYR TA 20 4.06 28.51 -59.78
N ALA TA 21 4.38 27.48 -59.01
CA ALA TA 21 3.35 26.74 -58.27
C ALA TA 21 2.60 27.66 -57.32
N GLN TA 22 3.33 28.57 -56.69
CA GLN TA 22 2.73 29.55 -55.79
C GLN TA 22 1.80 30.49 -56.54
N GLU TA 23 2.18 30.83 -57.77
CA GLU TA 23 1.33 31.65 -58.63
C GLU TA 23 0.08 30.88 -59.03
N ALA TA 24 0.21 29.56 -59.16
CA ALA TA 24 -0.93 28.71 -59.44
C ALA TA 24 -1.86 28.68 -58.23
N VAL TA 25 -1.27 28.76 -57.04
CA VAL TA 25 -2.06 28.86 -55.81
C VAL TA 25 -2.79 30.20 -55.77
N LYS TA 26 -2.14 31.25 -56.25
CA LYS TA 26 -2.72 32.59 -56.27
C LYS TA 26 -3.99 32.67 -57.12
N LYS TA 27 -4.08 31.81 -58.12
CA LYS TA 27 -5.24 31.79 -59.01
C LYS TA 27 -6.40 31.00 -58.42
N GLY TA 28 -6.14 30.29 -57.32
CA GLY TA 28 -7.15 29.45 -56.71
C GLY TA 28 -8.22 30.24 -55.98
N SER TA 29 -9.36 29.61 -55.73
CA SER TA 29 -10.44 30.23 -54.97
C SER TA 29 -9.97 30.55 -53.57
N THR TA 30 -10.36 31.71 -53.06
CA THR TA 30 -9.96 32.14 -51.71
C THR TA 30 -10.34 31.11 -50.66
N ALA TA 31 -9.43 30.88 -49.72
CA ALA TA 31 -9.66 29.93 -48.63
C ALA TA 31 -9.15 30.48 -47.31
N VAL TA 32 -10.07 30.83 -46.42
CA VAL TA 32 -9.71 31.41 -45.13
C VAL TA 32 -10.05 30.46 -44.00
N GLY TA 33 -9.42 30.68 -42.84
CA GLY TA 33 -9.66 29.87 -41.67
C GLY TA 33 -9.29 30.59 -40.39
N VAL TA 34 -10.14 30.48 -39.37
CA VAL TA 34 -9.85 31.07 -38.07
C VAL TA 34 -9.96 30.08 -36.92
N ARG TA 35 -9.19 30.37 -35.86
CA ARG TA 35 -9.12 29.53 -34.67
C ARG TA 35 -9.76 30.24 -33.48
N GLY TA 36 -10.67 29.54 -32.81
CA GLY TA 36 -11.38 30.11 -31.67
C GLY TA 36 -11.10 29.39 -30.37
N ARG TA 37 -12.00 29.57 -29.40
CA ARG TA 37 -11.84 28.96 -28.08
C ARG TA 37 -12.27 27.50 -28.10
N ASP TA 38 -13.50 27.25 -28.58
CA ASP TA 38 -14.05 25.91 -28.60
C ASP TA 38 -14.50 25.50 -29.99
N ILE TA 39 -14.18 26.34 -30.97
CA ILE TA 39 -14.53 26.07 -32.36
C ILE TA 39 -13.43 26.52 -33.29
N VAL TA 40 -13.43 25.98 -34.51
CA VAL TA 40 -12.49 26.39 -35.54
C VAL TA 40 -13.22 26.36 -36.88
N VAL TA 41 -13.08 27.44 -37.66
CA VAL TA 41 -13.90 27.57 -38.86
C VAL TA 41 -13.09 27.77 -40.14
N LEU TA 42 -13.45 27.03 -41.18
CA LEU TA 42 -12.81 27.18 -42.48
C LEU TA 42 -13.85 27.51 -43.54
N GLY TA 43 -13.57 28.52 -44.36
CA GLY TA 43 -14.49 28.92 -45.41
C GLY TA 43 -13.78 29.16 -46.73
N VAL TA 44 -14.39 28.71 -47.83
CA VAL TA 44 -13.79 28.90 -49.15
C VAL TA 44 -14.70 29.74 -50.06
N GLU TA 45 -14.09 30.66 -50.79
CA GLU TA 45 -14.84 31.64 -51.58
C GLU TA 45 -15.33 31.11 -52.93
N LYS TA 46 -14.99 31.85 -53.98
CA LYS TA 46 -15.48 31.61 -55.35
C LYS TA 46 -15.51 30.13 -55.75
N LYS TA 47 -16.63 29.48 -55.44
CA LYS TA 47 -16.78 28.06 -55.73
C LYS TA 47 -17.20 27.81 -57.18
N SER TA 48 -17.07 28.84 -58.01
CA SER TA 48 -17.43 28.76 -59.43
C SER TA 48 -18.86 28.27 -59.61
N VAL TA 49 -19.81 29.00 -59.05
CA VAL TA 49 -21.22 28.61 -59.09
C VAL TA 49 -21.76 28.60 -60.51
N ALA TA 50 -22.03 27.39 -61.02
CA ALA TA 50 -22.59 27.23 -62.35
C ALA TA 50 -24.07 26.84 -62.28
N LYS TA 51 -24.49 26.47 -61.07
CA LYS TA 51 -25.88 26.09 -60.79
C LYS TA 51 -26.36 24.84 -61.54
N LEU TA 52 -25.52 24.34 -62.44
CA LEU TA 52 -25.78 23.08 -63.11
C LEU TA 52 -24.82 22.03 -62.57
N GLN TA 53 -23.95 22.46 -61.65
CA GLN TA 53 -22.96 21.59 -61.05
C GLN TA 53 -23.34 21.20 -59.63
N ASP TA 54 -23.15 19.92 -59.30
CA ASP TA 54 -23.40 19.41 -57.95
C ASP TA 54 -22.38 20.00 -56.98
N GLU TA 55 -22.87 20.69 -55.96
CA GLU TA 55 -22.00 21.37 -55.01
C GLU TA 55 -21.15 20.39 -54.21
N ARG TA 56 -21.74 19.26 -53.85
CA ARG TA 56 -21.06 18.25 -53.03
C ARG TA 56 -19.77 17.74 -53.66
N THR TA 57 -19.80 17.54 -54.98
CA THR TA 57 -18.68 16.90 -55.68
C THR TA 57 -17.51 17.83 -55.95
N VAL TA 58 -17.57 19.05 -55.42
CA VAL TA 58 -16.56 20.05 -55.74
C VAL TA 58 -16.12 20.83 -54.50
N ARG TA 59 -16.51 20.33 -53.32
CA ARG TA 59 -16.16 20.96 -52.05
C ARG TA 59 -14.65 21.08 -51.87
N LYS TA 60 -14.21 22.24 -51.39
CA LYS TA 60 -12.79 22.48 -51.18
C LYS TA 60 -12.38 22.21 -49.73
N ILE TA 61 -13.33 21.69 -48.95
CA ILE TA 61 -13.06 21.33 -47.57
C ILE TA 61 -13.19 19.81 -47.38
N CYS TA 62 -12.13 19.19 -46.89
CA CYS TA 62 -12.09 17.74 -46.74
C CYS TA 62 -11.60 17.34 -45.36
N ALA TA 63 -12.18 16.29 -44.81
CA ALA TA 63 -11.74 15.76 -43.53
C ALA TA 63 -10.65 14.72 -43.75
N LEU TA 64 -9.59 14.80 -42.95
CA LEU TA 64 -8.47 13.86 -43.05
C LEU TA 64 -8.65 12.71 -42.06
N ASP TA 65 -9.14 13.06 -40.88
CA ASP TA 65 -9.47 12.07 -39.85
C ASP TA 65 -10.59 12.67 -39.01
N ASP TA 66 -11.02 11.95 -37.98
CA ASP TA 66 -12.05 12.45 -37.07
C ASP TA 66 -11.52 13.65 -36.29
N ASN TA 67 -10.20 13.76 -36.23
CA ASN TA 67 -9.55 14.82 -35.48
C ASN TA 67 -9.23 16.05 -36.33
N VAL TA 68 -8.85 15.83 -37.58
CA VAL TA 68 -8.32 16.92 -38.41
C VAL TA 68 -9.10 17.12 -39.72
N CYS TA 69 -9.41 18.38 -40.02
CA CYS TA 69 -9.98 18.76 -41.31
C CYS TA 69 -9.01 19.69 -42.04
N MET TA 70 -9.32 20.00 -43.30
CA MET TA 70 -8.40 20.74 -44.15
C MET TA 70 -9.06 21.38 -45.35
N ALA TA 71 -8.73 22.64 -45.62
CA ALA TA 71 -9.14 23.30 -46.85
C ALA TA 71 -7.90 23.56 -47.71
N PHE TA 72 -8.10 23.90 -48.97
CA PHE TA 72 -6.97 24.12 -49.88
C PHE TA 72 -7.21 25.25 -50.87
N ALA TA 73 -6.16 25.58 -51.62
CA ALA TA 73 -6.25 26.59 -52.67
C ALA TA 73 -5.22 26.28 -53.76
N GLY TA 74 -5.71 26.14 -54.99
CA GLY TA 74 -4.84 25.85 -56.12
C GLY TA 74 -5.39 24.75 -57.02
N LEU TA 75 -4.49 23.96 -57.60
CA LEU TA 75 -4.88 22.88 -58.49
C LEU TA 75 -5.62 21.78 -57.74
N THR TA 76 -6.90 21.60 -58.07
CA THR TA 76 -7.77 20.69 -57.34
C THR TA 76 -7.34 19.22 -57.39
N ALA TA 77 -6.79 18.81 -58.53
CA ALA TA 77 -6.35 17.42 -58.68
C ALA TA 77 -5.17 17.10 -57.75
N ASP TA 78 -4.17 17.96 -57.78
CA ASP TA 78 -3.03 17.88 -56.88
C ASP TA 78 -3.52 17.81 -55.44
N ALA TA 79 -4.50 18.65 -55.14
CA ALA TA 79 -5.09 18.69 -53.80
C ALA TA 79 -5.74 17.36 -53.44
N ARG TA 80 -6.35 16.71 -54.42
CA ARG TA 80 -6.95 15.40 -54.20
C ARG TA 80 -5.86 14.41 -53.81
N ILE TA 81 -4.77 14.42 -54.58
CA ILE TA 81 -3.62 13.56 -54.30
C ILE TA 81 -3.11 13.76 -52.86
N VAL TA 82 -2.77 15.00 -52.54
CA VAL TA 82 -2.25 15.35 -51.23
C VAL TA 82 -3.21 14.95 -50.12
N ILE TA 83 -4.49 15.23 -50.31
CA ILE TA 83 -5.51 14.91 -49.32
C ILE TA 83 -5.58 13.41 -49.04
N ASN TA 84 -5.64 12.61 -50.11
CA ASN TA 84 -5.69 11.16 -49.95
C ASN TA 84 -4.45 10.59 -49.27
N ARG TA 85 -3.27 11.04 -49.70
CA ARG TA 85 -2.04 10.59 -49.07
C ARG TA 85 -2.00 10.97 -47.59
N ALA TA 86 -2.56 12.14 -47.28
CA ALA TA 86 -2.67 12.60 -45.90
C ALA TA 86 -3.58 11.70 -45.07
N ARG TA 87 -4.71 11.29 -45.65
CA ARG TA 87 -5.65 10.40 -44.96
C ARG TA 87 -5.00 9.04 -44.69
N VAL TA 88 -4.35 8.51 -45.71
CA VAL TA 88 -3.62 7.25 -45.59
C VAL TA 88 -2.59 7.34 -44.47
N GLU TA 89 -1.85 8.45 -44.44
CA GLU TA 89 -0.87 8.68 -43.38
C GLU TA 89 -1.53 8.71 -42.00
N CYS TA 90 -2.68 9.39 -41.92
CA CYS TA 90 -3.43 9.48 -40.67
C CYS TA 90 -3.80 8.10 -40.15
N GLN TA 91 -4.14 7.19 -41.06
CA GLN TA 91 -4.45 5.82 -40.63
C GLN TA 91 -3.19 5.04 -40.24
N SER TA 92 -2.13 5.18 -41.05
CA SER TA 92 -0.87 4.50 -40.78
C SER TA 92 -0.29 4.86 -39.42
N HIS TA 93 -0.49 6.12 -39.03
CA HIS TA 93 -0.03 6.59 -37.73
C HIS TA 93 -0.75 5.84 -36.62
N ARG TA 94 -2.04 5.62 -36.79
CA ARG TA 94 -2.82 4.84 -35.83
C ARG TA 94 -2.35 3.39 -35.83
N LEU TA 95 -1.93 2.89 -36.98
CA LEU TA 95 -1.44 1.52 -37.08
C LEU TA 95 -0.12 1.30 -36.34
N THR TA 96 0.83 2.21 -36.52
CA THR TA 96 2.15 2.07 -35.91
C THR TA 96 2.19 2.61 -34.48
N VAL TA 97 1.28 3.52 -34.18
CA VAL TA 97 1.19 4.12 -32.85
C VAL TA 97 -0.26 4.15 -32.41
N GLU TA 98 -0.54 3.61 -31.23
CA GLU TA 98 -1.91 3.46 -30.73
C GLU TA 98 -2.67 4.79 -30.71
N ASP TA 99 -1.96 5.87 -30.40
CA ASP TA 99 -2.54 7.20 -30.35
C ASP TA 99 -2.97 7.65 -31.75
N PRO TA 100 -3.93 8.59 -31.82
CA PRO TA 100 -4.38 9.11 -33.13
C PRO TA 100 -3.33 9.99 -33.81
N VAL TA 101 -3.71 11.22 -34.13
CA VAL TA 101 -2.80 12.13 -34.85
C VAL TA 101 -2.95 13.57 -34.37
N THR TA 102 -1.83 14.27 -34.29
CA THR TA 102 -1.82 15.68 -33.96
C THR TA 102 -1.88 16.49 -35.25
N VAL TA 103 -2.46 17.68 -35.18
CA VAL TA 103 -2.56 18.56 -36.35
C VAL TA 103 -1.17 18.91 -36.88
N GLU TA 104 -0.29 19.26 -35.95
CA GLU TA 104 1.10 19.56 -36.28
C GLU TA 104 1.77 18.43 -37.05
N TYR TA 105 1.50 17.20 -36.64
CA TYR TA 105 2.13 16.03 -37.26
C TYR TA 105 1.73 15.87 -38.72
N ILE TA 106 0.42 15.83 -38.98
CA ILE TA 106 -0.07 15.64 -40.33
C ILE TA 106 0.29 16.84 -41.22
N THR TA 107 0.34 18.02 -40.61
CA THR TA 107 0.78 19.22 -41.32
C THR TA 107 2.24 19.06 -41.76
N ARG TA 108 3.06 18.57 -40.84
CA ARG TA 108 4.47 18.33 -41.09
C ARG TA 108 4.64 17.29 -42.20
N TYR TA 109 3.76 16.30 -42.21
CA TYR TA 109 3.79 15.25 -43.25
C TYR TA 109 3.49 15.84 -44.62
N ILE TA 110 2.41 16.61 -44.70
CA ILE TA 110 2.02 17.24 -45.96
C ILE TA 110 3.14 18.14 -46.48
N ALA TA 111 3.67 18.97 -45.57
CA ALA TA 111 4.75 19.89 -45.91
C ALA TA 111 5.97 19.14 -46.42
N SER TA 112 6.34 18.06 -45.73
CA SER TA 112 7.50 17.26 -46.12
C SER TA 112 7.28 16.64 -47.49
N LEU TA 113 6.05 16.23 -47.76
CA LEU TA 113 5.69 15.67 -49.06
C LEU TA 113 5.91 16.69 -50.16
N LYS TA 114 5.35 17.89 -49.97
CA LYS TA 114 5.50 18.97 -50.93
C LYS TA 114 6.97 19.30 -51.19
N GLN TA 115 7.75 19.43 -50.13
CA GLN TA 115 9.18 19.73 -50.26
C GLN TA 115 9.89 18.63 -51.04
N ARG TA 116 9.57 17.38 -50.69
CA ARG TA 116 10.14 16.22 -51.37
C ARG TA 116 9.87 16.35 -52.85
N TYR TA 117 8.69 16.84 -53.19
CA TYR TA 117 8.36 17.09 -54.60
C TYR TA 117 9.03 18.34 -55.16
N THR TA 118 9.58 19.19 -54.29
CA THR TA 118 10.37 20.32 -54.77
C THR TA 118 11.82 19.93 -55.00
N GLN TA 119 12.25 18.78 -54.48
CA GLN TA 119 13.65 18.40 -54.62
C GLN TA 119 13.89 17.06 -55.33
N SER TA 120 12.84 16.44 -55.83
CA SER TA 120 12.97 15.12 -56.47
C SER TA 120 13.09 15.19 -57.99
N ASN TA 121 13.75 14.20 -58.57
CA ASN TA 121 13.90 14.10 -60.02
C ASN TA 121 12.61 13.69 -60.71
N GLY TA 122 12.34 14.30 -61.86
CA GLY TA 122 11.23 13.89 -62.71
C GLY TA 122 9.86 14.33 -62.24
N ARG TA 123 9.80 14.90 -61.04
CA ARG TA 123 8.52 15.31 -60.48
C ARG TA 123 8.29 16.81 -60.65
N ARG TA 124 7.24 17.32 -60.02
CA ARG TA 124 6.85 18.70 -60.18
C ARG TA 124 6.02 19.13 -58.97
N PRO TA 125 6.37 20.26 -58.36
CA PRO TA 125 5.74 20.75 -57.12
C PRO TA 125 4.21 20.77 -57.19
N PHE TA 126 3.57 20.42 -56.08
CA PHE TA 126 2.12 20.52 -56.00
C PHE TA 126 1.70 21.98 -56.04
N GLY TA 127 0.74 22.29 -56.89
CA GLY TA 127 0.28 23.66 -57.04
C GLY TA 127 -0.83 24.01 -56.06
N ILE TA 128 -0.65 23.66 -54.80
CA ILE TA 128 -1.65 23.95 -53.77
C ILE TA 128 -1.05 24.52 -52.49
N SER TA 129 -1.87 25.26 -51.76
CA SER TA 129 -1.57 25.61 -50.38
C SER TA 129 -2.72 25.06 -49.54
N ALA TA 130 -2.45 24.79 -48.26
CA ALA TA 130 -3.46 24.16 -47.43
C ALA TA 130 -3.63 24.83 -46.08
N LEU TA 131 -4.89 24.98 -45.66
CA LEU TA 131 -5.21 25.41 -44.32
C LEU TA 131 -5.69 24.21 -43.52
N ILE TA 132 -4.85 23.74 -42.60
CA ILE TA 132 -5.16 22.55 -41.82
C ILE TA 132 -5.69 22.96 -40.45
N VAL TA 133 -6.75 22.29 -40.01
CA VAL TA 133 -7.44 22.71 -38.79
C VAL TA 133 -7.79 21.51 -37.92
N GLY TA 134 -7.59 21.63 -36.61
CA GLY TA 134 -7.95 20.53 -35.73
C GLY TA 134 -7.98 20.82 -34.24
N PHE TA 135 -8.47 19.85 -33.48
CA PHE TA 135 -8.53 19.94 -32.03
C PHE TA 135 -7.87 18.69 -31.43
N ASP TA 136 -6.55 18.71 -31.34
CA ASP TA 136 -5.81 17.56 -30.82
C ASP TA 136 -6.07 17.40 -29.32
N PHE TA 137 -5.84 16.18 -28.81
CA PHE TA 137 -6.04 15.88 -27.40
C PHE TA 137 -5.23 16.84 -26.53
N ASP TA 138 -5.85 17.25 -25.41
CA ASP TA 138 -5.46 18.35 -24.51
C ASP TA 138 -6.35 19.56 -24.76
N GLY TA 139 -7.18 19.47 -25.80
CA GLY TA 139 -8.21 20.47 -26.05
C GLY TA 139 -7.76 21.65 -26.88
N THR TA 140 -6.46 21.90 -26.94
CA THR TA 140 -5.91 23.05 -27.63
C THR TA 140 -6.26 23.07 -29.13
N PRO TA 141 -7.05 24.05 -29.56
CA PRO TA 141 -7.43 24.21 -30.96
C PRO TA 141 -6.27 24.76 -31.78
N ARG TA 142 -5.99 24.16 -32.93
CA ARG TA 142 -4.85 24.59 -33.74
C ARG TA 142 -5.15 24.71 -35.23
N LEU TA 143 -4.53 25.72 -35.83
CA LEU TA 143 -4.63 25.98 -37.27
C LEU TA 143 -3.24 26.18 -37.86
N TYR TA 144 -2.97 25.48 -38.96
CA TYR TA 144 -1.69 25.59 -39.65
C TYR TA 144 -1.89 25.91 -41.12
N GLN TA 145 -0.83 26.38 -41.76
CA GLN TA 145 -0.85 26.71 -43.18
C GLN TA 145 0.39 26.14 -43.84
N THR TA 146 0.21 25.57 -45.03
CA THR TA 146 1.31 24.98 -45.78
C THR TA 146 1.56 25.75 -47.07
N ASP TA 147 2.66 25.41 -47.74
CA ASP TA 147 3.08 26.12 -48.94
C ASP TA 147 3.74 25.12 -49.87
N PRO TA 148 3.60 25.34 -51.19
CA PRO TA 148 4.24 24.48 -52.20
C PRO TA 148 5.73 24.25 -51.94
N SER TA 149 6.40 25.25 -51.35
CA SER TA 149 7.83 25.16 -51.06
C SER TA 149 8.12 24.05 -50.07
N GLY TA 150 7.17 23.81 -49.17
CA GLY TA 150 7.35 22.82 -48.12
C GLY TA 150 7.35 23.48 -46.76
N THR TA 151 7.34 24.81 -46.76
CA THR TA 151 7.31 25.57 -45.51
C THR TA 151 5.91 25.52 -44.91
N TYR TA 152 5.85 25.52 -43.58
CA TYR TA 152 4.56 25.48 -42.89
C TYR TA 152 4.62 26.24 -41.57
N HIS TA 153 3.50 26.88 -41.22
CA HIS TA 153 3.47 27.67 -39.99
C HIS TA 153 2.13 27.53 -39.27
N ALA TA 154 2.06 28.06 -38.05
CA ALA TA 154 0.80 28.08 -37.32
C ALA TA 154 0.22 29.49 -37.32
N TRP TA 155 -1.10 29.59 -37.35
CA TRP TA 155 -1.76 30.89 -37.41
C TRP TA 155 -2.94 30.95 -36.45
N LYS TA 156 -3.31 32.18 -36.08
CA LYS TA 156 -4.55 32.41 -35.33
C LYS TA 156 -5.68 32.48 -36.34
N ALA TA 157 -5.37 33.04 -37.51
CA ALA TA 157 -6.30 33.11 -38.62
C ALA TA 157 -5.51 33.44 -39.88
N ASN TA 158 -5.92 32.88 -41.02
CA ASN TA 158 -5.19 33.12 -42.27
C ASN TA 158 -6.06 32.93 -43.51
N ALA TA 159 -5.51 33.29 -44.66
CA ALA TA 159 -6.21 33.18 -45.93
C ALA TA 159 -5.24 32.88 -47.07
N ILE TA 160 -5.70 32.10 -48.05
CA ILE TA 160 -4.89 31.77 -49.22
C ILE TA 160 -5.74 31.81 -50.48
N GLY TA 161 -5.09 32.04 -51.62
CA GLY TA 161 -5.78 32.05 -52.90
C GLY TA 161 -5.89 33.42 -53.52
N ARG TA 162 -6.90 33.60 -54.36
CA ARG TA 162 -7.15 34.88 -55.02
C ARG TA 162 -7.52 35.94 -53.99
N GLY TA 163 -6.75 37.03 -53.97
CA GLY TA 163 -6.98 38.10 -53.03
C GLY TA 163 -6.75 37.66 -51.60
N ALA TA 164 -5.66 36.92 -51.39
CA ALA TA 164 -5.31 36.43 -50.06
C ALA TA 164 -4.77 37.55 -49.20
N LYS TA 165 -4.09 38.52 -49.83
CA LYS TA 165 -3.50 39.63 -49.12
C LYS TA 165 -4.57 40.56 -48.53
N SER TA 166 -5.65 40.73 -49.29
CA SER TA 166 -6.75 41.59 -48.85
C SER TA 166 -7.43 41.01 -47.62
N VAL TA 167 -7.75 39.73 -47.67
CA VAL TA 167 -8.40 39.06 -46.56
C VAL TA 167 -7.45 38.92 -45.37
N ARG TA 168 -6.15 38.81 -45.66
CA ARG TA 168 -5.14 38.74 -44.61
C ARG TA 168 -5.10 40.08 -43.86
N GLU TA 169 -5.15 41.18 -44.62
CA GLU TA 169 -5.16 42.51 -44.02
C GLU TA 169 -6.43 42.74 -43.21
N PHE TA 170 -7.56 42.34 -43.79
CA PHE TA 170 -8.85 42.46 -43.10
C PHE TA 170 -8.84 41.71 -41.78
N LEU TA 171 -8.40 40.45 -41.83
CA LEU TA 171 -8.32 39.61 -40.64
C LEU TA 171 -7.34 40.19 -39.61
N GLU TA 172 -6.25 40.77 -40.11
CA GLU TA 172 -5.29 41.44 -39.23
C GLU TA 172 -5.95 42.58 -38.48
N LYS TA 173 -6.76 43.37 -39.18
CA LYS TA 173 -7.43 44.52 -38.58
C LYS TA 173 -8.69 44.16 -37.81
N ASN TA 174 -9.13 42.91 -37.91
CA ASN TA 174 -10.39 42.49 -37.28
C ASN TA 174 -10.30 41.36 -36.26
N TYR TA 175 -9.14 40.71 -36.17
CA TYR TA 175 -8.97 39.61 -35.24
C TYR TA 175 -8.71 40.12 -33.82
N THR TA 176 -9.74 40.10 -32.99
CA THR TA 176 -9.62 40.56 -31.61
C THR TA 176 -9.99 39.44 -30.65
N ASP TA 177 -9.96 39.74 -29.35
CA ASP TA 177 -10.41 38.79 -28.35
C ASP TA 177 -11.92 38.92 -28.19
N GLU TA 178 -12.44 40.10 -28.52
CA GLU TA 178 -13.88 40.34 -28.53
C GLU TA 178 -14.51 39.54 -29.66
N ALA TA 179 -13.97 39.70 -30.86
CA ALA TA 179 -14.35 38.84 -31.97
C ALA TA 179 -13.89 37.43 -31.66
N ILE TA 180 -14.64 36.44 -32.13
CA ILE TA 180 -14.37 35.05 -31.82
C ILE TA 180 -14.33 34.80 -30.31
N GLU TA 181 -15.29 35.38 -29.59
CA GLU TA 181 -15.46 35.11 -28.17
C GLU TA 181 -16.56 34.06 -28.01
N THR TA 182 -17.44 34.00 -29.01
CA THR TA 182 -18.47 32.98 -29.07
C THR TA 182 -18.36 32.27 -30.41
N ASP TA 183 -18.92 31.06 -30.50
CA ASP TA 183 -18.86 30.26 -31.71
C ASP TA 183 -19.50 30.98 -32.89
N ASP TA 184 -20.73 31.43 -32.70
CA ASP TA 184 -21.46 32.14 -33.74
C ASP TA 184 -20.74 33.42 -34.15
N LEU TA 185 -20.01 34.01 -33.22
CA LEU TA 185 -19.28 35.24 -33.49
C LEU TA 185 -18.03 34.97 -34.31
N THR TA 186 -17.38 33.84 -34.06
CA THR TA 186 -16.22 33.43 -34.84
C THR TA 186 -16.66 33.09 -36.26
N ILE TA 187 -17.73 32.32 -36.38
CA ILE TA 187 -18.29 31.99 -37.69
C ILE TA 187 -18.68 33.25 -38.45
N LYS TA 188 -19.27 34.20 -37.73
CA LYS TA 188 -19.64 35.48 -38.32
C LYS TA 188 -18.40 36.26 -38.78
N LEU TA 189 -17.31 36.12 -38.04
CA LEU TA 189 -16.05 36.76 -38.42
C LEU TA 189 -15.54 36.17 -39.73
N VAL TA 190 -15.62 34.85 -39.85
CA VAL TA 190 -15.22 34.16 -41.07
C VAL TA 190 -16.07 34.62 -42.26
N ILE TA 191 -17.39 34.64 -42.05
CA ILE TA 191 -18.32 35.05 -43.10
C ILE TA 191 -18.06 36.49 -43.54
N LYS TA 192 -17.80 37.38 -42.59
CA LYS TA 192 -17.51 38.78 -42.89
C LYS TA 192 -16.23 38.91 -43.70
N ALA TA 193 -15.18 38.24 -43.22
CA ALA TA 193 -13.88 38.25 -43.90
C ALA TA 193 -14.01 37.73 -45.33
N LEU TA 194 -14.83 36.70 -45.51
CA LEU TA 194 -15.06 36.15 -46.84
C LEU TA 194 -15.85 37.13 -47.72
N LEU TA 195 -16.83 37.80 -47.11
CA LEU TA 195 -17.64 38.77 -47.84
C LEU TA 195 -16.83 39.99 -48.26
N GLU TA 196 -15.72 40.22 -47.57
CA GLU TA 196 -14.85 41.36 -47.88
C GLU TA 196 -14.03 41.16 -49.16
N VAL TA 197 -14.23 40.03 -49.84
CA VAL TA 197 -13.49 39.75 -51.06
C VAL TA 197 -14.34 39.02 -52.10
N VAL TA 198 -15.29 38.21 -51.63
CA VAL TA 198 -16.18 37.47 -52.51
C VAL TA 198 -17.06 38.42 -53.31
N GLN TA 199 -17.60 37.94 -54.43
CA GLN TA 199 -18.39 38.79 -55.31
C GLN TA 199 -19.80 39.06 -54.75
N SER TA 200 -19.86 39.42 -53.47
CA SER TA 200 -21.10 39.81 -52.80
C SER TA 200 -22.27 38.85 -53.02
N GLY TA 201 -22.39 37.84 -52.16
CA GLY TA 201 -23.46 36.88 -52.27
C GLY TA 201 -23.76 36.10 -51.00
N GLY TA 202 -23.26 34.88 -50.94
CA GLY TA 202 -23.57 33.96 -49.85
C GLY TA 202 -23.79 32.58 -50.42
N LYS TA 203 -24.25 32.54 -51.67
CA LYS TA 203 -24.40 31.29 -52.39
C LYS TA 203 -23.07 30.94 -53.06
N ASN TA 204 -22.07 31.78 -52.83
CA ASN TA 204 -20.73 31.55 -53.34
C ASN TA 204 -19.80 31.08 -52.24
N ILE TA 205 -20.31 31.07 -51.01
CA ILE TA 205 -19.49 30.78 -49.83
C ILE TA 205 -19.78 29.41 -49.23
N GLU TA 206 -18.74 28.61 -49.06
CA GLU TA 206 -18.85 27.33 -48.38
C GLU TA 206 -18.10 27.40 -47.04
N LEU TA 207 -18.84 27.21 -45.95
CA LEU TA 207 -18.24 27.30 -44.62
C LEU TA 207 -18.48 26.04 -43.79
N ALA TA 208 -17.45 25.60 -43.10
CA ALA TA 208 -17.54 24.42 -42.24
C ALA TA 208 -16.83 24.66 -40.91
N VAL TA 209 -17.29 23.96 -39.87
CA VAL TA 209 -16.76 24.18 -38.53
C VAL TA 209 -16.47 22.87 -37.80
N MET TA 210 -15.41 22.89 -37.00
CA MET TA 210 -15.10 21.78 -36.10
C MET TA 210 -15.17 22.28 -34.66
N ARG TA 211 -15.79 21.50 -33.79
CA ARG TA 211 -16.01 21.95 -32.41
C ARG TA 211 -15.80 20.84 -31.39
N ARG TA 212 -14.89 21.09 -30.45
CA ARG TA 212 -14.65 20.19 -29.31
C ARG TA 212 -14.40 18.75 -29.73
N ASP TA 213 -15.08 17.82 -29.06
CA ASP TA 213 -14.95 16.39 -29.36
C ASP TA 213 -16.03 15.92 -30.32
N GLN TA 214 -16.58 16.84 -31.10
CA GLN TA 214 -17.61 16.50 -32.07
C GLN TA 214 -17.00 16.25 -33.46
N SER TA 215 -17.84 15.81 -34.38
CA SER TA 215 -17.42 15.57 -35.76
C SER TA 215 -17.45 16.87 -36.56
N LEU TA 216 -16.90 16.83 -37.77
CA LEU TA 216 -16.91 17.99 -38.65
C LEU TA 216 -18.33 18.28 -39.12
N LYS TA 217 -18.72 19.55 -39.08
CA LYS TA 217 -20.06 19.95 -39.48
C LYS TA 217 -20.03 21.01 -40.58
N ILE TA 218 -20.61 20.67 -41.73
CA ILE TA 218 -20.70 21.62 -42.84
C ILE TA 218 -22.00 22.42 -42.70
N LEU TA 219 -21.93 23.71 -42.98
CA LEU TA 219 -23.09 24.59 -42.85
C LEU TA 219 -23.92 24.64 -44.13
N ASN TA 220 -25.22 24.36 -43.99
CA ASN TA 220 -26.16 24.47 -45.09
C ASN TA 220 -26.33 25.92 -45.53
N PRO TA 221 -26.70 26.15 -46.80
CA PRO TA 221 -26.87 27.52 -47.31
C PRO TA 221 -27.93 28.31 -46.55
N GLU TA 222 -28.85 27.61 -45.88
CA GLU TA 222 -29.86 28.25 -45.06
C GLU TA 222 -29.23 28.91 -43.83
N GLU TA 223 -28.43 28.13 -43.10
CA GLU TA 223 -27.74 28.64 -41.92
C GLU TA 223 -26.74 29.74 -42.28
N ILE TA 224 -26.08 29.56 -43.41
CA ILE TA 224 -25.15 30.56 -43.93
C ILE TA 224 -25.89 31.85 -44.25
N GLU TA 225 -27.09 31.71 -44.83
CA GLU TA 225 -27.92 32.87 -45.14
C GLU TA 225 -28.40 33.55 -43.87
N LYS TA 226 -28.59 32.76 -42.81
CA LYS TA 226 -29.01 33.29 -41.52
C LYS TA 226 -27.90 34.11 -40.88
N TYR TA 227 -26.70 33.54 -40.83
CA TYR TA 227 -25.54 34.23 -40.28
C TYR TA 227 -25.20 35.47 -41.11
N VAL TA 228 -25.39 35.38 -42.41
CA VAL TA 228 -25.15 36.51 -43.30
C VAL TA 228 -26.22 37.58 -43.14
N ALA TA 229 -27.41 37.15 -42.72
CA ALA TA 229 -28.50 38.09 -42.43
C ALA TA 229 -28.20 38.84 -41.14
N GLU TA 230 -27.67 38.13 -40.15
CA GLU TA 230 -27.27 38.74 -38.89
C GLU TA 230 -26.08 39.68 -39.09
N ILE TA 231 -25.20 39.31 -40.03
CA ILE TA 231 -24.04 40.14 -40.34
C ILE TA 231 -24.45 41.40 -41.11
N GLU TA 232 -25.44 41.26 -41.99
CA GLU TA 232 -25.95 42.40 -42.75
C GLU TA 232 -26.84 43.27 -41.86
N LYS TA 233 -27.28 42.71 -40.74
CA LYS TA 233 -28.09 43.44 -39.77
C LYS TA 233 -27.20 44.21 -38.80
N GLU TA 234 -26.07 43.61 -38.45
CA GLU TA 234 -25.10 44.25 -37.56
C GLU TA 234 -24.31 45.33 -38.32
N LYS TA 235 -24.40 45.30 -39.65
CA LYS TA 235 -23.75 46.30 -40.48
C LYS TA 235 -24.70 47.46 -40.77
N GLU TA 236 -25.90 47.39 -40.20
CA GLU TA 236 -26.90 48.44 -40.36
C GLU TA 236 -27.45 48.88 -39.02
N GLU TA 237 -26.94 48.28 -37.95
CA GLU TA 237 -27.35 48.63 -36.59
C GLU TA 237 -26.16 49.14 -35.78
N ASN TA 238 -24.99 49.13 -36.40
CA ASN TA 238 -23.77 49.62 -35.77
C ASN TA 238 -22.87 50.34 -36.77
N GLU TA 239 -23.34 50.41 -38.02
CA GLU TA 239 -22.58 51.08 -39.07
C GLU TA 239 -23.47 52.01 -39.88
N LYS TA 240 -24.77 51.99 -39.58
CA LYS TA 240 -25.73 52.87 -40.24
C LYS TA 240 -26.20 53.96 -39.28
N LYS TA 241 -26.20 53.65 -37.99
CA LYS TA 241 -26.57 54.62 -36.97
C LYS TA 241 -25.34 55.29 -36.38
N LYS TA 242 -24.36 55.57 -37.25
CA LYS TA 242 -23.12 56.23 -36.83
C LYS TA 242 -22.40 56.83 -38.02
N GLN TA 243 -22.91 56.55 -39.22
CA GLN TA 243 -22.30 57.06 -40.44
C GLN TA 243 -23.32 57.84 -41.28
N TYR UA 1 19.06 29.15 -72.28
CA TYR UA 1 20.03 28.06 -72.42
C TYR UA 1 20.09 27.21 -71.15
N ASP UA 2 19.63 25.97 -71.25
CA ASP UA 2 19.59 25.07 -70.10
C ASP UA 2 20.72 24.04 -70.15
N ARG UA 3 21.21 23.67 -68.97
CA ARG UA 3 22.33 22.76 -68.83
C ARG UA 3 22.10 21.78 -67.68
N GLY UA 4 22.99 20.82 -67.52
CA GLY UA 4 22.87 19.83 -66.46
C GLY UA 4 23.13 20.42 -65.09
N VAL UA 5 22.58 19.78 -64.05
CA VAL UA 5 22.73 20.27 -62.69
C VAL UA 5 24.13 20.02 -62.13
N ASN UA 6 24.91 19.22 -62.84
CA ASN UA 6 26.30 18.99 -62.46
C ASN UA 6 27.26 19.54 -63.51
N THR UA 7 26.99 20.76 -63.96
CA THR UA 7 27.82 21.41 -64.95
C THR UA 7 28.81 22.34 -64.29
N PHE UA 8 30.03 22.39 -64.83
CA PHE UA 8 31.07 23.26 -64.29
C PHE UA 8 31.13 24.59 -65.04
N SER UA 9 31.35 25.67 -64.29
CA SER UA 9 31.62 26.97 -64.88
C SER UA 9 33.06 26.98 -65.35
N PRO UA 10 33.39 27.86 -66.31
CA PRO UA 10 34.78 28.00 -66.75
C PRO UA 10 35.72 28.38 -65.60
N GLU UA 11 35.17 28.94 -64.54
CA GLU UA 11 35.93 29.33 -63.37
C GLU UA 11 36.28 28.12 -62.51
N GLY UA 12 35.52 27.03 -62.68
CA GLY UA 12 35.80 25.80 -61.96
C GLY UA 12 34.87 25.55 -60.78
N ARG UA 13 33.63 25.97 -60.91
CA ARG UA 13 32.65 25.76 -59.84
C ARG UA 13 31.32 25.25 -60.38
N LEU UA 14 30.53 24.63 -59.52
CA LEU UA 14 29.23 24.10 -59.91
C LEU UA 14 28.18 25.19 -59.84
N PHE UA 15 27.50 25.43 -60.97
CA PHE UA 15 26.50 26.48 -61.07
C PHE UA 15 25.43 26.39 -60.00
N GLN UA 16 24.81 25.23 -59.86
CA GLN UA 16 23.71 25.04 -58.91
C GLN UA 16 24.13 25.35 -57.47
N VAL UA 17 25.34 24.94 -57.11
CA VAL UA 17 25.85 25.19 -55.76
C VAL UA 17 26.01 26.69 -55.51
N GLU UA 18 26.64 27.37 -56.47
CA GLU UA 18 26.84 28.82 -56.38
C GLU UA 18 25.49 29.53 -56.25
N TYR UA 19 24.51 29.05 -57.02
CA TYR UA 19 23.17 29.64 -57.00
C TYR UA 19 22.51 29.40 -55.65
N ALA UA 20 22.84 28.27 -55.03
CA ALA UA 20 22.33 27.98 -53.69
C ALA UA 20 22.94 28.95 -52.68
N ILE UA 21 24.24 29.21 -52.83
CA ILE UA 21 24.92 30.18 -52.00
C ILE UA 21 24.23 31.54 -52.14
N GLU UA 22 23.85 31.86 -53.38
CA GLU UA 22 23.10 33.08 -53.64
C GLU UA 22 21.74 33.04 -52.97
N ALA UA 23 21.18 31.84 -52.85
CA ALA UA 23 19.86 31.67 -52.25
C ALA UA 23 19.90 31.92 -50.75
N ILE UA 24 21.03 31.58 -50.12
CA ILE UA 24 21.18 31.79 -48.68
C ILE UA 24 21.01 33.26 -48.29
N LYS UA 25 21.46 34.15 -49.16
CA LYS UA 25 21.50 35.59 -48.86
C LYS UA 25 20.11 36.21 -48.65
N LEU UA 26 19.06 35.45 -48.90
CA LEU UA 26 17.70 35.95 -48.74
C LEU UA 26 17.06 35.45 -47.46
N GLY UA 27 17.83 34.73 -46.64
CA GLY UA 27 17.31 34.12 -45.44
C GLY UA 27 17.53 34.94 -44.19
N SER UA 28 16.85 34.55 -43.11
CA SER UA 28 16.98 35.24 -41.82
C SER UA 28 18.40 35.10 -41.30
N THR UA 29 18.97 36.22 -40.85
CA THR UA 29 20.34 36.22 -40.35
C THR UA 29 20.45 35.62 -38.96
N ALA UA 30 21.46 34.76 -38.78
CA ALA UA 30 21.69 34.09 -37.50
C ALA UA 30 23.15 34.21 -37.08
N ILE UA 31 23.38 34.26 -35.77
CA ILE UA 31 24.71 34.41 -35.23
C ILE UA 31 25.01 33.34 -34.18
N GLY UA 32 26.17 32.71 -34.29
CA GLY UA 32 26.64 31.75 -33.31
C GLY UA 32 27.97 32.17 -32.73
N ILE UA 33 28.09 32.10 -31.41
CA ILE UA 33 29.34 32.46 -30.74
C ILE UA 33 29.82 31.33 -29.83
N GLN UA 34 31.09 30.98 -30.00
CA GLN UA 34 31.74 29.96 -29.18
C GLN UA 34 32.45 30.59 -27.98
N THR UA 35 32.28 29.98 -26.83
CA THR UA 35 32.81 30.50 -25.57
C THR UA 35 33.10 29.33 -24.64
N SER UA 36 34.21 29.39 -23.92
CA SER UA 36 34.62 28.32 -23.02
C SER UA 36 33.56 27.98 -21.96
N GLU UA 37 32.59 28.87 -21.79
CA GLU UA 37 31.47 28.63 -20.88
C GLU UA 37 30.27 28.04 -21.61
N GLY UA 38 30.35 27.99 -22.94
CA GLY UA 38 29.27 27.44 -23.75
C GLY UA 38 29.08 28.13 -25.08
N VAL UA 39 28.27 27.54 -25.95
CA VAL UA 39 28.01 28.11 -27.26
C VAL UA 39 26.62 28.72 -27.30
N CYS UA 40 26.47 29.85 -27.99
CA CYS UA 40 25.15 30.48 -28.12
C CYS UA 40 24.75 30.70 -29.57
N LEU UA 41 23.46 30.52 -29.85
CA LEU UA 41 22.92 30.69 -31.19
C LEU UA 41 21.68 31.57 -31.13
N ALA UA 42 21.69 32.66 -31.90
CA ALA UA 42 20.57 33.59 -31.93
C ALA UA 42 20.12 33.81 -33.37
N VAL UA 43 18.82 33.99 -33.58
CA VAL UA 43 18.32 34.22 -34.93
C VAL UA 43 17.02 35.00 -34.94
N GLU UA 44 16.88 35.91 -35.91
CA GLU UA 44 15.64 36.64 -36.09
C GLU UA 44 14.58 35.75 -36.74
N LYS UA 45 13.31 35.98 -36.39
CA LYS UA 45 12.23 35.13 -36.88
C LYS UA 45 11.55 35.68 -38.14
N ARG UA 46 11.68 36.99 -38.36
CA ARG UA 46 11.07 37.64 -39.52
C ARG UA 46 9.58 37.36 -39.66
N ILE UA 47 8.80 37.78 -38.67
CA ILE UA 47 7.36 37.59 -38.70
C ILE UA 47 6.73 38.54 -39.72
N THR UA 48 6.01 37.97 -40.69
CA THR UA 48 5.45 38.75 -41.79
C THR UA 48 4.01 39.18 -41.53
N SER UA 49 3.44 38.72 -40.42
CA SER UA 49 2.05 39.05 -40.08
C SER UA 49 1.79 38.88 -38.58
N PRO UA 50 1.00 39.80 -38.00
CA PRO UA 50 0.60 39.72 -36.60
C PRO UA 50 -0.24 38.50 -36.32
N LEU UA 51 -0.87 37.94 -37.35
CA LEU UA 51 -1.73 36.77 -37.21
C LEU UA 51 -0.91 35.48 -37.10
N MET UA 52 0.33 35.53 -37.58
CA MET UA 52 1.20 34.35 -37.56
C MET UA 52 1.75 34.08 -36.16
N GLU UA 53 1.46 32.89 -35.64
CA GLU UA 53 2.02 32.46 -34.36
C GLU UA 53 3.54 32.33 -34.47
N PRO UA 54 4.27 33.15 -33.72
CA PRO UA 54 5.73 33.20 -33.81
C PRO UA 54 6.40 31.98 -33.20
N SER UA 55 5.68 31.26 -32.35
CA SER UA 55 6.24 30.07 -31.71
C SER UA 55 6.30 28.88 -32.67
N SER UA 56 5.73 29.04 -33.85
CA SER UA 56 5.75 28.01 -34.87
C SER UA 56 6.90 28.25 -35.85
N ILE UA 57 7.67 29.29 -35.60
CA ILE UA 57 8.85 29.58 -36.39
C ILE UA 57 10.09 29.16 -35.60
N GLU UA 58 10.62 27.99 -35.92
CA GLU UA 58 11.85 27.53 -35.28
C GLU UA 58 13.01 27.43 -36.26
N LYS UA 59 13.96 28.35 -36.13
CA LYS UA 59 15.18 28.31 -36.93
C LYS UA 59 16.33 27.83 -36.06
N ILE UA 60 16.02 27.50 -34.81
CA ILE UA 60 16.97 26.85 -33.92
C ILE UA 60 16.34 25.58 -33.39
N VAL UA 61 16.98 24.45 -33.65
CA VAL UA 61 16.45 23.16 -33.24
C VAL UA 61 17.49 22.32 -32.51
N GLU UA 62 17.02 21.34 -31.75
CA GLU UA 62 17.89 20.46 -31.00
C GLU UA 62 18.26 19.21 -31.80
N ILE UA 63 19.53 19.09 -32.16
CA ILE UA 63 20.04 17.89 -32.81
C ILE UA 63 20.09 16.77 -31.78
N ASP UA 64 20.72 17.06 -30.65
CA ASP UA 64 20.77 16.14 -29.52
C ASP UA 64 20.93 16.96 -28.24
N ALA UA 65 20.89 16.29 -27.09
CA ALA UA 65 20.97 16.97 -25.79
C ALA UA 65 22.22 17.85 -25.66
N HIS UA 66 23.23 17.57 -26.46
CA HIS UA 66 24.47 18.33 -26.40
C HIS UA 66 24.75 19.13 -27.67
N ILE UA 67 23.85 19.05 -28.64
CA ILE UA 67 24.04 19.75 -29.91
C ILE UA 67 22.78 20.43 -30.44
N GLY UA 68 22.90 21.73 -30.73
CA GLY UA 68 21.82 22.49 -31.33
C GLY UA 68 22.24 23.07 -32.67
N CYS UA 69 21.26 23.40 -33.50
CA CYS UA 69 21.54 23.88 -34.86
C CYS UA 69 20.73 25.11 -35.23
N ALA UA 70 21.39 26.08 -35.85
CA ALA UA 70 20.72 27.26 -36.38
C ALA UA 70 20.79 27.23 -37.91
N MET UA 71 19.71 27.66 -38.56
CA MET UA 71 19.62 27.54 -40.01
C MET UA 71 19.20 28.83 -40.69
N SER UA 72 19.68 29.03 -41.92
CA SER UA 72 19.28 30.21 -42.70
C SER UA 72 19.07 29.88 -44.17
N GLY UA 73 17.99 30.39 -44.74
CA GLY UA 73 17.68 30.17 -46.15
C GLY UA 73 16.36 29.44 -46.34
N LEU UA 74 16.35 28.46 -47.25
CA LEU UA 74 15.17 27.64 -47.49
C LEU UA 74 15.03 26.60 -46.38
N ILE UA 75 14.19 26.91 -45.40
CA ILE UA 75 14.03 26.09 -44.19
C ILE UA 75 13.54 24.67 -44.49
N ALA UA 76 12.63 24.58 -45.45
CA ALA UA 76 12.07 23.29 -45.87
C ALA UA 76 13.17 22.31 -46.25
N ASP UA 77 14.23 22.82 -46.87
CA ASP UA 77 15.39 22.00 -47.21
C ASP UA 77 16.14 21.61 -45.95
N ALA UA 78 16.13 22.49 -44.96
CA ALA UA 78 16.89 22.26 -43.73
C ALA UA 78 16.27 21.17 -42.87
N LYS UA 79 14.95 21.06 -42.89
CA LYS UA 79 14.24 20.05 -42.10
C LYS UA 79 14.81 18.64 -42.31
N THR UA 80 15.01 18.28 -43.57
CA THR UA 80 15.58 16.99 -43.95
C THR UA 80 16.95 16.78 -43.31
N LEU UA 81 17.81 17.79 -43.43
CA LEU UA 81 19.15 17.73 -42.89
C LEU UA 81 19.14 17.56 -41.37
N ILE UA 82 18.23 18.28 -40.72
CA ILE UA 82 18.08 18.20 -39.27
C ILE UA 82 17.71 16.79 -38.85
N ASP UA 83 16.71 16.22 -39.52
CA ASP UA 83 16.28 14.87 -39.18
C ASP UA 83 17.39 13.85 -39.43
N LYS UA 84 18.13 14.04 -40.52
CA LYS UA 84 19.27 13.18 -40.82
C LYS UA 84 20.32 13.25 -39.72
N ALA UA 85 20.56 14.45 -39.19
CA ALA UA 85 21.51 14.65 -38.12
C ALA UA 85 21.07 13.92 -36.86
N ARG UA 86 19.82 14.13 -36.47
CA ARG UA 86 19.25 13.48 -35.29
C ARG UA 86 19.38 11.95 -35.39
N VAL UA 87 18.98 11.43 -36.55
CA VAL UA 87 19.08 10.00 -36.81
C VAL UA 87 20.51 9.50 -36.71
N GLU UA 88 21.45 10.25 -37.27
CA GLU UA 88 22.86 9.89 -37.20
C GLU UA 88 23.38 9.82 -35.77
N THR UA 89 23.03 10.83 -34.96
CA THR UA 89 23.44 10.85 -33.56
C THR UA 89 22.87 9.64 -32.81
N GLN UA 90 21.59 9.35 -33.03
CA GLN UA 90 20.97 8.23 -32.34
C GLN UA 90 21.53 6.87 -32.78
N ASN UA 91 21.84 6.75 -34.06
CA ASN UA 91 22.47 5.53 -34.57
C ASN UA 91 23.82 5.33 -33.91
N HIS UA 92 24.57 6.42 -33.82
CA HIS UA 92 25.90 6.38 -33.21
C HIS UA 92 25.81 5.99 -31.74
N TRP UA 93 24.83 6.55 -31.03
CA TRP UA 93 24.61 6.18 -29.64
C TRP UA 93 24.27 4.70 -29.51
N PHE UA 94 23.40 4.21 -30.40
CA PHE UA 94 23.01 2.81 -30.38
C PHE UA 94 24.21 1.90 -30.58
N THR UA 95 25.05 2.25 -31.55
CA THR UA 95 26.18 1.42 -31.93
C THR UA 95 27.36 1.45 -30.96
N TYR UA 96 27.68 2.63 -30.45
CA TYR UA 96 28.91 2.82 -29.69
C TYR UA 96 28.70 3.20 -28.23
N ASN UA 97 27.45 3.43 -27.85
CA ASN UA 97 27.11 3.81 -26.48
C ASN UA 97 27.86 5.07 -26.02
N GLU UA 98 27.80 6.12 -26.84
CA GLU UA 98 28.47 7.37 -26.55
C GLU UA 98 27.87 8.49 -27.39
N THR UA 99 28.15 9.73 -27.04
CA THR UA 99 27.66 10.88 -27.81
C THR UA 99 28.59 11.17 -28.99
N MET UA 100 28.03 11.79 -30.02
CA MET UA 100 28.81 12.19 -31.18
C MET UA 100 29.48 13.52 -30.95
N THR UA 101 30.71 13.65 -31.43
CA THR UA 101 31.38 14.94 -31.41
C THR UA 101 30.69 15.84 -32.41
N VAL UA 102 30.65 17.13 -32.10
CA VAL UA 102 29.97 18.10 -32.95
C VAL UA 102 30.52 18.05 -34.37
N GLU UA 103 31.84 17.89 -34.48
CA GLU UA 103 32.49 17.80 -35.78
C GLU UA 103 32.01 16.60 -36.58
N SER UA 104 31.79 15.47 -35.90
CA SER UA 104 31.33 14.26 -36.57
C SER UA 104 29.93 14.43 -37.14
N VAL UA 105 29.05 15.04 -36.35
CA VAL UA 105 27.68 15.34 -36.79
C VAL UA 105 27.71 16.29 -38.00
N THR UA 106 28.45 17.38 -37.85
CA THR UA 106 28.58 18.37 -38.91
C THR UA 106 29.08 17.73 -40.21
N GLN UA 107 30.07 16.84 -40.08
CA GLN UA 107 30.64 16.15 -41.22
C GLN UA 107 29.62 15.21 -41.85
N ALA UA 108 28.88 14.51 -40.99
CA ALA UA 108 27.86 13.58 -41.43
C ALA UA 108 26.82 14.28 -42.29
N VAL UA 109 26.33 15.42 -41.81
CA VAL UA 109 25.37 16.21 -42.57
C VAL UA 109 26.02 16.75 -43.84
N SER UA 110 27.29 17.11 -43.73
CA SER UA 110 28.05 17.65 -44.86
C SER UA 110 28.27 16.61 -45.96
N ASN UA 111 28.11 15.34 -45.62
CA ASN UA 111 28.27 14.28 -46.60
C ASN UA 111 27.13 14.21 -47.61
N LEU UA 112 26.03 14.90 -47.29
CA LEU UA 112 24.89 14.97 -48.19
C LEU UA 112 25.02 16.15 -49.15
N ALA UA 113 26.23 16.69 -49.24
CA ALA UA 113 26.50 17.91 -50.00
C ALA UA 113 26.09 17.80 -51.45
N LEU UA 114 26.99 17.26 -52.27
CA LEU UA 114 26.79 17.19 -53.71
C LEU UA 114 26.14 15.87 -54.09
N GLN UA 115 25.24 15.39 -53.23
CA GLN UA 115 24.49 14.16 -53.48
C GLN UA 115 23.27 14.41 -54.35
N PHE UA 116 23.47 15.15 -55.44
CA PHE UA 116 22.39 15.43 -56.38
C PHE UA 116 22.84 15.11 -57.80
N GLY UA 117 21.89 14.92 -58.70
CA GLY UA 117 22.20 14.60 -60.08
C GLY UA 117 21.01 14.08 -60.85
N GLU UA 118 21.18 13.92 -62.16
CA GLU UA 118 20.11 13.45 -63.02
C GLU UA 118 20.31 11.99 -63.41
N GLU UA 119 21.01 11.77 -64.52
CA GLU UA 119 21.26 10.42 -65.01
C GLU UA 119 22.13 9.61 -64.06
N ASP UA 120 22.13 8.29 -64.24
CA ASP UA 120 22.92 7.36 -63.43
C ASP UA 120 22.64 7.50 -61.93
N ALA UA 121 21.39 7.78 -61.59
CA ALA UA 121 21.02 8.01 -60.20
C ALA UA 121 19.75 7.27 -59.79
N ASP UA 122 19.49 7.28 -58.48
CA ASP UA 122 18.32 6.63 -57.91
C ASP UA 122 17.07 7.44 -58.24
N PRO UA 123 15.88 6.80 -58.18
CA PRO UA 123 14.63 7.51 -58.49
C PRO UA 123 14.31 8.60 -57.46
N GLY UA 124 14.67 8.37 -56.19
CA GLY UA 124 14.37 9.32 -55.14
C GLY UA 124 15.53 10.24 -54.79
N ALA UA 125 16.61 10.13 -55.54
CA ALA UA 125 17.80 10.95 -55.31
C ALA UA 125 17.51 12.42 -55.54
N MET UA 126 18.29 13.28 -54.88
CA MET UA 126 18.10 14.73 -54.96
C MET UA 126 18.36 15.27 -56.36
N SER UA 127 17.58 16.26 -56.76
CA SER UA 127 17.70 16.86 -58.08
C SER UA 127 18.52 18.14 -58.04
N ARG UA 128 18.71 18.66 -56.83
CA ARG UA 128 19.35 19.96 -56.64
C ARG UA 128 19.95 20.06 -55.25
N PRO UA 129 20.94 20.96 -55.07
CA PRO UA 129 21.54 21.15 -53.75
C PRO UA 129 20.55 21.69 -52.74
N PHE UA 130 20.92 21.64 -51.46
CA PHE UA 130 20.10 22.22 -50.40
C PHE UA 130 20.40 23.71 -50.25
N GLY UA 131 19.39 24.54 -50.48
CA GLY UA 131 19.56 25.98 -50.38
C GLY UA 131 19.48 26.48 -48.95
N VAL UA 132 20.39 26.02 -48.11
CA VAL UA 132 20.37 26.38 -46.70
C VAL UA 132 21.78 26.39 -46.10
N ALA UA 133 21.97 27.18 -45.04
CA ALA UA 133 23.24 27.24 -44.34
C ALA UA 133 23.04 26.92 -42.86
N LEU UA 134 24.01 26.22 -42.27
CA LEU UA 134 23.87 25.71 -40.92
C LEU UA 134 24.99 26.12 -39.97
N LEU UA 135 24.60 26.34 -38.71
CA LEU UA 135 25.52 26.58 -37.61
C LEU UA 135 25.30 25.53 -36.54
N PHE UA 136 26.29 24.68 -36.31
CA PHE UA 136 26.18 23.64 -35.30
C PHE UA 136 26.90 24.05 -34.02
N GLY UA 137 26.14 24.35 -32.97
CA GLY UA 137 26.73 24.71 -31.70
C GLY UA 137 26.50 23.62 -30.68
N GLY UA 138 27.57 23.13 -30.06
CA GLY UA 138 27.43 22.06 -29.10
C GLY UA 138 28.62 21.86 -28.19
N VAL UA 139 28.48 21.00 -27.19
CA VAL UA 139 29.56 20.73 -26.25
C VAL UA 139 29.94 19.25 -26.25
N ASP UA 140 31.20 18.96 -26.59
CA ASP UA 140 31.69 17.59 -26.52
C ASP UA 140 32.94 17.47 -25.64
N GLU UA 141 33.74 16.43 -25.87
CA GLU UA 141 34.93 16.19 -25.07
C GLU UA 141 35.98 17.27 -25.30
N LYS UA 142 35.90 17.92 -26.45
CA LYS UA 142 36.81 19.01 -26.78
C LYS UA 142 36.23 20.35 -26.32
N GLY UA 143 35.20 20.27 -25.47
CA GLY UA 143 34.55 21.44 -24.93
C GLY UA 143 33.50 22.01 -25.86
N PRO UA 144 33.21 23.31 -25.71
CA PRO UA 144 32.28 24.03 -26.59
C PRO UA 144 32.85 24.19 -27.99
N GLN UA 145 32.00 23.96 -28.99
CA GLN UA 145 32.40 24.05 -30.39
C GLN UA 145 31.27 24.59 -31.26
N LEU UA 146 31.66 25.39 -32.26
CA LEU UA 146 30.74 25.96 -33.22
C LEU UA 146 31.24 25.70 -34.63
N PHE UA 147 30.37 25.15 -35.47
CA PHE UA 147 30.72 24.84 -36.85
C PHE UA 147 29.79 25.54 -37.84
N HIS UA 148 30.29 25.75 -39.05
CA HIS UA 148 29.51 26.37 -40.11
C HIS UA 148 29.54 25.51 -41.36
N MET UA 149 28.39 25.38 -42.01
CA MET UA 149 28.30 24.60 -43.24
C MET UA 149 27.42 25.28 -44.28
N ASP UA 150 27.86 25.24 -45.53
CA ASP UA 150 27.14 25.83 -46.65
C ASP UA 150 26.84 24.75 -47.69
N PRO UA 151 25.93 25.02 -48.63
CA PRO UA 151 25.55 24.06 -49.69
C PRO UA 151 26.71 23.39 -50.43
N SER UA 152 27.90 23.98 -50.38
CA SER UA 152 29.06 23.38 -51.03
C SER UA 152 29.50 22.12 -50.29
N GLY UA 153 29.07 22.00 -49.04
CA GLY UA 153 29.44 20.87 -48.22
C GLY UA 153 30.69 21.17 -47.41
N THR UA 154 31.34 22.28 -47.73
CA THR UA 154 32.51 22.71 -46.98
C THR UA 154 32.09 23.15 -45.58
N PHE UA 155 32.56 22.43 -44.57
CA PHE UA 155 32.25 22.77 -43.20
C PHE UA 155 33.52 23.16 -42.46
N VAL UA 156 33.43 24.17 -41.59
CA VAL UA 156 34.60 24.63 -40.87
C VAL UA 156 34.24 25.19 -39.48
N GLN UA 157 35.14 25.02 -38.53
CA GLN UA 157 34.93 25.51 -37.17
C GLN UA 157 35.11 27.02 -37.09
N CYS UA 158 34.25 27.67 -36.31
CA CYS UA 158 34.31 29.11 -36.13
C CYS UA 158 34.23 29.46 -34.66
N ASP UA 159 34.92 30.53 -34.27
CA ASP UA 159 34.83 31.03 -32.90
C ASP UA 159 33.59 31.91 -32.78
N ALA UA 160 33.28 32.62 -33.86
CA ALA UA 160 32.06 33.41 -33.95
C ALA UA 160 31.71 33.56 -35.42
N ARG UA 161 30.44 33.39 -35.76
CA ARG UA 161 30.05 33.38 -37.17
C ARG UA 161 28.61 33.85 -37.38
N ALA UA 162 28.39 34.61 -38.44
CA ALA UA 162 27.06 35.07 -38.80
C ALA UA 162 26.69 34.61 -40.20
N ILE UA 163 25.49 34.06 -40.35
CA ILE UA 163 24.99 33.64 -41.66
C ILE UA 163 23.68 34.35 -41.95
N GLY UA 164 23.34 34.47 -43.23
CA GLY UA 164 22.07 35.07 -43.62
C GLY UA 164 22.22 36.31 -44.47
N SER UA 165 21.15 37.11 -44.52
CA SER UA 165 21.10 38.30 -45.35
C SER UA 165 22.12 39.35 -44.89
N ALA UA 166 22.17 39.59 -43.60
CA ALA UA 166 23.08 40.59 -43.04
C ALA UA 166 24.40 39.96 -42.62
N SER UA 167 24.86 39.00 -43.42
CA SER UA 167 26.05 38.22 -43.10
C SER UA 167 27.30 39.09 -42.90
N GLU UA 168 27.64 39.90 -43.90
CA GLU UA 168 28.88 40.68 -43.88
C GLU UA 168 28.97 41.66 -42.72
N GLY UA 169 27.96 42.53 -42.59
CA GLY UA 169 27.93 43.52 -41.55
C GLY UA 169 28.00 42.92 -40.16
N ALA UA 170 27.18 41.90 -39.94
CA ALA UA 170 27.16 41.20 -38.65
C ALA UA 170 28.49 40.52 -38.37
N GLN UA 171 29.17 40.08 -39.42
CA GLN UA 171 30.47 39.43 -39.27
C GLN UA 171 31.52 40.45 -38.85
N SER UA 172 31.46 41.64 -39.46
CA SER UA 172 32.36 42.73 -39.09
C SER UA 172 32.14 43.11 -37.63
N SER UA 173 30.88 43.34 -37.28
CA SER UA 173 30.50 43.68 -35.91
C SER UA 173 30.93 42.58 -34.93
N LEU UA 174 30.94 41.34 -35.41
CA LEU UA 174 31.41 40.22 -34.60
C LEU UA 174 32.91 40.29 -34.39
N GLN UA 175 33.65 40.59 -35.46
CA GLN UA 175 35.10 40.70 -35.38
C GLN UA 175 35.51 41.83 -34.44
N GLU UA 176 34.70 42.88 -34.37
CA GLU UA 176 35.01 44.02 -33.52
C GLU UA 176 34.88 43.71 -32.02
N VAL UA 177 34.09 42.71 -31.66
CA VAL UA 177 33.78 42.46 -30.25
C VAL UA 177 34.19 41.08 -29.72
N TYR UA 178 34.87 40.29 -30.54
CA TYR UA 178 35.23 38.94 -30.10
C TYR UA 178 36.69 38.80 -29.68
N HIS UA 179 36.88 38.34 -28.44
CA HIS UA 179 38.17 37.88 -27.97
C HIS UA 179 37.99 36.50 -27.35
N LYS UA 180 38.92 35.60 -27.62
CA LYS UA 180 38.78 34.19 -27.22
C LYS UA 180 38.78 33.97 -25.71
N SER UA 181 37.93 34.71 -25.00
CA SER UA 181 37.86 34.61 -23.54
C SER UA 181 36.61 35.29 -22.97
N MET UA 182 35.64 35.58 -23.85
CA MET UA 182 34.40 36.20 -23.44
C MET UA 182 33.65 35.28 -22.46
N THR UA 183 32.78 35.86 -21.65
CA THR UA 183 31.87 35.06 -20.85
C THR UA 183 30.62 34.83 -21.70
N LEU UA 184 29.83 33.83 -21.33
CA LEU UA 184 28.65 33.48 -22.11
C LEU UA 184 27.64 34.62 -22.16
N LYS UA 185 27.52 35.33 -21.03
CA LYS UA 185 26.63 36.49 -20.95
C LYS UA 185 27.05 37.55 -21.95
N GLU UA 186 28.36 37.77 -22.07
CA GLU UA 186 28.91 38.73 -23.02
C GLU UA 186 28.59 38.31 -24.46
N ALA UA 187 28.68 37.03 -24.72
CA ALA UA 187 28.39 36.48 -26.05
C ALA UA 187 26.92 36.68 -26.41
N ILE UA 188 26.03 36.35 -25.49
CA ILE UA 188 24.59 36.54 -25.70
C ILE UA 188 24.27 38.00 -25.94
N LYS UA 189 24.82 38.85 -25.08
CA LYS UA 189 24.62 40.30 -25.17
C LYS UA 189 25.06 40.82 -26.53
N SER UA 190 26.28 40.50 -26.93
CA SER UA 190 26.83 40.94 -28.21
C SER UA 190 25.97 40.46 -29.37
N SER UA 191 25.57 39.19 -29.30
CA SER UA 191 24.72 38.58 -30.32
C SER UA 191 23.43 39.37 -30.50
N LEU UA 192 22.75 39.63 -29.39
CA LEU UA 192 21.49 40.36 -29.44
C LEU UA 192 21.67 41.80 -29.90
N ILE UA 193 22.82 42.40 -29.56
CA ILE UA 193 23.12 43.76 -29.99
C ILE UA 193 23.27 43.83 -31.52
N ILE UA 194 24.15 42.99 -32.06
CA ILE UA 194 24.37 42.94 -33.49
C ILE UA 194 23.07 42.59 -34.22
N LEU UA 195 22.29 41.70 -33.62
CA LEU UA 195 20.99 41.32 -34.18
C LEU UA 195 20.07 42.53 -34.27
N LYS UA 196 19.99 43.30 -33.18
CA LYS UA 196 19.19 44.51 -33.16
C LYS UA 196 19.65 45.51 -34.20
N GLN UA 197 20.96 45.58 -34.41
CA GLN UA 197 21.53 46.47 -35.42
C GLN UA 197 21.06 46.09 -36.82
N VAL UA 198 21.23 44.81 -37.16
CA VAL UA 198 20.99 44.35 -38.53
C VAL UA 198 19.51 44.14 -38.87
N MET UA 199 18.68 43.88 -37.85
CA MET UA 199 17.25 43.64 -38.08
C MET UA 199 16.52 44.92 -38.48
N GLU UA 200 15.53 44.77 -39.36
CA GLU UA 200 14.74 45.91 -39.80
C GLU UA 200 13.60 46.20 -38.82
N GLU UA 201 13.15 45.17 -38.12
CA GLU UA 201 12.10 45.32 -37.12
C GLU UA 201 12.71 45.57 -35.74
N LYS UA 202 11.92 46.14 -34.84
CA LYS UA 202 12.36 46.40 -33.48
C LYS UA 202 12.54 45.10 -32.72
N LEU UA 203 13.75 44.87 -32.22
CA LEU UA 203 14.06 43.63 -31.51
C LEU UA 203 13.29 43.50 -30.20
N ASN UA 204 12.53 42.43 -30.08
CA ASN UA 204 11.79 42.14 -28.86
C ASN UA 204 11.82 40.66 -28.49
N ALA UA 205 11.04 40.28 -27.49
CA ALA UA 205 11.08 38.92 -26.95
C ALA UA 205 10.36 37.91 -27.83
N THR UA 206 9.61 38.39 -28.81
CA THR UA 206 8.87 37.50 -29.71
C THR UA 206 9.38 37.64 -31.14
N ASN UA 207 10.45 38.40 -31.32
CA ASN UA 207 11.00 38.67 -32.64
C ASN UA 207 12.13 37.71 -33.01
N ILE UA 208 12.76 37.12 -31.99
CA ILE UA 208 13.91 36.26 -32.21
C ILE UA 208 13.86 35.00 -31.34
N GLU UA 209 14.87 34.16 -31.51
CA GLU UA 209 15.08 33.05 -30.60
C GLU UA 209 16.57 32.84 -30.32
N LEU UA 210 16.87 32.50 -29.08
CA LEU UA 210 18.24 32.34 -28.60
C LEU UA 210 18.34 31.04 -27.83
N ALA UA 211 19.44 30.33 -28.00
CA ALA UA 211 19.64 29.06 -27.31
C ALA UA 211 21.11 28.86 -26.96
N THR UA 212 21.38 28.19 -25.85
CA THR UA 212 22.75 27.96 -25.42
C THR UA 212 23.01 26.49 -25.10
N VAL UA 213 24.24 26.06 -25.34
CA VAL UA 213 24.69 24.72 -24.96
C VAL UA 213 25.98 24.85 -24.17
N GLN UA 214 25.92 24.52 -22.88
CA GLN UA 214 27.06 24.69 -21.99
C GLN UA 214 27.51 23.37 -21.36
N PRO UA 215 28.80 23.26 -21.00
CA PRO UA 215 29.39 22.04 -20.43
C PRO UA 215 28.57 21.40 -19.30
N GLY UA 216 27.87 22.20 -18.52
CA GLY UA 216 27.11 21.68 -17.39
C GLY UA 216 25.62 21.54 -17.61
N GLN UA 217 25.11 22.17 -18.67
CA GLN UA 217 23.68 22.19 -18.92
C GLN UA 217 23.35 21.78 -20.36
N ASN UA 218 22.28 21.01 -20.53
CA ASN UA 218 21.84 20.57 -21.86
C ASN UA 218 21.47 21.73 -22.78
N PHE UA 219 21.07 21.38 -24.00
CA PHE UA 219 20.54 22.36 -24.96
C PHE UA 219 19.35 23.06 -24.34
N HIS UA 220 19.42 24.39 -24.26
CA HIS UA 220 18.35 25.16 -23.66
C HIS UA 220 17.84 26.27 -24.56
N MET UA 221 16.57 26.19 -24.93
CA MET UA 221 15.92 27.26 -25.69
C MET UA 221 15.41 28.31 -24.72
N PHE UA 222 15.88 29.54 -24.89
CA PHE UA 222 15.47 30.64 -24.02
C PHE UA 222 13.98 30.94 -24.11
N THR UA 223 13.31 30.95 -22.96
CA THR UA 223 11.90 31.25 -22.89
C THR UA 223 11.67 32.75 -23.07
N LYS UA 224 10.41 33.16 -23.12
CA LYS UA 224 10.07 34.57 -23.28
C LYS UA 224 10.66 35.44 -22.17
N GLU UA 225 10.49 34.98 -20.93
CA GLU UA 225 10.95 35.74 -19.75
C GLU UA 225 12.47 35.95 -19.75
N GLU UA 226 13.21 34.89 -20.04
CA GLU UA 226 14.67 34.94 -20.06
C GLU UA 226 15.16 35.86 -21.17
N LEU UA 227 14.53 35.74 -22.34
CA LEU UA 227 14.79 36.62 -23.46
C LEU UA 227 14.60 38.07 -23.04
N GLU UA 228 13.49 38.36 -22.36
CA GLU UA 228 13.22 39.69 -21.85
C GLU UA 228 14.32 40.14 -20.89
N GLU UA 229 14.77 39.23 -20.03
CA GLU UA 229 15.75 39.58 -19.02
C GLU UA 229 17.14 39.81 -19.62
N VAL UA 230 17.36 39.34 -20.84
CA VAL UA 230 18.60 39.67 -21.54
C VAL UA 230 18.45 40.96 -22.37
N ILE UA 231 17.28 41.11 -23.00
CA ILE UA 231 16.96 42.31 -23.77
C ILE UA 231 16.89 43.53 -22.87
N LYS UA 232 16.51 43.30 -21.61
CA LYS UA 232 16.45 44.35 -20.59
C LYS UA 232 17.70 45.22 -20.58
N ASP UA 233 18.85 44.60 -20.34
CA ASP UA 233 20.13 45.32 -20.38
C ASP UA 233 20.57 45.53 -21.82
N ILE UA 234 19.77 46.27 -22.57
CA ILE UA 234 20.02 46.52 -23.99
C ILE UA 234 21.33 47.27 -24.21
N ASN VA 1 30.97 27.51 -77.06
CA ASN VA 1 29.83 27.75 -76.17
C ASN VA 1 28.83 26.61 -76.24
N GLN VA 2 28.82 25.91 -77.37
CA GLN VA 2 27.90 24.80 -77.59
C GLN VA 2 28.53 23.47 -77.20
N TYR VA 3 29.82 23.50 -76.88
CA TYR VA 3 30.54 22.30 -76.48
C TYR VA 3 31.01 22.42 -75.03
N ASP VA 4 30.36 23.30 -74.27
CA ASP VA 4 30.83 23.67 -72.94
C ASP VA 4 30.19 22.90 -71.80
N ASN VA 5 28.94 22.48 -71.98
CA ASN VA 5 28.12 22.06 -70.84
C ASN VA 5 27.97 20.56 -70.59
N ASP VA 6 28.54 19.73 -71.47
CA ASP VA 6 28.47 18.28 -71.28
C ASP VA 6 29.82 17.61 -71.41
N VAL VA 7 30.05 16.59 -70.59
CA VAL VA 7 31.33 15.89 -70.56
C VAL VA 7 31.40 14.84 -71.66
N THR VA 8 30.29 14.64 -72.35
CA THR VA 8 30.23 13.66 -73.43
C THR VA 8 30.34 14.32 -74.80
N VAL VA 9 30.64 15.62 -74.81
CA VAL VA 9 30.72 16.35 -76.06
C VAL VA 9 32.14 16.78 -76.39
N TRP VA 10 32.70 16.19 -77.45
CA TRP VA 10 34.00 16.60 -77.95
C TRP VA 10 33.87 17.93 -78.67
N SER VA 11 34.87 18.79 -78.52
CA SER VA 11 34.94 20.01 -79.30
C SER VA 11 35.50 19.65 -80.67
N PRO VA 12 35.27 20.49 -81.68
CA PRO VA 12 35.83 20.21 -83.01
C PRO VA 12 37.36 20.23 -83.02
N GLN VA 13 37.97 20.71 -81.93
CA GLN VA 13 39.42 20.78 -81.83
C GLN VA 13 39.96 19.58 -81.05
N GLY VA 14 39.10 18.60 -80.81
CA GLY VA 14 39.50 17.39 -80.10
C GLY VA 14 39.73 17.62 -78.62
N ARG VA 15 38.86 18.40 -78.00
CA ARG VA 15 38.98 18.73 -76.58
C ARG VA 15 37.64 18.57 -75.87
N ILE VA 16 37.69 18.36 -74.56
CA ILE VA 16 36.49 18.28 -73.74
C ILE VA 16 36.50 19.40 -72.71
N HIS VA 17 35.67 20.40 -72.94
CA HIS VA 17 35.70 21.62 -72.14
C HIS VA 17 35.30 21.42 -70.67
N GLN VA 18 34.38 20.51 -70.41
CA GLN VA 18 33.94 20.25 -69.04
C GLN VA 18 35.08 19.70 -68.19
N ILE VA 19 35.91 18.86 -68.81
CA ILE VA 19 37.08 18.31 -68.13
C ILE VA 19 38.06 19.42 -67.73
N GLU VA 20 38.32 20.33 -68.66
CA GLU VA 20 39.25 21.43 -68.42
C GLU VA 20 38.69 22.41 -67.38
N TYR VA 21 37.40 22.67 -67.46
CA TYR VA 21 36.73 23.51 -66.48
C TYR VA 21 36.85 22.88 -65.11
N ALA VA 22 36.77 21.55 -65.07
CA ALA VA 22 36.96 20.82 -63.81
C ALA VA 22 38.41 20.95 -63.35
N MET VA 23 39.35 20.98 -64.29
CA MET VA 23 40.76 21.15 -63.98
C MET VA 23 40.99 22.50 -63.34
N GLU VA 24 40.22 23.50 -63.76
CA GLU VA 24 40.33 24.84 -63.19
C GLU VA 24 39.95 24.91 -61.71
N ALA VA 25 39.24 23.89 -61.23
CA ALA VA 25 38.81 23.86 -59.83
C ALA VA 25 39.98 23.66 -58.88
N VAL VA 26 41.03 22.99 -59.36
CA VAL VA 26 42.21 22.73 -58.55
C VAL VA 26 42.93 24.03 -58.22
N LYS VA 27 42.96 24.95 -59.17
CA LYS VA 27 43.65 26.22 -59.01
C LYS VA 27 42.89 27.18 -58.10
N GLN VA 28 41.64 26.83 -57.79
CA GLN VA 28 40.80 27.66 -56.94
C GLN VA 28 41.11 27.50 -55.46
N GLY VA 29 41.77 26.40 -55.11
CA GLY VA 29 42.10 26.12 -53.72
C GLY VA 29 43.48 26.62 -53.35
N SER VA 30 43.81 26.56 -52.06
CA SER VA 30 45.11 26.99 -51.58
C SER VA 30 46.21 26.01 -52.02
N ALA VA 31 47.41 26.53 -52.24
CA ALA VA 31 48.50 25.73 -52.77
C ALA VA 31 49.01 24.68 -51.80
N THR VA 32 49.60 23.62 -52.34
CA THR VA 32 50.18 22.56 -51.53
C THR VA 32 51.39 21.91 -52.21
N VAL VA 33 52.33 21.42 -51.41
CA VAL VA 33 53.58 20.89 -51.93
C VAL VA 33 53.80 19.45 -51.46
N GLY VA 34 54.41 18.63 -52.32
CA GLY VA 34 54.77 17.27 -51.95
C GLY VA 34 56.14 16.91 -52.48
N LEU VA 35 56.98 16.35 -51.62
CA LEU VA 35 58.31 15.91 -52.03
C LEU VA 35 58.77 14.67 -51.29
N LYS VA 36 59.67 13.90 -51.90
CA LYS VA 36 60.19 12.70 -51.26
C LYS VA 36 61.71 12.68 -51.25
N SER VA 37 62.27 12.13 -50.17
CA SER VA 37 63.70 11.89 -50.10
C SER VA 37 63.99 10.51 -50.66
N LYS VA 38 64.63 9.67 -49.86
CA LYS VA 38 64.83 8.27 -50.23
C LYS VA 38 64.26 7.38 -49.13
N THR VA 39 63.87 8.03 -48.03
CA THR VA 39 63.33 7.32 -46.87
C THR VA 39 61.99 7.89 -46.44
N HIS VA 40 61.74 9.15 -46.78
CA HIS VA 40 60.52 9.82 -46.34
C HIS VA 40 59.75 10.51 -47.47
N ALA VA 41 58.43 10.52 -47.33
CA ALA VA 41 57.54 11.28 -48.19
C ALA VA 41 56.85 12.34 -47.34
N VAL VA 42 56.83 13.57 -47.87
CA VAL VA 42 56.37 14.74 -47.12
C VAL VA 42 55.38 15.60 -47.90
N LEU VA 43 54.26 15.91 -47.25
CA LEU VA 43 53.30 16.85 -47.76
C LEU VA 43 53.27 18.08 -46.88
N VAL VA 44 53.37 19.26 -47.49
CA VAL VA 44 53.26 20.50 -46.76
C VAL VA 44 52.13 21.30 -47.37
N ALA VA 45 51.14 21.67 -46.56
CA ALA VA 45 49.96 22.34 -47.10
C ALA VA 45 49.70 23.69 -46.45
N LEU VA 46 49.42 24.69 -47.28
CA LEU VA 46 49.04 26.01 -46.80
C LEU VA 46 47.55 26.08 -46.56
N LYS VA 47 47.15 26.04 -45.29
CA LYS VA 47 45.75 26.14 -44.94
C LYS VA 47 45.24 27.56 -45.15
N ARG VA 48 44.00 27.68 -45.59
CA ARG VA 48 43.40 28.98 -45.88
C ARG VA 48 42.27 29.26 -44.88
N ALA VA 49 42.05 30.54 -44.58
CA ALA VA 49 40.98 30.93 -43.67
C ALA VA 49 40.06 31.96 -44.31
N GLN VA 50 38.76 31.83 -44.05
CA GLN VA 50 37.78 32.79 -44.54
C GLN VA 50 38.01 34.13 -43.87
N SER VA 51 37.64 34.23 -42.60
CA SER VA 51 37.94 35.39 -41.79
C SER VA 51 38.92 35.01 -40.70
N GLU VA 52 39.33 35.98 -39.90
CA GLU VA 52 40.27 35.72 -38.81
C GLU VA 52 39.60 35.00 -37.65
N LEU VA 53 38.27 34.93 -37.69
CA LEU VA 53 37.51 34.25 -36.64
C LEU VA 53 37.19 32.82 -37.01
N ALA VA 54 37.51 32.45 -38.25
CA ALA VA 54 37.29 31.08 -38.72
C ALA VA 54 38.59 30.30 -38.72
N ALA VA 55 38.55 29.06 -38.21
CA ALA VA 55 39.71 28.19 -38.21
C ALA VA 55 40.13 27.87 -39.64
N HIS VA 56 41.36 27.43 -39.80
CA HIS VA 56 41.89 27.15 -41.14
C HIS VA 56 41.44 25.79 -41.67
N GLN VA 57 41.15 25.75 -42.97
CA GLN VA 57 40.63 24.56 -43.62
C GLN VA 57 41.61 23.41 -43.61
N LYS VA 58 41.12 22.21 -43.28
CA LYS VA 58 41.95 21.00 -43.33
C LYS VA 58 42.36 20.73 -44.77
N LYS VA 59 43.62 20.37 -44.96
CA LYS VA 59 44.16 20.14 -46.30
C LYS VA 59 44.88 18.80 -46.38
N ILE VA 60 45.16 18.20 -45.23
CA ILE VA 60 45.84 16.92 -45.18
C ILE VA 60 44.99 15.87 -44.49
N LEU VA 61 44.78 14.74 -45.18
CA LEU VA 61 43.90 13.69 -44.68
C LEU VA 61 44.61 12.35 -44.57
N HIS VA 62 44.23 11.57 -43.57
CA HIS VA 62 44.80 10.25 -43.36
C HIS VA 62 44.05 9.21 -44.18
N VAL VA 63 44.78 8.37 -44.92
CA VAL VA 63 44.18 7.32 -45.72
C VAL VA 63 44.44 5.95 -45.10
N ASP VA 64 45.72 5.62 -44.97
CA ASP VA 64 46.13 4.39 -44.30
C ASP VA 64 47.42 4.65 -43.56
N ASN VA 65 47.86 3.69 -42.74
CA ASN VA 65 49.08 3.83 -41.94
C ASN VA 65 50.31 4.17 -42.78
N HIS VA 66 50.24 3.87 -44.08
CA HIS VA 66 51.36 4.12 -44.97
C HIS VA 66 51.02 5.12 -46.07
N ILE VA 67 49.82 5.68 -46.05
CA ILE VA 67 49.38 6.58 -47.11
C ILE VA 67 48.58 7.78 -46.59
N GLY VA 68 48.94 8.97 -47.05
CA GLY VA 68 48.20 10.18 -46.72
C GLY VA 68 48.07 11.08 -47.93
N ILE VA 69 47.12 12.00 -47.91
CA ILE VA 69 46.87 12.86 -49.05
C ILE VA 69 46.75 14.34 -48.70
N SER VA 70 46.95 15.18 -49.72
CA SER VA 70 46.75 16.62 -49.61
C SER VA 70 45.82 17.03 -50.73
N ILE VA 71 44.74 17.73 -50.39
CA ILE VA 71 43.68 18.03 -51.35
C ILE VA 71 43.77 19.44 -51.92
N ALA VA 72 43.19 19.62 -53.11
CA ALA VA 72 43.14 20.93 -53.75
C ALA VA 72 41.93 21.04 -54.69
N GLY VA 73 40.85 21.64 -54.20
CA GLY VA 73 39.63 21.76 -54.97
C GLY VA 73 38.38 21.65 -54.12
N LEU VA 74 37.33 21.03 -54.67
CA LEU VA 74 36.08 20.85 -53.95
C LEU VA 74 36.26 19.88 -52.79
N THR VA 75 36.02 20.36 -51.58
CA THR VA 75 36.23 19.56 -50.38
C THR VA 75 35.31 18.35 -50.32
N ALA VA 76 34.13 18.46 -50.92
CA ALA VA 76 33.18 17.35 -50.95
C ALA VA 76 33.73 16.20 -51.80
N ASP VA 77 34.15 16.52 -53.02
CA ASP VA 77 34.78 15.55 -53.90
C ASP VA 77 36.03 14.96 -53.25
N ALA VA 78 36.77 15.82 -52.56
CA ALA VA 78 37.96 15.40 -51.85
C ALA VA 78 37.63 14.35 -50.80
N ARG VA 79 36.58 14.60 -50.02
CA ARG VA 79 36.15 13.66 -49.00
C ARG VA 79 35.68 12.35 -49.62
N LEU VA 80 34.97 12.46 -50.75
CA LEU VA 80 34.51 11.27 -51.48
C LEU VA 80 35.70 10.39 -51.88
N LEU VA 81 36.61 10.97 -52.65
CA LEU VA 81 37.80 10.27 -53.12
C LEU VA 81 38.61 9.70 -51.96
N CYS VA 82 38.70 10.46 -50.89
CA CYS VA 82 39.42 10.04 -49.69
C CYS VA 82 38.80 8.77 -49.12
N ASN VA 83 37.49 8.80 -48.92
CA ASN VA 83 36.77 7.65 -48.41
C ASN VA 83 36.92 6.43 -49.33
N PHE VA 84 36.98 6.69 -50.63
CA PHE VA 84 37.21 5.62 -51.59
C PHE VA 84 38.58 4.97 -51.38
N MET VA 85 39.61 5.80 -51.25
CA MET VA 85 40.97 5.29 -51.06
C MET VA 85 41.09 4.53 -49.75
N ARG VA 86 40.51 5.09 -48.68
CA ARG VA 86 40.45 4.43 -47.38
C ARG VA 86 39.82 3.06 -47.51
N GLN VA 87 38.70 3.00 -48.22
CA GLN VA 87 37.98 1.75 -48.40
C GLN VA 87 38.81 0.72 -49.15
N GLU VA 88 39.48 1.15 -50.21
CA GLU VA 88 40.31 0.24 -51.00
C GLU VA 88 41.48 -0.30 -50.16
N CYS VA 89 42.08 0.56 -49.36
CA CYS VA 89 43.17 0.16 -48.47
C CYS VA 89 42.68 -0.88 -47.45
N LEU VA 90 41.56 -0.58 -46.80
CA LEU VA 90 40.95 -1.51 -45.86
C LEU VA 90 40.66 -2.86 -46.50
N ASP VA 91 40.15 -2.83 -47.73
CA ASP VA 91 39.89 -4.05 -48.48
C ASP VA 91 41.17 -4.85 -48.67
N SER VA 92 42.24 -4.15 -49.08
CA SER VA 92 43.52 -4.81 -49.32
C SER VA 92 44.05 -5.46 -48.04
N ARG VA 93 43.91 -4.78 -46.91
CA ARG VA 93 44.37 -5.34 -45.64
C ARG VA 93 43.50 -6.52 -45.20
N PHE VA 94 42.20 -6.42 -45.46
CA PHE VA 94 41.27 -7.48 -45.10
C PHE VA 94 41.55 -8.75 -45.88
N VAL VA 95 41.82 -8.60 -47.17
CA VAL VA 95 42.01 -9.74 -48.05
C VAL VA 95 43.42 -10.33 -47.97
N PHE VA 96 44.44 -9.48 -48.04
CA PHE VA 96 45.82 -9.96 -48.16
C PHE VA 96 46.68 -9.76 -46.92
N ASP VA 97 46.14 -9.06 -45.93
CA ASP VA 97 46.85 -8.78 -44.67
C ASP VA 97 48.16 -8.00 -44.89
N ARG VA 98 48.27 -7.36 -46.04
CA ARG VA 98 49.43 -6.52 -46.36
C ARG VA 98 48.93 -5.19 -46.89
N PRO VA 99 49.67 -4.11 -46.62
CA PRO VA 99 49.25 -2.77 -47.06
C PRO VA 99 49.22 -2.65 -48.59
N LEU VA 100 48.24 -1.92 -49.10
CA LEU VA 100 48.08 -1.75 -50.54
C LEU VA 100 49.19 -0.88 -51.12
N PRO VA 101 49.92 -1.43 -52.12
CA PRO VA 101 50.94 -0.67 -52.86
C PRO VA 101 50.36 0.64 -53.39
N VAL VA 102 51.03 1.75 -53.12
CA VAL VA 102 50.52 3.07 -53.45
C VAL VA 102 50.15 3.23 -54.93
N SER VA 103 51.02 2.75 -55.80
CA SER VA 103 50.84 2.88 -57.24
C SER VA 103 49.53 2.25 -57.69
N ARG VA 104 49.17 1.13 -57.07
CA ARG VA 104 47.93 0.44 -57.41
C ARG VA 104 46.72 1.23 -56.95
N LEU VA 105 46.82 1.83 -55.76
CA LEU VA 105 45.76 2.68 -55.26
C LEU VA 105 45.54 3.87 -56.20
N VAL VA 106 46.64 4.45 -56.66
CA VAL VA 106 46.57 5.55 -57.61
C VAL VA 106 45.91 5.10 -58.92
N SER VA 107 46.27 3.90 -59.37
CA SER VA 107 45.66 3.32 -60.57
C SER VA 107 44.14 3.18 -60.41
N LEU VA 108 43.73 2.74 -59.23
CA LEU VA 108 42.31 2.60 -58.94
C LEU VA 108 41.61 3.97 -58.93
N ILE VA 109 42.31 4.98 -58.42
CA ILE VA 109 41.79 6.34 -58.44
C ILE VA 109 41.57 6.79 -59.88
N GLY VA 110 42.53 6.47 -60.73
CA GLY VA 110 42.43 6.78 -62.15
C GLY VA 110 41.23 6.12 -62.77
N SER VA 111 41.09 4.82 -62.55
CA SER VA 111 39.97 4.05 -63.10
C SER VA 111 38.63 4.60 -62.64
N LYS VA 112 38.50 4.89 -61.35
CA LYS VA 112 37.25 5.40 -60.81
C LYS VA 112 36.91 6.77 -61.37
N THR VA 113 37.89 7.67 -61.36
CA THR VA 113 37.66 9.06 -61.78
C THR VA 113 37.47 9.19 -63.29
N GLN VA 114 37.92 8.19 -64.05
CA GLN VA 114 37.78 8.22 -65.50
C GLN VA 114 36.34 7.98 -65.94
N ILE VA 115 35.62 7.15 -65.20
CA ILE VA 115 34.25 6.76 -65.56
C ILE VA 115 33.27 7.92 -65.78
N PRO VA 116 33.17 8.86 -64.83
CA PRO VA 116 32.16 9.91 -65.03
C PRO VA 116 32.52 10.92 -66.13
N THR VA 117 33.70 10.80 -66.73
CA THR VA 117 34.09 11.71 -67.80
C THR VA 117 33.63 11.20 -69.15
N GLN VA 118 32.85 10.12 -69.15
CA GLN VA 118 32.43 9.48 -70.40
C GLN VA 118 30.94 9.16 -70.41
N ARG VA 119 30.22 9.57 -69.36
CA ARG VA 119 28.79 9.30 -69.29
C ARG VA 119 27.97 10.59 -69.19
N TYR VA 120 26.90 10.65 -69.98
CA TYR VA 120 26.00 11.79 -70.01
C TYR VA 120 25.38 12.03 -68.63
N GLY VA 121 25.35 13.31 -68.22
CA GLY VA 121 24.72 13.68 -66.97
C GLY VA 121 25.66 13.54 -65.79
N ARG VA 122 26.83 12.98 -66.04
CA ARG VA 122 27.85 12.83 -65.01
C ARG VA 122 28.86 13.96 -65.12
N ARG VA 123 29.73 14.09 -64.12
CA ARG VA 123 30.74 15.15 -64.11
C ARG VA 123 32.05 14.64 -63.53
N PRO VA 124 33.17 15.24 -63.96
CA PRO VA 124 34.48 14.87 -63.42
C PRO VA 124 34.60 15.25 -61.96
N TYR VA 125 35.53 14.63 -61.25
CA TYR VA 125 35.79 14.97 -59.85
C TYR VA 125 36.54 16.30 -59.77
N GLY VA 126 35.94 17.29 -59.14
CA GLY VA 126 36.55 18.60 -59.06
C GLY VA 126 37.58 18.73 -57.95
N VAL VA 127 38.63 17.92 -58.04
CA VAL VA 127 39.65 17.90 -56.99
C VAL VA 127 40.98 17.33 -57.48
N GLY VA 128 42.07 17.96 -57.06
CA GLY VA 128 43.40 17.46 -57.34
C GLY VA 128 44.01 16.92 -56.07
N LEU VA 129 44.79 15.85 -56.19
CA LEU VA 129 45.37 15.22 -55.01
C LEU VA 129 46.88 15.04 -55.08
N LEU VA 130 47.54 15.24 -53.94
CA LEU VA 130 48.93 14.86 -53.76
C LEU VA 130 48.98 13.70 -52.79
N ILE VA 131 49.49 12.56 -53.25
CA ILE VA 131 49.50 11.36 -52.41
C ILE VA 131 50.91 11.02 -51.95
N ALA VA 132 51.12 11.01 -50.63
CA ALA VA 132 52.40 10.59 -50.07
C ALA VA 132 52.26 9.21 -49.45
N GLY VA 133 53.13 8.30 -49.86
CA GLY VA 133 53.06 6.94 -49.35
C GLY VA 133 54.39 6.25 -49.23
N TYR VA 134 54.41 5.14 -48.48
CA TYR VA 134 55.63 4.35 -48.36
C TYR VA 134 55.35 2.86 -48.45
N ASP VA 135 56.04 2.19 -49.37
CA ASP VA 135 55.94 0.74 -49.47
C ASP VA 135 57.34 0.14 -49.69
N ASP VA 136 57.40 -1.13 -50.07
CA ASP VA 136 58.68 -1.78 -50.34
C ASP VA 136 59.24 -1.43 -51.72
N MET VA 137 58.86 -0.26 -52.22
CA MET VA 137 59.50 0.35 -53.37
C MET VA 137 59.96 1.75 -52.97
N GLY VA 138 59.84 2.03 -51.68
CA GLY VA 138 60.30 3.30 -51.12
C GLY VA 138 59.17 4.28 -50.87
N PRO VA 139 59.50 5.57 -50.76
CA PRO VA 139 58.52 6.65 -50.68
C PRO VA 139 57.97 6.98 -52.05
N HIS VA 140 56.80 7.62 -52.08
CA HIS VA 140 56.11 7.94 -53.31
C HIS VA 140 55.30 9.23 -53.16
N ILE VA 141 55.44 10.12 -54.14
CA ILE VA 141 54.58 11.28 -54.26
C ILE VA 141 53.83 11.18 -55.58
N PHE VA 142 52.51 11.09 -55.52
CA PHE VA 142 51.70 11.00 -56.73
C PHE VA 142 50.80 12.20 -56.88
N GLN VA 143 50.34 12.46 -58.11
CA GLN VA 143 49.44 13.58 -58.35
C GLN VA 143 48.26 13.11 -59.18
N THR VA 144 47.04 13.40 -58.73
CA THR VA 144 45.85 13.03 -59.48
C THR VA 144 45.00 14.24 -59.86
N CYS VA 145 44.60 14.29 -61.13
CA CYS VA 145 43.85 15.41 -61.68
C CYS VA 145 42.40 15.02 -61.98
N PRO VA 146 41.50 16.02 -62.05
CA PRO VA 146 40.11 15.83 -62.46
C PRO VA 146 39.97 15.13 -63.81
N SER VA 147 41.01 15.20 -64.64
CA SER VA 147 41.01 14.54 -65.94
C SER VA 147 41.31 13.05 -65.80
N ALA VA 148 41.35 12.58 -64.56
CA ALA VA 148 41.61 11.18 -64.23
C ALA VA 148 43.00 10.70 -64.63
N ASN VA 149 43.87 11.66 -64.96
CA ASN VA 149 45.27 11.34 -65.25
C ASN VA 149 46.10 11.44 -63.98
N TYR VA 150 47.06 10.54 -63.82
CA TYR VA 150 47.90 10.57 -62.62
C TYR VA 150 49.39 10.55 -62.96
N PHE VA 151 50.20 11.10 -62.07
CA PHE VA 151 51.62 11.24 -62.31
C PHE VA 151 52.44 10.78 -61.12
N ASP VA 152 53.51 10.04 -61.39
CA ASP VA 152 54.49 9.69 -60.37
C ASP VA 152 55.55 10.78 -60.35
N CYS VA 153 55.73 11.40 -59.19
CA CYS VA 153 56.54 12.60 -59.06
C CYS VA 153 57.73 12.44 -58.13
N ARG VA 154 58.76 13.24 -58.38
CA ARG VA 154 59.88 13.39 -57.47
C ARG VA 154 59.51 14.52 -56.53
N ALA VA 155 58.80 15.51 -57.08
CA ALA VA 155 58.29 16.64 -56.33
C ALA VA 155 57.14 17.24 -57.12
N MET VA 156 56.19 17.88 -56.45
CA MET VA 156 55.06 18.49 -57.14
C MET VA 156 54.35 19.56 -56.31
N SER VA 157 53.74 20.52 -57.00
CA SER VA 157 52.88 21.50 -56.34
C SER VA 157 51.63 21.79 -57.17
N ILE VA 158 50.48 21.86 -56.49
CA ILE VA 158 49.23 22.17 -57.16
C ILE VA 158 48.44 23.25 -56.43
N GLY VA 159 47.72 24.06 -57.19
CA GLY VA 159 46.83 25.06 -56.62
C GLY VA 159 47.13 26.50 -56.98
N ALA VA 160 46.56 27.41 -56.21
CA ALA VA 160 46.72 28.84 -56.45
C ALA VA 160 48.16 29.30 -56.31
N ARG VA 161 48.70 29.86 -57.38
CA ARG VA 161 50.06 30.39 -57.43
C ARG VA 161 51.11 29.32 -57.12
N SER VA 162 50.80 28.07 -57.46
CA SER VA 162 51.70 26.95 -57.19
C SER VA 162 52.89 26.94 -58.15
N GLN VA 163 52.84 27.80 -59.16
CA GLN VA 163 53.90 27.91 -60.16
C GLN VA 163 55.24 28.25 -59.52
N SER VA 164 55.21 29.13 -58.52
CA SER VA 164 56.40 29.52 -57.80
C SER VA 164 57.02 28.32 -57.10
N ALA VA 165 56.18 27.55 -56.41
CA ALA VA 165 56.62 26.36 -55.70
C ALA VA 165 57.23 25.35 -56.66
N ARG VA 166 56.58 25.19 -57.82
CA ARG VA 166 57.07 24.29 -58.86
C ARG VA 166 58.47 24.71 -59.31
N THR VA 167 58.61 25.99 -59.62
CA THR VA 167 59.88 26.57 -60.04
C THR VA 167 60.97 26.34 -58.99
N TYR VA 168 60.60 26.46 -57.73
CA TYR VA 168 61.54 26.21 -56.64
C TYR VA 168 62.00 24.76 -56.60
N LEU VA 169 61.03 23.85 -56.55
CA LEU VA 169 61.30 22.41 -56.44
C LEU VA 169 62.18 21.91 -57.60
N GLU VA 170 61.91 22.43 -58.78
CA GLU VA 170 62.62 22.01 -60.00
C GLU VA 170 64.13 22.30 -59.91
N ARG VA 171 64.51 23.17 -58.99
CA ARG VA 171 65.92 23.51 -58.78
C ARG VA 171 66.58 22.61 -57.75
N HIS VA 172 65.78 22.09 -56.81
CA HIS VA 172 66.33 21.34 -55.68
C HIS VA 172 66.01 19.84 -55.72
N MET VA 173 65.45 19.39 -56.85
CA MET VA 173 65.24 17.96 -57.09
C MET VA 173 66.48 17.13 -56.74
N SER VA 174 67.63 17.57 -57.23
CA SER VA 174 68.89 16.84 -57.04
C SER VA 174 69.26 16.75 -55.56
N GLU VA 175 68.91 17.78 -54.80
CA GLU VA 175 69.19 17.79 -53.37
C GLU VA 175 68.26 16.86 -52.61
N PHE VA 176 67.00 16.79 -53.05
CA PHE VA 176 65.94 16.05 -52.36
C PHE VA 176 66.28 14.60 -51.95
N MET VA 177 66.88 13.84 -52.86
CA MET VA 177 67.07 12.41 -52.67
C MET VA 177 67.97 12.04 -51.48
N GLU VA 178 68.75 12.99 -50.98
CA GLU VA 178 69.71 12.69 -49.92
C GLU VA 178 69.45 13.46 -48.62
N CYS VA 179 68.48 14.36 -48.65
CA CYS VA 179 68.15 15.16 -47.47
C CYS VA 179 67.67 14.28 -46.32
N ASN VA 180 67.92 14.71 -45.09
CA ASN VA 180 67.29 14.09 -43.94
C ASN VA 180 65.88 14.66 -43.84
N LEU VA 181 65.09 14.17 -42.90
CA LEU VA 181 63.69 14.56 -42.79
C LEU VA 181 63.52 16.07 -42.60
N ASN VA 182 64.30 16.64 -41.69
CA ASN VA 182 64.17 18.07 -41.39
C ASN VA 182 64.48 18.96 -42.60
N GLU VA 183 65.52 18.59 -43.35
CA GLU VA 183 65.88 19.32 -44.56
C GLU VA 183 64.80 19.19 -45.64
N LEU VA 184 64.19 18.02 -45.71
CA LEU VA 184 63.12 17.75 -46.67
C LEU VA 184 61.91 18.63 -46.37
N VAL VA 185 61.48 18.62 -45.11
CA VAL VA 185 60.38 19.46 -44.67
C VAL VA 185 60.72 20.94 -44.88
N LYS VA 186 61.98 21.29 -44.65
CA LYS VA 186 62.45 22.65 -44.92
C LYS VA 186 62.19 23.04 -46.36
N HIS VA 187 62.71 22.24 -47.29
CA HIS VA 187 62.53 22.46 -48.72
C HIS VA 187 61.05 22.59 -49.09
N GLY VA 188 60.24 21.70 -48.52
CA GLY VA 188 58.80 21.76 -48.73
C GLY VA 188 58.21 23.09 -48.28
N LEU VA 189 58.65 23.56 -47.13
CA LEU VA 189 58.16 24.81 -46.55
C LEU VA 189 58.58 26.02 -47.36
N ARG VA 190 59.79 25.97 -47.93
CA ARG VA 190 60.29 27.06 -48.76
C ARG VA 190 59.51 27.11 -50.07
N ALA VA 191 59.32 25.95 -50.68
CA ALA VA 191 58.50 25.84 -51.88
C ALA VA 191 57.11 26.40 -51.63
N LEU VA 192 56.52 26.00 -50.51
CA LEU VA 192 55.18 26.45 -50.15
C LEU VA 192 55.12 27.97 -49.96
N ARG VA 193 56.13 28.51 -49.27
CA ARG VA 193 56.15 29.93 -48.95
C ARG VA 193 56.44 30.79 -50.19
N GLU VA 194 57.04 30.19 -51.21
CA GLU VA 194 57.28 30.88 -52.47
C GLU VA 194 55.99 31.36 -53.13
N THR VA 195 54.88 30.72 -52.76
CA THR VA 195 53.57 31.04 -53.34
C THR VA 195 52.87 32.13 -52.55
N LEU VA 196 53.64 33.04 -51.98
CA LEU VA 196 53.10 34.11 -51.16
C LEU VA 196 53.83 35.43 -51.43
N PRO VA 197 53.07 36.54 -51.46
CA PRO VA 197 53.69 37.86 -51.52
C PRO VA 197 54.51 38.12 -50.26
N ALA VA 198 55.48 39.02 -50.34
CA ALA VA 198 56.42 39.24 -49.24
C ALA VA 198 55.78 39.84 -47.99
N GLU VA 199 54.53 40.28 -48.10
CA GLU VA 199 53.83 40.88 -46.95
C GLU VA 199 53.31 39.81 -45.99
N GLN VA 200 53.33 38.56 -46.44
CA GLN VA 200 52.87 37.45 -45.61
C GLN VA 200 53.83 36.26 -45.72
N ASP VA 201 53.90 35.47 -44.66
CA ASP VA 201 54.72 34.26 -44.67
C ASP VA 201 54.09 33.15 -43.84
N LEU VA 202 54.82 32.04 -43.70
CA LEU VA 202 54.31 30.87 -43.00
C LEU VA 202 54.10 31.13 -41.51
N THR VA 203 53.09 30.46 -40.94
CA THR VA 203 52.76 30.60 -39.53
C THR VA 203 52.31 29.24 -39.01
N THR VA 204 52.33 29.07 -37.68
CA THR VA 204 51.85 27.83 -37.08
C THR VA 204 50.33 27.72 -37.22
N LYS VA 205 49.68 28.82 -37.54
CA LYS VA 205 48.23 28.86 -37.65
C LYS VA 205 47.76 28.48 -39.06
N ASN VA 206 48.63 28.60 -40.05
CA ASN VA 206 48.24 28.36 -41.44
C ASN VA 206 49.11 27.37 -42.20
N VAL VA 207 49.81 26.49 -41.48
CA VAL VA 207 50.64 25.48 -42.13
C VAL VA 207 50.38 24.09 -41.54
N SER VA 208 50.16 23.11 -42.41
CA SER VA 208 50.02 21.73 -41.98
C SER VA 208 51.07 20.83 -42.63
N ILE VA 209 51.51 19.81 -41.89
CA ILE VA 209 52.53 18.90 -42.40
C ILE VA 209 52.08 17.46 -42.26
N GLY VA 210 52.28 16.67 -43.32
CA GLY VA 210 52.03 15.25 -43.26
C GLY VA 210 53.29 14.48 -43.60
N ILE VA 211 53.68 13.54 -42.74
CA ILE VA 211 54.92 12.81 -42.95
C ILE VA 211 54.73 11.30 -42.89
N VAL VA 212 55.27 10.59 -43.88
CA VAL VA 212 55.28 9.14 -43.84
C VAL VA 212 56.68 8.64 -44.22
N GLY VA 213 57.09 7.48 -43.70
CA GLY VA 213 58.42 6.97 -44.01
C GLY VA 213 58.73 5.60 -43.45
N LYS VA 214 59.98 5.16 -43.68
CA LYS VA 214 60.44 3.84 -43.26
C LYS VA 214 60.44 3.68 -41.75
N ASP VA 215 60.51 4.81 -41.05
CA ASP VA 215 60.57 4.78 -39.58
C ASP VA 215 59.35 5.43 -38.96
N LEU VA 216 58.39 5.81 -39.79
CA LEU VA 216 57.26 6.59 -39.31
C LEU VA 216 55.98 6.37 -40.12
N GLU VA 217 54.88 6.08 -39.42
CA GLU VA 217 53.56 6.02 -40.03
C GLU VA 217 53.12 7.42 -40.41
N PHE VA 218 52.10 7.53 -41.26
CA PHE VA 218 51.64 8.85 -41.68
C PHE VA 218 51.09 9.65 -40.51
N THR VA 219 51.69 10.81 -40.26
CA THR VA 219 51.31 11.66 -39.14
C THR VA 219 51.01 13.07 -39.61
N ILE VA 220 50.08 13.74 -38.94
CA ILE VA 220 49.71 15.11 -39.29
C ILE VA 220 50.00 16.10 -38.17
N TYR VA 221 50.88 17.06 -38.46
CA TYR VA 221 51.25 18.12 -37.54
C TYR VA 221 50.53 19.40 -37.96
N ASP VA 222 49.80 20.00 -37.02
CA ASP VA 222 48.88 21.08 -37.34
C ASP VA 222 49.21 22.45 -36.73
N ASP VA 223 49.33 22.51 -35.41
CA ASP VA 223 49.53 23.79 -34.73
C ASP VA 223 50.88 23.92 -34.04
N ASP VA 224 50.91 23.69 -32.73
CA ASP VA 224 52.14 23.81 -31.96
C ASP VA 224 53.16 22.75 -32.35
N ASP VA 225 52.70 21.73 -33.07
CA ASP VA 225 53.57 20.63 -33.49
C ASP VA 225 54.28 20.96 -34.79
N VAL VA 226 53.95 22.12 -35.37
CA VAL VA 226 54.57 22.56 -36.61
C VAL VA 226 55.78 23.43 -36.31
N SER VA 227 55.73 24.12 -35.17
CA SER VA 227 56.83 24.99 -34.74
C SER VA 227 58.25 24.41 -34.81
N PRO VA 228 58.45 23.13 -34.42
CA PRO VA 228 59.80 22.58 -34.57
C PRO VA 228 60.30 22.53 -36.01
N PHE VA 229 59.41 22.76 -36.98
CA PHE VA 229 59.79 22.76 -38.39
C PHE VA 229 60.00 24.18 -38.92
N LEU VA 230 59.11 25.09 -38.53
CA LEU VA 230 59.21 26.48 -38.94
C LEU VA 230 60.42 27.15 -38.29
N GLU VA 231 60.62 26.88 -37.01
CA GLU VA 231 61.74 27.42 -36.27
C GLU VA 231 63.02 26.69 -36.66
N GLY VA 232 63.75 27.28 -37.60
CA GLY VA 232 64.93 26.67 -38.17
C GLY VA 232 64.97 26.96 -39.65
N LEU VA 233 64.41 28.10 -40.03
CA LEU VA 233 64.29 28.50 -41.43
C LEU VA 233 64.84 29.89 -41.68
N GLU VA 234 65.32 30.05 -42.90
CA GLU VA 234 65.88 31.27 -43.42
C GLU VA 234 64.89 32.39 -43.23
N GLU VA 235 65.07 33.48 -43.94
CA GLU VA 235 64.32 34.69 -43.62
C GLU VA 235 63.23 35.06 -44.58
N ARG VA 236 63.31 34.59 -45.81
CA ARG VA 236 62.18 34.67 -46.73
C ARG VA 236 62.41 35.79 -47.68
N PRO VA 237 63.64 35.87 -48.20
CA PRO VA 237 64.01 36.92 -49.16
C PRO VA 237 64.15 36.37 -50.58
N GLN VA 238 64.79 35.21 -50.69
CA GLN VA 238 64.99 34.59 -52.00
C GLN VA 238 64.06 33.39 -52.18
N SER WA 1 33.42 20.48 -95.77
CA SER WA 1 32.96 19.28 -95.11
C SER WA 1 32.95 19.47 -93.58
N SER WA 2 33.74 20.43 -93.12
CA SER WA 2 33.58 21.02 -91.79
C SER WA 2 32.14 21.52 -91.60
N ILE WA 3 31.29 20.67 -91.04
CA ILE WA 3 29.92 21.06 -90.72
C ILE WA 3 29.72 20.97 -89.21
N GLY WA 4 28.88 21.82 -88.66
CA GLY WA 4 28.64 21.83 -87.23
C GLY WA 4 27.51 22.74 -86.80
N THR WA 5 26.28 22.36 -87.16
CA THR WA 5 25.10 23.12 -86.77
C THR WA 5 24.16 22.24 -85.93
N GLY WA 6 24.71 21.62 -84.90
CA GLY WA 6 23.94 20.72 -84.06
C GLY WA 6 24.14 19.27 -84.48
N TYR WA 7 24.66 19.09 -85.69
CA TYR WA 7 24.89 17.76 -86.23
C TYR WA 7 26.17 17.13 -85.67
N ASP WA 8 26.91 17.89 -84.87
CA ASP WA 8 28.19 17.42 -84.36
C ASP WA 8 28.23 17.36 -82.83
N LEU WA 9 27.06 17.27 -82.20
CA LEU WA 9 27.01 17.27 -80.74
C LEU WA 9 26.74 15.90 -80.13
N SER WA 10 26.61 14.87 -80.97
CA SER WA 10 26.30 13.53 -80.50
C SER WA 10 26.73 12.44 -81.45
N ALA WA 11 26.95 11.24 -80.92
CA ALA WA 11 27.30 10.09 -81.73
C ALA WA 11 26.04 9.41 -82.23
N SER WA 12 24.90 9.81 -81.70
CA SER WA 12 23.60 9.27 -82.10
C SER WA 12 23.00 10.09 -83.23
N THR WA 13 23.77 11.06 -83.72
CA THR WA 13 23.29 11.97 -84.75
C THR WA 13 24.21 11.99 -85.97
N PHE WA 14 23.66 11.61 -87.11
CA PHE WA 14 24.40 11.67 -88.37
C PHE WA 14 24.43 13.10 -88.90
N SER WA 15 25.47 13.41 -89.67
CA SER WA 15 25.53 14.66 -90.40
C SER WA 15 24.75 14.48 -91.69
N PRO WA 16 24.30 15.59 -92.31
CA PRO WA 16 23.55 15.48 -93.56
C PRO WA 16 24.34 14.81 -94.68
N ASP WA 17 25.67 14.77 -94.56
CA ASP WA 17 26.50 14.07 -95.54
C ASP WA 17 26.96 12.70 -95.03
N GLY WA 18 26.29 12.19 -94.00
CA GLY WA 18 26.53 10.84 -93.51
C GLY WA 18 27.82 10.67 -92.73
N ARG WA 19 28.06 11.54 -91.76
CA ARG WA 19 29.25 11.45 -90.93
C ARG WA 19 28.91 11.57 -89.46
N VAL WA 20 29.75 10.98 -88.61
CA VAL WA 20 29.57 11.09 -87.17
C VAL WA 20 30.72 11.91 -86.60
N PHE WA 21 30.49 13.22 -86.50
CA PHE WA 21 31.56 14.16 -86.18
C PHE WA 21 32.19 13.97 -84.80
N GLN WA 22 31.45 13.39 -83.86
CA GLN WA 22 32.00 13.16 -82.53
C GLN WA 22 33.19 12.20 -82.59
N VAL WA 23 33.04 11.14 -83.37
CA VAL WA 23 34.11 10.18 -83.57
C VAL WA 23 35.33 10.84 -84.21
N GLU WA 24 35.08 11.66 -85.24
CA GLU WA 24 36.15 12.35 -85.94
C GLU WA 24 36.88 13.33 -85.02
N TYR WA 25 36.13 13.97 -84.13
CA TYR WA 25 36.70 14.88 -83.14
C TYR WA 25 37.60 14.11 -82.19
N ALA WA 26 37.13 12.94 -81.76
CA ALA WA 26 37.94 12.08 -80.90
C ALA WA 26 39.22 11.68 -81.62
N MET WA 27 39.10 11.42 -82.92
CA MET WA 27 40.25 11.10 -83.75
C MET WA 27 41.21 12.28 -83.81
N LYS WA 28 40.66 13.48 -83.78
CA LYS WA 28 41.48 14.69 -83.79
C LYS WA 28 42.21 14.83 -82.46
N ALA WA 29 41.56 14.36 -81.39
CA ALA WA 29 42.21 14.31 -80.10
C ALA WA 29 43.36 13.31 -80.12
N VAL WA 30 43.19 12.25 -80.90
CA VAL WA 30 44.29 11.30 -81.11
C VAL WA 30 45.42 11.96 -81.88
N GLU WA 31 45.07 12.77 -82.88
CA GLU WA 31 46.05 13.43 -83.73
C GLU WA 31 46.91 14.45 -82.97
N ASN WA 32 46.34 15.08 -81.96
CA ASN WA 32 47.06 16.09 -81.18
C ASN WA 32 48.03 15.49 -80.17
N SER WA 33 48.06 14.16 -80.10
CA SER WA 33 48.91 13.47 -79.15
C SER WA 33 50.26 13.12 -79.77
N SER WA 34 51.26 12.92 -78.90
CA SER WA 34 52.60 12.56 -79.35
C SER WA 34 52.59 11.22 -80.08
N THR WA 35 53.45 11.09 -81.08
CA THR WA 35 53.45 9.93 -81.97
C THR WA 35 53.97 8.65 -81.30
N ALA WA 36 53.24 7.56 -81.50
CA ALA WA 36 53.69 6.24 -81.07
C ALA WA 36 53.66 5.29 -82.25
N ILE WA 37 54.79 4.63 -82.50
CA ILE WA 37 54.88 3.69 -83.61
C ILE WA 37 55.10 2.27 -83.11
N GLY WA 38 54.83 1.31 -83.99
CA GLY WA 38 55.04 -0.09 -83.68
C GLY WA 38 55.23 -0.85 -84.98
N ILE WA 39 56.24 -1.71 -85.02
CA ILE WA 39 56.55 -2.44 -86.25
C ILE WA 39 56.78 -3.93 -86.00
N ARG WA 40 56.29 -4.74 -86.93
CA ARG WA 40 56.38 -6.19 -86.84
C ARG WA 40 57.53 -6.73 -87.68
N CYS WA 41 58.43 -7.46 -87.03
CA CYS WA 41 59.55 -8.08 -87.72
C CYS WA 41 59.17 -9.46 -88.25
N LYS WA 42 60.15 -10.36 -88.33
CA LYS WA 42 59.91 -11.71 -88.82
C LYS WA 42 59.80 -12.69 -87.65
N ASP WA 43 60.16 -12.22 -86.45
CA ASP WA 43 60.11 -13.04 -85.25
C ASP WA 43 59.51 -12.30 -84.05
N GLY WA 44 58.70 -11.28 -84.32
CA GLY WA 44 58.03 -10.55 -83.25
C GLY WA 44 57.57 -9.14 -83.58
N VAL WA 45 57.27 -8.38 -82.53
CA VAL WA 45 56.77 -7.02 -82.66
C VAL WA 45 57.49 -6.10 -81.69
N VAL WA 46 57.88 -4.92 -82.18
CA VAL WA 46 58.55 -3.93 -81.36
C VAL WA 46 57.73 -2.64 -81.29
N PHE WA 47 57.61 -2.09 -80.08
CA PHE WA 47 56.88 -0.83 -79.90
C PHE WA 47 57.82 0.29 -79.48
N GLY WA 48 57.54 1.49 -79.97
CA GLY WA 48 58.29 2.68 -79.61
C GLY WA 48 57.38 3.87 -79.41
N VAL WA 49 57.55 4.58 -78.30
CA VAL WA 49 56.68 5.70 -77.97
C VAL WA 49 57.46 6.96 -77.65
N GLU WA 50 57.06 8.06 -78.31
CA GLU WA 50 57.57 9.39 -78.03
C GLU WA 50 56.81 9.97 -76.84
N LYS WA 51 57.29 9.69 -75.63
CA LYS WA 51 56.63 10.15 -74.42
C LYS WA 51 57.11 11.53 -74.02
N LEU WA 52 56.39 12.56 -74.46
CA LEU WA 52 56.75 13.95 -74.14
C LEU WA 52 56.78 14.18 -72.63
N VAL WA 53 57.77 14.96 -72.19
CA VAL WA 53 57.90 15.29 -70.78
C VAL WA 53 57.39 16.70 -70.51
N LEU WA 54 56.35 16.79 -69.70
CA LEU WA 54 55.71 18.07 -69.41
C LEU WA 54 56.39 18.81 -68.26
N SER WA 55 57.21 18.09 -67.48
CA SER WA 55 57.93 18.68 -66.37
C SER WA 55 59.09 17.80 -65.90
N LYS WA 56 60.19 18.43 -65.53
CA LYS WA 56 61.36 17.71 -65.03
C LYS WA 56 61.08 17.14 -63.64
N LEU WA 57 60.01 17.61 -63.01
CA LEU WA 57 59.61 17.14 -61.69
C LEU WA 57 59.08 15.71 -61.71
N TYR WA 58 58.59 15.28 -62.87
CA TYR WA 58 58.04 13.94 -63.02
C TYR WA 58 59.13 12.87 -63.03
N GLU WA 59 58.87 11.76 -62.34
CA GLU WA 59 59.79 10.63 -62.32
C GLU WA 59 59.92 10.00 -63.70
N GLU WA 60 61.02 9.31 -63.92
CA GLU WA 60 61.22 8.57 -65.17
C GLU WA 60 60.27 7.38 -65.20
N GLY WA 61 59.64 7.15 -66.34
CA GLY WA 61 58.73 6.03 -66.48
C GLY WA 61 57.31 6.36 -66.02
N SER WA 62 57.09 7.63 -65.69
CA SER WA 62 55.74 8.08 -65.35
C SER WA 62 54.92 8.22 -66.61
N ASN WA 63 53.60 8.09 -66.48
CA ASN WA 63 52.69 8.15 -67.62
C ASN WA 63 53.08 7.20 -68.75
N LYS WA 64 53.24 5.93 -68.41
CA LYS WA 64 53.60 4.92 -69.41
C LYS WA 64 52.53 4.83 -70.48
N ARG WA 65 52.97 4.87 -71.73
CA ARG WA 65 52.07 4.72 -72.86
C ARG WA 65 52.25 3.33 -73.47
N LEU WA 66 52.99 2.49 -72.75
CA LEU WA 66 53.15 1.09 -73.10
C LEU WA 66 52.63 0.22 -71.97
N PHE WA 67 51.67 -0.64 -72.27
CA PHE WA 67 51.01 -1.44 -71.24
C PHE WA 67 51.16 -2.93 -71.49
N ASN WA 68 51.11 -3.70 -70.40
CA ASN WA 68 51.01 -5.15 -70.48
C ASN WA 68 49.54 -5.58 -70.39
N VAL WA 69 48.94 -5.85 -71.54
CA VAL WA 69 47.55 -6.29 -71.58
C VAL WA 69 47.43 -7.76 -71.20
N ASP WA 70 48.33 -8.57 -71.72
CA ASP WA 70 48.43 -9.97 -71.32
C ASP WA 70 49.90 -10.36 -71.32
N ARG WA 71 50.22 -11.49 -70.72
CA ARG WA 71 51.61 -11.94 -70.63
C ARG WA 71 52.22 -12.15 -72.02
N HIS WA 72 51.38 -12.26 -73.04
CA HIS WA 72 51.84 -12.42 -74.41
C HIS WA 72 51.38 -11.27 -75.31
N VAL WA 73 50.74 -10.27 -74.72
CA VAL WA 73 50.18 -9.16 -75.50
C VAL WA 73 50.51 -7.79 -74.92
N GLY WA 74 51.13 -6.95 -75.72
CA GLY WA 74 51.45 -5.58 -75.32
C GLY WA 74 50.60 -4.55 -76.03
N MET WA 75 50.50 -3.36 -75.43
CA MET WA 75 49.62 -2.32 -75.95
C MET WA 75 50.30 -0.96 -75.97
N ALA WA 76 50.31 -0.32 -77.14
CA ALA WA 76 50.85 1.03 -77.28
C ALA WA 76 49.74 2.03 -77.57
N VAL WA 77 49.66 3.08 -76.77
CA VAL WA 77 48.52 4.00 -76.87
C VAL WA 77 48.89 5.39 -77.39
N ALA WA 78 47.90 6.07 -77.94
CA ALA WA 78 48.07 7.44 -78.39
C ALA WA 78 46.80 8.25 -78.21
N GLY WA 79 46.89 9.31 -77.41
CA GLY WA 79 45.77 10.21 -77.20
C GLY WA 79 45.48 10.52 -75.75
N LEU WA 80 44.19 10.70 -75.46
CA LEU WA 80 43.74 10.98 -74.09
C LEU WA 80 44.07 9.80 -73.20
N LEU WA 81 45.02 9.99 -72.30
CA LEU WA 81 45.64 8.89 -71.57
C LEU WA 81 44.71 8.11 -70.67
N ALA WA 82 43.79 8.79 -69.99
CA ALA WA 82 42.85 8.13 -69.09
C ALA WA 82 41.98 7.11 -69.83
N ASP WA 83 41.46 7.53 -70.98
CA ASP WA 83 40.68 6.64 -71.84
C ASP WA 83 41.52 5.44 -72.27
N ALA WA 84 42.79 5.70 -72.58
CA ALA WA 84 43.70 4.65 -73.01
C ALA WA 84 43.90 3.62 -71.91
N ARG WA 85 44.02 4.10 -70.68
CA ARG WA 85 44.19 3.22 -69.53
C ARG WA 85 42.93 2.39 -69.27
N SER WA 86 41.77 3.03 -69.34
CA SER WA 86 40.51 2.30 -69.18
C SER WA 86 40.39 1.21 -70.24
N LEU WA 87 40.76 1.54 -71.48
CA LEU WA 87 40.74 0.58 -72.56
C LEU WA 87 41.73 -0.56 -72.32
N ALA WA 88 42.84 -0.24 -71.69
CA ALA WA 88 43.82 -1.25 -71.29
C ALA WA 88 43.21 -2.20 -70.28
N ASP WA 89 42.43 -1.65 -69.35
CA ASP WA 89 41.70 -2.45 -68.37
C ASP WA 89 40.71 -3.39 -69.08
N ILE WA 90 39.94 -2.84 -70.01
CA ILE WA 90 38.97 -3.64 -70.77
C ILE WA 90 39.65 -4.78 -71.52
N ALA WA 91 40.76 -4.49 -72.17
CA ALA WA 91 41.52 -5.49 -72.91
C ALA WA 91 42.02 -6.60 -71.98
N ARG WA 92 42.61 -6.18 -70.85
CA ARG WA 92 43.08 -7.11 -69.84
C ARG WA 92 41.98 -8.06 -69.38
N GLU WA 93 40.84 -7.46 -69.03
CA GLU WA 93 39.70 -8.24 -68.54
C GLU WA 93 39.18 -9.21 -69.60
N GLU WA 94 39.21 -8.77 -70.86
CA GLU WA 94 38.78 -9.61 -71.97
C GLU WA 94 39.69 -10.82 -72.10
N ALA WA 95 41.00 -10.59 -72.01
CA ALA WA 95 41.98 -11.66 -72.12
C ALA WA 95 41.85 -12.65 -70.95
N SER WA 96 41.66 -12.11 -69.76
CA SER WA 96 41.48 -12.91 -68.56
C SER WA 96 40.25 -13.80 -68.68
N ASN WA 97 39.14 -13.21 -69.09
CA ASN WA 97 37.90 -13.96 -69.29
C ASN WA 97 38.06 -15.06 -70.33
N PHE WA 98 38.75 -14.74 -71.42
CA PHE WA 98 39.00 -15.73 -72.46
C PHE WA 98 39.78 -16.92 -71.91
N ARG WA 99 40.82 -16.63 -71.12
CA ARG WA 99 41.61 -17.70 -70.52
C ARG WA 99 40.75 -18.55 -69.58
N SER WA 100 39.97 -17.88 -68.74
CA SER WA 100 39.15 -18.57 -67.76
C SER WA 100 38.04 -19.41 -68.40
N ASN WA 101 37.66 -19.06 -69.62
CA ASN WA 101 36.59 -19.78 -70.30
C ASN WA 101 37.05 -20.88 -71.26
N PHE WA 102 38.14 -20.64 -71.97
CA PHE WA 102 38.58 -21.55 -73.02
C PHE WA 102 39.89 -22.28 -72.72
N GLY WA 103 40.64 -21.78 -71.74
CA GLY WA 103 41.77 -22.51 -71.21
C GLY WA 103 43.13 -22.25 -71.82
N TYR WA 104 43.22 -21.30 -72.75
CA TYR WA 104 44.51 -20.96 -73.34
C TYR WA 104 44.63 -19.46 -73.59
N ASN WA 105 45.84 -19.01 -73.91
CA ASN WA 105 46.10 -17.61 -74.18
C ASN WA 105 45.30 -17.09 -75.39
N ILE WA 106 44.68 -15.94 -75.23
CA ILE WA 106 43.82 -15.39 -76.27
C ILE WA 106 44.61 -15.01 -77.53
N PRO WA 107 44.12 -15.45 -78.69
CA PRO WA 107 44.71 -15.04 -79.97
C PRO WA 107 44.56 -13.55 -80.17
N LEU WA 108 45.58 -12.89 -80.71
CA LEU WA 108 45.59 -11.44 -80.82
C LEU WA 108 44.45 -10.89 -81.66
N LYS WA 109 44.18 -11.54 -82.79
CA LYS WA 109 43.11 -11.10 -83.68
C LYS WA 109 41.77 -11.03 -82.96
N HIS WA 110 41.51 -12.03 -82.12
CA HIS WA 110 40.26 -12.10 -81.37
C HIS WA 110 40.19 -11.01 -80.31
N LEU WA 111 41.28 -10.80 -79.58
CA LEU WA 111 41.32 -9.77 -78.56
C LEU WA 111 41.06 -8.41 -79.17
N ALA WA 112 41.78 -8.14 -80.27
CA ALA WA 112 41.61 -6.89 -81.00
C ALA WA 112 40.17 -6.74 -81.46
N ASP WA 113 39.57 -7.82 -81.98
CA ASP WA 113 38.17 -7.79 -82.39
C ASP WA 113 37.22 -7.43 -81.25
N ARG WA 114 37.39 -8.09 -80.11
CA ARG WA 114 36.53 -7.88 -78.95
C ARG WA 114 36.64 -6.43 -78.46
N VAL WA 115 37.86 -6.00 -78.18
CA VAL WA 115 38.08 -4.65 -77.69
C VAL WA 115 37.58 -3.61 -78.68
N ALA WA 116 37.79 -3.86 -79.98
CA ALA WA 116 37.32 -2.96 -81.02
C ALA WA 116 35.80 -2.85 -81.01
N MET WA 117 35.12 -3.98 -80.82
CA MET WA 117 33.67 -3.99 -80.72
C MET WA 117 33.24 -3.14 -79.53
N TYR WA 118 33.95 -3.31 -78.41
CA TYR WA 118 33.66 -2.54 -77.21
C TYR WA 118 33.79 -1.03 -77.48
N VAL WA 119 34.84 -0.66 -78.21
CA VAL WA 119 35.09 0.73 -78.57
C VAL WA 119 33.96 1.25 -79.45
N HIS WA 120 33.61 0.48 -80.47
CA HIS WA 120 32.54 0.84 -81.40
C HIS WA 120 31.22 1.06 -80.68
N ALA WA 121 31.01 0.31 -79.60
CA ALA WA 121 29.78 0.45 -78.82
C ALA WA 121 29.60 1.86 -78.25
N TYR WA 122 30.67 2.64 -78.21
CA TYR WA 122 30.61 4.00 -77.69
C TYR WA 122 30.41 5.06 -78.77
N THR WA 123 30.20 4.62 -80.00
CA THR WA 123 30.01 5.53 -81.11
C THR WA 123 28.58 5.46 -81.64
N LEU WA 124 27.63 5.12 -80.78
CA LEU WA 124 26.27 4.88 -81.23
C LEU WA 124 25.21 5.65 -80.44
N TYR WA 125 25.59 6.15 -79.27
CA TYR WA 125 24.60 6.73 -78.36
C TYR WA 125 24.98 8.13 -77.90
N SER WA 126 23.98 8.86 -77.41
CA SER WA 126 24.19 10.19 -76.87
C SER WA 126 24.52 10.11 -75.38
N ALA WA 127 24.37 8.92 -74.81
CA ALA WA 127 24.61 8.72 -73.38
C ALA WA 127 26.10 8.61 -73.08
N VAL WA 128 26.89 8.27 -74.09
CA VAL WA 128 28.34 8.16 -73.92
C VAL WA 128 29.08 8.78 -75.10
N ARG WA 129 30.34 9.14 -74.88
CA ARG WA 129 31.18 9.70 -75.93
C ARG WA 129 32.23 8.68 -76.37
N PRO WA 130 32.63 8.73 -77.65
CA PRO WA 130 33.69 7.85 -78.17
C PRO WA 130 34.98 8.01 -77.40
N PHE WA 131 35.77 6.94 -77.33
CA PHE WA 131 37.07 6.99 -76.68
C PHE WA 131 37.99 7.94 -77.43
N GLY WA 132 38.76 8.73 -76.68
CA GLY WA 132 39.67 9.67 -77.30
C GLY WA 132 41.07 9.13 -77.43
N CYS WA 133 41.22 7.95 -78.01
CA CYS WA 133 42.55 7.38 -78.24
C CYS WA 133 42.58 6.28 -79.28
N SER WA 134 43.73 6.09 -79.91
CA SER WA 134 43.95 4.94 -80.78
C SER WA 134 45.03 4.08 -80.14
N PHE WA 135 45.00 2.79 -80.39
CA PHE WA 135 46.02 1.92 -79.81
C PHE WA 135 46.42 0.74 -80.70
N MET WA 136 47.56 0.15 -80.37
CA MET WA 136 48.11 -0.96 -81.12
C MET WA 136 48.36 -2.14 -80.18
N LEU WA 137 47.97 -3.33 -80.62
CA LEU WA 137 48.21 -4.54 -79.85
C LEU WA 137 49.24 -5.40 -80.56
N GLY WA 138 50.28 -5.79 -79.83
CA GLY WA 138 51.33 -6.62 -80.40
C GLY WA 138 51.49 -7.93 -79.66
N SER WA 139 51.78 -8.98 -80.41
CA SER WA 139 51.96 -10.30 -79.82
C SER WA 139 52.76 -11.24 -80.70
N TYR WA 140 53.24 -12.33 -80.10
CA TYR WA 140 53.93 -13.37 -80.84
C TYR WA 140 53.68 -14.75 -80.24
N SER WA 141 53.59 -15.74 -81.12
CA SER WA 141 53.50 -17.15 -80.71
C SER WA 141 54.12 -18.01 -81.80
N VAL WA 142 54.37 -19.27 -81.49
CA VAL WA 142 54.92 -20.19 -82.48
C VAL WA 142 53.81 -20.79 -83.34
N ASN WA 143 52.67 -21.06 -82.73
CA ASN WA 143 51.53 -21.61 -83.44
C ASN WA 143 50.72 -20.53 -84.15
N ASP WA 144 50.89 -19.28 -83.69
CA ASP WA 144 50.15 -18.16 -84.26
C ASP WA 144 51.04 -17.34 -85.20
N GLY WA 145 52.19 -16.91 -84.70
CA GLY WA 145 53.10 -16.07 -85.46
C GLY WA 145 53.27 -14.72 -84.82
N ALA WA 146 53.88 -13.80 -85.55
CA ALA WA 146 54.01 -12.42 -85.09
C ALA WA 146 52.81 -11.62 -85.58
N GLN WA 147 52.18 -10.89 -84.68
CA GLN WA 147 50.98 -10.12 -85.05
C GLN WA 147 50.92 -8.73 -84.43
N LEU WA 148 50.46 -7.78 -85.23
CA LEU WA 148 50.32 -6.39 -84.82
C LEU WA 148 49.01 -5.82 -85.36
N TYR WA 149 48.13 -5.39 -84.45
CA TYR WA 149 46.85 -4.83 -84.83
C TYR WA 149 46.68 -3.40 -84.34
N MET WA 150 45.74 -2.67 -84.91
CA MET WA 150 45.50 -1.28 -84.52
C MET WA 150 44.01 -0.95 -84.52
N ILE WA 151 43.60 -0.16 -83.53
CA ILE WA 151 42.21 0.24 -83.34
C ILE WA 151 42.09 1.76 -83.13
N ASP WA 152 41.20 2.38 -83.89
CA ASP WA 152 40.92 3.82 -83.78
C ASP WA 152 39.60 4.03 -83.03
N PRO WA 153 39.34 5.27 -82.57
CA PRO WA 153 38.11 5.58 -81.81
C PRO WA 153 36.79 5.12 -82.43
N SER WA 154 36.74 4.91 -83.74
CA SER WA 154 35.50 4.48 -84.38
C SER WA 154 35.19 3.01 -84.10
N GLY WA 155 36.23 2.24 -83.82
CA GLY WA 155 36.08 0.83 -83.56
C GLY WA 155 36.68 -0.05 -84.65
N VAL WA 156 37.32 0.61 -85.62
CA VAL WA 156 37.95 -0.10 -86.72
C VAL WA 156 39.23 -0.80 -86.28
N SER WA 157 39.36 -2.08 -86.62
CA SER WA 157 40.54 -2.86 -86.25
C SER WA 157 41.20 -3.45 -87.49
N TYR WA 158 42.52 -3.27 -87.59
CA TYR WA 158 43.24 -3.81 -88.76
C TYR WA 158 44.61 -4.38 -88.41
N GLY WA 159 45.09 -5.33 -89.22
CA GLY WA 159 46.38 -5.93 -89.02
C GLY WA 159 47.47 -5.27 -89.85
N TYR WA 160 48.54 -4.84 -89.20
CA TYR WA 160 49.60 -4.09 -89.86
C TYR WA 160 50.95 -4.81 -89.82
N TRP WA 161 51.83 -4.43 -90.75
CA TRP WA 161 53.23 -4.83 -90.69
C TRP WA 161 54.01 -3.75 -89.97
N GLY WA 162 53.63 -2.51 -90.23
CA GLY WA 162 54.17 -1.36 -89.54
C GLY WA 162 53.06 -0.34 -89.38
N CYS WA 163 53.06 0.38 -88.26
CA CYS WA 163 51.99 1.34 -88.00
C CYS WA 163 52.44 2.47 -87.07
N ALA WA 164 51.78 3.61 -87.21
CA ALA WA 164 52.06 4.76 -86.35
C ALA WA 164 50.78 5.54 -86.08
N ILE WA 165 50.74 6.21 -84.92
CA ILE WA 165 49.58 6.99 -84.53
C ILE WA 165 50.01 8.23 -83.75
N GLY WA 166 49.41 9.38 -84.06
CA GLY WA 166 49.73 10.62 -83.38
C GLY WA 166 49.98 11.79 -84.32
N LYS WA 167 50.76 12.75 -83.85
CA LYS WA 167 51.09 13.96 -84.62
C LYS WA 167 51.67 13.62 -85.99
N ALA WA 168 52.88 13.07 -85.99
CA ALA WA 168 53.56 12.75 -87.23
C ALA WA 168 53.32 11.30 -87.64
N ARG WA 169 52.05 10.96 -87.83
CA ARG WA 169 51.66 9.62 -88.24
C ARG WA 169 52.19 9.30 -89.64
N GLN WA 170 51.90 10.18 -90.59
CA GLN WA 170 52.36 10.01 -91.96
C GLN WA 170 53.87 10.13 -92.08
N ALA WA 171 54.43 11.11 -91.36
CA ALA WA 171 55.86 11.36 -91.36
C ALA WA 171 56.62 10.15 -90.83
N ALA WA 172 55.98 9.39 -89.96
CA ALA WA 172 56.57 8.16 -89.44
C ALA WA 172 56.35 7.01 -90.41
N LYS WA 173 55.17 6.96 -91.01
CA LYS WA 173 54.85 5.89 -91.96
C LYS WA 173 55.78 5.89 -93.17
N THR WA 174 56.13 7.08 -93.66
CA THR WA 174 57.06 7.19 -94.78
C THR WA 174 58.44 6.65 -94.40
N GLU WA 175 58.79 6.75 -93.12
CA GLU WA 175 60.07 6.27 -92.63
C GLU WA 175 60.06 4.76 -92.38
N ILE WA 176 58.90 4.24 -91.99
CA ILE WA 176 58.74 2.81 -91.75
C ILE WA 176 58.77 2.04 -93.07
N GLU WA 177 58.19 2.62 -94.11
CA GLU WA 177 58.14 2.01 -95.44
C GLU WA 177 59.52 1.70 -96.00
N LYS WA 178 60.52 2.47 -95.59
CA LYS WA 178 61.89 2.28 -96.05
C LYS WA 178 62.48 0.97 -95.56
N LEU WA 179 61.96 0.48 -94.43
CA LEU WA 179 62.47 -0.74 -93.82
C LEU WA 179 61.93 -2.00 -94.51
N GLN WA 180 62.67 -3.09 -94.38
CA GLN WA 180 62.25 -4.38 -94.91
C GLN WA 180 62.01 -5.34 -93.76
N MET WA 181 61.03 -5.01 -92.91
CA MET WA 181 60.80 -5.74 -91.67
C MET WA 181 60.36 -7.19 -91.86
N LYS WA 182 59.99 -7.56 -93.09
CA LYS WA 182 59.59 -8.92 -93.39
C LYS WA 182 60.77 -9.88 -93.35
N GLU WA 183 61.99 -9.33 -93.28
CA GLU WA 183 63.19 -10.14 -93.26
C GLU WA 183 64.07 -9.83 -92.05
N MET WA 184 63.88 -8.64 -91.48
CA MET WA 184 64.71 -8.20 -90.36
C MET WA 184 64.31 -8.87 -89.05
N THR WA 185 65.22 -8.89 -88.09
CA THR WA 185 64.94 -9.42 -86.76
C THR WA 185 64.66 -8.25 -85.82
N CYS WA 186 63.92 -8.53 -84.74
CA CYS WA 186 63.55 -7.49 -83.79
C CYS WA 186 64.76 -6.77 -83.21
N ARG WA 187 65.79 -7.54 -82.90
CA ARG WA 187 67.02 -7.01 -82.31
C ARG WA 187 67.59 -5.88 -83.18
N ASP WA 188 67.43 -5.99 -84.49
CA ASP WA 188 67.83 -4.94 -85.40
C ASP WA 188 66.75 -3.86 -85.46
N ILE WA 189 65.51 -4.29 -85.37
CA ILE WA 189 64.36 -3.39 -85.51
C ILE WA 189 64.32 -2.29 -84.45
N VAL WA 190 64.67 -2.63 -83.21
CA VAL WA 190 64.64 -1.66 -82.11
C VAL WA 190 65.38 -0.35 -82.44
N LYS WA 191 66.58 -0.50 -82.98
CA LYS WA 191 67.38 0.64 -83.41
C LYS WA 191 66.63 1.51 -84.39
N GLU WA 192 66.05 0.88 -85.41
CA GLU WA 192 65.31 1.59 -86.44
C GLU WA 192 64.08 2.30 -85.87
N VAL WA 193 63.45 1.68 -84.88
CA VAL WA 193 62.29 2.27 -84.22
C VAL WA 193 62.70 3.54 -83.50
N ALA WA 194 63.73 3.44 -82.67
CA ALA WA 194 64.25 4.60 -81.95
C ALA WA 194 64.64 5.70 -82.93
N LYS WA 195 65.25 5.29 -84.04
CA LYS WA 195 65.67 6.20 -85.10
C LYS WA 195 64.50 6.98 -85.67
N ILE WA 196 63.44 6.27 -86.07
CA ILE WA 196 62.25 6.89 -86.62
C ILE WA 196 61.59 7.82 -85.58
N ILE WA 197 61.62 7.41 -84.32
CA ILE WA 197 61.09 8.24 -83.25
C ILE WA 197 61.83 9.56 -83.15
N TYR WA 198 63.17 9.50 -83.17
CA TYR WA 198 63.99 10.70 -83.10
C TYR WA 198 63.84 11.59 -84.35
N ILE WA 199 63.66 10.96 -85.51
CA ILE WA 199 63.46 11.69 -86.75
C ILE WA 199 62.14 12.46 -86.73
N VAL WA 200 61.07 11.74 -86.39
CA VAL WA 200 59.73 12.29 -86.37
C VAL WA 200 59.53 13.36 -85.28
N HIS WA 201 60.30 13.24 -84.21
CA HIS WA 201 60.22 14.19 -83.11
C HIS WA 201 60.59 15.61 -83.54
N ASP WA 202 59.80 16.58 -83.10
CA ASP WA 202 60.06 17.97 -83.39
C ASP WA 202 60.67 18.66 -82.17
N GLU WA 203 61.99 18.84 -82.20
CA GLU WA 203 62.72 19.39 -81.06
C GLU WA 203 62.41 20.87 -80.80
N VAL WA 204 61.78 21.52 -81.78
CA VAL WA 204 61.46 22.94 -81.68
C VAL WA 204 60.17 23.19 -80.92
N LYS WA 205 59.04 22.79 -81.50
CA LYS WA 205 57.73 23.00 -80.90
C LYS WA 205 57.57 22.24 -79.59
N ASP WA 206 57.85 20.94 -79.63
CA ASP WA 206 57.77 20.11 -78.43
C ASP WA 206 59.09 20.16 -77.66
N LYS WA 207 58.99 20.14 -76.33
CA LYS WA 207 60.17 20.20 -75.47
C LYS WA 207 60.90 18.86 -75.41
N ALA WA 208 61.47 18.56 -74.25
CA ALA WA 208 62.19 17.32 -74.05
C ALA WA 208 61.25 16.12 -74.06
N PHE WA 209 61.77 14.96 -74.43
CA PHE WA 209 60.96 13.75 -74.49
C PHE WA 209 61.72 12.51 -74.06
N GLU WA 210 61.00 11.54 -73.51
CA GLU WA 210 61.55 10.26 -73.11
C GLU WA 210 61.07 9.19 -74.09
N LEU WA 211 61.95 8.25 -74.44
CA LEU WA 211 61.62 7.21 -75.41
C LEU WA 211 61.26 5.89 -74.73
N GLU WA 212 60.09 5.36 -75.04
CA GLU WA 212 59.67 4.06 -74.49
C GLU WA 212 59.78 2.95 -75.53
N LEU WA 213 60.19 1.77 -75.10
CA LEU WA 213 60.40 0.65 -76.03
C LEU WA 213 59.87 -0.68 -75.48
N SER WA 214 59.36 -1.52 -76.38
CA SER WA 214 58.77 -2.80 -75.98
C SER WA 214 59.02 -3.99 -76.91
N TRP WA 215 59.44 -5.10 -76.32
CA TRP WA 215 59.63 -6.38 -77.00
C TRP WA 215 58.38 -7.24 -76.93
N VAL WA 216 58.14 -8.00 -78.00
CA VAL WA 216 57.33 -9.22 -77.89
C VAL WA 216 57.62 -10.19 -79.03
N GLY WA 217 58.37 -11.25 -78.75
CA GLY WA 217 58.73 -12.19 -79.78
C GLY WA 217 59.45 -13.45 -79.34
N GLU WA 218 60.10 -14.10 -80.30
CA GLU WA 218 60.81 -15.36 -80.07
C GLU WA 218 62.00 -15.17 -79.13
N LEU WA 219 62.53 -13.95 -79.11
CA LEU WA 219 63.66 -13.62 -78.25
C LEU WA 219 63.24 -13.47 -76.79
N THR WA 220 61.92 -13.47 -76.55
CA THR WA 220 61.39 -13.32 -75.21
C THR WA 220 60.40 -14.43 -74.84
N ASN WA 221 60.52 -15.58 -75.51
CA ASN WA 221 59.68 -16.74 -75.25
C ASN WA 221 58.18 -16.48 -75.44
N GLY WA 222 57.84 -15.40 -76.14
CA GLY WA 222 56.46 -15.04 -76.37
C GLY WA 222 55.92 -14.05 -75.36
N ARG WA 223 56.78 -13.63 -74.44
CA ARG WA 223 56.38 -12.67 -73.41
C ARG WA 223 56.61 -11.24 -73.87
N HIS WA 224 55.64 -10.37 -73.60
CA HIS WA 224 55.78 -8.95 -73.91
C HIS WA 224 56.49 -8.24 -72.77
N GLU WA 225 57.71 -7.78 -73.02
CA GLU WA 225 58.53 -7.20 -71.97
C GLU WA 225 59.04 -5.83 -72.35
N ILE WA 226 59.54 -5.08 -71.38
CA ILE WA 226 60.15 -3.78 -71.68
C ILE WA 226 61.57 -4.03 -72.18
N VAL WA 227 62.01 -3.18 -73.12
CA VAL WA 227 63.38 -3.29 -73.65
C VAL WA 227 64.39 -2.93 -72.57
N PRO WA 228 65.34 -3.83 -72.31
CA PRO WA 228 66.40 -3.62 -71.30
C PRO WA 228 67.14 -2.31 -71.53
N LYS WA 229 67.64 -1.71 -70.45
CA LYS WA 229 68.28 -0.40 -70.51
C LYS WA 229 69.48 -0.39 -71.47
N ASP WA 230 70.17 -1.52 -71.56
CA ASP WA 230 71.33 -1.65 -72.44
C ASP WA 230 70.91 -1.43 -73.89
N ILE WA 231 69.97 -2.24 -74.36
CA ILE WA 231 69.51 -2.19 -75.73
C ILE WA 231 68.84 -0.86 -76.04
N ARG WA 232 68.16 -0.31 -75.05
CA ARG WA 232 67.49 0.98 -75.20
C ARG WA 232 68.50 2.10 -75.41
N GLU WA 233 69.52 2.17 -74.56
CA GLU WA 233 70.56 3.19 -74.69
C GLU WA 233 71.36 3.00 -75.96
N GLU WA 234 71.52 1.75 -76.38
CA GLU WA 234 72.18 1.43 -77.64
C GLU WA 234 71.39 2.00 -78.82
N ALA WA 235 70.09 1.73 -78.83
CA ALA WA 235 69.21 2.22 -79.88
C ALA WA 235 69.13 3.75 -79.89
N GLU WA 236 69.12 4.35 -78.72
CA GLU WA 236 69.09 5.81 -78.59
C GLU WA 236 70.38 6.41 -79.11
N LYS WA 237 71.49 5.73 -78.87
CA LYS WA 237 72.79 6.19 -79.36
C LYS WA 237 72.80 6.14 -80.89
N TYR WA 238 72.34 5.01 -81.43
CA TYR WA 238 72.23 4.84 -82.87
C TYR WA 238 71.35 5.91 -83.49
N ALA WA 239 70.28 6.27 -82.79
CA ALA WA 239 69.34 7.27 -83.27
C ALA WA 239 69.92 8.67 -83.25
N LYS WA 240 70.57 9.03 -82.15
CA LYS WA 240 71.19 10.35 -82.00
C LYS WA 240 72.33 10.52 -83.01
N GLU WA 241 73.02 9.43 -83.31
CA GLU WA 241 74.09 9.47 -84.30
C GLU WA 241 73.55 9.54 -85.72
N SER WA 242 72.45 8.85 -85.98
CA SER WA 242 71.83 8.86 -87.30
C SER WA 242 71.11 10.18 -87.60
N LEU WA 243 71.01 11.04 -86.59
CA LEU WA 243 70.34 12.33 -86.75
C LEU WA 243 71.30 13.39 -87.27
N LYS WA 244 72.56 13.00 -87.46
CA LYS WA 244 73.58 13.92 -87.97
C LYS WA 244 73.97 13.55 -89.40
N GLU WA 245 73.01 13.63 -90.31
CA GLU WA 245 73.24 13.32 -91.72
C GLU WA 245 72.22 13.99 -92.62
N THR XA 1 25.28 -47.45 -69.13
CA THR XA 1 26.16 -47.00 -70.19
C THR XA 1 27.59 -47.52 -70.02
N THR XA 2 28.27 -47.74 -71.15
CA THR XA 2 29.71 -47.96 -71.15
C THR XA 2 30.35 -47.20 -72.31
N ILE XA 3 31.11 -46.15 -71.99
CA ILE XA 3 31.76 -45.34 -73.01
C ILE XA 3 33.28 -45.50 -72.95
N MET XA 4 33.95 -45.22 -74.07
CA MET XA 4 35.39 -45.40 -74.15
C MET XA 4 36.01 -44.58 -75.29
N ALA XA 5 37.26 -44.16 -75.08
CA ALA XA 5 37.98 -43.39 -76.10
C ALA XA 5 39.48 -43.62 -75.98
N VAL XA 6 40.11 -44.04 -77.08
CA VAL XA 6 41.55 -44.30 -77.06
C VAL XA 6 42.27 -43.42 -78.08
N GLN XA 7 43.45 -42.94 -77.72
CA GLN XA 7 44.22 -42.07 -78.60
C GLN XA 7 45.33 -42.82 -79.32
N PHE XA 8 45.33 -42.73 -80.65
CA PHE XA 8 46.46 -43.22 -81.44
C PHE XA 8 47.22 -42.04 -82.03
N ASP XA 9 48.10 -42.32 -83.00
CA ASP XA 9 48.98 -41.30 -83.55
C ASP XA 9 48.21 -40.14 -84.20
N GLY XA 10 47.57 -40.42 -85.33
CA GLY XA 10 46.94 -39.37 -86.12
C GLY XA 10 45.51 -39.04 -85.74
N GLY XA 11 45.06 -39.51 -84.58
CA GLY XA 11 43.70 -39.24 -84.15
C GLY XA 11 43.22 -40.11 -83.00
N VAL XA 12 41.90 -40.25 -82.90
CA VAL XA 12 41.29 -40.98 -81.79
C VAL XA 12 40.23 -42.00 -82.25
N VAL XA 13 39.90 -42.91 -81.35
CA VAL XA 13 38.85 -43.90 -81.58
C VAL XA 13 37.85 -43.85 -80.44
N LEU XA 14 36.58 -43.75 -80.79
CA LEU XA 14 35.51 -43.68 -79.80
C LEU XA 14 34.64 -44.92 -79.87
N GLY XA 15 34.07 -45.30 -78.73
CA GLY XA 15 33.19 -46.45 -78.66
C GLY XA 15 32.17 -46.32 -77.56
N ALA XA 16 30.98 -46.87 -77.79
CA ALA XA 16 29.93 -46.86 -76.77
C ALA XA 16 28.92 -47.97 -76.99
N ASP XA 17 28.23 -48.37 -75.93
CA ASP XA 17 27.12 -49.30 -76.06
C ASP XA 17 25.90 -48.51 -76.50
N SER XA 18 24.74 -49.15 -76.57
CA SER XA 18 23.55 -48.47 -77.08
C SER XA 18 22.34 -48.65 -76.19
N ARG XA 19 22.54 -49.06 -74.95
CA ARG XA 19 21.42 -49.31 -74.04
C ARG XA 19 21.06 -48.09 -73.21
N THR XA 20 19.79 -47.72 -73.24
CA THR XA 20 19.26 -46.63 -72.42
C THR XA 20 18.09 -47.16 -71.61
N THR XA 21 18.25 -47.11 -70.28
CA THR XA 21 17.32 -47.73 -69.36
C THR XA 21 16.64 -46.74 -68.42
N THR XA 22 15.37 -47.00 -68.14
CA THR XA 22 14.66 -46.31 -67.08
C THR XA 22 14.16 -47.37 -66.10
N GLY XA 23 14.77 -47.42 -64.93
CA GLY XA 23 14.54 -48.54 -64.03
C GLY XA 23 15.25 -49.75 -64.60
N SER XA 24 14.56 -50.87 -64.67
CA SER XA 24 15.15 -52.08 -65.23
C SER XA 24 14.67 -52.28 -66.67
N TYR XA 25 13.85 -51.36 -67.14
CA TYR XA 25 13.32 -51.43 -68.50
C TYR XA 25 14.22 -50.69 -69.48
N ILE XA 26 14.40 -51.28 -70.65
CA ILE XA 26 15.24 -50.68 -71.69
C ILE XA 26 14.42 -49.77 -72.61
N ALA XA 27 14.49 -48.47 -72.36
CA ALA XA 27 13.73 -47.50 -73.12
C ALA XA 27 14.28 -47.31 -74.53
N ASN XA 28 15.55 -47.66 -74.72
CA ASN XA 28 16.13 -47.61 -76.06
C ASN XA 28 17.34 -48.54 -76.20
N ARG XA 29 17.14 -49.65 -76.90
CA ARG XA 29 18.19 -50.65 -77.04
C ARG XA 29 19.18 -50.31 -78.15
N VAL XA 30 19.15 -49.08 -78.63
CA VAL XA 30 19.94 -48.74 -79.80
C VAL XA 30 20.38 -47.26 -79.84
N THR XA 31 20.52 -46.67 -78.66
CA THR XA 31 20.92 -45.28 -78.51
C THR XA 31 22.24 -44.93 -79.19
N ASP XA 32 22.30 -43.75 -79.81
CA ASP XA 32 23.55 -43.22 -80.34
C ASP XA 32 24.22 -42.37 -79.28
N LYS XA 33 25.20 -42.93 -78.58
CA LYS XA 33 25.83 -42.26 -77.46
C LYS XA 33 27.09 -41.48 -77.86
N LEU XA 34 27.43 -41.54 -79.14
CA LEU XA 34 28.53 -40.74 -79.67
C LEU XA 34 27.98 -39.50 -80.38
N THR XA 35 28.14 -38.35 -79.73
CA THR XA 35 27.54 -37.11 -80.23
C THR XA 35 28.58 -36.18 -80.84
N PRO XA 36 28.33 -35.75 -82.09
CA PRO XA 36 29.21 -34.81 -82.79
C PRO XA 36 29.06 -33.40 -82.22
N ILE XA 37 30.17 -32.80 -81.80
CA ILE XA 37 30.17 -31.44 -81.32
C ILE XA 37 30.66 -30.52 -82.43
N HIS XA 38 31.64 -31.00 -83.19
CA HIS XA 38 32.15 -30.28 -84.36
C HIS XA 38 32.68 -31.27 -85.38
N ASP XA 39 33.06 -30.77 -86.55
CA ASP XA 39 33.55 -31.58 -87.67
C ASP XA 39 34.45 -32.74 -87.27
N ARG XA 40 35.37 -32.47 -86.36
CA ARG XA 40 36.29 -33.50 -85.87
C ARG XA 40 36.35 -33.54 -84.35
N ILE XA 41 35.26 -33.14 -83.70
CA ILE XA 41 35.17 -33.20 -82.25
C ILE XA 41 33.90 -33.90 -81.80
N PHE XA 42 34.07 -35.04 -81.14
CA PHE XA 42 32.96 -35.84 -80.66
C PHE XA 42 32.99 -35.92 -79.14
N CYS XA 43 31.86 -36.31 -78.55
CA CYS XA 43 31.82 -36.55 -77.11
C CYS XA 43 31.03 -37.82 -76.80
N CYS XA 44 31.46 -38.51 -75.75
CA CYS XA 44 30.78 -39.72 -75.31
C CYS XA 44 29.98 -39.41 -74.05
N ARG XA 45 28.69 -39.70 -74.10
CA ARG XA 45 27.76 -39.35 -73.03
C ARG XA 45 27.49 -40.51 -72.08
N SER XA 46 27.42 -40.21 -70.79
CA SER XA 46 26.96 -41.17 -69.80
C SER XA 46 26.25 -40.42 -68.68
N GLY XA 47 25.31 -41.08 -68.00
CA GLY XA 47 24.53 -40.44 -66.97
C GLY XA 47 23.13 -40.12 -67.44
N SER XA 48 22.57 -39.03 -66.93
CA SER XA 48 21.22 -38.61 -67.31
C SER XA 48 21.17 -38.29 -68.80
N ALA XA 49 20.19 -38.86 -69.49
CA ALA XA 49 20.03 -38.63 -70.92
C ALA XA 49 19.71 -37.17 -71.19
N ALA XA 50 18.74 -36.63 -70.46
CA ALA XA 50 18.32 -35.25 -70.62
C ALA XA 50 19.48 -34.29 -70.39
N ASP XA 51 20.19 -34.49 -69.28
CA ASP XA 51 21.32 -33.64 -68.92
C ASP XA 51 22.40 -33.64 -70.00
N THR XA 52 22.88 -34.83 -70.36
CA THR XA 52 23.95 -34.95 -71.36
C THR XA 52 23.53 -34.41 -72.72
N GLN XA 53 22.27 -34.63 -73.11
CA GLN XA 53 21.77 -34.11 -74.37
C GLN XA 53 21.76 -32.59 -74.37
N ALA XA 54 21.18 -32.00 -73.32
CA ALA XA 54 21.12 -30.55 -73.19
C ALA XA 54 22.51 -29.92 -73.22
N VAL XA 55 23.41 -30.46 -72.41
CA VAL XA 55 24.78 -29.95 -72.33
C VAL XA 55 25.49 -30.08 -73.68
N ALA XA 56 25.32 -31.22 -74.34
CA ALA XA 56 25.94 -31.44 -75.65
C ALA XA 56 25.45 -30.40 -76.67
N ASP XA 57 24.14 -30.16 -76.67
CA ASP XA 57 23.54 -29.15 -77.54
C ASP XA 57 24.17 -27.78 -77.27
N ALA XA 58 24.17 -27.37 -76.00
CA ALA XA 58 24.70 -26.08 -75.61
C ALA XA 58 26.16 -25.90 -76.02
N VAL XA 59 26.96 -26.94 -75.78
CA VAL XA 59 28.38 -26.88 -76.13
C VAL XA 59 28.58 -26.82 -77.64
N THR XA 60 27.76 -27.54 -78.40
CA THR XA 60 27.80 -27.48 -79.85
C THR XA 60 27.52 -26.06 -80.35
N TYR XA 61 26.49 -25.45 -79.76
CA TYR XA 61 26.14 -24.05 -80.00
C TYR XA 61 27.34 -23.11 -79.77
N GLN XA 62 27.82 -23.11 -78.52
CA GLN XA 62 28.92 -22.24 -78.10
C GLN XA 62 30.17 -22.42 -78.95
N LEU XA 63 30.55 -23.68 -79.18
CA LEU XA 63 31.76 -24.00 -79.91
C LEU XA 63 31.63 -23.63 -81.37
N GLY XA 64 30.41 -23.75 -81.90
CA GLY XA 64 30.15 -23.35 -83.27
C GLY XA 64 30.36 -21.86 -83.43
N PHE XA 65 29.71 -21.08 -82.56
CA PHE XA 65 29.87 -19.62 -82.59
C PHE XA 65 31.33 -19.21 -82.39
N HIS XA 66 32.02 -19.91 -81.50
CA HIS XA 66 33.41 -19.60 -81.19
C HIS XA 66 34.34 -19.86 -82.38
N SER XA 67 34.16 -21.01 -83.01
CA SER XA 67 34.96 -21.39 -84.17
C SER XA 67 34.70 -20.45 -85.34
N ILE XA 68 33.44 -20.03 -85.52
CA ILE XA 68 33.12 -19.06 -86.55
C ILE XA 68 33.80 -17.72 -86.25
N GLU XA 69 33.75 -17.30 -84.99
CA GLU XA 69 34.32 -16.02 -84.58
C GLU XA 69 35.84 -16.01 -84.70
N LEU XA 70 36.47 -17.17 -84.58
CA LEU XA 70 37.92 -17.27 -84.72
C LEU XA 70 38.35 -17.64 -86.13
N ASN XA 71 37.41 -18.15 -86.93
CA ASN XA 71 37.70 -18.65 -88.27
C ASN XA 71 38.84 -19.67 -88.27
N GLU XA 72 38.79 -20.60 -87.33
CA GLU XA 72 39.78 -21.66 -87.21
C GLU XA 72 39.14 -22.92 -86.68
N PRO XA 73 39.66 -24.09 -87.09
CA PRO XA 73 39.19 -25.37 -86.54
C PRO XA 73 39.39 -25.40 -85.03
N PRO XA 74 38.29 -25.60 -84.28
CA PRO XA 74 38.29 -25.52 -82.82
C PRO XA 74 39.20 -26.55 -82.16
N LEU XA 75 39.97 -26.12 -81.18
CA LEU XA 75 40.80 -27.00 -80.39
C LEU XA 75 39.91 -27.96 -79.60
N VAL XA 76 40.31 -29.23 -79.53
CA VAL XA 76 39.56 -30.22 -78.77
C VAL XA 76 39.52 -29.82 -77.29
N HIS XA 77 40.64 -29.28 -76.82
CA HIS XA 77 40.76 -28.81 -75.45
C HIS XA 77 39.74 -27.72 -75.14
N THR XA 78 39.36 -26.95 -76.17
CA THR XA 78 38.38 -25.90 -76.01
C THR XA 78 36.98 -26.46 -75.79
N ALA XA 79 36.60 -27.45 -76.58
CA ALA XA 79 35.33 -28.15 -76.43
C ALA XA 79 35.27 -28.78 -75.04
N ALA XA 80 36.35 -29.48 -74.70
CA ALA XA 80 36.46 -30.10 -73.39
C ALA XA 80 36.34 -29.06 -72.28
N SER XA 81 36.82 -27.85 -72.54
CA SER XA 81 36.78 -26.77 -71.56
C SER XA 81 35.37 -26.19 -71.40
N LEU XA 82 34.61 -26.17 -72.49
CA LEU XA 82 33.22 -25.72 -72.43
C LEU XA 82 32.38 -26.71 -71.64
N PHE XA 83 32.55 -28.00 -71.99
CA PHE XA 83 31.91 -29.07 -71.24
C PHE XA 83 32.29 -28.98 -69.76
N LYS XA 84 33.57 -28.76 -69.50
CA LYS XA 84 34.09 -28.66 -68.14
C LYS XA 84 33.43 -27.54 -67.37
N GLU XA 85 33.36 -26.36 -68.00
CA GLU XA 85 32.73 -25.20 -67.38
C GLU XA 85 31.28 -25.49 -67.02
N MET XA 86 30.53 -26.02 -67.98
CA MET XA 86 29.12 -26.32 -67.74
C MET XA 86 28.92 -27.36 -66.63
N CYS XA 87 29.68 -28.45 -66.70
CA CYS XA 87 29.51 -29.55 -65.76
C CYS XA 87 29.97 -29.19 -64.35
N TYR XA 88 30.99 -28.35 -64.26
CA TYR XA 88 31.49 -27.91 -62.95
C TYR XA 88 30.56 -26.89 -62.32
N ARG XA 89 30.12 -25.91 -63.12
CA ARG XA 89 29.25 -24.86 -62.62
C ARG XA 89 27.94 -25.43 -62.07
N TYR XA 90 27.37 -26.40 -62.78
CA TYR XA 90 26.10 -26.99 -62.39
C TYR XA 90 26.26 -28.43 -61.92
N ARG XA 91 27.34 -28.68 -61.18
CA ARG XA 91 27.65 -30.03 -60.72
C ARG XA 91 26.59 -30.61 -59.80
N GLU XA 92 25.93 -29.74 -59.04
CA GLU XA 92 24.92 -30.18 -58.08
C GLU XA 92 23.56 -30.40 -58.75
N ASP XA 93 23.45 -30.06 -60.02
CA ASP XA 93 22.18 -30.17 -60.74
C ASP XA 93 22.28 -31.08 -61.97
N LEU XA 94 23.48 -31.55 -62.28
CA LEU XA 94 23.69 -32.40 -63.44
C LEU XA 94 24.22 -33.78 -63.04
N MET XA 95 23.77 -34.80 -63.76
CA MET XA 95 24.35 -36.12 -63.65
C MET XA 95 24.96 -36.50 -64.98
N ALA XA 96 26.22 -36.10 -65.18
CA ALA XA 96 26.87 -36.29 -66.46
C ALA XA 96 28.32 -36.75 -66.34
N GLY XA 97 28.63 -37.81 -67.08
CA GLY XA 97 30.00 -38.27 -67.23
C GLY XA 97 30.33 -38.23 -68.71
N ILE XA 98 31.26 -37.37 -69.08
CA ILE XA 98 31.53 -37.10 -70.49
C ILE XA 98 32.96 -37.46 -70.86
N ILE XA 99 33.14 -37.95 -72.09
CA ILE XA 99 34.49 -38.11 -72.63
C ILE XA 99 34.61 -37.36 -73.95
N ILE XA 100 35.23 -36.20 -73.92
CA ILE XA 100 35.38 -35.40 -75.14
C ILE XA 100 36.64 -35.80 -75.88
N ALA XA 101 36.50 -36.27 -77.11
CA ALA XA 101 37.67 -36.66 -77.89
C ALA XA 101 37.57 -36.28 -79.36
N GLY XA 102 38.71 -36.09 -80.00
CA GLY XA 102 38.71 -35.72 -81.40
C GLY XA 102 40.06 -35.28 -81.95
N TRP XA 103 40.06 -34.80 -83.18
CA TRP XA 103 41.29 -34.36 -83.82
C TRP XA 103 41.38 -32.84 -83.88
N ASP XA 104 42.61 -32.33 -83.93
CA ASP XA 104 42.86 -30.90 -83.86
C ASP XA 104 44.22 -30.58 -84.46
N PRO XA 105 44.26 -29.71 -85.48
CA PRO XA 105 45.46 -29.35 -86.25
C PRO XA 105 46.67 -28.95 -85.42
N GLN XA 106 46.47 -28.52 -84.18
CA GLN XA 106 47.56 -28.03 -83.34
C GLN XA 106 48.09 -29.10 -82.37
N GLU XA 107 47.20 -29.95 -81.87
CA GLU XA 107 47.61 -30.94 -80.88
C GLU XA 107 47.31 -32.38 -81.31
N GLY XA 108 46.71 -32.54 -82.48
CA GLY XA 108 46.41 -33.87 -83.00
C GLY XA 108 45.26 -34.55 -82.28
N GLY XA 109 45.33 -35.87 -82.19
CA GLY XA 109 44.29 -36.65 -81.52
C GLY XA 109 44.34 -36.49 -80.01
N GLN XA 110 43.21 -36.09 -79.44
CA GLN XA 110 43.14 -35.83 -78.01
C GLN XA 110 41.92 -36.48 -77.36
N VAL XA 111 42.11 -36.96 -76.14
CA VAL XA 111 41.03 -37.53 -75.33
C VAL XA 111 41.01 -36.91 -73.93
N TYR XA 112 39.86 -36.34 -73.56
CA TYR XA 112 39.68 -35.71 -72.26
C TYR XA 112 38.51 -36.31 -71.50
N SER XA 113 38.66 -36.42 -70.18
CA SER XA 113 37.59 -36.91 -69.31
C SER XA 113 36.99 -35.79 -68.48
N VAL XA 114 35.67 -35.72 -68.45
CA VAL XA 114 34.95 -34.82 -67.55
C VAL XA 114 33.96 -35.64 -66.75
N PRO XA 115 34.41 -36.19 -65.61
CA PRO XA 115 33.56 -37.01 -64.74
C PRO XA 115 32.59 -36.14 -63.95
N MET XA 116 31.74 -36.76 -63.15
CA MET XA 116 30.65 -36.06 -62.49
C MET XA 116 31.08 -34.89 -61.60
N GLY XA 117 32.33 -34.90 -61.16
CA GLY XA 117 32.84 -33.80 -60.36
C GLY XA 117 32.82 -32.48 -61.10
N GLY XA 118 33.27 -32.50 -62.34
CA GLY XA 118 33.40 -31.29 -63.13
C GLY XA 118 34.85 -31.01 -63.44
N MET XA 119 35.73 -31.91 -62.99
CA MET XA 119 37.15 -31.78 -63.28
C MET XA 119 37.42 -32.20 -64.72
N MET XA 120 38.64 -31.91 -65.19
CA MET XA 120 39.04 -32.25 -66.55
C MET XA 120 40.50 -32.71 -66.58
N VAL XA 121 40.74 -33.79 -67.31
CA VAL XA 121 42.10 -34.33 -67.44
C VAL XA 121 42.27 -35.05 -68.77
N ARG XA 122 43.41 -34.83 -69.42
CA ARG XA 122 43.71 -35.54 -70.66
C ARG XA 122 44.30 -36.91 -70.35
N GLN XA 123 43.87 -37.91 -71.10
CA GLN XA 123 44.34 -39.28 -70.88
C GLN XA 123 44.70 -39.96 -72.20
N SER XA 124 45.60 -40.93 -72.12
CA SER XA 124 45.94 -41.75 -73.29
C SER XA 124 44.69 -42.50 -73.74
N PHE XA 125 43.90 -42.93 -72.77
CA PHE XA 125 42.60 -43.54 -73.03
C PHE XA 125 41.69 -43.31 -71.84
N ALA XA 126 40.39 -43.35 -72.07
CA ALA XA 126 39.42 -43.06 -71.03
C ALA XA 126 38.20 -43.97 -71.13
N ILE XA 127 37.68 -44.38 -69.98
CA ILE XA 127 36.47 -45.17 -69.93
C ILE XA 127 35.50 -44.54 -68.93
N GLY XA 128 34.21 -44.72 -69.17
CA GLY XA 128 33.19 -44.17 -68.29
C GLY XA 128 31.91 -44.98 -68.36
N GLY XA 129 30.92 -44.57 -67.59
CA GLY XA 129 29.64 -45.27 -67.55
C GLY XA 129 29.64 -46.38 -66.52
N SER XA 130 28.47 -46.92 -66.24
CA SER XA 130 28.32 -47.96 -65.23
C SER XA 130 29.14 -49.21 -65.52
N GLY XA 131 29.30 -49.53 -66.80
CA GLY XA 131 30.01 -50.73 -67.20
C GLY XA 131 31.53 -50.63 -67.10
N SER XA 132 32.03 -49.39 -67.07
CA SER XA 132 33.47 -49.16 -67.05
C SER XA 132 34.13 -49.85 -65.86
N SER XA 133 33.38 -50.01 -64.78
CA SER XA 133 33.88 -50.65 -63.57
C SER XA 133 34.37 -52.07 -63.86
N TYR XA 134 33.69 -52.76 -64.77
CA TYR XA 134 33.98 -54.16 -65.02
C TYR XA 134 35.14 -54.38 -66.00
N ILE XA 135 35.67 -53.30 -66.56
CA ILE XA 135 36.74 -53.42 -67.54
C ILE XA 135 38.02 -52.68 -67.18
N TYR XA 136 38.09 -52.14 -65.96
CA TYR XA 136 39.30 -51.44 -65.51
C TYR XA 136 40.51 -52.36 -65.57
N GLY XA 137 40.35 -53.58 -65.07
CA GLY XA 137 41.45 -54.54 -65.07
C GLY XA 137 41.89 -54.94 -66.47
N TYR XA 138 40.94 -55.32 -67.31
CA TYR XA 138 41.23 -55.69 -68.69
C TYR XA 138 41.92 -54.55 -69.42
N VAL XA 139 41.35 -53.36 -69.29
CA VAL XA 139 41.88 -52.19 -69.98
C VAL XA 139 43.27 -51.83 -69.45
N ASP XA 140 43.55 -52.19 -68.19
CA ASP XA 140 44.86 -51.96 -67.60
C ASP XA 140 45.89 -52.95 -68.13
N ALA XA 141 45.46 -54.19 -68.33
CA ALA XA 141 46.37 -55.25 -68.73
C ALA XA 141 46.56 -55.36 -70.24
N THR XA 142 45.69 -54.69 -71.00
CA THR XA 142 45.68 -54.82 -72.45
C THR XA 142 46.28 -53.61 -73.16
N TYR XA 143 46.23 -52.44 -72.51
CA TYR XA 143 46.73 -51.22 -73.12
C TYR XA 143 48.24 -51.27 -73.38
N ARG XA 144 48.63 -50.82 -74.57
CA ARG XA 144 50.02 -50.77 -74.97
C ARG XA 144 50.24 -49.51 -75.79
N GLU XA 145 51.27 -48.74 -75.44
CA GLU XA 145 51.54 -47.48 -76.15
C GLU XA 145 52.02 -47.73 -77.58
N GLY XA 146 51.55 -46.87 -78.49
CA GLY XA 146 51.94 -46.97 -79.88
C GLY XA 146 51.01 -47.84 -80.70
N MET XA 147 49.79 -48.04 -80.18
CA MET XA 147 48.78 -48.83 -80.89
C MET XA 147 48.39 -48.17 -82.20
N THR XA 148 48.13 -48.99 -83.22
CA THR XA 148 47.66 -48.48 -84.49
C THR XA 148 46.18 -48.14 -84.39
N LYS XA 149 45.65 -47.46 -85.40
CA LYS XA 149 44.24 -47.10 -85.44
C LYS XA 149 43.35 -48.33 -85.33
N GLU XA 150 43.65 -49.34 -86.13
CA GLU XA 150 42.88 -50.58 -86.14
C GLU XA 150 43.05 -51.34 -84.83
N GLU XA 151 44.24 -51.26 -84.24
CA GLU XA 151 44.50 -51.88 -82.95
C GLU XA 151 43.64 -51.25 -81.86
N CYS XA 152 43.54 -49.92 -81.89
CA CYS XA 152 42.69 -49.20 -80.93
C CYS XA 152 41.22 -49.55 -81.16
N LEU XA 153 40.85 -49.67 -82.43
CA LEU XA 153 39.49 -50.05 -82.81
C LEU XA 153 39.12 -51.40 -82.19
N GLN XA 154 39.96 -52.40 -82.44
CA GLN XA 154 39.76 -53.74 -81.88
C GLN XA 154 39.76 -53.70 -80.36
N PHE XA 155 40.63 -52.87 -79.80
CA PHE XA 155 40.77 -52.71 -78.35
C PHE XA 155 39.46 -52.26 -77.69
N THR XA 156 38.95 -51.12 -78.15
CA THR XA 156 37.68 -50.60 -77.63
C THR XA 156 36.55 -51.59 -77.89
N ALA XA 157 36.58 -52.24 -79.06
CA ALA XA 157 35.55 -53.22 -79.38
C ALA XA 157 35.51 -54.33 -78.33
N ASN XA 158 36.67 -54.92 -78.05
CA ASN XA 158 36.76 -55.98 -77.05
C ASN XA 158 36.34 -55.52 -75.66
N ALA XA 159 36.89 -54.39 -75.21
CA ALA XA 159 36.57 -53.87 -73.89
C ALA XA 159 35.07 -53.63 -73.72
N LEU XA 160 34.48 -52.92 -74.67
CA LEU XA 160 33.04 -52.65 -74.66
C LEU XA 160 32.23 -53.94 -74.67
N ALA XA 161 32.68 -54.92 -75.45
CA ALA XA 161 32.00 -56.21 -75.50
C ALA XA 161 31.96 -56.86 -74.12
N LEU XA 162 33.12 -56.91 -73.46
CA LEU XA 162 33.22 -57.47 -72.11
C LEU XA 162 32.30 -56.76 -71.12
N ALA XA 163 32.41 -55.42 -71.10
CA ALA XA 163 31.59 -54.61 -70.21
C ALA XA 163 30.10 -54.85 -70.42
N MET XA 164 29.68 -54.84 -71.68
CA MET XA 164 28.28 -55.08 -72.04
C MET XA 164 27.83 -56.45 -71.58
N GLU XA 165 28.72 -57.43 -71.71
CA GLU XA 165 28.42 -58.79 -71.27
C GLU XA 165 28.16 -58.84 -69.77
N ARG XA 166 29.00 -58.15 -69.00
CA ARG XA 166 28.85 -58.16 -67.55
C ARG XA 166 27.80 -57.18 -66.99
N ASP XA 167 27.79 -55.96 -67.50
CA ASP XA 167 26.89 -54.93 -66.99
C ASP XA 167 25.47 -55.06 -67.54
N GLY XA 168 24.49 -55.01 -66.66
CA GLY XA 168 23.10 -55.10 -67.05
C GLY XA 168 22.58 -53.81 -67.64
N SER XA 169 23.16 -52.70 -67.20
CA SER XA 169 22.76 -51.38 -67.69
C SER XA 169 23.40 -51.10 -69.05
N SER XA 170 24.33 -51.96 -69.46
CA SER XA 170 24.96 -51.83 -70.77
C SER XA 170 24.59 -53.01 -71.65
N GLY XA 171 24.58 -52.78 -72.96
CA GLY XA 171 24.25 -53.82 -73.91
C GLY XA 171 23.73 -53.27 -75.23
N GLY XA 172 23.09 -54.13 -76.00
CA GLY XA 172 22.55 -53.74 -77.29
C GLY XA 172 23.58 -53.88 -78.41
N VAL XA 173 24.03 -52.75 -78.93
CA VAL XA 173 24.92 -52.73 -80.09
C VAL XA 173 26.18 -51.93 -79.77
N ILE XA 174 27.25 -52.17 -80.52
CA ILE XA 174 28.48 -51.39 -80.32
C ILE XA 174 28.65 -50.31 -81.38
N ARG XA 175 28.74 -49.05 -80.96
CA ARG XA 175 28.97 -47.96 -81.89
C ARG XA 175 30.41 -47.46 -81.80
N LEU XA 176 31.08 -47.43 -82.95
CA LEU XA 176 32.46 -46.98 -83.03
C LEU XA 176 32.62 -45.79 -83.97
N ALA XA 177 33.58 -44.93 -83.65
CA ALA XA 177 33.88 -43.78 -84.50
C ALA XA 177 35.38 -43.55 -84.58
N ALA XA 178 35.90 -43.42 -85.80
CA ALA XA 178 37.32 -43.16 -85.99
C ALA XA 178 37.51 -41.72 -86.45
N ILE XA 179 38.25 -40.94 -85.67
CA ILE XA 179 38.45 -39.53 -86.00
C ILE XA 179 39.91 -39.21 -86.28
N ALA XA 180 40.17 -38.63 -87.44
CA ALA XA 180 41.51 -38.20 -87.80
C ALA XA 180 41.43 -36.98 -88.69
N GLU XA 181 42.55 -36.61 -89.29
CA GLU XA 181 42.57 -35.49 -90.23
C GLU XA 181 41.70 -35.81 -91.45
N SER XA 182 41.63 -37.09 -91.79
CA SER XA 182 40.83 -37.54 -92.93
C SER XA 182 39.36 -37.21 -92.75
N GLY XA 183 38.83 -37.48 -91.56
CA GLY XA 183 37.44 -37.23 -91.27
C GLY XA 183 36.90 -38.16 -90.19
N VAL XA 184 35.63 -38.53 -90.31
CA VAL XA 184 34.98 -39.38 -89.32
C VAL XA 184 34.45 -40.68 -89.94
N GLU XA 185 35.00 -41.81 -89.50
CA GLU XA 185 34.57 -43.12 -89.97
C GLU XA 185 33.75 -43.82 -88.89
N ARG XA 186 32.42 -43.75 -89.00
CA ARG XA 186 31.55 -44.39 -88.02
C ARG XA 186 31.10 -45.78 -88.47
N GLN XA 187 31.07 -46.72 -87.53
CA GLN XA 187 30.57 -48.06 -87.83
C GLN XA 187 29.86 -48.71 -86.65
N VAL XA 188 29.12 -49.78 -86.93
CA VAL XA 188 28.28 -50.43 -85.95
C VAL XA 188 28.49 -51.95 -85.91
N LEU XA 189 28.91 -52.45 -84.76
CA LEU XA 189 29.09 -53.87 -84.54
C LEU XA 189 27.85 -54.47 -83.86
N LEU XA 190 27.18 -55.37 -84.56
CA LEU XA 190 25.95 -56.00 -84.07
C LEU XA 190 25.96 -57.52 -84.19
N GLY XA 191 25.35 -58.19 -83.22
CA GLY XA 191 25.20 -59.63 -83.27
C GLY XA 191 26.50 -60.41 -83.25
N ASP XA 192 26.79 -61.11 -84.34
CA ASP XA 192 27.99 -61.92 -84.45
C ASP XA 192 29.25 -61.08 -84.65
N GLN XA 193 29.06 -59.81 -85.01
CA GLN XA 193 30.17 -58.90 -85.19
C GLN XA 193 30.80 -58.55 -83.84
N ILE XA 194 29.96 -58.50 -82.81
CA ILE XA 194 30.42 -58.22 -81.45
C ILE XA 194 31.28 -59.38 -80.94
N PRO XA 195 32.51 -59.06 -80.49
CA PRO XA 195 33.48 -60.04 -79.99
C PRO XA 195 32.91 -60.93 -78.90
N LYS XA 196 33.14 -62.24 -79.02
CA LYS XA 196 32.63 -63.21 -78.05
C LYS XA 196 33.78 -63.85 -77.29
N PHE XA 197 33.51 -64.31 -76.08
CA PHE XA 197 34.53 -64.94 -75.24
C PHE XA 197 34.04 -66.25 -74.63
N ALA XA 198 34.98 -67.17 -74.41
CA ALA XA 198 34.66 -68.50 -73.92
C ALA XA 198 34.04 -68.46 -72.52
N VAL XA 199 32.80 -68.94 -72.42
CA VAL XA 199 32.11 -69.03 -71.13
C VAL XA 199 32.39 -70.38 -70.48
N ALA XA 200 32.66 -70.36 -69.18
CA ALA XA 200 32.96 -71.59 -68.43
C ALA XA 200 31.84 -72.62 -68.54
N THR XA 201 32.22 -73.87 -68.79
CA THR XA 201 31.24 -74.95 -68.96
C THR XA 201 31.16 -75.84 -67.72
N LEU XA 202 31.87 -76.96 -67.75
CA LEU XA 202 31.86 -77.91 -66.64
C LEU XA 202 32.55 -77.32 -65.41
N THR YA 1 -2.47 -44.47 -69.96
CA THR YA 1 -2.54 -44.23 -71.40
C THR YA 1 -1.72 -45.25 -72.17
N THR YA 2 -1.84 -45.21 -73.49
CA THR YA 2 -1.11 -46.13 -74.36
C THR YA 2 -0.88 -45.52 -75.74
N ILE YA 3 0.01 -44.53 -75.81
CA ILE YA 3 0.31 -43.87 -77.07
C ILE YA 3 1.51 -44.52 -77.76
N ALA YA 4 1.36 -44.82 -79.04
CA ALA YA 4 2.43 -45.43 -79.81
C ALA YA 4 2.63 -44.71 -81.14
N GLY YA 5 3.76 -44.99 -81.79
CA GLY YA 5 4.08 -44.36 -83.06
C GLY YA 5 4.98 -45.25 -83.89
N VAL YA 6 4.71 -45.28 -85.19
CA VAL YA 6 5.51 -46.10 -86.10
C VAL YA 6 5.82 -45.36 -87.40
N VAL YA 7 6.92 -45.75 -88.05
CA VAL YA 7 7.33 -45.17 -89.30
C VAL YA 7 7.28 -46.22 -90.40
N TYR YA 8 6.49 -45.96 -91.44
CA TYR YA 8 6.41 -46.88 -92.57
C TYR YA 8 6.95 -46.25 -93.84
N LYS YA 9 6.68 -46.90 -94.98
CA LYS YA 9 7.25 -46.51 -96.26
C LYS YA 9 6.90 -45.08 -96.68
N ASP YA 10 5.63 -44.70 -96.51
CA ASP YA 10 5.15 -43.41 -97.00
C ASP YA 10 5.02 -42.36 -95.91
N GLY YA 11 5.13 -42.76 -94.65
CA GLY YA 11 5.00 -41.80 -93.57
C GLY YA 11 4.99 -42.36 -92.16
N ILE YA 12 3.98 -41.97 -91.39
CA ILE YA 12 3.95 -42.21 -89.96
C ILE YA 12 2.54 -42.51 -89.45
N VAL YA 13 2.43 -43.51 -88.59
CA VAL YA 13 1.15 -43.81 -87.93
C VAL YA 13 1.25 -43.56 -86.43
N LEU YA 14 0.32 -42.77 -85.91
CA LEU YA 14 0.28 -42.50 -84.47
C LEU YA 14 -0.97 -43.12 -83.84
N GLY YA 15 -0.79 -43.72 -82.68
CA GLY YA 15 -1.90 -44.36 -81.99
C GLY YA 15 -2.03 -43.94 -80.54
N ALA YA 16 -3.24 -44.06 -80.00
CA ALA YA 16 -3.53 -43.69 -78.63
C ALA YA 16 -4.87 -44.26 -78.17
N ASP YA 17 -4.98 -44.59 -76.89
CA ASP YA 17 -6.26 -44.97 -76.31
C ASP YA 17 -7.01 -43.70 -75.91
N THR YA 18 -8.13 -43.84 -75.22
CA THR YA 18 -8.94 -42.66 -74.88
C THR YA 18 -9.40 -42.66 -73.42
N ARG YA 19 -8.71 -43.39 -72.56
CA ARG YA 19 -9.07 -43.43 -71.15
C ARG YA 19 -8.31 -42.39 -70.33
N ALA YA 20 -9.05 -41.58 -69.58
CA ALA YA 20 -8.44 -40.64 -68.64
C ALA YA 20 -8.92 -40.96 -67.23
N THR YA 21 -7.97 -41.11 -66.31
CA THR YA 21 -8.28 -41.55 -64.95
C THR YA 21 -7.95 -40.50 -63.91
N GLU YA 22 -8.71 -40.49 -62.82
CA GLU YA 22 -8.33 -39.78 -61.61
C GLU YA 22 -8.48 -40.73 -60.42
N GLY YA 23 -7.35 -41.09 -59.82
CA GLY YA 23 -7.35 -42.16 -58.85
C GLY YA 23 -7.41 -43.48 -59.60
N MET YA 24 -8.19 -44.42 -59.10
CA MET YA 24 -8.40 -45.68 -59.81
C MET YA 24 -9.80 -45.71 -60.43
N VAL YA 25 -10.27 -44.52 -60.82
CA VAL YA 25 -11.59 -44.38 -61.41
C VAL YA 25 -11.48 -43.73 -62.79
N VAL YA 26 -12.22 -44.27 -63.75
CA VAL YA 26 -12.25 -43.70 -65.10
C VAL YA 26 -13.03 -42.39 -65.10
N ALA YA 27 -12.34 -41.30 -65.42
CA ALA YA 27 -12.99 -39.99 -65.45
C ALA YA 27 -13.50 -39.66 -66.85
N ASP YA 28 -12.69 -39.96 -67.85
CA ASP YA 28 -13.09 -39.74 -69.25
C ASP YA 28 -12.97 -41.03 -70.05
N LYS YA 29 -14.08 -41.46 -70.63
CA LYS YA 29 -14.08 -42.68 -71.45
C LYS YA 29 -13.61 -42.37 -72.87
N ASN YA 30 -13.75 -41.13 -73.30
CA ASN YA 30 -13.32 -40.72 -74.63
C ASN YA 30 -12.50 -39.43 -74.59
N CYS YA 31 -11.19 -39.58 -74.50
CA CYS YA 31 -10.27 -38.45 -74.42
C CYS YA 31 -9.35 -38.45 -75.62
N SER YA 32 -9.27 -37.33 -76.33
CA SER YA 32 -8.39 -37.22 -77.47
C SER YA 32 -6.95 -36.95 -77.02
N LYS YA 33 -6.08 -37.93 -77.24
CA LYS YA 33 -4.70 -37.84 -76.79
C LYS YA 33 -3.74 -37.60 -77.95
N ILE YA 34 -4.29 -37.48 -79.16
CA ILE YA 34 -3.47 -37.16 -80.33
C ILE YA 34 -3.67 -35.71 -80.72
N HIS YA 35 -2.63 -34.90 -80.55
CA HIS YA 35 -2.76 -33.46 -80.62
C HIS YA 35 -2.20 -32.85 -81.90
N PHE YA 36 -2.85 -31.79 -82.35
CA PHE YA 36 -2.41 -31.02 -83.50
C PHE YA 36 -1.23 -30.12 -83.13
N ILE YA 37 -0.12 -30.29 -83.82
CA ILE YA 37 1.01 -29.37 -83.68
C ILE YA 37 1.04 -28.45 -84.89
N SER YA 38 1.31 -29.04 -86.05
CA SER YA 38 1.24 -28.31 -87.31
C SER YA 38 0.43 -29.19 -88.27
N PRO YA 39 -0.02 -28.62 -89.40
CA PRO YA 39 -0.77 -29.43 -90.37
C PRO YA 39 -0.03 -30.70 -90.83
N ASN YA 40 1.28 -30.75 -90.63
CA ASN YA 40 2.07 -31.92 -91.00
C ASN YA 40 2.70 -32.63 -89.82
N ILE YA 41 2.40 -32.14 -88.60
CA ILE YA 41 2.98 -32.72 -87.38
C ILE YA 41 1.94 -32.90 -86.28
N TYR YA 42 1.83 -34.12 -85.78
CA TYR YA 42 0.94 -34.43 -84.68
C TYR YA 42 1.71 -35.03 -83.51
N CYS YA 43 1.11 -34.99 -82.33
CA CYS YA 43 1.80 -35.44 -81.12
C CYS YA 43 0.87 -36.07 -80.10
N CYS YA 44 1.17 -37.32 -79.74
CA CYS YA 44 0.42 -38.04 -78.72
C CYS YA 44 0.92 -37.70 -77.32
N GLY YA 45 -0.02 -37.50 -76.39
CA GLY YA 45 0.33 -37.10 -75.05
C GLY YA 45 -0.09 -38.09 -73.97
N ALA YA 46 0.85 -38.43 -73.10
CA ALA YA 46 0.61 -39.30 -71.95
C ALA YA 46 1.19 -38.67 -70.70
N GLY YA 47 0.58 -38.92 -69.56
CA GLY YA 47 1.06 -38.38 -68.31
C GLY YA 47 0.07 -37.44 -67.67
N THR YA 48 0.56 -36.31 -67.17
CA THR YA 48 -0.31 -35.30 -66.57
C THR YA 48 -1.09 -34.62 -67.68
N ALA YA 49 -2.41 -34.81 -67.67
CA ALA YA 49 -3.26 -34.38 -68.78
C ALA YA 49 -3.11 -32.89 -69.12
N ALA YA 50 -3.32 -32.03 -68.13
CA ALA YA 50 -3.23 -30.59 -68.33
C ALA YA 50 -1.87 -30.19 -68.86
N ASP YA 51 -0.83 -30.89 -68.42
CA ASP YA 51 0.53 -30.61 -68.88
C ASP YA 51 0.70 -30.93 -70.34
N THR YA 52 0.28 -32.12 -70.75
CA THR YA 52 0.34 -32.52 -72.16
C THR YA 52 -0.46 -31.54 -73.03
N ASP YA 53 -1.66 -31.20 -72.56
CA ASP YA 53 -2.50 -30.21 -73.24
C ASP YA 53 -1.79 -28.89 -73.45
N MET YA 54 -1.46 -28.20 -72.36
CA MET YA 54 -0.87 -26.86 -72.46
C MET YA 54 0.47 -26.85 -73.19
N THR YA 55 1.26 -27.91 -73.01
CA THR YA 55 2.56 -28.00 -73.66
C THR YA 55 2.39 -28.14 -75.17
N THR YA 56 1.56 -29.09 -75.57
CA THR YA 56 1.33 -29.35 -76.99
C THR YA 56 0.69 -28.14 -77.67
N GLN YA 57 -0.20 -27.46 -76.96
CA GLN YA 57 -0.86 -26.26 -77.47
C GLN YA 57 0.14 -25.12 -77.66
N LEU YA 58 1.00 -24.92 -76.66
CA LEU YA 58 2.00 -23.87 -76.70
C LEU YA 58 2.96 -24.07 -77.86
N ILE YA 59 3.48 -25.29 -77.98
CA ILE YA 59 4.42 -25.60 -79.06
C ILE YA 59 3.75 -25.49 -80.42
N SER YA 60 2.49 -25.89 -80.50
CA SER YA 60 1.72 -25.72 -81.74
C SER YA 60 1.65 -24.26 -82.11
N SER YA 61 1.35 -23.41 -81.12
CA SER YA 61 1.26 -21.98 -81.34
C SER YA 61 2.58 -21.38 -81.84
N ASN YA 62 3.66 -21.68 -81.12
CA ASN YA 62 4.98 -21.22 -81.49
C ASN YA 62 5.38 -21.68 -82.90
N LEU YA 63 4.98 -22.89 -83.26
CA LEU YA 63 5.25 -23.39 -84.60
C LEU YA 63 4.42 -22.66 -85.65
N GLU YA 64 3.21 -22.28 -85.29
CA GLU YA 64 2.37 -21.50 -86.20
C GLU YA 64 3.02 -20.15 -86.46
N LEU YA 65 3.51 -19.51 -85.41
CA LEU YA 65 4.25 -18.26 -85.55
C LEU YA 65 5.47 -18.45 -86.44
N HIS YA 66 6.19 -19.54 -86.17
CA HIS YA 66 7.41 -19.86 -86.89
C HIS YA 66 7.16 -19.99 -88.39
N SER YA 67 6.22 -20.85 -88.77
CA SER YA 67 5.91 -21.07 -90.18
C SER YA 67 5.29 -19.84 -90.82
N LEU YA 68 4.53 -19.08 -90.05
CA LEU YA 68 3.98 -17.81 -90.51
C LEU YA 68 5.09 -16.86 -90.94
N SER YA 69 6.17 -16.84 -90.17
CA SER YA 69 7.29 -15.97 -90.51
C SER YA 69 8.20 -16.55 -91.61
N THR YA 70 8.33 -17.87 -91.64
CA THR YA 70 9.24 -18.52 -92.58
C THR YA 70 8.58 -18.81 -93.92
N GLY YA 71 7.26 -18.93 -93.91
CA GLY YA 71 6.51 -19.19 -95.13
C GLY YA 71 6.63 -20.63 -95.62
N ARG YA 72 7.32 -21.46 -94.86
CA ARG YA 72 7.53 -22.85 -95.23
C ARG YA 72 6.78 -23.78 -94.29
N LEU YA 73 6.83 -25.07 -94.57
CA LEU YA 73 6.20 -26.08 -93.72
C LEU YA 73 7.15 -26.42 -92.59
N PRO YA 74 6.65 -26.42 -91.34
CA PRO YA 74 7.45 -26.64 -90.13
C PRO YA 74 8.19 -27.98 -90.15
N ARG YA 75 9.40 -28.00 -89.61
CA ARG YA 75 10.16 -29.24 -89.49
C ARG YA 75 9.89 -29.92 -88.14
N VAL YA 76 10.04 -31.24 -88.12
CA VAL YA 76 9.79 -32.01 -86.90
C VAL YA 76 10.87 -31.75 -85.85
N VAL YA 77 12.11 -31.59 -86.31
CA VAL YA 77 13.23 -31.28 -85.42
C VAL YA 77 12.98 -30.03 -84.61
N THR YA 78 12.22 -29.09 -85.18
CA THR YA 78 11.93 -27.83 -84.51
C THR YA 78 11.00 -28.06 -83.32
N ALA YA 79 9.93 -28.81 -83.57
CA ALA YA 79 8.98 -29.15 -82.52
C ALA YA 79 9.67 -29.95 -81.43
N ASN YA 80 10.56 -30.86 -81.86
CA ASN YA 80 11.34 -31.67 -80.93
C ASN YA 80 12.24 -30.81 -80.03
N ARG YA 81 12.97 -29.88 -80.64
CA ARG YA 81 13.84 -28.97 -79.90
C ARG YA 81 13.05 -28.13 -78.91
N MET YA 82 11.97 -27.51 -79.38
CA MET YA 82 11.13 -26.67 -78.52
C MET YA 82 10.62 -27.48 -77.32
N LEU YA 83 10.03 -28.63 -77.61
CA LEU YA 83 9.50 -29.50 -76.57
C LEU YA 83 10.56 -29.92 -75.55
N LYS YA 84 11.66 -30.47 -76.03
CA LYS YA 84 12.70 -30.99 -75.14
C LYS YA 84 13.35 -29.89 -74.31
N GLN YA 85 13.52 -28.71 -74.91
CA GLN YA 85 14.14 -27.61 -74.19
C GLN YA 85 13.21 -27.04 -73.13
N MET YA 86 11.93 -26.88 -73.47
CA MET YA 86 10.96 -26.43 -72.48
C MET YA 86 10.86 -27.42 -71.32
N LEU YA 87 10.68 -28.70 -71.66
CA LEU YA 87 10.52 -29.74 -70.66
C LEU YA 87 11.75 -29.86 -69.76
N PHE YA 88 12.93 -29.72 -70.35
CA PHE YA 88 14.18 -29.79 -69.60
C PHE YA 88 14.34 -28.59 -68.68
N ARG YA 89 13.88 -27.43 -69.14
CA ARG YA 89 13.96 -26.21 -68.33
C ARG YA 89 13.14 -26.34 -67.04
N TYR YA 90 12.14 -27.22 -67.06
CA TYR YA 90 11.28 -27.42 -65.89
C TYR YA 90 11.66 -28.67 -65.09
N GLN YA 91 12.74 -29.33 -65.52
CA GLN YA 91 13.32 -30.46 -64.78
C GLN YA 91 12.32 -31.55 -64.39
N GLY YA 92 11.40 -31.88 -65.29
CA GLY YA 92 10.49 -33.00 -65.06
C GLY YA 92 9.22 -32.65 -64.29
N TYR YA 93 9.10 -31.41 -63.84
CA TYR YA 93 7.92 -31.01 -63.08
C TYR YA 93 6.69 -30.86 -63.97
N ILE YA 94 6.91 -30.88 -65.28
CA ILE YA 94 5.81 -30.93 -66.24
C ILE YA 94 5.63 -32.37 -66.70
N GLY YA 95 4.62 -33.05 -66.15
CA GLY YA 95 4.42 -34.46 -66.41
C GLY YA 95 3.93 -34.75 -67.81
N ALA YA 96 4.81 -34.61 -68.78
CA ALA YA 96 4.44 -34.75 -70.19
C ALA YA 96 5.34 -35.72 -70.97
N ALA YA 97 4.85 -36.94 -71.15
CA ALA YA 97 5.50 -37.91 -72.02
C ALA YA 97 4.84 -37.80 -73.40
N LEU YA 98 5.64 -37.74 -74.45
CA LEU YA 98 5.10 -37.42 -75.76
C LEU YA 98 5.61 -38.32 -76.88
N VAL YA 99 4.76 -38.56 -77.88
CA VAL YA 99 5.18 -39.20 -79.11
C VAL YA 99 4.97 -38.22 -80.26
N LEU YA 100 6.06 -37.70 -80.80
CA LEU YA 100 5.99 -36.67 -81.83
C LEU YA 100 6.21 -37.25 -83.21
N GLY YA 101 5.21 -37.16 -84.08
CA GLY YA 101 5.33 -37.71 -85.41
C GLY YA 101 4.98 -36.71 -86.50
N GLY YA 102 5.74 -36.70 -87.58
CA GLY YA 102 5.43 -35.80 -88.68
C GLY YA 102 6.20 -36.03 -89.96
N VAL YA 103 5.70 -35.48 -91.07
CA VAL YA 103 6.39 -35.59 -92.34
C VAL YA 103 6.98 -34.25 -92.76
N ASP YA 104 8.25 -34.26 -93.14
CA ASP YA 104 8.98 -33.04 -93.46
C ASP YA 104 9.29 -32.89 -94.94
N VAL YA 105 10.17 -31.94 -95.22
CA VAL YA 105 10.78 -31.81 -96.53
C VAL YA 105 11.94 -32.80 -96.57
N THR YA 106 12.26 -33.35 -95.40
CA THR YA 106 13.32 -34.34 -95.27
C THR YA 106 12.75 -35.74 -95.06
N GLY YA 107 11.43 -35.82 -94.94
CA GLY YA 107 10.77 -37.11 -94.83
C GLY YA 107 10.01 -37.32 -93.54
N PRO YA 108 9.73 -38.59 -93.21
CA PRO YA 108 9.03 -38.95 -91.97
C PRO YA 108 9.97 -38.98 -90.75
N HIS YA 109 9.51 -38.41 -89.64
CA HIS YA 109 10.29 -38.36 -88.41
C HIS YA 109 9.42 -38.64 -87.18
N LEU YA 110 9.95 -39.51 -86.33
CA LEU YA 110 9.26 -39.96 -85.13
C LEU YA 110 10.19 -39.84 -83.92
N TYR YA 111 9.75 -39.09 -82.91
CA TYR YA 111 10.51 -38.89 -81.69
C TYR YA 111 9.69 -39.32 -80.48
N SER YA 112 10.38 -39.77 -79.44
CA SER YA 112 9.78 -39.94 -78.13
C SER YA 112 10.41 -38.93 -77.19
N ILE YA 113 9.56 -38.21 -76.45
CA ILE YA 113 10.05 -37.13 -75.59
C ILE YA 113 9.60 -37.33 -74.14
N TYR YA 114 10.56 -37.58 -73.26
CA TYR YA 114 10.28 -37.81 -71.85
C TYR YA 114 10.24 -36.50 -71.09
N PRO YA 115 9.40 -36.42 -70.03
CA PRO YA 115 9.15 -35.18 -69.30
C PRO YA 115 10.40 -34.49 -68.72
N HIS YA 116 11.51 -35.21 -68.65
CA HIS YA 116 12.75 -34.61 -68.17
C HIS YA 116 13.52 -33.90 -69.27
N GLY YA 117 13.09 -34.07 -70.52
CA GLY YA 117 13.65 -33.33 -71.62
C GLY YA 117 14.54 -34.13 -72.56
N SER YA 118 14.59 -35.44 -72.37
CA SER YA 118 15.38 -36.30 -73.25
C SER YA 118 14.53 -36.82 -74.39
N THR YA 119 15.13 -36.94 -75.57
CA THR YA 119 14.40 -37.43 -76.75
C THR YA 119 15.10 -38.60 -77.43
N ASP YA 120 14.32 -39.43 -78.09
CA ASP YA 120 14.86 -40.54 -78.87
C ASP YA 120 14.21 -40.59 -80.25
N LYS YA 121 15.03 -40.57 -81.30
CA LYS YA 121 14.51 -40.72 -82.66
C LYS YA 121 14.59 -42.19 -83.08
N LEU YA 122 13.44 -42.83 -83.17
CA LEU YA 122 13.36 -44.26 -83.46
C LEU YA 122 12.27 -44.56 -84.49
N PRO YA 123 12.43 -45.67 -85.23
CA PRO YA 123 11.41 -46.11 -86.20
C PRO YA 123 10.07 -46.41 -85.54
N TYR YA 124 10.10 -46.81 -84.27
CA TYR YA 124 8.88 -47.06 -83.52
C TYR YA 124 9.06 -46.80 -82.03
N VAL YA 125 8.06 -46.17 -81.42
CA VAL YA 125 8.13 -45.84 -79.99
C VAL YA 125 6.80 -46.03 -79.28
N THR YA 126 6.86 -46.22 -77.96
CA THR YA 126 5.68 -46.32 -77.12
C THR YA 126 5.86 -45.53 -75.83
N MET YA 127 4.78 -44.97 -75.32
CA MET YA 127 4.80 -44.23 -74.06
C MET YA 127 3.49 -44.49 -73.30
N GLY YA 128 3.52 -44.30 -71.99
CA GLY YA 128 2.33 -44.45 -71.17
C GLY YA 128 2.43 -45.65 -70.24
N SER YA 129 1.40 -45.81 -69.41
CA SER YA 129 1.34 -46.94 -68.48
C SER YA 129 1.23 -48.28 -69.21
N GLY YA 130 0.73 -48.24 -70.43
CA GLY YA 130 0.60 -49.46 -71.22
C GLY YA 130 1.64 -49.57 -72.31
N SER YA 131 2.76 -48.88 -72.13
CA SER YA 131 3.78 -48.81 -73.17
C SER YA 131 4.55 -50.11 -73.35
N LEU YA 132 4.66 -50.90 -72.29
CA LEU YA 132 5.41 -52.16 -72.34
C LEU YA 132 4.72 -53.18 -73.25
N ALA YA 133 3.39 -53.30 -73.11
CA ALA YA 133 2.61 -54.22 -73.94
C ALA YA 133 2.72 -53.83 -75.42
N ALA YA 134 2.47 -52.55 -75.68
CA ALA YA 134 2.53 -52.03 -77.04
C ALA YA 134 3.92 -52.26 -77.64
N MET YA 135 4.95 -52.01 -76.84
CA MET YA 135 6.33 -52.21 -77.29
C MET YA 135 6.61 -53.69 -77.55
N ALA YA 136 5.93 -54.57 -76.82
CA ALA YA 136 6.05 -56.00 -77.07
C ALA YA 136 5.46 -56.34 -78.43
N VAL YA 137 4.29 -55.79 -78.71
CA VAL YA 137 3.66 -55.96 -80.02
C VAL YA 137 4.56 -55.45 -81.15
N PHE YA 138 5.18 -54.28 -80.94
CA PHE YA 138 6.11 -53.72 -81.92
C PHE YA 138 7.33 -54.61 -82.12
N GLU YA 139 7.97 -55.01 -81.03
CA GLU YA 139 9.17 -55.84 -81.10
C GLU YA 139 8.88 -57.18 -81.74
N ASP YA 140 7.62 -57.62 -81.64
CA ASP YA 140 7.23 -58.90 -82.21
C ASP YA 140 6.89 -58.80 -83.70
N LYS YA 141 6.15 -57.77 -84.09
CA LYS YA 141 5.58 -57.71 -85.43
C LYS YA 141 5.89 -56.43 -86.21
N PHE YA 142 7.10 -55.92 -86.09
CA PHE YA 142 7.50 -54.75 -86.86
C PHE YA 142 8.50 -55.14 -87.94
N ARG YA 143 8.33 -54.55 -89.12
CA ARG YA 143 9.29 -54.68 -90.20
C ARG YA 143 9.43 -53.32 -90.89
N PRO YA 144 10.64 -52.99 -91.36
CA PRO YA 144 10.87 -51.71 -92.02
C PRO YA 144 10.09 -51.57 -93.33
N ASP YA 145 9.71 -50.35 -93.66
CA ASP YA 145 8.99 -50.03 -94.90
C ASP YA 145 7.69 -50.82 -95.05
N MET YA 146 6.81 -50.71 -94.06
CA MET YA 146 5.50 -51.32 -94.14
C MET YA 146 4.57 -50.50 -95.03
N GLU YA 147 3.49 -51.12 -95.47
CA GLU YA 147 2.44 -50.41 -96.20
C GLU YA 147 1.52 -49.74 -95.19
N GLU YA 148 0.75 -48.76 -95.64
CA GLU YA 148 -0.08 -47.95 -94.75
C GLU YA 148 -1.05 -48.77 -93.89
N GLU YA 149 -1.88 -49.59 -94.52
CA GLU YA 149 -2.85 -50.40 -93.80
C GLU YA 149 -2.18 -51.38 -92.84
N GLU YA 150 -1.03 -51.90 -93.25
CA GLU YA 150 -0.25 -52.82 -92.42
C GLU YA 150 0.19 -52.12 -91.14
N ALA YA 151 0.75 -50.93 -91.29
CA ALA YA 151 1.22 -50.13 -90.15
C ALA YA 151 0.06 -49.72 -89.25
N LYS YA 152 -1.07 -49.36 -89.85
CA LYS YA 152 -2.26 -49.00 -89.10
C LYS YA 152 -2.71 -50.19 -88.25
N ASN YA 153 -2.67 -51.37 -88.85
CA ASN YA 153 -3.02 -52.60 -88.15
C ASN YA 153 -2.07 -52.85 -86.98
N LEU YA 154 -0.77 -52.69 -87.23
CA LEU YA 154 0.23 -52.90 -86.18
C LEU YA 154 0.05 -51.95 -85.00
N VAL YA 155 -0.09 -50.65 -85.29
CA VAL YA 155 -0.25 -49.65 -84.24
C VAL YA 155 -1.53 -49.86 -83.45
N SER YA 156 -2.64 -50.08 -84.15
CA SER YA 156 -3.92 -50.34 -83.48
C SER YA 156 -3.83 -51.58 -82.61
N GLU YA 157 -3.05 -52.56 -83.06
CA GLU YA 157 -2.82 -53.79 -82.31
C GLU YA 157 -2.07 -53.49 -81.01
N ALA YA 158 -1.02 -52.67 -81.14
CA ALA YA 158 -0.24 -52.24 -79.97
C ALA YA 158 -1.12 -51.53 -78.94
N ILE YA 159 -1.82 -50.50 -79.40
CA ILE YA 159 -2.74 -49.75 -78.54
C ILE YA 159 -3.77 -50.68 -77.90
N ALA YA 160 -4.21 -51.70 -78.65
CA ALA YA 160 -5.14 -52.67 -78.11
C ALA YA 160 -4.53 -53.45 -76.95
N ALA YA 161 -3.28 -53.89 -77.15
CA ALA YA 161 -2.54 -54.59 -76.10
C ALA YA 161 -2.48 -53.75 -74.85
N GLY YA 162 -2.17 -52.46 -75.03
CA GLY YA 162 -2.17 -51.53 -73.92
C GLY YA 162 -3.53 -51.45 -73.24
N ILE YA 163 -4.57 -51.41 -74.06
CA ILE YA 163 -5.93 -51.26 -73.56
C ILE YA 163 -6.37 -52.44 -72.69
N PHE YA 164 -6.14 -53.66 -73.16
CA PHE YA 164 -6.62 -54.83 -72.43
C PHE YA 164 -5.68 -55.30 -71.32
N ASN YA 165 -4.38 -55.05 -71.47
CA ASN YA 165 -3.42 -55.51 -70.46
C ASN YA 165 -3.10 -54.49 -69.34
N ASP YA 166 -3.34 -53.21 -69.61
CA ASP YA 166 -3.06 -52.17 -68.63
C ASP YA 166 -4.32 -51.57 -68.04
N LEU YA 167 -4.43 -51.55 -66.72
CA LEU YA 167 -5.58 -50.99 -66.03
C LEU YA 167 -5.67 -49.47 -66.21
N GLY YA 168 -4.58 -48.88 -66.69
CA GLY YA 168 -4.54 -47.45 -66.90
C GLY YA 168 -5.11 -47.06 -68.26
N SER YA 169 -5.17 -48.02 -69.16
CA SER YA 169 -5.66 -47.76 -70.52
C SER YA 169 -6.99 -48.46 -70.77
N GLY YA 170 -7.74 -47.95 -71.74
CA GLY YA 170 -9.03 -48.53 -72.09
C GLY YA 170 -9.76 -47.81 -73.20
N SER YA 171 -11.00 -48.24 -73.43
CA SER YA 171 -11.89 -47.63 -74.42
C SER YA 171 -11.39 -47.70 -75.86
N ASN YA 172 -11.50 -46.59 -76.58
CA ASN YA 172 -11.30 -46.58 -78.03
C ASN YA 172 -9.83 -46.53 -78.46
N ILE YA 173 -9.62 -46.68 -79.77
CA ILE YA 173 -8.31 -46.56 -80.37
C ILE YA 173 -8.33 -45.46 -81.43
N ASP YA 174 -7.54 -44.42 -81.23
CA ASP YA 174 -7.47 -43.33 -82.18
C ASP YA 174 -6.18 -43.43 -82.99
N LEU YA 175 -6.30 -43.27 -84.31
CA LEU YA 175 -5.14 -43.30 -85.18
C LEU YA 175 -4.94 -41.97 -85.88
N CYS YA 176 -3.74 -41.77 -86.37
CA CYS YA 176 -3.42 -40.59 -87.17
C CYS YA 176 -2.34 -40.96 -88.19
N VAL YA 177 -2.75 -41.03 -89.45
CA VAL YA 177 -1.84 -41.38 -90.53
C VAL YA 177 -1.35 -40.11 -91.21
N ILE YA 178 -0.03 -40.00 -91.37
CA ILE YA 178 0.58 -38.82 -91.96
C ILE YA 178 1.57 -39.24 -93.05
N SER YA 179 1.23 -38.95 -94.31
CA SER YA 179 2.12 -39.25 -95.42
C SER YA 179 2.60 -37.96 -96.06
N LYS YA 180 3.37 -38.08 -97.14
CA LYS YA 180 3.92 -36.92 -97.81
C LYS YA 180 2.86 -36.04 -98.45
N ASN YA 181 1.62 -36.53 -98.48
CA ASN YA 181 0.53 -35.79 -99.10
C ASN YA 181 -0.87 -36.24 -98.64
N LYS YA 182 -1.00 -36.55 -97.35
CA LYS YA 182 -2.29 -36.95 -96.79
C LYS YA 182 -2.27 -36.90 -95.26
N LEU YA 183 -3.42 -36.56 -94.67
CA LEU YA 183 -3.54 -36.53 -93.22
C LEU YA 183 -4.86 -37.17 -92.78
N ASP YA 184 -4.80 -38.45 -92.44
CA ASP YA 184 -5.98 -39.18 -91.97
C ASP YA 184 -6.06 -39.17 -90.45
N PHE YA 185 -6.83 -38.23 -89.90
CA PHE YA 185 -7.04 -38.17 -88.47
C PHE YA 185 -8.27 -39.00 -88.10
N LEU YA 186 -8.09 -40.32 -88.16
CA LEU YA 186 -9.18 -41.25 -87.87
C LEU YA 186 -9.49 -41.25 -86.38
N ARG YA 187 -10.60 -40.63 -86.00
CA ARG YA 187 -10.92 -40.51 -84.57
C ARG YA 187 -11.30 -41.86 -83.94
N PRO YA 188 -12.53 -42.32 -84.08
CA PRO YA 188 -12.83 -43.66 -83.57
C PRO YA 188 -12.35 -44.75 -84.53
N TYR YA 189 -11.04 -45.01 -84.63
CA TYR YA 189 -10.60 -46.04 -85.56
C TYR YA 189 -11.15 -47.41 -85.19
N THR YA 190 -11.32 -47.64 -83.89
CA THR YA 190 -11.86 -48.90 -83.40
C THR YA 190 -12.52 -48.67 -82.04
N VAL YA 191 -13.71 -49.25 -81.87
CA VAL YA 191 -14.38 -49.24 -80.57
C VAL YA 191 -14.47 -50.67 -80.07
N PRO YA 192 -13.36 -51.20 -79.53
CA PRO YA 192 -13.29 -52.61 -79.13
C PRO YA 192 -14.00 -52.87 -77.81
N ASN YA 193 -14.39 -51.79 -77.12
CA ASN YA 193 -15.08 -51.92 -75.85
C ASN YA 193 -16.43 -51.22 -75.87
N LYS YA 194 -17.45 -51.91 -75.36
CA LYS YA 194 -18.80 -51.40 -75.37
C LYS YA 194 -19.43 -51.57 -73.99
N LYS YA 195 -20.19 -50.56 -73.56
CA LYS YA 195 -20.95 -50.71 -72.32
C LYS YA 195 -22.10 -51.68 -72.54
N GLY YA 196 -22.32 -52.57 -71.58
CA GLY YA 196 -23.42 -53.50 -71.64
C GLY YA 196 -24.74 -52.77 -71.66
N THR YA 197 -25.73 -53.33 -72.35
CA THR YA 197 -27.04 -52.71 -72.44
C THR YA 197 -27.84 -52.88 -71.15
N ARG YA 198 -28.52 -51.82 -70.73
CA ARG YA 198 -29.34 -51.82 -69.52
C ARG YA 198 -30.37 -52.92 -69.57
N LEU YA 199 -30.54 -53.63 -68.46
CA LEU YA 199 -31.52 -54.71 -68.38
C LEU YA 199 -32.80 -54.28 -67.68
N GLY YA 200 -32.81 -53.05 -67.17
CA GLY YA 200 -33.96 -52.55 -66.45
C GLY YA 200 -34.30 -51.10 -66.77
N ARG YA 201 -35.42 -50.64 -66.22
CA ARG YA 201 -35.84 -49.25 -66.39
C ARG YA 201 -35.91 -48.58 -65.02
N TYR YA 202 -34.88 -47.81 -64.69
CA TYR YA 202 -34.83 -47.14 -63.40
C TYR YA 202 -35.27 -45.69 -63.57
N ARG YA 203 -36.00 -45.42 -64.65
CA ARG YA 203 -36.52 -44.10 -64.92
C ARG YA 203 -37.47 -43.65 -63.82
N CYS YA 204 -37.21 -42.47 -63.28
CA CYS YA 204 -38.06 -41.90 -62.24
C CYS YA 204 -39.11 -41.01 -62.88
N GLU YA 205 -40.38 -41.32 -62.64
CA GLU YA 205 -41.48 -40.57 -63.22
C GLU YA 205 -41.71 -39.25 -62.47
N LYS YA 206 -42.14 -38.24 -63.20
CA LYS YA 206 -42.34 -36.89 -62.65
C LYS YA 206 -43.21 -36.88 -61.40
N GLY YA 207 -42.60 -36.50 -60.27
CA GLY YA 207 -43.32 -36.41 -59.02
C GLY YA 207 -42.68 -37.18 -57.88
N THR YA 208 -41.80 -38.12 -58.22
CA THR YA 208 -41.17 -38.97 -57.22
C THR YA 208 -40.14 -38.22 -56.37
N THR YA 209 -39.68 -37.07 -56.86
CA THR YA 209 -38.73 -36.25 -56.13
C THR YA 209 -39.45 -35.14 -55.37
N ALA YA 210 -39.45 -35.23 -54.04
CA ALA YA 210 -40.08 -34.21 -53.21
C ALA YA 210 -39.34 -32.88 -53.31
N VAL YA 211 -40.08 -31.78 -53.34
CA VAL YA 211 -39.49 -30.46 -53.49
C VAL YA 211 -39.93 -29.54 -52.36
N LEU YA 212 -38.99 -28.74 -51.84
CA LEU YA 212 -39.28 -27.82 -50.74
C LEU YA 212 -39.49 -26.40 -51.26
N THR YA 213 -38.72 -26.04 -52.29
CA THR YA 213 -38.72 -24.67 -52.80
C THR YA 213 -38.65 -24.68 -54.33
N GLU YA 214 -39.40 -23.79 -54.97
CA GLU YA 214 -39.36 -23.65 -56.42
C GLU YA 214 -39.34 -22.18 -56.83
N LYS YA 215 -38.67 -21.89 -57.95
CA LYS YA 215 -38.63 -20.53 -58.48
C LYS YA 215 -38.35 -20.55 -59.98
N ILE YA 216 -39.34 -20.17 -60.77
CA ILE YA 216 -39.18 -20.08 -62.22
C ILE YA 216 -38.70 -18.68 -62.60
N THR YA 217 -37.81 -18.60 -63.57
CA THR YA 217 -37.30 -17.32 -64.03
C THR YA 217 -37.20 -17.27 -65.55
N PRO YA 218 -38.03 -16.43 -66.18
CA PRO YA 218 -38.09 -16.28 -67.64
C PRO YA 218 -36.85 -15.61 -68.21
N LEU YA 219 -36.48 -15.97 -69.44
CA LEU YA 219 -35.31 -15.39 -70.09
C LEU YA 219 -35.70 -14.56 -71.33
N GLU YA 220 -35.05 -14.87 -72.45
CA GLU YA 220 -35.35 -14.20 -73.71
C GLU YA 220 -34.88 -15.02 -74.91
N SER ZA 1 -7.03 -35.50 -46.77
CA SER ZA 1 -7.05 -34.82 -48.07
C SER ZA 1 -7.55 -33.38 -47.94
N ILE ZA 2 -6.98 -32.49 -48.74
CA ILE ZA 2 -7.34 -31.07 -48.70
C ILE ZA 2 -8.74 -30.87 -49.24
N MET ZA 3 -9.08 -31.60 -50.31
CA MET ZA 3 -10.39 -31.52 -50.93
C MET ZA 3 -11.51 -31.91 -49.96
N SER ZA 4 -11.21 -32.86 -49.09
CA SER ZA 4 -12.20 -33.43 -48.17
C SER ZA 4 -12.43 -32.56 -46.93
N TYR ZA 5 -11.66 -31.47 -46.81
CA TYR ZA 5 -11.74 -30.60 -45.65
C TYR ZA 5 -13.13 -29.98 -45.48
N ASN ZA 6 -13.68 -29.50 -46.58
CA ASN ZA 6 -15.02 -28.90 -46.56
C ASN ZA 6 -16.09 -29.86 -47.08
N GLY ZA 7 -15.69 -30.76 -47.97
CA GLY ZA 7 -16.61 -31.70 -48.58
C GLY ZA 7 -17.47 -31.01 -49.62
N GLY ZA 8 -18.49 -31.71 -50.09
CA GLY ZA 8 -19.40 -31.16 -51.07
C GLY ZA 8 -19.52 -31.99 -52.33
N ALA ZA 9 -20.51 -31.68 -53.15
CA ALA ZA 9 -20.78 -32.43 -54.36
C ALA ZA 9 -21.42 -31.56 -55.43
N VAL ZA 10 -20.93 -31.70 -56.67
CA VAL ZA 10 -21.45 -30.95 -57.80
C VAL ZA 10 -21.63 -31.86 -59.01
N MET ZA 11 -22.78 -31.76 -59.67
CA MET ZA 11 -23.10 -32.63 -60.79
C MET ZA 11 -23.77 -31.85 -61.91
N ALA ZA 12 -23.52 -32.24 -63.15
CA ALA ZA 12 -24.24 -31.65 -64.29
C ALA ZA 12 -24.70 -32.71 -65.27
N MET ZA 13 -25.89 -32.52 -65.83
CA MET ZA 13 -26.51 -33.49 -66.74
C MET ZA 13 -27.02 -32.83 -68.00
N LYS ZA 14 -27.02 -33.58 -69.10
CA LYS ZA 14 -27.49 -33.08 -70.38
C LYS ZA 14 -28.92 -33.52 -70.65
N GLY ZA 15 -29.66 -32.72 -71.40
CA GLY ZA 15 -31.03 -33.04 -71.76
C GLY ZA 15 -31.27 -32.93 -73.25
N LYS ZA 16 -32.54 -32.79 -73.63
CA LYS ZA 16 -32.90 -32.62 -75.04
C LYS ZA 16 -32.41 -31.27 -75.54
N ASN ZA 17 -33.14 -30.22 -75.16
CA ASN ZA 17 -32.71 -28.85 -75.43
C ASN ZA 17 -32.60 -28.10 -74.13
N CYS ZA 18 -32.32 -28.86 -73.07
CA CYS ZA 18 -32.19 -28.31 -71.73
C CYS ZA 18 -30.95 -28.88 -71.06
N VAL ZA 19 -30.56 -28.31 -69.93
CA VAL ZA 19 -29.40 -28.78 -69.20
C VAL ZA 19 -29.65 -28.64 -67.70
N ALA ZA 20 -28.93 -29.43 -66.90
CA ALA ZA 20 -29.14 -29.42 -65.46
C ALA ZA 20 -27.85 -29.35 -64.67
N ILE ZA 21 -27.90 -28.68 -63.52
CA ILE ZA 21 -26.74 -28.61 -62.64
C ILE ZA 21 -27.17 -28.57 -61.17
N ALA ZA 22 -26.60 -29.45 -60.36
CA ALA ZA 22 -27.01 -29.56 -58.96
C ALA ZA 22 -25.82 -29.60 -58.02
N ALA ZA 23 -26.06 -29.22 -56.77
CA ALA ZA 23 -25.03 -29.25 -55.74
C ALA ZA 23 -25.62 -29.30 -54.34
N ASP ZA 24 -24.91 -29.94 -53.41
CA ASP ZA 24 -25.33 -29.97 -52.01
C ASP ZA 24 -25.16 -28.59 -51.38
N ARG ZA 25 -25.69 -28.40 -50.18
CA ARG ZA 25 -25.75 -27.06 -49.59
C ARG ZA 25 -24.97 -26.92 -48.30
N ARG ZA 26 -24.22 -27.95 -47.93
CA ARG ZA 26 -23.50 -27.96 -46.67
C ARG ZA 26 -22.16 -27.24 -46.73
N PHE ZA 27 -21.98 -26.28 -45.83
CA PHE ZA 27 -20.65 -25.73 -45.57
C PHE ZA 27 -20.18 -26.21 -44.22
N GLY ZA 28 -19.20 -27.11 -44.23
CA GLY ZA 28 -18.68 -27.68 -43.01
C GLY ZA 28 -17.17 -27.66 -42.94
N ILE ZA 29 -16.65 -27.66 -41.72
CA ILE ZA 29 -15.21 -27.76 -41.48
C ILE ZA 29 -14.90 -29.15 -40.93
N GLN ZA 30 -14.27 -29.97 -41.75
CA GLN ZA 30 -14.04 -31.38 -41.44
C GLN ZA 30 -15.33 -32.12 -41.08
N ALA ZA 31 -15.63 -32.19 -39.79
CA ALA ZA 31 -16.77 -32.99 -39.34
C ALA ZA 31 -17.93 -32.15 -38.81
N GLN ZA 32 -17.71 -30.86 -38.65
CA GLN ZA 32 -18.75 -29.99 -38.13
C GLN ZA 32 -19.39 -29.15 -39.24
N MET ZA 33 -20.72 -29.07 -39.23
CA MET ZA 33 -21.43 -28.24 -40.19
C MET ZA 33 -21.57 -26.82 -39.65
N VAL ZA 34 -21.24 -25.84 -40.48
CA VAL ZA 34 -21.33 -24.45 -40.08
C VAL ZA 34 -22.55 -23.79 -40.71
N THR ZA 35 -22.77 -24.06 -41.99
CA THR ZA 35 -23.90 -23.46 -42.71
C THR ZA 35 -24.65 -24.51 -43.54
N THR ZA 36 -25.95 -24.31 -43.73
CA THR ZA 36 -26.76 -25.22 -44.55
C THR ZA 36 -27.26 -24.57 -45.83
N ASP ZA 37 -26.76 -23.38 -46.14
CA ASP ZA 37 -27.20 -22.65 -47.32
C ASP ZA 37 -26.03 -22.10 -48.11
N PHE ZA 38 -24.98 -22.91 -48.25
CA PHE ZA 38 -23.75 -22.46 -48.91
C PHE ZA 38 -23.85 -22.59 -50.42
N GLN ZA 39 -23.67 -21.47 -51.11
CA GLN ZA 39 -23.78 -21.44 -52.56
C GLN ZA 39 -22.53 -22.00 -53.24
N LYS ZA 40 -22.73 -23.00 -54.09
CA LYS ZA 40 -21.63 -23.62 -54.81
C LYS ZA 40 -21.85 -23.54 -56.32
N ILE ZA 41 -22.98 -22.97 -56.71
CA ILE ZA 41 -23.32 -22.78 -58.11
C ILE ZA 41 -23.54 -21.30 -58.41
N PHE ZA 42 -22.79 -20.78 -59.39
CA PHE ZA 42 -22.82 -19.37 -59.73
C PHE ZA 42 -23.14 -19.17 -61.20
N PRO ZA 43 -24.05 -18.23 -61.49
CA PRO ZA 43 -24.41 -17.90 -62.88
C PRO ZA 43 -23.33 -17.05 -63.54
N MET ZA 44 -22.79 -17.54 -64.64
CA MET ZA 44 -21.82 -16.78 -65.41
C MET ZA 44 -22.48 -16.16 -66.63
N GLY ZA 45 -23.72 -15.70 -66.45
CA GLY ZA 45 -24.51 -15.15 -67.53
C GLY ZA 45 -25.81 -15.89 -67.71
N ASP ZA 46 -26.68 -15.38 -68.57
CA ASP ZA 46 -27.97 -16.02 -68.84
C ASP ZA 46 -27.77 -17.36 -69.52
N ARG ZA 47 -28.37 -18.40 -68.93
CA ARG ZA 47 -28.28 -19.76 -69.46
C ARG ZA 47 -26.84 -20.31 -69.51
N LEU ZA 48 -26.06 -20.02 -68.47
CA LEU ZA 48 -24.71 -20.56 -68.33
C LEU ZA 48 -24.29 -20.54 -66.87
N TYR ZA 49 -24.20 -21.72 -66.26
CA TYR ZA 49 -23.87 -21.82 -64.85
C TYR ZA 49 -22.58 -22.61 -64.62
N ILE ZA 50 -21.88 -22.27 -63.55
CA ILE ZA 50 -20.71 -23.03 -63.12
C ILE ZA 50 -20.89 -23.52 -61.68
N GLY ZA 51 -20.37 -24.71 -61.37
CA GLY ZA 51 -20.52 -25.29 -60.05
C GLY ZA 51 -19.19 -25.79 -59.53
N LEU ZA 52 -18.74 -25.22 -58.43
CA LEU ZA 52 -17.42 -25.54 -57.89
C LEU ZA 52 -17.51 -26.37 -56.61
N ALA ZA 53 -16.84 -27.51 -56.60
CA ALA ZA 53 -16.73 -28.33 -55.41
C ALA ZA 53 -15.28 -28.39 -54.95
N GLY ZA 54 -15.08 -28.51 -53.64
CA GLY ZA 54 -13.75 -28.59 -53.08
C GLY ZA 54 -13.57 -27.64 -51.92
N LEU ZA 55 -12.37 -27.09 -51.79
CA LEU ZA 55 -12.04 -26.18 -50.70
C LEU ZA 55 -12.84 -24.89 -50.87
N ALA ZA 56 -13.70 -24.60 -49.89
CA ALA ZA 56 -14.65 -23.49 -49.96
C ALA ZA 56 -14.04 -22.16 -50.37
N THR ZA 57 -12.89 -21.83 -49.78
CA THR ZA 57 -12.18 -20.59 -50.09
C THR ZA 57 -11.87 -20.50 -51.57
N ASP ZA 58 -11.32 -21.57 -52.12
CA ASP ZA 58 -10.95 -21.58 -53.52
C ASP ZA 58 -12.18 -21.63 -54.43
N VAL ZA 59 -13.27 -22.18 -53.92
CA VAL ZA 59 -14.53 -22.13 -54.63
C VAL ZA 59 -14.94 -20.68 -54.83
N GLN ZA 60 -15.07 -19.95 -53.72
CA GLN ZA 60 -15.44 -18.54 -53.76
C GLN ZA 60 -14.44 -17.69 -54.57
N THR ZA 61 -13.15 -17.93 -54.37
CA THR ZA 61 -12.11 -17.14 -55.02
C THR ZA 61 -12.10 -17.36 -56.54
N VAL ZA 62 -12.09 -18.63 -56.95
CA VAL ZA 62 -12.14 -18.96 -58.38
C VAL ZA 62 -13.41 -18.39 -59.01
N ALA ZA 63 -14.53 -18.53 -58.32
CA ALA ZA 63 -15.78 -17.94 -58.82
C ALA ZA 63 -15.65 -16.43 -59.05
N GLN ZA 64 -15.09 -15.74 -58.05
CA GLN ZA 64 -14.95 -14.28 -58.11
C GLN ZA 64 -14.00 -13.80 -59.21
N ARG ZA 65 -12.83 -14.43 -59.30
CA ARG ZA 65 -11.85 -14.04 -60.32
C ARG ZA 65 -12.38 -14.38 -61.71
N LEU ZA 66 -13.12 -15.48 -61.80
CA LEU ZA 66 -13.73 -15.89 -63.06
C LEU ZA 66 -14.77 -14.87 -63.49
N LYS ZA 67 -15.56 -14.37 -62.53
CA LYS ZA 67 -16.54 -13.34 -62.83
C LYS ZA 67 -15.85 -12.05 -63.27
N PHE ZA 68 -14.69 -11.77 -62.66
CA PHE ZA 68 -13.85 -10.64 -63.03
C PHE ZA 68 -13.49 -10.72 -64.52
N ARG ZA 69 -12.78 -11.79 -64.89
CA ARG ZA 69 -12.35 -11.98 -66.28
C ARG ZA 69 -13.53 -12.05 -67.25
N LEU ZA 70 -14.62 -12.67 -66.81
CA LEU ZA 70 -15.81 -12.81 -67.64
C LEU ZA 70 -16.41 -11.45 -67.96
N ASN ZA 71 -16.75 -10.77 -66.89
CA ASN ZA 71 -17.32 -9.46 -66.91
C ASN ZA 71 -16.49 -8.56 -67.75
N LEU ZA 72 -15.28 -8.96 -68.01
CA LEU ZA 72 -14.35 -8.08 -68.68
C LEU ZA 72 -14.17 -8.53 -70.11
N TYR ZA 73 -14.60 -9.74 -70.40
CA TYR ZA 73 -14.58 -10.25 -71.73
C TYR ZA 73 -15.84 -9.76 -72.39
N GLU ZA 74 -16.95 -9.85 -71.66
CA GLU ZA 74 -18.23 -9.43 -72.21
C GLU ZA 74 -18.31 -7.92 -72.35
N LEU ZA 75 -17.33 -7.20 -71.80
CA LEU ZA 75 -17.23 -5.77 -72.03
C LEU ZA 75 -16.36 -5.46 -73.25
N LYS ZA 76 -15.18 -6.06 -73.32
CA LYS ZA 76 -14.29 -5.87 -74.46
C LYS ZA 76 -14.96 -6.34 -75.75
N GLU ZA 77 -15.63 -7.49 -75.66
CA GLU ZA 77 -16.37 -8.03 -76.79
C GLU ZA 77 -17.85 -7.76 -76.58
N GLY ZA 78 -18.56 -7.43 -77.65
CA GLY ZA 78 -19.95 -7.05 -77.54
C GLY ZA 78 -20.89 -8.24 -77.59
N ARG ZA 79 -20.62 -9.24 -76.74
CA ARG ZA 79 -21.43 -10.45 -76.75
C ARG ZA 79 -21.41 -11.18 -75.42
N GLN ZA 80 -22.35 -12.11 -75.26
CA GLN ZA 80 -22.32 -13.05 -74.15
C GLN ZA 80 -21.30 -14.14 -74.48
N ILE ZA 81 -20.84 -14.85 -73.46
CA ILE ZA 81 -19.78 -15.84 -73.65
C ILE ZA 81 -20.32 -17.21 -74.05
N LYS ZA 82 -19.58 -17.89 -74.93
CA LYS ZA 82 -19.91 -19.25 -75.32
C LYS ZA 82 -19.44 -20.21 -74.24
N PRO ZA 83 -20.11 -21.35 -74.11
CA PRO ZA 83 -19.74 -22.37 -73.12
C PRO ZA 83 -18.29 -22.86 -73.27
N TYR ZA 84 -17.89 -23.22 -74.48
CA TYR ZA 84 -16.52 -23.64 -74.76
C TYR ZA 84 -15.52 -22.58 -74.34
N THR ZA 85 -15.85 -21.33 -74.67
CA THR ZA 85 -15.00 -20.20 -74.33
C THR ZA 85 -14.82 -20.07 -72.82
N LEU ZA 86 -15.92 -20.16 -72.09
CA LEU ZA 86 -15.88 -20.13 -70.63
C LEU ZA 86 -15.02 -21.26 -70.08
N MET ZA 87 -15.15 -22.43 -70.69
CA MET ZA 87 -14.37 -23.59 -70.29
C MET ZA 87 -12.87 -23.33 -70.44
N SER ZA 88 -12.47 -22.82 -71.60
CA SER ZA 88 -11.07 -22.50 -71.84
C SER ZA 88 -10.57 -21.41 -70.90
N MET ZA 89 -11.46 -20.48 -70.58
CA MET ZA 89 -11.14 -19.40 -69.64
C MET ZA 89 -10.82 -19.96 -68.27
N VAL ZA 90 -11.71 -20.82 -67.75
CA VAL ZA 90 -11.49 -21.49 -66.47
C VAL ZA 90 -10.22 -22.32 -66.49
N ALA ZA 91 -10.01 -23.06 -67.57
CA ALA ZA 91 -8.81 -23.88 -67.73
C ALA ZA 91 -7.54 -23.05 -67.60
N ASN ZA 92 -7.52 -21.92 -68.30
CA ASN ZA 92 -6.39 -21.00 -68.24
C ASN ZA 92 -6.18 -20.48 -66.81
N LEU ZA 93 -7.28 -20.01 -66.21
CA LEU ZA 93 -7.25 -19.46 -64.86
C LEU ZA 93 -6.69 -20.46 -63.84
N LEU ZA 94 -7.10 -21.71 -63.95
CA LEU ZA 94 -6.64 -22.75 -63.05
C LEU ZA 94 -5.19 -23.11 -63.32
N TYR ZA 95 -4.82 -23.20 -64.59
CA TYR ZA 95 -3.47 -23.62 -64.95
C TYR ZA 95 -2.42 -22.57 -64.63
N GLU ZA 96 -2.85 -21.32 -64.50
CA GLU ZA 96 -1.93 -20.26 -64.07
C GLU ZA 96 -1.35 -20.57 -62.70
N LYS ZA 97 -2.05 -21.39 -61.94
CA LYS ZA 97 -1.57 -21.82 -60.63
C LYS ZA 97 -1.16 -23.30 -60.65
N ARG ZA 98 -0.54 -23.72 -61.75
CA ARG ZA 98 -0.14 -25.11 -61.94
C ARG ZA 98 0.63 -25.69 -60.76
N PHE ZA 99 1.53 -24.88 -60.19
CA PHE ZA 99 2.37 -25.36 -59.10
C PHE ZA 99 1.95 -24.83 -57.74
N GLY ZA 100 0.78 -24.19 -57.70
CA GLY ZA 100 0.15 -23.80 -56.45
C GLY ZA 100 -1.35 -23.74 -56.63
N PRO ZA 101 -1.97 -24.88 -56.99
CA PRO ZA 101 -3.33 -24.91 -57.52
C PRO ZA 101 -4.42 -24.61 -56.50
N TYR ZA 102 -5.50 -24.00 -56.99
CA TYR ZA 102 -6.72 -23.89 -56.20
C TYR ZA 102 -7.23 -25.31 -56.02
N TYR ZA 103 -7.79 -25.60 -54.84
CA TYR ZA 103 -8.32 -26.93 -54.60
C TYR ZA 103 -9.83 -26.99 -54.85
N THR ZA 104 -10.18 -26.90 -56.13
CA THR ZA 104 -11.57 -26.98 -56.55
C THR ZA 104 -11.66 -27.60 -57.94
N GLU ZA 105 -12.72 -28.37 -58.17
CA GLU ZA 105 -12.93 -29.03 -59.46
C GLU ZA 105 -14.23 -28.55 -60.09
N PRO ZA 106 -14.13 -27.54 -60.96
CA PRO ZA 106 -15.30 -26.86 -61.53
C PRO ZA 106 -16.07 -27.72 -62.52
N VAL ZA 107 -17.37 -27.47 -62.62
CA VAL ZA 107 -18.24 -28.16 -63.54
C VAL ZA 107 -19.14 -27.14 -64.24
N ILE ZA 108 -19.01 -27.05 -65.56
CA ILE ZA 108 -19.77 -26.05 -66.31
C ILE ZA 108 -20.96 -26.68 -67.04
N ALA ZA 109 -22.12 -26.05 -66.88
CA ALA ZA 109 -23.33 -26.51 -67.56
C ALA ZA 109 -24.12 -25.33 -68.11
N GLY ZA 110 -24.43 -25.37 -69.41
CA GLY ZA 110 -25.20 -24.29 -70.01
C GLY ZA 110 -25.71 -24.57 -71.41
N LEU ZA 111 -26.30 -23.56 -72.02
CA LEU ZA 111 -26.79 -23.64 -73.39
C LEU ZA 111 -26.12 -22.57 -74.25
N ASP ZA 112 -25.77 -22.93 -75.47
CA ASP ZA 112 -25.14 -21.99 -76.40
C ASP ZA 112 -26.04 -20.79 -76.64
N PRO ZA 113 -25.58 -19.59 -76.24
CA PRO ZA 113 -26.39 -18.36 -76.29
C PRO ZA 113 -26.87 -18.03 -77.70
N LYS ZA 114 -26.11 -18.46 -78.70
CA LYS ZA 114 -26.51 -18.25 -80.09
C LYS ZA 114 -27.47 -19.35 -80.54
N THR ZA 115 -27.02 -20.59 -80.42
CA THR ZA 115 -27.86 -21.73 -80.74
C THR ZA 115 -28.79 -22.00 -79.55
N PHE ZA 116 -28.54 -23.10 -78.86
CA PHE ZA 116 -29.31 -23.55 -77.70
C PHE ZA 116 -28.72 -24.90 -77.32
N LYS ZA 117 -27.74 -25.32 -78.11
CA LYS ZA 117 -27.09 -26.62 -77.96
C LYS ZA 117 -26.55 -26.79 -76.54
N PRO ZA 118 -27.02 -27.82 -75.83
CA PRO ZA 118 -26.62 -28.09 -74.45
C PRO ZA 118 -25.12 -28.37 -74.33
N PHE ZA 119 -24.56 -28.08 -73.15
CA PHE ZA 119 -23.13 -28.19 -72.93
C PHE ZA 119 -22.81 -28.51 -71.49
N ILE ZA 120 -22.03 -29.58 -71.28
CA ILE ZA 120 -21.50 -29.90 -69.96
C ILE ZA 120 -20.03 -30.34 -70.01
N CYS ZA 121 -19.23 -29.73 -69.14
CA CYS ZA 121 -17.83 -30.10 -68.99
C CYS ZA 121 -17.39 -30.06 -67.53
N SER ZA 122 -16.22 -30.63 -67.26
CA SER ZA 122 -15.62 -30.55 -65.94
C SER ZA 122 -14.13 -30.28 -66.11
N LEU ZA 123 -13.46 -29.88 -65.03
CA LEU ZA 123 -12.03 -29.58 -65.10
C LEU ZA 123 -11.23 -30.07 -63.89
N ASP ZA 124 -9.92 -30.25 -64.10
CA ASP ZA 124 -8.97 -30.53 -63.03
C ASP ZA 124 -8.89 -29.37 -62.05
N LEU ZA 125 -8.07 -29.52 -61.03
CA LEU ZA 125 -7.70 -28.38 -60.19
C LEU ZA 125 -6.66 -27.54 -60.91
N ILE ZA 126 -5.98 -28.14 -61.88
CA ILE ZA 126 -5.01 -27.43 -62.71
C ILE ZA 126 -5.58 -27.08 -64.09
N GLY ZA 127 -6.88 -27.31 -64.26
CA GLY ZA 127 -7.59 -26.82 -65.44
C GLY ZA 127 -7.54 -27.67 -66.69
N CYS ZA 128 -7.63 -28.99 -66.54
CA CYS ZA 128 -7.75 -29.86 -67.70
C CYS ZA 128 -9.23 -30.09 -68.03
N PRO ZA 129 -9.67 -29.64 -69.21
CA PRO ZA 129 -11.08 -29.72 -69.61
C PRO ZA 129 -11.51 -31.11 -70.04
N MET ZA 130 -12.78 -31.42 -69.80
CA MET ZA 130 -13.37 -32.69 -70.20
C MET ZA 130 -14.85 -32.48 -70.52
N VAL ZA 131 -15.20 -32.58 -71.79
CA VAL ZA 131 -16.57 -32.37 -72.23
C VAL ZA 131 -17.30 -33.69 -72.41
N THR ZA 132 -18.53 -33.77 -71.92
CA THR ZA 132 -19.30 -35.00 -72.11
C THR ZA 132 -20.70 -34.75 -72.67
N ASP ZA 133 -21.36 -35.82 -73.10
CA ASP ZA 133 -22.69 -35.71 -73.66
C ASP ZA 133 -23.77 -36.22 -72.70
N ASP ZA 134 -23.33 -36.76 -71.56
CA ASP ZA 134 -24.27 -37.32 -70.59
C ASP ZA 134 -24.25 -36.61 -69.25
N PHE ZA 135 -23.18 -36.82 -68.49
CA PHE ZA 135 -23.07 -36.22 -67.16
C PHE ZA 135 -21.62 -35.94 -66.79
N VAL ZA 136 -21.44 -35.04 -65.82
CA VAL ZA 136 -20.13 -34.81 -65.23
C VAL ZA 136 -20.29 -34.64 -63.71
N VAL ZA 137 -19.34 -35.19 -62.96
CA VAL ZA 137 -19.40 -35.08 -61.50
C VAL ZA 137 -18.08 -34.61 -60.91
N SER ZA 138 -18.15 -33.96 -59.76
CA SER ZA 138 -16.97 -33.55 -59.02
C SER ZA 138 -17.32 -33.36 -57.56
N GLY ZA 139 -16.52 -33.96 -56.68
CA GLY ZA 139 -16.76 -33.85 -55.25
C GLY ZA 139 -16.20 -35.02 -54.47
N THR ZA 140 -16.46 -35.02 -53.17
CA THR ZA 140 -15.95 -36.05 -52.27
C THR ZA 140 -16.67 -37.38 -52.49
N CYS ZA 141 -17.86 -37.32 -53.07
CA CYS ZA 141 -18.65 -38.52 -53.34
C CYS ZA 141 -18.79 -38.78 -54.83
N ALA ZA 142 -17.69 -38.57 -55.56
CA ALA ZA 142 -17.69 -38.74 -57.02
C ALA ZA 142 -18.03 -40.15 -57.46
N GLU ZA 143 -17.59 -41.14 -56.68
CA GLU ZA 143 -17.82 -42.54 -57.04
C GLU ZA 143 -19.30 -42.90 -56.93
N GLN ZA 144 -19.96 -42.39 -55.88
CA GLN ZA 144 -21.39 -42.60 -55.70
C GLN ZA 144 -22.18 -41.93 -56.84
N MET ZA 145 -21.81 -40.70 -57.16
CA MET ZA 145 -22.45 -39.96 -58.25
C MET ZA 145 -22.28 -40.68 -59.59
N TYR ZA 146 -21.09 -41.20 -59.83
CA TYR ZA 146 -20.84 -42.00 -61.02
C TYR ZA 146 -21.74 -43.22 -61.01
N GLY ZA 147 -21.87 -43.85 -59.85
CA GLY ZA 147 -22.72 -45.01 -59.70
C GLY ZA 147 -24.17 -44.75 -60.08
N MET ZA 148 -24.70 -43.62 -59.62
CA MET ZA 148 -26.08 -43.25 -59.92
C MET ZA 148 -26.26 -42.85 -61.39
N CYS ZA 149 -25.37 -41.98 -61.87
CA CYS ZA 149 -25.45 -41.45 -63.23
C CYS ZA 149 -25.32 -42.53 -64.29
N GLU ZA 150 -24.44 -43.51 -64.06
CA GLU ZA 150 -24.25 -44.59 -65.02
C GLU ZA 150 -25.45 -45.51 -65.16
N SER ZA 151 -26.41 -45.38 -64.24
CA SER ZA 151 -27.56 -46.28 -64.21
C SER ZA 151 -28.89 -45.56 -64.39
N LEU ZA 152 -28.90 -44.24 -64.22
CA LEU ZA 152 -30.14 -43.48 -64.33
C LEU ZA 152 -30.27 -42.66 -65.61
N TRP ZA 153 -29.14 -42.20 -66.14
CA TRP ZA 153 -29.16 -41.28 -67.27
C TRP ZA 153 -29.62 -41.90 -68.59
N GLU ZA 154 -30.56 -41.22 -69.23
CA GLU ZA 154 -31.02 -41.60 -70.56
C GLU ZA 154 -30.68 -40.44 -71.50
N PRO ZA 155 -30.57 -40.70 -72.81
CA PRO ZA 155 -30.22 -39.67 -73.79
C PRO ZA 155 -31.15 -38.45 -73.82
N ASN ZA 156 -32.18 -38.51 -74.64
CA ASN ZA 156 -33.04 -37.34 -74.87
C ASN ZA 156 -34.11 -37.15 -73.80
N MET ZA 157 -33.73 -36.57 -72.67
CA MET ZA 157 -34.66 -36.34 -71.58
C MET ZA 157 -35.34 -34.98 -71.68
N ASP ZA 158 -36.63 -34.94 -71.39
CA ASP ZA 158 -37.35 -33.68 -71.32
C ASP ZA 158 -37.02 -33.00 -69.99
N PRO ZA 159 -37.25 -31.67 -69.90
CA PRO ZA 159 -36.95 -30.90 -68.68
C PRO ZA 159 -37.56 -31.45 -67.38
N ASP ZA 160 -38.45 -32.43 -67.46
CA ASP ZA 160 -39.03 -33.02 -66.25
C ASP ZA 160 -38.33 -34.32 -65.85
N HIS ZA 161 -37.97 -35.13 -66.83
CA HIS ZA 161 -37.24 -36.36 -66.57
C HIS ZA 161 -35.81 -36.08 -66.15
N LEU ZA 162 -35.23 -35.04 -66.73
CA LEU ZA 162 -33.87 -34.62 -66.39
C LEU ZA 162 -33.81 -34.22 -64.91
N PHE ZA 163 -34.81 -33.46 -64.48
CA PHE ZA 163 -34.89 -33.03 -63.09
C PHE ZA 163 -34.93 -34.23 -62.15
N GLU ZA 164 -35.84 -35.15 -62.41
CA GLU ZA 164 -35.99 -36.34 -61.57
C GLU ZA 164 -34.70 -37.16 -61.53
N THR ZA 165 -34.06 -37.30 -62.69
CA THR ZA 165 -32.82 -38.08 -62.80
C THR ZA 165 -31.68 -37.47 -61.99
N ILE ZA 166 -31.36 -36.20 -62.26
CA ILE ZA 166 -30.27 -35.54 -61.57
C ILE ZA 166 -30.57 -35.41 -60.07
N SER ZA 167 -31.84 -35.26 -59.73
CA SER ZA 167 -32.24 -35.16 -58.33
C SER ZA 167 -32.02 -36.47 -57.59
N GLN ZA 168 -32.45 -37.57 -58.20
CA GLN ZA 168 -32.27 -38.87 -57.58
C GLN ZA 168 -30.80 -39.24 -57.47
N ALA ZA 169 -30.05 -38.92 -58.53
CA ALA ZA 169 -28.60 -39.14 -58.53
C ALA ZA 169 -27.94 -38.40 -57.37
N MET ZA 170 -28.14 -37.09 -57.32
CA MET ZA 170 -27.58 -36.27 -56.25
C MET ZA 170 -27.98 -36.74 -54.86
N LEU ZA 171 -29.29 -36.90 -54.64
CA LEU ZA 171 -29.80 -37.31 -53.34
C LEU ZA 171 -29.20 -38.64 -52.86
N ASN ZA 172 -29.26 -39.66 -53.71
CA ASN ZA 172 -28.81 -40.99 -53.30
C ASN ZA 172 -27.31 -41.17 -53.25
N ALA ZA 173 -26.58 -40.39 -54.04
CA ALA ZA 173 -25.12 -40.38 -53.93
C ALA ZA 173 -24.70 -39.69 -52.64
N VAL ZA 174 -25.22 -38.48 -52.45
CA VAL ZA 174 -24.92 -37.66 -51.28
C VAL ZA 174 -25.28 -38.35 -49.96
N ASP ZA 175 -26.35 -39.14 -49.97
CA ASP ZA 175 -26.80 -39.82 -48.74
C ASP ZA 175 -25.88 -40.97 -48.30
N ARG ZA 176 -24.89 -41.31 -49.13
CA ARG ZA 176 -23.88 -42.30 -48.76
C ARG ZA 176 -22.53 -41.64 -48.45
N ASP ZA 177 -22.55 -40.32 -48.31
CA ASP ZA 177 -21.35 -39.57 -47.97
C ASP ZA 177 -21.61 -38.70 -46.75
N ALA ZA 178 -20.67 -38.71 -45.82
CA ALA ZA 178 -20.87 -38.04 -44.54
C ALA ZA 178 -20.64 -36.53 -44.61
N VAL ZA 179 -19.81 -36.09 -45.54
CA VAL ZA 179 -19.44 -34.68 -45.62
C VAL ZA 179 -20.12 -33.96 -46.78
N SER ZA 180 -21.06 -34.63 -47.43
CA SER ZA 180 -21.87 -34.03 -48.48
C SER ZA 180 -23.34 -34.16 -48.14
N GLY ZA 181 -24.10 -33.10 -48.35
CA GLY ZA 181 -25.52 -33.12 -48.07
C GLY ZA 181 -26.06 -31.89 -47.39
N MET ZA 182 -26.88 -32.10 -46.37
CA MET ZA 182 -27.61 -31.03 -45.69
C MET ZA 182 -28.44 -30.21 -46.68
N GLY ZA 183 -29.03 -30.89 -47.65
CA GLY ZA 183 -29.84 -30.23 -48.66
C GLY ZA 183 -29.21 -30.29 -50.03
N VAL ZA 184 -30.05 -30.35 -51.06
CA VAL ZA 184 -29.59 -30.34 -52.44
C VAL ZA 184 -30.32 -29.29 -53.25
N ILE ZA 185 -29.58 -28.54 -54.06
CA ILE ZA 185 -30.19 -27.56 -54.94
C ILE ZA 185 -29.98 -27.94 -56.41
N VAL ZA 186 -31.02 -27.77 -57.21
CA VAL ZA 186 -30.99 -28.11 -58.63
C VAL ZA 186 -31.44 -26.93 -59.48
N HIS ZA 187 -30.63 -26.61 -60.49
CA HIS ZA 187 -31.00 -25.64 -61.50
C HIS ZA 187 -31.21 -26.39 -62.80
N ILE ZA 188 -32.44 -26.36 -63.30
CA ILE ZA 188 -32.74 -26.89 -64.61
C ILE ZA 188 -32.99 -25.73 -65.57
N ILE ZA 189 -32.09 -25.58 -66.53
CA ILE ZA 189 -32.10 -24.42 -67.42
C ILE ZA 189 -32.46 -24.81 -68.85
N GLU ZA 190 -33.36 -24.04 -69.45
CA GLU ZA 190 -33.78 -24.24 -70.83
C GLU ZA 190 -33.83 -22.90 -71.55
N LYS ZA 191 -34.10 -22.92 -72.84
CA LYS ZA 191 -34.06 -21.72 -73.67
C LYS ZA 191 -34.99 -20.62 -73.15
N ASP ZA 192 -36.18 -21.01 -72.73
CA ASP ZA 192 -37.19 -20.04 -72.30
C ASP ZA 192 -37.02 -19.58 -70.86
N LYS ZA 193 -36.72 -20.53 -69.97
CA LYS ZA 193 -36.71 -20.23 -68.55
C LYS ZA 193 -35.61 -20.96 -67.77
N ILE ZA 194 -35.46 -20.57 -66.51
CA ILE ZA 194 -34.58 -21.28 -65.58
C ILE ZA 194 -35.38 -21.62 -64.33
N THR ZA 195 -35.36 -22.90 -63.96
CA THR ZA 195 -36.11 -23.37 -62.80
C THR ZA 195 -35.18 -23.83 -61.69
N THR ZA 196 -35.28 -23.17 -60.55
CA THR ZA 196 -34.43 -23.48 -59.41
C THR ZA 196 -35.25 -24.12 -58.29
N ARG ZA 197 -34.86 -25.32 -57.87
CA ARG ZA 197 -35.56 -26.00 -56.79
C ARG ZA 197 -34.59 -26.52 -55.73
N THR ZA 198 -35.01 -26.48 -54.47
CA THR ZA 198 -34.27 -27.18 -53.42
C THR ZA 198 -35.04 -28.42 -52.99
N LEU ZA 199 -34.36 -29.56 -53.03
CA LEU ZA 199 -35.02 -30.85 -52.79
C LEU ZA 199 -35.23 -31.11 -51.30
N LYS ZA 200 -36.15 -32.02 -51.01
CA LYS ZA 200 -36.34 -32.52 -49.67
C LYS ZA 200 -35.27 -33.58 -49.45
N ALA ZA 201 -34.37 -33.33 -48.51
CA ALA ZA 201 -33.24 -34.21 -48.30
C ALA ZA 201 -32.96 -34.47 -46.83
N ARG ZA 202 -32.13 -35.47 -46.55
CA ARG ZA 202 -31.71 -35.76 -45.19
C ARG ZA 202 -30.81 -34.64 -44.68
N MET ZA 203 -30.88 -34.37 -43.38
CA MET ZA 203 -30.08 -33.30 -42.77
C MET ZA 203 -29.20 -33.84 -41.66
N ASP ZA 204 -28.59 -35.00 -41.89
CA ASP ZA 204 -27.74 -35.62 -40.88
C ASP ZA 204 -26.33 -35.91 -41.40
N MET AB 1 -8.06 -20.92 -24.48
CA MET AB 1 -8.46 -20.83 -25.87
C MET AB 1 -9.77 -20.04 -26.02
N GLU AB 2 -9.86 -19.28 -27.10
CA GLU AB 2 -10.86 -18.21 -27.21
C GLU AB 2 -12.23 -18.64 -27.73
N TYR AB 3 -13.26 -17.88 -27.36
CA TYR AB 3 -14.63 -18.20 -27.73
C TYR AB 3 -15.41 -16.98 -28.24
N LEU AB 4 -16.00 -17.14 -29.44
CA LEU AB 4 -16.83 -16.09 -30.02
C LEU AB 4 -18.25 -16.61 -30.26
N ILE AB 5 -19.23 -15.72 -30.21
CA ILE AB 5 -20.61 -16.12 -30.49
C ILE AB 5 -21.45 -14.96 -31.05
N GLY AB 6 -22.22 -15.27 -32.09
CA GLY AB 6 -23.10 -14.29 -32.71
C GLY AB 6 -24.49 -14.84 -32.94
N ILE AB 7 -25.50 -14.03 -32.63
CA ILE AB 7 -26.89 -14.39 -32.82
C ILE AB 7 -27.63 -13.25 -33.51
N GLN AB 8 -28.10 -13.48 -34.72
CA GLN AB 8 -28.81 -12.45 -35.47
C GLN AB 8 -30.32 -12.49 -35.22
N GLY AB 9 -30.89 -11.34 -34.89
CA GLY AB 9 -32.32 -11.22 -34.73
C GLY AB 9 -32.95 -10.59 -35.97
N PRO AB 10 -34.24 -10.27 -35.90
CA PRO AB 10 -34.94 -9.64 -37.04
C PRO AB 10 -34.44 -8.24 -37.35
N ASP AB 11 -34.02 -7.49 -36.33
CA ASP AB 11 -33.57 -6.10 -36.53
C ASP AB 11 -32.32 -5.75 -35.73
N TYR AB 12 -31.61 -6.78 -35.26
CA TYR AB 12 -30.44 -6.57 -34.42
C TYR AB 12 -29.45 -7.72 -34.55
N VAL AB 13 -28.21 -7.50 -34.12
CA VAL AB 13 -27.23 -8.56 -34.03
C VAL AB 13 -26.60 -8.55 -32.64
N LEU AB 14 -26.70 -9.67 -31.94
CA LEU AB 14 -26.12 -9.79 -30.60
C LEU AB 14 -24.81 -10.56 -30.67
N VAL AB 15 -23.74 -9.97 -30.16
CA VAL AB 15 -22.44 -10.62 -30.17
C VAL AB 15 -21.80 -10.69 -28.79
N ALA AB 16 -21.04 -11.75 -28.55
CA ALA AB 16 -20.37 -11.93 -27.28
C ALA AB 16 -19.06 -12.70 -27.42
N SER AB 17 -18.10 -12.38 -26.55
CA SER AB 17 -16.79 -13.02 -26.57
C SER AB 17 -16.28 -13.21 -25.14
N ASP AB 18 -15.29 -14.07 -24.96
CA ASP AB 18 -14.70 -14.25 -23.64
C ASP AB 18 -13.72 -13.12 -23.34
N ARG AB 19 -13.39 -12.92 -22.07
CA ARG AB 19 -12.54 -11.80 -21.67
C ARG AB 19 -11.16 -12.27 -21.23
N VAL AB 20 -10.82 -13.51 -21.56
CA VAL AB 20 -9.56 -14.08 -21.09
C VAL AB 20 -8.44 -13.95 -22.11
N ALA AB 21 -7.32 -13.38 -21.67
CA ALA AB 21 -6.08 -13.46 -22.42
C ALA AB 21 -5.14 -14.34 -21.63
N ALA AB 22 -4.87 -15.53 -22.17
CA ALA AB 22 -4.09 -16.53 -21.47
C ALA AB 22 -2.85 -16.96 -22.24
N SER AB 23 -1.80 -17.30 -21.50
CA SER AB 23 -0.59 -17.85 -22.07
C SER AB 23 -0.09 -18.97 -21.15
N ASN AB 24 0.36 -20.06 -21.76
CA ASN AB 24 0.78 -21.24 -21.01
C ASN AB 24 -0.34 -21.80 -20.15
N ILE AB 25 -0.19 -21.72 -18.83
CA ILE AB 25 -1.21 -22.26 -17.92
C ILE AB 25 -1.85 -21.16 -17.09
N VAL AB 26 -1.46 -19.92 -17.35
CA VAL AB 26 -1.98 -18.81 -16.56
C VAL AB 26 -2.85 -17.85 -17.38
N GLN AB 27 -3.86 -17.30 -16.72
CA GLN AB 27 -4.61 -16.19 -17.28
C GLN AB 27 -3.78 -14.92 -17.06
N MET AB 28 -3.48 -14.21 -18.13
CA MET AB 28 -2.68 -13.00 -18.01
C MET AB 28 -3.54 -11.75 -18.07
N LYS AB 29 -4.80 -11.90 -18.46
CA LYS AB 29 -5.72 -10.78 -18.50
C LYS AB 29 -7.17 -11.25 -18.37
N ASP AB 30 -7.92 -10.59 -17.50
CA ASP AB 30 -9.32 -10.96 -17.25
C ASP AB 30 -10.31 -9.98 -17.86
N ASP AB 31 -9.80 -8.98 -18.56
CA ASP AB 31 -10.65 -7.98 -19.20
C ASP AB 31 -10.26 -7.75 -20.66
N HIS AB 32 -9.78 -8.81 -21.32
CA HIS AB 32 -9.39 -8.73 -22.73
C HIS AB 32 -10.61 -8.54 -23.60
N ASP AB 33 -10.49 -7.69 -24.61
CA ASP AB 33 -11.60 -7.42 -25.52
C ASP AB 33 -11.29 -7.94 -26.91
N LYS AB 34 -12.17 -8.79 -27.44
CA LYS AB 34 -11.95 -9.40 -28.74
C LYS AB 34 -12.70 -8.72 -29.88
N MET AB 35 -13.31 -7.58 -29.60
CA MET AB 35 -14.13 -6.90 -30.60
C MET AB 35 -13.46 -5.64 -31.15
N PHE AB 36 -13.72 -5.36 -32.43
CA PHE AB 36 -13.12 -4.20 -33.10
C PHE AB 36 -14.17 -3.38 -33.83
N LYS AB 37 -14.35 -2.13 -33.40
CA LYS AB 37 -15.28 -1.22 -34.06
C LYS AB 37 -14.67 -0.79 -35.39
N MET AB 38 -15.38 -1.05 -36.47
CA MET AB 38 -14.87 -0.72 -37.81
C MET AB 38 -15.73 0.37 -38.45
N SER AB 39 -17.03 0.27 -38.25
CA SER AB 39 -17.95 1.33 -38.63
C SER AB 39 -18.79 1.69 -37.42
N GLU AB 40 -19.71 2.63 -37.57
CA GLU AB 40 -20.60 2.97 -36.48
C GLU AB 40 -21.61 1.84 -36.26
N LYS AB 41 -21.72 0.96 -37.25
CA LYS AB 41 -22.67 -0.15 -37.18
C LYS AB 41 -22.02 -1.49 -37.57
N ILE AB 42 -20.71 -1.59 -37.46
CA ILE AB 42 -20.01 -2.84 -37.78
C ILE AB 42 -18.99 -3.24 -36.71
N LEU AB 43 -19.12 -4.46 -36.20
CA LEU AB 43 -18.16 -5.02 -35.25
C LEU AB 43 -17.43 -6.22 -35.83
N LEU AB 44 -16.13 -6.30 -35.57
CA LEU AB 44 -15.32 -7.42 -36.02
C LEU AB 44 -14.75 -8.21 -34.85
N LEU AB 45 -15.23 -9.44 -34.70
CA LEU AB 45 -14.80 -10.33 -33.63
C LEU AB 45 -13.69 -11.23 -34.16
N CYS AB 46 -12.44 -10.95 -33.79
CA CYS AB 46 -11.33 -11.74 -34.29
C CYS AB 46 -10.67 -12.57 -33.21
N VAL AB 47 -10.20 -13.76 -33.57
CA VAL AB 47 -9.66 -14.71 -32.60
C VAL AB 47 -8.63 -15.64 -33.25
N GLY AB 48 -7.62 -16.06 -32.50
CA GLY AB 48 -6.67 -17.02 -33.01
C GLY AB 48 -5.23 -16.83 -32.59
N GLU AB 49 -4.33 -16.84 -33.58
CA GLU AB 49 -2.89 -16.77 -33.37
C GLU AB 49 -2.48 -15.50 -32.59
N ALA AB 50 -1.26 -15.54 -32.03
CA ALA AB 50 -0.76 -14.48 -31.16
C ALA AB 50 -0.88 -13.07 -31.74
N GLY AB 51 0.02 -12.72 -32.65
CA GLY AB 51 0.05 -11.37 -33.19
C GLY AB 51 -0.84 -11.21 -34.42
N ASP AB 52 -1.09 -12.33 -35.09
CA ASP AB 52 -1.90 -12.34 -36.31
C ASP AB 52 -3.26 -11.68 -36.09
N THR AB 53 -3.89 -12.00 -34.98
CA THR AB 53 -5.22 -11.45 -34.66
C THR AB 53 -5.23 -9.93 -34.69
N VAL AB 54 -4.51 -9.32 -33.74
CA VAL AB 54 -4.50 -7.88 -33.62
C VAL AB 54 -3.98 -7.20 -34.88
N GLN AB 55 -2.90 -7.74 -35.46
CA GLN AB 55 -2.35 -7.16 -36.69
C GLN AB 55 -3.39 -7.10 -37.81
N PHE AB 56 -3.94 -8.26 -38.17
CA PHE AB 56 -4.93 -8.35 -39.23
C PHE AB 56 -6.15 -7.48 -38.95
N ALA AB 57 -6.73 -7.66 -37.76
CA ALA AB 57 -7.92 -6.92 -37.35
C ALA AB 57 -7.72 -5.42 -37.45
N GLU AB 58 -6.62 -4.92 -36.91
CA GLU AB 58 -6.35 -3.49 -36.96
C GLU AB 58 -6.10 -3.00 -38.39
N TYR AB 59 -5.46 -3.83 -39.20
CA TYR AB 59 -5.25 -3.50 -40.61
C TYR AB 59 -6.60 -3.27 -41.30
N ILE AB 60 -7.47 -4.26 -41.20
CA ILE AB 60 -8.81 -4.18 -41.77
C ILE AB 60 -9.54 -2.94 -41.25
N GLN AB 61 -9.51 -2.76 -39.94
CA GLN AB 61 -10.17 -1.64 -39.28
C GLN AB 61 -9.75 -0.28 -39.86
N LYS AB 62 -8.44 -0.04 -39.87
CA LYS AB 62 -7.92 1.22 -40.38
C LYS AB 62 -8.21 1.39 -41.87
N ASN AB 63 -8.27 0.29 -42.61
CA ASN AB 63 -8.65 0.38 -44.02
C ASN AB 63 -10.11 0.77 -44.22
N VAL AB 64 -10.98 0.24 -43.38
CA VAL AB 64 -12.39 0.59 -43.41
C VAL AB 64 -12.56 2.07 -43.08
N GLN AB 65 -11.89 2.51 -42.02
CA GLN AB 65 -11.91 3.93 -41.64
C GLN AB 65 -11.37 4.81 -42.75
N LEU AB 66 -10.35 4.33 -43.44
CA LEU AB 66 -9.79 5.03 -44.58
C LEU AB 66 -10.84 5.16 -45.68
N TYR AB 67 -11.61 4.09 -45.91
CA TYR AB 67 -12.69 4.14 -46.88
C TYR AB 67 -13.69 5.24 -46.50
N LYS AB 68 -14.08 5.23 -45.23
CA LYS AB 68 -15.00 6.23 -44.70
C LYS AB 68 -14.51 7.66 -44.93
N MET AB 69 -13.24 7.91 -44.65
CA MET AB 69 -12.68 9.25 -44.83
C MET AB 69 -12.59 9.64 -46.30
N ARG AB 70 -12.23 8.68 -47.15
CA ARG AB 70 -12.05 8.94 -48.57
C ARG AB 70 -13.38 9.20 -49.29
N ASN AB 71 -14.44 8.57 -48.80
CA ASN AB 71 -15.71 8.58 -49.54
C ASN AB 71 -16.88 9.25 -48.84
N GLY AB 72 -16.75 9.53 -47.55
CA GLY AB 72 -17.79 10.22 -46.81
C GLY AB 72 -18.92 9.33 -46.33
N TYR AB 73 -18.90 8.07 -46.75
CA TYR AB 73 -19.86 7.09 -46.24
C TYR AB 73 -19.14 5.79 -45.88
N GLU AB 74 -19.75 5.00 -45.01
CA GLU AB 74 -19.13 3.77 -44.52
C GLU AB 74 -19.45 2.58 -45.41
N LEU AB 75 -18.59 1.57 -45.34
CA LEU AB 75 -18.83 0.32 -46.05
C LEU AB 75 -20.02 -0.40 -45.42
N SER AB 76 -20.80 -1.09 -46.26
CA SER AB 76 -21.87 -1.94 -45.75
C SER AB 76 -21.22 -3.15 -45.08
N PRO AB 77 -21.93 -3.78 -44.13
CA PRO AB 77 -21.43 -4.99 -43.48
C PRO AB 77 -21.00 -6.07 -44.47
N THR AB 78 -21.72 -6.17 -45.58
CA THR AB 78 -21.39 -7.15 -46.61
C THR AB 78 -20.09 -6.79 -47.33
N ALA AB 79 -19.98 -5.54 -47.77
CA ALA AB 79 -18.78 -5.05 -48.42
C ALA AB 79 -17.58 -5.19 -47.50
N ALA AB 80 -17.77 -4.88 -46.22
CA ALA AB 80 -16.73 -5.06 -45.22
C ALA AB 80 -16.30 -6.52 -45.16
N ALA AB 81 -17.27 -7.40 -44.96
CA ALA AB 81 -17.01 -8.83 -44.86
C ALA AB 81 -16.22 -9.38 -46.06
N ASN AB 82 -16.60 -8.98 -47.26
CA ASN AB 82 -15.90 -9.43 -48.46
C ASN AB 82 -14.54 -8.77 -48.61
N PHE AB 83 -14.38 -7.58 -48.04
CA PHE AB 83 -13.08 -6.92 -48.01
C PHE AB 83 -12.11 -7.72 -47.14
N THR AB 84 -12.53 -8.02 -45.91
CA THR AB 84 -11.69 -8.78 -44.99
C THR AB 84 -11.41 -10.17 -45.57
N ARG AB 85 -12.42 -10.77 -46.18
CA ARG AB 85 -12.26 -12.10 -46.76
C ARG AB 85 -11.27 -12.07 -47.91
N ARG AB 86 -11.31 -11.00 -48.69
CA ARG AB 86 -10.36 -10.82 -49.79
C ARG AB 86 -8.94 -10.71 -49.26
N ASN AB 87 -8.74 -9.84 -48.27
CA ASN AB 87 -7.43 -9.69 -47.66
C ASN AB 87 -6.89 -10.99 -47.09
N LEU AB 88 -7.72 -11.68 -46.30
CA LEU AB 88 -7.30 -12.93 -45.67
C LEU AB 88 -7.01 -14.02 -46.69
N ALA AB 89 -7.80 -14.06 -47.76
CA ALA AB 89 -7.62 -15.08 -48.79
C ALA AB 89 -6.36 -14.81 -49.62
N ASP AB 90 -6.03 -13.54 -49.80
CA ASP AB 90 -4.85 -13.17 -50.57
C ASP AB 90 -3.56 -13.56 -49.88
N CYS AB 91 -3.55 -13.53 -48.55
CA CYS AB 91 -2.35 -13.84 -47.79
C CYS AB 91 -2.24 -15.33 -47.49
N LEU AB 92 -3.25 -16.08 -47.89
CA LEU AB 92 -3.33 -17.50 -47.58
C LEU AB 92 -2.18 -18.30 -48.18
N ARG AB 93 -1.84 -18.01 -49.43
CA ARG AB 93 -0.77 -18.72 -50.13
C ARG AB 93 0.48 -17.86 -50.23
N SER AB 94 0.59 -16.86 -49.36
CA SER AB 94 1.73 -15.96 -49.36
C SER AB 94 2.76 -16.38 -48.33
N ARG AB 95 3.74 -15.52 -48.08
CA ARG AB 95 4.77 -15.78 -47.10
C ARG AB 95 4.26 -15.51 -45.69
N THR AB 96 3.32 -14.59 -45.58
CA THR AB 96 2.79 -14.18 -44.28
C THR AB 96 1.27 -14.37 -44.18
N PRO AB 97 0.84 -15.62 -43.92
CA PRO AB 97 -0.59 -15.91 -43.74
C PRO AB 97 -1.05 -15.62 -42.31
N TYR AB 98 -2.26 -15.07 -42.18
CA TYR AB 98 -2.82 -14.75 -40.87
C TYR AB 98 -3.76 -15.85 -40.38
N HIS AB 99 -3.36 -16.57 -39.34
CA HIS AB 99 -4.19 -17.61 -38.76
C HIS AB 99 -5.25 -17.01 -37.85
N VAL AB 100 -6.35 -16.55 -38.45
CA VAL AB 100 -7.41 -15.91 -37.70
C VAL AB 100 -8.80 -16.42 -38.09
N ASN AB 101 -9.59 -16.77 -37.07
CA ASN AB 101 -11.00 -17.07 -37.25
C ASN AB 101 -11.81 -15.86 -36.80
N LEU AB 102 -12.88 -15.53 -37.54
CA LEU AB 102 -13.59 -14.31 -37.21
C LEU AB 102 -15.11 -14.31 -37.46
N LEU AB 103 -15.79 -13.42 -36.76
CA LEU AB 103 -17.20 -13.13 -36.98
C LEU AB 103 -17.34 -11.66 -37.34
N LEU AB 104 -18.27 -11.33 -38.22
CA LEU AB 104 -18.53 -9.93 -38.52
C LEU AB 104 -20.01 -9.59 -38.32
N ALA AB 105 -20.28 -8.70 -37.38
CA ALA AB 105 -21.66 -8.28 -37.11
C ALA AB 105 -21.89 -6.91 -37.70
N GLY AB 106 -23.10 -6.67 -38.22
CA GLY AB 106 -23.40 -5.39 -38.81
C GLY AB 106 -24.86 -5.08 -39.00
N TYR AB 107 -25.17 -3.80 -39.19
CA TYR AB 107 -26.51 -3.37 -39.52
C TYR AB 107 -26.46 -2.42 -40.71
N ASP AB 108 -27.23 -2.74 -41.76
CA ASP AB 108 -27.31 -1.89 -42.93
C ASP AB 108 -28.64 -1.14 -42.93
N GLU AB 109 -28.64 0.07 -43.47
CA GLU AB 109 -29.85 0.86 -43.55
C GLU AB 109 -30.81 0.26 -44.56
N HIS AB 110 -30.30 -0.62 -45.42
CA HIS AB 110 -31.10 -1.25 -46.46
C HIS AB 110 -31.37 -2.73 -46.18
N GLU AB 111 -30.31 -3.47 -45.87
CA GLU AB 111 -30.40 -4.92 -45.74
C GLU AB 111 -30.66 -5.39 -44.32
N GLY AB 112 -30.56 -4.49 -43.35
CA GLY AB 112 -30.81 -4.83 -41.97
C GLY AB 112 -29.65 -5.53 -41.29
N PRO AB 113 -29.95 -6.34 -40.26
CA PRO AB 113 -28.94 -7.06 -39.48
C PRO AB 113 -28.25 -8.16 -40.27
N ALA AB 114 -26.96 -8.37 -40.00
CA ALA AB 114 -26.18 -9.37 -40.71
C ALA AB 114 -25.03 -9.91 -39.85
N LEU AB 115 -24.85 -11.23 -39.94
CA LEU AB 115 -23.77 -11.91 -39.23
C LEU AB 115 -22.98 -12.76 -40.20
N TYR AB 116 -21.66 -12.67 -40.13
CA TYR AB 116 -20.79 -13.42 -41.03
C TYR AB 116 -19.76 -14.26 -40.29
N TYR AB 117 -19.43 -15.41 -40.88
CA TYR AB 117 -18.51 -16.37 -40.29
C TYR AB 117 -17.33 -16.57 -41.23
N MET AB 118 -16.14 -16.56 -40.68
CA MET AB 118 -14.92 -16.73 -41.46
C MET AB 118 -13.90 -17.68 -40.85
N ASP AB 119 -13.61 -18.72 -41.63
CA ASP AB 119 -12.57 -19.70 -41.38
C ASP AB 119 -11.22 -18.99 -41.46
N TYR AB 120 -10.17 -19.61 -40.94
CA TYR AB 120 -8.83 -19.03 -41.09
C TYR AB 120 -8.38 -19.19 -42.54
N LEU AB 121 -9.02 -20.11 -43.25
CA LEU AB 121 -8.77 -20.31 -44.67
C LEU AB 121 -9.51 -19.29 -45.53
N ALA AB 122 -10.17 -18.33 -44.86
CA ALA AB 122 -10.91 -17.26 -45.52
C ALA AB 122 -12.11 -17.76 -46.32
N ALA AB 123 -12.91 -18.62 -45.71
CA ALA AB 123 -14.18 -19.04 -46.31
C ALA AB 123 -15.31 -18.28 -45.64
N LEU AB 124 -15.92 -17.36 -46.39
CA LEU AB 124 -16.95 -16.49 -45.85
C LEU AB 124 -18.34 -17.11 -45.98
N ALA AB 125 -19.10 -17.11 -44.90
CA ALA AB 125 -20.45 -17.66 -44.92
C ALA AB 125 -21.40 -16.90 -44.00
N LYS AB 126 -22.53 -16.47 -44.55
CA LYS AB 126 -23.55 -15.77 -43.75
C LYS AB 126 -24.40 -16.78 -42.98
N ALA AB 127 -24.79 -16.41 -41.76
CA ALA AB 127 -25.54 -17.31 -40.89
C ALA AB 127 -26.43 -16.55 -39.92
N PRO AB 128 -27.56 -17.16 -39.53
CA PRO AB 128 -28.44 -16.57 -38.51
C PRO AB 128 -27.75 -16.54 -37.15
N PHE AB 129 -26.85 -17.51 -36.93
CA PHE AB 129 -26.07 -17.56 -35.70
C PHE AB 129 -24.82 -18.41 -35.92
N ALA AB 130 -23.73 -18.04 -35.24
CA ALA AB 130 -22.48 -18.76 -35.38
C ALA AB 130 -21.65 -18.69 -34.10
N ALA AB 131 -20.58 -19.47 -34.05
CA ALA AB 131 -19.68 -19.46 -32.91
C ALA AB 131 -18.28 -19.96 -33.29
N HIS AB 132 -17.27 -19.44 -32.60
CA HIS AB 132 -15.89 -19.88 -32.83
C HIS AB 132 -15.25 -20.44 -31.57
N GLY AB 133 -14.26 -21.30 -31.74
CA GLY AB 133 -13.54 -21.88 -30.61
C GLY AB 133 -14.09 -23.24 -30.22
N TYR AB 134 -13.43 -23.88 -29.27
CA TYR AB 134 -13.87 -25.18 -28.76
C TYR AB 134 -15.26 -25.08 -28.14
N GLY AB 135 -15.52 -23.97 -27.46
CA GLY AB 135 -16.79 -23.73 -26.82
C GLY AB 135 -17.97 -23.84 -27.77
N ALA AB 136 -17.73 -23.52 -29.03
CA ALA AB 136 -18.74 -23.64 -30.07
C ALA AB 136 -19.30 -25.05 -30.13
N PHE AB 137 -18.42 -26.04 -30.02
CA PHE AB 137 -18.83 -27.45 -30.04
C PHE AB 137 -19.86 -27.78 -28.97
N LEU AB 138 -19.88 -26.99 -27.90
CA LEU AB 138 -20.82 -27.22 -26.81
C LEU AB 138 -22.04 -26.31 -26.88
N THR AB 139 -21.95 -25.25 -27.69
CA THR AB 139 -23.00 -24.24 -27.69
C THR AB 139 -23.87 -24.24 -28.95
N LEU AB 140 -23.28 -24.52 -30.10
CA LEU AB 140 -23.99 -24.52 -31.38
C LEU AB 140 -25.28 -25.33 -31.36
N SER AB 141 -25.19 -26.57 -30.88
CA SER AB 141 -26.36 -27.43 -30.78
C SER AB 141 -27.47 -26.75 -29.98
N ILE AB 142 -27.10 -26.12 -28.87
CA ILE AB 142 -28.06 -25.38 -28.05
C ILE AB 142 -28.72 -24.31 -28.91
N LEU AB 143 -27.91 -23.58 -29.67
CA LEU AB 143 -28.41 -22.55 -30.56
C LEU AB 143 -29.34 -23.16 -31.61
N ASP AB 144 -29.05 -24.39 -32.04
CA ASP AB 144 -29.94 -25.08 -32.97
C ASP AB 144 -31.28 -25.35 -32.29
N ARG AB 145 -31.21 -25.73 -31.02
CA ARG AB 145 -32.38 -26.21 -30.29
C ARG AB 145 -33.41 -25.12 -29.99
N TYR AB 146 -32.93 -23.90 -29.76
CA TYR AB 146 -33.80 -22.85 -29.22
C TYR AB 146 -33.94 -21.60 -30.08
N TYR AB 147 -33.13 -21.48 -31.13
CA TYR AB 147 -33.17 -20.27 -31.96
C TYR AB 147 -34.37 -20.25 -32.91
N THR AB 148 -35.00 -19.09 -33.00
CA THR AB 148 -36.06 -18.84 -33.97
C THR AB 148 -35.76 -17.51 -34.66
N PRO AB 149 -36.03 -17.43 -35.98
CA PRO AB 149 -35.71 -16.25 -36.78
C PRO AB 149 -36.34 -14.95 -36.27
N THR AB 150 -37.36 -15.07 -35.42
CA THR AB 150 -38.08 -13.89 -34.93
C THR AB 150 -37.76 -13.59 -33.47
N ILE AB 151 -36.67 -14.17 -32.97
CA ILE AB 151 -36.31 -14.04 -31.56
C ILE AB 151 -36.04 -12.60 -31.13
N SER AB 152 -36.61 -12.21 -29.99
CA SER AB 152 -36.42 -10.86 -29.46
C SER AB 152 -35.08 -10.76 -28.76
N ARG AB 153 -34.56 -9.53 -28.66
CA ARG AB 153 -33.23 -9.31 -28.09
C ARG AB 153 -33.12 -9.75 -26.63
N GLU AB 154 -34.23 -9.66 -25.91
CA GLU AB 154 -34.26 -10.15 -24.53
C GLU AB 154 -34.09 -11.67 -24.52
N ARG AB 155 -34.90 -12.33 -25.34
CA ARG AB 155 -34.83 -13.78 -25.50
C ARG AB 155 -33.47 -14.22 -26.05
N ALA AB 156 -32.89 -13.38 -26.91
CA ALA AB 156 -31.57 -13.66 -27.46
C ALA AB 156 -30.50 -13.60 -26.37
N VAL AB 157 -30.58 -12.59 -25.52
CA VAL AB 157 -29.67 -12.47 -24.39
C VAL AB 157 -29.81 -13.67 -23.45
N GLU AB 158 -31.05 -14.08 -23.20
CA GLU AB 158 -31.32 -15.25 -22.36
C GLU AB 158 -30.70 -16.52 -22.96
N LEU AB 159 -30.81 -16.65 -24.28
CA LEU AB 159 -30.24 -17.79 -25.00
C LEU AB 159 -28.72 -17.79 -24.87
N LEU AB 160 -28.14 -16.61 -25.05
CA LEU AB 160 -26.70 -16.41 -24.85
C LEU AB 160 -26.30 -16.85 -23.45
N ARG AB 161 -27.11 -16.51 -22.45
CA ARG AB 161 -26.88 -16.92 -21.08
C ARG AB 161 -26.88 -18.44 -20.96
N LYS AB 162 -27.82 -19.09 -21.63
CA LYS AB 162 -27.87 -20.55 -21.63
C LYS AB 162 -26.56 -21.12 -22.17
N CYS AB 163 -26.09 -20.55 -23.28
CA CYS AB 163 -24.82 -20.98 -23.87
C CYS AB 163 -23.63 -20.82 -22.90
N LEU AB 164 -23.46 -19.62 -22.39
CA LEU AB 164 -22.35 -19.33 -21.49
C LEU AB 164 -22.37 -20.19 -20.22
N GLU AB 165 -23.58 -20.40 -19.68
CA GLU AB 165 -23.75 -21.29 -18.53
C GLU AB 165 -23.33 -22.70 -18.89
N GLU AB 166 -23.67 -23.13 -20.09
CA GLU AB 166 -23.25 -24.44 -20.56
C GLU AB 166 -21.72 -24.53 -20.61
N LEU AB 167 -21.10 -23.43 -21.04
CA LEU AB 167 -19.63 -23.35 -21.01
C LEU AB 167 -19.10 -23.49 -19.59
N GLN AB 168 -19.76 -22.85 -18.63
CA GLN AB 168 -19.36 -22.96 -17.24
C GLN AB 168 -19.50 -24.40 -16.73
N LYS AB 169 -20.45 -25.13 -17.30
CA LYS AB 169 -20.72 -26.50 -16.86
C LYS AB 169 -19.78 -27.55 -17.46
N ARG AB 170 -19.66 -27.58 -18.79
CA ARG AB 170 -18.92 -28.65 -19.46
C ARG AB 170 -17.49 -28.32 -19.86
N PHE AB 171 -17.24 -27.08 -20.27
CA PHE AB 171 -15.93 -26.69 -20.77
C PHE AB 171 -14.86 -26.74 -19.67
N ILE AB 172 -13.69 -27.27 -20.01
CA ILE AB 172 -12.61 -27.42 -19.05
C ILE AB 172 -11.84 -26.12 -18.83
N LEU AB 173 -11.93 -25.20 -19.79
CA LEU AB 173 -11.28 -23.91 -19.66
C LEU AB 173 -12.08 -23.01 -18.73
N ASN AB 174 -11.41 -22.05 -18.11
CA ASN AB 174 -12.04 -21.18 -17.12
C ASN AB 174 -13.15 -20.32 -17.70
N LEU AB 175 -12.77 -19.22 -18.34
CA LEU AB 175 -13.72 -18.30 -18.97
C LEU AB 175 -14.82 -17.82 -18.03
N PRO AB 176 -14.48 -16.95 -17.07
CA PRO AB 176 -15.44 -16.49 -16.06
C PRO AB 176 -16.36 -15.36 -16.54
N THR AB 177 -15.84 -14.43 -17.34
CA THR AB 177 -16.64 -13.28 -17.78
C THR AB 177 -16.72 -13.18 -19.31
N PHE AB 178 -17.69 -12.39 -19.79
CA PHE AB 178 -17.90 -12.25 -21.22
C PHE AB 178 -18.28 -10.82 -21.63
N SER AB 179 -17.65 -10.32 -22.68
CA SER AB 179 -18.04 -9.06 -23.31
C SER AB 179 -19.30 -9.31 -24.14
N VAL AB 180 -20.31 -8.45 -23.96
CA VAL AB 180 -21.56 -8.58 -24.72
C VAL AB 180 -21.98 -7.24 -25.31
N ARG AB 181 -22.20 -7.21 -26.62
CA ARG AB 181 -22.66 -6.00 -27.29
C ARG AB 181 -23.77 -6.32 -28.27
N ILE AB 182 -24.54 -5.29 -28.64
CA ILE AB 182 -25.61 -5.46 -29.61
C ILE AB 182 -25.50 -4.39 -30.69
N ILE AB 183 -26.03 -4.67 -31.88
CA ILE AB 183 -25.98 -3.73 -32.99
C ILE AB 183 -27.34 -3.61 -33.65
N ASP AB 184 -27.81 -2.38 -33.83
CA ASP AB 184 -29.08 -2.14 -34.51
C ASP AB 184 -29.05 -0.88 -35.36
N LYS AB 185 -30.19 -0.21 -35.47
CA LYS AB 185 -30.30 1.01 -36.26
C LYS AB 185 -29.59 2.18 -35.59
N ASN AB 186 -29.34 2.04 -34.29
CA ASN AB 186 -28.70 3.11 -33.53
C ASN AB 186 -27.22 2.83 -33.26
N GLY AB 187 -26.66 1.85 -33.97
CA GLY AB 187 -25.25 1.55 -33.86
C GLY AB 187 -24.92 0.50 -32.82
N ILE AB 188 -23.73 0.61 -32.23
CA ILE AB 188 -23.23 -0.36 -31.27
C ILE AB 188 -23.54 0.01 -29.84
N HIS AB 189 -24.14 -0.92 -29.10
CA HIS AB 189 -24.51 -0.69 -27.71
C HIS AB 189 -23.84 -1.73 -26.82
N ASP AB 190 -23.07 -1.25 -25.84
CA ASP AB 190 -22.43 -2.12 -24.87
C ASP AB 190 -23.43 -2.58 -23.81
N LEU AB 191 -23.49 -3.89 -23.58
CA LEU AB 191 -24.38 -4.45 -22.57
C LEU AB 191 -23.59 -4.87 -21.34
N ASP AB 192 -24.32 -5.16 -20.25
CA ASP AB 192 -23.70 -5.64 -19.03
C ASP AB 192 -22.99 -6.96 -19.27
N ASN AB 193 -21.75 -7.04 -18.81
CA ASN AB 193 -20.95 -8.25 -18.97
C ASN AB 193 -21.54 -9.45 -18.24
N ILE AB 194 -21.87 -10.49 -18.99
CA ILE AB 194 -22.30 -11.75 -18.39
C ILE AB 194 -21.12 -12.34 -17.65
N SER AB 195 -21.24 -12.44 -16.33
CA SER AB 195 -20.17 -12.98 -15.51
C SER AB 195 -20.70 -13.95 -14.46
N PHE AB 196 -19.85 -14.86 -14.01
CA PHE AB 196 -20.24 -15.85 -13.03
C PHE AB 196 -19.35 -15.79 -11.78
N PRO AB 197 -19.93 -15.37 -10.66
CA PRO AB 197 -19.23 -15.12 -9.39
C PRO AB 197 -18.49 -16.34 -8.84
N LYS AB 198 -17.45 -16.78 -9.54
CA LYS AB 198 -16.64 -17.90 -9.07
C LYS AB 198 -15.78 -17.48 -7.88
N GLN AB 199 -14.71 -16.75 -8.16
CA GLN AB 199 -13.83 -16.22 -7.12
C GLN AB 199 -13.02 -15.03 -7.62
N THR BB 1 14.10 -16.38 -16.02
CA THR BB 1 13.87 -15.06 -15.42
C THR BB 1 12.62 -15.05 -14.55
N THR BB 2 12.54 -14.08 -13.64
CA THR BB 2 11.40 -13.96 -12.75
C THR BB 2 11.05 -12.50 -12.51
N THR BB 3 10.61 -11.82 -13.57
CA THR BB 3 10.23 -10.41 -13.47
C THR BB 3 8.76 -10.25 -13.11
N LEU BB 4 8.39 -9.05 -12.69
CA LEU BB 4 7.01 -8.76 -12.32
C LEU BB 4 6.78 -7.26 -12.16
N ALA BB 5 5.70 -6.76 -12.76
CA ALA BB 5 5.38 -5.34 -12.68
C ALA BB 5 3.91 -5.20 -12.38
N PHE BB 6 3.57 -4.23 -11.55
CA PHE BB 6 2.17 -3.96 -11.26
C PHE BB 6 1.94 -2.48 -10.99
N LYS BB 7 0.81 -1.97 -11.45
CA LYS BB 7 0.49 -0.57 -11.22
C LYS BB 7 -0.56 -0.39 -10.13
N PHE BB 8 -0.28 0.55 -9.24
CA PHE BB 8 -1.19 0.89 -8.15
C PHE BB 8 -1.40 2.40 -8.10
N ARG BB 9 -1.88 2.89 -6.97
CA ARG BB 9 -2.19 4.32 -6.84
C ARG BB 9 -0.97 5.21 -7.01
N HIS BB 10 0.16 4.78 -6.48
CA HIS BB 10 1.35 5.62 -6.44
C HIS BB 10 2.36 5.28 -7.53
N GLY BB 11 1.87 4.80 -8.68
CA GLY BB 11 2.73 4.56 -9.82
C GLY BB 11 2.81 3.13 -10.27
N VAL BB 12 3.97 2.75 -10.84
CA VAL BB 12 4.16 1.39 -11.33
C VAL BB 12 5.41 0.74 -10.73
N ILE BB 13 5.20 -0.32 -9.97
CA ILE BB 13 6.31 -1.07 -9.38
C ILE BB 13 6.85 -2.08 -10.38
N VAL BB 14 8.18 -2.12 -10.52
CA VAL BB 14 8.84 -3.07 -11.40
C VAL BB 14 9.92 -3.82 -10.63
N ALA BB 15 10.01 -5.14 -10.80
CA ALA BB 15 11.00 -5.93 -10.09
C ALA BB 15 11.53 -7.07 -10.95
N ALA BB 16 12.75 -7.52 -10.66
CA ALA BB 16 13.35 -8.61 -11.42
C ALA BB 16 14.47 -9.30 -10.66
N ASP BB 17 14.83 -10.52 -11.09
CA ASP BB 17 16.02 -11.17 -10.59
C ASP BB 17 17.20 -10.72 -11.46
N SER BB 18 18.31 -11.45 -11.42
CA SER BB 18 19.47 -11.07 -12.22
C SER BB 18 20.25 -12.25 -12.79
N ARG BB 19 19.71 -13.45 -12.61
CA ARG BB 19 20.38 -14.66 -13.07
C ARG BB 19 20.34 -14.79 -14.59
N ALA BB 20 21.44 -15.26 -15.16
CA ALA BB 20 21.53 -15.54 -16.58
C ALA BB 20 22.24 -16.87 -16.77
N THR BB 21 21.55 -17.80 -17.44
CA THR BB 21 22.05 -19.16 -17.59
C THR BB 21 22.37 -19.49 -19.04
N ALA BB 22 23.30 -20.42 -19.22
CA ALA BB 22 23.59 -21.00 -20.53
C ALA BB 22 23.46 -22.50 -20.40
N GLY BB 23 22.21 -22.97 -20.38
CA GLY BB 23 21.94 -24.35 -20.05
C GLY BB 23 21.72 -24.42 -18.54
N ALA BB 24 22.31 -25.43 -17.90
CA ALA BB 24 22.24 -25.55 -16.44
C ALA BB 24 23.29 -24.65 -15.80
N TYR BB 25 24.29 -24.27 -16.58
CA TYR BB 25 25.37 -23.42 -16.08
C TYR BB 25 24.90 -21.99 -15.84
N ILE BB 26 25.22 -21.45 -14.67
CA ILE BB 26 24.88 -20.08 -14.35
C ILE BB 26 25.97 -19.14 -14.86
N ALA BB 27 25.68 -18.44 -15.94
CA ALA BB 27 26.67 -17.60 -16.60
C ALA BB 27 26.86 -16.26 -15.87
N SER BB 28 25.80 -15.78 -15.24
CA SER BB 28 25.88 -14.50 -14.53
C SER BB 28 24.82 -14.37 -13.46
N GLN BB 29 25.07 -13.52 -12.47
CA GLN BB 29 24.07 -13.23 -11.45
C GLN BB 29 23.98 -11.72 -11.26
N THR BB 30 24.58 -10.98 -12.19
CA THR BB 30 24.64 -9.53 -12.12
C THR BB 30 24.08 -8.89 -13.38
N VAL BB 31 22.90 -9.34 -13.80
CA VAL BB 31 22.29 -8.83 -15.03
C VAL BB 31 21.17 -7.82 -14.74
N LYS BB 32 21.29 -6.64 -15.31
CA LYS BB 32 20.26 -5.62 -15.19
C LYS BB 32 19.12 -5.93 -16.16
N LYS BB 33 18.06 -6.53 -15.64
CA LYS BB 33 16.94 -6.97 -16.49
C LYS BB 33 15.87 -5.89 -16.65
N VAL BB 34 16.06 -4.76 -15.98
CA VAL BB 34 15.16 -3.63 -16.15
C VAL BB 34 15.84 -2.53 -16.95
N ILE BB 35 15.62 -2.51 -18.25
CA ILE BB 35 16.23 -1.52 -19.12
C ILE BB 35 15.58 -0.14 -18.95
N GLU BB 36 16.43 0.86 -18.81
CA GLU BB 36 15.97 2.24 -18.67
C GLU BB 36 15.85 2.88 -20.05
N ILE BB 37 14.68 2.73 -20.66
CA ILE BB 37 14.41 3.30 -21.97
C ILE BB 37 14.48 4.82 -21.92
N ASN BB 38 13.55 5.42 -21.18
CA ASN BB 38 13.53 6.86 -20.94
C ASN BB 38 13.48 7.10 -19.46
N PRO BB 39 13.75 8.34 -19.01
CA PRO BB 39 13.58 8.66 -17.59
C PRO BB 39 12.15 8.48 -17.10
N TYR BB 40 11.23 8.14 -18.00
CA TYR BB 40 9.85 7.86 -17.64
C TYR BB 40 9.42 6.50 -18.17
N LEU BB 41 10.31 5.83 -18.91
CA LEU BB 41 9.98 4.55 -19.53
C LEU BB 41 10.96 3.44 -19.16
N LEU BB 42 10.43 2.38 -18.57
CA LEU BB 42 11.22 1.19 -18.25
C LEU BB 42 10.77 -0.02 -19.06
N GLY BB 43 11.70 -0.93 -19.28
CA GLY BB 43 11.40 -2.16 -19.99
C GLY BB 43 12.03 -3.36 -19.34
N THR BB 44 11.21 -4.27 -18.81
CA THR BB 44 11.71 -5.51 -18.23
C THR BB 44 12.24 -6.41 -19.34
N MET BB 45 12.87 -7.50 -18.97
CA MET BB 45 13.62 -8.28 -19.94
C MET BB 45 13.72 -9.76 -19.55
N ALA BB 46 13.13 -10.62 -20.37
CA ALA BB 46 13.08 -12.06 -20.11
C ALA BB 46 13.14 -12.86 -21.40
N GLY BB 47 13.84 -13.99 -21.37
CA GLY BB 47 14.01 -14.83 -22.54
C GLY BB 47 15.42 -14.75 -23.10
N GLY BB 48 15.53 -14.64 -24.42
CA GLY BB 48 16.82 -14.51 -25.07
C GLY BB 48 17.47 -13.18 -24.72
N ALA BB 49 18.62 -13.26 -24.04
CA ALA BB 49 19.31 -12.07 -23.54
C ALA BB 49 19.64 -11.06 -24.64
N ALA BB 50 20.36 -11.52 -25.66
CA ALA BB 50 20.74 -10.66 -26.77
C ALA BB 50 19.54 -10.07 -27.47
N ASP BB 51 18.51 -10.89 -27.68
CA ASP BB 51 17.28 -10.44 -28.33
C ASP BB 51 16.64 -9.28 -27.58
N CYS BB 52 16.35 -9.51 -26.30
CA CYS BB 52 15.76 -8.48 -25.44
C CYS BB 52 16.59 -7.20 -25.42
N SER BB 53 17.89 -7.35 -25.15
CA SER BB 53 18.79 -6.20 -25.05
C SER BB 53 18.80 -5.38 -26.33
N PHE BB 54 19.08 -6.04 -27.45
CA PHE BB 54 19.12 -5.40 -28.76
C PHE BB 54 17.81 -4.68 -29.08
N TRP BB 55 16.70 -5.41 -28.99
CA TRP BB 55 15.42 -4.85 -29.41
C TRP BB 55 14.91 -3.73 -28.52
N GLU BB 56 15.15 -3.84 -27.21
CA GLU BB 56 14.74 -2.78 -26.31
C GLU BB 56 15.65 -1.56 -26.42
N ARG BB 57 16.92 -1.79 -26.74
CA ARG BB 57 17.84 -0.68 -27.00
C ARG BB 57 17.41 0.07 -28.25
N LEU BB 58 17.07 -0.67 -29.29
CA LEU BB 58 16.58 -0.10 -30.53
C LEU BB 58 15.28 0.65 -30.26
N LEU BB 59 14.46 0.09 -29.38
CA LEU BB 59 13.22 0.75 -28.96
C LEU BB 59 13.52 2.09 -28.32
N ALA BB 60 14.56 2.12 -27.47
CA ALA BB 60 14.97 3.35 -26.81
C ALA BB 60 15.41 4.40 -27.83
N ARG BB 61 16.20 3.95 -28.80
CA ARG BB 61 16.62 4.82 -29.90
C ARG BB 61 15.41 5.43 -30.59
N GLN BB 62 14.46 4.57 -30.95
CA GLN BB 62 13.26 5.01 -31.66
C GLN BB 62 12.45 6.02 -30.86
N CYS BB 63 12.32 5.75 -29.55
CA CYS BB 63 11.61 6.66 -28.67
C CYS BB 63 12.30 8.00 -28.55
N ARG BB 64 13.63 7.99 -28.57
CA ARG BB 64 14.40 9.23 -28.53
C ARG BB 64 14.16 10.06 -29.79
N ILE BB 65 14.24 9.39 -30.94
CA ILE BB 65 13.98 10.06 -32.21
C ILE BB 65 12.56 10.62 -32.24
N TYR BB 66 11.62 9.88 -31.67
CA TYR BB 66 10.24 10.35 -31.57
C TYR BB 66 10.17 11.61 -30.73
N GLU BB 67 10.88 11.60 -29.61
CA GLU BB 67 10.91 12.73 -28.70
C GLU BB 67 11.46 13.98 -29.39
N LEU BB 68 12.52 13.80 -30.18
CA LEU BB 68 13.10 14.92 -30.91
C LEU BB 68 12.17 15.43 -32.01
N ARG BB 69 11.54 14.51 -32.73
CA ARG BB 69 10.70 14.87 -33.87
C ARG BB 69 9.39 15.56 -33.46
N ASN BB 70 8.66 14.94 -32.55
CA ASN BB 70 7.34 15.44 -32.15
C ASN BB 70 7.38 16.46 -31.02
N LYS BB 71 8.58 16.77 -30.53
CA LYS BB 71 8.77 17.75 -29.47
C LYS BB 71 7.95 17.41 -28.23
N GLU BB 72 7.71 16.12 -28.02
CA GLU BB 72 6.96 15.64 -26.87
C GLU BB 72 7.40 14.22 -26.56
N ARG BB 73 7.05 13.74 -25.37
CA ARG BB 73 7.45 12.39 -24.96
C ARG BB 73 6.47 11.33 -25.47
N ILE BB 74 7.02 10.21 -25.91
CA ILE BB 74 6.21 9.11 -26.43
C ILE BB 74 5.34 8.51 -25.33
N SER BB 75 4.14 8.05 -25.69
CA SER BB 75 3.25 7.42 -24.74
C SER BB 75 3.63 5.96 -24.53
N VAL BB 76 3.17 5.37 -23.43
CA VAL BB 76 3.46 3.98 -23.11
C VAL BB 76 2.88 3.06 -24.19
N ALA BB 77 1.64 3.35 -24.58
CA ALA BB 77 0.96 2.58 -25.60
C ALA BB 77 1.71 2.62 -26.92
N ALA BB 78 2.23 3.80 -27.26
CA ALA BB 78 2.96 3.98 -28.52
C ALA BB 78 4.30 3.26 -28.50
N ALA BB 79 4.97 3.26 -27.35
CA ALA BB 79 6.25 2.57 -27.22
C ALA BB 79 6.05 1.07 -27.33
N SER BB 80 5.08 0.55 -26.58
CA SER BB 80 4.77 -0.87 -26.60
C SER BB 80 4.34 -1.31 -28.00
N LYS BB 81 3.56 -0.47 -28.67
CA LYS BB 81 3.09 -0.77 -30.02
C LYS BB 81 4.26 -0.75 -31.00
N LEU BB 82 5.20 0.15 -30.78
CA LEU BB 82 6.39 0.26 -31.62
C LEU BB 82 7.21 -1.02 -31.52
N LEU BB 83 7.49 -1.44 -30.28
CA LEU BB 83 8.25 -2.65 -30.05
C LEU BB 83 7.55 -3.88 -30.62
N ALA BB 84 6.25 -3.97 -30.36
CA ALA BB 84 5.44 -5.07 -30.87
C ALA BB 84 5.50 -5.16 -32.39
N ASN BB 85 5.35 -4.02 -33.06
CA ASN BB 85 5.42 -3.97 -34.51
C ASN BB 85 6.78 -4.38 -35.03
N MET BB 86 7.85 -3.90 -34.39
CA MET BB 86 9.20 -4.27 -34.79
C MET BB 86 9.40 -5.77 -34.68
N VAL BB 87 8.97 -6.33 -33.55
CA VAL BB 87 9.17 -7.74 -33.28
C VAL BB 87 8.32 -8.66 -34.18
N TYR BB 88 7.11 -8.21 -34.50
CA TYR BB 88 6.18 -9.03 -35.28
C TYR BB 88 6.71 -9.41 -36.66
N GLN BB 89 7.52 -8.52 -37.26
CA GLN BB 89 8.06 -8.77 -38.59
C GLN BB 89 9.04 -9.94 -38.60
N TYR BB 90 9.43 -10.40 -37.40
CA TYR BB 90 10.35 -11.52 -37.27
C TYR BB 90 9.67 -12.73 -36.64
N LYS BB 91 8.35 -12.73 -36.67
CA LYS BB 91 7.59 -13.82 -36.07
C LYS BB 91 7.90 -15.14 -36.75
N GLY BB 92 8.18 -16.17 -35.95
CA GLY BB 92 8.47 -17.49 -36.47
C GLY BB 92 9.95 -17.74 -36.72
N MET BB 93 10.75 -16.68 -36.70
CA MET BB 93 12.18 -16.80 -36.98
C MET BB 93 12.99 -17.24 -35.76
N GLY BB 94 12.34 -17.30 -34.60
CA GLY BB 94 12.98 -17.87 -33.42
C GLY BB 94 13.47 -16.89 -32.38
N LEU BB 95 12.96 -15.66 -32.40
CA LEU BB 95 13.28 -14.70 -31.36
C LEU BB 95 12.56 -15.08 -30.08
N SER BB 96 13.31 -15.36 -29.02
CA SER BB 96 12.74 -15.62 -27.72
C SER BB 96 12.83 -14.34 -26.91
N MET BB 97 11.67 -13.78 -26.56
CA MET BB 97 11.63 -12.47 -25.94
C MET BB 97 10.24 -12.15 -25.36
N GLY BB 98 10.22 -11.83 -24.07
CA GLY BB 98 8.99 -11.45 -23.39
C GLY BB 98 9.25 -10.29 -22.45
N THR BB 99 8.71 -9.13 -22.78
CA THR BB 99 9.06 -7.92 -22.05
C THR BB 99 7.84 -7.15 -21.54
N MET BB 100 8.07 -6.30 -20.54
CA MET BB 100 7.04 -5.40 -20.04
C MET BB 100 7.46 -3.94 -20.22
N ILE BB 101 6.62 -3.17 -20.89
CA ILE BB 101 6.85 -1.73 -21.03
C ILE BB 101 6.05 -0.98 -19.97
N CYS BB 102 6.75 -0.32 -19.06
CA CYS BB 102 6.11 0.38 -17.95
C CYS BB 102 6.47 1.85 -17.97
N GLY BB 103 5.56 2.69 -17.49
CA GLY BB 103 5.85 4.12 -17.42
C GLY BB 103 4.70 4.95 -16.89
N TRP BB 104 4.87 6.26 -16.94
CA TRP BB 104 3.77 7.17 -16.62
C TRP BB 104 3.43 7.98 -17.87
N ASP BB 105 2.13 8.01 -18.17
CA ASP BB 105 1.65 8.53 -19.44
C ASP BB 105 0.71 9.70 -19.19
N LYS BB 106 0.22 10.31 -20.27
CA LYS BB 106 -0.81 11.34 -20.15
C LYS BB 106 -2.11 10.69 -19.67
N ARG BB 107 -2.17 9.36 -19.74
CA ARG BB 107 -3.30 8.61 -19.22
C ARG BB 107 -2.95 8.01 -17.87
N GLY BB 108 -1.91 8.54 -17.23
CA GLY BB 108 -1.47 8.04 -15.94
C GLY BB 108 -0.61 6.78 -16.07
N PRO BB 109 -0.46 6.03 -14.98
CA PRO BB 109 0.36 4.81 -14.93
C PRO BB 109 0.02 3.83 -16.04
N GLY BB 110 1.03 3.42 -16.79
CA GLY BB 110 0.86 2.51 -17.91
C GLY BB 110 1.74 1.28 -17.82
N LEU BB 111 1.16 0.13 -18.13
CA LEU BB 111 1.87 -1.14 -18.09
C LEU BB 111 1.40 -2.05 -19.21
N TYR BB 112 2.33 -2.49 -20.05
CA TYR BB 112 2.02 -3.35 -21.19
C TYR BB 112 2.90 -4.59 -21.23
N TYR BB 113 2.33 -5.72 -21.64
CA TYR BB 113 3.09 -6.92 -21.87
C TYR BB 113 3.24 -7.13 -23.37
N VAL BB 114 4.47 -7.34 -23.82
CA VAL BB 114 4.78 -7.49 -25.23
C VAL BB 114 5.60 -8.76 -25.48
N ASP BB 115 5.10 -9.60 -26.39
CA ASP BB 115 5.71 -10.88 -26.69
C ASP BB 115 6.52 -10.86 -27.97
N SER BB 116 7.39 -11.85 -28.11
CA SER BB 116 8.05 -12.10 -29.39
C SER BB 116 7.09 -12.91 -30.24
N GLU BB 117 6.08 -13.50 -29.60
CA GLU BB 117 5.05 -14.26 -30.27
C GLU BB 117 4.09 -13.32 -31.00
N GLY BB 118 3.89 -12.14 -30.44
CA GLY BB 118 3.04 -11.14 -31.07
C GLY BB 118 2.03 -10.54 -30.11
N ASN BB 119 2.07 -10.95 -28.86
CA ASN BB 119 1.14 -10.43 -27.87
C ASN BB 119 1.45 -8.98 -27.50
N ARG BB 120 0.42 -8.24 -27.14
CA ARG BB 120 0.57 -6.89 -26.63
C ARG BB 120 -0.68 -6.51 -25.85
N ILE BB 121 -0.63 -6.68 -24.53
CA ILE BB 121 -1.80 -6.41 -23.70
C ILE BB 121 -1.52 -5.54 -22.49
N SER BB 122 -2.38 -4.55 -22.28
CA SER BB 122 -2.33 -3.74 -21.08
C SER BB 122 -2.98 -4.50 -19.93
N GLY BB 123 -2.54 -4.22 -18.71
CA GLY BB 123 -3.09 -4.89 -17.54
C GLY BB 123 -2.58 -4.30 -16.22
N ALA BB 124 -3.22 -4.71 -15.13
CA ALA BB 124 -2.83 -4.22 -13.80
C ALA BB 124 -1.51 -4.85 -13.35
N THR BB 125 -1.48 -6.17 -13.24
CA THR BB 125 -0.26 -6.87 -12.84
C THR BB 125 0.19 -7.84 -13.91
N PHE BB 126 1.50 -8.13 -13.93
CA PHE BB 126 2.09 -9.02 -14.91
C PHE BB 126 3.35 -9.67 -14.35
N SER BB 127 3.58 -10.92 -14.73
CA SER BB 127 4.80 -11.63 -14.35
C SER BB 127 5.30 -12.47 -15.51
N VAL BB 128 6.57 -12.27 -15.88
CA VAL BB 128 7.15 -12.87 -17.06
C VAL BB 128 8.44 -13.59 -16.76
N GLY BB 129 8.58 -14.82 -17.28
CA GLY BB 129 9.82 -15.57 -17.12
C GLY BB 129 9.58 -16.99 -16.65
N SER BB 130 10.66 -17.75 -16.52
CA SER BB 130 10.58 -19.15 -16.11
C SER BB 130 9.95 -19.31 -14.73
N GLY BB 131 10.13 -18.32 -13.87
CA GLY BB 131 9.57 -18.38 -12.52
C GLY BB 131 8.35 -17.50 -12.34
N SER BB 132 7.72 -17.14 -13.46
CA SER BB 132 6.57 -16.23 -13.43
C SER BB 132 5.40 -16.76 -12.63
N VAL BB 133 5.17 -18.07 -12.67
CA VAL BB 133 4.05 -18.68 -11.93
C VAL BB 133 4.19 -18.50 -10.42
N TYR BB 134 5.38 -18.77 -9.91
CA TYR BB 134 5.68 -18.65 -8.49
C TYR BB 134 5.49 -17.22 -8.02
N ALA BB 135 5.94 -16.28 -8.85
CA ALA BB 135 5.77 -14.86 -8.54
C ALA BB 135 4.29 -14.49 -8.53
N TYR BB 136 3.57 -14.99 -9.53
CA TYR BB 136 2.13 -14.77 -9.66
C TYR BB 136 1.39 -15.17 -8.39
N GLY BB 137 1.78 -16.32 -7.82
CA GLY BB 137 1.16 -16.78 -6.59
C GLY BB 137 1.12 -15.73 -5.48
N VAL BB 138 2.29 -15.42 -4.94
CA VAL BB 138 2.40 -14.47 -3.83
C VAL BB 138 1.96 -13.05 -4.23
N MET BB 139 2.28 -12.63 -5.44
CA MET BB 139 1.88 -11.30 -5.90
C MET BB 139 0.37 -11.15 -5.89
N ASP BB 140 -0.33 -12.15 -6.40
CA ASP BB 140 -1.78 -12.12 -6.43
C ASP BB 140 -2.34 -12.22 -5.02
N ARG BB 141 -1.71 -13.02 -4.17
CA ARG BB 141 -2.18 -13.15 -2.80
C ARG BB 141 -1.91 -11.91 -1.94
N GLY BB 142 -1.10 -10.99 -2.45
CA GLY BB 142 -0.78 -9.80 -1.69
C GLY BB 142 -1.03 -8.46 -2.37
N TYR BB 143 -1.65 -8.48 -3.55
CA TYR BB 143 -1.85 -7.25 -4.32
C TYR BB 143 -3.09 -6.46 -3.92
N SER BB 144 -2.98 -5.14 -4.03
CA SER BB 144 -4.11 -4.23 -3.87
C SER BB 144 -3.75 -2.91 -4.53
N TYR BB 145 -4.75 -2.24 -5.09
CA TYR BB 145 -4.51 -0.94 -5.72
C TYR BB 145 -4.24 0.11 -4.64
N ASP BB 146 -4.76 -0.14 -3.44
CA ASP BB 146 -4.60 0.78 -2.32
C ASP BB 146 -3.40 0.42 -1.46
N LEU BB 147 -2.40 -0.23 -2.06
CA LEU BB 147 -1.18 -0.57 -1.35
C LEU BB 147 -0.35 0.68 -1.12
N GLU BB 148 0.18 0.82 0.09
CA GLU BB 148 1.12 1.90 0.37
C GLU BB 148 2.47 1.56 -0.27
N VAL BB 149 3.29 2.57 -0.48
CA VAL BB 149 4.54 2.42 -1.24
C VAL BB 149 5.47 1.32 -0.73
N GLU BB 150 5.83 1.40 0.55
CA GLU BB 150 6.73 0.41 1.15
C GLU BB 150 6.11 -0.99 1.11
N GLN BB 151 4.79 -1.06 1.23
CA GLN BB 151 4.07 -2.33 1.13
C GLN BB 151 4.22 -2.93 -0.26
N ALA BB 152 4.09 -2.09 -1.29
CA ALA BB 152 4.25 -2.53 -2.66
C ALA BB 152 5.67 -3.03 -2.91
N TYR BB 153 6.64 -2.30 -2.36
CA TYR BB 153 8.04 -2.70 -2.44
C TYR BB 153 8.23 -4.10 -1.83
N ASP BB 154 7.68 -4.28 -0.64
CA ASP BB 154 7.76 -5.56 0.05
C ASP BB 154 7.14 -6.69 -0.77
N LEU BB 155 5.96 -6.42 -1.32
CA LEU BB 155 5.24 -7.41 -2.13
C LEU BB 155 6.06 -7.86 -3.33
N ALA BB 156 6.53 -6.88 -4.11
CA ALA BB 156 7.34 -7.17 -5.29
C ALA BB 156 8.61 -7.96 -4.95
N ARG BB 157 9.37 -7.40 -4.00
CA ARG BB 157 10.63 -8.00 -3.58
C ARG BB 157 10.43 -9.45 -3.12
N ARG BB 158 9.41 -9.66 -2.28
CA ARG BB 158 9.11 -10.99 -1.77
C ARG BB 158 8.69 -11.95 -2.88
N ALA BB 159 7.87 -11.47 -3.81
CA ALA BB 159 7.41 -12.30 -4.91
C ALA BB 159 8.59 -12.80 -5.75
N ILE BB 160 9.45 -11.87 -6.16
CA ILE BB 160 10.66 -12.25 -6.88
C ILE BB 160 11.51 -13.22 -6.07
N TYR BB 161 11.60 -12.99 -4.76
CA TYR BB 161 12.37 -13.87 -3.88
C TYR BB 161 11.87 -15.32 -3.87
N GLN BB 162 10.58 -15.50 -3.62
CA GLN BB 162 9.96 -16.83 -3.60
C GLN BB 162 10.12 -17.50 -4.96
N ALA BB 163 9.97 -16.69 -6.01
CA ALA BB 163 10.21 -17.16 -7.36
C ALA BB 163 11.62 -17.75 -7.49
N THR BB 164 12.62 -17.02 -7.00
CA THR BB 164 14.00 -17.49 -7.06
C THR BB 164 14.19 -18.74 -6.22
N TYR BB 165 13.39 -18.87 -5.16
CA TYR BB 165 13.44 -20.04 -4.28
C TYR BB 165 13.00 -21.30 -5.01
N ARG BB 166 11.87 -21.22 -5.72
CA ARG BB 166 11.36 -22.40 -6.44
C ARG BB 166 11.99 -22.61 -7.82
N ASP BB 167 12.12 -21.54 -8.59
CA ASP BB 167 12.65 -21.65 -9.96
C ASP BB 167 14.17 -21.80 -9.97
N ALA BB 168 14.63 -22.91 -10.55
CA ALA BB 168 16.05 -23.22 -10.61
C ALA BB 168 16.81 -22.25 -11.49
N TYR BB 169 16.10 -21.62 -12.42
CA TYR BB 169 16.73 -20.71 -13.36
C TYR BB 169 16.53 -19.25 -12.97
N SER BB 170 16.13 -19.04 -11.72
CA SER BB 170 15.92 -17.68 -11.21
C SER BB 170 16.59 -17.49 -9.86
N GLY BB 171 17.31 -16.38 -9.71
CA GLY BB 171 18.00 -16.07 -8.48
C GLY BB 171 18.87 -14.84 -8.60
N GLY BB 172 20.03 -14.86 -7.95
CA GLY BB 172 20.95 -13.75 -7.98
C GLY BB 172 20.66 -12.64 -7.00
N ALA BB 173 20.08 -11.57 -7.49
CA ALA BB 173 19.69 -10.44 -6.65
C ALA BB 173 18.39 -9.79 -7.14
N VAL BB 174 17.49 -9.53 -6.21
CA VAL BB 174 16.23 -8.85 -6.52
C VAL BB 174 16.48 -7.35 -6.71
N ASN BB 175 16.19 -6.87 -7.93
CA ASN BB 175 16.24 -5.45 -8.25
C ASN BB 175 14.85 -4.87 -8.32
N LEU BB 176 14.70 -3.65 -7.79
CA LEU BB 176 13.39 -3.03 -7.66
C LEU BB 176 13.40 -1.56 -8.06
N TYR BB 177 12.49 -1.21 -8.97
CA TYR BB 177 12.31 0.15 -9.47
C TYR BB 177 10.87 0.64 -9.23
N HIS BB 178 10.72 1.94 -9.03
CA HIS BB 178 9.41 2.54 -8.86
C HIS BB 178 9.21 3.66 -9.89
N VAL BB 179 8.14 3.56 -10.67
CA VAL BB 179 7.83 4.55 -11.68
C VAL BB 179 6.79 5.53 -11.16
N ARG BB 180 7.21 6.77 -10.94
CA ARG BB 180 6.31 7.82 -10.49
C ARG BB 180 6.09 8.86 -11.60
N GLU BB 181 5.23 9.83 -11.35
CA GLU BB 181 4.82 10.79 -12.37
C GLU BB 181 5.97 11.66 -12.86
N ASP BB 182 6.92 11.95 -11.97
CA ASP BB 182 8.08 12.76 -12.33
C ASP BB 182 9.24 11.90 -12.80
N GLY BB 183 8.95 10.64 -13.11
CA GLY BB 183 9.96 9.71 -13.57
C GLY BB 183 10.09 8.50 -12.68
N TRP BB 184 10.99 7.59 -13.03
CA TRP BB 184 11.21 6.39 -12.23
C TRP BB 184 12.36 6.56 -11.25
N ILE BB 185 12.36 5.76 -10.19
CA ILE BB 185 13.44 5.78 -9.22
C ILE BB 185 13.92 4.38 -8.88
N ARG BB 186 15.23 4.20 -8.83
CA ARG BB 186 15.85 2.93 -8.51
C ARG BB 186 15.69 2.65 -7.02
N VAL BB 187 14.68 1.86 -6.66
CA VAL BB 187 14.36 1.59 -5.26
C VAL BB 187 15.42 0.77 -4.54
N SER BB 188 15.64 -0.46 -5.00
CA SER BB 188 16.57 -1.34 -4.29
C SER BB 188 17.27 -2.37 -5.18
N SER BB 189 18.21 -3.08 -4.58
CA SER BB 189 18.99 -4.11 -5.26
C SER BB 189 19.56 -5.07 -4.24
N ASP BB 190 18.67 -5.83 -3.59
CA ASP BB 190 19.08 -6.70 -2.49
C ASP BB 190 19.44 -8.10 -2.98
N ASN BB 191 20.58 -8.61 -2.55
CA ASN BB 191 20.98 -9.98 -2.89
C ASN BB 191 20.04 -10.99 -2.22
N VAL BB 192 19.84 -12.13 -2.88
CA VAL BB 192 18.92 -13.14 -2.38
C VAL BB 192 19.42 -13.77 -1.07
N ALA BB 193 20.73 -13.93 -0.97
CA ALA BB 193 21.34 -14.51 0.23
C ALA BB 193 21.01 -13.70 1.48
N ASP BB 194 20.94 -12.38 1.34
CA ASP BB 194 20.60 -11.49 2.44
C ASP BB 194 19.11 -11.53 2.72
N LEU BB 195 18.32 -11.49 1.65
CA LEU BB 195 16.86 -11.54 1.76
C LEU BB 195 16.40 -12.83 2.42
N HIS BB 196 17.21 -13.89 2.31
CA HIS BB 196 16.90 -15.15 2.97
C HIS BB 196 16.95 -14.96 4.48
N GLU BB 197 18.03 -14.34 4.95
CA GLU BB 197 18.21 -14.05 6.37
C GLU BB 197 17.12 -13.12 6.87
N LYS BB 198 16.76 -12.13 6.05
CA LYS BB 198 15.73 -11.18 6.43
C LYS BB 198 14.34 -11.81 6.54
N TYR BB 199 13.99 -12.65 5.57
CA TYR BB 199 12.64 -13.20 5.48
C TYR BB 199 12.42 -14.44 6.36
N SER BB 200 13.47 -15.23 6.58
CA SER BB 200 13.34 -16.45 7.37
C SER BB 200 13.45 -16.18 8.87
N GLY BB 201 14.40 -15.34 9.25
CA GLY BB 201 14.62 -15.03 10.65
C GLY BB 201 14.91 -13.57 10.88
N ARG CB 1 24.80 -33.68 -44.42
CA ARG CB 1 24.94 -32.70 -45.48
C ARG CB 1 26.28 -31.97 -45.42
N PHE CB 2 26.27 -30.75 -44.88
CA PHE CB 2 27.47 -29.96 -44.72
C PHE CB 2 27.32 -29.02 -43.54
N SER CB 3 28.28 -29.06 -42.61
CA SER CB 3 28.24 -28.20 -41.45
C SER CB 3 29.29 -27.10 -41.56
N PRO CB 4 28.86 -25.83 -41.44
CA PRO CB 4 29.74 -24.66 -41.55
C PRO CB 4 30.42 -24.34 -40.22
N TYR CB 5 30.31 -25.24 -39.26
CA TYR CB 5 30.87 -25.02 -37.93
C TYR CB 5 31.78 -26.18 -37.52
N VAL CB 6 32.84 -25.86 -36.79
CA VAL CB 6 33.67 -26.86 -36.15
C VAL CB 6 34.25 -26.25 -34.88
N PHE CB 7 34.18 -26.98 -33.78
CA PHE CB 7 34.69 -26.48 -32.50
C PHE CB 7 36.20 -26.65 -32.42
N ASN CB 8 36.91 -25.55 -32.20
CA ASN CB 8 38.37 -25.57 -32.16
C ASN CB 8 38.96 -25.44 -30.74
N GLY CB 9 38.09 -25.42 -29.74
CA GLY CB 9 38.55 -25.36 -28.36
C GLY CB 9 39.10 -24.00 -27.97
N GLY CB 10 39.75 -23.97 -26.81
CA GLY CB 10 40.32 -22.73 -26.31
C GLY CB 10 39.58 -22.19 -25.10
N THR CB 11 40.34 -21.76 -24.11
CA THR CB 11 39.77 -21.15 -22.92
C THR CB 11 40.23 -19.69 -22.84
N ILE CB 12 39.45 -18.86 -22.16
CA ILE CB 12 39.70 -17.43 -22.16
C ILE CB 12 39.30 -16.79 -20.82
N LEU CB 13 40.07 -15.79 -20.38
CA LEU CB 13 39.85 -15.22 -19.06
C LEU CB 13 40.21 -13.74 -19.02
N ALA CB 14 39.40 -12.94 -18.32
CA ALA CB 14 39.74 -11.55 -18.10
C ALA CB 14 39.44 -11.06 -16.69
N ILE CB 15 40.40 -10.35 -16.10
CA ILE CB 15 40.26 -9.80 -14.76
C ILE CB 15 40.47 -8.30 -14.80
N ALA CB 16 39.62 -7.56 -14.10
CA ALA CB 16 39.75 -6.10 -14.05
C ALA CB 16 40.24 -5.63 -12.69
N GLY CB 17 41.39 -4.95 -12.68
CA GLY CB 17 41.93 -4.37 -11.47
C GLY CB 17 41.65 -2.89 -11.39
N GLU CB 18 42.15 -2.25 -10.34
CA GLU CB 18 41.94 -0.81 -10.17
C GLU CB 18 42.65 -0.01 -11.24
N ASP CB 19 43.84 -0.45 -11.62
CA ASP CB 19 44.65 0.27 -12.60
C ASP CB 19 45.16 -0.64 -13.70
N PHE CB 20 44.65 -1.86 -13.75
CA PHE CB 20 45.10 -2.83 -14.75
C PHE CB 20 43.96 -3.69 -15.28
N ALA CB 21 44.26 -4.46 -16.33
CA ALA CB 21 43.32 -5.43 -16.87
C ALA CB 21 44.07 -6.58 -17.51
N ILE CB 22 43.76 -7.80 -17.06
CA ILE CB 22 44.43 -8.98 -17.57
C ILE CB 22 43.53 -9.75 -18.53
N VAL CB 23 44.06 -10.08 -19.70
CA VAL CB 23 43.37 -10.93 -20.66
C VAL CB 23 44.27 -12.11 -21.04
N ALA CB 24 43.89 -13.30 -20.61
CA ALA CB 24 44.70 -14.48 -20.83
C ALA CB 24 43.96 -15.59 -21.56
N SER CB 25 44.71 -16.47 -22.22
CA SER CB 25 44.13 -17.59 -22.94
C SER CB 25 45.16 -18.66 -23.18
N ASP CB 26 44.71 -19.90 -23.37
CA ASP CB 26 45.61 -20.97 -23.76
C ASP CB 26 46.03 -20.77 -25.22
N THR CB 27 46.96 -21.59 -25.69
CA THR CB 27 47.47 -21.44 -27.05
C THR CB 27 47.23 -22.69 -27.90
N ARG CB 28 46.26 -23.49 -27.49
CA ARG CB 28 45.99 -24.75 -28.19
C ARG CB 28 44.87 -24.61 -29.21
N LEU CB 29 45.18 -24.93 -30.46
CA LEU CB 29 44.17 -25.01 -31.50
C LEU CB 29 44.01 -26.47 -31.90
N SER CB 30 42.81 -26.99 -31.67
CA SER CB 30 42.53 -28.40 -31.88
C SER CB 30 41.27 -28.60 -32.74
N GLU CB 31 41.06 -29.83 -33.17
CA GLU CB 31 39.87 -30.18 -33.95
C GLU CB 31 39.60 -31.67 -33.85
N GLY CB 32 38.43 -32.01 -33.32
CA GLY CB 32 38.10 -33.41 -33.08
C GLY CB 32 38.89 -33.93 -31.90
N PHE CB 33 39.79 -34.88 -32.19
CA PHE CB 33 40.67 -35.42 -31.16
C PHE CB 33 42.13 -35.10 -31.46
N SER CB 34 42.34 -34.13 -32.35
CA SER CB 34 43.68 -33.83 -32.83
C SER CB 34 44.10 -32.39 -32.54
N ILE CB 35 45.41 -32.17 -32.50
CA ILE CB 35 45.97 -30.84 -32.28
C ILE CB 35 46.33 -30.20 -33.61
N HIS CB 36 45.75 -29.04 -33.90
CA HIS CB 36 46.15 -28.31 -35.11
C HIS CB 36 47.48 -27.62 -34.87
N THR CB 37 47.57 -26.87 -33.79
CA THR CB 37 48.82 -26.22 -33.43
C THR CB 37 48.87 -25.89 -31.94
N ARG CB 38 50.08 -25.83 -31.40
CA ARG CB 38 50.26 -25.51 -29.98
C ARG CB 38 50.61 -24.04 -29.82
N ASP CB 39 50.85 -23.36 -30.94
CA ASP CB 39 51.19 -21.95 -30.94
C ASP CB 39 50.07 -21.12 -31.57
N SER CB 40 48.94 -21.04 -30.87
CA SER CB 40 47.81 -20.26 -31.36
C SER CB 40 47.13 -19.55 -30.20
N PRO CB 41 47.66 -18.38 -29.81
CA PRO CB 41 47.04 -17.60 -28.74
C PRO CB 41 45.68 -17.07 -29.16
N LYS CB 42 44.77 -16.94 -28.20
CA LYS CB 42 43.42 -16.45 -28.48
C LYS CB 42 43.29 -14.99 -28.11
N CYS CB 43 44.42 -14.32 -27.90
CA CYS CB 43 44.42 -12.91 -27.52
C CYS CB 43 44.76 -12.00 -28.70
N TYR CB 44 44.01 -10.91 -28.82
CA TYR CB 44 44.19 -9.98 -29.92
C TYR CB 44 44.24 -8.55 -29.40
N LYS CB 45 45.33 -7.86 -29.68
CA LYS CB 45 45.48 -6.48 -29.25
C LYS CB 45 44.74 -5.56 -30.20
N LEU CB 46 43.72 -4.87 -29.69
CA LEU CB 46 42.92 -3.95 -30.50
C LEU CB 46 43.47 -2.54 -30.42
N THR CB 47 43.51 -1.99 -29.20
CA THR CB 47 44.14 -0.69 -28.98
C THR CB 47 45.06 -0.74 -27.78
N ASP CB 48 45.81 0.34 -27.57
CA ASP CB 48 46.73 0.46 -26.45
C ASP CB 48 46.01 0.24 -25.12
N LYS CB 49 44.71 0.53 -25.11
CA LYS CB 49 43.92 0.39 -23.89
C LYS CB 49 43.01 -0.84 -23.92
N THR CB 50 42.96 -1.55 -25.04
CA THR CB 50 41.98 -2.63 -25.19
C THR CB 50 42.48 -3.90 -25.86
N VAL CB 51 42.27 -5.03 -25.19
CA VAL CB 51 42.65 -6.34 -25.72
C VAL CB 51 41.43 -7.26 -25.80
N ILE CB 52 41.31 -7.99 -26.91
CA ILE CB 52 40.19 -8.91 -27.08
C ILE CB 52 40.52 -10.41 -27.09
N GLY CB 53 39.73 -11.20 -26.36
CA GLY CB 53 39.85 -12.65 -26.35
C GLY CB 53 38.70 -13.34 -27.05
N CYS CB 54 39.02 -14.15 -28.05
CA CYS CB 54 38.01 -14.84 -28.86
C CYS CB 54 38.26 -16.35 -28.94
N SER CB 55 37.28 -17.13 -28.49
CA SER CB 55 37.39 -18.59 -28.51
C SER CB 55 36.26 -19.23 -29.32
N GLY CB 56 36.45 -20.50 -29.69
CA GLY CB 56 35.40 -21.25 -30.36
C GLY CB 56 35.76 -21.76 -31.74
N PHE CB 57 34.97 -21.35 -32.74
CA PHE CB 57 35.23 -21.73 -34.12
C PHE CB 57 36.23 -20.76 -34.76
N HIS CB 58 37.39 -21.29 -35.14
CA HIS CB 58 38.52 -20.48 -35.57
C HIS CB 58 38.25 -19.61 -36.79
N GLY CB 59 37.42 -20.10 -37.70
CA GLY CB 59 37.07 -19.34 -38.89
C GLY CB 59 36.38 -18.04 -38.50
N ASP CB 60 35.39 -18.15 -37.62
CA ASP CB 60 34.65 -16.99 -37.16
C ASP CB 60 35.51 -16.10 -36.27
N CYS CB 61 36.46 -16.70 -35.56
CA CYS CB 61 37.39 -15.94 -34.74
C CYS CB 61 38.24 -15.02 -35.62
N LEU CB 62 38.89 -15.61 -36.61
CA LEU CB 62 39.70 -14.85 -37.56
C LEU CB 62 38.88 -13.76 -38.23
N THR CB 63 37.76 -14.15 -38.81
CA THR CB 63 36.90 -13.22 -39.52
C THR CB 63 36.48 -12.04 -38.63
N LEU CB 64 35.94 -12.36 -37.46
CA LEU CB 64 35.47 -11.34 -36.53
C LEU CB 64 36.61 -10.42 -36.11
N THR CB 65 37.78 -11.00 -35.89
CA THR CB 65 38.98 -10.22 -35.56
C THR CB 65 39.27 -9.18 -36.63
N LYS CB 66 39.43 -9.64 -37.88
CA LYS CB 66 39.74 -8.74 -38.98
C LYS CB 66 38.67 -7.66 -39.17
N ILE CB 67 37.42 -8.04 -38.99
CA ILE CB 67 36.31 -7.10 -39.04
C ILE CB 67 36.46 -6.00 -37.99
N ILE CB 68 36.73 -6.42 -36.75
CA ILE CB 68 36.92 -5.48 -35.66
C ILE CB 68 38.07 -4.53 -35.94
N GLU CB 69 39.17 -5.05 -36.49
CA GLU CB 69 40.31 -4.21 -36.88
C GLU CB 69 39.86 -3.14 -37.86
N ALA CB 70 39.27 -3.59 -38.96
CA ALA CB 70 38.82 -2.70 -40.02
C ALA CB 70 37.91 -1.60 -39.49
N ARG CB 71 36.97 -1.98 -38.63
CA ARG CB 71 36.01 -1.01 -38.11
C ARG CB 71 36.63 -0.06 -37.09
N LEU CB 72 37.65 -0.52 -36.37
CA LEU CB 72 38.44 0.35 -35.51
C LEU CB 72 39.04 1.45 -36.38
N LYS CB 73 39.73 1.03 -37.45
CA LYS CB 73 40.29 2.00 -38.39
C LYS CB 73 39.24 2.98 -38.90
N MET CB 74 38.08 2.45 -39.29
CA MET CB 74 36.99 3.29 -39.80
C MET CB 74 36.56 4.35 -38.79
N TYR CB 75 36.37 3.93 -37.54
CA TYR CB 75 35.98 4.85 -36.48
C TYR CB 75 37.05 5.92 -36.32
N LYS CB 76 38.31 5.50 -36.35
CA LYS CB 76 39.43 6.43 -36.20
C LYS CB 76 39.42 7.48 -37.31
N HIS CB 77 39.13 7.05 -38.53
CA HIS CB 77 39.05 7.95 -39.66
C HIS CB 77 37.83 8.87 -39.57
N SER CB 78 36.79 8.40 -38.87
CA SER CB 78 35.53 9.13 -38.84
C SER CB 78 35.43 10.15 -37.72
N ASN CB 79 36.08 9.89 -36.59
CA ASN CB 79 35.95 10.75 -35.42
C ASN CB 79 37.27 11.32 -34.90
N ASN CB 80 38.36 10.99 -35.59
CA ASN CB 80 39.70 11.47 -35.23
C ASN CB 80 40.12 11.11 -33.80
N LYS CB 81 39.53 10.04 -33.28
CA LYS CB 81 39.86 9.53 -31.96
C LYS CB 81 39.85 8.00 -31.99
N ALA CB 82 40.51 7.37 -31.03
CA ALA CB 82 40.50 5.92 -30.94
C ALA CB 82 39.24 5.47 -30.22
N MET CB 83 38.82 4.23 -30.48
CA MET CB 83 37.63 3.70 -29.85
C MET CB 83 37.88 3.42 -28.37
N THR CB 84 37.06 4.01 -27.51
CA THR CB 84 37.09 3.70 -26.09
C THR CB 84 36.66 2.25 -25.92
N THR CB 85 37.05 1.63 -24.80
CA THR CB 85 36.78 0.22 -24.55
C THR CB 85 35.28 -0.13 -24.60
N GLY CB 86 34.48 0.62 -23.85
CA GLY CB 86 33.05 0.40 -23.82
C GLY CB 86 32.41 0.55 -25.19
N ALA CB 87 32.94 1.48 -25.97
CA ALA CB 87 32.49 1.69 -27.34
C ALA CB 87 32.75 0.45 -28.19
N ILE CB 88 33.94 -0.13 -28.04
CA ILE CB 88 34.28 -1.36 -28.74
C ILE CB 88 33.34 -2.48 -28.30
N ALA CB 89 32.97 -2.47 -27.01
CA ALA CB 89 32.03 -3.47 -26.51
C ALA CB 89 30.67 -3.35 -27.19
N ALA CB 90 30.14 -2.14 -27.25
CA ALA CB 90 28.84 -1.89 -27.88
C ALA CB 90 28.87 -2.25 -29.37
N MET CB 91 29.92 -1.81 -30.05
CA MET CB 91 30.12 -2.10 -31.46
C MET CB 91 30.14 -3.61 -31.69
N LEU CB 92 30.89 -4.32 -30.85
CA LEU CB 92 30.98 -5.77 -30.93
C LEU CB 92 29.60 -6.39 -30.75
N SER CB 93 28.81 -5.82 -29.85
CA SER CB 93 27.46 -6.30 -29.63
C SER CB 93 26.66 -6.22 -30.92
N THR CB 94 26.66 -5.05 -31.55
CA THR CB 94 25.92 -4.87 -32.80
C THR CB 94 26.41 -5.80 -33.90
N ILE CB 95 27.73 -5.93 -34.02
CA ILE CB 95 28.34 -6.80 -35.02
C ILE CB 95 27.94 -8.25 -34.83
N LEU CB 96 27.93 -8.70 -33.57
CA LEU CB 96 27.55 -10.07 -33.26
C LEU CB 96 26.07 -10.30 -33.54
N TYR CB 97 25.24 -9.32 -33.21
CA TYR CB 97 23.80 -9.47 -33.45
C TYR CB 97 23.44 -9.36 -34.93
N SER CB 98 24.34 -8.77 -35.72
CA SER CB 98 24.10 -8.63 -37.14
C SER CB 98 23.99 -9.99 -37.83
N ARG CB 99 24.52 -11.02 -37.17
CA ARG CB 99 24.42 -12.39 -37.66
C ARG CB 99 23.51 -13.22 -36.78
N ARG CB 100 22.50 -12.58 -36.20
CA ARG CB 100 21.55 -13.22 -35.30
C ARG CB 100 20.99 -14.55 -35.85
N PHE CB 101 20.88 -14.64 -37.17
CA PHE CB 101 20.32 -15.84 -37.80
C PHE CB 101 21.36 -16.66 -38.56
N PHE CB 102 22.63 -16.40 -38.28
CA PHE CB 102 23.76 -17.21 -38.74
C PHE CB 102 24.96 -16.77 -37.92
N PRO CB 103 24.94 -17.11 -36.62
CA PRO CB 103 25.85 -16.52 -35.64
C PRO CB 103 27.31 -16.86 -35.85
N TYR CB 104 28.19 -15.98 -35.39
CA TYR CB 104 29.59 -16.33 -35.24
C TYR CB 104 29.68 -17.27 -34.04
N TYR CB 105 30.24 -18.45 -34.24
CA TYR CB 105 30.44 -19.38 -33.12
C TYR CB 105 31.67 -18.94 -32.33
N VAL CB 106 31.53 -17.82 -31.62
CA VAL CB 106 32.66 -17.20 -30.92
C VAL CB 106 32.27 -16.70 -29.54
N TYR CB 107 33.04 -17.10 -28.53
CA TYR CB 107 32.87 -16.60 -27.18
C TYR CB 107 33.97 -15.60 -26.88
N ASN CB 108 33.61 -14.32 -26.77
CA ASN CB 108 34.61 -13.27 -26.62
C ASN CB 108 34.57 -12.50 -25.30
N ILE CB 109 35.75 -12.18 -24.78
CA ILE CB 109 35.91 -11.34 -23.61
C ILE CB 109 36.70 -10.12 -23.96
N ILE CB 110 36.20 -8.97 -23.59
CA ILE CB 110 37.02 -7.76 -23.79
C ILE CB 110 37.62 -7.26 -22.49
N GLY CB 111 38.93 -7.09 -22.45
CA GLY CB 111 39.56 -6.56 -21.26
C GLY CB 111 40.34 -5.28 -21.55
N GLY CB 112 40.18 -4.28 -20.68
CA GLY CB 112 40.96 -3.07 -20.87
C GLY CB 112 40.80 -2.01 -19.80
N LEU CB 113 41.05 -0.76 -20.18
CA LEU CB 113 40.90 0.37 -19.28
C LEU CB 113 39.82 1.33 -19.78
N ASP CB 114 38.99 1.81 -18.86
CA ASP CB 114 37.97 2.79 -19.21
C ASP CB 114 38.56 4.20 -19.34
N GLU CB 115 37.69 5.20 -19.37
CA GLU CB 115 38.13 6.58 -19.57
C GLU CB 115 38.63 7.24 -18.29
N GLU CB 116 38.48 6.53 -17.17
CA GLU CB 116 38.99 7.01 -15.89
C GLU CB 116 40.25 6.27 -15.50
N GLY CB 117 40.78 5.45 -16.41
CA GLY CB 117 41.99 4.69 -16.17
C GLY CB 117 41.78 3.36 -15.46
N LYS CB 118 40.60 3.19 -14.88
CA LYS CB 118 40.29 1.95 -14.17
C LYS CB 118 40.14 0.76 -15.11
N GLY CB 119 40.25 -0.44 -14.56
CA GLY CB 119 40.10 -1.65 -15.35
C GLY CB 119 38.65 -2.00 -15.61
N ALA CB 120 38.41 -2.73 -16.69
CA ALA CB 120 37.05 -3.16 -17.03
C ALA CB 120 37.05 -4.42 -17.90
N VAL CB 121 36.15 -5.36 -17.57
CA VAL CB 121 35.92 -6.52 -18.41
C VAL CB 121 34.52 -6.42 -19.02
N TYR CB 122 34.36 -6.96 -20.23
CA TYR CB 122 33.06 -7.06 -20.87
C TYR CB 122 32.91 -8.47 -21.42
N SER CB 123 31.95 -9.23 -20.88
CA SER CB 123 31.72 -10.58 -21.35
C SER CB 123 30.58 -10.63 -22.37
N PHE CB 124 30.77 -11.43 -23.43
CA PHE CB 124 29.82 -11.53 -24.52
C PHE CB 124 29.29 -12.94 -24.72
N ASP CB 125 28.13 -13.06 -25.35
CA ASP CB 125 27.62 -14.35 -25.83
C ASP CB 125 27.65 -14.29 -27.36
N PRO CB 126 27.54 -15.46 -28.04
CA PRO CB 126 27.78 -15.45 -29.49
C PRO CB 126 26.91 -14.52 -30.34
N VAL CB 127 25.82 -13.99 -29.77
CA VAL CB 127 24.91 -13.16 -30.56
C VAL CB 127 24.78 -11.72 -30.06
N GLY CB 128 25.71 -11.28 -29.21
CA GLY CB 128 25.80 -9.87 -28.87
C GLY CB 128 25.44 -9.46 -27.46
N SER CB 129 24.89 -10.38 -26.67
CA SER CB 129 24.53 -10.07 -25.29
C SER CB 129 25.80 -9.90 -24.48
N TYR CB 130 26.01 -8.71 -23.94
CA TYR CB 130 27.20 -8.45 -23.16
C TYR CB 130 26.94 -7.72 -21.85
N GLN CB 131 27.88 -7.86 -20.91
CA GLN CB 131 27.79 -7.09 -19.68
C GLN CB 131 29.18 -6.80 -19.10
N ARG CB 132 29.26 -5.77 -18.27
CA ARG CB 132 30.53 -5.41 -17.65
C ARG CB 132 30.79 -6.22 -16.39
N ASP CB 133 32.01 -6.74 -16.28
CA ASP CB 133 32.41 -7.56 -15.15
C ASP CB 133 33.78 -7.18 -14.59
N SER CB 134 34.02 -7.61 -13.35
CA SER CB 134 35.31 -7.47 -12.70
C SER CB 134 36.20 -8.62 -13.17
N PHE CB 135 35.58 -9.77 -13.37
CA PHE CB 135 36.28 -10.95 -13.83
C PHE CB 135 35.31 -11.92 -14.50
N LYS CB 136 35.75 -12.51 -15.61
CA LYS CB 136 34.93 -13.50 -16.30
C LYS CB 136 35.77 -14.49 -17.10
N ALA CB 137 35.27 -15.73 -17.18
CA ALA CB 137 35.89 -16.76 -18.00
C ALA CB 137 34.94 -17.18 -19.12
N GLY CB 138 35.51 -17.73 -20.18
CA GLY CB 138 34.75 -18.20 -21.32
C GLY CB 138 35.54 -19.28 -22.02
N GLY CB 139 34.93 -19.93 -23.01
CA GLY CB 139 35.58 -21.02 -23.71
C GLY CB 139 35.33 -22.35 -23.03
N SER CB 140 36.06 -23.37 -23.48
CA SER CB 140 35.81 -24.74 -23.04
C SER CB 140 35.91 -24.95 -21.53
N ALA CB 141 36.97 -24.45 -20.91
CA ALA CB 141 37.20 -24.69 -19.49
C ALA CB 141 36.56 -23.64 -18.59
N SER CB 142 35.65 -22.84 -19.15
CA SER CB 142 34.99 -21.75 -18.43
C SER CB 142 34.39 -22.16 -17.08
N ALA CB 143 33.69 -23.29 -17.07
CA ALA CB 143 33.03 -23.77 -15.85
C ALA CB 143 34.04 -24.25 -14.80
N MET CB 144 35.27 -24.47 -15.22
CA MET CB 144 36.33 -24.86 -14.28
C MET CB 144 37.00 -23.61 -13.70
N LEU CB 145 37.08 -22.55 -14.49
CA LEU CB 145 37.73 -21.32 -14.05
C LEU CB 145 36.84 -20.46 -13.16
N GLN CB 146 35.59 -20.27 -13.57
CA GLN CB 146 34.68 -19.38 -12.86
C GLN CB 146 34.50 -19.57 -11.34
N PRO CB 147 34.27 -20.81 -10.87
CA PRO CB 147 33.95 -20.97 -9.45
C PRO CB 147 35.05 -20.53 -8.50
N LEU CB 148 36.32 -20.72 -8.88
CA LEU CB 148 37.42 -20.31 -8.02
C LEU CB 148 37.51 -18.80 -7.90
N LEU CB 149 37.34 -18.11 -9.03
CA LEU CB 149 37.40 -16.66 -9.05
C LEU CB 149 36.22 -16.05 -8.29
N ASP CB 150 35.09 -16.75 -8.30
CA ASP CB 150 33.93 -16.34 -7.52
C ASP CB 150 34.29 -16.37 -6.04
N ASN CB 151 35.10 -17.35 -5.66
CA ASN CB 151 35.53 -17.52 -4.28
C ASN CB 151 36.67 -16.58 -3.91
N GLN CB 152 37.69 -16.54 -4.75
CA GLN CB 152 38.93 -15.83 -4.41
C GLN CB 152 38.92 -14.34 -4.72
N VAL CB 153 38.22 -13.94 -5.78
CA VAL CB 153 38.17 -12.53 -6.16
C VAL CB 153 36.88 -11.88 -5.67
N GLY CB 154 35.79 -12.65 -5.67
CA GLY CB 154 34.51 -12.15 -5.22
C GLY CB 154 34.28 -12.37 -3.74
N PHE CB 155 35.18 -13.16 -3.13
CA PHE CB 155 35.11 -13.47 -1.70
C PHE CB 155 33.79 -14.12 -1.31
N LYS CB 156 33.20 -14.88 -2.23
CA LYS CB 156 31.91 -15.49 -2.00
C LYS CB 156 32.00 -16.75 -1.15
N ASN CB 157 30.97 -16.95 -0.31
CA ASN CB 157 30.88 -18.10 0.58
C ASN CB 157 31.98 -18.14 1.64
N MET CB 158 32.59 -16.98 1.90
CA MET CB 158 33.64 -16.88 2.91
C MET CB 158 33.21 -15.98 4.07
N GLN CB 159 33.18 -16.55 5.27
CA GLN CB 159 32.76 -15.84 6.47
C GLN CB 159 33.94 -15.09 7.08
N ASN CB 160 33.66 -13.91 7.64
CA ASN CB 160 34.66 -13.05 8.27
C ASN CB 160 36.01 -12.94 7.54
N VAL CB 161 35.97 -12.74 6.24
CA VAL CB 161 37.17 -12.50 5.46
C VAL CB 161 37.25 -11.05 5.05
N GLU CB 162 38.46 -10.56 4.81
CA GLU CB 162 38.67 -9.16 4.47
C GLU CB 162 38.54 -8.93 2.97
N HIS CB 163 37.98 -7.78 2.59
CA HIS CB 163 37.76 -7.45 1.19
C HIS CB 163 38.89 -6.61 0.61
N VAL CB 164 40.10 -7.18 0.63
CA VAL CB 164 41.26 -6.51 0.06
C VAL CB 164 41.24 -6.57 -1.46
N PRO CB 165 41.37 -5.41 -2.12
CA PRO CB 165 41.33 -5.30 -3.58
C PRO CB 165 42.41 -6.13 -4.26
N LEU CB 166 42.09 -6.70 -5.42
CA LEU CB 166 43.03 -7.56 -6.12
C LEU CB 166 44.21 -6.77 -6.70
N SER CB 167 45.42 -7.17 -6.30
CA SER CB 167 46.63 -6.58 -6.84
C SER CB 167 46.99 -7.29 -8.14
N LEU CB 168 47.84 -6.67 -8.94
CA LEU CB 168 48.26 -7.24 -10.21
C LEU CB 168 48.97 -8.59 -10.01
N ASP CB 169 49.79 -8.67 -8.98
CA ASP CB 169 50.57 -9.88 -8.71
C ASP CB 169 49.67 -11.07 -8.39
N ARG CB 170 48.79 -10.89 -7.42
CA ARG CB 170 47.86 -11.94 -6.99
C ARG CB 170 46.95 -12.37 -8.12
N ALA CB 171 46.49 -11.40 -8.92
CA ALA CB 171 45.68 -11.69 -10.08
C ALA CB 171 46.44 -12.56 -11.07
N MET CB 172 47.69 -12.18 -11.34
CA MET CB 172 48.55 -12.97 -12.23
C MET CB 172 48.69 -14.41 -11.78
N ARG CB 173 49.05 -14.61 -10.52
CA ARG CB 173 49.22 -15.96 -10.01
C ARG CB 173 47.90 -16.73 -10.02
N LEU CB 174 46.78 -16.01 -9.85
CA LEU CB 174 45.47 -16.62 -9.90
C LEU CB 174 45.17 -17.15 -11.29
N VAL CB 175 45.47 -16.34 -12.29
CA VAL CB 175 45.32 -16.73 -13.70
C VAL CB 175 46.15 -17.97 -13.99
N LYS CB 176 47.43 -17.92 -13.66
CA LYS CB 176 48.31 -19.06 -13.88
C LYS CB 176 47.77 -20.31 -13.19
N ASP CB 177 47.24 -20.14 -11.98
CA ASP CB 177 46.72 -21.27 -11.21
C ASP CB 177 45.48 -21.90 -11.85
N VAL CB 178 44.48 -21.08 -12.17
CA VAL CB 178 43.27 -21.62 -12.78
C VAL CB 178 43.53 -22.25 -14.14
N PHE CB 179 44.45 -21.68 -14.91
CA PHE CB 179 44.80 -22.30 -16.19
C PHE CB 179 45.54 -23.63 -16.00
N ILE CB 180 46.46 -23.67 -15.03
CA ILE CB 180 47.17 -24.91 -14.72
C ILE CB 180 46.20 -26.01 -14.28
N SER CB 181 45.21 -25.64 -13.48
CA SER CB 181 44.20 -26.58 -13.02
C SER CB 181 43.30 -27.04 -14.17
N ALA CB 182 42.95 -26.09 -15.05
CA ALA CB 182 42.10 -26.40 -16.18
C ALA CB 182 42.79 -27.36 -17.14
N ALA CB 183 44.10 -27.22 -17.30
CA ALA CB 183 44.86 -28.08 -18.19
C ALA CB 183 44.82 -29.54 -17.74
N GLU CB 184 44.49 -29.75 -16.46
CA GLU CB 184 44.41 -31.08 -15.89
C GLU CB 184 43.14 -31.81 -16.32
N ARG CB 185 42.05 -31.06 -16.45
CA ARG CB 185 40.74 -31.66 -16.68
C ARG CB 185 40.18 -31.44 -18.08
N ASP CB 186 40.30 -30.21 -18.59
CA ASP CB 186 39.89 -29.91 -19.95
C ASP CB 186 40.92 -30.45 -20.94
N VAL CB 187 40.45 -31.21 -21.93
CA VAL CB 187 41.33 -31.77 -22.93
C VAL CB 187 41.63 -30.77 -24.04
N TYR CB 188 40.85 -29.69 -24.08
CA TYR CB 188 41.02 -28.66 -25.10
C TYR CB 188 41.97 -27.57 -24.61
N THR CB 189 42.30 -27.60 -23.33
CA THR CB 189 43.18 -26.61 -22.72
C THR CB 189 44.54 -27.20 -22.43
N GLY CB 190 45.59 -26.55 -22.91
CA GLY CB 190 46.94 -27.02 -22.68
C GLY CB 190 48.01 -26.28 -23.46
N ASP CB 191 49.17 -26.91 -23.58
CA ASP CB 191 50.32 -26.38 -24.33
C ASP CB 191 50.96 -25.13 -23.69
N ALA CB 192 50.30 -23.98 -23.82
CA ALA CB 192 50.85 -22.75 -23.25
C ALA CB 192 49.77 -21.76 -22.85
N LEU CB 193 50.10 -20.88 -21.91
CA LEU CB 193 49.19 -19.84 -21.47
C LEU CB 193 49.77 -18.46 -21.78
N ARG CB 194 49.10 -17.70 -22.62
CA ARG CB 194 49.53 -16.33 -22.88
C ARG CB 194 48.70 -15.37 -22.05
N ILE CB 195 49.39 -14.45 -21.38
CA ILE CB 195 48.75 -13.46 -20.54
C ILE CB 195 49.06 -12.05 -21.04
N CYS CB 196 48.04 -11.22 -21.13
CA CYS CB 196 48.21 -9.86 -21.60
C CYS CB 196 47.80 -8.86 -20.51
N ILE CB 197 48.77 -8.09 -20.02
CA ILE CB 197 48.47 -7.12 -18.97
C ILE CB 197 48.36 -5.73 -19.55
N VAL CB 198 47.30 -5.02 -19.17
CA VAL CB 198 47.02 -3.70 -19.72
C VAL CB 198 46.98 -2.66 -18.61
N THR CB 199 47.94 -1.75 -18.64
CA THR CB 199 48.03 -0.66 -17.68
C THR CB 199 48.21 0.65 -18.43
N LYS CB 200 48.40 1.74 -17.68
CA LYS CB 200 48.64 3.04 -18.28
C LYS CB 200 49.90 3.02 -19.14
N GLU CB 201 50.86 2.19 -18.74
CA GLU CB 201 52.12 2.05 -19.48
C GLU CB 201 51.90 1.40 -20.84
N GLY CB 202 50.95 0.48 -20.92
CA GLY CB 202 50.65 -0.19 -22.17
C GLY CB 202 50.28 -1.66 -22.00
N ILE CB 203 50.76 -2.48 -22.92
CA ILE CB 203 50.41 -3.90 -22.94
C ILE CB 203 51.62 -4.82 -22.86
N ARG CB 204 51.75 -5.54 -21.76
CA ARG CB 204 52.79 -6.56 -21.61
C ARG CB 204 52.26 -7.91 -22.05
N GLU CB 205 53.14 -8.75 -22.59
CA GLU CB 205 52.79 -10.12 -22.94
C GLU CB 205 53.71 -11.13 -22.24
N GLU CB 206 53.12 -11.98 -21.42
CA GLU CB 206 53.86 -13.04 -20.74
C GLU CB 206 53.38 -14.40 -21.24
N THR CB 207 54.24 -15.41 -21.13
CA THR CB 207 53.91 -16.75 -21.64
C THR CB 207 54.34 -17.88 -20.71
N VAL CB 208 53.39 -18.38 -19.92
CA VAL CB 208 53.62 -19.53 -19.06
C VAL CB 208 53.43 -20.82 -19.88
N SER CB 209 53.93 -21.94 -19.38
CA SER CB 209 53.82 -23.20 -20.09
C SER CB 209 52.84 -24.16 -19.41
N LEU CB 210 52.05 -24.84 -20.24
CA LEU CB 210 51.09 -25.83 -19.75
C LEU CB 210 51.46 -27.20 -20.32
N ARG CB 211 50.89 -28.27 -19.76
CA ARG CB 211 51.24 -29.61 -20.18
C ARG CB 211 50.77 -29.90 -21.61
N LYS CB 212 51.42 -30.85 -22.26
CA LYS CB 212 51.22 -31.07 -23.69
C LYS CB 212 50.34 -32.27 -24.03
N ASP CB 213 49.70 -32.87 -23.03
CA ASP CB 213 48.85 -34.03 -23.27
C ASP CB 213 47.40 -33.63 -23.54
N THR DB 1 30.24 -26.92 -53.66
CA THR DB 1 30.23 -28.38 -53.67
C THR DB 1 29.61 -28.93 -52.38
N GLN DB 2 28.54 -29.70 -52.53
CA GLN DB 2 27.88 -30.32 -51.38
C GLN DB 2 28.29 -31.79 -51.24
N ASN DB 3 28.63 -32.40 -52.37
CA ASN DB 3 29.07 -33.79 -52.38
C ASN DB 3 30.33 -33.96 -53.25
N PRO DB 4 31.49 -34.08 -52.58
CA PRO DB 4 32.76 -34.24 -53.29
C PRO DB 4 32.80 -35.51 -54.12
N MET DB 5 33.44 -35.44 -55.29
CA MET DB 5 33.51 -36.59 -56.19
C MET DB 5 34.92 -37.14 -56.25
N VAL DB 6 35.67 -36.81 -57.30
CA VAL DB 6 37.06 -37.22 -57.40
C VAL DB 6 37.91 -36.43 -56.41
N THR DB 7 38.56 -37.15 -55.50
CA THR DB 7 39.32 -36.51 -54.43
C THR DB 7 40.75 -36.99 -54.32
N GLY DB 8 41.59 -36.18 -53.68
CA GLY DB 8 42.95 -36.56 -53.35
C GLY DB 8 43.07 -36.60 -51.85
N THR DB 9 44.01 -37.40 -51.33
CA THR DB 9 44.14 -37.57 -49.89
C THR DB 9 45.15 -36.62 -49.26
N SER DB 10 46.00 -37.15 -48.37
CA SER DB 10 46.88 -36.32 -47.54
C SER DB 10 47.82 -35.39 -48.30
N VAL DB 11 48.15 -34.27 -47.68
CA VAL DB 11 49.18 -33.36 -48.18
C VAL DB 11 50.12 -32.98 -47.03
N LEU DB 12 51.42 -33.16 -47.23
CA LEU DB 12 52.39 -32.89 -46.18
C LEU DB 12 53.19 -31.62 -46.44
N GLY DB 13 53.63 -30.98 -45.37
CA GLY DB 13 54.47 -29.80 -45.47
C GLY DB 13 55.39 -29.69 -44.27
N VAL DB 14 56.59 -29.17 -44.49
CA VAL DB 14 57.52 -28.93 -43.40
C VAL DB 14 58.60 -27.91 -43.79
N LYS DB 15 58.89 -27.00 -42.86
CA LYS DB 15 59.92 -25.98 -43.04
C LYS DB 15 61.31 -26.56 -42.85
N PHE DB 16 62.29 -25.99 -43.56
CA PHE DB 16 63.69 -26.31 -43.32
C PHE DB 16 64.57 -25.07 -43.49
N GLU DB 17 65.86 -25.23 -43.20
CA GLU DB 17 66.79 -24.12 -43.31
C GLU DB 17 66.81 -23.53 -44.71
N GLY DB 18 66.17 -22.36 -44.86
CA GLY DB 18 66.18 -21.65 -46.11
C GLY DB 18 65.21 -22.20 -47.14
N GLY DB 19 64.08 -22.73 -46.67
CA GLY DB 19 63.08 -23.24 -47.58
C GLY DB 19 61.96 -24.06 -46.96
N VAL DB 20 61.04 -24.50 -47.80
CA VAL DB 20 59.90 -25.31 -47.36
C VAL DB 20 59.63 -26.45 -48.34
N VAL DB 21 59.32 -27.64 -47.81
CA VAL DB 21 59.04 -28.79 -48.67
C VAL DB 21 57.62 -29.33 -48.47
N ILE DB 22 56.98 -29.73 -49.56
CA ILE DB 22 55.60 -30.22 -49.55
C ILE DB 22 55.49 -31.51 -50.36
N ALA DB 23 54.68 -32.45 -49.89
CA ALA DB 23 54.49 -33.71 -50.63
C ALA DB 23 53.01 -34.04 -50.81
N ALA DB 24 52.71 -34.73 -51.91
CA ALA DB 24 51.33 -35.20 -52.16
C ALA DB 24 51.30 -36.25 -53.27
N ASP DB 25 50.54 -37.33 -53.07
CA ASP DB 25 50.45 -38.36 -54.09
C ASP DB 25 49.68 -37.89 -55.31
N MET DB 26 49.84 -38.60 -56.42
CA MET DB 26 49.25 -38.19 -57.69
C MET DB 26 47.97 -38.96 -57.99
N LEU DB 27 47.17 -39.20 -56.95
CA LEU DB 27 45.96 -39.99 -57.10
C LEU DB 27 44.68 -39.19 -56.94
N GLY DB 28 43.77 -39.39 -57.89
CA GLY DB 28 42.40 -38.90 -57.79
C GLY DB 28 41.48 -40.09 -57.66
N SER DB 29 40.83 -40.18 -56.50
CA SER DB 29 40.00 -41.35 -56.18
C SER DB 29 38.51 -41.04 -56.35
N TYR DB 30 37.81 -41.96 -57.01
CA TYR DB 30 36.37 -41.87 -57.16
C TYR DB 30 35.73 -42.83 -56.16
N GLY DB 31 35.69 -42.40 -54.90
CA GLY DB 31 35.24 -43.26 -53.82
C GLY DB 31 36.37 -44.16 -53.37
N SER DB 32 36.21 -45.46 -53.55
CA SER DB 32 37.25 -46.41 -53.21
C SER DB 32 38.06 -46.75 -54.45
N LEU DB 33 37.66 -46.17 -55.58
CA LEU DB 33 38.31 -46.45 -56.85
C LEU DB 33 39.47 -45.50 -57.13
N ALA DB 34 40.66 -46.06 -57.33
CA ALA DB 34 41.80 -45.26 -57.75
C ALA DB 34 41.66 -44.95 -59.23
N ARG DB 35 40.88 -43.92 -59.53
CA ARG DB 35 40.49 -43.64 -60.91
C ARG DB 35 41.57 -42.95 -61.75
N PHE DB 36 42.09 -41.83 -61.25
CA PHE DB 36 43.08 -41.08 -62.01
C PHE DB 36 44.43 -41.10 -61.32
N ARG DB 37 45.28 -42.05 -61.70
CA ARG DB 37 46.54 -42.29 -60.99
C ARG DB 37 47.70 -41.45 -61.51
N ASN DB 38 47.42 -40.34 -62.17
CA ASN DB 38 48.48 -39.49 -62.69
C ASN DB 38 48.08 -38.02 -62.78
N ILE DB 39 47.81 -37.41 -61.63
CA ILE DB 39 47.41 -36.01 -61.59
C ILE DB 39 48.21 -35.23 -60.56
N SER DB 40 48.55 -33.98 -60.88
CA SER DB 40 49.32 -33.16 -59.96
C SER DB 40 48.39 -32.41 -59.01
N ARG DB 41 48.60 -32.60 -57.71
CA ARG DB 41 47.83 -31.90 -56.70
C ARG DB 41 48.68 -30.82 -56.05
N ILE DB 42 49.70 -30.38 -56.78
CA ILE DB 42 50.57 -29.31 -56.32
C ILE DB 42 50.72 -28.23 -57.38
N MET DB 43 50.52 -26.98 -56.98
CA MET DB 43 50.58 -25.85 -57.91
C MET DB 43 51.66 -24.86 -57.52
N ARG DB 44 52.35 -24.34 -58.53
CA ARG DB 44 53.33 -23.27 -58.31
C ARG DB 44 52.64 -21.91 -58.42
N VAL DB 45 52.36 -21.31 -57.27
CA VAL DB 45 51.85 -19.95 -57.22
C VAL DB 45 53.03 -19.00 -57.16
N ASN DB 46 53.30 -18.32 -58.27
CA ASN DB 46 54.52 -17.50 -58.43
C ASN DB 46 55.83 -18.17 -57.97
N ASN DB 47 56.86 -17.36 -57.74
CA ASN DB 47 58.18 -17.90 -57.42
C ASN DB 47 58.48 -18.01 -55.92
N SER DB 48 57.65 -17.40 -55.09
CA SER DB 48 57.89 -17.39 -53.66
C SER DB 48 56.95 -18.33 -52.89
N THR DB 49 55.89 -18.78 -53.53
CA THR DB 49 54.96 -19.68 -52.87
C THR DB 49 54.52 -20.88 -53.72
N MET DB 50 53.79 -21.79 -53.08
CA MET DB 50 53.35 -23.02 -53.73
C MET DB 50 52.22 -23.63 -52.91
N LEU DB 51 51.39 -24.44 -53.54
CA LEU DB 51 50.18 -24.94 -52.90
C LEU DB 51 49.95 -26.43 -53.13
N GLY DB 52 49.62 -27.14 -52.06
CA GLY DB 52 49.18 -28.52 -52.13
C GLY DB 52 47.74 -28.61 -51.64
N ALA DB 53 46.95 -29.48 -52.25
CA ALA DB 53 45.52 -29.56 -51.94
C ALA DB 53 44.97 -30.96 -51.73
N SER DB 54 44.16 -31.10 -50.68
CA SER DB 54 43.41 -32.31 -50.40
C SER DB 54 41.93 -32.04 -50.69
N GLY DB 55 41.19 -33.10 -51.02
CA GLY DB 55 39.76 -32.96 -51.24
C GLY DB 55 39.39 -33.02 -52.71
N ASP DB 56 38.26 -32.39 -53.04
CA ASP DB 56 37.71 -32.46 -54.39
C ASP DB 56 38.65 -31.82 -55.41
N TYR DB 57 39.06 -32.62 -56.39
CA TYR DB 57 40.06 -32.18 -57.37
C TYR DB 57 39.55 -31.09 -58.30
N ALA DB 58 38.25 -31.10 -58.58
CA ALA DB 58 37.67 -30.10 -59.47
C ALA DB 58 37.73 -28.71 -58.86
N ASP DB 59 37.37 -28.61 -57.59
CA ASP DB 59 37.45 -27.35 -56.85
C ASP DB 59 38.90 -26.86 -56.78
N PHE DB 60 39.82 -27.81 -56.65
CA PHE DB 60 41.23 -27.48 -56.67
C PHE DB 60 41.64 -26.91 -58.02
N GLN DB 61 41.08 -27.47 -59.09
CA GLN DB 61 41.35 -26.96 -60.43
C GLN DB 61 40.81 -25.54 -60.58
N TYR DB 62 39.65 -25.29 -59.96
CA TYR DB 62 39.06 -23.96 -59.95
C TYR DB 62 39.98 -22.96 -59.26
N LEU DB 63 40.41 -23.30 -58.04
CA LEU DB 63 41.32 -22.44 -57.28
C LEU DB 63 42.63 -22.23 -58.02
N LYS DB 64 43.05 -23.26 -58.77
CA LYS DB 64 44.27 -23.19 -59.55
C LYS DB 64 44.11 -22.16 -60.66
N GLN DB 65 42.96 -22.21 -61.33
CA GLN DB 65 42.62 -21.24 -62.38
C GLN DB 65 42.61 -19.81 -61.83
N VAL DB 66 41.88 -19.62 -60.75
CA VAL DB 66 41.73 -18.32 -60.12
C VAL DB 66 43.07 -17.74 -59.64
N LEU DB 67 43.82 -18.53 -58.89
CA LEU DB 67 45.12 -18.11 -58.39
C LEU DB 67 46.08 -17.78 -59.52
N GLY DB 68 46.09 -18.63 -60.56
CA GLY DB 68 46.91 -18.39 -61.73
C GLY DB 68 46.59 -17.04 -62.36
N GLN DB 69 45.29 -16.77 -62.49
CA GLN DB 69 44.85 -15.49 -63.03
C GLN DB 69 45.27 -14.31 -62.16
N MET DB 70 45.18 -14.46 -60.85
CA MET DB 70 45.60 -13.40 -59.94
C MET DB 70 47.08 -13.09 -60.10
N VAL DB 71 47.89 -14.15 -60.17
CA VAL DB 71 49.33 -14.00 -60.32
C VAL DB 71 49.67 -13.34 -61.64
N ILE DB 72 49.00 -13.75 -62.71
CA ILE DB 72 49.19 -13.10 -64.01
C ILE DB 72 48.82 -11.62 -63.96
N ASP DB 73 47.64 -11.34 -63.41
CA ASP DB 73 47.15 -9.97 -63.24
C ASP DB 73 48.16 -9.09 -62.53
N GLU DB 74 48.74 -9.61 -61.46
CA GLU DB 74 49.75 -8.87 -60.72
C GLU DB 74 51.02 -8.68 -61.54
N GLU DB 75 51.47 -9.77 -62.17
CA GLU DB 75 52.70 -9.75 -62.96
C GLU DB 75 52.62 -8.80 -64.16
N LEU DB 76 51.41 -8.46 -64.58
CA LEU DB 76 51.23 -7.52 -65.68
C LEU DB 76 51.67 -6.11 -65.32
N LEU DB 77 51.41 -5.71 -64.07
CA LEU DB 77 51.74 -4.36 -63.62
C LEU DB 77 53.25 -4.12 -63.58
N GLY DB 78 53.98 -5.06 -63.00
CA GLY DB 78 55.43 -4.93 -62.88
C GLY DB 78 55.82 -3.72 -62.07
N ASP DB 79 55.02 -3.40 -61.05
CA ASP DB 79 55.26 -2.23 -60.22
C ASP DB 79 56.24 -2.52 -59.07
N GLY DB 80 56.88 -3.68 -59.12
CA GLY DB 80 57.87 -4.03 -58.12
C GLY DB 80 57.30 -4.72 -56.90
N HIS DB 81 55.98 -4.89 -56.88
CA HIS DB 81 55.32 -5.58 -55.78
C HIS DB 81 54.81 -6.94 -56.23
N SER DB 82 54.83 -7.91 -55.34
CA SER DB 82 54.29 -9.24 -55.63
C SER DB 82 53.62 -9.86 -54.42
N TYR DB 83 52.81 -10.88 -54.64
CA TYR DB 83 52.11 -11.57 -53.57
C TYR DB 83 53.06 -12.40 -52.72
N SER DB 84 53.18 -12.06 -51.45
CA SER DB 84 53.94 -12.87 -50.51
C SER DB 84 53.15 -14.11 -50.18
N PRO DB 85 53.83 -15.19 -49.75
CA PRO DB 85 53.13 -16.41 -49.34
C PRO DB 85 52.06 -16.14 -48.28
N ARG DB 86 52.37 -15.27 -47.32
CA ARG DB 86 51.41 -14.91 -46.29
C ARG DB 86 50.16 -14.25 -46.89
N ALA DB 87 50.38 -13.42 -47.90
CA ALA DB 87 49.28 -12.74 -48.57
C ALA DB 87 48.36 -13.73 -49.29
N ILE DB 88 48.96 -14.64 -50.03
CA ILE DB 88 48.22 -15.70 -50.72
C ILE DB 88 47.43 -16.54 -49.72
N HIS DB 89 48.07 -16.87 -48.61
CA HIS DB 89 47.42 -17.62 -47.53
C HIS DB 89 46.21 -16.87 -46.99
N SER DB 90 46.36 -15.56 -46.81
CA SER DB 90 45.29 -14.73 -46.28
C SER DB 90 44.12 -14.69 -47.25
N TRP DB 91 44.44 -14.49 -48.52
CA TRP DB 91 43.42 -14.47 -49.57
C TRP DB 91 42.66 -15.80 -49.60
N LEU DB 92 43.39 -16.89 -49.63
CA LEU DB 92 42.78 -18.22 -49.68
C LEU DB 92 41.88 -18.44 -48.48
N THR DB 93 42.33 -18.01 -47.30
CA THR DB 93 41.50 -18.09 -46.09
C THR DB 93 40.19 -17.34 -46.30
N ARG DB 94 40.30 -16.10 -46.77
CA ARG DB 94 39.13 -15.26 -47.05
C ARG DB 94 38.16 -15.92 -48.02
N ALA DB 95 38.72 -16.54 -49.06
CA ALA DB 95 37.92 -17.18 -50.11
C ALA DB 95 37.17 -18.40 -49.56
N MET DB 96 37.90 -19.30 -48.92
CA MET DB 96 37.31 -20.51 -48.35
C MET DB 96 36.22 -20.16 -47.34
N TYR DB 97 36.49 -19.17 -46.49
CA TYR DB 97 35.48 -18.75 -45.53
C TYR DB 97 34.27 -18.13 -46.22
N SER DB 98 34.51 -17.41 -47.30
CA SER DB 98 33.42 -16.79 -48.05
C SER DB 98 32.50 -17.85 -48.65
N ARG DB 99 33.09 -18.87 -49.27
CA ARG DB 99 32.32 -19.97 -49.82
C ARG DB 99 31.61 -20.76 -48.72
N ARG DB 100 32.27 -20.93 -47.58
CA ARG DB 100 31.68 -21.58 -46.42
C ARG DB 100 30.42 -20.86 -45.98
N SER DB 101 30.50 -19.53 -45.93
CA SER DB 101 29.40 -18.72 -45.43
C SER DB 101 28.26 -18.61 -46.43
N LYS DB 102 28.53 -18.98 -47.68
CA LYS DB 102 27.49 -19.03 -48.70
C LYS DB 102 26.83 -20.42 -48.71
N MET DB 103 27.22 -21.24 -47.74
CA MET DB 103 26.78 -22.63 -47.66
C MET DB 103 27.09 -23.42 -48.93
N ASN DB 104 28.12 -22.96 -49.64
CA ASN DB 104 28.59 -23.63 -50.85
C ASN DB 104 30.11 -23.70 -50.85
N PRO DB 105 30.66 -24.59 -50.03
CA PRO DB 105 32.11 -24.64 -49.80
C PRO DB 105 32.90 -25.19 -50.98
N LEU DB 106 34.18 -24.86 -51.03
CA LEU DB 106 35.10 -25.52 -51.93
C LEU DB 106 35.71 -26.68 -51.14
N TRP DB 107 35.28 -27.90 -51.46
CA TRP DB 107 35.67 -29.06 -50.66
C TRP DB 107 37.16 -29.34 -50.73
N ASN DB 108 37.95 -28.46 -50.09
CA ASN DB 108 39.40 -28.61 -50.06
C ASN DB 108 40.03 -28.31 -48.71
N THR DB 109 41.14 -28.97 -48.44
CA THR DB 109 41.98 -28.65 -47.29
C THR DB 109 43.39 -28.43 -47.83
N MET DB 110 43.93 -27.24 -47.63
CA MET DB 110 45.16 -26.88 -48.35
C MET DB 110 46.35 -26.49 -47.49
N VAL DB 111 47.53 -26.80 -48.01
CA VAL DB 111 48.80 -26.43 -47.40
C VAL DB 111 49.61 -25.54 -48.33
N ILE DB 112 49.87 -24.32 -47.89
CA ILE DB 112 50.67 -23.38 -48.67
C ILE DB 112 52.08 -23.28 -48.12
N GLY DB 113 53.06 -23.63 -48.94
CA GLY DB 113 54.46 -23.50 -48.56
C GLY DB 113 55.07 -22.30 -49.27
N GLY DB 114 56.05 -21.67 -48.64
CA GLY DB 114 56.67 -20.51 -49.25
C GLY DB 114 58.00 -20.11 -48.66
N TYR DB 115 58.72 -19.25 -49.38
CA TYR DB 115 59.97 -18.68 -48.89
C TYR DB 115 60.18 -17.28 -49.45
N ALA DB 116 60.04 -16.28 -48.57
CA ALA DB 116 60.24 -14.89 -48.96
C ALA DB 116 60.80 -14.09 -47.80
N ASP DB 117 61.68 -13.14 -48.13
CA ASP DB 117 62.35 -12.31 -47.12
C ASP DB 117 63.15 -13.15 -46.13
N GLY DB 118 63.73 -14.24 -46.62
CA GLY DB 118 64.60 -15.09 -45.82
C GLY DB 118 63.88 -15.94 -44.79
N GLU DB 119 62.55 -15.86 -44.77
CA GLU DB 119 61.75 -16.61 -43.81
C GLU DB 119 60.97 -17.73 -44.50
N SER DB 120 60.89 -18.88 -43.83
CA SER DB 120 60.10 -20.00 -44.35
C SER DB 120 58.65 -19.91 -43.88
N PHE DB 121 57.73 -20.07 -44.83
CA PHE DB 121 56.31 -20.00 -44.52
C PHE DB 121 55.59 -21.33 -44.76
N LEU DB 122 54.68 -21.67 -43.84
CA LEU DB 122 53.85 -22.86 -43.98
C LEU DB 122 52.48 -22.59 -43.37
N GLY DB 123 51.45 -22.59 -44.21
CA GLY DB 123 50.10 -22.26 -43.78
C GLY DB 123 49.06 -23.31 -44.13
N TYR DB 124 48.05 -23.42 -43.28
CA TYR DB 124 46.99 -24.41 -43.43
C TYR DB 124 45.69 -23.66 -43.59
N VAL DB 125 44.84 -24.14 -44.52
CA VAL DB 125 43.52 -23.56 -44.76
C VAL DB 125 42.43 -24.63 -44.90
N ASP DB 126 41.36 -24.50 -44.12
CA ASP DB 126 40.22 -25.42 -44.15
C ASP DB 126 39.23 -25.05 -45.25
N MET DB 127 38.19 -25.86 -45.37
CA MET DB 127 37.08 -25.52 -46.26
C MET DB 127 36.09 -24.64 -45.51
N LEU DB 128 36.29 -24.52 -44.21
CA LEU DB 128 35.44 -23.69 -43.37
C LEU DB 128 36.09 -22.34 -43.09
N GLY DB 129 37.33 -22.18 -43.54
CA GLY DB 129 38.05 -20.95 -43.34
C GLY DB 129 38.89 -20.96 -42.07
N VAL DB 130 39.13 -22.16 -41.54
CA VAL DB 130 40.04 -22.34 -40.42
C VAL DB 130 41.47 -22.35 -40.94
N ALA DB 131 42.25 -21.35 -40.55
CA ALA DB 131 43.60 -21.22 -41.06
C ALA DB 131 44.62 -20.96 -39.97
N TYR DB 132 45.85 -21.44 -40.17
CA TYR DB 132 46.92 -21.18 -39.21
C TYR DB 132 48.31 -21.44 -39.76
N GLU DB 133 49.33 -21.06 -38.99
CA GLU DB 133 50.72 -21.31 -39.36
C GLU DB 133 51.35 -22.34 -38.44
N ALA DB 134 52.25 -23.16 -38.97
CA ALA DB 134 52.94 -24.17 -38.19
C ALA DB 134 54.21 -24.63 -38.92
N PRO DB 135 55.22 -25.10 -38.16
CA PRO DB 135 56.45 -25.61 -38.75
C PRO DB 135 56.25 -26.90 -39.52
N SER DB 136 55.19 -27.64 -39.19
CA SER DB 136 54.83 -28.85 -39.92
C SER DB 136 53.33 -28.93 -40.13
N LEU DB 137 52.92 -29.51 -41.27
CA LEU DB 137 51.50 -29.63 -41.59
C LEU DB 137 51.18 -30.95 -42.25
N ALA DB 138 50.01 -31.48 -41.93
CA ALA DB 138 49.54 -32.72 -42.53
C ALA DB 138 48.02 -32.71 -42.61
N THR DB 139 47.49 -32.96 -43.81
CA THR DB 139 46.05 -32.97 -44.02
C THR DB 139 45.53 -34.41 -44.12
N GLY DB 140 44.26 -34.60 -43.78
CA GLY DB 140 43.65 -35.91 -43.84
C GLY DB 140 44.31 -36.89 -42.91
N TYR DB 141 44.48 -38.12 -43.37
CA TYR DB 141 45.08 -39.17 -42.54
C TYR DB 141 46.51 -38.84 -42.12
N GLY DB 142 47.17 -38.00 -42.90
CA GLY DB 142 48.49 -37.51 -42.55
C GLY DB 142 48.47 -36.90 -41.16
N ALA DB 143 47.43 -36.11 -40.90
CA ALA DB 143 47.27 -35.44 -39.62
C ALA DB 143 47.20 -36.43 -38.45
N TYR DB 144 46.86 -37.68 -38.75
CA TYR DB 144 46.80 -38.72 -37.73
C TYR DB 144 48.05 -39.60 -37.77
N LEU DB 145 48.70 -39.65 -38.94
CA LEU DB 145 49.81 -40.58 -39.13
C LEU DB 145 51.17 -39.89 -39.31
N ALA DB 146 51.24 -38.94 -40.23
CA ALA DB 146 52.50 -38.28 -40.54
C ALA DB 146 52.86 -37.20 -39.52
N GLN DB 147 51.88 -36.39 -39.15
CA GLN DB 147 52.10 -35.29 -38.20
C GLN DB 147 52.72 -35.68 -36.86
N PRO DB 148 52.30 -36.81 -36.26
CA PRO DB 148 52.98 -37.21 -35.02
C PRO DB 148 54.49 -37.43 -35.20
N LEU DB 149 54.89 -38.00 -36.33
CA LEU DB 149 56.31 -38.20 -36.63
C LEU DB 149 57.02 -36.88 -36.80
N LEU DB 150 56.40 -35.96 -37.55
CA LEU DB 150 56.99 -34.66 -37.83
C LEU DB 150 57.21 -33.85 -36.55
N ARG DB 151 56.22 -33.84 -35.67
CA ARG DB 151 56.33 -33.10 -34.42
C ARG DB 151 57.39 -33.69 -33.49
N GLU DB 152 57.53 -35.01 -33.52
CA GLU DB 152 58.52 -35.70 -32.70
C GLU DB 152 59.92 -35.19 -33.02
N VAL DB 153 60.19 -35.03 -34.31
CA VAL DB 153 61.49 -34.56 -34.77
C VAL DB 153 61.68 -33.06 -34.51
N LEU DB 154 60.66 -32.28 -34.84
CA LEU DB 154 60.75 -30.82 -34.71
C LEU DB 154 60.83 -30.32 -33.28
N GLU DB 155 60.41 -31.15 -32.32
CA GLU DB 155 60.51 -30.78 -30.91
C GLU DB 155 61.82 -31.29 -30.32
N LYS DB 156 62.55 -32.07 -31.11
CA LYS DB 156 63.87 -32.55 -30.71
C LYS DB 156 64.95 -31.82 -31.50
N GLN DB 157 64.54 -31.16 -32.58
CA GLN DB 157 65.44 -30.42 -33.47
C GLN DB 157 64.64 -29.50 -34.37
N PRO DB 158 64.35 -28.28 -33.89
CA PRO DB 158 63.52 -27.29 -34.61
C PRO DB 158 64.00 -27.01 -36.03
N VAL DB 159 65.30 -26.83 -36.21
CA VAL DB 159 65.84 -26.55 -37.54
C VAL DB 159 66.32 -27.82 -38.25
N LEU DB 160 65.83 -28.03 -39.47
CA LEU DB 160 66.22 -29.18 -40.26
C LEU DB 160 66.91 -28.72 -41.54
N SER DB 161 67.80 -29.56 -42.07
CA SER DB 161 68.39 -29.30 -43.37
C SER DB 161 67.39 -29.75 -44.43
N GLN DB 162 67.63 -29.35 -45.68
CA GLN DB 162 66.74 -29.72 -46.77
C GLN DB 162 66.70 -31.24 -46.94
N THR DB 163 67.86 -31.88 -46.85
CA THR DB 163 67.96 -33.32 -46.98
C THR DB 163 67.24 -34.04 -45.83
N GLU DB 164 67.38 -33.49 -44.63
CA GLU DB 164 66.72 -34.05 -43.45
C GLU DB 164 65.20 -34.01 -43.61
N ALA DB 165 64.69 -32.83 -43.97
CA ALA DB 165 63.26 -32.65 -44.19
C ALA DB 165 62.76 -33.56 -45.30
N ARG DB 166 63.55 -33.70 -46.36
CA ARG DB 166 63.17 -34.55 -47.49
C ARG DB 166 63.08 -36.01 -47.06
N ASP DB 167 64.02 -36.44 -46.23
CA ASP DB 167 64.01 -37.79 -45.68
C ASP DB 167 62.76 -38.02 -44.84
N LEU DB 168 62.51 -37.08 -43.92
CA LEU DB 168 61.32 -37.13 -43.06
C LEU DB 168 60.06 -37.28 -43.90
N VAL DB 169 59.95 -36.44 -44.93
CA VAL DB 169 58.83 -36.48 -45.85
C VAL DB 169 58.69 -37.85 -46.52
N GLU DB 170 59.80 -38.38 -47.03
CA GLU DB 170 59.79 -39.69 -47.68
C GLU DB 170 59.26 -40.78 -46.74
N ARG DB 171 59.77 -40.79 -45.51
CA ARG DB 171 59.32 -41.77 -44.51
C ARG DB 171 57.84 -41.62 -44.19
N CYS DB 172 57.38 -40.38 -44.08
CA CYS DB 172 55.98 -40.11 -43.81
C CYS DB 172 55.08 -40.60 -44.95
N MET DB 173 55.52 -40.38 -46.19
CA MET DB 173 54.78 -40.86 -47.35
C MET DB 173 54.74 -42.38 -47.36
N ARG DB 174 55.81 -43.01 -46.87
CA ARG DB 174 55.84 -44.46 -46.75
C ARG DB 174 54.79 -44.95 -45.73
N VAL DB 175 54.78 -44.31 -44.56
CA VAL DB 175 53.79 -44.63 -43.54
C VAL DB 175 52.36 -44.48 -44.07
N LEU DB 176 52.12 -43.37 -44.77
CA LEU DB 176 50.81 -43.10 -45.34
C LEU DB 176 50.40 -44.14 -46.38
N TYR DB 177 51.35 -44.55 -47.21
CA TYR DB 177 51.09 -45.58 -48.21
C TYR DB 177 50.76 -46.89 -47.50
N TYR DB 178 51.40 -47.15 -46.37
CA TYR DB 178 51.13 -48.35 -45.60
C TYR DB 178 49.72 -48.36 -45.02
N ARG DB 179 49.30 -47.25 -44.41
CA ARG DB 179 48.08 -47.24 -43.61
C ARG DB 179 46.87 -46.53 -44.22
N ASP DB 180 47.09 -45.67 -45.20
CA ASP DB 180 45.97 -44.97 -45.86
C ASP DB 180 45.50 -45.76 -47.07
N ALA DB 181 44.25 -46.22 -47.02
CA ALA DB 181 43.70 -47.06 -48.06
C ALA DB 181 43.35 -46.29 -49.34
N ARG DB 182 43.36 -44.97 -49.25
CA ARG DB 182 43.03 -44.13 -50.40
C ARG DB 182 44.25 -43.36 -50.91
N SER DB 183 45.44 -43.89 -50.61
CA SER DB 183 46.68 -43.30 -51.10
C SER DB 183 47.22 -44.08 -52.29
N TYR DB 184 48.43 -43.77 -52.70
CA TYR DB 184 49.01 -44.35 -53.92
C TYR DB 184 50.52 -44.24 -53.92
N ASN DB 185 51.20 -45.30 -54.39
CA ASN DB 185 52.65 -45.33 -54.40
C ASN DB 185 53.23 -44.56 -55.58
N ARG DB 186 52.88 -43.29 -55.66
CA ARG DB 186 53.36 -42.42 -56.73
C ARG DB 186 53.05 -40.98 -56.35
N PHE DB 187 54.06 -40.27 -55.87
CA PHE DB 187 53.83 -38.93 -55.31
C PHE DB 187 54.75 -37.86 -55.86
N GLN DB 188 54.52 -36.63 -55.42
CA GLN DB 188 55.32 -35.48 -55.84
C GLN DB 188 55.82 -34.70 -54.64
N ILE DB 189 57.02 -34.15 -54.81
CA ILE DB 189 57.63 -33.28 -53.81
C ILE DB 189 57.93 -31.93 -54.43
N ALA DB 190 57.39 -30.87 -53.84
CA ALA DB 190 57.68 -29.52 -54.28
C ALA DB 190 58.51 -28.80 -53.21
N THR DB 191 59.38 -27.89 -53.65
CA THR DB 191 60.28 -27.21 -52.74
C THR DB 191 60.40 -25.73 -53.07
N VAL DB 192 60.30 -24.89 -52.05
CA VAL DB 192 60.61 -23.48 -52.19
C VAL DB 192 61.93 -23.16 -51.53
N THR DB 193 62.81 -22.50 -52.29
CA THR DB 193 64.03 -21.92 -51.74
C THR DB 193 64.12 -20.50 -52.28
N GLU DB 194 65.27 -19.87 -52.13
CA GLU DB 194 65.46 -18.54 -52.70
C GLU DB 194 65.62 -18.64 -54.21
N LYS DB 195 65.93 -19.85 -54.68
CA LYS DB 195 66.09 -20.11 -56.11
C LYS DB 195 64.75 -20.30 -56.81
N GLY DB 196 63.68 -20.40 -56.03
CA GLY DB 196 62.35 -20.52 -56.59
C GLY DB 196 61.60 -21.78 -56.18
N VAL DB 197 60.61 -22.15 -56.97
CA VAL DB 197 59.79 -23.33 -56.70
C VAL DB 197 60.14 -24.47 -57.66
N GLU DB 198 60.41 -25.65 -57.11
CA GLU DB 198 60.77 -26.80 -57.93
C GLU DB 198 59.93 -28.03 -57.59
N ILE DB 199 59.22 -28.56 -58.58
CA ILE DB 199 58.42 -29.75 -58.39
C ILE DB 199 59.09 -30.96 -59.03
N GLU DB 200 59.44 -31.94 -58.20
CA GLU DB 200 60.14 -33.13 -58.68
C GLU DB 200 59.16 -34.19 -59.17
N GLY DB 201 59.52 -34.87 -60.25
CA GLY DB 201 58.64 -35.79 -60.94
C GLY DB 201 58.15 -36.98 -60.14
N PRO DB 202 57.52 -37.94 -60.82
CA PRO DB 202 56.88 -39.11 -60.19
C PRO DB 202 57.86 -39.93 -59.35
N LEU DB 203 57.66 -39.88 -58.03
CA LEU DB 203 58.50 -40.63 -57.11
C LEU DB 203 57.74 -41.85 -56.58
N SER DB 204 58.49 -42.90 -56.28
CA SER DB 204 57.91 -44.09 -55.66
C SER DB 204 58.48 -44.27 -54.26
N THR DB 205 57.79 -45.04 -53.43
CA THR DB 205 58.26 -45.32 -52.08
C THR DB 205 58.63 -46.78 -51.91
N GLU DB 206 59.85 -47.04 -51.47
CA GLU DB 206 60.28 -48.40 -51.19
C GLU DB 206 59.43 -48.97 -50.05
N THR DB 207 59.04 -50.22 -50.18
CA THR DB 207 58.17 -50.84 -49.19
C THR DB 207 58.72 -52.16 -48.68
N ASN DB 208 58.67 -52.32 -47.35
CA ASN DB 208 59.07 -53.56 -46.72
C ASN DB 208 57.84 -54.40 -46.39
N TRP DB 209 57.87 -55.68 -46.74
CA TRP DB 209 56.75 -56.57 -46.49
C TRP DB 209 57.19 -57.87 -45.83
N ASP DB 210 58.21 -57.78 -44.98
CA ASP DB 210 58.74 -58.97 -44.31
C ASP DB 210 57.78 -59.49 -43.24
N ILE DB 211 57.01 -58.58 -42.64
CA ILE DB 211 56.04 -58.96 -41.63
C ILE DB 211 54.90 -59.81 -42.20
N ALA DB 212 55.00 -60.13 -43.48
CA ALA DB 212 54.08 -61.06 -44.12
C ALA DB 212 54.38 -62.48 -43.70
N HIS DB 213 55.63 -62.74 -43.33
CA HIS DB 213 56.05 -64.07 -42.94
C HIS DB 213 56.16 -64.20 -41.43
N MET DB 214 55.26 -63.52 -40.72
CA MET DB 214 55.21 -63.59 -39.27
C MET DB 214 53.81 -63.97 -38.79
N ILE DB 215 53.15 -64.81 -39.59
CA ILE DB 215 51.80 -65.28 -39.26
C ILE DB 215 51.84 -66.24 -38.08
N SER DB 216 52.65 -67.28 -38.19
CA SER DB 216 52.76 -68.31 -37.15
C SER DB 216 53.32 -67.76 -35.84
N GLY DB 217 54.64 -67.59 -35.80
CA GLY DB 217 55.31 -67.08 -34.62
C GLY DB 217 55.10 -65.59 -34.42
C8 3BV EB . 8.43 27.62 42.11
O9 3BV EB . 8.18 28.75 41.66
C7 3BV EB . 9.31 27.47 43.36
N4 3BV EB . 9.81 28.69 44.08
O1 3BV EB . 10.36 31.25 43.13
C5 3BV EB . 8.89 29.75 44.35
C3 3BV EB . 11.16 29.07 43.85
C6 3BV EB . 9.00 30.87 43.36
C2 3BV EB . 11.28 30.19 42.85
N10 3BV EB . 7.87 26.40 41.42
C11 3BV EB . 8.16 25.07 41.94
C20 3BV EB . 9.17 24.35 41.03
O21 3BV EB . 9.17 24.58 39.83
C12 3BV EB . 6.88 24.24 42.14
C13 3BV EB . 6.15 24.37 43.50
C14 3BV EB . 4.72 25.02 43.50
C19 3BV EB . 4.58 26.41 43.31
C15 3BV EB . 3.60 24.22 43.70
C18 3BV EB . 3.29 26.99 43.32
C16 3BV EB . 2.28 24.82 43.70
C17 3BV EB . 2.14 26.17 43.52
N22 3BV EB . 10.08 23.43 41.60
C23 3BV EB . 11.05 22.71 40.82
C28 3BV EB . 10.38 22.13 39.59
O29 3BV EB . 9.58 21.27 39.71
C24 3BV EB . 11.82 21.63 41.60
C25 3BV EB . 13.06 22.08 42.42
C26 3BV EB . 14.42 21.98 41.63
C27 3BV EB . 12.88 23.34 43.11
N30 3BV EB . 10.73 22.64 38.27
C31 3BV EB . 10.03 22.03 36.98
C39 3BV EB . 11.17 21.51 35.94
O40 3BV EB . 12.18 22.13 35.82
C32 3BV EB . 8.78 22.86 36.48
C33 3BV EB . 7.53 22.86 37.39
C34 3BV EB . 6.80 21.71 37.55
C38 3BV EB . 7.13 24.04 38.05
C35 3BV EB . 5.69 21.71 38.35
C37 3BV EB . 6.01 24.03 38.85
C36 3BV EB . 5.29 22.87 39.01
N41 3BV EB . 10.94 20.27 35.15
C42 3BV EB . 11.98 19.80 34.21
C43 3BV EB . 12.55 18.48 34.62
C44 3BV EB . 11.99 17.84 35.85
C45 3BV EB . 11.80 16.38 35.70
C46 3BV EB . 12.70 18.24 37.12
C47 3BV EB . 11.42 19.69 32.80
C51 3BV EB . 11.86 20.67 31.73
C58 3BV EB . 13.22 21.26 32.00
C59 3BV EB . 10.91 21.86 31.55
O60 3BV EB . 10.22 22.31 32.66
O48 3BV EB . 10.25 19.55 32.70
C8 3BV FB . 4.74 35.98 62.72
O9 3BV FB . 5.13 35.29 63.65
C7 3BV FB . 3.89 37.20 62.97
N4 3BV FB . 3.25 37.80 61.76
O1 3BV FB . 2.35 39.61 60.43
C5 3BV FB . 4.05 37.98 60.60
C3 3BV FB . 1.85 37.61 61.60
C6 3BV FB . 3.47 39.05 59.75
C2 3BV FB . 1.30 38.69 60.76
N10 3BV FB . 5.14 35.60 61.34
C11 3BV FB . 5.93 34.41 61.19
C20 3BV FB . 7.37 34.72 60.89
O21 3BV FB . 7.61 35.59 60.13
C12 3BV FB . 5.36 33.57 60.05
C13 3BV FB . 4.32 32.52 60.39
C14 3BV FB . 3.71 31.75 59.17
C19 3BV FB . 2.35 31.45 59.14
C15 3BV FB . 4.54 31.39 58.14
C18 3BV FB . 1.82 30.77 58.05
C16 3BV FB . 3.99 30.70 57.01
C17 3BV FB . 2.66 30.40 56.99
N22 3BV FB . 8.32 33.93 61.49
C23 3BV FB . 9.71 34.08 61.32
C28 3BV FB . 10.07 33.36 60.08
O29 3BV FB . 9.58 32.36 59.78
C24 3BV FB . 10.48 33.39 62.44
C25 3BV FB . 11.43 34.16 63.37
C26 3BV FB . 11.53 33.48 64.78
C27 3BV FB . 11.16 35.57 63.40
N30 3BV FB . 11.11 33.92 59.29
C31 3BV FB . 11.53 33.15 57.99
C39 3BV FB . 13.09 32.96 58.13
O40 3BV FB . 13.69 33.52 58.93
C32 3BV FB . 11.00 33.84 56.67
C33 3BV FB . 9.58 33.46 56.27
C34 3BV FB . 8.56 33.84 57.07
C38 3BV FB . 9.33 32.73 55.12
C35 3BV FB . 7.28 33.52 56.77
C37 3BV FB . 8.03 32.42 54.82
C36 3BV FB . 7.02 32.80 55.63
N41 3BV FB . 13.72 32.06 57.18
C42 3BV FB . 15.13 31.88 57.25
C43 3BV FB . 15.36 30.44 57.44
C44 3BV FB . 15.37 29.93 58.81
C45 3BV FB . 14.58 30.69 59.79
C46 3BV FB . 15.29 28.45 58.95
C47 3BV FB . 15.60 32.31 55.90
C51 3BV FB . 16.37 33.61 55.74
C58 3BV FB . 16.43 34.41 57.01
C59 3BV FB . 15.46 34.53 54.93
O60 3BV FB . 14.20 34.84 55.49
O48 3BV FB . 14.98 31.86 55.09
C8 3BV GB . -37.52 28.73 37.75
O9 3BV GB . -38.55 28.12 37.63
C7 3BV GB . -36.76 29.12 36.51
N4 3BV GB . -36.20 30.48 36.40
O1 3BV GB . -35.95 32.73 35.64
C5 3BV GB . -36.42 31.38 37.48
C3 3BV GB . -34.96 30.58 35.71
C6 3BV GB . -36.17 32.78 37.05
C2 3BV GB . -34.84 31.97 35.18
N10 3BV GB . -37.07 29.08 39.12
C11 3BV GB . -37.90 28.62 40.20
C20 3BV GB . -38.91 29.65 40.51
O21 3BV GB . -38.69 30.75 40.14
C12 3BV GB . -37.06 28.35 41.40
C13 3BV GB . -35.79 27.55 41.13
C14 3BV GB . -34.83 27.46 42.32
C19 3BV GB . -33.56 26.93 42.14
C15 3BV GB . -35.24 27.92 43.56
C18 3BV GB . -32.71 26.85 43.25
C16 3BV GB . -34.38 27.85 44.68
C17 3BV GB . -33.15 27.32 44.50
N22 3BV GB . -40.00 29.27 41.23
C23 3BV GB . -41.06 30.14 41.53
C28 3BV GB . -40.96 30.81 42.82
O29 3BV GB . -40.68 30.19 43.74
C24 3BV GB . -42.39 29.41 41.46
C25 3BV GB . -43.11 29.50 40.12
C26 3BV GB . -44.67 29.44 40.30
C27 3BV GB . -42.58 28.62 39.11
N30 3BV GB . -41.26 32.21 42.87
C31 3BV GB . -41.16 33.04 44.18
C39 3BV GB . -42.62 33.47 44.56
O40 3BV GB . -43.47 33.42 43.80
C32 3BV GB . -40.07 34.17 44.12
C33 3BV GB . -38.71 33.52 44.28
C34 3BV GB . -38.07 33.09 43.18
C38 3BV GB . -38.20 33.35 45.55
C35 3BV GB . -36.88 32.47 43.28
C37 3BV GB . -37.01 32.73 45.66
C36 3BV GB . -36.36 32.30 44.55
N41 3BV GB . -42.83 33.97 45.91
C42 3BV GB . -44.12 34.41 46.27
C43 3BV GB . -44.62 33.58 47.39
C44 3BV GB . -44.62 32.12 47.11
C45 3BV GB . -45.04 31.76 45.74
C46 3BV GB . -45.21 31.21 48.13
C47 3BV GB . -43.87 35.84 46.67
C51 3BV GB . -44.54 36.99 45.94
C58 3BV GB . -45.38 36.53 44.81
C59 3BV GB . -43.47 37.71 45.17
O60 3BV GB . -42.69 36.99 44.26
O48 3BV GB . -42.72 36.10 46.94
C8 3BV HB . -13.24 36.06 16.30
O9 3BV HB . -13.09 37.29 16.34
C7 3BV HB . -14.40 35.41 17.06
N4 3BV HB . -15.55 36.25 17.53
O1 3BV HB . -16.56 38.66 16.44
C5 3BV HB . -16.76 36.26 16.77
C3 3BV HB . -15.24 37.52 18.11
C6 3BV HB . -16.79 37.41 15.81
C2 3BV HB . -16.30 38.55 17.83
N10 3BV HB . -12.29 35.21 15.50
C11 3BV HB . -11.18 35.83 14.78
C20 3BV HB . -10.40 34.77 13.98
O21 3BV HB . -9.83 33.86 14.58
C12 3BV HB . -10.27 36.63 15.72
C13 3BV HB . -10.73 38.04 16.14
C14 3BV HB . -10.89 38.32 17.67
C19 3BV HB . -9.82 38.85 18.41
C15 3BV HB . -12.10 38.06 18.31
C18 3BV HB . -9.96 39.11 19.80
C16 3BV HB . -12.26 38.31 19.71
C17 3BV HB . -11.20 38.83 20.44
N22 3BV HB . -10.34 34.86 12.58
C23 3BV HB . -9.64 33.91 11.76
C28 3BV HB . -8.15 34.13 11.92
O29 3BV HB . -7.57 34.89 11.20
C24 3BV HB . -10.05 33.92 10.27
C25 3BV HB . -11.35 34.66 9.90
C26 3BV HB . -11.12 36.05 9.18
C27 3BV HB . -12.33 34.72 10.97
N30 3BV HB . -7.41 33.40 12.95
C31 3BV HB . -5.84 33.63 13.13
C39 3BV HB . -5.06 32.88 11.92
O40 3BV HB . -5.67 32.22 11.15
C32 3BV HB . -5.36 33.54 14.63
C33 3BV HB . -6.13 34.37 15.68
C34 3BV HB . -5.63 35.59 16.10
C38 3BV HB . -7.34 33.89 16.20
C35 3BV HB . -6.30 36.32 17.02
C37 3BV HB . -8.02 34.64 17.14
C36 3BV HB . -7.52 35.85 17.55
N41 3BV HB . -3.57 33.02 11.80
C42 3BV HB . -2.87 32.34 10.70
C43 3BV HB . -2.39 33.30 9.66
C44 3BV HB . -3.39 34.25 9.09
C45 3BV HB . -3.22 34.50 7.64
C46 3BV HB . -4.83 33.94 9.49
C47 3BV HB . -1.68 31.56 11.24
C51 3BV HB . -1.78 30.05 11.41
C58 3BV HB . -2.92 29.44 10.63
C59 3BV HB . -1.98 29.60 12.86
O60 3BV HB . -3.29 29.40 13.30
O48 3BV HB . -1.12 32.24 12.19
C8 3BV IB . -32.59 44.30 21.08
O9 3BV IB . -32.86 45.28 20.43
C7 3BV IB . -33.36 43.93 22.33
N4 3BV IB . -32.61 43.41 23.51
O1 3BV IB . -31.68 42.39 25.61
C5 3BV IB . -31.55 42.49 23.21
C3 3BV IB . -32.35 44.38 24.52
C6 3BV IB . -31.03 41.86 24.46
C2 3BV IB . -31.70 43.81 25.73
N10 3BV IB . -31.47 43.44 20.60
C11 3BV IB . -30.79 43.85 19.41
C20 3BV IB . -31.07 42.75 18.39
O21 3BV IB . -31.24 41.63 18.79
C12 3BV IB . -29.36 44.17 19.79
C13 3BV IB . -28.26 44.17 18.73
C14 3BV IB . -26.92 44.66 19.32
C19 3BV IB . -26.97 45.67 20.27
C15 3BV IB . -25.74 44.12 18.91
C18 3BV IB . -25.79 46.16 20.84
C16 3BV IB . -24.53 44.60 19.47
C17 3BV IB . -24.58 45.59 20.40
N22 3BV IB . -31.17 43.00 17.03
C23 3BV IB . -31.49 41.97 16.12
C28 3BV IB . -30.28 41.38 15.49
O29 3BV IB . -29.45 42.05 15.02
C24 3BV IB . -32.40 42.38 14.96
C25 3BV IB . -33.92 42.23 15.09
C26 3BV IB . -34.65 43.05 13.97
C27 3BV IB . -34.41 42.50 16.43
N30 3BV IB . -30.19 39.94 15.42
C31 3BV IB . -28.93 39.28 14.78
C39 3BV IB . -29.46 38.57 13.46
O40 3BV IB . -30.59 38.52 13.21
C32 3BV IB . -28.17 38.40 15.80
C33 3BV IB . -27.57 39.20 16.93
C34 3BV IB . -26.25 39.52 16.85
C38 3BV IB . -28.38 39.60 17.96
C35 3BV IB . -25.71 40.24 17.83
C37 3BV IB . -27.80 40.34 18.96
C36 3BV IB . -26.49 40.65 18.88
N41 3BV IB . -28.41 37.98 12.60
C42 3BV IB . -28.73 37.30 11.38
C43 3BV IB . -28.34 38.12 10.21
C44 3BV IB . -29.24 39.21 9.79
C45 3BV IB . -28.57 40.35 9.14
C46 3BV IB . -30.37 39.54 10.73
C47 3BV IB . -27.90 36.07 11.45
C51 3BV IB . -28.64 34.74 11.62
C58 3BV IB . -30.12 34.81 11.48
C59 3BV IB . -28.45 34.16 13.02
O60 3BV IB . -28.90 34.89 14.11
O48 3BV IB . -26.93 35.95 12.14
C8 3BV JB . 2.12 57.47 53.66
O9 3BV JB . 2.75 57.99 52.78
C7 3BV JB . 2.53 56.15 54.23
N4 3BV JB . 1.47 55.11 54.36
O1 3BV JB . 0.22 53.22 55.30
C5 3BV JB . 0.14 55.50 54.72
C3 3BV JB . 1.58 54.00 53.49
C6 3BV JB . -0.64 54.35 55.25
C2 3BV JB . 0.93 52.84 54.12
N10 3BV JB . 0.90 58.14 54.13
C11 3BV JB . 0.47 59.37 53.59
C20 3BV JB . -0.26 59.76 54.85
O21 3BV JB . -0.78 58.90 55.50
C12 3BV JB . -0.45 59.13 52.41
C13 3BV JB . -1.54 60.11 52.00
C14 3BV JB . -2.02 59.95 50.54
C19 3BV JB . -1.18 59.29 49.64
C15 3BV JB . -3.24 60.44 50.14
C18 3BV JB . -1.57 59.13 48.31
C16 3BV JB . -3.64 60.26 48.79
C17 3BV JB . -2.82 59.62 47.90
N22 3BV JB . -0.23 61.05 55.24
C23 3BV JB . -0.81 61.43 56.46
C28 3BV JB . -2.25 61.66 56.43
O29 3BV JB . -2.80 62.17 55.54
C24 3BV JB . -0.09 62.61 57.05
C25 3BV JB . 0.92 62.28 58.13
C26 3BV JB . 0.74 63.27 59.34
C27 3BV JB . 2.25 62.18 57.61
N30 3BV JB . -2.87 61.24 57.61
C31 3BV JB . -4.41 61.38 57.73
C39 3BV JB . -4.57 62.13 59.08
O40 3BV JB . -3.86 61.90 59.94
C32 3BV JB . -5.14 60.00 57.64
C33 3BV JB . -5.61 59.71 56.24
C34 3BV JB . -4.69 59.26 55.35
C38 3BV JB . -6.90 60.00 55.89
C35 3BV JB . -5.02 59.03 54.07
C37 3BV JB . -7.24 59.76 54.61
C36 3BV JB . -6.32 59.29 53.73
N41 3BV JB . -5.68 63.04 59.17
C42 3BV JB . -5.87 63.65 60.44
C43 3BV JB . -5.98 64.95 60.05
C44 3BV JB . -5.26 65.78 59.40
C45 3BV JB . -3.85 65.52 59.71
C46 3BV JB . -5.34 67.06 58.95
C47 3BV JB . -7.10 62.93 60.84
C51 3BV JB . -7.03 62.16 62.15
C58 3BV JB . -5.69 61.98 62.75
C59 3BV JB . -7.32 60.69 61.90
O60 3BV JB . -6.50 59.99 61.01
O48 3BV JB . -7.82 62.28 60.20
C8 3BV KB . 33.55 -50.43 -37.91
O9 3BV KB . 33.41 -50.85 -36.76
C7 3BV KB . 33.44 -48.94 -38.24
N4 3BV KB . 32.30 -48.31 -38.99
O1 3BV KB . 30.15 -46.91 -40.10
C5 3BV KB . 30.97 -48.81 -38.82
C3 3BV KB . 32.39 -46.89 -39.16
C6 3BV KB . 30.05 -48.32 -39.90
C2 3BV KB . 31.47 -46.36 -40.21
N10 3BV KB . 33.85 -51.41 -39.01
C11 3BV KB . 33.96 -52.81 -38.67
C20 3BV KB . 35.06 -53.29 -39.60
O21 3BV KB . 35.04 -52.88 -40.72
C12 3BV KB . 32.66 -53.57 -38.94
C13 3BV KB . 31.60 -53.43 -37.85
C14 3BV KB . 30.18 -52.98 -38.29
C19 3BV KB . 30.03 -52.06 -39.32
C15 3BV KB . 29.07 -53.50 -37.66
C18 3BV KB . 28.74 -51.65 -39.72
C16 3BV KB . 27.75 -53.10 -38.05
C17 3BV KB . 27.60 -52.19 -39.07
N22 3BV KB . 36.04 -54.15 -39.16
C23 3BV KB . 37.07 -54.55 -40.05
C28 3BV KB . 36.47 -55.25 -41.22
O29 3BV KB . 36.32 -56.40 -41.19
C24 3BV KB . 38.29 -55.23 -39.46
C25 3BV KB . 38.86 -54.72 -38.13
C26 3BV KB . 39.23 -55.90 -37.17
C27 3BV KB . 38.12 -53.67 -37.47
N30 3BV KB . 36.09 -54.48 -42.38
C31 3BV KB . 35.47 -55.26 -43.60
C39 3BV KB . 36.71 -55.99 -44.30
O40 3BV KB . 37.75 -55.97 -43.78
C32 3BV KB . 34.32 -54.53 -44.40
C33 3BV KB . 33.24 -53.74 -43.63
C34 3BV KB . 32.75 -54.20 -42.43
C38 3BV KB . 32.74 -52.54 -44.15
C35 3BV KB . 31.81 -53.46 -41.77
C37 3BV KB . 31.78 -51.80 -43.48
C36 3BV KB . 31.31 -52.26 -42.29
N41 3BV KB . 36.56 -56.69 -45.60
C42 3BV KB . 37.73 -57.35 -46.15
C43 3BV KB . 37.63 -58.73 -45.63
C44 3BV KB . 38.42 -59.17 -44.48
C45 3BV KB . 39.55 -58.27 -44.16
C46 3BV KB . 38.86 -60.59 -44.64
C47 3BV KB . 37.74 -57.38 -47.67
C51 3BV KB . 38.13 -56.27 -48.63
C58 3BV KB . 39.26 -55.50 -48.05
C59 3BV KB . 36.99 -55.27 -48.72
O60 3BV KB . 36.27 -55.00 -47.56
O48 3BV KB . 36.57 -57.33 -48.04
C8 3BV LB . 29.09 -41.71 -17.10
O9 3BV LB . 29.44 -42.29 -16.08
C7 3BV LB . 28.24 -40.47 -16.94
N4 3BV LB . 27.61 -39.79 -18.12
O1 3BV LB . 26.23 -39.08 -20.12
C5 3BV LB . 26.91 -38.58 -17.87
C3 3BV LB . 28.36 -39.86 -19.33
C6 3BV LB . 26.08 -38.17 -19.03
C2 3BV LB . 27.55 -39.43 -20.52
N10 3BV LB . 29.52 -42.21 -18.45
C11 3BV LB . 30.32 -43.41 -18.60
C20 3BV LB . 31.76 -43.03 -18.93
O21 3BV LB . 31.94 -41.99 -19.50
C12 3BV LB . 29.84 -44.15 -19.82
C13 3BV LB . 29.06 -45.47 -19.67
C14 3BV LB . 28.70 -46.06 -21.06
C19 3BV LB . 27.36 -46.21 -21.44
C15 3BV LB . 29.72 -46.38 -21.90
C18 3BV LB . 27.08 -46.72 -22.71
C16 3BV LB . 29.43 -46.92 -23.20
C17 3BV LB . 28.14 -47.06 -23.57
N22 3BV LB . 32.79 -43.90 -18.62
C23 3BV LB . 34.18 -43.70 -18.81
C28 3BV LB . 34.73 -44.31 -20.08
O29 3BV LB . 34.40 -45.38 -20.42
C24 3BV LB . 34.93 -44.32 -17.64
C25 3BV LB . 35.58 -43.44 -16.56
C26 3BV LB . 34.72 -43.23 -15.25
C27 3BV LB . 36.89 -43.96 -16.24
N30 3BV LB . 35.71 -43.60 -20.84
C31 3BV LB . 36.30 -44.22 -22.15
C39 3BV LB . 37.87 -44.35 -21.95
O40 3BV LB . 38.37 -43.78 -21.08
C32 3BV LB . 35.77 -43.56 -23.47
C33 3BV LB . 34.26 -43.69 -23.68
C34 3BV LB . 33.79 -44.75 -24.39
C38 3BV LB . 33.41 -42.76 -23.12
C35 3BV LB . 32.46 -44.88 -24.56
C37 3BV LB . 32.06 -42.90 -23.29
C36 3BV LB . 31.60 -43.95 -24.01
N41 3BV LB . 38.65 -45.17 -22.87
C42 3BV LB . 40.07 -45.28 -22.70
C43 3BV LB . 40.43 -46.60 -22.13
C44 3BV LB . 39.76 -47.16 -20.94
C45 3BV LB . 39.70 -46.26 -19.78
C46 3BV LB . 40.31 -48.51 -20.59
C47 3BV LB . 40.65 -45.16 -24.07
C51 3BV LB . 41.20 -43.81 -24.51
C58 3BV LB . 41.84 -43.04 -23.38
C59 3BV LB . 40.16 -42.85 -25.05
O60 3BV LB . 38.82 -43.21 -24.94
O48 3BV LB . 39.98 -45.73 -24.83
C8 3BV MB . -12.10 -50.72 -43.33
O9 3BV MB . -11.99 -51.92 -43.20
C7 3BV MB . -11.67 -50.06 -44.62
N4 3BV MB . -11.16 -48.67 -44.63
O1 3BV MB . -10.63 -46.25 -45.04
C5 3BV MB . -11.56 -47.84 -43.55
C3 3BV MB . -9.86 -48.51 -45.17
C6 3BV MB . -11.17 -46.42 -43.75
C2 3BV MB . -9.54 -47.07 -45.39
N10 3BV MB . -12.63 -49.94 -42.18
C11 3BV MB . -13.00 -50.68 -41.02
C20 3BV MB . -14.20 -49.95 -40.50
O21 3BV MB . -14.24 -48.77 -40.65
C12 3BV MB . -11.86 -50.60 -40.08
C13 3BV MB . -10.82 -51.71 -40.26
C14 3BV MB . -9.81 -51.80 -39.10
C19 3BV MB . -8.59 -52.45 -39.30
C15 3BV MB . -10.14 -51.25 -37.90
C18 3BV MB . -7.67 -52.55 -38.25
C16 3BV MB . -9.21 -51.34 -36.83
C17 3BV MB . -8.02 -51.97 -37.02
N22 3BV MB . -15.25 -50.64 -39.93
C23 3BV MB . -16.37 -49.90 -39.48
C28 3BV MB . -16.00 -49.14 -38.27
O29 3BV MB . -15.47 -49.72 -37.41
C24 3BV MB . -17.78 -50.43 -39.65
C25 3BV MB . -18.32 -50.16 -41.06
C26 3BV MB . -18.34 -51.47 -41.92
C27 3BV MB . -19.53 -49.37 -41.02
N30 3BV MB . -16.30 -47.75 -38.19
C31 3BV MB . -15.97 -46.86 -36.97
C39 3BV MB . -17.40 -46.34 -36.53
O40 3BV MB . -18.20 -46.11 -37.31
C32 3BV MB . -14.88 -45.77 -37.27
C33 3BV MB . -13.49 -46.12 -36.72
C34 3BV MB . -13.12 -45.62 -35.53
C38 3BV MB . -12.68 -46.95 -37.46
C35 3BV MB . -11.91 -45.98 -35.06
C37 3BV MB . -11.45 -47.30 -36.99
C36 3BV MB . -11.08 -46.81 -35.79
N41 3BV MB . -17.70 -46.19 -35.12
C42 3BV MB . -18.99 -45.73 -34.74
C43 3BV MB . -19.61 -46.66 -33.79
C44 3BV MB . -19.55 -48.09 -34.13
C45 3BV MB . -20.20 -48.32 -35.43
C46 3BV MB . -20.11 -48.95 -33.05
C47 3BV MB . -18.78 -44.46 -34.03
C51 3BV MB . -19.37 -43.22 -34.68
C58 3BV MB . -20.03 -43.39 -36.00
C59 3BV MB . -18.32 -42.18 -35.04
O60 3BV MB . -17.53 -42.38 -36.15
O48 3BV MB . -17.79 -44.18 -33.55
C8 3BV NB . -7.83 -34.54 -59.20
O9 3BV NB . -8.12 -33.44 -59.70
C7 3BV NB . -8.60 -35.05 -57.98
N4 3BV NB . -7.95 -35.00 -56.62
O1 3BV NB . -6.52 -34.27 -54.60
C5 3BV NB . -8.75 -34.70 -55.48
C3 3BV NB . -6.85 -35.88 -56.39
C6 3BV NB . -7.92 -34.26 -54.31
C2 3BV NB . -6.03 -35.47 -55.21
N10 3BV NB . -6.73 -35.37 -59.82
C11 3BV NB . -6.01 -34.88 -60.99
C20 3BV NB . -6.23 -35.83 -62.19
O21 3BV NB . -6.04 -37.03 -62.05
C12 3BV NB . -4.52 -34.68 -60.69
C13 3BV NB . -3.97 -33.24 -60.76
C14 3BV NB . -2.41 -33.05 -60.67
C19 3BV NB . -1.57 -33.89 -61.42
C15 3BV NB . -1.88 -32.07 -59.85
C18 3BV NB . -0.16 -33.72 -61.34
C16 3BV NB . -0.45 -31.89 -59.76
C17 3BV NB . 0.38 -32.70 -60.50
N22 3BV NB . -6.67 -35.29 -63.41
C23 3BV NB . -6.91 -36.11 -64.58
C28 3BV NB . -5.59 -36.71 -65.05
O29 3BV NB . -4.72 -35.99 -65.42
C24 3BV NB . -7.63 -35.38 -65.74
C25 3BV NB . -9.14 -35.63 -65.90
C26 3BV NB . -9.82 -36.32 -64.66
C27 3BV NB . -9.88 -34.48 -66.42
N30 3BV NB . -5.41 -38.15 -65.04
C31 3BV NB . -4.03 -38.79 -65.52
C39 3BV NB . -4.25 -39.50 -66.96
O40 3BV NB . -5.34 -39.56 -67.43
C32 3BV NB . -3.21 -39.47 -64.37
C33 3BV NB . -2.15 -38.62 -63.63
C34 3BV NB . -0.81 -38.80 -63.90
C38 3BV NB . -2.54 -37.65 -62.70
C35 3BV NB . 0.12 -38.04 -63.26
C37 3BV NB . -1.59 -36.89 -62.05
C36 3BV NB . -0.27 -37.07 -62.33
N41 3BV NB . -3.08 -40.09 -67.69
C42 3BV NB . -3.29 -40.75 -68.99
C43 3BV NB . -3.04 -39.80 -70.13
C44 3BV NB . -3.68 -38.46 -70.06
C45 3BV NB . -5.16 -38.50 -69.91
C46 3BV NB . -3.19 -37.51 -71.13
C47 3BV NB . -2.39 -41.96 -69.13
C51 3BV NB . -2.98 -43.35 -69.15
C58 3BV NB . -4.46 -43.36 -69.46
C59 3BV NB . -2.85 -43.89 -67.82
O60 3BV NB . -2.75 -43.03 -66.80
O48 3BV NB . -1.27 -41.65 -68.80
C8 3BV OB . 25.85 -19.96 -25.64
O9 3BV OB . 26.55 -19.02 -25.25
C7 3BV OB . 26.47 -21.35 -25.82
N4 3BV OB . 25.73 -22.57 -25.35
O1 3BV OB . 24.91 -24.57 -23.94
C5 3BV OB . 24.35 -22.44 -24.98
C3 3BV OB . 26.11 -23.83 -25.91
C6 3BV OB . 23.88 -23.60 -24.15
C2 3BV OB . 25.63 -24.99 -25.11
N10 3BV OB . 24.38 -19.74 -25.93
C11 3BV OB . 23.80 -18.42 -25.76
C20 3BV OB . 23.40 -18.21 -24.27
O21 3BV OB . 23.41 -19.16 -23.51
C12 3BV OB . 22.62 -18.19 -26.71
C13 3BV OB . 22.55 -19.06 -27.98
C14 3BV OB . 21.73 -18.51 -29.19
C19 3BV OB . 22.01 -18.97 -30.50
C15 3BV OB . 20.71 -17.58 -28.98
C18 3BV OB . 21.26 -18.47 -31.59
C16 3BV OB . 19.94 -17.08 -30.09
C17 3BV OB . 20.21 -17.52 -31.37
N22 3BV OB . 23.00 -16.93 -23.85
C23 3BV OB . 22.61 -16.65 -22.49
C28 3BV OB . 21.10 -16.48 -22.43
O29 3BV OB . 20.54 -15.84 -23.27
C24 3BV OB . 23.32 -15.44 -21.85
C25 3BV OB . 24.63 -15.71 -21.07
C26 3BV OB . 25.36 -14.40 -20.57
C27 3BV OB . 25.51 -16.66 -21.70
N30 3BV OB . 20.34 -17.11 -21.36
C31 3BV OB . 18.75 -16.94 -21.30
C39 3BV OB . 18.37 -16.12 -19.96
O40 3BV OB . 19.15 -16.01 -19.08
C32 3BV OB . 17.97 -18.23 -21.75
C33 3BV OB . 18.11 -18.67 -23.22
C34 3BV OB . 19.05 -19.61 -23.56
C38 3BV OB . 17.29 -18.12 -24.21
C35 3BV OB . 19.19 -20.02 -24.85
C37 3BV OB . 17.43 -18.53 -25.53
C36 3BV OB . 18.37 -19.47 -25.85
N41 3BV OB . 17.01 -15.49 -19.84
C42 3BV OB . 16.65 -14.75 -18.61
C43 3BV OB . 16.61 -13.28 -18.86
C44 3BV OB . 17.61 -12.70 -19.80
C45 3BV OB . 19.01 -13.14 -19.53
C46 3BV OB . 17.47 -11.21 -20.01
C47 3BV OB . 15.31 -15.20 -18.08
C51 3BV OB . 15.24 -16.27 -16.99
C58 3BV OB . 16.43 -16.24 -16.07
C59 3BV OB . 15.15 -17.71 -17.53
O60 3BV OB . 16.30 -18.26 -18.07
O48 3BV OB . 14.30 -15.32 -18.88
#